data_3PHF
#
_entry.id   3PHF
#
_cell.length_a   151.510
_cell.length_b   244.909
_cell.length_c   287.950
_cell.angle_alpha   90.00
_cell.angle_beta   91.21
_cell.angle_gamma   90.00
#
_symmetry.space_group_name_H-M   'P 1 21 1'
#
loop_
_entity.id
_entity.type
_entity.pdbx_description
1 polymer 'Envelope glycoprotein H'
2 polymer 'Envelope glycoprotein L'
#
loop_
_entity_poly.entity_id
_entity_poly.type
_entity_poly.pdbx_seq_one_letter_code
_entity_poly.pdbx_strand_id
1 'polypeptide(L)'
;LSEVKLHLDIEGHASHYTIPWTELMAKVPGLSPEALWREANVTEDLASMLNRYKLIYKTSGTLGIALAEPVDIPAVSEGS
MQVDASKVHPGVISGLNSPACMLSAPLEKQLFYYIGTMLPNTRPHSYVFYQLRCHLSYVALSINGDKFQYTGAMTSKFLM
GTYKRVTEKGDEHVLSLVFGKTKDLPDLRGPFSYPSLTSAQSGDYSLVIVTTFVHYANFHNYFVPNLKDMFSRAVTMTAA
SYARYVLQKLVLLEMKGGCREPELDTETLTTMFEVSVAFFKVGHAVGETGNGCVDLRWLAKSFFELTVLKDIIGICYGAT
VKGMQSYGLERLAAMLMATVKMEELGHLTTEKQEYALRLATVGYPKAGVYSGLIGGATSVLLSAYNRHPLFQPLHTVMRE
TLFIGSHVVLRELRLNVTTQGPNLALYQLLSTALCSALEIGEVLRGLALGTESGLFSPCYLSLRFDLTRDKLLSMAPQEA
TLDQAAVSNAVDGFLGRLSLEREDRDAWHLPAYKCVDRLDKVLMIIPLINVTFIISSDREVRGSALYEASTTYLSSSLFL
SPVIMNKCSQGAVAGEPRQIPKIQNFTRTQKSCIFCGFALLSYDEKEGLETTTYITSQEVQNSILSSNYFDFDNLHVHYL
LLTTNGTVMEIAG
;
A,C,E,G,I,K,M,O,Q,S,U,W,Y,1,3,5
2 'polypeptide(L)'
;WAYPCCHVTQLRAQHLLALENISDIYLVSNQTCDGFSLASLNSPKNGSNQLVISRCANGLNVVSFFISILKRSSSALTGH
LRELLTTLETLYGSFSVEDLFGANLNRY
;
B,D,F,H,J,L,N,P,R,T,V,X,Z,2,4,6
#
# COMPACT_ATOMS: atom_id res chain seq x y z
N LEU A 1 81.21 -97.58 63.75
CA LEU A 1 82.32 -97.24 64.67
C LEU A 1 81.85 -97.28 66.12
N SER A 2 82.76 -97.64 67.03
CA SER A 2 82.46 -97.71 68.44
C SER A 2 81.34 -98.67 68.80
N GLU A 3 80.11 -98.24 68.54
CA GLU A 3 78.93 -99.05 68.85
C GLU A 3 78.41 -99.83 67.64
N VAL A 4 78.10 -101.11 67.87
CA VAL A 4 77.57 -102.00 66.85
C VAL A 4 76.67 -103.02 67.54
N LYS A 5 75.54 -103.33 66.90
CA LYS A 5 74.60 -104.29 67.45
C LYS A 5 74.10 -105.26 66.39
N LEU A 6 74.00 -106.53 66.76
CA LEU A 6 73.51 -107.56 65.84
C LEU A 6 72.24 -108.19 66.38
N HIS A 7 71.43 -108.73 65.48
CA HIS A 7 70.18 -109.37 65.87
C HIS A 7 70.25 -110.84 65.48
N LEU A 8 69.72 -111.70 66.35
CA LEU A 8 69.73 -113.14 66.10
C LEU A 8 68.32 -113.69 65.94
N ASP A 9 68.17 -114.96 66.30
CA ASP A 9 66.88 -115.64 66.22
C ASP A 9 67.00 -117.05 66.76
N ILE A 10 66.84 -117.21 68.07
CA ILE A 10 66.92 -118.52 68.69
C ILE A 10 65.68 -119.27 68.20
N GLU A 11 64.79 -119.63 69.12
CA GLU A 11 63.58 -120.32 68.72
C GLU A 11 62.40 -119.35 68.64
N GLY A 12 62.05 -118.99 67.41
CA GLY A 12 60.94 -118.09 67.17
C GLY A 12 61.05 -116.71 67.79
N HIS A 13 62.19 -116.41 68.41
CA HIS A 13 62.35 -115.10 69.03
C HIS A 13 63.58 -114.35 68.56
N ALA A 14 63.44 -113.03 68.45
CA ALA A 14 64.53 -112.16 68.01
C ALA A 14 65.34 -111.66 69.21
N SER A 15 66.60 -112.03 69.25
CA SER A 15 67.49 -111.62 70.33
C SER A 15 68.22 -110.35 69.93
N HIS A 16 68.56 -109.52 70.92
CA HIS A 16 69.25 -108.28 70.66
C HIS A 16 70.47 -108.06 71.53
N TYR A 17 71.64 -108.15 70.91
CA TYR A 17 72.91 -107.98 71.60
C TYR A 17 73.67 -106.83 70.96
N THR A 18 74.23 -105.96 71.79
CA THR A 18 75.00 -104.81 71.31
C THR A 18 76.45 -104.95 71.75
N ILE A 19 77.36 -105.04 70.78
CA ILE A 19 78.78 -105.19 71.08
C ILE A 19 79.57 -103.90 70.85
N PRO A 20 79.82 -103.14 71.94
CA PRO A 20 80.58 -101.90 71.84
C PRO A 20 82.08 -102.17 71.89
N TRP A 21 82.69 -102.46 70.74
CA TRP A 21 84.12 -102.71 70.70
C TRP A 21 84.91 -101.46 71.06
N THR A 22 84.20 -100.35 71.20
CA THR A 22 84.82 -99.08 71.56
C THR A 22 85.35 -99.13 72.99
N GLU A 23 84.55 -99.69 73.88
CA GLU A 23 84.93 -99.81 75.28
C GLU A 23 85.91 -100.96 75.46
N LEU A 24 85.76 -101.98 74.62
CA LEU A 24 86.63 -103.15 74.66
C LEU A 24 88.07 -102.80 74.33
N MET A 25 88.26 -101.99 73.30
CA MET A 25 89.60 -101.59 72.88
C MET A 25 90.41 -100.93 73.99
N ALA A 26 89.72 -100.33 74.96
CA ALA A 26 90.39 -99.66 76.06
C ALA A 26 90.90 -100.67 77.08
N LYS A 27 90.06 -101.62 77.45
CA LYS A 27 90.43 -102.64 78.43
C LYS A 27 91.28 -103.76 77.84
N VAL A 28 91.43 -103.77 76.52
CA VAL A 28 92.23 -104.80 75.86
C VAL A 28 93.31 -104.19 74.98
N PRO A 29 94.50 -104.81 74.96
CA PRO A 29 95.63 -104.33 74.16
C PRO A 29 95.69 -104.83 72.72
N GLY A 30 95.87 -106.14 72.55
CA GLY A 30 95.96 -106.71 71.22
C GLY A 30 94.70 -106.80 70.39
N LEU A 31 93.57 -106.40 70.95
CA LEU A 31 92.31 -106.46 70.22
C LEU A 31 92.17 -105.33 69.21
N SER A 32 92.45 -105.63 67.95
CA SER A 32 92.33 -104.65 66.87
C SER A 32 91.24 -105.14 65.93
N PRO A 33 89.97 -104.90 66.28
CA PRO A 33 88.81 -105.31 65.49
C PRO A 33 88.89 -104.99 64.00
N GLU A 34 89.43 -103.83 63.67
CA GLU A 34 89.56 -103.42 62.28
C GLU A 34 90.27 -104.44 61.40
N ALA A 35 91.35 -105.00 61.92
CA ALA A 35 92.13 -105.99 61.18
C ALA A 35 91.39 -107.32 61.04
N LEU A 36 90.95 -107.87 62.18
CA LEU A 36 90.23 -109.13 62.18
C LEU A 36 89.01 -109.13 61.28
N TRP A 37 88.28 -108.01 61.25
CA TRP A 37 87.10 -107.90 60.41
C TRP A 37 87.45 -108.02 58.94
N ARG A 38 88.65 -107.55 58.58
CA ARG A 38 89.10 -107.63 57.20
C ARG A 38 89.72 -108.98 56.90
N GLU A 39 90.40 -109.56 57.90
CA GLU A 39 91.01 -110.86 57.71
C GLU A 39 89.95 -111.82 57.18
N ALA A 40 88.79 -111.80 57.83
CA ALA A 40 87.68 -112.66 57.43
C ALA A 40 86.92 -111.99 56.29
N ASN A 41 87.08 -112.52 55.08
CA ASN A 41 86.39 -111.98 53.92
C ASN A 41 84.90 -111.97 54.16
N VAL A 42 84.39 -110.82 54.58
CA VAL A 42 82.97 -110.65 54.87
C VAL A 42 82.14 -110.76 53.60
N THR A 43 82.66 -110.26 52.50
CA THR A 43 81.96 -110.28 51.22
C THR A 43 82.39 -111.45 50.34
N GLU A 44 82.93 -112.50 50.96
CA GLU A 44 83.36 -113.67 50.21
C GLU A 44 82.16 -114.38 49.61
N ASP A 45 81.87 -114.07 48.34
CA ASP A 45 80.74 -114.67 47.65
C ASP A 45 80.59 -116.15 48.02
N LEU A 46 79.36 -116.51 48.37
CA LEU A 46 79.01 -117.87 48.77
C LEU A 46 79.86 -119.00 48.19
N ALA A 47 79.96 -119.02 46.86
CA ALA A 47 80.69 -120.07 46.15
C ALA A 47 82.20 -120.21 46.38
N SER A 48 82.93 -119.10 46.31
CA SER A 48 84.39 -119.13 46.48
C SER A 48 84.86 -119.57 47.86
N MET A 49 84.04 -119.32 48.88
CA MET A 49 84.38 -119.69 50.25
C MET A 49 84.56 -121.21 50.39
N LEU A 50 83.62 -121.95 49.83
CA LEU A 50 83.63 -123.41 49.89
C LEU A 50 84.97 -124.05 49.55
N ASN A 51 85.50 -123.78 48.37
CA ASN A 51 86.77 -124.36 47.97
C ASN A 51 87.92 -123.97 48.90
N ARG A 52 87.81 -122.80 49.51
CA ARG A 52 88.85 -122.33 50.43
C ARG A 52 88.83 -123.19 51.69
N TYR A 53 87.82 -124.05 51.79
CA TYR A 53 87.66 -124.92 52.94
C TYR A 53 87.87 -126.39 52.61
N LYS A 54 87.41 -126.82 51.44
CA LYS A 54 87.54 -128.21 51.01
C LYS A 54 88.96 -128.57 50.61
N LEU A 55 89.82 -127.55 50.49
CA LEU A 55 91.21 -127.80 50.12
C LEU A 55 92.03 -127.88 51.41
N ILE A 56 91.39 -128.43 52.45
CA ILE A 56 91.99 -128.59 53.76
C ILE A 56 91.80 -130.03 54.24
N TYR A 57 92.86 -130.65 54.73
CA TYR A 57 92.77 -132.02 55.20
C TYR A 57 91.64 -132.16 56.21
N LYS A 58 91.10 -133.37 56.31
CA LYS A 58 90.02 -133.64 57.23
C LYS A 58 90.39 -134.79 58.15
N THR A 59 90.49 -134.51 59.45
CA THR A 59 90.83 -135.53 60.42
C THR A 59 89.68 -136.53 60.51
N SER A 60 89.57 -137.36 59.48
CA SER A 60 88.53 -138.37 59.41
C SER A 60 88.34 -139.07 60.75
N GLY A 61 89.28 -139.95 61.10
CA GLY A 61 89.19 -140.67 62.35
C GLY A 61 89.59 -139.84 63.55
N THR A 62 88.82 -138.80 63.86
CA THR A 62 89.11 -137.97 65.02
C THR A 62 88.85 -138.84 66.24
N LEU A 63 89.91 -139.37 66.84
CA LEU A 63 89.75 -140.24 67.99
C LEU A 63 90.33 -139.61 69.26
N GLY A 64 89.90 -140.12 70.40
CA GLY A 64 90.38 -139.62 71.67
C GLY A 64 90.30 -140.69 72.74
N ILE A 65 90.90 -140.42 73.89
CA ILE A 65 90.91 -141.37 75.00
C ILE A 65 91.03 -140.63 76.33
N ALA A 66 91.02 -141.38 77.42
CA ALA A 66 91.13 -140.79 78.76
C ALA A 66 92.59 -140.47 79.08
N LEU A 67 92.88 -139.20 79.32
CA LEU A 67 94.24 -138.77 79.62
C LEU A 67 94.27 -137.55 80.55
N ALA A 68 94.18 -137.81 81.85
CA ALA A 68 94.21 -136.74 82.85
C ALA A 68 95.68 -136.37 83.08
N GLU A 69 96.00 -135.08 82.97
CA GLU A 69 97.38 -134.65 83.14
C GLU A 69 97.90 -134.99 84.54
N PRO A 70 99.16 -135.48 84.61
CA PRO A 70 99.85 -135.87 85.84
C PRO A 70 100.22 -134.69 86.72
N VAL A 71 100.49 -134.96 88.00
CA VAL A 71 100.88 -133.92 88.93
C VAL A 71 102.32 -133.54 88.60
N ASP A 72 102.54 -132.25 88.36
CA ASP A 72 103.87 -131.75 88.01
C ASP A 72 104.53 -130.94 89.13
N ILE A 73 104.29 -129.65 89.12
CA ILE A 73 104.88 -128.74 90.10
C ILE A 73 104.34 -128.92 91.51
N PRO A 74 105.23 -129.10 92.50
CA PRO A 74 104.84 -129.29 93.89
C PRO A 74 104.51 -127.94 94.55
N ALA A 75 103.73 -127.98 95.62
CA ALA A 75 103.35 -126.76 96.33
C ALA A 75 104.54 -126.22 97.12
N VAL A 76 104.88 -124.97 96.87
CA VAL A 76 105.99 -124.31 97.56
C VAL A 76 106.11 -124.79 99.00
N SER A 77 107.34 -125.07 99.42
CA SER A 77 107.62 -125.55 100.76
C SER A 77 107.40 -124.47 101.82
N GLU A 78 107.98 -124.68 103.00
CA GLU A 78 107.86 -123.76 104.12
C GLU A 78 108.41 -122.37 103.81
N GLY A 79 109.51 -122.01 104.48
CA GLY A 79 110.12 -120.71 104.28
C GLY A 79 110.85 -120.58 102.96
N SER A 80 110.26 -121.10 101.90
CA SER A 80 110.86 -121.03 100.57
C SER A 80 111.15 -119.59 100.19
N MET A 81 112.42 -119.23 100.09
CA MET A 81 112.81 -117.88 99.70
C MET A 81 112.37 -117.62 98.27
N GLN A 82 111.16 -117.10 98.09
CA GLN A 82 110.62 -116.81 96.78
C GLN A 82 111.29 -115.57 96.18
N VAL A 83 111.96 -115.76 95.05
CA VAL A 83 112.65 -114.66 94.40
C VAL A 83 112.09 -114.27 93.04
N ASP A 84 112.34 -113.02 92.66
CA ASP A 84 111.91 -112.49 91.37
C ASP A 84 112.99 -112.83 90.35
N ALA A 85 112.55 -113.19 89.14
CA ALA A 85 113.48 -113.55 88.07
C ALA A 85 114.02 -112.31 87.35
N SER A 86 113.20 -111.28 87.24
CA SER A 86 113.60 -110.05 86.57
C SER A 86 114.96 -109.55 87.07
N LYS A 87 115.13 -109.50 88.38
CA LYS A 87 116.37 -109.03 88.98
C LYS A 87 116.84 -109.88 90.16
N VAL A 88 118.11 -110.24 90.14
CA VAL A 88 118.71 -111.02 91.21
C VAL A 88 119.38 -110.03 92.16
N HIS A 89 119.32 -110.32 93.45
CA HIS A 89 119.92 -109.44 94.45
C HIS A 89 121.44 -109.41 94.29
N PRO A 90 122.06 -108.25 94.55
CA PRO A 90 123.52 -108.10 94.44
C PRO A 90 124.28 -109.13 95.27
N GLY A 91 123.57 -109.85 96.13
CA GLY A 91 124.20 -110.86 96.95
C GLY A 91 123.39 -112.14 96.97
N VAL A 92 123.75 -113.05 97.88
CA VAL A 92 123.05 -114.33 98.00
C VAL A 92 121.79 -114.16 98.84
N ILE A 93 120.87 -115.10 98.71
CA ILE A 93 119.61 -115.05 99.46
C ILE A 93 119.21 -116.45 99.90
N SER A 94 120.16 -117.39 99.87
CA SER A 94 119.89 -118.76 100.26
C SER A 94 121.13 -119.48 100.77
N GLY A 95 121.07 -120.81 100.75
CA GLY A 95 122.18 -121.64 101.20
C GLY A 95 122.30 -122.78 100.22
N LEU A 96 121.99 -123.99 100.66
CA LEU A 96 122.06 -125.16 99.78
C LEU A 96 120.84 -126.05 100.01
N ASN A 97 120.49 -126.24 101.28
CA ASN A 97 119.35 -127.08 101.65
C ASN A 97 118.10 -126.26 101.90
N SER A 98 118.29 -124.96 102.09
CA SER A 98 117.17 -124.05 102.35
C SER A 98 116.11 -124.08 101.26
N PRO A 99 114.83 -124.11 101.64
CA PRO A 99 113.73 -124.13 100.67
C PRO A 99 113.73 -122.87 99.82
N ALA A 100 113.29 -122.98 98.58
CA ALA A 100 113.25 -121.83 97.68
C ALA A 100 112.41 -122.09 96.44
N CYS A 101 111.91 -121.02 95.84
CA CYS A 101 111.08 -121.11 94.64
C CYS A 101 111.12 -119.79 93.88
N MET A 102 110.70 -119.81 92.61
CA MET A 102 110.69 -118.59 91.80
C MET A 102 109.30 -118.17 91.38
N LEU A 103 109.08 -116.86 91.30
CA LEU A 103 107.80 -116.29 90.92
C LEU A 103 107.52 -116.56 89.44
N SER A 104 106.30 -117.01 89.15
CA SER A 104 105.90 -117.32 87.78
C SER A 104 105.79 -116.07 86.91
N ALA A 105 105.14 -115.04 87.45
CA ALA A 105 104.94 -113.79 86.72
C ALA A 105 106.20 -113.31 86.01
N PRO A 106 107.33 -113.23 86.72
CA PRO A 106 108.58 -112.78 86.10
C PRO A 106 109.27 -113.86 85.26
N LEU A 107 109.34 -115.08 85.81
CA LEU A 107 109.98 -116.20 85.13
C LEU A 107 109.42 -116.42 83.73
N GLU A 108 108.10 -116.42 83.63
CA GLU A 108 107.43 -116.62 82.34
C GLU A 108 107.75 -115.48 81.37
N LYS A 109 107.60 -114.25 81.84
CA LYS A 109 107.87 -113.09 81.00
C LYS A 109 109.31 -113.10 80.52
N GLN A 110 110.17 -113.78 81.25
CA GLN A 110 111.58 -113.87 80.87
C GLN A 110 111.77 -114.97 79.83
N LEU A 111 111.09 -116.10 80.04
CA LEU A 111 111.17 -117.21 79.10
C LEU A 111 110.64 -116.75 77.75
N PHE A 112 109.37 -116.34 77.74
CA PHE A 112 108.73 -115.86 76.53
C PHE A 112 109.00 -114.38 76.34
N TYR A 113 110.28 -114.04 76.28
CA TYR A 113 110.72 -112.67 76.09
C TYR A 113 110.50 -112.24 74.65
N TYR A 114 110.70 -113.18 73.73
CA TYR A 114 110.54 -112.91 72.30
C TYR A 114 109.06 -112.85 71.88
N ILE A 115 108.78 -112.01 70.88
CA ILE A 115 107.42 -111.84 70.36
C ILE A 115 107.41 -112.38 68.93
N GLY A 116 106.26 -112.85 68.44
CA GLY A 116 106.25 -113.38 67.09
C GLY A 116 104.93 -113.59 66.39
N THR A 117 104.82 -114.71 65.68
CA THR A 117 103.62 -115.05 64.93
C THR A 117 103.37 -116.55 64.96
N MET A 118 102.49 -117.00 65.84
CA MET A 118 102.17 -118.42 65.94
C MET A 118 101.59 -118.86 64.60
N LEU A 119 100.89 -117.94 63.95
CA LEU A 119 100.27 -118.22 62.66
C LEU A 119 100.88 -117.34 61.56
N PRO A 120 101.75 -117.93 60.73
CA PRO A 120 102.41 -117.21 59.62
C PRO A 120 101.44 -116.75 58.54
N ASN A 121 101.99 -116.23 57.45
CA ASN A 121 101.17 -115.74 56.35
C ASN A 121 101.23 -116.70 55.17
N THR A 122 101.54 -117.96 55.44
CA THR A 122 101.62 -118.97 54.40
C THR A 122 100.21 -119.29 53.92
N ARG A 123 100.08 -119.65 52.65
CA ARG A 123 98.77 -119.97 52.08
C ARG A 123 97.89 -120.86 52.95
N PRO A 124 98.41 -122.04 53.35
CA PRO A 124 97.64 -122.97 54.19
C PRO A 124 97.01 -122.38 55.45
N HIS A 125 97.84 -121.84 56.33
CA HIS A 125 97.37 -121.26 57.58
C HIS A 125 96.45 -120.05 57.39
N SER A 126 96.85 -119.13 56.52
CA SER A 126 96.06 -117.93 56.26
C SER A 126 94.61 -118.27 55.91
N TYR A 127 94.36 -119.52 55.53
CA TYR A 127 93.02 -119.95 55.16
C TYR A 127 92.21 -120.42 56.37
N VAL A 128 92.88 -120.92 57.39
CA VAL A 128 92.19 -121.44 58.58
C VAL A 128 92.20 -120.53 59.80
N PHE A 129 93.38 -120.18 60.30
CA PHE A 129 93.49 -119.35 61.49
C PHE A 129 93.50 -117.84 61.25
N TYR A 130 93.27 -117.10 62.33
CA TYR A 130 93.27 -115.64 62.30
C TYR A 130 94.66 -115.17 62.72
N GLN A 131 95.32 -114.41 61.86
CA GLN A 131 96.65 -113.89 62.17
C GLN A 131 96.75 -113.61 63.67
N LEU A 132 97.72 -114.25 64.33
CA LEU A 132 97.90 -114.08 65.77
C LEU A 132 99.31 -113.59 66.11
N ARG A 133 99.39 -112.79 67.17
CA ARG A 133 100.68 -112.26 67.60
C ARG A 133 100.80 -112.13 69.12
N CYS A 134 101.66 -112.96 69.72
CA CYS A 134 101.88 -112.95 71.15
C CYS A 134 103.30 -113.44 71.44
N HIS A 135 103.73 -113.27 72.70
CA HIS A 135 105.05 -113.71 73.11
C HIS A 135 105.16 -115.21 72.89
N LEU A 136 106.29 -115.66 72.35
CA LEU A 136 106.49 -117.08 72.08
C LEU A 136 107.96 -117.51 72.12
N SER A 137 108.22 -118.66 71.53
CA SER A 137 109.57 -119.23 71.45
C SER A 137 109.48 -120.40 70.46
N TYR A 138 110.51 -120.58 69.66
CA TYR A 138 110.50 -121.66 68.67
C TYR A 138 111.76 -122.52 68.64
N VAL A 139 111.69 -123.59 67.86
CA VAL A 139 112.79 -124.53 67.69
C VAL A 139 113.04 -124.67 66.19
N ALA A 140 114.07 -124.01 65.69
CA ALA A 140 114.41 -124.03 64.27
C ALA A 140 115.11 -125.32 63.85
N LEU A 141 114.82 -125.78 62.64
CA LEU A 141 115.42 -127.00 62.11
C LEU A 141 115.61 -126.89 60.60
N SER A 142 116.71 -127.44 60.10
CA SER A 142 117.01 -127.41 58.67
C SER A 142 117.85 -128.61 58.25
N ILE A 143 117.25 -129.49 57.44
CA ILE A 143 117.92 -130.69 56.96
C ILE A 143 117.97 -130.67 55.43
N ASN A 144 118.75 -131.57 54.85
CA ASN A 144 118.88 -131.66 53.39
C ASN A 144 119.16 -130.31 52.76
N GLY A 145 119.79 -129.42 53.52
CA GLY A 145 120.11 -128.10 53.00
C GLY A 145 118.92 -127.25 52.63
N ASP A 146 118.17 -126.82 53.65
CA ASP A 146 116.99 -125.99 53.45
C ASP A 146 115.94 -126.59 52.53
N LYS A 147 116.09 -127.88 52.21
CA LYS A 147 115.12 -128.55 51.34
C LYS A 147 114.00 -129.11 52.22
N PHE A 148 114.24 -129.08 53.53
CA PHE A 148 113.27 -129.56 54.50
C PHE A 148 113.54 -128.81 55.81
N GLN A 149 112.47 -128.35 56.46
CA GLN A 149 112.63 -127.62 57.71
C GLN A 149 111.42 -127.76 58.64
N TYR A 150 111.68 -127.69 59.94
CA TYR A 150 110.65 -127.80 60.95
C TYR A 150 110.73 -126.60 61.89
N THR A 151 109.58 -126.20 62.45
CA THR A 151 109.53 -125.07 63.35
C THR A 151 108.68 -125.37 64.58
N GLY A 152 109.31 -125.37 65.75
CA GLY A 152 108.59 -125.64 66.97
C GLY A 152 108.04 -124.37 67.60
N ALA A 153 107.08 -123.76 66.94
CA ALA A 153 106.46 -122.53 67.43
C ALA A 153 105.57 -122.84 68.62
N MET A 154 105.79 -122.15 69.74
CA MET A 154 105.00 -122.39 70.94
C MET A 154 104.83 -121.15 71.80
N THR A 155 103.68 -121.07 72.45
CA THR A 155 103.36 -119.96 73.34
C THR A 155 103.08 -120.56 74.72
N SER A 156 102.77 -119.71 75.69
CA SER A 156 102.50 -120.18 77.04
C SER A 156 101.23 -121.02 77.13
N LYS A 157 100.47 -121.09 76.04
CA LYS A 157 99.24 -121.87 76.05
C LYS A 157 99.16 -123.03 75.06
N PHE A 158 99.82 -122.89 73.91
CA PHE A 158 99.77 -123.96 72.91
C PHE A 158 100.98 -124.03 72.00
N LEU A 159 101.24 -125.22 71.47
CA LEU A 159 102.35 -125.47 70.57
C LEU A 159 101.81 -125.72 69.17
N MET A 160 102.55 -125.30 68.15
CA MET A 160 102.13 -125.50 66.77
C MET A 160 103.32 -125.65 65.84
N GLY A 161 103.80 -126.87 65.70
CA GLY A 161 104.95 -127.13 64.84
C GLY A 161 104.50 -127.30 63.40
N THR A 162 105.34 -126.87 62.47
CA THR A 162 105.02 -126.98 61.05
C THR A 162 106.12 -127.65 60.26
N TYR A 163 105.74 -128.54 59.36
CA TYR A 163 106.69 -129.25 58.51
C TYR A 163 106.73 -128.58 57.15
N LYS A 164 107.90 -128.56 56.53
CA LYS A 164 108.06 -127.91 55.23
C LYS A 164 109.10 -128.63 54.37
N ARG A 165 108.63 -129.19 53.26
CA ARG A 165 109.52 -129.90 52.34
C ARG A 165 109.48 -129.22 50.97
N VAL A 166 110.47 -129.52 50.13
CA VAL A 166 110.55 -128.93 48.80
C VAL A 166 111.02 -129.94 47.76
N THR A 167 110.20 -130.15 46.73
CA THR A 167 110.54 -131.08 45.66
C THR A 167 111.64 -130.41 44.84
N GLU A 168 112.15 -131.10 43.84
CA GLU A 168 113.21 -130.55 43.01
C GLU A 168 112.82 -129.17 42.49
N LYS A 169 111.52 -128.99 42.26
CA LYS A 169 111.00 -127.72 41.76
C LYS A 169 110.65 -126.81 42.94
N GLY A 170 110.17 -125.59 42.62
CA GLY A 170 109.81 -124.66 43.66
C GLY A 170 108.60 -125.11 44.47
N ASP A 171 108.29 -126.40 44.38
CA ASP A 171 107.16 -126.97 45.11
C ASP A 171 107.38 -126.87 46.62
N GLU A 172 106.40 -126.28 47.31
CA GLU A 172 106.50 -126.12 48.76
C GLU A 172 105.34 -126.81 49.45
N HIS A 173 105.64 -127.92 50.14
CA HIS A 173 104.63 -128.68 50.85
C HIS A 173 104.72 -128.42 52.35
N VAL A 174 103.58 -128.11 52.97
CA VAL A 174 103.54 -127.84 54.40
C VAL A 174 102.39 -128.53 55.12
N LEU A 175 102.68 -128.98 56.33
CA LEU A 175 101.71 -129.66 57.19
C LEU A 175 102.11 -129.38 58.63
N SER A 176 101.16 -128.98 59.47
CA SER A 176 101.48 -128.68 60.85
C SER A 176 100.60 -129.38 61.89
N LEU A 177 101.13 -129.49 63.10
CA LEU A 177 100.42 -130.13 64.21
C LEU A 177 100.23 -129.10 65.33
N VAL A 178 99.05 -129.10 65.92
CA VAL A 178 98.75 -128.17 67.00
C VAL A 178 98.39 -128.90 68.29
N PHE A 179 99.17 -128.68 69.33
CA PHE A 179 98.93 -129.32 70.62
C PHE A 179 98.66 -128.29 71.72
N GLY A 180 97.82 -128.67 72.68
CA GLY A 180 97.49 -127.77 73.77
C GLY A 180 96.10 -128.01 74.30
N LYS A 181 95.76 -127.34 75.40
CA LYS A 181 94.45 -127.48 76.00
C LYS A 181 93.38 -127.02 75.02
N THR A 182 92.42 -127.89 74.75
CA THR A 182 91.33 -127.60 73.81
C THR A 182 90.77 -126.19 73.96
N LYS A 183 90.72 -125.69 75.18
CA LYS A 183 90.18 -124.36 75.44
C LYS A 183 91.10 -123.24 74.96
N ASP A 184 92.37 -123.55 74.75
CA ASP A 184 93.33 -122.55 74.30
C ASP A 184 93.64 -122.52 72.82
N LEU A 185 93.08 -123.45 72.05
CA LEU A 185 93.33 -123.48 70.61
C LEU A 185 92.97 -122.14 69.96
N PRO A 186 93.77 -121.70 68.98
CA PRO A 186 93.56 -120.44 68.27
C PRO A 186 92.13 -120.27 67.75
N ASP A 187 91.84 -119.11 67.19
CA ASP A 187 90.51 -118.82 66.66
C ASP A 187 90.43 -119.21 65.19
N LEU A 188 89.42 -120.00 64.84
CA LEU A 188 89.23 -120.43 63.46
C LEU A 188 88.54 -119.33 62.68
N ARG A 189 88.96 -119.14 61.43
CA ARG A 189 88.42 -118.10 60.57
C ARG A 189 87.13 -118.49 59.84
N GLY A 190 87.26 -118.89 58.57
CA GLY A 190 86.10 -119.27 57.79
C GLY A 190 85.32 -120.42 58.40
N PRO A 191 84.48 -121.08 57.59
CA PRO A 191 83.65 -122.22 58.00
C PRO A 191 84.51 -123.40 58.44
N PHE A 192 85.17 -123.25 59.57
CA PHE A 192 86.02 -124.29 60.12
C PHE A 192 85.62 -124.65 61.53
N SER A 193 85.66 -125.95 61.82
CA SER A 193 85.31 -126.46 63.13
C SER A 193 86.42 -127.41 63.58
N TYR A 194 87.03 -127.09 64.71
CA TYR A 194 88.11 -127.90 65.26
C TYR A 194 87.89 -129.41 65.25
N PRO A 195 86.66 -129.86 65.53
CA PRO A 195 86.43 -131.31 65.52
C PRO A 195 86.86 -131.98 64.21
N SER A 196 86.51 -131.36 63.09
CA SER A 196 86.87 -131.91 61.78
C SER A 196 88.33 -131.64 61.45
N LEU A 197 89.10 -131.26 62.47
CA LEU A 197 90.52 -130.96 62.30
C LEU A 197 91.33 -131.55 63.45
N THR A 198 90.65 -131.97 64.50
CA THR A 198 91.30 -132.57 65.67
C THR A 198 91.54 -134.05 65.42
N SER A 199 92.72 -134.53 65.76
CA SER A 199 93.06 -135.93 65.55
C SER A 199 92.93 -136.75 66.83
N ALA A 200 93.30 -136.15 67.96
CA ALA A 200 93.22 -136.82 69.25
C ALA A 200 92.70 -135.84 70.30
N GLN A 201 91.78 -136.29 71.15
CA GLN A 201 91.23 -135.42 72.16
C GLN A 201 91.08 -136.05 73.55
N SER A 202 91.45 -135.29 74.57
CA SER A 202 91.35 -135.74 75.95
C SER A 202 90.18 -134.96 76.55
N GLY A 203 90.10 -134.93 77.87
CA GLY A 203 89.02 -134.20 78.51
C GLY A 203 89.21 -132.71 78.33
N ASP A 204 90.43 -132.31 78.00
CA ASP A 204 90.75 -130.90 77.80
C ASP A 204 91.98 -130.68 76.92
N TYR A 205 92.42 -131.71 76.23
CA TYR A 205 93.58 -131.62 75.34
C TYR A 205 93.27 -132.07 73.93
N SER A 206 93.86 -131.39 72.95
CA SER A 206 93.63 -131.73 71.55
C SER A 206 94.89 -131.70 70.70
N LEU A 207 94.83 -132.39 69.57
CA LEU A 207 95.93 -132.47 68.61
C LEU A 207 95.35 -132.22 67.23
N VAL A 208 95.54 -131.01 66.72
CA VAL A 208 95.00 -130.61 65.43
C VAL A 208 95.98 -130.80 64.26
N ILE A 209 95.43 -131.12 63.09
CA ILE A 209 96.22 -131.33 61.89
C ILE A 209 95.80 -130.30 60.85
N VAL A 210 96.58 -129.23 60.71
CA VAL A 210 96.28 -128.18 59.74
C VAL A 210 97.14 -128.37 58.49
N THR A 211 96.47 -128.66 57.37
CA THR A 211 97.15 -128.88 56.10
C THR A 211 96.14 -129.09 54.99
N THR A 212 96.60 -129.00 53.74
CA THR A 212 95.72 -129.19 52.60
C THR A 212 95.81 -130.64 52.14
N PHE A 213 94.80 -131.10 51.41
CA PHE A 213 94.79 -132.46 50.90
C PHE A 213 95.96 -132.66 49.97
N VAL A 214 96.24 -131.63 49.16
CA VAL A 214 97.33 -131.66 48.21
C VAL A 214 98.63 -131.97 48.95
N HIS A 215 98.84 -131.32 50.09
CA HIS A 215 100.04 -131.52 50.87
C HIS A 215 100.05 -132.84 51.65
N TYR A 216 98.96 -133.13 52.35
CA TYR A 216 98.86 -134.36 53.13
C TYR A 216 99.29 -135.58 52.32
N ALA A 217 99.10 -135.52 51.01
CA ALA A 217 99.47 -136.62 50.13
C ALA A 217 100.98 -136.78 50.07
N ASN A 218 101.67 -135.72 49.66
CA ASN A 218 103.11 -135.75 49.55
C ASN A 218 103.79 -136.09 50.87
N PHE A 219 103.10 -135.82 51.98
CA PHE A 219 103.64 -136.11 53.30
C PHE A 219 103.36 -137.52 53.78
N HIS A 220 102.17 -138.02 53.49
CA HIS A 220 101.77 -139.37 53.91
C HIS A 220 102.66 -140.45 53.30
N ASN A 221 103.49 -140.06 52.34
CA ASN A 221 104.40 -141.01 51.69
C ASN A 221 105.59 -141.38 52.58
N TYR A 222 105.97 -140.49 53.48
CA TYR A 222 107.09 -140.75 54.36
C TYR A 222 106.83 -140.34 55.81
N PHE A 223 105.62 -139.86 56.08
CA PHE A 223 105.28 -139.44 57.44
C PHE A 223 103.92 -139.93 57.90
N VAL A 224 103.92 -141.03 58.64
CA VAL A 224 102.69 -141.61 59.17
C VAL A 224 102.86 -141.70 60.68
N PRO A 225 102.75 -140.55 61.38
CA PRO A 225 102.90 -140.48 62.83
C PRO A 225 101.85 -141.27 63.60
N ASN A 226 102.26 -141.80 64.75
CA ASN A 226 101.37 -142.58 65.61
C ASN A 226 100.68 -141.62 66.56
N LEU A 227 99.90 -140.71 65.98
CA LEU A 227 99.17 -139.70 66.74
C LEU A 227 98.67 -140.21 68.09
N LYS A 228 98.23 -141.46 68.13
CA LYS A 228 97.73 -142.05 69.37
C LYS A 228 98.73 -141.95 70.53
N ASP A 229 99.78 -142.77 70.48
CA ASP A 229 100.80 -142.76 71.52
C ASP A 229 101.51 -141.41 71.62
N MET A 230 101.80 -140.82 70.46
CA MET A 230 102.47 -139.53 70.43
C MET A 230 101.69 -138.48 71.22
N PHE A 231 100.37 -138.59 71.20
CA PHE A 231 99.51 -137.65 71.92
C PHE A 231 99.47 -137.97 73.41
N SER A 232 99.12 -139.21 73.74
CA SER A 232 99.03 -139.64 75.13
C SER A 232 100.29 -139.28 75.92
N ARG A 233 101.42 -139.77 75.44
CA ARG A 233 102.70 -139.52 76.09
C ARG A 233 102.95 -138.03 76.26
N ALA A 234 102.44 -137.22 75.34
CA ALA A 234 102.60 -135.78 75.39
C ALA A 234 101.64 -135.13 76.38
N VAL A 235 100.75 -135.92 76.95
CA VAL A 235 99.77 -135.42 77.91
C VAL A 235 100.01 -136.01 79.29
N THR A 236 99.97 -137.34 79.38
CA THR A 236 100.18 -138.02 80.65
C THR A 236 101.66 -138.34 80.87
N MET A 237 102.41 -137.34 81.32
CA MET A 237 103.83 -137.52 81.57
C MET A 237 104.44 -136.23 82.09
N THR A 238 105.09 -136.30 83.24
CA THR A 238 105.72 -135.13 83.84
C THR A 238 106.71 -134.48 82.88
N ALA A 239 106.80 -133.16 82.94
CA ALA A 239 107.68 -132.40 82.07
C ALA A 239 109.09 -132.98 82.01
N ALA A 240 109.73 -133.14 83.16
CA ALA A 240 111.08 -133.68 83.24
C ALA A 240 111.20 -135.03 82.53
N SER A 241 110.24 -135.91 82.78
CA SER A 241 110.24 -137.23 82.17
C SER A 241 110.14 -137.17 80.65
N TYR A 242 109.17 -136.43 80.15
CA TYR A 242 108.97 -136.29 78.72
C TYR A 242 110.25 -135.79 78.04
N ALA A 243 110.92 -134.85 78.72
CA ALA A 243 112.16 -134.28 78.21
C ALA A 243 113.21 -135.36 77.95
N ARG A 244 113.34 -136.30 78.89
CA ARG A 244 114.31 -137.36 78.74
C ARG A 244 113.83 -138.43 77.76
N TYR A 245 112.52 -138.71 77.77
CA TYR A 245 111.97 -139.69 76.85
C TYR A 245 112.38 -139.30 75.43
N VAL A 246 112.40 -138.00 75.18
CA VAL A 246 112.78 -137.46 73.89
C VAL A 246 114.28 -137.53 73.74
N LEU A 247 115.00 -137.11 74.78
CA LEU A 247 116.46 -137.12 74.77
C LEU A 247 116.95 -138.52 74.40
N GLN A 248 116.30 -139.53 74.94
CA GLN A 248 116.66 -140.91 74.67
C GLN A 248 116.33 -141.28 73.22
N LYS A 249 115.14 -140.87 72.78
CA LYS A 249 114.72 -141.15 71.42
C LYS A 249 115.76 -140.63 70.43
N LEU A 250 116.34 -139.48 70.74
CA LEU A 250 117.36 -138.89 69.89
C LEU A 250 118.64 -139.71 69.93
N VAL A 251 119.06 -140.08 71.14
CA VAL A 251 120.27 -140.88 71.31
C VAL A 251 120.19 -142.10 70.42
N LEU A 252 119.00 -142.69 70.34
CA LEU A 252 118.76 -143.87 69.52
C LEU A 252 119.06 -143.51 68.06
N LEU A 253 118.41 -142.46 67.57
CA LEU A 253 118.60 -142.01 66.20
C LEU A 253 120.07 -141.71 65.94
N GLU A 254 120.77 -141.24 66.96
CA GLU A 254 122.19 -140.92 66.83
C GLU A 254 122.96 -142.20 66.55
N MET A 255 122.68 -143.24 67.33
CA MET A 255 123.34 -144.53 67.16
C MET A 255 122.92 -145.15 65.83
N LYS A 256 121.84 -144.62 65.26
CA LYS A 256 121.34 -145.12 63.98
C LYS A 256 121.99 -144.33 62.84
N GLY A 257 122.95 -143.47 63.20
CA GLY A 257 123.63 -142.67 62.21
C GLY A 257 122.77 -141.55 61.66
N GLY A 258 121.56 -141.43 62.20
CA GLY A 258 120.66 -140.39 61.74
C GLY A 258 121.13 -138.98 62.03
N CYS A 259 122.36 -138.85 62.53
CA CYS A 259 122.91 -137.52 62.84
C CYS A 259 123.95 -137.06 61.84
N ARG A 260 124.11 -137.83 60.76
CA ARG A 260 125.06 -137.50 59.70
C ARG A 260 124.39 -137.90 58.39
N GLU A 261 123.35 -138.72 58.52
CA GLU A 261 122.53 -139.19 57.41
C GLU A 261 121.08 -138.98 57.83
N PRO A 262 120.73 -137.75 58.24
CA PRO A 262 119.37 -137.40 58.68
C PRO A 262 118.28 -138.01 57.81
N GLU A 263 117.77 -139.15 58.24
CA GLU A 263 116.73 -139.85 57.51
C GLU A 263 115.39 -139.14 57.66
N LEU A 264 114.74 -138.88 56.53
CA LEU A 264 113.44 -138.21 56.54
C LEU A 264 112.33 -139.26 56.65
N ASP A 265 112.22 -139.87 57.83
CA ASP A 265 111.20 -140.90 58.06
C ASP A 265 110.25 -140.50 59.18
N THR A 266 109.24 -141.33 59.39
CA THR A 266 108.25 -141.09 60.44
C THR A 266 108.89 -140.91 61.80
N GLU A 267 109.78 -141.82 62.16
CA GLU A 267 110.47 -141.77 63.44
C GLU A 267 111.21 -140.45 63.64
N THR A 268 112.10 -140.13 62.71
CA THR A 268 112.89 -138.90 62.78
C THR A 268 112.00 -137.65 62.85
N LEU A 269 110.96 -137.62 62.03
CA LEU A 269 110.05 -136.49 62.02
C LEU A 269 109.23 -136.42 63.30
N THR A 270 108.80 -137.58 63.79
CA THR A 270 108.01 -137.64 65.02
C THR A 270 108.78 -137.04 66.19
N THR A 271 109.99 -137.53 66.39
CA THR A 271 110.85 -137.05 67.48
C THR A 271 110.93 -135.52 67.48
N MET A 272 111.06 -134.94 66.28
CA MET A 272 111.14 -133.50 66.14
C MET A 272 110.02 -132.80 66.90
N PHE A 273 108.78 -133.11 66.53
CA PHE A 273 107.61 -132.52 67.16
C PHE A 273 107.65 -132.73 68.67
N GLU A 274 108.02 -133.93 69.09
CA GLU A 274 108.09 -134.25 70.51
C GLU A 274 109.18 -133.44 71.19
N VAL A 275 110.22 -133.11 70.44
CA VAL A 275 111.32 -132.31 70.97
C VAL A 275 110.81 -130.94 71.38
N SER A 276 109.90 -130.39 70.57
CA SER A 276 109.33 -129.08 70.83
C SER A 276 108.26 -129.19 71.91
N VAL A 277 107.59 -130.34 71.97
CA VAL A 277 106.54 -130.57 72.97
C VAL A 277 107.21 -130.62 74.34
N ALA A 278 108.42 -131.18 74.39
CA ALA A 278 109.17 -131.29 75.62
C ALA A 278 109.43 -129.89 76.16
N PHE A 279 109.76 -128.97 75.26
CA PHE A 279 110.01 -127.59 75.65
C PHE A 279 108.70 -126.90 75.99
N PHE A 280 107.66 -127.22 75.23
CA PHE A 280 106.33 -126.64 75.48
C PHE A 280 105.82 -127.04 76.85
N LYS A 281 105.98 -128.31 77.19
CA LYS A 281 105.53 -128.82 78.47
C LYS A 281 106.03 -127.97 79.62
N VAL A 282 107.33 -127.67 79.62
CA VAL A 282 107.94 -126.85 80.65
C VAL A 282 107.33 -125.45 80.70
N GLY A 283 107.13 -124.85 79.53
CA GLY A 283 106.55 -123.53 79.47
C GLY A 283 105.09 -123.51 79.89
N HIS A 284 104.36 -124.57 79.55
CA HIS A 284 102.96 -124.67 79.89
C HIS A 284 102.78 -124.95 81.38
N ALA A 285 103.85 -125.43 82.01
CA ALA A 285 103.82 -125.74 83.44
C ALA A 285 103.87 -124.43 84.24
N VAL A 286 104.88 -123.61 83.93
CA VAL A 286 105.04 -122.33 84.61
C VAL A 286 103.86 -121.42 84.30
N GLY A 287 103.15 -121.75 83.22
CA GLY A 287 102.00 -120.96 82.83
C GLY A 287 100.77 -121.21 83.70
N GLU A 288 100.40 -122.48 83.83
CA GLU A 288 99.25 -122.87 84.63
C GLU A 288 99.27 -122.22 86.01
N THR A 289 100.45 -122.20 86.62
CA THR A 289 100.61 -121.61 87.94
C THR A 289 100.98 -120.13 87.88
N GLY A 290 100.09 -119.32 87.30
CA GLY A 290 100.35 -117.90 87.20
C GLY A 290 100.37 -117.26 88.57
N ASN A 291 101.30 -116.33 88.77
CA ASN A 291 101.44 -115.64 90.05
C ASN A 291 101.65 -116.63 91.19
N GLY A 292 102.20 -117.79 90.86
CA GLY A 292 102.47 -118.81 91.86
C GLY A 292 103.97 -118.87 92.11
N CYS A 293 104.46 -120.03 92.50
CA CYS A 293 105.89 -120.19 92.76
C CYS A 293 106.35 -121.61 92.49
N VAL A 294 107.30 -121.75 91.58
CA VAL A 294 107.85 -123.06 91.23
C VAL A 294 109.07 -123.36 92.09
N ASP A 295 109.06 -124.52 92.73
CA ASP A 295 110.16 -124.93 93.59
C ASP A 295 111.44 -124.99 92.77
N LEU A 296 112.54 -124.50 93.34
CA LEU A 296 113.82 -124.49 92.65
C LEU A 296 114.30 -125.89 92.28
N ARG A 297 113.91 -126.89 93.07
CA ARG A 297 114.32 -128.26 92.78
C ARG A 297 113.67 -128.67 91.46
N TRP A 298 112.43 -128.23 91.26
CA TRP A 298 111.70 -128.54 90.05
C TRP A 298 112.39 -127.99 88.82
N LEU A 299 112.77 -126.72 88.87
CA LEU A 299 113.44 -126.06 87.77
C LEU A 299 114.80 -126.70 87.49
N ALA A 300 115.60 -126.83 88.55
CA ALA A 300 116.93 -127.41 88.43
C ALA A 300 116.88 -128.76 87.72
N LYS A 301 115.75 -129.45 87.84
CA LYS A 301 115.58 -130.75 87.22
C LYS A 301 114.97 -130.62 85.82
N SER A 302 113.85 -129.90 85.73
CA SER A 302 113.17 -129.70 84.46
C SER A 302 114.03 -128.94 83.46
N PHE A 303 114.48 -127.76 83.85
CA PHE A 303 115.32 -126.93 82.98
C PHE A 303 116.64 -127.61 82.62
N PHE A 304 117.03 -128.60 83.41
CA PHE A 304 118.27 -129.33 83.15
C PHE A 304 118.07 -130.21 81.92
N GLU A 305 117.01 -131.01 81.95
CA GLU A 305 116.68 -131.90 80.85
C GLU A 305 116.57 -131.13 79.54
N LEU A 306 116.25 -129.85 79.64
CA LEU A 306 116.12 -129.00 78.47
C LEU A 306 117.48 -128.56 77.94
N THR A 307 118.37 -128.18 78.85
CA THR A 307 119.71 -127.76 78.46
C THR A 307 120.42 -128.91 77.75
N VAL A 308 120.37 -130.08 78.35
CA VAL A 308 121.00 -131.27 77.77
C VAL A 308 120.33 -131.60 76.44
N LEU A 309 119.02 -131.37 76.38
CA LEU A 309 118.25 -131.65 75.17
C LEU A 309 118.67 -130.71 74.04
N LYS A 310 118.73 -129.42 74.35
CA LYS A 310 119.11 -128.41 73.36
C LYS A 310 120.45 -128.70 72.69
N ASP A 311 121.39 -129.24 73.46
CA ASP A 311 122.71 -129.56 72.93
C ASP A 311 122.71 -130.66 71.88
N ILE A 312 122.09 -131.79 72.21
CA ILE A 312 122.02 -132.91 71.28
C ILE A 312 121.26 -132.50 70.02
N ILE A 313 120.22 -131.69 70.19
CA ILE A 313 119.42 -131.21 69.08
C ILE A 313 120.29 -130.38 68.15
N GLY A 314 121.29 -129.71 68.73
CA GLY A 314 122.18 -128.88 67.94
C GLY A 314 123.34 -129.66 67.34
N ILE A 315 123.93 -130.55 68.12
CA ILE A 315 125.05 -131.36 67.65
C ILE A 315 124.60 -132.24 66.48
N CYS A 316 123.39 -132.79 66.59
CA CYS A 316 122.86 -133.66 65.55
C CYS A 316 122.42 -132.82 64.36
N TYR A 317 121.35 -132.06 64.53
CA TYR A 317 120.82 -131.21 63.47
C TYR A 317 121.23 -129.77 63.72
N GLY A 318 121.33 -128.99 62.65
CA GLY A 318 121.69 -127.59 62.80
C GLY A 318 120.49 -126.86 63.34
N ALA A 319 119.83 -127.46 64.33
CA ALA A 319 118.64 -126.87 64.94
C ALA A 319 119.01 -125.86 66.02
N THR A 320 118.15 -124.85 66.17
CA THR A 320 118.38 -123.81 67.16
C THR A 320 117.16 -123.69 68.06
N VAL A 321 117.36 -123.17 69.27
CA VAL A 321 116.27 -122.99 70.22
C VAL A 321 116.42 -121.65 70.91
N LYS A 322 115.33 -120.90 71.00
CA LYS A 322 115.35 -119.59 71.64
C LYS A 322 113.98 -119.25 72.22
N GLY A 323 113.99 -118.74 73.44
CA GLY A 323 112.74 -118.38 74.08
C GLY A 323 112.36 -119.30 75.23
N MET A 324 113.36 -119.84 75.92
CA MET A 324 113.09 -120.73 77.05
C MET A 324 114.19 -120.67 78.10
N GLN A 325 115.15 -119.78 77.89
CA GLN A 325 116.24 -119.58 78.84
C GLN A 325 115.97 -118.24 79.52
N SER A 326 115.97 -118.24 80.85
CA SER A 326 115.73 -117.02 81.62
C SER A 326 117.00 -116.70 82.41
N TYR A 327 117.70 -115.66 82.00
CA TYR A 327 118.94 -115.26 82.67
C TYR A 327 118.78 -115.18 84.17
N GLY A 328 117.54 -115.05 84.63
CA GLY A 328 117.29 -114.96 86.07
C GLY A 328 117.62 -116.28 86.75
N LEU A 329 116.92 -117.33 86.35
CA LEU A 329 117.12 -118.66 86.92
C LEU A 329 118.59 -119.06 86.88
N GLU A 330 119.30 -118.56 85.88
CA GLU A 330 120.73 -118.87 85.73
C GLU A 330 121.56 -118.14 86.79
N ARG A 331 121.28 -116.86 86.99
CA ARG A 331 122.01 -116.08 87.99
C ARG A 331 121.75 -116.65 89.37
N LEU A 332 120.50 -117.03 89.62
CA LEU A 332 120.11 -117.60 90.90
C LEU A 332 120.88 -118.89 91.15
N ALA A 333 120.81 -119.81 90.19
CA ALA A 333 121.50 -121.08 90.29
C ALA A 333 122.99 -120.85 90.48
N ALA A 334 123.54 -119.92 89.72
CA ALA A 334 124.95 -119.59 89.78
C ALA A 334 125.35 -119.14 91.19
N MET A 335 124.61 -118.18 91.73
CA MET A 335 124.89 -117.66 93.06
C MET A 335 124.78 -118.74 94.13
N LEU A 336 123.70 -119.51 94.08
CA LEU A 336 123.47 -120.58 95.05
C LEU A 336 124.67 -121.51 95.13
N MET A 337 125.14 -121.98 93.98
CA MET A 337 126.28 -122.88 93.92
C MET A 337 127.53 -122.26 94.52
N ALA A 338 127.76 -120.99 94.22
CA ALA A 338 128.93 -120.28 94.72
C ALA A 338 129.02 -120.29 96.24
N THR A 339 127.93 -120.70 96.89
CA THR A 339 127.89 -120.74 98.35
C THR A 339 127.78 -122.16 98.90
N VAL A 340 128.69 -123.05 98.50
CA VAL A 340 128.66 -124.42 98.97
C VAL A 340 130.04 -125.08 98.91
N LYS A 341 130.31 -125.95 99.87
CA LYS A 341 131.59 -126.66 99.93
C LYS A 341 131.66 -127.61 98.74
N MET A 342 132.11 -127.08 97.60
CA MET A 342 132.23 -127.87 96.38
C MET A 342 133.19 -129.04 96.51
N GLU A 343 134.39 -128.77 96.99
CA GLU A 343 135.41 -129.80 97.15
C GLU A 343 134.99 -130.91 98.11
N GLU A 344 133.77 -130.81 98.64
CA GLU A 344 133.27 -131.80 99.59
C GLU A 344 131.86 -132.26 99.19
N LEU A 345 131.48 -131.98 97.95
CA LEU A 345 130.16 -132.35 97.46
C LEU A 345 129.99 -133.87 97.42
N GLY A 346 131.07 -134.58 97.12
CA GLY A 346 131.02 -136.03 97.05
C GLY A 346 130.64 -136.69 98.36
N HIS A 347 130.97 -136.06 99.47
CA HIS A 347 130.67 -136.60 100.79
C HIS A 347 129.21 -136.35 101.17
N LEU A 348 128.46 -135.71 100.27
CA LEU A 348 127.07 -135.40 100.51
C LEU A 348 126.16 -136.57 100.13
N THR A 349 124.86 -136.41 100.33
CA THR A 349 123.89 -137.45 100.01
C THR A 349 123.63 -137.54 98.51
N THR A 350 122.93 -138.60 98.10
CA THR A 350 122.61 -138.83 96.70
C THR A 350 121.65 -137.79 96.13
N GLU A 351 120.43 -137.74 96.66
CA GLU A 351 119.43 -136.78 96.20
C GLU A 351 120.01 -135.37 96.15
N LYS A 352 120.75 -135.00 97.18
CA LYS A 352 121.37 -133.68 97.26
C LYS A 352 122.46 -133.53 96.22
N GLN A 353 123.13 -134.64 95.92
CA GLN A 353 124.21 -134.64 94.94
C GLN A 353 123.71 -134.30 93.55
N GLU A 354 122.60 -134.92 93.15
CA GLU A 354 122.03 -134.67 91.84
C GLU A 354 121.66 -133.19 91.76
N TYR A 355 120.73 -132.78 92.61
CA TYR A 355 120.27 -131.40 92.69
C TYR A 355 121.43 -130.42 92.59
N ALA A 356 122.52 -130.74 93.26
CA ALA A 356 123.71 -129.88 93.24
C ALA A 356 124.25 -129.75 91.82
N LEU A 357 124.80 -130.84 91.30
CA LEU A 357 125.35 -130.86 89.95
C LEU A 357 124.30 -130.42 88.93
N ARG A 358 123.08 -130.91 89.12
CA ARG A 358 121.98 -130.61 88.24
C ARG A 358 121.87 -129.12 87.95
N LEU A 359 121.60 -128.33 88.98
CA LEU A 359 121.47 -126.88 88.82
C LEU A 359 122.80 -126.24 88.45
N ALA A 360 123.90 -126.92 88.78
CA ALA A 360 125.23 -126.41 88.47
C ALA A 360 125.37 -126.23 86.95
N THR A 361 124.67 -127.09 86.21
CA THR A 361 124.70 -127.04 84.75
C THR A 361 123.86 -125.86 84.25
N VAL A 362 122.71 -125.67 84.88
CA VAL A 362 121.79 -124.60 84.50
C VAL A 362 122.38 -123.20 84.69
N GLY A 363 123.14 -123.00 85.77
CA GLY A 363 123.72 -121.69 86.04
C GLY A 363 125.13 -121.47 85.54
N TYR A 364 125.77 -122.51 85.04
CA TYR A 364 127.15 -122.41 84.54
C TYR A 364 127.38 -121.18 83.66
N PRO A 365 126.48 -120.92 82.70
CA PRO A 365 126.60 -119.77 81.79
C PRO A 365 126.69 -118.38 82.42
N LYS A 366 125.54 -117.85 82.86
CA LYS A 366 125.46 -116.52 83.45
C LYS A 366 126.50 -116.15 84.52
N ALA A 367 127.06 -117.14 85.21
CA ALA A 367 128.06 -116.87 86.23
C ALA A 367 128.91 -118.08 86.57
N GLY A 368 130.04 -117.84 87.23
CA GLY A 368 130.92 -118.92 87.61
C GLY A 368 132.17 -119.02 86.74
N VAL A 369 132.78 -117.87 86.45
CA VAL A 369 133.99 -117.84 85.65
C VAL A 369 135.19 -118.19 86.52
N TYR A 370 134.97 -118.13 87.83
CA TYR A 370 136.01 -118.45 88.80
C TYR A 370 135.44 -119.23 89.97
N SER A 371 134.29 -119.84 89.74
CA SER A 371 133.62 -120.64 90.77
C SER A 371 134.05 -122.09 90.62
N GLY A 372 134.22 -122.78 91.74
CA GLY A 372 134.65 -124.17 91.72
C GLY A 372 133.59 -125.16 91.28
N LEU A 373 132.93 -124.89 90.15
CA LEU A 373 131.91 -125.79 89.64
C LEU A 373 132.48 -127.12 89.17
N ILE A 374 133.48 -127.05 88.30
CA ILE A 374 134.12 -128.26 87.78
C ILE A 374 134.65 -129.07 88.96
N GLY A 375 135.04 -128.37 90.02
CA GLY A 375 135.57 -129.04 91.20
C GLY A 375 134.54 -129.97 91.80
N GLY A 376 133.33 -129.46 92.00
CA GLY A 376 132.26 -130.27 92.56
C GLY A 376 132.00 -131.50 91.71
N ALA A 377 132.00 -131.31 90.40
CA ALA A 377 131.76 -132.41 89.47
C ALA A 377 132.82 -133.49 89.64
N THR A 378 134.01 -133.07 90.05
CA THR A 378 135.12 -134.00 90.27
C THR A 378 134.94 -134.75 91.58
N SER A 379 134.66 -134.00 92.65
CA SER A 379 134.47 -134.59 93.97
C SER A 379 133.41 -135.67 93.96
N VAL A 380 132.27 -135.37 93.34
CA VAL A 380 131.16 -136.32 93.25
C VAL A 380 131.61 -137.58 92.50
N LEU A 381 132.36 -137.39 91.43
CA LEU A 381 132.85 -138.50 90.63
C LEU A 381 133.86 -139.33 91.41
N LEU A 382 134.80 -138.64 92.05
CA LEU A 382 135.85 -139.29 92.83
C LEU A 382 135.23 -140.29 93.80
N SER A 383 134.21 -139.86 94.53
CA SER A 383 133.53 -140.72 95.50
C SER A 383 133.02 -141.98 94.80
N ALA A 384 132.32 -141.78 93.69
CA ALA A 384 131.76 -142.89 92.92
C ALA A 384 132.80 -143.95 92.60
N TYR A 385 133.94 -143.51 92.08
CA TYR A 385 135.02 -144.41 91.71
C TYR A 385 135.59 -145.21 92.87
N ASN A 386 135.91 -144.53 93.97
CA ASN A 386 136.46 -145.19 95.15
C ASN A 386 135.60 -146.33 95.67
N ARG A 387 134.29 -146.18 95.56
CA ARG A 387 133.36 -147.20 96.07
C ARG A 387 133.20 -148.44 95.19
N HIS A 388 133.74 -148.42 93.98
CA HIS A 388 133.61 -149.57 93.09
C HIS A 388 134.88 -149.97 92.33
N PRO A 389 134.84 -151.10 91.62
CA PRO A 389 135.97 -151.61 90.84
C PRO A 389 135.91 -151.31 89.34
N LEU A 390 136.03 -150.05 88.97
CA LEU A 390 136.04 -149.65 87.56
C LEU A 390 134.80 -150.10 86.79
N PHE A 391 133.63 -149.78 87.32
CA PHE A 391 132.37 -150.13 86.68
C PHE A 391 131.22 -149.70 87.59
N GLN A 392 130.30 -148.93 87.04
CA GLN A 392 129.15 -148.46 87.80
C GLN A 392 127.94 -149.32 87.49
N PRO A 393 127.10 -149.60 88.49
CA PRO A 393 125.91 -150.42 88.26
C PRO A 393 125.16 -149.92 87.04
N LEU A 394 124.80 -150.84 86.14
CA LEU A 394 124.10 -150.49 84.91
C LEU A 394 122.91 -149.55 85.09
N HIS A 395 122.20 -149.68 86.21
CA HIS A 395 121.05 -148.83 86.46
C HIS A 395 120.99 -148.36 87.91
N THR A 396 122.06 -147.71 88.36
CA THR A 396 122.12 -147.20 89.72
C THR A 396 121.70 -145.74 89.75
N VAL A 397 121.23 -145.30 90.91
CA VAL A 397 120.80 -143.92 91.09
C VAL A 397 121.96 -142.97 90.85
N MET A 398 123.16 -143.41 91.20
CA MET A 398 124.36 -142.60 91.04
C MET A 398 124.81 -142.48 89.58
N ARG A 399 124.52 -143.52 88.78
CA ARG A 399 124.89 -143.48 87.37
C ARG A 399 124.31 -142.21 86.76
N GLU A 400 123.03 -141.98 87.03
CA GLU A 400 122.32 -140.80 86.54
C GLU A 400 123.06 -139.55 86.97
N THR A 401 123.65 -139.61 88.16
CA THR A 401 124.38 -138.49 88.73
C THR A 401 125.61 -138.12 87.89
N LEU A 402 126.50 -139.07 87.69
CA LEU A 402 127.72 -138.81 86.91
C LEU A 402 127.38 -138.25 85.54
N PHE A 403 126.22 -138.63 85.01
CA PHE A 403 125.78 -138.15 83.70
C PHE A 403 125.51 -136.65 83.77
N ILE A 404 124.80 -136.24 84.82
CA ILE A 404 124.47 -134.83 85.00
C ILE A 404 125.74 -134.00 85.17
N GLY A 405 126.71 -134.55 85.91
CA GLY A 405 127.96 -133.85 86.13
C GLY A 405 128.82 -133.72 84.89
N SER A 406 128.87 -134.77 84.09
CA SER A 406 129.68 -134.76 82.87
C SER A 406 129.41 -133.53 82.02
N HIS A 407 128.15 -133.12 81.95
CA HIS A 407 127.76 -131.95 81.16
C HIS A 407 128.54 -130.70 81.54
N VAL A 408 128.58 -130.38 82.83
CA VAL A 408 129.30 -129.20 83.30
C VAL A 408 130.80 -129.34 83.08
N VAL A 409 131.25 -130.59 82.89
CA VAL A 409 132.67 -130.86 82.68
C VAL A 409 133.01 -130.70 81.20
N LEU A 410 132.17 -131.28 80.35
CA LEU A 410 132.37 -131.20 78.90
C LEU A 410 132.43 -129.73 78.48
N ARG A 411 131.42 -128.99 78.89
CA ARG A 411 131.31 -127.56 78.57
C ARG A 411 132.64 -126.88 78.89
N GLU A 412 133.20 -127.21 80.05
CA GLU A 412 134.47 -126.64 80.49
C GLU A 412 135.58 -127.00 79.51
N LEU A 413 135.69 -128.29 79.20
CA LEU A 413 136.70 -128.79 78.26
C LEU A 413 136.68 -128.06 76.92
N ARG A 414 135.49 -127.87 76.37
CA ARG A 414 135.33 -127.20 75.09
C ARG A 414 135.96 -125.80 75.03
N LEU A 415 136.10 -125.16 76.19
CA LEU A 415 136.68 -123.83 76.24
C LEU A 415 138.17 -123.83 75.93
N ASN A 416 138.76 -122.64 75.90
CA ASN A 416 140.19 -122.49 75.62
C ASN A 416 140.93 -121.87 76.80
N VAL A 417 140.22 -121.70 77.91
CA VAL A 417 140.82 -121.13 79.12
C VAL A 417 141.22 -122.26 80.04
N THR A 418 142.53 -122.57 80.07
CA THR A 418 143.04 -123.64 80.91
C THR A 418 142.86 -123.35 82.39
N THR A 419 141.63 -123.55 82.88
CA THR A 419 141.32 -123.32 84.27
C THR A 419 140.97 -124.67 84.92
N GLN A 420 141.63 -124.97 86.02
CA GLN A 420 141.40 -126.22 86.73
C GLN A 420 141.79 -127.39 85.82
N GLY A 421 142.72 -127.11 84.90
CA GLY A 421 143.17 -128.15 83.98
C GLY A 421 143.58 -129.40 84.76
N PRO A 422 144.38 -129.24 85.82
CA PRO A 422 144.82 -130.39 86.62
C PRO A 422 143.62 -131.09 87.25
N ASN A 423 142.71 -130.31 87.81
CA ASN A 423 141.52 -130.84 88.46
C ASN A 423 140.60 -131.50 87.43
N LEU A 424 140.64 -131.00 86.20
CA LEU A 424 139.81 -131.53 85.13
C LEU A 424 140.44 -132.77 84.51
N ALA A 425 141.76 -132.70 84.26
CA ALA A 425 142.48 -133.84 83.69
C ALA A 425 142.17 -135.09 84.51
N LEU A 426 142.03 -134.89 85.82
CA LEU A 426 141.73 -135.99 86.73
C LEU A 426 140.43 -136.66 86.33
N TYR A 427 139.39 -135.84 86.13
CA TYR A 427 138.08 -136.36 85.75
C TYR A 427 138.21 -137.33 84.57
N GLN A 428 138.98 -136.92 83.57
CA GLN A 428 139.21 -137.75 82.39
C GLN A 428 139.87 -139.06 82.78
N LEU A 429 140.92 -138.97 83.58
CA LEU A 429 141.65 -140.15 84.04
C LEU A 429 140.70 -141.16 84.68
N LEU A 430 139.97 -140.71 85.69
CA LEU A 430 139.03 -141.57 86.39
C LEU A 430 138.06 -142.24 85.43
N SER A 431 137.33 -141.43 84.67
CA SER A 431 136.36 -141.94 83.71
C SER A 431 137.02 -142.95 82.77
N THR A 432 138.26 -142.67 82.38
CA THR A 432 139.00 -143.57 81.50
C THR A 432 139.13 -144.94 82.15
N ALA A 433 139.57 -144.96 83.40
CA ALA A 433 139.70 -146.21 84.14
C ALA A 433 138.35 -146.89 84.21
N LEU A 434 137.31 -146.11 84.41
CA LEU A 434 135.95 -146.62 84.50
C LEU A 434 135.50 -147.25 83.18
N CYS A 435 136.13 -146.83 82.08
CA CYS A 435 135.79 -147.39 80.78
C CYS A 435 136.50 -148.72 80.60
N SER A 436 136.40 -149.57 81.61
CA SER A 436 137.03 -150.88 81.61
C SER A 436 136.28 -151.87 80.72
N ALA A 437 136.91 -153.01 80.46
CA ALA A 437 136.31 -154.05 79.62
C ALA A 437 134.96 -154.47 80.20
N LEU A 438 134.84 -154.36 81.53
CA LEU A 438 133.61 -154.72 82.21
C LEU A 438 132.53 -153.70 81.85
N GLU A 439 132.90 -152.43 81.89
CA GLU A 439 131.99 -151.33 81.57
C GLU A 439 131.55 -151.44 80.13
N ILE A 440 132.49 -151.22 79.21
CA ILE A 440 132.23 -151.28 77.78
C ILE A 440 131.48 -152.55 77.41
N GLY A 441 131.73 -153.63 78.16
CA GLY A 441 131.07 -154.89 77.89
C GLY A 441 129.60 -154.86 78.26
N GLU A 442 129.31 -154.46 79.50
CA GLU A 442 127.94 -154.39 79.97
C GLU A 442 127.08 -153.40 79.19
N VAL A 443 127.68 -152.27 78.80
CA VAL A 443 126.96 -151.26 78.04
C VAL A 443 126.41 -151.87 76.76
N LEU A 444 127.24 -152.65 76.08
CA LEU A 444 126.83 -153.31 74.84
C LEU A 444 125.69 -154.27 75.13
N ARG A 445 125.89 -155.13 76.13
CA ARG A 445 124.88 -156.11 76.53
C ARG A 445 123.51 -155.43 76.61
N GLY A 446 123.44 -154.36 77.40
CA GLY A 446 122.20 -153.63 77.56
C GLY A 446 121.66 -153.07 76.26
N LEU A 447 122.54 -152.50 75.44
CA LEU A 447 122.13 -151.93 74.16
C LEU A 447 121.45 -152.97 73.29
N ALA A 448 122.05 -154.15 73.19
CA ALA A 448 121.51 -155.23 72.39
C ALA A 448 120.16 -155.70 72.93
N LEU A 449 120.10 -155.95 74.24
CA LEU A 449 118.87 -156.40 74.87
C LEU A 449 117.87 -155.26 75.05
N GLY A 450 118.28 -154.05 74.70
CA GLY A 450 117.41 -152.90 74.81
C GLY A 450 117.05 -152.43 76.20
N THR A 451 117.87 -152.77 77.19
CA THR A 451 117.60 -152.36 78.56
C THR A 451 118.26 -151.00 78.83
N GLU A 452 119.42 -150.80 78.22
CA GLU A 452 120.15 -149.54 78.37
C GLU A 452 120.02 -148.69 77.12
N SER A 453 119.69 -147.42 77.31
CA SER A 453 119.53 -146.48 76.20
C SER A 453 120.88 -146.10 75.60
N GLY A 454 121.91 -146.10 76.45
CA GLY A 454 123.24 -145.73 75.99
C GLY A 454 123.42 -144.22 76.05
N LEU A 455 122.63 -143.56 76.88
CA LEU A 455 122.68 -142.12 77.03
C LEU A 455 124.00 -141.64 77.62
N PHE A 456 124.50 -142.35 78.63
CA PHE A 456 125.74 -141.96 79.27
C PHE A 456 126.68 -143.12 79.61
N SER A 457 127.97 -142.81 79.62
CA SER A 457 129.03 -143.76 79.92
C SER A 457 130.30 -142.98 80.20
N PRO A 458 131.08 -143.39 81.21
CA PRO A 458 132.32 -142.68 81.54
C PRO A 458 133.30 -142.65 80.36
N CYS A 459 133.01 -143.44 79.33
CA CYS A 459 133.87 -143.49 78.16
C CYS A 459 133.76 -142.21 77.33
N TYR A 460 132.55 -141.66 77.25
CA TYR A 460 132.32 -140.45 76.48
C TYR A 460 133.25 -139.29 76.79
N LEU A 461 133.94 -139.37 77.93
CA LEU A 461 134.88 -138.33 78.31
C LEU A 461 136.25 -138.94 78.60
N SER A 462 136.30 -140.26 78.60
CA SER A 462 137.55 -140.97 78.85
C SER A 462 138.55 -140.71 77.73
N LEU A 463 139.81 -141.00 78.02
CA LEU A 463 140.88 -140.81 77.05
C LEU A 463 141.26 -142.15 76.45
N ARG A 464 140.27 -143.01 76.26
CA ARG A 464 140.49 -144.34 75.71
C ARG A 464 140.02 -144.38 74.26
N PHE A 465 140.94 -144.08 73.35
CA PHE A 465 140.67 -144.06 71.91
C PHE A 465 141.10 -145.39 71.28
N ASP A 466 141.04 -146.45 72.07
CA ASP A 466 141.44 -147.78 71.61
C ASP A 466 140.28 -148.57 71.00
N LEU A 467 139.09 -148.36 71.52
CA LEU A 467 137.91 -149.07 71.02
C LEU A 467 137.47 -148.68 69.62
N THR A 468 137.56 -149.63 68.70
CA THR A 468 137.16 -149.41 67.31
C THR A 468 136.05 -150.40 66.96
N ARG A 469 135.60 -150.38 65.71
CA ARG A 469 134.54 -151.28 65.27
C ARG A 469 134.82 -152.72 65.68
N ASP A 470 136.03 -153.19 65.38
CA ASP A 470 136.42 -154.55 65.72
C ASP A 470 136.73 -154.72 67.20
N LYS A 471 137.59 -153.87 67.74
CA LYS A 471 137.96 -153.93 69.15
C LYS A 471 136.73 -153.96 70.05
N LEU A 472 135.75 -153.12 69.73
CA LEU A 472 134.51 -153.05 70.51
C LEU A 472 133.77 -154.38 70.42
N LEU A 473 133.78 -154.99 69.24
CA LEU A 473 133.10 -156.26 69.02
C LEU A 473 133.75 -157.35 69.87
N SER A 474 134.99 -157.09 70.31
CA SER A 474 135.72 -158.05 71.14
C SER A 474 135.19 -158.05 72.56
N MET A 475 135.02 -156.85 73.13
CA MET A 475 134.51 -156.73 74.49
C MET A 475 133.07 -157.21 74.59
N ALA A 476 132.37 -157.23 73.47
CA ALA A 476 130.98 -157.68 73.43
C ALA A 476 130.84 -159.05 74.07
N PRO A 477 129.73 -159.29 74.78
CA PRO A 477 129.48 -160.57 75.45
C PRO A 477 129.30 -161.73 74.47
N GLN A 478 129.97 -162.84 74.74
CA GLN A 478 129.89 -164.03 73.90
C GLN A 478 128.85 -164.98 74.46
N GLU A 479 127.62 -164.87 73.97
CA GLU A 479 126.53 -165.73 74.44
C GLU A 479 125.49 -165.97 73.35
N ALA A 480 124.96 -167.19 73.30
CA ALA A 480 123.95 -167.54 72.32
C ALA A 480 122.60 -166.95 72.71
N THR A 481 122.53 -166.42 73.93
CA THR A 481 121.31 -165.82 74.45
C THR A 481 121.12 -164.41 73.87
N LEU A 482 122.12 -163.96 73.12
CA LEU A 482 122.08 -162.63 72.52
C LEU A 482 122.14 -162.73 70.99
N ASP A 483 121.18 -162.09 70.33
CA ASP A 483 121.12 -162.09 68.88
C ASP A 483 122.37 -161.48 68.27
N GLN A 484 123.22 -162.31 67.69
CA GLN A 484 124.47 -161.86 67.07
C GLN A 484 124.25 -160.64 66.19
N ALA A 485 123.08 -160.56 65.56
CA ALA A 485 122.75 -159.44 64.70
C ALA A 485 122.51 -158.20 65.54
N ALA A 486 121.70 -158.34 66.58
CA ALA A 486 121.38 -157.24 67.47
C ALA A 486 122.66 -156.66 68.06
N VAL A 487 123.56 -157.55 68.46
CA VAL A 487 124.83 -157.13 69.05
C VAL A 487 125.57 -156.17 68.13
N SER A 488 125.68 -156.51 66.85
CA SER A 488 126.37 -155.67 65.89
C SER A 488 125.83 -154.25 65.91
N ASN A 489 124.52 -154.10 65.91
CA ASN A 489 123.90 -152.78 65.92
C ASN A 489 124.35 -152.00 67.15
N ALA A 490 124.38 -152.68 68.30
CA ALA A 490 124.80 -152.06 69.56
C ALA A 490 126.22 -151.54 69.42
N VAL A 491 127.13 -152.42 68.99
CA VAL A 491 128.53 -152.05 68.81
C VAL A 491 128.63 -150.84 67.89
N ASP A 492 127.89 -150.87 66.80
CA ASP A 492 127.89 -149.76 65.84
C ASP A 492 127.34 -148.50 66.49
N GLY A 493 126.21 -148.64 67.19
CA GLY A 493 125.61 -147.51 67.86
C GLY A 493 126.54 -146.84 68.84
N PHE A 494 127.14 -147.64 69.72
CA PHE A 494 128.06 -147.12 70.72
C PHE A 494 129.18 -146.32 70.03
N LEU A 495 129.83 -146.95 69.05
CA LEU A 495 130.91 -146.31 68.31
C LEU A 495 130.45 -144.97 67.75
N GLY A 496 129.20 -144.92 67.32
CA GLY A 496 128.64 -143.71 66.76
C GLY A 496 128.52 -142.56 67.75
N ARG A 497 127.76 -142.77 68.81
CA ARG A 497 127.56 -141.75 69.83
C ARG A 497 128.88 -141.35 70.47
N LEU A 498 129.85 -142.25 70.41
CA LEU A 498 131.17 -142.00 71.00
C LEU A 498 131.95 -140.99 70.15
N SER A 499 131.78 -141.08 68.83
CA SER A 499 132.47 -140.18 67.91
C SER A 499 131.80 -138.80 67.86
N LEU A 500 130.61 -138.69 68.44
CA LEU A 500 129.88 -137.44 68.44
C LEU A 500 129.96 -136.75 69.80
N GLU A 501 129.80 -137.52 70.86
CA GLU A 501 129.86 -136.97 72.22
C GLU A 501 131.29 -136.54 72.53
N ARG A 502 132.26 -137.30 72.02
CA ARG A 502 133.66 -136.99 72.25
C ARG A 502 134.30 -136.35 71.03
N GLU A 503 135.10 -135.30 71.29
CA GLU A 503 135.79 -134.59 70.22
C GLU A 503 137.30 -134.81 70.32
N ASP A 504 138.04 -134.33 69.34
CA ASP A 504 139.49 -134.51 69.35
C ASP A 504 140.16 -133.44 70.21
N ARG A 505 139.48 -132.31 70.37
CA ARG A 505 139.99 -131.22 71.18
C ARG A 505 139.68 -131.40 72.66
N ASP A 506 138.91 -132.43 72.99
CA ASP A 506 138.57 -132.71 74.38
C ASP A 506 139.86 -132.89 75.18
N ALA A 507 140.97 -132.99 74.47
CA ALA A 507 142.27 -133.20 75.10
C ALA A 507 143.30 -132.13 74.72
N TRP A 508 142.85 -131.08 74.03
CA TRP A 508 143.76 -130.01 73.64
C TRP A 508 144.32 -129.33 74.87
N HIS A 509 143.74 -129.66 76.03
CA HIS A 509 144.19 -129.09 77.29
C HIS A 509 145.35 -129.89 77.88
N LEU A 510 145.17 -131.20 78.00
CA LEU A 510 146.20 -132.07 78.54
C LEU A 510 147.59 -131.62 78.06
N PRO A 511 148.50 -131.35 79.01
CA PRO A 511 149.87 -130.92 78.76
C PRO A 511 150.68 -131.79 77.79
N ALA A 512 150.59 -133.11 77.96
CA ALA A 512 151.33 -134.05 77.13
C ALA A 512 150.88 -134.13 75.67
N TYR A 513 149.66 -133.70 75.40
CA TYR A 513 149.11 -133.75 74.04
C TYR A 513 150.07 -133.22 72.97
N LYS A 514 150.69 -132.07 73.26
CA LYS A 514 151.63 -131.42 72.34
C LYS A 514 152.82 -132.29 71.94
N CYS A 515 152.94 -133.46 72.55
CA CYS A 515 154.06 -134.35 72.29
C CYS A 515 153.83 -135.53 71.35
N VAL A 516 152.66 -135.62 70.74
CA VAL A 516 152.37 -136.74 69.86
C VAL A 516 152.34 -136.39 68.37
N ASP A 517 153.28 -136.96 67.61
CA ASP A 517 153.36 -136.73 66.18
C ASP A 517 152.19 -137.43 65.50
N ARG A 518 152.28 -138.76 65.35
CA ARG A 518 151.20 -139.52 64.75
C ARG A 518 150.17 -139.84 65.83
N LEU A 519 149.34 -138.85 66.15
CA LEU A 519 148.32 -139.00 67.18
C LEU A 519 147.19 -139.94 66.79
N ASP A 520 147.06 -140.24 65.50
CA ASP A 520 146.01 -141.12 65.04
C ASP A 520 146.22 -142.57 65.47
N LYS A 521 147.47 -142.91 65.76
CA LYS A 521 147.80 -144.27 66.19
C LYS A 521 147.94 -144.33 67.70
N VAL A 522 147.22 -143.46 68.39
CA VAL A 522 147.23 -143.41 69.84
C VAL A 522 146.06 -144.20 70.40
N LEU A 523 146.36 -145.22 71.20
CA LEU A 523 145.33 -146.06 71.79
C LEU A 523 144.66 -145.35 72.97
N MET A 524 145.46 -144.91 73.93
CA MET A 524 144.92 -144.20 75.10
C MET A 524 146.01 -143.51 75.90
N ILE A 525 145.68 -142.34 76.44
CA ILE A 525 146.61 -141.56 77.23
C ILE A 525 146.20 -141.58 78.70
N ILE A 526 147.16 -141.78 79.59
CA ILE A 526 146.88 -141.83 81.02
C ILE A 526 147.54 -140.69 81.78
N PRO A 527 146.78 -139.61 82.04
CA PRO A 527 147.30 -138.46 82.77
C PRO A 527 147.57 -138.80 84.24
N LEU A 528 148.84 -138.78 84.62
CA LEU A 528 149.21 -139.10 86.00
C LEU A 528 149.58 -137.84 86.77
N ILE A 529 149.98 -138.03 88.02
CA ILE A 529 150.34 -136.92 88.90
C ILE A 529 151.57 -136.14 88.41
N ASN A 530 152.72 -136.80 88.40
CA ASN A 530 153.96 -136.17 87.96
C ASN A 530 154.30 -136.44 86.50
N VAL A 531 153.55 -137.33 85.87
CA VAL A 531 153.80 -137.66 84.47
C VAL A 531 152.49 -138.02 83.75
N THR A 532 152.60 -138.41 82.49
CA THR A 532 151.44 -138.78 81.68
C THR A 532 151.86 -139.82 80.64
N PHE A 533 151.27 -141.00 80.74
CA PHE A 533 151.58 -142.09 79.83
C PHE A 533 150.78 -142.05 78.53
N ILE A 534 151.44 -142.37 77.43
CA ILE A 534 150.82 -142.38 76.12
C ILE A 534 150.96 -143.74 75.46
N ILE A 535 149.90 -144.54 75.51
CA ILE A 535 149.91 -145.86 74.91
C ILE A 535 149.53 -145.71 73.43
N SER A 536 150.40 -146.19 72.55
CA SER A 536 150.14 -146.10 71.11
C SER A 536 150.82 -147.19 70.32
N SER A 537 150.51 -147.26 69.04
CA SER A 537 151.10 -148.26 68.15
C SER A 537 152.21 -147.62 67.33
N ASP A 538 152.77 -146.53 67.83
CA ASP A 538 153.84 -145.83 67.16
C ASP A 538 154.89 -145.35 68.16
N ARG A 539 156.15 -145.49 67.80
CA ARG A 539 157.25 -145.07 68.66
C ARG A 539 157.64 -143.64 68.32
N GLU A 540 156.68 -142.87 67.81
CA GLU A 540 156.92 -141.49 67.42
C GLU A 540 156.76 -140.49 68.57
N VAL A 541 156.00 -140.86 69.59
CA VAL A 541 155.79 -139.97 70.72
C VAL A 541 157.16 -139.57 71.28
N ARG A 542 157.34 -138.28 71.54
CA ARG A 542 158.61 -137.78 72.06
C ARG A 542 158.62 -137.58 73.58
N GLY A 543 158.36 -138.66 74.31
CA GLY A 543 158.35 -138.57 75.76
C GLY A 543 159.75 -138.61 76.37
N SER A 544 159.95 -139.50 77.34
CA SER A 544 161.23 -139.63 78.02
C SER A 544 161.88 -140.97 77.71
N ALA A 545 161.05 -141.98 77.48
CA ALA A 545 161.53 -143.31 77.18
C ALA A 545 160.50 -144.08 76.36
N LEU A 546 160.92 -145.20 75.78
CA LEU A 546 160.01 -145.99 74.97
C LEU A 546 159.91 -147.42 75.51
N TYR A 547 158.68 -147.86 75.75
CA TYR A 547 158.42 -149.20 76.26
C TYR A 547 157.63 -149.98 75.22
N GLU A 548 157.86 -151.29 75.18
CA GLU A 548 157.16 -152.15 74.23
C GLU A 548 156.78 -153.49 74.86
N ALA A 549 155.50 -153.84 74.76
CA ALA A 549 155.01 -155.09 75.30
C ALA A 549 155.56 -156.26 74.47
N SER A 550 155.55 -157.45 75.05
CA SER A 550 156.06 -158.63 74.37
C SER A 550 155.14 -159.13 73.25
N THR A 551 153.86 -158.79 73.35
CA THR A 551 152.87 -159.21 72.36
C THR A 551 153.01 -158.53 71.00
N THR A 552 152.86 -159.32 69.94
CA THR A 552 152.94 -158.83 68.57
C THR A 552 151.74 -159.35 67.79
N TYR A 553 150.81 -159.93 68.53
CA TYR A 553 149.57 -160.48 67.95
C TYR A 553 148.79 -159.41 67.21
N LEU A 554 148.77 -158.21 67.79
CA LEU A 554 148.05 -157.11 67.19
C LEU A 554 148.63 -156.76 65.84
N SER A 555 147.93 -155.93 65.09
CA SER A 555 148.37 -155.50 63.77
C SER A 555 149.76 -154.90 63.91
N SER A 556 149.86 -153.88 64.75
CA SER A 556 151.12 -153.19 65.01
C SER A 556 151.64 -153.55 66.39
N SER A 557 152.54 -152.73 66.92
CA SER A 557 153.11 -152.98 68.25
C SER A 557 152.39 -152.19 69.35
N LEU A 558 152.68 -152.55 70.59
CA LEU A 558 152.08 -151.87 71.75
C LEU A 558 153.17 -151.09 72.48
N PHE A 559 153.22 -149.79 72.24
CA PHE A 559 154.22 -148.94 72.87
C PHE A 559 153.68 -148.16 74.08
N LEU A 560 154.59 -147.71 74.92
CA LEU A 560 154.26 -146.95 76.13
C LEU A 560 155.21 -145.76 76.28
N SER A 561 154.74 -144.57 75.90
CA SER A 561 155.55 -143.36 75.98
C SER A 561 155.16 -142.48 77.16
N PRO A 562 156.05 -142.37 78.16
CA PRO A 562 155.79 -141.53 79.34
C PRO A 562 156.42 -140.15 79.24
N VAL A 563 155.62 -139.11 79.44
CA VAL A 563 156.12 -137.75 79.39
C VAL A 563 156.36 -137.27 80.82
N ILE A 564 157.61 -137.31 81.27
CA ILE A 564 157.94 -136.88 82.62
C ILE A 564 157.78 -135.39 82.79
N MET A 565 157.22 -134.98 83.93
CA MET A 565 157.00 -133.58 84.23
C MET A 565 156.22 -132.89 83.12
N ASN A 566 155.33 -133.64 82.48
CA ASN A 566 154.49 -133.13 81.39
C ASN A 566 155.19 -132.25 80.36
N LYS A 567 156.50 -132.40 80.24
CA LYS A 567 157.26 -131.63 79.26
C LYS A 567 158.06 -132.64 78.46
N CYS A 568 157.98 -132.54 77.13
CA CYS A 568 158.68 -133.47 76.27
C CYS A 568 159.98 -132.97 75.67
N SER A 569 160.88 -133.91 75.39
CA SER A 569 162.16 -133.60 74.80
C SER A 569 162.04 -133.67 73.29
N GLN A 570 163.00 -133.06 72.60
CA GLN A 570 163.01 -133.03 71.14
C GLN A 570 163.45 -134.37 70.54
N GLY A 571 162.60 -134.94 69.69
CA GLY A 571 162.92 -136.21 69.06
C GLY A 571 162.51 -137.40 69.90
N ALA A 572 162.24 -138.52 69.24
CA ALA A 572 161.84 -139.73 69.92
C ALA A 572 163.05 -140.45 70.51
N VAL A 573 162.80 -141.51 71.26
CA VAL A 573 163.86 -142.28 71.89
C VAL A 573 164.77 -142.95 70.86
N ALA A 574 165.96 -143.32 71.30
CA ALA A 574 166.93 -143.97 70.42
C ALA A 574 166.36 -145.30 69.92
N GLY A 575 167.14 -145.98 69.07
CA GLY A 575 166.72 -147.24 68.51
C GLY A 575 166.54 -148.28 69.60
N GLU A 576 165.78 -149.34 69.36
CA GLU A 576 165.57 -150.44 70.33
C GLU A 576 164.83 -149.95 71.56
N PRO A 577 163.57 -150.35 71.70
CA PRO A 577 162.78 -149.94 72.86
C PRO A 577 163.20 -150.68 74.12
N ARG A 578 162.87 -150.12 75.29
CA ARG A 578 163.21 -150.73 76.57
C ARG A 578 162.14 -151.79 76.82
N GLN A 579 162.57 -152.99 77.24
CA GLN A 579 161.65 -154.08 77.49
C GLN A 579 161.05 -154.03 78.89
N ILE A 580 159.75 -154.34 78.98
CA ILE A 580 159.05 -154.33 80.25
C ILE A 580 159.51 -155.49 81.13
N PRO A 581 160.17 -155.17 82.26
CA PRO A 581 160.66 -156.19 83.19
C PRO A 581 159.52 -156.88 83.93
N LYS A 582 159.66 -158.18 84.17
CA LYS A 582 158.64 -158.94 84.87
C LYS A 582 158.96 -158.98 86.36
N ILE A 583 157.94 -158.79 87.20
CA ILE A 583 158.13 -158.78 88.64
C ILE A 583 157.17 -159.70 89.39
N GLN A 584 157.69 -160.39 90.39
CA GLN A 584 156.90 -161.31 91.22
C GLN A 584 157.21 -161.02 92.70
N ASN A 585 157.97 -159.97 92.95
CA ASN A 585 158.36 -159.60 94.30
C ASN A 585 157.19 -159.26 95.23
N PHE A 586 156.49 -158.17 94.93
CA PHE A 586 155.37 -157.72 95.75
C PHE A 586 154.44 -158.84 96.22
N THR A 587 153.99 -158.73 97.47
CA THR A 587 153.08 -159.71 98.06
C THR A 587 151.67 -159.13 98.03
N ARG A 588 150.67 -160.00 98.03
CA ARG A 588 149.28 -159.56 97.99
C ARG A 588 148.92 -158.60 99.12
N THR A 589 148.88 -159.11 100.35
CA THR A 589 148.54 -158.28 101.50
C THR A 589 149.50 -157.10 101.58
N GLN A 590 148.96 -155.90 101.71
CA GLN A 590 149.78 -154.70 101.79
C GLN A 590 149.33 -153.76 102.90
N LYS A 591 150.28 -153.32 103.72
CA LYS A 591 150.01 -152.41 104.82
C LYS A 591 149.65 -151.03 104.29
N SER A 592 150.63 -150.33 103.73
CA SER A 592 150.42 -148.99 103.20
C SER A 592 150.03 -149.01 101.73
N CYS A 593 149.84 -147.82 101.17
CA CYS A 593 149.46 -147.63 99.78
C CYS A 593 150.69 -147.55 98.87
N ILE A 594 151.20 -148.70 98.47
CA ILE A 594 152.38 -148.75 97.60
C ILE A 594 152.08 -148.14 96.24
N PHE A 595 151.19 -148.79 95.49
CA PHE A 595 150.81 -148.31 94.18
C PHE A 595 149.70 -147.28 94.34
N CYS A 596 150.05 -146.14 94.91
CA CYS A 596 149.08 -145.09 95.13
C CYS A 596 148.89 -144.19 93.92
N GLY A 597 149.82 -143.25 93.72
CA GLY A 597 149.71 -142.35 92.58
C GLY A 597 150.00 -143.06 91.27
N PHE A 598 149.98 -144.39 91.29
CA PHE A 598 150.25 -145.19 90.10
C PHE A 598 148.97 -145.61 89.40
N ALA A 599 149.13 -146.35 88.31
CA ALA A 599 147.99 -146.84 87.54
C ALA A 599 148.27 -148.23 86.97
N LEU A 600 147.21 -149.03 86.83
CA LEU A 600 147.34 -150.38 86.30
C LEU A 600 146.76 -150.46 84.88
N LEU A 601 147.43 -151.23 84.03
CA LEU A 601 146.99 -151.40 82.65
C LEU A 601 147.12 -152.85 82.22
N SER A 602 145.98 -153.51 82.01
CA SER A 602 145.97 -154.90 81.59
C SER A 602 145.60 -154.99 80.11
N TYR A 603 146.34 -155.82 79.38
CA TYR A 603 146.08 -155.98 77.96
C TYR A 603 146.03 -157.45 77.59
N ASP A 604 145.19 -157.79 76.61
CA ASP A 604 145.10 -159.17 76.16
C ASP A 604 146.08 -159.33 75.02
N GLU A 605 146.77 -160.46 75.00
CA GLU A 605 147.77 -160.74 73.98
C GLU A 605 147.15 -160.66 72.58
N LYS A 606 145.98 -161.28 72.41
CA LYS A 606 145.30 -161.28 71.13
C LYS A 606 144.60 -159.95 70.84
N GLU A 607 143.70 -159.54 71.72
CA GLU A 607 143.00 -158.27 71.53
C GLU A 607 143.81 -157.08 72.02
N GLY A 608 143.22 -155.89 71.93
CA GLY A 608 143.89 -154.68 72.36
C GLY A 608 144.02 -154.54 73.86
N LEU A 609 143.78 -153.34 74.36
CA LEU A 609 143.87 -153.06 75.80
C LEU A 609 142.55 -153.39 76.49
N GLU A 610 142.63 -154.13 77.60
CA GLU A 610 141.44 -154.52 78.35
C GLU A 610 140.94 -153.43 79.30
N THR A 611 141.45 -153.43 80.53
CA THR A 611 141.03 -152.43 81.52
C THR A 611 142.20 -151.69 82.15
N THR A 612 141.94 -150.46 82.56
CA THR A 612 142.95 -149.62 83.19
C THR A 612 142.43 -149.15 84.55
N THR A 613 143.33 -149.03 85.53
CA THR A 613 142.92 -148.62 86.87
C THR A 613 143.87 -147.62 87.51
N TYR A 614 143.29 -146.60 88.13
CA TYR A 614 144.07 -145.58 88.84
C TYR A 614 143.73 -145.75 90.32
N ILE A 615 144.70 -146.23 91.09
CA ILE A 615 144.50 -146.45 92.52
C ILE A 615 144.49 -145.12 93.28
N THR A 616 143.31 -144.53 93.39
CA THR A 616 143.15 -143.25 94.08
C THR A 616 143.68 -143.29 95.52
N SER A 617 143.12 -144.19 96.33
CA SER A 617 143.54 -144.29 97.72
C SER A 617 143.71 -145.72 98.21
N GLN A 618 144.07 -145.84 99.49
CA GLN A 618 144.29 -147.12 100.14
C GLN A 618 143.14 -148.10 99.93
N GLU A 619 141.94 -147.69 100.31
CA GLU A 619 140.75 -148.53 100.16
C GLU A 619 140.68 -149.20 98.79
N VAL A 620 141.01 -148.45 97.74
CA VAL A 620 140.97 -148.97 96.39
C VAL A 620 142.01 -150.07 96.16
N GLN A 621 143.25 -149.81 96.56
CA GLN A 621 144.32 -150.80 96.38
C GLN A 621 143.94 -152.13 97.03
N ASN A 622 143.26 -152.07 98.16
CA ASN A 622 142.84 -153.28 98.86
C ASN A 622 141.75 -154.00 98.07
N SER A 623 140.79 -153.23 97.57
CA SER A 623 139.69 -153.80 96.79
C SER A 623 140.15 -154.28 95.42
N ILE A 624 141.46 -154.42 95.25
CA ILE A 624 142.03 -154.88 93.99
C ILE A 624 142.93 -156.09 94.22
N LEU A 625 143.75 -156.01 95.26
CA LEU A 625 144.66 -157.09 95.60
C LEU A 625 143.91 -158.19 96.32
N SER A 626 142.76 -157.85 96.90
CA SER A 626 141.94 -158.82 97.61
C SER A 626 141.04 -159.53 96.61
N SER A 627 140.38 -158.74 95.76
CA SER A 627 139.49 -159.29 94.74
C SER A 627 140.31 -160.05 93.71
N ASN A 628 139.64 -160.61 92.71
CA ASN A 628 140.32 -161.36 91.66
C ASN A 628 140.63 -160.50 90.44
N TYR A 629 141.05 -159.26 90.69
CA TYR A 629 141.39 -158.34 89.61
C TYR A 629 142.53 -158.93 88.79
N PHE A 630 143.37 -159.70 89.46
CA PHE A 630 144.51 -160.34 88.82
C PHE A 630 144.24 -161.79 88.48
N ASP A 631 144.90 -162.28 87.44
CA ASP A 631 144.74 -163.66 87.00
C ASP A 631 145.99 -164.06 86.21
N PHE A 632 147.08 -164.27 86.94
CA PHE A 632 148.36 -164.65 86.34
C PHE A 632 148.27 -166.04 85.73
N ASP A 633 147.22 -166.78 86.09
CA ASP A 633 147.02 -168.12 85.57
C ASP A 633 146.35 -168.06 84.21
N ASN A 634 146.70 -167.01 83.46
CA ASN A 634 146.17 -166.79 82.12
C ASN A 634 147.29 -166.16 81.29
N LEU A 635 147.92 -166.97 80.45
CA LEU A 635 149.01 -166.50 79.61
C LEU A 635 148.59 -165.41 78.63
N HIS A 636 147.31 -165.39 78.27
CA HIS A 636 146.80 -164.40 77.34
C HIS A 636 146.78 -162.98 77.90
N VAL A 637 146.44 -162.83 79.17
CA VAL A 637 146.37 -161.52 79.79
C VAL A 637 147.62 -161.15 80.58
N HIS A 638 148.03 -159.89 80.47
CA HIS A 638 149.20 -159.38 81.18
C HIS A 638 148.77 -158.16 81.97
N TYR A 639 149.51 -157.86 83.04
CA TYR A 639 149.20 -156.72 83.90
C TYR A 639 150.39 -155.78 84.04
N LEU A 640 150.21 -154.54 83.62
CA LEU A 640 151.27 -153.54 83.69
C LEU A 640 151.03 -152.52 84.80
N LEU A 641 152.12 -151.92 85.27
CA LEU A 641 152.04 -150.92 86.33
C LEU A 641 152.82 -149.67 85.95
N LEU A 642 152.11 -148.57 85.80
CA LEU A 642 152.73 -147.29 85.44
C LEU A 642 152.87 -146.47 86.72
N THR A 643 154.10 -146.08 87.04
CA THR A 643 154.37 -145.31 88.24
C THR A 643 154.48 -143.81 87.99
N THR A 644 154.70 -143.06 89.07
CA THR A 644 154.84 -141.62 88.98
C THR A 644 156.08 -141.33 88.14
N ASN A 645 156.97 -142.33 88.08
CA ASN A 645 158.19 -142.21 87.31
C ASN A 645 157.90 -142.84 85.95
N GLY A 646 158.65 -142.43 84.93
CA GLY A 646 158.43 -142.98 83.60
C GLY A 646 158.77 -144.45 83.48
N THR A 647 158.66 -145.18 84.58
CA THR A 647 158.97 -146.61 84.58
C THR A 647 157.72 -147.46 84.43
N VAL A 648 157.89 -148.63 83.81
CA VAL A 648 156.78 -149.55 83.61
C VAL A 648 157.23 -150.97 83.95
N MET A 649 156.32 -151.77 84.48
CA MET A 649 156.64 -153.14 84.87
C MET A 649 155.43 -154.06 84.84
N GLU A 650 155.69 -155.33 84.55
CA GLU A 650 154.63 -156.34 84.49
C GLU A 650 154.52 -157.05 85.83
N ILE A 651 153.32 -157.52 86.17
CA ILE A 651 153.10 -158.20 87.44
C ILE A 651 152.70 -159.66 87.27
N ALA A 652 153.05 -160.46 88.27
CA ALA A 652 152.73 -161.89 88.27
C ALA A 652 153.07 -162.50 89.63
N GLY A 653 152.61 -161.86 90.70
CA GLY A 653 152.88 -162.35 92.05
C GLY A 653 151.71 -162.15 93.00
N TRP B 1 60.86 -115.70 60.45
CA TRP B 1 61.89 -116.30 61.35
C TRP B 1 63.25 -115.64 61.13
N ALA B 2 63.24 -114.53 60.39
CA ALA B 2 64.45 -113.80 60.10
C ALA B 2 64.15 -112.64 59.15
N TYR B 3 65.02 -112.46 58.16
CA TYR B 3 64.85 -111.39 57.19
C TYR B 3 65.22 -111.95 55.81
N PRO B 4 64.96 -111.18 54.74
CA PRO B 4 65.28 -111.63 53.39
C PRO B 4 66.73 -112.09 53.27
N CYS B 5 66.96 -113.17 52.53
CA CYS B 5 68.31 -113.68 52.33
C CYS B 5 68.88 -112.93 51.12
N CYS B 6 69.82 -113.53 50.40
CA CYS B 6 70.41 -112.82 49.26
C CYS B 6 71.37 -113.63 48.41
N HIS B 7 71.99 -112.92 47.45
CA HIS B 7 73.00 -113.47 46.56
C HIS B 7 74.28 -112.70 46.78
N VAL B 8 75.16 -113.22 47.64
CA VAL B 8 76.42 -112.54 47.95
C VAL B 8 77.44 -112.51 46.82
N THR B 9 77.84 -111.30 46.45
CA THR B 9 78.81 -111.09 45.38
C THR B 9 79.97 -110.25 45.92
N GLN B 10 81.16 -110.43 45.34
CA GLN B 10 82.32 -109.68 45.78
C GLN B 10 82.35 -108.36 45.02
N LEU B 11 82.97 -107.35 45.62
CA LEU B 11 83.05 -106.04 44.97
C LEU B 11 84.43 -105.76 44.37
N ARG B 12 84.64 -106.35 43.20
CA ARG B 12 85.88 -106.26 42.44
C ARG B 12 86.34 -104.86 42.02
N ALA B 13 87.60 -104.56 42.35
CA ALA B 13 88.23 -103.29 42.02
C ALA B 13 87.44 -102.04 42.38
N GLN B 14 87.01 -101.93 43.63
CA GLN B 14 86.26 -100.76 44.08
C GLN B 14 86.74 -100.33 45.46
N HIS B 15 85.90 -100.57 46.46
CA HIS B 15 86.17 -100.22 47.85
C HIS B 15 85.07 -100.87 48.67
N LEU B 16 85.39 -101.27 49.90
CA LEU B 16 84.38 -101.90 50.73
C LEU B 16 83.95 -101.06 51.92
N LEU B 17 83.01 -101.63 52.67
CA LEU B 17 82.47 -101.00 53.86
C LEU B 17 83.38 -101.44 55.01
N ALA B 18 83.63 -100.54 55.95
CA ALA B 18 84.47 -100.88 57.07
C ALA B 18 83.59 -100.98 58.31
N LEU B 19 84.19 -101.28 59.45
CA LEU B 19 83.43 -101.38 60.69
C LEU B 19 83.07 -99.96 61.08
N GLU B 20 83.87 -99.01 60.60
CA GLU B 20 83.68 -97.61 60.88
C GLU B 20 82.28 -97.07 60.61
N ASN B 21 81.64 -97.54 59.55
CA ASN B 21 80.31 -97.07 59.20
C ASN B 21 79.16 -98.04 59.50
N ILE B 22 79.46 -99.32 59.66
CA ILE B 22 78.41 -100.30 59.95
C ILE B 22 78.12 -100.35 61.46
N SER B 23 76.86 -100.63 61.81
CA SER B 23 76.44 -100.68 63.21
C SER B 23 75.32 -101.68 63.51
N ASP B 24 74.74 -102.27 62.47
CA ASP B 24 73.66 -103.24 62.62
C ASP B 24 73.98 -104.48 61.79
N ILE B 25 73.75 -105.66 62.37
CA ILE B 25 74.01 -106.91 61.67
C ILE B 25 72.96 -107.97 61.98
N TYR B 26 72.19 -108.34 60.96
CA TYR B 26 71.14 -109.34 61.10
C TYR B 26 71.64 -110.72 60.65
N LEU B 27 71.43 -111.72 61.49
CA LEU B 27 71.86 -113.08 61.19
C LEU B 27 70.68 -114.03 60.99
N VAL B 28 70.91 -115.15 60.31
CA VAL B 28 69.87 -116.13 60.04
C VAL B 28 70.02 -117.42 60.86
N SER B 29 69.04 -118.30 60.74
CA SER B 29 69.04 -119.57 61.44
C SER B 29 69.39 -120.74 60.52
N ASN B 30 69.73 -121.88 61.11
CA ASN B 30 70.11 -123.06 60.34
C ASN B 30 68.94 -123.70 59.60
N GLN B 31 67.93 -122.90 59.25
CA GLN B 31 66.78 -123.42 58.54
C GLN B 31 65.90 -122.35 57.91
N THR B 32 66.14 -121.09 58.26
CA THR B 32 65.37 -119.98 57.72
C THR B 32 65.42 -120.00 56.19
N CYS B 33 66.54 -119.57 55.63
CA CYS B 33 66.70 -119.54 54.19
C CYS B 33 66.83 -120.98 53.67
N ASP B 34 68.07 -121.44 53.51
CA ASP B 34 68.30 -122.79 53.03
C ASP B 34 69.70 -123.26 53.39
N GLY B 35 69.96 -123.40 54.68
CA GLY B 35 71.26 -123.84 55.15
C GLY B 35 72.35 -122.80 55.04
N PHE B 36 72.12 -121.79 54.20
CA PHE B 36 73.09 -120.72 53.99
C PHE B 36 73.21 -119.77 55.18
N SER B 37 74.39 -119.74 55.80
CA SER B 37 74.63 -118.85 56.92
C SER B 37 74.86 -117.47 56.33
N LEU B 38 73.78 -116.69 56.25
CA LEU B 38 73.84 -115.36 55.68
C LEU B 38 73.70 -114.26 56.73
N ALA B 39 74.23 -113.09 56.41
CA ALA B 39 74.18 -111.95 57.32
C ALA B 39 73.91 -110.67 56.55
N SER B 40 73.32 -109.69 57.22
CA SER B 40 73.00 -108.41 56.60
C SER B 40 73.74 -107.29 57.33
N LEU B 41 74.54 -106.54 56.58
CA LEU B 41 75.30 -105.43 57.15
C LEU B 41 74.58 -104.11 56.92
N ASN B 42 73.94 -103.61 57.97
CA ASN B 42 73.20 -102.35 57.89
C ASN B 42 73.99 -101.19 58.48
N SER B 43 74.08 -100.10 57.72
CA SER B 43 74.79 -98.92 58.15
C SER B 43 74.10 -97.67 57.64
N PRO B 44 73.69 -96.77 58.55
CA PRO B 44 73.00 -95.53 58.18
C PRO B 44 73.92 -94.58 57.42
N LYS B 45 73.39 -93.97 56.36
CA LYS B 45 74.16 -93.03 55.55
C LYS B 45 73.86 -91.60 55.99
N ASN B 46 74.69 -90.66 55.55
CA ASN B 46 74.52 -89.26 55.89
C ASN B 46 74.67 -89.02 57.39
N GLY B 47 73.57 -88.69 58.05
CA GLY B 47 73.60 -88.44 59.48
C GLY B 47 73.05 -89.60 60.28
N SER B 48 71.74 -89.59 60.50
CA SER B 48 71.09 -90.65 61.26
C SER B 48 70.35 -91.62 60.34
N ASN B 49 69.36 -92.31 60.89
CA ASN B 49 68.59 -93.28 60.10
C ASN B 49 67.65 -92.65 59.09
N GLN B 50 68.24 -92.05 58.07
CA GLN B 50 67.47 -91.44 56.99
C GLN B 50 67.40 -92.49 55.89
N LEU B 51 68.54 -92.71 55.25
CA LEU B 51 68.64 -93.71 54.18
C LEU B 51 69.63 -94.79 54.64
N VAL B 52 69.11 -95.97 54.95
CA VAL B 52 69.96 -97.05 55.41
C VAL B 52 70.43 -97.99 54.30
N ILE B 53 71.75 -98.14 54.21
CA ILE B 53 72.38 -99.00 53.22
C ILE B 53 72.49 -100.40 53.83
N SER B 54 71.99 -101.40 53.11
CA SER B 54 72.03 -102.77 53.60
C SER B 54 72.58 -103.75 52.57
N ARG B 55 73.80 -104.24 52.80
CA ARG B 55 74.39 -105.20 51.88
C ARG B 55 74.71 -106.52 52.55
N CYS B 56 74.74 -107.58 51.74
CA CYS B 56 74.98 -108.94 52.21
C CYS B 56 76.44 -109.29 52.50
N ALA B 57 76.61 -110.19 53.47
CA ALA B 57 77.93 -110.66 53.89
C ALA B 57 77.80 -112.16 54.17
N ASN B 58 78.94 -112.83 54.38
CA ASN B 58 78.93 -114.26 54.66
C ASN B 58 78.74 -114.50 56.15
N GLY B 59 77.60 -115.09 56.50
CA GLY B 59 77.30 -115.37 57.90
C GLY B 59 78.42 -116.06 58.65
N LEU B 60 78.75 -117.28 58.24
CA LEU B 60 79.81 -118.05 58.90
C LEU B 60 81.05 -117.20 59.16
N ASN B 61 81.51 -116.49 58.14
CA ASN B 61 82.70 -115.64 58.29
C ASN B 61 82.46 -114.56 59.34
N VAL B 62 81.32 -113.87 59.22
CA VAL B 62 80.98 -112.81 60.16
C VAL B 62 80.92 -113.37 61.57
N VAL B 63 80.07 -114.38 61.77
CA VAL B 63 79.91 -115.00 63.08
C VAL B 63 81.26 -115.43 63.66
N SER B 64 82.11 -116.02 62.83
CA SER B 64 83.43 -116.46 63.29
C SER B 64 84.20 -115.26 63.83
N PHE B 65 84.16 -114.16 63.10
CA PHE B 65 84.82 -112.92 63.50
C PHE B 65 84.41 -112.54 64.91
N PHE B 66 83.12 -112.33 65.11
CA PHE B 66 82.58 -111.96 66.41
C PHE B 66 82.96 -112.97 67.48
N ILE B 67 82.80 -114.25 67.17
CA ILE B 67 83.14 -115.31 68.11
C ILE B 67 84.58 -115.13 68.56
N SER B 68 85.44 -114.73 67.62
CA SER B 68 86.85 -114.53 67.90
C SER B 68 87.10 -113.34 68.84
N ILE B 69 86.51 -112.19 68.50
CA ILE B 69 86.67 -110.99 69.31
C ILE B 69 86.24 -111.21 70.75
N LEU B 70 85.10 -111.88 70.92
CA LEU B 70 84.57 -112.16 72.26
C LEU B 70 85.59 -112.96 73.06
N LYS B 71 86.09 -114.04 72.46
CA LYS B 71 87.07 -114.91 73.10
C LYS B 71 88.37 -114.18 73.39
N ARG B 72 88.81 -113.37 72.44
CA ARG B 72 90.05 -112.61 72.56
C ARG B 72 90.05 -111.55 73.66
N SER B 73 88.90 -111.31 74.27
CA SER B 73 88.81 -110.30 75.32
C SER B 73 87.87 -110.70 76.46
N SER B 74 87.85 -111.99 76.77
CA SER B 74 87.00 -112.52 77.84
C SER B 74 87.29 -111.84 79.18
N SER B 75 88.52 -111.41 79.37
CA SER B 75 88.93 -110.76 80.62
C SER B 75 88.25 -109.41 80.83
N ALA B 76 87.49 -108.96 79.84
CA ALA B 76 86.82 -107.67 79.96
C ALA B 76 85.35 -107.68 79.54
N LEU B 77 84.63 -108.73 79.93
CA LEU B 77 83.21 -108.80 79.58
C LEU B 77 82.37 -109.80 80.37
N THR B 78 81.19 -109.35 80.78
CA THR B 78 80.24 -110.15 81.54
C THR B 78 78.86 -109.79 81.00
N GLY B 79 77.82 -110.40 81.57
CA GLY B 79 76.47 -110.11 81.12
C GLY B 79 76.22 -110.73 79.75
N HIS B 80 75.57 -109.96 78.87
CA HIS B 80 75.27 -110.44 77.52
C HIS B 80 76.54 -110.83 76.77
N LEU B 81 77.57 -110.00 76.88
CA LEU B 81 78.84 -110.24 76.20
C LEU B 81 79.58 -111.49 76.67
N ARG B 82 78.87 -112.40 77.30
CA ARG B 82 79.47 -113.65 77.78
C ARG B 82 78.56 -114.81 77.39
N GLU B 83 77.26 -114.53 77.39
CA GLU B 83 76.26 -115.52 77.03
C GLU B 83 76.16 -115.49 75.51
N LEU B 84 76.39 -114.32 74.94
CA LEU B 84 76.35 -114.11 73.50
C LEU B 84 77.34 -115.05 72.82
N LEU B 85 78.51 -115.23 73.42
CA LEU B 85 79.53 -116.10 72.87
C LEU B 85 79.04 -117.54 72.81
N THR B 86 78.67 -118.08 73.96
CA THR B 86 78.19 -119.46 74.05
C THR B 86 77.02 -119.73 73.10
N THR B 87 76.15 -118.73 72.95
CA THR B 87 74.99 -118.86 72.07
C THR B 87 75.37 -118.64 70.62
N LEU B 88 76.37 -117.80 70.40
CA LEU B 88 76.82 -117.50 69.04
C LEU B 88 77.61 -118.68 68.50
N GLU B 89 78.31 -119.38 69.37
CA GLU B 89 79.10 -120.54 68.98
C GLU B 89 78.17 -121.68 68.58
N THR B 90 77.12 -121.90 69.37
CA THR B 90 76.16 -122.95 69.09
C THR B 90 75.52 -122.69 67.73
N LEU B 91 75.32 -121.41 67.43
CA LEU B 91 74.74 -121.00 66.15
C LEU B 91 75.71 -121.37 65.03
N TYR B 92 76.97 -121.00 65.21
CA TYR B 92 78.01 -121.28 64.24
C TYR B 92 78.05 -122.76 63.90
N GLY B 93 77.85 -123.60 64.92
CA GLY B 93 77.87 -125.04 64.70
C GLY B 93 76.54 -125.64 64.28
N SER B 94 75.56 -124.78 63.99
CA SER B 94 74.26 -125.25 63.56
C SER B 94 74.22 -125.40 62.05
N PHE B 95 75.13 -124.71 61.37
CA PHE B 95 75.22 -124.75 59.92
C PHE B 95 76.14 -125.88 59.46
N SER B 96 75.84 -126.43 58.30
CA SER B 96 76.64 -127.51 57.72
C SER B 96 77.21 -127.06 56.38
N VAL B 97 78.53 -126.93 56.33
CA VAL B 97 79.23 -126.48 55.13
C VAL B 97 79.18 -127.49 53.98
N GLU B 98 79.61 -128.71 54.28
CA GLU B 98 79.67 -129.81 53.32
C GLU B 98 78.39 -130.13 52.55
N ASP B 99 77.30 -129.45 52.89
CA ASP B 99 76.04 -129.67 52.20
C ASP B 99 75.94 -128.73 51.00
N LEU B 100 76.67 -127.62 51.08
CA LEU B 100 76.69 -126.63 50.02
C LEU B 100 77.38 -127.14 48.77
N PHE B 101 78.07 -128.27 48.86
CA PHE B 101 78.76 -128.83 47.70
C PHE B 101 77.75 -129.15 46.61
N GLY B 102 76.67 -129.83 46.99
CA GLY B 102 75.65 -130.19 46.02
C GLY B 102 74.49 -129.21 45.94
N ALA B 103 74.43 -128.32 46.91
CA ALA B 103 73.36 -127.32 46.94
C ALA B 103 73.61 -126.19 45.94
N ASN B 104 72.53 -125.66 45.38
CA ASN B 104 72.62 -124.57 44.41
C ASN B 104 72.87 -123.27 45.16
N LEU B 105 74.07 -122.71 45.02
CA LEU B 105 74.41 -121.47 45.71
C LEU B 105 73.89 -120.18 45.07
N ASN B 106 73.00 -120.30 44.10
CA ASN B 106 72.43 -119.12 43.46
C ASN B 106 70.92 -119.10 43.69
N ARG B 107 70.51 -119.82 44.72
CA ARG B 107 69.11 -119.94 45.09
C ARG B 107 68.47 -118.56 45.27
N TYR B 108 69.30 -117.57 45.54
CA TYR B 108 68.84 -116.20 45.76
C TYR B 108 69.55 -115.24 44.81
N LEU C 1 -120.00 -69.76 21.54
CA LEU C 1 -119.61 -68.40 21.98
C LEU C 1 -118.23 -68.44 22.61
N SER C 2 -117.30 -67.67 22.04
CA SER C 2 -115.93 -67.60 22.53
C SER C 2 -115.22 -68.95 22.55
N GLU C 3 -115.73 -69.91 21.78
CA GLU C 3 -115.12 -71.23 21.72
C GLU C 3 -115.80 -72.15 20.71
N VAL C 4 -115.02 -72.58 19.73
CA VAL C 4 -115.52 -73.47 18.68
C VAL C 4 -114.46 -74.53 18.41
N LYS C 5 -114.89 -75.79 18.31
CA LYS C 5 -113.94 -76.87 18.07
C LYS C 5 -114.24 -77.62 16.77
N LEU C 6 -113.24 -77.67 15.90
CA LEU C 6 -113.37 -78.35 14.63
C LEU C 6 -112.87 -79.79 14.73
N HIS C 7 -113.55 -80.70 14.05
CA HIS C 7 -113.18 -82.11 14.07
C HIS C 7 -112.76 -82.53 12.68
N LEU C 8 -111.46 -82.47 12.42
CA LEU C 8 -110.90 -82.83 11.12
C LEU C 8 -111.15 -84.30 10.82
N ASP C 9 -110.94 -84.69 9.58
CA ASP C 9 -111.14 -86.07 9.20
C ASP C 9 -110.00 -86.61 8.33
N ILE C 10 -109.01 -87.19 8.99
CA ILE C 10 -107.90 -87.80 8.26
C ILE C 10 -108.62 -88.94 7.56
N GLU C 11 -107.93 -89.69 6.70
CA GLU C 11 -108.60 -90.79 6.01
C GLU C 11 -108.86 -91.94 6.95
N GLY C 12 -109.68 -91.69 7.97
CA GLY C 12 -109.99 -92.73 8.94
C GLY C 12 -110.21 -92.21 10.34
N HIS C 13 -109.15 -92.06 11.12
CA HIS C 13 -109.33 -91.59 12.50
C HIS C 13 -109.83 -90.16 12.61
N ALA C 14 -110.70 -89.94 13.59
CA ALA C 14 -111.29 -88.62 13.82
C ALA C 14 -110.46 -87.84 14.84
N SER C 15 -109.92 -86.71 14.41
CA SER C 15 -109.11 -85.87 15.28
C SER C 15 -110.00 -84.82 15.93
N HIS C 16 -109.63 -84.40 17.14
CA HIS C 16 -110.41 -83.40 17.86
C HIS C 16 -109.56 -82.25 18.41
N TYR C 17 -109.73 -81.09 17.80
CA TYR C 17 -109.01 -79.89 18.20
C TYR C 17 -110.01 -78.80 18.58
N THR C 18 -109.73 -78.13 19.70
CA THR C 18 -110.61 -77.07 20.19
C THR C 18 -109.85 -75.75 20.15
N ILE C 19 -110.33 -74.81 19.34
CA ILE C 19 -109.68 -73.50 19.22
C ILE C 19 -110.42 -72.40 19.99
N PRO C 20 -109.95 -72.08 21.20
CA PRO C 20 -110.58 -71.04 22.01
C PRO C 20 -110.04 -69.65 21.63
N TRP C 21 -110.65 -69.02 20.62
CA TRP C 21 -110.20 -67.70 20.21
C TRP C 21 -110.47 -66.67 21.29
N THR C 22 -111.18 -67.08 22.33
CA THR C 22 -111.50 -66.21 23.45
C THR C 22 -110.23 -65.85 24.22
N GLU C 23 -109.40 -66.85 24.48
CA GLU C 23 -108.15 -66.65 25.19
C GLU C 23 -107.13 -66.00 24.28
N LEU C 24 -107.20 -66.33 22.99
CA LEU C 24 -106.28 -65.79 22.00
C LEU C 24 -106.42 -64.28 21.85
N MET C 25 -107.64 -63.78 21.82
CA MET C 25 -107.90 -62.35 21.68
C MET C 25 -107.23 -61.52 22.78
N ALA C 26 -106.99 -62.14 23.93
CA ALA C 26 -106.37 -61.44 25.04
C ALA C 26 -104.87 -61.29 24.83
N LYS C 27 -104.22 -62.38 24.43
CA LYS C 27 -102.78 -62.37 24.19
C LYS C 27 -102.39 -61.76 22.85
N VAL C 28 -103.37 -61.50 21.99
CA VAL C 28 -103.11 -60.92 20.69
C VAL C 28 -103.90 -59.63 20.47
N PRO C 29 -103.28 -58.64 19.81
CA PRO C 29 -103.91 -57.35 19.53
C PRO C 29 -104.74 -57.29 18.25
N GLY C 30 -104.07 -57.40 17.11
CA GLY C 30 -104.77 -57.31 15.83
C GLY C 30 -105.65 -58.47 15.42
N LEU C 31 -105.70 -59.52 16.23
CA LEU C 31 -106.51 -60.68 15.90
C LEU C 31 -108.00 -60.43 16.17
N SER C 32 -108.74 -60.11 15.11
CA SER C 32 -110.17 -59.87 15.21
C SER C 32 -110.88 -60.96 14.40
N PRO C 33 -111.03 -62.16 14.98
CA PRO C 33 -111.67 -63.30 14.34
C PRO C 33 -113.00 -62.99 13.66
N GLU C 34 -113.82 -62.15 14.28
CA GLU C 34 -115.11 -61.79 13.72
C GLU C 34 -115.03 -61.28 12.29
N ALA C 35 -114.05 -60.42 12.03
CA ALA C 35 -113.87 -59.84 10.70
C ALA C 35 -113.38 -60.86 9.69
N LEU C 36 -112.29 -61.54 10.03
CA LEU C 36 -111.70 -62.55 9.16
C LEU C 36 -112.69 -63.63 8.75
N TRP C 37 -113.52 -64.05 9.70
CA TRP C 37 -114.51 -65.09 9.43
C TRP C 37 -115.51 -64.64 8.38
N ARG C 38 -115.77 -63.33 8.35
CA ARG C 38 -116.71 -62.77 7.38
C ARG C 38 -116.00 -62.48 6.06
N GLU C 39 -114.76 -62.05 6.14
CA GLU C 39 -114.00 -61.76 4.93
C GLU C 39 -114.08 -62.97 4.01
N ALA C 40 -113.85 -64.15 4.58
CA ALA C 40 -113.91 -65.39 3.83
C ALA C 40 -115.36 -65.86 3.74
N ASN C 41 -115.97 -65.68 2.59
CA ASN C 41 -117.36 -66.10 2.38
C ASN C 41 -117.48 -67.57 2.76
N VAL C 42 -117.77 -67.82 4.03
CA VAL C 42 -117.90 -69.18 4.54
C VAL C 42 -119.02 -69.91 3.84
N THR C 43 -120.08 -69.18 3.51
CA THR C 43 -121.23 -69.76 2.84
C THR C 43 -121.09 -69.75 1.32
N GLU C 44 -120.07 -69.07 0.81
CA GLU C 44 -119.86 -68.99 -0.64
C GLU C 44 -120.10 -70.36 -1.26
N ASP C 45 -121.24 -70.50 -1.93
CA ASP C 45 -121.56 -71.78 -2.56
C ASP C 45 -120.42 -72.23 -3.45
N LEU C 46 -120.15 -73.52 -3.40
CA LEU C 46 -119.09 -74.17 -4.15
C LEU C 46 -118.84 -73.64 -5.57
N ALA C 47 -119.90 -73.53 -6.37
CA ALA C 47 -119.79 -73.08 -7.75
C ALA C 47 -119.22 -71.68 -7.99
N SER C 48 -119.85 -70.67 -7.40
CA SER C 48 -119.41 -69.28 -7.59
C SER C 48 -117.97 -69.03 -7.16
N MET C 49 -117.53 -69.75 -6.14
CA MET C 49 -116.17 -69.61 -5.61
C MET C 49 -115.05 -69.75 -6.64
N LEU C 50 -115.20 -70.69 -7.56
CA LEU C 50 -114.19 -70.93 -8.59
C LEU C 50 -113.86 -69.71 -9.43
N ASN C 51 -114.88 -69.04 -9.96
CA ASN C 51 -114.67 -67.86 -10.80
C ASN C 51 -113.79 -66.83 -10.09
N ARG C 52 -113.98 -66.70 -8.78
CA ARG C 52 -113.21 -65.75 -7.97
C ARG C 52 -111.73 -66.15 -7.93
N TYR C 53 -111.43 -67.31 -8.52
CA TYR C 53 -110.08 -67.83 -8.56
C TYR C 53 -109.63 -68.15 -9.99
N LYS C 54 -110.57 -68.55 -10.83
CA LYS C 54 -110.27 -68.87 -12.21
C LYS C 54 -110.20 -67.56 -12.99
N LEU C 55 -110.36 -66.46 -12.27
CA LEU C 55 -110.32 -65.13 -12.87
C LEU C 55 -108.91 -64.55 -12.65
N ILE C 56 -108.33 -64.89 -11.51
CA ILE C 56 -107.00 -64.42 -11.14
C ILE C 56 -105.88 -64.99 -12.01
N TYR C 57 -104.85 -64.18 -12.26
CA TYR C 57 -103.72 -64.61 -13.06
C TYR C 57 -102.91 -65.66 -12.32
N LYS C 58 -102.33 -66.59 -13.08
CA LYS C 58 -101.53 -67.65 -12.50
C LYS C 58 -100.19 -67.70 -13.25
N THR C 59 -99.10 -67.83 -12.51
CA THR C 59 -97.78 -67.88 -13.13
C THR C 59 -97.70 -69.11 -14.02
N SER C 60 -97.04 -68.95 -15.17
CA SER C 60 -96.88 -70.04 -16.12
C SER C 60 -96.03 -71.17 -15.53
N GLY C 61 -94.91 -70.78 -14.93
CA GLY C 61 -94.02 -71.78 -14.34
C GLY C 61 -93.18 -71.22 -13.20
N THR C 62 -93.58 -71.50 -11.97
CA THR C 62 -92.84 -71.03 -10.81
C THR C 62 -91.39 -71.47 -10.92
N LEU C 63 -90.50 -70.53 -11.24
CA LEU C 63 -89.09 -70.85 -11.38
C LEU C 63 -88.28 -70.38 -10.18
N GLY C 64 -87.45 -71.28 -9.66
CA GLY C 64 -86.62 -70.95 -8.52
C GLY C 64 -85.17 -70.76 -8.95
N ILE C 65 -84.46 -69.90 -8.23
CA ILE C 65 -83.06 -69.62 -8.54
C ILE C 65 -82.19 -69.81 -7.29
N ALA C 66 -80.98 -70.30 -7.49
CA ALA C 66 -80.05 -70.52 -6.39
C ALA C 66 -79.48 -69.20 -5.91
N LEU C 67 -80.07 -68.64 -4.85
CA LEU C 67 -79.62 -67.37 -4.31
C LEU C 67 -79.54 -67.41 -2.79
N ALA C 68 -78.50 -66.80 -2.23
CA ALA C 68 -78.30 -66.76 -0.79
C ALA C 68 -78.02 -65.34 -0.33
N GLU C 69 -78.83 -64.86 0.61
CA GLU C 69 -78.69 -63.51 1.14
C GLU C 69 -77.28 -63.12 1.54
N PRO C 70 -76.85 -61.91 1.17
CA PRO C 70 -75.50 -61.42 1.49
C PRO C 70 -75.53 -60.85 2.91
N VAL C 71 -74.54 -61.19 3.73
CA VAL C 71 -74.51 -60.68 5.09
C VAL C 71 -74.41 -59.16 5.03
N ASP C 72 -75.51 -58.49 5.38
CA ASP C 72 -75.57 -57.04 5.35
C ASP C 72 -75.05 -56.36 6.61
N ILE C 73 -75.79 -56.51 7.70
CA ILE C 73 -75.42 -55.90 8.98
C ILE C 73 -74.39 -56.70 9.77
N PRO C 74 -73.24 -56.07 10.07
CA PRO C 74 -72.17 -56.72 10.84
C PRO C 74 -72.49 -56.72 12.33
N ALA C 75 -71.84 -57.60 13.07
CA ALA C 75 -72.06 -57.70 14.51
C ALA C 75 -71.54 -56.45 15.22
N VAL C 76 -72.28 -55.99 16.22
CA VAL C 76 -71.91 -54.82 16.99
C VAL C 76 -70.41 -54.84 17.30
N SER C 77 -69.74 -53.70 17.09
CA SER C 77 -68.31 -53.59 17.33
C SER C 77 -67.96 -53.82 18.79
N GLU C 78 -66.66 -53.94 19.05
CA GLU C 78 -66.12 -54.18 20.38
C GLU C 78 -66.87 -53.44 21.50
N GLY C 79 -66.40 -52.24 21.83
CA GLY C 79 -67.05 -51.46 22.87
C GLY C 79 -68.05 -50.46 22.35
N SER C 80 -68.88 -50.89 21.41
CA SER C 80 -69.88 -50.02 20.82
C SER C 80 -70.92 -49.56 21.83
N MET C 81 -71.21 -48.26 21.83
CA MET C 81 -72.17 -47.66 22.74
C MET C 81 -73.55 -47.79 22.10
N GLN C 82 -74.46 -48.49 22.76
CA GLN C 82 -75.80 -48.68 22.21
C GLN C 82 -76.65 -47.43 22.42
N VAL C 83 -77.37 -47.03 21.37
CA VAL C 83 -78.21 -45.84 21.42
C VAL C 83 -79.66 -46.10 21.05
N ASP C 84 -80.57 -45.65 21.92
CA ASP C 84 -82.00 -45.80 21.69
C ASP C 84 -82.46 -44.61 20.86
N ALA C 85 -83.02 -44.88 19.69
CA ALA C 85 -83.49 -43.81 18.81
C ALA C 85 -84.43 -42.86 19.54
N SER C 86 -85.51 -43.41 20.09
CA SER C 86 -86.49 -42.62 20.81
C SER C 86 -85.91 -41.48 21.63
N LYS C 87 -84.87 -41.77 22.40
CA LYS C 87 -84.25 -40.76 23.24
C LYS C 87 -82.75 -40.67 23.06
N VAL C 88 -82.31 -39.98 22.03
CA VAL C 88 -80.88 -39.81 21.78
C VAL C 88 -80.38 -38.73 22.73
N HIS C 89 -80.10 -39.12 23.96
CA HIS C 89 -79.62 -38.18 24.98
C HIS C 89 -78.74 -37.10 24.38
N PRO C 90 -78.99 -35.83 24.75
CA PRO C 90 -78.17 -34.76 24.19
C PRO C 90 -76.70 -35.12 24.35
N GLY C 91 -76.42 -35.86 25.43
CA GLY C 91 -75.06 -36.28 25.72
C GLY C 91 -74.35 -36.97 24.57
N VAL C 92 -73.64 -36.18 23.76
CA VAL C 92 -72.87 -36.74 22.66
C VAL C 92 -71.81 -37.63 23.28
N ILE C 93 -72.23 -38.81 23.72
CA ILE C 93 -71.34 -39.76 24.36
C ILE C 93 -70.51 -40.56 23.37
N SER C 94 -69.73 -39.87 22.54
CA SER C 94 -68.89 -40.53 21.55
C SER C 94 -68.01 -39.57 20.74
N GLY C 95 -67.24 -40.15 19.83
CA GLY C 95 -66.37 -39.38 18.97
C GLY C 95 -66.61 -39.86 17.55
N LEU C 96 -66.00 -39.23 16.56
CA LEU C 96 -66.22 -39.67 15.19
C LEU C 96 -65.63 -41.06 14.97
N ASN C 97 -64.75 -41.47 15.89
CA ASN C 97 -64.11 -42.79 15.81
C ASN C 97 -64.68 -43.73 16.88
N SER C 98 -65.54 -43.20 17.73
CA SER C 98 -66.13 -43.99 18.80
C SER C 98 -67.15 -45.01 18.30
N PRO C 99 -67.02 -46.28 18.74
CA PRO C 99 -67.92 -47.36 18.35
C PRO C 99 -69.34 -47.06 18.80
N ALA C 100 -70.28 -46.96 17.86
CA ALA C 100 -71.66 -46.67 18.20
C ALA C 100 -72.67 -47.37 17.30
N CYS C 101 -73.73 -47.89 17.90
CA CYS C 101 -74.79 -48.58 17.18
C CYS C 101 -76.13 -48.18 17.76
N MET C 102 -77.21 -48.44 17.03
CA MET C 102 -78.56 -48.10 17.49
C MET C 102 -79.43 -49.32 17.73
N LEU C 103 -80.27 -49.23 18.75
CA LEU C 103 -81.17 -50.32 19.12
C LEU C 103 -82.24 -50.49 18.04
N SER C 104 -82.47 -51.74 17.64
CA SER C 104 -83.47 -52.05 16.61
C SER C 104 -84.90 -51.81 17.09
N ALA C 105 -85.20 -52.30 18.28
CA ALA C 105 -86.54 -52.15 18.86
C ALA C 105 -87.12 -50.75 18.66
N PRO C 106 -86.36 -49.70 19.03
CA PRO C 106 -86.85 -48.33 18.88
C PRO C 106 -86.74 -47.81 17.45
N LEU C 107 -85.59 -48.05 16.82
CA LEU C 107 -85.34 -47.60 15.46
C LEU C 107 -86.45 -48.03 14.49
N GLU C 108 -86.82 -49.30 14.57
CA GLU C 108 -87.86 -49.85 13.70
C GLU C 108 -89.21 -49.20 13.98
N LYS C 109 -89.58 -49.15 15.26
CA LYS C 109 -90.85 -48.56 15.65
C LYS C 109 -90.94 -47.11 15.21
N GLN C 110 -89.77 -46.49 14.99
CA GLN C 110 -89.72 -45.10 14.56
C GLN C 110 -89.87 -45.04 13.04
N LEU C 111 -89.21 -45.95 12.34
CA LEU C 111 -89.29 -46.00 10.89
C LEU C 111 -90.74 -46.30 10.50
N PHE C 112 -91.24 -47.44 10.96
CA PHE C 112 -92.61 -47.84 10.68
C PHE C 112 -93.56 -47.24 11.71
N TYR C 113 -93.54 -45.91 11.80
CA TYR C 113 -94.38 -45.18 12.73
C TYR C 113 -95.82 -45.16 12.22
N TYR C 114 -95.97 -45.06 10.90
CA TYR C 114 -97.27 -45.00 10.27
C TYR C 114 -97.96 -46.37 10.23
N ILE C 115 -99.29 -46.38 10.32
CA ILE C 115 -100.08 -47.61 10.29
C ILE C 115 -100.91 -47.58 9.01
N GLY C 116 -101.24 -48.74 8.45
CA GLY C 116 -102.03 -48.72 7.22
C GLY C 116 -102.74 -49.98 6.77
N THR C 117 -102.69 -50.22 5.47
CA THR C 117 -103.35 -51.38 4.88
C THR C 117 -102.52 -51.94 3.73
N MET C 118 -101.74 -52.99 4.01
CA MET C 118 -100.92 -53.61 2.98
C MET C 118 -101.85 -54.11 1.88
N LEU C 119 -103.04 -54.54 2.28
CA LEU C 119 -104.03 -55.07 1.35
C LEU C 119 -105.27 -54.18 1.32
N PRO C 120 -105.41 -53.36 0.26
CA PRO C 120 -106.56 -52.45 0.10
C PRO C 120 -107.88 -53.19 -0.08
N ASN C 121 -108.93 -52.43 -0.40
CA ASN C 121 -110.25 -53.01 -0.60
C ASN C 121 -110.62 -53.02 -2.07
N THR C 122 -109.60 -53.01 -2.94
CA THR C 122 -109.83 -53.04 -4.37
C THR C 122 -110.33 -54.43 -4.76
N ARG C 123 -111.15 -54.50 -5.80
CA ARG C 123 -111.70 -55.76 -6.26
C ARG C 123 -110.68 -56.91 -6.35
N PRO C 124 -109.58 -56.71 -7.09
CA PRO C 124 -108.55 -57.74 -7.24
C PRO C 124 -108.03 -58.35 -5.94
N HIS C 125 -107.47 -57.52 -5.08
CA HIS C 125 -106.91 -58.00 -3.81
C HIS C 125 -107.95 -58.60 -2.87
N SER C 126 -109.10 -57.94 -2.73
CA SER C 126 -110.16 -58.43 -1.86
C SER C 126 -110.55 -59.87 -2.18
N TYR C 127 -110.17 -60.33 -3.37
CA TYR C 127 -110.49 -61.70 -3.78
C TYR C 127 -109.44 -62.72 -3.35
N VAL C 128 -108.20 -62.27 -3.18
CA VAL C 128 -107.12 -63.17 -2.80
C VAL C 128 -106.67 -63.11 -1.35
N PHE C 129 -106.23 -61.93 -0.91
CA PHE C 129 -105.74 -61.77 0.46
C PHE C 129 -106.80 -61.43 1.50
N TYR C 130 -106.41 -61.59 2.77
CA TYR C 130 -107.26 -61.29 3.91
C TYR C 130 -106.91 -59.89 4.38
N GLN C 131 -107.89 -59.00 4.41
CA GLN C 131 -107.66 -57.62 4.86
C GLN C 131 -106.62 -57.62 5.98
N LEU C 132 -105.52 -56.91 5.78
CA LEU C 132 -104.46 -56.84 6.77
C LEU C 132 -104.15 -55.42 7.21
N ARG C 133 -103.77 -55.26 8.47
CA ARG C 133 -103.44 -53.95 9.02
C ARG C 133 -102.28 -53.98 10.02
N CYS C 134 -101.18 -53.37 9.62
CA CYS C 134 -99.99 -53.31 10.47
C CYS C 134 -99.19 -52.06 10.10
N HIS C 135 -98.20 -51.73 10.94
CA HIS C 135 -97.35 -50.57 10.71
C HIS C 135 -96.64 -50.76 9.36
N LEU C 136 -96.56 -49.69 8.58
CA LEU C 136 -95.92 -49.75 7.28
C LEU C 136 -95.35 -48.43 6.80
N SER C 137 -95.10 -48.34 5.50
CA SER C 137 -94.57 -47.15 4.85
C SER C 137 -94.68 -47.38 3.35
N TYR C 138 -94.98 -46.33 2.59
CA TYR C 138 -95.13 -46.48 1.16
C TYR C 138 -94.38 -45.45 0.32
N VAL C 139 -94.41 -45.66 -0.99
CA VAL C 139 -93.76 -44.77 -1.94
C VAL C 139 -94.79 -44.39 -2.99
N ALA C 140 -95.39 -43.21 -2.85
CA ALA C 140 -96.41 -42.74 -3.78
C ALA C 140 -95.85 -42.30 -5.12
N LEU C 141 -96.63 -42.51 -6.18
CA LEU C 141 -96.22 -42.13 -7.52
C LEU C 141 -97.43 -41.77 -8.38
N SER C 142 -97.27 -40.75 -9.23
CA SER C 142 -98.36 -40.31 -10.11
C SER C 142 -97.82 -39.72 -11.40
N ILE C 143 -98.09 -40.40 -12.50
CA ILE C 143 -97.64 -39.96 -13.83
C ILE C 143 -98.85 -39.74 -14.73
N ASN C 144 -98.62 -39.12 -15.89
CA ASN C 144 -99.69 -38.85 -16.84
C ASN C 144 -100.91 -38.21 -16.18
N GLY C 145 -100.69 -37.51 -15.08
CA GLY C 145 -101.77 -36.85 -14.38
C GLY C 145 -102.81 -37.80 -13.80
N ASP C 146 -102.42 -38.54 -12.77
CA ASP C 146 -103.32 -39.48 -12.11
C ASP C 146 -103.91 -40.54 -13.04
N LYS C 147 -103.40 -40.62 -14.26
CA LYS C 147 -103.89 -41.61 -15.21
C LYS C 147 -103.13 -42.91 -15.00
N PHE C 148 -102.04 -42.80 -14.24
CA PHE C 148 -101.20 -43.94 -13.92
C PHE C 148 -100.54 -43.67 -12.57
N GLN C 149 -100.51 -44.68 -11.70
CA GLN C 149 -99.92 -44.52 -10.38
C GLN C 149 -99.36 -45.81 -9.82
N TYR C 150 -98.33 -45.67 -8.99
CA TYR C 150 -97.68 -46.81 -8.35
C TYR C 150 -97.61 -46.59 -6.85
N THR C 151 -97.64 -47.68 -6.09
CA THR C 151 -97.58 -47.59 -4.64
C THR C 151 -96.63 -48.62 -4.04
N GLY C 152 -95.57 -48.14 -3.40
CA GLY C 152 -94.60 -49.03 -2.80
C GLY C 152 -94.95 -49.34 -1.36
N ALA C 153 -96.03 -50.09 -1.16
CA ALA C 153 -96.47 -50.47 0.17
C ALA C 153 -95.55 -51.55 0.74
N MET C 154 -94.98 -51.28 1.91
CA MET C 154 -94.07 -52.23 2.54
C MET C 154 -94.14 -52.24 4.06
N THR C 155 -93.91 -53.41 4.63
CA THR C 155 -93.92 -53.58 6.08
C THR C 155 -92.54 -54.14 6.46
N SER C 156 -92.31 -54.32 7.76
CA SER C 156 -91.04 -54.83 8.23
C SER C 156 -90.76 -56.26 7.76
N LYS C 157 -91.73 -56.89 7.10
CA LYS C 157 -91.55 -58.25 6.64
C LYS C 157 -91.68 -58.48 5.13
N PHE C 158 -92.54 -57.69 4.47
CA PHE C 158 -92.71 -57.87 3.03
C PHE C 158 -93.14 -56.61 2.29
N LEU C 159 -92.81 -56.57 1.00
CA LEU C 159 -93.16 -55.44 0.13
C LEU C 159 -94.25 -55.88 -0.83
N MET C 160 -95.09 -54.93 -1.23
CA MET C 160 -96.18 -55.23 -2.15
C MET C 160 -96.58 -54.01 -2.95
N GLY C 161 -95.90 -53.79 -4.07
CA GLY C 161 -96.20 -52.65 -4.92
C GLY C 161 -97.34 -52.97 -5.87
N THR C 162 -98.15 -51.96 -6.17
CA THR C 162 -99.28 -52.14 -7.07
C THR C 162 -99.30 -51.11 -8.19
N TYR C 163 -99.54 -51.58 -9.41
CA TYR C 163 -99.60 -50.69 -10.56
C TYR C 163 -101.06 -50.38 -10.85
N LYS C 164 -101.33 -49.18 -11.34
CA LYS C 164 -102.70 -48.76 -11.62
C LYS C 164 -102.76 -47.79 -12.80
N ARG C 165 -103.38 -48.26 -13.89
CA ARG C 165 -103.53 -47.44 -15.08
C ARG C 165 -105.01 -47.18 -15.36
N VAL C 166 -105.29 -46.21 -16.23
CA VAL C 166 -106.66 -45.87 -16.57
C VAL C 166 -106.81 -45.51 -18.04
N THR C 167 -107.67 -46.26 -18.74
CA THR C 167 -107.91 -46.01 -20.15
C THR C 167 -108.70 -44.71 -20.23
N GLU C 168 -109.01 -44.26 -21.44
CA GLU C 168 -109.75 -43.02 -21.61
C GLU C 168 -111.03 -43.05 -20.79
N LYS C 169 -111.60 -44.24 -20.65
CA LYS C 169 -112.83 -44.43 -19.88
C LYS C 169 -112.50 -44.71 -18.42
N GLY C 170 -113.54 -44.89 -17.61
CA GLY C 170 -113.33 -45.16 -16.20
C GLY C 170 -112.69 -46.52 -15.94
N ASP C 171 -112.09 -47.08 -16.98
CA ASP C 171 -111.43 -48.37 -16.86
C ASP C 171 -110.24 -48.30 -15.90
N GLU C 172 -110.25 -49.18 -14.91
CA GLU C 172 -109.18 -49.21 -13.92
C GLU C 172 -108.46 -50.55 -13.92
N HIS C 173 -107.24 -50.57 -14.42
CA HIS C 173 -106.43 -51.79 -14.48
C HIS C 173 -105.37 -51.80 -13.39
N VAL C 174 -105.29 -52.92 -12.66
CA VAL C 174 -104.33 -53.05 -11.58
C VAL C 174 -103.62 -54.39 -11.57
N LEU C 175 -102.33 -54.34 -11.24
CA LEU C 175 -101.47 -55.51 -11.16
C LEU C 175 -100.41 -55.21 -10.10
N SER C 176 -100.19 -56.14 -9.19
CA SER C 176 -99.21 -55.93 -8.13
C SER C 176 -98.18 -57.04 -7.97
N LEU C 177 -97.03 -56.68 -7.39
CA LEU C 177 -95.94 -57.61 -7.15
C LEU C 177 -95.68 -57.69 -5.65
N VAL C 178 -95.46 -58.91 -5.15
CA VAL C 178 -95.20 -59.11 -3.73
C VAL C 178 -93.84 -59.75 -3.50
N PHE C 179 -92.97 -59.05 -2.78
CA PHE C 179 -91.64 -59.56 -2.49
C PHE C 179 -91.42 -59.72 -0.99
N GLY C 180 -90.62 -60.71 -0.62
CA GLY C 180 -90.34 -60.95 0.78
C GLY C 180 -90.08 -62.42 1.08
N LYS C 181 -89.67 -62.72 2.30
CA LYS C 181 -89.40 -64.09 2.69
C LYS C 181 -90.67 -64.92 2.56
N THR C 182 -90.57 -66.03 1.84
CA THR C 182 -91.70 -66.91 1.61
C THR C 182 -92.51 -67.19 2.86
N LYS C 183 -91.85 -67.24 4.02
CA LYS C 183 -92.52 -67.52 5.28
C LYS C 183 -93.36 -66.35 5.78
N ASP C 184 -93.09 -65.14 5.26
CA ASP C 184 -93.80 -63.95 5.70
C ASP C 184 -94.93 -63.48 4.78
N LEU C 185 -95.12 -64.12 3.64
CA LEU C 185 -96.18 -63.73 2.72
C LEU C 185 -97.54 -63.75 3.42
N PRO C 186 -98.40 -62.77 3.09
CA PRO C 186 -99.74 -62.65 3.68
C PRO C 186 -100.54 -63.96 3.64
N ASP C 187 -101.70 -63.95 4.27
CA ASP C 187 -102.56 -65.13 4.31
C ASP C 187 -103.52 -65.14 3.12
N LEU C 188 -103.54 -66.24 2.39
CA LEU C 188 -104.42 -66.37 1.24
C LEU C 188 -105.83 -66.72 1.72
N ARG C 189 -106.84 -66.15 1.07
CA ARG C 189 -108.24 -66.38 1.44
C ARG C 189 -108.85 -67.63 0.83
N GLY C 190 -109.62 -67.44 -0.25
CA GLY C 190 -110.27 -68.57 -0.88
C GLY C 190 -109.30 -69.64 -1.36
N PRO C 191 -109.73 -70.50 -2.29
CA PRO C 191 -108.93 -71.59 -2.85
C PRO C 191 -107.72 -71.05 -3.61
N PHE C 192 -106.77 -70.49 -2.88
CA PHE C 192 -105.57 -69.93 -3.45
C PHE C 192 -104.32 -70.55 -2.86
N SER C 193 -103.34 -70.79 -3.71
CA SER C 193 -102.07 -71.37 -3.28
C SER C 193 -100.95 -70.55 -3.89
N TYR C 194 -100.09 -70.01 -3.02
CA TYR C 194 -98.97 -69.19 -3.45
C TYR C 194 -98.16 -69.72 -4.63
N PRO C 195 -97.93 -71.04 -4.69
CA PRO C 195 -97.16 -71.57 -5.82
C PRO C 195 -97.72 -71.15 -7.18
N SER C 196 -99.03 -71.27 -7.35
CA SER C 196 -99.68 -70.90 -8.60
C SER C 196 -99.79 -69.39 -8.73
N LEU C 197 -99.03 -68.67 -7.90
CA LEU C 197 -99.02 -67.22 -7.92
C LEU C 197 -97.61 -66.66 -7.79
N THR C 198 -96.69 -67.53 -7.39
CA THR C 198 -95.29 -67.14 -7.22
C THR C 198 -94.59 -67.20 -8.57
N SER C 199 -93.80 -66.18 -8.87
CA SER C 199 -93.09 -66.13 -10.15
C SER C 199 -91.63 -66.58 -10.01
N ALA C 200 -90.99 -66.21 -8.90
CA ALA C 200 -89.61 -66.58 -8.64
C ALA C 200 -89.46 -66.98 -7.19
N GLN C 201 -88.71 -68.06 -6.94
CA GLN C 201 -88.53 -68.51 -5.56
C GLN C 201 -87.11 -68.95 -5.22
N SER C 202 -86.64 -68.51 -4.06
CA SER C 202 -85.31 -68.86 -3.57
C SER C 202 -85.52 -69.89 -2.47
N GLY C 203 -84.51 -70.09 -1.63
CA GLY C 203 -84.66 -71.04 -0.55
C GLY C 203 -85.63 -70.52 0.50
N ASP C 204 -85.84 -69.21 0.50
CA ASP C 204 -86.75 -68.58 1.45
C ASP C 204 -87.31 -67.24 0.98
N TYR C 205 -87.19 -66.98 -0.32
CA TYR C 205 -87.68 -65.73 -0.90
C TYR C 205 -88.63 -65.98 -2.07
N SER C 206 -89.67 -65.16 -2.18
CA SER C 206 -90.64 -65.31 -3.26
C SER C 206 -91.06 -63.99 -3.89
N LEU C 207 -91.57 -64.07 -5.11
CA LEU C 207 -92.03 -62.91 -5.87
C LEU C 207 -93.39 -63.28 -6.45
N VAL C 208 -94.45 -62.81 -5.80
CA VAL C 208 -95.81 -63.11 -6.22
C VAL C 208 -96.43 -62.07 -7.16
N ILE C 209 -97.28 -62.55 -8.07
CA ILE C 209 -97.95 -61.69 -9.03
C ILE C 209 -99.46 -61.77 -8.81
N VAL C 210 -100.02 -60.77 -8.14
CA VAL C 210 -101.45 -60.74 -7.86
C VAL C 210 -102.16 -59.83 -8.85
N THR C 211 -102.99 -60.41 -9.70
CA THR C 211 -103.73 -59.66 -10.70
C THR C 211 -104.70 -60.57 -11.44
N THR C 212 -105.65 -59.97 -12.15
CA THR C 212 -106.63 -60.75 -12.91
C THR C 212 -106.15 -60.91 -14.34
N PHE C 213 -106.67 -61.92 -15.03
CA PHE C 213 -106.29 -62.15 -16.42
C PHE C 213 -106.67 -60.94 -17.26
N VAL C 214 -107.85 -60.40 -16.97
CA VAL C 214 -108.34 -59.23 -17.69
C VAL C 214 -107.32 -58.11 -17.63
N HIS C 215 -106.75 -57.90 -16.44
CA HIS C 215 -105.75 -56.86 -16.24
C HIS C 215 -104.39 -57.21 -16.83
N TYR C 216 -103.89 -58.40 -16.52
CA TYR C 216 -102.59 -58.84 -17.01
C TYR C 216 -102.43 -58.60 -18.51
N ALA C 217 -103.55 -58.62 -19.23
CA ALA C 217 -103.53 -58.39 -20.67
C ALA C 217 -103.17 -56.95 -20.99
N ASN C 218 -103.97 -56.01 -20.48
CA ASN C 218 -103.75 -54.59 -20.72
C ASN C 218 -102.36 -54.15 -20.26
N PHE C 219 -101.77 -54.88 -19.32
CA PHE C 219 -100.45 -54.56 -18.80
C PHE C 219 -99.31 -55.18 -19.62
N HIS C 220 -99.51 -56.42 -20.05
CA HIS C 220 -98.49 -57.13 -20.82
C HIS C 220 -98.16 -56.42 -22.14
N ASN C 221 -98.97 -55.43 -22.50
CA ASN C 221 -98.75 -54.68 -23.73
C ASN C 221 -97.59 -53.70 -23.62
N TYR C 222 -97.31 -53.25 -22.40
CA TYR C 222 -96.22 -52.30 -22.19
C TYR C 222 -95.37 -52.62 -20.97
N PHE C 223 -95.68 -53.73 -20.30
CA PHE C 223 -94.92 -54.11 -19.12
C PHE C 223 -94.57 -55.60 -19.08
N VAL C 224 -93.35 -55.91 -19.50
CA VAL C 224 -92.86 -57.29 -19.50
C VAL C 224 -91.57 -57.30 -18.68
N PRO C 225 -91.70 -57.25 -17.34
CA PRO C 225 -90.56 -57.25 -16.43
C PRO C 225 -89.71 -58.51 -16.49
N ASN C 226 -88.42 -58.35 -16.26
CA ASN C 226 -87.47 -59.46 -16.27
C ASN C 226 -87.42 -60.04 -14.87
N LEU C 227 -88.57 -60.53 -14.40
CA LEU C 227 -88.70 -61.11 -13.06
C LEU C 227 -87.44 -61.84 -12.60
N LYS C 228 -86.78 -62.53 -13.52
CA LYS C 228 -85.57 -63.27 -13.19
C LYS C 228 -84.51 -62.40 -12.53
N ASP C 229 -83.87 -61.54 -13.30
CA ASP C 229 -82.83 -60.66 -12.78
C ASP C 229 -83.38 -59.69 -11.74
N MET C 230 -84.58 -59.18 -11.99
CA MET C 230 -85.22 -58.25 -11.06
C MET C 230 -85.37 -58.86 -9.67
N PHE C 231 -85.57 -60.18 -9.63
CA PHE C 231 -85.73 -60.88 -8.37
C PHE C 231 -84.38 -61.16 -7.71
N SER C 232 -83.48 -61.77 -8.47
CA SER C 232 -82.15 -62.11 -7.97
C SER C 232 -81.47 -60.90 -7.35
N ARG C 233 -81.32 -59.85 -8.14
CA ARG C 233 -80.68 -58.62 -7.69
C ARG C 233 -81.33 -58.08 -6.42
N ALA C 234 -82.63 -58.32 -6.29
CA ALA C 234 -83.38 -57.86 -5.12
C ALA C 234 -83.18 -58.76 -3.91
N VAL C 235 -82.47 -59.88 -4.11
CA VAL C 235 -82.20 -60.81 -3.03
C VAL C 235 -80.72 -60.84 -2.69
N THR C 236 -79.89 -61.15 -3.68
CA THR C 236 -78.45 -61.22 -3.47
C THR C 236 -77.79 -59.87 -3.75
N MET C 237 -77.84 -58.99 -2.77
CA MET C 237 -77.25 -57.67 -2.91
C MET C 237 -77.45 -56.85 -1.64
N THR C 238 -76.35 -56.37 -1.07
CA THR C 238 -76.40 -55.58 0.15
C THR C 238 -77.32 -54.38 -0.01
N ALA C 239 -78.02 -54.03 1.07
CA ALA C 239 -78.95 -52.91 1.07
C ALA C 239 -78.38 -51.66 0.40
N ALA C 240 -77.24 -51.19 0.91
CA ALA C 240 -76.60 -50.00 0.37
C ALA C 240 -76.35 -50.11 -1.14
N SER C 241 -75.85 -51.26 -1.57
CA SER C 241 -75.57 -51.48 -2.99
C SER C 241 -76.83 -51.40 -3.85
N TYR C 242 -77.87 -52.12 -3.45
CA TYR C 242 -79.12 -52.13 -4.19
C TYR C 242 -79.66 -50.70 -4.34
N ALA C 243 -79.53 -49.92 -3.27
CA ALA C 243 -79.99 -48.55 -3.25
C ALA C 243 -79.35 -47.74 -4.39
N ARG C 244 -78.05 -47.90 -4.56
CA ARG C 244 -77.34 -47.18 -5.62
C ARG C 244 -77.63 -47.76 -7.00
N TYR C 245 -77.70 -49.09 -7.08
CA TYR C 245 -78.00 -49.74 -8.35
C TYR C 245 -79.25 -49.10 -8.92
N VAL C 246 -80.20 -48.79 -8.04
CA VAL C 246 -81.45 -48.17 -8.43
C VAL C 246 -81.21 -46.70 -8.75
N LEU C 247 -80.48 -46.02 -7.86
CA LEU C 247 -80.16 -44.61 -8.05
C LEU C 247 -79.57 -44.39 -9.43
N GLN C 248 -78.66 -45.28 -9.82
CA GLN C 248 -78.01 -45.20 -11.12
C GLN C 248 -79.02 -45.46 -12.24
N LYS C 249 -79.86 -46.48 -12.05
CA LYS C 249 -80.87 -46.82 -13.04
C LYS C 249 -81.73 -45.60 -13.33
N LEU C 250 -82.02 -44.81 -12.30
CA LEU C 250 -82.83 -43.61 -12.46
C LEU C 250 -82.05 -42.55 -13.22
N VAL C 251 -80.80 -42.33 -12.83
CA VAL C 251 -79.96 -41.34 -13.48
C VAL C 251 -79.98 -41.58 -14.99
N LEU C 252 -79.92 -42.84 -15.37
CA LEU C 252 -79.97 -43.22 -16.78
C LEU C 252 -81.26 -42.70 -17.40
N LEU C 253 -82.39 -43.09 -16.82
CA LEU C 253 -83.69 -42.65 -17.30
C LEU C 253 -83.77 -41.14 -17.37
N GLU C 254 -83.05 -40.47 -16.47
CA GLU C 254 -83.04 -39.01 -16.44
C GLU C 254 -82.37 -38.50 -17.70
N MET C 255 -81.21 -39.08 -18.03
CA MET C 255 -80.47 -38.68 -19.22
C MET C 255 -81.26 -39.07 -20.46
N LYS C 256 -82.24 -39.96 -20.29
CA LYS C 256 -83.09 -40.39 -21.39
C LYS C 256 -84.29 -39.47 -21.51
N GLY C 257 -84.30 -38.41 -20.71
CA GLY C 257 -85.38 -37.46 -20.74
C GLY C 257 -86.65 -38.00 -20.10
N GLY C 258 -86.55 -39.21 -19.55
CA GLY C 258 -87.71 -39.82 -18.93
C GLY C 258 -88.19 -39.10 -17.68
N CYS C 259 -87.61 -37.93 -17.40
CA CYS C 259 -88.01 -37.17 -16.23
C CYS C 259 -88.85 -35.94 -16.57
N ARG C 260 -89.23 -35.83 -17.83
CA ARG C 260 -90.06 -34.74 -18.32
C ARG C 260 -91.02 -35.34 -19.34
N GLU C 261 -90.65 -36.53 -19.81
CA GLU C 261 -91.44 -37.30 -20.76
C GLU C 261 -91.54 -38.71 -20.20
N PRO C 262 -92.00 -38.84 -18.93
CA PRO C 262 -92.14 -40.12 -18.25
C PRO C 262 -92.70 -41.22 -19.13
N GLU C 263 -91.80 -42.00 -19.73
CA GLU C 263 -92.20 -43.09 -20.61
C GLU C 263 -92.78 -44.25 -19.81
N LEU C 264 -93.95 -44.73 -20.23
CA LEU C 264 -94.61 -45.85 -19.56
C LEU C 264 -94.15 -47.15 -20.21
N ASP C 265 -92.90 -47.51 -19.97
CA ASP C 265 -92.34 -48.74 -20.53
C ASP C 265 -91.86 -49.70 -19.45
N THR C 266 -91.44 -50.89 -19.86
CA THR C 266 -90.96 -51.91 -18.94
C THR C 266 -89.86 -51.38 -18.03
N GLU C 267 -88.86 -50.73 -18.64
CA GLU C 267 -87.74 -50.19 -17.89
C GLU C 267 -88.18 -49.21 -16.81
N THR C 268 -88.92 -48.18 -17.20
CA THR C 268 -89.41 -47.17 -16.27
C THR C 268 -90.25 -47.77 -15.16
N LEU C 269 -91.12 -48.71 -15.52
CA LEU C 269 -91.97 -49.35 -14.53
C LEU C 269 -91.17 -50.27 -13.61
N THR C 270 -90.21 -50.99 -14.19
CA THR C 270 -89.37 -51.89 -13.43
C THR C 270 -88.64 -51.14 -12.33
N THR C 271 -87.92 -50.10 -12.72
CA THR C 271 -87.16 -49.29 -11.76
C THR C 271 -88.02 -48.89 -10.58
N MET C 272 -89.27 -48.50 -10.85
CA MET C 272 -90.20 -48.09 -9.80
C MET C 272 -90.24 -49.12 -8.68
N PHE C 273 -90.62 -50.35 -9.02
CA PHE C 273 -90.70 -51.42 -8.04
C PHE C 273 -89.38 -51.59 -7.30
N GLU C 274 -88.28 -51.52 -8.04
CA GLU C 274 -86.95 -51.68 -7.44
C GLU C 274 -86.66 -50.52 -6.50
N VAL C 275 -87.22 -49.35 -6.80
CA VAL C 275 -87.02 -48.18 -5.96
C VAL C 275 -87.61 -48.43 -4.58
N SER C 276 -88.76 -49.09 -4.54
CA SER C 276 -89.42 -49.41 -3.28
C SER C 276 -88.72 -50.59 -2.61
N VAL C 277 -88.18 -51.51 -3.41
CA VAL C 277 -87.48 -52.66 -2.87
C VAL C 277 -86.22 -52.17 -2.16
N ALA C 278 -85.61 -51.12 -2.71
CA ALA C 278 -84.41 -50.54 -2.13
C ALA C 278 -84.73 -50.06 -0.72
N PHE C 279 -85.90 -49.43 -0.57
CA PHE C 279 -86.33 -48.94 0.73
C PHE C 279 -86.72 -50.11 1.63
N PHE C 280 -87.37 -51.10 1.04
CA PHE C 280 -87.79 -52.29 1.77
C PHE C 280 -86.58 -53.01 2.34
N LYS C 281 -85.56 -53.19 1.51
CA LYS C 281 -84.33 -53.87 1.93
C LYS C 281 -83.82 -53.32 3.26
N VAL C 282 -83.67 -52.00 3.33
CA VAL C 282 -83.19 -51.34 4.55
C VAL C 282 -84.09 -51.66 5.74
N GLY C 283 -85.39 -51.60 5.52
CA GLY C 283 -86.34 -51.87 6.59
C GLY C 283 -86.32 -53.33 7.03
N HIS C 284 -86.16 -54.23 6.06
CA HIS C 284 -86.14 -55.66 6.35
C HIS C 284 -84.83 -56.04 7.05
N ALA C 285 -83.83 -55.17 6.92
CA ALA C 285 -82.53 -55.40 7.55
C ALA C 285 -82.65 -55.16 9.04
N VAL C 286 -83.13 -53.98 9.42
CA VAL C 286 -83.31 -53.63 10.82
C VAL C 286 -84.31 -54.57 11.47
N GLY C 287 -85.13 -55.20 10.65
CA GLY C 287 -86.13 -56.13 11.15
C GLY C 287 -85.55 -57.45 11.59
N GLU C 288 -84.79 -58.09 10.70
CA GLU C 288 -84.18 -59.38 11.00
C GLU C 288 -83.47 -59.36 12.35
N THR C 289 -82.74 -58.28 12.62
CA THR C 289 -82.01 -58.14 13.87
C THR C 289 -82.83 -57.46 14.95
N GLY C 290 -83.93 -58.09 15.34
CA GLY C 290 -84.78 -57.54 16.38
C GLY C 290 -84.07 -57.53 17.71
N ASN C 291 -84.23 -56.45 18.47
CA ASN C 291 -83.59 -56.31 19.77
C ASN C 291 -82.08 -56.44 19.66
N GLY C 292 -81.55 -56.09 18.49
CA GLY C 292 -80.12 -56.15 18.27
C GLY C 292 -79.58 -54.74 18.19
N CYS C 293 -78.51 -54.53 17.45
CA CYS C 293 -77.93 -53.20 17.32
C CYS C 293 -77.22 -53.03 15.98
N VAL C 294 -77.64 -52.05 15.21
CA VAL C 294 -77.04 -51.76 13.92
C VAL C 294 -75.94 -50.73 14.06
N ASP C 295 -74.76 -51.07 13.54
CA ASP C 295 -73.61 -50.17 13.61
C ASP C 295 -73.95 -48.85 12.93
N LEU C 296 -73.57 -47.75 13.57
CA LEU C 296 -73.85 -46.42 13.02
C LEU C 296 -73.24 -46.22 11.64
N ARG C 297 -72.12 -46.87 11.37
CA ARG C 297 -71.48 -46.75 10.07
C ARG C 297 -72.42 -47.32 9.02
N TRP C 298 -73.08 -48.41 9.38
CA TRP C 298 -74.01 -49.06 8.47
C TRP C 298 -75.16 -48.13 8.08
N LEU C 299 -75.77 -47.52 9.08
CA LEU C 299 -76.88 -46.60 8.84
C LEU C 299 -76.43 -45.39 8.04
N ALA C 300 -75.37 -44.73 8.52
CA ALA C 300 -74.83 -43.57 7.85
C ALA C 300 -74.62 -43.81 6.36
N LYS C 301 -74.40 -45.07 6.00
CA LYS C 301 -74.18 -45.44 4.62
C LYS C 301 -75.48 -45.87 3.95
N SER C 302 -76.20 -46.78 4.59
CA SER C 302 -77.47 -47.28 4.06
C SER C 302 -78.52 -46.18 3.97
N PHE C 303 -78.78 -45.50 5.08
CA PHE C 303 -79.76 -44.43 5.12
C PHE C 303 -79.39 -43.26 4.23
N PHE C 304 -78.12 -43.17 3.85
CA PHE C 304 -77.65 -42.09 2.99
C PHE C 304 -78.16 -42.35 1.58
N GLU C 305 -77.88 -43.54 1.07
CA GLU C 305 -78.30 -43.93 -0.28
C GLU C 305 -79.81 -43.73 -0.44
N LEU C 306 -80.54 -43.81 0.67
CA LEU C 306 -81.98 -43.63 0.66
C LEU C 306 -82.36 -42.17 0.53
N THR C 307 -81.68 -41.31 1.28
CA THR C 307 -81.95 -39.88 1.25
C THR C 307 -81.69 -39.35 -0.16
N VAL C 308 -80.54 -39.70 -0.72
CA VAL C 308 -80.19 -39.29 -2.07
C VAL C 308 -81.18 -39.86 -3.07
N LEU C 309 -81.65 -41.07 -2.79
CA LEU C 309 -82.61 -41.75 -3.66
C LEU C 309 -83.96 -41.02 -3.64
N LYS C 310 -84.44 -40.72 -2.43
CA LYS C 310 -85.71 -40.03 -2.27
C LYS C 310 -85.80 -38.72 -3.05
N ASP C 311 -84.69 -37.99 -3.11
CA ASP C 311 -84.65 -36.72 -3.81
C ASP C 311 -84.85 -36.86 -5.32
N ILE C 312 -84.07 -37.73 -5.94
CA ILE C 312 -84.18 -37.93 -7.39
C ILE C 312 -85.57 -38.46 -7.73
N ILE C 313 -86.11 -39.32 -6.87
CA ILE C 313 -87.43 -39.89 -7.07
C ILE C 313 -88.47 -38.77 -7.09
N GLY C 314 -88.21 -37.72 -6.32
CA GLY C 314 -89.12 -36.60 -6.24
C GLY C 314 -88.89 -35.56 -7.33
N ILE C 315 -87.63 -35.29 -7.63
CA ILE C 315 -87.29 -34.31 -8.66
C ILE C 315 -87.79 -34.79 -10.02
N CYS C 316 -87.66 -36.09 -10.27
CA CYS C 316 -88.11 -36.68 -11.53
C CYS C 316 -89.62 -36.81 -11.54
N TYR C 317 -90.14 -37.70 -10.71
CA TYR C 317 -91.58 -37.93 -10.61
C TYR C 317 -92.13 -37.26 -9.36
N GLY C 318 -93.39 -36.86 -9.41
CA GLY C 318 -94.00 -36.23 -8.24
C GLY C 318 -94.25 -37.31 -7.21
N ALA C 319 -93.25 -38.17 -7.02
CA ALA C 319 -93.36 -39.27 -6.07
C ALA C 319 -93.02 -38.82 -4.66
N THR C 320 -93.65 -39.45 -3.67
CA THR C 320 -93.41 -39.12 -2.28
C THR C 320 -93.03 -40.38 -1.52
N VAL C 321 -92.33 -40.19 -0.40
CA VAL C 321 -91.90 -41.32 0.43
C VAL C 321 -92.11 -40.97 1.90
N LYS C 322 -92.70 -41.88 2.65
CA LYS C 322 -92.95 -41.67 4.06
C LYS C 322 -93.01 -42.98 4.82
N GLY C 323 -92.34 -43.00 5.98
CA GLY C 323 -92.33 -44.20 6.80
C GLY C 323 -91.00 -44.93 6.75
N MET C 324 -89.93 -44.19 6.47
CA MET C 324 -88.60 -44.78 6.41
C MET C 324 -87.53 -43.89 7.02
N GLN C 325 -87.97 -42.82 7.68
CA GLN C 325 -87.03 -41.93 8.33
C GLN C 325 -87.28 -42.02 9.82
N SER C 326 -86.25 -41.75 10.62
CA SER C 326 -86.37 -41.83 12.07
C SER C 326 -85.63 -40.66 12.72
N TYR C 327 -86.37 -39.60 13.02
CA TYR C 327 -85.79 -38.40 13.63
C TYR C 327 -84.70 -38.73 14.64
N GLY C 328 -84.70 -39.95 15.15
CA GLY C 328 -83.69 -40.35 16.11
C GLY C 328 -82.31 -40.42 15.46
N LEU C 329 -82.20 -41.28 14.45
CA LEU C 329 -80.94 -41.45 13.72
C LEU C 329 -80.40 -40.10 13.24
N GLU C 330 -81.30 -39.19 12.92
CA GLU C 330 -80.90 -37.87 12.45
C GLU C 330 -80.28 -37.04 13.56
N ARG C 331 -80.91 -37.05 14.74
CA ARG C 331 -80.39 -36.31 15.88
C ARG C 331 -79.04 -36.87 16.29
N LEU C 332 -78.92 -38.19 16.25
CA LEU C 332 -77.68 -38.86 16.62
C LEU C 332 -76.57 -38.42 15.67
N ALA C 333 -76.82 -38.58 14.37
CA ALA C 333 -75.85 -38.20 13.35
C ALA C 333 -75.48 -36.73 13.50
N ALA C 334 -76.49 -35.90 13.73
CA ALA C 334 -76.29 -34.46 13.89
C ALA C 334 -75.34 -34.18 15.05
N MET C 335 -75.65 -34.74 16.22
CA MET C 335 -74.83 -34.53 17.40
C MET C 335 -73.39 -35.02 17.20
N LEU C 336 -73.25 -36.22 16.67
CA LEU C 336 -71.93 -36.80 16.43
C LEU C 336 -71.05 -35.86 15.61
N MET C 337 -71.61 -35.36 14.50
CA MET C 337 -70.86 -34.44 13.63
C MET C 337 -70.44 -33.17 14.37
N ALA C 338 -71.34 -32.62 15.17
CA ALA C 338 -71.08 -31.40 15.92
C ALA C 338 -69.84 -31.52 16.80
N THR C 339 -69.37 -32.75 17.00
CA THR C 339 -68.21 -32.99 17.85
C THR C 339 -67.00 -33.48 17.07
N VAL C 340 -66.61 -32.75 16.03
CA VAL C 340 -65.45 -33.13 15.23
C VAL C 340 -64.80 -31.94 14.54
N LYS C 341 -63.47 -31.99 14.42
CA LYS C 341 -62.73 -30.92 13.77
C LYS C 341 -63.11 -30.88 12.30
N MET C 342 -64.21 -30.21 11.99
CA MET C 342 -64.70 -30.10 10.62
C MET C 342 -63.71 -29.45 9.67
N GLU C 343 -63.17 -28.31 10.08
CA GLU C 343 -62.22 -27.57 9.25
C GLU C 343 -60.93 -28.36 8.99
N GLU C 344 -60.86 -29.58 9.53
CA GLU C 344 -59.67 -30.41 9.34
C GLU C 344 -60.04 -31.81 8.88
N LEU C 345 -61.27 -31.95 8.38
CA LEU C 345 -61.76 -33.24 7.90
C LEU C 345 -60.96 -33.73 6.69
N GLY C 346 -60.57 -32.80 5.83
CA GLY C 346 -59.81 -33.15 4.64
C GLY C 346 -58.48 -33.83 4.95
N HIS C 347 -57.91 -33.53 6.10
CA HIS C 347 -56.63 -34.12 6.49
C HIS C 347 -56.82 -35.52 7.08
N LEU C 348 -58.06 -35.98 7.10
CA LEU C 348 -58.37 -37.30 7.64
C LEU C 348 -58.22 -38.38 6.58
N THR C 349 -58.47 -39.63 6.97
CA THR C 349 -58.34 -40.76 6.05
C THR C 349 -59.52 -40.84 5.09
N THR C 350 -59.40 -41.71 4.08
CA THR C 350 -60.44 -41.88 3.08
C THR C 350 -61.71 -42.51 3.64
N GLU C 351 -61.60 -43.74 4.14
CA GLU C 351 -62.76 -44.44 4.71
C GLU C 351 -63.48 -43.57 5.73
N LYS C 352 -62.70 -42.89 6.57
CA LYS C 352 -63.25 -42.02 7.60
C LYS C 352 -63.90 -40.79 6.97
N GLN C 353 -63.33 -40.34 5.86
CA GLN C 353 -63.84 -39.16 5.17
C GLN C 353 -65.25 -39.39 4.65
N GLU C 354 -65.47 -40.54 4.01
CA GLU C 354 -66.80 -40.86 3.50
C GLU C 354 -67.77 -40.89 4.66
N TYR C 355 -67.57 -41.83 5.57
CA TYR C 355 -68.40 -41.98 6.75
C TYR C 355 -68.79 -40.63 7.35
N ALA C 356 -67.81 -39.71 7.40
CA ALA C 356 -68.04 -38.38 7.94
C ALA C 356 -69.09 -37.64 7.13
N LEU C 357 -68.74 -37.27 5.90
CA LEU C 357 -69.66 -36.56 5.01
C LEU C 357 -70.96 -37.35 4.84
N ARG C 358 -70.81 -38.67 4.74
CA ARG C 358 -71.95 -39.56 4.55
C ARG C 358 -73.06 -39.30 5.57
N LEU C 359 -72.75 -39.52 6.85
CA LEU C 359 -73.73 -39.31 7.91
C LEU C 359 -74.07 -37.84 8.07
N ALA C 360 -73.19 -36.97 7.58
CA ALA C 360 -73.41 -35.53 7.66
C ALA C 360 -74.66 -35.16 6.89
N THR C 361 -74.93 -35.92 5.83
CA THR C 361 -76.10 -35.71 4.99
C THR C 361 -77.36 -36.20 5.70
N VAL C 362 -77.23 -37.34 6.37
CA VAL C 362 -78.34 -37.95 7.09
C VAL C 362 -78.87 -37.10 8.24
N GLY C 363 -77.96 -36.44 8.96
CA GLY C 363 -78.38 -35.63 10.10
C GLY C 363 -78.56 -34.15 9.85
N TYR C 364 -78.19 -33.69 8.66
CA TYR C 364 -78.32 -32.27 8.30
C TYR C 364 -79.65 -31.66 8.72
N PRO C 365 -80.77 -32.36 8.44
CA PRO C 365 -82.12 -31.87 8.79
C PRO C 365 -82.39 -31.56 10.26
N LYS C 366 -82.61 -32.60 11.06
CA LYS C 366 -82.92 -32.47 12.49
C LYS C 366 -82.05 -31.52 13.31
N ALA C 367 -80.81 -31.28 12.87
CA ALA C 367 -79.93 -30.38 13.61
C ALA C 367 -78.76 -29.89 12.77
N GLY C 368 -78.13 -28.81 13.23
CA GLY C 368 -76.99 -28.26 12.51
C GLY C 368 -77.31 -26.97 11.78
N VAL C 369 -78.06 -26.08 12.44
CA VAL C 369 -78.43 -24.81 11.84
C VAL C 369 -77.26 -23.84 11.96
N TYR C 370 -76.32 -24.19 12.85
CA TYR C 370 -75.14 -23.38 13.08
C TYR C 370 -73.91 -24.27 13.21
N SER C 371 -74.02 -25.49 12.73
CA SER C 371 -72.92 -26.45 12.78
C SER C 371 -72.10 -26.31 11.50
N GLY C 372 -70.78 -26.42 11.62
CA GLY C 372 -69.91 -26.30 10.46
C GLY C 372 -69.93 -27.49 9.52
N LEU C 373 -71.11 -27.94 9.13
CA LEU C 373 -71.24 -29.07 8.21
C LEU C 373 -70.70 -28.73 6.83
N ILE C 374 -71.23 -27.68 6.23
CA ILE C 374 -70.79 -27.27 4.90
C ILE C 374 -69.28 -27.08 4.91
N GLY C 375 -68.76 -26.69 6.06
CA GLY C 375 -67.32 -26.48 6.20
C GLY C 375 -66.56 -27.76 5.92
N GLY C 376 -66.98 -28.85 6.57
CA GLY C 376 -66.31 -30.12 6.36
C GLY C 376 -66.35 -30.52 4.91
N ALA C 377 -67.49 -30.33 4.27
CA ALA C 377 -67.66 -30.67 2.86
C ALA C 377 -66.65 -29.91 2.01
N THR C 378 -66.28 -28.72 2.46
CA THR C 378 -65.33 -27.87 1.76
C THR C 378 -63.90 -28.40 1.97
N SER C 379 -63.55 -28.61 3.23
CA SER C 379 -62.23 -29.10 3.60
C SER C 379 -61.87 -30.37 2.84
N VAL C 380 -62.80 -31.32 2.81
CA VAL C 380 -62.59 -32.59 2.11
C VAL C 380 -62.35 -32.35 0.63
N LEU C 381 -63.13 -31.43 0.06
CA LEU C 381 -63.01 -31.10 -1.37
C LEU C 381 -61.68 -30.42 -1.64
N LEU C 382 -61.35 -29.43 -0.81
CA LEU C 382 -60.11 -28.68 -0.95
C LEU C 382 -58.92 -29.63 -1.10
N SER C 383 -58.84 -30.61 -0.21
CA SER C 383 -57.76 -31.58 -0.24
C SER C 383 -57.69 -32.27 -1.60
N ALA C 384 -58.84 -32.75 -2.06
CA ALA C 384 -58.95 -33.43 -3.34
C ALA C 384 -58.35 -32.61 -4.48
N TYR C 385 -58.74 -31.35 -4.56
CA TYR C 385 -58.26 -30.44 -5.59
C TYR C 385 -56.75 -30.23 -5.58
N ASN C 386 -56.20 -29.91 -4.41
CA ASN C 386 -54.77 -29.66 -4.29
C ASN C 386 -53.91 -30.82 -4.79
N ARG C 387 -54.39 -32.04 -4.60
CA ARG C 387 -53.63 -33.23 -5.02
C ARG C 387 -53.66 -33.54 -6.51
N HIS C 388 -54.51 -32.87 -7.27
CA HIS C 388 -54.59 -33.13 -8.71
C HIS C 388 -54.67 -31.89 -9.60
N PRO C 389 -54.58 -32.09 -10.93
CA PRO C 389 -54.64 -31.01 -11.91
C PRO C 389 -56.01 -30.81 -12.58
N LEU C 390 -56.99 -30.34 -11.82
CA LEU C 390 -58.33 -30.08 -12.35
C LEU C 390 -58.97 -31.28 -13.05
N PHE C 391 -59.02 -32.40 -12.36
CA PHE C 391 -59.62 -33.63 -12.90
C PHE C 391 -59.41 -34.75 -11.90
N GLN C 392 -60.50 -35.41 -11.52
CA GLN C 392 -60.43 -36.50 -10.56
C GLN C 392 -60.48 -37.82 -11.31
N PRO C 393 -59.72 -38.83 -10.86
CA PRO C 393 -59.72 -40.13 -11.53
C PRO C 393 -61.14 -40.58 -11.80
N LEU C 394 -61.40 -41.02 -13.03
CA LEU C 394 -62.75 -41.46 -13.43
C LEU C 394 -63.42 -42.43 -12.47
N HIS C 395 -62.63 -43.28 -11.81
CA HIS C 395 -63.19 -44.24 -10.86
C HIS C 395 -62.33 -44.39 -9.61
N THR C 396 -62.08 -43.27 -8.95
CA THR C 396 -61.28 -43.27 -7.73
C THR C 396 -62.19 -43.36 -6.52
N VAL C 397 -61.64 -43.86 -5.41
CA VAL C 397 -62.38 -44.01 -4.17
C VAL C 397 -62.84 -42.64 -3.68
N MET C 398 -62.04 -41.62 -3.96
CA MET C 398 -62.35 -40.26 -3.53
C MET C 398 -63.46 -39.61 -4.35
N ARG C 399 -63.58 -40.02 -5.62
CA ARG C 399 -64.61 -39.47 -6.48
C ARG C 399 -65.95 -39.68 -5.80
N GLU C 400 -66.16 -40.90 -5.30
CA GLU C 400 -67.38 -41.27 -4.60
C GLU C 400 -67.59 -40.33 -3.41
N THR C 401 -66.48 -39.92 -2.81
CA THR C 401 -66.51 -39.05 -1.65
C THR C 401 -67.10 -37.67 -1.98
N LEU C 402 -66.48 -36.97 -2.93
CA LEU C 402 -66.96 -35.65 -3.33
C LEU C 402 -68.44 -35.68 -3.67
N PHE C 403 -68.91 -36.81 -4.18
CA PHE C 403 -70.32 -36.96 -4.53
C PHE C 403 -71.17 -36.90 -3.28
N ILE C 404 -70.77 -37.64 -2.25
CA ILE C 404 -71.49 -37.68 -1.00
C ILE C 404 -71.56 -36.29 -0.37
N GLY C 405 -70.44 -35.57 -0.45
CA GLY C 405 -70.38 -34.24 0.13
C GLY C 405 -71.22 -33.21 -0.62
N SER C 406 -71.23 -33.30 -1.94
CA SER C 406 -72.00 -32.37 -2.76
C SER C 406 -73.44 -32.24 -2.28
N HIS C 407 -74.02 -33.36 -1.83
CA HIS C 407 -75.39 -33.35 -1.35
C HIS C 407 -75.63 -32.37 -0.20
N VAL C 408 -74.77 -32.43 0.81
CA VAL C 408 -74.91 -31.53 1.96
C VAL C 408 -74.64 -30.08 1.56
N VAL C 409 -73.97 -29.90 0.42
CA VAL C 409 -73.65 -28.56 -0.06
C VAL C 409 -74.83 -28.01 -0.86
N LEU C 410 -75.37 -28.83 -1.76
CA LEU C 410 -76.50 -28.43 -2.59
C LEU C 410 -77.65 -28.00 -1.69
N ARG C 411 -78.00 -28.87 -0.75
CA ARG C 411 -79.08 -28.62 0.19
C ARG C 411 -78.91 -27.22 0.79
N GLU C 412 -77.68 -26.91 1.18
CA GLU C 412 -77.36 -25.61 1.76
C GLU C 412 -77.69 -24.49 0.78
N LEU C 413 -77.14 -24.61 -0.42
CA LEU C 413 -77.36 -23.62 -1.49
C LEU C 413 -78.83 -23.31 -1.72
N ARG C 414 -79.65 -24.35 -1.79
CA ARG C 414 -81.09 -24.18 -2.01
C ARG C 414 -81.78 -23.27 -1.00
N LEU C 415 -81.20 -23.15 0.18
CA LEU C 415 -81.78 -22.30 1.22
C LEU C 415 -81.68 -20.81 0.90
N ASN C 416 -82.25 -19.98 1.75
CA ASN C 416 -82.22 -18.54 1.56
C ASN C 416 -81.48 -17.83 2.68
N VAL C 417 -80.85 -18.62 3.56
CA VAL C 417 -80.09 -18.08 4.67
C VAL C 417 -78.62 -18.06 4.30
N THR C 418 -78.12 -16.87 3.94
CA THR C 418 -76.72 -16.73 3.55
C THR C 418 -75.76 -17.02 4.70
N THR C 419 -75.55 -18.32 4.95
CA THR C 419 -74.66 -18.75 6.01
C THR C 419 -73.47 -19.48 5.38
N GLN C 420 -72.27 -19.03 5.72
CA GLN C 420 -71.06 -19.63 5.18
C GLN C 420 -71.02 -19.39 3.67
N GLY C 421 -71.67 -18.32 3.23
CA GLY C 421 -71.69 -17.99 1.82
C GLY C 421 -70.28 -17.98 1.27
N PRO C 422 -69.34 -17.30 1.94
CA PRO C 422 -67.95 -17.24 1.49
C PRO C 422 -67.33 -18.63 1.44
N ASN C 423 -67.57 -19.41 2.48
CA ASN C 423 -67.04 -20.77 2.56
C ASN C 423 -67.69 -21.67 1.52
N LEU C 424 -68.93 -21.35 1.15
CA LEU C 424 -69.67 -22.13 0.17
C LEU C 424 -69.29 -21.70 -1.25
N ALA C 425 -69.22 -20.39 -1.48
CA ALA C 425 -68.87 -19.86 -2.78
C ALA C 425 -67.58 -20.54 -3.25
N LEU C 426 -66.69 -20.81 -2.30
CA LEU C 426 -65.42 -21.45 -2.59
C LEU C 426 -65.66 -22.82 -3.23
N TYR C 427 -66.52 -23.61 -2.61
CA TYR C 427 -66.85 -24.94 -3.12
C TYR C 427 -67.18 -24.87 -4.60
N GLN C 428 -68.02 -23.90 -4.96
CA GLN C 428 -68.42 -23.71 -6.35
C GLN C 428 -67.20 -23.40 -7.22
N LEU C 429 -66.37 -22.48 -6.76
CA LEU C 429 -65.17 -22.10 -7.49
C LEU C 429 -64.31 -23.32 -7.81
N LEU C 430 -63.94 -24.06 -6.78
CA LEU C 430 -63.11 -25.25 -6.95
C LEU C 430 -63.72 -26.21 -7.97
N SER C 431 -64.95 -26.64 -7.70
CA SER C 431 -65.64 -27.55 -8.61
C SER C 431 -65.65 -27.01 -10.03
N THR C 432 -65.85 -25.70 -10.17
CA THR C 432 -65.86 -25.07 -11.48
C THR C 432 -64.54 -25.34 -12.20
N ALA C 433 -63.44 -25.09 -11.50
CA ALA C 433 -62.11 -25.32 -12.07
C ALA C 433 -62.00 -26.80 -12.44
N LEU C 434 -62.53 -27.66 -11.57
CA LEU C 434 -62.48 -29.09 -11.79
C LEU C 434 -63.29 -29.49 -13.02
N CYS C 435 -64.22 -28.64 -13.44
CA CYS C 435 -65.02 -28.92 -14.62
C CYS C 435 -64.24 -28.51 -15.86
N SER C 436 -62.97 -28.90 -15.90
CA SER C 436 -62.07 -28.58 -17.01
C SER C 436 -62.39 -29.43 -18.24
N ALA C 437 -61.81 -29.03 -19.38
CA ALA C 437 -62.01 -29.75 -20.63
C ALA C 437 -61.63 -31.21 -20.48
N LEU C 438 -60.68 -31.47 -19.60
CA LEU C 438 -60.22 -32.83 -19.34
C LEU C 438 -61.33 -33.60 -18.64
N GLU C 439 -61.93 -32.97 -17.64
CA GLU C 439 -63.03 -33.57 -16.88
C GLU C 439 -64.21 -33.84 -17.80
N ILE C 440 -64.84 -32.76 -18.26
CA ILE C 440 -65.99 -32.84 -19.14
C ILE C 440 -65.73 -33.80 -20.30
N GLY C 441 -64.47 -33.89 -20.71
CA GLY C 441 -64.11 -34.77 -21.81
C GLY C 441 -64.17 -36.24 -21.42
N GLU C 442 -63.51 -36.58 -20.33
CA GLU C 442 -63.49 -37.96 -19.85
C GLU C 442 -64.88 -38.47 -19.46
N VAL C 443 -65.69 -37.59 -18.86
CA VAL C 443 -67.03 -37.97 -18.46
C VAL C 443 -67.83 -38.47 -19.65
N LEU C 444 -67.72 -37.75 -20.77
CA LEU C 444 -68.42 -38.13 -22.00
C LEU C 444 -67.91 -39.48 -22.47
N ARG C 445 -66.59 -39.61 -22.57
CA ARG C 445 -65.95 -40.86 -23.00
C ARG C 445 -66.60 -42.03 -22.27
N GLY C 446 -66.61 -41.96 -20.94
CA GLY C 446 -67.19 -43.02 -20.14
C GLY C 446 -68.66 -43.25 -20.42
N LEU C 447 -69.42 -42.17 -20.55
CA LEU C 447 -70.85 -42.27 -20.83
C LEU C 447 -71.11 -43.05 -22.12
N ALA C 448 -70.38 -42.70 -23.18
CA ALA C 448 -70.54 -43.36 -24.47
C ALA C 448 -70.14 -44.84 -24.38
N LEU C 449 -68.98 -45.12 -23.78
CA LEU C 449 -68.51 -46.49 -23.64
C LEU C 449 -69.25 -47.23 -22.54
N GLY C 450 -70.11 -46.52 -21.82
CA GLY C 450 -70.90 -47.13 -20.76
C GLY C 450 -70.14 -47.56 -19.52
N THR C 451 -68.98 -46.96 -19.26
CA THR C 451 -68.21 -47.30 -18.07
C THR C 451 -68.61 -46.41 -16.91
N GLU C 452 -68.95 -45.17 -17.21
CA GLU C 452 -69.36 -44.20 -16.20
C GLU C 452 -70.87 -43.99 -16.26
N SER C 453 -71.52 -44.04 -15.12
CA SER C 453 -72.97 -43.86 -15.03
C SER C 453 -73.34 -42.39 -15.21
N GLY C 454 -72.42 -41.50 -14.82
CA GLY C 454 -72.68 -40.08 -14.94
C GLY C 454 -73.45 -39.57 -13.74
N LEU C 455 -73.36 -40.31 -12.63
CA LEU C 455 -74.05 -39.96 -11.40
C LEU C 455 -73.54 -38.65 -10.80
N PHE C 456 -72.22 -38.46 -10.80
CA PHE C 456 -71.64 -37.26 -10.23
C PHE C 456 -70.50 -36.64 -11.05
N SER C 457 -70.35 -35.33 -10.91
CA SER C 457 -69.33 -34.56 -11.59
C SER C 457 -69.27 -33.19 -10.94
N PRO C 458 -68.06 -32.65 -10.73
CA PRO C 458 -67.92 -31.33 -10.11
C PRO C 458 -68.62 -30.24 -10.89
N CYS C 459 -69.05 -30.56 -12.11
CA CYS C 459 -69.74 -29.60 -12.95
C CYS C 459 -71.15 -29.32 -12.44
N TYR C 460 -71.79 -30.34 -11.88
CA TYR C 460 -73.16 -30.20 -11.37
C TYR C 460 -73.35 -29.08 -10.35
N LEU C 461 -72.24 -28.60 -9.80
CA LEU C 461 -72.32 -27.52 -8.82
C LEU C 461 -71.43 -26.36 -9.27
N SER C 462 -70.68 -26.59 -10.34
CA SER C 462 -69.77 -25.57 -10.87
C SER C 462 -70.56 -24.40 -11.43
N LEU C 463 -69.88 -23.28 -11.62
CA LEU C 463 -70.50 -22.07 -12.15
C LEU C 463 -70.13 -21.92 -13.62
N ARG C 464 -70.00 -23.06 -14.30
CA ARG C 464 -69.63 -23.05 -15.71
C ARG C 464 -70.85 -23.33 -16.58
N PHE C 465 -71.53 -22.26 -16.98
CA PHE C 465 -72.73 -22.35 -17.80
C PHE C 465 -72.37 -22.14 -19.28
N ASP C 466 -71.15 -22.51 -19.64
CA ASP C 466 -70.67 -22.36 -21.00
C ASP C 466 -70.98 -23.58 -21.88
N LEU C 467 -70.97 -24.76 -21.28
CA LEU C 467 -71.24 -25.99 -22.02
C LEU C 467 -72.68 -26.13 -22.52
N THR C 468 -72.84 -26.15 -23.84
CA THR C 468 -74.14 -26.30 -24.46
C THR C 468 -74.11 -27.55 -25.34
N ARG C 469 -75.21 -27.81 -26.04
CA ARG C 469 -75.30 -28.97 -26.91
C ARG C 469 -74.09 -29.07 -27.83
N ASP C 470 -73.77 -27.99 -28.51
CA ASP C 470 -72.63 -27.95 -29.42
C ASP C 470 -71.30 -27.88 -28.68
N LYS C 471 -71.15 -26.91 -27.78
CA LYS C 471 -69.92 -26.75 -27.02
C LYS C 471 -69.50 -28.06 -26.37
N LEU C 472 -70.46 -28.79 -25.82
CA LEU C 472 -70.18 -30.06 -25.18
C LEU C 472 -69.66 -31.06 -26.20
N LEU C 473 -70.23 -31.03 -27.39
CA LEU C 473 -69.85 -31.94 -28.47
C LEU C 473 -68.40 -31.65 -28.88
N SER C 474 -67.91 -30.47 -28.54
CA SER C 474 -66.55 -30.09 -28.87
C SER C 474 -65.54 -30.78 -27.95
N MET C 475 -65.82 -30.75 -26.65
CA MET C 475 -64.94 -31.40 -25.68
C MET C 475 -64.92 -32.92 -25.86
N ALA C 476 -65.97 -33.45 -26.48
CA ALA C 476 -66.07 -34.88 -26.72
C ALA C 476 -64.81 -35.40 -27.42
N PRO C 477 -64.38 -36.62 -27.06
CA PRO C 477 -63.18 -37.23 -27.64
C PRO C 477 -63.34 -37.54 -29.13
N GLN C 478 -62.33 -37.18 -29.91
CA GLN C 478 -62.34 -37.40 -31.35
C GLN C 478 -61.59 -38.69 -31.67
N GLU C 479 -62.33 -39.80 -31.76
CA GLU C 479 -61.72 -41.09 -32.05
C GLU C 479 -62.69 -42.01 -32.79
N ALA C 480 -62.16 -42.79 -33.72
CA ALA C 480 -62.97 -43.72 -34.50
C ALA C 480 -63.31 -44.94 -33.66
N THR C 481 -62.68 -45.05 -32.49
CA THR C 481 -62.91 -46.16 -31.59
C THR C 481 -64.20 -45.96 -30.81
N LEU C 482 -64.81 -44.79 -30.99
CA LEU C 482 -66.06 -44.46 -30.30
C LEU C 482 -67.19 -44.22 -31.29
N ASP C 483 -68.30 -44.93 -31.11
CA ASP C 483 -69.45 -44.80 -31.99
C ASP C 483 -69.98 -43.37 -31.99
N GLN C 484 -69.76 -42.65 -33.09
CA GLN C 484 -70.21 -41.28 -33.22
C GLN C 484 -71.66 -41.10 -32.78
N ALA C 485 -72.46 -42.15 -32.96
CA ALA C 485 -73.87 -42.11 -32.56
C ALA C 485 -73.98 -42.18 -31.05
N ALA C 486 -73.25 -43.13 -30.45
CA ALA C 486 -73.26 -43.30 -29.00
C ALA C 486 -72.82 -42.02 -28.31
N VAL C 487 -71.79 -41.39 -28.87
CA VAL C 487 -71.26 -40.15 -28.31
C VAL C 487 -72.36 -39.09 -28.18
N SER C 488 -73.14 -38.91 -29.23
CA SER C 488 -74.22 -37.94 -29.22
C SER C 488 -75.15 -38.13 -28.02
N ASN C 489 -75.54 -39.37 -27.78
CA ASN C 489 -76.42 -39.67 -26.66
C ASN C 489 -75.78 -39.23 -25.34
N ALA C 490 -74.50 -39.49 -25.19
CA ALA C 490 -73.77 -39.12 -23.99
C ALA C 490 -73.82 -37.60 -23.80
N VAL C 491 -73.47 -36.87 -24.85
CA VAL C 491 -73.48 -35.42 -24.81
C VAL C 491 -74.88 -34.93 -24.41
N ASP C 492 -75.90 -35.51 -25.02
CA ASP C 492 -77.28 -35.14 -24.72
C ASP C 492 -77.61 -35.47 -23.27
N GLY C 493 -77.24 -36.68 -22.85
CA GLY C 493 -77.51 -37.10 -21.49
C GLY C 493 -76.89 -36.17 -20.46
N PHE C 494 -75.60 -35.90 -20.61
CA PHE C 494 -74.89 -35.01 -19.70
C PHE C 494 -75.61 -33.68 -19.60
N LEU C 495 -75.88 -33.07 -20.75
CA LEU C 495 -76.58 -31.78 -20.80
C LEU C 495 -77.89 -31.85 -20.03
N GLY C 496 -78.55 -33.01 -20.12
CA GLY C 496 -79.82 -33.19 -19.43
C GLY C 496 -79.73 -33.19 -17.92
N ARG C 497 -78.94 -34.12 -17.37
CA ARG C 497 -78.78 -34.21 -15.93
C ARG C 497 -78.19 -32.93 -15.36
N LEU C 498 -77.48 -32.19 -16.20
CA LEU C 498 -76.87 -30.94 -15.78
C LEU C 498 -77.92 -29.85 -15.57
N SER C 499 -78.94 -29.85 -16.42
CA SER C 499 -80.02 -28.87 -16.32
C SER C 499 -81.00 -29.21 -15.20
N LEU C 500 -80.89 -30.42 -14.67
CA LEU C 500 -81.77 -30.86 -13.60
C LEU C 500 -81.09 -30.81 -12.24
N GLU C 501 -79.84 -31.27 -12.19
CA GLU C 501 -79.08 -31.26 -10.94
C GLU C 501 -78.75 -29.83 -10.55
N ARG C 502 -78.49 -28.99 -11.55
CA ARG C 502 -78.16 -27.59 -11.31
C ARG C 502 -79.32 -26.68 -11.68
N GLU C 503 -79.53 -25.61 -10.91
CA GLU C 503 -80.61 -24.69 -11.21
C GLU C 503 -80.05 -23.27 -11.34
N ASP C 504 -80.90 -22.28 -11.15
CA ASP C 504 -80.48 -20.89 -11.23
C ASP C 504 -80.27 -20.30 -9.84
N ARG C 505 -81.21 -20.58 -8.93
CA ARG C 505 -81.09 -20.09 -7.57
C ARG C 505 -79.83 -20.63 -6.90
N ASP C 506 -79.21 -21.60 -7.56
CA ASP C 506 -77.98 -22.21 -7.05
C ASP C 506 -76.87 -21.17 -6.93
N ALA C 507 -77.16 -19.96 -7.37
CA ALA C 507 -76.18 -18.88 -7.32
C ALA C 507 -76.75 -17.55 -6.84
N TRP C 508 -77.95 -17.59 -6.26
CA TRP C 508 -78.57 -16.37 -5.73
C TRP C 508 -77.88 -16.00 -4.44
N HIS C 509 -77.00 -16.88 -3.98
CA HIS C 509 -76.25 -16.65 -2.75
C HIS C 509 -74.92 -15.95 -3.03
N LEU C 510 -74.53 -15.93 -4.30
CA LEU C 510 -73.29 -15.28 -4.72
C LEU C 510 -73.50 -13.78 -4.77
N PRO C 511 -72.61 -13.00 -4.12
CA PRO C 511 -72.67 -11.53 -4.08
C PRO C 511 -72.73 -10.82 -5.43
N ALA C 512 -71.85 -11.22 -6.36
CA ALA C 512 -71.77 -10.60 -7.68
C ALA C 512 -72.98 -10.84 -8.58
N TYR C 513 -73.74 -11.90 -8.30
CA TYR C 513 -74.92 -12.24 -9.12
C TYR C 513 -75.81 -11.04 -9.43
N LYS C 514 -76.09 -10.25 -8.41
CA LYS C 514 -76.96 -9.07 -8.52
C LYS C 514 -76.49 -8.05 -9.55
N CYS C 515 -75.31 -8.27 -10.13
CA CYS C 515 -74.75 -7.33 -11.08
C CYS C 515 -74.85 -7.68 -12.56
N VAL C 516 -75.56 -8.75 -12.89
CA VAL C 516 -75.66 -9.14 -14.30
C VAL C 516 -77.04 -8.89 -14.92
N ASP C 517 -77.08 -7.98 -15.89
CA ASP C 517 -78.31 -7.65 -16.60
C ASP C 517 -78.73 -8.84 -17.46
N ARG C 518 -78.06 -9.02 -18.60
CA ARG C 518 -78.36 -10.15 -19.48
C ARG C 518 -77.58 -11.35 -18.99
N LEU C 519 -78.09 -12.00 -17.95
CA LEU C 519 -77.44 -13.16 -17.35
C LEU C 519 -77.47 -14.40 -18.23
N ASP C 520 -78.33 -14.41 -19.24
CA ASP C 520 -78.45 -15.55 -20.13
C ASP C 520 -77.22 -15.70 -21.03
N LYS C 521 -76.50 -14.60 -21.24
CA LYS C 521 -75.32 -14.63 -22.08
C LYS C 521 -74.05 -14.72 -21.22
N VAL C 522 -74.20 -15.33 -20.04
CA VAL C 522 -73.09 -15.51 -19.12
C VAL C 522 -72.47 -16.89 -19.31
N LEU C 523 -71.19 -16.92 -19.66
CA LEU C 523 -70.49 -18.17 -19.88
C LEU C 523 -70.14 -18.84 -18.55
N MET C 524 -69.45 -18.11 -17.68
CA MET C 524 -69.08 -18.65 -16.38
C MET C 524 -68.58 -17.56 -15.43
N ILE C 525 -68.92 -17.70 -14.15
CA ILE C 525 -68.51 -16.75 -13.14
C ILE C 525 -67.45 -17.37 -12.23
N ILE C 526 -66.42 -16.59 -11.91
CA ILE C 526 -65.34 -17.08 -11.07
C ILE C 526 -65.25 -16.31 -9.76
N PRO C 527 -65.84 -16.87 -8.68
CA PRO C 527 -65.81 -16.22 -7.37
C PRO C 527 -64.41 -16.24 -6.77
N LEU C 528 -63.80 -15.07 -6.63
CA LEU C 528 -62.46 -14.98 -6.08
C LEU C 528 -62.49 -14.46 -4.64
N ILE C 529 -61.31 -14.27 -4.07
CA ILE C 529 -61.17 -13.81 -2.70
C ILE C 529 -61.69 -12.39 -2.48
N ASN C 530 -61.05 -11.41 -3.13
CA ASN C 530 -61.46 -10.01 -2.99
C ASN C 530 -62.36 -9.54 -4.12
N VAL C 531 -62.54 -10.36 -5.14
CA VAL C 531 -63.38 -10.00 -6.28
C VAL C 531 -64.05 -11.23 -6.87
N THR C 532 -64.80 -11.03 -7.95
CA THR C 532 -65.49 -12.11 -8.64
C THR C 532 -65.62 -11.78 -10.12
N PHE C 533 -65.00 -12.61 -10.95
CA PHE C 533 -65.02 -12.41 -12.39
C PHE C 533 -66.24 -13.00 -13.08
N ILE C 534 -66.75 -12.28 -14.07
CA ILE C 534 -67.93 -12.71 -14.82
C ILE C 534 -67.62 -12.76 -16.32
N ILE C 535 -67.38 -13.96 -16.83
CA ILE C 535 -67.09 -14.14 -18.25
C ILE C 535 -68.41 -14.27 -18.99
N SER C 536 -68.63 -13.40 -19.98
CA SER C 536 -69.87 -13.44 -20.74
C SER C 536 -69.69 -12.88 -22.15
N SER C 537 -70.73 -13.03 -22.96
CA SER C 537 -70.72 -12.54 -24.34
C SER C 537 -71.46 -11.21 -24.42
N ASP C 538 -71.55 -10.52 -23.29
CA ASP C 538 -72.22 -9.23 -23.24
C ASP C 538 -71.47 -8.27 -22.33
N ARG C 539 -71.36 -7.02 -22.77
CA ARG C 539 -70.66 -6.00 -22.00
C ARG C 539 -71.66 -5.26 -21.11
N GLU C 540 -72.73 -5.96 -20.74
CA GLU C 540 -73.77 -5.38 -19.89
C GLU C 540 -73.49 -5.48 -18.40
N VAL C 541 -72.66 -6.45 -18.01
CA VAL C 541 -72.34 -6.61 -16.60
C VAL C 541 -71.81 -5.29 -16.05
N ARG C 542 -72.31 -4.87 -14.90
CA ARG C 542 -71.89 -3.61 -14.31
C ARG C 542 -70.81 -3.77 -13.22
N GLY C 543 -69.68 -4.35 -13.61
CA GLY C 543 -68.60 -4.55 -12.66
C GLY C 543 -67.77 -3.30 -12.44
N SER C 544 -66.44 -3.43 -12.55
CA SER C 544 -65.54 -2.32 -12.36
C SER C 544 -64.84 -1.93 -13.65
N ALA C 545 -64.64 -2.92 -14.52
CA ALA C 545 -63.99 -2.68 -15.80
C ALA C 545 -64.44 -3.73 -16.81
N LEU C 546 -64.15 -3.48 -18.08
CA LEU C 546 -64.54 -4.41 -19.13
C LEU C 546 -63.33 -4.87 -19.92
N TYR C 547 -63.17 -6.19 -20.02
CA TYR C 547 -62.07 -6.79 -20.76
C TYR C 547 -62.61 -7.57 -21.95
N GLU C 548 -61.83 -7.64 -23.01
CA GLU C 548 -62.25 -8.37 -24.21
C GLU C 548 -61.08 -9.09 -24.85
N ALA C 549 -61.25 -10.38 -25.08
CA ALA C 549 -60.22 -11.20 -25.70
C ALA C 549 -60.07 -10.80 -27.16
N SER C 550 -58.94 -11.16 -27.76
CA SER C 550 -58.68 -10.81 -29.16
C SER C 550 -59.49 -11.65 -30.15
N THR C 551 -59.92 -12.83 -29.71
CA THR C 551 -60.69 -13.73 -30.57
C THR C 551 -62.11 -13.26 -30.86
N THR C 552 -62.52 -13.43 -32.13
CA THR C 552 -63.85 -13.05 -32.57
C THR C 552 -64.45 -14.22 -33.35
N TYR C 553 -63.75 -15.34 -33.30
CA TYR C 553 -64.17 -16.57 -33.97
C TYR C 553 -65.56 -16.99 -33.52
N LEU C 554 -65.80 -16.85 -32.22
CA LEU C 554 -67.08 -17.23 -31.64
C LEU C 554 -68.20 -16.39 -32.25
N SER C 555 -69.44 -16.80 -31.99
CA SER C 555 -70.61 -16.09 -32.49
C SER C 555 -70.52 -14.64 -32.04
N SER C 556 -70.41 -14.46 -30.72
CA SER C 556 -70.32 -13.13 -30.12
C SER C 556 -68.90 -12.89 -29.61
N SER C 557 -68.74 -11.93 -28.72
CA SER C 557 -67.43 -11.62 -28.16
C SER C 557 -67.20 -12.28 -26.81
N LEU C 558 -65.95 -12.27 -26.35
CA LEU C 558 -65.58 -12.87 -25.08
C LEU C 558 -65.19 -11.76 -24.10
N PHE C 559 -66.11 -11.40 -23.22
CA PHE C 559 -65.87 -10.35 -22.23
C PHE C 559 -65.51 -10.88 -20.85
N LEU C 560 -64.87 -10.02 -20.06
CA LEU C 560 -64.45 -10.36 -18.70
C LEU C 560 -64.78 -9.21 -17.76
N SER C 561 -65.88 -9.36 -17.01
CA SER C 561 -66.30 -8.32 -16.07
C SER C 561 -65.99 -8.68 -14.62
N PRO C 562 -65.06 -7.93 -13.99
CA PRO C 562 -64.68 -8.18 -12.60
C PRO C 562 -65.40 -7.25 -11.62
N VAL C 563 -66.03 -7.84 -10.62
CA VAL C 563 -66.74 -7.06 -9.60
C VAL C 563 -65.83 -6.93 -8.38
N ILE C 564 -65.19 -5.78 -8.24
CA ILE C 564 -64.29 -5.54 -7.12
C ILE C 564 -65.06 -5.42 -5.81
N MET C 565 -64.54 -6.04 -4.76
CA MET C 565 -65.16 -5.99 -3.45
C MET C 565 -66.61 -6.46 -3.51
N ASN C 566 -66.90 -7.38 -4.43
CA ASN C 566 -68.24 -7.93 -4.62
C ASN C 566 -69.38 -6.92 -4.60
N LYS C 567 -69.08 -5.68 -4.91
CA LYS C 567 -70.11 -4.64 -4.96
C LYS C 567 -69.97 -3.96 -6.31
N CYS C 568 -71.08 -3.84 -7.04
CA CYS C 568 -71.05 -3.23 -8.35
C CYS C 568 -71.52 -1.78 -8.43
N SER C 569 -70.96 -1.07 -9.40
CA SER C 569 -71.30 0.32 -9.63
C SER C 569 -72.47 0.41 -10.59
N GLN C 570 -73.14 1.55 -10.61
CA GLN C 570 -74.29 1.77 -11.47
C GLN C 570 -73.88 2.00 -12.92
N GLY C 571 -74.43 1.18 -13.81
CA GLY C 571 -74.12 1.31 -15.23
C GLY C 571 -72.87 0.55 -15.63
N ALA C 572 -72.81 0.13 -16.89
CA ALA C 572 -71.67 -0.60 -17.41
C ALA C 572 -70.52 0.34 -17.74
N VAL C 573 -69.37 -0.24 -18.08
CA VAL C 573 -68.18 0.54 -18.40
C VAL C 573 -68.40 1.44 -19.61
N ALA C 574 -67.54 2.44 -19.78
CA ALA C 574 -67.63 3.36 -20.90
C ALA C 574 -67.36 2.61 -22.20
N GLY C 575 -67.49 3.32 -23.32
CA GLY C 575 -67.27 2.70 -24.63
C GLY C 575 -65.86 2.17 -24.73
N GLU C 576 -65.63 1.27 -25.68
CA GLU C 576 -64.31 0.68 -25.92
C GLU C 576 -63.78 -0.11 -24.73
N PRO C 577 -63.74 -1.45 -24.86
CA PRO C 577 -63.26 -2.29 -23.76
C PRO C 577 -61.75 -2.20 -23.61
N ARG C 578 -61.25 -2.56 -22.42
CA ARG C 578 -59.81 -2.53 -22.16
C ARG C 578 -59.25 -3.82 -22.76
N GLN C 579 -58.14 -3.71 -23.49
CA GLN C 579 -57.53 -4.86 -24.12
C GLN C 579 -56.62 -5.64 -23.18
N ILE C 580 -56.66 -6.96 -23.28
CA ILE C 580 -55.84 -7.82 -22.44
C ILE C 580 -54.38 -7.75 -22.85
N PRO C 581 -53.52 -7.20 -21.98
CA PRO C 581 -52.09 -7.07 -22.25
C PRO C 581 -51.39 -8.42 -22.26
N LYS C 582 -50.42 -8.59 -23.14
CA LYS C 582 -49.67 -9.83 -23.24
C LYS C 582 -48.40 -9.75 -22.39
N ILE C 583 -48.11 -10.81 -21.65
CA ILE C 583 -46.93 -10.83 -20.79
C ILE C 583 -46.05 -12.06 -20.98
N GLN C 584 -44.74 -11.83 -20.94
CA GLN C 584 -43.75 -12.90 -21.09
C GLN C 584 -42.69 -12.77 -20.00
N ASN C 585 -42.92 -11.83 -19.09
CA ASN C 585 -41.98 -11.57 -17.99
C ASN C 585 -41.72 -12.76 -17.07
N PHE C 586 -42.76 -13.17 -16.34
CA PHE C 586 -42.64 -14.28 -15.39
C PHE C 586 -41.86 -15.48 -15.92
N THR C 587 -41.04 -16.06 -15.04
CA THR C 587 -40.24 -17.23 -15.38
C THR C 587 -40.93 -18.47 -14.82
N ARG C 588 -40.66 -19.63 -15.41
CA ARG C 588 -41.28 -20.87 -14.97
C ARG C 588 -41.03 -21.17 -13.49
N THR C 589 -39.79 -21.51 -13.16
CA THR C 589 -39.44 -21.81 -11.78
C THR C 589 -39.83 -20.65 -10.88
N GLN C 590 -40.56 -20.94 -9.80
CA GLN C 590 -41.00 -19.91 -8.86
C GLN C 590 -40.78 -20.30 -7.41
N LYS C 591 -40.17 -19.39 -6.65
CA LYS C 591 -39.88 -19.63 -5.24
C LYS C 591 -41.17 -19.60 -4.43
N SER C 592 -41.78 -18.42 -4.33
CA SER C 592 -43.02 -18.25 -3.59
C SER C 592 -44.26 -18.42 -4.46
N CYS C 593 -45.42 -18.29 -3.83
CA CYS C 593 -46.72 -18.45 -4.49
C CYS C 593 -47.17 -17.11 -5.08
N ILE C 594 -46.70 -16.79 -6.29
CA ILE C 594 -47.06 -15.54 -6.95
C ILE C 594 -48.55 -15.51 -7.26
N PHE C 595 -48.98 -16.39 -8.15
CA PHE C 595 -50.38 -16.47 -8.54
C PHE C 595 -51.11 -17.35 -7.53
N CYS C 596 -51.24 -16.85 -6.31
CA CYS C 596 -51.89 -17.60 -5.25
C CYS C 596 -53.41 -17.43 -5.26
N GLY C 597 -53.89 -16.31 -4.72
CA GLY C 597 -55.32 -16.08 -4.69
C GLY C 597 -55.86 -15.76 -6.08
N PHE C 598 -55.09 -16.06 -7.11
CA PHE C 598 -55.49 -15.81 -8.49
C PHE C 598 -56.10 -17.03 -9.14
N ALA C 599 -56.50 -16.88 -10.41
CA ALA C 599 -57.10 -17.97 -11.17
C ALA C 599 -56.67 -17.92 -12.62
N LEU C 600 -56.58 -19.08 -13.25
CA LEU C 600 -56.18 -19.17 -14.65
C LEU C 600 -57.38 -19.56 -15.52
N LEU C 601 -57.45 -18.96 -16.70
CA LEU C 601 -58.54 -19.25 -17.62
C LEU C 601 -58.01 -19.35 -19.06
N SER C 602 -58.06 -20.56 -19.61
CA SER C 602 -57.58 -20.79 -20.97
C SER C 602 -58.77 -20.94 -21.90
N TYR C 603 -58.70 -20.30 -23.06
CA TYR C 603 -59.78 -20.37 -24.03
C TYR C 603 -59.23 -20.67 -25.42
N ASP C 604 -59.99 -21.44 -26.20
CA ASP C 604 -59.57 -21.76 -27.54
C ASP C 604 -60.13 -20.68 -28.46
N GLU C 605 -59.32 -20.26 -29.42
CA GLU C 605 -59.73 -19.21 -30.35
C GLU C 605 -61.02 -19.60 -31.08
N LYS C 606 -61.06 -20.82 -31.59
CA LYS C 606 -62.24 -21.30 -32.31
C LYS C 606 -63.40 -21.65 -31.37
N GLU C 607 -63.18 -22.60 -30.47
CA GLU C 607 -64.22 -22.99 -29.52
C GLU C 607 -64.34 -22.01 -28.35
N GLY C 608 -65.22 -22.34 -27.41
CA GLY C 608 -65.41 -21.48 -26.25
C GLY C 608 -64.29 -21.55 -25.23
N LEU C 609 -64.66 -21.57 -23.95
CA LEU C 609 -63.67 -21.63 -22.88
C LEU C 609 -63.26 -23.08 -22.60
N GLU C 610 -61.96 -23.31 -22.52
CA GLU C 610 -61.42 -24.65 -22.27
C GLU C 610 -61.43 -25.04 -20.80
N THR C 611 -60.36 -24.69 -20.08
CA THR C 611 -60.26 -25.03 -18.66
C THR C 611 -59.91 -23.82 -17.78
N THR C 612 -60.36 -23.86 -16.53
CA THR C 612 -60.10 -22.81 -15.57
C THR C 612 -59.44 -23.40 -14.33
N THR C 613 -58.53 -22.65 -13.72
CA THR C 613 -57.83 -23.15 -12.54
C THR C 613 -57.67 -22.10 -11.44
N TYR C 614 -57.89 -22.54 -10.21
CA TYR C 614 -57.74 -21.67 -9.05
C TYR C 614 -56.57 -22.24 -8.24
N ILE C 615 -55.45 -21.53 -8.26
CA ILE C 615 -54.26 -21.99 -7.54
C ILE C 615 -54.43 -21.81 -6.04
N THR C 616 -54.95 -22.85 -5.39
CA THR C 616 -55.19 -22.83 -3.95
C THR C 616 -53.93 -22.52 -3.16
N SER C 617 -52.90 -23.35 -3.33
CA SER C 617 -51.66 -23.14 -2.60
C SER C 617 -50.40 -23.36 -3.45
N GLN C 618 -49.25 -23.23 -2.78
CA GLN C 618 -47.95 -23.39 -3.41
C GLN C 618 -47.84 -24.67 -4.23
N GLU C 619 -48.07 -25.81 -3.57
CA GLU C 619 -47.98 -27.10 -4.23
C GLU C 619 -48.68 -27.12 -5.58
N VAL C 620 -49.86 -26.49 -5.64
CA VAL C 620 -50.64 -26.44 -6.88
C VAL C 620 -49.94 -25.64 -7.98
N GLN C 621 -49.45 -24.45 -7.64
CA GLN C 621 -48.77 -23.61 -8.61
C GLN C 621 -47.59 -24.34 -9.24
N ASN C 622 -46.90 -25.14 -8.44
CA ASN C 622 -45.75 -25.90 -8.93
C ASN C 622 -46.22 -27.00 -9.88
N SER C 623 -47.29 -27.70 -9.51
CA SER C 623 -47.83 -28.77 -10.33
C SER C 623 -48.52 -28.23 -11.58
N ILE C 624 -48.25 -26.97 -11.90
CA ILE C 624 -48.85 -26.35 -13.09
C ILE C 624 -47.76 -25.76 -13.98
N LEU C 625 -46.79 -25.09 -13.36
CA LEU C 625 -45.69 -24.49 -14.10
C LEU C 625 -44.66 -25.56 -14.47
N SER C 626 -44.69 -26.66 -13.74
CA SER C 626 -43.78 -27.77 -13.99
C SER C 626 -44.36 -28.65 -15.09
N SER C 627 -45.64 -28.99 -14.94
CA SER C 627 -46.33 -29.83 -15.91
C SER C 627 -46.51 -29.04 -17.21
N ASN C 628 -47.12 -29.68 -18.21
CA ASN C 628 -47.34 -29.04 -19.49
C ASN C 628 -48.72 -28.39 -19.57
N TYR C 629 -49.14 -27.76 -18.47
CA TYR C 629 -50.43 -27.08 -18.44
C TYR C 629 -50.46 -25.99 -19.50
N PHE C 630 -49.30 -25.41 -19.76
CA PHE C 630 -49.17 -24.36 -20.76
C PHE C 630 -48.66 -24.90 -22.09
N ASP C 631 -49.03 -24.20 -23.16
CA ASP C 631 -48.62 -24.58 -24.51
C ASP C 631 -48.70 -23.36 -25.40
N PHE C 632 -47.75 -22.45 -25.21
CA PHE C 632 -47.70 -21.21 -25.98
C PHE C 632 -47.39 -21.50 -27.45
N ASP C 633 -46.93 -22.71 -27.72
CA ASP C 633 -46.62 -23.12 -29.08
C ASP C 633 -47.88 -23.57 -29.79
N ASN C 634 -48.98 -22.89 -29.48
CA ASN C 634 -50.28 -23.18 -30.07
C ASN C 634 -51.03 -21.85 -30.16
N LEU C 635 -51.06 -21.29 -31.36
CA LEU C 635 -51.74 -20.01 -31.61
C LEU C 635 -53.22 -20.05 -31.29
N HIS C 636 -53.82 -21.23 -31.39
CA HIS C 636 -55.25 -21.38 -31.12
C HIS C 636 -55.63 -21.20 -29.65
N VAL C 637 -54.78 -21.67 -28.75
CA VAL C 637 -55.07 -21.55 -27.32
C VAL C 637 -54.36 -20.37 -26.65
N HIS C 638 -55.09 -19.69 -25.77
CA HIS C 638 -54.56 -18.56 -25.04
C HIS C 638 -54.73 -18.82 -23.54
N TYR C 639 -53.89 -18.19 -22.73
CA TYR C 639 -53.94 -18.38 -21.29
C TYR C 639 -54.10 -17.05 -20.56
N LEU C 640 -55.19 -16.89 -19.82
CA LEU C 640 -55.46 -15.67 -19.08
C LEU C 640 -55.24 -15.84 -17.58
N LEU C 641 -54.95 -14.73 -16.91
CA LEU C 641 -54.72 -14.74 -15.47
C LEU C 641 -55.56 -13.67 -14.79
N LEU C 642 -56.47 -14.11 -13.92
CA LEU C 642 -57.34 -13.21 -13.19
C LEU C 642 -56.78 -13.05 -11.78
N THR C 643 -56.46 -11.83 -11.39
CA THR C 643 -55.88 -11.57 -10.08
C THR C 643 -56.92 -11.12 -9.04
N THR C 644 -56.46 -10.90 -7.82
CA THR C 644 -57.32 -10.45 -6.74
C THR C 644 -57.84 -9.07 -7.12
N ASN C 645 -57.11 -8.41 -8.02
CA ASN C 645 -57.50 -7.09 -8.51
C ASN C 645 -58.27 -7.32 -9.81
N GLY C 646 -59.13 -6.38 -10.16
CA GLY C 646 -59.91 -6.53 -11.38
C GLY C 646 -59.06 -6.48 -12.64
N THR C 647 -57.81 -6.89 -12.54
CA THR C 647 -56.90 -6.90 -13.68
C THR C 647 -56.82 -8.27 -14.34
N VAL C 648 -56.61 -8.28 -15.65
CA VAL C 648 -56.51 -9.51 -16.43
C VAL C 648 -55.32 -9.41 -17.37
N MET C 649 -54.65 -10.53 -17.60
CA MET C 649 -53.49 -10.56 -18.48
C MET C 649 -53.27 -11.93 -19.13
N GLU C 650 -52.72 -11.90 -20.34
CA GLU C 650 -52.45 -13.12 -21.09
C GLU C 650 -51.01 -13.57 -20.82
N ILE C 651 -50.77 -14.88 -20.89
CA ILE C 651 -49.44 -15.41 -20.64
C ILE C 651 -48.84 -16.11 -21.85
N ALA C 652 -47.51 -16.06 -21.95
CA ALA C 652 -46.79 -16.68 -23.05
C ALA C 652 -45.30 -16.84 -22.73
N GLY C 653 -44.97 -16.72 -21.45
CA GLY C 653 -43.57 -16.86 -21.05
C GLY C 653 -43.24 -18.22 -20.48
N TRP D 1 -118.31 -91.85 4.94
CA TRP D 1 -117.31 -92.66 5.70
C TRP D 1 -116.61 -91.81 6.76
N ALA D 2 -117.41 -91.04 7.50
CA ALA D 2 -116.93 -90.17 8.58
C ALA D 2 -117.91 -89.03 8.80
N TYR D 3 -118.01 -88.12 7.82
CA TYR D 3 -118.92 -86.99 7.93
C TYR D 3 -119.66 -86.74 6.62
N PRO D 4 -120.99 -86.60 6.71
CA PRO D 4 -121.81 -86.37 5.53
C PRO D 4 -121.37 -85.17 4.70
N CYS D 5 -121.85 -85.11 3.47
CA CYS D 5 -121.51 -84.03 2.57
C CYS D 5 -122.68 -83.07 2.53
N CYS D 6 -122.72 -82.21 1.52
CA CYS D 6 -123.83 -81.28 1.39
C CYS D 6 -123.78 -80.40 0.15
N HIS D 7 -124.47 -79.27 0.23
CA HIS D 7 -124.52 -78.32 -0.87
C HIS D 7 -124.48 -76.93 -0.25
N VAL D 8 -124.35 -75.90 -1.08
CA VAL D 8 -124.26 -74.56 -0.55
C VAL D 8 -125.05 -73.51 -1.34
N THR D 9 -125.02 -72.29 -0.81
CA THR D 9 -125.67 -71.13 -1.38
C THR D 9 -125.49 -70.02 -0.35
N GLN D 10 -124.73 -68.99 -0.71
CA GLN D 10 -124.47 -67.89 0.20
C GLN D 10 -125.68 -67.50 1.03
N LEU D 11 -125.56 -67.65 2.36
CA LEU D 11 -126.63 -67.30 3.28
C LEU D 11 -127.41 -66.11 2.74
N ARG D 12 -128.50 -66.41 2.05
CA ARG D 12 -129.36 -65.39 1.45
C ARG D 12 -130.36 -64.83 2.46
N ALA D 13 -130.89 -63.66 2.16
CA ALA D 13 -131.85 -62.97 3.02
C ALA D 13 -131.36 -62.90 4.46
N GLN D 14 -131.62 -63.94 5.24
CA GLN D 14 -131.20 -63.99 6.63
C GLN D 14 -129.76 -63.50 6.80
N HIS D 15 -129.48 -62.84 7.91
CA HIS D 15 -128.13 -62.36 8.17
C HIS D 15 -127.20 -63.56 8.22
N LEU D 16 -125.90 -63.30 8.34
CA LEU D 16 -124.92 -64.38 8.40
C LEU D 16 -124.79 -64.89 9.84
N LEU D 17 -123.92 -65.86 10.04
CA LEU D 17 -123.74 -66.41 11.39
C LEU D 17 -122.29 -66.23 11.84
N ALA D 18 -122.11 -65.50 12.93
CA ALA D 18 -120.78 -65.27 13.48
C ALA D 18 -120.40 -66.49 14.31
N LEU D 19 -119.13 -66.59 14.69
CA LEU D 19 -118.68 -67.71 15.49
C LEU D 19 -119.41 -67.68 16.83
N GLU D 20 -119.91 -66.50 17.17
CA GLU D 20 -120.65 -66.30 18.41
C GLU D 20 -121.70 -67.39 18.60
N ASN D 21 -122.14 -67.96 17.48
CA ASN D 21 -123.16 -69.01 17.50
C ASN D 21 -122.55 -70.40 17.29
N ILE D 22 -121.62 -70.49 16.34
CA ILE D 22 -120.97 -71.75 16.02
C ILE D 22 -119.97 -72.20 17.08
N SER D 23 -120.00 -73.48 17.41
CA SER D 23 -119.11 -74.06 18.40
C SER D 23 -118.64 -75.46 17.98
N ASP D 24 -118.96 -75.82 16.74
CA ASP D 24 -118.57 -77.12 16.20
C ASP D 24 -118.43 -77.04 14.68
N ILE D 25 -117.35 -77.59 14.15
CA ILE D 25 -117.12 -77.58 12.72
C ILE D 25 -116.49 -78.89 12.23
N TYR D 26 -117.25 -79.61 11.42
CA TYR D 26 -116.80 -80.89 10.87
C TYR D 26 -116.24 -80.70 9.46
N LEU D 27 -115.04 -81.23 9.24
CA LEU D 27 -114.39 -81.13 7.93
C LEU D 27 -114.25 -82.49 7.24
N VAL D 28 -114.10 -82.46 5.93
CA VAL D 28 -113.97 -83.69 5.14
C VAL D 28 -112.55 -83.95 4.64
N SER D 29 -112.36 -85.10 4.00
CA SER D 29 -111.06 -85.49 3.46
C SER D 29 -111.02 -85.34 1.93
N ASN D 30 -109.81 -85.34 1.38
CA ASN D 30 -109.63 -85.18 -0.06
C ASN D 30 -110.10 -86.39 -0.86
N GLN D 31 -111.08 -87.13 -0.33
CA GLN D 31 -111.59 -88.30 -1.04
C GLN D 31 -112.92 -88.80 -0.48
N THR D 32 -113.31 -88.32 0.69
CA THR D 32 -114.56 -88.73 1.31
C THR D 32 -115.73 -88.54 0.34
N CYS D 33 -116.15 -87.30 0.18
CA CYS D 33 -117.27 -86.99 -0.71
C CYS D 33 -116.79 -87.17 -2.15
N ASP D 34 -116.38 -86.08 -2.79
CA ASP D 34 -115.91 -86.14 -4.16
C ASP D 34 -115.03 -84.94 -4.50
N GLY D 35 -113.88 -84.85 -3.83
CA GLY D 35 -112.96 -83.75 -4.07
C GLY D 35 -113.40 -82.43 -3.47
N PHE D 36 -114.70 -82.34 -3.17
CA PHE D 36 -115.26 -81.12 -2.60
C PHE D 36 -114.86 -80.88 -1.15
N SER D 37 -114.12 -79.80 -0.90
CA SER D 37 -113.70 -79.46 0.45
C SER D 37 -114.91 -78.84 1.13
N LEU D 38 -115.68 -79.68 1.82
CA LEU D 38 -116.90 -79.22 2.50
C LEU D 38 -116.75 -79.20 4.01
N ALA D 39 -117.55 -78.36 4.66
CA ALA D 39 -117.52 -78.23 6.11
C ALA D 39 -118.94 -78.11 6.66
N SER D 40 -119.12 -78.51 7.91
CA SER D 40 -120.41 -78.43 8.56
C SER D 40 -120.34 -77.51 9.77
N LEU D 41 -121.17 -76.49 9.78
CA LEU D 41 -121.20 -75.54 10.88
C LEU D 41 -122.32 -75.88 11.86
N ASN D 42 -121.95 -76.46 12.99
CA ASN D 42 -122.91 -76.85 14.02
C ASN D 42 -122.95 -75.86 15.16
N SER D 43 -124.16 -75.42 15.52
CA SER D 43 -124.35 -74.48 16.60
C SER D 43 -125.64 -74.79 17.35
N PRO D 44 -125.53 -75.06 18.66
CA PRO D 44 -126.70 -75.37 19.49
C PRO D 44 -127.65 -74.19 19.63
N LYS D 45 -128.95 -74.44 19.54
CA LYS D 45 -129.95 -73.40 19.66
C LYS D 45 -130.52 -73.39 21.07
N ASN D 46 -131.22 -72.31 21.42
CA ASN D 46 -131.80 -72.16 22.75
C ASN D 46 -130.73 -72.11 23.83
N GLY D 47 -130.68 -73.15 24.65
CA GLY D 47 -129.69 -73.20 25.71
C GLY D 47 -128.51 -74.10 25.38
N SER D 48 -128.65 -75.39 25.71
CA SER D 48 -127.59 -76.35 25.45
C SER D 48 -127.91 -77.21 24.23
N ASN D 49 -127.30 -78.38 24.16
CA ASN D 49 -127.53 -79.28 23.05
C ASN D 49 -128.90 -79.94 23.03
N GLN D 50 -129.92 -79.12 22.78
CA GLN D 50 -131.29 -79.61 22.69
C GLN D 50 -131.55 -79.82 21.21
N LEU D 51 -131.64 -78.71 20.48
CA LEU D 51 -131.87 -78.75 19.04
C LEU D 51 -130.67 -78.11 18.36
N VAL D 52 -129.85 -78.93 17.70
CA VAL D 52 -128.67 -78.42 17.03
C VAL D 52 -128.88 -78.08 15.55
N ILE D 53 -128.55 -76.85 15.20
CA ILE D 53 -128.67 -76.37 13.83
C ILE D 53 -127.35 -76.65 13.12
N SER D 54 -127.45 -77.30 11.96
CA SER D 54 -126.25 -77.65 11.20
C SER D 54 -126.37 -77.27 9.73
N ARG D 55 -125.62 -76.26 9.31
CA ARG D 55 -125.65 -75.84 7.92
C ARG D 55 -124.29 -75.94 7.25
N CYS D 56 -124.29 -76.06 5.94
CA CYS D 56 -123.08 -76.22 5.14
C CYS D 56 -122.31 -74.93 4.85
N ALA D 57 -121.00 -75.10 4.76
CA ALA D 57 -120.08 -73.99 4.47
C ALA D 57 -119.02 -74.50 3.51
N ASN D 58 -118.22 -73.60 2.96
CA ASN D 58 -117.17 -73.98 2.02
C ASN D 58 -115.91 -74.38 2.77
N GLY D 59 -115.54 -75.65 2.68
CA GLY D 59 -114.36 -76.16 3.36
C GLY D 59 -113.12 -75.31 3.17
N LEU D 60 -112.63 -75.26 1.93
CA LEU D 60 -111.43 -74.50 1.61
C LEU D 60 -111.44 -73.12 2.28
N ASN D 61 -112.52 -72.37 2.09
CA ASN D 61 -112.63 -71.05 2.69
C ASN D 61 -112.51 -71.12 4.21
N VAL D 62 -113.28 -72.01 4.81
CA VAL D 62 -113.26 -72.19 6.26
C VAL D 62 -111.84 -72.52 6.72
N VAL D 63 -111.29 -73.60 6.19
CA VAL D 63 -109.94 -74.03 6.54
C VAL D 63 -108.94 -72.89 6.38
N SER D 64 -109.04 -72.14 5.29
CA SER D 64 -108.13 -71.02 5.07
C SER D 64 -108.22 -70.04 6.22
N PHE D 65 -109.45 -69.75 6.64
CA PHE D 65 -109.72 -68.84 7.76
C PHE D 65 -108.91 -69.28 8.97
N PHE D 66 -109.19 -70.50 9.45
CA PHE D 66 -108.51 -71.05 10.61
C PHE D 66 -107.00 -71.04 10.43
N ILE D 67 -106.54 -71.46 9.25
CA ILE D 67 -105.11 -71.48 8.96
C ILE D 67 -104.53 -70.08 9.19
N SER D 68 -105.31 -69.07 8.81
CA SER D 68 -104.89 -67.67 8.96
C SER D 68 -104.80 -67.25 10.42
N ILE D 69 -105.86 -67.51 11.18
CA ILE D 69 -105.89 -67.15 12.60
C ILE D 69 -104.74 -67.76 13.38
N LEU D 70 -104.48 -69.03 13.13
CA LEU D 70 -103.39 -69.74 13.80
C LEU D 70 -102.07 -69.05 13.54
N LYS D 71 -101.79 -68.79 12.27
CA LYS D 71 -100.56 -68.13 11.85
C LYS D 71 -100.46 -66.72 12.41
N ARG D 72 -101.58 -66.01 12.41
CA ARG D 72 -101.63 -64.63 12.90
C ARG D 72 -101.40 -64.48 14.40
N SER D 73 -101.32 -65.59 15.12
CA SER D 73 -101.11 -65.53 16.56
C SER D 73 -100.20 -66.63 17.09
N SER D 74 -99.21 -67.02 16.27
CA SER D 74 -98.26 -68.05 16.65
C SER D 74 -97.54 -67.74 17.96
N SER D 75 -97.36 -66.46 18.24
CA SER D 75 -96.68 -66.03 19.46
C SER D 75 -97.46 -66.36 20.72
N ALA D 76 -98.67 -66.89 20.56
CA ALA D 76 -99.49 -67.23 21.72
C ALA D 76 -100.14 -68.61 21.65
N LEU D 77 -99.39 -69.61 21.19
CA LEU D 77 -99.94 -70.96 21.11
C LEU D 77 -98.93 -72.09 20.95
N THR D 78 -99.15 -73.15 21.72
CA THR D 78 -98.31 -74.34 21.68
C THR D 78 -99.25 -75.53 21.81
N GLY D 79 -98.70 -76.74 21.82
CA GLY D 79 -99.53 -77.93 21.93
C GLY D 79 -100.30 -78.17 20.66
N HIS D 80 -101.57 -78.55 20.80
CA HIS D 80 -102.41 -78.81 19.63
C HIS D 80 -102.48 -77.61 18.69
N LEU D 81 -102.65 -76.43 19.26
CA LEU D 81 -102.76 -75.20 18.48
C LEU D 81 -101.48 -74.83 17.72
N ARG D 82 -100.62 -75.81 17.50
CA ARG D 82 -99.38 -75.57 16.76
C ARG D 82 -99.21 -76.70 15.74
N GLU D 83 -99.68 -77.88 16.12
CA GLU D 83 -99.61 -79.05 15.25
C GLU D 83 -100.83 -78.98 14.34
N LEU D 84 -101.91 -78.43 14.89
CA LEU D 84 -103.16 -78.26 14.16
C LEU D 84 -102.92 -77.48 12.87
N LEU D 85 -102.08 -76.46 12.96
CA LEU D 85 -101.76 -75.62 11.80
C LEU D 85 -101.09 -76.46 10.71
N THR D 86 -99.94 -77.05 11.06
CA THR D 86 -99.19 -77.87 10.10
C THR D 86 -100.05 -78.96 9.47
N THR D 87 -100.94 -79.55 10.26
CA THR D 87 -101.82 -80.61 9.77
C THR D 87 -102.99 -80.04 8.99
N LEU D 88 -103.43 -78.84 9.38
CA LEU D 88 -104.55 -78.19 8.71
C LEU D 88 -104.11 -77.68 7.35
N GLU D 89 -102.84 -77.26 7.25
CA GLU D 89 -102.30 -76.76 6.01
C GLU D 89 -102.17 -77.90 5.01
N THR D 90 -101.66 -79.04 5.47
CA THR D 90 -101.49 -80.20 4.61
C THR D 90 -102.85 -80.62 4.07
N LEU D 91 -103.88 -80.47 4.90
CA LEU D 91 -105.24 -80.79 4.51
C LEU D 91 -105.69 -79.84 3.40
N TYR D 92 -105.45 -78.56 3.63
CA TYR D 92 -105.81 -77.52 2.67
C TYR D 92 -105.20 -77.82 1.29
N GLY D 93 -103.97 -78.33 1.31
CA GLY D 93 -103.29 -78.64 0.07
C GLY D 93 -103.58 -80.02 -0.48
N SER D 94 -104.52 -80.73 0.13
CA SER D 94 -104.89 -82.07 -0.32
C SER D 94 -105.99 -81.97 -1.38
N PHE D 95 -106.70 -80.86 -1.37
CA PHE D 95 -107.78 -80.63 -2.33
C PHE D 95 -107.27 -79.97 -3.60
N SER D 96 -107.92 -80.28 -4.72
CA SER D 96 -107.54 -79.73 -6.01
C SER D 96 -108.72 -78.93 -6.57
N VAL D 97 -108.53 -77.62 -6.69
CA VAL D 97 -109.56 -76.71 -7.19
C VAL D 97 -109.88 -76.92 -8.67
N GLU D 98 -108.85 -76.80 -9.50
CA GLU D 98 -108.95 -76.93 -10.95
C GLU D 98 -109.67 -78.17 -11.49
N ASP D 99 -110.03 -79.08 -10.60
CA ASP D 99 -110.73 -80.30 -11.00
C ASP D 99 -112.23 -80.04 -11.01
N LEU D 100 -112.65 -79.08 -10.19
CA LEU D 100 -114.06 -78.72 -10.08
C LEU D 100 -114.59 -78.11 -11.38
N PHE D 101 -113.68 -77.84 -12.31
CA PHE D 101 -114.07 -77.28 -13.60
C PHE D 101 -114.81 -78.32 -14.43
N GLY D 102 -114.93 -79.54 -13.89
CA GLY D 102 -115.59 -80.60 -14.62
C GLY D 102 -116.64 -81.38 -13.85
N ALA D 103 -116.31 -81.79 -12.63
CA ALA D 103 -117.24 -82.56 -11.80
C ALA D 103 -118.53 -81.78 -11.54
N ASN D 104 -119.63 -82.51 -11.46
CA ASN D 104 -120.94 -81.91 -11.19
C ASN D 104 -120.97 -81.32 -9.79
N LEU D 105 -120.97 -79.99 -9.71
CA LEU D 105 -121.00 -79.32 -8.41
C LEU D 105 -122.32 -79.52 -7.68
N ASN D 106 -123.34 -79.97 -8.41
CA ASN D 106 -124.64 -80.22 -7.81
C ASN D 106 -124.83 -81.72 -7.62
N ARG D 107 -123.79 -82.37 -7.13
CA ARG D 107 -123.82 -83.80 -6.91
C ARG D 107 -124.45 -84.08 -5.54
N TYR D 108 -125.14 -83.08 -5.00
CA TYR D 108 -125.77 -83.19 -3.69
C TYR D 108 -126.97 -82.25 -3.58
N LEU E 1 19.79 49.42 30.70
CA LEU E 1 21.10 49.96 30.22
C LEU E 1 22.25 49.03 30.62
N SER E 2 23.30 49.03 29.80
CA SER E 2 24.48 48.23 30.06
C SER E 2 24.24 46.72 30.03
N GLU E 3 23.28 46.26 29.24
CA GLU E 3 23.00 44.83 29.17
C GLU E 3 21.98 44.44 28.10
N VAL E 4 22.36 43.44 27.30
CA VAL E 4 21.53 42.90 26.23
C VAL E 4 21.94 41.45 26.07
N LYS E 5 21.01 40.59 25.68
CA LYS E 5 21.32 39.18 25.50
C LYS E 5 20.73 38.62 24.21
N LEU E 6 21.62 38.14 23.34
CA LEU E 6 21.21 37.57 22.07
C LEU E 6 20.81 36.10 22.17
N HIS E 7 19.86 35.72 21.33
CA HIS E 7 19.37 34.35 21.30
C HIS E 7 19.27 33.92 19.84
N LEU E 8 20.33 33.29 19.34
CA LEU E 8 20.37 32.83 17.95
C LEU E 8 19.66 31.49 17.78
N ASP E 9 19.76 30.93 16.58
CA ASP E 9 19.15 29.65 16.28
C ASP E 9 19.60 29.16 14.92
N ILE E 10 20.75 28.50 14.89
CA ILE E 10 21.27 27.96 13.64
C ILE E 10 20.26 26.88 13.23
N GLU E 11 20.48 26.25 12.09
CA GLU E 11 19.56 25.21 11.65
C GLU E 11 19.51 24.03 12.63
N GLY E 12 18.59 24.09 13.59
CA GLY E 12 18.44 23.01 14.55
C GLY E 12 18.64 23.30 16.02
N HIS E 13 19.82 23.82 16.37
CA HIS E 13 20.16 24.11 17.74
C HIS E 13 20.07 25.59 18.10
N ALA E 14 19.73 25.86 19.36
CA ALA E 14 19.61 27.23 19.85
C ALA E 14 20.93 27.70 20.46
N SER E 15 21.52 28.72 19.84
CA SER E 15 22.78 29.28 20.32
C SER E 15 22.49 30.43 21.27
N HIS E 16 23.38 30.64 22.24
CA HIS E 16 23.20 31.71 23.20
C HIS E 16 24.44 32.58 23.37
N TYR E 17 24.33 33.81 22.88
CA TYR E 17 25.43 34.78 22.97
C TYR E 17 24.95 36.00 23.73
N THR E 18 25.79 36.48 24.65
CA THR E 18 25.47 37.65 25.46
C THR E 18 26.44 38.78 25.12
N ILE E 19 25.92 39.88 24.60
CA ILE E 19 26.76 41.02 24.23
C ILE E 19 26.66 42.17 25.23
N PRO E 20 27.62 42.25 26.16
CA PRO E 20 27.62 43.33 27.16
C PRO E 20 28.29 44.59 26.61
N TRP E 21 27.51 45.44 25.94
CA TRP E 21 28.07 46.67 25.39
C TRP E 21 28.51 47.62 26.50
N THR E 22 28.19 47.25 27.74
CA THR E 22 28.55 48.05 28.91
C THR E 22 30.07 48.04 29.10
N GLU E 23 30.66 46.86 28.98
CA GLU E 23 32.10 46.71 29.13
C GLU E 23 32.82 47.22 27.88
N LEU E 24 32.17 47.04 26.74
CA LEU E 24 32.73 47.47 25.46
C LEU E 24 32.91 48.99 25.40
N MET E 25 31.93 49.73 25.87
CA MET E 25 31.99 51.19 25.86
C MET E 25 33.21 51.74 26.60
N ALA E 26 33.72 50.97 27.55
CA ALA E 26 34.88 51.40 28.33
C ALA E 26 36.16 51.24 27.53
N LYS E 27 36.32 50.09 26.90
CA LYS E 27 37.51 49.81 26.11
C LYS E 27 37.49 50.45 24.72
N VAL E 28 36.34 51.01 24.35
CA VAL E 28 36.21 51.66 23.05
C VAL E 28 35.73 53.10 23.18
N PRO E 29 36.26 54.00 22.34
CA PRO E 29 35.91 55.42 22.34
C PRO E 29 34.68 55.80 21.50
N GLY E 30 34.81 55.65 20.18
CA GLY E 30 33.73 56.01 19.30
C GLY E 30 32.50 55.12 19.26
N LEU E 31 32.52 54.02 20.02
CA LEU E 31 31.38 53.11 20.02
C LEU E 31 30.23 53.63 20.87
N SER E 32 29.24 54.23 20.21
CA SER E 32 28.06 54.76 20.88
C SER E 32 26.86 53.94 20.41
N PRO E 33 26.66 52.75 21.00
CA PRO E 33 25.56 51.85 20.65
C PRO E 33 24.19 52.51 20.56
N GLU E 34 23.90 53.44 21.46
CA GLU E 34 22.62 54.14 21.46
C GLU E 34 22.27 54.78 20.12
N ALA E 35 23.25 55.43 19.50
CA ALA E 35 23.04 56.08 18.22
C ALA E 35 22.83 55.08 17.09
N LEU E 36 23.76 54.15 16.94
CA LEU E 36 23.69 53.14 15.89
C LEU E 36 22.39 52.35 15.93
N TRP E 37 21.92 52.02 17.14
CA TRP E 37 20.68 51.26 17.28
C TRP E 37 19.50 52.04 16.72
N ARG E 38 19.57 53.36 16.81
CA ARG E 38 18.51 54.22 16.30
C ARG E 38 18.69 54.48 14.82
N GLU E 39 19.94 54.57 14.38
CA GLU E 39 20.22 54.81 12.97
C GLU E 39 19.50 53.75 12.16
N ALA E 40 19.62 52.50 12.60
CA ALA E 40 18.98 51.39 11.92
C ALA E 40 17.54 51.26 12.41
N ASN E 41 16.59 51.71 11.59
CA ASN E 41 15.18 51.64 11.96
C ASN E 41 14.82 50.22 12.35
N VAL E 42 14.88 49.95 13.65
CA VAL E 42 14.57 48.62 14.17
C VAL E 42 13.14 48.24 13.88
N THR E 43 12.21 49.16 14.16
CA THR E 43 10.79 48.91 13.95
C THR E 43 10.33 49.20 12.53
N GLU E 44 11.29 49.40 11.62
CA GLU E 44 10.98 49.67 10.22
C GLU E 44 10.21 48.51 9.63
N ASP E 45 8.89 48.61 9.62
CA ASP E 45 8.04 47.56 9.09
C ASP E 45 8.69 46.86 7.90
N LEU E 46 8.54 45.54 7.87
CA LEU E 46 9.10 44.69 6.84
C LEU E 46 9.13 45.33 5.45
N ALA E 47 8.05 46.01 5.08
CA ALA E 47 7.93 46.63 3.77
C ALA E 47 8.78 47.87 3.51
N SER E 48 8.75 48.83 4.42
CA SER E 48 9.50 50.08 4.28
C SER E 48 10.95 49.93 3.85
N MET E 49 11.67 49.02 4.48
CA MET E 49 13.08 48.81 4.15
C MET E 49 13.29 48.44 2.69
N LEU E 50 12.32 47.75 2.11
CA LEU E 50 12.41 47.31 0.72
C LEU E 50 12.54 48.43 -0.32
N ASN E 51 12.14 49.65 0.05
CA ASN E 51 12.25 50.78 -0.87
C ASN E 51 13.67 51.34 -0.83
N ARG E 52 14.17 51.51 0.40
CA ARG E 52 15.51 52.04 0.64
C ARG E 52 16.58 51.21 -0.06
N TYR E 53 16.27 49.95 -0.32
CA TYR E 53 17.18 49.03 -0.97
C TYR E 53 16.95 48.92 -2.47
N LYS E 54 15.70 49.13 -2.88
CA LYS E 54 15.33 49.06 -4.28
C LYS E 54 15.50 50.46 -4.89
N LEU E 55 16.07 51.35 -4.09
CA LEU E 55 16.30 52.73 -4.50
C LEU E 55 17.76 52.87 -4.93
N ILE E 56 18.62 52.07 -4.32
CA ILE E 56 20.07 52.09 -4.58
C ILE E 56 20.46 51.39 -5.88
N TYR E 57 21.20 52.10 -6.75
CA TYR E 57 21.66 51.53 -8.00
C TYR E 57 22.56 50.34 -7.70
N LYS E 58 22.07 49.14 -8.02
CA LYS E 58 22.83 47.93 -7.78
C LYS E 58 23.70 47.59 -8.98
N THR E 59 25.01 47.54 -8.76
CA THR E 59 25.97 47.23 -9.81
C THR E 59 25.59 45.97 -10.58
N SER E 60 25.62 46.07 -11.90
CA SER E 60 25.29 44.94 -12.76
C SER E 60 26.21 43.76 -12.46
N GLY E 61 27.21 43.57 -13.33
CA GLY E 61 28.16 42.49 -13.15
C GLY E 61 29.38 42.90 -12.34
N THR E 62 29.45 42.43 -11.11
CA THR E 62 30.59 42.74 -10.23
C THR E 62 31.80 41.97 -10.73
N LEU E 63 32.53 42.58 -11.67
CA LEU E 63 33.71 41.94 -12.26
C LEU E 63 34.99 42.28 -11.49
N GLY E 64 35.69 41.23 -11.07
CA GLY E 64 36.93 41.41 -10.35
C GLY E 64 38.10 40.94 -11.18
N ILE E 65 39.25 41.58 -10.99
CA ILE E 65 40.45 41.21 -11.74
C ILE E 65 41.58 40.84 -10.78
N ALA E 66 42.41 39.90 -11.19
CA ALA E 66 43.53 39.45 -10.37
C ALA E 66 44.61 40.52 -10.34
N LEU E 67 44.65 41.30 -9.26
CA LEU E 67 45.62 42.37 -9.12
C LEU E 67 46.32 42.32 -7.76
N ALA E 68 47.62 42.02 -7.78
CA ALA E 68 48.41 41.94 -6.56
C ALA E 68 49.09 43.28 -6.25
N GLU E 69 49.05 43.67 -4.98
CA GLU E 69 49.63 44.92 -4.54
C GLU E 69 51.15 44.97 -4.74
N PRO E 70 51.67 46.09 -5.27
CA PRO E 70 53.09 46.25 -5.52
C PRO E 70 53.82 46.60 -4.22
N VAL E 71 55.10 46.25 -4.14
CA VAL E 71 55.90 46.56 -2.96
C VAL E 71 56.19 48.06 -2.98
N ASP E 72 55.79 48.76 -1.94
CA ASP E 72 55.99 50.21 -1.86
C ASP E 72 57.00 50.65 -0.81
N ILE E 73 56.60 50.61 0.45
CA ILE E 73 57.47 51.02 1.55
C ILE E 73 58.59 50.03 1.84
N PRO E 74 59.84 50.44 1.62
CA PRO E 74 61.00 49.57 1.87
C PRO E 74 61.33 49.52 3.36
N ALA E 75 62.02 48.46 3.77
CA ALA E 75 62.39 48.30 5.17
C ALA E 75 63.55 49.22 5.53
N VAL E 76 63.42 49.92 6.65
CA VAL E 76 64.44 50.84 7.13
C VAL E 76 65.83 50.29 6.85
N SER E 77 66.71 51.14 6.30
CA SER E 77 68.07 50.73 5.98
C SER E 77 68.88 50.36 7.21
N GLU E 78 70.13 49.99 6.99
CA GLU E 78 71.05 49.60 8.05
C GLU E 78 70.78 50.26 9.40
N GLY E 79 71.36 51.43 9.62
CA GLY E 79 71.17 52.12 10.89
C GLY E 79 70.40 53.42 10.80
N SER E 80 69.42 53.47 9.90
CA SER E 80 68.60 54.67 9.74
C SER E 80 68.09 55.16 11.08
N MET E 81 68.43 56.39 11.42
CA MET E 81 68.00 56.98 12.69
C MET E 81 66.48 57.14 12.64
N GLN E 82 65.81 56.82 13.75
CA GLN E 82 64.36 56.92 13.79
C GLN E 82 63.92 58.32 14.19
N VAL E 83 62.84 58.78 13.58
CA VAL E 83 62.33 60.13 13.83
C VAL E 83 60.84 60.17 14.19
N ASP E 84 60.53 60.90 15.25
CA ASP E 84 59.16 61.07 15.71
C ASP E 84 58.70 62.47 15.28
N ALA E 85 57.73 62.52 14.37
CA ALA E 85 57.20 63.79 13.87
C ALA E 85 56.95 64.83 14.95
N SER E 86 56.17 64.45 15.96
CA SER E 86 55.84 65.35 17.05
C SER E 86 57.06 66.12 17.53
N LYS E 87 58.20 65.44 17.60
CA LYS E 87 59.43 66.06 18.07
C LYS E 87 60.57 66.05 17.07
N VAL E 88 61.04 67.24 16.70
CA VAL E 88 62.14 67.41 15.77
C VAL E 88 63.19 68.30 16.40
N HIS E 89 64.35 67.72 16.72
CA HIS E 89 65.44 68.44 17.34
C HIS E 89 65.92 69.58 16.44
N PRO E 90 65.71 70.83 16.87
CA PRO E 90 66.11 72.02 16.12
C PRO E 90 67.58 72.01 15.67
N GLY E 91 68.35 71.09 16.23
CA GLY E 91 69.75 70.98 15.88
C GLY E 91 70.00 69.88 14.87
N VAL E 92 71.24 69.80 14.38
CA VAL E 92 71.61 68.79 13.40
C VAL E 92 71.37 67.40 13.97
N ILE E 93 70.64 66.57 13.23
CA ILE E 93 70.34 65.22 13.67
C ILE E 93 70.72 64.23 12.58
N SER E 94 71.45 64.71 11.58
CA SER E 94 71.87 63.87 10.47
C SER E 94 72.59 64.65 9.38
N GLY E 95 72.77 64.00 8.24
CA GLY E 95 73.43 64.62 7.10
C GLY E 95 72.62 64.31 5.85
N LEU E 96 73.15 64.66 4.69
CA LEU E 96 72.45 64.38 3.43
C LEU E 96 72.49 62.90 3.11
N ASN E 97 73.52 62.22 3.60
CA ASN E 97 73.71 60.79 3.39
C ASN E 97 73.11 59.97 4.52
N SER E 98 73.18 60.51 5.72
CA SER E 98 72.67 59.83 6.91
C SER E 98 71.34 59.14 6.68
N PRO E 99 71.33 57.80 6.77
CA PRO E 99 70.09 57.04 6.58
C PRO E 99 69.10 57.48 7.64
N ALA E 100 67.88 57.80 7.23
CA ALA E 100 66.87 58.24 8.19
C ALA E 100 65.46 57.82 7.77
N CYS E 101 64.61 57.60 8.76
CA CYS E 101 63.22 57.20 8.54
C CYS E 101 62.35 57.85 9.61
N MET E 102 61.05 57.93 9.34
CA MET E 102 60.11 58.53 10.28
C MET E 102 59.12 57.53 10.85
N LEU E 103 58.78 57.70 12.13
CA LEU E 103 57.84 56.83 12.81
C LEU E 103 56.43 57.01 12.25
N SER E 104 55.75 55.90 11.98
CA SER E 104 54.41 55.92 11.42
C SER E 104 53.37 56.44 12.41
N ALA E 105 53.44 55.94 13.64
CA ALA E 105 52.50 56.35 14.69
C ALA E 105 52.27 57.86 14.74
N PRO E 106 53.36 58.66 14.77
CA PRO E 106 53.21 60.11 14.82
C PRO E 106 52.91 60.73 13.45
N LEU E 107 53.61 60.28 12.43
CA LEU E 107 53.43 60.79 11.07
C LEU E 107 51.97 60.72 10.62
N GLU E 108 51.35 59.57 10.86
CA GLU E 108 49.95 59.37 10.48
C GLU E 108 49.03 60.30 11.26
N LYS E 109 49.18 60.31 12.57
CA LYS E 109 48.35 61.15 13.43
C LYS E 109 48.49 62.62 13.03
N GLN E 110 49.61 62.95 12.40
CA GLN E 110 49.83 64.33 11.97
C GLN E 110 49.15 64.57 10.63
N LEU E 111 49.23 63.57 9.74
CA LEU E 111 48.59 63.68 8.44
C LEU E 111 47.08 63.78 8.64
N PHE E 112 46.52 62.76 9.27
CA PHE E 112 45.09 62.72 9.54
C PHE E 112 44.79 63.43 10.85
N TYR E 113 45.19 64.69 10.93
CA TYR E 113 44.98 65.51 12.11
C TYR E 113 43.51 65.92 12.21
N TYR E 114 42.91 66.20 11.06
CA TYR E 114 41.52 66.61 10.99
C TYR E 114 40.55 65.45 11.23
N ILE E 115 39.39 65.77 11.82
CA ILE E 115 38.36 64.77 12.11
C ILE E 115 37.14 65.11 11.25
N GLY E 116 36.34 64.12 10.88
CA GLY E 116 35.18 64.44 10.05
C GLY E 116 34.06 63.43 9.93
N THR E 117 33.53 63.30 8.71
CA THR E 117 32.43 62.39 8.44
C THR E 117 32.59 61.76 7.06
N MET E 118 33.14 60.54 7.02
CA MET E 118 33.31 59.85 5.75
C MET E 118 31.94 59.68 5.11
N LEU E 119 30.93 59.50 5.95
CA LEU E 119 29.56 59.31 5.49
C LEU E 119 28.66 60.47 5.93
N PRO E 120 28.34 61.39 5.00
CA PRO E 120 27.51 62.56 5.29
C PRO E 120 26.07 62.18 5.65
N ASN E 121 25.21 63.19 5.79
CA ASN E 121 23.82 62.96 6.13
C ASN E 121 22.92 63.17 4.91
N THR E 122 23.50 63.04 3.72
CA THR E 122 22.73 63.20 2.49
C THR E 122 21.80 62.01 2.34
N ARG E 123 20.65 62.24 1.71
CA ARG E 123 19.66 61.19 1.51
C ARG E 123 20.24 59.84 1.04
N PRO E 124 20.99 59.86 -0.07
CA PRO E 124 21.59 58.62 -0.60
C PRO E 124 22.39 57.78 0.39
N HIS E 125 23.44 58.37 0.96
CA HIS E 125 24.30 57.67 1.91
C HIS E 125 23.58 57.25 3.19
N SER E 126 22.77 58.14 3.75
CA SER E 126 22.04 57.84 4.97
C SER E 126 21.21 56.57 4.85
N TYR E 127 20.96 56.14 3.62
CA TYR E 127 20.18 54.93 3.38
C TYR E 127 21.03 53.66 3.37
N VAL E 128 22.30 53.78 2.99
CA VAL E 128 23.18 52.61 2.92
C VAL E 128 24.15 52.43 4.09
N PHE E 129 25.01 53.42 4.32
CA PHE E 129 26.01 53.33 5.37
C PHE E 129 25.55 53.81 6.75
N TYR E 130 26.33 53.44 7.76
CA TYR E 130 26.08 53.83 9.15
C TYR E 130 26.93 55.06 9.44
N GLN E 131 26.29 56.15 9.84
CA GLN E 131 27.02 57.38 10.17
C GLN E 131 28.37 57.03 10.79
N LEU E 132 29.44 57.49 10.15
CA LEU E 132 30.80 57.20 10.64
C LEU E 132 31.59 58.47 10.93
N ARG E 133 32.46 58.40 11.93
CA ARG E 133 33.28 59.55 12.30
C ARG E 133 34.68 59.16 12.77
N CYS E 134 35.68 59.52 11.96
CA CYS E 134 37.07 59.23 12.28
C CYS E 134 37.97 60.28 11.62
N HIS E 135 39.24 60.27 11.99
CA HIS E 135 40.21 61.20 11.43
C HIS E 135 40.29 60.97 9.93
N LEU E 136 40.31 62.07 9.17
CA LEU E 136 40.37 61.98 7.71
C LEU E 136 41.04 63.17 7.05
N SER E 137 40.81 63.30 5.74
CA SER E 137 41.34 64.39 4.93
C SER E 137 40.59 64.33 3.61
N TYR E 138 40.32 65.50 3.03
CA TYR E 138 39.58 65.54 1.76
C TYR E 138 40.18 66.46 0.70
N VAL E 139 39.61 66.37 -0.49
CA VAL E 139 40.04 67.18 -1.63
C VAL E 139 38.79 67.87 -2.19
N ALA E 140 38.63 69.14 -1.85
CA ALA E 140 37.48 69.91 -2.30
C ALA E 140 37.58 70.36 -3.75
N LEU E 141 36.43 70.41 -4.43
CA LEU E 141 36.39 70.82 -5.82
C LEU E 141 35.07 71.55 -6.13
N SER E 142 35.15 72.57 -6.99
CA SER E 142 33.98 73.33 -7.36
C SER E 142 34.10 73.91 -8.76
N ILE E 143 33.28 73.40 -9.68
CA ILE E 143 33.30 73.86 -11.06
C ILE E 143 31.93 74.43 -11.43
N ASN E 144 31.85 75.11 -12.58
CA ASN E 144 30.61 75.71 -13.04
C ASN E 144 29.93 76.54 -11.97
N GLY E 145 30.73 77.08 -11.04
CA GLY E 145 30.20 77.91 -9.98
C GLY E 145 29.26 77.18 -9.03
N ASP E 146 29.82 76.27 -8.24
CA ASP E 146 29.04 75.50 -7.28
C ASP E 146 27.89 74.69 -7.88
N LYS E 147 27.84 74.63 -9.21
CA LYS E 147 26.79 73.87 -9.88
C LYS E 147 27.22 72.42 -9.98
N PHE E 148 28.49 72.19 -9.71
CA PHE E 148 29.09 70.85 -9.72
C PHE E 148 30.24 70.84 -8.74
N GLN E 149 30.34 69.77 -7.95
CA GLN E 149 31.40 69.66 -6.97
C GLN E 149 31.79 68.22 -6.66
N TYR E 150 33.06 68.03 -6.32
CA TYR E 150 33.59 66.71 -5.98
C TYR E 150 34.29 66.77 -4.63
N THR E 151 34.26 65.65 -3.91
CA THR E 151 34.90 65.59 -2.59
C THR E 151 35.71 64.31 -2.43
N GLY E 152 37.03 64.47 -2.25
CA GLY E 152 37.89 63.33 -2.07
C GLY E 152 38.05 62.96 -0.61
N ALA E 153 36.98 62.48 0.00
CA ALA E 153 37.00 62.09 1.40
C ALA E 153 37.78 60.80 1.56
N MET E 154 38.79 60.79 2.44
CA MET E 154 39.61 59.61 2.65
C MET E 154 40.11 59.48 4.07
N THR E 155 40.22 58.23 4.53
CA THR E 155 40.73 57.93 5.86
C THR E 155 41.97 57.04 5.68
N SER E 156 42.58 56.66 6.78
CA SER E 156 43.77 55.82 6.72
C SER E 156 43.50 54.43 6.17
N LYS E 157 42.21 54.10 5.98
CA LYS E 157 41.86 52.78 5.47
C LYS E 157 41.10 52.75 4.14
N PHE E 158 40.29 53.77 3.87
CA PHE E 158 39.55 53.78 2.62
C PHE E 158 39.20 55.18 2.10
N LEU E 159 39.02 55.27 0.79
CA LEU E 159 38.68 56.54 0.14
C LEU E 159 37.23 56.46 -0.35
N MET E 160 36.55 57.61 -0.34
CA MET E 160 35.16 57.65 -0.79
C MET E 160 34.81 59.01 -1.36
N GLY E 161 35.04 59.17 -2.66
CA GLY E 161 34.73 60.42 -3.32
C GLY E 161 33.29 60.47 -3.77
N THR E 162 32.70 61.65 -3.75
CA THR E 162 31.31 61.82 -4.15
C THR E 162 31.14 62.92 -5.18
N TYR E 163 30.32 62.65 -6.19
CA TYR E 163 30.06 63.62 -7.24
C TYR E 163 28.73 64.31 -6.94
N LYS E 164 28.63 65.58 -7.28
CA LYS E 164 27.42 66.35 -7.01
C LYS E 164 27.15 67.39 -8.09
N ARG E 165 26.05 67.21 -8.81
CA ARG E 165 25.67 68.13 -9.87
C ARG E 165 24.31 68.76 -9.54
N VAL E 166 23.98 69.85 -10.23
CA VAL E 166 22.73 70.54 -10.01
C VAL E 166 22.12 71.05 -11.31
N THR E 167 20.91 70.60 -11.61
CA THR E 167 20.21 71.03 -12.81
C THR E 167 19.80 72.49 -12.59
N GLU E 168 19.20 73.11 -13.59
CA GLU E 168 18.78 74.50 -13.47
C GLU E 168 17.94 74.69 -12.21
N LYS E 169 17.20 73.65 -11.84
CA LYS E 169 16.35 73.69 -10.66
C LYS E 169 17.12 73.21 -9.44
N GLY E 170 16.48 73.21 -8.28
CA GLY E 170 17.12 72.77 -7.06
C GLY E 170 17.45 71.29 -7.07
N ASP E 171 17.44 70.69 -8.25
CA ASP E 171 17.74 69.27 -8.39
C ASP E 171 19.17 68.97 -7.98
N GLU E 172 19.33 68.01 -7.07
CA GLU E 172 20.65 67.63 -6.59
C GLU E 172 20.93 66.17 -6.86
N HIS E 173 21.85 65.92 -7.79
CA HIS E 173 22.22 64.55 -8.15
C HIS E 173 23.58 64.18 -7.57
N VAL E 174 23.65 63.03 -6.92
CA VAL E 174 24.88 62.57 -6.30
C VAL E 174 25.19 61.10 -6.56
N LEU E 175 26.47 60.81 -6.76
CA LEU E 175 26.96 59.47 -7.02
C LEU E 175 28.39 59.40 -6.47
N SER E 176 28.69 58.37 -5.70
CA SER E 176 30.02 58.26 -5.12
C SER E 176 30.72 56.92 -5.37
N LEU E 177 32.05 56.95 -5.31
CA LEU E 177 32.88 55.77 -5.51
C LEU E 177 33.65 55.47 -4.23
N VAL E 178 33.72 54.20 -3.87
CA VAL E 178 34.44 53.81 -2.66
C VAL E 178 35.58 52.84 -2.98
N PHE E 179 36.80 53.24 -2.66
CA PHE E 179 37.98 52.41 -2.92
C PHE E 179 38.70 52.07 -1.62
N GLY E 180 39.29 50.88 -1.59
CA GLY E 180 40.02 50.45 -0.40
C GLY E 180 39.99 48.95 -0.22
N LYS E 181 40.73 48.45 0.76
CA LYS E 181 40.78 47.02 1.01
C LYS E 181 39.39 46.53 1.41
N THR E 182 38.93 45.51 0.71
CA THR E 182 37.60 44.93 0.94
C THR E 182 37.29 44.74 2.44
N LYS E 183 38.31 44.42 3.22
CA LYS E 183 38.12 44.19 4.65
C LYS E 183 37.87 45.48 5.43
N ASP E 184 38.22 46.62 4.84
CA ASP E 184 38.05 47.90 5.50
C ASP E 184 36.82 48.72 5.11
N LEU E 185 36.05 48.23 4.14
CA LEU E 185 34.85 48.95 3.71
C LEU E 185 33.91 49.20 4.89
N PRO E 186 33.27 50.38 4.91
CA PRO E 186 32.33 50.77 5.98
C PRO E 186 31.28 49.70 6.28
N ASP E 187 30.49 49.93 7.31
CA ASP E 187 29.44 48.99 7.70
C ASP E 187 28.13 49.31 6.98
N LEU E 188 27.54 48.32 6.33
CA LEU E 188 26.28 48.51 5.62
C LEU E 188 25.12 48.46 6.62
N ARG E 189 24.14 49.31 6.41
CA ARG E 189 22.98 49.40 7.30
C ARG E 189 21.88 48.38 7.00
N GLY E 190 20.84 48.82 6.30
CA GLY E 190 19.74 47.94 5.96
C GLY E 190 20.15 46.72 5.15
N PRO E 191 19.19 46.07 4.48
CA PRO E 191 19.42 44.89 3.64
C PRO E 191 20.34 45.21 2.46
N PHE E 192 21.61 45.45 2.78
CA PHE E 192 22.60 45.77 1.76
C PHE E 192 23.77 44.81 1.82
N SER E 193 24.24 44.41 0.64
CA SER E 193 25.38 43.51 0.54
C SER E 193 26.37 44.10 -0.45
N TYR E 194 27.59 44.35 0.01
CA TYR E 194 28.64 44.92 -0.82
C TYR E 194 28.77 44.33 -2.22
N PRO E 195 28.61 42.99 -2.36
CA PRO E 195 28.74 42.42 -3.70
C PRO E 195 27.83 43.08 -4.74
N SER E 196 26.58 43.30 -4.37
CA SER E 196 25.61 43.93 -5.28
C SER E 196 25.86 45.43 -5.37
N LEU E 197 27.02 45.86 -4.90
CA LEU E 197 27.39 47.28 -4.92
C LEU E 197 28.83 47.46 -5.36
N THR E 198 29.59 46.37 -5.35
CA THR E 198 30.99 46.40 -5.74
C THR E 198 31.09 46.31 -7.27
N SER E 199 31.94 47.14 -7.86
CA SER E 199 32.10 47.14 -9.31
C SER E 199 33.32 46.34 -9.75
N ALA E 200 34.41 46.46 -8.98
CA ALA E 200 35.65 45.75 -9.29
C ALA E 200 36.23 45.17 -8.01
N GLN E 201 36.72 43.94 -8.07
CA GLN E 201 37.29 43.32 -6.88
C GLN E 201 38.57 42.53 -7.12
N SER E 202 39.54 42.74 -6.24
CA SER E 202 40.82 42.04 -6.31
C SER E 202 40.79 40.99 -5.21
N GLY E 203 41.95 40.47 -4.83
CA GLY E 203 42.00 39.48 -3.78
C GLY E 203 41.67 40.10 -2.44
N ASP E 204 41.78 41.42 -2.37
CA ASP E 204 41.51 42.16 -1.14
C ASP E 204 41.16 43.63 -1.37
N TYR E 205 40.86 43.98 -2.61
CA TYR E 205 40.51 45.37 -2.95
C TYR E 205 39.17 45.46 -3.66
N SER E 206 38.41 46.50 -3.35
CA SER E 206 37.10 46.70 -3.96
C SER E 206 36.83 48.13 -4.38
N LEU E 207 35.87 48.29 -5.30
CA LEU E 207 35.47 49.60 -5.81
C LEU E 207 33.94 49.61 -5.80
N VAL E 208 33.37 50.26 -4.79
CA VAL E 208 31.92 50.33 -4.64
C VAL E 208 31.28 51.56 -5.28
N ILE E 209 30.06 51.38 -5.79
CA ILE E 209 29.31 52.46 -6.41
C ILE E 209 28.05 52.72 -5.62
N VAL E 210 28.06 53.75 -4.78
CA VAL E 210 26.90 54.10 -3.96
C VAL E 210 26.13 55.25 -4.61
N THR E 211 24.92 54.96 -5.05
CA THR E 211 24.07 55.96 -5.70
C THR E 211 22.68 55.38 -5.98
N THR E 212 21.73 56.26 -6.30
CA THR E 212 20.37 55.82 -6.59
C THR E 212 20.20 55.69 -8.09
N PHE E 213 19.24 54.87 -8.51
CA PHE E 213 18.97 54.68 -9.93
C PHE E 213 18.62 56.03 -10.57
N VAL E 214 17.83 56.80 -9.83
CA VAL E 214 17.41 58.11 -10.30
C VAL E 214 18.63 58.96 -10.65
N HIS E 215 19.64 58.91 -9.79
CA HIS E 215 20.87 59.67 -10.00
C HIS E 215 21.76 59.06 -11.08
N TYR E 216 22.03 57.76 -10.97
CA TYR E 216 22.88 57.08 -11.93
C TYR E 216 22.52 57.43 -13.37
N ALA E 217 21.25 57.72 -13.61
CA ALA E 217 20.77 58.06 -14.93
C ALA E 217 21.33 59.41 -15.38
N ASN E 218 21.05 60.45 -14.60
CA ASN E 218 21.52 61.80 -14.93
C ASN E 218 23.03 61.85 -15.06
N PHE E 219 23.73 60.92 -14.42
CA PHE E 219 25.18 60.86 -14.47
C PHE E 219 25.72 60.07 -15.65
N HIS E 220 25.07 58.96 -15.96
CA HIS E 220 25.51 58.11 -17.07
C HIS E 220 25.48 58.84 -18.41
N ASN E 221 24.88 60.02 -18.43
CA ASN E 221 24.80 60.81 -19.65
C ASN E 221 26.13 61.48 -20.01
N TYR E 222 26.96 61.74 -19.01
CA TYR E 222 28.24 62.37 -19.25
C TYR E 222 29.38 61.75 -18.45
N PHE E 223 29.08 60.68 -17.72
CA PHE E 223 30.11 60.01 -16.92
C PHE E 223 30.05 58.49 -17.03
N VAL E 224 30.90 57.94 -17.88
CA VAL E 224 30.99 56.50 -18.07
C VAL E 224 32.44 56.11 -17.83
N PRO E 225 32.85 56.06 -16.55
CA PRO E 225 34.21 55.71 -16.15
C PRO E 225 34.62 54.29 -16.53
N ASN E 226 35.91 54.12 -16.83
CA ASN E 226 36.45 52.81 -17.19
C ASN E 226 36.89 52.12 -15.91
N LEU E 227 35.93 51.87 -15.03
CA LEU E 227 36.17 51.21 -13.75
C LEU E 227 37.28 50.17 -13.82
N LYS E 228 37.33 49.42 -14.92
CA LYS E 228 38.35 48.39 -15.09
C LYS E 228 39.77 48.91 -14.89
N ASP E 229 40.27 49.67 -15.87
CA ASP E 229 41.61 50.22 -15.81
C ASP E 229 41.77 51.19 -14.64
N MET E 230 40.74 51.99 -14.39
CA MET E 230 40.76 52.95 -13.30
C MET E 230 40.99 52.27 -11.96
N PHE E 231 40.49 51.04 -11.83
CA PHE E 231 40.65 50.28 -10.59
C PHE E 231 42.03 49.64 -10.52
N SER E 232 42.38 48.89 -11.56
CA SER E 232 43.68 48.20 -11.62
C SER E 232 44.84 49.16 -11.33
N ARG E 233 44.93 50.21 -12.13
CA ARG E 233 45.98 51.21 -11.98
C ARG E 233 46.01 51.77 -10.56
N ALA E 234 44.86 51.84 -9.92
CA ALA E 234 44.75 52.36 -8.56
C ALA E 234 45.17 51.32 -7.52
N VAL E 235 45.44 50.10 -7.97
CA VAL E 235 45.85 49.03 -7.08
C VAL E 235 47.29 48.60 -7.35
N THR E 236 47.56 48.21 -8.59
CA THR E 236 48.90 47.78 -8.98
C THR E 236 49.73 48.95 -9.50
N MET E 237 50.27 49.74 -8.57
CA MET E 237 51.09 50.88 -8.93
C MET E 237 51.60 51.60 -7.69
N THR E 238 52.91 51.75 -7.60
CA THR E 238 53.53 52.41 -6.46
C THR E 238 52.95 53.81 -6.26
N ALA E 239 52.85 54.21 -5.00
CA ALA E 239 52.30 55.52 -4.64
C ALA E 239 52.88 56.65 -5.49
N ALA E 240 54.20 56.80 -5.45
CA ALA E 240 54.88 57.85 -6.20
C ALA E 240 54.50 57.84 -7.68
N SER E 241 54.47 56.65 -8.27
CA SER E 241 54.13 56.51 -9.69
C SER E 241 52.70 56.96 -9.98
N TYR E 242 51.74 56.45 -9.22
CA TYR E 242 50.34 56.81 -9.41
C TYR E 242 50.18 58.33 -9.34
N ALA E 243 50.89 58.94 -8.41
CA ALA E 243 50.84 60.39 -8.23
C ALA E 243 51.17 61.13 -9.51
N ARG E 244 52.23 60.68 -10.19
CA ARG E 244 52.64 61.32 -11.43
C ARG E 244 51.71 60.95 -12.59
N TYR E 245 51.28 59.69 -12.64
CA TYR E 245 50.37 59.25 -13.68
C TYR E 245 49.19 60.21 -13.73
N VAL E 246 48.77 60.65 -12.55
CA VAL E 246 47.67 61.59 -12.41
C VAL E 246 48.13 62.98 -12.80
N LEU E 247 49.29 63.39 -12.27
CA LEU E 247 49.86 64.70 -12.56
C LEU E 247 49.91 64.89 -14.07
N GLN E 248 50.34 63.85 -14.79
CA GLN E 248 50.44 63.92 -16.24
C GLN E 248 49.05 64.02 -16.86
N LYS E 249 48.12 63.19 -16.39
CA LYS E 249 46.77 63.20 -16.90
C LYS E 249 46.20 64.62 -16.84
N LEU E 250 46.52 65.34 -15.77
CA LEU E 250 46.05 66.71 -15.62
C LEU E 250 46.72 67.63 -16.63
N VAL E 251 48.04 67.52 -16.73
CA VAL E 251 48.80 68.34 -17.68
C VAL E 251 48.14 68.25 -19.05
N LEU E 252 47.73 67.05 -19.42
CA LEU E 252 47.06 66.83 -20.70
C LEU E 252 45.80 67.69 -20.77
N LEU E 253 44.93 67.53 -19.77
CA LEU E 253 43.70 68.29 -19.70
C LEU E 253 43.98 69.78 -19.75
N GLU E 254 45.14 70.18 -19.21
CA GLU E 254 45.52 71.58 -19.19
C GLU E 254 45.78 72.04 -20.62
N MET E 255 46.53 71.24 -21.36
CA MET E 255 46.84 71.56 -22.76
C MET E 255 45.57 71.48 -23.59
N LYS E 256 44.54 70.85 -23.04
CA LYS E 256 43.26 70.72 -23.73
C LYS E 256 42.37 71.91 -23.39
N GLY E 257 42.94 72.86 -22.64
CA GLY E 257 42.19 74.04 -22.25
C GLY E 257 41.17 73.75 -21.16
N GLY E 258 41.15 72.50 -20.69
CA GLY E 258 40.22 72.13 -19.64
C GLY E 258 40.45 72.83 -18.32
N CYS E 259 41.37 73.79 -18.30
CA CYS E 259 41.65 74.52 -17.06
C CYS E 259 41.08 75.93 -17.05
N ARG E 260 40.30 76.24 -18.08
CA ARG E 260 39.64 77.55 -18.21
C ARG E 260 38.25 77.28 -18.76
N GLU E 261 38.10 76.10 -19.34
CA GLU E 261 36.85 75.63 -19.90
C GLU E 261 36.62 74.22 -19.34
N PRO E 262 36.67 74.09 -18.00
CA PRO E 262 36.47 72.81 -17.30
C PRO E 262 35.35 71.97 -17.89
N GLU E 263 35.73 71.06 -18.78
CA GLU E 263 34.76 70.19 -19.43
C GLU E 263 34.25 69.13 -18.45
N LEU E 264 32.94 68.99 -18.37
CA LEU E 264 32.32 67.99 -17.50
C LEU E 264 32.15 66.68 -18.26
N ASP E 265 33.26 66.02 -18.54
CA ASP E 265 33.23 64.76 -19.26
C ASP E 265 33.82 63.61 -18.44
N THR E 266 33.74 62.40 -18.99
CA THR E 266 34.26 61.21 -18.33
C THR E 266 35.72 61.37 -17.92
N GLU E 267 36.54 61.82 -18.88
CA GLU E 267 37.96 62.01 -18.63
C GLU E 267 38.23 62.94 -17.45
N THR E 268 37.70 64.16 -17.55
CA THR E 268 37.87 65.16 -16.51
C THR E 268 37.39 64.68 -15.15
N LEU E 269 36.23 64.04 -15.13
CA LEU E 269 35.67 63.52 -13.89
C LEU E 269 36.49 62.35 -13.35
N THR E 270 36.96 61.50 -14.26
CA THR E 270 37.77 60.34 -13.87
C THR E 270 39.03 60.78 -13.16
N THR E 271 39.79 61.66 -13.81
CA THR E 271 41.03 62.17 -13.23
C THR E 271 40.82 62.66 -11.80
N MET E 272 39.70 63.34 -11.57
CA MET E 272 39.38 63.86 -10.24
C MET E 272 39.51 62.77 -9.19
N PHE E 273 38.74 61.70 -9.36
CA PHE E 273 38.76 60.58 -8.42
C PHE E 273 40.17 60.03 -8.26
N GLU E 274 40.89 59.92 -9.37
CA GLU E 274 42.25 59.40 -9.34
C GLU E 274 43.18 60.36 -8.59
N VAL E 275 42.86 61.65 -8.65
CA VAL E 275 43.66 62.66 -7.96
C VAL E 275 43.59 62.42 -6.46
N SER E 276 42.42 62.03 -5.98
CA SER E 276 42.24 61.76 -4.56
C SER E 276 42.80 60.38 -4.20
N VAL E 277 42.76 59.46 -5.16
CA VAL E 277 43.29 58.13 -4.93
C VAL E 277 44.80 58.21 -4.77
N ALA E 278 45.40 59.15 -5.51
CA ALA E 278 46.84 59.37 -5.45
C ALA E 278 47.21 59.77 -4.03
N PHE E 279 46.40 60.65 -3.44
CA PHE E 279 46.64 61.12 -2.08
C PHE E 279 46.33 59.99 -1.10
N PHE E 280 45.27 59.23 -1.39
CA PHE E 280 44.88 58.12 -0.54
C PHE E 280 45.98 57.07 -0.48
N LYS E 281 46.54 56.75 -1.64
CA LYS E 281 47.62 55.76 -1.73
C LYS E 281 48.71 56.04 -0.71
N VAL E 282 49.20 57.28 -0.69
CA VAL E 282 50.25 57.69 0.23
C VAL E 282 49.82 57.49 1.68
N GLY E 283 48.60 57.88 2.00
CA GLY E 283 48.10 57.74 3.35
C GLY E 283 47.90 56.29 3.74
N HIS E 284 47.46 55.47 2.80
CA HIS E 284 47.23 54.05 3.05
C HIS E 284 48.56 53.31 3.19
N ALA E 285 49.62 53.92 2.67
CA ALA E 285 50.95 53.32 2.75
C ALA E 285 51.48 53.45 4.17
N VAL E 286 51.51 54.66 4.68
CA VAL E 286 51.99 54.92 6.03
C VAL E 286 51.09 54.20 7.04
N GLY E 287 49.89 53.85 6.59
CA GLY E 287 48.94 53.17 7.46
C GLY E 287 49.28 51.70 7.66
N GLU E 288 49.47 50.98 6.55
CA GLU E 288 49.79 49.56 6.60
C GLU E 288 50.94 49.29 7.55
N THR E 289 51.96 50.14 7.51
CA THR E 289 53.12 49.98 8.37
C THR E 289 52.98 50.73 9.69
N GLY E 290 51.98 50.33 10.47
CA GLY E 290 51.76 50.97 11.76
C GLY E 290 52.92 50.68 12.71
N ASN E 291 53.32 51.70 13.47
CA ASN E 291 54.43 51.55 14.41
C ASN E 291 55.70 51.08 13.71
N GLY E 292 55.80 51.40 12.42
CA GLY E 292 56.97 51.03 11.65
C GLY E 292 57.78 52.27 11.36
N CYS E 293 58.52 52.28 10.26
CA CYS E 293 59.32 53.44 9.90
C CYS E 293 59.48 53.57 8.40
N VAL E 294 59.07 54.71 7.86
CA VAL E 294 59.17 54.96 6.43
C VAL E 294 60.48 55.69 6.13
N ASP E 295 61.24 55.14 5.18
CA ASP E 295 62.52 55.73 4.80
C ASP E 295 62.29 57.16 4.29
N LEU E 296 63.15 58.08 4.71
CA LEU E 296 63.02 59.47 4.32
C LEU E 296 63.10 59.67 2.82
N ARG E 297 63.81 58.77 2.13
CA ARG E 297 63.93 58.87 0.68
C ARG E 297 62.55 58.64 0.08
N TRP E 298 61.81 57.71 0.68
CA TRP E 298 60.47 57.39 0.22
C TRP E 298 59.53 58.59 0.30
N LEU E 299 59.54 59.25 1.46
CA LEU E 299 58.70 60.41 1.68
C LEU E 299 59.10 61.56 0.76
N ALA E 300 60.39 61.89 0.77
CA ALA E 300 60.91 62.98 -0.07
C ALA E 300 60.46 62.81 -1.51
N LYS E 301 60.22 61.57 -1.93
CA LYS E 301 59.79 61.30 -3.30
C LYS E 301 58.27 61.26 -3.39
N SER E 302 57.64 60.47 -2.52
CA SER E 302 56.19 60.33 -2.51
C SER E 302 55.49 61.64 -2.19
N PHE E 303 55.85 62.26 -1.07
CA PHE E 303 55.26 63.52 -0.66
C PHE E 303 55.55 64.66 -1.62
N PHE E 304 56.58 64.48 -2.46
CA PHE E 304 56.93 65.50 -3.44
C PHE E 304 55.89 65.51 -4.54
N GLU E 305 55.63 64.33 -5.10
CA GLU E 305 54.64 64.19 -6.16
C GLU E 305 53.29 64.75 -5.72
N LEU E 306 53.05 64.74 -4.42
CA LEU E 306 51.80 65.26 -3.87
C LEU E 306 51.79 66.78 -3.83
N THR E 307 52.90 67.38 -3.41
CA THR E 307 53.02 68.81 -3.34
C THR E 307 52.84 69.41 -4.72
N VAL E 308 53.55 68.84 -5.70
CA VAL E 308 53.46 69.29 -7.09
C VAL E 308 52.05 69.07 -7.61
N LEU E 309 51.44 67.97 -7.17
CA LEU E 309 50.08 67.62 -7.59
C LEU E 309 49.08 68.65 -7.06
N LYS E 310 49.17 68.93 -5.77
CA LYS E 310 48.26 69.88 -5.12
C LYS E 310 48.23 71.23 -5.81
N ASP E 311 49.38 71.69 -6.29
CA ASP E 311 49.48 72.99 -6.96
C ASP E 311 48.69 73.04 -8.27
N ILE E 312 48.93 72.07 -9.15
CA ILE E 312 48.23 72.05 -10.43
C ILE E 312 46.73 71.90 -10.20
N ILE E 313 46.36 71.10 -9.20
CA ILE E 313 44.95 70.88 -8.87
C ILE E 313 44.32 72.21 -8.48
N GLY E 314 45.11 73.09 -7.88
CA GLY E 314 44.61 74.39 -7.46
C GLY E 314 44.65 75.42 -8.56
N ILE E 315 45.74 75.45 -9.32
CA ILE E 315 45.88 76.40 -10.41
C ILE E 315 44.80 76.18 -11.46
N CYS E 316 44.51 74.91 -11.73
CA CYS E 316 43.49 74.56 -12.71
C CYS E 316 42.10 74.79 -12.14
N TYR E 317 41.74 73.98 -11.16
CA TYR E 317 40.44 74.08 -10.51
C TYR E 317 40.59 74.75 -9.15
N GLY E 318 39.54 75.43 -8.69
CA GLY E 318 39.59 76.07 -7.40
C GLY E 318 39.50 74.98 -6.34
N ALA E 319 40.22 73.90 -6.55
CA ALA E 319 40.22 72.77 -5.62
C ALA E 319 41.19 73.00 -4.47
N THR E 320 40.83 72.45 -3.31
CA THR E 320 41.66 72.58 -2.12
C THR E 320 41.97 71.20 -1.55
N VAL E 321 43.06 71.11 -0.80
CA VAL E 321 43.47 69.85 -0.19
C VAL E 321 43.92 70.10 1.23
N LYS E 322 43.48 69.25 2.17
CA LYS E 322 43.86 69.40 3.56
C LYS E 322 43.78 68.05 4.28
N GLY E 323 44.83 67.73 5.03
CA GLY E 323 44.86 66.48 5.76
C GLY E 323 45.91 65.48 5.27
N MET E 324 46.67 65.85 4.26
CA MET E 324 47.72 64.97 3.74
C MET E 324 49.07 65.69 3.68
N GLN E 325 49.30 66.51 4.69
CA GLN E 325 50.53 67.28 4.83
C GLN E 325 50.82 67.23 6.33
N SER E 326 52.09 67.13 6.71
CA SER E 326 52.45 67.07 8.13
C SER E 326 53.57 68.06 8.44
N TYR E 327 53.31 69.03 9.32
CA TYR E 327 54.33 70.02 9.66
C TYR E 327 55.61 69.38 10.17
N GLY E 328 55.50 68.15 10.64
CA GLY E 328 56.68 67.45 11.14
C GLY E 328 57.64 67.15 10.01
N LEU E 329 57.18 66.38 9.03
CA LEU E 329 58.00 66.01 7.88
C LEU E 329 58.64 67.24 7.24
N GLU E 330 57.93 68.36 7.30
CA GLU E 330 58.44 69.60 6.72
C GLU E 330 59.60 70.16 7.53
N ARG E 331 59.45 70.19 8.86
CA ARG E 331 60.50 70.69 9.73
C ARG E 331 61.74 69.81 9.59
N LEU E 332 61.51 68.50 9.49
CA LEU E 332 62.61 67.55 9.36
C LEU E 332 63.36 67.83 8.06
N ALA E 333 62.63 67.84 6.96
CA ALA E 333 63.23 68.10 5.66
C ALA E 333 63.97 69.44 5.67
N ALA E 334 63.33 70.45 6.24
CA ALA E 334 63.91 71.78 6.32
C ALA E 334 65.25 71.75 7.05
N MET E 335 65.27 71.15 8.25
CA MET E 335 66.49 71.06 9.03
C MET E 335 67.59 70.30 8.31
N LEU E 336 67.24 69.15 7.76
CA LEU E 336 68.21 68.32 7.04
C LEU E 336 68.92 69.12 5.96
N MET E 337 68.15 69.82 5.13
CA MET E 337 68.72 70.63 4.06
C MET E 337 69.66 71.71 4.58
N ALA E 338 69.27 72.34 5.68
CA ALA E 338 70.07 73.40 6.27
C ALA E 338 71.48 72.93 6.64
N THR E 339 71.69 71.62 6.61
CA THR E 339 72.99 71.06 6.95
C THR E 339 73.69 70.38 5.77
N VAL E 340 73.83 71.10 4.66
CA VAL E 340 74.48 70.55 3.48
C VAL E 340 75.08 71.63 2.60
N LYS E 341 76.23 71.31 2.00
CA LYS E 341 76.92 72.24 1.12
C LYS E 341 76.05 72.50 -0.11
N MET E 342 75.10 73.43 0.02
CA MET E 342 74.19 73.77 -1.05
C MET E 342 74.88 74.28 -2.31
N GLU E 343 75.77 75.24 -2.13
CA GLU E 343 76.49 75.84 -3.25
C GLU E 343 77.38 74.83 -3.98
N GLU E 344 77.35 73.59 -3.53
CA GLU E 344 78.17 72.54 -4.15
C GLU E 344 77.33 71.30 -4.44
N LEU E 345 76.02 71.46 -4.43
CA LEU E 345 75.10 70.35 -4.68
C LEU E 345 75.25 69.83 -6.11
N GLY E 346 75.55 70.73 -7.04
CA GLY E 346 75.72 70.34 -8.44
C GLY E 346 76.85 69.35 -8.67
N HIS E 347 77.86 69.39 -7.81
CA HIS E 347 79.01 68.50 -7.94
C HIS E 347 78.71 67.13 -7.34
N LEU E 348 77.49 66.94 -6.86
CA LEU E 348 77.09 65.68 -6.26
C LEU E 348 76.58 64.70 -7.31
N THR E 349 76.19 63.50 -6.88
CA THR E 349 75.70 62.48 -7.79
C THR E 349 74.25 62.75 -8.22
N THR E 350 73.78 61.98 -9.20
CA THR E 350 72.43 62.13 -9.72
C THR E 350 71.35 61.76 -8.71
N GLU E 351 71.33 60.49 -8.31
CA GLU E 351 70.34 60.01 -7.35
C GLU E 351 70.29 60.92 -6.13
N LYS E 352 71.45 61.31 -5.64
CA LYS E 352 71.55 62.17 -4.47
C LYS E 352 71.04 63.57 -4.79
N GLN E 353 71.24 64.00 -6.03
CA GLN E 353 70.81 65.32 -6.47
C GLN E 353 69.30 65.45 -6.42
N GLU E 354 68.59 64.44 -6.93
CA GLU E 354 67.13 64.46 -6.92
C GLU E 354 66.66 64.54 -5.47
N TYR E 355 66.97 63.51 -4.70
CA TYR E 355 66.61 63.43 -3.28
C TYR E 355 66.83 64.77 -2.59
N ALA E 356 67.94 65.44 -2.91
CA ALA E 356 68.26 66.73 -2.31
C ALA E 356 67.20 67.76 -2.66
N LEU E 357 67.13 68.14 -3.94
CA LEU E 357 66.15 69.11 -4.39
C LEU E 357 64.73 68.65 -4.07
N ARG E 358 64.49 67.36 -4.25
CA ARG E 358 63.19 66.76 -4.00
C ARG E 358 62.64 67.15 -2.63
N LEU E 359 63.33 66.76 -1.57
CA LEU E 359 62.90 67.07 -0.21
C LEU E 359 63.01 68.57 0.08
N ALA E 360 63.82 69.27 -0.71
CA ALA E 360 64.00 70.70 -0.54
C ALA E 360 62.68 71.41 -0.79
N THR E 361 61.86 70.82 -1.65
CA THR E 361 60.55 71.37 -2.00
C THR E 361 59.57 71.11 -0.87
N VAL E 362 59.62 69.90 -0.31
CA VAL E 362 58.73 69.51 0.77
C VAL E 362 58.90 70.33 2.05
N GLY E 363 60.15 70.69 2.37
CA GLY E 363 60.39 71.45 3.57
C GLY E 363 60.50 72.96 3.43
N TYR E 364 60.49 73.44 2.19
CA TYR E 364 60.59 74.88 1.92
C TYR E 364 59.69 75.72 2.82
N PRO E 365 58.41 75.32 2.97
CA PRO E 365 57.45 76.06 3.81
C PRO E 365 57.82 76.27 5.29
N LYS E 366 57.64 75.23 6.10
CA LYS E 366 57.92 75.29 7.54
C LYS E 366 59.22 75.94 7.97
N ALA E 367 60.24 75.94 7.11
CA ALA E 367 61.52 76.55 7.47
C ALA E 367 62.39 76.86 6.27
N GLY E 368 63.39 77.72 6.46
CA GLY E 368 64.28 78.08 5.37
C GLY E 368 64.03 79.48 4.84
N VAL E 369 63.81 80.43 5.74
CA VAL E 369 63.57 81.81 5.33
C VAL E 369 64.90 82.47 5.02
N TYR E 370 65.98 81.84 5.46
CA TYR E 370 67.33 82.35 5.22
C TYR E 370 68.28 81.21 4.89
N SER E 371 67.71 80.08 4.46
CA SER E 371 68.49 78.91 4.08
C SER E 371 68.78 78.98 2.59
N GLY E 372 69.98 78.56 2.20
CA GLY E 372 70.37 78.60 0.80
C GLY E 372 69.72 77.55 -0.07
N LEU E 373 68.39 77.42 0.02
CA LEU E 373 67.67 76.44 -0.78
C LEU E 373 67.72 76.78 -2.27
N ILE E 374 67.29 77.99 -2.62
CA ILE E 374 67.30 78.41 -4.01
C ILE E 374 68.72 78.28 -4.56
N GLY E 375 69.71 78.41 -3.68
CA GLY E 375 71.09 78.30 -4.10
C GLY E 375 71.38 76.91 -4.66
N GLY E 376 70.96 75.89 -3.92
CA GLY E 376 71.19 74.53 -4.37
C GLY E 376 70.52 74.27 -5.70
N ALA E 377 69.30 74.78 -5.86
CA ALA E 377 68.55 74.62 -7.09
C ALA E 377 69.31 75.23 -8.27
N THR E 378 70.12 76.24 -7.97
CA THR E 378 70.92 76.92 -8.99
C THR E 378 72.15 76.09 -9.33
N SER E 379 72.89 75.68 -8.30
CA SER E 379 74.09 74.89 -8.48
C SER E 379 73.83 73.65 -9.32
N VAL E 380 72.76 72.93 -9.00
CA VAL E 380 72.40 71.73 -9.73
C VAL E 380 72.10 72.05 -11.19
N LEU E 381 71.43 73.17 -11.42
CA LEU E 381 71.10 73.59 -12.79
C LEU E 381 72.36 74.00 -13.54
N LEU E 382 73.20 74.79 -12.88
CA LEU E 382 74.45 75.26 -13.48
C LEU E 382 75.24 74.10 -14.07
N SER E 383 75.39 73.04 -13.29
CA SER E 383 76.12 71.86 -13.73
C SER E 383 75.52 71.31 -15.02
N ALA E 384 74.20 71.14 -15.01
CA ALA E 384 73.47 70.61 -16.16
C ALA E 384 73.79 71.39 -17.44
N TYR E 385 73.71 72.71 -17.34
CA TYR E 385 73.98 73.58 -18.48
C TYR E 385 75.38 73.46 -19.05
N ASN E 386 76.39 73.54 -18.17
CA ASN E 386 77.78 73.46 -18.59
C ASN E 386 78.09 72.19 -19.39
N ARG E 387 77.44 71.09 -19.04
CA ARG E 387 77.70 69.81 -19.71
C ARG E 387 77.05 69.65 -21.09
N HIS E 388 76.17 70.57 -21.47
CA HIS E 388 75.51 70.47 -22.77
C HIS E 388 75.42 71.78 -23.56
N PRO E 389 74.96 71.69 -24.83
CA PRO E 389 74.82 72.84 -25.72
C PRO E 389 73.40 73.41 -25.83
N LEU E 390 72.89 73.98 -24.73
CA LEU E 390 71.55 74.58 -24.72
C LEU E 390 70.44 73.64 -25.14
N PHE E 391 70.37 72.48 -24.48
CA PHE E 391 69.34 71.48 -24.76
C PHE E 391 69.61 70.25 -23.91
N GLN E 392 68.61 69.83 -23.16
CA GLN E 392 68.75 68.65 -22.30
C GLN E 392 68.12 67.45 -22.99
N PRO E 393 68.72 66.27 -22.84
CA PRO E 393 68.17 65.06 -23.48
C PRO E 393 66.68 64.96 -23.19
N LEU E 394 65.89 64.71 -24.24
CA LEU E 394 64.45 64.62 -24.10
C LEU E 394 63.96 63.73 -22.96
N HIS E 395 64.69 62.67 -22.66
CA HIS E 395 64.31 61.77 -21.58
C HIS E 395 65.50 61.32 -20.75
N THR E 396 66.24 62.29 -20.22
CA THR E 396 67.40 62.00 -19.39
C THR E 396 67.01 61.99 -17.92
N VAL E 397 67.79 61.28 -17.12
CA VAL E 397 67.54 61.18 -15.69
C VAL E 397 67.63 62.57 -15.05
N MET E 398 68.50 63.40 -15.59
CA MET E 398 68.70 64.74 -15.07
C MET E 398 67.55 65.70 -15.42
N ARG E 399 66.89 65.46 -16.55
CA ARG E 399 65.77 66.30 -16.95
C ARG E 399 64.77 66.32 -15.81
N GLU E 400 64.48 65.14 -15.27
CA GLU E 400 63.55 64.98 -14.17
C GLU E 400 64.02 65.82 -12.99
N THR E 401 65.33 65.92 -12.84
CA THR E 401 65.94 66.67 -11.75
C THR E 401 65.62 68.17 -11.84
N LEU E 402 65.98 68.79 -12.95
CA LEU E 402 65.73 70.22 -13.13
C LEU E 402 64.25 70.56 -12.89
N PHE E 403 63.38 69.60 -13.19
CA PHE E 403 61.95 69.80 -12.99
C PHE E 403 61.64 69.91 -11.50
N ILE E 404 62.24 69.03 -10.72
CA ILE E 404 62.04 69.03 -9.28
C ILE E 404 62.55 70.33 -8.66
N GLY E 405 63.70 70.79 -9.15
CA GLY E 405 64.28 72.01 -8.64
C GLY E 405 63.51 73.26 -8.99
N SER E 406 62.97 73.30 -10.21
CA SER E 406 62.20 74.45 -10.67
C SER E 406 61.12 74.86 -9.67
N HIS E 407 60.47 73.86 -9.07
CA HIS E 407 59.42 74.12 -8.10
C HIS E 407 59.87 75.01 -6.95
N VAL E 408 60.99 74.68 -6.33
CA VAL E 408 61.51 75.46 -5.21
C VAL E 408 61.96 76.83 -5.68
N VAL E 409 62.16 76.99 -6.99
CA VAL E 409 62.60 78.25 -7.56
C VAL E 409 61.39 79.13 -7.85
N LEU E 410 60.37 78.54 -8.46
CA LEU E 410 59.15 79.25 -8.80
C LEU E 410 58.54 79.84 -7.53
N ARG E 411 58.36 78.99 -6.53
CA ARG E 411 57.79 79.38 -5.25
C ARG E 411 58.50 80.64 -4.76
N GLU E 412 59.82 80.64 -4.86
CA GLU E 412 60.65 81.77 -4.44
C GLU E 412 60.26 83.02 -5.22
N LEU E 413 60.26 82.90 -6.55
CA LEU E 413 59.93 84.00 -7.44
C LEU E 413 58.60 84.66 -7.10
N ARG E 414 57.58 83.84 -6.87
CA ARG E 414 56.25 84.34 -6.54
C ARG E 414 56.21 85.28 -5.34
N LEU E 415 57.19 85.16 -4.45
CA LEU E 415 57.25 86.01 -3.27
C LEU E 415 57.59 87.45 -3.61
N ASN E 416 57.59 88.31 -2.59
CA ASN E 416 57.88 89.73 -2.77
C ASN E 416 59.15 90.13 -2.01
N VAL E 417 59.81 89.15 -1.42
CA VAL E 417 61.05 89.40 -0.68
C VAL E 417 62.24 89.13 -1.59
N THR E 418 62.85 90.20 -2.09
CA THR E 418 63.99 90.08 -2.99
C THR E 418 65.20 89.46 -2.29
N THR E 419 65.17 88.14 -2.12
CA THR E 419 66.25 87.41 -1.49
C THR E 419 66.92 86.52 -2.53
N GLN E 420 68.24 86.66 -2.66
CA GLN E 420 68.99 85.87 -3.62
C GLN E 420 68.53 86.23 -5.03
N GLY E 421 68.05 87.46 -5.19
CA GLY E 421 67.60 87.92 -6.48
C GLY E 421 68.66 87.67 -7.53
N PRO E 422 69.91 88.07 -7.26
CA PRO E 422 71.01 87.86 -8.20
C PRO E 422 71.21 86.37 -8.49
N ASN E 423 71.19 85.57 -7.45
CA ASN E 423 71.37 84.12 -7.57
C ASN E 423 70.19 83.50 -8.29
N LEU E 424 69.02 84.11 -8.16
CA LEU E 424 67.81 83.62 -8.79
C LEU E 424 67.73 84.09 -10.25
N ALA E 425 68.04 85.36 -10.48
CA ALA E 425 68.00 85.91 -11.82
C ALA E 425 68.82 85.02 -12.75
N LEU E 426 69.91 84.48 -12.20
CA LEU E 426 70.79 83.59 -12.95
C LEU E 426 70.02 82.38 -13.46
N TYR E 427 69.28 81.74 -12.56
CA TYR E 427 68.49 80.56 -12.91
C TYR E 427 67.65 80.84 -14.15
N GLN E 428 67.04 82.03 -14.18
CA GLN E 428 66.21 82.43 -15.31
C GLN E 428 67.04 82.54 -16.58
N LEU E 429 68.19 83.22 -16.46
CA LEU E 429 69.08 83.41 -17.59
C LEU E 429 69.45 82.06 -18.22
N LEU E 430 69.94 81.15 -17.39
CA LEU E 430 70.34 79.82 -17.87
C LEU E 430 69.20 79.12 -18.59
N SER E 431 68.08 78.95 -17.89
CA SER E 431 66.91 78.30 -18.47
C SER E 431 66.51 78.96 -19.79
N THR E 432 66.65 80.28 -19.85
CA THR E 432 66.32 81.03 -21.04
C THR E 432 67.17 80.53 -22.21
N ALA E 433 68.48 80.46 -21.98
CA ALA E 433 69.41 79.98 -23.00
C ALA E 433 69.02 78.56 -23.40
N LEU E 434 68.66 77.77 -22.39
CA LEU E 434 68.25 76.39 -22.62
C LEU E 434 66.98 76.30 -23.47
N CYS E 435 66.21 77.38 -23.49
CA CYS E 435 64.99 77.40 -24.28
C CYS E 435 65.34 77.75 -25.72
N SER E 436 66.35 77.07 -26.25
CA SER E 436 66.83 77.30 -27.62
C SER E 436 65.88 76.67 -28.65
N ALA E 437 66.10 77.03 -29.91
CA ALA E 437 65.28 76.51 -31.00
C ALA E 437 65.33 74.99 -31.02
N LEU E 438 66.45 74.43 -30.54
CA LEU E 438 66.63 72.99 -30.49
C LEU E 438 65.70 72.42 -29.42
N GLU E 439 65.66 73.07 -28.27
CA GLU E 439 64.82 72.66 -27.15
C GLU E 439 63.36 72.75 -27.56
N ILE E 440 62.88 73.97 -27.75
CA ILE E 440 61.51 74.24 -28.13
C ILE E 440 61.08 73.36 -29.30
N GLY E 441 62.03 73.04 -30.17
CA GLY E 441 61.74 72.21 -31.32
C GLY E 441 61.47 70.77 -30.94
N GLU E 442 62.40 70.16 -30.21
CA GLU E 442 62.26 68.77 -29.78
C GLU E 442 61.02 68.56 -28.89
N VAL E 443 60.73 69.52 -28.03
CA VAL E 443 59.58 69.43 -27.14
C VAL E 443 58.32 69.23 -27.96
N LEU E 444 58.17 70.02 -29.01
CA LEU E 444 57.00 69.93 -29.89
C LEU E 444 56.96 68.55 -30.54
N ARG E 445 58.08 68.14 -31.11
CA ARG E 445 58.20 66.82 -31.75
C ARG E 445 57.60 65.75 -30.85
N GLY E 446 58.11 65.69 -29.61
CA GLY E 446 57.64 64.72 -28.66
C GLY E 446 56.15 64.83 -28.37
N LEU E 447 55.68 66.06 -28.20
CA LEU E 447 54.27 66.29 -27.92
C LEU E 447 53.38 65.72 -29.01
N ALA E 448 53.73 66.01 -30.26
CA ALA E 448 52.96 65.52 -31.41
C ALA E 448 52.98 64.00 -31.48
N LEU E 449 54.17 63.42 -31.37
CA LEU E 449 54.31 61.96 -31.41
C LEU E 449 53.87 61.30 -30.12
N GLY E 450 53.53 62.11 -29.14
CA GLY E 450 53.06 61.60 -27.86
C GLY E 450 54.09 60.90 -26.99
N THR E 451 55.36 61.18 -27.20
CA THR E 451 56.42 60.56 -26.40
C THR E 451 56.68 61.40 -25.16
N GLU E 452 56.59 62.73 -25.32
CA GLU E 452 56.81 63.65 -24.22
C GLU E 452 55.48 64.19 -23.70
N SER E 453 55.32 64.20 -22.38
CA SER E 453 54.09 64.69 -21.76
C SER E 453 54.03 66.21 -21.79
N GLY E 454 55.21 66.83 -21.72
CA GLY E 454 55.27 68.29 -21.73
C GLY E 454 55.14 68.83 -20.33
N LEU E 455 55.45 67.99 -19.34
CA LEU E 455 55.36 68.37 -17.94
C LEU E 455 56.36 69.46 -17.56
N PHE E 456 57.57 69.37 -18.08
CA PHE E 456 58.60 70.36 -17.77
C PHE E 456 59.47 70.77 -18.95
N SER E 457 59.98 72.00 -18.86
CA SER E 457 60.85 72.58 -19.87
C SER E 457 61.49 73.83 -19.27
N PRO E 458 62.78 74.06 -19.55
CA PRO E 458 63.46 75.25 -19.02
C PRO E 458 62.80 76.55 -19.46
N CYS E 459 61.90 76.45 -20.43
CA CYS E 459 61.19 77.62 -20.93
C CYS E 459 60.19 78.16 -19.92
N TYR E 460 59.53 77.25 -19.20
CA TYR E 460 58.53 77.62 -18.21
C TYR E 460 59.00 78.65 -17.20
N LEU E 461 60.31 78.84 -17.09
CA LEU E 461 60.86 79.82 -16.16
C LEU E 461 61.78 80.78 -16.91
N SER E 462 62.02 80.49 -18.19
CA SER E 462 62.88 81.31 -19.01
C SER E 462 62.25 82.69 -19.23
N LEU E 463 63.07 83.64 -19.65
CA LEU E 463 62.62 85.00 -19.89
C LEU E 463 62.45 85.21 -21.39
N ARG E 464 62.01 84.16 -22.08
CA ARG E 464 61.83 84.22 -23.52
C ARG E 464 60.34 84.30 -23.86
N PHE E 465 59.85 85.53 -24.00
CA PHE E 465 58.45 85.80 -24.29
C PHE E 465 58.28 86.06 -25.79
N ASP E 466 59.15 85.46 -26.59
CA ASP E 466 59.12 85.62 -28.05
C ASP E 466 58.24 84.59 -28.75
N LEU E 467 58.17 83.39 -28.19
CA LEU E 467 57.38 82.32 -28.78
C LEU E 467 55.86 82.52 -28.70
N THR E 468 55.24 82.71 -29.86
CA THR E 468 53.80 82.90 -29.95
C THR E 468 53.21 81.75 -30.78
N ARG E 469 51.90 81.81 -31.02
CA ARG E 469 51.23 80.78 -31.80
C ARG E 469 51.96 80.50 -33.11
N ASP E 470 52.26 81.56 -33.85
CA ASP E 470 52.95 81.45 -35.13
C ASP E 470 54.44 81.14 -34.97
N LYS E 471 55.12 81.95 -34.15
CA LYS E 471 56.55 81.76 -33.91
C LYS E 471 56.86 80.33 -33.48
N LEU E 472 56.02 79.78 -32.61
CA LEU E 472 56.20 78.42 -32.13
C LEU E 472 56.05 77.43 -33.28
N LEU E 473 55.11 77.70 -34.17
CA LEU E 473 54.85 76.84 -35.31
C LEU E 473 56.07 76.83 -36.24
N SER E 474 56.91 77.85 -36.10
CA SER E 474 58.12 77.96 -36.92
C SER E 474 59.19 76.99 -36.45
N MET E 475 59.41 76.94 -35.13
CA MET E 475 60.40 76.02 -34.57
C MET E 475 60.00 74.57 -34.75
N ALA E 476 58.70 74.34 -34.92
CA ALA E 476 58.18 72.99 -35.10
C ALA E 476 58.94 72.27 -36.23
N PRO E 477 59.17 70.96 -36.07
CA PRO E 477 59.88 70.16 -37.08
C PRO E 477 59.12 70.04 -38.39
N GLN E 478 59.83 70.25 -39.49
CA GLN E 478 59.24 70.17 -40.83
C GLN E 478 59.49 68.79 -41.41
N GLU E 479 58.53 67.88 -41.22
CA GLU E 479 58.65 66.52 -41.72
C GLU E 479 57.30 65.91 -42.06
N ALA E 480 57.24 65.15 -43.14
CA ALA E 480 56.00 64.51 -43.56
C ALA E 480 55.70 63.31 -42.65
N THR E 481 56.68 62.93 -41.83
CA THR E 481 56.54 61.82 -40.91
C THR E 481 55.72 62.22 -39.70
N LEU E 482 55.38 63.51 -39.63
CA LEU E 482 54.58 64.03 -38.52
C LEU E 482 53.27 64.62 -39.01
N ASP E 483 52.17 64.15 -38.42
CA ASP E 483 50.84 64.61 -38.80
C ASP E 483 50.71 66.11 -38.58
N GLN E 484 50.67 66.87 -39.67
CA GLN E 484 50.54 68.33 -39.62
C GLN E 484 49.44 68.76 -38.66
N ALA E 485 48.40 67.95 -38.53
CA ALA E 485 47.30 68.25 -37.63
C ALA E 485 47.75 68.06 -36.18
N ALA E 486 48.38 66.92 -35.90
CA ALA E 486 48.86 66.61 -34.57
C ALA E 486 49.81 67.70 -34.10
N VAL E 487 50.68 68.15 -35.00
CA VAL E 487 51.65 69.18 -34.68
C VAL E 487 50.97 70.43 -34.13
N SER E 488 49.92 70.87 -34.81
CA SER E 488 49.18 72.06 -34.39
C SER E 488 48.74 71.96 -32.93
N ASN E 489 48.18 70.82 -32.56
CA ASN E 489 47.72 70.61 -31.18
C ASN E 489 48.88 70.78 -30.21
N ALA E 490 50.03 70.22 -30.57
CA ALA E 490 51.22 70.31 -29.73
C ALA E 490 51.61 71.77 -29.53
N VAL E 491 51.73 72.51 -30.62
CA VAL E 491 52.09 73.92 -30.57
C VAL E 491 51.10 74.66 -29.67
N ASP E 492 49.81 74.37 -29.84
CA ASP E 492 48.77 75.00 -29.04
C ASP E 492 48.92 74.60 -27.57
N GLY E 493 49.11 73.31 -27.33
CA GLY E 493 49.26 72.82 -25.98
C GLY E 493 50.41 73.50 -25.25
N PHE E 494 51.58 73.50 -25.88
CA PHE E 494 52.76 74.12 -25.28
C PHE E 494 52.46 75.57 -24.91
N LEU E 495 51.98 76.33 -25.89
CA LEU E 495 51.64 77.74 -25.67
C LEU E 495 50.71 77.89 -24.46
N GLY E 496 49.82 76.91 -24.29
CA GLY E 496 48.88 76.95 -23.18
C GLY E 496 49.51 76.79 -21.82
N ARG E 497 50.20 75.67 -21.61
CA ARG E 497 50.86 75.41 -20.33
C ARG E 497 51.90 76.47 -20.02
N LEU E 498 52.39 77.13 -21.06
CA LEU E 498 53.41 78.16 -20.90
C LEU E 498 52.78 79.42 -20.28
N SER E 499 51.57 79.74 -20.70
CA SER E 499 50.87 80.93 -20.19
C SER E 499 50.31 80.70 -18.79
N LEU E 500 50.31 79.44 -18.35
CA LEU E 500 49.81 79.09 -17.03
C LEU E 500 50.93 78.87 -16.02
N GLU E 501 51.96 78.15 -16.46
CA GLU E 501 53.10 77.86 -15.59
C GLU E 501 53.88 79.15 -15.34
N ARG E 502 53.95 80.00 -16.37
CA ARG E 502 54.67 81.26 -16.27
C ARG E 502 53.72 82.44 -16.13
N GLU E 503 54.07 83.37 -15.25
CA GLU E 503 53.24 84.56 -15.05
C GLU E 503 54.06 85.80 -15.35
N ASP E 504 53.56 86.96 -14.95
CA ASP E 504 54.27 88.21 -15.16
C ASP E 504 55.00 88.62 -13.91
N ARG E 505 54.37 88.39 -12.76
CA ARG E 505 54.96 88.74 -11.48
C ARG E 505 56.28 87.99 -11.31
N ASP E 506 56.52 87.03 -12.19
CA ASP E 506 57.75 86.25 -12.18
C ASP E 506 58.97 87.13 -12.40
N ALA E 507 59.08 87.69 -13.59
CA ALA E 507 60.21 88.56 -13.95
C ALA E 507 60.10 89.96 -13.37
N TRP E 508 59.64 90.07 -12.12
CA TRP E 508 59.53 91.35 -11.46
C TRP E 508 60.78 91.57 -10.62
N HIS E 509 61.24 90.50 -9.97
CA HIS E 509 62.44 90.57 -9.14
C HIS E 509 63.67 90.95 -9.94
N LEU E 510 63.46 91.25 -11.23
CA LEU E 510 64.54 91.65 -12.11
C LEU E 510 64.70 93.16 -12.09
N PRO E 511 65.92 93.65 -11.83
CA PRO E 511 66.24 95.09 -11.77
C PRO E 511 65.88 95.91 -13.01
N ALA E 512 66.23 95.40 -14.18
CA ALA E 512 65.97 96.10 -15.44
C ALA E 512 64.51 96.21 -15.84
N TYR E 513 63.66 95.35 -15.29
CA TYR E 513 62.23 95.35 -15.61
C TYR E 513 61.61 96.75 -15.56
N LYS E 514 61.91 97.49 -14.51
CA LYS E 514 61.38 98.84 -14.30
C LYS E 514 61.67 99.81 -15.44
N CYS E 515 62.47 99.38 -16.41
CA CYS E 515 62.86 100.24 -17.52
C CYS E 515 62.15 100.05 -18.84
N VAL E 516 61.13 99.20 -18.89
CA VAL E 516 60.43 98.98 -20.14
C VAL E 516 59.03 99.58 -20.23
N ASP E 517 58.87 100.56 -21.12
CA ASP E 517 57.59 101.22 -21.32
C ASP E 517 56.61 100.24 -21.96
N ARG E 518 56.76 100.02 -23.26
CA ARG E 518 55.89 99.07 -23.96
C ARG E 518 56.48 97.67 -23.79
N LEU E 519 56.23 97.08 -22.62
CA LEU E 519 56.73 95.75 -22.29
C LEU E 519 56.08 94.62 -23.09
N ASP E 520 54.94 94.91 -23.72
CA ASP E 520 54.24 93.90 -24.50
C ASP E 520 54.97 93.55 -25.78
N LYS E 521 55.83 94.46 -26.25
CA LYS E 521 56.58 94.22 -27.47
C LYS E 521 58.00 93.77 -27.14
N VAL E 522 58.15 93.12 -25.99
CA VAL E 522 59.44 92.61 -25.55
C VAL E 522 59.58 91.15 -25.94
N LEU E 523 60.60 90.84 -26.73
CA LEU E 523 60.84 89.47 -27.18
C LEU E 523 61.47 88.65 -26.07
N MET E 524 62.60 89.10 -25.54
CA MET E 524 63.28 88.39 -24.46
C MET E 524 64.33 89.26 -23.78
N ILE E 525 64.45 89.09 -22.47
CA ILE E 525 65.41 89.83 -21.68
C ILE E 525 66.54 88.91 -21.22
N ILE E 526 67.77 89.38 -21.35
CA ILE E 526 68.94 88.60 -20.95
C ILE E 526 69.69 89.22 -19.78
N PRO E 527 69.40 88.74 -18.54
CA PRO E 527 70.06 89.26 -17.34
C PRO E 527 71.53 88.85 -17.31
N LEU E 528 72.41 89.84 -17.42
CA LEU E 528 73.85 89.57 -17.40
C LEU E 528 74.46 89.95 -16.06
N ILE E 529 75.78 89.82 -15.97
CA ILE E 529 76.51 90.11 -14.74
C ILE E 529 76.46 91.59 -14.36
N ASN E 530 77.06 92.45 -15.18
CA ASN E 530 77.07 93.88 -14.92
C ASN E 530 75.98 94.66 -15.63
N VAL E 531 75.25 93.98 -16.51
CA VAL E 531 74.17 94.62 -17.26
C VAL E 531 73.05 93.63 -17.56
N THR E 532 72.04 94.10 -18.29
CA THR E 532 70.90 93.27 -18.66
C THR E 532 70.35 93.73 -20.00
N PHE E 533 70.39 92.86 -20.99
CA PHE E 533 69.91 93.16 -22.34
C PHE E 533 68.41 92.93 -22.51
N ILE E 534 67.77 93.85 -23.24
CA ILE E 534 66.34 93.77 -23.49
C ILE E 534 66.07 93.77 -24.99
N ILE E 535 65.79 92.60 -25.54
CA ILE E 535 65.50 92.47 -26.97
C ILE E 535 64.00 92.71 -27.16
N SER E 536 63.66 93.69 -28.00
CA SER E 536 62.26 94.00 -28.25
C SER E 536 62.05 94.63 -29.62
N SER E 537 60.78 94.78 -30.00
CA SER E 537 60.42 95.36 -31.28
C SER E 537 60.05 96.83 -31.10
N ASP E 538 60.53 97.42 -30.02
CA ASP E 538 60.26 98.82 -29.73
C ASP E 538 61.51 99.50 -29.17
N ARG E 539 61.75 100.73 -29.64
CA ARG E 539 62.90 101.51 -29.20
C ARG E 539 62.51 102.37 -28.00
N GLU E 540 61.52 101.90 -27.25
CA GLU E 540 61.03 102.64 -26.09
C GLU E 540 61.80 102.34 -24.80
N VAL E 541 62.45 101.18 -24.74
CA VAL E 541 63.21 100.82 -23.55
C VAL E 541 64.21 101.93 -23.26
N ARG E 542 64.28 102.35 -22.00
CA ARG E 542 65.19 103.42 -21.61
C ARG E 542 66.51 102.93 -21.01
N GLY E 543 67.26 102.16 -21.78
CA GLY E 543 68.52 101.64 -21.31
C GLY E 543 69.66 102.65 -21.42
N SER E 544 70.77 102.22 -22.02
CA SER E 544 71.93 103.08 -22.19
C SER E 544 72.19 103.39 -23.66
N ALA E 545 71.80 102.48 -24.53
CA ALA E 545 71.97 102.64 -25.96
C ALA E 545 70.94 101.83 -26.72
N LEU E 546 70.80 102.11 -28.00
CA LEU E 546 69.84 101.39 -28.83
C LEU E 546 70.54 100.72 -30.00
N TYR E 547 70.32 99.41 -30.14
CA TYR E 547 70.90 98.63 -31.23
C TYR E 547 69.78 98.11 -32.12
N GLU E 548 70.08 97.95 -33.40
CA GLU E 548 69.10 97.46 -34.36
C GLU E 548 69.74 96.54 -35.39
N ALA E 549 69.18 95.34 -35.52
CA ALA E 549 69.66 94.36 -36.48
C ALA E 549 69.38 94.84 -37.90
N SER E 550 70.10 94.30 -38.87
CA SER E 550 69.91 94.69 -40.25
C SER E 550 68.62 94.14 -40.87
N THR E 551 68.10 93.07 -40.29
CA THR E 551 66.88 92.43 -40.78
C THR E 551 65.61 93.24 -40.54
N THR E 552 64.74 93.27 -41.54
CA THR E 552 63.47 93.98 -41.46
C THR E 552 62.38 93.06 -41.97
N TYR E 553 62.74 91.79 -42.15
CA TYR E 553 61.81 90.76 -42.62
C TYR E 553 60.63 90.63 -41.68
N LEU E 554 60.91 90.72 -40.39
CA LEU E 554 59.87 90.60 -39.38
C LEU E 554 58.85 91.72 -39.54
N SER E 555 57.74 91.59 -38.81
CA SER E 555 56.68 92.59 -38.84
C SER E 555 57.27 93.94 -38.48
N SER E 556 57.89 94.00 -37.31
CA SER E 556 58.53 95.21 -36.81
C SER E 556 60.04 95.06 -36.86
N SER E 557 60.75 95.89 -36.09
CA SER E 557 62.21 95.84 -36.07
C SER E 557 62.75 95.03 -34.89
N LEU E 558 64.04 94.72 -34.94
CA LEU E 558 64.69 93.94 -33.89
C LEU E 558 65.67 94.85 -33.14
N PHE E 559 65.25 95.33 -31.97
CA PHE E 559 66.07 96.21 -31.16
C PHE E 559 66.77 95.51 -30.00
N LEU E 560 67.84 96.12 -29.51
CA LEU E 560 68.63 95.58 -28.41
C LEU E 560 68.95 96.70 -27.41
N SER E 561 68.21 96.73 -26.30
CA SER E 561 68.40 97.75 -25.28
C SER E 561 69.13 97.21 -24.05
N PRO E 562 70.36 97.67 -23.82
CA PRO E 562 71.16 97.23 -22.67
C PRO E 562 71.10 98.20 -21.50
N VAL E 563 70.74 97.71 -20.32
CA VAL E 563 70.66 98.54 -19.12
C VAL E 563 71.95 98.35 -18.33
N ILE E 564 72.87 99.29 -18.47
CA ILE E 564 74.15 99.20 -17.75
C ILE E 564 73.95 99.40 -16.26
N MET E 565 74.65 98.59 -15.47
CA MET E 565 74.58 98.67 -14.02
C MET E 565 73.14 98.57 -13.54
N ASN E 566 72.33 97.82 -14.27
CA ASN E 566 70.92 97.61 -13.95
C ASN E 566 70.14 98.85 -13.51
N LYS E 567 70.61 100.02 -13.91
CA LYS E 567 69.92 101.25 -13.58
C LYS E 567 69.72 102.00 -14.90
N CYS E 568 68.49 102.42 -15.16
CA CYS E 568 68.20 103.12 -16.41
C CYS E 568 68.11 104.64 -16.30
N SER E 569 68.43 105.28 -17.43
CA SER E 569 68.39 106.73 -17.52
C SER E 569 67.01 107.17 -18.00
N GLN E 570 66.69 108.44 -17.75
CA GLN E 570 65.40 109.00 -18.14
C GLN E 570 65.31 109.23 -19.64
N GLY E 571 64.28 108.66 -20.27
CA GLY E 571 64.08 108.83 -21.69
C GLY E 571 64.88 107.85 -22.52
N ALA E 572 64.36 107.50 -23.69
CA ALA E 572 65.03 106.58 -24.59
C ALA E 572 66.18 107.24 -25.31
N VAL E 573 66.92 106.45 -26.09
CA VAL E 573 68.06 106.96 -26.84
C VAL E 573 67.65 107.97 -27.91
N ALA E 574 68.60 108.79 -28.36
CA ALA E 574 68.33 109.79 -29.37
C ALA E 574 67.91 109.11 -30.67
N GLY E 575 67.59 109.91 -31.68
CA GLY E 575 67.16 109.37 -32.96
C GLY E 575 68.25 108.55 -33.59
N GLU E 576 67.89 107.70 -34.56
CA GLU E 576 68.84 106.83 -35.26
C GLU E 576 69.54 105.84 -34.35
N PRO E 577 69.21 104.55 -34.49
CA PRO E 577 69.84 103.53 -33.64
C PRO E 577 71.27 103.25 -34.06
N ARG E 578 72.06 102.68 -33.15
CA ARG E 578 73.44 102.35 -33.44
C ARG E 578 73.43 101.02 -34.20
N GLN E 579 74.19 100.94 -35.28
CA GLN E 579 74.22 99.73 -36.09
C GLN E 579 75.20 98.69 -35.55
N ILE E 580 74.79 97.43 -35.59
CA ILE E 580 75.62 96.33 -35.11
C ILE E 580 76.81 96.10 -36.04
N PRO E 581 78.03 96.36 -35.55
CA PRO E 581 79.25 96.18 -36.34
C PRO E 581 79.54 94.70 -36.59
N LYS E 582 80.05 94.38 -37.77
CA LYS E 582 80.37 93.01 -38.12
C LYS E 582 81.84 92.74 -37.81
N ILE E 583 82.11 91.58 -37.22
CA ILE E 583 83.47 91.22 -36.85
C ILE E 583 83.91 89.83 -37.35
N GLN E 584 85.15 89.74 -37.80
CA GLN E 584 85.72 88.50 -38.29
C GLN E 584 87.10 88.30 -37.69
N ASN E 585 87.47 89.18 -36.76
CA ASN E 585 88.77 89.12 -36.10
C ASN E 585 89.05 87.84 -35.33
N PHE E 586 88.28 87.62 -34.26
CA PHE E 586 88.45 86.44 -33.41
C PHE E 586 88.68 85.14 -34.18
N THR E 587 89.59 84.31 -33.67
CA THR E 587 89.90 83.02 -34.27
C THR E 587 89.18 81.93 -33.48
N ARG E 588 88.90 80.81 -34.12
CA ARG E 588 88.20 79.71 -33.47
C ARG E 588 88.89 79.23 -32.19
N THR E 589 90.05 78.59 -32.33
CA THR E 589 90.78 78.10 -31.18
C THR E 589 91.05 79.24 -30.21
N GLN E 590 90.71 79.03 -28.94
CA GLN E 590 90.90 80.06 -27.92
C GLN E 590 91.54 79.51 -26.64
N LYS E 591 92.60 80.17 -26.19
CA LYS E 591 93.30 79.76 -24.98
C LYS E 591 92.44 80.02 -23.75
N SER E 592 92.23 81.30 -23.43
CA SER E 592 91.43 81.67 -22.27
C SER E 592 89.96 81.86 -22.62
N CYS E 593 89.18 82.22 -21.61
CA CYS E 593 87.73 82.43 -21.74
C CYS E 593 87.44 83.88 -22.13
N ILE E 594 87.51 84.17 -23.43
CA ILE E 594 87.24 85.53 -23.91
C ILE E 594 85.79 85.93 -23.66
N PHE E 595 84.87 85.23 -24.32
CA PHE E 595 83.45 85.49 -24.16
C PHE E 595 82.95 84.73 -22.94
N CYS E 596 83.39 85.15 -21.76
CA CYS E 596 82.99 84.49 -20.54
C CYS E 596 81.67 85.02 -19.97
N GLY E 597 81.71 86.16 -19.31
CA GLY E 597 80.50 86.73 -18.76
C GLY E 597 79.58 87.28 -19.84
N PHE E 598 79.84 86.90 -21.08
CA PHE E 598 79.04 87.37 -22.21
C PHE E 598 77.95 86.37 -22.59
N ALA E 599 77.17 86.71 -23.61
CA ALA E 599 76.10 85.85 -24.08
C ALA E 599 75.96 85.94 -25.60
N LEU E 600 75.53 84.84 -26.20
CA LEU E 600 75.34 84.79 -27.65
C LEU E 600 73.86 84.76 -28.01
N LEU E 601 73.50 85.44 -29.10
CA LEU E 601 72.12 85.49 -29.54
C LEU E 601 72.05 85.39 -31.06
N SER E 602 71.53 84.27 -31.56
CA SER E 602 71.40 84.06 -32.99
C SER E 602 69.96 84.25 -33.41
N TYR E 603 69.76 84.96 -34.51
CA TYR E 603 68.41 85.22 -35.01
C TYR E 603 68.33 84.92 -36.50
N ASP E 604 67.18 84.41 -36.93
CA ASP E 604 66.98 84.12 -38.34
C ASP E 604 66.43 85.38 -38.98
N GLU E 605 66.89 85.68 -40.18
CA GLU E 605 66.45 86.87 -40.90
C GLU E 605 64.94 86.86 -41.10
N LYS E 606 64.40 85.73 -41.53
CA LYS E 606 62.98 85.59 -41.76
C LYS E 606 62.19 85.43 -40.46
N GLU E 607 62.49 84.39 -39.68
CA GLU E 607 61.79 84.17 -38.43
C GLU E 607 62.35 85.04 -37.30
N GLY E 608 61.83 84.85 -36.09
CA GLY E 608 62.27 85.63 -34.95
C GLY E 608 63.63 85.22 -34.42
N LEU E 609 63.77 85.18 -33.10
CA LEU E 609 65.03 84.81 -32.47
C LEU E 609 65.16 83.29 -32.35
N GLU E 610 66.29 82.76 -32.78
CA GLU E 610 66.54 81.32 -32.73
C GLU E 610 66.97 80.82 -31.35
N THR E 611 68.27 80.84 -31.09
CA THR E 611 68.80 80.38 -29.81
C THR E 611 69.73 81.39 -29.14
N THR E 612 69.77 81.34 -27.81
CA THR E 612 70.63 82.23 -27.03
C THR E 612 71.51 81.39 -26.11
N THR E 613 72.73 81.86 -25.88
CA THR E 613 73.67 81.12 -25.03
C THR E 613 74.46 82.00 -24.08
N TYR E 614 74.61 81.52 -22.86
CA TYR E 614 75.37 82.23 -21.83
C TYR E 614 76.58 81.34 -21.53
N ILE E 615 77.75 81.78 -21.96
CA ILE E 615 78.98 81.01 -21.74
C ILE E 615 79.42 81.08 -20.29
N THR E 616 78.90 80.16 -19.48
CA THR E 616 79.22 80.11 -18.07
C THR E 616 80.71 80.03 -17.79
N SER E 617 81.36 79.00 -18.32
CA SER E 617 82.80 78.84 -18.11
C SER E 617 83.57 78.41 -19.35
N GLN E 618 84.88 78.24 -19.17
CA GLN E 618 85.79 77.85 -20.25
C GLN E 618 85.28 76.64 -21.03
N GLU E 619 85.03 75.54 -20.33
CA GLU E 619 84.56 74.31 -20.96
C GLU E 619 83.43 74.56 -21.95
N VAL E 620 82.50 75.46 -21.58
CA VAL E 620 81.38 75.78 -22.44
C VAL E 620 81.80 76.48 -23.72
N GLN E 621 82.65 77.50 -23.60
CA GLN E 621 83.11 78.24 -24.77
C GLN E 621 83.76 77.31 -25.79
N ASN E 622 84.48 76.31 -25.30
CA ASN E 622 85.14 75.35 -26.17
C ASN E 622 84.11 74.48 -26.88
N SER E 623 83.12 74.01 -26.12
CA SER E 623 82.07 73.16 -26.68
C SER E 623 81.13 73.95 -27.59
N ILE E 624 81.56 75.15 -27.99
CA ILE E 624 80.75 75.99 -28.87
C ILE E 624 81.55 76.38 -30.10
N LEU E 625 82.81 76.76 -29.90
CA LEU E 625 83.68 77.15 -31.00
C LEU E 625 84.20 75.91 -31.71
N SER E 626 84.17 74.78 -31.02
CA SER E 626 84.63 73.52 -31.58
C SER E 626 83.48 72.88 -32.36
N SER E 627 82.31 72.85 -31.75
CA SER E 627 81.13 72.28 -32.39
C SER E 627 80.68 73.18 -33.53
N ASN E 628 79.63 72.78 -34.23
CA ASN E 628 79.12 73.56 -35.35
C ASN E 628 78.02 74.52 -34.92
N TYR E 629 78.19 75.13 -33.76
CA TYR E 629 77.21 76.09 -33.23
C TYR E 629 77.07 77.23 -34.23
N PHE E 630 78.17 77.55 -34.90
CA PHE E 630 78.19 78.63 -35.89
C PHE E 630 78.02 78.10 -37.30
N ASP E 631 77.47 78.94 -38.16
CA ASP E 631 77.24 78.59 -39.57
C ASP E 631 77.15 79.87 -40.38
N PHE E 632 78.29 80.53 -40.55
CA PHE E 632 78.37 81.78 -41.30
C PHE E 632 78.03 81.55 -42.76
N ASP E 633 78.07 80.29 -43.19
CA ASP E 633 77.76 79.94 -44.56
C ASP E 633 76.25 79.85 -44.76
N ASN E 634 75.54 80.74 -44.06
CA ASN E 634 74.09 80.81 -44.11
C ASN E 634 73.72 82.29 -43.93
N LEU E 635 73.37 82.94 -45.05
CA LEU E 635 73.00 84.34 -45.02
C LEU E 635 71.76 84.62 -44.18
N HIS E 636 70.90 83.62 -44.03
CA HIS E 636 69.68 83.79 -43.25
C HIS E 636 69.91 83.92 -41.75
N VAL E 637 70.89 83.20 -41.22
CA VAL E 637 71.17 83.27 -39.79
C VAL E 637 72.34 84.19 -39.45
N HIS E 638 72.16 84.95 -38.37
CA HIS E 638 73.19 85.87 -37.89
C HIS E 638 73.51 85.53 -36.43
N TYR E 639 74.72 85.85 -36.00
CA TYR E 639 75.14 85.57 -34.63
C TYR E 639 75.60 86.83 -33.91
N LEU E 640 74.91 87.17 -32.83
CA LEU E 640 75.25 88.36 -32.06
C LEU E 640 75.93 88.02 -30.74
N LEU E 641 76.73 88.97 -30.24
CA LEU E 641 77.45 88.78 -29.00
C LEU E 641 77.21 89.96 -28.05
N LEU E 642 76.58 89.67 -26.91
CA LEU E 642 76.31 90.69 -25.92
C LEU E 642 77.35 90.59 -24.82
N THR E 643 78.08 91.68 -24.59
CA THR E 643 79.14 91.68 -23.59
C THR E 643 78.70 92.27 -22.25
N THR E 644 79.61 92.28 -21.29
CA THR E 644 79.33 92.82 -19.97
C THR E 644 79.07 94.31 -20.14
N ASN E 645 79.57 94.86 -21.24
CA ASN E 645 79.37 96.26 -21.57
C ASN E 645 78.16 96.33 -22.48
N GLY E 646 77.49 97.48 -22.51
CA GLY E 646 76.32 97.64 -23.35
C GLY E 646 76.62 97.59 -24.83
N THR E 647 77.68 96.87 -25.20
CA THR E 647 78.08 96.76 -26.59
C THR E 647 77.57 95.47 -27.22
N VAL E 648 77.27 95.52 -28.52
CA VAL E 648 76.79 94.37 -29.26
C VAL E 648 77.53 94.26 -30.58
N MET E 649 77.76 93.04 -31.04
CA MET E 649 78.48 92.81 -32.29
C MET E 649 78.11 91.50 -32.95
N GLU E 650 78.19 91.47 -34.28
CA GLU E 650 77.87 90.28 -35.06
C GLU E 650 79.15 89.51 -35.35
N ILE E 651 79.02 88.19 -35.47
CA ILE E 651 80.18 87.34 -35.74
C ILE E 651 80.11 86.63 -37.09
N ALA E 652 81.28 86.34 -37.65
CA ALA E 652 81.37 85.65 -38.94
C ALA E 652 82.82 85.38 -39.31
N GLY E 653 83.38 84.28 -38.82
CA GLY E 653 84.75 83.94 -39.13
C GLY E 653 85.49 83.32 -37.97
N TRP F 1 11.52 26.80 12.83
CA TRP F 1 12.90 26.50 13.31
C TRP F 1 13.55 27.77 13.86
N ALA F 2 12.80 28.47 14.71
CA ALA F 2 13.26 29.72 15.33
C ALA F 2 12.32 30.13 16.46
N TYR F 3 11.74 31.31 16.33
CA TYR F 3 10.83 31.86 17.33
C TYR F 3 9.59 32.43 16.64
N PRO F 4 8.59 32.84 17.43
CA PRO F 4 7.35 33.40 16.88
C PRO F 4 7.59 34.52 15.87
N CYS F 5 7.15 34.30 14.64
CA CYS F 5 7.29 35.30 13.58
C CYS F 5 6.30 36.41 13.91
N CYS F 6 6.45 37.57 13.29
CA CYS F 6 5.51 38.65 13.55
C CYS F 6 5.46 39.74 12.50
N HIS F 7 4.69 40.78 12.78
CA HIS F 7 4.54 41.90 11.85
C HIS F 7 5.13 43.15 12.51
N VAL F 8 5.26 44.21 11.73
CA VAL F 8 5.83 45.45 12.25
C VAL F 8 5.35 46.71 11.56
N THR F 9 5.61 47.84 12.22
CA THR F 9 5.26 49.17 11.75
C THR F 9 5.87 50.11 12.78
N GLN F 10 6.63 51.09 12.32
CA GLN F 10 7.28 52.03 13.22
C GLN F 10 6.31 52.69 14.18
N LEU F 11 6.81 53.12 15.33
CA LEU F 11 5.98 53.77 16.34
C LEU F 11 5.54 55.13 15.80
N ARG F 12 4.37 55.16 15.17
CA ARG F 12 3.86 56.39 14.60
C ARG F 12 3.18 57.26 15.66
N ALA F 13 3.45 58.55 15.59
CA ALA F 13 2.89 59.52 16.52
C ALA F 13 3.02 59.07 17.96
N GLN F 14 4.24 58.72 18.37
CA GLN F 14 4.48 58.25 19.73
C GLN F 14 5.94 58.46 20.09
N HIS F 15 6.63 57.37 20.37
CA HIS F 15 8.05 57.43 20.71
C HIS F 15 8.77 56.27 20.07
N LEU F 16 9.63 55.60 20.84
CA LEU F 16 10.38 54.47 20.34
C LEU F 16 10.88 53.63 21.50
N LEU F 17 11.75 52.68 21.21
CA LEU F 17 12.31 51.84 22.25
C LEU F 17 13.71 52.38 22.55
N ALA F 18 14.55 51.53 23.12
CA ALA F 18 15.92 51.91 23.45
C ALA F 18 16.65 50.70 23.98
N LEU F 19 17.95 50.64 23.72
CA LEU F 19 18.75 49.52 24.21
C LEU F 19 18.79 49.60 25.73
N GLU F 20 18.56 50.80 26.25
CA GLU F 20 18.55 51.02 27.68
C GLU F 20 17.52 50.13 28.37
N ASN F 21 16.69 49.46 27.57
CA ASN F 21 15.65 48.59 28.11
C ASN F 21 15.81 47.13 27.71
N ILE F 22 15.63 46.86 26.42
CA ILE F 22 15.73 45.49 25.92
C ILE F 22 16.93 44.74 26.48
N SER F 23 16.72 43.47 26.80
CA SER F 23 17.76 42.62 27.35
C SER F 23 17.71 41.21 26.76
N ASP F 24 16.92 41.05 25.69
CA ASP F 24 16.78 39.76 25.01
C ASP F 24 16.34 39.97 23.58
N ILE F 25 16.97 39.25 22.65
CA ILE F 25 16.65 39.37 21.23
C ILE F 25 16.70 38.01 20.53
N TYR F 26 15.53 37.54 20.09
CA TYR F 26 15.42 36.28 19.39
C TYR F 26 15.42 36.48 17.88
N LEU F 27 16.26 35.72 17.19
CA LEU F 27 16.36 35.82 15.72
C LEU F 27 15.89 34.54 15.03
N VAL F 28 15.54 34.67 13.75
CA VAL F 28 15.06 33.53 12.97
C VAL F 28 16.07 33.03 11.92
N SER F 29 15.72 31.94 11.27
CA SER F 29 16.57 31.34 10.24
C SER F 29 16.05 31.64 8.83
N ASN F 30 16.90 31.41 7.83
CA ASN F 30 16.53 31.67 6.45
C ASN F 30 15.50 30.70 5.89
N GLN F 31 14.67 30.14 6.77
CA GLN F 31 13.64 29.19 6.32
C GLN F 31 12.56 28.93 7.36
N THR F 32 12.79 29.37 8.59
CA THR F 32 11.82 29.17 9.65
C THR F 32 10.45 29.71 9.24
N CYS F 33 10.30 31.03 9.28
CA CYS F 33 9.04 31.66 8.91
C CYS F 33 8.86 31.53 7.41
N ASP F 34 9.24 32.55 6.66
CA ASP F 34 9.12 32.54 5.22
C ASP F 34 10.06 33.55 4.57
N GLY F 35 11.36 33.33 4.72
CA GLY F 35 12.35 34.22 4.14
C GLY F 35 12.49 35.53 4.87
N PHE F 36 11.50 35.87 5.68
CA PHE F 36 11.50 37.12 6.43
C PHE F 36 12.48 37.11 7.61
N SER F 37 13.50 37.97 7.53
CA SER F 37 14.47 38.07 8.61
C SER F 37 13.80 38.87 9.72
N LEU F 38 13.19 38.15 10.66
CA LEU F 38 12.48 38.78 11.77
C LEU F 38 13.20 38.60 13.10
N ALA F 39 12.94 39.53 14.01
CA ALA F 39 13.55 39.50 15.34
C ALA F 39 12.54 39.88 16.41
N SER F 40 12.77 39.39 17.62
CA SER F 40 11.88 39.68 18.74
C SER F 40 12.65 40.42 19.83
N LEU F 41 12.16 41.60 20.18
CA LEU F 41 12.80 42.41 21.22
C LEU F 41 12.09 42.21 22.56
N ASN F 42 12.72 41.44 23.43
CA ASN F 42 12.17 41.16 24.75
C ASN F 42 12.81 42.01 25.84
N SER F 43 11.99 42.66 26.64
CA SER F 43 12.47 43.50 27.73
C SER F 43 11.53 43.40 28.93
N PRO F 44 12.07 42.98 30.09
CA PRO F 44 11.26 42.84 31.31
C PRO F 44 10.77 44.19 31.83
N LYS F 45 9.52 44.24 32.25
CA LYS F 45 8.92 45.46 32.77
C LYS F 45 8.97 45.45 34.30
N ASN F 46 8.75 46.62 34.90
CA ASN F 46 8.77 46.76 36.35
C ASN F 46 10.16 46.46 36.92
N GLY F 47 10.28 45.35 37.64
CA GLY F 47 11.55 44.99 38.22
C GLY F 47 12.25 43.88 37.44
N SER F 48 11.94 42.64 37.78
CA SER F 48 12.54 41.49 37.11
C SER F 48 11.57 40.87 36.11
N ASN F 49 11.81 39.60 35.78
CA ASN F 49 10.97 38.88 34.84
C ASN F 49 9.58 38.56 35.37
N GLN F 50 8.77 39.60 35.57
CA GLN F 50 7.41 39.44 36.03
C GLN F 50 6.55 39.43 34.76
N LEU F 51 6.44 40.60 34.15
CA LEU F 51 5.67 40.77 32.93
C LEU F 51 6.63 41.19 31.82
N VAL F 52 6.91 40.28 30.88
CA VAL F 52 7.83 40.60 29.80
C VAL F 52 7.14 41.12 28.54
N ILE F 53 7.59 42.30 28.10
CA ILE F 53 7.07 42.94 26.89
C ILE F 53 7.88 42.43 25.71
N SER F 54 7.20 41.94 24.68
CA SER F 54 7.88 41.43 23.50
C SER F 54 7.30 41.98 22.20
N ARG F 55 8.07 42.84 21.54
CA ARG F 55 7.62 43.42 20.28
C ARG F 55 8.56 43.10 19.13
N CYS F 56 8.00 43.09 17.92
CA CYS F 56 8.74 42.76 16.71
C CYS F 56 9.63 43.87 16.16
N ALA F 57 10.72 43.45 15.52
CA ALA F 57 11.68 44.35 14.90
C ALA F 57 12.13 43.71 13.59
N ASN F 58 12.83 44.48 12.76
CA ASN F 58 13.31 43.97 11.48
C ASN F 58 14.64 43.25 11.66
N GLY F 59 14.62 41.93 11.45
CA GLY F 59 15.82 41.13 11.61
C GLY F 59 17.04 41.69 10.91
N LEU F 60 16.99 41.77 9.59
CA LEU F 60 18.11 42.28 8.80
C LEU F 60 18.71 43.54 9.42
N ASN F 61 17.86 44.52 9.71
CA ASN F 61 18.32 45.77 10.30
C ASN F 61 19.00 45.52 11.65
N VAL F 62 18.33 44.73 12.50
CA VAL F 62 18.87 44.41 13.81
C VAL F 62 20.24 43.73 13.67
N VAL F 63 20.26 42.63 12.93
CA VAL F 63 21.49 41.88 12.71
C VAL F 63 22.60 42.78 12.17
N SER F 64 22.26 43.67 11.24
CA SER F 64 23.25 44.58 10.67
C SER F 64 23.85 45.42 11.77
N PHE F 65 22.99 45.93 12.64
CA PHE F 65 23.41 46.75 13.77
C PHE F 65 24.48 46.03 14.57
N PHE F 66 24.13 44.86 15.09
CA PHE F 66 25.06 44.05 15.87
C PHE F 66 26.33 43.75 15.12
N ILE F 67 26.19 43.34 13.86
CA ILE F 67 27.34 43.04 13.02
C ILE F 67 28.28 44.25 13.00
N SER F 68 27.69 45.44 12.97
CA SER F 68 28.46 46.67 12.94
C SER F 68 29.22 46.92 14.25
N ILE F 69 28.50 46.82 15.38
CA ILE F 69 29.10 47.04 16.68
C ILE F 69 30.28 46.11 16.93
N LEU F 70 30.11 44.84 16.58
CA LEU F 70 31.17 43.86 16.76
C LEU F 70 32.41 44.26 15.99
N LYS F 71 32.23 44.61 14.72
CA LYS F 71 33.32 45.02 13.85
C LYS F 71 33.98 46.31 14.35
N ARG F 72 33.15 47.25 14.79
CA ARG F 72 33.62 48.54 15.27
C ARG F 72 34.45 48.48 16.55
N SER F 73 34.52 47.31 17.18
CA SER F 73 35.27 47.16 18.42
C SER F 73 36.02 45.84 18.52
N SER F 74 36.49 45.35 17.38
CA SER F 74 37.23 44.08 17.34
C SER F 74 38.44 44.09 18.25
N SER F 75 39.04 45.26 18.45
CA SER F 75 40.22 45.40 19.29
C SER F 75 39.94 45.10 20.76
N ALA F 76 38.67 44.89 21.09
CA ALA F 76 38.30 44.62 22.48
C ALA F 76 37.37 43.43 22.67
N LEU F 77 37.61 42.35 21.93
CA LEU F 77 36.77 41.17 22.07
C LEU F 77 37.33 39.87 21.50
N THR F 78 37.18 38.81 22.28
CA THR F 78 37.62 37.47 21.90
C THR F 78 36.55 36.50 22.38
N GLY F 79 36.77 35.20 22.16
CA GLY F 79 35.79 34.22 22.59
C GLY F 79 34.54 34.29 21.73
N HIS F 80 33.38 34.19 22.36
CA HIS F 80 32.11 34.24 21.63
C HIS F 80 31.99 35.52 20.81
N LEU F 81 32.34 36.64 21.43
CA LEU F 81 32.24 37.94 20.76
C LEU F 81 33.17 38.10 19.55
N ARG F 82 33.61 36.98 18.99
CA ARG F 82 34.47 37.02 17.81
C ARG F 82 33.96 36.00 16.81
N GLU F 83 33.40 34.91 17.34
CA GLU F 83 32.84 33.85 16.52
C GLU F 83 31.41 34.28 16.17
N LEU F 84 30.80 35.00 17.10
CA LEU F 84 29.44 35.49 16.94
C LEU F 84 29.35 36.33 15.67
N LEU F 85 30.37 37.14 15.43
CA LEU F 85 30.41 37.99 14.25
C LEU F 85 30.40 37.17 12.96
N THR F 86 31.39 36.30 12.82
CA THR F 86 31.51 35.44 11.65
C THR F 86 30.24 34.63 11.39
N THR F 87 29.60 34.18 12.47
CA THR F 87 28.38 33.39 12.36
C THR F 87 27.17 34.27 12.12
N LEU F 88 27.21 35.49 12.66
CA LEU F 88 26.11 36.44 12.51
C LEU F 88 26.10 36.98 11.09
N GLU F 89 27.30 37.14 10.51
CA GLU F 89 27.41 37.64 9.14
C GLU F 89 26.88 36.61 8.16
N THR F 90 27.22 35.35 8.39
CA THR F 90 26.76 34.27 7.52
C THR F 90 25.24 34.21 7.57
N LEU F 91 24.69 34.50 8.74
CA LEU F 91 23.24 34.52 8.92
C LEU F 91 22.64 35.65 8.10
N TYR F 92 23.26 36.82 8.21
CA TYR F 92 22.81 38.00 7.48
C TYR F 92 22.75 37.72 5.99
N GLY F 93 23.72 36.96 5.49
CA GLY F 93 23.76 36.65 4.07
C GLY F 93 22.95 35.42 3.69
N SER F 94 22.20 34.87 4.62
CA SER F 94 21.38 33.69 4.34
C SER F 94 20.02 34.13 3.82
N PHE F 95 19.64 35.37 4.12
CA PHE F 95 18.36 35.92 3.69
C PHE F 95 18.48 36.57 2.32
N SER F 96 17.39 36.54 1.56
CA SER F 96 17.35 37.13 0.22
C SER F 96 16.29 38.22 0.20
N VAL F 97 16.73 39.46 0.03
CA VAL F 97 15.84 40.62 0.00
C VAL F 97 14.93 40.65 -1.23
N GLU F 98 15.55 40.60 -2.40
CA GLU F 98 14.87 40.66 -3.69
C GLU F 98 13.74 39.67 -3.91
N ASP F 99 13.52 38.77 -2.95
CA ASP F 99 12.45 37.79 -3.06
C ASP F 99 11.18 38.36 -2.45
N LEU F 100 11.36 39.30 -1.54
CA LEU F 100 10.24 39.94 -0.87
C LEU F 100 9.42 40.82 -1.81
N PHE F 101 9.97 41.12 -2.98
CA PHE F 101 9.26 41.94 -3.94
C PHE F 101 7.89 41.35 -4.23
N GLY F 102 7.84 40.03 -4.35
CA GLY F 102 6.58 39.37 -4.64
C GLY F 102 6.05 38.51 -3.50
N ALA F 103 6.08 39.05 -2.28
CA ALA F 103 5.59 38.33 -1.11
C ALA F 103 4.58 39.16 -0.34
N ASN F 104 3.64 38.46 0.30
CA ASN F 104 2.61 39.13 1.10
C ASN F 104 3.22 39.55 2.42
N LEU F 105 3.98 40.64 2.40
CA LEU F 105 4.64 41.14 3.61
C LEU F 105 3.72 41.18 4.82
N ASN F 106 2.51 41.71 4.66
CA ASN F 106 1.56 41.78 5.76
C ASN F 106 0.88 40.43 5.96
N ARG F 107 1.69 39.38 6.12
CA ARG F 107 1.15 38.04 6.31
C ARG F 107 1.33 37.58 7.76
N TYR F 108 1.01 38.47 8.69
CA TYR F 108 1.14 38.16 10.12
C TYR F 108 0.27 39.09 10.96
N LEU G 1 -19.88 -41.46 -100.42
CA LEU G 1 -19.84 -40.54 -99.25
C LEU G 1 -21.05 -40.78 -98.36
N SER G 2 -20.91 -40.51 -97.07
CA SER G 2 -21.99 -40.70 -96.10
C SER G 2 -22.30 -42.17 -95.85
N GLU G 3 -22.80 -42.85 -96.89
CA GLU G 3 -23.15 -44.26 -96.79
C GLU G 3 -21.98 -45.19 -97.08
N VAL G 4 -21.79 -46.18 -96.21
CA VAL G 4 -20.73 -47.17 -96.36
C VAL G 4 -21.11 -48.39 -95.54
N LYS G 5 -21.70 -49.38 -96.20
CA LYS G 5 -22.12 -50.60 -95.51
C LYS G 5 -21.12 -51.73 -95.70
N LEU G 6 -20.77 -52.41 -94.62
CA LEU G 6 -19.82 -53.51 -94.67
C LEU G 6 -20.54 -54.82 -94.38
N HIS G 7 -20.08 -55.89 -95.02
CA HIS G 7 -20.68 -57.21 -94.84
C HIS G 7 -19.71 -58.15 -94.14
N LEU G 8 -20.08 -58.62 -92.96
CA LEU G 8 -19.24 -59.52 -92.20
C LEU G 8 -19.51 -60.97 -92.56
N ASP G 9 -18.78 -61.87 -91.91
CA ASP G 9 -18.93 -63.30 -92.15
C ASP G 9 -18.50 -64.04 -90.89
N ILE G 10 -19.43 -64.18 -89.95
CA ILE G 10 -19.14 -64.89 -88.70
C ILE G 10 -18.95 -66.35 -89.06
N GLU G 11 -19.64 -67.24 -88.36
CA GLU G 11 -19.51 -68.67 -88.65
C GLU G 11 -20.82 -69.25 -89.15
N GLY G 12 -21.00 -69.25 -90.47
CA GLY G 12 -22.19 -69.80 -91.07
C GLY G 12 -23.26 -68.83 -91.54
N HIS G 13 -23.13 -67.54 -91.22
CA HIS G 13 -24.13 -66.56 -91.63
C HIS G 13 -23.53 -65.20 -91.99
N ALA G 14 -24.14 -64.54 -92.97
CA ALA G 14 -23.69 -63.23 -93.43
C ALA G 14 -24.40 -62.12 -92.67
N SER G 15 -23.62 -61.32 -91.94
CA SER G 15 -24.16 -60.21 -91.17
C SER G 15 -24.10 -58.95 -92.00
N HIS G 16 -25.05 -58.04 -91.77
CA HIS G 16 -25.09 -56.79 -92.52
C HIS G 16 -25.22 -55.56 -91.63
N TYR G 17 -24.14 -54.79 -91.57
CA TYR G 17 -24.08 -53.58 -90.76
C TYR G 17 -23.77 -52.39 -91.66
N THR G 18 -24.52 -51.30 -91.47
CA THR G 18 -24.32 -50.10 -92.26
C THR G 18 -23.85 -48.96 -91.35
N ILE G 19 -22.65 -48.46 -91.61
CA ILE G 19 -22.09 -47.38 -90.80
C ILE G 19 -22.13 -46.03 -91.49
N PRO G 20 -23.15 -45.21 -91.18
CA PRO G 20 -23.29 -43.89 -91.77
C PRO G 20 -22.45 -42.85 -91.03
N TRP G 21 -21.18 -42.72 -91.40
CA TRP G 21 -20.32 -41.74 -90.74
C TRP G 21 -20.78 -40.32 -91.02
N THR G 22 -21.75 -40.20 -91.92
CA THR G 22 -22.30 -38.89 -92.28
C THR G 22 -23.05 -38.29 -91.11
N GLU G 23 -23.86 -39.11 -90.45
CA GLU G 23 -24.63 -38.66 -89.30
C GLU G 23 -23.72 -38.54 -88.08
N LEU G 24 -22.72 -39.41 -88.01
CA LEU G 24 -21.79 -39.41 -86.90
C LEU G 24 -20.97 -38.12 -86.83
N MET G 25 -20.51 -37.65 -87.98
CA MET G 25 -19.72 -36.42 -88.03
C MET G 25 -20.44 -35.21 -87.44
N ALA G 26 -21.77 -35.25 -87.43
CA ALA G 26 -22.56 -34.16 -86.89
C ALA G 26 -22.57 -34.19 -85.37
N LYS G 27 -22.83 -35.36 -84.81
CA LYS G 27 -22.88 -35.53 -83.36
C LYS G 27 -21.50 -35.61 -82.71
N VAL G 28 -20.46 -35.71 -83.54
CA VAL G 28 -19.10 -35.80 -83.01
C VAL G 28 -18.20 -34.71 -83.60
N PRO G 29 -17.31 -34.15 -82.77
CA PRO G 29 -16.38 -33.10 -83.20
C PRO G 29 -15.06 -33.59 -83.82
N GLY G 30 -14.24 -34.24 -83.01
CA GLY G 30 -12.95 -34.71 -83.49
C GLY G 30 -12.93 -35.89 -84.44
N LEU G 31 -14.09 -36.46 -84.73
CA LEU G 31 -14.16 -37.61 -85.62
C LEU G 31 -14.02 -37.21 -87.09
N SER G 32 -12.80 -37.36 -87.62
CA SER G 32 -12.52 -37.04 -89.01
C SER G 32 -12.16 -38.34 -89.71
N PRO G 33 -13.17 -39.14 -90.11
CA PRO G 33 -12.97 -40.42 -90.78
C PRO G 33 -11.99 -40.40 -91.95
N GLU G 34 -12.02 -39.34 -92.73
CA GLU G 34 -11.12 -39.21 -93.89
C GLU G 34 -9.66 -39.40 -93.52
N ALA G 35 -9.23 -38.77 -92.44
CA ALA G 35 -7.84 -38.86 -92.00
C ALA G 35 -7.49 -40.27 -91.49
N LEU G 36 -8.29 -40.77 -90.56
CA LEU G 36 -8.06 -42.09 -89.98
C LEU G 36 -8.01 -43.18 -91.03
N TRP G 37 -8.87 -43.09 -92.04
CA TRP G 37 -8.89 -44.09 -93.10
C TRP G 37 -7.58 -44.12 -93.86
N ARG G 38 -6.95 -42.95 -93.99
CA ARG G 38 -5.68 -42.84 -94.69
C ARG G 38 -4.53 -43.22 -93.77
N GLU G 39 -4.65 -42.87 -92.49
CA GLU G 39 -3.59 -43.19 -91.54
C GLU G 39 -3.30 -44.68 -91.64
N ALA G 40 -4.36 -45.48 -91.64
CA ALA G 40 -4.23 -46.93 -91.74
C ALA G 40 -4.09 -47.32 -93.21
N ASN G 41 -2.87 -47.65 -93.62
CA ASN G 41 -2.61 -48.04 -94.99
C ASN G 41 -3.56 -49.16 -95.41
N VAL G 42 -4.69 -48.76 -96.00
CA VAL G 42 -5.70 -49.71 -96.45
C VAL G 42 -5.14 -50.64 -97.53
N THR G 43 -4.48 -50.05 -98.53
CA THR G 43 -3.92 -50.82 -99.64
C THR G 43 -2.55 -51.40 -99.32
N GLU G 44 -2.24 -51.54 -98.04
CA GLU G 44 -0.95 -52.09 -97.63
C GLU G 44 -0.83 -53.55 -98.05
N ASP G 45 0.24 -53.88 -98.77
CA ASP G 45 0.43 -55.26 -99.21
C ASP G 45 0.66 -56.13 -97.99
N LEU G 46 0.02 -57.29 -97.99
CA LEU G 46 0.10 -58.27 -96.91
C LEU G 46 1.52 -58.57 -96.40
N ALA G 47 2.41 -58.91 -97.33
CA ALA G 47 3.79 -59.27 -97.01
C ALA G 47 4.60 -58.31 -96.13
N SER G 48 4.59 -57.03 -96.47
CA SER G 48 5.35 -56.02 -95.73
C SER G 48 4.77 -55.63 -94.38
N MET G 49 3.48 -55.90 -94.18
CA MET G 49 2.80 -55.57 -92.94
C MET G 49 3.55 -56.02 -91.68
N LEU G 50 4.22 -57.17 -91.77
CA LEU G 50 4.96 -57.74 -90.66
C LEU G 50 6.08 -56.88 -90.08
N ASN G 51 6.85 -56.22 -90.94
CA ASN G 51 7.95 -55.38 -90.48
C ASN G 51 7.43 -54.26 -89.57
N ARG G 52 6.25 -53.75 -89.90
CA ARG G 52 5.63 -52.67 -89.13
C ARG G 52 5.00 -53.22 -87.85
N TYR G 53 5.44 -54.42 -87.46
CA TYR G 53 4.93 -55.08 -86.27
C TYR G 53 6.03 -55.85 -85.56
N LYS G 54 6.79 -56.63 -86.34
CA LYS G 54 7.89 -57.42 -85.81
C LYS G 54 9.02 -56.49 -85.38
N LEU G 55 8.93 -55.24 -85.81
CA LEU G 55 9.94 -54.24 -85.48
C LEU G 55 9.41 -53.40 -84.31
N ILE G 56 8.61 -54.03 -83.46
CA ILE G 56 8.02 -53.38 -82.29
C ILE G 56 8.26 -54.21 -81.03
N TYR G 57 8.84 -53.61 -79.99
CA TYR G 57 9.09 -54.32 -78.75
C TYR G 57 7.78 -54.79 -78.13
N LYS G 58 7.60 -56.11 -78.09
CA LYS G 58 6.39 -56.70 -77.51
C LYS G 58 6.67 -57.12 -76.09
N THR G 59 5.69 -56.90 -75.22
CA THR G 59 5.85 -57.27 -73.81
C THR G 59 6.28 -58.72 -73.71
N SER G 60 7.33 -58.96 -72.92
CA SER G 60 7.87 -60.29 -72.72
C SER G 60 6.94 -61.14 -71.86
N GLY G 61 5.67 -60.76 -71.82
CA GLY G 61 4.69 -61.49 -71.04
C GLY G 61 3.96 -60.62 -70.04
N THR G 62 2.78 -60.13 -70.43
CA THR G 62 1.99 -59.27 -69.54
C THR G 62 1.70 -59.99 -68.22
N LEU G 63 1.53 -59.21 -67.17
CA LEU G 63 1.24 -59.77 -65.86
C LEU G 63 0.14 -58.99 -65.15
N GLY G 64 -0.69 -59.71 -64.40
CA GLY G 64 -1.77 -59.09 -63.67
C GLY G 64 -1.40 -58.84 -62.22
N ILE G 65 -1.80 -57.69 -61.69
CA ILE G 65 -1.50 -57.33 -60.32
C ILE G 65 -2.77 -56.85 -59.63
N ALA G 66 -3.25 -57.60 -58.65
CA ALA G 66 -4.46 -57.24 -57.93
C ALA G 66 -4.36 -55.82 -57.37
N LEU G 67 -5.03 -54.89 -58.03
CA LEU G 67 -5.02 -53.48 -57.61
C LEU G 67 -6.43 -52.90 -57.52
N ALA G 68 -6.73 -52.30 -56.38
CA ALA G 68 -8.03 -51.68 -56.15
C ALA G 68 -7.88 -50.18 -55.99
N GLU G 69 -8.57 -49.43 -56.85
CA GLU G 69 -8.50 -47.97 -56.83
C GLU G 69 -8.96 -47.37 -55.49
N PRO G 70 -8.15 -46.47 -54.92
CA PRO G 70 -8.48 -45.82 -53.64
C PRO G 70 -9.50 -44.72 -53.87
N VAL G 71 -10.27 -44.40 -52.83
CA VAL G 71 -11.26 -43.33 -52.94
C VAL G 71 -10.61 -41.99 -52.68
N ASP G 72 -10.75 -41.06 -53.62
CA ASP G 72 -10.15 -39.74 -53.49
C ASP G 72 -11.14 -38.62 -53.17
N ILE G 73 -11.79 -38.09 -54.21
CA ILE G 73 -12.73 -37.00 -54.05
C ILE G 73 -14.02 -37.40 -53.34
N PRO G 74 -14.24 -36.88 -52.12
CA PRO G 74 -15.44 -37.19 -51.34
C PRO G 74 -16.63 -36.36 -51.80
N ALA G 75 -17.84 -36.88 -51.60
CA ALA G 75 -19.05 -36.16 -52.00
C ALA G 75 -19.24 -34.95 -51.09
N VAL G 76 -19.26 -33.77 -51.70
CA VAL G 76 -19.44 -32.52 -50.98
C VAL G 76 -20.66 -32.57 -50.06
N SER G 77 -20.58 -31.84 -48.95
CA SER G 77 -21.67 -31.79 -47.98
C SER G 77 -22.89 -31.09 -48.58
N GLU G 78 -24.06 -31.38 -48.02
CA GLU G 78 -25.31 -30.78 -48.50
C GLU G 78 -25.31 -29.26 -48.51
N GLY G 79 -24.53 -28.64 -47.62
CA GLY G 79 -24.48 -27.20 -47.56
C GLY G 79 -23.17 -26.62 -48.07
N SER G 80 -22.89 -26.81 -49.36
CA SER G 80 -21.66 -26.31 -49.95
C SER G 80 -21.89 -25.52 -51.23
N MET G 81 -21.30 -24.32 -51.28
CA MET G 81 -21.44 -23.47 -52.46
C MET G 81 -20.66 -24.10 -53.61
N GLN G 82 -21.34 -24.31 -54.73
CA GLN G 82 -20.71 -24.93 -55.90
C GLN G 82 -20.22 -23.81 -56.81
N VAL G 83 -18.93 -23.47 -56.69
CA VAL G 83 -18.35 -22.40 -57.49
C VAL G 83 -17.89 -22.80 -58.88
N ASP G 84 -18.23 -21.95 -59.86
CA ASP G 84 -17.84 -22.15 -61.25
C ASP G 84 -16.54 -21.38 -61.47
N ALA G 85 -15.60 -21.98 -62.17
CA ALA G 85 -14.31 -21.34 -62.42
C ALA G 85 -14.30 -20.27 -63.51
N SER G 86 -15.01 -20.51 -64.61
CA SER G 86 -15.05 -19.55 -65.71
C SER G 86 -15.65 -18.20 -65.32
N LYS G 87 -16.23 -18.14 -64.12
CA LYS G 87 -16.83 -16.90 -63.63
C LYS G 87 -16.81 -16.81 -62.12
N VAL G 88 -15.61 -16.82 -61.55
CA VAL G 88 -15.47 -16.73 -60.11
C VAL G 88 -15.79 -15.28 -59.72
N HIS G 89 -17.07 -15.01 -59.47
CA HIS G 89 -17.54 -13.68 -59.12
C HIS G 89 -16.67 -12.96 -58.10
N PRO G 90 -16.26 -11.71 -58.42
CA PRO G 90 -15.41 -10.90 -57.55
C PRO G 90 -16.05 -10.60 -56.19
N GLY G 91 -17.05 -11.39 -55.82
CA GLY G 91 -17.71 -11.20 -54.55
C GLY G 91 -17.55 -12.40 -53.63
N VAL G 92 -17.58 -12.16 -52.33
CA VAL G 92 -17.43 -13.23 -51.35
C VAL G 92 -18.51 -14.28 -51.59
N ILE G 93 -18.28 -15.49 -51.10
CA ILE G 93 -19.23 -16.58 -51.27
C ILE G 93 -19.24 -17.47 -50.03
N SER G 94 -18.33 -17.21 -49.11
CA SER G 94 -18.23 -17.99 -47.87
C SER G 94 -17.15 -17.47 -46.93
N GLY G 95 -16.72 -18.34 -46.02
CA GLY G 95 -15.68 -17.98 -45.07
C GLY G 95 -14.54 -18.98 -45.20
N LEU G 96 -13.87 -19.29 -44.09
CA LEU G 96 -12.77 -20.23 -44.14
C LEU G 96 -13.23 -21.61 -43.64
N ASN G 97 -14.08 -21.60 -42.61
CA ASN G 97 -14.59 -22.84 -42.04
C ASN G 97 -15.88 -23.29 -42.73
N SER G 98 -16.31 -22.56 -43.74
CA SER G 98 -17.54 -22.91 -44.46
C SER G 98 -17.28 -23.85 -45.64
N PRO G 99 -18.04 -24.94 -45.73
CA PRO G 99 -17.94 -25.95 -46.78
C PRO G 99 -18.14 -25.36 -48.18
N ALA G 100 -17.51 -25.96 -49.17
CA ALA G 100 -17.62 -25.50 -50.55
C ALA G 100 -17.02 -26.50 -51.53
N CYS G 101 -17.21 -26.26 -52.83
CA CYS G 101 -16.68 -27.15 -53.85
C CYS G 101 -16.73 -26.49 -55.22
N MET G 102 -15.97 -27.03 -56.18
CA MET G 102 -15.94 -26.48 -57.53
C MET G 102 -16.50 -27.44 -58.58
N LEU G 103 -17.17 -26.88 -59.57
CA LEU G 103 -17.76 -27.65 -60.65
C LEU G 103 -16.67 -28.26 -61.53
N SER G 104 -16.82 -29.55 -61.83
CA SER G 104 -15.85 -30.27 -62.65
C SER G 104 -15.86 -29.81 -64.10
N ALA G 105 -17.04 -29.66 -64.68
CA ALA G 105 -17.19 -29.24 -66.07
C ALA G 105 -16.29 -28.06 -66.42
N PRO G 106 -16.32 -26.98 -65.62
CA PRO G 106 -15.48 -25.81 -65.90
C PRO G 106 -14.02 -25.99 -65.47
N LEU G 107 -13.84 -26.54 -64.28
CA LEU G 107 -12.49 -26.76 -63.74
C LEU G 107 -11.61 -27.55 -64.70
N GLU G 108 -12.15 -28.64 -65.24
CA GLU G 108 -11.41 -29.49 -66.16
C GLU G 108 -11.08 -28.74 -67.46
N LYS G 109 -12.10 -28.11 -68.05
CA LYS G 109 -11.90 -27.37 -69.28
C LYS G 109 -10.86 -26.28 -69.10
N GLN G 110 -10.66 -25.86 -67.86
CA GLN G 110 -9.69 -24.81 -67.56
C GLN G 110 -8.30 -25.44 -67.44
N LEU G 111 -8.23 -26.59 -66.76
CA LEU G 111 -6.97 -27.29 -66.59
C LEU G 111 -6.45 -27.68 -67.97
N PHE G 112 -7.23 -28.48 -68.68
CA PHE G 112 -6.87 -28.93 -70.01
C PHE G 112 -7.30 -27.90 -71.04
N TYR G 113 -6.82 -26.68 -70.87
CA TYR G 113 -7.12 -25.58 -71.79
C TYR G 113 -6.36 -25.74 -73.09
N TYR G 114 -5.14 -26.24 -72.99
CA TYR G 114 -4.29 -26.45 -74.16
C TYR G 114 -4.71 -27.66 -74.98
N ILE G 115 -4.50 -27.59 -76.29
CA ILE G 115 -4.84 -28.68 -77.21
C ILE G 115 -3.52 -29.21 -77.80
N GLY G 116 -3.48 -30.48 -78.18
CA GLY G 116 -2.24 -31.00 -78.72
C GLY G 116 -2.25 -32.30 -79.49
N THR G 117 -1.23 -33.13 -79.24
CA THR G 117 -1.09 -34.41 -79.91
C THR G 117 -0.51 -35.46 -78.96
N MET G 118 -1.38 -36.28 -78.39
CA MET G 118 -0.93 -37.32 -77.48
C MET G 118 0.02 -38.24 -78.24
N LEU G 119 -0.26 -38.42 -79.52
CA LEU G 119 0.53 -39.27 -80.40
C LEU G 119 1.21 -38.46 -81.49
N PRO G 120 2.53 -38.21 -81.34
CA PRO G 120 3.31 -37.44 -82.32
C PRO G 120 3.44 -38.13 -83.67
N ASN G 121 4.25 -37.56 -84.55
CA ASN G 121 4.45 -38.13 -85.87
C ASN G 121 5.82 -38.79 -85.98
N THR G 122 6.36 -39.21 -84.84
CA THR G 122 7.65 -39.88 -84.81
C THR G 122 7.48 -41.28 -85.39
N ARG G 123 8.53 -41.79 -86.03
CA ARG G 123 8.49 -43.11 -86.65
C ARG G 123 7.85 -44.20 -85.77
N PRO G 124 8.35 -44.39 -84.54
CA PRO G 124 7.80 -45.41 -83.64
C PRO G 124 6.29 -45.38 -83.44
N HIS G 125 5.78 -44.26 -82.92
CA HIS G 125 4.35 -44.12 -82.66
C HIS G 125 3.49 -44.20 -83.92
N SER G 126 3.90 -43.51 -84.97
CA SER G 126 3.14 -43.52 -86.22
C SER G 126 2.87 -44.93 -86.72
N TYR G 127 3.64 -45.90 -86.22
CA TYR G 127 3.46 -47.29 -86.63
C TYR G 127 2.41 -48.03 -85.81
N VAL G 128 2.22 -47.60 -84.56
CA VAL G 128 1.26 -48.26 -83.69
C VAL G 128 -0.09 -47.56 -83.49
N PHE G 129 -0.05 -46.33 -82.98
CA PHE G 129 -1.28 -45.58 -82.72
C PHE G 129 -1.82 -44.77 -83.89
N TYR G 130 -3.08 -44.36 -83.78
CA TYR G 130 -3.75 -43.53 -84.77
C TYR G 130 -3.63 -42.09 -84.34
N GLN G 131 -3.03 -41.25 -85.19
CA GLN G 131 -2.87 -39.83 -84.87
C GLN G 131 -4.07 -39.35 -84.05
N LEU G 132 -3.81 -38.85 -82.86
CA LEU G 132 -4.88 -38.36 -81.98
C LEU G 132 -4.71 -36.90 -81.60
N ARG G 133 -5.82 -36.20 -81.42
CA ARG G 133 -5.79 -34.80 -81.05
C ARG G 133 -6.92 -34.39 -80.10
N CYS G 134 -6.55 -34.08 -78.86
CA CYS G 134 -7.51 -33.67 -77.85
C CYS G 134 -6.82 -32.74 -76.85
N HIS G 135 -7.61 -32.10 -76.00
CA HIS G 135 -7.09 -31.21 -74.97
C HIS G 135 -6.16 -32.01 -74.06
N LEU G 136 -5.02 -31.43 -73.72
CA LEU G 136 -4.05 -32.10 -72.87
C LEU G 136 -3.18 -31.15 -72.05
N SER G 137 -2.06 -31.67 -71.56
CA SER G 137 -1.10 -30.93 -70.77
C SER G 137 0.14 -31.81 -70.65
N TYR G 138 1.32 -31.21 -70.71
CA TYR G 138 2.55 -31.98 -70.63
C TYR G 138 3.57 -31.47 -69.63
N VAL G 139 4.64 -32.24 -69.44
CA VAL G 139 5.72 -31.90 -68.54
C VAL G 139 7.02 -32.02 -69.32
N ALA G 140 7.55 -30.87 -69.77
CA ALA G 140 8.77 -30.86 -70.56
C ALA G 140 10.03 -31.08 -69.71
N LEU G 141 11.02 -31.74 -70.31
CA LEU G 141 12.28 -32.02 -69.63
C LEU G 141 13.44 -32.05 -70.62
N SER G 142 14.59 -31.54 -70.19
CA SER G 142 15.77 -31.51 -71.03
C SER G 142 17.06 -31.59 -70.21
N ILE G 143 17.79 -32.68 -70.36
CA ILE G 143 19.04 -32.89 -69.64
C ILE G 143 20.19 -33.07 -70.63
N ASN G 144 21.42 -33.05 -70.12
CA ASN G 144 22.60 -33.22 -70.96
C ASN G 144 22.56 -32.32 -72.20
N GLY G 145 21.87 -31.20 -72.09
CA GLY G 145 21.77 -30.26 -73.20
C GLY G 145 21.07 -30.81 -74.43
N ASP G 146 19.77 -31.02 -74.31
CA ASP G 146 18.96 -31.55 -75.41
C ASP G 146 19.44 -32.89 -75.96
N LYS G 147 20.37 -33.53 -75.26
CA LYS G 147 20.86 -34.84 -75.68
C LYS G 147 19.95 -35.91 -75.13
N PHE G 148 19.08 -35.50 -74.21
CA PHE G 148 18.12 -36.40 -73.58
C PHE G 148 16.93 -35.56 -73.15
N GLN G 149 15.72 -36.06 -73.39
CA GLN G 149 14.51 -35.34 -73.02
C GLN G 149 13.33 -36.25 -72.74
N TYR G 150 12.45 -35.79 -71.86
CA TYR G 150 11.26 -36.54 -71.48
C TYR G 150 10.02 -35.65 -71.63
N THR G 151 8.89 -36.25 -71.95
CA THR G 151 7.65 -35.51 -72.13
C THR G 151 6.49 -36.19 -71.42
N GLY G 152 5.93 -35.50 -70.43
CA GLY G 152 4.79 -36.05 -69.69
C GLY G 152 3.47 -35.68 -70.33
N ALA G 153 3.21 -36.23 -71.52
CA ALA G 153 1.96 -35.94 -72.24
C ALA G 153 0.81 -36.65 -71.55
N MET G 154 -0.24 -35.92 -71.21
CA MET G 154 -1.39 -36.50 -70.55
C MET G 154 -2.70 -35.81 -70.88
N THR G 155 -3.77 -36.59 -70.91
CA THR G 155 -5.11 -36.09 -71.18
C THR G 155 -5.98 -36.44 -69.98
N SER G 156 -7.25 -36.05 -70.01
CA SER G 156 -8.15 -36.32 -68.90
C SER G 156 -8.41 -37.82 -68.71
N LYS G 157 -7.93 -38.63 -69.64
CA LYS G 157 -8.15 -40.08 -69.53
C LYS G 157 -6.90 -40.94 -69.43
N PHE G 158 -5.80 -40.51 -70.04
CA PHE G 158 -4.58 -41.32 -69.99
C PHE G 158 -3.30 -40.52 -70.12
N LEU G 159 -2.22 -41.06 -69.58
CA LEU G 159 -0.90 -40.44 -69.63
C LEU G 159 0.00 -41.23 -70.57
N MET G 160 0.92 -40.55 -71.25
CA MET G 160 1.82 -41.22 -72.16
C MET G 160 3.15 -40.48 -72.26
N GLY G 161 4.06 -40.81 -71.36
CA GLY G 161 5.36 -40.17 -71.35
C GLY G 161 6.30 -40.86 -72.33
N THR G 162 7.19 -40.08 -72.94
CA THR G 162 8.14 -40.63 -73.90
C THR G 162 9.58 -40.21 -73.59
N TYR G 163 10.49 -41.17 -73.69
CA TYR G 163 11.90 -40.91 -73.44
C TYR G 163 12.60 -40.71 -74.77
N LYS G 164 13.62 -39.85 -74.79
CA LYS G 164 14.34 -39.56 -76.03
C LYS G 164 15.81 -39.26 -75.77
N ARG G 165 16.68 -40.14 -76.24
CA ARG G 165 18.12 -39.95 -76.07
C ARG G 165 18.79 -39.80 -77.43
N VAL G 166 20.03 -39.32 -77.44
CA VAL G 166 20.77 -39.13 -78.68
C VAL G 166 22.24 -39.48 -78.52
N THR G 167 22.71 -40.44 -79.32
CA THR G 167 24.09 -40.86 -79.28
C THR G 167 24.91 -39.70 -79.88
N GLU G 168 26.23 -39.84 -79.89
CA GLU G 168 27.09 -38.80 -80.45
C GLU G 168 26.62 -38.42 -81.86
N LYS G 169 26.08 -39.41 -82.58
CA LYS G 169 25.60 -39.20 -83.94
C LYS G 169 24.13 -38.77 -83.91
N GLY G 170 23.57 -38.55 -85.08
CA GLY G 170 22.16 -38.14 -85.16
C GLY G 170 21.22 -39.25 -84.75
N ASP G 171 21.74 -40.25 -84.06
CA ASP G 171 20.92 -41.37 -83.59
C ASP G 171 19.87 -40.90 -82.60
N GLU G 172 18.62 -41.23 -82.88
CA GLU G 172 17.52 -40.84 -82.01
C GLU G 172 16.78 -42.07 -81.49
N HIS G 173 16.95 -42.34 -80.19
CA HIS G 173 16.29 -43.47 -79.55
C HIS G 173 15.12 -43.02 -78.71
N VAL G 174 13.98 -43.68 -78.89
CA VAL G 174 12.77 -43.34 -78.17
C VAL G 174 12.01 -44.55 -77.63
N LEU G 175 11.47 -44.39 -76.42
CA LEU G 175 10.70 -45.42 -75.74
C LEU G 175 9.69 -44.71 -74.85
N SER G 176 8.43 -45.13 -74.91
CA SER G 176 7.40 -44.49 -74.11
C SER G 176 6.56 -45.43 -73.27
N LEU G 177 5.96 -44.89 -72.21
CA LEU G 177 5.12 -45.65 -71.30
C LEU G 177 3.71 -45.05 -71.32
N VAL G 178 2.70 -45.91 -71.34
CA VAL G 178 1.32 -45.45 -71.37
C VAL G 178 0.54 -45.96 -70.16
N PHE G 179 0.02 -45.04 -69.37
CA PHE G 179 -0.75 -45.40 -68.18
C PHE G 179 -2.17 -44.87 -68.25
N GLY G 180 -3.09 -45.59 -67.62
CA GLY G 180 -4.49 -45.18 -67.64
C GLY G 180 -5.43 -46.35 -67.61
N LYS G 181 -6.73 -46.07 -67.48
CA LYS G 181 -7.74 -47.13 -67.45
C LYS G 181 -7.73 -47.88 -68.77
N THR G 182 -7.56 -49.20 -68.69
CA THR G 182 -7.51 -50.06 -69.86
C THR G 182 -8.57 -49.70 -70.91
N LYS G 183 -9.74 -49.27 -70.47
CA LYS G 183 -10.82 -48.92 -71.38
C LYS G 183 -10.56 -47.62 -72.15
N ASP G 184 -9.64 -46.80 -71.65
CA ASP G 184 -9.35 -45.52 -72.28
C ASP G 184 -8.11 -45.48 -73.17
N LEU G 185 -7.36 -46.57 -73.22
CA LEU G 185 -6.15 -46.61 -74.05
C LEU G 185 -6.48 -46.24 -75.49
N PRO G 186 -5.57 -45.51 -76.16
CA PRO G 186 -5.73 -45.08 -77.55
C PRO G 186 -6.11 -46.23 -78.48
N ASP G 187 -6.40 -45.89 -79.74
CA ASP G 187 -6.77 -46.89 -80.73
C ASP G 187 -5.54 -47.41 -81.46
N LEU G 188 -5.39 -48.73 -81.49
CA LEU G 188 -4.25 -49.35 -82.17
C LEU G 188 -4.53 -49.40 -83.67
N ARG G 189 -3.49 -49.15 -84.47
CA ARG G 189 -3.62 -49.13 -85.92
C ARG G 189 -3.50 -50.51 -86.58
N GLY G 190 -2.31 -50.82 -87.08
CA GLY G 190 -2.10 -52.10 -87.74
C GLY G 190 -2.36 -53.29 -86.84
N PRO G 191 -1.84 -54.47 -87.20
CA PRO G 191 -2.00 -55.72 -86.45
C PRO G 191 -1.35 -55.62 -85.08
N PHE G 192 -1.97 -54.83 -84.21
CA PHE G 192 -1.47 -54.64 -82.86
C PHE G 192 -2.53 -54.96 -81.82
N SER G 193 -2.11 -55.62 -80.75
CA SER G 193 -3.00 -55.98 -79.67
C SER G 193 -2.37 -55.55 -78.36
N TYR G 194 -3.06 -54.68 -77.62
CA TYR G 194 -2.57 -54.17 -76.35
C TYR G 194 -1.94 -55.20 -75.43
N PRO G 195 -2.52 -56.41 -75.35
CA PRO G 195 -1.92 -57.42 -74.45
C PRO G 195 -0.44 -57.65 -74.72
N SER G 196 -0.06 -57.78 -75.99
CA SER G 196 1.33 -58.00 -76.35
C SER G 196 2.14 -56.71 -76.25
N LEU G 197 1.57 -55.71 -75.57
CA LEU G 197 2.22 -54.43 -75.39
C LEU G 197 2.05 -53.91 -73.96
N THR G 198 1.12 -54.53 -73.23
CA THR G 198 0.86 -54.15 -71.85
C THR G 198 1.87 -54.84 -70.94
N SER G 199 2.39 -54.10 -69.97
CA SER G 199 3.38 -54.65 -69.05
C SER G 199 2.75 -55.03 -67.71
N ALA G 200 1.81 -54.22 -67.25
CA ALA G 200 1.13 -54.46 -65.97
C ALA G 200 -0.36 -54.17 -66.13
N GLN G 201 -1.21 -55.03 -65.57
CA GLN G 201 -2.64 -54.83 -65.69
C GLN G 201 -3.43 -55.09 -64.41
N SER G 202 -4.36 -54.20 -64.11
CA SER G 202 -5.23 -54.33 -62.95
C SER G 202 -6.59 -54.74 -63.48
N GLY G 203 -7.63 -54.57 -62.67
CA GLY G 203 -8.97 -54.93 -63.11
C GLY G 203 -9.45 -53.97 -64.18
N ASP G 204 -8.81 -52.80 -64.24
CA ASP G 204 -9.19 -51.78 -65.21
C ASP G 204 -8.06 -50.79 -65.51
N TYR G 205 -6.84 -51.14 -65.13
CA TYR G 205 -5.69 -50.27 -65.37
C TYR G 205 -4.57 -51.01 -66.10
N SER G 206 -3.89 -50.30 -67.01
CA SER G 206 -2.81 -50.90 -67.78
C SER G 206 -1.59 -49.99 -67.92
N LEU G 207 -0.46 -50.61 -68.21
CA LEU G 207 0.81 -49.91 -68.40
C LEU G 207 1.44 -50.46 -69.67
N VAL G 208 1.34 -49.69 -70.76
CA VAL G 208 1.87 -50.11 -72.05
C VAL G 208 3.27 -49.60 -72.36
N ILE G 209 4.04 -50.41 -73.07
CA ILE G 209 5.40 -50.06 -73.45
C ILE G 209 5.48 -49.99 -74.97
N VAL G 210 5.46 -48.77 -75.51
CA VAL G 210 5.53 -48.58 -76.96
C VAL G 210 6.95 -48.20 -77.35
N THR G 211 7.62 -49.08 -78.09
CA THR G 211 8.98 -48.85 -78.54
C THR G 211 9.43 -49.96 -79.48
N THR G 212 10.52 -49.73 -80.20
CA THR G 212 11.05 -50.72 -81.12
C THR G 212 12.13 -51.53 -80.42
N PHE G 213 12.39 -52.73 -80.93
CA PHE G 213 13.41 -53.58 -80.35
C PHE G 213 14.76 -52.88 -80.43
N VAL G 214 14.99 -52.22 -81.56
CA VAL G 214 16.22 -51.48 -81.78
C VAL G 214 16.45 -50.50 -80.65
N HIS G 215 15.39 -49.79 -80.27
CA HIS G 215 15.47 -48.80 -79.19
C HIS G 215 15.54 -49.43 -77.81
N TYR G 216 14.62 -50.35 -77.53
CA TYR G 216 14.59 -51.00 -76.21
C TYR G 216 15.97 -51.47 -75.77
N ALA G 217 16.82 -51.80 -76.74
CA ALA G 217 18.17 -52.26 -76.43
C ALA G 217 19.01 -51.13 -75.85
N ASN G 218 19.15 -50.05 -76.60
CA ASN G 218 19.93 -48.89 -76.16
C ASN G 218 19.44 -48.34 -74.83
N PHE G 219 18.16 -48.55 -74.52
CA PHE G 219 17.58 -48.08 -73.27
C PHE G 219 17.77 -49.04 -72.10
N HIS G 220 17.64 -50.34 -72.37
CA HIS G 220 17.80 -51.35 -71.34
C HIS G 220 19.18 -51.32 -70.70
N ASN G 221 20.10 -50.57 -71.31
CA ASN G 221 21.45 -50.47 -70.78
C ASN G 221 21.55 -49.58 -69.54
N TYR G 222 20.61 -48.65 -69.41
CA TYR G 222 20.62 -47.74 -68.27
C TYR G 222 19.23 -47.50 -67.69
N PHE G 223 18.23 -48.17 -68.25
CA PHE G 223 16.86 -48.01 -67.77
C PHE G 223 16.11 -49.32 -67.61
N VAL G 224 16.07 -49.82 -66.38
CA VAL G 224 15.37 -51.06 -66.07
C VAL G 224 14.37 -50.74 -64.96
N PRO G 225 13.25 -50.08 -65.33
CA PRO G 225 12.21 -49.69 -64.38
C PRO G 225 11.52 -50.87 -63.69
N ASN G 226 11.13 -50.65 -62.44
CA ASN G 226 10.45 -51.68 -61.66
C ASN G 226 8.95 -51.55 -61.92
N LEU G 227 8.57 -51.75 -63.18
CA LEU G 227 7.18 -51.65 -63.61
C LEU G 227 6.19 -52.13 -62.56
N LYS G 228 6.54 -53.19 -61.84
CA LYS G 228 5.67 -53.73 -60.80
C LYS G 228 5.25 -52.68 -59.78
N ASP G 229 6.17 -52.30 -58.90
CA ASP G 229 5.88 -51.30 -57.87
C ASP G 229 5.51 -49.96 -58.48
N MET G 230 6.20 -49.57 -59.53
CA MET G 230 5.94 -48.29 -60.19
C MET G 230 4.49 -48.21 -60.67
N PHE G 231 3.93 -49.35 -61.06
CA PHE G 231 2.56 -49.40 -61.53
C PHE G 231 1.57 -49.40 -60.36
N SER G 232 1.77 -50.32 -59.43
CA SER G 232 0.90 -50.43 -58.25
C SER G 232 0.74 -49.09 -57.54
N ARG G 233 1.87 -48.52 -57.13
CA ARG G 233 1.87 -47.24 -56.43
C ARG G 233 1.16 -46.15 -57.23
N ALA G 234 1.20 -46.28 -58.56
CA ALA G 234 0.56 -45.30 -59.44
C ALA G 234 -0.94 -45.56 -59.56
N VAL G 235 -1.42 -46.65 -58.97
CA VAL G 235 -2.83 -47.00 -59.02
C VAL G 235 -3.45 -46.91 -57.63
N THR G 236 -2.91 -47.70 -56.69
CA THR G 236 -3.42 -47.71 -55.32
C THR G 236 -2.73 -46.66 -54.47
N MET G 237 -3.18 -45.42 -54.58
CA MET G 237 -2.62 -44.32 -53.81
C MET G 237 -3.33 -43.02 -54.13
N THR G 238 -3.83 -42.36 -53.09
CA THR G 238 -4.54 -41.10 -53.26
C THR G 238 -3.68 -40.08 -53.99
N ALA G 239 -4.31 -39.25 -54.80
CA ALA G 239 -3.62 -38.22 -55.58
C ALA G 239 -2.62 -37.43 -54.74
N ALA G 240 -3.10 -36.80 -53.68
CA ALA G 240 -2.25 -36.01 -52.80
C ALA G 240 -1.04 -36.78 -52.31
N SER G 241 -1.26 -38.03 -51.89
CA SER G 241 -0.18 -38.87 -51.40
C SER G 241 0.88 -39.15 -52.46
N TYR G 242 0.43 -39.61 -53.63
CA TYR G 242 1.34 -39.92 -54.72
C TYR G 242 2.20 -38.70 -55.06
N ALA G 243 1.58 -37.52 -55.00
CA ALA G 243 2.26 -36.27 -55.30
C ALA G 243 3.47 -36.08 -54.39
N ARG G 244 3.30 -36.35 -53.09
CA ARG G 244 4.39 -36.19 -52.14
C ARG G 244 5.39 -37.34 -52.24
N TYR G 245 4.89 -38.55 -52.47
CA TYR G 245 5.78 -39.71 -52.61
C TYR G 245 6.83 -39.36 -53.65
N VAL G 246 6.39 -38.66 -54.70
CA VAL G 246 7.28 -38.25 -55.78
C VAL G 246 8.14 -37.08 -55.31
N LEU G 247 7.50 -36.11 -54.67
CA LEU G 247 8.20 -34.93 -54.16
C LEU G 247 9.38 -35.38 -53.30
N GLN G 248 9.15 -36.39 -52.48
CA GLN G 248 10.19 -36.92 -51.60
C GLN G 248 11.26 -37.62 -52.42
N LYS G 249 10.84 -38.43 -53.39
CA LYS G 249 11.78 -39.15 -54.24
C LYS G 249 12.75 -38.17 -54.88
N LEU G 250 12.25 -37.00 -55.25
CA LEU G 250 13.09 -35.98 -55.87
C LEU G 250 14.05 -35.39 -54.85
N VAL G 251 13.54 -35.05 -53.67
CA VAL G 251 14.37 -34.49 -52.61
C VAL G 251 15.58 -35.39 -52.41
N LEU G 252 15.34 -36.70 -52.41
CA LEU G 252 16.42 -37.68 -52.25
C LEU G 252 17.46 -37.46 -53.34
N LEU G 253 17.01 -37.49 -54.59
CA LEU G 253 17.89 -37.29 -55.72
C LEU G 253 18.65 -35.97 -55.60
N GLU G 254 18.00 -34.98 -54.99
CA GLU G 254 18.61 -33.67 -54.81
C GLU G 254 19.80 -33.81 -53.86
N MET G 255 19.58 -34.50 -52.75
CA MET G 255 20.64 -34.72 -51.77
C MET G 255 21.72 -35.61 -52.36
N LYS G 256 21.38 -36.29 -53.46
CA LYS G 256 22.34 -37.17 -54.14
C LYS G 256 23.10 -36.36 -55.18
N GLY G 257 22.88 -35.06 -55.20
CA GLY G 257 23.56 -34.20 -56.15
C GLY G 257 23.02 -34.36 -57.56
N GLY G 258 22.00 -35.18 -57.71
CA GLY G 258 21.42 -35.40 -59.02
C GLY G 258 20.75 -34.18 -59.61
N CYS G 259 20.90 -33.03 -58.96
CA CYS G 259 20.29 -31.81 -59.46
C CYS G 259 21.30 -30.84 -60.07
N ARG G 260 22.54 -31.31 -60.20
CA ARG G 260 23.62 -30.53 -60.80
C ARG G 260 24.45 -31.50 -61.63
N GLU G 261 24.27 -32.78 -61.33
CA GLU G 261 24.93 -33.87 -62.03
C GLU G 261 23.84 -34.88 -62.38
N PRO G 262 22.77 -34.41 -63.07
CA PRO G 262 21.64 -35.23 -63.49
C PRO G 262 22.07 -36.60 -64.01
N GLU G 263 22.05 -37.59 -63.13
CA GLU G 263 22.43 -38.94 -63.49
C GLU G 263 21.35 -39.60 -64.34
N LEU G 264 21.75 -40.16 -65.47
CA LEU G 264 20.82 -40.84 -66.36
C LEU G 264 20.71 -42.30 -65.97
N ASP G 265 20.07 -42.56 -64.83
CA ASP G 265 19.90 -43.93 -64.35
C ASP G 265 18.43 -44.30 -64.19
N THR G 266 18.19 -45.56 -63.84
CA THR G 266 16.83 -46.07 -63.65
C THR G 266 16.05 -45.22 -62.67
N GLU G 267 16.64 -44.95 -61.52
CA GLU G 267 15.99 -44.15 -60.49
C GLU G 267 15.56 -42.78 -60.99
N THR G 268 16.52 -42.01 -61.52
CA THR G 268 16.25 -40.68 -62.04
C THR G 268 15.18 -40.69 -63.13
N LEU G 269 15.28 -41.65 -64.04
CA LEU G 269 14.31 -41.75 -65.13
C LEU G 269 12.94 -42.18 -64.61
N THR G 270 12.94 -43.11 -63.66
CA THR G 270 11.69 -43.60 -63.08
C THR G 270 10.90 -42.45 -62.47
N THR G 271 11.54 -41.71 -61.58
CA THR G 271 10.91 -40.58 -60.91
C THR G 271 10.23 -39.66 -61.91
N MET G 272 10.91 -39.41 -63.04
CA MET G 272 10.37 -38.55 -64.08
C MET G 272 8.95 -38.94 -64.44
N PHE G 273 8.78 -40.18 -64.90
CA PHE G 273 7.47 -40.69 -65.28
C PHE G 273 6.47 -40.54 -64.14
N GLU G 274 6.90 -40.87 -62.93
CA GLU G 274 6.04 -40.76 -61.76
C GLU G 274 5.66 -39.32 -61.50
N VAL G 275 6.56 -38.40 -61.85
CA VAL G 275 6.30 -36.98 -61.65
C VAL G 275 5.11 -36.56 -62.50
N SER G 276 5.02 -37.10 -63.71
CA SER G 276 3.93 -36.79 -64.61
C SER G 276 2.68 -37.55 -64.20
N VAL G 277 2.85 -38.75 -63.64
CA VAL G 277 1.73 -39.55 -63.20
C VAL G 277 1.06 -38.84 -62.03
N ALA G 278 1.87 -38.17 -61.22
CA ALA G 278 1.36 -37.42 -60.08
C ALA G 278 0.41 -36.34 -60.58
N PHE G 279 0.79 -35.68 -61.66
CA PHE G 279 -0.02 -34.63 -62.25
C PHE G 279 -1.24 -35.26 -62.92
N PHE G 280 -1.02 -36.40 -63.58
CA PHE G 280 -2.09 -37.10 -64.28
C PHE G 280 -3.16 -37.52 -63.28
N LYS G 281 -2.74 -38.08 -62.16
CA LYS G 281 -3.67 -38.52 -61.12
C LYS G 281 -4.69 -37.45 -60.78
N VAL G 282 -4.21 -36.23 -60.51
CA VAL G 282 -5.08 -35.12 -60.18
C VAL G 282 -6.07 -34.83 -61.30
N GLY G 283 -5.59 -34.82 -62.53
CA GLY G 283 -6.45 -34.56 -63.67
C GLY G 283 -7.46 -35.67 -63.90
N HIS G 284 -7.04 -36.91 -63.68
CA HIS G 284 -7.91 -38.06 -63.87
C HIS G 284 -8.96 -38.11 -62.76
N ALA G 285 -8.70 -37.42 -61.66
CA ALA G 285 -9.62 -37.38 -60.54
C ALA G 285 -10.80 -36.49 -60.89
N VAL G 286 -10.50 -35.25 -61.27
CA VAL G 286 -11.53 -34.29 -61.65
C VAL G 286 -12.29 -34.80 -62.87
N GLY G 287 -11.67 -35.72 -63.59
CA GLY G 287 -12.30 -36.28 -64.78
C GLY G 287 -13.40 -37.28 -64.47
N GLU G 288 -13.07 -38.27 -63.64
CA GLU G 288 -14.02 -39.30 -63.25
C GLU G 288 -15.34 -38.69 -62.78
N THR G 289 -15.25 -37.63 -62.00
CA THR G 289 -16.44 -36.96 -61.48
C THR G 289 -16.91 -35.83 -62.39
N GLY G 290 -17.30 -36.20 -63.62
CA GLY G 290 -17.78 -35.20 -64.56
C GLY G 290 -19.09 -34.61 -64.10
N ASN G 291 -19.24 -33.30 -64.27
CA ASN G 291 -20.46 -32.61 -63.86
C ASN G 291 -20.73 -32.81 -62.38
N GLY G 292 -19.67 -33.05 -61.62
CA GLY G 292 -19.81 -33.24 -60.18
C GLY G 292 -19.24 -32.03 -59.46
N CYS G 293 -18.73 -32.23 -58.26
CA CYS G 293 -18.16 -31.12 -57.52
C CYS G 293 -17.08 -31.59 -56.55
N VAL G 294 -15.88 -31.04 -56.71
CA VAL G 294 -14.76 -31.39 -55.87
C VAL G 294 -14.68 -30.44 -54.68
N ASP G 295 -14.58 -31.00 -53.49
CA ASP G 295 -14.50 -30.21 -52.26
C ASP G 295 -13.24 -29.34 -52.31
N LEU G 296 -13.40 -28.07 -51.92
CA LEU G 296 -12.27 -27.15 -51.93
C LEU G 296 -11.12 -27.60 -51.07
N ARG G 297 -11.42 -28.35 -49.99
CA ARG G 297 -10.37 -28.85 -49.12
C ARG G 297 -9.50 -29.80 -49.92
N TRP G 298 -10.14 -30.60 -50.77
CA TRP G 298 -9.44 -31.56 -51.61
C TRP G 298 -8.45 -30.88 -52.55
N LEU G 299 -8.93 -29.84 -53.23
CA LEU G 299 -8.10 -29.10 -54.16
C LEU G 299 -6.97 -28.39 -53.44
N ALA G 300 -7.31 -27.65 -52.40
CA ALA G 300 -6.32 -26.92 -51.62
C ALA G 300 -5.18 -27.82 -51.19
N LYS G 301 -5.46 -29.11 -51.04
CA LYS G 301 -4.46 -30.08 -50.63
C LYS G 301 -3.78 -30.72 -51.84
N SER G 302 -4.59 -31.23 -52.76
CA SER G 302 -4.08 -31.87 -53.97
C SER G 302 -3.29 -30.91 -54.84
N PHE G 303 -3.91 -29.80 -55.22
CA PHE G 303 -3.26 -28.81 -56.06
C PHE G 303 -2.05 -28.18 -55.40
N PHE G 304 -1.97 -28.28 -54.07
CA PHE G 304 -0.83 -27.73 -53.34
C PHE G 304 0.39 -28.59 -53.62
N GLU G 305 0.25 -29.90 -53.41
CA GLU G 305 1.33 -30.84 -53.64
C GLU G 305 1.88 -30.70 -55.05
N LEU G 306 1.04 -30.23 -55.96
CA LEU G 306 1.44 -30.04 -57.36
C LEU G 306 2.27 -28.78 -57.52
N THR G 307 1.84 -27.70 -56.87
CA THR G 307 2.55 -26.43 -56.95
C THR G 307 3.96 -26.60 -56.40
N VAL G 308 4.05 -27.24 -55.23
CA VAL G 308 5.34 -27.49 -54.59
C VAL G 308 6.17 -28.43 -55.47
N LEU G 309 5.50 -29.37 -56.12
CA LEU G 309 6.16 -30.32 -56.98
C LEU G 309 6.75 -29.62 -58.20
N LYS G 310 5.94 -28.81 -58.87
CA LYS G 310 6.38 -28.09 -60.06
C LYS G 310 7.64 -27.27 -59.83
N ASP G 311 7.77 -26.67 -58.65
CA ASP G 311 8.93 -25.85 -58.33
C ASP G 311 10.23 -26.65 -58.27
N ILE G 312 10.23 -27.74 -57.50
CA ILE G 312 11.42 -28.57 -57.38
C ILE G 312 11.80 -29.16 -58.74
N ILE G 313 10.78 -29.51 -59.52
CA ILE G 313 10.99 -30.07 -60.85
C ILE G 313 11.72 -29.05 -61.72
N GLY G 314 11.43 -27.77 -61.48
CA GLY G 314 12.06 -26.72 -62.25
C GLY G 314 13.42 -26.30 -61.71
N ILE G 315 13.53 -26.22 -60.39
CA ILE G 315 14.78 -25.83 -59.76
C ILE G 315 15.86 -26.86 -60.07
N CYS G 316 15.48 -28.14 -60.04
CA CYS G 316 16.42 -29.23 -60.32
C CYS G 316 16.69 -29.30 -61.82
N TYR G 317 15.68 -29.71 -62.58
CA TYR G 317 15.81 -29.82 -64.03
C TYR G 317 15.14 -28.64 -64.70
N GLY G 318 15.62 -28.27 -65.89
CA GLY G 318 15.01 -27.17 -66.61
C GLY G 318 13.70 -27.65 -67.17
N ALA G 319 12.94 -28.36 -66.33
CA ALA G 319 11.64 -28.90 -66.74
C ALA G 319 10.53 -27.87 -66.60
N THR G 320 9.54 -27.95 -67.47
CA THR G 320 8.41 -27.03 -67.45
C THR G 320 7.11 -27.82 -67.37
N VAL G 321 6.07 -27.16 -66.86
CA VAL G 321 4.77 -27.80 -66.74
C VAL G 321 3.69 -26.82 -67.16
N LYS G 322 2.73 -27.29 -67.96
CA LYS G 322 1.65 -26.43 -68.43
C LYS G 322 0.41 -27.26 -68.77
N GLY G 323 -0.76 -26.77 -68.36
CA GLY G 323 -1.98 -27.49 -68.67
C GLY G 323 -2.61 -28.22 -67.50
N MET G 324 -2.10 -27.98 -66.30
CA MET G 324 -2.64 -28.63 -65.11
C MET G 324 -2.78 -27.61 -63.98
N GLN G 325 -3.21 -26.42 -64.37
CA GLN G 325 -3.42 -25.31 -63.44
C GLN G 325 -4.65 -24.56 -63.94
N SER G 326 -5.42 -23.99 -63.04
CA SER G 326 -6.63 -23.28 -63.44
C SER G 326 -6.78 -21.93 -62.72
N TYR G 327 -6.75 -20.85 -63.49
CA TYR G 327 -6.87 -19.51 -62.92
C TYR G 327 -8.13 -19.37 -62.06
N GLY G 328 -9.11 -20.23 -62.27
CA GLY G 328 -10.33 -20.16 -61.49
C GLY G 328 -10.07 -20.53 -60.04
N LEU G 329 -9.59 -21.75 -59.82
CA LEU G 329 -9.29 -22.24 -58.49
C LEU G 329 -8.38 -21.26 -57.74
N GLU G 330 -7.52 -20.56 -58.48
CA GLU G 330 -6.60 -19.61 -57.88
C GLU G 330 -7.34 -18.36 -57.40
N ARG G 331 -8.23 -17.83 -58.23
CA ARG G 331 -9.00 -16.65 -57.85
C ARG G 331 -9.89 -16.97 -56.67
N LEU G 332 -10.46 -18.17 -56.67
CA LEU G 332 -11.33 -18.60 -55.59
C LEU G 332 -10.54 -18.65 -54.29
N ALA G 333 -9.43 -19.37 -54.31
CA ALA G 333 -8.57 -19.50 -53.13
C ALA G 333 -8.12 -18.13 -52.66
N ALA G 334 -7.72 -17.28 -53.60
CA ALA G 334 -7.28 -15.93 -53.29
C ALA G 334 -8.35 -15.15 -52.55
N MET G 335 -9.55 -15.11 -53.12
CA MET G 335 -10.66 -14.39 -52.51
C MET G 335 -10.99 -14.92 -51.12
N LEU G 336 -11.09 -16.24 -51.00
CA LEU G 336 -11.42 -16.88 -49.72
C LEU G 336 -10.45 -16.41 -48.63
N MET G 337 -9.16 -16.46 -48.91
CA MET G 337 -8.14 -16.06 -47.95
C MET G 337 -8.29 -14.59 -47.53
N ALA G 338 -8.59 -13.74 -48.52
CA ALA G 338 -8.74 -12.31 -48.28
C ALA G 338 -9.82 -12.01 -47.24
N THR G 339 -10.63 -13.02 -46.92
CA THR G 339 -11.71 -12.85 -45.95
C THR G 339 -11.49 -13.65 -44.67
N VAL G 340 -10.35 -13.48 -44.03
CA VAL G 340 -10.06 -14.19 -42.79
C VAL G 340 -9.05 -13.45 -41.92
N LYS G 341 -9.23 -13.54 -40.60
CA LYS G 341 -8.35 -12.90 -39.66
C LYS G 341 -6.97 -13.54 -39.75
N MET G 342 -6.18 -13.07 -40.72
CA MET G 342 -4.83 -13.60 -40.95
C MET G 342 -3.91 -13.46 -39.74
N GLU G 343 -3.85 -12.25 -39.18
CA GLU G 343 -3.00 -11.97 -38.04
C GLU G 343 -3.38 -12.78 -36.81
N GLU G 344 -4.39 -13.63 -36.95
CA GLU G 344 -4.85 -14.45 -35.82
C GLU G 344 -5.00 -15.91 -36.23
N LEU G 345 -4.40 -16.28 -37.37
CA LEU G 345 -4.47 -17.63 -37.89
C LEU G 345 -3.79 -18.62 -36.94
N GLY G 346 -2.71 -18.18 -36.30
CA GLY G 346 -1.99 -19.04 -35.39
C GLY G 346 -2.82 -19.53 -34.21
N HIS G 347 -3.79 -18.72 -33.79
CA HIS G 347 -4.65 -19.08 -32.67
C HIS G 347 -5.74 -20.05 -33.10
N LEU G 348 -5.71 -20.46 -34.36
CA LEU G 348 -6.71 -21.39 -34.89
C LEU G 348 -6.28 -22.84 -34.65
N THR G 349 -7.13 -23.77 -35.07
CA THR G 349 -6.85 -25.19 -34.90
C THR G 349 -5.82 -25.70 -35.90
N THR G 350 -5.34 -26.92 -35.69
CA THR G 350 -4.33 -27.53 -36.56
C THR G 350 -4.85 -27.81 -37.96
N GLU G 351 -5.84 -28.69 -38.06
CA GLU G 351 -6.42 -29.04 -39.36
C GLU G 351 -6.78 -27.80 -40.16
N LYS G 352 -7.39 -26.82 -39.48
CA LYS G 352 -7.79 -25.57 -40.10
C LYS G 352 -6.57 -24.76 -40.51
N GLN G 353 -5.50 -24.87 -39.73
CA GLN G 353 -4.28 -24.14 -40.00
C GLN G 353 -3.64 -24.58 -41.32
N GLU G 354 -3.54 -25.89 -41.52
CA GLU G 354 -2.97 -26.42 -42.75
C GLU G 354 -3.79 -25.89 -43.92
N TYR G 355 -5.07 -26.29 -43.96
CA TYR G 355 -5.98 -25.89 -45.01
C TYR G 355 -5.83 -24.40 -45.34
N ALA G 356 -5.66 -23.58 -44.32
CA ALA G 356 -5.49 -22.14 -44.49
C ALA G 356 -4.24 -21.85 -45.33
N LEU G 357 -3.08 -22.09 -44.75
CA LEU G 357 -1.81 -21.87 -45.43
C LEU G 357 -1.76 -22.64 -46.74
N ARG G 358 -2.26 -23.86 -46.71
CA ARG G 358 -2.27 -24.74 -47.87
C ARG G 358 -2.82 -24.03 -49.11
N LEU G 359 -4.10 -23.66 -49.06
CA LEU G 359 -4.73 -22.98 -50.18
C LEU G 359 -4.14 -21.58 -50.40
N ALA G 360 -3.50 -21.05 -49.36
CA ALA G 360 -2.89 -19.73 -49.45
C ALA G 360 -1.79 -19.75 -50.49
N THR G 361 -1.18 -20.91 -50.67
CA THR G 361 -0.10 -21.09 -51.64
C THR G 361 -0.68 -21.19 -53.05
N VAL G 362 -1.78 -21.92 -53.16
CA VAL G 362 -2.44 -22.12 -54.44
C VAL G 362 -2.97 -20.83 -55.08
N GLY G 363 -3.52 -19.94 -54.25
CA GLY G 363 -4.06 -18.69 -54.78
C GLY G 363 -3.15 -17.49 -54.76
N TYR G 364 -1.98 -17.63 -54.15
CA TYR G 364 -1.01 -16.53 -54.07
C TYR G 364 -0.83 -15.78 -55.40
N PRO G 365 -0.67 -16.52 -56.51
CA PRO G 365 -0.48 -15.92 -57.83
C PRO G 365 -1.58 -14.96 -58.33
N LYS G 366 -2.68 -15.54 -58.81
CA LYS G 366 -3.80 -14.78 -59.35
C LYS G 366 -4.28 -13.57 -58.55
N ALA G 367 -4.07 -13.56 -57.24
CA ALA G 367 -4.50 -12.44 -56.42
C ALA G 367 -3.78 -12.37 -55.07
N GLY G 368 -3.82 -11.20 -54.44
CA GLY G 368 -3.17 -11.04 -53.15
C GLY G 368 -1.91 -10.20 -53.22
N VAL G 369 -1.96 -9.12 -53.99
CA VAL G 369 -0.80 -8.24 -54.12
C VAL G 369 -0.72 -7.32 -52.90
N TYR G 370 -1.84 -7.25 -52.17
CA TYR G 370 -1.92 -6.43 -50.97
C TYR G 370 -2.69 -7.16 -49.88
N SER G 371 -2.75 -8.48 -49.99
CA SER G 371 -3.44 -9.31 -49.01
C SER G 371 -2.44 -9.78 -47.97
N GLY G 372 -2.87 -9.86 -46.72
CA GLY G 372 -1.99 -10.29 -45.65
C GLY G 372 -1.68 -11.77 -45.62
N LEU G 373 -1.29 -12.33 -46.76
CA LEU G 373 -0.96 -13.75 -46.83
C LEU G 373 0.28 -14.09 -46.03
N ILE G 374 1.38 -13.40 -46.33
CA ILE G 374 2.64 -13.64 -45.63
C ILE G 374 2.41 -13.46 -44.13
N GLY G 375 1.47 -12.58 -43.79
CA GLY G 375 1.16 -12.34 -42.38
C GLY G 375 0.68 -13.61 -41.71
N GLY G 376 -0.28 -14.28 -42.33
CA GLY G 376 -0.81 -15.51 -41.77
C GLY G 376 0.28 -16.53 -41.59
N ALA G 377 1.15 -16.66 -42.58
CA ALA G 377 2.26 -17.61 -42.53
C ALA G 377 3.15 -17.32 -41.31
N THR G 378 3.20 -16.05 -40.93
CA THR G 378 4.01 -15.63 -39.78
C THR G 378 3.30 -15.99 -38.48
N SER G 379 2.03 -15.62 -38.37
CA SER G 379 1.23 -15.90 -37.18
C SER G 379 1.26 -17.38 -36.83
N VAL G 380 1.05 -18.24 -37.83
CA VAL G 380 1.05 -19.67 -37.61
C VAL G 380 2.40 -20.14 -37.10
N LEU G 381 3.47 -19.58 -37.66
CA LEU G 381 4.83 -19.94 -37.25
C LEU G 381 5.11 -19.46 -35.84
N LEU G 382 4.76 -18.20 -35.58
CA LEU G 382 4.96 -17.60 -34.26
C LEU G 382 4.44 -18.51 -33.16
N SER G 383 3.20 -18.98 -33.33
CA SER G 383 2.59 -19.85 -32.35
C SER G 383 3.46 -21.09 -32.11
N ALA G 384 3.86 -21.73 -33.20
CA ALA G 384 4.70 -22.91 -33.15
C ALA G 384 5.93 -22.71 -32.27
N TYR G 385 6.64 -21.62 -32.53
CA TYR G 385 7.85 -21.30 -31.80
C TYR G 385 7.64 -21.11 -30.30
N ASN G 386 6.66 -20.30 -29.93
CA ASN G 386 6.35 -20.02 -28.53
C ASN G 386 6.11 -21.29 -27.71
N ARG G 387 5.50 -22.29 -28.32
CA ARG G 387 5.17 -23.53 -27.62
C ARG G 387 6.35 -24.49 -27.41
N HIS G 388 7.49 -24.23 -28.04
CA HIS G 388 8.64 -25.11 -27.89
C HIS G 388 9.98 -24.42 -27.68
N PRO G 389 11.04 -25.20 -27.38
CA PRO G 389 12.39 -24.67 -27.15
C PRO G 389 13.35 -24.79 -28.34
N LEU G 390 13.07 -24.05 -29.41
CA LEU G 390 13.92 -24.05 -30.60
C LEU G 390 14.14 -25.43 -31.21
N PHE G 391 13.04 -26.11 -31.52
CA PHE G 391 13.09 -27.44 -32.12
C PHE G 391 11.67 -27.99 -32.21
N GLN G 392 11.27 -28.39 -33.41
CA GLN G 392 9.94 -28.94 -33.62
C GLN G 392 10.02 -30.46 -33.66
N PRO G 393 9.02 -31.14 -33.10
CA PRO G 393 9.02 -32.61 -33.09
C PRO G 393 9.34 -33.13 -34.49
N LEU G 394 10.28 -34.08 -34.56
CA LEU G 394 10.68 -34.64 -35.84
C LEU G 394 9.56 -35.07 -36.77
N HIS G 395 8.45 -35.53 -36.19
CA HIS G 395 7.31 -35.96 -36.99
C HIS G 395 5.99 -35.51 -36.38
N THR G 396 5.85 -34.21 -36.16
CA THR G 396 4.63 -33.67 -35.59
C THR G 396 3.70 -33.19 -36.71
N VAL G 397 2.41 -33.15 -36.41
CA VAL G 397 1.41 -32.71 -37.38
C VAL G 397 1.68 -31.26 -37.78
N MET G 398 2.21 -30.48 -36.85
CA MET G 398 2.51 -29.08 -37.10
C MET G 398 3.74 -28.87 -37.97
N ARG G 399 4.69 -29.81 -37.91
CA ARG G 399 5.90 -29.70 -38.72
C ARG G 399 5.47 -29.56 -40.17
N GLU G 400 4.54 -30.43 -40.58
CA GLU G 400 4.01 -30.43 -41.94
C GLU G 400 3.43 -29.06 -42.25
N THR G 401 2.87 -28.42 -41.23
CA THR G 401 2.25 -27.11 -41.38
C THR G 401 3.27 -26.03 -41.76
N LEU G 402 4.29 -25.86 -40.94
CA LEU G 402 5.32 -24.85 -41.21
C LEU G 402 5.91 -25.03 -42.60
N PHE G 403 5.93 -26.28 -43.08
CA PHE G 403 6.46 -26.56 -44.42
C PHE G 403 5.56 -25.95 -45.47
N ILE G 404 4.26 -26.12 -45.32
CA ILE G 404 3.29 -25.59 -46.26
C ILE G 404 3.37 -24.06 -46.29
N GLY G 405 3.55 -23.47 -45.11
CA GLY G 405 3.63 -22.02 -45.03
C GLY G 405 4.90 -21.44 -45.63
N SER G 406 6.03 -22.12 -45.42
CA SER G 406 7.30 -21.65 -45.93
C SER G 406 7.22 -21.30 -47.41
N HIS G 407 6.47 -22.09 -48.17
CA HIS G 407 6.33 -21.87 -49.60
C HIS G 407 5.82 -20.47 -49.94
N VAL G 408 4.73 -20.07 -49.29
CA VAL G 408 4.16 -18.75 -49.54
C VAL G 408 5.09 -17.65 -49.05
N VAL G 409 6.03 -18.01 -48.20
CA VAL G 409 7.00 -17.04 -47.66
C VAL G 409 8.18 -16.90 -48.61
N LEU G 410 8.69 -18.03 -49.08
CA LEU G 410 9.81 -18.06 -50.00
C LEU G 410 9.46 -17.26 -51.26
N ARG G 411 8.31 -17.60 -51.84
CA ARG G 411 7.82 -16.94 -53.04
C ARG G 411 7.89 -15.43 -52.84
N GLU G 412 7.45 -14.97 -51.67
CA GLU G 412 7.45 -13.55 -51.34
C GLU G 412 8.87 -13.01 -51.37
N LEU G 413 9.77 -13.67 -50.65
CA LEU G 413 11.17 -13.28 -50.58
C LEU G 413 11.81 -13.09 -51.95
N ARG G 414 11.58 -14.05 -52.85
CA ARG G 414 12.14 -14.01 -54.19
C ARG G 414 11.81 -12.73 -54.96
N LEU G 415 10.72 -12.07 -54.59
CA LEU G 415 10.30 -10.84 -55.26
C LEU G 415 11.22 -9.67 -54.94
N ASN G 416 10.97 -8.54 -55.59
CA ASN G 416 11.78 -7.34 -55.39
C ASN G 416 10.96 -6.21 -54.79
N VAL G 417 9.71 -6.52 -54.42
CA VAL G 417 8.83 -5.53 -53.82
C VAL G 417 8.87 -5.68 -52.31
N THR G 418 9.58 -4.79 -51.64
CA THR G 418 9.72 -4.83 -50.19
C THR G 418 8.39 -4.59 -49.48
N THR G 419 7.55 -5.62 -49.45
CA THR G 419 6.25 -5.54 -48.81
C THR G 419 6.26 -6.47 -47.61
N GLN G 420 5.90 -5.93 -46.44
CA GLN G 420 5.87 -6.71 -45.21
C GLN G 420 7.28 -7.19 -44.89
N GLY G 421 8.27 -6.42 -45.33
CA GLY G 421 9.66 -6.77 -45.08
C GLY G 421 9.87 -7.02 -43.59
N PRO G 422 9.39 -6.10 -42.73
CA PRO G 422 9.54 -6.27 -41.28
C PRO G 422 8.84 -7.54 -40.80
N ASN G 423 7.63 -7.76 -41.29
CA ASN G 423 6.84 -8.92 -40.91
C ASN G 423 7.47 -10.20 -41.45
N LEU G 424 8.19 -10.07 -42.57
CA LEU G 424 8.85 -11.21 -43.19
C LEU G 424 10.19 -11.49 -42.52
N ALA G 425 10.97 -10.43 -42.29
CA ALA G 425 12.27 -10.57 -41.66
C ALA G 425 12.11 -11.38 -40.38
N LEU G 426 10.99 -11.18 -39.70
CA LEU G 426 10.69 -11.89 -38.47
C LEU G 426 10.69 -13.40 -38.72
N TYR G 427 9.98 -13.82 -39.75
CA TYR G 427 9.88 -15.24 -40.11
C TYR G 427 11.28 -15.85 -40.17
N GLN G 428 12.20 -15.13 -40.81
CA GLN G 428 13.57 -15.59 -40.95
C GLN G 428 14.23 -15.73 -39.58
N LEU G 429 14.07 -14.69 -38.75
CA LEU G 429 14.64 -14.69 -37.41
C LEU G 429 14.20 -15.93 -36.63
N LEU G 430 12.89 -16.13 -36.55
CA LEU G 430 12.33 -17.28 -35.83
C LEU G 430 12.92 -18.58 -36.33
N SER G 431 12.76 -18.86 -37.62
CA SER G 431 13.29 -20.08 -38.22
C SER G 431 14.77 -20.24 -37.92
N THR G 432 15.50 -19.13 -37.93
CA THR G 432 16.93 -19.15 -37.65
C THR G 432 17.16 -19.73 -36.27
N ALA G 433 16.45 -19.21 -35.29
CA ALA G 433 16.57 -19.69 -33.91
C ALA G 433 16.21 -21.17 -33.88
N LEU G 434 15.18 -21.53 -34.62
CA LEU G 434 14.72 -22.92 -34.69
C LEU G 434 15.79 -23.82 -35.30
N CYS G 435 16.72 -23.23 -36.04
CA CYS G 435 17.79 -24.02 -36.65
C CYS G 435 18.89 -24.23 -35.62
N SER G 436 18.49 -24.59 -34.40
CA SER G 436 19.42 -24.83 -33.30
C SER G 436 20.20 -26.13 -33.49
N ALA G 437 21.23 -26.32 -32.66
CA ALA G 437 22.06 -27.52 -32.71
C ALA G 437 21.19 -28.76 -32.51
N LEU G 438 20.10 -28.59 -31.76
CA LEU G 438 19.18 -29.69 -31.49
C LEU G 438 18.46 -30.06 -32.78
N GLU G 439 17.98 -29.03 -33.48
CA GLU G 439 17.27 -29.20 -34.74
C GLU G 439 18.19 -29.85 -35.77
N ILE G 440 19.20 -29.10 -36.18
CA ILE G 440 20.17 -29.57 -37.16
C ILE G 440 20.70 -30.95 -36.80
N GLY G 441 20.78 -31.22 -35.51
CA GLY G 441 21.28 -32.51 -35.05
C GLY G 441 20.30 -33.64 -35.33
N GLU G 442 19.06 -33.46 -34.88
CA GLU G 442 18.02 -34.47 -35.08
C GLU G 442 17.73 -34.73 -36.56
N VAL G 443 17.77 -33.68 -37.37
CA VAL G 443 17.52 -33.83 -38.79
C VAL G 443 18.51 -34.80 -39.41
N LEU G 444 19.77 -34.66 -39.03
CA LEU G 444 20.81 -35.56 -39.54
C LEU G 444 20.54 -36.98 -39.08
N ARG G 445 20.27 -37.14 -37.79
CA ARG G 445 19.97 -38.45 -37.21
C ARG G 445 18.94 -39.17 -38.07
N GLY G 446 17.81 -38.50 -38.32
CA GLY G 446 16.76 -39.08 -39.12
C GLY G 446 17.20 -39.42 -40.54
N LEU G 447 17.95 -38.51 -41.15
CA LEU G 447 18.43 -38.72 -42.51
C LEU G 447 19.25 -40.00 -42.62
N ALA G 448 20.18 -40.18 -41.68
CA ALA G 448 21.04 -41.34 -41.67
C ALA G 448 20.23 -42.62 -41.44
N LEU G 449 19.36 -42.59 -40.45
CA LEU G 449 18.51 -43.75 -40.13
C LEU G 449 17.37 -43.91 -41.12
N GLY G 450 17.25 -42.96 -42.04
CA GLY G 450 16.21 -43.01 -43.05
C GLY G 450 14.78 -42.83 -42.58
N THR G 451 14.60 -42.19 -41.43
CA THR G 451 13.25 -41.97 -40.90
C THR G 451 12.71 -40.64 -41.43
N GLU G 452 13.60 -39.67 -41.58
CA GLU G 452 13.23 -38.35 -42.08
C GLU G 452 13.68 -38.18 -43.53
N SER G 453 12.79 -37.67 -44.37
CA SER G 453 13.08 -37.46 -45.77
C SER G 453 13.97 -36.24 -45.97
N GLY G 454 13.83 -35.27 -45.07
CA GLY G 454 14.62 -34.06 -45.17
C GLY G 454 13.96 -33.06 -46.09
N LEU G 455 12.65 -33.22 -46.27
CA LEU G 455 11.88 -32.34 -47.13
C LEU G 455 11.82 -30.91 -46.62
N PHE G 456 11.68 -30.75 -45.31
CA PHE G 456 11.59 -29.42 -44.72
C PHE G 456 12.33 -29.25 -43.40
N SER G 457 12.76 -28.02 -43.15
CA SER G 457 13.47 -27.64 -41.94
C SER G 457 13.50 -26.12 -41.86
N PRO G 458 13.32 -25.56 -40.66
CA PRO G 458 13.32 -24.11 -40.50
C PRO G 458 14.64 -23.47 -40.95
N CYS G 459 15.64 -24.31 -41.19
CA CYS G 459 16.95 -23.84 -41.62
C CYS G 459 16.90 -23.34 -43.07
N TYR G 460 16.12 -24.01 -43.90
CA TYR G 460 16.00 -23.65 -45.31
C TYR G 460 15.66 -22.19 -45.57
N LEU G 461 15.17 -21.50 -44.55
CA LEU G 461 14.82 -20.10 -44.68
C LEU G 461 15.54 -19.28 -43.62
N SER G 462 16.24 -19.98 -42.73
CA SER G 462 16.98 -19.33 -41.66
C SER G 462 18.16 -18.54 -42.21
N LEU G 463 18.66 -17.60 -41.42
CA LEU G 463 19.79 -16.77 -41.83
C LEU G 463 21.06 -17.31 -41.18
N ARG G 464 21.13 -18.62 -41.03
CA ARG G 464 22.28 -19.27 -40.42
C ARG G 464 23.15 -19.91 -41.49
N PHE G 465 24.12 -19.14 -41.98
CA PHE G 465 25.04 -19.59 -43.01
C PHE G 465 26.35 -20.08 -42.38
N ASP G 466 26.25 -20.58 -41.16
CA ASP G 466 27.41 -21.09 -40.42
C ASP G 466 27.70 -22.56 -40.68
N LEU G 467 26.64 -23.34 -40.90
CA LEU G 467 26.79 -24.77 -41.14
C LEU G 467 27.45 -25.12 -42.47
N THR G 468 28.64 -25.71 -42.40
CA THR G 468 29.38 -26.13 -43.58
C THR G 468 29.58 -27.64 -43.52
N ARG G 469 30.31 -28.19 -44.48
CA ARG G 469 30.56 -29.63 -44.52
C ARG G 469 31.07 -30.14 -43.18
N ASP G 470 32.09 -29.48 -42.65
CA ASP G 470 32.68 -29.87 -41.37
C ASP G 470 31.80 -29.48 -40.18
N LYS G 471 31.41 -28.22 -40.12
CA LYS G 471 30.56 -27.74 -39.03
C LYS G 471 29.33 -28.61 -38.84
N LEU G 472 28.71 -28.98 -39.95
CA LEU G 472 27.51 -29.83 -39.92
C LEU G 472 27.87 -31.19 -39.33
N LEU G 473 29.03 -31.70 -39.68
CA LEU G 473 29.48 -33.00 -39.20
C LEU G 473 29.68 -32.94 -37.68
N SER G 474 29.80 -31.73 -37.14
CA SER G 474 29.99 -31.54 -35.71
C SER G 474 28.68 -31.73 -34.96
N MET G 475 27.61 -31.14 -35.47
CA MET G 475 26.30 -31.26 -34.85
C MET G 475 25.77 -32.70 -34.94
N ALA G 476 26.29 -33.46 -35.90
CA ALA G 476 25.88 -34.84 -36.09
C ALA G 476 25.99 -35.62 -34.78
N PRO G 477 25.05 -36.54 -34.53
CA PRO G 477 25.06 -37.37 -33.31
C PRO G 477 26.25 -38.31 -33.23
N GLN G 478 26.89 -38.34 -32.07
CA GLN G 478 28.06 -39.20 -31.85
C GLN G 478 27.61 -40.50 -31.18
N GLU G 479 27.33 -41.51 -32.01
CA GLU G 479 26.89 -42.80 -31.48
C GLU G 479 27.31 -43.95 -32.39
N ALA G 480 27.69 -45.07 -31.79
CA ALA G 480 28.13 -46.25 -32.53
C ALA G 480 26.92 -46.95 -33.13
N THR G 481 25.73 -46.54 -32.71
CA THR G 481 24.48 -47.11 -33.19
C THR G 481 24.16 -46.58 -34.58
N LEU G 482 24.95 -45.61 -35.04
CA LEU G 482 24.75 -45.01 -36.35
C LEU G 482 25.96 -45.23 -37.26
N ASP G 483 25.69 -45.77 -38.45
CA ASP G 483 26.75 -46.05 -39.41
C ASP G 483 27.49 -44.77 -39.80
N GLN G 484 28.73 -44.65 -39.33
CA GLN G 484 29.56 -43.49 -39.61
C GLN G 484 29.53 -43.11 -41.09
N ALA G 485 29.39 -44.12 -41.95
CA ALA G 485 29.35 -43.89 -43.39
C ALA G 485 28.01 -43.27 -43.77
N ALA G 486 26.94 -43.84 -43.25
CA ALA G 486 25.59 -43.35 -43.53
C ALA G 486 25.46 -41.88 -43.09
N VAL G 487 26.02 -41.58 -41.92
CA VAL G 487 25.98 -40.22 -41.39
C VAL G 487 26.55 -39.22 -42.39
N SER G 488 27.72 -39.53 -42.94
CA SER G 488 28.36 -38.65 -43.90
C SER G 488 27.42 -38.27 -45.04
N ASN G 489 26.73 -39.27 -45.60
CA ASN G 489 25.80 -39.03 -46.69
C ASN G 489 24.72 -38.04 -46.25
N ALA G 490 24.21 -38.22 -45.05
CA ALA G 490 23.18 -37.33 -44.51
C ALA G 490 23.70 -35.90 -44.46
N VAL G 491 24.88 -35.73 -43.86
CA VAL G 491 25.48 -34.41 -43.75
C VAL G 491 25.62 -33.78 -45.14
N ASP G 492 26.11 -34.56 -46.09
CA ASP G 492 26.28 -34.10 -47.46
C ASP G 492 24.94 -33.75 -48.07
N GLY G 493 23.97 -34.64 -47.89
CA GLY G 493 22.65 -34.41 -48.44
C GLY G 493 22.03 -33.11 -47.93
N PHE G 494 22.03 -32.94 -46.62
CA PHE G 494 21.47 -31.74 -46.00
C PHE G 494 22.13 -30.50 -46.60
N LEU G 495 23.45 -30.48 -46.59
CA LEU G 495 24.21 -29.35 -47.13
C LEU G 495 23.78 -29.06 -48.56
N GLY G 496 23.49 -30.12 -49.32
CA GLY G 496 23.08 -29.97 -50.69
C GLY G 496 21.73 -29.29 -50.88
N ARG G 497 20.68 -29.85 -50.27
CA ARG G 497 19.35 -29.28 -50.39
C ARG G 497 19.30 -27.88 -49.79
N LEU G 498 20.24 -27.60 -48.89
CA LEU G 498 20.31 -26.30 -48.24
C LEU G 498 20.80 -25.23 -49.21
N SER G 499 21.75 -25.61 -50.06
CA SER G 499 22.32 -24.69 -51.04
C SER G 499 21.39 -24.48 -52.23
N LEU G 500 20.35 -25.31 -52.33
CA LEU G 500 19.40 -25.21 -53.43
C LEU G 500 18.10 -24.56 -52.99
N GLU G 501 17.61 -24.94 -51.82
CA GLU G 501 16.37 -24.38 -51.29
C GLU G 501 16.60 -22.93 -50.89
N ARG G 502 17.80 -22.63 -50.39
CA ARG G 502 18.15 -21.28 -49.97
C ARG G 502 19.06 -20.59 -50.96
N GLU G 503 18.80 -19.31 -51.22
CA GLU G 503 19.62 -18.55 -52.15
C GLU G 503 20.32 -17.45 -51.37
N ASP G 504 21.19 -16.70 -52.04
CA ASP G 504 21.91 -15.62 -51.39
C ASP G 504 21.10 -14.34 -51.57
N ARG G 505 20.12 -14.40 -52.46
CA ARG G 505 19.26 -13.26 -52.74
C ARG G 505 18.03 -13.28 -51.84
N ASP G 506 17.93 -14.32 -51.03
CA ASP G 506 16.81 -14.46 -50.10
C ASP G 506 16.92 -13.45 -48.97
N ALA G 507 17.97 -12.63 -49.02
CA ALA G 507 18.20 -11.62 -47.99
C ALA G 507 18.44 -10.21 -48.53
N TRP G 508 18.16 -9.99 -49.80
CA TRP G 508 18.35 -8.67 -50.40
C TRP G 508 17.24 -7.75 -49.90
N HIS G 509 16.35 -8.30 -49.08
CA HIS G 509 15.25 -7.54 -48.51
C HIS G 509 15.61 -7.02 -47.12
N LEU G 510 16.52 -7.72 -46.45
CA LEU G 510 16.96 -7.32 -45.11
C LEU G 510 17.74 -6.02 -45.19
N PRO G 511 17.39 -5.04 -44.35
CA PRO G 511 18.03 -3.72 -44.29
C PRO G 511 19.53 -3.71 -44.05
N ALA G 512 19.98 -4.47 -43.05
CA ALA G 512 21.40 -4.53 -42.70
C ALA G 512 22.31 -5.17 -43.74
N TYR G 513 21.74 -5.96 -44.64
CA TYR G 513 22.52 -6.64 -45.67
C TYR G 513 23.52 -5.73 -46.40
N LYS G 514 23.03 -4.55 -46.77
CA LYS G 514 23.84 -3.55 -47.49
C LYS G 514 25.11 -3.14 -46.76
N CYS G 515 25.28 -3.61 -45.53
CA CYS G 515 26.43 -3.22 -44.73
C CYS G 515 27.58 -4.22 -44.60
N VAL G 516 27.52 -5.32 -45.34
CA VAL G 516 28.58 -6.32 -45.24
C VAL G 516 29.51 -6.39 -46.45
N ASP G 517 30.77 -6.02 -46.24
CA ASP G 517 31.77 -6.05 -47.31
C ASP G 517 32.06 -7.51 -47.67
N ARG G 518 32.85 -8.19 -46.84
CA ARG G 518 33.17 -9.59 -47.08
C ARG G 518 32.03 -10.44 -46.51
N LEU G 519 30.93 -10.52 -47.26
CA LEU G 519 29.76 -11.27 -46.84
C LEU G 519 29.95 -12.78 -46.83
N ASP G 520 31.00 -13.25 -47.50
CA ASP G 520 31.28 -14.68 -47.56
C ASP G 520 31.75 -15.23 -46.22
N LYS G 521 32.29 -14.36 -45.37
CA LYS G 521 32.77 -14.77 -44.06
C LYS G 521 31.74 -14.47 -42.99
N VAL G 522 30.47 -14.46 -43.40
CA VAL G 522 29.37 -14.20 -42.47
C VAL G 522 28.79 -15.51 -41.97
N LEU G 523 28.83 -15.71 -40.66
CA LEU G 523 28.31 -16.92 -40.05
C LEU G 523 26.78 -16.90 -39.99
N MET G 524 26.23 -15.84 -39.40
CA MET G 524 24.78 -15.72 -39.31
C MET G 524 24.36 -14.32 -38.89
N ILE G 525 23.23 -13.87 -39.44
CA ILE G 525 22.70 -12.55 -39.13
C ILE G 525 21.42 -12.67 -38.31
N ILE G 526 21.30 -11.85 -37.27
CA ILE G 526 20.14 -11.89 -36.40
C ILE G 526 19.32 -10.59 -36.46
N PRO G 527 18.26 -10.58 -37.29
CA PRO G 527 17.41 -9.40 -37.43
C PRO G 527 16.61 -9.15 -36.16
N LEU G 528 16.91 -8.05 -35.48
CA LEU G 528 16.20 -7.71 -34.25
C LEU G 528 15.19 -6.59 -34.48
N ILE G 529 14.55 -6.16 -33.40
CA ILE G 529 13.54 -5.11 -33.46
C ILE G 529 14.11 -3.75 -33.88
N ASN G 530 14.97 -3.18 -33.05
CA ASN G 530 15.57 -1.88 -33.35
C ASN G 530 16.95 -1.98 -33.99
N VAL G 531 17.50 -3.19 -34.06
CA VAL G 531 18.81 -3.40 -34.65
C VAL G 531 18.90 -4.76 -35.32
N THR G 532 20.08 -5.08 -35.85
CA THR G 532 20.32 -6.36 -36.52
C THR G 532 21.78 -6.76 -36.34
N PHE G 533 22.00 -7.88 -35.66
CA PHE G 533 23.34 -8.38 -35.41
C PHE G 533 23.91 -9.21 -36.55
N ILE G 534 25.20 -9.02 -36.82
CA ILE G 534 25.89 -9.75 -37.88
C ILE G 534 27.10 -10.48 -37.33
N ILE G 535 26.95 -11.78 -37.11
CA ILE G 535 28.04 -12.61 -36.60
C ILE G 535 28.89 -13.06 -37.79
N SER G 536 30.18 -12.76 -37.74
CA SER G 536 31.07 -13.15 -38.84
C SER G 536 32.51 -13.32 -38.37
N SER G 537 33.36 -13.80 -39.27
CA SER G 537 34.76 -14.01 -38.97
C SER G 537 35.59 -12.87 -39.56
N ASP G 538 34.95 -11.74 -39.77
CA ASP G 538 35.62 -10.56 -40.32
C ASP G 538 35.12 -9.30 -39.63
N ARG G 539 36.05 -8.39 -39.35
CA ARG G 539 35.71 -7.13 -38.71
C ARG G 539 35.47 -6.06 -39.76
N GLU G 540 35.04 -6.50 -40.94
CA GLU G 540 34.78 -5.59 -42.05
C GLU G 540 33.38 -5.00 -42.05
N VAL G 541 32.44 -5.67 -41.40
CA VAL G 541 31.07 -5.17 -41.33
C VAL G 541 31.10 -3.75 -40.79
N ARG G 542 30.37 -2.85 -41.43
CA ARG G 542 30.34 -1.44 -41.00
C ARG G 542 29.13 -1.10 -40.15
N GLY G 543 28.98 -1.78 -39.02
CA GLY G 543 27.86 -1.52 -38.13
C GLY G 543 28.07 -0.31 -37.24
N SER G 544 27.86 -0.48 -35.94
CA SER G 544 28.02 0.59 -34.97
C SER G 544 29.19 0.32 -34.03
N ALA G 545 29.45 -0.95 -33.78
CA ALA G 545 30.53 -1.35 -32.90
C ALA G 545 31.02 -2.75 -33.27
N LEU G 546 32.18 -3.12 -32.75
CA LEU G 546 32.74 -4.42 -33.03
C LEU G 546 32.97 -5.22 -31.75
N TYR G 547 32.43 -6.43 -31.72
CA TYR G 547 32.57 -7.31 -30.56
C TYR G 547 33.35 -8.56 -30.97
N GLU G 548 34.11 -9.11 -30.03
CA GLU G 548 34.90 -10.30 -30.30
C GLU G 548 34.91 -11.25 -29.11
N ALA G 549 34.55 -12.50 -29.37
CA ALA G 549 34.52 -13.52 -28.33
C ALA G 549 35.95 -13.85 -27.90
N SER G 550 36.10 -14.42 -26.71
CA SER G 550 37.42 -14.76 -26.19
C SER G 550 38.04 -15.96 -26.89
N THR G 551 37.21 -16.81 -27.49
CA THR G 551 37.68 -18.01 -28.18
C THR G 551 38.43 -17.72 -29.48
N THR G 552 39.52 -18.46 -29.67
CA THR G 552 40.37 -18.32 -30.86
C THR G 552 40.63 -19.72 -31.42
N TYR G 553 39.92 -20.70 -30.86
CA TYR G 553 40.03 -22.09 -31.28
C TYR G 553 39.70 -22.25 -32.76
N LEU G 554 38.70 -21.52 -33.20
CA LEU G 554 38.27 -21.58 -34.59
C LEU G 554 39.40 -21.13 -35.51
N SER G 555 39.21 -21.34 -36.80
CA SER G 555 40.19 -20.95 -37.80
C SER G 555 40.44 -19.46 -37.67
N SER G 556 39.37 -18.68 -37.77
CA SER G 556 39.44 -17.23 -37.65
C SER G 556 38.83 -16.79 -36.33
N SER G 557 38.45 -15.51 -36.23
CA SER G 557 37.86 -14.98 -35.02
C SER G 557 36.34 -14.95 -35.07
N LEU G 558 35.72 -14.73 -33.92
CA LEU G 558 34.26 -14.66 -33.82
C LEU G 558 33.84 -13.22 -33.51
N PHE G 559 33.43 -12.49 -34.53
CA PHE G 559 33.01 -11.11 -34.37
C PHE G 559 31.50 -10.92 -34.29
N LEU G 560 31.07 -9.81 -33.72
CA LEU G 560 29.66 -9.47 -33.57
C LEU G 560 29.42 -8.02 -33.96
N SER G 561 28.93 -7.80 -35.18
CA SER G 561 28.67 -6.46 -35.67
C SER G 561 27.18 -6.10 -35.65
N PRO G 562 26.79 -5.15 -34.79
CA PRO G 562 25.40 -4.72 -34.68
C PRO G 562 25.11 -3.44 -35.47
N VAL G 563 24.07 -3.49 -36.31
CA VAL G 563 23.69 -2.33 -37.10
C VAL G 563 22.51 -1.65 -36.42
N ILE G 564 22.80 -0.58 -35.68
CA ILE G 564 21.75 0.14 -34.97
C ILE G 564 20.83 0.89 -35.94
N MET G 565 19.53 0.81 -35.68
CA MET G 565 18.53 1.47 -36.51
C MET G 565 18.67 1.05 -37.97
N ASN G 566 19.09 -0.19 -38.18
CA ASN G 566 19.27 -0.77 -39.52
C ASN G 566 19.93 0.14 -40.54
N LYS G 567 20.72 1.10 -40.08
CA LYS G 567 21.43 1.99 -40.98
C LYS G 567 22.90 1.97 -40.54
N CYS G 568 23.79 1.72 -41.49
CA CYS G 568 25.20 1.65 -41.16
C CYS G 568 26.01 2.89 -41.47
N SER G 569 27.08 3.07 -40.70
CA SER G 569 27.98 4.20 -40.85
C SER G 569 29.09 3.84 -41.82
N GLN G 570 29.75 4.85 -42.37
CA GLN G 570 30.82 4.66 -43.32
C GLN G 570 32.11 4.18 -42.64
N GLY G 571 32.63 3.04 -43.10
CA GLY G 571 33.85 2.50 -42.54
C GLY G 571 33.60 1.64 -41.31
N ALA G 572 34.48 0.67 -41.09
CA ALA G 572 34.37 -0.22 -39.95
C ALA G 572 34.84 0.46 -38.67
N VAL G 573 34.69 -0.23 -37.54
CA VAL G 573 35.09 0.31 -36.25
C VAL G 573 36.59 0.52 -36.17
N ALA G 574 37.01 1.36 -35.22
CA ALA G 574 38.43 1.66 -35.02
C ALA G 574 39.16 0.38 -34.62
N GLY G 575 40.48 0.49 -34.47
CA GLY G 575 41.29 -0.66 -34.09
C GLY G 575 40.86 -1.19 -32.74
N GLU G 576 41.24 -2.43 -32.45
CA GLU G 576 40.92 -3.08 -31.17
C GLU G 576 39.43 -3.22 -30.93
N PRO G 577 38.92 -4.46 -31.00
CA PRO G 577 37.49 -4.70 -30.79
C PRO G 577 37.10 -4.57 -29.31
N ARG G 578 35.81 -4.34 -29.07
CA ARG G 578 35.31 -4.20 -27.71
C ARG G 578 35.14 -5.63 -27.17
N GLN G 579 35.59 -5.87 -25.94
CA GLN G 579 35.50 -7.20 -25.35
C GLN G 579 34.15 -7.44 -24.69
N ILE G 580 33.64 -8.66 -24.84
CA ILE G 580 32.37 -9.04 -24.26
C ILE G 580 32.46 -9.17 -22.74
N PRO G 581 31.79 -8.29 -22.01
CA PRO G 581 31.81 -8.30 -20.54
C PRO G 581 31.05 -9.51 -19.99
N LYS G 582 31.56 -10.06 -18.89
CA LYS G 582 30.92 -11.23 -18.26
C LYS G 582 29.98 -10.75 -17.15
N ILE G 583 28.79 -11.34 -17.10
CA ILE G 583 27.81 -10.95 -16.11
C ILE G 583 27.23 -12.13 -15.33
N GLN G 584 27.05 -11.93 -14.02
CA GLN G 584 26.50 -12.95 -13.13
C GLN G 584 25.42 -12.32 -12.27
N ASN G 585 25.08 -11.07 -12.55
CA ASN G 585 24.08 -10.34 -11.79
C ASN G 585 22.68 -10.96 -11.82
N PHE G 586 22.06 -10.98 -12.99
CA PHE G 586 20.71 -11.51 -13.15
C PHE G 586 20.46 -12.82 -12.40
N THR G 587 19.27 -12.92 -11.82
CA THR G 587 18.88 -14.12 -11.08
C THR G 587 17.96 -14.96 -11.97
N ARG G 588 17.89 -16.26 -11.72
CA ARG G 588 17.07 -17.15 -12.52
C ARG G 588 15.59 -16.73 -12.55
N THR G 589 14.91 -16.88 -11.42
CA THR G 589 13.49 -16.51 -11.34
C THR G 589 13.33 -15.05 -11.77
N GLN G 590 12.41 -14.82 -12.71
CA GLN G 590 12.14 -13.47 -13.20
C GLN G 590 10.66 -13.14 -13.28
N LYS G 591 10.30 -12.00 -12.71
CA LYS G 591 8.91 -11.55 -12.70
C LYS G 591 8.47 -11.15 -14.11
N SER G 592 9.03 -10.05 -14.61
CA SER G 592 8.69 -9.56 -15.94
C SER G 592 9.62 -10.10 -17.02
N CYS G 593 9.36 -9.69 -18.25
CA CYS G 593 10.14 -10.12 -19.42
C CYS G 593 11.35 -9.21 -19.63
N ILE G 594 12.44 -9.49 -18.92
CA ILE G 594 13.66 -8.69 -19.05
C ILE G 594 14.24 -8.81 -20.45
N PHE G 595 14.70 -10.01 -20.79
CA PHE G 595 15.27 -10.26 -22.11
C PHE G 595 14.14 -10.55 -23.08
N CYS G 596 13.33 -9.54 -23.38
CA CYS G 596 12.21 -9.72 -24.28
C CYS G 596 12.60 -9.56 -25.75
N GLY G 597 12.72 -8.32 -26.20
CA GLY G 597 13.09 -8.08 -27.59
C GLY G 597 14.54 -8.45 -27.86
N PHE G 598 15.14 -9.19 -26.94
CA PHE G 598 16.53 -9.61 -27.08
C PHE G 598 16.66 -11.00 -27.66
N ALA G 599 17.91 -11.45 -27.83
CA ALA G 599 18.18 -12.77 -28.39
C ALA G 599 19.40 -13.40 -27.72
N LEU G 600 19.40 -14.72 -27.62
CA LEU G 600 20.50 -15.45 -27.01
C LEU G 600 21.32 -16.18 -28.07
N LEU G 601 22.63 -16.22 -27.88
CA LEU G 601 23.52 -16.88 -28.81
C LEU G 601 24.60 -17.66 -28.05
N SER G 602 24.54 -18.97 -28.13
CA SER G 602 25.51 -19.83 -27.46
C SER G 602 26.49 -20.39 -28.49
N TYR G 603 27.77 -20.36 -28.15
CA TYR G 603 28.79 -20.88 -29.06
C TYR G 603 29.76 -21.79 -28.31
N ASP G 604 30.23 -22.82 -29.00
CA ASP G 604 31.18 -23.74 -28.38
C ASP G 604 32.56 -23.19 -28.67
N GLU G 605 33.43 -23.27 -27.67
CA GLU G 605 34.79 -22.77 -27.80
C GLU G 605 35.52 -23.44 -28.97
N LYS G 606 35.39 -24.76 -29.07
CA LYS G 606 36.03 -25.51 -30.13
C LYS G 606 35.29 -25.39 -31.46
N GLU G 607 34.02 -25.78 -31.49
CA GLU G 607 33.24 -25.69 -32.72
C GLU G 607 32.69 -24.28 -32.94
N GLY G 608 31.91 -24.12 -34.01
CA GLY G 608 31.33 -22.83 -34.33
C GLY G 608 30.20 -22.41 -33.40
N LEU G 609 29.14 -21.86 -33.98
CA LEU G 609 27.99 -21.41 -33.20
C LEU G 609 27.01 -22.56 -32.97
N GLU G 610 26.57 -22.72 -31.72
CA GLU G 610 25.65 -23.78 -31.36
C GLU G 610 24.18 -23.44 -31.67
N THR G 611 23.52 -22.81 -30.72
CA THR G 611 22.11 -22.45 -30.88
C THR G 611 21.82 -20.98 -30.57
N THR G 612 20.80 -20.45 -31.23
CA THR G 612 20.40 -19.05 -31.04
C THR G 612 18.92 -19.03 -30.66
N THR G 613 18.55 -18.08 -29.79
CA THR G 613 17.16 -17.98 -29.34
C THR G 613 16.65 -16.56 -29.28
N TYR G 614 15.43 -16.36 -29.78
CA TYR G 614 14.78 -15.06 -29.75
C TYR G 614 13.61 -15.19 -28.79
N ILE G 615 13.71 -14.55 -27.63
CA ILE G 615 12.66 -14.62 -26.63
C ILE G 615 11.46 -13.77 -27.03
N THR G 616 10.54 -14.38 -27.77
CA THR G 616 9.34 -13.69 -28.23
C THR G 616 8.54 -13.06 -27.10
N SER G 617 8.11 -13.88 -26.16
CA SER G 617 7.32 -13.37 -25.04
C SER G 617 7.72 -13.95 -23.68
N GLN G 618 6.98 -13.54 -22.65
CA GLN G 618 7.20 -13.97 -21.28
C GLN G 618 7.29 -15.49 -21.14
N GLU G 619 6.26 -16.18 -21.60
CA GLU G 619 6.21 -17.65 -21.52
C GLU G 619 7.52 -18.29 -21.98
N VAL G 620 8.10 -17.76 -23.06
CA VAL G 620 9.34 -18.29 -23.60
C VAL G 620 10.52 -18.09 -22.64
N GLN G 621 10.68 -16.88 -22.12
CA GLN G 621 11.78 -16.59 -21.20
C GLN G 621 11.76 -17.53 -20.01
N ASN G 622 10.57 -17.87 -19.54
CA ASN G 622 10.42 -18.77 -18.41
C ASN G 622 10.84 -20.19 -18.81
N SER G 623 10.41 -20.62 -19.98
CA SER G 623 10.74 -21.95 -20.48
C SER G 623 12.20 -22.05 -20.90
N ILE G 624 13.02 -21.09 -20.46
CA ILE G 624 14.43 -21.08 -20.78
C ILE G 624 15.27 -20.98 -19.51
N LEU G 625 14.84 -20.11 -18.59
CA LEU G 625 15.54 -19.93 -17.33
C LEU G 625 15.17 -21.04 -16.36
N SER G 626 14.05 -21.70 -16.62
CA SER G 626 13.60 -22.80 -15.78
C SER G 626 14.25 -24.09 -16.26
N SER G 627 14.21 -24.32 -17.56
CA SER G 627 14.80 -25.51 -18.15
C SER G 627 16.32 -25.42 -18.03
N ASN G 628 17.02 -26.44 -18.53
CA ASN G 628 18.47 -26.47 -18.47
C ASN G 628 19.10 -25.93 -19.74
N TYR G 629 18.53 -24.85 -20.27
CA TYR G 629 19.05 -24.22 -21.47
C TYR G 629 20.48 -23.76 -21.22
N PHE G 630 20.74 -23.37 -19.98
CA PHE G 630 22.06 -22.90 -19.57
C PHE G 630 22.88 -24.00 -18.91
N ASP G 631 24.20 -23.88 -19.02
CA ASP G 631 25.11 -24.86 -18.43
C ASP G 631 26.46 -24.19 -18.23
N PHE G 632 26.52 -23.29 -17.25
CA PHE G 632 27.74 -22.56 -16.93
C PHE G 632 28.82 -23.50 -16.42
N ASP G 633 28.41 -24.70 -16.03
CA ASP G 633 29.34 -25.70 -15.53
C ASP G 633 30.02 -26.42 -16.70
N ASN G 634 30.25 -25.67 -17.76
CA ASN G 634 30.89 -26.18 -18.96
C ASN G 634 31.72 -25.04 -19.55
N LEU G 635 33.03 -25.11 -19.34
CA LEU G 635 33.95 -24.08 -19.83
C LEU G 635 33.94 -23.96 -21.35
N HIS G 636 33.62 -25.07 -22.03
CA HIS G 636 33.60 -25.06 -23.50
C HIS G 636 32.48 -24.22 -24.10
N VAL G 637 31.31 -24.21 -23.47
CA VAL G 637 30.19 -23.44 -23.99
C VAL G 637 30.00 -22.10 -23.30
N HIS G 638 29.70 -21.08 -24.10
CA HIS G 638 29.48 -19.73 -23.60
C HIS G 638 28.10 -19.26 -24.06
N TYR G 639 27.50 -18.35 -23.31
CA TYR G 639 26.18 -17.84 -23.63
C TYR G 639 26.18 -16.32 -23.77
N LEU G 640 25.82 -15.84 -24.97
CA LEU G 640 25.78 -14.41 -25.24
C LEU G 640 24.36 -13.87 -25.30
N LEU G 641 24.23 -12.58 -25.00
CA LEU G 641 22.94 -11.92 -25.02
C LEU G 641 22.99 -10.64 -25.86
N LEU G 642 22.23 -10.64 -26.96
CA LEU G 642 22.18 -9.49 -27.85
C LEU G 642 20.92 -8.70 -27.52
N THR G 643 21.07 -7.44 -27.15
CA THR G 643 19.94 -6.59 -26.79
C THR G 643 19.46 -5.72 -27.94
N THR G 644 18.39 -4.97 -27.68
CA THR G 644 17.83 -4.05 -28.67
C THR G 644 18.88 -3.01 -28.98
N ASN G 645 19.82 -2.85 -28.05
CA ASN G 645 20.92 -1.90 -28.21
C ASN G 645 22.10 -2.69 -28.76
N GLY G 646 23.00 -2.01 -29.45
CA GLY G 646 24.15 -2.69 -30.02
C GLY G 646 25.10 -3.25 -28.98
N THR G 647 24.57 -3.58 -27.80
CA THR G 647 25.39 -4.12 -26.72
C THR G 647 25.33 -5.64 -26.67
N VAL G 648 26.42 -6.25 -26.22
CA VAL G 648 26.51 -7.69 -26.12
C VAL G 648 27.14 -8.06 -24.77
N MET G 649 26.70 -9.17 -24.19
CA MET G 649 27.22 -9.61 -22.90
C MET G 649 27.12 -11.12 -22.71
N GLU G 650 28.07 -11.67 -21.96
CA GLU G 650 28.10 -13.11 -21.68
C GLU G 650 27.40 -13.38 -20.36
N ILE G 651 26.80 -14.56 -20.24
CA ILE G 651 26.09 -14.92 -19.01
C ILE G 651 26.73 -16.10 -18.28
N ALA G 652 26.62 -16.09 -16.96
CA ALA G 652 27.17 -17.15 -16.13
C ALA G 652 26.67 -17.02 -14.69
N GLY G 653 25.37 -17.20 -14.51
CA GLY G 653 24.78 -17.08 -13.19
C GLY G 653 23.27 -17.02 -13.20
N TRP H 1 -18.09 -70.80 -99.84
CA TRP H 1 -18.69 -70.28 -98.58
C TRP H 1 -18.43 -68.79 -98.47
N ALA H 2 -17.75 -68.24 -99.47
CA ALA H 2 -17.42 -66.82 -99.51
C ALA H 2 -16.70 -66.46 -100.80
N TYR H 3 -16.69 -65.17 -101.13
CA TYR H 3 -16.03 -64.68 -102.35
C TYR H 3 -14.59 -65.16 -102.39
N PRO H 4 -13.97 -65.13 -103.58
CA PRO H 4 -12.58 -65.58 -103.69
C PRO H 4 -11.66 -64.72 -102.84
N CYS H 5 -10.47 -65.24 -102.57
CA CYS H 5 -9.48 -64.53 -101.76
C CYS H 5 -8.54 -63.72 -102.63
N CYS H 6 -8.35 -62.45 -102.31
CA CYS H 6 -7.43 -61.67 -103.13
C CYS H 6 -6.07 -61.46 -102.51
N HIS H 7 -5.18 -60.89 -103.32
CA HIS H 7 -3.81 -60.61 -102.92
C HIS H 7 -3.52 -59.20 -103.38
N VAL H 8 -2.81 -58.44 -102.56
CA VAL H 8 -2.51 -57.06 -102.92
C VAL H 8 -1.03 -56.68 -102.92
N THR H 9 -0.76 -55.58 -103.61
CA THR H 9 0.56 -54.99 -103.73
C THR H 9 0.24 -53.51 -103.56
N GLN H 10 1.07 -52.79 -102.81
CA GLN H 10 0.81 -51.39 -102.58
C GLN H 10 0.70 -50.58 -103.89
N LEU H 11 -0.41 -49.87 -104.05
CA LEU H 11 -0.68 -49.08 -105.24
C LEU H 11 0.57 -48.39 -105.77
N ARG H 12 0.79 -48.48 -107.08
CA ARG H 12 1.95 -47.87 -107.71
C ARG H 12 1.66 -46.44 -108.16
N ALA H 13 2.25 -45.48 -107.46
CA ALA H 13 2.08 -44.06 -107.76
C ALA H 13 0.62 -43.71 -107.98
N GLN H 14 -0.24 -44.25 -107.12
CA GLN H 14 -1.67 -44.00 -107.22
C GLN H 14 -2.24 -43.78 -105.82
N HIS H 15 -3.48 -43.31 -105.75
CA HIS H 15 -4.12 -43.04 -104.47
C HIS H 15 -5.15 -44.13 -104.22
N LEU H 16 -5.46 -44.38 -102.95
CA LEU H 16 -6.46 -45.38 -102.62
C LEU H 16 -7.81 -44.79 -102.99
N LEU H 17 -8.88 -45.50 -102.70
CA LEU H 17 -10.21 -44.99 -103.01
C LEU H 17 -10.53 -43.86 -102.05
N ALA H 18 -11.51 -44.07 -101.19
CA ALA H 18 -11.92 -43.06 -100.22
C ALA H 18 -13.15 -43.61 -99.52
N LEU H 19 -13.42 -43.10 -98.32
CA LEU H 19 -14.59 -43.56 -97.59
C LEU H 19 -15.82 -43.13 -98.38
N GLU H 20 -15.60 -42.21 -99.33
CA GLU H 20 -16.68 -41.72 -100.17
C GLU H 20 -17.07 -42.79 -101.18
N ASN H 21 -16.16 -43.09 -102.10
CA ASN H 21 -16.39 -44.08 -103.13
C ASN H 21 -16.84 -45.41 -102.54
N ILE H 22 -15.99 -45.99 -101.70
CA ILE H 22 -16.28 -47.27 -101.07
C ILE H 22 -17.57 -47.25 -100.27
N SER H 23 -18.62 -47.83 -100.85
CA SER H 23 -19.92 -47.89 -100.19
C SER H 23 -20.24 -49.33 -99.79
N ASP H 24 -19.23 -50.19 -99.89
CA ASP H 24 -19.39 -51.60 -99.53
C ASP H 24 -18.03 -52.21 -99.16
N ILE H 25 -18.01 -52.99 -98.08
CA ILE H 25 -16.79 -53.63 -97.63
C ILE H 25 -17.03 -55.04 -97.11
N TYR H 26 -16.50 -56.02 -97.82
CA TYR H 26 -16.66 -57.42 -97.47
C TYR H 26 -15.44 -57.92 -96.69
N LEU H 27 -15.69 -58.54 -95.54
CA LEU H 27 -14.60 -59.06 -94.69
C LEU H 27 -14.61 -60.58 -94.63
N VAL H 28 -13.47 -61.17 -94.26
CA VAL H 28 -13.34 -62.62 -94.18
C VAL H 28 -13.25 -63.13 -92.74
N SER H 29 -13.25 -64.46 -92.59
CA SER H 29 -13.17 -65.10 -91.29
C SER H 29 -11.77 -65.65 -91.01
N ASN H 30 -11.51 -65.99 -89.75
CA ASN H 30 -10.21 -66.50 -89.36
C ASN H 30 -9.94 -67.92 -89.86
N GLN H 31 -10.56 -68.29 -90.98
CA GLN H 31 -10.36 -69.63 -91.52
C GLN H 31 -10.83 -69.78 -92.96
N THR H 32 -11.58 -68.80 -93.45
CA THR H 32 -12.08 -68.84 -94.82
C THR H 32 -10.93 -69.05 -95.80
N CYS H 33 -10.16 -67.99 -96.05
CA CYS H 33 -9.04 -68.07 -96.96
C CYS H 33 -7.94 -68.90 -96.32
N ASP H 34 -6.98 -68.24 -95.69
CA ASP H 34 -5.88 -68.94 -95.03
C ASP H 34 -5.23 -68.05 -93.98
N GLY H 35 -5.97 -67.72 -92.93
CA GLY H 35 -5.45 -66.89 -91.86
C GLY H 35 -5.31 -65.43 -92.23
N PHE H 36 -5.30 -65.14 -93.53
CA PHE H 36 -5.16 -63.79 -94.02
C PHE H 36 -6.41 -62.93 -93.81
N SER H 37 -6.29 -61.90 -92.99
CA SER H 37 -7.41 -60.99 -92.75
C SER H 37 -7.51 -60.09 -93.96
N LEU H 38 -8.35 -60.48 -94.91
CA LEU H 38 -8.53 -59.73 -96.14
C LEU H 38 -9.89 -59.03 -96.21
N ALA H 39 -9.94 -57.96 -97.00
CA ALA H 39 -11.16 -57.19 -97.17
C ALA H 39 -11.33 -56.77 -98.62
N SER H 40 -12.58 -56.54 -99.03
CA SER H 40 -12.88 -56.13 -100.39
C SER H 40 -13.56 -54.77 -100.38
N LEU H 41 -12.96 -53.81 -101.06
CA LEU H 41 -13.52 -52.46 -101.13
C LEU H 41 -14.32 -52.28 -102.41
N ASN H 42 -15.65 -52.30 -102.27
CA ASN H 42 -16.53 -52.15 -103.42
C ASN H 42 -17.12 -50.74 -103.50
N SER H 43 -17.02 -50.15 -104.69
CA SER H 43 -17.53 -48.80 -104.92
C SER H 43 -18.09 -48.69 -106.33
N PRO H 44 -19.38 -48.33 -106.45
CA PRO H 44 -20.02 -48.20 -107.76
C PRO H 44 -19.46 -47.02 -108.56
N LYS H 45 -19.24 -47.24 -109.85
CA LYS H 45 -18.69 -46.21 -110.73
C LYS H 45 -19.83 -45.53 -111.49
N ASN H 46 -19.54 -44.38 -112.08
CA ASN H 46 -20.53 -43.62 -112.84
C ASN H 46 -21.66 -43.14 -111.94
N GLY H 47 -22.85 -43.69 -112.14
CA GLY H 47 -23.99 -43.29 -111.33
C GLY H 47 -24.31 -44.30 -110.24
N SER H 48 -25.14 -45.27 -110.57
CA SER H 48 -25.53 -46.31 -109.61
C SER H 48 -24.77 -47.60 -109.85
N ASN H 49 -25.33 -48.70 -109.37
CA ASN H 49 -24.70 -50.01 -109.52
C ASN H 49 -24.68 -50.53 -110.96
N GLN H 50 -23.94 -49.85 -111.81
CA GLN H 50 -23.80 -50.26 -113.20
C GLN H 50 -22.53 -51.09 -113.22
N LEU H 51 -21.39 -50.43 -113.19
CA LEU H 51 -20.10 -51.12 -113.20
C LEU H 51 -19.45 -50.93 -111.82
N VAL H 52 -19.39 -52.00 -111.04
CA VAL H 52 -18.80 -51.92 -109.71
C VAL H 52 -17.32 -52.28 -109.66
N ILE H 53 -16.52 -51.34 -109.16
CA ILE H 53 -15.08 -51.53 -109.01
C ILE H 53 -14.83 -52.17 -107.66
N SER H 54 -14.08 -53.26 -107.65
CA SER H 54 -13.78 -53.97 -106.42
C SER H 54 -12.30 -54.29 -106.27
N ARG H 55 -11.63 -53.61 -105.34
CA ARG H 55 -10.22 -53.86 -105.11
C ARG H 55 -9.93 -54.32 -103.68
N CYS H 56 -8.81 -55.01 -103.52
CA CYS H 56 -8.42 -55.56 -102.23
C CYS H 56 -7.74 -54.59 -101.27
N ALA H 57 -7.96 -54.83 -99.98
CA ALA H 57 -7.40 -54.02 -98.91
C ALA H 57 -6.96 -54.96 -97.80
N ASN H 58 -6.23 -54.44 -96.82
CA ASN H 58 -5.78 -55.26 -95.70
C ASN H 58 -6.84 -55.31 -94.62
N GLY H 59 -7.41 -56.49 -94.41
CA GLY H 59 -8.45 -56.67 -93.40
C GLY H 59 -8.12 -56.08 -92.05
N LEU H 60 -7.09 -56.63 -91.40
CA LEU H 60 -6.69 -56.14 -90.08
C LEU H 60 -6.66 -54.61 -90.01
N ASN H 61 -5.99 -53.98 -90.98
CA ASN H 61 -5.92 -52.52 -91.00
C ASN H 61 -7.31 -51.91 -91.11
N VAL H 62 -8.10 -52.41 -92.06
CA VAL H 62 -9.46 -51.90 -92.26
C VAL H 62 -10.27 -52.06 -90.97
N VAL H 63 -10.34 -53.29 -90.48
CA VAL H 63 -11.08 -53.58 -89.26
C VAL H 63 -10.65 -52.67 -88.11
N SER H 64 -9.34 -52.48 -87.96
CA SER H 64 -8.82 -51.63 -86.90
C SER H 64 -9.40 -50.23 -87.04
N PHE H 65 -9.40 -49.73 -88.27
CA PHE H 65 -9.93 -48.41 -88.58
C PHE H 65 -11.36 -48.28 -88.04
N PHE H 66 -12.24 -49.15 -88.52
CA PHE H 66 -13.63 -49.16 -88.09
C PHE H 66 -13.75 -49.28 -86.59
N ILE H 67 -13.00 -50.22 -86.01
CA ILE H 67 -13.04 -50.42 -84.56
C ILE H 67 -12.73 -49.10 -83.86
N SER H 68 -11.81 -48.35 -84.43
CA SER H 68 -11.40 -47.06 -83.87
C SER H 68 -12.53 -46.01 -83.94
N ILE H 69 -13.10 -45.84 -85.12
CA ILE H 69 -14.18 -44.88 -85.32
C ILE H 69 -15.35 -45.13 -84.37
N LEU H 70 -15.73 -46.39 -84.24
CA LEU H 70 -16.83 -46.77 -83.37
C LEU H 70 -16.55 -46.33 -81.93
N LYS H 71 -15.36 -46.68 -81.45
CA LYS H 71 -14.94 -46.33 -80.10
C LYS H 71 -14.84 -44.82 -79.90
N ARG H 72 -14.30 -44.14 -80.91
CA ARG H 72 -14.13 -42.69 -80.87
C ARG H 72 -15.43 -41.89 -80.84
N SER H 73 -16.56 -42.56 -81.03
CA SER H 73 -17.84 -41.87 -81.02
C SER H 73 -18.95 -42.65 -80.34
N SER H 74 -18.59 -43.39 -79.29
CA SER H 74 -19.55 -44.20 -78.54
C SER H 74 -20.70 -43.36 -77.99
N SER H 75 -20.42 -42.10 -77.69
CA SER H 75 -21.43 -41.20 -77.15
C SER H 75 -22.56 -40.90 -78.13
N ALA H 76 -22.42 -41.38 -79.36
CA ALA H 76 -23.44 -41.12 -80.37
C ALA H 76 -23.86 -42.36 -81.17
N LEU H 77 -24.02 -43.49 -80.49
CA LEU H 77 -24.43 -44.71 -81.19
C LEU H 77 -24.95 -45.84 -80.32
N THR H 78 -26.06 -46.43 -80.76
CA THR H 78 -26.70 -47.55 -80.08
C THR H 78 -27.16 -48.51 -81.17
N GLY H 79 -27.82 -49.59 -80.77
CA GLY H 79 -28.29 -50.57 -81.74
C GLY H 79 -27.12 -51.32 -82.34
N HIS H 80 -27.17 -51.54 -83.65
CA HIS H 80 -26.11 -52.26 -84.35
C HIS H 80 -24.75 -51.61 -84.13
N LEU H 81 -24.70 -50.29 -84.24
CA LEU H 81 -23.47 -49.54 -84.08
C LEU H 81 -22.86 -49.61 -82.67
N ARG H 82 -23.25 -50.63 -81.91
CA ARG H 82 -22.72 -50.80 -80.57
C ARG H 82 -22.34 -52.27 -80.38
N GLU H 83 -23.10 -53.13 -81.04
CA GLU H 83 -22.87 -54.57 -80.99
C GLU H 83 -21.81 -54.87 -82.06
N LEU H 84 -21.86 -54.09 -83.13
CA LEU H 84 -20.92 -54.22 -84.22
C LEU H 84 -19.49 -54.11 -83.71
N LEU H 85 -19.27 -53.19 -82.77
CA LEU H 85 -17.95 -52.98 -82.19
C LEU H 85 -17.47 -54.23 -81.46
N THR H 86 -18.26 -54.69 -80.49
CA THR H 86 -17.92 -55.87 -79.71
C THR H 86 -17.69 -57.10 -80.58
N THR H 87 -18.46 -57.22 -81.66
CA THR H 87 -18.33 -58.35 -82.56
C THR H 87 -17.17 -58.14 -83.54
N LEU H 88 -16.91 -56.88 -83.88
CA LEU H 88 -15.83 -56.55 -84.80
C LEU H 88 -14.49 -56.73 -84.10
N GLU H 89 -14.46 -56.44 -82.80
CA GLU H 89 -13.24 -56.59 -82.02
C GLU H 89 -12.88 -58.06 -81.87
N THR H 90 -13.88 -58.88 -81.58
CA THR H 90 -13.66 -60.32 -81.44
C THR H 90 -13.11 -60.88 -82.75
N LEU H 91 -13.59 -60.32 -83.86
CA LEU H 91 -13.13 -60.74 -85.18
C LEU H 91 -11.66 -60.37 -85.34
N TYR H 92 -11.34 -59.13 -84.98
CA TYR H 92 -9.98 -58.62 -85.07
C TYR H 92 -9.01 -59.53 -84.31
N GLY H 93 -9.46 -60.03 -83.17
CA GLY H 93 -8.63 -60.90 -82.36
C GLY H 93 -8.70 -62.37 -82.74
N SER H 94 -9.37 -62.68 -83.84
CA SER H 94 -9.50 -64.06 -84.30
C SER H 94 -8.33 -64.41 -85.21
N PHE H 95 -7.71 -63.37 -85.77
CA PHE H 95 -6.57 -63.56 -86.67
C PHE H 95 -5.26 -63.58 -85.91
N SER H 96 -4.29 -64.32 -86.42
CA SER H 96 -2.97 -64.44 -85.80
C SER H 96 -1.92 -63.93 -86.78
N VAL H 97 -1.29 -62.82 -86.41
CA VAL H 97 -0.26 -62.19 -87.24
C VAL H 97 1.02 -63.02 -87.36
N GLU H 98 1.60 -63.34 -86.21
CA GLU H 98 2.84 -64.09 -86.11
C GLU H 98 2.91 -65.41 -86.89
N ASP H 99 1.81 -65.80 -87.50
CA ASP H 99 1.77 -67.03 -88.28
C ASP H 99 2.17 -66.74 -89.72
N LEU H 100 1.94 -65.50 -90.13
CA LEU H 100 2.27 -65.07 -91.48
C LEU H 100 3.78 -65.03 -91.70
N PHE H 101 4.54 -65.15 -90.61
CA PHE H 101 6.00 -65.16 -90.68
C PHE H 101 6.50 -66.33 -91.52
N GLY H 102 5.77 -67.44 -91.46
CA GLY H 102 6.18 -68.62 -92.21
C GLY H 102 5.30 -69.01 -93.41
N ALA H 103 4.05 -68.53 -93.41
CA ALA H 103 3.14 -68.84 -94.51
C ALA H 103 3.62 -68.19 -95.80
N ASN H 104 2.98 -68.55 -96.92
CA ASN H 104 3.34 -67.99 -98.20
C ASN H 104 2.46 -66.78 -98.49
N LEU H 105 3.08 -65.61 -98.49
CA LEU H 105 2.37 -64.36 -98.74
C LEU H 105 1.98 -64.19 -100.21
N ASN H 106 1.92 -65.29 -100.93
CA ASN H 106 1.54 -65.27 -102.35
C ASN H 106 0.55 -66.39 -102.67
N ARG H 107 -0.25 -66.75 -101.68
CA ARG H 107 -1.24 -67.80 -101.84
C ARG H 107 -2.30 -67.46 -102.88
N TYR H 108 -2.39 -66.18 -103.23
CA TYR H 108 -3.35 -65.72 -104.22
C TYR H 108 -2.71 -64.71 -105.17
N LEU I 1 -97.20 84.92 68.38
CA LEU I 1 -97.17 83.83 67.37
C LEU I 1 -97.47 84.38 65.98
N SER I 2 -96.45 84.41 65.13
CA SER I 2 -96.56 84.91 63.76
C SER I 2 -96.24 86.39 63.64
N GLU I 3 -94.98 86.70 63.30
CA GLU I 3 -94.54 88.07 63.13
C GLU I 3 -93.04 88.24 63.31
N VAL I 4 -92.45 89.10 62.49
CA VAL I 4 -91.02 89.41 62.55
C VAL I 4 -90.77 90.71 61.81
N LYS I 5 -89.91 91.53 62.39
CA LYS I 5 -89.55 92.80 61.78
C LYS I 5 -88.13 93.11 62.21
N LEU I 6 -87.17 92.47 61.56
CA LEU I 6 -85.77 92.69 61.86
C LEU I 6 -85.30 93.92 61.11
N HIS I 7 -84.39 94.67 61.71
CA HIS I 7 -83.87 95.89 61.10
C HIS I 7 -82.37 95.76 60.85
N LEU I 8 -81.97 95.97 59.60
CA LEU I 8 -80.56 95.89 59.24
C LEU I 8 -79.90 97.25 59.44
N ASP I 9 -78.63 97.34 59.06
CA ASP I 9 -77.90 98.59 59.19
C ASP I 9 -76.81 98.67 58.14
N ILE I 10 -77.20 98.96 56.91
CA ILE I 10 -76.23 99.10 55.83
C ILE I 10 -75.32 100.23 56.24
N GLU I 11 -74.26 100.47 55.48
CA GLU I 11 -73.32 101.53 55.83
C GLU I 11 -74.02 102.88 56.05
N GLY I 12 -74.25 103.23 57.31
CA GLY I 12 -74.90 104.49 57.61
C GLY I 12 -76.41 104.53 57.73
N HIS I 13 -77.12 104.01 56.74
CA HIS I 13 -78.58 104.04 56.76
C HIS I 13 -79.23 102.81 57.38
N ALA I 14 -80.35 103.03 58.07
CA ALA I 14 -81.08 101.96 58.72
C ALA I 14 -82.15 101.39 57.79
N SER I 15 -82.02 100.11 57.46
CA SER I 15 -82.98 99.45 56.59
C SER I 15 -84.05 98.76 57.44
N HIS I 16 -85.26 98.68 56.90
CA HIS I 16 -86.37 98.07 57.62
C HIS I 16 -87.11 97.02 56.80
N TYR I 17 -86.92 95.76 57.19
CA TYR I 17 -87.56 94.64 56.52
C TYR I 17 -88.42 93.87 57.51
N THR I 18 -89.64 93.53 57.11
CA THR I 18 -90.56 92.80 57.97
C THR I 18 -90.82 91.42 57.35
N ILE I 19 -90.44 90.37 58.07
CA ILE I 19 -90.64 89.01 57.59
C ILE I 19 -91.80 88.29 58.27
N PRO I 20 -92.97 88.29 57.62
CA PRO I 20 -94.16 87.62 58.18
C PRO I 20 -94.16 86.13 57.85
N TRP I 21 -93.50 85.33 58.67
CA TRP I 21 -93.46 83.88 58.44
C TRP I 21 -94.85 83.27 58.59
N THR I 22 -95.79 84.07 59.05
CA THR I 22 -97.16 83.62 59.23
C THR I 22 -97.81 83.33 57.89
N GLU I 23 -97.61 84.23 56.94
CA GLU I 23 -98.16 84.07 55.60
C GLU I 23 -97.36 83.03 54.83
N LEU I 24 -96.06 82.98 55.10
CA LEU I 24 -95.17 82.03 54.44
C LEU I 24 -95.53 80.58 54.73
N MET I 25 -95.83 80.29 55.99
CA MET I 25 -96.20 78.94 56.40
C MET I 25 -97.38 78.38 55.62
N ALA I 26 -98.24 79.26 55.12
CA ALA I 26 -99.41 78.84 54.36
C ALA I 26 -99.03 78.42 52.94
N LYS I 27 -98.23 79.24 52.28
CA LYS I 27 -97.79 78.96 50.92
C LYS I 27 -96.67 77.94 50.84
N VAL I 28 -96.10 77.59 51.99
CA VAL I 28 -95.02 76.61 52.02
C VAL I 28 -95.33 75.44 52.95
N PRO I 29 -94.94 74.23 52.56
CA PRO I 29 -95.19 73.02 53.35
C PRO I 29 -94.12 72.68 54.40
N GLY I 30 -92.91 72.36 53.94
CA GLY I 30 -91.84 72.01 54.85
C GLY I 30 -91.22 73.11 55.68
N LEU I 31 -91.65 74.35 55.50
CA LEU I 31 -91.09 75.47 56.25
C LEU I 31 -91.65 75.53 57.67
N SER I 32 -90.86 75.02 58.62
CA SER I 32 -91.24 75.04 60.03
C SER I 32 -90.24 75.92 60.77
N PRO I 33 -90.44 77.24 60.70
CA PRO I 33 -89.55 78.22 61.35
C PRO I 33 -89.19 77.91 62.80
N GLU I 34 -90.17 77.44 63.56
CA GLU I 34 -89.95 77.11 64.97
C GLU I 34 -88.76 76.19 65.19
N ALA I 35 -88.64 75.15 64.37
CA ALA I 35 -87.55 74.19 64.48
C ALA I 35 -86.21 74.79 64.09
N LEU I 36 -86.15 75.38 62.90
CA LEU I 36 -84.92 76.00 62.40
C LEU I 36 -84.37 77.05 63.34
N TRP I 37 -85.25 77.84 63.95
CA TRP I 37 -84.82 78.87 64.88
C TRP I 37 -84.11 78.27 66.08
N ARG I 38 -84.54 77.08 66.47
CA ARG I 38 -83.94 76.39 67.61
C ARG I 38 -82.70 75.63 67.19
N GLU I 39 -82.71 75.09 65.98
CA GLU I 39 -81.56 74.35 65.48
C GLU I 39 -80.33 75.23 65.61
N ALA I 40 -80.47 76.49 65.21
CA ALA I 40 -79.38 77.45 65.29
C ALA I 40 -79.37 78.07 66.68
N ASN I 41 -78.43 77.65 67.52
CA ASN I 41 -78.32 78.19 68.86
C ASN I 41 -78.24 79.71 68.79
N VAL I 42 -79.41 80.35 68.82
CA VAL I 42 -79.48 81.80 68.75
C VAL I 42 -78.78 82.45 69.93
N THR I 43 -78.68 81.70 71.02
CA THR I 43 -78.05 82.20 72.24
C THR I 43 -76.63 81.67 72.41
N GLU I 44 -76.13 80.94 71.42
CA GLU I 44 -74.78 80.39 71.47
C GLU I 44 -73.74 81.49 71.65
N ASP I 45 -73.25 81.66 72.87
CA ASP I 45 -72.25 82.69 73.14
C ASP I 45 -71.06 82.49 72.20
N LEU I 46 -70.55 83.60 71.68
CA LEU I 46 -69.42 83.58 70.76
C LEU I 46 -68.41 82.44 70.93
N ALA I 47 -67.66 82.50 72.03
CA ALA I 47 -66.63 81.50 72.32
C ALA I 47 -66.96 80.04 72.00
N SER I 48 -68.11 79.57 72.50
CA SER I 48 -68.54 78.19 72.30
C SER I 48 -68.82 77.84 70.84
N MET I 49 -69.04 78.85 70.02
CA MET I 49 -69.34 78.67 68.60
C MET I 49 -68.12 78.33 67.75
N LEU I 50 -66.98 78.93 68.08
CA LEU I 50 -65.75 78.71 67.33
C LEU I 50 -65.26 77.27 67.41
N ASN I 51 -65.40 76.67 68.59
CA ASN I 51 -64.97 75.28 68.80
C ASN I 51 -65.66 74.38 67.80
N ARG I 52 -66.65 74.93 67.10
CA ARG I 52 -67.41 74.21 66.10
C ARG I 52 -66.77 74.42 64.74
N TYR I 53 -66.62 75.69 64.37
CA TYR I 53 -66.04 76.07 63.09
C TYR I 53 -64.57 75.67 62.97
N LYS I 54 -63.87 75.64 64.11
CA LYS I 54 -62.46 75.28 64.14
C LYS I 54 -62.35 73.79 64.42
N LEU I 55 -63.47 73.09 64.26
CA LEU I 55 -63.52 71.66 64.50
C LEU I 55 -63.71 70.95 63.16
N ILE I 56 -64.21 71.70 62.18
CA ILE I 56 -64.48 71.16 60.84
C ILE I 56 -63.29 71.29 59.88
N TYR I 57 -63.20 70.36 58.92
CA TYR I 57 -62.13 70.38 57.94
C TYR I 57 -62.26 71.60 57.04
N LYS I 58 -61.13 72.10 56.57
CA LYS I 58 -61.11 73.26 55.68
C LYS I 58 -60.35 72.90 54.42
N THR I 59 -60.99 73.10 53.26
CA THR I 59 -60.36 72.82 51.98
C THR I 59 -59.19 73.76 51.76
N SER I 60 -57.98 73.23 51.79
CA SER I 60 -56.79 74.05 51.58
C SER I 60 -57.04 75.07 50.47
N GLY I 61 -56.84 74.63 49.23
CA GLY I 61 -57.06 75.52 48.10
C GLY I 61 -58.29 75.14 47.31
N THR I 62 -59.38 75.89 47.51
CA THR I 62 -60.62 75.65 46.80
C THR I 62 -60.38 75.93 45.32
N LEU I 63 -59.68 75.01 44.66
CA LEU I 63 -59.36 75.15 43.24
C LEU I 63 -60.59 75.04 42.35
N GLY I 64 -60.60 75.87 41.31
CA GLY I 64 -61.72 75.86 40.37
C GLY I 64 -61.25 75.34 39.04
N ILE I 65 -62.16 74.75 38.27
CA ILE I 65 -61.83 74.22 36.96
C ILE I 65 -62.91 74.63 35.95
N ALA I 66 -62.60 75.62 35.13
CA ALA I 66 -63.53 76.11 34.13
C ALA I 66 -64.12 74.97 33.32
N LEU I 67 -65.38 74.66 33.57
CA LEU I 67 -66.07 73.59 32.86
C LEU I 67 -67.46 74.02 32.41
N ALA I 68 -68.05 73.26 31.50
CA ALA I 68 -69.38 73.54 30.99
C ALA I 68 -70.21 72.27 30.88
N GLU I 69 -71.51 72.39 31.14
CA GLU I 69 -72.42 71.25 31.08
C GLU I 69 -72.64 70.70 29.67
N PRO I 70 -72.64 69.37 29.53
CA PRO I 70 -72.85 68.71 28.23
C PRO I 70 -74.35 68.66 27.95
N VAL I 71 -74.71 68.52 26.68
CA VAL I 71 -76.13 68.45 26.33
C VAL I 71 -76.60 67.00 26.40
N ASP I 72 -77.39 66.69 27.42
CA ASP I 72 -77.89 65.34 27.62
C ASP I 72 -79.19 65.04 26.88
N ILE I 73 -80.31 65.33 27.52
CA ILE I 73 -81.63 65.07 26.96
C ILE I 73 -81.99 65.98 25.78
N PRO I 74 -82.26 65.39 24.61
CA PRO I 74 -82.62 66.16 23.41
C PRO I 74 -84.09 66.60 23.47
N ALA I 75 -84.39 67.74 22.87
CA ALA I 75 -85.75 68.25 22.86
C ALA I 75 -86.69 67.23 22.22
N VAL I 76 -87.98 67.37 22.50
CA VAL I 76 -88.99 66.48 21.95
C VAL I 76 -88.67 66.18 20.49
N SER I 77 -88.89 64.95 20.07
CA SER I 77 -88.62 64.57 18.69
C SER I 77 -89.82 64.82 17.78
N GLU I 78 -90.45 65.98 17.96
CA GLU I 78 -91.60 66.40 17.17
C GLU I 78 -92.76 65.40 17.08
N GLY I 79 -93.92 65.84 17.54
CA GLY I 79 -95.10 65.01 17.51
C GLY I 79 -94.99 63.67 18.21
N SER I 80 -94.41 63.68 19.41
CA SER I 80 -94.25 62.45 20.19
C SER I 80 -95.54 62.16 20.94
N MET I 81 -95.44 61.41 22.03
CA MET I 81 -96.59 61.08 22.85
C MET I 81 -96.43 61.76 24.21
N GLN I 82 -97.52 62.28 24.76
CA GLN I 82 -97.47 62.96 26.04
C GLN I 82 -97.79 61.99 27.18
N VAL I 83 -96.94 60.98 27.33
CA VAL I 83 -97.14 59.96 28.36
C VAL I 83 -96.50 60.32 29.69
N ASP I 84 -97.31 60.30 30.74
CA ASP I 84 -96.86 60.60 32.09
C ASP I 84 -96.86 59.26 32.83
N ALA I 85 -96.02 59.14 33.86
CA ALA I 85 -95.91 57.89 34.61
C ALA I 85 -97.15 57.44 35.39
N SER I 86 -97.66 58.29 36.27
CA SER I 86 -98.82 57.95 37.08
C SER I 86 -100.01 57.44 36.29
N LYS I 87 -100.08 57.80 35.01
CA LYS I 87 -101.19 57.37 34.18
C LYS I 87 -100.76 56.66 32.91
N VAL I 88 -99.84 55.70 33.05
CA VAL I 88 -99.37 54.95 31.89
C VAL I 88 -100.55 54.23 31.26
N HIS I 89 -101.10 54.84 30.21
CA HIS I 89 -102.25 54.30 29.49
C HIS I 89 -102.14 52.81 29.23
N PRO I 90 -102.97 52.01 29.92
CA PRO I 90 -102.97 50.55 29.77
C PRO I 90 -103.21 50.10 28.33
N GLY I 91 -103.41 51.07 27.44
CA GLY I 91 -103.65 50.75 26.05
C GLY I 91 -102.52 51.24 25.17
N VAL I 92 -101.93 50.33 24.40
CA VAL I 92 -100.83 50.68 23.52
C VAL I 92 -101.19 51.88 22.65
N ILE I 93 -100.23 52.76 22.44
CA ILE I 93 -100.44 53.96 21.63
C ILE I 93 -99.16 54.41 20.95
N SER I 94 -98.41 53.44 20.43
CA SER I 94 -97.15 53.73 19.75
C SER I 94 -96.62 52.55 18.96
N GLY I 95 -95.42 52.72 18.40
CA GLY I 95 -94.79 51.66 17.64
C GLY I 95 -93.31 51.64 17.97
N LEU I 96 -92.56 50.73 17.35
CA LEU I 96 -91.13 50.63 17.60
C LEU I 96 -90.42 51.81 16.94
N ASN I 97 -91.14 52.48 16.04
CA ASN I 97 -90.60 53.64 15.32
C ASN I 97 -91.25 54.93 15.81
N SER I 98 -92.34 54.79 16.57
CA SER I 98 -93.08 55.93 17.09
C SER I 98 -92.31 56.83 18.05
N PRO I 99 -92.08 58.10 17.65
CA PRO I 99 -91.35 59.04 18.50
C PRO I 99 -92.20 59.32 19.74
N ALA I 100 -91.64 59.07 20.92
CA ALA I 100 -92.38 59.29 22.16
C ALA I 100 -91.51 59.87 23.26
N CYS I 101 -92.15 60.37 24.31
CA CYS I 101 -91.43 60.95 25.43
C CYS I 101 -92.29 60.89 26.68
N MET I 102 -91.67 61.05 27.85
CA MET I 102 -92.39 61.03 29.12
C MET I 102 -92.37 62.35 29.86
N LEU I 103 -93.47 62.67 30.52
CA LEU I 103 -93.59 63.91 31.27
C LEU I 103 -92.69 63.88 32.51
N SER I 104 -91.95 64.96 32.73
CA SER I 104 -91.03 65.06 33.85
C SER I 104 -91.76 65.13 35.19
N ALA I 105 -92.78 65.98 35.27
CA ALA I 105 -93.56 66.16 36.49
C ALA I 105 -93.90 64.84 37.17
N PRO I 106 -94.46 63.88 36.42
CA PRO I 106 -94.82 62.58 37.01
C PRO I 106 -93.62 61.65 37.18
N LEU I 107 -92.78 61.57 36.15
CA LEU I 107 -91.61 60.70 36.17
C LEU I 107 -90.73 60.96 37.39
N GLU I 108 -90.46 62.23 37.67
CA GLU I 108 -89.63 62.61 38.79
C GLU I 108 -90.29 62.23 40.12
N LYS I 109 -91.56 62.61 40.28
CA LYS I 109 -92.28 62.31 41.50
C LYS I 109 -92.32 60.79 41.75
N GLN I 110 -92.17 60.02 40.68
CA GLN I 110 -92.19 58.58 40.80
C GLN I 110 -90.80 58.08 41.21
N LEU I 111 -89.77 58.66 40.60
CA LEU I 111 -88.40 58.27 40.92
C LEU I 111 -88.15 58.60 42.40
N PHE I 112 -88.28 59.87 42.75
CA PHE I 112 -88.08 60.32 44.12
C PHE I 112 -89.38 60.17 44.91
N TYR I 113 -89.87 58.94 44.96
CA TYR I 113 -91.09 58.62 45.68
C TYR I 113 -90.83 58.60 47.17
N TYR I 114 -89.65 58.14 47.56
CA TYR I 114 -89.25 58.05 48.95
C TYR I 114 -88.88 59.41 49.55
N ILE I 115 -89.15 59.58 50.84
CA ILE I 115 -88.85 60.83 51.55
C ILE I 115 -87.78 60.50 52.59
N GLY I 116 -86.96 61.49 52.96
CA GLY I 116 -85.91 61.20 53.93
C GLY I 116 -85.20 62.33 54.64
N THR I 117 -83.89 62.18 54.78
CA THR I 117 -83.06 63.18 55.46
C THR I 117 -81.69 63.28 54.80
N MET I 118 -81.53 64.25 53.90
CA MET I 118 -80.25 64.45 53.23
C MET I 118 -79.19 64.70 54.30
N LEU I 119 -79.60 65.36 55.37
CA LEU I 119 -78.70 65.68 56.47
C LEU I 119 -79.13 64.97 57.76
N PRO I 120 -78.40 63.90 58.13
CA PRO I 120 -78.69 63.12 59.34
C PRO I 120 -78.49 63.90 60.62
N ASN I 121 -78.58 63.21 61.75
CA ASN I 121 -78.42 63.85 63.05
C ASN I 121 -77.08 63.47 63.67
N THR I 122 -76.12 63.08 62.83
CA THR I 122 -74.80 62.70 63.30
C THR I 122 -74.06 63.96 63.76
N ARG I 123 -73.18 63.81 64.75
CA ARG I 123 -72.44 64.94 65.28
C ARG I 123 -71.85 65.88 64.22
N PRO I 124 -71.08 65.35 63.28
CA PRO I 124 -70.47 66.17 62.22
C PRO I 124 -71.43 67.09 61.45
N HIS I 125 -72.41 66.49 60.78
CA HIS I 125 -73.38 67.25 60.00
C HIS I 125 -74.20 68.22 60.83
N SER I 126 -74.71 67.76 61.97
CA SER I 126 -75.52 68.61 62.83
C SER I 126 -74.83 69.91 63.18
N TYR I 127 -73.51 69.97 62.98
CA TYR I 127 -72.75 71.17 63.28
C TYR I 127 -72.70 72.15 62.10
N VAL I 128 -72.80 71.63 60.88
CA VAL I 128 -72.73 72.48 59.70
C VAL I 128 -74.05 72.80 59.01
N PHE I 129 -74.77 71.77 58.58
CA PHE I 129 -76.03 71.97 57.87
C PHE I 129 -77.27 72.07 58.75
N TYR I 130 -78.35 72.56 58.16
CA TYR I 130 -79.64 72.71 58.82
C TYR I 130 -80.46 71.47 58.49
N GLN I 131 -80.91 70.74 59.51
CA GLN I 131 -81.72 69.56 59.29
C GLN I 131 -82.63 69.77 58.08
N LEU I 132 -82.48 68.91 57.07
CA LEU I 132 -83.28 69.03 55.86
C LEU I 132 -84.11 67.78 55.58
N ARG I 133 -85.28 67.95 54.98
CA ARG I 133 -86.16 66.84 54.65
C ARG I 133 -86.92 67.03 53.35
N CYS I 134 -86.57 66.22 52.35
CA CYS I 134 -87.21 66.28 51.05
C CYS I 134 -87.14 64.91 50.38
N HIS I 135 -87.92 64.73 49.32
CA HIS I 135 -87.93 63.46 48.58
C HIS I 135 -86.52 63.17 48.10
N LEU I 136 -86.10 61.92 48.23
CA LEU I 136 -84.76 61.52 47.81
C LEU I 136 -84.65 60.06 47.40
N SER I 137 -83.42 59.56 47.41
CA SER I 137 -83.11 58.18 47.07
C SER I 137 -81.64 57.97 47.43
N TYR I 138 -81.30 56.78 47.91
CA TYR I 138 -79.93 56.50 48.30
C TYR I 138 -79.35 55.18 47.78
N VAL I 139 -78.06 55.00 48.02
CA VAL I 139 -77.35 53.79 47.60
C VAL I 139 -76.62 53.25 48.84
N ALA I 140 -77.21 52.24 49.46
CA ALA I 140 -76.63 51.64 50.67
C ALA I 140 -75.43 50.74 50.37
N LEU I 141 -74.46 50.74 51.28
CA LEU I 141 -73.26 49.93 51.14
C LEU I 141 -72.74 49.46 52.49
N SER I 142 -72.25 48.23 52.55
CA SER I 142 -71.74 47.67 53.79
C SER I 142 -70.63 46.65 53.53
N ILE I 143 -69.41 46.99 53.94
CA ILE I 143 -68.26 46.12 53.74
C ILE I 143 -67.64 45.78 55.10
N ASN I 144 -66.74 44.80 55.12
CA ASN I 144 -66.07 44.38 56.35
C ASN I 144 -67.06 44.12 57.47
N GLY I 145 -68.28 43.75 57.12
CA GLY I 145 -69.30 43.47 58.11
C GLY I 145 -69.69 44.65 58.97
N ASP I 146 -70.36 45.62 58.36
CA ASP I 146 -70.82 46.82 59.06
C ASP I 146 -69.70 47.61 59.73
N LYS I 147 -68.45 47.27 59.43
CA LYS I 147 -67.32 47.99 60.01
C LYS I 147 -67.01 49.20 59.14
N PHE I 148 -67.59 49.20 57.95
CA PHE I 148 -67.41 50.27 56.99
C PHE I 148 -68.68 50.35 56.12
N GLN I 149 -69.19 51.55 55.91
CA GLN I 149 -70.39 51.72 55.11
C GLN I 149 -70.44 53.06 54.38
N TYR I 150 -71.10 53.06 53.23
CA TYR I 150 -71.25 54.25 52.41
C TYR I 150 -72.73 54.47 52.09
N THR I 151 -73.11 55.73 51.94
CA THR I 151 -74.49 56.07 51.64
C THR I 151 -74.60 57.11 50.53
N GLY I 152 -75.20 56.73 49.41
CA GLY I 152 -75.36 57.64 48.30
C GLY I 152 -76.65 58.41 48.38
N ALA I 153 -76.74 59.32 49.35
CA ALA I 153 -77.92 60.14 49.53
C ALA I 153 -77.99 61.20 48.45
N MET I 154 -79.11 61.26 47.73
CA MET I 154 -79.27 62.23 46.66
C MET I 154 -80.71 62.69 46.46
N THR I 155 -80.86 63.95 46.08
CA THR I 155 -82.17 64.53 45.82
C THR I 155 -82.16 65.00 44.37
N SER I 156 -83.27 65.57 43.92
CA SER I 156 -83.37 66.05 42.54
C SER I 156 -82.44 67.23 42.25
N LYS I 157 -81.79 67.74 43.29
CA LYS I 157 -80.88 68.87 43.09
C LYS I 157 -79.43 68.65 43.48
N PHE I 158 -79.17 67.79 44.46
CA PHE I 158 -77.79 67.55 44.88
C PHE I 158 -77.56 66.19 45.52
N LEU I 159 -76.32 65.73 45.43
CA LEU I 159 -75.91 64.44 45.98
C LEU I 159 -75.01 64.69 47.18
N MET I 160 -75.06 63.79 48.16
CA MET I 160 -74.23 63.93 49.35
C MET I 160 -73.93 62.57 49.98
N GLY I 161 -72.88 61.94 49.48
CA GLY I 161 -72.49 60.64 50.00
C GLY I 161 -71.65 60.78 51.25
N THR I 162 -71.79 59.83 52.16
CA THR I 162 -71.03 59.87 53.42
C THR I 162 -70.29 58.56 53.67
N TYR I 163 -69.05 58.68 54.12
CA TYR I 163 -68.25 57.50 54.43
C TYR I 163 -68.27 57.27 55.94
N LYS I 164 -68.24 56.01 56.35
CA LYS I 164 -68.31 55.68 57.76
C LYS I 164 -67.49 54.43 58.09
N ARG I 165 -66.43 54.61 58.87
CA ARG I 165 -65.57 53.50 59.28
C ARG I 165 -65.61 53.35 60.79
N VAL I 166 -65.14 52.20 61.27
CA VAL I 166 -65.12 51.94 62.70
C VAL I 166 -63.86 51.17 63.12
N THR I 167 -63.11 51.76 64.04
CA THR I 167 -61.89 51.13 64.54
C THR I 167 -62.33 49.96 65.42
N GLU I 168 -61.38 49.20 65.94
CA GLU I 168 -61.71 48.06 66.78
C GLU I 168 -62.65 48.49 67.90
N LYS I 169 -62.49 49.72 68.36
CA LYS I 169 -63.33 50.27 69.43
C LYS I 169 -64.57 50.92 68.83
N GLY I 170 -65.42 51.47 69.70
CA GLY I 170 -66.63 52.11 69.24
C GLY I 170 -66.36 53.40 68.48
N ASP I 171 -65.13 53.57 68.04
CA ASP I 171 -64.75 54.76 67.28
C ASP I 171 -65.49 54.83 65.96
N GLU I 172 -66.16 55.96 65.73
CA GLU I 172 -66.91 56.16 64.50
C GLU I 172 -66.40 57.35 63.72
N HIS I 173 -65.74 57.07 62.60
CA HIS I 173 -65.18 58.12 61.74
C HIS I 173 -66.05 58.33 60.51
N VAL I 174 -66.39 59.59 60.24
CA VAL I 174 -67.22 59.93 59.10
C VAL I 174 -66.72 61.13 58.30
N LEU I 175 -66.87 61.03 56.99
CA LEU I 175 -66.46 62.08 56.05
C LEU I 175 -67.38 61.99 54.85
N SER I 176 -67.92 63.12 54.41
CA SER I 176 -68.84 63.11 53.27
C SER I 176 -68.49 64.10 52.16
N LEU I 177 -69.00 63.80 50.96
CA LEU I 177 -68.78 64.63 49.79
C LEU I 177 -70.12 65.14 49.27
N VAL I 178 -70.17 66.41 48.89
CA VAL I 178 -71.41 67.00 48.39
C VAL I 178 -71.22 67.52 46.97
N PHE I 179 -71.99 66.98 46.04
CA PHE I 179 -71.92 67.40 44.64
C PHE I 179 -73.25 67.97 44.16
N GLY I 180 -73.18 68.95 43.26
CA GLY I 180 -74.39 69.56 42.74
C GLY I 180 -74.16 71.01 42.34
N LYS I 181 -75.16 71.60 41.70
CA LYS I 181 -75.07 73.00 41.28
C LYS I 181 -74.87 73.89 42.49
N THR I 182 -73.80 74.69 42.46
CA THR I 182 -73.48 75.59 43.56
C THR I 182 -74.69 76.31 44.12
N LYS I 183 -75.64 76.66 43.27
CA LYS I 183 -76.84 77.36 43.70
C LYS I 183 -77.80 76.50 44.52
N ASP I 184 -77.66 75.19 44.39
CA ASP I 184 -78.54 74.26 45.10
C ASP I 184 -78.00 73.66 46.40
N LEU I 185 -76.75 73.97 46.74
CA LEU I 185 -76.16 73.46 47.97
C LEU I 185 -77.01 73.82 49.18
N PRO I 186 -77.13 72.89 50.15
CA PRO I 186 -77.92 73.09 51.37
C PRO I 186 -77.60 74.40 52.08
N ASP I 187 -78.36 74.70 53.13
CA ASP I 187 -78.16 75.92 53.89
C ASP I 187 -77.17 75.69 55.03
N LEU I 188 -76.16 76.53 55.12
CA LEU I 188 -75.15 76.41 56.18
C LEU I 188 -75.69 77.04 57.46
N ARG I 189 -75.39 76.41 58.59
CA ARG I 189 -75.87 76.89 59.89
C ARG I 189 -74.99 77.97 60.52
N GLY I 190 -74.13 77.56 61.45
CA GLY I 190 -73.27 78.51 62.13
C GLY I 190 -72.36 79.27 61.18
N PRO I 191 -71.28 79.87 61.72
CA PRO I 191 -70.29 80.64 60.95
C PRO I 191 -69.57 79.76 59.93
N PHE I 192 -70.31 79.35 58.91
CA PHE I 192 -69.77 78.50 57.86
C PHE I 192 -69.96 79.13 56.49
N SER I 193 -68.92 79.02 55.66
CA SER I 193 -68.96 79.56 54.31
C SER I 193 -68.51 78.48 53.35
N TYR I 194 -69.37 78.12 52.41
CA TYR I 194 -69.08 77.09 51.43
C TYR I 194 -67.69 77.15 50.81
N PRO I 195 -67.19 78.35 50.50
CA PRO I 195 -65.85 78.41 49.89
C PRO I 195 -64.78 77.68 50.70
N SER I 196 -64.78 77.89 52.02
CA SER I 196 -63.81 77.23 52.89
C SER I 196 -64.18 75.77 53.12
N LEU I 197 -65.06 75.26 52.28
CA LEU I 197 -65.51 73.86 52.37
C LEU I 197 -65.61 73.23 50.99
N THR I 198 -65.56 74.06 49.96
CA THR I 198 -65.63 73.58 48.58
C THR I 198 -64.24 73.15 48.12
N SER I 199 -64.17 72.00 47.45
CA SER I 199 -62.89 71.50 46.97
C SER I 199 -62.68 71.80 45.48
N ALA I 200 -63.74 71.71 44.70
CA ALA I 200 -63.67 71.97 43.26
C ALA I 200 -64.90 72.78 42.84
N GLN I 201 -64.69 73.78 42.00
CA GLN I 201 -65.80 74.61 41.56
C GLN I 201 -65.77 74.97 40.08
N SER I 202 -66.93 74.85 39.44
CA SER I 202 -67.09 75.19 38.03
C SER I 202 -67.84 76.52 38.00
N GLY I 203 -68.43 76.85 36.85
CA GLY I 203 -69.17 78.10 36.75
C GLY I 203 -70.45 78.02 37.57
N ASP I 204 -70.89 76.80 37.85
CA ASP I 204 -72.12 76.59 38.61
C ASP I 204 -72.16 75.24 39.34
N TYR I 205 -71.00 74.59 39.44
CA TYR I 205 -70.92 73.29 40.12
C TYR I 205 -69.86 73.29 41.22
N SER I 206 -70.15 72.58 42.31
CA SER I 206 -69.22 72.51 43.43
C SER I 206 -69.12 71.11 44.05
N LEU I 207 -68.01 70.89 44.76
CA LEU I 207 -67.75 69.63 45.42
C LEU I 207 -67.30 69.97 46.84
N VAL I 208 -68.21 69.80 47.80
CA VAL I 208 -67.91 70.12 49.20
C VAL I 208 -67.45 68.93 50.04
N ILE I 209 -66.54 69.20 50.98
CA ILE I 209 -66.01 68.18 51.87
C ILE I 209 -66.42 68.49 53.30
N VAL I 210 -67.45 67.81 53.79
CA VAL I 210 -67.93 68.03 55.15
C VAL I 210 -67.39 66.94 56.07
N THR I 211 -66.52 67.35 56.99
CA THR I 211 -65.91 66.42 57.94
C THR I 211 -65.08 67.17 58.98
N THR I 212 -64.72 66.50 60.06
CA THR I 212 -63.92 67.12 61.11
C THR I 212 -62.44 66.79 60.86
N PHE I 213 -61.56 67.61 61.42
CA PHE I 213 -60.13 67.39 61.27
C PHE I 213 -59.77 66.03 61.87
N VAL I 214 -60.38 65.73 63.01
CA VAL I 214 -60.15 64.47 63.70
C VAL I 214 -60.40 63.31 62.74
N HIS I 215 -61.50 63.38 62.00
CA HIS I 215 -61.86 62.34 61.06
C HIS I 215 -60.99 62.35 59.80
N TYR I 216 -60.85 63.52 59.17
CA TYR I 216 -60.07 63.64 57.95
C TYR I 216 -58.72 62.92 58.07
N ALA I 217 -58.18 62.88 59.28
CA ALA I 217 -56.90 62.24 59.53
C ALA I 217 -57.00 60.73 59.32
N ASN I 218 -57.89 60.08 60.08
CA ASN I 218 -58.09 58.65 59.98
C ASN I 218 -58.44 58.21 58.57
N PHE I 219 -59.04 59.11 57.79
CA PHE I 219 -59.42 58.80 56.42
C PHE I 219 -58.30 59.03 55.42
N HIS I 220 -57.54 60.10 55.59
CA HIS I 220 -56.44 60.42 54.68
C HIS I 220 -55.39 59.33 54.64
N ASN I 221 -55.48 58.37 55.55
CA ASN I 221 -54.53 57.26 55.60
C ASN I 221 -54.77 56.24 54.49
N TYR I 222 -56.00 56.14 54.02
CA TYR I 222 -56.34 55.18 52.98
C TYR I 222 -57.27 55.75 51.92
N PHE I 223 -57.60 57.04 52.03
CA PHE I 223 -58.47 57.68 51.06
C PHE I 223 -57.99 59.05 50.62
N VAL I 224 -57.33 59.08 49.46
CA VAL I 224 -56.82 60.32 48.89
C VAL I 224 -57.41 60.44 47.48
N PRO I 225 -58.70 60.80 47.39
CA PRO I 225 -59.40 60.95 46.12
C PRO I 225 -58.84 62.03 45.21
N ASN I 226 -58.92 61.78 43.90
CA ASN I 226 -58.42 62.73 42.91
C ASN I 226 -59.56 63.70 42.58
N LEU I 227 -60.00 64.43 43.60
CA LEU I 227 -61.09 65.40 43.47
C LEU I 227 -61.11 66.08 42.10
N LYS I 228 -59.94 66.41 41.57
CA LYS I 228 -59.85 67.07 40.27
C LYS I 228 -60.59 66.32 39.18
N ASP I 229 -60.02 65.21 38.71
CA ASP I 229 -60.64 64.42 37.66
C ASP I 229 -62.00 63.88 38.07
N MET I 230 -62.10 63.42 39.32
CA MET I 230 -63.36 62.88 39.84
C MET I 230 -64.48 63.90 39.71
N PHE I 231 -64.14 65.17 39.85
CA PHE I 231 -65.13 66.25 39.76
C PHE I 231 -65.48 66.54 38.30
N SER I 232 -64.45 66.83 37.50
CA SER I 232 -64.64 67.14 36.09
C SER I 232 -65.50 66.09 35.38
N ARG I 233 -65.06 64.85 35.43
CA ARG I 233 -65.76 63.74 34.81
C ARG I 233 -67.22 63.67 35.28
N ALA I 234 -67.46 64.08 36.52
CA ALA I 234 -68.80 64.08 37.09
C ALA I 234 -69.63 65.25 36.62
N VAL I 235 -69.00 66.18 35.90
CA VAL I 235 -69.69 67.36 35.39
C VAL I 235 -69.78 67.32 33.87
N THR I 236 -68.63 67.25 33.21
CA THR I 236 -68.59 67.21 31.75
C THR I 236 -68.66 65.77 31.24
N MET I 237 -69.87 65.23 31.17
CA MET I 237 -70.07 63.87 30.69
C MET I 237 -71.54 63.50 30.73
N THR I 238 -72.06 63.08 29.58
CA THR I 238 -73.47 62.70 29.47
C THR I 238 -73.81 61.61 30.48
N ALA I 239 -75.04 61.67 31.01
CA ALA I 239 -75.52 60.71 31.99
C ALA I 239 -75.19 59.26 31.61
N ALA I 240 -75.68 58.83 30.44
CA ALA I 240 -75.45 57.48 29.97
C ALA I 240 -73.97 57.10 29.98
N SER I 241 -73.13 58.01 29.51
CA SER I 241 -71.69 57.77 29.47
C SER I 241 -71.08 57.58 30.85
N TYR I 242 -71.37 58.51 31.76
CA TYR I 242 -70.85 58.43 33.11
C TYR I 242 -71.25 57.10 33.75
N ALA I 243 -72.47 56.67 33.48
CA ALA I 243 -72.98 55.42 34.02
C ALA I 243 -72.08 54.24 33.65
N ARG I 244 -71.67 54.19 32.38
CA ARG I 244 -70.80 53.11 31.93
C ARG I 244 -69.37 53.29 32.39
N TYR I 245 -68.91 54.54 32.41
CA TYR I 245 -67.55 54.82 32.86
C TYR I 245 -67.37 54.19 34.24
N VAL I 246 -68.44 54.25 35.04
CA VAL I 246 -68.43 53.67 36.38
C VAL I 246 -68.58 52.16 36.29
N LEU I 247 -69.52 51.72 35.46
CA LEU I 247 -69.76 50.29 35.27
C LEU I 247 -68.46 49.59 34.93
N GLN I 248 -67.66 50.24 34.08
CA GLN I 248 -66.37 49.69 33.67
C GLN I 248 -65.39 49.70 34.82
N LYS I 249 -65.35 50.82 35.55
CA LYS I 249 -64.46 50.95 36.69
C LYS I 249 -64.69 49.80 37.66
N LEU I 250 -65.94 49.41 37.82
CA LEU I 250 -66.27 48.31 38.73
C LEU I 250 -65.79 46.99 38.16
N VAL I 251 -66.05 46.76 36.87
CA VAL I 251 -65.63 45.54 36.21
C VAL I 251 -64.14 45.32 36.47
N LEU I 252 -63.37 46.41 36.41
CA LEU I 252 -61.94 46.35 36.66
C LEU I 252 -61.70 45.82 38.07
N LEU I 253 -62.30 46.49 39.05
CA LEU I 253 -62.17 46.09 40.45
C LEU I 253 -62.58 44.63 40.64
N GLU I 254 -63.54 44.18 39.84
CA GLU I 254 -64.02 42.81 39.93
C GLU I 254 -62.89 41.87 39.51
N MET I 255 -62.26 42.18 38.38
CA MET I 255 -61.15 41.38 37.88
C MET I 255 -59.98 41.46 38.84
N LYS I 256 -60.00 42.48 39.71
CA LYS I 256 -58.94 42.65 40.69
C LYS I 256 -59.28 41.88 41.96
N GLY I 257 -60.37 41.12 41.90
CA GLY I 257 -60.79 40.34 43.05
C GLY I 257 -61.40 41.18 44.14
N GLY I 258 -61.54 42.48 43.87
CA GLY I 258 -62.12 43.37 44.86
C GLY I 258 -63.57 43.11 45.16
N CYS I 259 -64.12 42.02 44.62
CA CYS I 259 -65.51 41.68 44.87
C CYS I 259 -65.68 40.50 45.82
N ARG I 260 -64.57 40.08 46.42
CA ARG I 260 -64.57 38.98 47.38
C ARG I 260 -63.56 39.35 48.47
N GLU I 261 -62.69 40.30 48.12
CA GLU I 261 -61.67 40.83 49.00
C GLU I 261 -61.78 42.36 48.91
N PRO I 262 -62.99 42.90 49.13
CA PRO I 262 -63.26 44.34 49.07
C PRO I 262 -62.16 45.18 49.71
N GLU I 263 -61.23 45.65 48.88
CA GLU I 263 -60.12 46.46 49.35
C GLU I 263 -60.60 47.86 49.71
N LEU I 264 -60.23 48.32 50.90
CA LEU I 264 -60.60 49.66 51.35
C LEU I 264 -59.53 50.65 50.94
N ASP I 265 -59.45 50.93 49.64
CA ASP I 265 -58.47 51.85 49.12
C ASP I 265 -59.13 53.03 48.40
N THR I 266 -58.29 53.99 47.99
CA THR I 266 -58.76 55.18 47.29
C THR I 266 -59.62 54.83 46.08
N GLU I 267 -59.12 53.93 45.23
CA GLU I 267 -59.82 53.51 44.04
C GLU I 267 -61.22 52.97 44.35
N THR I 268 -61.27 51.95 45.21
CA THR I 268 -62.53 51.32 45.59
C THR I 268 -63.50 52.32 46.18
N LEU I 269 -63.01 53.19 47.07
CA LEU I 269 -63.85 54.19 47.70
C LEU I 269 -64.31 55.24 46.71
N THR I 270 -63.41 55.62 45.79
CA THR I 270 -63.74 56.61 44.78
C THR I 270 -64.90 56.15 43.91
N THR I 271 -64.76 54.95 43.35
CA THR I 271 -65.79 54.37 42.50
C THR I 271 -67.16 54.45 43.16
N MET I 272 -67.20 54.16 44.46
CA MET I 272 -68.45 54.19 45.21
C MET I 272 -69.18 55.50 45.00
N PHE I 273 -68.52 56.61 45.33
CA PHE I 273 -69.12 57.93 45.18
C PHE I 273 -69.56 58.17 43.75
N GLU I 274 -68.73 57.76 42.79
CA GLU I 274 -69.06 57.94 41.38
C GLU I 274 -70.27 57.07 41.00
N VAL I 275 -70.43 55.95 41.69
CA VAL I 275 -71.56 55.06 41.43
C VAL I 275 -72.86 55.78 41.75
N SER I 276 -72.86 56.55 42.83
CA SER I 276 -74.04 57.30 43.23
C SER I 276 -74.21 58.53 42.36
N VAL I 277 -73.08 59.10 41.90
CA VAL I 277 -73.12 60.28 41.05
C VAL I 277 -73.77 59.88 39.73
N ALA I 278 -73.49 58.66 39.28
CA ALA I 278 -74.03 58.16 38.03
C ALA I 278 -75.56 58.15 38.14
N PHE I 279 -76.05 57.74 39.31
CA PHE I 279 -77.49 57.70 39.55
C PHE I 279 -78.02 59.12 39.71
N PHE I 280 -77.25 59.97 40.38
CA PHE I 280 -77.63 61.36 40.60
C PHE I 280 -77.77 62.08 39.27
N LYS I 281 -76.80 61.87 38.39
CA LYS I 281 -76.81 62.50 37.06
C LYS I 281 -78.16 62.32 36.37
N VAL I 282 -78.63 61.08 36.32
CA VAL I 282 -79.90 60.76 35.68
C VAL I 282 -81.05 61.53 36.34
N GLY I 283 -81.07 61.54 37.67
CA GLY I 283 -82.11 62.23 38.38
C GLY I 283 -82.06 63.73 38.19
N HIS I 284 -80.85 64.28 38.16
CA HIS I 284 -80.66 65.71 37.99
C HIS I 284 -81.01 66.13 36.56
N ALA I 285 -81.03 65.16 35.65
CA ALA I 285 -81.36 65.42 34.26
C ALA I 285 -82.85 65.67 34.12
N VAL I 286 -83.65 64.70 34.58
CA VAL I 286 -85.09 64.80 34.53
C VAL I 286 -85.56 66.00 35.37
N GLY I 287 -84.69 66.43 36.28
CA GLY I 287 -85.01 67.55 37.13
C GLY I 287 -84.93 68.89 36.43
N GLU I 288 -83.80 69.15 35.77
CA GLU I 288 -83.60 70.39 35.04
C GLU I 288 -84.76 70.69 34.10
N THR I 289 -85.25 69.67 33.42
CA THR I 289 -86.35 69.82 32.48
C THR I 289 -87.71 69.60 33.15
N GLY I 290 -88.03 70.45 34.12
CA GLY I 290 -89.30 70.33 34.82
C GLY I 290 -90.45 70.62 33.88
N ASN I 291 -91.53 69.86 34.00
CA ASN I 291 -92.70 70.03 33.16
C ASN I 291 -92.33 69.95 31.69
N GLY I 292 -91.26 69.21 31.39
CA GLY I 292 -90.83 69.04 30.02
C GLY I 292 -91.13 67.62 29.58
N CYS I 293 -90.34 67.09 28.66
CA CYS I 293 -90.56 65.73 28.20
C CYS I 293 -89.25 65.09 27.73
N VAL I 294 -88.91 63.95 28.35
CA VAL I 294 -87.69 63.24 28.01
C VAL I 294 -88.00 62.17 26.96
N ASP I 295 -87.24 62.20 25.86
CA ASP I 295 -87.42 61.25 24.79
C ASP I 295 -87.25 59.83 25.32
N LEU I 296 -88.12 58.92 24.89
CA LEU I 296 -88.07 57.54 25.34
C LEU I 296 -86.74 56.86 25.00
N ARG I 297 -86.12 57.28 23.91
CA ARG I 297 -84.85 56.70 23.51
C ARG I 297 -83.82 57.04 24.57
N TRP I 298 -83.89 58.25 25.09
CA TRP I 298 -82.97 58.71 26.13
C TRP I 298 -83.07 57.85 27.37
N LEU I 299 -84.28 57.64 27.85
CA LEU I 299 -84.52 56.83 29.04
C LEU I 299 -84.08 55.39 28.82
N ALA I 300 -84.57 54.79 27.73
CA ALA I 300 -84.23 53.42 27.40
C ALA I 300 -82.72 53.19 27.43
N LYS I 301 -81.96 54.25 27.16
CA LYS I 301 -80.51 54.16 27.17
C LYS I 301 -79.93 54.51 28.53
N SER I 302 -80.37 55.64 29.08
CA SER I 302 -79.89 56.10 30.39
C SER I 302 -80.30 55.16 31.51
N PHE I 303 -81.59 54.88 31.61
CA PHE I 303 -82.10 53.98 32.64
C PHE I 303 -81.58 52.56 32.50
N PHE I 304 -81.08 52.22 31.32
CA PHE I 304 -80.53 50.89 31.09
C PHE I 304 -79.20 50.76 31.81
N GLU I 305 -78.31 51.73 31.56
CA GLU I 305 -77.00 51.75 32.18
C GLU I 305 -77.12 51.69 33.70
N LEU I 306 -78.25 52.16 34.21
CA LEU I 306 -78.49 52.15 35.66
C LEU I 306 -78.90 50.77 36.13
N THR I 307 -79.76 50.10 35.38
CA THR I 307 -80.21 48.77 35.75
C THR I 307 -79.01 47.82 35.77
N VAL I 308 -78.22 47.86 34.72
CA VAL I 308 -77.02 47.02 34.63
C VAL I 308 -76.05 47.38 35.74
N LEU I 309 -76.01 48.67 36.08
CA LEU I 309 -75.12 49.16 37.13
C LEU I 309 -75.55 48.63 38.49
N LYS I 310 -76.84 48.75 38.78
CA LYS I 310 -77.39 48.29 40.06
C LYS I 310 -77.07 46.82 40.35
N ASP I 311 -77.10 45.99 39.32
CA ASP I 311 -76.82 44.57 39.48
C ASP I 311 -75.40 44.27 39.91
N ILE I 312 -74.42 44.84 39.20
CA ILE I 312 -73.02 44.62 39.54
C ILE I 312 -72.74 45.16 40.93
N ILE I 313 -73.34 46.29 41.26
CA ILE I 313 -73.15 46.92 42.57
C ILE I 313 -73.65 45.96 43.65
N GLY I 314 -74.66 45.17 43.31
CA GLY I 314 -75.22 44.23 44.27
C GLY I 314 -74.48 42.91 44.31
N ILE I 315 -74.10 42.40 43.14
CA ILE I 315 -73.39 41.15 43.05
C ILE I 315 -72.03 41.25 43.75
N CYS I 316 -71.38 42.39 43.57
CA CYS I 316 -70.07 42.63 44.18
C CYS I 316 -70.24 42.92 45.66
N TYR I 317 -70.81 44.07 45.98
CA TYR I 317 -71.03 44.47 47.36
C TYR I 317 -72.50 44.26 47.73
N GLY I 318 -72.76 44.03 49.02
CA GLY I 318 -74.12 43.85 49.46
C GLY I 318 -74.80 45.21 49.47
N ALA I 319 -74.57 45.97 48.40
CA ALA I 319 -75.14 47.30 48.27
C ALA I 319 -76.56 47.25 47.72
N THR I 320 -77.37 48.23 48.12
CA THR I 320 -78.76 48.30 47.68
C THR I 320 -79.03 49.68 47.08
N VAL I 321 -80.03 49.75 46.22
CA VAL I 321 -80.40 51.01 45.58
C VAL I 321 -81.92 51.14 45.56
N LYS I 322 -82.42 52.30 45.93
CA LYS I 322 -83.86 52.55 45.96
C LYS I 322 -84.18 54.03 45.82
N GLY I 323 -85.22 54.33 45.05
CA GLY I 323 -85.61 55.72 44.88
C GLY I 323 -85.18 56.33 43.56
N MET I 324 -84.74 55.50 42.64
CA MET I 324 -84.32 55.98 41.32
C MET I 324 -84.87 55.06 40.24
N GLN I 325 -85.97 54.40 40.58
CA GLN I 325 -86.65 53.49 39.66
C GLN I 325 -88.08 54.02 39.53
N SER I 326 -88.71 53.76 38.40
CA SER I 326 -90.07 54.24 38.16
C SER I 326 -90.94 53.17 37.51
N TYR I 327 -92.08 52.87 38.13
CA TYR I 327 -92.97 51.84 37.59
C TYR I 327 -93.64 52.28 36.31
N GLY I 328 -93.74 53.58 36.10
CA GLY I 328 -94.37 54.09 34.88
C GLY I 328 -93.55 53.73 33.66
N LEU I 329 -92.32 54.24 33.61
CA LEU I 329 -91.41 53.98 32.51
C LEU I 329 -91.32 52.49 32.20
N GLU I 330 -91.47 51.67 33.24
CA GLU I 330 -91.40 50.22 33.07
C GLU I 330 -92.63 49.67 32.37
N ARG I 331 -93.81 50.14 32.78
CA ARG I 331 -95.05 49.69 32.16
C ARG I 331 -95.07 50.13 30.70
N LEU I 332 -94.62 51.35 30.45
CA LEU I 332 -94.58 51.89 29.10
C LEU I 332 -93.69 51.01 28.23
N ALA I 333 -92.44 50.83 28.66
CA ALA I 333 -91.48 50.01 27.93
C ALA I 333 -92.05 48.61 27.71
N ALA I 334 -92.64 48.05 28.76
CA ALA I 334 -93.22 46.72 28.69
C ALA I 334 -94.28 46.64 27.59
N MET I 335 -95.24 47.57 27.63
CA MET I 335 -96.31 47.59 26.64
C MET I 335 -95.78 47.76 25.22
N LEU I 336 -94.88 48.72 25.03
CA LEU I 336 -94.30 48.99 23.72
C LEU I 336 -93.71 47.71 23.11
N MET I 337 -92.91 47.01 23.89
CA MET I 337 -92.28 45.77 23.43
C MET I 337 -93.31 44.72 23.03
N ALA I 338 -94.36 44.59 23.83
CA ALA I 338 -95.41 43.62 23.57
C ALA I 338 -96.05 43.81 22.20
N THR I 339 -95.77 44.94 21.56
CA THR I 339 -96.35 45.24 20.25
C THR I 339 -95.29 45.28 19.13
N VAL I 340 -94.50 44.21 19.01
CA VAL I 340 -93.47 44.17 17.97
C VAL I 340 -93.11 42.74 17.59
N LYS I 341 -92.81 42.53 16.32
CA LYS I 341 -92.44 41.21 15.82
C LYS I 341 -91.11 40.80 16.45
N MET I 342 -91.18 40.24 17.65
CA MET I 342 -89.99 39.81 18.38
C MET I 342 -89.18 38.75 17.66
N GLU I 343 -89.86 37.70 17.19
CA GLU I 343 -89.19 36.61 16.49
C GLU I 343 -88.54 37.06 15.19
N GLU I 344 -88.62 38.35 14.89
CA GLU I 344 -88.04 38.88 13.67
C GLU I 344 -87.21 40.14 13.95
N LEU I 345 -86.86 40.32 15.22
CA LEU I 345 -86.07 41.48 15.64
C LEU I 345 -84.68 41.45 15.01
N GLY I 346 -84.12 40.25 14.87
CA GLY I 346 -82.80 40.13 14.29
C GLY I 346 -82.68 40.65 12.87
N HIS I 347 -83.79 40.61 12.14
CA HIS I 347 -83.81 41.08 10.76
C HIS I 347 -83.93 42.60 10.68
N LEU I 348 -83.96 43.24 11.85
CA LEU I 348 -84.09 44.69 11.91
C LEU I 348 -82.72 45.37 11.82
N THR I 349 -82.72 46.70 11.88
CA THR I 349 -81.48 47.47 11.79
C THR I 349 -80.70 47.45 13.11
N THR I 350 -79.47 47.94 13.07
CA THR I 350 -78.61 47.98 14.25
C THR I 350 -79.11 48.93 15.33
N GLU I 351 -79.18 50.23 15.00
CA GLU I 351 -79.64 51.23 15.96
C GLU I 351 -80.98 50.83 16.57
N LYS I 352 -81.89 50.32 15.73
CA LYS I 352 -83.20 49.89 16.19
C LYS I 352 -83.09 48.65 17.06
N GLN I 353 -82.12 47.81 16.76
CA GLN I 353 -81.90 46.58 17.51
C GLN I 353 -81.52 46.87 18.95
N GLU I 354 -80.60 47.80 19.15
CA GLU I 354 -80.17 48.15 20.49
C GLU I 354 -81.38 48.68 21.26
N TYR I 355 -81.92 49.80 20.78
CA TYR I 355 -83.10 50.42 21.39
C TYR I 355 -84.15 49.38 21.79
N ALA I 356 -84.34 48.39 20.92
CA ALA I 356 -85.31 47.33 21.18
C ALA I 356 -84.94 46.55 22.44
N LEU I 357 -83.84 45.79 22.37
CA LEU I 357 -83.37 45.02 23.51
C LEU I 357 -83.12 45.90 24.71
N ARG I 358 -82.56 47.09 24.45
CA ARG I 358 -82.25 48.06 25.50
C ARG I 358 -83.44 48.28 26.43
N LEU I 359 -84.52 48.82 25.90
CA LEU I 359 -85.71 49.09 26.69
C LEU I 359 -86.38 47.80 27.16
N ALA I 360 -86.10 46.70 26.47
CA ALA I 360 -86.67 45.41 26.82
C ALA I 360 -86.21 45.03 28.22
N THR I 361 -85.01 45.47 28.58
CA THR I 361 -84.44 45.19 29.89
C THR I 361 -85.12 46.06 30.96
N VAL I 362 -85.37 47.32 30.59
CA VAL I 362 -85.99 48.27 31.51
C VAL I 362 -87.42 47.90 31.90
N GLY I 363 -88.20 47.38 30.95
CA GLY I 363 -89.57 47.02 31.24
C GLY I 363 -89.83 45.58 31.62
N TYR I 364 -88.81 44.72 31.53
CA TYR I 364 -88.94 43.31 31.88
C TYR I 364 -89.70 43.07 33.18
N PRO I 365 -89.35 43.82 34.25
CA PRO I 365 -90.01 43.67 35.55
C PRO I 365 -91.54 43.86 35.59
N LYS I 366 -91.97 45.12 35.56
CA LYS I 366 -93.39 45.47 35.63
C LYS I 366 -94.35 44.69 34.73
N ALA I 367 -93.87 44.14 33.63
CA ALA I 367 -94.73 43.39 32.73
C ALA I 367 -93.95 42.48 31.78
N GLY I 368 -94.65 41.51 31.21
CA GLY I 368 -94.00 40.58 30.28
C GLY I 368 -93.78 39.20 30.87
N VAL I 369 -94.79 38.69 31.58
CA VAL I 369 -94.69 37.37 32.19
C VAL I 369 -94.98 36.31 31.13
N TYR I 370 -95.54 36.76 30.01
CA TYR I 370 -95.86 35.87 28.90
C TYR I 370 -95.56 36.56 27.57
N SER I 371 -94.70 37.57 27.61
CA SER I 371 -94.30 38.30 26.42
C SER I 371 -93.03 37.68 25.86
N GLY I 372 -92.93 37.62 24.54
CA GLY I 372 -91.76 37.04 23.91
C GLY I 372 -90.50 37.87 23.97
N LEU I 373 -90.14 38.35 25.16
CA LEU I 373 -88.94 39.16 25.33
C LEU I 373 -87.68 38.35 25.08
N ILE I 374 -87.54 37.23 25.80
CA ILE I 374 -86.37 36.38 25.65
C ILE I 374 -86.24 35.96 24.19
N GLY I 375 -87.37 35.86 23.51
CA GLY I 375 -87.37 35.48 22.11
C GLY I 375 -86.60 36.49 21.27
N GLY I 376 -86.92 37.76 21.45
CA GLY I 376 -86.24 38.81 20.70
C GLY I 376 -84.74 38.76 20.94
N ALA I 377 -84.36 38.55 22.21
CA ALA I 377 -82.95 38.49 22.58
C ALA I 377 -82.26 37.35 21.83
N THR I 378 -83.03 36.31 21.50
CA THR I 378 -82.50 35.16 20.78
C THR I 378 -82.36 35.49 19.30
N SER I 379 -83.41 36.02 18.71
CA SER I 379 -83.42 36.38 17.30
C SER I 379 -82.25 37.29 16.94
N VAL I 380 -82.05 38.32 17.75
CA VAL I 380 -80.97 39.27 17.53
C VAL I 380 -79.61 38.57 17.58
N LEU I 381 -79.46 37.67 18.55
CA LEU I 381 -78.22 36.92 18.72
C LEU I 381 -78.00 35.97 17.54
N LEU I 382 -79.06 35.25 17.18
CA LEU I 382 -79.00 34.30 16.07
C LEU I 382 -78.41 34.95 14.83
N SER I 383 -78.92 36.13 14.49
CA SER I 383 -78.43 36.86 13.32
C SER I 383 -76.94 37.10 13.42
N ALA I 384 -76.51 37.59 14.57
CA ALA I 384 -75.10 37.88 14.83
C ALA I 384 -74.22 36.67 14.53
N TYR I 385 -74.60 35.51 15.06
CA TYR I 385 -73.84 34.28 14.88
C TYR I 385 -73.72 33.84 13.42
N ASN I 386 -74.85 33.80 12.72
CA ASN I 386 -74.86 33.39 11.32
C ASN I 386 -73.90 34.19 10.44
N ARG I 387 -73.75 35.47 10.74
CA ARG I 387 -72.90 36.35 9.95
C ARG I 387 -71.39 36.21 10.19
N HIS I 388 -71.00 35.47 11.22
CA HIS I 388 -69.58 35.30 11.52
C HIS I 388 -69.15 33.88 11.89
N PRO I 389 -67.82 33.66 12.02
CA PRO I 389 -67.26 32.35 12.37
C PRO I 389 -66.87 32.18 13.84
N LEU I 390 -67.87 32.14 14.71
CA LEU I 390 -67.63 31.93 16.15
C LEU I 390 -66.67 32.95 16.77
N PHE I 391 -66.97 34.23 16.57
CA PHE I 391 -66.16 35.31 17.12
C PHE I 391 -66.71 36.64 16.62
N GLN I 392 -67.00 37.54 17.55
CA GLN I 392 -67.52 38.85 17.20
C GLN I 392 -66.40 39.88 17.24
N PRO I 393 -66.42 40.84 16.30
CA PRO I 393 -65.38 41.87 16.28
C PRO I 393 -65.17 42.44 17.66
N LEU I 394 -63.91 42.53 18.09
CA LEU I 394 -63.57 43.04 19.42
C LEU I 394 -64.26 44.35 19.80
N HIS I 395 -64.49 45.22 18.82
CA HIS I 395 -65.14 46.49 19.09
C HIS I 395 -66.16 46.86 18.01
N THR I 396 -67.12 45.96 17.79
CA THR I 396 -68.16 46.21 16.80
C THR I 396 -69.39 46.79 17.46
N VAL I 397 -70.17 47.52 16.68
CA VAL I 397 -71.40 48.14 17.17
C VAL I 397 -72.36 47.07 17.69
N MET I 398 -72.33 45.90 17.05
CA MET I 398 -73.21 44.81 17.43
C MET I 398 -72.77 44.11 18.72
N ARG I 399 -71.47 44.14 19.02
CA ARG I 399 -70.98 43.53 20.24
C ARG I 399 -71.73 44.14 21.42
N GLU I 400 -71.83 45.47 21.40
CA GLU I 400 -72.53 46.22 22.43
C GLU I 400 -73.97 45.73 22.53
N THR I 401 -74.53 45.34 21.39
CA THR I 401 -75.90 44.86 21.31
C THR I 401 -76.10 43.57 22.08
N LEU I 402 -75.32 42.54 21.75
CA LEU I 402 -75.44 41.24 22.42
C LEU I 402 -75.30 41.40 23.93
N PHE I 403 -74.54 42.41 24.36
CA PHE I 403 -74.34 42.65 25.78
C PHE I 403 -75.65 43.11 26.41
N ILE I 404 -76.33 44.02 25.73
CA ILE I 404 -77.60 44.55 26.22
C ILE I 404 -78.64 43.43 26.31
N GLY I 405 -78.63 42.56 25.32
CA GLY I 405 -79.59 41.45 25.30
C GLY I 405 -79.33 40.40 26.37
N SER I 406 -78.07 40.08 26.60
CA SER I 406 -77.71 39.09 27.60
C SER I 406 -78.39 39.34 28.94
N HIS I 407 -78.51 40.62 29.31
CA HIS I 407 -79.15 40.99 30.57
C HIS I 407 -80.57 40.44 30.71
N VAL I 408 -81.40 40.66 29.69
CA VAL I 408 -82.78 40.19 29.73
C VAL I 408 -82.83 38.66 29.68
N VAL I 409 -81.73 38.05 29.27
CA VAL I 409 -81.66 36.59 29.19
C VAL I 409 -81.23 36.01 30.53
N LEU I 410 -80.21 36.62 31.13
CA LEU I 410 -79.70 36.17 32.43
C LEU I 410 -80.82 36.21 33.45
N ARG I 411 -81.48 37.37 33.53
CA ARG I 411 -82.58 37.58 34.46
C ARG I 411 -83.56 36.42 34.33
N GLU I 412 -83.88 36.04 33.10
CA GLU I 412 -84.80 34.95 32.82
C GLU I 412 -84.28 33.65 33.43
N LEU I 413 -83.03 33.33 33.10
CA LEU I 413 -82.37 32.12 33.59
C LEU I 413 -82.44 31.98 35.11
N ARG I 414 -82.18 33.08 35.81
CA ARG I 414 -82.20 33.09 37.27
C ARG I 414 -83.53 32.64 37.88
N LEU I 415 -84.61 32.76 37.12
CA LEU I 415 -85.92 32.36 37.60
C LEU I 415 -86.08 30.84 37.71
N ASN I 416 -87.22 30.40 38.21
CA ASN I 416 -87.49 28.98 38.38
C ASN I 416 -88.67 28.53 37.52
N VAL I 417 -89.17 29.45 36.68
CA VAL I 417 -90.29 29.15 35.81
C VAL I 417 -89.74 28.77 34.43
N THR I 418 -89.73 27.48 34.12
CA THR I 418 -89.22 27.01 32.84
C THR I 418 -90.07 27.48 31.67
N THR I 419 -89.88 28.73 31.30
CA THR I 419 -90.61 29.33 30.18
C THR I 419 -89.64 29.62 29.05
N GLN I 420 -89.94 29.12 27.85
CA GLN I 420 -89.09 29.33 26.70
C GLN I 420 -87.75 28.65 26.95
N GLY I 421 -87.76 27.61 27.79
CA GLY I 421 -86.54 26.88 28.09
C GLY I 421 -85.84 26.48 26.81
N PRO I 422 -86.56 25.89 25.85
CA PRO I 422 -85.97 25.47 24.58
C PRO I 422 -85.39 26.67 23.83
N ASN I 423 -86.15 27.75 23.79
CA ASN I 423 -85.73 28.97 23.11
C ASN I 423 -84.55 29.61 23.83
N LEU I 424 -84.48 29.41 25.14
CA LEU I 424 -83.41 29.97 25.96
C LEU I 424 -82.16 29.09 25.88
N ALA I 425 -82.35 27.78 25.98
CA ALA I 425 -81.24 26.84 25.92
C ALA I 425 -80.42 27.14 24.66
N LEU I 426 -81.12 27.52 23.60
CA LEU I 426 -80.47 27.85 22.33
C LEU I 426 -79.46 28.97 22.53
N TYR I 427 -79.90 30.05 23.17
CA TYR I 427 -79.04 31.20 23.43
C TYR I 427 -77.72 30.74 24.03
N GLN I 428 -77.80 29.84 25.01
CA GLN I 428 -76.61 29.33 25.67
C GLN I 428 -75.74 28.59 24.67
N LEU I 429 -76.35 27.71 23.88
CA LEU I 429 -75.63 26.94 22.87
C LEU I 429 -74.83 27.87 21.95
N LEU I 430 -75.52 28.83 21.34
CA LEU I 430 -74.88 29.77 20.43
C LEU I 430 -73.70 30.46 21.09
N SER I 431 -73.95 31.12 22.21
CA SER I 431 -72.90 31.82 22.95
C SER I 431 -71.73 30.89 23.26
N THR I 432 -72.05 29.65 23.60
CA THR I 432 -71.03 28.66 23.92
C THR I 432 -70.09 28.51 22.72
N ALA I 433 -70.67 28.29 21.55
CA ALA I 433 -69.90 28.14 20.32
C ALA I 433 -69.06 29.40 20.11
N LEU I 434 -69.68 30.55 20.36
CA LEU I 434 -69.01 31.84 20.21
C LEU I 434 -67.83 31.96 21.17
N CYS I 435 -67.85 31.20 22.25
CA CYS I 435 -66.75 31.23 23.20
C CYS I 435 -65.61 30.35 22.70
N SER I 436 -65.26 30.53 21.43
CA SER I 436 -64.20 29.76 20.79
C SER I 436 -62.82 30.22 21.23
N ALA I 437 -61.80 29.44 20.88
CA ALA I 437 -60.43 29.76 21.23
C ALA I 437 -60.04 31.12 20.65
N LEU I 438 -60.69 31.50 19.56
CA LEU I 438 -60.43 32.77 18.90
C LEU I 438 -60.99 33.89 19.77
N GLU I 439 -62.20 33.67 20.30
CA GLU I 439 -62.87 34.63 21.16
C GLU I 439 -62.09 34.80 22.45
N ILE I 440 -62.07 33.74 23.25
CA ILE I 440 -61.37 33.74 24.53
C ILE I 440 -59.95 34.26 24.38
N GLY I 441 -59.35 34.02 23.22
CA GLY I 441 -57.99 34.47 22.97
C GLY I 441 -57.91 35.98 22.80
N GLU I 442 -58.74 36.51 21.90
CA GLU I 442 -58.74 37.95 21.65
C GLU I 442 -59.13 38.76 22.87
N VAL I 443 -60.07 38.25 23.66
CA VAL I 443 -60.52 38.94 24.86
C VAL I 443 -59.33 39.17 25.79
N LEU I 444 -58.51 38.14 25.97
CA LEU I 444 -57.33 38.25 26.83
C LEU I 444 -56.38 39.30 26.27
N ARG I 445 -56.09 39.19 24.98
CA ARG I 445 -55.20 40.14 24.30
C ARG I 445 -55.59 41.57 24.67
N GLY I 446 -56.86 41.90 24.44
CA GLY I 446 -57.35 43.23 24.75
C GLY I 446 -57.19 43.60 26.21
N LEU I 447 -57.53 42.66 27.10
CA LEU I 447 -57.41 42.91 28.54
C LEU I 447 -55.99 43.29 28.94
N ALA I 448 -55.02 42.53 28.44
CA ALA I 448 -53.62 42.79 28.74
C ALA I 448 -53.18 44.15 28.19
N LEU I 449 -53.51 44.41 26.93
CA LEU I 449 -53.14 45.66 26.28
C LEU I 449 -54.04 46.81 26.74
N GLY I 450 -55.04 46.49 27.54
CA GLY I 450 -55.95 47.50 28.06
C GLY I 450 -56.89 48.16 27.05
N THR I 451 -57.15 47.49 25.93
CA THR I 451 -58.05 48.04 24.93
C THR I 451 -59.48 47.61 25.22
N GLU I 452 -59.63 46.39 25.74
CA GLU I 452 -60.94 45.85 26.06
C GLU I 452 -61.15 45.87 27.57
N SER I 453 -62.30 46.36 28.00
CA SER I 453 -62.62 46.44 29.43
C SER I 453 -62.96 45.07 29.98
N GLY I 454 -63.53 44.22 29.13
CA GLY I 454 -63.90 42.88 29.55
C GLY I 454 -65.29 42.88 30.17
N LEU I 455 -66.08 43.88 29.79
CA LEU I 455 -67.44 44.02 30.29
C LEU I 455 -68.36 42.90 29.83
N PHE I 456 -68.23 42.50 28.57
CA PHE I 456 -69.06 41.44 28.03
C PHE I 456 -68.34 40.44 27.13
N SER I 457 -68.89 39.24 27.09
CA SER I 457 -68.36 38.14 26.29
C SER I 457 -69.41 37.04 26.25
N PRO I 458 -69.60 36.40 25.09
CA PRO I 458 -70.59 35.32 24.98
C PRO I 458 -70.31 34.17 25.93
N CYS I 459 -69.13 34.18 26.52
CA CYS I 459 -68.73 33.13 27.46
C CYS I 459 -69.50 33.24 28.78
N TYR I 460 -69.75 34.47 29.22
CA TYR I 460 -70.45 34.72 30.47
C TYR I 460 -71.79 34.00 30.59
N LEU I 461 -72.32 33.51 29.47
CA LEU I 461 -73.59 32.80 29.49
C LEU I 461 -73.42 31.44 28.82
N SER I 462 -72.24 31.21 28.27
CA SER I 462 -71.93 29.96 27.60
C SER I 462 -71.89 28.81 28.60
N LEU I 463 -71.99 27.58 28.09
CA LEU I 463 -71.95 26.39 28.92
C LEU I 463 -70.58 25.76 28.83
N ARG I 464 -69.56 26.60 28.70
CA ARG I 464 -68.19 26.13 28.58
C ARG I 464 -67.45 26.33 29.90
N PHE I 465 -67.50 25.29 30.75
CA PHE I 465 -66.86 25.32 32.06
C PHE I 465 -65.50 24.63 31.99
N ASP I 466 -64.88 24.69 30.81
CA ASP I 466 -63.57 24.06 30.59
C ASP I 466 -62.40 24.99 30.92
N LEU I 467 -62.59 26.29 30.68
CA LEU I 467 -61.53 27.26 30.93
C LEU I 467 -61.22 27.50 32.40
N THR I 468 -60.01 27.13 32.79
CA THR I 468 -59.54 27.31 34.17
C THR I 468 -58.31 28.22 34.15
N ARG I 469 -57.71 28.42 35.32
CA ARG I 469 -56.54 29.27 35.42
C ARG I 469 -55.48 28.90 34.39
N ASP I 470 -55.14 27.62 34.31
CA ASP I 470 -54.14 27.13 33.37
C ASP I 470 -54.68 27.08 31.93
N LYS I 471 -55.83 26.42 31.75
CA LYS I 471 -56.42 26.30 30.43
C LYS I 471 -56.56 27.66 29.74
N LEU I 472 -57.00 28.66 30.50
CA LEU I 472 -57.15 30.00 29.98
C LEU I 472 -55.80 30.56 29.53
N LEU I 473 -54.78 30.26 30.32
CA LEU I 473 -53.43 30.73 30.01
C LEU I 473 -52.94 30.13 28.70
N SER I 474 -53.56 29.02 28.30
CA SER I 474 -53.20 28.35 27.05
C SER I 474 -53.72 29.12 25.85
N MET I 475 -54.98 29.54 25.89
CA MET I 475 -55.58 30.30 24.80
C MET I 475 -54.92 31.66 24.65
N ALA I 476 -54.28 32.13 25.72
CA ALA I 476 -53.61 33.43 25.70
C ALA I 476 -52.64 33.51 24.54
N PRO I 477 -52.53 34.69 23.91
CA PRO I 477 -51.63 34.90 22.77
C PRO I 477 -50.16 34.77 23.15
N GLN I 478 -49.41 34.03 22.34
CA GLN I 478 -47.98 33.82 22.57
C GLN I 478 -47.17 34.83 21.76
N GLU I 479 -46.84 35.96 22.38
CA GLU I 479 -46.09 37.01 21.70
C GLU I 479 -45.23 37.81 22.68
N ALA I 480 -44.03 38.16 22.24
CA ALA I 480 -43.10 38.92 23.08
C ALA I 480 -43.55 40.39 23.13
N THR I 481 -44.50 40.73 22.28
CA THR I 481 -45.03 42.09 22.23
C THR I 481 -46.00 42.34 23.38
N LEU I 482 -46.28 41.29 24.14
CA LEU I 482 -47.20 41.40 25.27
C LEU I 482 -46.49 41.04 26.57
N ASP I 483 -46.59 41.94 27.55
CA ASP I 483 -45.96 41.73 28.84
C ASP I 483 -46.48 40.48 29.52
N GLN I 484 -45.65 39.44 29.57
CA GLN I 484 -46.02 38.17 30.19
C GLN I 484 -46.70 38.37 31.55
N ALA I 485 -46.30 39.41 32.26
CA ALA I 485 -46.87 39.71 33.56
C ALA I 485 -48.29 40.25 33.39
N ALA I 486 -48.44 41.21 32.49
CA ALA I 486 -49.74 41.82 32.21
C ALA I 486 -50.74 40.74 31.79
N VAL I 487 -50.27 39.81 30.97
CA VAL I 487 -51.12 38.73 30.49
C VAL I 487 -51.74 37.95 31.65
N SER I 488 -50.91 37.59 32.62
CA SER I 488 -51.38 36.84 33.78
C SER I 488 -52.56 37.53 34.45
N ASN I 489 -52.44 38.84 34.67
CA ASN I 489 -53.52 39.60 35.29
C ASN I 489 -54.81 39.46 34.50
N ALA I 490 -54.69 39.56 33.18
CA ALA I 490 -55.84 39.44 32.29
C ALA I 490 -56.51 38.09 32.49
N VAL I 491 -55.71 37.02 32.40
CA VAL I 491 -56.23 35.67 32.56
C VAL I 491 -56.95 35.55 33.90
N ASP I 492 -56.31 36.07 34.95
CA ASP I 492 -56.91 36.02 36.29
C ASP I 492 -58.19 36.84 36.32
N GLY I 493 -58.14 38.04 35.77
CA GLY I 493 -59.32 38.89 35.73
C GLY I 493 -60.49 38.24 35.06
N PHE I 494 -60.27 37.71 33.86
CA PHE I 494 -61.32 37.05 33.11
C PHE I 494 -61.95 35.94 33.94
N LEU I 495 -61.09 35.05 34.46
CA LEU I 495 -61.55 33.94 35.29
C LEU I 495 -62.42 34.45 36.43
N GLY I 496 -62.05 35.61 36.97
CA GLY I 496 -62.81 36.19 38.07
C GLY I 496 -64.21 36.63 37.72
N ARG I 497 -64.33 37.52 36.75
CA ARG I 497 -65.63 38.02 36.33
C ARG I 497 -66.51 36.88 35.78
N LEU I 498 -65.85 35.81 35.35
CA LEU I 498 -66.56 34.67 34.80
C LEU I 498 -67.24 33.88 35.92
N SER I 499 -66.58 33.77 37.06
CA SER I 499 -67.12 33.05 38.21
C SER I 499 -68.20 33.85 38.94
N LEU I 500 -68.31 35.14 38.60
CA LEU I 500 -69.29 36.01 39.22
C LEU I 500 -70.49 36.25 38.33
N GLU I 501 -70.23 36.50 37.05
CA GLU I 501 -71.30 36.75 36.09
C GLU I 501 -72.08 35.46 35.85
N ARG I 502 -71.37 34.33 35.89
CA ARG I 502 -71.99 33.04 35.68
C ARG I 502 -72.13 32.27 36.98
N GLU I 503 -73.34 31.75 37.20
CA GLU I 503 -73.64 30.98 38.40
C GLU I 503 -73.67 29.51 38.00
N ASP I 504 -73.92 28.63 38.97
CA ASP I 504 -74.00 27.21 38.69
C ASP I 504 -75.48 26.87 38.56
N ARG I 505 -76.32 27.90 38.75
CA ARG I 505 -77.76 27.74 38.65
C ARG I 505 -78.24 28.18 37.26
N ASP I 506 -77.33 28.80 36.52
CA ASP I 506 -77.63 29.27 35.17
C ASP I 506 -77.82 28.09 34.20
N ALA I 507 -77.74 26.88 34.74
CA ALA I 507 -77.88 25.69 33.91
C ALA I 507 -78.88 24.65 34.43
N TRP I 508 -79.64 25.01 35.45
CA TRP I 508 -80.64 24.10 36.00
C TRP I 508 -81.83 24.01 35.06
N HIS I 509 -82.07 25.09 34.30
CA HIS I 509 -83.16 25.13 33.36
C HIS I 509 -82.94 24.18 32.18
N LEU I 510 -81.82 23.49 32.20
CA LEU I 510 -81.49 22.55 31.14
C LEU I 510 -81.91 21.13 31.54
N PRO I 511 -82.63 20.43 30.64
CA PRO I 511 -83.11 19.07 30.86
C PRO I 511 -82.05 18.03 31.25
N ALA I 512 -80.94 18.00 30.51
CA ALA I 512 -79.87 17.04 30.76
C ALA I 512 -79.12 17.22 32.07
N TYR I 513 -79.15 18.42 32.63
CA TYR I 513 -78.45 18.71 33.88
C TYR I 513 -78.65 17.64 34.96
N LYS I 514 -79.90 17.23 35.15
CA LYS I 514 -80.27 16.23 36.15
C LYS I 514 -79.54 14.89 36.00
N CYS I 515 -78.77 14.76 34.93
CA CYS I 515 -78.08 13.50 34.66
C CYS I 515 -76.59 13.42 35.01
N VAL I 516 -76.04 14.46 35.63
CA VAL I 516 -74.61 14.44 35.95
C VAL I 516 -74.30 14.27 37.43
N ASP I 517 -73.66 13.15 37.76
CA ASP I 517 -73.28 12.86 39.14
C ASP I 517 -72.15 13.80 39.56
N ARG I 518 -70.94 13.54 39.07
CA ARG I 518 -69.80 14.39 39.39
C ARG I 518 -69.79 15.55 38.39
N LEU I 519 -70.64 16.54 38.64
CA LEU I 519 -70.75 17.70 37.76
C LEU I 519 -69.55 18.64 37.80
N ASP I 520 -68.72 18.49 38.82
CA ASP I 520 -67.54 19.35 38.95
C ASP I 520 -66.49 19.02 37.90
N LYS I 521 -66.53 17.80 37.37
CA LYS I 521 -65.57 17.38 36.36
C LYS I 521 -66.17 17.50 34.97
N VAL I 522 -67.12 18.43 34.83
CA VAL I 522 -67.79 18.67 33.55
C VAL I 522 -67.10 19.81 32.82
N LEU I 523 -66.57 19.53 31.64
CA LEU I 523 -65.89 20.53 30.83
C LEU I 523 -66.89 21.47 30.16
N MET I 524 -67.83 20.90 29.43
CA MET I 524 -68.84 21.71 28.76
C MET I 524 -70.00 20.88 28.25
N ILE I 525 -71.20 21.45 28.30
CA ILE I 525 -72.40 20.77 27.84
C ILE I 525 -72.92 21.43 26.56
N ILE I 526 -73.29 20.62 25.58
CA ILE I 526 -73.80 21.12 24.31
C ILE I 526 -75.26 20.75 24.08
N PRO I 527 -76.18 21.67 24.40
CA PRO I 527 -77.61 21.42 24.21
C PRO I 527 -77.97 21.37 22.73
N LEU I 528 -78.39 20.20 22.26
CA LEU I 528 -78.76 20.03 20.86
C LEU I 528 -80.28 19.98 20.69
N ILE I 529 -80.71 19.75 19.46
CA ILE I 529 -82.13 19.67 19.13
C ILE I 529 -82.83 18.49 19.78
N ASN I 530 -82.45 17.27 19.39
CA ASN I 530 -83.06 16.07 19.94
C ASN I 530 -82.27 15.44 21.08
N VAL I 531 -81.08 15.97 21.34
CA VAL I 531 -80.23 15.45 22.41
C VAL I 531 -79.39 16.56 23.02
N THR I 532 -78.53 16.18 23.97
CA THR I 532 -77.64 17.13 24.63
C THR I 532 -76.36 16.42 25.06
N PHE I 533 -75.24 16.88 24.51
CA PHE I 533 -73.94 16.28 24.80
C PHE I 533 -73.28 16.85 26.05
N ILE I 534 -72.65 15.97 26.82
CA ILE I 534 -71.97 16.36 28.05
C ILE I 534 -70.51 15.94 28.02
N ILE I 535 -69.63 16.88 27.74
CA ILE I 535 -68.20 16.61 27.69
C ILE I 535 -67.64 16.75 29.10
N SER I 536 -66.99 15.71 29.59
CA SER I 536 -66.42 15.74 30.93
C SER I 536 -65.24 14.79 31.08
N SER I 537 -64.59 14.86 32.24
CA SER I 537 -63.45 14.01 32.54
C SER I 537 -63.87 12.86 33.43
N ASP I 538 -65.16 12.55 33.40
CA ASP I 538 -65.70 11.46 34.21
C ASP I 538 -66.74 10.68 33.41
N ARG I 539 -66.69 9.36 33.54
CA ARG I 539 -67.63 8.48 32.84
C ARG I 539 -68.82 8.20 33.74
N GLU I 540 -69.12 9.15 34.63
CA GLU I 540 -70.23 9.00 35.56
C GLU I 540 -71.57 9.48 35.00
N VAL I 541 -71.53 10.37 34.02
CA VAL I 541 -72.76 10.87 33.41
C VAL I 541 -73.59 9.67 32.96
N ARG I 542 -74.89 9.69 33.29
CA ARG I 542 -75.78 8.59 32.93
C ARG I 542 -76.59 8.87 31.67
N GLY I 543 -75.90 9.10 30.55
CA GLY I 543 -76.58 9.37 29.30
C GLY I 543 -77.06 8.11 28.60
N SER I 544 -76.73 7.99 27.31
CA SER I 544 -77.13 6.82 26.52
C SER I 544 -75.92 5.98 26.13
N ALA I 545 -74.78 6.64 25.99
CA ALA I 545 -73.55 5.96 25.61
C ALA I 545 -72.34 6.74 26.11
N LEU I 546 -71.18 6.11 26.09
CA LEU I 546 -69.96 6.75 26.55
C LEU I 546 -68.91 6.77 25.44
N TYR I 547 -68.40 7.97 25.16
CA TYR I 547 -67.37 8.15 24.14
C TYR I 547 -66.09 8.63 24.79
N GLU I 548 -64.95 8.27 24.22
CA GLU I 548 -63.67 8.69 24.76
C GLU I 548 -62.67 8.98 23.65
N ALA I 549 -62.07 10.17 23.70
CA ALA I 549 -61.09 10.58 22.71
C ALA I 549 -59.82 9.76 22.88
N SER I 550 -58.99 9.71 21.84
CA SER I 550 -57.75 8.94 21.89
C SER I 550 -56.68 9.60 22.75
N THR I 551 -56.79 10.92 22.95
CA THR I 551 -55.82 11.66 23.74
C THR I 551 -55.87 11.38 25.24
N THR I 552 -54.70 11.25 25.85
CA THR I 552 -54.57 11.00 27.27
C THR I 552 -53.55 11.98 27.86
N TYR I 553 -53.17 12.96 27.03
CA TYR I 553 -52.22 13.98 27.41
C TYR I 553 -52.71 14.75 28.63
N LEU I 554 -54.01 15.01 28.66
CA LEU I 554 -54.61 15.76 29.75
C LEU I 554 -54.45 14.98 31.06
N SER I 555 -54.77 15.65 32.16
CA SER I 555 -54.67 15.05 33.48
C SER I 555 -55.52 13.79 33.49
N SER I 556 -56.80 13.96 33.17
CA SER I 556 -57.75 12.86 33.13
C SER I 556 -58.10 12.53 31.68
N SER I 557 -59.24 11.86 31.47
CA SER I 557 -59.67 11.50 30.13
C SER I 557 -60.71 12.47 29.58
N LEU I 558 -60.96 12.37 28.27
CA LEU I 558 -61.93 13.23 27.61
C LEU I 558 -63.14 12.40 27.19
N PHE I 559 -64.21 12.48 27.96
CA PHE I 559 -65.42 11.72 27.68
C PHE I 559 -66.51 12.54 27.01
N LEU I 560 -67.43 11.84 26.35
CA LEU I 560 -68.55 12.47 25.65
C LEU I 560 -69.84 11.71 25.94
N SER I 561 -70.64 12.24 26.86
CA SER I 561 -71.90 11.60 27.24
C SER I 561 -73.12 12.29 26.63
N PRO I 562 -73.81 11.60 25.71
CA PRO I 562 -75.00 12.15 25.05
C PRO I 562 -76.30 11.69 25.69
N VAL I 563 -77.16 12.64 26.03
CA VAL I 563 -78.45 12.31 26.64
C VAL I 563 -79.52 12.38 25.55
N ILE I 564 -79.90 11.22 25.01
CA ILE I 564 -80.91 11.17 23.96
C ILE I 564 -82.28 11.54 24.50
N MET I 565 -83.01 12.34 23.72
CA MET I 565 -84.35 12.76 24.10
C MET I 565 -84.36 13.41 25.48
N ASN I 566 -83.25 14.10 25.80
CA ASN I 566 -83.10 14.79 27.08
C ASN I 566 -83.58 14.03 28.31
N LYS I 567 -83.61 12.71 28.22
CA LYS I 567 -84.02 11.90 29.37
C LYS I 567 -82.94 10.84 29.56
N CYS I 568 -82.43 10.73 30.78
CA CYS I 568 -81.39 9.77 31.05
C CYS I 568 -81.82 8.47 31.70
N SER I 569 -81.05 7.42 31.41
CA SER I 569 -81.31 6.10 31.95
C SER I 569 -80.59 5.94 33.28
N GLN I 570 -81.02 4.97 34.08
CA GLN I 570 -80.43 4.71 35.38
C GLN I 570 -79.07 4.02 35.27
N GLY I 571 -78.06 4.62 35.87
CA GLY I 571 -76.73 4.05 35.83
C GLY I 571 -75.94 4.44 34.60
N ALA I 572 -74.61 4.48 34.73
CA ALA I 572 -73.74 4.84 33.62
C ALA I 572 -73.57 3.67 32.66
N VAL I 573 -72.90 3.93 31.54
CA VAL I 573 -72.67 2.90 30.53
C VAL I 573 -71.83 1.74 31.07
N ALA I 574 -71.86 0.61 30.37
CA ALA I 574 -71.10 -0.57 30.77
C ALA I 574 -69.61 -0.28 30.67
N GLY I 575 -68.79 -1.23 31.08
CA GLY I 575 -67.35 -1.07 31.04
C GLY I 575 -66.89 -0.83 29.62
N GLU I 576 -65.68 -0.29 29.46
CA GLU I 576 -65.09 -0.02 28.15
C GLU I 576 -65.89 0.98 27.33
N PRO I 577 -65.36 2.19 27.15
CA PRO I 577 -66.07 3.21 26.37
C PRO I 577 -66.04 2.91 24.88
N ARG I 578 -66.96 3.52 24.14
CA ARG I 578 -67.02 3.32 22.69
C ARG I 578 -65.99 4.28 22.08
N GLN I 579 -65.17 3.77 21.17
CA GLN I 579 -64.14 4.59 20.55
C GLN I 579 -64.67 5.43 19.40
N ILE I 580 -64.17 6.67 19.30
CA ILE I 580 -64.59 7.57 18.24
C ILE I 580 -64.02 7.14 16.89
N PRO I 581 -64.89 6.72 15.96
CA PRO I 581 -64.48 6.28 14.63
C PRO I 581 -63.97 7.44 13.79
N LYS I 582 -62.95 7.19 12.97
CA LYS I 582 -62.37 8.22 12.12
C LYS I 582 -63.02 8.15 10.74
N ILE I 583 -63.36 9.32 10.19
CA ILE I 583 -64.01 9.37 8.89
C ILE I 583 -63.33 10.33 7.90
N GLN I 584 -63.25 9.90 6.65
CA GLN I 584 -62.64 10.70 5.59
C GLN I 584 -63.56 10.69 4.37
N ASN I 585 -64.75 10.12 4.53
CA ASN I 585 -65.73 10.03 3.45
C ASN I 585 -66.20 11.36 2.89
N PHE I 586 -66.91 12.12 3.71
CA PHE I 586 -67.45 13.42 3.29
C PHE I 586 -66.48 14.28 2.48
N THR I 587 -67.01 14.94 1.45
CA THR I 587 -66.23 15.81 0.59
C THR I 587 -66.47 17.26 1.01
N ARG I 588 -65.52 18.14 0.72
CA ARG I 588 -65.64 19.54 1.10
C ARG I 588 -66.91 20.19 0.54
N THR I 589 -66.95 20.40 -0.76
CA THR I 589 -68.11 21.03 -1.39
C THR I 589 -69.37 20.24 -1.04
N GLN I 590 -70.39 20.94 -0.56
CA GLN I 590 -71.65 20.31 -0.19
C GLN I 590 -72.87 21.05 -0.70
N LYS I 591 -73.77 20.30 -1.33
CA LYS I 591 -74.99 20.88 -1.89
C LYS I 591 -75.94 21.29 -0.77
N SER I 592 -76.49 20.30 -0.07
CA SER I 592 -77.42 20.56 1.03
C SER I 592 -76.71 20.69 2.37
N CYS I 593 -77.51 20.95 3.42
CA CYS I 593 -77.01 21.11 4.77
C CYS I 593 -76.93 19.76 5.49
N ILE I 594 -75.83 19.04 5.28
CA ILE I 594 -75.64 17.73 5.91
C ILE I 594 -75.55 17.88 7.42
N PHE I 595 -74.50 18.54 7.89
CA PHE I 595 -74.30 18.75 9.32
C PHE I 595 -75.09 19.98 9.73
N CYS I 596 -76.40 19.87 9.71
CA CYS I 596 -77.25 21.00 10.08
C CYS I 596 -77.50 21.08 11.58
N GLY I 597 -78.42 20.26 12.08
CA GLY I 597 -78.71 20.29 13.51
C GLY I 597 -77.58 19.70 14.33
N PHE I 598 -76.41 19.55 13.72
CA PHE I 598 -75.25 18.99 14.39
C PHE I 598 -74.33 20.07 14.95
N ALA I 599 -73.25 19.63 15.60
CA ALA I 599 -72.29 20.56 16.19
C ALA I 599 -70.87 20.02 16.04
N LEU I 600 -69.91 20.93 15.91
CA LEU I 600 -68.50 20.55 15.78
C LEU I 600 -67.73 20.87 17.05
N LEU I 601 -66.83 19.97 17.42
CA LEU I 601 -66.02 20.16 18.62
C LEU I 601 -64.58 19.77 18.35
N SER I 602 -63.69 20.76 18.35
CA SER I 602 -62.27 20.52 18.11
C SER I 602 -61.51 20.61 19.42
N TYR I 603 -60.60 19.67 19.63
CA TYR I 603 -59.81 19.67 20.86
C TYR I 603 -58.33 19.46 20.54
N ASP I 604 -57.47 20.07 21.35
CA ASP I 604 -56.05 19.92 21.14
C ASP I 604 -55.60 18.74 21.98
N GLU I 605 -54.71 17.93 21.43
CA GLU I 605 -54.21 16.74 22.12
C GLU I 605 -53.59 17.12 23.46
N LYS I 606 -52.75 18.15 23.46
CA LYS I 606 -52.08 18.60 24.67
C LYS I 606 -53.02 19.39 25.59
N GLU I 607 -53.57 20.49 25.09
CA GLU I 607 -54.48 21.29 25.89
C GLU I 607 -55.90 20.73 25.90
N GLY I 608 -56.81 21.44 26.55
CA GLY I 608 -58.20 20.99 26.63
C GLY I 608 -58.98 21.14 25.35
N LEU I 609 -60.21 21.63 25.46
CA LEU I 609 -61.07 21.82 24.30
C LEU I 609 -60.84 23.19 23.67
N GLU I 610 -60.65 23.21 22.35
CA GLU I 610 -60.41 24.45 21.62
C GLU I 610 -61.67 25.23 21.31
N THR I 611 -62.31 24.93 20.18
CA THR I 611 -63.53 25.63 19.77
C THR I 611 -64.67 24.68 19.43
N THR I 612 -65.89 25.17 19.63
CA THR I 612 -67.09 24.39 19.34
C THR I 612 -67.98 25.19 18.38
N THR I 613 -68.65 24.50 17.46
CA THR I 613 -69.51 25.18 16.49
C THR I 613 -70.84 24.48 16.25
N TYR I 614 -71.90 25.28 16.22
CA TYR I 614 -73.24 24.76 15.98
C TYR I 614 -73.66 25.33 14.62
N ILE I 615 -73.73 24.46 13.62
CA ILE I 615 -74.10 24.88 12.27
C ILE I 615 -75.60 25.17 12.18
N THR I 616 -75.97 26.41 12.46
CA THR I 616 -77.37 26.83 12.43
C THR I 616 -78.03 26.56 11.09
N SER I 617 -77.48 27.14 10.02
CA SER I 617 -78.05 26.95 8.70
C SER I 617 -77.02 26.70 7.61
N GLN I 618 -77.52 26.54 6.38
CA GLN I 618 -76.69 26.29 5.20
C GLN I 618 -75.52 27.25 5.08
N GLU I 619 -75.82 28.54 5.06
CA GLU I 619 -74.79 29.57 4.94
C GLU I 619 -73.61 29.33 5.86
N VAL I 620 -73.90 28.90 7.09
CA VAL I 620 -72.86 28.65 8.08
C VAL I 620 -71.97 27.46 7.69
N GLN I 621 -72.59 26.36 7.29
CA GLN I 621 -71.84 25.17 6.91
C GLN I 621 -70.86 25.48 5.77
N ASN I 622 -71.28 26.36 4.86
CA ASN I 622 -70.42 26.75 3.75
C ASN I 622 -69.26 27.60 4.24
N SER I 623 -69.54 28.53 5.15
CA SER I 623 -68.52 29.40 5.70
C SER I 623 -67.60 28.66 6.66
N ILE I 624 -67.63 27.33 6.61
CA ILE I 624 -66.80 26.51 7.48
C ILE I 624 -65.98 25.52 6.65
N LEU I 625 -66.63 24.90 5.67
CA LEU I 625 -65.97 23.94 4.81
C LEU I 625 -65.17 24.67 3.74
N SER I 626 -65.50 25.93 3.52
CA SER I 626 -64.80 26.75 2.53
C SER I 626 -63.58 27.39 3.20
N SER I 627 -63.79 27.95 4.37
CA SER I 627 -62.71 28.59 5.12
C SER I 627 -61.75 27.51 5.63
N ASN I 628 -60.71 27.94 6.33
CA ASN I 628 -59.72 27.01 6.86
C ASN I 628 -60.04 26.60 8.29
N TYR I 629 -61.32 26.39 8.58
CA TYR I 629 -61.75 25.97 9.91
C TYR I 629 -61.08 24.65 10.26
N PHE I 630 -60.84 23.83 9.23
CA PHE I 630 -60.22 22.53 9.41
C PHE I 630 -58.72 22.59 9.11
N ASP I 631 -57.97 21.69 9.74
CA ASP I 631 -56.53 21.60 9.55
C ASP I 631 -56.08 20.20 9.93
N PHE I 632 -56.41 19.23 9.09
CA PHE I 632 -56.05 17.85 9.33
C PHE I 632 -54.55 17.65 9.26
N ASP I 633 -53.86 18.64 8.71
CA ASP I 633 -52.40 18.59 8.60
C ASP I 633 -51.77 19.03 9.90
N ASN I 634 -52.43 18.67 11.00
CA ASN I 634 -51.97 18.99 12.35
C ASN I 634 -52.38 17.84 13.26
N LEU I 635 -51.43 16.98 13.57
CA LEU I 635 -51.69 15.82 14.43
C LEU I 635 -52.18 16.20 15.81
N HIS I 636 -51.79 17.38 16.29
CA HIS I 636 -52.21 17.84 17.60
C HIS I 636 -53.69 18.15 17.73
N VAL I 637 -54.28 18.70 16.68
CA VAL I 637 -55.70 19.03 16.71
C VAL I 637 -56.60 17.99 16.05
N HIS I 638 -57.72 17.72 16.68
CA HIS I 638 -58.70 16.77 16.16
C HIS I 638 -60.05 17.47 16.04
N TYR I 639 -60.89 16.97 15.15
CA TYR I 639 -62.21 17.54 14.92
C TYR I 639 -63.32 16.51 15.09
N LEU I 640 -64.21 16.75 16.05
CA LEU I 640 -65.32 15.86 16.31
C LEU I 640 -66.65 16.40 15.81
N LEU I 641 -67.59 15.50 15.53
CA LEU I 641 -68.90 15.87 15.05
C LEU I 641 -69.99 15.21 15.88
N LEU I 642 -70.79 16.03 16.55
CA LEU I 642 -71.89 15.52 17.37
C LEU I 642 -73.18 15.68 16.59
N THR I 643 -73.87 14.58 16.34
CA THR I 643 -75.11 14.60 15.58
C THR I 643 -76.37 14.64 16.45
N THR I 644 -77.52 14.70 15.79
CA THR I 644 -78.79 14.72 16.51
C THR I 644 -78.93 13.38 17.24
N ASN I 645 -78.17 12.39 16.77
CA ASN I 645 -78.17 11.08 17.39
C ASN I 645 -76.99 11.05 18.35
N GLY I 646 -77.06 10.19 19.36
CA GLY I 646 -75.99 10.11 20.33
C GLY I 646 -74.69 9.57 19.75
N THR I 647 -74.48 9.81 18.47
CA THR I 647 -73.27 9.33 17.79
C THR I 647 -72.22 10.43 17.67
N VAL I 648 -70.95 10.02 17.69
CA VAL I 648 -69.84 10.95 17.59
C VAL I 648 -68.80 10.41 16.61
N MET I 649 -68.18 11.29 15.85
CA MET I 649 -67.17 10.88 14.87
C MET I 649 -66.12 11.94 14.62
N GLU I 650 -64.90 11.49 14.30
CA GLU I 650 -63.78 12.39 14.04
C GLU I 650 -63.69 12.63 12.54
N ILE I 651 -63.19 13.81 12.16
CA ILE I 651 -63.07 14.16 10.74
C ILE I 651 -61.62 14.38 10.32
N ALA I 652 -61.32 14.10 9.06
CA ALA I 652 -59.97 14.28 8.54
C ALA I 652 -59.94 14.19 7.02
N GLY I 653 -60.73 15.03 6.37
CA GLY I 653 -60.78 15.01 4.91
C GLY I 653 -62.09 15.50 4.34
N TRP J 1 -75.34 106.14 65.38
CA TRP J 1 -74.23 105.64 64.52
C TRP J 1 -73.88 104.20 64.88
N ALA J 2 -74.16 103.84 66.13
CA ALA J 2 -73.88 102.49 66.62
C ALA J 2 -74.55 102.28 67.97
N TYR J 3 -75.28 101.18 68.11
CA TYR J 3 -75.98 100.87 69.35
C TYR J 3 -75.07 100.03 70.26
N PRO J 4 -75.46 99.88 71.55
CA PRO J 4 -74.67 99.10 72.50
C PRO J 4 -74.55 97.64 72.06
N CYS J 5 -73.33 97.12 72.11
CA CYS J 5 -73.06 95.74 71.74
C CYS J 5 -73.27 94.89 72.98
N CYS J 6 -73.74 93.67 72.83
CA CYS J 6 -73.96 92.84 74.00
C CYS J 6 -73.18 91.54 74.08
N HIS J 7 -73.40 90.78 75.15
CA HIS J 7 -72.73 89.51 75.36
C HIS J 7 -73.74 88.38 75.25
N VAL J 8 -73.24 87.15 75.25
CA VAL J 8 -74.13 85.99 75.14
C VAL J 8 -73.78 84.90 76.13
N THR J 9 -74.64 83.89 76.17
CA THR J 9 -74.52 82.73 77.04
C THR J 9 -75.63 81.80 76.56
N GLN J 10 -75.28 80.58 76.17
CA GLN J 10 -76.24 79.60 75.65
C GLN J 10 -77.57 79.39 76.39
N LEU J 11 -77.83 80.12 77.46
CA LEU J 11 -79.08 79.94 78.21
C LEU J 11 -79.15 78.51 78.72
N ARG J 12 -78.13 78.09 79.47
CA ARG J 12 -78.06 76.74 80.01
C ARG J 12 -79.39 76.19 80.51
N ALA J 13 -79.94 75.22 79.79
CA ALA J 13 -81.20 74.57 80.15
C ALA J 13 -82.42 75.50 80.03
N GLN J 14 -82.17 76.80 80.05
CA GLN J 14 -83.25 77.77 79.94
C GLN J 14 -83.84 77.81 78.53
N HIS J 15 -85.10 77.41 78.40
CA HIS J 15 -85.76 77.43 77.11
C HIS J 15 -85.78 78.90 76.69
N LEU J 16 -85.18 79.20 75.54
CA LEU J 16 -85.14 80.57 75.08
C LEU J 16 -86.53 81.07 74.69
N LEU J 17 -86.58 81.93 73.69
CA LEU J 17 -87.85 82.49 73.23
C LEU J 17 -88.04 82.19 71.75
N ALA J 18 -89.04 81.37 71.45
CA ALA J 18 -89.33 81.04 70.06
C ALA J 18 -89.63 82.36 69.36
N LEU J 19 -89.71 82.32 68.03
CA LEU J 19 -90.01 83.52 67.26
C LEU J 19 -91.30 84.13 67.78
N GLU J 20 -92.06 83.29 68.46
CA GLU J 20 -93.33 83.67 69.05
C GLU J 20 -93.23 85.00 69.79
N ASN J 21 -92.56 84.98 70.93
CA ASN J 21 -92.38 86.18 71.73
C ASN J 21 -91.66 87.30 71.01
N ILE J 22 -90.59 86.96 70.29
CA ILE J 22 -89.81 87.96 69.57
C ILE J 22 -90.60 88.63 68.45
N SER J 23 -90.38 89.94 68.28
CA SER J 23 -91.08 90.71 67.25
C SER J 23 -90.24 91.88 66.72
N ASP J 24 -88.93 91.80 66.95
CA ASP J 24 -87.97 92.81 66.50
C ASP J 24 -86.56 92.28 66.65
N ILE J 25 -85.73 92.49 65.64
CA ILE J 25 -84.35 92.01 65.65
C ILE J 25 -83.39 93.01 65.02
N TYR J 26 -82.51 93.57 65.84
CA TYR J 26 -81.53 94.55 65.38
C TYR J 26 -80.18 93.88 65.11
N LEU J 27 -79.63 94.14 63.93
CA LEU J 27 -78.34 93.56 63.53
C LEU J 27 -77.25 94.62 63.42
N VAL J 28 -75.99 94.17 63.48
CA VAL J 28 -74.85 95.08 63.39
C VAL J 28 -74.07 94.96 62.08
N SER J 29 -73.10 95.84 61.89
CA SER J 29 -72.27 95.87 60.69
C SER J 29 -70.89 95.27 60.95
N ASN J 30 -70.17 94.94 59.87
CA ASN J 30 -68.85 94.35 59.99
C ASN J 30 -67.79 95.32 60.48
N GLN J 31 -68.20 96.31 61.27
CA GLN J 31 -67.25 97.29 61.80
C GLN J 31 -67.80 98.13 62.94
N THR J 32 -69.12 98.07 63.14
CA THR J 32 -69.75 98.83 64.23
C THR J 32 -69.08 98.53 65.56
N CYS J 33 -69.38 97.37 66.12
CA CYS J 33 -68.81 96.96 67.39
C CYS J 33 -67.33 96.65 67.19
N ASP J 34 -67.01 95.38 66.98
CA ASP J 34 -65.63 94.96 66.77
C ASP J 34 -65.57 93.61 66.09
N GLY J 35 -66.06 93.54 64.85
CA GLY J 35 -66.04 92.29 64.10
C GLY J 35 -67.08 91.29 64.55
N PHE J 36 -67.59 91.48 65.77
CA PHE J 36 -68.59 90.57 66.33
C PHE J 36 -69.97 90.71 65.70
N SER J 37 -70.43 89.66 65.03
CA SER J 37 -71.74 89.68 64.41
C SER J 37 -72.75 89.47 65.52
N LEU J 38 -73.25 90.57 66.07
CA LEU J 38 -74.20 90.54 67.17
C LEU J 38 -75.61 90.93 66.75
N ALA J 39 -76.58 90.43 67.50
CA ALA J 39 -77.99 90.72 67.21
C ALA J 39 -78.76 90.96 68.51
N SER J 40 -79.82 91.75 68.42
CA SER J 40 -80.64 92.06 69.57
C SER J 40 -82.06 91.56 69.35
N LEU J 41 -82.52 90.70 70.27
CA LEU J 41 -83.86 90.14 70.18
C LEU J 41 -84.82 90.91 71.06
N ASN J 42 -85.66 91.74 70.43
CA ASN J 42 -86.63 92.56 71.15
C ASN J 42 -88.03 91.97 71.07
N SER J 43 -88.68 91.85 72.22
CA SER J 43 -90.03 91.31 72.29
C SER J 43 -90.81 92.02 73.39
N PRO J 44 -91.95 92.63 73.03
CA PRO J 44 -92.79 93.34 73.99
C PRO J 44 -93.44 92.39 75.00
N LYS J 45 -93.44 92.79 76.27
CA LYS J 45 -94.03 91.98 77.32
C LYS J 45 -95.45 92.46 77.62
N ASN J 46 -96.21 91.64 78.34
CA ASN J 46 -97.59 91.97 78.70
C ASN J 46 -98.46 92.09 77.46
N GLY J 47 -98.90 93.31 77.16
CA GLY J 47 -99.74 93.52 76.00
C GLY J 47 -98.98 94.11 74.83
N SER J 48 -98.89 95.44 74.79
CA SER J 48 -98.19 96.12 73.71
C SER J 48 -96.82 96.62 74.18
N ASN J 49 -96.30 97.62 73.48
CA ASN J 49 -94.99 98.17 73.81
C ASN J 49 -94.97 98.98 75.10
N GLN J 50 -95.15 98.29 76.22
CA GLN J 50 -95.11 98.92 77.53
C GLN J 50 -93.69 98.71 78.04
N LEU J 51 -93.37 97.47 78.37
CA LEU J 51 -92.05 97.11 78.86
C LEU J 51 -91.42 96.14 77.85
N VAL J 52 -90.43 96.60 77.10
CA VAL J 52 -89.78 95.76 76.11
C VAL J 52 -88.54 95.04 76.62
N ILE J 53 -88.56 93.72 76.49
CA ILE J 53 -87.44 92.88 76.90
C ILE J 53 -86.48 92.76 75.73
N SER J 54 -85.20 93.03 75.97
CA SER J 54 -84.21 92.96 74.91
C SER J 54 -82.97 92.18 75.32
N ARG J 55 -82.80 90.99 74.75
CA ARG J 55 -81.65 90.17 75.07
C ARG J 55 -80.79 89.88 73.84
N CYS J 56 -79.51 89.59 74.09
CA CYS J 56 -78.55 89.34 73.03
C CYS J 56 -78.58 87.94 72.43
N ALA J 57 -78.22 87.86 71.16
CA ALA J 57 -78.16 86.61 70.42
C ALA J 57 -76.94 86.66 69.51
N ASN J 58 -76.61 85.53 68.90
CA ASN J 58 -75.45 85.46 68.01
C ASN J 58 -75.84 85.87 66.59
N GLY J 59 -75.33 87.02 66.15
CA GLY J 59 -75.65 87.51 64.82
C GLY J 59 -75.53 86.47 63.72
N LEU J 60 -74.32 86.01 63.47
CA LEU J 60 -74.07 85.02 62.43
C LEU J 60 -75.13 83.91 62.44
N ASN J 61 -75.36 83.31 63.60
CA ASN J 61 -76.35 82.25 63.72
C ASN J 61 -77.74 82.75 63.32
N VAL J 62 -78.13 83.90 63.87
CA VAL J 62 -79.43 84.48 63.56
C VAL J 62 -79.55 84.74 62.06
N VAL J 63 -78.62 85.50 61.52
CA VAL J 63 -78.62 85.82 60.10
C VAL J 63 -78.68 84.56 59.24
N SER J 64 -77.92 83.54 59.62
CA SER J 64 -77.91 82.29 58.88
C SER J 64 -79.32 81.71 58.84
N PHE J 65 -79.98 81.73 60.00
CA PHE J 65 -81.34 81.22 60.13
C PHE J 65 -82.23 81.89 59.10
N PHE J 66 -82.33 83.21 59.16
CA PHE J 66 -83.14 83.98 58.24
C PHE J 66 -82.77 83.70 56.79
N ILE J 67 -81.47 83.70 56.50
CA ILE J 67 -81.00 83.42 55.16
C ILE J 67 -81.56 82.09 54.67
N SER J 68 -81.62 81.12 55.59
CA SER J 68 -82.13 79.80 55.29
C SER J 68 -83.63 79.81 54.97
N ILE J 69 -84.41 80.43 55.84
CA ILE J 69 -85.86 80.51 55.66
C ILE J 69 -86.23 81.15 54.33
N LEU J 70 -85.56 82.25 54.01
CA LEU J 70 -85.81 82.96 52.76
C LEU J 70 -85.60 82.04 51.57
N LYS J 71 -84.44 81.37 51.55
CA LYS J 71 -84.08 80.45 50.47
C LYS J 71 -85.05 79.27 50.41
N ARG J 72 -85.42 78.74 51.57
CA ARG J 72 -86.32 77.60 51.66
C ARG J 72 -87.74 77.86 51.17
N SER J 73 -88.05 79.12 50.87
CA SER J 73 -89.40 79.46 50.40
C SER J 73 -89.40 80.53 49.32
N SER J 74 -88.39 80.50 48.47
CA SER J 74 -88.27 81.47 47.38
C SER J 74 -89.50 81.46 46.47
N SER J 75 -90.12 80.30 46.33
CA SER J 75 -91.30 80.16 45.48
C SER J 75 -92.50 80.97 45.98
N ALA J 76 -92.36 81.58 47.15
CA ALA J 76 -93.45 82.37 47.71
C ALA J 76 -93.05 83.74 48.23
N LEU J 77 -92.19 84.44 47.50
CA LEU J 77 -91.77 85.76 47.93
C LEU J 77 -91.11 86.65 46.87
N THR J 78 -91.55 87.91 46.84
CA THR J 78 -91.01 88.90 45.92
C THR J 78 -90.89 90.20 46.71
N GLY J 79 -90.45 91.26 46.04
CA GLY J 79 -90.30 92.54 46.73
C GLY J 79 -89.13 92.50 47.69
N HIS J 80 -89.32 93.07 48.88
CA HIS J 80 -88.28 93.11 49.90
C HIS J 80 -87.78 91.70 50.24
N LEU J 81 -88.72 90.78 50.41
CA LEU J 81 -88.40 89.40 50.76
C LEU J 81 -87.60 88.65 49.71
N ARG J 82 -86.97 89.38 48.80
CA ARG J 82 -86.17 88.76 47.75
C ARG J 82 -84.84 89.50 47.66
N GLU J 83 -84.89 90.79 47.96
CA GLU J 83 -83.70 91.64 47.95
C GLU J 83 -83.04 91.48 49.32
N LEU J 84 -83.88 91.27 50.32
CA LEU J 84 -83.42 91.08 51.70
C LEU J 84 -82.42 89.94 51.76
N LEU J 85 -82.71 88.86 51.02
CA LEU J 85 -81.85 87.69 51.00
C LEU J 85 -80.47 88.06 50.45
N THR J 86 -80.43 88.56 49.23
CA THR J 86 -79.17 88.94 48.59
C THR J 86 -78.37 89.91 49.43
N THR J 87 -79.05 90.83 50.10
CA THR J 87 -78.39 91.82 50.94
C THR J 87 -78.00 91.23 52.30
N LEU J 88 -78.80 90.27 52.76
CA LEU J 88 -78.54 89.62 54.04
C LEU J 88 -77.36 88.67 53.91
N GLU J 89 -77.23 88.06 52.74
CA GLU J 89 -76.13 87.14 52.47
C GLU J 89 -74.81 87.90 52.42
N THR J 90 -74.81 89.04 51.73
CA THR J 90 -73.62 89.87 51.63
C THR J 90 -73.18 90.29 53.03
N LEU J 91 -74.15 90.54 53.90
CA LEU J 91 -73.88 90.93 55.27
C LEU J 91 -73.21 89.77 55.99
N TYR J 92 -73.80 88.59 55.84
CA TYR J 92 -73.27 87.37 56.46
C TYR J 92 -71.81 87.16 56.08
N GLY J 93 -71.47 87.48 54.83
CA GLY J 93 -70.12 87.30 54.36
C GLY J 93 -69.20 88.49 54.61
N SER J 94 -69.69 89.47 55.37
CA SER J 94 -68.89 90.66 55.68
C SER J 94 -68.10 90.42 56.95
N PHE J 95 -68.56 89.47 57.77
CA PHE J 95 -67.90 89.13 59.02
C PHE J 95 -66.82 88.06 58.80
N SER J 96 -65.79 88.11 59.62
CA SER J 96 -64.69 87.15 59.55
C SER J 96 -64.59 86.40 60.88
N VAL J 97 -64.88 85.10 60.84
CA VAL J 97 -64.85 84.25 62.02
C VAL J 97 -63.45 84.05 62.59
N GLU J 98 -62.55 83.57 61.74
CA GLU J 98 -61.16 83.27 62.09
C GLU J 98 -60.37 84.38 62.77
N ASP J 99 -60.97 85.56 62.90
CA ASP J 99 -60.31 86.68 63.55
C ASP J 99 -60.61 86.65 65.04
N LEU J 100 -61.73 86.02 65.39
CA LEU J 100 -62.15 85.92 66.77
C LEU J 100 -61.23 85.00 67.59
N PHE J 101 -60.37 84.24 66.91
CA PHE J 101 -59.46 83.34 67.59
C PHE J 101 -58.57 84.08 68.60
N GLY J 102 -58.14 85.28 68.25
CA GLY J 102 -57.28 86.04 69.14
C GLY J 102 -57.94 87.21 69.83
N ALA J 103 -59.26 87.33 69.70
CA ALA J 103 -60.00 88.42 70.32
C ALA J 103 -60.56 88.05 71.68
N ASN J 104 -61.11 89.05 72.37
CA ASN J 104 -61.72 88.84 73.68
C ASN J 104 -63.23 88.92 73.48
N LEU J 105 -63.90 87.78 73.57
CA LEU J 105 -65.33 87.70 73.36
C LEU J 105 -66.18 88.33 74.46
N ASN J 106 -65.94 88.02 75.73
CA ASN J 106 -66.73 88.66 76.78
C ASN J 106 -66.15 90.04 77.05
N ARG J 107 -66.14 90.85 76.00
CA ARG J 107 -65.62 92.21 76.04
C ARG J 107 -66.79 93.14 76.36
N TYR J 108 -67.92 92.53 76.71
CA TYR J 108 -69.13 93.26 77.04
C TYR J 108 -69.85 92.60 78.21
N LEU K 1 -9.34 151.77 30.55
CA LEU K 1 -8.20 150.88 30.95
C LEU K 1 -8.18 150.73 32.47
N SER K 2 -8.20 149.48 32.93
CA SER K 2 -8.18 149.17 34.36
C SER K 2 -9.56 149.39 35.00
N GLU K 3 -9.85 148.60 36.03
CA GLU K 3 -11.12 148.69 36.75
C GLU K 3 -12.31 148.30 35.89
N VAL K 4 -13.11 147.36 36.39
CA VAL K 4 -14.28 146.88 35.69
C VAL K 4 -15.19 146.15 36.69
N LYS K 5 -16.48 146.46 36.65
CA LYS K 5 -17.43 145.84 37.55
C LYS K 5 -18.52 145.07 36.81
N LEU K 6 -18.64 143.78 37.13
CA LEU K 6 -19.65 142.95 36.48
C LEU K 6 -20.74 142.58 37.49
N HIS K 7 -21.96 142.39 36.99
CA HIS K 7 -23.09 142.05 37.84
C HIS K 7 -23.58 140.64 37.53
N LEU K 8 -24.00 139.91 38.55
CA LEU K 8 -24.52 138.56 38.36
C LEU K 8 -25.98 138.46 38.78
N ASP K 9 -26.39 137.28 39.22
CA ASP K 9 -27.75 137.05 39.65
C ASP K 9 -27.92 135.64 40.21
N ILE K 10 -27.44 135.44 41.43
CA ILE K 10 -27.57 134.13 42.05
C ILE K 10 -29.06 133.90 42.25
N GLU K 11 -29.61 132.99 41.45
CA GLU K 11 -31.02 132.67 41.50
C GLU K 11 -31.86 133.60 42.39
N GLY K 12 -32.26 134.75 41.85
CA GLY K 12 -33.08 135.68 42.62
C GLY K 12 -32.52 137.04 42.99
N HIS K 13 -31.33 137.05 43.57
CA HIS K 13 -30.64 138.25 44.03
C HIS K 13 -29.52 138.70 43.09
N ALA K 14 -29.31 140.02 43.05
CA ALA K 14 -28.27 140.59 42.20
C ALA K 14 -26.95 140.71 42.96
N SER K 15 -25.93 140.01 42.49
CA SER K 15 -24.62 140.02 43.12
C SER K 15 -23.75 141.08 42.43
N HIS K 16 -22.84 141.67 43.18
CA HIS K 16 -21.96 142.69 42.63
C HIS K 16 -20.49 142.46 42.95
N TYR K 17 -19.74 142.10 41.91
CA TYR K 17 -18.30 141.83 42.04
C TYR K 17 -17.54 142.78 41.12
N THR K 18 -16.47 143.38 41.64
CA THR K 18 -15.66 144.30 40.88
C THR K 18 -14.26 143.70 40.70
N ILE K 19 -13.87 143.44 39.46
CA ILE K 19 -12.56 142.87 39.17
C ILE K 19 -11.57 143.89 38.62
N PRO K 20 -10.70 144.43 39.50
CA PRO K 20 -9.71 145.41 39.08
C PRO K 20 -8.45 144.73 38.53
N TRP K 21 -8.45 144.40 37.23
CA TRP K 21 -7.29 143.76 36.64
C TRP K 21 -6.08 144.68 36.64
N THR K 22 -6.32 145.95 37.00
CA THR K 22 -5.26 146.94 37.06
C THR K 22 -4.26 146.60 38.16
N GLU K 23 -4.78 146.22 39.32
CA GLU K 23 -3.95 145.86 40.45
C GLU K 23 -3.36 144.47 40.24
N LEU K 24 -4.13 143.61 39.57
CA LEU K 24 -3.70 142.24 39.30
C LEU K 24 -2.47 142.20 38.40
N MET K 25 -2.46 143.01 37.36
CA MET K 25 -1.33 143.06 36.44
C MET K 25 0.00 143.36 37.11
N ALA K 26 -0.06 144.02 38.26
CA ALA K 26 1.16 144.36 38.99
C ALA K 26 1.70 143.16 39.76
N LYS K 27 0.82 142.47 40.46
CA LYS K 27 1.21 141.29 41.23
C LYS K 27 1.39 140.04 40.39
N VAL K 28 1.01 140.10 39.12
CA VAL K 28 1.14 138.96 38.23
C VAL K 28 1.93 139.32 36.97
N PRO K 29 2.77 138.39 36.49
CA PRO K 29 3.60 138.59 35.30
C PRO K 29 2.93 138.23 33.97
N GLY K 30 2.65 136.95 33.77
CA GLY K 30 2.05 136.51 32.53
C GLY K 30 0.59 136.86 32.27
N LEU K 31 -0.06 137.51 33.23
CA LEU K 31 -1.46 137.87 33.06
C LEU K 31 -1.63 139.09 32.15
N SER K 32 -1.97 138.84 30.90
CA SER K 32 -2.19 139.91 29.92
C SER K 32 -3.66 139.84 29.51
N PRO K 33 -4.55 140.41 30.34
CA PRO K 33 -6.00 140.42 30.08
C PRO K 33 -6.40 140.84 28.67
N GLU K 34 -5.71 141.84 28.12
CA GLU K 34 -6.01 142.32 26.77
C GLU K 34 -6.03 141.22 25.73
N ALA K 35 -5.04 140.33 25.79
CA ALA K 35 -4.94 139.23 24.83
C ALA K 35 -6.03 138.19 25.03
N LEU K 36 -6.16 137.70 26.25
CA LEU K 36 -7.17 136.69 26.58
C LEU K 36 -8.59 137.13 26.22
N TRP K 37 -8.89 138.40 26.46
CA TRP K 37 -10.21 138.93 26.15
C TRP K 37 -10.50 138.85 24.65
N ARG K 38 -9.45 138.98 23.85
CA ARG K 38 -9.60 138.92 22.40
C ARG K 38 -9.58 137.47 21.93
N GLU K 39 -8.78 136.64 22.58
CA GLU K 39 -8.71 135.24 22.21
C GLU K 39 -10.12 134.68 22.19
N ALA K 40 -10.88 134.96 23.23
CA ALA K 40 -12.26 134.50 23.32
C ALA K 40 -13.17 135.47 22.58
N ASN K 41 -13.62 135.06 21.40
CA ASN K 41 -14.50 135.89 20.60
C ASN K 41 -15.70 136.29 21.46
N VAL K 42 -15.55 137.38 22.22
CA VAL K 42 -16.63 137.85 23.08
C VAL K 42 -17.89 138.15 22.27
N THR K 43 -17.70 138.63 21.06
CA THR K 43 -18.83 138.97 20.20
C THR K 43 -19.24 137.80 19.31
N GLU K 44 -18.54 136.69 19.43
CA GLU K 44 -18.84 135.50 18.62
C GLU K 44 -20.34 135.25 18.61
N ASP K 45 -20.99 135.60 17.51
CA ASP K 45 -22.43 135.40 17.38
C ASP K 45 -22.81 134.00 17.85
N LEU K 46 -23.99 133.90 18.45
CA LEU K 46 -24.50 132.64 18.97
C LEU K 46 -24.34 131.42 18.06
N ALA K 47 -24.69 131.60 16.79
CA ALA K 47 -24.64 130.51 15.81
C ALA K 47 -23.26 129.90 15.53
N SER K 48 -22.31 130.74 15.13
CA SER K 48 -20.95 130.30 14.80
C SER K 48 -20.25 129.54 15.92
N MET K 49 -20.64 129.82 17.16
CA MET K 49 -20.04 129.18 18.33
C MET K 49 -20.19 127.66 18.39
N LEU K 50 -21.32 127.15 17.89
CA LEU K 50 -21.57 125.71 17.91
C LEU K 50 -20.71 124.89 16.96
N ASN K 51 -20.49 125.42 15.75
CA ASN K 51 -19.66 124.73 14.76
C ASN K 51 -18.29 124.50 15.39
N ARG K 52 -17.84 125.53 16.09
CA ARG K 52 -16.55 125.54 16.77
C ARG K 52 -16.54 124.66 18.01
N TYR K 53 -17.64 123.93 18.23
CA TYR K 53 -17.77 123.05 19.38
C TYR K 53 -18.19 121.64 19.00
N LYS K 54 -19.23 121.56 18.17
CA LYS K 54 -19.75 120.28 17.71
C LYS K 54 -18.81 119.68 16.67
N LEU K 55 -17.60 120.24 16.59
CA LEU K 55 -16.61 119.74 15.64
C LEU K 55 -15.50 119.06 16.43
N ILE K 56 -15.55 119.23 17.75
CA ILE K 56 -14.57 118.64 18.66
C ILE K 56 -15.02 117.27 19.15
N TYR K 57 -14.08 116.35 19.28
CA TYR K 57 -14.40 115.00 19.74
C TYR K 57 -14.80 115.01 21.21
N LYS K 58 -15.83 114.25 21.52
CA LYS K 58 -16.33 114.15 22.89
C LYS K 58 -16.13 112.74 23.40
N THR K 59 -15.82 112.61 24.69
CA THR K 59 -15.62 111.30 25.28
C THR K 59 -16.96 110.57 25.39
N SER K 60 -16.98 109.33 24.92
CA SER K 60 -18.20 108.51 24.95
C SER K 60 -18.55 108.13 26.38
N GLY K 61 -17.92 108.81 27.34
CA GLY K 61 -18.20 108.52 28.73
C GLY K 61 -16.96 108.62 29.60
N THR K 62 -16.89 109.66 30.43
CA THR K 62 -15.74 109.86 31.32
C THR K 62 -15.60 108.62 32.19
N LEU K 63 -14.54 107.86 31.96
CA LEU K 63 -14.29 106.63 32.71
C LEU K 63 -13.57 106.87 34.04
N GLY K 64 -14.22 106.45 35.12
CA GLY K 64 -13.66 106.60 36.45
C GLY K 64 -12.94 105.35 36.90
N ILE K 65 -11.89 105.53 37.69
CA ILE K 65 -11.09 104.42 38.20
C ILE K 65 -10.52 104.78 39.57
N ALA K 66 -10.47 103.79 40.47
CA ALA K 66 -9.93 104.01 41.81
C ALA K 66 -8.42 103.90 41.80
N LEU K 67 -7.75 105.04 41.60
CA LEU K 67 -6.29 105.07 41.56
C LEU K 67 -5.72 105.93 42.69
N ALA K 68 -4.78 105.36 43.44
CA ALA K 68 -4.14 106.06 44.56
C ALA K 68 -2.71 106.42 44.20
N GLU K 69 -2.37 107.70 44.36
CA GLU K 69 -1.04 108.20 44.05
C GLU K 69 0.03 107.63 44.97
N PRO K 70 1.11 107.07 44.38
CA PRO K 70 2.22 106.48 45.13
C PRO K 70 3.11 107.56 45.75
N VAL K 71 3.94 107.17 46.71
CA VAL K 71 4.85 108.12 47.35
C VAL K 71 6.25 107.97 46.78
N ASP K 72 6.61 108.90 45.90
CA ASP K 72 7.91 108.89 45.24
C ASP K 72 9.04 109.44 46.11
N ILE K 73 9.13 110.76 46.21
CA ILE K 73 10.18 111.41 46.98
C ILE K 73 10.06 111.20 48.50
N PRO K 74 11.07 110.58 49.11
CA PRO K 74 11.08 110.32 50.55
C PRO K 74 11.48 111.58 51.32
N ALA K 75 11.09 111.65 52.59
CA ALA K 75 11.42 112.81 53.41
C ALA K 75 12.93 113.00 53.53
N VAL K 76 13.37 114.24 53.47
CA VAL K 76 14.80 114.55 53.57
C VAL K 76 15.40 113.87 54.79
N SER K 77 16.36 112.99 54.57
CA SER K 77 17.01 112.25 55.64
C SER K 77 17.67 113.15 56.68
N GLU K 78 18.35 112.53 57.64
CA GLU K 78 19.03 113.24 58.71
C GLU K 78 20.08 114.22 58.20
N GLY K 79 19.89 115.49 58.56
CA GLY K 79 20.81 116.55 58.16
C GLY K 79 21.65 116.26 56.93
N SER K 80 21.02 116.36 55.75
CA SER K 80 21.70 116.13 54.49
C SER K 80 22.18 117.44 53.90
N MET K 81 23.35 117.43 53.28
CA MET K 81 23.89 118.64 52.66
C MET K 81 22.92 119.12 51.59
N GLN K 82 22.18 120.20 51.86
CA GLN K 82 21.25 120.72 50.87
C GLN K 82 22.06 121.44 49.80
N VAL K 83 21.77 121.14 48.54
CA VAL K 83 22.51 121.74 47.45
C VAL K 83 21.66 122.55 46.48
N ASP K 84 22.28 123.56 45.87
CA ASP K 84 21.63 124.42 44.90
C ASP K 84 22.35 124.20 43.57
N ALA K 85 21.59 123.81 42.55
CA ALA K 85 22.14 123.55 41.23
C ALA K 85 23.12 124.63 40.75
N SER K 86 22.58 125.78 40.37
CA SER K 86 23.40 126.88 39.88
C SER K 86 24.55 127.23 40.82
N LYS K 87 24.32 127.13 42.12
CA LYS K 87 25.34 127.45 43.10
C LYS K 87 26.09 126.24 43.63
N VAL K 88 26.26 125.23 42.80
CA VAL K 88 26.98 124.04 43.23
C VAL K 88 28.44 124.41 43.46
N HIS K 89 28.86 124.37 44.72
CA HIS K 89 30.23 124.71 45.09
C HIS K 89 31.25 124.08 44.16
N PRO K 90 32.22 124.87 43.67
CA PRO K 90 33.26 124.40 42.78
C PRO K 90 34.08 123.24 43.35
N GLY K 91 33.75 122.84 44.57
CA GLY K 91 34.45 121.74 45.21
C GLY K 91 33.50 120.71 45.78
N VAL K 92 34.06 119.70 46.45
CA VAL K 92 33.27 118.65 47.06
C VAL K 92 32.45 119.24 48.21
N ILE K 93 31.33 118.59 48.53
CA ILE K 93 30.48 119.06 49.62
C ILE K 93 29.86 117.86 50.35
N SER K 94 30.50 116.71 50.22
CA SER K 94 30.02 115.50 50.87
C SER K 94 30.83 114.25 50.50
N GLY K 95 30.35 113.10 50.95
CA GLY K 95 31.01 111.85 50.66
C GLY K 95 30.00 110.92 50.00
N LEU K 96 30.39 109.69 49.72
CA LEU K 96 29.45 108.76 49.09
C LEU K 96 28.41 108.29 50.11
N ASN K 97 28.89 107.80 51.25
CA ASN K 97 28.03 107.32 52.32
C ASN K 97 27.28 108.43 53.05
N SER K 98 27.72 109.66 52.88
CA SER K 98 27.09 110.81 53.53
C SER K 98 25.78 111.19 52.86
N PRO K 99 24.72 111.42 53.65
CA PRO K 99 23.39 111.79 53.15
C PRO K 99 23.42 113.15 52.46
N ALA K 100 22.57 113.33 51.44
CA ALA K 100 22.51 114.59 50.71
C ALA K 100 21.23 114.70 49.89
N CYS K 101 20.89 115.92 49.50
CA CYS K 101 19.68 116.18 48.70
C CYS K 101 19.82 117.50 47.97
N MET K 102 18.99 117.71 46.95
CA MET K 102 19.03 118.94 46.17
C MET K 102 17.77 119.79 46.32
N LEU K 103 17.96 121.11 46.28
CA LEU K 103 16.86 122.05 46.41
C LEU K 103 15.97 122.02 45.17
N SER K 104 14.66 121.97 45.39
CA SER K 104 13.70 121.92 44.30
C SER K 104 13.64 123.23 43.51
N ALA K 105 13.58 124.35 44.23
CA ALA K 105 13.51 125.66 43.61
C ALA K 105 14.49 125.83 42.45
N PRO K 106 15.78 125.51 42.67
CA PRO K 106 16.78 125.64 41.60
C PRO K 106 16.75 124.49 40.60
N LEU K 107 16.65 123.27 41.11
CA LEU K 107 16.62 122.07 40.27
C LEU K 107 15.54 122.16 39.19
N GLU K 108 14.34 122.55 39.59
CA GLU K 108 13.22 122.67 38.66
C GLU K 108 13.48 123.75 37.63
N LYS K 109 13.85 124.94 38.10
CA LYS K 109 14.12 126.05 37.20
C LYS K 109 15.21 125.68 36.19
N GLN K 110 16.02 124.70 36.55
CA GLN K 110 17.10 124.26 35.66
C GLN K 110 16.55 123.26 34.65
N LEU K 111 15.69 122.36 35.11
CA LEU K 111 15.09 121.36 34.24
C LEU K 111 14.24 122.09 33.21
N PHE K 112 13.26 122.83 33.69
CA PHE K 112 12.37 123.59 32.82
C PHE K 112 12.98 124.95 32.50
N TYR K 113 14.18 124.91 31.94
CA TYR K 113 14.91 126.11 31.57
C TYR K 113 14.30 126.73 30.32
N TYR K 114 13.87 125.86 29.40
CA TYR K 114 13.27 126.29 28.15
C TYR K 114 11.84 126.83 28.33
N ILE K 115 11.46 127.79 27.49
CA ILE K 115 10.13 128.39 27.53
C ILE K 115 9.41 128.03 26.23
N GLY K 116 8.09 127.94 26.23
CA GLY K 116 7.41 127.58 25.00
C GLY K 116 5.92 127.82 24.87
N THR K 117 5.23 126.84 24.28
CA THR K 117 3.79 126.93 24.06
C THR K 117 3.14 125.57 24.22
N MET K 118 2.57 125.31 25.39
CA MET K 118 1.90 124.04 25.63
C MET K 118 0.77 123.89 24.62
N LEU K 119 0.16 125.03 24.28
CA LEU K 119 -0.95 125.07 23.33
C LEU K 119 -0.57 125.83 22.07
N PRO K 120 -0.28 125.10 20.98
CA PRO K 120 0.10 125.70 19.69
C PRO K 120 -1.02 126.52 19.05
N ASN K 121 -0.79 126.97 17.83
CA ASN K 121 -1.78 127.78 17.12
C ASN K 121 -2.45 126.96 16.02
N THR K 122 -2.46 125.64 16.19
CA THR K 122 -3.08 124.75 15.22
C THR K 122 -4.59 124.89 15.34
N ARG K 123 -5.29 124.70 14.22
CA ARG K 123 -6.75 124.83 14.21
C ARG K 123 -7.46 124.14 15.37
N PRO K 124 -7.21 122.83 15.57
CA PRO K 124 -7.85 122.10 16.66
C PRO K 124 -7.75 122.73 18.05
N HIS K 125 -6.53 122.91 18.53
CA HIS K 125 -6.30 123.48 19.86
C HIS K 125 -6.81 124.91 20.00
N SER K 126 -6.53 125.75 19.01
CA SER K 126 -6.96 127.15 19.05
C SER K 126 -8.46 127.27 19.30
N TYR K 127 -9.19 126.19 19.07
CA TYR K 127 -10.64 126.20 19.29
C TYR K 127 -11.04 125.86 20.72
N VAL K 128 -10.21 125.09 21.40
CA VAL K 128 -10.52 124.69 22.77
C VAL K 128 -9.78 125.43 23.89
N PHE K 129 -8.45 125.37 23.88
CA PHE K 129 -7.65 126.02 24.91
C PHE K 129 -7.29 127.49 24.65
N TYR K 130 -6.87 128.15 25.72
CA TYR K 130 -6.46 129.56 25.67
C TYR K 130 -4.93 129.56 25.50
N GLN K 131 -4.45 130.18 24.43
CA GLN K 131 -3.01 130.27 24.19
C GLN K 131 -2.27 130.37 25.52
N LEU K 132 -1.38 129.43 25.78
CA LEU K 132 -0.62 129.41 27.03
C LEU K 132 0.88 129.43 26.80
N ARG K 133 1.60 130.07 27.72
CA ARG K 133 3.06 130.16 27.62
C ARG K 133 3.77 130.11 28.97
N CYS K 134 4.49 129.02 29.19
CA CYS K 134 5.23 128.82 30.43
C CYS K 134 6.44 127.92 30.16
N HIS K 135 7.33 127.84 31.15
CA HIS K 135 8.52 127.01 31.02
C HIS K 135 8.09 125.57 30.81
N LEU K 136 8.74 124.87 29.89
CA LEU K 136 8.41 123.48 29.59
C LEU K 136 9.58 122.66 29.07
N SER K 137 9.25 121.53 28.44
CA SER K 137 10.22 120.62 27.86
C SER K 137 9.42 119.63 27.03
N TYR K 138 9.97 119.23 25.89
CA TYR K 138 9.27 118.30 25.00
C TYR K 138 10.09 117.12 24.52
N VAL K 139 9.42 116.20 23.83
CA VAL K 139 10.04 115.01 23.28
C VAL K 139 9.65 114.94 21.80
N ALA K 140 10.58 115.34 20.93
CA ALA K 140 10.32 115.35 19.49
C ALA K 140 10.39 113.96 18.86
N LEU K 141 9.55 113.73 17.86
CA LEU K 141 9.52 112.45 17.17
C LEU K 141 9.15 112.64 15.70
N SER K 142 9.76 111.84 14.82
CA SER K 142 9.51 111.92 13.39
C SER K 142 9.71 110.57 12.71
N ILE K 143 8.61 110.00 12.23
CA ILE K 143 8.66 108.70 11.54
C ILE K 143 8.14 108.85 10.12
N ASN K 144 8.34 107.82 9.30
CA ASN K 144 7.89 107.84 7.91
C ASN K 144 8.32 109.12 7.18
N GLY K 145 9.41 109.72 7.64
CA GLY K 145 9.90 110.94 7.02
C GLY K 145 8.96 112.12 7.12
N ASP K 146 8.82 112.65 8.33
CA ASP K 146 7.95 113.80 8.57
C ASP K 146 6.50 113.61 8.14
N LYS K 147 6.14 112.36 7.80
CA LYS K 147 4.76 112.08 7.41
C LYS K 147 3.95 111.79 8.66
N PHE K 148 4.65 111.59 9.76
CA PHE K 148 4.04 111.31 11.05
C PHE K 148 4.97 111.82 12.13
N GLN K 149 4.42 112.50 13.13
CA GLN K 149 5.23 113.04 14.21
C GLN K 149 4.48 113.16 15.53
N TYR K 150 5.22 113.05 16.63
CA TYR K 150 4.65 113.15 17.96
C TYR K 150 5.44 114.17 18.78
N THR K 151 4.77 114.83 19.72
CA THR K 151 5.42 115.83 20.55
C THR K 151 5.02 115.66 22.02
N GLY K 152 6.02 115.38 22.86
CA GLY K 152 5.75 115.21 24.28
C GLY K 152 5.89 116.52 25.03
N ALA K 153 4.97 117.44 24.79
CA ALA K 153 4.97 118.74 25.45
C ALA K 153 4.55 118.57 26.90
N MET K 154 5.37 119.07 27.82
CA MET K 154 5.06 118.95 29.25
C MET K 154 5.61 120.10 30.08
N THR K 155 4.87 120.45 31.13
CA THR K 155 5.27 121.51 32.05
C THR K 155 5.36 120.89 33.43
N SER K 156 5.73 121.68 34.42
CA SER K 156 5.85 121.18 35.79
C SER K 156 4.52 120.73 36.38
N LYS K 157 3.42 120.97 35.66
CA LYS K 157 2.10 120.61 36.16
C LYS K 157 1.32 119.62 35.30
N PHE K 158 1.51 119.65 33.99
CA PHE K 158 0.77 118.74 33.12
C PHE K 158 1.46 118.42 31.80
N LEU K 159 1.14 117.25 31.26
CA LEU K 159 1.69 116.79 29.99
C LEU K 159 0.62 116.86 28.91
N MET K 160 1.03 117.11 27.68
CA MET K 160 0.07 117.18 26.58
C MET K 160 0.73 116.81 25.25
N GLY K 161 0.73 115.52 24.95
CA GLY K 161 1.33 115.03 23.72
C GLY K 161 0.34 115.13 22.57
N THR K 162 0.85 115.41 21.37
CA THR K 162 -0.01 115.52 20.20
C THR K 162 0.48 114.65 19.05
N TYR K 163 -0.46 113.97 18.39
CA TYR K 163 -0.13 113.12 17.26
C TYR K 163 -0.42 113.88 15.98
N LYS K 164 0.38 113.63 14.95
CA LYS K 164 0.21 114.33 13.68
C LYS K 164 0.59 113.45 12.49
N ARG K 165 -0.41 113.12 11.68
CA ARG K 165 -0.19 112.28 10.50
C ARG K 165 -0.52 113.07 9.24
N VAL K 166 -0.07 112.59 8.10
CA VAL K 166 -0.31 113.26 6.83
C VAL K 166 -0.59 112.26 5.71
N THR K 167 -1.77 112.38 5.10
CA THR K 167 -2.15 111.51 4.00
C THR K 167 -1.29 111.92 2.81
N GLU K 168 -1.43 111.20 1.69
CA GLU K 168 -0.65 111.51 0.50
C GLU K 168 -0.77 112.99 0.16
N LYS K 169 -1.95 113.56 0.43
CA LYS K 169 -2.21 114.96 0.15
C LYS K 169 -1.81 115.81 1.35
N GLY K 170 -1.97 117.13 1.22
CA GLY K 170 -1.63 118.03 2.30
C GLY K 170 -2.51 117.86 3.52
N ASP K 171 -3.22 116.74 3.58
CA ASP K 171 -4.10 116.45 4.71
C ASP K 171 -3.31 116.33 6.00
N GLU K 172 -3.72 117.12 7.01
CA GLU K 172 -3.04 117.10 8.29
C GLU K 172 -4.01 116.70 9.41
N HIS K 173 -3.82 115.51 9.94
CA HIS K 173 -4.66 114.99 11.02
C HIS K 173 -3.93 115.07 12.36
N VAL K 174 -4.62 115.61 13.36
CA VAL K 174 -4.03 115.74 14.69
C VAL K 174 -4.98 115.36 15.81
N LEU K 175 -4.42 114.70 16.82
CA LEU K 175 -5.15 114.25 18.00
C LEU K 175 -4.16 114.26 19.16
N SER K 176 -4.57 114.85 20.29
CA SER K 176 -3.69 114.92 21.44
C SER K 176 -4.28 114.40 22.75
N LEU K 177 -3.40 114.03 23.67
CA LEU K 177 -3.79 113.51 24.98
C LEU K 177 -3.23 114.43 26.06
N VAL K 178 -4.04 114.71 27.08
CA VAL K 178 -3.61 115.59 28.16
C VAL K 178 -3.67 114.86 29.50
N PHE K 179 -2.52 114.75 30.16
CA PHE K 179 -2.44 114.08 31.46
C PHE K 179 -1.96 115.04 32.55
N GLY K 180 -2.44 114.81 33.77
CA GLY K 180 -2.04 115.65 34.87
C GLY K 180 -3.15 115.77 35.91
N LYS K 181 -2.83 116.43 37.03
CA LYS K 181 -3.80 116.61 38.10
C LYS K 181 -4.98 117.44 37.58
N THR K 182 -6.18 116.91 37.74
CA THR K 182 -7.39 117.58 37.29
C THR K 182 -7.42 119.07 37.60
N LYS K 183 -6.85 119.45 38.75
CA LYS K 183 -6.82 120.84 39.16
C LYS K 183 -5.87 121.70 38.33
N ASP K 184 -4.92 121.06 37.65
CA ASP K 184 -3.94 121.78 36.87
C ASP K 184 -4.21 121.87 35.36
N LEU K 185 -5.26 121.22 34.89
CA LEU K 185 -5.59 121.26 33.47
C LEU K 185 -5.76 122.69 32.97
N PRO K 186 -5.29 122.98 31.75
CA PRO K 186 -5.39 124.31 31.14
C PRO K 186 -6.78 124.92 31.22
N ASP K 187 -6.91 126.17 30.81
CA ASP K 187 -8.19 126.86 30.83
C ASP K 187 -8.94 126.65 29.52
N LEU K 188 -10.20 126.23 29.61
CA LEU K 188 -11.01 126.00 28.43
C LEU K 188 -11.58 127.33 27.93
N ARG K 189 -11.62 127.50 26.62
CA ARG K 189 -12.11 128.74 26.02
C ARG K 189 -13.64 128.80 25.87
N GLY K 190 -14.12 128.53 24.66
CA GLY K 190 -15.55 128.58 24.41
C GLY K 190 -16.35 127.64 25.28
N PRO K 191 -17.58 127.30 24.87
CA PRO K 191 -18.49 126.40 25.58
C PRO K 191 -17.92 124.99 25.67
N PHE K 192 -16.86 124.86 26.47
CA PHE K 192 -16.20 123.58 26.66
C PHE K 192 -16.14 123.19 28.12
N SER K 193 -16.38 121.92 28.39
CA SER K 193 -16.34 121.40 29.75
C SER K 193 -15.48 120.15 29.76
N TYR K 194 -14.42 120.17 30.57
CA TYR K 194 -13.50 119.04 30.66
C TYR K 194 -14.15 117.66 30.76
N PRO K 195 -15.27 117.55 31.51
CA PRO K 195 -15.89 116.23 31.61
C PRO K 195 -16.20 115.59 30.26
N SER K 196 -16.79 116.37 29.35
CA SER K 196 -17.12 115.88 28.02
C SER K 196 -15.88 115.76 27.15
N LEU K 197 -14.70 115.80 27.78
CA LEU K 197 -13.43 115.70 27.09
C LEU K 197 -12.46 114.80 27.83
N THR K 198 -12.80 114.50 29.08
CA THR K 198 -11.96 113.63 29.92
C THR K 198 -12.30 112.17 29.63
N SER K 199 -11.27 111.34 29.50
CA SER K 199 -11.48 109.93 29.20
C SER K 199 -11.35 109.06 30.45
N ALA K 200 -10.43 109.44 31.33
CA ALA K 200 -10.21 108.71 32.57
C ALA K 200 -9.98 109.68 33.72
N GLN K 201 -10.60 109.42 34.86
CA GLN K 201 -10.45 110.32 36.00
C GLN K 201 -10.25 109.62 37.35
N SER K 202 -9.30 110.12 38.11
CA SER K 202 -9.01 109.59 39.44
C SER K 202 -9.58 110.60 40.43
N GLY K 203 -9.13 110.53 41.68
CA GLY K 203 -9.62 111.48 42.67
C GLY K 203 -9.08 112.87 42.39
N ASP K 204 -8.00 112.94 41.62
CA ASP K 204 -7.38 114.21 41.27
C ASP K 204 -6.56 114.16 39.98
N TYR K 205 -6.74 113.10 39.20
CA TYR K 205 -6.03 112.96 37.93
C TYR K 205 -6.97 112.75 36.76
N SER K 206 -6.63 113.32 35.61
CA SER K 206 -7.45 113.21 34.41
C SER K 206 -6.66 112.96 33.14
N LEU K 207 -7.35 112.43 32.14
CA LEU K 207 -6.75 112.13 30.83
C LEU K 207 -7.71 112.68 29.78
N VAL K 208 -7.38 113.82 29.21
CA VAL K 208 -8.23 114.47 28.22
C VAL K 208 -7.86 114.13 26.77
N ILE K 209 -8.88 114.10 25.92
CA ILE K 209 -8.70 113.81 24.51
C ILE K 209 -9.15 115.01 23.67
N VAL K 210 -8.19 115.80 23.22
CA VAL K 210 -8.50 116.98 22.41
C VAL K 210 -8.28 116.68 20.93
N THR K 211 -9.37 116.66 20.18
CA THR K 211 -9.31 116.38 18.75
C THR K 211 -10.69 116.58 18.11
N THR K 212 -10.72 116.67 16.79
CA THR K 212 -11.98 116.85 16.08
C THR K 212 -12.50 115.49 15.64
N PHE K 213 -13.81 115.41 15.40
CA PHE K 213 -14.41 114.16 14.96
C PHE K 213 -13.79 113.73 13.64
N VAL K 214 -13.56 114.72 12.77
CA VAL K 214 -12.96 114.47 11.47
C VAL K 214 -11.64 113.73 11.64
N HIS K 215 -10.83 114.19 12.60
CA HIS K 215 -9.53 113.57 12.87
C HIS K 215 -9.64 112.23 13.60
N TYR K 216 -10.40 112.21 14.69
CA TYR K 216 -10.56 110.97 15.47
C TYR K 216 -10.85 109.77 14.59
N ALA K 217 -11.50 110.01 13.46
CA ALA K 217 -11.84 108.94 12.52
C ALA K 217 -10.58 108.37 11.88
N ASN K 218 -9.82 109.23 11.20
CA ASN K 218 -8.60 108.81 10.53
C ASN K 218 -7.62 108.15 11.50
N PHE K 219 -7.72 108.49 12.78
CA PHE K 219 -6.84 107.93 13.80
C PHE K 219 -7.32 106.61 14.38
N HIS K 220 -8.63 106.51 14.59
CA HIS K 220 -9.23 105.30 15.15
C HIS K 220 -8.99 104.07 14.27
N ASN K 221 -8.50 104.30 13.06
CA ASN K 221 -8.23 103.21 12.13
C ASN K 221 -6.96 102.43 12.49
N TYR K 222 -6.04 103.08 13.17
CA TYR K 222 -4.79 102.43 13.55
C TYR K 222 -4.36 102.76 14.98
N PHE K 223 -5.17 103.52 15.69
CA PHE K 223 -4.84 103.89 17.06
C PHE K 223 -6.02 103.77 18.02
N VAL K 224 -6.06 102.65 18.74
CA VAL K 224 -7.11 102.39 19.71
C VAL K 224 -6.42 102.12 21.05
N PRO K 225 -5.92 103.18 21.71
CA PRO K 225 -5.23 103.07 23.00
C PRO K 225 -6.09 102.53 24.13
N ASN K 226 -5.45 101.79 25.03
CA ASN K 226 -6.14 101.21 26.18
C ASN K 226 -6.11 102.23 27.31
N LEU K 227 -6.73 103.38 27.05
CA LEU K 227 -6.78 104.48 28.02
C LEU K 227 -6.85 104.00 29.47
N LYS K 228 -7.60 102.93 29.70
CA LYS K 228 -7.75 102.38 31.05
C LYS K 228 -6.41 102.10 31.72
N ASP K 229 -5.74 101.02 31.28
CA ASP K 229 -4.46 100.63 31.84
C ASP K 229 -3.40 101.71 31.64
N MET K 230 -3.41 102.32 30.45
CA MET K 230 -2.45 103.37 30.13
C MET K 230 -2.52 104.52 31.13
N PHE K 231 -3.73 104.79 31.63
CA PHE K 231 -3.93 105.86 32.60
C PHE K 231 -3.50 105.44 34.00
N SER K 232 -4.06 104.32 34.47
CA SER K 232 -3.73 103.79 35.79
C SER K 232 -2.23 103.71 36.01
N ARG K 233 -1.57 102.95 35.16
CA ARG K 233 -0.12 102.76 35.24
C ARG K 233 0.62 104.10 35.27
N ALA K 234 0.03 105.10 34.62
CA ALA K 234 0.63 106.44 34.56
C ALA K 234 0.37 107.24 35.84
N VAL K 235 -0.45 106.67 36.72
CA VAL K 235 -0.78 107.34 37.98
C VAL K 235 -0.23 106.57 39.17
N THR K 236 -0.63 105.31 39.30
CA THR K 236 -0.17 104.47 40.39
C THR K 236 1.11 103.72 40.02
N MET K 237 2.24 104.42 40.13
CA MET K 237 3.53 103.83 39.80
C MET K 237 4.65 104.84 40.03
N THR K 238 5.62 104.47 40.85
CA THR K 238 6.75 105.34 41.14
C THR K 238 7.46 105.78 39.86
N ALA K 239 7.96 107.00 39.85
CA ALA K 239 8.65 107.56 38.70
C ALA K 239 9.67 106.61 38.10
N ALA K 240 10.63 106.18 38.93
CA ALA K 240 11.68 105.27 38.48
C ALA K 240 11.11 104.02 37.83
N SER K 241 10.08 103.44 38.43
CA SER K 241 9.46 102.23 37.90
C SER K 241 8.81 102.47 36.54
N TYR K 242 7.99 103.51 36.43
CA TYR K 242 7.32 103.82 35.17
C TYR K 242 8.34 104.00 34.07
N ALA K 243 9.47 104.62 34.40
CA ALA K 243 10.54 104.87 33.45
C ALA K 243 11.02 103.57 32.82
N ARG K 244 11.23 102.54 33.64
CA ARG K 244 11.70 101.25 33.14
C ARG K 244 10.58 100.49 32.44
N TYR K 245 9.37 100.55 32.99
CA TYR K 245 8.23 99.87 32.38
C TYR K 245 8.19 100.27 30.91
N VAL K 246 8.51 101.53 30.65
CA VAL K 246 8.52 102.06 29.29
C VAL K 246 9.77 101.59 28.57
N LEU K 247 10.91 101.70 29.23
CA LEU K 247 12.18 101.28 28.67
C LEU K 247 12.06 99.85 28.16
N GLN K 248 11.38 99.01 28.94
CA GLN K 248 11.18 97.62 28.57
C GLN K 248 10.23 97.51 27.38
N LYS K 249 9.14 98.25 27.43
CA LYS K 249 8.17 98.24 26.35
C LYS K 249 8.86 98.53 25.02
N LEU K 250 9.83 99.45 25.06
CA LEU K 250 10.56 99.81 23.85
C LEU K 250 11.46 98.65 23.41
N VAL K 251 12.21 98.09 24.36
CA VAL K 251 13.09 96.97 24.07
C VAL K 251 12.32 95.91 23.29
N LEU K 252 11.08 95.66 23.73
CA LEU K 252 10.23 94.69 23.07
C LEU K 252 10.04 95.08 21.61
N LEU K 253 9.59 96.30 21.39
CA LEU K 253 9.37 96.81 20.04
C LEU K 253 10.65 96.71 19.23
N GLU K 254 11.79 96.85 19.89
CA GLU K 254 13.08 96.77 19.22
C GLU K 254 13.27 95.36 18.69
N MET K 255 13.01 94.36 19.53
CA MET K 255 13.15 92.96 19.14
C MET K 255 12.09 92.63 18.09
N LYS K 256 11.07 93.48 17.98
CA LYS K 256 10.01 93.27 17.00
C LYS K 256 10.40 93.95 15.69
N GLY K 257 11.62 94.47 15.64
CA GLY K 257 12.09 95.15 14.44
C GLY K 257 11.46 96.51 14.24
N GLY K 258 10.65 96.93 15.20
CA GLY K 258 9.99 98.21 15.11
C GLY K 258 10.95 99.39 15.16
N CYS K 259 12.24 99.13 15.13
CA CYS K 259 13.23 100.20 15.17
C CYS K 259 13.91 100.43 13.84
N ARG K 260 13.41 99.76 12.80
CA ARG K 260 13.95 99.90 11.45
C ARG K 260 12.74 99.86 10.51
N GLU K 261 11.64 99.36 11.05
CA GLU K 261 10.37 99.25 10.35
C GLU K 261 9.31 99.81 11.30
N PRO K 262 9.52 101.05 11.79
CA PRO K 262 8.61 101.72 12.72
C PRO K 262 7.14 101.54 12.35
N GLU K 263 6.52 100.54 12.97
CA GLU K 263 5.12 100.24 12.72
C GLU K 263 4.22 101.30 13.36
N LEU K 264 3.29 101.82 12.57
CA LEU K 264 2.35 102.83 13.06
C LEU K 264 1.11 102.14 13.61
N ASP K 265 1.26 101.48 14.75
CA ASP K 265 0.16 100.77 15.39
C ASP K 265 -0.13 101.30 16.79
N THR K 266 -1.19 100.78 17.39
CA THR K 266 -1.61 101.18 18.73
C THR K 266 -0.46 101.05 19.72
N GLU K 267 0.18 99.89 19.73
CA GLU K 267 1.29 99.62 20.64
C GLU K 267 2.41 100.66 20.52
N THR K 268 2.94 100.81 19.30
CA THR K 268 4.01 101.75 19.04
C THR K 268 3.64 103.17 19.42
N LEU K 269 2.42 103.57 19.07
CA LEU K 269 1.94 104.91 19.38
C LEU K 269 1.72 105.09 20.88
N THR K 270 1.20 104.05 21.52
CA THR K 270 0.94 104.09 22.96
C THR K 270 2.23 104.34 23.73
N THR K 271 3.24 103.52 23.45
CA THR K 271 4.53 103.64 24.12
C THR K 271 5.05 105.07 24.04
N MET K 272 4.89 105.70 22.88
CA MET K 272 5.35 107.06 22.68
C MET K 272 4.85 107.98 23.80
N PHE K 273 3.53 108.06 23.94
CA PHE K 273 2.93 108.90 24.96
C PHE K 273 3.45 108.54 26.35
N GLU K 274 3.59 107.25 26.61
CA GLU K 274 4.09 106.78 27.90
C GLU K 274 5.54 107.20 28.09
N VAL K 275 6.28 107.28 26.99
CA VAL K 275 7.68 107.67 27.06
C VAL K 275 7.78 109.09 27.60
N SER K 276 6.86 109.96 27.17
CA SER K 276 6.84 111.33 27.62
C SER K 276 6.29 111.42 29.04
N VAL K 277 5.34 110.54 29.36
CA VAL K 277 4.75 110.52 30.70
C VAL K 277 5.84 110.15 31.70
N ALA K 278 6.74 109.27 31.27
CA ALA K 278 7.85 108.83 32.12
C ALA K 278 8.69 110.04 32.49
N PHE K 279 8.91 110.91 31.51
CA PHE K 279 9.69 112.12 31.74
C PHE K 279 8.87 113.11 32.56
N PHE K 280 7.58 113.19 32.27
CA PHE K 280 6.68 114.09 32.99
C PHE K 280 6.64 113.71 34.47
N LYS K 281 6.49 112.43 34.75
CA LYS K 281 6.44 111.94 36.12
C LYS K 281 7.56 112.53 36.97
N VAL K 282 8.79 112.40 36.47
CA VAL K 282 9.96 112.92 37.18
C VAL K 282 9.85 114.42 37.42
N GLY K 283 9.43 115.14 36.39
CA GLY K 283 9.30 116.59 36.51
C GLY K 283 8.18 116.99 37.46
N HIS K 284 7.09 116.22 37.46
CA HIS K 284 5.97 116.50 38.33
C HIS K 284 6.29 116.14 39.77
N ALA K 285 7.32 115.31 39.95
CA ALA K 285 7.74 114.90 41.28
C ALA K 285 8.47 116.05 41.97
N VAL K 286 9.49 116.58 41.30
CA VAL K 286 10.27 117.69 41.83
C VAL K 286 9.38 118.91 41.97
N GLY K 287 8.24 118.90 41.27
CA GLY K 287 7.32 120.02 41.32
C GLY K 287 6.49 120.04 42.60
N GLU K 288 5.85 118.92 42.90
CA GLU K 288 5.02 118.81 44.09
C GLU K 288 5.76 119.30 45.34
N THR K 289 7.03 118.91 45.45
CA THR K 289 7.84 119.31 46.60
C THR K 289 8.58 120.62 46.36
N GLY K 290 7.81 121.69 46.16
CA GLY K 290 8.42 122.99 45.94
C GLY K 290 9.15 123.48 47.17
N ASN K 291 10.32 124.08 46.98
CA ASN K 291 11.13 124.58 48.09
C ASN K 291 11.44 123.47 49.08
N GLY K 292 11.47 122.23 48.59
CA GLY K 292 11.78 121.10 49.42
C GLY K 292 13.17 120.59 49.07
N CYS K 293 13.41 119.29 49.26
CA CYS K 293 14.70 118.72 48.92
C CYS K 293 14.58 117.26 48.54
N VAL K 294 15.04 116.93 47.34
CA VAL K 294 15.00 115.55 46.85
C VAL K 294 16.30 114.84 47.18
N ASP K 295 16.19 113.68 47.80
CA ASP K 295 17.36 112.89 48.18
C ASP K 295 18.16 112.54 46.92
N LEU K 296 19.48 112.66 47.01
CA LEU K 296 20.36 112.38 45.88
C LEU K 296 20.22 110.94 45.39
N ARG K 297 19.86 110.02 46.28
CA ARG K 297 19.70 108.63 45.90
C ARG K 297 18.51 108.55 44.94
N TRP K 298 17.49 109.32 45.22
CA TRP K 298 16.29 109.36 44.39
C TRP K 298 16.60 109.78 42.97
N LEU K 299 17.32 110.90 42.84
CA LEU K 299 17.68 111.43 41.54
C LEU K 299 18.59 110.45 40.79
N ALA K 300 19.66 110.04 41.46
CA ALA K 300 20.62 109.11 40.87
C ALA K 300 19.91 107.90 40.26
N LYS K 301 18.75 107.55 40.82
CA LYS K 301 17.98 106.41 40.34
C LYS K 301 16.95 106.85 39.29
N SER K 302 16.17 107.87 39.62
CA SER K 302 15.14 108.38 38.73
C SER K 302 15.73 108.96 37.45
N PHE K 303 16.66 109.89 37.60
CA PHE K 303 17.30 110.54 36.46
C PHE K 303 18.12 109.56 35.63
N PHE K 304 18.45 108.42 36.21
CA PHE K 304 19.22 107.40 35.49
C PHE K 304 18.33 106.74 34.46
N GLU K 305 17.17 106.27 34.92
CA GLU K 305 16.20 105.61 34.05
C GLU K 305 15.84 106.50 32.87
N LEU K 306 15.98 107.80 33.07
CA LEU K 306 15.67 108.77 32.02
C LEU K 306 16.80 108.86 31.00
N THR K 307 18.04 108.87 31.49
CA THR K 307 19.20 108.95 30.61
C THR K 307 19.23 107.73 29.70
N VAL K 308 19.05 106.56 30.30
CA VAL K 308 19.03 105.31 29.54
C VAL K 308 17.85 105.31 28.58
N LEU K 309 16.73 105.89 29.03
CA LEU K 309 15.52 105.96 28.22
C LEU K 309 15.75 106.84 27.00
N LYS K 310 16.30 108.03 27.22
CA LYS K 310 16.56 108.97 26.14
C LYS K 310 17.40 108.38 25.00
N ASP K 311 18.35 107.53 25.36
CA ASP K 311 19.22 106.92 24.37
C ASP K 311 18.49 105.95 23.45
N ILE K 312 17.73 105.02 24.01
CA ILE K 312 16.99 104.07 23.20
C ILE K 312 15.97 104.78 22.34
N ILE K 313 15.38 105.84 22.88
CA ILE K 313 14.38 106.63 22.15
C ILE K 313 15.04 107.25 20.93
N GLY K 314 16.32 107.57 21.05
CA GLY K 314 17.06 108.18 19.95
C GLY K 314 17.62 107.16 18.97
N ILE K 315 18.17 106.07 19.50
CA ILE K 315 18.74 105.02 18.65
C ILE K 315 17.66 104.41 17.77
N CYS K 316 16.47 104.21 18.34
CA CYS K 316 15.35 103.63 17.61
C CYS K 316 14.75 104.67 16.66
N TYR K 317 14.15 105.70 17.23
CA TYR K 317 13.53 106.76 16.45
C TYR K 317 14.41 108.00 16.49
N GLY K 318 14.35 108.81 15.44
CA GLY K 318 15.14 110.03 15.40
C GLY K 318 14.49 111.02 16.34
N ALA K 319 14.11 110.54 17.53
CA ALA K 319 13.47 111.38 18.52
C ALA K 319 14.49 112.14 19.36
N THR K 320 14.11 113.33 19.79
CA THR K 320 14.99 114.16 20.60
C THR K 320 14.29 114.53 21.90
N VAL K 321 15.08 114.88 22.91
CA VAL K 321 14.53 115.25 24.22
C VAL K 321 15.31 116.45 24.76
N LYS K 322 14.59 117.44 25.27
CA LYS K 322 15.23 118.62 25.81
C LYS K 322 14.34 119.31 26.83
N GLY K 323 14.95 119.77 27.92
CA GLY K 323 14.18 120.45 28.94
C GLY K 323 14.05 119.60 30.19
N MET K 324 14.95 118.64 30.36
CA MET K 324 14.91 117.79 31.54
C MET K 324 16.27 117.46 32.10
N GLN K 325 17.33 117.94 31.46
CA GLN K 325 18.66 117.71 31.97
C GLN K 325 18.95 118.87 32.90
N SER K 326 19.82 118.66 33.88
CA SER K 326 20.14 119.70 34.85
C SER K 326 21.64 119.76 35.06
N TYR K 327 22.32 120.64 34.32
CA TYR K 327 23.77 120.70 34.46
C TYR K 327 24.21 120.72 35.91
N GLY K 328 23.32 121.15 36.81
CA GLY K 328 23.65 121.19 38.22
C GLY K 328 23.82 119.79 38.78
N LEU K 329 22.75 119.00 38.68
CA LEU K 329 22.76 117.63 39.17
C LEU K 329 23.93 116.84 38.59
N GLU K 330 24.32 117.19 37.37
CA GLU K 330 25.43 116.51 36.70
C GLU K 330 26.77 116.88 37.33
N ARG K 331 26.98 118.17 37.59
CA ARG K 331 28.22 118.62 38.21
C ARG K 331 28.34 118.03 39.61
N LEU K 332 27.21 117.98 40.31
CA LEU K 332 27.19 117.44 41.67
C LEU K 332 27.60 115.97 41.64
N ALA K 333 26.90 115.19 40.81
CA ALA K 333 27.18 113.77 40.68
C ALA K 333 28.64 113.57 40.27
N ALA K 334 29.09 114.35 39.31
CA ALA K 334 30.45 114.26 38.82
C ALA K 334 31.45 114.46 39.95
N MET K 335 31.29 115.55 40.69
CA MET K 335 32.19 115.86 41.79
C MET K 335 32.20 114.77 42.86
N LEU K 336 31.00 114.34 43.27
CA LEU K 336 30.86 113.31 44.28
C LEU K 336 31.67 112.06 43.91
N MET K 337 31.50 111.58 42.68
CA MET K 337 32.22 110.41 42.21
C MET K 337 33.73 110.58 42.26
N ALA K 338 34.19 111.76 41.85
CA ALA K 338 35.61 112.06 41.83
C ALA K 338 36.26 111.89 43.20
N THR K 339 35.43 111.77 44.23
CA THR K 339 35.94 111.62 45.60
C THR K 339 35.63 110.24 46.20
N VAL K 340 36.02 109.18 45.50
CA VAL K 340 35.77 107.83 45.99
C VAL K 340 36.77 106.83 45.43
N LYS K 341 37.12 105.84 46.23
CA LYS K 341 38.06 104.80 45.82
C LYS K 341 37.41 103.97 44.72
N MET K 342 37.50 104.46 43.49
CA MET K 342 36.91 103.78 42.34
C MET K 342 37.47 102.38 42.12
N GLU K 343 38.79 102.26 42.10
CA GLU K 343 39.44 100.98 41.89
C GLU K 343 39.11 99.95 42.96
N GLU K 344 38.28 100.34 43.93
CA GLU K 344 37.90 99.45 45.02
C GLU K 344 36.39 99.44 45.22
N LEU K 345 35.66 99.91 44.21
CA LEU K 345 34.21 99.97 44.27
C LEU K 345 33.60 98.56 44.35
N GLY K 346 34.24 97.61 43.68
CA GLY K 346 33.74 96.24 43.67
C GLY K 346 33.71 95.60 45.04
N HIS K 347 34.60 96.02 45.92
CA HIS K 347 34.66 95.48 47.28
C HIS K 347 33.61 96.11 48.18
N LEU K 348 32.80 96.98 47.61
CA LEU K 348 31.75 97.66 48.37
C LEU K 348 30.46 96.82 48.40
N THR K 349 29.45 97.33 49.10
CA THR K 349 28.18 96.63 49.22
C THR K 349 27.35 96.74 47.95
N THR K 350 26.27 95.96 47.88
CA THR K 350 25.39 95.96 46.71
C THR K 350 24.64 97.27 46.52
N GLU K 351 23.79 97.61 47.48
CA GLU K 351 23.00 98.84 47.41
C GLU K 351 23.89 100.03 47.10
N LYS K 352 25.05 100.08 47.76
CA LYS K 352 26.01 101.17 47.55
C LYS K 352 26.62 101.10 46.16
N GLN K 353 26.78 99.88 45.66
CA GLN K 353 27.37 99.66 44.35
C GLN K 353 26.50 100.26 43.24
N GLU K 354 25.20 99.99 43.30
CA GLU K 354 24.28 100.52 42.32
C GLU K 354 24.36 102.04 42.35
N TYR K 355 23.97 102.62 43.49
CA TYR K 355 24.00 104.06 43.68
C TYR K 355 25.26 104.68 43.10
N ALA K 356 26.39 104.01 43.31
CA ALA K 356 27.68 104.49 42.81
C ALA K 356 27.65 104.58 41.28
N LEU K 357 27.62 103.43 40.62
CA LEU K 357 27.58 103.38 39.15
C LEU K 357 26.40 104.18 38.62
N ARG K 358 25.26 104.04 39.29
CA ARG K 358 24.03 104.72 38.89
C ARG K 358 24.27 106.21 38.63
N LEU K 359 24.66 106.94 39.66
CA LEU K 359 24.90 108.37 39.53
C LEU K 359 26.13 108.65 38.66
N ALA K 360 27.00 107.65 38.53
CA ALA K 360 28.21 107.80 37.72
C ALA K 360 27.81 108.04 36.27
N THR K 361 26.64 107.51 35.89
CA THR K 361 26.13 107.66 34.54
C THR K 361 25.55 109.06 34.35
N VAL K 362 24.85 109.53 35.37
CA VAL K 362 24.21 110.84 35.34
C VAL K 362 25.21 112.00 35.24
N GLY K 363 26.34 111.88 35.92
CA GLY K 363 27.33 112.94 35.89
C GLY K 363 28.45 112.81 34.89
N TYR K 364 28.54 111.66 34.23
CA TYR K 364 29.58 111.41 33.24
C TYR K 364 29.82 112.60 32.29
N PRO K 365 28.74 113.19 31.75
CA PRO K 365 28.84 114.33 30.83
C PRO K 365 29.56 115.58 31.35
N LYS K 366 28.87 116.37 32.15
CA LYS K 366 29.41 117.62 32.70
C LYS K 366 30.83 117.59 33.27
N ALA K 367 31.28 116.42 33.72
CA ALA K 367 32.63 116.32 34.28
C ALA K 367 33.14 114.89 34.31
N GLY K 368 34.46 114.75 34.45
CA GLY K 368 35.06 113.43 34.49
C GLY K 368 35.81 113.06 33.22
N VAL K 369 36.56 114.01 32.68
CA VAL K 369 37.33 113.76 31.45
C VAL K 369 38.61 113.02 31.82
N TYR K 370 38.94 113.03 33.10
CA TYR K 370 40.13 112.36 33.61
C TYR K 370 39.83 111.67 34.94
N SER K 371 38.56 111.42 35.19
CA SER K 371 38.13 110.77 36.42
C SER K 371 38.03 109.27 36.16
N GLY K 372 38.40 108.47 37.15
CA GLY K 372 38.36 107.03 37.01
C GLY K 372 36.97 106.42 37.04
N LEU K 373 36.06 106.94 36.24
CA LEU K 373 34.69 106.43 36.19
C LEU K 373 34.64 105.03 35.58
N ILE K 374 35.19 104.89 34.38
CA ILE K 374 35.20 103.60 33.70
C ILE K 374 35.88 102.57 34.60
N GLY K 375 36.83 103.04 35.40
CA GLY K 375 37.54 102.15 36.31
C GLY K 375 36.59 101.50 37.28
N GLY K 376 35.75 102.31 37.93
CA GLY K 376 34.79 101.78 38.88
C GLY K 376 33.88 100.76 38.23
N ALA K 377 33.45 101.05 37.01
CA ALA K 377 32.56 100.16 36.27
C ALA K 377 33.24 98.80 36.05
N THR K 378 34.57 98.83 35.98
CA THR K 378 35.35 97.61 35.77
C THR K 378 35.47 96.83 37.08
N SER K 379 35.85 97.53 38.15
CA SER K 379 36.02 96.92 39.46
C SER K 379 34.76 96.18 39.89
N VAL K 380 33.61 96.85 39.76
CA VAL K 380 32.33 96.25 40.13
C VAL K 380 32.06 95.00 39.31
N LEU K 381 32.39 95.06 38.02
CA LEU K 381 32.19 93.91 37.13
C LEU K 381 33.12 92.78 37.50
N LEU K 382 34.40 93.11 37.69
CA LEU K 382 35.41 92.13 38.04
C LEU K 382 34.95 91.25 39.20
N SER K 383 34.46 91.90 40.26
CA SER K 383 33.98 91.19 41.43
C SER K 383 32.90 90.18 41.04
N ALA K 384 31.92 90.66 40.27
CA ALA K 384 30.81 89.83 39.82
C ALA K 384 31.30 88.55 39.15
N TYR K 385 32.23 88.69 38.23
CA TYR K 385 32.79 87.56 37.49
C TYR K 385 33.49 86.53 38.38
N ASN K 386 34.38 86.99 39.23
CA ASN K 386 35.13 86.11 40.12
C ASN K 386 34.23 85.21 40.98
N ARG K 387 33.08 85.74 41.38
CA ARG K 387 32.16 84.98 42.23
C ARG K 387 31.32 83.92 41.52
N HIS K 388 31.34 83.90 40.19
CA HIS K 388 30.55 82.91 39.45
C HIS K 388 31.27 82.24 38.27
N PRO K 389 30.63 81.23 37.68
CA PRO K 389 31.18 80.49 36.54
C PRO K 389 30.64 80.91 35.17
N LEU K 390 30.98 82.12 34.73
CA LEU K 390 30.57 82.62 33.43
C LEU K 390 29.05 82.60 33.21
N PHE K 391 28.32 83.20 34.13
CA PHE K 391 26.86 83.27 34.05
C PHE K 391 26.33 83.93 35.32
N GLN K 392 25.54 84.99 35.15
CA GLN K 392 24.97 85.68 36.28
C GLN K 392 23.53 85.23 36.48
N PRO K 393 23.09 85.11 37.75
CA PRO K 393 21.71 84.69 38.02
C PRO K 393 20.74 85.48 37.15
N LEU K 394 19.81 84.78 36.51
CA LEU K 394 18.84 85.41 35.64
C LEU K 394 18.13 86.62 36.22
N HIS K 395 17.90 86.61 37.53
CA HIS K 395 17.23 87.72 38.19
C HIS K 395 17.86 88.08 39.53
N THR K 396 19.17 88.33 39.51
CA THR K 396 19.89 88.68 40.73
C THR K 396 19.95 90.19 40.87
N VAL K 397 20.11 90.64 42.11
CA VAL K 397 20.19 92.06 42.40
C VAL K 397 21.41 92.68 41.70
N MET K 398 22.45 91.87 41.55
CA MET K 398 23.68 92.33 40.91
C MET K 398 23.56 92.45 39.40
N ARG K 399 22.70 91.62 38.80
CA ARG K 399 22.50 91.67 37.35
C ARG K 399 22.14 93.10 36.97
N GLU K 400 21.18 93.66 37.73
CA GLU K 400 20.72 95.02 37.51
C GLU K 400 21.90 95.98 37.60
N THR K 401 22.85 95.65 38.47
CA THR K 401 24.04 96.47 38.67
C THR K 401 24.91 96.56 37.42
N LEU K 402 25.34 95.40 36.91
CA LEU K 402 26.17 95.37 35.72
C LEU K 402 25.53 96.12 34.56
N PHE K 403 24.19 96.14 34.54
CA PHE K 403 23.46 96.83 33.50
C PHE K 403 23.67 98.33 33.61
N ILE K 404 23.59 98.83 34.84
CA ILE K 404 23.78 100.26 35.10
C ILE K 404 25.18 100.68 34.72
N GLY K 405 26.17 99.85 35.06
CA GLY K 405 27.55 100.16 34.74
C GLY K 405 27.86 100.13 33.26
N SER K 406 27.30 99.17 32.54
CA SER K 406 27.54 99.05 31.11
C SER K 406 27.36 100.38 30.39
N HIS K 407 26.35 101.13 30.79
CA HIS K 407 26.06 102.42 30.17
C HIS K 407 27.25 103.37 30.18
N VAL K 408 27.87 103.56 31.35
CA VAL K 408 29.02 104.44 31.46
C VAL K 408 30.21 103.88 30.70
N VAL K 409 30.17 102.60 30.38
CA VAL K 409 31.25 101.95 29.65
C VAL K 409 31.03 102.13 28.14
N LEU K 410 29.80 101.90 27.70
CA LEU K 410 29.45 102.04 26.29
C LEU K 410 29.77 103.46 25.83
N ARG K 411 29.26 104.42 26.58
CA ARG K 411 29.47 105.84 26.28
C ARG K 411 30.95 106.09 26.03
N GLU K 412 31.79 105.51 26.89
CA GLU K 412 33.23 105.66 26.79
C GLU K 412 33.73 105.10 25.45
N LEU K 413 33.34 103.86 25.18
CA LEU K 413 33.73 103.18 23.94
C LEU K 413 33.42 103.99 22.70
N ARG K 414 32.22 104.55 22.64
CA ARG K 414 31.78 105.36 21.50
C ARG K 414 32.71 106.51 21.16
N LEU K 415 33.47 106.98 22.15
CA LEU K 415 34.39 108.09 21.93
C LEU K 415 35.59 107.69 21.07
N ASN K 416 36.44 108.67 20.77
CA ASN K 416 37.63 108.43 19.95
C ASN K 416 38.91 108.71 20.73
N VAL K 417 38.76 109.00 22.02
CA VAL K 417 39.91 109.27 22.88
C VAL K 417 40.28 107.98 23.61
N THR K 418 41.34 107.33 23.16
CA THR K 418 41.79 106.09 23.77
C THR K 418 42.28 106.29 25.19
N THR K 419 41.32 106.42 26.12
CA THR K 419 41.64 106.60 27.53
C THR K 419 41.19 105.37 28.30
N GLN K 420 42.11 104.79 29.06
CA GLN K 420 41.80 103.60 29.84
C GLN K 420 41.46 102.46 28.89
N GLY K 421 42.02 102.51 27.68
CA GLY K 421 41.77 101.47 26.70
C GLY K 421 42.05 100.10 27.30
N PRO K 422 43.20 99.93 27.96
CA PRO K 422 43.55 98.65 28.57
C PRO K 422 42.53 98.26 29.63
N ASN K 423 42.17 99.22 30.48
CA ASN K 423 41.21 98.99 31.55
C ASN K 423 39.83 98.72 30.98
N LEU K 424 39.55 99.28 29.81
CA LEU K 424 38.26 99.11 29.15
C LEU K 424 38.22 97.79 28.38
N ALA K 425 39.29 97.50 27.65
CA ALA K 425 39.38 96.27 26.88
C ALA K 425 39.05 95.09 27.79
N LEU K 426 39.48 95.20 29.04
CA LEU K 426 39.24 94.16 30.04
C LEU K 426 37.74 93.91 30.20
N TYR K 427 36.99 95.00 30.39
CA TYR K 427 35.56 94.92 30.55
C TYR K 427 34.94 94.07 29.44
N GLN K 428 35.38 94.31 28.22
CA GLN K 428 34.89 93.56 27.06
C GLN K 428 35.24 92.09 27.20
N LEU K 429 36.49 91.81 27.56
CA LEU K 429 36.95 90.44 27.73
C LEU K 429 36.07 89.68 28.70
N LEU K 430 35.93 90.22 29.91
CA LEU K 430 35.11 89.59 30.95
C LEU K 430 33.70 89.32 30.44
N SER K 431 33.01 90.36 30.01
CA SER K 431 31.65 90.22 29.50
C SER K 431 31.59 89.16 28.41
N THR K 432 32.62 89.10 27.57
CA THR K 432 32.67 88.12 26.50
C THR K 432 32.60 86.72 27.09
N ALA K 433 33.46 86.45 28.07
CA ALA K 433 33.48 85.16 28.74
C ALA K 433 32.11 84.89 29.33
N LEU K 434 31.52 85.91 29.94
CA LEU K 434 30.20 85.79 30.54
C LEU K 434 29.14 85.44 29.52
N CYS K 435 29.41 85.74 28.25
CA CYS K 435 28.46 85.43 27.19
C CYS K 435 28.63 83.97 26.79
N SER K 436 28.66 83.10 27.80
CA SER K 436 28.83 81.66 27.58
C SER K 436 27.55 81.01 27.09
N ALA K 437 27.66 79.76 26.64
CA ALA K 437 26.50 79.02 26.14
C ALA K 437 25.43 78.93 27.21
N LEU K 438 25.85 78.99 28.47
CA LEU K 438 24.93 78.92 29.59
C LEU K 438 24.14 80.23 29.66
N GLU K 439 24.85 81.34 29.52
CA GLU K 439 24.25 82.67 29.52
C GLU K 439 23.28 82.82 28.37
N ILE K 440 23.83 82.83 27.16
CA ILE K 440 23.04 82.96 25.94
C ILE K 440 21.88 81.98 25.93
N GLY K 441 22.07 80.83 26.57
CA GLY K 441 21.01 79.83 26.62
C GLY K 441 19.88 80.23 27.54
N GLU K 442 20.22 80.62 28.77
CA GLU K 442 19.21 81.02 29.75
C GLU K 442 18.45 82.28 29.33
N VAL K 443 19.14 83.20 28.67
CA VAL K 443 18.52 84.44 28.22
C VAL K 443 17.37 84.13 27.26
N LEU K 444 17.63 83.19 26.34
CA LEU K 444 16.61 82.79 25.37
C LEU K 444 15.43 82.16 26.10
N ARG K 445 15.73 81.21 26.98
CA ARG K 445 14.70 80.53 27.77
C ARG K 445 13.73 81.55 28.35
N GLY K 446 14.30 82.53 29.06
CA GLY K 446 13.48 83.57 29.68
C GLY K 446 12.67 84.36 28.68
N LEU K 447 13.28 84.73 27.56
CA LEU K 447 12.59 85.49 26.53
C LEU K 447 11.36 84.76 26.02
N ALA K 448 11.53 83.48 25.72
CA ALA K 448 10.43 82.66 25.22
C ALA K 448 9.32 82.54 26.26
N LEU K 449 9.70 82.22 27.49
CA LEU K 449 8.72 82.07 28.57
C LEU K 449 8.24 83.43 29.09
N GLY K 450 8.83 84.50 28.57
CA GLY K 450 8.45 85.84 28.97
C GLY K 450 8.79 86.25 30.39
N THR K 451 9.79 85.61 30.99
CA THR K 451 10.19 85.97 32.34
C THR K 451 11.26 87.06 32.30
N GLU K 452 12.12 86.98 31.29
CA GLU K 452 13.19 87.97 31.11
C GLU K 452 12.84 88.93 29.99
N SER K 453 12.99 90.22 30.25
CA SER K 453 12.69 91.25 29.25
C SER K 453 13.76 91.28 28.17
N GLY K 454 14.99 90.96 28.55
CA GLY K 454 16.09 90.97 27.61
C GLY K 454 16.71 92.35 27.53
N LEU K 455 16.51 93.14 28.58
CA LEU K 455 17.05 94.50 28.65
C LEU K 455 18.57 94.53 28.68
N PHE K 456 19.16 93.61 29.43
CA PHE K 456 20.62 93.56 29.55
C PHE K 456 21.23 92.17 29.51
N SER K 457 22.47 92.12 29.05
CA SER K 457 23.23 90.88 28.95
C SER K 457 24.69 91.26 28.67
N PRO K 458 25.64 90.55 29.30
CA PRO K 458 27.06 90.86 29.09
C PRO K 458 27.48 90.70 27.63
N CYS K 459 26.59 90.12 26.83
CA CYS K 459 26.88 89.92 25.42
C CYS K 459 26.86 91.24 24.65
N TYR K 460 25.92 92.12 25.02
CA TYR K 460 25.77 93.40 24.36
C TYR K 460 27.06 94.22 24.26
N LEU K 461 28.06 93.85 25.04
CA LEU K 461 29.35 94.56 25.02
C LEU K 461 30.47 93.57 24.76
N SER K 462 30.13 92.28 24.77
CA SER K 462 31.12 91.23 24.54
C SER K 462 31.65 91.29 23.12
N LEU K 463 32.79 90.65 22.90
CA LEU K 463 33.41 90.62 21.58
C LEU K 463 33.13 89.29 20.92
N ARG K 464 31.94 88.75 21.16
CA ARG K 464 31.54 87.48 20.61
C ARG K 464 30.56 87.69 19.46
N PHE K 465 31.11 87.78 18.25
CA PHE K 465 30.33 88.00 17.04
C PHE K 465 30.07 86.67 16.33
N ASP K 466 30.03 85.59 17.11
CA ASP K 466 29.80 84.26 16.58
C ASP K 466 28.33 83.88 16.49
N LEU K 467 27.53 84.37 17.43
CA LEU K 467 26.11 84.07 17.44
C LEU K 467 25.30 84.69 16.32
N THR K 468 24.76 83.83 15.45
CA THR K 468 23.95 84.28 14.32
C THR K 468 22.56 83.68 14.46
N ARG K 469 21.70 83.90 13.48
CA ARG K 469 20.34 83.38 13.51
C ARG K 469 20.32 81.89 13.83
N ASP K 470 21.12 81.12 13.11
CA ASP K 470 21.19 79.67 13.31
C ASP K 470 21.97 79.31 14.57
N LYS K 471 23.18 79.84 14.70
CA LYS K 471 24.02 79.56 15.86
C LYS K 471 23.27 79.80 17.16
N LEU K 472 22.54 80.91 17.22
CA LEU K 472 21.77 81.25 18.41
C LEU K 472 20.71 80.21 18.67
N LEU K 473 20.10 79.72 17.59
CA LEU K 473 19.05 78.70 17.69
C LEU K 473 19.63 77.41 18.27
N SER K 474 20.94 77.26 18.17
CA SER K 474 21.62 76.08 18.68
C SER K 474 21.70 76.11 20.20
N MET K 475 22.11 77.24 20.75
CA MET K 475 22.22 77.40 22.20
C MET K 475 20.84 77.33 22.86
N ALA K 476 19.80 77.60 22.09
CA ALA K 476 18.44 77.57 22.61
C ALA K 476 18.16 76.24 23.30
N PRO K 477 17.39 76.27 24.40
CA PRO K 477 17.05 75.05 25.16
C PRO K 477 16.18 74.09 24.36
N GLN K 478 16.55 72.81 24.39
CA GLN K 478 15.81 71.77 23.69
C GLN K 478 14.82 71.10 24.64
N GLU K 479 13.58 71.59 24.65
CA GLU K 479 12.56 71.04 25.53
C GLU K 479 11.17 71.20 24.93
N ALA K 480 10.32 70.19 25.12
CA ALA K 480 8.96 70.22 24.61
C ALA K 480 8.11 71.13 25.47
N THR K 481 8.65 71.54 26.61
CA THR K 481 7.95 72.41 27.55
C THR K 481 7.98 73.85 27.04
N LEU K 482 8.71 74.08 25.96
CA LEU K 482 8.82 75.41 25.37
C LEU K 482 8.28 75.43 23.95
N ASP K 483 7.36 76.36 23.69
CA ASP K 483 6.76 76.50 22.38
C ASP K 483 7.81 76.79 21.31
N GLN K 484 8.08 75.79 20.47
CA GLN K 484 9.07 75.93 19.40
C GLN K 484 8.90 77.23 18.62
N ALA K 485 7.66 77.70 18.52
CA ALA K 485 7.38 78.94 17.82
C ALA K 485 7.85 80.13 18.65
N ALA K 486 7.48 80.12 19.93
CA ALA K 486 7.87 81.20 20.83
C ALA K 486 9.38 81.34 20.88
N VAL K 487 10.07 80.20 20.90
CA VAL K 487 11.52 80.19 20.94
C VAL K 487 12.11 80.99 19.78
N SER K 488 11.62 80.73 18.57
CA SER K 488 12.10 81.43 17.38
C SER K 488 12.07 82.94 17.57
N ASN K 489 10.94 83.46 18.07
CA ASN K 489 10.81 84.89 18.29
C ASN K 489 11.90 85.39 19.22
N ALA K 490 12.15 84.63 20.29
CA ALA K 490 13.17 85.00 21.26
C ALA K 490 14.53 85.09 20.58
N VAL K 491 14.90 84.05 19.84
CA VAL K 491 16.17 84.02 19.13
C VAL K 491 16.28 85.24 18.21
N ASP K 492 15.20 85.51 17.48
CA ASP K 492 15.17 86.65 16.57
C ASP K 492 15.30 87.96 17.35
N GLY K 493 14.52 88.08 18.41
CA GLY K 493 14.57 89.27 19.23
C GLY K 493 15.95 89.57 19.75
N PHE K 494 16.58 88.56 20.36
CA PHE K 494 17.92 88.72 20.91
C PHE K 494 18.87 89.22 19.83
N LEU K 495 18.89 88.53 18.69
CA LEU K 495 19.74 88.89 17.57
C LEU K 495 19.51 90.35 17.19
N GLY K 496 18.27 90.79 17.28
CA GLY K 496 17.93 92.16 16.92
C GLY K 496 18.53 93.21 17.85
N ARG K 497 18.20 93.13 19.14
CA ARG K 497 18.72 94.08 20.10
C ARG K 497 20.25 94.04 20.17
N LEU K 498 20.81 92.90 19.79
CA LEU K 498 22.26 92.73 19.81
C LEU K 498 22.90 93.54 18.69
N SER K 499 22.24 93.61 17.54
CA SER K 499 22.76 94.36 16.40
C SER K 499 22.55 95.86 16.58
N LEU K 500 21.75 96.24 17.55
CA LEU K 500 21.47 97.65 17.81
C LEU K 500 22.26 98.18 19.00
N GLU K 501 22.31 97.39 20.07
CA GLU K 501 23.03 97.78 21.27
C GLU K 501 24.53 97.77 20.99
N ARG K 502 24.96 96.84 20.14
CA ARG K 502 26.37 96.71 19.78
C ARG K 502 26.67 97.17 18.36
N GLU K 503 27.84 97.73 18.14
CA GLU K 503 28.23 98.21 16.81
C GLU K 503 29.61 97.68 16.45
N ASP K 504 30.06 97.93 15.21
CA ASP K 504 31.39 97.50 14.81
C ASP K 504 32.36 98.52 15.37
N ARG K 505 31.85 99.74 15.55
CA ARG K 505 32.60 100.86 16.08
C ARG K 505 33.13 100.49 17.47
N ASP K 506 32.35 99.69 18.18
CA ASP K 506 32.68 99.25 19.53
C ASP K 506 34.12 98.73 19.71
N ALA K 507 34.48 97.71 18.94
CA ALA K 507 35.80 97.11 19.04
C ALA K 507 36.95 97.84 18.34
N TRP K 508 36.82 99.17 18.21
CA TRP K 508 37.87 99.95 17.57
C TRP K 508 38.95 100.26 18.59
N HIS K 509 38.53 100.61 19.80
CA HIS K 509 39.47 100.92 20.88
C HIS K 509 40.38 99.75 21.20
N LEU K 510 40.29 98.69 20.40
CA LEU K 510 41.11 97.51 20.60
C LEU K 510 42.30 97.53 19.63
N PRO K 511 43.52 97.41 20.16
CA PRO K 511 44.77 97.41 19.40
C PRO K 511 44.85 96.41 18.24
N ALA K 512 44.43 95.17 18.49
CA ALA K 512 44.48 94.11 17.48
C ALA K 512 43.51 94.28 16.31
N TYR K 513 42.46 95.07 16.50
CA TYR K 513 41.45 95.28 15.47
C TYR K 513 42.05 95.60 14.10
N LYS K 514 43.01 96.52 14.08
CA LYS K 514 43.68 96.95 12.85
C LYS K 514 44.32 95.82 12.04
N CYS K 515 44.31 94.61 12.61
CA CYS K 515 44.94 93.48 11.96
C CYS K 515 44.04 92.48 11.22
N VAL K 516 42.75 92.78 11.12
CA VAL K 516 41.84 91.84 10.46
C VAL K 516 41.34 92.30 9.09
N ASP K 517 41.74 91.56 8.06
CA ASP K 517 41.33 91.87 6.69
C ASP K 517 39.83 91.58 6.54
N ARG K 518 39.48 90.30 6.43
CA ARG K 518 38.07 89.92 6.31
C ARG K 518 37.50 89.81 7.72
N LEU K 519 37.17 90.96 8.30
CA LEU K 519 36.62 91.02 9.65
C LEU K 519 35.20 90.47 9.77
N ASP K 520 34.52 90.32 8.64
CA ASP K 520 33.15 89.80 8.65
C ASP K 520 33.11 88.32 9.02
N LYS K 521 34.22 87.62 8.81
CA LYS K 521 34.28 86.20 9.14
C LYS K 521 34.96 85.98 10.48
N VAL K 522 34.84 86.98 11.35
CA VAL K 522 35.42 86.91 12.68
C VAL K 522 34.39 86.43 13.68
N LEU K 523 34.67 85.31 14.33
CA LEU K 523 33.75 84.74 15.31
C LEU K 523 33.81 85.51 16.62
N MET K 524 35.01 85.63 17.19
CA MET K 524 35.18 86.37 18.44
C MET K 524 36.64 86.66 18.73
N ILE K 525 36.89 87.83 19.32
CA ILE K 525 38.24 88.25 19.66
C ILE K 525 38.42 88.23 21.17
N ILE K 526 39.54 87.69 21.63
CA ILE K 526 39.83 87.61 23.05
C ILE K 526 41.03 88.46 23.46
N PRO K 527 40.77 89.69 23.96
CA PRO K 527 41.84 90.59 24.39
C PRO K 527 42.53 90.07 25.63
N LEU K 528 43.80 89.69 25.50
CA LEU K 528 44.56 89.19 26.64
C LEU K 528 45.54 90.23 27.17
N ILE K 529 46.32 89.84 28.17
CA ILE K 529 47.29 90.72 28.80
C ILE K 529 48.40 91.16 27.85
N ASN K 530 49.22 90.22 27.40
CA ASN K 530 50.32 90.53 26.49
C ASN K 530 49.99 90.27 25.02
N VAL K 531 48.82 89.69 24.76
CA VAL K 531 48.41 89.41 23.40
C VAL K 531 46.90 89.50 23.25
N THR K 532 46.40 89.20 22.06
CA THR K 532 44.96 89.23 21.78
C THR K 532 44.64 88.21 20.70
N PHE K 533 43.83 87.22 21.06
CA PHE K 533 43.44 86.15 20.14
C PHE K 533 42.25 86.51 19.26
N ILE K 534 42.33 86.10 18.00
CA ILE K 534 41.27 86.37 17.04
C ILE K 534 40.76 85.08 16.41
N ILE K 535 39.61 84.61 16.89
CA ILE K 535 39.01 83.39 16.38
C ILE K 535 38.16 83.75 15.17
N SER K 536 38.44 83.14 14.02
CA SER K 536 37.69 83.42 12.82
C SER K 536 37.68 82.24 11.85
N SER K 537 36.89 82.37 10.79
CA SER K 537 36.78 81.33 9.77
C SER K 537 37.63 81.69 8.57
N ASP K 538 38.63 82.55 8.79
CA ASP K 538 39.52 82.97 7.72
C ASP K 538 40.95 83.07 8.23
N ARG K 539 41.89 82.60 7.43
CA ARG K 539 43.31 82.63 7.77
C ARG K 539 43.94 83.92 7.25
N GLU K 540 43.11 84.95 7.13
CA GLU K 540 43.58 86.24 6.61
C GLU K 540 44.14 87.16 7.70
N VAL K 541 43.77 86.93 8.95
CA VAL K 541 44.27 87.75 10.05
C VAL K 541 45.80 87.70 10.01
N ARG K 542 46.42 88.88 10.13
CA ARG K 542 47.88 88.96 10.09
C ARG K 542 48.51 89.03 11.48
N GLY K 543 48.27 88.00 12.28
CA GLY K 543 48.84 87.98 13.62
C GLY K 543 50.28 87.50 13.65
N SER K 544 50.57 86.53 14.51
CA SER K 544 51.92 85.99 14.64
C SER K 544 51.99 84.54 14.17
N ALA K 545 50.88 83.82 14.31
CA ALA K 545 50.81 82.43 13.90
C ALA K 545 49.37 82.06 13.57
N LEU K 546 49.20 80.92 12.93
CA LEU K 546 47.86 80.47 12.55
C LEU K 546 47.57 79.09 13.14
N TYR K 547 46.46 78.99 13.86
CA TYR K 547 46.04 77.74 14.46
C TYR K 547 44.74 77.28 13.85
N GLU K 548 44.53 75.97 13.78
CA GLU K 548 43.31 75.42 13.20
C GLU K 548 42.85 74.20 13.97
N ALA K 549 41.58 74.21 14.39
CA ALA K 549 41.00 73.10 15.12
C ALA K 549 40.84 71.90 14.19
N SER K 550 40.71 70.71 14.76
CA SER K 550 40.56 69.51 13.97
C SER K 550 39.18 69.37 13.32
N THR K 551 38.19 70.04 13.89
CA THR K 551 36.82 70.00 13.38
C THR K 551 36.62 70.71 12.04
N THR K 552 35.84 70.09 11.16
CA THR K 552 35.54 70.65 9.85
C THR K 552 34.04 70.54 9.62
N TYR K 553 33.32 70.19 10.68
CA TYR K 553 31.88 70.04 10.65
C TYR K 553 31.21 71.34 10.23
N LEU K 554 31.74 72.45 10.74
CA LEU K 554 31.19 73.75 10.43
C LEU K 554 31.29 74.03 8.94
N SER K 555 30.63 75.09 8.50
CA SER K 555 30.63 75.49 7.09
C SER K 555 32.07 75.68 6.66
N SER K 556 32.78 76.55 7.37
CA SER K 556 34.18 76.84 7.09
C SER K 556 35.06 76.24 8.17
N SER K 557 36.28 76.75 8.30
CA SER K 557 37.22 76.24 9.30
C SER K 557 37.24 77.11 10.55
N LEU K 558 37.88 76.58 11.61
CA LEU K 558 37.98 77.29 12.88
C LEU K 558 39.45 77.68 13.11
N PHE K 559 39.76 78.94 12.82
CA PHE K 559 41.13 79.43 12.97
C PHE K 559 41.34 80.23 14.27
N LEU K 560 42.59 80.33 14.67
CA LEU K 560 42.98 81.05 15.88
C LEU K 560 44.20 81.92 15.61
N SER K 561 43.99 83.22 15.41
CA SER K 561 45.08 84.14 15.12
C SER K 561 45.44 85.00 16.33
N PRO K 562 46.65 84.79 16.89
CA PRO K 562 47.11 85.56 18.04
C PRO K 562 48.03 86.72 17.66
N VAL K 563 47.69 87.91 18.12
CA VAL K 563 48.51 89.10 17.83
C VAL K 563 49.40 89.37 19.04
N ILE K 564 50.65 88.94 18.96
CA ILE K 564 51.59 89.14 20.05
C ILE K 564 51.95 90.61 20.22
N MET K 565 51.98 91.07 21.47
CA MET K 565 52.32 92.45 21.77
C MET K 565 51.40 93.42 21.03
N ASN K 566 50.16 92.98 20.82
CA ASN K 566 49.16 93.79 20.12
C ASN K 566 49.63 94.53 18.87
N LYS K 567 50.69 94.03 18.26
CA LYS K 567 51.20 94.64 17.02
C LYS K 567 51.31 93.52 16.01
N CYS K 568 50.74 93.73 14.82
CA CYS K 568 50.77 92.71 13.79
C CYS K 568 51.81 92.90 12.71
N SER K 569 52.25 91.77 12.15
CA SER K 569 53.24 91.76 11.09
C SER K 569 52.54 91.85 9.74
N GLN K 570 53.28 92.23 8.71
CA GLN K 570 52.74 92.36 7.37
C GLN K 570 52.53 91.00 6.70
N GLY K 571 51.29 90.76 6.26
CA GLY K 571 50.97 89.51 5.60
C GLY K 571 50.61 88.40 6.58
N ALA K 572 49.77 87.47 6.12
CA ALA K 572 49.34 86.35 6.94
C ALA K 572 50.43 85.29 7.04
N VAL K 573 50.19 84.29 7.87
CA VAL K 573 51.15 83.20 8.06
C VAL K 573 51.36 82.41 6.77
N ALA K 574 52.45 81.65 6.74
CA ALA K 574 52.78 80.83 5.58
C ALA K 574 51.74 79.74 5.39
N GLY K 575 51.88 78.97 4.32
CA GLY K 575 50.93 77.90 4.04
C GLY K 575 50.90 76.90 5.16
N GLU K 576 49.84 76.10 5.23
CA GLU K 576 49.68 75.06 6.25
C GLU K 576 49.65 75.62 7.67
N PRO K 577 48.48 75.58 8.30
CA PRO K 577 48.35 76.10 9.67
C PRO K 577 49.00 75.17 10.69
N ARG K 578 49.32 75.70 11.87
CA ARG K 578 49.92 74.92 12.93
C ARG K 578 48.78 74.17 13.62
N GLN K 579 48.98 72.88 13.87
CA GLN K 579 47.95 72.07 14.51
C GLN K 579 47.97 72.19 16.02
N ILE K 580 46.78 72.21 16.62
CA ILE K 580 46.64 72.32 18.06
C ILE K 580 47.05 71.01 18.73
N PRO K 581 48.15 71.04 19.50
CA PRO K 581 48.65 69.86 20.21
C PRO K 581 47.72 69.46 21.36
N LYS K 582 47.59 68.16 21.59
CA LYS K 582 46.74 67.65 22.65
C LYS K 582 47.57 67.40 23.91
N ILE K 583 47.05 67.82 25.05
CA ILE K 583 47.77 67.66 26.31
C ILE K 583 46.95 66.99 27.41
N GLN K 584 47.61 66.11 28.17
CA GLN K 584 46.97 65.39 29.27
C GLN K 584 47.87 65.45 30.49
N ASN K 585 48.95 66.23 30.39
CA ASN K 585 49.91 66.37 31.48
C ASN K 585 49.34 66.94 32.77
N PHE K 586 48.93 68.21 32.73
CA PHE K 586 48.38 68.88 33.90
C PHE K 586 47.43 68.03 34.74
N THR K 587 47.54 68.16 36.05
CA THR K 587 46.69 67.44 36.99
C THR K 587 45.60 68.38 37.49
N ARG K 588 44.47 67.82 37.92
CA ARG K 588 43.36 68.64 38.40
C ARG K 588 43.75 69.56 39.54
N THR K 589 44.02 69.00 40.72
CA THR K 589 44.41 69.79 41.87
C THR K 589 45.62 70.64 41.53
N GLN K 590 45.54 71.94 41.81
CA GLN K 590 46.62 72.86 41.52
C GLN K 590 46.93 73.81 42.68
N LYS K 591 48.21 73.88 43.04
CA LYS K 591 48.64 74.74 44.14
C LYS K 591 48.52 76.20 43.75
N SER K 592 49.38 76.64 42.82
CA SER K 592 49.36 78.02 42.36
C SER K 592 48.46 78.23 41.16
N CYS K 593 48.43 79.47 40.68
CA CYS K 593 47.60 79.87 39.53
C CYS K 593 48.36 79.67 38.23
N ILE K 594 48.33 78.44 37.70
CA ILE K 594 49.01 78.14 36.45
C ILE K 594 48.41 78.91 35.29
N PHE K 595 47.15 78.59 34.96
CA PHE K 595 46.46 79.26 33.88
C PHE K 595 45.84 80.55 34.42
N CYS K 596 46.70 81.50 34.77
CA CYS K 596 46.22 82.77 35.32
C CYS K 596 45.85 83.77 34.24
N GLY K 597 46.84 84.44 33.67
CA GLY K 597 46.56 85.42 32.63
C GLY K 597 46.11 84.76 31.33
N PHE K 598 45.74 83.48 31.42
CA PHE K 598 45.30 82.74 30.24
C PHE K 598 43.78 82.73 30.12
N ALA K 599 43.30 82.08 29.06
CA ALA K 599 41.86 81.99 28.81
C ALA K 599 41.49 80.63 28.23
N LEU K 600 40.28 80.17 28.53
CA LEU K 600 39.81 78.88 28.04
C LEU K 600 38.73 79.07 26.98
N LEU K 601 38.77 78.24 25.95
CA LEU K 601 37.79 78.31 24.87
C LEU K 601 37.34 76.92 24.47
N SER K 602 36.07 76.61 24.75
CA SER K 602 35.51 75.30 24.42
C SER K 602 34.61 75.43 23.20
N TYR K 603 34.74 74.50 22.26
CA TYR K 603 33.93 74.54 21.06
C TYR K 603 33.33 73.17 20.79
N ASP K 604 32.11 73.15 20.24
CA ASP K 604 31.47 71.89 19.91
C ASP K 604 31.86 71.55 18.49
N GLU K 605 32.12 70.27 18.24
CA GLU K 605 32.53 69.81 16.93
C GLU K 605 31.48 70.18 15.88
N LYS K 606 30.21 69.91 16.19
CA LYS K 606 29.13 70.20 15.27
C LYS K 606 28.78 71.69 15.23
N GLU K 607 28.42 72.27 16.38
CA GLU K 607 28.09 73.69 16.43
C GLU K 607 29.34 74.57 16.51
N GLY K 608 29.13 75.88 16.62
CA GLY K 608 30.24 76.81 16.70
C GLY K 608 30.96 76.80 18.04
N LEU K 609 31.28 77.99 18.54
CA LEU K 609 31.98 78.12 19.81
C LEU K 609 30.99 78.11 20.98
N GLU K 610 31.28 77.29 21.99
CA GLU K 610 30.42 77.18 23.17
C GLU K 610 30.64 78.29 24.20
N THR K 611 31.57 78.06 25.12
CA THR K 611 31.86 79.04 26.16
C THR K 611 33.35 79.38 26.26
N THR K 612 33.63 80.61 26.69
CA THR K 612 35.00 81.08 26.85
C THR K 612 35.18 81.57 28.28
N THR K 613 36.38 81.36 28.84
CA THR K 613 36.64 81.77 30.22
C THR K 613 38.01 82.41 30.41
N TYR K 614 38.03 83.50 31.18
CA TYR K 614 39.27 84.20 31.49
C TYR K 614 39.50 84.01 32.98
N ILE K 615 40.49 83.21 33.35
CA ILE K 615 40.80 82.95 34.75
C ILE K 615 41.46 84.16 35.40
N THR K 616 40.65 85.05 35.95
CA THR K 616 41.14 86.26 36.59
C THR K 616 42.14 85.96 37.71
N SER K 617 41.71 85.20 38.71
CA SER K 617 42.58 84.88 39.83
C SER K 617 42.50 83.42 40.28
N GLN K 618 43.29 83.10 41.30
CA GLN K 618 43.36 81.75 41.87
C GLN K 618 41.99 81.16 42.15
N GLU K 619 41.18 81.86 42.95
CA GLU K 619 39.85 81.40 43.29
C GLU K 619 39.07 80.88 42.08
N VAL K 620 39.18 81.59 40.96
CA VAL K 620 38.48 81.20 39.74
C VAL K 620 38.99 79.89 39.18
N GLN K 621 40.30 79.75 39.06
CA GLN K 621 40.89 78.52 38.52
C GLN K 621 40.43 77.30 39.30
N ASN K 622 40.28 77.47 40.61
CA ASN K 622 39.83 76.37 41.47
C ASN K 622 38.37 76.05 41.19
N SER K 623 37.55 77.09 41.07
CA SER K 623 36.13 76.92 40.81
C SER K 623 35.86 76.44 39.38
N ILE K 624 36.92 75.95 38.72
CA ILE K 624 36.79 75.46 37.36
C ILE K 624 37.32 74.02 37.27
N LEU K 625 38.47 73.79 37.89
CA LEU K 625 39.08 72.47 37.89
C LEU K 625 38.38 71.56 38.89
N SER K 626 37.69 72.17 39.85
CA SER K 626 36.97 71.42 40.86
C SER K 626 35.58 71.07 40.33
N SER K 627 34.92 72.06 39.75
CA SER K 627 33.59 71.88 39.18
C SER K 627 33.70 71.00 37.94
N ASN K 628 32.56 70.73 37.31
CA ASN K 628 32.54 69.90 36.11
C ASN K 628 32.60 70.73 34.85
N TYR K 629 33.42 71.78 34.87
CA TYR K 629 33.58 72.65 33.70
C TYR K 629 34.08 71.83 32.53
N PHE K 630 34.87 70.81 32.84
CA PHE K 630 35.44 69.92 31.83
C PHE K 630 34.63 68.65 31.68
N ASP K 631 34.69 68.07 30.48
CA ASP K 631 33.98 66.83 30.19
C ASP K 631 34.65 66.16 29.00
N PHE K 632 35.85 65.63 29.25
CA PHE K 632 36.63 64.95 28.22
C PHE K 632 35.92 63.69 27.74
N ASP K 633 34.94 63.24 28.52
CA ASP K 633 34.17 62.05 28.16
C ASP K 633 33.07 62.42 27.17
N ASN K 634 33.41 63.36 26.29
CA ASN K 634 32.49 63.83 25.26
C ASN K 634 33.33 64.19 24.04
N LEU K 635 33.33 63.30 23.05
CA LEU K 635 34.09 63.51 21.82
C LEU K 635 33.67 64.75 21.06
N HIS K 636 32.41 65.15 21.22
CA HIS K 636 31.90 66.33 20.52
C HIS K 636 32.48 67.65 21.01
N VAL K 637 32.74 67.75 22.30
CA VAL K 637 33.29 68.99 22.86
C VAL K 637 34.80 68.93 23.08
N HIS K 638 35.46 70.04 22.76
CA HIS K 638 36.90 70.16 22.93
C HIS K 638 37.19 71.39 23.79
N TYR K 639 38.33 71.38 24.48
CA TYR K 639 38.70 72.49 25.34
C TYR K 639 40.08 73.05 24.97
N LEU K 640 40.11 74.33 24.60
CA LEU K 640 41.35 74.98 24.22
C LEU K 640 41.87 75.94 25.29
N LEU K 641 43.17 76.16 25.29
CA LEU K 641 43.80 77.05 26.25
C LEU K 641 44.69 78.07 25.55
N LEU K 642 44.32 79.33 25.67
CA LEU K 642 45.08 80.41 25.05
C LEU K 642 45.94 81.06 26.14
N THR K 643 47.26 81.06 25.94
CA THR K 643 48.17 81.61 26.92
C THR K 643 48.61 83.04 26.59
N THR K 644 49.42 83.62 27.48
CA THR K 644 49.92 84.97 27.29
C THR K 644 50.77 84.97 26.03
N ASN K 645 51.25 83.77 25.66
CA ASN K 645 52.05 83.60 24.47
C ASN K 645 51.09 83.20 23.35
N GLY K 646 51.48 83.47 22.11
CA GLY K 646 50.63 83.11 20.99
C GLY K 646 50.47 81.62 20.79
N THR K 647 50.57 80.86 21.89
CA THR K 647 50.43 79.41 21.82
C THR K 647 49.03 78.94 22.21
N VAL K 648 48.61 77.84 21.61
CA VAL K 648 47.29 77.27 21.87
C VAL K 648 47.42 75.77 22.07
N MET K 649 46.60 75.21 22.95
CA MET K 649 46.64 73.78 23.23
C MET K 649 45.30 73.23 23.70
N GLU K 650 45.05 71.96 23.38
CA GLU K 650 43.81 71.29 23.76
C GLU K 650 44.03 70.53 25.06
N ILE K 651 42.98 70.40 25.87
CA ILE K 651 43.07 69.70 27.14
C ILE K 651 42.23 68.43 27.19
N ALA K 652 42.72 67.44 27.94
CA ALA K 652 42.05 66.16 28.11
C ALA K 652 42.72 65.36 29.22
N GLY K 653 42.82 65.96 30.40
CA GLY K 653 43.45 65.30 31.52
C GLY K 653 43.11 65.95 32.86
N TRP L 1 -35.77 141.28 37.05
CA TRP L 1 -35.12 139.97 37.31
C TRP L 1 -33.77 139.92 36.60
N ALA L 2 -33.74 140.45 35.39
CA ALA L 2 -32.53 140.48 34.59
C ALA L 2 -32.53 141.67 33.63
N TYR L 3 -32.17 141.42 32.38
CA TYR L 3 -32.13 142.47 31.36
C TYR L 3 -32.69 141.91 30.06
N PRO L 4 -33.13 142.79 29.16
CA PRO L 4 -33.68 142.33 27.88
C PRO L 4 -32.68 141.45 27.13
N CYS L 5 -33.09 140.24 26.81
CA CYS L 5 -32.23 139.32 26.09
C CYS L 5 -31.93 139.95 24.73
N CYS L 6 -30.88 139.48 24.07
CA CYS L 6 -30.46 140.07 22.80
C CYS L 6 -30.15 139.07 21.70
N HIS L 7 -29.54 139.61 20.65
CA HIS L 7 -29.04 138.86 19.51
C HIS L 7 -27.66 139.44 19.21
N VAL L 8 -26.71 138.59 18.85
CA VAL L 8 -25.35 139.03 18.57
C VAL L 8 -24.85 138.73 17.16
N THR L 9 -23.69 139.30 16.85
CA THR L 9 -23.03 139.16 15.55
C THR L 9 -21.58 139.56 15.84
N GLN L 10 -20.62 138.80 15.31
CA GLN L 10 -19.21 139.13 15.56
C GLN L 10 -18.87 140.58 15.25
N LEU L 11 -17.79 141.05 15.86
CA LEU L 11 -17.33 142.43 15.66
C LEU L 11 -16.03 142.42 14.85
N ARG L 12 -16.14 142.38 13.53
CA ARG L 12 -14.94 142.37 12.70
C ARG L 12 -14.25 143.72 12.58
N ALA L 13 -13.73 144.18 13.72
CA ALA L 13 -12.98 145.43 13.83
C ALA L 13 -13.66 146.75 13.47
N GLN L 14 -14.95 146.91 13.74
CA GLN L 14 -15.60 148.18 13.43
C GLN L 14 -15.50 149.17 14.59
N HIS L 15 -15.04 148.68 15.73
CA HIS L 15 -14.86 149.50 16.94
C HIS L 15 -14.25 148.61 18.02
N LEU L 16 -14.82 147.41 18.17
CA LEU L 16 -14.38 146.38 19.12
C LEU L 16 -14.66 146.56 20.61
N LEU L 17 -14.33 147.72 21.17
CA LEU L 17 -14.55 147.94 22.60
C LEU L 17 -13.81 146.85 23.37
N ALA L 18 -12.49 146.99 23.52
CA ALA L 18 -11.70 146.02 24.24
C ALA L 18 -12.01 146.14 25.72
N LEU L 19 -11.17 145.54 26.56
CA LEU L 19 -11.36 145.62 28.00
C LEU L 19 -11.06 147.05 28.42
N GLU L 20 -10.59 147.83 27.45
CA GLU L 20 -10.25 149.23 27.65
C GLU L 20 -11.50 150.05 27.95
N ASN L 21 -12.38 150.15 26.97
CA ASN L 21 -13.61 150.92 27.08
C ASN L 21 -14.61 150.34 28.08
N ILE L 22 -14.81 149.03 28.04
CA ILE L 22 -15.78 148.39 28.93
C ILE L 22 -15.44 148.51 30.41
N SER L 23 -16.48 148.50 31.25
CA SER L 23 -16.31 148.62 32.69
C SER L 23 -17.47 147.98 33.48
N ASP L 24 -18.54 147.63 32.77
CA ASP L 24 -19.70 146.99 33.36
C ASP L 24 -20.13 145.78 32.51
N ILE L 25 -20.44 144.67 33.17
CA ILE L 25 -20.85 143.46 32.46
C ILE L 25 -21.97 142.72 33.19
N TYR L 26 -23.14 142.68 32.56
CA TYR L 26 -24.29 142.02 33.13
C TYR L 26 -24.45 140.61 32.57
N LEU L 27 -24.60 139.63 33.47
CA LEU L 27 -24.74 138.23 33.05
C LEU L 27 -26.14 137.68 33.37
N VAL L 28 -26.53 136.62 32.67
CA VAL L 28 -27.84 136.01 32.87
C VAL L 28 -27.77 134.66 33.58
N SER L 29 -28.95 134.11 33.89
CA SER L 29 -29.06 132.82 34.57
C SER L 29 -29.44 131.71 33.61
N ASN L 30 -29.27 130.46 34.05
CA ASN L 30 -29.59 129.30 33.21
C ASN L 30 -31.08 129.10 33.00
N GLN L 31 -31.86 130.18 33.07
CA GLN L 31 -33.31 130.07 32.87
C GLN L 31 -33.98 131.41 32.60
N THR L 32 -33.28 132.50 32.85
CA THR L 32 -33.84 133.83 32.61
C THR L 32 -34.38 133.94 31.20
N CYS L 33 -33.49 134.10 30.23
CA CYS L 33 -33.89 134.21 28.83
C CYS L 33 -34.40 132.86 28.36
N ASP L 34 -33.53 132.08 27.72
CA ASP L 34 -33.91 130.78 27.22
C ASP L 34 -32.68 129.89 27.01
N GLY L 35 -32.01 129.56 28.11
CA GLY L 35 -30.83 128.72 28.04
C GLY L 35 -29.61 129.42 27.47
N PHE L 36 -29.83 130.52 26.78
CA PHE L 36 -28.74 131.28 26.17
C PHE L 36 -27.89 132.03 27.17
N SER L 37 -26.61 131.66 27.27
CA SER L 37 -25.70 132.34 28.18
C SER L 37 -25.31 133.65 27.50
N LEU L 38 -26.05 134.70 27.84
CA LEU L 38 -25.82 136.02 27.26
C LEU L 38 -25.23 137.01 28.25
N ALA L 39 -24.53 138.01 27.72
CA ALA L 39 -23.91 139.03 28.56
C ALA L 39 -24.06 140.40 27.91
N SER L 40 -24.03 141.44 28.74
CA SER L 40 -24.17 142.80 28.26
C SER L 40 -22.91 143.61 28.60
N LEU L 41 -22.27 144.14 27.57
CA LEU L 41 -21.05 144.93 27.76
C LEU L 41 -21.38 146.42 27.81
N ASN L 42 -21.36 146.99 28.99
CA ASN L 42 -21.66 148.41 29.18
C ASN L 42 -20.40 149.24 29.37
N SER L 43 -20.29 150.32 28.61
CA SER L 43 -19.15 151.21 28.70
C SER L 43 -19.58 152.65 28.47
N PRO L 44 -19.32 153.53 29.45
CA PRO L 44 -19.69 154.95 29.34
C PRO L 44 -18.89 155.66 28.25
N LYS L 45 -19.58 156.50 27.47
CA LYS L 45 -18.95 157.25 26.41
C LYS L 45 -18.61 158.66 26.88
N ASN L 46 -17.78 159.36 26.12
CA ASN L 46 -17.37 160.73 26.47
C ASN L 46 -16.59 160.75 27.77
N GLY L 47 -17.20 161.35 28.80
CA GLY L 47 -16.55 161.43 30.10
C GLY L 47 -17.07 160.40 31.08
N SER L 48 -18.12 160.77 31.81
CA SER L 48 -18.72 159.87 32.78
C SER L 48 -20.00 159.25 32.25
N ASN L 49 -20.85 158.80 33.16
CA ASN L 49 -22.12 158.17 32.78
C ASN L 49 -23.14 159.12 32.20
N GLN L 50 -22.84 159.64 31.01
CA GLN L 50 -23.74 160.55 30.31
C GLN L 50 -24.54 159.65 29.36
N LEU L 51 -23.86 159.18 28.33
CA LEU L 51 -24.47 158.30 27.33
C LEU L 51 -23.76 156.95 27.39
N VAL L 52 -24.44 155.94 27.91
CA VAL L 52 -23.84 154.62 28.04
C VAL L 52 -24.14 153.70 26.86
N ILE L 53 -23.06 153.19 26.26
CA ILE L 53 -23.17 152.27 25.13
C ILE L 53 -23.25 150.85 25.68
N SER L 54 -24.25 150.10 25.24
CA SER L 54 -24.44 148.74 25.72
C SER L 54 -24.66 147.75 24.58
N ARG L 55 -23.66 146.91 24.33
CA ARG L 55 -23.78 145.92 23.28
C ARG L 55 -23.65 144.50 23.81
N CYS L 56 -24.25 143.56 23.07
CA CYS L 56 -24.26 142.16 23.47
C CYS L 56 -23.00 141.37 23.15
N ALA L 57 -22.72 140.38 24.00
CA ALA L 57 -21.56 139.51 23.87
C ALA L 57 -22.00 138.09 24.21
N ASN L 58 -21.14 137.11 23.97
CA ASN L 58 -21.47 135.73 24.26
C ASN L 58 -21.13 135.40 25.72
N GLY L 59 -22.17 135.12 26.51
CA GLY L 59 -21.98 134.81 27.92
C GLY L 59 -20.90 133.77 28.19
N LEU L 60 -21.15 132.54 27.75
CA LEU L 60 -20.20 131.45 27.95
C LEU L 60 -18.76 131.89 27.69
N ASN L 61 -18.52 132.50 26.53
CA ASN L 61 -17.19 132.96 26.18
C ASN L 61 -16.68 133.98 27.19
N VAL L 62 -17.52 134.96 27.52
CA VAL L 62 -17.15 135.99 28.48
C VAL L 62 -16.82 135.36 29.83
N VAL L 63 -17.78 134.60 30.37
CA VAL L 63 -17.59 133.94 31.65
C VAL L 63 -16.32 133.08 31.66
N SER L 64 -16.06 132.37 30.57
CA SER L 64 -14.88 131.53 30.48
C SER L 64 -13.63 132.41 30.65
N PHE L 65 -13.63 133.54 29.96
CA PHE L 65 -12.53 134.50 30.02
C PHE L 65 -12.22 134.84 31.47
N PHE L 66 -13.21 135.40 32.16
CA PHE L 66 -13.07 135.77 33.56
C PHE L 66 -12.62 134.60 34.42
N ILE L 67 -13.26 133.45 34.22
CA ILE L 67 -12.90 132.25 34.99
C ILE L 67 -11.42 131.97 34.81
N SER L 68 -10.91 132.20 33.61
CA SER L 68 -9.51 131.97 33.29
C SER L 68 -8.59 132.95 34.02
N ILE L 69 -8.89 134.23 33.93
CA ILE L 69 -8.09 135.27 34.58
C ILE L 69 -7.98 135.04 36.09
N LEU L 70 -9.10 134.71 36.71
CA LEU L 70 -9.12 134.47 38.14
C LEU L 70 -8.18 133.33 38.51
N LYS L 71 -8.30 132.22 37.79
CA LYS L 71 -7.46 131.05 38.03
C LYS L 71 -6.00 131.34 37.75
N ARG L 72 -5.74 132.09 36.68
CA ARG L 72 -4.38 132.44 36.28
C ARG L 72 -3.64 133.36 37.25
N SER L 73 -4.34 133.86 38.26
CA SER L 73 -3.72 134.75 39.23
C SER L 73 -4.21 134.53 40.65
N SER L 74 -4.49 133.27 40.99
CA SER L 74 -4.96 132.92 42.33
C SER L 74 -4.00 133.35 43.42
N SER L 75 -2.71 133.37 43.10
CA SER L 75 -1.69 133.77 44.06
C SER L 75 -1.80 135.22 44.49
N ALA L 76 -2.70 135.97 43.86
CA ALA L 76 -2.86 137.38 44.20
C ALA L 76 -4.30 137.82 44.41
N LEU L 77 -5.10 137.00 45.08
CA LEU L 77 -6.49 137.36 45.32
C LEU L 77 -7.22 136.57 46.41
N THR L 78 -7.95 137.31 47.24
CA THR L 78 -8.73 136.74 48.32
C THR L 78 -10.04 137.52 48.38
N GLY L 79 -10.91 137.19 49.33
CA GLY L 79 -12.18 137.88 49.43
C GLY L 79 -13.10 137.51 48.28
N HIS L 80 -13.79 138.50 47.73
CA HIS L 80 -14.71 138.25 46.62
C HIS L 80 -14.00 137.60 45.43
N LEU L 81 -12.81 138.08 45.10
CA LEU L 81 -12.04 137.55 43.99
C LEU L 81 -11.57 136.11 44.17
N ARG L 82 -12.24 135.37 45.06
CA ARG L 82 -11.89 133.98 45.28
C ARG L 82 -13.18 133.16 45.32
N GLU L 83 -14.23 133.80 45.81
CA GLU L 83 -15.55 133.18 45.90
C GLU L 83 -16.21 133.36 44.54
N LEU L 84 -15.88 134.47 43.90
CA LEU L 84 -16.41 134.81 42.59
C LEU L 84 -16.09 133.71 41.60
N LEU L 85 -14.89 133.16 41.69
CA LEU L 85 -14.46 132.08 40.80
C LEU L 85 -15.35 130.85 40.98
N THR L 86 -15.40 130.34 42.20
CA THR L 86 -16.19 129.15 42.50
C THR L 86 -17.66 129.33 42.11
N THR L 87 -18.18 130.54 42.29
CA THR L 87 -19.57 130.83 41.95
C THR L 87 -19.74 131.06 40.46
N LEU L 88 -18.70 131.60 39.82
CA LEU L 88 -18.73 131.87 38.40
C LEU L 88 -18.62 130.57 37.61
N GLU L 89 -17.85 129.63 38.17
CA GLU L 89 -17.67 128.33 37.53
C GLU L 89 -18.98 127.54 37.56
N THR L 90 -19.65 127.58 38.71
CA THR L 90 -20.93 126.88 38.86
C THR L 90 -21.92 127.44 37.85
N LEU L 91 -21.82 128.74 37.61
CA LEU L 91 -22.69 129.42 36.66
C LEU L 91 -22.40 128.91 35.25
N TYR L 92 -21.11 128.86 34.93
CA TYR L 92 -20.66 128.40 33.63
C TYR L 92 -21.20 126.99 33.34
N GLY L 93 -21.25 126.17 34.38
CA GLY L 93 -21.74 124.81 34.21
C GLY L 93 -23.24 124.65 34.36
N SER L 94 -23.95 125.78 34.46
CA SER L 94 -25.41 125.74 34.60
C SER L 94 -26.06 125.75 33.22
N PHE L 95 -25.31 126.22 32.23
CA PHE L 95 -25.79 126.28 30.86
C PHE L 95 -25.50 124.99 30.11
N SER L 96 -26.39 124.64 29.17
CA SER L 96 -26.23 123.44 28.37
C SER L 96 -26.11 123.83 26.90
N VAL L 97 -24.94 123.57 26.33
CA VAL L 97 -24.65 123.91 24.93
C VAL L 97 -25.46 123.08 23.94
N GLU L 98 -25.30 121.76 24.04
CA GLU L 98 -25.95 120.79 23.16
C GLU L 98 -27.46 120.93 22.97
N ASP L 99 -28.07 121.86 23.70
CA ASP L 99 -29.51 122.08 23.58
C ASP L 99 -29.77 123.10 22.50
N LEU L 100 -28.79 123.97 22.26
CA LEU L 100 -28.90 125.01 21.26
C LEU L 100 -28.95 124.43 19.85
N PHE L 101 -28.70 123.13 19.72
CA PHE L 101 -28.74 122.48 18.42
C PHE L 101 -30.10 122.62 17.76
N GLY L 102 -31.17 122.38 18.53
CA GLY L 102 -32.51 122.49 18.00
C GLY L 102 -33.23 123.77 18.39
N ALA L 103 -32.47 124.72 18.92
CA ALA L 103 -33.04 125.99 19.36
C ALA L 103 -33.03 127.05 18.26
N ASN L 104 -33.81 128.10 18.46
CA ASN L 104 -33.88 129.19 17.49
C ASN L 104 -32.99 130.35 17.95
N LEU L 105 -31.73 130.30 17.55
CA LEU L 105 -30.75 131.33 17.90
C LEU L 105 -31.23 132.74 17.58
N ASN L 106 -31.92 132.90 16.45
CA ASN L 106 -32.40 134.21 16.04
C ASN L 106 -33.79 134.56 16.56
N ARG L 107 -34.02 134.39 17.86
CA ARG L 107 -35.32 134.70 18.43
C ARG L 107 -35.38 136.14 18.93
N TYR L 108 -34.22 136.69 19.26
CA TYR L 108 -34.12 138.05 19.75
C TYR L 108 -33.50 138.92 18.66
N LEU M 1 47.66 -74.03 -11.04
CA LEU M 1 48.25 -75.40 -10.99
C LEU M 1 49.77 -75.33 -10.85
N SER M 2 50.31 -76.29 -10.10
CA SER M 2 51.75 -76.39 -9.87
C SER M 2 52.34 -75.45 -8.83
N GLU M 3 52.44 -74.17 -9.15
CA GLU M 3 53.03 -73.22 -8.23
C GLU M 3 52.09 -72.14 -7.69
N VAL M 4 52.30 -71.78 -6.42
CA VAL M 4 51.51 -70.77 -5.74
C VAL M 4 52.34 -70.18 -4.61
N LYS M 5 52.64 -68.88 -4.70
CA LYS M 5 53.43 -68.22 -3.67
C LYS M 5 52.57 -67.30 -2.83
N LEU M 6 53.01 -67.05 -1.59
CA LEU M 6 52.27 -66.18 -0.69
C LEU M 6 53.21 -65.17 -0.02
N HIS M 7 52.71 -63.98 0.24
CA HIS M 7 53.52 -62.93 0.85
C HIS M 7 53.06 -62.63 2.29
N LEU M 8 53.97 -62.77 3.23
CA LEU M 8 53.67 -62.51 4.63
C LEU M 8 54.05 -61.07 4.99
N ASP M 9 53.20 -60.44 5.78
CA ASP M 9 53.47 -59.06 6.18
C ASP M 9 53.78 -58.93 7.67
N ILE M 10 54.90 -59.49 8.10
CA ILE M 10 55.30 -59.37 9.49
C ILE M 10 55.25 -57.86 9.67
N GLU M 11 54.97 -57.37 10.88
CA GLU M 11 54.88 -55.93 11.01
C GLU M 11 56.10 -55.24 10.45
N GLY M 12 55.92 -54.55 9.33
CA GLY M 12 57.05 -53.86 8.74
C GLY M 12 57.55 -54.42 7.42
N HIS M 13 58.59 -55.25 7.46
CA HIS M 13 59.17 -55.81 6.25
C HIS M 13 58.30 -56.86 5.57
N ALA M 14 58.33 -56.86 4.24
CA ALA M 14 57.56 -57.81 3.44
C ALA M 14 58.39 -59.05 3.11
N SER M 15 57.93 -60.20 3.58
CA SER M 15 58.62 -61.45 3.33
C SER M 15 58.04 -62.12 2.09
N HIS M 16 58.87 -62.86 1.37
CA HIS M 16 58.43 -63.53 0.16
C HIS M 16 58.79 -65.01 0.12
N TYR M 17 57.77 -65.85 0.27
CA TYR M 17 57.94 -67.29 0.26
C TYR M 17 57.12 -67.89 -0.88
N THR M 18 57.71 -68.80 -1.62
CA THR M 18 57.04 -69.45 -2.74
C THR M 18 56.89 -70.94 -2.44
N ILE M 19 55.65 -71.41 -2.35
CA ILE M 19 55.40 -72.82 -2.06
C ILE M 19 54.96 -73.62 -3.29
N PRO M 20 55.90 -74.32 -3.93
CA PRO M 20 55.59 -75.13 -5.11
C PRO M 20 55.05 -76.50 -4.72
N TRP M 21 53.75 -76.60 -4.49
CA TRP M 21 53.17 -77.89 -4.12
C TRP M 21 53.27 -78.89 -5.27
N THR M 22 53.70 -78.40 -6.43
CA THR M 22 53.86 -79.24 -7.61
C THR M 22 54.97 -80.25 -7.40
N GLU M 23 56.09 -79.77 -6.86
CA GLU M 23 57.24 -80.63 -6.59
C GLU M 23 56.97 -81.48 -5.36
N LEU M 24 56.24 -80.92 -4.40
CA LEU M 24 55.90 -81.61 -3.17
C LEU M 24 55.07 -82.87 -3.42
N MET M 25 54.07 -82.75 -4.30
CA MET M 25 53.20 -83.88 -4.60
C MET M 25 53.96 -85.10 -5.12
N ALA M 26 55.14 -84.87 -5.69
CA ALA M 26 55.95 -85.96 -6.22
C ALA M 26 56.66 -86.71 -5.09
N LYS M 27 57.28 -85.96 -4.19
CA LYS M 27 58.00 -86.55 -3.06
C LYS M 27 57.09 -87.01 -1.93
N VAL M 28 55.81 -86.65 -2.00
CA VAL M 28 54.87 -87.04 -0.97
C VAL M 28 53.67 -87.78 -1.56
N PRO M 29 53.18 -88.81 -0.84
CA PRO M 29 52.04 -89.62 -1.27
C PRO M 29 50.66 -89.08 -0.88
N GLY M 30 50.37 -89.07 0.41
CA GLY M 30 49.08 -88.61 0.87
C GLY M 30 48.77 -87.13 0.79
N LEU M 31 49.74 -86.33 0.36
CA LEU M 31 49.53 -84.89 0.25
C LEU M 31 48.68 -84.51 -0.96
N SER M 32 47.40 -84.26 -0.73
CA SER M 32 46.49 -83.87 -1.80
C SER M 32 46.00 -82.46 -1.47
N PRO M 33 46.82 -81.44 -1.81
CA PRO M 33 46.50 -80.04 -1.55
C PRO M 33 45.10 -79.60 -1.97
N GLU M 34 44.63 -80.09 -3.12
CA GLU M 34 43.31 -79.75 -3.62
C GLU M 34 42.20 -79.97 -2.60
N ALA M 35 42.24 -81.11 -1.92
CA ALA M 35 41.23 -81.45 -0.92
C ALA M 35 41.34 -80.57 0.31
N LEU M 36 42.52 -80.53 0.91
CA LEU M 36 42.75 -79.73 2.11
C LEU M 36 42.36 -78.25 1.93
N TRP M 37 42.64 -77.71 0.75
CA TRP M 37 42.32 -76.32 0.47
C TRP M 37 40.81 -76.10 0.50
N ARG M 38 40.05 -77.11 0.12
CA ARG M 38 38.60 -77.03 0.12
C ARG M 38 38.04 -77.34 1.49
N GLU M 39 38.68 -78.28 2.19
CA GLU M 39 38.22 -78.64 3.52
C GLU M 39 38.11 -77.37 4.36
N ALA M 40 39.12 -76.52 4.26
CA ALA M 40 39.14 -75.26 4.99
C ALA M 40 38.39 -74.21 4.18
N ASN M 41 37.18 -73.89 4.61
CA ASN M 41 36.37 -72.88 3.92
C ASN M 41 37.19 -71.60 3.80
N VAL M 42 37.92 -71.49 2.69
CA VAL M 42 38.76 -70.34 2.43
C VAL M 42 37.96 -69.04 2.47
N THR M 43 36.87 -69.01 1.72
CA THR M 43 36.01 -67.83 1.63
C THR M 43 35.01 -67.74 2.79
N GLU M 44 35.18 -68.59 3.79
CA GLU M 44 34.27 -68.58 4.93
C GLU M 44 34.24 -67.20 5.55
N ASP M 45 33.25 -66.40 5.14
CA ASP M 45 33.12 -65.04 5.66
C ASP M 45 33.48 -65.01 7.13
N LEU M 46 34.16 -63.94 7.53
CA LEU M 46 34.62 -63.73 8.89
C LEU M 46 33.59 -64.03 9.99
N ALA M 47 32.42 -63.43 9.87
CA ALA M 47 31.36 -63.60 10.86
C ALA M 47 30.98 -65.02 11.27
N SER M 48 30.69 -65.86 10.28
CA SER M 48 30.29 -67.25 10.54
C SER M 48 31.37 -68.14 11.15
N MET M 49 32.63 -67.77 10.92
CA MET M 49 33.75 -68.54 11.44
C MET M 49 33.68 -68.74 12.95
N LEU M 50 33.27 -67.70 13.67
CA LEU M 50 33.19 -67.74 15.12
C LEU M 50 32.27 -68.81 15.71
N ASN M 51 31.11 -69.03 15.09
CA ASN M 51 30.16 -70.01 15.59
C ASN M 51 30.74 -71.43 15.55
N ARG M 52 31.44 -71.75 14.46
CA ARG M 52 32.03 -73.07 14.28
C ARG M 52 33.17 -73.30 15.28
N TYR M 53 33.47 -72.28 16.08
CA TYR M 53 34.53 -72.36 17.07
C TYR M 53 33.97 -72.23 18.48
N LYS M 54 32.98 -71.37 18.65
CA LYS M 54 32.33 -71.15 19.93
C LYS M 54 31.25 -72.21 20.12
N LEU M 55 31.25 -73.19 19.22
CA LEU M 55 30.27 -74.27 19.25
C LEU M 55 30.89 -75.46 19.98
N ILE M 56 32.19 -75.64 19.78
CA ILE M 56 32.96 -76.74 20.37
C ILE M 56 33.27 -76.53 21.85
N TYR M 57 33.51 -77.63 22.56
CA TYR M 57 33.82 -77.58 23.98
C TYR M 57 35.20 -76.97 24.20
N LYS M 58 35.28 -76.08 25.18
CA LYS M 58 36.53 -75.41 25.52
C LYS M 58 37.04 -75.93 26.86
N THR M 59 38.18 -76.59 26.85
CA THR M 59 38.74 -77.12 28.09
C THR M 59 38.93 -76.00 29.10
N SER M 60 38.36 -76.18 30.29
CA SER M 60 38.45 -75.19 31.35
C SER M 60 39.90 -74.80 31.60
N GLY M 61 40.55 -75.49 32.51
CA GLY M 61 41.95 -75.19 32.82
C GLY M 61 42.88 -76.32 32.40
N THR M 62 43.45 -76.20 31.20
CA THR M 62 44.37 -77.23 30.71
C THR M 62 45.45 -77.45 31.75
N LEU M 63 45.32 -78.53 32.50
CA LEU M 63 46.27 -78.86 33.56
C LEU M 63 47.36 -79.83 33.09
N GLY M 64 48.57 -79.59 33.58
CA GLY M 64 49.69 -80.44 33.22
C GLY M 64 50.20 -81.19 34.43
N ILE M 65 50.74 -82.38 34.21
CA ILE M 65 51.27 -83.20 35.29
C ILE M 65 52.68 -83.68 34.95
N ALA M 66 53.52 -83.81 35.96
CA ALA M 66 54.90 -84.25 35.76
C ALA M 66 54.94 -85.76 35.49
N LEU M 67 54.83 -86.13 34.21
CA LEU M 67 54.85 -87.53 33.82
C LEU M 67 56.02 -87.83 32.89
N ALA M 68 56.82 -88.83 33.24
CA ALA M 68 57.97 -89.23 32.43
C ALA M 68 57.76 -90.62 31.85
N GLU M 69 58.09 -90.77 30.57
CA GLU M 69 57.94 -92.04 29.88
C GLU M 69 58.78 -93.17 30.47
N PRO M 70 58.14 -94.33 30.74
CA PRO M 70 58.84 -95.49 31.31
C PRO M 70 59.62 -96.20 30.20
N VAL M 71 60.58 -97.03 30.58
CA VAL M 71 61.36 -97.76 29.59
C VAL M 71 60.64 -99.06 29.24
N ASP M 72 60.33 -99.24 27.96
CA ASP M 72 59.63 -100.43 27.51
C ASP M 72 60.52 -101.44 26.78
N ILE M 73 60.47 -101.41 25.45
CA ILE M 73 61.24 -102.33 24.63
C ILE M 73 62.72 -102.40 25.02
N PRO M 74 63.24 -103.62 25.20
CA PRO M 74 64.64 -103.82 25.58
C PRO M 74 65.54 -103.72 24.36
N ALA M 75 66.79 -103.30 24.56
CA ALA M 75 67.73 -103.16 23.47
C ALA M 75 68.06 -104.54 22.90
N VAL M 76 67.83 -104.71 21.60
CA VAL M 76 68.10 -105.98 20.92
C VAL M 76 69.22 -106.74 21.63
N SER M 77 68.92 -107.98 22.01
CA SER M 77 69.88 -108.82 22.72
C SER M 77 71.12 -109.16 21.89
N GLU M 78 71.87 -110.14 22.40
CA GLU M 78 73.11 -110.58 21.76
C GLU M 78 72.90 -111.27 20.41
N GLY M 79 73.13 -112.59 20.37
CA GLY M 79 72.98 -113.34 19.13
C GLY M 79 71.63 -113.26 18.45
N SER M 80 70.67 -112.61 19.11
CA SER M 80 69.31 -112.47 18.58
C SER M 80 69.29 -112.22 17.08
N MET M 81 68.92 -113.24 16.32
CA MET M 81 68.85 -113.11 14.86
C MET M 81 67.59 -112.36 14.47
N GLN M 82 67.76 -111.10 14.07
CA GLN M 82 66.63 -110.27 13.66
C GLN M 82 65.87 -110.97 12.55
N VAL M 83 64.56 -111.02 12.67
CA VAL M 83 63.74 -111.68 11.66
C VAL M 83 62.73 -110.72 11.03
N ASP M 84 62.64 -110.77 9.70
CA ASP M 84 61.70 -109.94 8.96
C ASP M 84 60.30 -110.51 9.17
N ALA M 85 59.43 -109.71 9.79
CA ALA M 85 58.06 -110.13 10.07
C ALA M 85 57.34 -110.62 8.82
N SER M 86 57.56 -109.94 7.71
CA SER M 86 56.93 -110.30 6.44
C SER M 86 56.97 -111.79 6.18
N LYS M 87 58.03 -112.24 5.51
CA LYS M 87 58.17 -113.64 5.17
C LYS M 87 59.03 -114.42 6.17
N VAL M 88 58.43 -115.46 6.75
CA VAL M 88 59.12 -116.31 7.71
C VAL M 88 59.31 -117.68 7.07
N HIS M 89 60.57 -117.99 6.73
CA HIS M 89 60.90 -119.27 6.11
C HIS M 89 60.29 -120.43 6.88
N PRO M 90 59.64 -121.37 6.16
CA PRO M 90 59.01 -122.54 6.77
C PRO M 90 59.97 -123.37 7.63
N GLY M 91 61.25 -122.99 7.60
CA GLY M 91 62.25 -123.70 8.38
C GLY M 91 62.43 -123.08 9.74
N VAL M 92 62.89 -123.88 10.70
CA VAL M 92 63.12 -123.40 12.06
C VAL M 92 64.15 -122.27 12.03
N ILE M 93 64.24 -121.52 13.13
CA ILE M 93 65.20 -120.44 13.21
C ILE M 93 66.26 -120.72 14.27
N SER M 94 65.91 -121.60 15.21
CA SER M 94 66.83 -121.97 16.30
C SER M 94 66.11 -122.77 17.38
N GLY M 95 66.61 -122.69 18.60
CA GLY M 95 66.00 -123.39 19.72
C GLY M 95 65.07 -122.44 20.43
N LEU M 96 64.92 -122.60 21.75
CA LEU M 96 64.04 -121.71 22.50
C LEU M 96 64.85 -120.71 23.31
N ASN M 97 65.84 -121.21 24.04
CA ASN M 97 66.70 -120.37 24.87
C ASN M 97 67.48 -119.39 24.00
N SER M 98 67.35 -119.54 22.69
CA SER M 98 68.04 -118.69 21.73
C SER M 98 67.42 -117.30 21.59
N PRO M 99 68.22 -116.24 21.78
CA PRO M 99 67.76 -114.86 21.68
C PRO M 99 67.22 -114.54 20.28
N ALA M 100 66.21 -113.68 20.22
CA ALA M 100 65.61 -113.31 18.93
C ALA M 100 64.85 -111.99 19.02
N CYS M 101 64.64 -111.34 17.88
CA CYS M 101 63.92 -110.08 17.81
C CYS M 101 63.35 -109.90 16.41
N MET M 102 62.31 -109.07 16.29
CA MET M 102 61.68 -108.83 15.00
C MET M 102 61.89 -107.40 14.50
N LEU M 103 62.00 -107.27 13.18
CA LEU M 103 62.19 -105.96 12.55
C LEU M 103 60.92 -105.13 12.65
N SER M 104 61.08 -103.88 13.06
CA SER M 104 59.95 -102.96 13.20
C SER M 104 59.31 -102.60 11.87
N ALA M 105 60.14 -102.25 10.90
CA ALA M 105 59.67 -101.87 9.57
C ALA M 105 58.57 -102.78 9.05
N PRO M 106 58.79 -104.11 9.08
CA PRO M 106 57.77 -105.04 8.58
C PRO M 106 56.65 -105.30 9.59
N LEU M 107 57.02 -105.51 10.85
CA LEU M 107 56.06 -105.78 11.91
C LEU M 107 54.96 -104.72 11.96
N GLU M 108 55.36 -103.46 11.92
CA GLU M 108 54.41 -102.35 11.97
C GLU M 108 53.50 -102.34 10.74
N LYS M 109 54.11 -102.42 9.57
CA LYS M 109 53.34 -102.43 8.33
C LYS M 109 52.35 -103.58 8.31
N GLN M 110 52.62 -104.61 9.11
CA GLN M 110 51.73 -105.76 9.17
C GLN M 110 50.60 -105.48 10.15
N LEU M 111 50.95 -104.87 11.29
CA LEU M 111 49.95 -104.53 12.29
C LEU M 111 48.96 -103.55 11.68
N PHE M 112 49.48 -102.39 11.26
CA PHE M 112 48.66 -101.36 10.65
C PHE M 112 48.51 -101.64 9.16
N TYR M 113 48.00 -102.82 8.84
CA TYR M 113 47.79 -103.23 7.46
C TYR M 113 46.59 -102.50 6.86
N TYR M 114 45.58 -102.30 7.70
CA TYR M 114 44.35 -101.64 7.29
C TYR M 114 44.54 -100.11 7.15
N ILE M 115 43.78 -99.51 6.22
CA ILE M 115 43.85 -98.07 5.97
C ILE M 115 42.49 -97.48 6.36
N GLY M 116 42.45 -96.22 6.76
CA GLY M 116 41.15 -95.66 7.14
C GLY M 116 40.99 -94.15 7.25
N THR M 117 40.26 -93.73 8.28
CA THR M 117 40.00 -92.32 8.51
C THR M 117 39.99 -92.00 10.01
N MET M 118 41.11 -91.51 10.51
CA MET M 118 41.20 -91.16 11.92
C MET M 118 40.14 -90.10 12.22
N LEU M 119 39.89 -89.25 11.22
CA LEU M 119 38.92 -88.17 11.36
C LEU M 119 37.75 -88.38 10.39
N PRO M 120 36.60 -88.82 10.90
CA PRO M 120 35.40 -89.07 10.09
C PRO M 120 34.82 -87.80 9.49
N ASN M 121 33.65 -87.92 8.87
CA ASN M 121 32.99 -86.77 8.25
C ASN M 121 31.79 -86.32 9.08
N THR M 122 31.81 -86.65 10.37
CA THR M 122 30.72 -86.26 11.26
C THR M 122 30.80 -84.76 11.50
N ARG M 123 29.65 -84.14 11.73
CA ARG M 123 29.60 -82.70 11.95
C ARG M 123 30.66 -82.16 12.91
N PRO M 124 30.74 -82.71 14.13
CA PRO M 124 31.72 -82.25 15.12
C PRO M 124 33.17 -82.18 14.65
N HIS M 125 33.71 -83.33 14.24
CA HIS M 125 35.10 -83.40 13.78
C HIS M 125 35.37 -82.55 12.53
N SER M 126 34.50 -82.64 11.55
CA SER M 126 34.67 -81.88 10.31
C SER M 126 34.87 -80.39 10.57
N TYR M 127 34.49 -79.95 11.77
CA TYR M 127 34.64 -78.54 12.14
C TYR M 127 36.02 -78.21 12.71
N VAL M 128 36.66 -79.20 13.32
CA VAL M 128 37.97 -78.98 13.94
C VAL M 128 39.18 -79.50 13.16
N PHE M 129 39.20 -80.80 12.90
CA PHE M 129 40.33 -81.42 12.20
C PHE M 129 40.24 -81.41 10.67
N TYR M 130 41.38 -81.67 10.04
CA TYR M 130 41.49 -81.74 8.58
C TYR M 130 41.39 -83.21 8.19
N GLN M 131 40.40 -83.55 7.37
CA GLN M 131 40.22 -84.93 6.92
C GLN M 131 41.58 -85.60 6.79
N LEU M 132 41.78 -86.69 7.53
CA LEU M 132 43.05 -87.42 7.51
C LEU M 132 42.88 -88.87 7.09
N ARG M 133 43.88 -89.41 6.39
CA ARG M 133 43.84 -90.79 5.94
C ARG M 133 45.21 -91.48 5.99
N CYS M 134 45.34 -92.45 6.89
CA CYS M 134 46.58 -93.19 7.04
C CYS M 134 46.26 -94.59 7.58
N HIS M 135 47.26 -95.47 7.55
CA HIS M 135 47.10 -96.82 8.06
C HIS M 135 46.73 -96.75 9.54
N LEU M 136 45.75 -97.56 9.94
CA LEU M 136 45.30 -97.56 11.33
C LEU M 136 44.73 -98.91 11.79
N SER M 137 43.99 -98.86 12.89
CA SER M 137 43.36 -100.03 13.48
C SER M 137 42.39 -99.51 14.53
N TYR M 138 41.23 -100.15 14.66
CA TYR M 138 40.24 -99.70 15.63
C TYR M 138 39.66 -100.80 16.52
N VAL M 139 38.85 -100.38 17.49
CA VAL M 139 38.20 -101.28 18.43
C VAL M 139 36.72 -100.92 18.43
N ALA M 140 35.92 -101.71 17.72
CA ALA M 140 34.48 -101.45 17.62
C ALA M 140 33.71 -101.88 18.87
N LEU M 141 32.66 -101.13 19.19
CA LEU M 141 31.84 -101.41 20.36
C LEU M 141 30.39 -101.04 20.11
N SER M 142 29.46 -101.84 20.62
CA SER M 142 28.04 -101.58 20.44
C SER M 142 27.23 -102.12 21.62
N ILE M 143 26.63 -101.20 22.38
CA ILE M 143 25.83 -101.56 23.54
C ILE M 143 24.41 -101.03 23.37
N ASN M 144 23.50 -101.48 24.23
CA ASN M 144 22.10 -101.06 24.16
C ASN M 144 21.53 -101.15 22.76
N GLY M 145 22.06 -102.07 21.97
CA GLY M 145 21.58 -102.27 20.61
C GLY M 145 21.78 -101.06 19.70
N ASP M 146 23.03 -100.79 19.35
CA ASP M 146 23.37 -99.67 18.48
C ASP M 146 22.87 -98.31 18.97
N LYS M 147 22.40 -98.26 20.21
CA LYS M 147 21.92 -97.00 20.78
C LYS M 147 23.11 -96.27 21.39
N PHE M 148 24.22 -96.99 21.51
CA PHE M 148 25.45 -96.45 22.07
C PHE M 148 26.61 -97.23 21.48
N GLN M 149 27.66 -96.51 21.07
CA GLN M 149 28.83 -97.16 20.47
C GLN M 149 30.12 -96.40 20.68
N TYR M 150 31.22 -97.13 20.75
CA TYR M 150 32.54 -96.56 20.95
C TYR M 150 33.49 -97.06 19.86
N THR M 151 34.45 -96.22 19.48
CA THR M 151 35.41 -96.59 18.45
C THR M 151 36.83 -96.24 18.85
N GLY M 152 37.68 -97.26 18.99
CA GLY M 152 39.05 -97.03 19.37
C GLY M 152 39.95 -96.85 18.15
N ALA M 153 39.78 -95.73 17.46
CA ALA M 153 40.57 -95.43 16.28
C ALA M 153 41.99 -95.04 16.70
N MET M 154 42.98 -95.72 16.14
CA MET M 154 44.37 -95.43 16.48
C MET M 154 45.34 -95.67 15.34
N THR M 155 46.40 -94.86 15.30
CA THR M 155 47.43 -94.98 14.28
C THR M 155 48.75 -95.21 15.02
N SER M 156 49.84 -95.33 14.27
CA SER M 156 51.14 -95.56 14.88
C SER M 156 51.63 -94.37 15.70
N LYS M 157 50.91 -93.25 15.64
CA LYS M 157 51.32 -92.06 16.38
C LYS M 157 50.32 -91.55 17.42
N PHE M 158 49.02 -91.73 17.18
CA PHE M 158 48.04 -91.24 18.13
C PHE M 158 46.72 -92.01 18.13
N LEU M 159 46.04 -91.98 19.27
CA LEU M 159 44.76 -92.65 19.44
C LEU M 159 43.65 -91.60 19.53
N MET M 160 42.47 -91.95 19.03
CA MET M 160 41.35 -91.02 19.07
C MET M 160 40.02 -91.76 19.14
N GLY M 161 39.59 -92.07 20.36
CA GLY M 161 38.33 -92.76 20.56
C GLY M 161 37.17 -91.80 20.57
N THR M 162 36.03 -92.25 20.05
CA THR M 162 34.84 -91.40 20.01
C THR M 162 33.62 -92.10 20.61
N TYR M 163 32.87 -91.35 21.41
CA TYR M 163 31.67 -91.88 22.04
C TYR M 163 30.46 -91.44 21.23
N LYS M 164 29.44 -92.29 21.17
CA LYS M 164 28.26 -91.98 20.39
C LYS M 164 27.00 -92.57 21.02
N ARG M 165 26.10 -91.69 21.47
CA ARG M 165 24.85 -92.11 22.09
C ARG M 165 23.68 -91.62 21.26
N VAL M 166 22.49 -92.18 21.51
CA VAL M 166 21.30 -91.80 20.79
C VAL M 166 20.06 -91.77 21.68
N THR M 167 19.43 -90.61 21.80
CA THR M 167 18.23 -90.47 22.61
C THR M 167 17.12 -91.22 21.88
N GLU M 168 15.94 -91.26 22.47
CA GLU M 168 14.81 -91.96 21.85
C GLU M 168 14.62 -91.49 20.42
N LYS M 169 14.91 -90.21 20.18
CA LYS M 169 14.77 -89.62 18.86
C LYS M 169 16.07 -89.80 18.07
N GLY M 170 16.07 -89.31 16.83
CA GLY M 170 17.25 -89.43 15.99
C GLY M 170 18.42 -88.60 16.50
N ASP M 171 18.33 -88.18 17.76
CA ASP M 171 19.39 -87.38 18.36
C ASP M 171 20.70 -88.15 18.44
N GLU M 172 21.76 -87.57 17.89
CA GLU M 172 23.06 -88.20 17.89
C GLU M 172 24.09 -87.35 18.62
N HIS M 173 24.50 -87.82 19.80
CA HIS M 173 25.48 -87.12 20.61
C HIS M 173 26.85 -87.79 20.53
N VAL M 174 27.87 -86.99 20.26
CA VAL M 174 29.24 -87.52 20.14
C VAL M 174 30.28 -86.67 20.87
N LEU M 175 31.24 -87.37 21.46
CA LEU M 175 32.34 -86.76 22.20
C LEU M 175 33.53 -87.69 22.08
N SER M 176 34.70 -87.15 21.75
CA SER M 176 35.89 -87.98 21.59
C SER M 176 37.10 -87.51 22.38
N LEU M 177 38.01 -88.46 22.63
CA LEU M 177 39.25 -88.19 23.36
C LEU M 177 40.44 -88.49 22.46
N VAL M 178 41.45 -87.62 22.48
CA VAL M 178 42.63 -87.82 21.66
C VAL M 178 43.88 -87.93 22.52
N PHE M 179 44.57 -89.06 22.42
CA PHE M 179 45.80 -89.28 23.20
C PHE M 179 46.99 -89.51 22.28
N GLY M 180 48.16 -89.08 22.73
CA GLY M 180 49.37 -89.25 21.94
C GLY M 180 50.37 -88.14 22.19
N LYS M 181 51.57 -88.29 21.64
CA LYS M 181 52.62 -87.29 21.81
C LYS M 181 52.16 -85.97 21.23
N THR M 182 52.20 -84.92 22.06
CA THR M 182 51.77 -83.59 21.66
C THR M 182 52.24 -83.20 20.25
N LYS M 183 53.44 -83.65 19.88
CA LYS M 183 53.99 -83.33 18.57
C LYS M 183 53.29 -84.06 17.42
N ASP M 184 52.58 -85.12 17.74
CA ASP M 184 51.90 -85.92 16.72
C ASP M 184 50.40 -85.65 16.54
N LEU M 185 49.83 -84.78 17.37
CA LEU M 185 48.41 -84.48 17.26
C LEU M 185 48.06 -83.97 15.86
N PRO M 186 46.89 -84.37 15.34
CA PRO M 186 46.42 -83.97 14.01
C PRO M 186 46.52 -82.46 13.76
N ASP M 187 46.24 -82.05 12.53
CA ASP M 187 46.28 -80.65 12.17
C ASP M 187 44.93 -79.99 12.40
N LEU M 188 44.94 -78.87 13.13
CA LEU M 188 43.71 -78.14 13.42
C LEU M 188 43.34 -77.28 12.21
N ARG M 189 42.05 -77.19 11.92
CA ARG M 189 41.56 -76.42 10.78
C ARG M 189 41.35 -74.93 11.07
N GLY M 190 40.10 -74.54 11.30
CA GLY M 190 39.79 -73.15 11.57
C GLY M 190 40.54 -72.59 12.76
N PRO M 191 40.04 -71.48 13.33
CA PRO M 191 40.64 -70.80 14.48
C PRO M 191 40.61 -71.69 15.72
N PHE M 192 41.42 -72.75 15.69
CA PHE M 192 41.50 -73.70 16.79
C PHE M 192 42.92 -73.82 17.30
N SER M 193 43.05 -73.90 18.63
CA SER M 193 44.35 -74.04 19.26
C SER M 193 44.25 -75.17 20.27
N TYR M 194 45.09 -76.19 20.09
CA TYR M 194 45.11 -77.35 20.97
C TYR M 194 45.04 -77.05 22.47
N PRO M 195 45.74 -75.99 22.93
CA PRO M 195 45.68 -75.70 24.36
C PRO M 195 44.27 -75.56 24.91
N SER M 196 43.42 -74.83 24.18
CA SER M 196 42.04 -74.63 24.59
C SER M 196 41.20 -75.88 24.31
N LEU M 197 41.88 -76.99 24.06
CA LEU M 197 41.22 -78.27 23.78
C LEU M 197 41.91 -79.42 24.49
N THR M 198 43.10 -79.15 25.02
CA THR M 198 43.86 -80.17 25.74
C THR M 198 43.42 -80.20 27.18
N SER M 199 43.22 -81.40 27.73
CA SER M 199 42.79 -81.55 29.10
C SER M 199 43.95 -81.85 30.04
N ALA M 200 44.89 -82.67 29.58
CA ALA M 200 46.06 -83.03 30.38
C ALA M 200 47.31 -82.99 29.49
N GLN M 201 48.40 -82.47 30.03
CA GLN M 201 49.63 -82.39 29.23
C GLN M 201 50.90 -82.72 30.01
N SER M 202 51.74 -83.55 29.39
CA SER M 202 53.02 -83.94 29.98
C SER M 202 54.08 -83.13 29.24
N GLY M 203 55.33 -83.55 29.35
CA GLY M 203 56.40 -82.85 28.67
C GLY M 203 56.29 -83.04 27.17
N ASP M 204 55.57 -84.07 26.77
CA ASP M 204 55.39 -84.38 25.35
C ASP M 204 54.12 -85.20 25.05
N TYR M 205 53.22 -85.27 26.03
CA TYR M 205 51.97 -86.01 25.86
C TYR M 205 50.76 -85.15 26.15
N SER M 206 49.68 -85.37 25.40
CA SER M 206 48.45 -84.59 25.57
C SER M 206 47.19 -85.44 25.48
N LEU M 207 46.11 -84.91 26.06
CA LEU M 207 44.81 -85.58 26.05
C LEU M 207 43.79 -84.51 25.65
N VAL M 208 43.35 -84.57 24.39
CA VAL M 208 42.41 -83.60 23.86
C VAL M 208 40.95 -84.04 23.93
N ILE M 209 40.06 -83.07 24.13
CA ILE M 209 38.63 -83.34 24.21
C ILE M 209 37.92 -82.61 23.08
N VAL M 210 37.57 -83.36 22.02
CA VAL M 210 36.90 -82.77 20.88
C VAL M 210 35.40 -83.07 20.94
N THR M 211 34.60 -82.03 21.14
CA THR M 211 33.15 -82.17 21.23
C THR M 211 32.48 -80.80 21.29
N THR M 212 31.17 -80.77 21.06
CA THR M 212 30.43 -79.51 21.10
C THR M 212 29.84 -79.34 22.50
N PHE M 213 29.54 -78.09 22.87
CA PHE M 213 28.96 -77.80 24.17
C PHE M 213 27.63 -78.53 24.29
N VAL M 214 26.87 -78.53 23.19
CA VAL M 214 25.58 -79.19 23.15
C VAL M 214 25.73 -80.65 23.57
N HIS M 215 26.75 -81.31 23.04
CA HIS M 215 27.00 -82.72 23.35
C HIS M 215 27.58 -82.92 24.75
N TYR M 216 28.64 -82.17 25.08
CA TYR M 216 29.28 -82.29 26.38
C TYR M 216 28.27 -82.32 27.51
N ALA M 217 27.14 -81.65 27.32
CA ALA M 217 26.09 -81.59 28.33
C ALA M 217 25.44 -82.96 28.51
N ASN M 218 24.88 -83.50 27.43
CA ASN M 218 24.22 -84.79 27.46
C ASN M 218 25.15 -85.90 27.96
N PHE M 219 26.45 -85.70 27.80
CA PHE M 219 27.44 -86.69 28.23
C PHE M 219 27.85 -86.52 29.69
N HIS M 220 28.00 -85.27 30.13
CA HIS M 220 28.42 -84.99 31.50
C HIS M 220 27.42 -85.52 32.53
N ASN M 221 26.25 -85.96 32.06
CA ASN M 221 25.23 -86.49 32.95
C ASN M 221 25.56 -87.89 33.44
N TYR M 222 26.33 -88.64 32.65
CA TYR M 222 26.68 -90.01 33.03
C TYR M 222 28.15 -90.33 32.76
N PHE M 223 28.91 -89.34 32.29
CA PHE M 223 30.32 -89.56 32.01
C PHE M 223 31.22 -88.44 32.52
N VAL M 224 31.81 -88.66 33.68
CA VAL M 224 32.72 -87.69 34.28
C VAL M 224 34.04 -88.41 34.54
N PRO M 225 34.83 -88.64 33.47
CA PRO M 225 36.12 -89.32 33.56
C PRO M 225 37.16 -88.61 34.41
N ASN M 226 38.01 -89.40 35.07
CA ASN M 226 39.05 -88.85 35.92
C ASN M 226 40.28 -88.63 35.05
N LEU M 227 40.13 -87.75 34.05
CA LEU M 227 41.20 -87.42 33.12
C LEU M 227 42.58 -87.45 33.76
N LYS M 228 42.70 -86.97 34.99
CA LYS M 228 43.97 -86.94 35.69
C LYS M 228 44.65 -88.31 35.73
N ASP M 229 44.15 -89.21 36.56
CA ASP M 229 44.71 -90.54 36.69
C ASP M 229 44.66 -91.31 35.38
N MET M 230 43.53 -91.20 34.68
CA MET M 230 43.35 -91.88 33.40
C MET M 230 44.46 -91.52 32.43
N PHE M 231 44.93 -90.28 32.50
CA PHE M 231 46.00 -89.81 31.63
C PHE M 231 47.36 -90.32 32.09
N SER M 232 47.68 -90.05 33.35
CA SER M 232 48.96 -90.47 33.93
C SER M 232 49.23 -91.95 33.68
N ARG M 233 48.32 -92.79 34.14
CA ARG M 233 48.45 -94.23 34.00
C ARG M 233 48.65 -94.62 32.53
N ALA M 234 48.08 -93.83 31.62
CA ALA M 234 48.18 -94.09 30.19
C ALA M 234 49.52 -93.62 29.62
N VAL M 235 50.31 -92.95 30.45
CA VAL M 235 51.62 -92.44 30.03
C VAL M 235 52.74 -93.16 30.77
N THR M 236 52.72 -93.08 32.09
CA THR M 236 53.74 -93.72 32.92
C THR M 236 53.34 -95.14 33.29
N MET M 237 53.55 -96.07 32.36
CA MET M 237 53.21 -97.46 32.59
C MET M 237 53.56 -98.31 31.37
N THR M 238 54.41 -99.32 31.57
CA THR M 238 54.82 -100.20 30.50
C THR M 238 53.62 -100.79 29.78
N ALA M 239 53.77 -100.99 28.46
CA ALA M 239 52.70 -101.54 27.64
C ALA M 239 52.04 -102.76 28.26
N ALA M 240 52.84 -103.80 28.52
CA ALA M 240 52.34 -105.03 29.12
C ALA M 240 51.52 -104.78 30.38
N SER M 241 52.05 -103.94 31.27
CA SER M 241 51.37 -103.63 32.52
C SER M 241 50.01 -102.96 32.29
N TYR M 242 49.99 -101.92 31.46
CA TYR M 242 48.75 -101.21 31.18
C TYR M 242 47.71 -102.18 30.63
N ALA M 243 48.15 -103.10 29.79
CA ALA M 243 47.26 -104.09 29.20
C ALA M 243 46.51 -104.89 30.27
N ARG M 244 47.24 -105.32 31.30
CA ARG M 244 46.63 -106.08 32.38
C ARG M 244 45.82 -105.20 33.31
N TYR M 245 46.31 -103.99 33.59
CA TYR M 245 45.60 -103.06 34.45
C TYR M 245 44.18 -102.94 33.92
N VAL M 246 44.06 -102.94 32.59
CA VAL M 246 42.77 -102.84 31.93
C VAL M 246 42.05 -104.18 32.01
N LEU M 247 42.77 -105.25 31.72
CA LEU M 247 42.21 -106.60 31.78
C LEU M 247 41.54 -106.82 33.13
N GLN M 248 42.22 -106.37 34.19
CA GLN M 248 41.69 -106.51 35.54
C GLN M 248 40.46 -105.64 35.73
N LYS M 249 40.54 -104.39 35.28
CA LYS M 249 39.43 -103.47 35.39
C LYS M 249 38.18 -104.08 34.80
N LEU M 250 38.35 -104.80 33.69
CA LEU M 250 37.22 -105.45 33.03
C LEU M 250 36.69 -106.60 33.87
N VAL M 251 37.59 -107.43 34.37
CA VAL M 251 37.21 -108.56 35.20
C VAL M 251 36.30 -108.07 36.32
N LEU M 252 36.67 -106.93 36.92
CA LEU M 252 35.88 -106.34 37.99
C LEU M 252 34.47 -106.08 37.48
N LEU M 253 34.37 -105.34 36.39
CA LEU M 253 33.07 -105.02 35.79
C LEU M 253 32.30 -106.29 35.49
N GLU M 254 33.01 -107.36 35.15
CA GLU M 254 32.37 -108.64 34.84
C GLU M 254 31.70 -109.17 36.10
N MET M 255 32.44 -109.14 37.21
CA MET M 255 31.92 -109.61 38.48
C MET M 255 30.80 -108.68 38.95
N LYS M 256 30.73 -107.49 38.35
CA LYS M 256 29.70 -106.53 38.69
C LYS M 256 28.48 -106.74 37.80
N GLY M 257 28.52 -107.81 37.01
CA GLY M 257 27.42 -108.12 36.13
C GLY M 257 27.34 -107.18 34.93
N GLY M 258 28.30 -106.26 34.85
CA GLY M 258 28.32 -105.32 33.75
C GLY M 258 28.55 -105.96 32.40
N CYS M 259 28.53 -107.29 32.35
CA CYS M 259 28.74 -107.99 31.08
C CYS M 259 27.45 -108.60 30.52
N ARG M 260 26.33 -108.32 31.19
CA ARG M 260 25.02 -108.81 30.77
C ARG M 260 24.04 -107.66 30.99
N GLU M 261 24.47 -106.71 31.80
CA GLU M 261 23.72 -105.51 32.14
C GLU M 261 24.68 -104.34 31.95
N PRO M 262 25.30 -104.24 30.76
CA PRO M 262 26.25 -103.18 30.43
C PRO M 262 25.82 -101.81 30.92
N GLU M 263 26.33 -101.43 32.09
CA GLU M 263 25.99 -100.15 32.69
C GLU M 263 26.70 -99.01 31.96
N LEU M 264 25.94 -97.99 31.56
CA LEU M 264 26.50 -96.83 30.88
C LEU M 264 26.93 -95.79 31.91
N ASP M 265 28.00 -96.10 32.64
CA ASP M 265 28.51 -95.19 33.65
C ASP M 265 29.95 -94.77 33.37
N THR M 266 30.46 -93.86 34.20
CA THR M 266 31.82 -93.36 34.05
C THR M 266 32.84 -94.49 34.02
N GLU M 267 32.74 -95.39 34.99
CA GLU M 267 33.66 -96.52 35.08
C GLU M 267 33.69 -97.35 33.80
N THR M 268 32.52 -97.84 33.41
CA THR M 268 32.39 -98.66 32.20
C THR M 268 32.90 -97.94 30.95
N LEU M 269 32.54 -96.67 30.82
CA LEU M 269 32.96 -95.88 29.68
C LEU M 269 34.47 -95.61 29.72
N THR M 270 34.98 -95.33 30.91
CA THR M 270 36.40 -95.06 31.08
C THR M 270 37.24 -96.24 30.62
N THR M 271 36.94 -97.42 31.16
CA THR M 271 37.65 -98.63 30.81
C THR M 271 37.75 -98.80 29.30
N MET M 272 36.65 -98.50 28.61
CA MET M 272 36.61 -98.62 27.15
C MET M 272 37.79 -97.90 26.51
N PHE M 273 37.91 -96.60 26.76
CA PHE M 273 38.99 -95.80 26.21
C PHE M 273 40.34 -96.39 26.58
N GLU M 274 40.49 -96.82 27.83
CA GLU M 274 41.75 -97.40 28.28
C GLU M 274 42.02 -98.71 27.56
N VAL M 275 40.95 -99.42 27.20
CA VAL M 275 41.09 -100.69 26.49
C VAL M 275 41.77 -100.44 25.15
N SER M 276 41.44 -99.33 24.51
CA SER M 276 42.02 -98.99 23.22
C SER M 276 43.42 -98.39 23.42
N VAL M 277 43.61 -97.71 24.54
CA VAL M 277 44.92 -97.12 24.85
C VAL M 277 45.92 -98.25 25.05
N ALA M 278 45.45 -99.34 25.63
CA ALA M 278 46.28 -100.51 25.88
C ALA M 278 46.81 -101.03 24.55
N PHE M 279 45.93 -101.07 23.55
CA PHE M 279 46.30 -101.53 22.23
C PHE M 279 47.19 -100.49 21.55
N PHE M 280 46.87 -99.22 21.76
CA PHE M 280 47.65 -98.14 21.19
C PHE M 280 49.07 -98.15 21.72
N LYS M 281 49.20 -98.33 23.03
CA LYS M 281 50.52 -98.38 23.67
C LYS M 281 51.46 -99.33 22.94
N VAL M 282 50.98 -100.55 22.68
CA VAL M 282 51.77 -101.56 22.00
C VAL M 282 52.18 -101.09 20.60
N GLY M 283 51.23 -100.52 19.87
CA GLY M 283 51.51 -100.04 18.53
C GLY M 283 52.47 -98.86 18.52
N HIS M 284 52.33 -97.98 19.52
CA HIS M 284 53.17 -96.80 19.62
C HIS M 284 54.59 -97.20 20.05
N ALA M 285 54.72 -98.38 20.64
CA ALA M 285 56.01 -98.89 21.07
C ALA M 285 56.83 -99.30 19.86
N VAL M 286 56.28 -100.18 19.04
CA VAL M 286 56.94 -100.66 17.84
C VAL M 286 57.17 -99.49 16.89
N GLY M 287 56.43 -98.41 17.10
CA GLY M 287 56.55 -97.24 16.25
C GLY M 287 57.78 -96.40 16.56
N GLU M 288 57.96 -96.09 17.84
CA GLU M 288 59.10 -95.29 18.27
C GLU M 288 60.42 -95.87 17.77
N THR M 289 60.54 -97.19 17.82
CA THR M 289 61.75 -97.87 17.38
C THR M 289 61.68 -98.28 15.91
N GLY M 290 61.56 -97.29 15.02
CA GLY M 290 61.49 -97.57 13.61
C GLY M 290 62.80 -98.15 13.11
N ASN M 291 62.71 -99.12 12.21
CA ASN M 291 63.90 -99.77 11.66
C ASN M 291 64.78 -100.33 12.77
N GLY M 292 64.16 -100.66 13.90
CA GLY M 292 64.90 -101.23 15.01
C GLY M 292 64.54 -102.69 15.14
N CYS M 293 64.58 -103.22 16.35
CA CYS M 293 64.25 -104.63 16.56
C CYS M 293 63.71 -104.87 17.96
N VAL M 294 62.50 -105.42 18.03
CA VAL M 294 61.88 -105.72 19.32
C VAL M 294 62.17 -107.15 19.73
N ASP M 295 62.66 -107.31 20.96
CA ASP M 295 62.98 -108.64 21.47
C ASP M 295 61.74 -109.51 21.47
N LEU M 296 61.89 -110.76 21.07
CA LEU M 296 60.76 -111.69 21.01
C LEU M 296 60.12 -111.91 22.37
N ARG M 297 60.90 -111.76 23.43
CA ARG M 297 60.36 -111.94 24.78
C ARG M 297 59.36 -110.83 25.05
N TRP M 298 59.68 -109.63 24.55
CA TRP M 298 58.82 -108.47 24.73
C TRP M 298 57.46 -108.68 24.06
N LEU M 299 57.48 -109.14 22.82
CA LEU M 299 56.26 -109.38 22.07
C LEU M 299 55.45 -110.50 22.70
N ALA M 300 56.09 -111.63 22.93
CA ALA M 300 55.44 -112.78 23.53
C ALA M 300 54.68 -112.40 24.80
N LYS M 301 55.16 -111.35 25.48
CA LYS M 301 54.54 -110.87 26.70
C LYS M 301 53.50 -109.79 26.41
N SER M 302 53.92 -108.78 25.66
CA SER M 302 53.04 -107.66 25.32
C SER M 302 51.85 -108.11 24.47
N PHE M 303 52.14 -108.78 23.36
CA PHE M 303 51.10 -109.26 22.46
C PHE M 303 50.20 -110.30 23.11
N PHE M 304 50.66 -110.89 24.21
CA PHE M 304 49.87 -111.88 24.92
C PHE M 304 48.75 -111.19 25.66
N GLU M 305 49.11 -110.18 26.45
CA GLU M 305 48.14 -109.41 27.22
C GLU M 305 47.04 -108.86 26.30
N LEU M 306 47.37 -108.66 25.03
CA LEU M 306 46.43 -108.15 24.06
C LEU M 306 45.46 -109.24 23.60
N THR M 307 45.99 -110.42 23.33
CA THR M 307 45.17 -111.54 22.89
C THR M 307 44.15 -111.87 23.97
N VAL M 308 44.62 -111.97 25.21
CA VAL M 308 43.74 -112.26 26.34
C VAL M 308 42.75 -111.13 26.52
N LEU M 309 43.20 -109.91 26.26
CA LEU M 309 42.36 -108.72 26.40
C LEU M 309 41.24 -108.74 25.37
N LYS M 310 41.60 -108.98 24.11
CA LYS M 310 40.64 -109.02 23.02
C LYS M 310 39.49 -109.98 23.27
N ASP M 311 39.79 -111.11 23.91
CA ASP M 311 38.77 -112.12 24.19
C ASP M 311 37.72 -111.65 25.19
N ILE M 312 38.16 -111.13 26.32
CA ILE M 312 37.22 -110.65 27.34
C ILE M 312 36.40 -109.50 26.78
N ILE M 313 37.04 -108.66 25.97
CA ILE M 313 36.36 -107.52 25.37
C ILE M 313 35.23 -108.02 24.47
N GLY M 314 35.43 -109.18 23.87
CA GLY M 314 34.44 -109.75 22.99
C GLY M 314 33.38 -110.56 23.72
N ILE M 315 33.80 -111.34 24.70
CA ILE M 315 32.87 -112.15 25.48
C ILE M 315 31.88 -111.26 26.22
N CYS M 316 32.38 -110.15 26.76
CA CYS M 316 31.55 -109.21 27.50
C CYS M 316 30.70 -108.40 26.52
N TYR M 317 31.34 -107.53 25.77
CA TYR M 317 30.65 -106.68 24.81
C TYR M 317 30.85 -107.24 23.41
N GLY M 318 29.89 -107.00 22.53
CA GLY M 318 30.01 -107.47 21.16
C GLY M 318 31.03 -106.60 20.45
N ALA M 319 32.14 -106.34 21.13
CA ALA M 319 33.20 -105.51 20.59
C ALA M 319 34.15 -106.31 19.70
N THR M 320 34.72 -105.64 18.71
CA THR M 320 35.64 -106.29 17.78
C THR M 320 36.95 -105.50 17.74
N VAL M 321 38.02 -106.17 17.34
CA VAL M 321 39.34 -105.53 17.24
C VAL M 321 40.04 -106.00 15.98
N LYS M 322 40.60 -105.06 15.24
CA LYS M 322 41.30 -105.39 14.00
C LYS M 322 42.36 -104.35 13.67
N GLY M 323 43.54 -104.83 13.31
CA GLY M 323 44.63 -103.91 12.98
C GLY M 323 45.82 -104.10 13.90
N MET M 324 45.89 -105.25 14.56
CA MET M 324 47.00 -105.52 15.46
C MET M 324 47.48 -106.96 15.44
N GLN M 325 46.79 -107.81 14.67
CA GLN M 325 47.21 -109.20 14.56
C GLN M 325 48.11 -109.29 13.34
N SER M 326 49.38 -109.56 13.59
CA SER M 326 50.36 -109.67 12.52
C SER M 326 50.67 -111.14 12.27
N TYR M 327 50.09 -111.70 11.21
CA TYR M 327 50.28 -113.12 10.90
C TYR M 327 51.75 -113.54 10.96
N GLY M 328 52.65 -112.58 10.84
CA GLY M 328 54.07 -112.89 10.88
C GLY M 328 54.46 -113.37 12.28
N LEU M 329 54.27 -112.51 13.27
CA LEU M 329 54.61 -112.83 14.65
C LEU M 329 53.99 -114.17 15.07
N GLU M 330 52.82 -114.48 14.50
CA GLU M 330 52.14 -115.72 14.82
C GLU M 330 52.86 -116.93 14.23
N ARG M 331 53.24 -116.83 12.96
CA ARG M 331 53.96 -117.92 12.31
C ARG M 331 55.29 -118.14 13.00
N LEU M 332 55.95 -117.07 13.40
CA LEU M 332 57.23 -117.15 14.07
C LEU M 332 57.06 -117.90 15.39
N ALA M 333 56.15 -117.41 16.23
CA ALA M 333 55.88 -118.03 17.52
C ALA M 333 55.50 -119.49 17.33
N ALA M 334 54.66 -119.74 16.34
CA ALA M 334 54.23 -121.10 16.03
C ALA M 334 55.41 -122.02 15.74
N MET M 335 56.26 -121.59 14.81
CA MET M 335 57.43 -122.38 14.44
C MET M 335 58.37 -122.62 15.62
N LEU M 336 58.67 -121.55 16.35
CA LEU M 336 59.56 -121.64 17.50
C LEU M 336 59.11 -122.73 18.46
N MET M 337 57.83 -122.70 18.83
CA MET M 337 57.27 -123.69 19.75
C MET M 337 57.41 -125.12 19.23
N ALA M 338 57.13 -125.28 17.94
CA ALA M 338 57.21 -126.59 17.30
C ALA M 338 58.57 -127.25 17.48
N THR M 339 59.56 -126.46 17.90
CA THR M 339 60.91 -126.97 18.09
C THR M 339 61.35 -126.98 19.55
N VAL M 340 60.55 -127.60 20.42
CA VAL M 340 60.88 -127.67 21.83
C VAL M 340 60.24 -128.88 22.51
N LYS M 341 60.97 -129.46 23.47
CA LYS M 341 60.49 -130.61 24.20
C LYS M 341 59.28 -130.19 25.03
N MET M 342 58.10 -130.21 24.41
CA MET M 342 56.86 -129.81 25.06
C MET M 342 56.51 -130.68 26.27
N GLU M 343 56.54 -132.00 26.08
CA GLU M 343 56.22 -132.94 27.13
C GLU M 343 57.17 -132.85 28.32
N GLU M 344 58.14 -131.94 28.25
CA GLU M 344 59.11 -131.77 29.31
C GLU M 344 59.24 -130.31 29.72
N LEU M 345 58.29 -129.48 29.29
CA LEU M 345 58.29 -128.06 29.58
C LEU M 345 58.21 -127.82 31.09
N GLY M 346 57.44 -128.65 31.78
CA GLY M 346 57.27 -128.50 33.21
C GLY M 346 58.57 -128.58 33.99
N HIS M 347 59.52 -129.36 33.49
CA HIS M 347 60.82 -129.52 34.15
C HIS M 347 61.73 -128.33 33.89
N LEU M 348 61.20 -127.32 33.19
CA LEU M 348 61.98 -126.13 32.87
C LEU M 348 61.87 -125.09 33.98
N THR M 349 62.57 -123.97 33.80
CA THR M 349 62.56 -122.89 34.79
C THR M 349 61.27 -122.09 34.74
N THR M 350 61.08 -121.22 35.73
CA THR M 350 59.89 -120.38 35.82
C THR M 350 59.80 -119.34 34.70
N GLU M 351 60.76 -118.42 34.67
CA GLU M 351 60.77 -117.37 33.66
C GLU M 351 60.63 -117.97 32.26
N LYS M 352 61.34 -119.07 32.02
CA LYS M 352 61.30 -119.74 30.72
C LYS M 352 59.94 -120.39 30.49
N GLN M 353 59.31 -120.83 31.58
CA GLN M 353 58.01 -121.49 31.51
C GLN M 353 56.94 -120.51 31.01
N GLU M 354 56.92 -119.31 31.57
CA GLU M 354 55.95 -118.30 31.16
C GLU M 354 56.14 -118.03 29.68
N TYR M 355 57.32 -117.49 29.34
CA TYR M 355 57.67 -117.18 27.96
C TYR M 355 57.22 -118.28 27.00
N ALA M 356 57.40 -119.54 27.42
CA ALA M 356 57.02 -120.68 26.60
C ALA M 356 55.51 -120.67 26.34
N LEU M 357 54.74 -120.90 27.39
CA LEU M 357 53.28 -120.91 27.28
C LEU M 357 52.77 -119.58 26.72
N ARG M 358 53.37 -118.50 27.19
CA ARG M 358 52.99 -117.15 26.78
C ARG M 358 52.89 -117.03 25.26
N LEU M 359 54.01 -117.22 24.57
CA LEU M 359 54.04 -117.13 23.12
C LEU M 359 53.27 -118.26 22.47
N ALA M 360 53.06 -119.34 23.22
CA ALA M 360 52.32 -120.50 22.71
C ALA M 360 50.90 -120.08 22.39
N THR M 361 50.41 -119.09 23.13
CA THR M 361 49.05 -118.58 22.94
C THR M 361 49.01 -117.67 21.70
N VAL M 362 50.04 -116.85 21.55
CA VAL M 362 50.13 -115.93 20.43
C VAL M 362 50.18 -116.61 19.07
N GLY M 363 50.90 -117.73 18.98
CA GLY M 363 51.03 -118.43 17.72
C GLY M 363 50.06 -119.58 17.47
N TYR M 364 49.29 -119.94 18.49
CA TYR M 364 48.33 -121.04 18.37
C TYR M 364 47.52 -121.00 17.06
N PRO M 365 46.99 -119.81 16.69
CA PRO M 365 46.20 -119.66 15.46
C PRO M 365 46.87 -120.06 14.15
N LYS M 366 47.75 -119.19 13.63
CA LYS M 366 48.44 -119.42 12.36
C LYS M 366 49.06 -120.79 12.14
N ALA M 367 49.41 -121.49 13.20
CA ALA M 367 50.02 -122.82 13.05
C ALA M 367 49.91 -123.66 14.32
N GLY M 368 50.08 -124.97 14.17
CA GLY M 368 50.01 -125.87 15.31
C GLY M 368 48.74 -126.69 15.33
N VAL M 369 48.32 -127.20 14.18
CA VAL M 369 47.13 -128.03 14.10
C VAL M 369 47.45 -129.44 14.56
N TYR M 370 48.75 -129.74 14.62
CA TYR M 370 49.22 -131.04 15.05
C TYR M 370 50.46 -130.90 15.94
N SER M 371 50.64 -129.71 16.49
CA SER M 371 51.76 -129.43 17.37
C SER M 371 51.33 -129.69 18.81
N GLY M 372 52.25 -130.24 19.61
CA GLY M 372 51.93 -130.55 20.99
C GLY M 372 51.85 -129.35 21.92
N LEU M 373 51.09 -128.34 21.52
CA LEU M 373 50.93 -127.14 22.34
C LEU M 373 50.18 -127.44 23.63
N ILE M 374 49.00 -128.02 23.51
CA ILE M 374 48.19 -128.34 24.67
C ILE M 374 49.00 -129.23 25.60
N GLY M 375 49.89 -130.02 25.02
CA GLY M 375 50.72 -130.91 25.81
C GLY M 375 51.59 -130.13 26.78
N GLY M 376 52.27 -129.11 26.26
CA GLY M 376 53.12 -128.30 27.10
C GLY M 376 52.33 -127.66 28.24
N ALA M 377 51.14 -127.17 27.92
CA ALA M 377 50.28 -126.55 28.91
C ALA M 377 49.95 -127.53 30.03
N THR M 378 49.92 -128.82 29.68
CA THR M 378 49.63 -129.86 30.64
C THR M 378 50.85 -130.14 31.52
N SER M 379 51.98 -130.37 30.89
CA SER M 379 53.23 -130.64 31.59
C SER M 379 53.52 -129.58 32.64
N VAL M 380 53.42 -128.32 32.24
CA VAL M 380 53.68 -127.21 33.16
C VAL M 380 52.72 -127.24 34.33
N LEU M 381 51.46 -127.58 34.06
CA LEU M 381 50.44 -127.66 35.11
C LEU M 381 50.73 -128.83 36.03
N LEU M 382 51.01 -129.98 35.44
CA LEU M 382 51.30 -131.19 36.20
C LEU M 382 52.35 -130.94 37.27
N SER M 383 53.44 -130.27 36.88
CA SER M 383 54.51 -129.96 37.81
C SER M 383 53.98 -129.15 38.98
N ALA M 384 53.19 -128.12 38.66
CA ALA M 384 52.60 -127.24 39.67
C ALA M 384 51.83 -128.02 40.71
N TYR M 385 50.95 -128.91 40.26
CA TYR M 385 50.12 -129.72 41.14
C TYR M 385 50.93 -130.63 42.08
N ASN M 386 51.87 -131.39 41.51
CA ASN M 386 52.68 -132.30 42.31
C ASN M 386 53.40 -131.62 43.48
N ARG M 387 53.83 -130.39 43.27
CA ARG M 387 54.55 -129.66 44.31
C ARG M 387 53.71 -129.10 45.45
N HIS M 388 52.38 -129.15 45.32
CA HIS M 388 51.51 -128.63 46.37
C HIS M 388 50.30 -129.51 46.71
N PRO M 389 49.57 -129.14 47.78
CA PRO M 389 48.38 -129.87 48.24
C PRO M 389 47.05 -129.27 47.81
N LEU M 390 46.76 -129.30 46.51
CA LEU M 390 45.49 -128.79 45.97
C LEU M 390 45.21 -127.34 46.33
N PHE M 391 46.16 -126.47 46.01
CA PHE M 391 46.02 -125.03 46.27
C PHE M 391 47.32 -124.35 45.90
N GLN M 392 47.23 -123.33 45.05
CA GLN M 392 48.42 -122.59 44.63
C GLN M 392 48.50 -121.30 45.43
N PRO M 393 49.73 -120.88 45.80
CA PRO M 393 49.90 -119.64 46.56
C PRO M 393 49.08 -118.52 45.93
N LEU M 394 48.32 -117.79 46.74
CA LEU M 394 47.48 -116.71 46.26
C LEU M 394 48.17 -115.72 45.32
N HIS M 395 49.46 -115.47 45.54
CA HIS M 395 50.20 -114.56 44.69
C HIS M 395 51.59 -115.07 44.36
N THR M 396 51.66 -116.28 43.79
CA THR M 396 52.93 -116.87 43.42
C THR M 396 53.24 -116.58 41.96
N VAL M 397 54.53 -116.59 41.63
CA VAL M 397 54.98 -116.34 40.27
C VAL M 397 54.39 -117.39 39.32
N MET M 398 54.20 -118.60 39.83
CA MET M 398 53.67 -119.69 39.04
C MET M 398 52.17 -119.56 38.78
N ARG M 399 51.46 -118.95 39.72
CA ARG M 399 50.01 -118.77 39.55
C ARG M 399 49.77 -118.07 38.22
N GLU M 400 50.54 -117.01 37.99
CA GLU M 400 50.46 -116.23 36.76
C GLU M 400 50.68 -117.14 35.57
N THR M 401 51.54 -118.14 35.77
CA THR M 401 51.88 -119.09 34.72
C THR M 401 50.69 -119.93 34.29
N LEU M 402 50.09 -120.65 35.24
CA LEU M 402 48.94 -121.49 34.93
C LEU M 402 47.84 -120.70 34.23
N PHE M 403 47.76 -119.41 34.53
CA PHE M 403 46.76 -118.54 33.91
C PHE M 403 47.05 -118.39 32.42
N ILE M 404 48.33 -118.18 32.11
CA ILE M 404 48.75 -118.01 30.72
C ILE M 404 48.49 -119.29 29.92
N GLY M 405 48.75 -120.43 30.55
CA GLY M 405 48.54 -121.70 29.89
C GLY M 405 47.08 -122.04 29.67
N SER M 406 46.23 -121.72 30.63
CA SER M 406 44.81 -122.02 30.54
C SER M 406 44.22 -121.53 29.21
N HIS M 407 44.65 -120.35 28.77
CA HIS M 407 44.17 -119.78 27.52
C HIS M 407 44.32 -120.72 26.33
N VAL M 408 45.53 -121.25 26.15
CA VAL M 408 45.78 -122.15 25.03
C VAL M 408 45.02 -123.46 25.20
N VAL M 409 44.57 -123.73 26.43
CA VAL M 409 43.82 -124.95 26.71
C VAL M 409 42.34 -124.73 26.42
N LEU M 410 41.82 -123.60 26.89
CA LEU M 410 40.42 -123.24 26.68
C LEU M 410 40.12 -123.22 25.19
N ARG M 411 40.94 -122.48 24.45
CA ARG M 411 40.79 -122.35 23.01
C ARG M 411 40.65 -123.73 22.40
N GLU M 412 41.48 -124.66 22.83
CA GLU M 412 41.46 -126.04 22.34
C GLU M 412 40.10 -126.68 22.63
N LEU M 413 39.67 -126.59 23.88
CA LEU M 413 38.40 -127.15 24.32
C LEU M 413 37.22 -126.69 23.47
N ARG M 414 37.18 -125.39 23.18
CA ARG M 414 36.11 -124.80 22.38
C ARG M 414 35.94 -125.44 21.00
N LEU M 415 37.00 -126.04 20.48
CA LEU M 415 36.95 -126.67 19.18
C LEU M 415 36.10 -127.94 19.18
N ASN M 416 35.94 -128.54 18.00
CA ASN M 416 35.15 -129.76 17.85
C ASN M 416 36.01 -130.93 17.37
N VAL M 417 37.32 -130.70 17.30
CA VAL M 417 38.25 -131.74 16.86
C VAL M 417 38.86 -132.39 18.09
N THR M 418 38.38 -133.59 18.43
CA THR M 418 38.88 -134.32 19.59
C THR M 418 40.34 -134.71 19.44
N THR M 419 41.23 -133.75 19.66
CA THR M 419 42.66 -133.98 19.56
C THR M 419 43.28 -133.81 20.95
N GLN M 420 44.01 -134.82 21.38
CA GLN M 420 44.65 -134.80 22.69
C GLN M 420 43.56 -134.75 23.77
N GLY M 421 42.40 -135.30 23.44
CA GLY M 421 41.29 -135.32 24.39
C GLY M 421 41.75 -135.91 25.71
N PRO M 422 42.44 -137.06 25.68
CA PRO M 422 42.92 -137.70 26.90
C PRO M 422 43.90 -136.80 27.65
N ASN M 423 44.82 -136.19 26.90
CA ASN M 423 45.82 -135.30 27.46
C ASN M 423 45.17 -134.02 27.99
N LEU M 424 44.05 -133.65 27.38
CA LEU M 424 43.32 -132.45 27.78
C LEU M 424 42.42 -132.73 28.97
N ALA M 425 41.69 -133.84 28.92
CA ALA M 425 40.81 -134.22 30.01
C ALA M 425 41.58 -134.17 31.32
N LEU M 426 42.85 -134.55 31.25
CA LEU M 426 43.72 -134.55 32.42
C LEU M 426 43.79 -133.16 33.01
N TYR M 427 44.05 -132.17 32.16
CA TYR M 427 44.15 -130.78 32.61
C TYR M 427 42.94 -130.41 33.45
N GLN M 428 41.76 -130.81 32.99
CA GLN M 428 40.52 -130.54 33.70
C GLN M 428 40.51 -131.22 35.06
N LEU M 429 40.88 -132.50 35.08
CA LEU M 429 40.93 -133.28 36.31
C LEU M 429 41.79 -132.58 37.36
N LEU M 430 43.03 -132.26 36.98
CA LEU M 430 43.96 -131.61 37.88
C LEU M 430 43.38 -130.32 38.43
N SER M 431 43.03 -129.40 37.54
CA SER M 431 42.45 -128.12 37.94
C SER M 431 41.26 -128.34 38.88
N THR M 432 40.44 -129.34 38.58
CA THR M 432 39.29 -129.65 39.40
C THR M 432 39.72 -129.90 40.84
N ALA M 433 40.71 -130.79 40.99
CA ALA M 433 41.23 -131.11 42.31
C ALA M 433 41.74 -129.84 42.97
N LEU M 434 42.42 -129.01 42.17
CA LEU M 434 42.96 -127.75 42.66
C LEU M 434 41.86 -126.80 43.12
N CYS M 435 40.64 -127.03 42.64
CA CYS M 435 39.52 -126.19 43.04
C CYS M 435 38.97 -126.70 44.37
N SER M 436 39.88 -126.94 45.32
CA SER M 436 39.52 -127.45 46.64
C SER M 436 38.91 -126.34 47.51
N ALA M 437 38.31 -126.75 48.63
CA ALA M 437 37.70 -125.82 49.56
C ALA M 437 38.71 -124.78 50.01
N LEU M 438 39.98 -125.17 50.02
CA LEU M 438 41.06 -124.27 50.43
C LEU M 438 41.23 -123.19 49.36
N GLU M 439 41.22 -123.61 48.11
CA GLU M 439 41.35 -122.71 46.96
C GLU M 439 40.17 -121.75 46.92
N ILE M 440 39.01 -122.30 46.63
CA ILE M 440 37.76 -121.54 46.54
C ILE M 440 37.60 -120.64 47.76
N GLY M 441 38.11 -121.08 48.90
CA GLY M 441 38.01 -120.29 50.11
C GLY M 441 38.91 -119.07 50.10
N GLU M 442 40.20 -119.29 49.81
CA GLU M 442 41.16 -118.20 49.77
C GLU M 442 40.84 -117.17 48.68
N VAL M 443 40.34 -117.64 47.54
CA VAL M 443 40.00 -116.74 46.44
C VAL M 443 38.97 -115.72 46.92
N LEU M 444 37.96 -116.20 47.64
CA LEU M 444 36.92 -115.32 48.16
C LEU M 444 37.53 -114.31 49.12
N ARG M 445 38.31 -114.81 50.07
CA ARG M 445 38.97 -113.97 51.06
C ARG M 445 39.64 -112.78 50.37
N GLY M 446 40.46 -113.08 49.37
CA GLY M 446 41.15 -112.04 48.63
C GLY M 446 40.21 -111.08 47.94
N LEU M 447 39.18 -111.60 47.30
CA LEU M 447 38.19 -110.77 46.60
C LEU M 447 37.56 -109.76 47.54
N ALA M 448 37.13 -110.22 48.71
CA ALA M 448 36.50 -109.36 49.70
C ALA M 448 37.47 -108.28 50.18
N LEU M 449 38.68 -108.71 50.55
CA LEU M 449 39.69 -107.78 51.05
C LEU M 449 40.33 -106.98 49.91
N GLY M 450 39.96 -107.32 48.68
CA GLY M 450 40.48 -106.61 47.52
C GLY M 450 41.95 -106.82 47.19
N THR M 451 42.52 -107.93 47.65
CA THR M 451 43.92 -108.21 47.36
C THR M 451 44.04 -109.00 46.06
N GLU M 452 43.05 -109.87 45.81
CA GLU M 452 43.02 -110.67 44.60
C GLU M 452 41.99 -110.13 43.63
N SER M 453 42.39 -109.97 42.37
CA SER M 453 41.50 -109.46 41.33
C SER M 453 40.48 -110.50 40.92
N GLY M 454 40.87 -111.78 41.01
CA GLY M 454 39.98 -112.85 40.63
C GLY M 454 40.07 -113.13 39.15
N LEU M 455 41.20 -112.75 38.56
CA LEU M 455 41.43 -112.93 37.13
C LEU M 455 41.53 -114.40 36.74
N PHE M 456 42.18 -115.20 37.58
CA PHE M 456 42.35 -116.62 37.28
C PHE M 456 42.21 -117.54 38.49
N SER M 457 41.78 -118.76 38.20
CA SER M 457 41.59 -119.81 39.20
C SER M 457 41.43 -121.14 38.47
N PRO M 458 42.04 -122.21 39.00
CA PRO M 458 41.93 -123.53 38.36
C PRO M 458 40.48 -123.99 38.23
N CYS M 459 39.57 -123.30 38.91
CA CYS M 459 38.16 -123.64 38.87
C CYS M 459 37.54 -123.32 37.52
N TYR M 460 37.96 -122.19 36.93
CA TYR M 460 37.43 -121.75 35.64
C TYR M 460 37.47 -122.80 34.55
N LEU M 461 38.25 -123.86 34.75
CA LEU M 461 38.34 -124.93 33.77
C LEU M 461 38.05 -126.26 34.44
N SER M 462 37.88 -126.24 35.75
CA SER M 462 37.59 -127.44 36.52
C SER M 462 36.20 -127.97 36.18
N LEU M 463 35.96 -129.23 36.49
CA LEU M 463 34.67 -129.87 36.23
C LEU M 463 33.87 -129.92 37.51
N ARG M 464 34.02 -128.88 38.33
CA ARG M 464 33.32 -128.80 39.60
C ARG M 464 32.14 -127.82 39.50
N PHE M 465 30.99 -128.35 39.14
CA PHE M 465 29.77 -127.57 38.98
C PHE M 465 28.92 -127.65 40.23
N ASP M 466 29.58 -127.85 41.37
CA ASP M 466 28.90 -127.97 42.66
C ASP M 466 28.70 -126.62 43.36
N LEU M 467 29.65 -125.71 43.17
CA LEU M 467 29.58 -124.40 43.79
C LEU M 467 28.48 -123.48 43.26
N THR M 468 27.52 -123.18 44.11
CA THR M 468 26.40 -122.30 43.75
C THR M 468 26.42 -121.08 44.67
N ARG M 469 25.43 -120.20 44.53
CA ARG M 469 25.36 -119.01 45.36
C ARG M 469 25.52 -119.34 46.85
N ASP M 470 24.74 -120.32 47.31
CA ASP M 470 24.79 -120.73 48.71
C ASP M 470 26.04 -121.55 49.03
N LYS M 471 26.27 -122.60 48.25
CA LYS M 471 27.43 -123.48 48.46
C LYS M 471 28.72 -122.66 48.56
N LEU M 472 28.86 -121.69 47.67
CA LEU M 472 30.05 -120.84 47.65
C LEU M 472 30.14 -120.05 48.95
N LEU M 473 29.00 -119.57 49.42
CA LEU M 473 28.94 -118.79 50.65
C LEU M 473 29.40 -119.64 51.83
N SER M 474 29.35 -120.96 51.66
CA SER M 474 29.77 -121.89 52.71
C SER M 474 31.28 -121.93 52.83
N MET M 475 31.97 -122.07 51.70
CA MET M 475 33.43 -122.11 51.69
C MET M 475 34.02 -120.78 52.15
N ALA M 476 33.24 -119.72 52.05
CA ALA M 476 33.69 -118.39 52.46
C ALA M 476 34.22 -118.42 53.88
N PRO M 477 35.29 -117.65 54.15
CA PRO M 477 35.89 -117.58 55.49
C PRO M 477 34.95 -116.98 56.55
N GLN M 478 34.87 -117.64 57.69
CA GLN M 478 34.02 -117.18 58.78
C GLN M 478 34.85 -116.37 59.77
N GLU M 479 34.87 -115.06 59.59
CA GLU M 479 35.65 -114.18 60.46
C GLU M 479 35.01 -112.79 60.57
N ALA M 480 35.07 -112.22 61.77
CA ALA M 480 34.51 -110.90 62.00
C ALA M 480 35.43 -109.83 61.42
N THR M 481 36.62 -110.25 61.01
CA THR M 481 37.60 -109.34 60.43
C THR M 481 37.26 -109.04 58.97
N LEU M 482 36.23 -109.71 58.47
CA LEU M 482 35.80 -109.52 57.08
C LEU M 482 34.36 -109.01 57.02
N ASP M 483 34.17 -107.91 56.32
CA ASP M 483 32.84 -107.31 56.18
C ASP M 483 31.87 -108.28 55.53
N GLN M 484 30.94 -108.80 56.34
CA GLN M 484 29.94 -109.74 55.85
C GLN M 484 29.31 -109.29 54.55
N ALA M 485 29.18 -107.97 54.38
CA ALA M 485 28.60 -107.42 53.16
C ALA M 485 29.57 -107.57 51.99
N ALA M 486 30.83 -107.19 52.23
CA ALA M 486 31.86 -107.30 51.21
C ALA M 486 31.98 -108.73 50.72
N VAL M 487 31.94 -109.68 51.67
CA VAL M 487 32.04 -111.09 51.34
C VAL M 487 30.99 -111.50 50.32
N SER M 488 29.75 -111.07 50.54
CA SER M 488 28.66 -111.40 49.64
C SER M 488 28.98 -111.01 48.19
N ASN M 489 29.50 -109.80 48.01
CA ASN M 489 29.86 -109.32 46.68
C ASN M 489 30.88 -110.24 46.04
N ALA M 490 31.87 -110.65 46.83
CA ALA M 490 32.92 -111.54 46.34
C ALA M 490 32.31 -112.85 45.85
N VAL M 491 31.48 -113.47 46.69
CA VAL M 491 30.83 -114.72 46.34
C VAL M 491 30.04 -114.54 45.04
N ASP M 492 29.30 -113.44 44.94
CA ASP M 492 28.51 -113.15 43.75
C ASP M 492 29.43 -112.96 42.55
N GLY M 493 30.49 -112.17 42.75
CA GLY M 493 31.42 -111.91 41.67
C GLY M 493 32.03 -113.19 41.13
N PHE M 494 32.56 -114.02 42.01
CA PHE M 494 33.17 -115.28 41.61
C PHE M 494 32.19 -116.11 40.79
N LEU M 495 30.98 -116.30 41.33
CA LEU M 495 29.94 -117.06 40.65
C LEU M 495 29.71 -116.51 39.24
N GLY M 496 29.81 -115.19 39.12
CA GLY M 496 29.60 -114.55 37.83
C GLY M 496 30.65 -114.86 36.79
N ARG M 497 31.91 -114.55 37.10
CA ARG M 497 33.00 -114.80 36.17
C ARG M 497 33.13 -116.29 35.87
N LEU M 498 32.62 -117.13 36.78
CA LEU M 498 32.68 -118.57 36.61
C LEU M 498 31.69 -119.02 35.54
N SER M 499 30.52 -118.39 35.50
CA SER M 499 29.50 -118.73 34.52
C SER M 499 29.82 -118.18 33.13
N LEU M 500 30.79 -117.27 33.07
CA LEU M 500 31.19 -116.66 31.81
C LEU M 500 32.46 -117.28 31.25
N GLU M 501 33.43 -117.50 32.13
CA GLU M 501 34.71 -118.10 31.72
C GLU M 501 34.49 -119.56 31.34
N ARG M 502 33.58 -120.22 32.06
CA ARG M 502 33.27 -121.62 31.81
C ARG M 502 31.93 -121.81 31.10
N GLU M 503 31.88 -122.78 30.22
CA GLU M 503 30.65 -123.06 29.49
C GLU M 503 30.32 -124.53 29.62
N ASP M 504 29.18 -124.94 29.07
CA ASP M 504 28.79 -126.33 29.09
C ASP M 504 29.62 -126.95 27.98
N ARG M 505 29.94 -126.09 27.02
CA ARG M 505 30.73 -126.41 25.84
C ARG M 505 32.12 -126.91 26.24
N ASP M 506 32.50 -126.61 27.48
CA ASP M 506 33.82 -127.00 27.99
C ASP M 506 33.91 -128.45 28.46
N ALA M 507 32.93 -129.27 28.12
CA ALA M 507 32.96 -130.66 28.55
C ALA M 507 32.21 -131.65 27.66
N TRP M 508 32.44 -131.56 26.36
CA TRP M 508 31.80 -132.49 25.42
C TRP M 508 32.85 -133.52 25.01
N HIS M 509 34.09 -133.07 24.93
CA HIS M 509 35.21 -133.92 24.55
C HIS M 509 35.34 -135.07 25.55
N LEU M 510 34.73 -134.90 26.71
CA LEU M 510 34.76 -135.93 27.76
C LEU M 510 33.88 -137.11 27.34
N PRO M 511 34.45 -138.32 27.31
CA PRO M 511 33.76 -139.55 26.94
C PRO M 511 32.51 -139.89 27.75
N ALA M 512 32.59 -139.77 29.06
CA ALA M 512 31.47 -140.09 29.95
C ALA M 512 30.28 -139.14 29.88
N TYR M 513 30.50 -137.93 29.39
CA TYR M 513 29.44 -136.93 29.29
C TYR M 513 28.15 -137.48 28.70
N LYS M 514 28.27 -138.23 27.60
CA LYS M 514 27.14 -138.81 26.90
C LYS M 514 26.26 -139.71 27.77
N CYS M 515 26.68 -139.96 29.00
CA CYS M 515 25.95 -140.85 29.88
C CYS M 515 25.07 -140.21 30.96
N VAL M 516 24.95 -138.89 30.97
CA VAL M 516 24.15 -138.24 31.99
C VAL M 516 22.81 -137.69 31.50
N ASP M 517 21.72 -138.27 32.00
CA ASP M 517 20.37 -137.84 31.65
C ASP M 517 20.12 -136.46 32.24
N ARG M 518 19.87 -136.41 33.55
CA ARG M 518 19.65 -135.13 34.22
C ARG M 518 20.99 -134.55 34.60
N LEU M 519 21.67 -133.94 33.63
CA LEU M 519 22.99 -133.35 33.84
C LEU M 519 22.97 -132.09 34.72
N ASP M 520 21.79 -131.49 34.88
CA ASP M 520 21.69 -130.28 35.69
C ASP M 520 21.89 -130.56 37.17
N LYS M 521 21.68 -131.81 37.57
CA LYS M 521 21.85 -132.19 38.97
C LYS M 521 23.20 -132.87 39.18
N VAL M 522 24.17 -132.50 38.35
CA VAL M 522 25.52 -133.05 38.43
C VAL M 522 26.41 -132.11 39.24
N LEU M 523 26.95 -132.62 40.35
CA LEU M 523 27.81 -131.83 41.21
C LEU M 523 29.19 -131.66 40.59
N MET M 524 29.83 -132.79 40.28
CA MET M 524 31.17 -132.75 39.68
C MET M 524 31.56 -134.11 39.09
N ILE M 525 32.28 -134.06 37.98
CA ILE M 525 32.74 -135.27 37.31
C ILE M 525 34.25 -135.41 37.46
N ILE M 526 34.70 -136.62 37.76
CA ILE M 526 36.12 -136.89 37.94
C ILE M 526 36.67 -137.84 36.89
N PRO M 527 37.27 -137.31 35.82
CA PRO M 527 37.84 -138.14 34.75
C PRO M 527 39.08 -138.88 35.24
N LEU M 528 38.98 -140.21 35.31
CA LEU M 528 40.09 -141.02 35.75
C LEU M 528 40.79 -141.72 34.59
N ILE M 529 41.76 -142.55 34.91
CA ILE M 529 42.53 -143.27 33.89
C ILE M 529 41.70 -144.28 33.12
N ASN M 530 41.20 -145.30 33.81
CA ASN M 530 40.39 -146.34 33.17
C ASN M 530 38.88 -146.12 33.31
N VAL M 531 38.50 -145.13 34.11
CA VAL M 531 37.09 -144.82 34.33
C VAL M 531 36.88 -143.33 34.56
N THR M 532 35.63 -142.95 34.82
CA THR M 532 35.28 -141.56 35.09
C THR M 532 34.09 -141.51 36.04
N PHE M 533 34.31 -140.92 37.20
CA PHE M 533 33.27 -140.80 38.22
C PHE M 533 32.37 -139.58 38.04
N ILE M 534 31.08 -139.78 38.27
CA ILE M 534 30.09 -138.71 38.15
C ILE M 534 29.32 -138.53 39.45
N ILE M 535 29.69 -137.50 40.21
CA ILE M 535 29.02 -137.21 41.47
C ILE M 535 27.81 -136.32 41.17
N SER M 536 26.62 -136.78 41.57
CA SER M 536 25.41 -136.03 41.33
C SER M 536 24.33 -136.32 42.37
N SER M 537 23.25 -135.54 42.31
CA SER M 537 22.14 -135.71 43.23
C SER M 537 21.01 -136.48 42.56
N ASP M 538 21.38 -137.26 41.53
CA ASP M 538 20.40 -138.06 40.80
C ASP M 538 20.99 -139.42 40.45
N ARG M 539 20.19 -140.46 40.60
CA ARG M 539 20.62 -141.82 40.29
C ARG M 539 20.25 -142.15 38.84
N GLU M 540 20.20 -141.12 38.01
CA GLU M 540 19.85 -141.30 36.60
C GLU M 540 21.05 -141.62 35.71
N VAL M 541 22.25 -141.26 36.15
CA VAL M 541 23.44 -141.53 35.36
C VAL M 541 23.49 -143.03 35.06
N ARG M 542 23.75 -143.37 33.80
CA ARG M 542 23.81 -144.77 33.39
C ARG M 542 25.21 -145.34 33.34
N GLY M 543 25.90 -145.33 34.48
CA GLY M 543 27.25 -145.86 34.53
C GLY M 543 27.30 -147.37 34.68
N SER M 544 28.07 -147.85 35.63
CA SER M 544 28.22 -149.28 35.87
C SER M 544 27.60 -149.69 37.20
N ALA M 545 27.61 -148.76 38.16
CA ALA M 545 27.05 -149.01 39.48
C ALA M 545 26.62 -147.70 40.11
N LEU M 546 25.85 -147.80 41.19
CA LEU M 546 25.38 -146.61 41.89
C LEU M 546 25.79 -146.64 43.35
N TYR M 547 26.45 -145.57 43.78
CA TYR M 547 26.90 -145.42 45.15
C TYR M 547 26.16 -144.26 45.82
N GLU M 548 25.96 -144.37 47.12
CA GLU M 548 25.26 -143.32 47.86
C GLU M 548 25.87 -143.12 49.24
N ALA M 549 26.24 -141.88 49.54
CA ALA M 549 26.82 -141.55 50.83
C ALA M 549 25.77 -141.69 51.92
N SER M 550 26.21 -141.79 53.17
CA SER M 550 25.29 -141.94 54.29
C SER M 550 24.55 -140.65 54.65
N THR M 551 25.15 -139.51 54.30
CA THR M 551 24.56 -138.20 54.60
C THR M 551 23.29 -137.89 53.81
N THR M 552 22.31 -137.30 54.48
CA THR M 552 21.04 -136.93 53.88
C THR M 552 20.72 -135.49 54.28
N TYR M 553 21.71 -134.84 54.90
CA TYR M 553 21.59 -133.46 55.35
C TYR M 553 21.26 -132.54 54.19
N LEU M 554 21.91 -132.80 53.05
CA LEU M 554 21.69 -131.98 51.87
C LEU M 554 20.23 -132.07 51.42
N SER M 555 19.87 -131.20 50.48
CA SER M 555 18.52 -131.15 49.95
C SER M 555 18.18 -132.53 49.40
N SER M 556 19.02 -133.00 48.48
CA SER M 556 18.84 -134.30 47.86
C SER M 556 19.90 -135.27 48.36
N SER M 557 20.15 -136.34 47.61
CA SER M 557 21.15 -137.33 48.00
C SER M 557 22.49 -137.11 47.30
N LEU M 558 23.51 -137.82 47.78
CA LEU M 558 24.84 -137.71 47.21
C LEU M 558 25.20 -139.04 46.53
N PHE M 559 25.04 -139.09 45.22
CA PHE M 559 25.32 -140.29 44.44
C PHE M 559 26.69 -140.28 43.77
N LEU M 560 27.19 -141.47 43.44
CA LEU M 560 28.48 -141.63 42.80
C LEU M 560 28.36 -142.65 41.65
N SER M 561 28.27 -142.14 40.42
CA SER M 561 28.15 -143.01 39.25
C SER M 561 29.46 -143.13 38.47
N PRO M 562 30.06 -144.33 38.47
CA PRO M 562 31.31 -144.58 37.76
C PRO M 562 31.10 -145.21 36.39
N VAL M 563 31.66 -144.61 35.35
CA VAL M 563 31.55 -145.13 33.99
C VAL M 563 32.82 -145.91 33.67
N ILE M 564 32.76 -147.23 33.78
CA ILE M 564 33.92 -148.06 33.50
C ILE M 564 34.25 -148.07 32.01
N MET M 565 35.53 -147.97 31.71
CA MET M 565 36.01 -147.97 30.32
C MET M 565 35.32 -146.88 29.50
N ASN M 566 35.00 -145.77 30.16
CA ASN M 566 34.33 -144.64 29.54
C ASN M 566 33.20 -144.96 28.57
N LYS M 567 32.57 -146.12 28.76
CA LYS M 567 31.45 -146.51 27.92
C LYS M 567 30.33 -146.91 28.87
N CYS M 568 29.14 -146.34 28.67
CA CYS M 568 28.02 -146.64 29.54
C CYS M 568 27.03 -147.65 29.00
N SER M 569 26.37 -148.34 29.94
CA SER M 569 25.37 -149.34 29.61
C SER M 569 24.00 -148.67 29.53
N GLN M 570 23.07 -149.35 28.88
CA GLN M 570 21.71 -148.84 28.72
C GLN M 570 20.89 -148.95 30.00
N GLY M 571 20.36 -147.81 30.46
CA GLY M 571 19.56 -147.79 31.67
C GLY M 571 20.39 -147.66 32.93
N ALA M 572 19.80 -147.08 33.96
CA ALA M 572 20.48 -146.89 35.23
C ALA M 572 20.51 -148.18 36.04
N VAL M 573 21.24 -148.16 37.15
CA VAL M 573 21.36 -149.34 38.01
C VAL M 573 20.02 -149.77 38.58
N ALA M 574 19.96 -151.00 39.07
CA ALA M 574 18.74 -151.53 39.66
C ALA M 574 18.39 -150.76 40.93
N GLY M 575 17.25 -151.11 41.53
CA GLY M 575 16.81 -150.43 42.74
C GLY M 575 17.83 -150.60 43.84
N GLU M 576 17.75 -149.76 44.86
CA GLU M 576 18.66 -149.81 46.03
C GLU M 576 20.12 -149.61 45.65
N PRO M 577 20.69 -148.46 46.02
CA PRO M 577 22.09 -148.17 45.70
C PRO M 577 23.04 -149.00 46.56
N ARG M 578 24.29 -149.14 46.10
CA ARG M 578 25.29 -149.87 46.84
C ARG M 578 25.85 -148.92 47.90
N GLN M 579 25.98 -149.39 49.13
CA GLN M 579 26.46 -148.55 50.22
C GLN M 579 27.99 -148.51 50.28
N ILE M 580 28.52 -147.32 50.57
CA ILE M 580 29.97 -147.13 50.66
C ILE M 580 30.53 -147.81 51.91
N PRO M 581 31.35 -148.85 51.72
CA PRO M 581 31.95 -149.59 52.84
C PRO M 581 33.00 -148.75 53.56
N LYS M 582 33.08 -148.90 54.88
CA LYS M 582 34.04 -148.16 55.68
C LYS M 582 35.30 -149.00 55.88
N ILE M 583 36.46 -148.37 55.72
CA ILE M 583 37.73 -149.07 55.87
C ILE M 583 38.71 -148.39 56.81
N GLN M 584 39.40 -149.20 57.61
CA GLN M 584 40.39 -148.71 58.57
C GLN M 584 41.66 -149.53 58.44
N ASN M 585 41.70 -150.40 57.43
CA ASN M 585 42.84 -151.28 57.20
C ASN M 585 44.16 -150.55 56.92
N PHE M 586 44.21 -149.86 55.79
CA PHE M 586 45.42 -149.14 55.38
C PHE M 586 46.10 -148.37 56.51
N THR M 587 47.44 -148.42 56.52
CA THR M 587 48.24 -147.74 57.52
C THR M 587 48.77 -146.45 56.90
N ARG M 588 49.09 -145.47 57.74
CA ARG M 588 49.59 -144.18 57.25
C ARG M 588 50.84 -144.32 56.39
N THR M 589 51.96 -144.68 57.02
CA THR M 589 53.21 -144.84 56.30
C THR M 589 53.04 -145.84 55.17
N GLN M 590 53.43 -145.43 53.96
CA GLN M 590 53.31 -146.30 52.79
C GLN M 590 54.57 -146.35 51.95
N LYS M 591 54.99 -147.57 51.61
CA LYS M 591 56.19 -147.77 50.81
C LYS M 591 55.95 -147.34 49.37
N SER M 592 55.11 -148.09 48.66
CA SER M 592 54.79 -147.78 47.28
C SER M 592 53.57 -146.88 47.13
N CYS M 593 53.22 -146.58 45.88
CA CYS M 593 52.09 -145.73 45.55
C CYS M 593 50.81 -146.56 45.43
N ILE M 594 50.15 -146.82 46.56
CA ILE M 594 48.92 -147.60 46.56
C ILE M 594 47.81 -146.86 45.82
N PHE M 595 47.40 -145.72 46.36
CA PHE M 595 46.35 -144.91 45.75
C PHE M 595 47.00 -144.01 44.71
N CYS M 596 47.49 -144.62 43.63
CA CYS M 596 48.14 -143.85 42.58
C CYS M 596 47.14 -143.30 41.56
N GLY M 597 46.70 -144.14 40.63
CA GLY M 597 45.75 -143.68 39.64
C GLY M 597 44.38 -143.41 40.23
N PHE M 598 44.31 -143.35 41.55
CA PHE M 598 43.04 -143.11 42.24
C PHE M 598 42.84 -141.64 42.58
N ALA M 599 41.70 -141.33 43.19
CA ALA M 599 41.37 -139.97 43.56
C ALA M 599 40.64 -139.94 44.90
N LEU M 600 40.83 -138.86 45.66
CA LEU M 600 40.19 -138.70 46.96
C LEU M 600 39.10 -137.65 46.88
N LEU M 601 38.00 -137.91 47.59
CA LEU M 601 36.87 -136.97 47.60
C LEU M 601 36.31 -136.85 49.02
N SER M 602 36.48 -135.68 49.61
CA SER M 602 35.98 -135.43 50.96
C SER M 602 34.74 -134.55 50.89
N TYR M 603 33.72 -134.92 51.66
CA TYR M 603 32.49 -134.15 51.68
C TYR M 603 32.04 -133.90 53.11
N ASP M 604 31.43 -132.73 53.33
CA ASP M 604 30.95 -132.39 54.66
C ASP M 604 29.52 -132.89 54.74
N GLU M 605 29.15 -133.44 55.90
CA GLU M 605 27.82 -133.98 56.11
C GLU M 605 26.75 -132.90 55.87
N LYS M 606 26.96 -131.72 56.45
CA LYS M 606 26.02 -130.63 56.30
C LYS M 606 26.12 -129.96 54.93
N GLU M 607 27.29 -129.43 54.59
CA GLU M 607 27.48 -128.78 53.29
C GLU M 607 27.72 -129.80 52.17
N GLY M 608 27.96 -129.28 50.97
CA GLY M 608 28.20 -130.15 49.82
C GLY M 608 29.57 -130.82 49.83
N LEU M 609 30.21 -130.86 48.67
CA LEU M 609 31.53 -131.48 48.55
C LEU M 609 32.63 -130.48 48.90
N GLU M 610 33.56 -130.92 49.74
CA GLU M 610 34.68 -130.07 50.17
C GLU M 610 35.82 -130.01 49.16
N THR M 611 36.76 -130.95 49.26
CA THR M 611 37.91 -130.98 48.36
C THR M 611 38.12 -132.35 47.71
N THR M 612 38.69 -132.33 46.52
CA THR M 612 38.98 -133.56 45.77
C THR M 612 40.46 -133.58 45.41
N THR M 613 41.05 -134.78 45.41
CA THR M 613 42.47 -134.90 45.10
C THR M 613 42.80 -136.09 44.20
N TYR M 614 43.67 -135.84 43.22
CA TYR M 614 44.10 -136.88 42.31
C TYR M 614 45.58 -137.10 42.59
N ILE M 615 45.91 -138.23 43.20
CA ILE M 615 47.30 -138.55 43.54
C ILE M 615 48.10 -138.90 42.30
N THR M 616 48.69 -137.89 41.68
CA THR M 616 49.48 -138.08 40.47
C THR M 616 50.61 -139.08 40.65
N SER M 617 51.49 -138.82 41.61
CA SER M 617 52.61 -139.71 41.85
C SER M 617 52.91 -139.95 43.34
N GLN M 618 53.94 -140.75 43.58
CA GLN M 618 54.38 -141.10 44.92
C GLN M 618 54.53 -139.89 45.85
N GLU M 619 55.36 -138.94 45.44
CA GLU M 619 55.58 -137.73 46.23
C GLU M 619 54.28 -137.13 46.76
N VAL M 620 53.26 -137.12 45.92
CA VAL M 620 51.97 -136.56 46.29
C VAL M 620 51.29 -137.36 47.41
N GLN M 621 51.23 -138.67 47.24
CA GLN M 621 50.59 -139.53 48.24
C GLN M 621 51.23 -139.33 49.61
N ASN M 622 52.53 -139.12 49.63
CA ASN M 622 53.25 -138.90 50.88
C ASN M 622 52.86 -137.56 51.49
N SER M 623 52.82 -136.53 50.66
CA SER M 623 52.47 -135.19 51.11
C SER M 623 50.98 -135.08 51.46
N ILE M 624 50.33 -136.23 51.64
CA ILE M 624 48.92 -136.27 51.99
C ILE M 624 48.70 -137.10 53.25
N LEU M 625 49.35 -138.26 53.29
CA LEU M 625 49.24 -139.16 54.44
C LEU M 625 50.10 -138.65 55.59
N SER M 626 51.09 -137.83 55.25
CA SER M 626 51.99 -137.26 56.25
C SER M 626 51.35 -136.02 56.84
N SER M 627 50.85 -135.15 55.97
CA SER M 627 50.20 -133.92 56.39
C SER M 627 48.88 -134.26 57.07
N ASN M 628 48.16 -133.23 57.51
CA ASN M 628 46.87 -133.43 58.19
C ASN M 628 45.71 -133.33 57.22
N TYR M 629 45.88 -133.88 56.01
CA TYR M 629 44.83 -133.86 55.01
C TYR M 629 43.60 -134.58 55.56
N PHE M 630 43.85 -135.57 56.40
CA PHE M 630 42.79 -136.36 57.01
C PHE M 630 42.46 -135.87 58.41
N ASP M 631 41.21 -136.09 58.82
CA ASP M 631 40.76 -135.70 60.14
C ASP M 631 39.54 -136.55 60.51
N PHE M 632 39.80 -137.81 60.81
CA PHE M 632 38.76 -138.76 61.18
C PHE M 632 38.11 -138.37 62.50
N ASP M 633 38.78 -137.50 63.24
CA ASP M 633 38.26 -137.03 64.53
C ASP M 633 37.26 -135.91 64.30
N ASN M 634 36.49 -136.04 63.22
CA ASN M 634 35.48 -135.07 62.86
C ASN M 634 34.35 -135.84 62.18
N LEU M 635 33.27 -136.07 62.92
CA LEU M 635 32.12 -136.80 62.42
C LEU M 635 31.46 -136.13 61.21
N HIS M 636 31.59 -134.82 61.13
CA HIS M 636 30.99 -134.07 60.03
C HIS M 636 31.64 -134.33 58.67
N VAL M 637 32.96 -134.51 58.66
CA VAL M 637 33.66 -134.75 57.40
C VAL M 637 33.97 -136.23 57.16
N HIS M 638 33.81 -136.64 55.90
CA HIS M 638 34.08 -138.01 55.49
C HIS M 638 35.07 -137.98 54.33
N TYR M 639 35.80 -139.07 54.16
CA TYR M 639 36.80 -139.17 53.09
C TYR M 639 36.56 -140.38 52.20
N LEU M 640 36.32 -140.13 50.92
CA LEU M 640 36.09 -141.21 49.97
C LEU M 640 37.27 -141.45 49.05
N LEU M 641 37.35 -142.67 48.52
CA LEU M 641 38.44 -143.05 47.63
C LEU M 641 37.89 -143.70 46.36
N LEU M 642 38.11 -143.04 45.23
CA LEU M 642 37.66 -143.56 43.94
C LEU M 642 38.84 -144.23 43.25
N THR M 643 38.71 -145.51 42.95
CA THR M 643 39.79 -146.26 42.31
C THR M 643 39.64 -146.36 40.80
N THR M 644 40.62 -147.00 40.16
CA THR M 644 40.59 -147.19 38.72
C THR M 644 39.39 -148.06 38.39
N ASN M 645 38.92 -148.78 39.40
CA ASN M 645 37.75 -149.64 39.26
C ASN M 645 36.56 -148.85 39.76
N GLY M 646 35.37 -149.18 39.26
CA GLY M 646 34.18 -148.46 39.68
C GLY M 646 33.83 -148.66 41.15
N THR M 647 34.84 -148.91 41.97
CA THR M 647 34.63 -149.12 43.40
C THR M 647 34.90 -147.85 44.21
N VAL M 648 34.14 -147.69 45.28
CA VAL M 648 34.29 -146.53 46.16
C VAL M 648 34.33 -147.00 47.61
N MET M 649 35.09 -146.29 48.44
CA MET M 649 35.22 -146.66 49.85
C MET M 649 35.57 -145.47 50.73
N GLU M 650 35.09 -145.50 51.97
CA GLU M 650 35.35 -144.45 52.94
C GLU M 650 36.59 -144.78 53.75
N ILE M 651 37.31 -143.77 54.21
CA ILE M 651 38.52 -143.99 54.98
C ILE M 651 38.41 -143.47 56.41
N ALA M 652 39.12 -144.14 57.32
CA ALA M 652 39.13 -143.77 58.73
C ALA M 652 40.19 -144.57 59.47
N GLY M 653 41.42 -144.55 58.97
CA GLY M 653 42.49 -145.28 59.61
C GLY M 653 43.86 -144.70 59.28
N TRP N 1 53.64 -51.49 5.13
CA TRP N 1 52.81 -51.15 6.33
C TRP N 1 51.36 -51.51 6.07
N ALA N 2 50.48 -50.51 6.15
CA ALA N 2 49.05 -50.72 5.93
C ALA N 2 48.86 -51.57 4.67
N TYR N 3 48.33 -52.78 4.86
CA TYR N 3 48.11 -53.69 3.74
C TYR N 3 46.63 -53.72 3.35
N PRO N 4 46.30 -54.23 2.16
CA PRO N 4 44.92 -54.30 1.70
C PRO N 4 43.97 -55.02 2.66
N CYS N 5 43.06 -54.28 3.29
CA CYS N 5 42.11 -54.85 4.24
C CYS N 5 40.77 -55.15 3.60
N CYS N 6 40.56 -56.40 3.21
CA CYS N 6 39.27 -56.71 2.62
C CYS N 6 38.24 -57.26 3.59
N HIS N 7 37.06 -57.54 3.06
CA HIS N 7 35.95 -58.09 3.83
C HIS N 7 35.54 -59.36 3.13
N VAL N 8 35.62 -60.47 3.85
CA VAL N 8 35.29 -61.76 3.28
C VAL N 8 33.79 -62.00 3.06
N THR N 9 33.47 -62.60 1.93
CA THR N 9 32.11 -62.93 1.56
C THR N 9 32.12 -64.33 0.96
N GLN N 10 31.40 -65.24 1.59
CA GLN N 10 31.36 -66.63 1.11
C GLN N 10 30.97 -66.69 -0.35
N LEU N 11 31.71 -67.46 -1.13
CA LEU N 11 31.42 -67.60 -2.55
C LEU N 11 30.01 -68.14 -2.77
N ARG N 12 29.26 -67.49 -3.65
CA ARG N 12 27.89 -67.89 -3.94
C ARG N 12 27.78 -69.21 -4.68
N ALA N 13 28.48 -70.22 -4.20
CA ALA N 13 28.46 -71.55 -4.80
C ALA N 13 28.95 -71.57 -6.25
N GLN N 14 29.26 -70.41 -6.79
CA GLN N 14 29.74 -70.30 -8.16
C GLN N 14 30.87 -71.31 -8.32
N HIS N 15 31.87 -71.19 -7.46
CA HIS N 15 33.02 -72.07 -7.47
C HIS N 15 34.07 -71.47 -6.54
N LEU N 16 34.72 -72.31 -5.74
CA LEU N 16 35.75 -71.82 -4.85
C LEU N 16 37.02 -71.69 -5.68
N LEU N 17 37.70 -70.57 -5.51
CA LEU N 17 38.94 -70.34 -6.25
C LEU N 17 39.82 -71.57 -6.11
N ALA N 18 39.89 -72.36 -7.19
CA ALA N 18 40.70 -73.57 -7.17
C ALA N 18 42.13 -73.18 -6.83
N LEU N 19 42.78 -73.98 -6.00
CA LEU N 19 44.15 -73.70 -5.61
C LEU N 19 45.01 -73.53 -6.87
N GLU N 20 44.53 -74.13 -7.96
CA GLU N 20 45.23 -74.05 -9.23
C GLU N 20 45.22 -72.62 -9.75
N ASN N 21 44.08 -71.97 -9.62
CA ASN N 21 43.93 -70.59 -10.08
C ASN N 21 44.86 -69.65 -9.35
N ILE N 22 44.77 -69.63 -8.03
CA ILE N 22 45.62 -68.75 -7.22
C ILE N 22 47.11 -68.99 -7.48
N SER N 23 47.87 -67.91 -7.44
CA SER N 23 49.31 -67.95 -7.66
C SER N 23 49.94 -66.86 -6.79
N ASP N 24 49.11 -66.24 -5.97
CA ASP N 24 49.55 -65.19 -5.08
C ASP N 24 48.60 -65.05 -3.89
N ILE N 25 49.18 -64.94 -2.69
CA ILE N 25 48.38 -64.81 -1.48
C ILE N 25 49.01 -63.84 -0.50
N TYR N 26 48.33 -62.72 -0.27
CA TYR N 26 48.82 -61.68 0.64
C TYR N 26 48.17 -61.83 2.01
N LEU N 27 48.98 -61.84 3.07
CA LEU N 27 48.47 -61.97 4.43
C LEU N 27 48.70 -60.70 5.26
N VAL N 28 47.92 -60.55 6.32
CA VAL N 28 48.02 -59.38 7.19
C VAL N 28 48.69 -59.67 8.54
N SER N 29 48.89 -58.63 9.33
CA SER N 29 49.51 -58.74 10.65
C SER N 29 48.47 -58.62 11.76
N ASN N 30 48.85 -59.05 12.97
CA ASN N 30 47.94 -59.00 14.12
C ASN N 30 47.66 -57.57 14.60
N GLN N 31 47.74 -56.60 13.69
CA GLN N 31 47.48 -55.21 14.07
C GLN N 31 47.26 -54.30 12.88
N THR N 32 47.58 -54.77 11.67
CA THR N 32 47.38 -53.97 10.48
C THR N 32 45.95 -53.47 10.38
N CYS N 33 45.04 -54.35 10.00
CA CYS N 33 43.64 -53.97 9.87
C CYS N 33 43.06 -53.75 11.26
N ASP N 34 42.42 -54.78 11.81
CA ASP N 34 41.83 -54.67 13.14
C ASP N 34 41.62 -56.04 13.76
N GLY N 35 42.72 -56.75 14.01
CA GLY N 35 42.65 -58.07 14.61
C GLY N 35 42.18 -59.16 13.65
N PHE N 36 41.55 -58.75 12.57
CA PHE N 36 41.04 -59.69 11.57
C PHE N 36 42.14 -60.33 10.73
N SER N 37 42.28 -61.65 10.84
CA SER N 37 43.27 -62.37 10.06
C SER N 37 42.70 -62.51 8.65
N LEU N 38 43.04 -61.56 7.79
CA LEU N 38 42.55 -61.55 6.43
C LEU N 38 43.62 -61.92 5.41
N ALA N 39 43.17 -62.44 4.27
CA ALA N 39 44.08 -62.83 3.20
C ALA N 39 43.52 -62.43 1.84
N SER N 40 44.41 -62.22 0.88
CA SER N 40 44.01 -61.83 -0.47
C SER N 40 44.45 -62.89 -1.47
N LEU N 41 43.49 -63.45 -2.19
CA LEU N 41 43.77 -64.48 -3.17
C LEU N 41 43.87 -63.87 -4.57
N ASN N 42 45.10 -63.72 -5.06
CA ASN N 42 45.34 -63.16 -6.38
C ASN N 42 45.64 -64.23 -7.42
N SER N 43 44.93 -64.14 -8.54
CA SER N 43 45.11 -65.09 -9.63
C SER N 43 44.95 -64.39 -10.97
N PRO N 44 46.00 -64.45 -11.82
CA PRO N 44 45.95 -63.81 -13.15
C PRO N 44 44.95 -64.48 -14.07
N LYS N 45 44.21 -63.66 -14.81
CA LYS N 45 43.21 -64.16 -15.75
C LYS N 45 43.78 -64.19 -17.16
N ASN N 46 43.11 -64.89 -18.07
CA ASN N 46 43.54 -65.00 -19.45
C ASN N 46 44.89 -65.72 -19.55
N GLY N 47 45.92 -64.97 -19.94
CA GLY N 47 47.25 -65.55 -20.06
C GLY N 47 48.15 -65.21 -18.89
N SER N 48 48.84 -64.09 -18.99
CA SER N 48 49.74 -63.65 -17.94
C SER N 48 49.12 -62.53 -17.12
N ASN N 49 49.98 -61.76 -16.45
CA ASN N 49 49.51 -60.65 -15.61
C ASN N 49 48.94 -59.48 -16.39
N GLN N 50 47.80 -59.71 -17.03
CA GLN N 50 47.11 -58.68 -17.78
C GLN N 50 46.07 -58.10 -16.83
N LEU N 51 45.05 -58.90 -16.55
CA LEU N 51 43.97 -58.51 -15.65
C LEU N 51 43.99 -59.46 -14.45
N VAL N 52 44.42 -58.97 -13.29
CA VAL N 52 44.49 -59.82 -12.11
C VAL N 52 43.24 -59.74 -11.22
N ILE N 53 42.67 -60.91 -10.97
CA ILE N 53 41.48 -61.03 -10.12
C ILE N 53 41.95 -61.21 -8.68
N SER N 54 41.42 -60.39 -7.78
CA SER N 54 41.80 -60.46 -6.38
C SER N 54 40.60 -60.48 -5.45
N ARG N 55 40.34 -61.62 -4.83
CA ARG N 55 39.23 -61.74 -3.91
C ARG N 55 39.68 -62.12 -2.51
N CYS N 56 38.85 -61.77 -1.53
CA CYS N 56 39.15 -62.00 -0.12
C CYS N 56 38.88 -63.41 0.38
N ALA N 57 39.67 -63.83 1.36
CA ALA N 57 39.56 -65.14 1.98
C ALA N 57 39.81 -64.97 3.47
N ASN N 58 39.55 -66.02 4.25
CA ASN N 58 39.75 -65.96 5.69
C ASN N 58 41.19 -66.31 6.04
N GLY N 59 41.93 -65.33 6.55
CA GLY N 59 43.31 -65.53 6.91
C GLY N 59 43.57 -66.78 7.73
N LEU N 60 43.06 -66.80 8.96
CA LEU N 60 43.23 -67.94 9.85
C LEU N 60 43.06 -69.28 9.13
N ASN N 61 41.94 -69.42 8.41
CA ASN N 61 41.68 -70.65 7.67
C ASN N 61 42.78 -70.91 6.65
N VAL N 62 43.11 -69.90 5.86
CA VAL N 62 44.15 -70.03 4.84
C VAL N 62 45.46 -70.43 5.50
N VAL N 63 45.92 -69.63 6.45
CA VAL N 63 47.17 -69.90 7.15
C VAL N 63 47.19 -71.31 7.73
N SER N 64 46.09 -71.73 8.33
CA SER N 64 46.00 -73.07 8.90
C SER N 64 46.27 -74.11 7.83
N PHE N 65 45.65 -73.90 6.66
CA PHE N 65 45.82 -74.79 5.52
C PHE N 65 47.30 -74.98 5.22
N PHE N 66 47.98 -73.88 4.92
CA PHE N 66 49.40 -73.90 4.61
C PHE N 66 50.21 -74.54 5.73
N ILE N 67 49.92 -74.14 6.97
CA ILE N 67 50.62 -74.70 8.12
C ILE N 67 50.50 -76.22 8.10
N SER N 68 49.33 -76.70 7.69
CA SER N 68 49.07 -78.14 7.62
C SER N 68 49.89 -78.83 6.53
N ILE N 69 49.84 -78.28 5.33
CA ILE N 69 50.59 -78.84 4.20
C ILE N 69 52.07 -78.96 4.49
N LEU N 70 52.63 -77.90 5.07
CA LEU N 70 54.05 -77.88 5.40
C LEU N 70 54.39 -79.02 6.35
N LYS N 71 53.62 -79.14 7.42
CA LYS N 71 53.80 -80.18 8.42
C LYS N 71 53.62 -81.57 7.83
N ARG N 72 52.61 -81.71 6.99
CA ARG N 72 52.29 -82.99 6.36
C ARG N 72 53.35 -83.50 5.38
N SER N 73 54.36 -82.68 5.10
CA SER N 73 55.40 -83.09 4.16
C SER N 73 56.79 -82.62 4.57
N SER N 74 57.04 -82.56 5.88
CA SER N 74 58.32 -82.11 6.41
C SER N 74 59.49 -82.95 5.87
N SER N 75 59.21 -84.21 5.55
CA SER N 75 60.24 -85.10 5.04
C SER N 75 60.75 -84.69 3.66
N ALA N 76 60.13 -83.69 3.06
CA ALA N 76 60.54 -83.24 1.74
C ALA N 76 60.71 -81.73 1.60
N LEU N 77 61.29 -81.09 2.62
CA LEU N 77 61.49 -79.65 2.54
C LEU N 77 62.49 -79.06 3.53
N THR N 78 63.34 -78.17 3.01
CA THR N 78 64.35 -77.49 3.80
C THR N 78 64.38 -76.04 3.30
N GLY N 79 65.28 -75.24 3.85
CA GLY N 79 65.37 -73.85 3.44
C GLY N 79 64.15 -73.07 3.90
N HIS N 80 63.65 -72.18 3.04
CA HIS N 80 62.48 -71.38 3.37
C HIS N 80 61.30 -72.25 3.81
N LEU N 81 61.05 -73.30 3.05
CA LEU N 81 59.93 -74.21 3.34
C LEU N 81 60.04 -74.94 4.67
N ARG N 82 60.87 -74.42 5.58
CA ARG N 82 61.02 -75.02 6.89
C ARG N 82 60.96 -73.92 7.94
N GLU N 83 61.45 -72.75 7.55
CA GLU N 83 61.44 -71.58 8.43
C GLU N 83 60.06 -70.94 8.29
N LEU N 84 59.50 -71.06 7.08
CA LEU N 84 58.19 -70.53 6.77
C LEU N 84 57.15 -71.08 7.74
N LEU N 85 57.27 -72.37 8.05
CA LEU N 85 56.34 -73.03 8.96
C LEU N 85 56.41 -72.39 10.35
N THR N 86 57.60 -72.43 10.94
CA THR N 86 57.80 -71.86 12.28
C THR N 86 57.35 -70.41 12.37
N THR N 87 57.56 -69.65 11.30
CA THR N 87 57.18 -68.24 11.27
C THR N 87 55.70 -68.09 10.96
N LEU N 88 55.15 -69.02 10.20
CA LEU N 88 53.74 -68.99 9.84
C LEU N 88 52.88 -69.38 11.04
N GLU N 89 53.41 -70.28 11.86
CA GLU N 89 52.71 -70.73 13.05
C GLU N 89 52.64 -69.61 14.07
N THR N 90 53.75 -68.90 14.26
CA THR N 90 53.82 -67.79 15.19
C THR N 90 52.80 -66.74 14.77
N LEU N 91 52.64 -66.57 13.47
CA LEU N 91 51.70 -65.60 12.91
C LEU N 91 50.29 -66.05 13.27
N TYR N 92 50.01 -67.33 13.01
CA TYR N 92 48.70 -67.91 13.30
C TYR N 92 48.31 -67.66 14.76
N GLY N 93 49.29 -67.74 15.65
CA GLY N 93 49.04 -67.54 17.06
C GLY N 93 49.11 -66.09 17.51
N SER N 94 49.23 -65.17 16.56
CA SER N 94 49.30 -63.75 16.89
C SER N 94 47.91 -63.16 16.92
N PHE N 95 46.97 -63.82 16.26
CA PHE N 95 45.59 -63.38 16.20
C PHE N 95 44.78 -63.95 17.37
N SER N 96 43.78 -63.19 17.80
CA SER N 96 42.91 -63.60 18.90
C SER N 96 41.48 -63.70 18.39
N VAL N 97 40.93 -64.91 18.39
CA VAL N 97 39.58 -65.17 17.92
C VAL N 97 38.49 -64.58 18.83
N GLU N 98 38.55 -64.96 20.10
CA GLU N 98 37.60 -64.55 21.12
C GLU N 98 37.35 -63.03 21.25
N ASP N 99 38.10 -62.23 20.51
CA ASP N 99 37.92 -60.79 20.55
C ASP N 99 36.89 -60.37 19.51
N LEU N 100 36.74 -61.21 18.50
CA LEU N 100 35.79 -60.95 17.42
C LEU N 100 34.34 -61.07 17.92
N PHE N 101 34.18 -61.62 19.12
CA PHE N 101 32.85 -61.77 19.70
C PHE N 101 32.26 -60.38 19.91
N GLY N 102 33.09 -59.49 20.45
CA GLY N 102 32.65 -58.12 20.70
C GLY N 102 33.19 -57.14 19.69
N ALA N 103 33.61 -57.65 18.53
CA ALA N 103 34.16 -56.79 17.49
C ALA N 103 33.17 -56.60 16.34
N ASN N 104 33.25 -55.44 15.70
CA ASN N 104 32.38 -55.11 14.58
C ASN N 104 32.87 -55.81 13.32
N LEU N 105 32.58 -57.10 13.20
CA LEU N 105 33.00 -57.90 12.05
C LEU N 105 32.85 -57.22 10.69
N ASN N 106 31.61 -57.00 10.25
CA ASN N 106 31.36 -56.37 8.97
C ASN N 106 31.64 -54.87 8.99
N ARG N 107 32.91 -54.52 9.11
CA ARG N 107 33.33 -53.11 9.15
C ARG N 107 33.82 -52.60 7.81
N TYR N 108 34.47 -53.47 7.05
CA TYR N 108 35.02 -53.09 5.75
C TYR N 108 34.00 -53.32 4.64
N LEU O 1 73.12 18.26 -22.63
CA LEU O 1 74.50 18.05 -22.12
C LEU O 1 75.51 17.96 -23.27
N SER O 2 76.46 18.89 -23.28
CA SER O 2 77.51 18.92 -24.29
C SER O 2 77.19 19.72 -25.55
N GLU O 3 77.31 21.04 -25.45
CA GLU O 3 77.04 21.90 -26.61
C GLU O 3 76.74 23.33 -26.21
N VAL O 4 77.49 24.27 -26.79
CA VAL O 4 77.31 25.68 -26.51
C VAL O 4 78.18 26.49 -27.46
N LYS O 5 77.78 27.71 -27.74
CA LYS O 5 78.52 28.57 -28.65
C LYS O 5 78.77 29.94 -28.03
N LEU O 6 79.81 30.62 -28.52
CA LEU O 6 80.15 31.94 -28.03
C LEU O 6 80.22 32.95 -29.17
N HIS O 7 79.89 34.20 -28.87
CA HIS O 7 79.91 35.25 -29.88
C HIS O 7 80.95 36.31 -29.52
N LEU O 8 81.92 36.49 -30.40
CA LEU O 8 82.99 37.46 -30.19
C LEU O 8 82.61 38.84 -30.73
N ASP O 9 83.63 39.62 -31.06
CA ASP O 9 83.40 40.96 -31.57
C ASP O 9 84.71 41.66 -31.90
N ILE O 10 85.26 41.37 -33.08
CA ILE O 10 86.51 42.00 -33.49
C ILE O 10 86.16 43.47 -33.73
N GLU O 11 86.80 44.11 -34.71
CA GLU O 11 86.51 45.50 -34.97
C GLU O 11 85.04 45.71 -35.34
N GLY O 12 84.22 45.96 -34.32
CA GLY O 12 82.80 46.19 -34.55
C GLY O 12 81.94 45.02 -34.95
N HIS O 13 82.28 44.36 -36.05
CA HIS O 13 81.50 43.22 -36.52
C HIS O 13 81.35 42.10 -35.49
N ALA O 14 80.21 41.45 -35.50
CA ALA O 14 79.93 40.37 -34.57
C ALA O 14 80.31 39.02 -35.18
N SER O 15 81.27 38.35 -34.55
CA SER O 15 81.72 37.05 -35.01
C SER O 15 80.94 35.94 -34.31
N HIS O 16 80.78 34.82 -34.97
CA HIS O 16 80.04 33.70 -34.40
C HIS O 16 80.76 32.37 -34.51
N TYR O 17 81.21 31.86 -33.37
CA TYR O 17 81.92 30.59 -33.30
C TYR O 17 81.17 29.64 -32.38
N THR O 18 81.01 28.40 -32.82
CA THR O 18 80.32 27.39 -32.03
C THR O 18 81.31 26.30 -31.63
N ILE O 19 81.52 26.13 -30.33
CA ILE O 19 82.46 25.12 -29.84
C ILE O 19 81.75 23.90 -29.25
N PRO O 20 81.62 22.83 -30.05
CA PRO O 20 80.96 21.61 -29.59
C PRO O 20 81.95 20.71 -28.85
N TRP O 21 82.11 20.94 -27.54
CA TRP O 21 83.03 20.12 -26.76
C TRP O 21 82.54 18.67 -26.68
N THR O 22 81.33 18.44 -27.18
CA THR O 22 80.73 17.11 -27.18
C THR O 22 81.51 16.19 -28.11
N GLU O 23 81.83 16.70 -29.30
CA GLU O 23 82.57 15.93 -30.29
C GLU O 23 84.05 15.86 -29.89
N LEU O 24 84.53 16.93 -29.27
CA LEU O 24 85.92 17.01 -28.84
C LEU O 24 86.25 15.94 -27.80
N MET O 25 85.37 15.76 -26.83
CA MET O 25 85.58 14.78 -25.77
C MET O 25 85.82 13.37 -26.30
N ALA O 26 85.31 13.09 -27.50
CA ALA O 26 85.47 11.77 -28.10
C ALA O 26 86.86 11.60 -28.69
N LYS O 27 87.31 12.60 -29.44
CA LYS O 27 88.63 12.56 -30.06
C LYS O 27 89.76 12.88 -29.09
N VAL O 28 89.43 13.32 -27.88
CA VAL O 28 90.44 13.66 -26.90
C VAL O 28 90.21 12.91 -25.59
N PRO O 29 91.30 12.48 -24.94
CA PRO O 29 91.24 11.74 -23.67
C PRO O 29 91.20 12.61 -22.41
N GLY O 30 92.30 13.32 -22.15
CA GLY O 30 92.37 14.14 -20.95
C GLY O 30 91.53 15.41 -20.90
N LEU O 31 90.83 15.73 -21.99
CA LEU O 31 90.01 16.93 -22.02
C LEU O 31 88.71 16.76 -21.25
N SER O 32 88.69 17.27 -20.02
CA SER O 32 87.51 17.21 -19.17
C SER O 32 87.03 18.64 -18.94
N PRO O 33 86.31 19.21 -19.91
CA PRO O 33 85.79 20.58 -19.84
C PRO O 33 85.11 20.95 -18.52
N GLU O 34 84.33 20.03 -17.97
CA GLU O 34 83.63 20.26 -16.72
C GLU O 34 84.54 20.74 -15.60
N ALA O 35 85.71 20.12 -15.47
CA ALA O 35 86.65 20.47 -14.43
C ALA O 35 87.30 21.83 -14.67
N LEU O 36 87.85 22.01 -15.87
CA LEU O 36 88.52 23.27 -16.23
C LEU O 36 87.59 24.47 -16.08
N TRP O 37 86.33 24.31 -16.47
CA TRP O 37 85.37 25.41 -16.37
C TRP O 37 85.18 25.84 -14.93
N ARG O 38 85.30 24.88 -14.01
CA ARG O 38 85.14 25.18 -12.59
C ARG O 38 86.45 25.69 -12.00
N GLU O 39 87.57 25.16 -12.49
CA GLU O 39 88.86 25.58 -12.00
C GLU O 39 88.95 27.09 -12.10
N ALA O 40 88.52 27.63 -13.25
CA ALA O 40 88.53 29.06 -13.48
C ALA O 40 87.24 29.66 -12.93
N ASN O 41 87.34 30.32 -11.78
CA ASN O 41 86.17 30.93 -11.17
C ASN O 41 85.51 31.86 -12.20
N VAL O 42 84.62 31.30 -13.00
CA VAL O 42 83.92 32.07 -14.02
C VAL O 42 83.03 33.13 -13.39
N THR O 43 82.80 33.01 -12.08
CA THR O 43 81.97 33.95 -11.35
C THR O 43 82.79 34.83 -10.42
N GLU O 44 84.09 34.54 -10.34
CA GLU O 44 84.99 35.30 -9.47
C GLU O 44 84.71 36.80 -9.63
N ASP O 45 83.89 37.35 -8.74
CA ASP O 45 83.54 38.76 -8.81
C ASP O 45 84.74 39.61 -9.20
N LEU O 46 84.55 40.39 -10.26
CA LEU O 46 85.57 41.27 -10.81
C LEU O 46 86.67 41.69 -9.83
N ALA O 47 86.29 42.29 -8.71
CA ALA O 47 87.24 42.78 -7.71
C ALA O 47 88.25 41.78 -7.10
N SER O 48 87.75 40.78 -6.39
CA SER O 48 88.61 39.79 -5.73
C SER O 48 89.69 39.17 -6.62
N MET O 49 89.42 39.11 -7.92
CA MET O 49 90.35 38.55 -8.89
C MET O 49 91.72 39.23 -8.84
N LEU O 50 91.69 40.56 -8.83
CA LEU O 50 92.91 41.36 -8.80
C LEU O 50 93.91 40.98 -7.72
N ASN O 51 93.49 41.07 -6.46
CA ASN O 51 94.38 40.74 -5.34
C ASN O 51 95.00 39.36 -5.40
N ARG O 52 94.46 38.50 -6.26
CA ARG O 52 95.00 37.15 -6.42
C ARG O 52 96.12 37.20 -7.45
N TYR O 53 96.03 38.15 -8.36
CA TYR O 53 97.02 38.32 -9.40
C TYR O 53 98.07 39.35 -9.00
N LYS O 54 97.68 40.31 -8.16
CA LYS O 54 98.60 41.34 -7.69
C LYS O 54 99.43 40.74 -6.56
N LEU O 55 98.92 39.65 -5.99
CA LEU O 55 99.58 38.93 -4.92
C LEU O 55 100.73 38.13 -5.51
N ILE O 56 100.55 37.73 -6.77
CA ILE O 56 101.54 36.95 -7.50
C ILE O 56 102.74 37.82 -7.89
N TYR O 57 103.95 37.29 -7.66
CA TYR O 57 105.16 38.03 -8.01
C TYR O 57 105.25 38.13 -9.52
N LYS O 58 105.52 39.34 -10.01
CA LYS O 58 105.64 39.56 -11.44
C LYS O 58 107.03 40.10 -11.77
N THR O 59 107.77 39.32 -12.56
CA THR O 59 109.12 39.68 -12.94
C THR O 59 109.23 41.14 -13.36
N SER O 60 110.45 41.66 -13.30
CA SER O 60 110.71 43.04 -13.68
C SER O 60 110.99 43.08 -15.17
N GLY O 61 112.10 43.69 -15.56
CA GLY O 61 112.44 43.77 -16.96
C GLY O 61 112.73 42.41 -17.58
N THR O 62 111.72 41.81 -18.20
CA THR O 62 111.89 40.52 -18.85
C THR O 62 112.96 40.67 -19.91
N LEU O 63 114.18 40.25 -19.58
CA LEU O 63 115.30 40.36 -20.51
C LEU O 63 115.31 39.24 -21.54
N GLY O 64 115.66 39.60 -22.77
CA GLY O 64 115.72 38.63 -23.84
C GLY O 64 117.16 38.41 -24.26
N ILE O 65 117.45 37.22 -24.76
CA ILE O 65 118.80 36.89 -25.20
C ILE O 65 118.75 36.06 -26.49
N ALA O 66 119.66 36.35 -27.40
CA ALA O 66 119.73 35.63 -28.67
C ALA O 66 120.43 34.29 -28.49
N LEU O 67 119.66 33.21 -28.55
CA LEU O 67 120.21 31.87 -28.38
C LEU O 67 119.71 30.93 -29.48
N ALA O 68 120.58 30.01 -29.90
CA ALA O 68 120.23 29.06 -30.95
C ALA O 68 120.52 27.63 -30.49
N GLU O 69 119.56 26.74 -30.72
CA GLU O 69 119.68 25.34 -30.33
C GLU O 69 120.82 24.60 -31.02
N PRO O 70 121.66 23.90 -30.25
CA PRO O 70 122.79 23.14 -30.80
C PRO O 70 122.29 21.79 -31.32
N VAL O 71 122.84 21.35 -32.45
CA VAL O 71 122.43 20.07 -33.02
C VAL O 71 122.94 18.95 -32.13
N ASP O 72 122.01 18.27 -31.46
CA ASP O 72 122.35 17.17 -30.56
C ASP O 72 122.39 15.80 -31.23
N ILE O 73 121.26 15.10 -31.18
CA ILE O 73 121.15 13.77 -31.77
C ILE O 73 121.39 13.72 -33.27
N PRO O 74 122.30 12.84 -33.72
CA PRO O 74 122.61 12.70 -35.14
C PRO O 74 121.55 11.88 -35.86
N ALA O 75 121.57 11.90 -37.19
CA ALA O 75 120.60 11.14 -37.98
C ALA O 75 121.08 9.72 -38.19
N VAL O 76 120.13 8.78 -38.24
CA VAL O 76 120.46 7.38 -38.44
C VAL O 76 121.63 7.20 -39.39
N SER O 77 122.77 6.77 -38.86
CA SER O 77 123.98 6.57 -39.64
C SER O 77 123.83 5.40 -40.61
N GLU O 78 123.59 5.74 -41.87
CA GLU O 78 123.42 4.75 -42.95
C GLU O 78 122.48 3.60 -42.60
N GLY O 79 123.01 2.38 -42.66
CA GLY O 79 122.21 1.19 -42.39
C GLY O 79 122.09 0.78 -40.94
N SER O 80 121.99 1.75 -40.04
CA SER O 80 121.86 1.46 -38.61
C SER O 80 120.73 0.47 -38.38
N MET O 81 120.78 -0.25 -37.27
CA MET O 81 119.74 -1.20 -36.94
C MET O 81 118.49 -0.40 -36.55
N GLN O 82 117.74 -0.92 -35.58
CA GLN O 82 116.53 -0.24 -35.14
C GLN O 82 115.86 -1.09 -34.07
N VAL O 83 116.03 -0.68 -32.82
CA VAL O 83 115.48 -1.41 -31.68
C VAL O 83 114.27 -0.73 -31.05
N ASP O 84 113.31 -1.55 -30.63
CA ASP O 84 112.11 -1.07 -29.98
C ASP O 84 112.28 -1.29 -28.48
N ALA O 85 112.47 -0.21 -27.74
CA ALA O 85 112.67 -0.28 -26.29
C ALA O 85 111.86 -1.37 -25.61
N SER O 86 110.65 -1.61 -26.10
CA SER O 86 109.79 -2.64 -25.52
C SER O 86 110.22 -4.05 -25.89
N LYS O 87 110.13 -4.38 -27.18
CA LYS O 87 110.48 -5.70 -27.65
C LYS O 87 111.95 -5.81 -28.04
N VAL O 88 112.83 -5.57 -27.06
CA VAL O 88 114.27 -5.66 -27.30
C VAL O 88 114.63 -7.15 -27.36
N HIS O 89 114.22 -7.79 -28.44
CA HIS O 89 114.48 -9.21 -28.67
C HIS O 89 115.58 -9.78 -27.79
N PRO O 90 115.25 -10.83 -27.01
CA PRO O 90 116.22 -11.48 -26.11
C PRO O 90 117.46 -11.98 -26.85
N GLY O 91 117.42 -11.87 -28.18
CA GLY O 91 118.55 -12.32 -28.98
C GLY O 91 119.30 -11.14 -29.59
N VAL O 92 120.59 -11.06 -29.31
CA VAL O 92 121.43 -9.98 -29.82
C VAL O 92 121.21 -9.81 -31.33
N ILE O 93 121.43 -8.61 -31.82
CA ILE O 93 121.26 -8.31 -33.24
C ILE O 93 122.20 -7.18 -33.68
N SER O 94 123.47 -7.30 -33.30
CA SER O 94 124.44 -6.27 -33.65
C SER O 94 125.86 -6.65 -33.22
N GLY O 95 126.81 -5.77 -33.57
CA GLY O 95 128.20 -5.99 -33.20
C GLY O 95 128.69 -4.74 -32.49
N LEU O 96 129.78 -4.86 -31.74
CA LEU O 96 130.30 -3.71 -31.02
C LEU O 96 130.44 -2.51 -31.95
N ASN O 97 130.76 -2.78 -33.21
CA ASN O 97 130.94 -1.73 -34.21
C ASN O 97 129.72 -1.53 -35.11
N SER O 98 128.77 -2.46 -35.06
CA SER O 98 127.57 -2.35 -35.89
C SER O 98 126.72 -1.14 -35.53
N PRO O 99 126.34 -0.33 -36.53
CA PRO O 99 125.52 0.87 -36.33
C PRO O 99 124.12 0.51 -35.82
N ALA O 100 123.66 1.22 -34.79
CA ALA O 100 122.35 0.97 -34.21
C ALA O 100 121.71 2.22 -33.60
N CYS O 101 120.38 2.25 -33.58
CA CYS O 101 119.62 3.36 -33.02
C CYS O 101 118.33 2.84 -32.41
N MET O 102 117.72 3.62 -31.52
CA MET O 102 116.47 3.22 -30.87
C MET O 102 115.29 4.09 -31.26
N LEU O 103 114.11 3.47 -31.33
CA LEU O 103 112.89 4.18 -31.69
C LEU O 103 112.47 5.11 -30.56
N SER O 104 112.12 6.34 -30.92
CA SER O 104 111.69 7.34 -29.94
C SER O 104 110.35 7.01 -29.31
N ALA O 105 109.39 6.64 -30.13
CA ALA O 105 108.04 6.30 -29.66
C ALA O 105 108.06 5.41 -28.41
N PRO O 106 108.82 4.31 -28.44
CA PRO O 106 108.88 3.42 -27.28
C PRO O 106 109.80 3.92 -26.17
N LEU O 107 110.99 4.39 -26.56
CA LEU O 107 111.97 4.88 -25.61
C LEU O 107 111.39 5.95 -24.69
N GLU O 108 110.69 6.91 -25.28
CA GLU O 108 110.08 8.00 -24.52
C GLU O 108 109.01 7.47 -23.57
N LYS O 109 108.10 6.66 -24.11
CA LYS O 109 107.03 6.10 -23.29
C LYS O 109 107.59 5.28 -22.14
N GLN O 110 108.83 4.85 -22.28
CA GLN O 110 109.48 4.06 -21.24
C GLN O 110 110.11 4.99 -20.21
N LEU O 111 110.72 6.07 -20.68
CA LEU O 111 111.34 7.04 -19.78
C LEU O 111 110.25 7.67 -18.94
N PHE O 112 109.28 8.30 -19.60
CA PHE O 112 108.16 8.94 -18.91
C PHE O 112 107.06 7.93 -18.66
N TYR O 113 107.41 6.86 -17.96
CA TYR O 113 106.47 5.80 -17.63
C TYR O 113 105.53 6.25 -16.52
N TYR O 114 106.07 7.04 -15.60
CA TYR O 114 105.31 7.55 -14.47
C TYR O 114 104.38 8.70 -14.86
N ILE O 115 103.23 8.77 -14.19
CA ILE O 115 102.23 9.82 -14.45
C ILE O 115 102.17 10.72 -13.21
N GLY O 116 101.79 11.99 -13.37
CA GLY O 116 101.75 12.85 -12.20
C GLY O 116 101.02 14.17 -12.27
N THR O 117 101.61 15.19 -11.67
CA THR O 117 101.03 16.52 -11.64
C THR O 117 102.11 17.60 -11.74
N MET O 118 102.33 18.11 -12.93
CA MET O 118 103.32 19.16 -13.14
C MET O 118 102.94 20.35 -12.26
N LEU O 119 101.64 20.55 -12.10
CA LEU O 119 101.12 21.65 -11.31
C LEU O 119 100.36 21.14 -10.08
N PRO O 120 100.99 21.21 -8.89
CA PRO O 120 100.38 20.75 -7.64
C PRO O 120 99.15 21.57 -7.23
N ASN O 121 98.65 21.30 -6.04
CA ASN O 121 97.48 22.01 -5.52
C ASN O 121 97.87 23.00 -4.44
N THR O 122 99.13 23.44 -4.47
CA THR O 122 99.63 24.40 -3.50
C THR O 122 99.01 25.77 -3.80
N ARG O 123 98.81 26.57 -2.77
CA ARG O 123 98.21 27.89 -2.93
C ARG O 123 98.76 28.70 -4.11
N PRO O 124 100.09 28.90 -4.15
CA PRO O 124 100.72 29.67 -5.23
C PRO O 124 100.35 29.25 -6.65
N HIS O 125 100.66 28.01 -7.02
CA HIS O 125 100.37 27.50 -8.35
C HIS O 125 98.89 27.48 -8.70
N SER O 126 98.06 26.98 -7.78
CA SER O 126 96.62 26.91 -8.01
C SER O 126 96.05 28.25 -8.44
N TYR O 127 96.78 29.33 -8.19
CA TYR O 127 96.33 30.66 -8.56
C TYR O 127 96.70 31.05 -9.98
N VAL O 128 97.77 30.47 -10.50
CA VAL O 128 98.22 30.78 -11.85
C VAL O 128 97.92 29.76 -12.94
N PHE O 129 98.42 28.54 -12.77
CA PHE O 129 98.21 27.48 -13.76
C PHE O 129 96.94 26.67 -13.61
N TYR O 130 96.60 25.95 -14.67
CA TYR O 130 95.43 25.07 -14.70
C TYR O 130 95.89 23.67 -14.36
N GLN O 131 95.32 23.09 -13.30
CA GLN O 131 95.69 21.73 -12.90
C GLN O 131 96.01 20.90 -14.13
N LEU O 132 97.24 20.38 -14.19
CA LEU O 132 97.66 19.57 -15.33
C LEU O 132 98.10 18.16 -14.92
N ARG O 133 97.88 17.20 -15.81
CA ARG O 133 98.25 15.82 -15.55
C ARG O 133 98.72 15.06 -16.79
N CYS O 134 100.01 14.76 -16.82
CA CYS O 134 100.60 14.03 -17.94
C CYS O 134 101.79 13.22 -17.45
N HIS O 135 102.30 12.33 -18.30
CA HIS O 135 103.45 11.52 -17.96
C HIS O 135 104.63 12.43 -17.66
N LEU O 136 105.37 12.13 -16.58
CA LEU O 136 106.50 12.95 -16.20
C LEU O 136 107.59 12.17 -15.46
N SER O 137 108.46 12.91 -14.78
CA SER O 137 109.56 12.37 -14.00
C SER O 137 110.10 13.51 -13.16
N TYR O 138 110.52 13.23 -11.92
CA TYR O 138 111.03 14.28 -11.05
C TYR O 138 112.34 13.94 -10.36
N VAL O 139 112.89 14.94 -9.68
CA VAL O 139 114.14 14.81 -8.93
C VAL O 139 113.87 15.32 -7.52
N ALA O 140 113.68 14.40 -6.58
CA ALA O 140 113.40 14.75 -5.20
C ALA O 140 114.64 15.21 -4.43
N LEU O 141 114.44 16.15 -3.51
CA LEU O 141 115.54 16.68 -2.71
C LEU O 141 115.05 17.06 -1.32
N SER O 142 115.87 16.82 -0.30
CA SER O 142 115.52 17.16 1.07
C SER O 142 116.76 17.47 1.90
N ILE O 143 116.88 18.73 2.32
CA ILE O 143 118.01 19.18 3.12
C ILE O 143 117.51 19.73 4.46
N ASN O 144 118.43 19.96 5.39
CA ASN O 144 118.08 20.48 6.70
C ASN O 144 116.93 19.72 7.34
N GLY O 145 116.79 18.45 6.97
CA GLY O 145 115.73 17.63 7.53
C GLY O 145 114.32 18.09 7.20
N ASP O 146 113.95 17.95 5.94
CA ASP O 146 112.62 18.34 5.48
C ASP O 146 112.27 19.80 5.74
N LYS O 147 113.26 20.59 6.15
CA LYS O 147 113.02 22.01 6.41
C LYS O 147 113.19 22.77 5.10
N PHE O 148 113.76 22.09 4.12
CA PHE O 148 113.97 22.66 2.79
C PHE O 148 113.95 21.52 1.79
N GLN O 149 113.27 21.72 0.67
CA GLN O 149 113.18 20.69 -0.35
C GLN O 149 112.98 21.25 -1.76
N TYR O 150 113.49 20.52 -2.74
CA TYR O 150 113.40 20.91 -4.14
C TYR O 150 112.80 19.77 -4.96
N THR O 151 112.09 20.10 -6.02
CA THR O 151 111.47 19.09 -6.87
C THR O 151 111.69 19.39 -8.35
N GLY O 152 112.38 18.48 -9.03
CA GLY O 152 112.64 18.65 -10.45
C GLY O 152 111.58 18.01 -11.30
N ALA O 153 110.38 18.59 -11.27
CA ALA O 153 109.26 18.08 -12.06
C ALA O 153 109.47 18.43 -13.53
N MET O 154 109.43 17.41 -14.39
CA MET O 154 109.63 17.63 -15.82
C MET O 154 108.84 16.67 -16.70
N THR O 155 108.40 17.16 -17.84
CA THR O 155 107.66 16.36 -18.81
C THR O 155 108.47 16.38 -20.11
N SER O 156 107.97 15.70 -21.13
CA SER O 156 108.67 15.65 -22.41
C SER O 156 108.72 17.00 -23.11
N LYS O 157 108.04 18.00 -22.54
CA LYS O 157 108.03 19.33 -23.16
C LYS O 157 108.57 20.46 -22.31
N PHE O 158 108.41 20.39 -20.99
CA PHE O 158 108.90 21.45 -20.13
C PHE O 158 109.25 21.01 -18.71
N LEU O 159 110.16 21.76 -18.10
CA LEU O 159 110.61 21.50 -16.73
C LEU O 159 110.06 22.57 -15.81
N MET O 160 109.78 22.19 -14.56
CA MET O 160 109.26 23.16 -13.60
C MET O 160 109.64 22.77 -12.18
N GLY O 161 110.82 23.23 -11.76
CA GLY O 161 111.30 22.94 -10.42
C GLY O 161 110.73 23.92 -9.41
N THR O 162 110.51 23.45 -8.19
CA THR O 162 109.96 24.30 -7.15
C THR O 162 110.78 24.23 -5.86
N TYR O 163 111.01 25.39 -5.27
CA TYR O 163 111.77 25.48 -4.02
C TYR O 163 110.79 25.59 -2.86
N LYS O 164 111.15 24.99 -1.73
CA LYS O 164 110.26 25.00 -0.57
C LYS O 164 111.05 25.05 0.74
N ARG O 165 110.91 26.15 1.46
CA ARG O 165 111.60 26.32 2.73
C ARG O 165 110.58 26.46 3.85
N VAL O 166 111.04 26.30 5.09
CA VAL O 166 110.17 26.41 6.25
C VAL O 166 110.85 27.10 7.42
N THR O 167 110.26 28.21 7.87
CA THR O 167 110.80 28.96 9.00
C THR O 167 110.55 28.11 10.24
N GLU O 168 111.03 28.58 11.39
CA GLU O 168 110.85 27.82 12.63
C GLU O 168 109.38 27.47 12.82
N LYS O 169 108.50 28.35 12.35
CA LYS O 169 107.06 28.14 12.45
C LYS O 169 106.55 27.37 11.24
N GLY O 170 105.24 27.10 11.22
CA GLY O 170 104.66 26.37 10.10
C GLY O 170 104.70 27.17 8.81
N ASP O 171 105.53 28.21 8.77
CA ASP O 171 105.65 29.04 7.58
C ASP O 171 106.19 28.24 6.40
N GLU O 172 105.46 28.27 5.29
CA GLU O 172 105.87 27.55 4.10
C GLU O 172 106.07 28.49 2.92
N HIS O 173 107.33 28.69 2.54
CA HIS O 173 107.67 29.57 1.43
C HIS O 173 108.03 28.76 0.19
N VAL O 174 107.42 29.13 -0.94
CA VAL O 174 107.67 28.43 -2.19
C VAL O 174 107.87 29.36 -3.38
N LEU O 175 108.80 28.97 -4.25
CA LEU O 175 109.13 29.72 -5.46
C LEU O 175 109.60 28.70 -6.49
N SER O 176 109.08 28.80 -7.71
CA SER O 176 109.45 27.85 -8.75
C SER O 176 109.91 28.49 -10.06
N LEU O 177 110.68 27.72 -10.83
CA LEU O 177 111.19 28.16 -12.12
C LEU O 177 110.67 27.23 -13.21
N VAL O 178 110.27 27.81 -14.34
CA VAL O 178 109.74 27.01 -15.45
C VAL O 178 110.57 27.21 -16.71
N PHE O 179 111.15 26.12 -17.21
CA PHE O 179 111.97 26.18 -18.42
C PHE O 179 111.38 25.31 -19.53
N GLY O 180 111.59 25.73 -20.77
CA GLY O 180 111.08 24.99 -21.91
C GLY O 180 110.74 25.90 -23.07
N LYS O 181 110.39 25.29 -24.21
CA LYS O 181 110.04 26.05 -25.40
C LYS O 181 108.81 26.90 -25.12
N THR O 182 108.93 28.20 -25.36
CA THR O 182 107.85 29.15 -25.12
C THR O 182 106.49 28.64 -25.60
N LYS O 183 106.48 27.88 -26.68
CA LYS O 183 105.23 27.34 -27.23
C LYS O 183 104.63 26.23 -26.38
N ASP O 184 105.45 25.62 -25.52
CA ASP O 184 104.98 24.51 -24.69
C ASP O 184 104.61 24.86 -23.26
N LEU O 185 104.83 26.10 -22.85
CA LEU O 185 104.49 26.52 -21.49
C LEU O 185 103.03 26.22 -21.17
N PRO O 186 102.75 25.78 -19.93
CA PRO O 186 101.40 25.44 -19.47
C PRO O 186 100.38 26.55 -19.78
N ASP O 187 99.11 26.26 -19.50
CA ASP O 187 98.04 27.22 -19.75
C ASP O 187 97.81 28.08 -18.51
N LEU O 188 97.83 29.40 -18.70
CA LEU O 188 97.62 30.33 -17.59
C LEU O 188 96.13 30.45 -17.32
N ARG O 189 95.77 30.56 -16.05
CA ARG O 189 94.37 30.65 -15.63
C ARG O 189 93.79 32.06 -15.67
N GLY O 190 93.71 32.70 -14.50
CA GLY O 190 93.16 34.04 -14.44
C GLY O 190 93.89 35.04 -15.31
N PRO O 191 93.73 36.34 -15.02
CA PRO O 191 94.38 37.44 -15.75
C PRO O 191 95.89 37.38 -15.64
N PHE O 192 96.48 36.38 -16.28
CA PHE O 192 97.92 36.18 -16.26
C PHE O 192 98.48 36.14 -17.67
N SER O 193 99.65 36.76 -17.83
CA SER O 193 100.32 36.80 -19.12
C SER O 193 101.78 36.43 -18.90
N TYR O 194 102.23 35.37 -19.57
CA TYR O 194 103.60 34.90 -19.44
C TYR O 194 104.68 35.98 -19.49
N PRO O 195 104.53 36.99 -20.35
CA PRO O 195 105.56 38.02 -20.40
C PRO O 195 105.87 38.66 -19.04
N SER O 196 104.81 38.98 -18.29
CA SER O 196 104.99 39.58 -16.96
C SER O 196 105.39 38.52 -15.93
N LEU O 197 105.83 37.36 -16.43
CA LEU O 197 106.24 36.27 -15.56
C LEU O 197 107.51 35.60 -16.09
N THR O 198 107.85 35.90 -17.34
CA THR O 198 109.04 35.35 -17.98
C THR O 198 110.25 36.17 -17.57
N SER O 199 111.36 35.50 -17.26
CA SER O 199 112.57 36.19 -16.85
C SER O 199 113.58 36.28 -18.00
N ALA O 200 113.68 35.22 -18.79
CA ALA O 200 114.61 35.18 -19.92
C ALA O 200 113.91 34.55 -21.12
N GLN O 201 114.10 35.14 -22.30
CA GLN O 201 113.45 34.60 -23.49
C GLN O 201 114.35 34.56 -24.73
N SER O 202 114.30 33.43 -25.42
CA SER O 202 115.07 33.24 -26.64
C SER O 202 114.07 33.35 -27.78
N GLY O 203 114.44 32.85 -28.96
CA GLY O 203 113.53 32.89 -30.09
C GLY O 203 112.37 31.94 -29.89
N ASP O 204 112.57 30.97 -29.00
CA ASP O 204 111.55 29.97 -28.72
C ASP O 204 111.68 29.32 -27.34
N TYR O 205 112.49 29.93 -26.47
CA TYR O 205 112.69 29.41 -25.12
C TYR O 205 112.42 30.46 -24.05
N SER O 206 111.84 30.03 -22.94
CA SER O 206 111.52 30.95 -21.84
C SER O 206 111.85 30.39 -20.46
N LEU O 207 111.99 31.29 -19.50
CA LEU O 207 112.30 30.94 -18.12
C LEU O 207 111.34 31.73 -17.25
N VAL O 208 110.29 31.07 -16.77
CA VAL O 208 109.27 31.71 -15.95
C VAL O 208 109.51 31.59 -14.44
N ILE O 209 109.11 32.63 -13.70
CA ILE O 209 109.26 32.66 -12.26
C ILE O 209 107.88 32.76 -11.62
N VAL O 210 107.37 31.63 -11.15
CA VAL O 210 106.05 31.59 -10.52
C VAL O 210 106.20 31.60 -9.00
N THR O 211 105.77 32.68 -8.37
CA THR O 211 105.85 32.83 -6.92
C THR O 211 105.13 34.09 -6.48
N THR O 212 104.87 34.20 -5.17
CA THR O 212 104.19 35.38 -4.63
C THR O 212 105.24 36.36 -4.12
N PHE O 213 104.85 37.63 -4.04
CA PHE O 213 105.76 38.65 -3.55
C PHE O 213 106.19 38.32 -2.13
N VAL O 214 105.23 37.84 -1.35
CA VAL O 214 105.49 37.47 0.04
C VAL O 214 106.63 36.47 0.10
N HIS O 215 106.61 35.49 -0.81
CA HIS O 215 107.64 34.46 -0.87
C HIS O 215 108.95 34.96 -1.46
N TYR O 216 108.87 35.62 -2.62
CA TYR O 216 110.07 36.12 -3.28
C TYR O 216 110.97 36.87 -2.33
N ALA O 217 110.39 37.48 -1.30
CA ALA O 217 111.16 38.23 -0.32
C ALA O 217 112.02 37.30 0.53
N ASN O 218 111.39 36.34 1.19
CA ASN O 218 112.09 35.39 2.04
C ASN O 218 113.15 34.62 1.27
N PHE O 219 112.97 34.49 -0.05
CA PHE O 219 113.92 33.78 -0.88
C PHE O 219 115.07 34.66 -1.39
N HIS O 220 114.76 35.89 -1.75
CA HIS O 220 115.77 36.81 -2.27
C HIS O 220 116.88 37.07 -1.24
N ASN O 221 116.65 36.66 0.00
CA ASN O 221 117.65 36.85 1.05
C ASN O 221 118.84 35.91 0.93
N TYR O 222 118.62 34.75 0.30
CA TYR O 222 119.69 33.78 0.15
C TYR O 222 119.71 33.15 -1.25
N PHE O 223 118.83 33.60 -2.14
CA PHE O 223 118.78 33.06 -3.48
C PHE O 223 118.63 34.12 -4.56
N VAL O 224 119.75 34.49 -5.17
CA VAL O 224 119.77 35.48 -6.23
C VAL O 224 120.45 34.82 -7.43
N PRO O 225 119.72 33.94 -8.13
CA PRO O 225 120.22 33.22 -9.31
C PRO O 225 120.59 34.13 -10.48
N ASN O 226 121.61 33.71 -11.23
CA ASN O 226 122.07 34.46 -12.39
C ASN O 226 121.27 33.99 -13.59
N LEU O 227 119.96 34.19 -13.53
CA LEU O 227 119.05 33.79 -14.60
C LEU O 227 119.66 33.91 -15.99
N LYS O 228 120.44 34.96 -16.21
CA LYS O 228 121.08 35.18 -17.50
C LYS O 228 121.89 33.97 -17.98
N ASP O 229 123.04 33.75 -17.35
CA ASP O 229 123.91 32.63 -17.72
C ASP O 229 123.22 31.29 -17.49
N MET O 230 122.49 31.18 -16.38
CA MET O 230 121.80 29.95 -16.04
C MET O 230 120.83 29.54 -17.15
N PHE O 231 120.26 30.53 -17.81
CA PHE O 231 119.31 30.28 -18.90
C PHE O 231 120.05 29.92 -20.19
N SER O 232 120.96 30.79 -20.61
CA SER O 232 121.72 30.58 -21.84
C SER O 232 122.35 29.18 -21.88
N ARG O 233 123.15 28.88 -20.86
CA ARG O 233 123.83 27.61 -20.76
C ARG O 233 122.84 26.45 -20.83
N ALA O 234 121.62 26.68 -20.35
CA ALA O 234 120.58 25.66 -20.36
C ALA O 234 119.91 25.53 -21.73
N VAL O 235 120.26 26.43 -22.64
CA VAL O 235 119.69 26.41 -23.99
C VAL O 235 120.75 26.06 -25.02
N THR O 236 121.81 26.85 -25.08
CA THR O 236 122.89 26.62 -26.03
C THR O 236 123.96 25.70 -25.43
N MET O 237 123.69 24.40 -25.48
CA MET O 237 124.64 23.42 -24.94
C MET O 237 124.09 22.02 -25.12
N THR O 238 124.87 21.16 -25.78
CA THR O 238 124.46 19.78 -26.02
C THR O 238 124.13 19.08 -24.71
N ALA O 239 123.14 18.18 -24.77
CA ALA O 239 122.70 17.43 -23.61
C ALA O 239 123.85 16.85 -22.80
N ALA O 240 124.67 16.04 -23.45
CA ALA O 240 125.82 15.41 -22.80
C ALA O 240 126.71 16.41 -22.09
N SER O 241 126.99 17.53 -22.76
CA SER O 241 127.83 18.57 -22.20
C SER O 241 127.23 19.19 -20.94
N TYR O 242 125.97 19.61 -21.04
CA TYR O 242 125.29 20.24 -19.91
C TYR O 242 125.33 19.31 -18.70
N ALA O 243 125.12 18.02 -18.95
CA ALA O 243 125.12 17.01 -17.90
C ALA O 243 126.42 17.06 -17.09
N ARG O 244 127.55 17.14 -17.80
CA ARG O 244 128.84 17.19 -17.13
C ARG O 244 129.10 18.55 -16.50
N TYR O 245 128.70 19.62 -17.19
CA TYR O 245 128.88 20.97 -16.66
C TYR O 245 128.30 20.99 -15.25
N VAL O 246 127.18 20.28 -15.07
CA VAL O 246 126.52 20.20 -13.79
C VAL O 246 127.29 19.25 -12.87
N LEU O 247 127.64 18.09 -13.41
CA LEU O 247 128.39 17.09 -12.65
C LEU O 247 129.62 17.75 -12.02
N GLN O 248 130.30 18.59 -12.79
CA GLN O 248 131.49 19.28 -12.31
C GLN O 248 131.10 20.30 -11.23
N LYS O 249 130.04 21.06 -11.49
CA LYS O 249 129.59 22.06 -10.54
C LYS O 249 129.36 21.41 -9.19
N LEU O 250 128.84 20.18 -9.19
CA LEU O 250 128.59 19.46 -7.95
C LEU O 250 129.90 19.04 -7.29
N VAL O 251 130.82 18.49 -8.09
CA VAL O 251 132.11 18.06 -7.59
C VAL O 251 132.74 19.21 -6.80
N LEU O 252 132.62 20.42 -7.35
CA LEU O 252 133.15 21.61 -6.71
C LEU O 252 132.53 21.76 -5.33
N LEU O 253 131.20 21.81 -5.29
CA LEU O 253 130.48 21.94 -4.03
C LEU O 253 130.89 20.84 -3.06
N GLU O 254 131.22 19.68 -3.59
CA GLU O 254 131.62 18.55 -2.76
C GLU O 254 132.94 18.90 -2.08
N MET O 255 133.89 19.41 -2.85
CA MET O 255 135.19 19.80 -2.33
C MET O 255 135.02 20.98 -1.37
N LYS O 256 133.87 21.65 -1.46
CA LYS O 256 133.59 22.78 -0.59
C LYS O 256 132.91 22.29 0.68
N GLY O 257 132.82 20.98 0.83
CA GLY O 257 132.20 20.40 2.00
C GLY O 257 130.68 20.54 1.99
N GLY O 258 130.16 21.09 0.90
CA GLY O 258 128.72 21.27 0.79
C GLY O 258 127.95 19.97 0.73
N CYS O 259 128.62 18.84 0.96
CA CYS O 259 127.94 17.56 0.92
C CYS O 259 127.77 16.93 2.30
N ARG O 260 128.09 17.70 3.33
CA ARG O 260 127.95 17.27 4.71
C ARG O 260 127.47 18.48 5.50
N GLU O 261 127.64 19.65 4.89
CA GLU O 261 127.22 20.92 5.44
C GLU O 261 126.47 21.65 4.33
N PRO O 262 125.45 20.99 3.74
CA PRO O 262 124.65 21.55 2.65
C PRO O 262 124.30 23.01 2.86
N GLU O 263 125.08 23.89 2.25
CA GLU O 263 124.87 25.32 2.37
C GLU O 263 123.68 25.76 1.52
N LEU O 264 122.77 26.50 2.13
CA LEU O 264 121.58 27.00 1.43
C LEU O 264 121.90 28.35 0.80
N ASP O 265 122.73 28.34 -0.22
CA ASP O 265 123.12 29.56 -0.91
C ASP O 265 122.72 29.54 -2.38
N THR O 266 122.93 30.67 -3.05
CA THR O 266 122.60 30.81 -4.47
C THR O 266 123.24 29.71 -5.30
N GLU O 267 124.54 29.50 -5.11
CA GLU O 267 125.27 28.48 -5.85
C GLU O 267 124.66 27.10 -5.69
N THR O 268 124.54 26.64 -4.45
CA THR O 268 123.96 25.33 -4.15
C THR O 268 122.56 25.17 -4.72
N LEU O 269 121.75 26.21 -4.56
CA LEU O 269 120.37 26.17 -5.06
C LEU O 269 120.34 26.20 -6.58
N THR O 270 121.22 26.99 -7.18
CA THR O 270 121.29 27.10 -8.63
C THR O 270 121.58 25.75 -9.26
N THR O 271 122.65 25.10 -8.79
CA THR O 271 123.05 23.80 -9.30
C THR O 271 121.87 22.83 -9.32
N MET O 272 121.08 22.86 -8.25
CA MET O 272 119.92 21.98 -8.12
C MET O 272 119.04 22.05 -9.37
N PHE O 273 118.58 23.25 -9.69
CA PHE O 273 117.73 23.45 -10.86
C PHE O 273 118.42 22.97 -12.13
N GLU O 274 119.71 23.26 -12.25
CA GLU O 274 120.47 22.85 -13.41
C GLU O 274 120.60 21.33 -13.46
N VAL O 275 120.61 20.70 -12.29
CA VAL O 275 120.71 19.24 -12.20
C VAL O 275 119.49 18.62 -12.86
N SER O 276 118.33 19.22 -12.65
CA SER O 276 117.09 18.72 -13.23
C SER O 276 117.00 19.11 -14.71
N VAL O 277 117.58 20.26 -15.05
CA VAL O 277 117.57 20.72 -16.44
C VAL O 277 118.41 19.76 -17.27
N ALA O 278 119.48 19.24 -16.66
CA ALA O 278 120.36 18.30 -17.33
C ALA O 278 119.56 17.07 -17.70
N PHE O 279 118.69 16.64 -16.80
CA PHE O 279 117.84 15.48 -17.05
C PHE O 279 116.76 15.83 -18.06
N PHE O 280 116.22 17.04 -17.94
CA PHE O 280 115.18 17.51 -18.84
C PHE O 280 115.71 17.57 -20.27
N LYS O 281 116.92 18.10 -20.43
CA LYS O 281 117.54 18.21 -21.75
C LYS O 281 117.48 16.89 -22.50
N VAL O 282 117.94 15.82 -21.86
CA VAL O 282 117.94 14.50 -22.48
C VAL O 282 116.53 14.07 -22.87
N GLY O 283 115.57 14.29 -21.98
CA GLY O 283 114.20 13.92 -22.27
C GLY O 283 113.60 14.74 -23.38
N HIS O 284 113.92 16.03 -23.41
CA HIS O 284 113.39 16.92 -24.43
C HIS O 284 114.02 16.62 -25.78
N ALA O 285 115.16 15.95 -25.76
CA ALA O 285 115.87 15.59 -26.98
C ALA O 285 115.12 14.46 -27.68
N VAL O 286 114.91 13.36 -26.96
CA VAL O 286 114.20 12.21 -27.49
C VAL O 286 112.78 12.61 -27.86
N GLY O 287 112.32 13.73 -27.30
CA GLY O 287 110.98 14.21 -27.58
C GLY O 287 110.86 14.88 -28.94
N GLU O 288 111.74 15.83 -29.21
CA GLU O 288 111.72 16.56 -30.48
C GLU O 288 111.68 15.60 -31.66
N THR O 289 112.46 14.52 -31.58
CA THR O 289 112.51 13.54 -32.66
C THR O 289 111.49 12.41 -32.45
N GLY O 290 110.22 12.77 -32.46
CA GLY O 290 109.17 11.78 -32.29
C GLY O 290 109.12 10.83 -33.47
N ASN O 291 108.92 9.55 -33.20
CA ASN O 291 108.87 8.54 -34.24
C ASN O 291 110.14 8.54 -35.08
N GLY O 292 111.24 8.96 -34.46
CA GLY O 292 112.51 8.99 -35.15
C GLY O 292 113.40 7.91 -34.58
N CYS O 293 114.72 8.11 -34.60
CA CYS O 293 115.63 7.12 -34.06
C CYS O 293 116.91 7.77 -33.57
N VAL O 294 117.20 7.56 -32.29
CA VAL O 294 118.41 8.12 -31.68
C VAL O 294 119.55 7.12 -31.78
N ASP O 295 120.69 7.57 -32.30
CA ASP O 295 121.86 6.72 -32.44
C ASP O 295 122.28 6.18 -31.08
N LEU O 296 122.62 4.90 -31.02
CA LEU O 296 123.02 4.27 -29.78
C LEU O 296 124.25 4.93 -29.15
N ARG O 297 125.12 5.49 -30.00
CA ARG O 297 126.31 6.16 -29.49
C ARG O 297 125.87 7.36 -28.68
N TRP O 298 124.84 8.05 -29.17
CA TRP O 298 124.31 9.23 -28.49
C TRP O 298 123.82 8.89 -27.09
N LEU O 299 123.00 7.84 -26.99
CA LEU O 299 122.46 7.42 -25.71
C LEU O 299 123.56 6.97 -24.76
N ALA O 300 124.41 6.05 -25.25
CA ALA O 300 125.51 5.53 -24.45
C ALA O 300 126.32 6.65 -23.82
N LYS O 301 126.33 7.81 -24.48
CA LYS O 301 127.08 8.97 -23.98
C LYS O 301 126.19 9.85 -23.11
N SER O 302 125.04 10.23 -23.64
CA SER O 302 124.11 11.09 -22.92
C SER O 302 123.58 10.44 -21.65
N PHE O 303 123.02 9.24 -21.79
CA PHE O 303 122.48 8.51 -20.65
C PHE O 303 123.55 8.13 -19.63
N PHE O 304 124.81 8.16 -20.06
CA PHE O 304 125.92 7.85 -19.15
C PHE O 304 126.10 9.00 -18.17
N GLU O 305 126.22 10.20 -18.72
CA GLU O 305 126.40 11.39 -17.90
C GLU O 305 125.29 11.51 -16.87
N LEU O 306 124.14 10.93 -17.17
CA LEU O 306 122.99 10.95 -16.27
C LEU O 306 123.16 9.96 -15.13
N THR O 307 123.61 8.76 -15.47
CA THR O 307 123.82 7.72 -14.46
C THR O 307 124.85 8.20 -13.44
N VAL O 308 125.96 8.72 -13.93
CA VAL O 308 127.02 9.22 -13.07
C VAL O 308 126.49 10.41 -12.27
N LEU O 309 125.64 11.21 -12.90
CA LEU O 309 125.07 12.37 -12.26
C LEU O 309 124.15 11.96 -11.11
N LYS O 310 123.26 11.02 -11.38
CA LYS O 310 122.32 10.54 -10.37
C LYS O 310 123.00 10.04 -9.10
N ASP O 311 124.17 9.42 -9.25
CA ASP O 311 124.90 8.90 -8.11
C ASP O 311 125.43 9.98 -7.19
N ILE O 312 126.12 10.97 -7.74
CA ILE O 312 126.66 12.06 -6.93
C ILE O 312 125.52 12.83 -6.27
N ILE O 313 124.41 12.98 -6.99
CA ILE O 313 123.25 13.70 -6.46
C ILE O 313 122.73 12.96 -5.24
N GLY O 314 122.88 11.63 -5.24
CA GLY O 314 122.40 10.83 -4.13
C GLY O 314 123.41 10.72 -3.00
N ILE O 315 124.68 10.56 -3.35
CA ILE O 315 125.72 10.46 -2.33
C ILE O 315 125.82 11.75 -1.53
N CYS O 316 125.67 12.88 -2.22
CA CYS O 316 125.74 14.18 -1.58
C CYS O 316 124.46 14.46 -0.83
N TYR O 317 123.37 14.65 -1.56
CA TYR O 317 122.07 14.93 -0.96
C TYR O 317 121.21 13.67 -1.01
N GLY O 318 120.31 13.54 -0.05
CA GLY O 318 119.42 12.38 -0.04
C GLY O 318 118.40 12.56 -1.15
N ALA O 319 118.89 12.99 -2.31
CA ALA O 319 118.03 13.23 -3.46
C ALA O 319 117.76 11.94 -4.23
N THR O 320 116.58 11.86 -4.84
CA THR O 320 116.20 10.69 -5.61
C THR O 320 115.79 11.11 -7.01
N VAL O 321 115.90 10.18 -7.96
CA VAL O 321 115.54 10.46 -9.35
C VAL O 321 114.76 9.27 -9.91
N LYS O 322 113.65 9.56 -10.57
CA LYS O 322 112.83 8.50 -11.16
C LYS O 322 112.05 9.03 -12.37
N GLY O 323 112.05 8.26 -13.44
CA GLY O 323 111.32 8.68 -14.63
C GLY O 323 112.17 9.02 -15.84
N MET O 324 113.42 8.57 -15.86
CA MET O 324 114.30 8.82 -16.99
C MET O 324 115.23 7.65 -17.16
N GLN O 325 114.70 6.47 -16.86
CA GLN O 325 115.41 5.21 -16.98
C GLN O 325 114.49 4.28 -17.77
N SER O 326 115.03 3.64 -18.80
CA SER O 326 114.24 2.73 -19.63
C SER O 326 114.90 1.34 -19.65
N TYR O 327 114.35 0.41 -18.88
CA TYR O 327 114.89 -0.94 -18.81
C TYR O 327 115.26 -1.50 -20.18
N GLY O 328 114.68 -0.94 -21.22
CA GLY O 328 114.97 -1.40 -22.57
C GLY O 328 116.42 -1.09 -22.94
N LEU O 329 116.76 0.19 -22.93
CA LEU O 329 118.11 0.63 -23.26
C LEU O 329 119.15 -0.13 -22.45
N GLU O 330 118.79 -0.52 -21.23
CA GLU O 330 119.69 -1.25 -20.37
C GLU O 330 119.89 -2.69 -20.85
N ARG O 331 118.81 -3.35 -21.21
CA ARG O 331 118.89 -4.72 -21.70
C ARG O 331 119.67 -4.75 -23.02
N LEU O 332 119.44 -3.75 -23.85
CA LEU O 332 120.13 -3.65 -25.13
C LEU O 332 121.62 -3.51 -24.90
N ALA O 333 122.00 -2.51 -24.10
CA ALA O 333 123.40 -2.26 -23.79
C ALA O 333 124.03 -3.51 -23.17
N ALA O 334 123.31 -4.13 -22.24
CA ALA O 334 123.80 -5.32 -21.57
C ALA O 334 124.10 -6.44 -22.58
N MET O 335 123.13 -6.71 -23.45
CA MET O 335 123.30 -7.74 -24.46
C MET O 335 124.46 -7.46 -25.41
N LEU O 336 124.52 -6.23 -25.90
CA LEU O 336 125.58 -5.82 -26.83
C LEU O 336 126.96 -6.10 -26.23
N MET O 337 127.16 -5.69 -24.97
CA MET O 337 128.44 -5.90 -24.30
C MET O 337 128.79 -7.37 -24.17
N ALA O 338 127.80 -8.19 -23.85
CA ALA O 338 128.00 -9.62 -23.67
C ALA O 338 128.56 -10.27 -24.93
N THR O 339 128.54 -9.54 -26.05
CA THR O 339 129.05 -10.08 -27.31
C THR O 339 130.30 -9.36 -27.80
N VAL O 340 131.33 -9.29 -26.95
CA VAL O 340 132.57 -8.63 -27.35
C VAL O 340 133.76 -9.16 -26.55
N LYS O 341 134.92 -9.21 -27.20
CA LYS O 341 136.14 -9.67 -26.57
C LYS O 341 136.54 -8.68 -25.48
N MET O 342 135.96 -8.84 -24.30
CA MET O 342 136.23 -7.96 -23.17
C MET O 342 137.69 -7.95 -22.73
N GLU O 343 138.25 -9.14 -22.56
CA GLU O 343 139.63 -9.29 -22.13
C GLU O 343 140.63 -8.71 -23.13
N GLU O 344 140.12 -8.15 -24.22
CA GLU O 344 140.97 -7.58 -25.26
C GLU O 344 140.50 -6.18 -25.65
N LEU O 345 139.67 -5.58 -24.81
CA LEU O 345 139.13 -4.25 -25.05
C LEU O 345 140.24 -3.21 -25.07
N GLY O 346 141.23 -3.38 -24.20
CA GLY O 346 142.33 -2.45 -24.13
C GLY O 346 143.11 -2.30 -25.42
N HIS O 347 143.15 -3.37 -26.21
CA HIS O 347 143.86 -3.35 -27.49
C HIS O 347 143.05 -2.67 -28.58
N LEU O 348 141.88 -2.16 -28.21
CA LEU O 348 141.01 -1.49 -29.17
C LEU O 348 141.35 -0.01 -29.28
N THR O 349 140.63 0.69 -30.14
CA THR O 349 140.87 2.12 -30.36
C THR O 349 140.31 2.97 -29.21
N THR O 350 140.66 4.25 -29.22
CA THR O 350 140.20 5.18 -28.18
C THR O 350 138.70 5.43 -28.21
N GLU O 351 138.22 6.02 -29.30
CA GLU O 351 136.79 6.33 -29.44
C GLU O 351 135.95 5.09 -29.14
N LYS O 352 136.38 3.94 -29.65
CA LYS O 352 135.67 2.68 -29.43
C LYS O 352 135.76 2.25 -27.97
N GLN O 353 136.88 2.58 -27.33
CA GLN O 353 137.11 2.21 -25.95
C GLN O 353 136.11 2.92 -25.03
N GLU O 354 135.91 4.21 -25.24
CA GLU O 354 134.97 4.98 -24.43
C GLU O 354 133.59 4.36 -24.60
N TYR O 355 133.07 4.44 -25.83
CA TYR O 355 131.77 3.89 -26.17
C TYR O 355 131.54 2.53 -25.50
N ALA O 356 132.57 1.71 -25.49
CA ALA O 356 132.49 0.38 -24.88
C ALA O 356 132.19 0.49 -23.40
N LEU O 357 133.15 0.99 -22.63
CA LEU O 357 132.99 1.16 -21.19
C LEU O 357 131.78 2.04 -20.88
N ARG O 358 131.60 3.07 -21.69
CA ARG O 358 130.50 4.01 -21.52
C ARG O 358 129.16 3.29 -21.38
N LEU O 359 128.75 2.57 -22.41
CA LEU O 359 127.48 1.85 -22.39
C LEU O 359 127.53 0.69 -21.40
N ALA O 360 128.73 0.24 -21.06
CA ALA O 360 128.89 -0.86 -20.12
C ALA O 360 128.33 -0.46 -18.76
N THR O 361 128.38 0.84 -18.49
CA THR O 361 127.86 1.38 -17.23
C THR O 361 126.34 1.46 -17.27
N VAL O 362 125.81 1.86 -18.42
CA VAL O 362 124.37 1.99 -18.60
C VAL O 362 123.61 0.66 -18.49
N GLY O 363 124.20 -0.40 -19.00
CA GLY O 363 123.54 -1.70 -18.96
C GLY O 363 123.91 -2.61 -17.81
N TYR O 364 124.92 -2.23 -17.02
CA TYR O 364 125.37 -3.04 -15.89
C TYR O 364 124.21 -3.60 -15.05
N PRO O 365 123.22 -2.76 -14.70
CA PRO O 365 122.08 -3.18 -13.90
C PRO O 365 121.23 -4.33 -14.44
N LYS O 366 120.38 -4.03 -15.42
CA LYS O 366 119.47 -5.01 -16.02
C LYS O 366 120.06 -6.36 -16.40
N ALA O 367 121.37 -6.42 -16.67
CA ALA O 367 121.99 -7.69 -17.04
C ALA O 367 123.50 -7.68 -16.86
N GLY O 368 124.09 -8.87 -16.82
CA GLY O 368 125.53 -8.97 -16.64
C GLY O 368 125.94 -9.42 -15.26
N VAL O 369 125.24 -10.42 -14.72
CA VAL O 369 125.55 -10.94 -13.40
C VAL O 369 126.73 -11.90 -13.51
N TYR O 370 127.02 -12.33 -14.74
CA TYR O 370 128.12 -13.24 -15.01
C TYR O 370 128.85 -12.84 -16.29
N SER O 371 128.67 -11.58 -16.68
CA SER O 371 129.31 -11.05 -17.88
C SER O 371 130.64 -10.41 -17.48
N GLY O 372 131.64 -10.56 -18.33
CA GLY O 372 132.95 -10.00 -18.04
C GLY O 372 133.06 -8.49 -18.20
N LEU O 373 132.14 -7.75 -17.58
CA LEU O 373 132.16 -6.30 -17.66
C LEU O 373 133.36 -5.71 -16.92
N ILE O 374 133.50 -6.07 -15.65
CA ILE O 374 134.60 -5.57 -14.83
C ILE O 374 135.92 -5.91 -15.53
N GLY O 375 135.92 -7.03 -16.25
CA GLY O 375 137.12 -7.46 -16.96
C GLY O 375 137.54 -6.42 -17.98
N GLY O 376 136.58 -5.99 -18.80
CA GLY O 376 136.88 -4.99 -19.82
C GLY O 376 137.43 -3.72 -19.21
N ALA O 377 136.85 -3.32 -18.08
CA ALA O 377 137.28 -2.11 -17.38
C ALA O 377 138.74 -2.25 -16.96
N THR O 378 139.16 -3.47 -16.68
CA THR O 378 140.52 -3.75 -16.27
C THR O 378 141.46 -3.71 -17.46
N SER O 379 141.10 -4.42 -18.53
CA SER O 379 141.90 -4.47 -19.73
C SER O 379 142.21 -3.07 -20.25
N VAL O 380 141.20 -2.22 -20.32
CA VAL O 380 141.37 -0.86 -20.79
C VAL O 380 142.33 -0.09 -19.90
N LEU O 381 142.22 -0.31 -18.58
CA LEU O 381 143.08 0.36 -17.62
C LEU O 381 144.51 -0.15 -17.74
N LEU O 382 144.65 -1.47 -17.81
CA LEU O 382 145.96 -2.10 -17.93
C LEU O 382 146.77 -1.46 -19.05
N SER O 383 146.16 -1.31 -20.21
CA SER O 383 146.82 -0.71 -21.37
C SER O 383 147.33 0.68 -21.01
N ALA O 384 146.44 1.49 -20.43
CA ALA O 384 146.78 2.85 -20.04
C ALA O 384 148.05 2.90 -19.19
N TYR O 385 148.10 2.06 -18.16
CA TYR O 385 149.24 2.01 -17.25
C TYR O 385 150.55 1.65 -17.94
N ASN O 386 150.54 0.58 -18.71
CA ASN O 386 151.74 0.11 -19.41
C ASN O 386 152.40 1.19 -20.27
N ARG O 387 151.57 2.04 -20.87
CA ARG O 387 152.08 3.10 -21.75
C ARG O 387 152.69 4.32 -21.05
N HIS O 388 152.53 4.41 -19.74
CA HIS O 388 153.08 5.55 -19.01
C HIS O 388 153.78 5.23 -17.69
N PRO O 389 154.42 6.24 -17.08
CA PRO O 389 155.14 6.08 -15.81
C PRO O 389 154.37 6.54 -14.57
N LEU O 390 153.31 5.83 -14.21
CA LEU O 390 152.52 6.16 -13.02
C LEU O 390 151.99 7.59 -13.00
N PHE O 391 151.31 7.99 -14.07
CA PHE O 391 150.73 9.33 -14.18
C PHE O 391 150.12 9.48 -15.56
N GLN O 392 148.86 9.87 -15.60
CA GLN O 392 148.17 10.06 -16.88
C GLN O 392 148.13 11.54 -17.21
N PRO O 393 148.27 11.89 -18.50
CA PRO O 393 148.24 13.30 -18.90
C PRO O 393 147.05 14.01 -18.25
N LEU O 394 147.30 15.18 -17.66
CA LEU O 394 146.26 15.94 -16.99
C LEU O 394 144.97 16.12 -17.79
N HIS O 395 145.08 16.22 -19.11
CA HIS O 395 143.91 16.39 -19.94
C HIS O 395 143.99 15.57 -21.22
N THR O 396 144.19 14.26 -21.07
CA THR O 396 144.26 13.36 -22.20
C THR O 396 142.91 12.76 -22.50
N VAL O 397 142.71 12.35 -23.74
CA VAL O 397 141.46 11.75 -24.17
C VAL O 397 141.20 10.46 -23.38
N MET O 398 142.28 9.77 -23.02
CA MET O 398 142.17 8.52 -22.29
C MET O 398 141.82 8.73 -20.81
N ARG O 399 142.23 9.86 -20.25
CA ARG O 399 141.92 10.15 -18.85
C ARG O 399 140.41 10.04 -18.67
N GLU O 400 139.68 10.66 -19.60
CA GLU O 400 138.22 10.63 -19.58
C GLU O 400 137.73 9.19 -19.62
N THR O 401 138.49 8.35 -20.30
CA THR O 401 138.14 6.94 -20.43
C THR O 401 138.18 6.19 -19.10
N LEU O 402 139.33 6.24 -18.43
CA LEU O 402 139.47 5.57 -17.13
C LEU O 402 138.39 6.01 -16.16
N PHE O 403 137.93 7.24 -16.31
CA PHE O 403 136.89 7.78 -15.43
C PHE O 403 135.58 7.04 -15.68
N ILE O 404 135.26 6.84 -16.95
CA ILE O 404 134.04 6.15 -17.35
C ILE O 404 134.07 4.70 -16.84
N GLY O 405 135.24 4.07 -16.94
CA GLY O 405 135.37 2.69 -16.50
C GLY O 405 135.29 2.52 -14.99
N SER O 406 135.89 3.45 -14.25
CA SER O 406 135.89 3.38 -12.79
C SER O 406 134.49 3.15 -12.24
N HIS O 407 133.50 3.79 -12.85
CA HIS O 407 132.11 3.65 -12.40
C HIS O 407 131.64 2.20 -12.36
N VAL O 408 131.85 1.48 -13.45
CA VAL O 408 131.42 0.08 -13.52
C VAL O 408 132.24 -0.78 -12.55
N VAL O 409 133.37 -0.26 -12.10
CA VAL O 409 134.23 -0.98 -11.17
C VAL O 409 133.79 -0.71 -9.74
N LEU O 410 133.54 0.55 -9.43
CA LEU O 410 133.10 0.96 -8.10
C LEU O 410 131.81 0.21 -7.75
N ARG O 411 130.85 0.27 -8.65
CA ARG O 411 129.56 -0.39 -8.48
C ARG O 411 129.79 -1.84 -8.07
N GLU O 412 130.72 -2.50 -8.76
CA GLU O 412 131.07 -3.89 -8.49
C GLU O 412 131.57 -4.04 -7.06
N LEU O 413 132.55 -3.21 -6.69
CA LEU O 413 133.15 -3.23 -5.37
C LEU O 413 132.11 -3.13 -4.25
N ARG O 414 131.18 -2.19 -4.40
CA ARG O 414 130.13 -1.98 -3.40
C ARG O 414 129.32 -3.23 -3.07
N LEU O 415 129.28 -4.18 -4.00
CA LEU O 415 128.53 -5.42 -3.79
C LEU O 415 129.18 -6.33 -2.75
N ASN O 416 128.50 -7.42 -2.43
CA ASN O 416 129.00 -8.37 -1.46
C ASN O 416 129.30 -9.74 -2.09
N VAL O 417 129.16 -9.80 -3.41
CA VAL O 417 129.43 -11.03 -4.15
C VAL O 417 130.85 -10.98 -4.68
N THR O 418 131.75 -11.73 -4.05
CA THR O 418 133.14 -11.77 -4.46
C THR O 418 133.32 -12.41 -5.83
N THR O 419 133.02 -11.66 -6.87
CA THR O 419 133.14 -12.13 -8.24
C THR O 419 134.24 -11.33 -8.94
N GLN O 420 135.20 -12.04 -9.52
CA GLN O 420 136.32 -11.39 -10.21
C GLN O 420 137.13 -10.58 -9.20
N GLY O 421 137.10 -11.03 -7.94
CA GLY O 421 137.84 -10.35 -6.90
C GLY O 421 139.29 -10.18 -7.31
N PRO O 422 139.93 -11.25 -7.79
CA PRO O 422 141.34 -11.18 -8.22
C PRO O 422 141.50 -10.19 -9.36
N ASN O 423 140.60 -10.25 -10.34
CA ASN O 423 140.64 -9.37 -11.49
C ASN O 423 140.34 -7.93 -11.08
N LEU O 424 139.56 -7.77 -10.02
CA LEU O 424 139.20 -6.46 -9.52
C LEU O 424 140.30 -5.89 -8.62
N ALA O 425 140.82 -6.73 -7.74
CA ALA O 425 141.90 -6.31 -6.83
C ALA O 425 143.01 -5.66 -7.65
N LEU O 426 143.23 -6.21 -8.84
CA LEU O 426 144.26 -5.71 -9.74
C LEU O 426 144.00 -4.24 -10.07
N TYR O 427 142.76 -3.94 -10.47
CA TYR O 427 142.38 -2.58 -10.81
C TYR O 427 142.82 -1.62 -9.70
N GLN O 428 142.57 -2.00 -8.46
CA GLN O 428 142.93 -1.19 -7.31
C GLN O 428 144.44 -1.00 -7.25
N LEU O 429 145.17 -2.10 -7.42
CA LEU O 429 146.64 -2.06 -7.38
C LEU O 429 147.17 -1.05 -8.40
N LEU O 430 146.78 -1.22 -9.66
CA LEU O 430 147.22 -0.32 -10.72
C LEU O 430 146.94 1.14 -10.38
N SER O 431 145.68 1.44 -10.13
CA SER O 431 145.28 2.81 -9.79
C SER O 431 146.11 3.33 -8.62
N THR O 432 146.37 2.48 -7.63
CA THR O 432 147.16 2.85 -6.48
C THR O 432 148.52 3.35 -6.92
N ALA O 433 149.18 2.56 -7.77
CA ALA O 433 150.49 2.93 -8.29
C ALA O 433 150.37 4.26 -9.04
N LEU O 434 149.30 4.40 -9.79
CA LEU O 434 149.04 5.62 -10.55
C LEU O 434 148.85 6.83 -9.63
N CYS O 435 148.49 6.57 -8.38
CA CYS O 435 148.31 7.66 -7.42
C CYS O 435 149.67 8.06 -6.87
N SER O 436 150.65 8.22 -7.77
CA SER O 436 152.01 8.60 -7.39
C SER O 436 152.10 10.07 -7.00
N ALA O 437 153.22 10.44 -6.40
CA ALA O 437 153.47 11.82 -5.98
C ALA O 437 153.32 12.77 -7.18
N LEU O 438 153.62 12.25 -8.36
CA LEU O 438 153.52 13.04 -9.58
C LEU O 438 152.05 13.31 -9.87
N GLU O 439 151.24 12.27 -9.77
CA GLU O 439 149.80 12.36 -9.99
C GLU O 439 149.18 13.32 -8.98
N ILE O 440 149.15 12.88 -7.73
CA ILE O 440 148.59 13.68 -6.64
C ILE O 440 149.12 15.10 -6.67
N GLY O 441 150.33 15.27 -7.16
CA GLY O 441 150.93 16.60 -7.24
C GLY O 441 150.29 17.45 -8.32
N GLU O 442 150.22 16.91 -9.53
CA GLU O 442 149.65 17.63 -10.66
C GLU O 442 148.16 17.93 -10.47
N VAL O 443 147.44 17.01 -9.84
CA VAL O 443 146.01 17.20 -9.61
C VAL O 443 145.79 18.45 -8.77
N LEU O 444 146.60 18.62 -7.73
CA LEU O 444 146.51 19.79 -6.87
C LEU O 444 146.79 21.05 -7.68
N ARG O 445 147.90 21.03 -8.41
CA ARG O 445 148.30 22.16 -9.24
C ARG O 445 147.11 22.65 -10.06
N GLY O 446 146.49 21.73 -10.79
CA GLY O 446 145.35 22.07 -11.61
C GLY O 446 144.19 22.64 -10.81
N LEU O 447 143.89 22.01 -9.67
CA LEU O 447 142.79 22.47 -8.82
C LEU O 447 142.98 23.92 -8.40
N ALA O 448 144.18 24.25 -7.93
CA ALA O 448 144.49 25.60 -7.50
C ALA O 448 144.36 26.60 -8.65
N LEU O 449 144.98 26.26 -9.79
CA LEU O 449 144.94 27.13 -10.96
C LEU O 449 143.58 27.06 -11.67
N GLY O 450 142.72 26.16 -11.20
CA GLY O 450 141.39 26.02 -11.78
C GLY O 450 141.32 25.44 -13.17
N THR O 451 142.33 24.67 -13.57
CA THR O 451 142.33 24.05 -14.90
C THR O 451 141.67 22.68 -14.82
N GLU O 452 141.89 21.99 -13.70
CA GLU O 452 141.32 20.66 -13.49
C GLU O 452 140.14 20.75 -12.52
N SER O 453 139.03 20.12 -12.89
CA SER O 453 137.84 20.12 -12.06
C SER O 453 138.01 19.20 -10.85
N GLY O 454 138.80 18.15 -11.03
CA GLY O 454 139.03 17.20 -9.96
C GLY O 454 137.95 16.13 -9.95
N LEU O 455 137.29 15.96 -11.10
CA LEU O 455 136.23 14.97 -11.23
C LEU O 455 136.71 13.55 -11.06
N PHE O 456 137.87 13.23 -11.65
CA PHE O 456 138.41 11.88 -11.57
C PHE O 456 139.91 11.82 -11.32
N SER O 457 140.33 10.72 -10.69
CA SER O 457 141.72 10.46 -10.37
C SER O 457 141.83 8.99 -9.96
N PRO O 458 142.90 8.30 -10.40
CA PRO O 458 143.08 6.89 -10.04
C PRO O 458 143.16 6.67 -8.54
N CYS O 459 143.29 7.76 -7.79
CA CYS O 459 143.37 7.69 -6.34
C CYS O 459 142.02 7.31 -5.72
N TYR O 460 140.94 7.82 -6.31
CA TYR O 460 139.60 7.57 -5.80
C TYR O 460 139.26 6.09 -5.63
N LEU O 461 140.06 5.22 -6.23
CA LEU O 461 139.83 3.79 -6.10
C LEU O 461 141.11 3.11 -5.60
N SER O 462 142.18 3.87 -5.53
CA SER O 462 143.46 3.36 -5.07
C SER O 462 143.38 2.94 -3.60
N LEU O 463 144.34 2.14 -3.17
CA LEU O 463 144.40 1.67 -1.79
C LEU O 463 145.45 2.46 -1.04
N ARG O 464 145.58 3.73 -1.39
CA ARG O 464 146.56 4.61 -0.76
C ARG O 464 145.87 5.54 0.24
N PHE O 465 145.78 5.08 1.48
CA PHE O 465 145.15 5.84 2.55
C PHE O 465 146.19 6.60 3.37
N ASP O 466 147.29 6.97 2.70
CA ASP O 466 148.38 7.69 3.34
C ASP O 466 148.21 9.21 3.29
N LEU O 467 147.64 9.70 2.20
CA LEU O 467 147.44 11.13 2.02
C LEU O 467 146.43 11.76 2.99
N THR O 468 146.93 12.65 3.84
CA THR O 468 146.08 13.34 4.81
C THR O 468 146.19 14.85 4.55
N ARG O 469 145.54 15.65 5.40
CA ARG O 469 145.57 17.09 5.24
C ARG O 469 147.00 17.62 5.08
N ASP O 470 147.89 17.19 5.97
CA ASP O 470 149.28 17.61 5.93
C ASP O 470 150.07 16.91 4.82
N LYS O 471 150.01 15.58 4.79
CA LYS O 471 150.72 14.81 3.79
C LYS O 471 150.42 15.30 2.37
N LEU O 472 149.15 15.60 2.13
CA LEU O 472 148.73 16.10 0.82
C LEU O 472 149.37 17.45 0.53
N LEU O 473 149.48 18.28 1.56
CA LEU O 473 150.07 19.60 1.44
C LEU O 473 151.55 19.47 1.08
N SER O 474 152.12 18.30 1.35
CA SER O 474 153.53 18.05 1.05
C SER O 474 153.74 17.82 -0.45
N MET O 475 152.88 17.00 -1.05
CA MET O 475 152.98 16.73 -2.49
C MET O 475 152.67 17.98 -3.31
N ALA O 476 151.96 18.92 -2.71
CA ALA O 476 151.60 20.16 -3.39
C ALA O 476 152.84 20.83 -3.98
N PRO O 477 152.70 21.44 -5.16
CA PRO O 477 153.82 22.12 -5.82
C PRO O 477 154.32 23.35 -5.04
N GLN O 478 155.64 23.45 -4.90
CA GLN O 478 156.25 24.56 -4.19
C GLN O 478 156.68 25.63 -5.18
N GLU O 479 155.80 26.60 -5.41
CA GLU O 479 156.09 27.68 -6.35
C GLU O 479 155.38 28.98 -5.96
N ALA O 480 156.07 30.10 -6.15
CA ALA O 480 155.51 31.41 -5.83
C ALA O 480 154.49 31.81 -6.88
N THR O 481 154.45 31.05 -7.98
CA THR O 481 153.52 31.32 -9.07
C THR O 481 152.12 30.84 -8.72
N LEU O 482 152.01 30.15 -7.58
CA LEU O 482 150.73 29.63 -7.12
C LEU O 482 150.33 30.25 -5.79
N ASP O 483 149.11 30.79 -5.74
CA ASP O 483 148.60 31.43 -4.53
C ASP O 483 148.54 30.43 -3.38
N GLN O 484 149.43 30.59 -2.40
CA GLN O 484 149.50 29.71 -1.24
C GLN O 484 148.11 29.48 -0.63
N ALA O 485 147.25 30.48 -0.72
CA ALA O 485 145.90 30.37 -0.19
C ALA O 485 145.07 29.46 -1.07
N ALA O 486 145.13 29.68 -2.38
CA ALA O 486 144.39 28.88 -3.34
C ALA O 486 144.78 27.41 -3.20
N VAL O 487 146.07 27.16 -3.05
CA VAL O 487 146.57 25.80 -2.90
C VAL O 487 145.87 25.07 -1.76
N SER O 488 145.77 25.74 -0.61
CA SER O 488 145.13 25.14 0.56
C SER O 488 143.73 24.62 0.22
N ASN O 489 142.95 25.44 -0.47
CA ASN O 489 141.60 25.04 -0.85
C ASN O 489 141.62 23.76 -1.69
N ALA O 490 142.57 23.70 -2.61
CA ALA O 490 142.71 22.53 -3.48
C ALA O 490 142.98 21.29 -2.63
N VAL O 491 143.98 21.37 -1.77
CA VAL O 491 144.33 20.26 -0.90
C VAL O 491 143.11 19.83 -0.10
N ASP O 492 142.39 20.79 0.46
CA ASP O 492 141.20 20.51 1.24
C ASP O 492 140.13 19.86 0.35
N GLY O 493 139.91 20.44 -0.82
CA GLY O 493 138.93 19.91 -1.73
C GLY O 493 139.20 18.46 -2.10
N PHE O 494 140.43 18.18 -2.52
CA PHE O 494 140.82 16.83 -2.91
C PHE O 494 140.52 15.86 -1.77
N LEU O 495 141.01 16.19 -0.57
CA LEU O 495 140.80 15.35 0.60
C LEU O 495 139.31 15.08 0.79
N GLY O 496 138.49 16.09 0.53
CA GLY O 496 137.05 15.94 0.68
C GLY O 496 136.42 14.94 -0.27
N ARG O 497 136.56 15.17 -1.57
CA ARG O 497 135.99 14.28 -2.57
C ARG O 497 136.57 12.87 -2.44
N LEU O 498 137.75 12.77 -1.83
CA LEU O 498 138.41 11.48 -1.64
C LEU O 498 137.71 10.68 -0.55
N SER O 499 137.26 11.36 0.50
CA SER O 499 136.58 10.71 1.60
C SER O 499 135.13 10.36 1.26
N LEU O 500 134.65 10.88 0.14
CA LEU O 500 133.28 10.63 -0.29
C LEU O 500 133.22 9.62 -1.43
N GLU O 501 134.11 9.77 -2.39
CA GLU O 501 134.17 8.86 -3.54
C GLU O 501 134.65 7.49 -3.08
N ARG O 502 135.55 7.49 -2.10
CA ARG O 502 136.10 6.24 -1.57
C ARG O 502 135.55 5.89 -0.19
N GLU O 503 135.34 4.60 0.03
CA GLU O 503 134.83 4.10 1.30
C GLU O 503 135.71 2.95 1.77
N ASP O 504 135.57 2.59 3.05
CA ASP O 504 136.34 1.50 3.62
C ASP O 504 135.90 0.18 2.99
N ARG O 505 134.60 0.07 2.75
CA ARG O 505 134.01 -1.13 2.14
C ARG O 505 134.61 -1.40 0.76
N ASP O 506 135.17 -0.37 0.16
CA ASP O 506 135.78 -0.49 -1.16
C ASP O 506 136.99 -1.43 -1.13
N ALA O 507 137.30 -1.96 0.06
CA ALA O 507 138.43 -2.86 0.18
C ALA O 507 138.20 -4.04 1.13
N TRP O 508 136.96 -4.51 1.18
CA TRP O 508 136.62 -5.66 2.03
C TRP O 508 136.78 -6.93 1.20
N HIS O 509 136.70 -6.75 -0.12
CA HIS O 509 136.84 -7.86 -1.05
C HIS O 509 138.28 -8.35 -1.12
N LEU O 510 139.18 -7.60 -0.50
CA LEU O 510 140.59 -7.97 -0.49
C LEU O 510 140.85 -9.00 0.62
N PRO O 511 141.51 -10.10 0.27
CA PRO O 511 141.84 -11.20 1.20
C PRO O 511 142.62 -10.80 2.45
N ALA O 512 143.66 -9.99 2.28
CA ALA O 512 144.49 -9.57 3.41
C ALA O 512 143.83 -8.63 4.41
N TYR O 513 142.77 -7.96 3.99
CA TYR O 513 142.06 -7.02 4.87
C TYR O 513 141.78 -7.57 6.25
N LYS O 514 141.29 -8.80 6.31
CA LYS O 514 140.94 -9.48 7.56
C LYS O 514 142.09 -9.59 8.55
N CYS O 515 143.28 -9.19 8.13
CA CYS O 515 144.46 -9.31 8.97
C CYS O 515 144.96 -8.06 9.68
N VAL O 516 144.23 -6.95 9.58
CA VAL O 516 144.67 -5.71 10.22
C VAL O 516 143.88 -5.32 11.46
N ASP O 517 144.53 -5.33 12.61
CA ASP O 517 143.91 -4.95 13.88
C ASP O 517 143.63 -3.45 13.86
N ARG O 518 144.68 -2.64 14.05
CA ARG O 518 144.52 -1.19 14.03
C ARG O 518 144.61 -0.73 12.58
N LEU O 519 143.52 -0.88 11.84
CA LEU O 519 143.46 -0.51 10.44
C LEU O 519 143.49 0.99 10.20
N ASP O 520 143.22 1.77 11.24
CA ASP O 520 143.23 3.23 11.11
C ASP O 520 144.63 3.79 10.90
N LYS O 521 145.63 3.02 11.32
CA LYS O 521 147.01 3.46 11.17
C LYS O 521 147.66 2.81 9.95
N VAL O 522 146.83 2.49 8.97
CA VAL O 522 147.30 1.86 7.73
C VAL O 522 147.52 2.92 6.66
N LEU O 523 148.75 3.01 6.17
CA LEU O 523 149.09 3.99 5.15
C LEU O 523 148.60 3.55 3.77
N MET O 524 148.97 2.34 3.37
CA MET O 524 148.54 1.81 2.08
C MET O 524 148.82 0.33 1.94
N ILE O 525 147.92 -0.37 1.28
CA ILE O 525 148.04 -1.81 1.05
C ILE O 525 148.35 -2.08 -0.41
N ILE O 526 149.30 -2.98 -0.65
CA ILE O 526 149.70 -3.33 -2.01
C ILE O 526 149.37 -4.78 -2.35
N PRO O 527 148.23 -5.02 -3.01
CA PRO O 527 147.83 -6.38 -3.39
C PRO O 527 148.73 -6.93 -4.48
N LEU O 528 149.51 -7.96 -4.14
CA LEU O 528 150.40 -8.56 -5.11
C LEU O 528 149.87 -9.89 -5.62
N ILE O 529 150.65 -10.56 -6.45
CA ILE O 529 150.26 -11.84 -7.05
C ILE O 529 150.11 -12.96 -6.01
N ASN O 530 151.21 -13.33 -5.37
CA ASN O 530 151.18 -14.39 -4.36
C ASN O 530 151.09 -13.88 -2.94
N VAL O 531 151.17 -12.57 -2.77
CA VAL O 531 151.10 -11.97 -1.44
C VAL O 531 150.46 -10.57 -1.50
N THR O 532 150.39 -9.91 -0.36
CA THR O 532 149.82 -8.57 -0.27
C THR O 532 150.50 -7.81 0.87
N PHE O 533 151.17 -6.72 0.51
CA PHE O 533 151.88 -5.89 1.48
C PHE O 533 151.00 -4.85 2.16
N ILE O 534 151.22 -4.68 3.46
CA ILE O 534 150.46 -3.71 4.25
C ILE O 534 151.39 -2.72 4.93
N ILE O 535 151.50 -1.52 4.36
CA ILE O 535 152.34 -0.48 4.92
C ILE O 535 151.53 0.29 5.97
N SER O 536 152.03 0.33 7.19
CA SER O 536 151.32 1.03 8.27
C SER O 536 152.27 1.54 9.34
N SER O 537 151.73 2.32 10.26
CA SER O 537 152.50 2.88 11.36
C SER O 537 152.29 2.06 12.63
N ASP O 538 151.90 0.80 12.45
CA ASP O 538 151.67 -0.10 13.57
C ASP O 538 152.16 -1.50 13.24
N ARG O 539 152.80 -2.14 14.21
CA ARG O 539 153.32 -3.48 14.04
C ARG O 539 152.28 -4.49 14.49
N GLU O 540 151.01 -4.10 14.41
CA GLU O 540 149.91 -4.96 14.83
C GLU O 540 149.42 -5.91 13.74
N VAL O 541 149.67 -5.57 12.48
CA VAL O 541 149.26 -6.43 11.38
C VAL O 541 149.82 -7.83 11.61
N ARG O 542 148.97 -8.85 11.45
CA ARG O 542 149.41 -10.22 11.67
C ARG O 542 149.77 -10.96 10.38
N GLY O 543 150.74 -10.42 9.65
CA GLY O 543 151.17 -11.04 8.41
C GLY O 543 152.11 -12.21 8.62
N SER O 544 153.23 -12.20 7.91
CA SER O 544 154.23 -13.26 8.02
C SER O 544 155.52 -12.75 8.64
N ALA O 545 155.81 -11.48 8.43
CA ALA O 545 157.01 -10.87 8.97
C ALA O 545 156.80 -9.37 9.15
N LEU O 546 157.70 -8.74 9.90
CA LEU O 546 157.59 -7.31 10.14
C LEU O 546 158.85 -6.59 9.68
N TYR O 547 158.66 -5.58 8.83
CA TYR O 547 159.76 -4.79 8.30
C TYR O 547 159.64 -3.35 8.80
N GLU O 548 160.76 -2.68 8.97
CA GLU O 548 160.77 -1.30 9.44
C GLU O 548 161.85 -0.49 8.76
N ALA O 549 161.46 0.64 8.18
CA ALA O 549 162.39 1.52 7.50
C ALA O 549 163.29 2.19 8.53
N SER O 550 164.43 2.71 8.08
CA SER O 550 165.38 3.37 8.97
C SER O 550 164.91 4.74 9.45
N THR O 551 164.03 5.36 8.69
CA THR O 551 163.51 6.69 9.01
C THR O 551 162.58 6.72 10.22
N THR O 552 162.77 7.73 11.07
CA THR O 552 161.96 7.93 12.27
C THR O 552 161.50 9.37 12.31
N TYR O 553 161.74 10.07 11.21
CA TYR O 553 161.35 11.48 11.07
C TYR O 553 159.86 11.66 11.26
N LEU O 554 159.09 10.72 10.72
CA LEU O 554 157.65 10.77 10.82
C LEU O 554 157.21 10.70 12.27
N SER O 555 155.93 10.97 12.51
CA SER O 555 155.37 10.92 13.85
C SER O 555 155.64 9.55 14.45
N SER O 556 155.18 8.51 13.74
CA SER O 556 155.36 7.14 14.17
C SER O 556 156.38 6.45 13.26
N SER O 557 156.37 5.11 13.26
CA SER O 557 157.31 4.35 12.44
C SER O 557 156.69 3.92 11.11
N LEU O 558 157.54 3.44 10.21
CA LEU O 558 157.10 2.98 8.90
C LEU O 558 157.30 1.47 8.79
N PHE O 559 156.21 0.73 9.01
CA PHE O 559 156.26 -0.73 8.96
C PHE O 559 155.79 -1.31 7.63
N LEU O 560 156.19 -2.56 7.38
CA LEU O 560 155.84 -3.27 6.15
C LEU O 560 155.43 -4.71 6.49
N SER O 561 154.13 -4.95 6.55
CA SER O 561 153.61 -6.28 6.86
C SER O 561 153.12 -7.03 5.63
N PRO O 562 153.82 -8.12 5.25
CA PRO O 562 153.43 -8.92 4.08
C PRO O 562 152.62 -10.15 4.46
N VAL O 563 151.47 -10.33 3.83
CA VAL O 563 150.62 -11.49 4.10
C VAL O 563 150.86 -12.51 2.99
N ILE O 564 151.67 -13.53 3.28
CA ILE O 564 151.97 -14.56 2.29
C ILE O 564 150.75 -15.43 2.01
N MET O 565 150.53 -15.73 0.75
CA MET O 565 149.41 -16.57 0.34
C MET O 565 148.09 -16.02 0.86
N ASN O 566 148.01 -14.69 0.95
CA ASN O 566 146.82 -14.00 1.42
C ASN O 566 146.13 -14.60 2.64
N LYS O 567 146.87 -15.36 3.43
CA LYS O 567 146.31 -15.95 4.64
C LYS O 567 147.23 -15.56 5.78
N CYS O 568 146.67 -15.03 6.86
CA CYS O 568 147.48 -14.61 7.98
C CYS O 568 147.53 -15.57 9.16
N SER O 569 148.63 -15.49 9.90
CA SER O 569 148.84 -16.32 11.07
C SER O 569 148.33 -15.59 12.31
N GLN O 570 148.09 -16.35 13.37
CA GLN O 570 147.59 -15.78 14.61
C GLN O 570 148.68 -15.03 15.38
N GLY O 571 148.39 -13.77 15.70
CA GLY O 571 149.35 -12.96 16.44
C GLY O 571 150.37 -12.28 15.55
N ALA O 572 150.87 -11.14 15.99
CA ALA O 572 151.87 -10.39 15.23
C ALA O 572 153.25 -11.02 15.39
N VAL O 573 154.22 -10.48 14.64
CA VAL O 573 155.58 -10.99 14.68
C VAL O 573 156.22 -10.80 16.06
N ALA O 574 157.30 -11.53 16.31
CA ALA O 574 157.99 -11.45 17.58
C ALA O 574 158.61 -10.06 17.75
N GLY O 575 159.22 -9.82 18.91
CA GLY O 575 159.82 -8.53 19.18
C GLY O 575 160.89 -8.23 18.16
N GLU O 576 161.29 -6.96 18.06
CA GLU O 576 162.34 -6.52 17.14
C GLU O 576 162.02 -6.81 15.69
N PRO O 577 161.73 -5.76 14.91
CA PRO O 577 161.40 -5.94 13.49
C PRO O 577 162.64 -6.28 12.66
N ARG O 578 162.42 -6.86 11.49
CA ARG O 578 163.52 -7.23 10.60
C ARG O 578 163.91 -5.95 9.85
N GLN O 579 165.20 -5.69 9.76
CA GLN O 579 165.69 -4.48 9.10
C GLN O 579 165.81 -4.67 7.59
N ILE O 580 165.44 -3.62 6.85
CA ILE O 580 165.51 -3.64 5.39
C ILE O 580 166.95 -3.61 4.91
N PRO O 581 167.42 -4.71 4.29
CA PRO O 581 168.79 -4.80 3.78
C PRO O 581 169.00 -3.89 2.58
N LYS O 582 170.18 -3.29 2.49
CA LYS O 582 170.52 -2.41 1.39
C LYS O 582 171.22 -3.19 0.28
N ILE O 583 170.83 -2.95 -0.96
CA ILE O 583 171.41 -3.65 -2.09
C ILE O 583 171.91 -2.73 -3.21
N GLN O 584 173.05 -3.08 -3.78
CA GLN O 584 173.66 -2.32 -4.86
C GLN O 584 174.10 -3.28 -5.96
N ASN O 585 173.74 -4.54 -5.82
CA ASN O 585 174.11 -5.57 -6.78
C ASN O 585 173.55 -5.36 -8.19
N PHE O 586 172.24 -5.43 -8.33
CA PHE O 586 171.59 -5.26 -9.63
C PHE O 586 172.15 -4.13 -10.49
N THR O 587 172.27 -4.40 -11.78
CA THR O 587 172.77 -3.41 -12.73
C THR O 587 171.59 -2.79 -13.47
N ARG O 588 171.77 -1.58 -13.98
CA ARG O 588 170.70 -0.88 -14.69
C ARG O 588 170.15 -1.68 -15.87
N THR O 589 170.94 -1.82 -16.92
CA THR O 589 170.52 -2.56 -18.10
C THR O 589 170.11 -3.98 -17.71
N GLN O 590 168.91 -4.38 -18.13
CA GLN O 590 168.41 -5.72 -17.80
C GLN O 590 167.81 -6.43 -19.01
N LYS O 591 168.23 -7.68 -19.20
CA LYS O 591 167.75 -8.49 -20.31
C LYS O 591 166.29 -8.88 -20.09
N SER O 592 166.07 -9.75 -19.10
CA SER O 592 164.71 -10.22 -18.80
C SER O 592 164.03 -9.35 -17.76
N CYS O 593 162.79 -9.73 -17.41
CA CYS O 593 161.98 -9.02 -16.44
C CYS O 593 162.23 -9.55 -15.03
N ILE O 594 163.27 -9.03 -14.39
CA ILE O 594 163.62 -9.46 -13.03
C ILE O 594 162.52 -9.09 -12.05
N PHE O 595 162.32 -7.78 -11.86
CA PHE O 595 161.30 -7.28 -10.95
C PHE O 595 159.98 -7.23 -11.71
N CYS O 596 159.43 -8.40 -12.04
CA CYS O 596 158.19 -8.46 -12.77
C CYS O 596 156.97 -8.41 -11.87
N GLY O 597 156.62 -9.52 -11.23
CA GLY O 597 155.48 -9.54 -10.35
C GLY O 597 155.74 -8.77 -9.06
N PHE O 598 156.79 -7.97 -9.05
CA PHE O 598 157.15 -7.18 -7.87
C PHE O 598 156.61 -5.77 -7.94
N ALA O 599 156.88 -4.99 -6.91
CA ALA O 599 156.43 -3.60 -6.84
C ALA O 599 157.47 -2.72 -6.16
N LEU O 600 157.53 -1.46 -6.59
CA LEU O 600 158.48 -0.51 -6.01
C LEU O 600 157.76 0.50 -5.12
N LEU O 601 158.41 0.86 -4.01
CA LEU O 601 157.83 1.81 -3.07
C LEU O 601 158.90 2.79 -2.59
N SER O 602 158.79 4.04 -3.00
CA SER O 602 159.74 5.07 -2.60
C SER O 602 159.12 5.95 -1.53
N TYR O 603 159.90 6.25 -0.49
CA TYR O 603 159.41 7.09 0.59
C TYR O 603 160.42 8.17 0.94
N ASP O 604 159.93 9.34 1.31
CA ASP O 604 160.81 10.43 1.68
C ASP O 604 161.06 10.30 3.18
N GLU O 605 162.30 10.57 3.59
CA GLU O 605 162.68 10.47 5.00
C GLU O 605 161.82 11.38 5.86
N LYS O 606 161.67 12.64 5.43
CA LYS O 606 160.87 13.60 6.17
C LYS O 606 159.37 13.38 6.00
N GLU O 607 158.89 13.42 4.77
CA GLU O 607 157.46 13.21 4.52
C GLU O 607 157.10 11.71 4.49
N GLY O 608 155.84 11.43 4.20
CA GLY O 608 155.37 10.05 4.15
C GLY O 608 155.83 9.29 2.93
N LEU O 609 154.94 8.49 2.36
CA LEU O 609 155.26 7.70 1.18
C LEU O 609 155.08 8.51 -0.09
N GLU O 610 156.08 8.48 -0.98
CA GLU O 610 156.04 9.23 -2.23
C GLU O 610 155.24 8.53 -3.32
N THR O 611 155.91 7.66 -4.09
CA THR O 611 155.26 6.96 -5.18
C THR O 611 155.47 5.45 -5.12
N THR O 612 154.50 4.71 -5.65
CA THR O 612 154.57 3.25 -5.69
C THR O 612 154.39 2.78 -7.13
N THR O 613 155.08 1.70 -7.50
CA THR O 613 154.99 1.20 -8.86
C THR O 613 154.91 -0.32 -8.95
N TYR O 614 154.03 -0.81 -9.81
CA TYR O 614 153.86 -2.24 -10.03
C TYR O 614 154.33 -2.50 -11.46
N ILE O 615 155.47 -3.16 -11.60
CA ILE O 615 156.03 -3.46 -12.91
C ILE O 615 155.24 -4.58 -13.60
N THR O 616 154.20 -4.19 -14.33
CA THR O 616 153.36 -5.14 -15.04
C THR O 616 154.14 -6.05 -15.97
N SER O 617 154.83 -5.44 -16.94
CA SER O 617 155.60 -6.22 -17.90
C SER O 617 156.99 -5.65 -18.19
N GLN O 618 157.71 -6.33 -19.08
CA GLN O 618 159.05 -5.95 -19.49
C GLN O 618 159.16 -4.49 -19.87
N GLU O 619 158.36 -4.07 -20.84
CA GLU O 619 158.38 -2.69 -21.31
C GLU O 619 158.39 -1.68 -20.17
N VAL O 620 157.63 -1.95 -19.12
CA VAL O 620 157.55 -1.07 -17.97
C VAL O 620 158.87 -1.00 -17.21
N GLN O 621 159.44 -2.17 -16.90
CA GLN O 621 160.70 -2.22 -16.16
C GLN O 621 161.79 -1.40 -16.86
N ASN O 622 161.80 -1.44 -18.19
CA ASN O 622 162.76 -0.69 -18.97
C ASN O 622 162.49 0.81 -18.85
N SER O 623 161.23 1.19 -18.97
CA SER O 623 160.84 2.59 -18.87
C SER O 623 160.98 3.12 -17.45
N ILE O 624 161.71 2.39 -16.61
CA ILE O 624 161.92 2.79 -15.23
C ILE O 624 163.42 2.83 -14.91
N LEU O 625 164.13 1.81 -15.37
CA LEU O 625 165.57 1.72 -15.14
C LEU O 625 166.32 2.62 -16.12
N SER O 626 165.64 2.97 -17.21
CA SER O 626 166.23 3.84 -18.23
C SER O 626 165.99 5.28 -17.83
N SER O 627 164.75 5.60 -17.46
CA SER O 627 164.38 6.94 -17.04
C SER O 627 165.05 7.26 -15.71
N ASN O 628 164.80 8.46 -15.21
CA ASN O 628 165.38 8.88 -13.93
C ASN O 628 164.44 8.62 -12.77
N TYR O 629 163.78 7.47 -12.79
CA TYR O 629 162.85 7.10 -11.73
C TYR O 629 163.62 7.02 -10.41
N PHE O 630 164.89 6.63 -10.51
CA PHE O 630 165.75 6.50 -9.35
C PHE O 630 166.63 7.74 -9.15
N ASP O 631 167.01 7.99 -7.91
CA ASP O 631 167.86 9.12 -7.57
C ASP O 631 168.55 8.83 -6.24
N PHE O 632 169.51 7.91 -6.28
CA PHE O 632 170.26 7.52 -5.10
C PHE O 632 171.10 8.67 -4.58
N ASP O 633 171.30 9.68 -5.42
CA ASP O 633 172.08 10.85 -5.04
C ASP O 633 171.21 11.81 -4.24
N ASN O 634 170.33 11.24 -3.43
CA ASN O 634 169.42 12.00 -2.58
C ASN O 634 169.21 11.18 -1.31
N LEU O 635 169.89 11.58 -0.24
CA LEU O 635 169.79 10.88 1.03
C LEU O 635 168.37 10.87 1.61
N HIS O 636 167.59 11.89 1.25
CA HIS O 636 166.22 11.99 1.76
C HIS O 636 165.28 10.93 1.20
N VAL O 637 165.44 10.57 -0.07
CA VAL O 637 164.58 9.57 -0.67
C VAL O 637 165.19 8.17 -0.70
N HIS O 638 164.36 7.18 -0.42
CA HIS O 638 164.79 5.78 -0.41
C HIS O 638 163.88 5.00 -1.36
N TYR O 639 164.38 3.90 -1.89
CA TYR O 639 163.62 3.06 -2.82
C TYR O 639 163.53 1.62 -2.34
N LEU O 640 162.31 1.15 -2.10
CA LEU O 640 162.09 -0.21 -1.64
C LEU O 640 161.54 -1.12 -2.73
N LEU O 641 161.78 -2.41 -2.59
CA LEU O 641 161.32 -3.40 -3.56
C LEU O 641 160.60 -4.54 -2.86
N LEU O 642 159.31 -4.66 -3.14
CA LEU O 642 158.49 -5.72 -2.55
C LEU O 642 158.36 -6.84 -3.58
N THR O 643 158.79 -8.04 -3.21
CA THR O 643 158.74 -9.18 -4.11
C THR O 643 157.52 -10.07 -3.89
N THR O 644 157.40 -11.11 -4.73
CA THR O 644 156.30 -12.06 -4.62
C THR O 644 156.42 -12.75 -3.27
N ASN O 645 157.63 -12.71 -2.72
CA ASN O 645 157.90 -13.31 -1.43
C ASN O 645 157.79 -12.19 -0.40
N GLY O 646 157.50 -12.54 0.85
CA GLY O 646 157.36 -11.54 1.89
C GLY O 646 158.66 -10.82 2.21
N THR O 647 159.55 -10.73 1.23
CA THR O 647 160.84 -10.07 1.43
C THR O 647 160.82 -8.63 0.93
N VAL O 648 161.61 -7.79 1.58
CA VAL O 648 161.71 -6.38 1.23
C VAL O 648 163.17 -5.96 1.20
N MET O 649 163.52 -5.07 0.29
CA MET O 649 164.90 -4.61 0.17
C MET O 649 165.00 -3.20 -0.43
N GLU O 650 166.01 -2.47 0.02
CA GLU O 650 166.25 -1.10 -0.45
C GLU O 650 167.22 -1.14 -1.62
N ILE O 651 167.10 -0.16 -2.52
CA ILE O 651 167.97 -0.10 -3.70
C ILE O 651 168.85 1.15 -3.70
N ALA O 652 170.07 1.02 -4.18
CA ALA O 652 171.01 2.13 -4.23
C ALA O 652 172.16 1.89 -5.20
N GLY O 653 172.08 0.79 -5.95
CA GLY O 653 173.13 0.47 -6.89
C GLY O 653 172.61 0.29 -8.30
N TRP P 1 76.61 45.81 -32.06
CA TRP P 1 77.95 45.91 -31.41
C TRP P 1 78.11 44.84 -30.35
N ALA P 2 78.13 45.25 -29.08
CA ALA P 2 78.27 44.33 -27.97
C ALA P 2 76.96 44.20 -27.19
N TYR P 3 77.07 44.18 -25.87
CA TYR P 3 75.91 44.06 -25.01
C TYR P 3 76.14 44.85 -23.73
N PRO P 4 75.07 45.10 -22.95
CA PRO P 4 75.21 45.84 -21.70
C PRO P 4 76.20 45.20 -20.74
N CYS P 5 77.14 46.00 -20.26
CA CYS P 5 78.16 45.52 -19.33
C CYS P 5 77.45 45.07 -18.07
N CYS P 6 78.13 44.32 -17.20
CA CYS P 6 77.48 43.87 -15.98
C CYS P 6 78.37 43.69 -14.75
N HIS P 7 77.74 43.51 -13.60
CA HIS P 7 78.44 43.32 -12.34
C HIS P 7 78.56 41.82 -12.08
N VAL P 8 79.38 41.44 -11.11
CA VAL P 8 79.58 40.03 -10.83
C VAL P 8 79.60 39.70 -9.33
N THR P 9 79.83 38.42 -9.04
CA THR P 9 79.89 37.89 -7.68
C THR P 9 80.43 36.46 -7.76
N GLN P 10 81.47 36.16 -6.99
CA GLN P 10 82.06 34.83 -6.99
C GLN P 10 81.00 33.80 -6.57
N LEU P 11 80.16 33.43 -7.52
CA LEU P 11 79.07 32.47 -7.30
C LEU P 11 78.43 32.65 -5.92
N ARG P 12 77.97 33.86 -5.64
CA ARG P 12 77.36 34.19 -4.36
C ARG P 12 76.43 33.14 -3.79
N ALA P 13 77.02 32.16 -3.09
CA ALA P 13 76.28 31.08 -2.46
C ALA P 13 75.58 30.17 -3.47
N GLN P 14 74.81 30.77 -4.36
CA GLN P 14 74.10 30.02 -5.39
C GLN P 14 75.04 29.00 -6.03
N HIS P 15 74.52 27.79 -6.27
CA HIS P 15 75.32 26.76 -6.89
C HIS P 15 75.66 27.23 -8.30
N LEU P 16 76.95 27.21 -8.64
CA LEU P 16 77.35 27.65 -9.97
C LEU P 16 76.66 26.73 -10.97
N LEU P 17 76.43 27.26 -12.17
CA LEU P 17 75.79 26.48 -13.22
C LEU P 17 76.87 25.68 -13.94
N ALA P 18 76.53 24.47 -14.36
CA ALA P 18 77.49 23.64 -15.08
C ALA P 18 77.52 24.15 -16.51
N LEU P 19 78.59 23.85 -17.24
CA LEU P 19 78.71 24.29 -18.62
C LEU P 19 77.58 23.63 -19.40
N GLU P 20 77.09 22.51 -18.86
CA GLU P 20 76.01 21.75 -19.47
C GLU P 20 74.82 22.65 -19.78
N ASN P 21 74.56 23.61 -18.89
CA ASN P 21 73.44 24.54 -19.07
C ASN P 21 73.78 25.64 -20.05
N ILE P 22 75.00 26.15 -19.98
CA ILE P 22 75.44 27.22 -20.86
C ILE P 22 75.36 26.82 -22.33
N SER P 23 74.72 27.66 -23.14
CA SER P 23 74.59 27.39 -24.56
C SER P 23 74.91 28.64 -25.38
N ASP P 24 75.27 29.72 -24.68
CA ASP P 24 75.60 30.98 -25.34
C ASP P 24 76.49 31.83 -24.45
N ILE P 25 77.51 32.46 -25.04
CA ILE P 25 78.43 33.29 -24.29
C ILE P 25 78.86 34.52 -25.09
N TYR P 26 78.43 35.69 -24.62
CA TYR P 26 78.76 36.95 -25.27
C TYR P 26 79.96 37.62 -24.62
N LEU P 27 80.94 38.03 -25.42
CA LEU P 27 82.14 38.67 -24.91
C LEU P 27 82.25 40.12 -25.36
N VAL P 28 83.04 40.91 -24.63
CA VAL P 28 83.21 42.33 -24.93
C VAL P 28 84.59 42.66 -25.52
N SER P 29 84.76 43.92 -25.94
CA SER P 29 86.01 44.37 -26.52
C SER P 29 86.83 45.20 -25.53
N ASN P 30 88.10 45.42 -25.84
CA ASN P 30 88.99 46.17 -24.97
C ASN P 30 88.68 47.67 -24.93
N GLN P 31 87.42 48.03 -25.16
CA GLN P 31 87.03 49.44 -25.14
C GLN P 31 85.53 49.65 -25.08
N THR P 32 84.74 48.59 -25.30
CA THR P 32 83.29 48.70 -25.25
C THR P 32 82.84 49.30 -23.93
N CYS P 33 82.89 48.50 -22.87
CA CYS P 33 82.49 48.96 -21.54
C CYS P 33 83.53 49.94 -21.03
N ASP P 34 84.47 49.44 -20.23
CA ASP P 34 85.52 50.30 -19.68
C ASP P 34 86.73 49.46 -19.25
N GLY P 35 87.37 48.81 -20.21
CA GLY P 35 88.53 48.00 -19.92
C GLY P 35 88.21 46.67 -19.26
N PHE P 36 86.99 46.56 -18.72
CA PHE P 36 86.56 45.35 -18.04
C PHE P 36 86.26 44.20 -19.00
N SER P 37 87.03 43.13 -18.91
CA SER P 37 86.80 41.97 -19.74
C SER P 37 85.61 41.23 -19.14
N LEU P 38 84.42 41.54 -19.65
CA LEU P 38 83.20 40.93 -19.15
C LEU P 38 82.58 39.95 -20.13
N ALA P 39 81.80 39.02 -19.60
CA ALA P 39 81.14 38.01 -20.42
C ALA P 39 79.73 37.74 -19.91
N SER P 40 78.86 37.29 -20.81
CA SER P 40 77.48 37.00 -20.45
C SER P 40 77.19 35.52 -20.70
N LEU P 41 76.75 34.83 -19.67
CA LEU P 41 76.43 33.42 -19.77
C LEU P 41 74.93 33.22 -19.97
N ASN P 42 74.55 32.92 -21.21
CA ASN P 42 73.14 32.71 -21.55
C ASN P 42 72.80 31.23 -21.65
N SER P 43 71.72 30.84 -20.98
CA SER P 43 71.27 29.45 -20.98
C SER P 43 69.75 29.40 -20.93
N PRO P 44 69.12 28.77 -21.93
CA PRO P 44 67.66 28.65 -21.98
C PRO P 44 67.11 27.77 -20.87
N LYS P 45 66.01 28.21 -20.27
CA LYS P 45 65.38 27.45 -19.19
C LYS P 45 64.21 26.63 -19.72
N ASN P 46 63.75 25.67 -18.93
CA ASN P 46 62.63 24.82 -19.33
C ASN P 46 63.01 23.96 -20.54
N GLY P 47 62.39 24.24 -21.67
CA GLY P 47 62.68 23.48 -22.88
C GLY P 47 63.58 24.23 -23.83
N SER P 48 62.98 25.03 -24.70
CA SER P 48 63.75 25.81 -25.67
C SER P 48 63.86 27.26 -25.26
N ASN P 49 64.12 28.14 -26.22
CA ASN P 49 64.26 29.55 -25.95
C ASN P 49 62.95 30.25 -25.59
N GLN P 50 62.43 29.91 -24.42
CA GLN P 50 61.21 30.52 -23.92
C GLN P 50 61.66 31.65 -23.00
N LEU P 51 62.21 31.26 -21.85
CA LEU P 51 62.72 32.22 -20.87
C LEU P 51 64.22 32.00 -20.74
N VAL P 52 65.01 32.93 -21.26
CA VAL P 52 66.46 32.81 -21.19
C VAL P 52 67.09 33.49 -19.98
N ILE P 53 67.84 32.71 -19.22
CA ILE P 53 68.54 33.21 -18.03
C ILE P 53 69.91 33.71 -18.48
N SER P 54 70.24 34.94 -18.11
CA SER P 54 71.51 35.52 -18.48
C SER P 54 72.24 36.15 -17.30
N ARG P 55 73.34 35.53 -16.87
CA ARG P 55 74.10 36.06 -15.75
C ARG P 55 75.54 36.37 -16.14
N CYS P 56 76.14 37.31 -15.42
CA CYS P 56 77.50 37.77 -15.68
C CYS P 56 78.61 36.85 -15.17
N ALA P 57 79.72 36.87 -15.90
CA ALA P 57 80.90 36.08 -15.57
C ALA P 57 82.13 36.93 -15.85
N ASN P 58 83.29 36.47 -15.40
CA ASN P 58 84.53 37.22 -15.63
C ASN P 58 85.11 36.89 -16.99
N GLY P 59 85.13 37.88 -17.88
CA GLY P 59 85.66 37.67 -19.22
C GLY P 59 87.01 37.00 -19.26
N LEU P 60 88.03 37.67 -18.75
CA LEU P 60 89.39 37.13 -18.74
C LEU P 60 89.41 35.66 -18.34
N ASN P 61 88.78 35.33 -17.22
CA ASN P 61 88.73 33.94 -16.75
C ASN P 61 88.07 33.05 -17.80
N VAL P 62 86.90 33.45 -18.28
CA VAL P 62 86.17 32.67 -19.27
C VAL P 62 87.05 32.47 -20.50
N VAL P 63 87.49 33.56 -21.10
CA VAL P 63 88.33 33.50 -22.29
C VAL P 63 89.54 32.59 -22.07
N SER P 64 90.17 32.70 -20.90
CA SER P 64 91.34 31.87 -20.60
C SER P 64 90.95 30.40 -20.67
N PHE P 65 89.79 30.09 -20.11
CA PHE P 65 89.26 28.73 -20.11
C PHE P 65 89.21 28.19 -21.54
N PHE P 66 88.44 28.86 -22.39
CA PHE P 66 88.30 28.47 -23.79
C PHE P 66 89.65 28.38 -24.48
N ILE P 67 90.50 29.38 -24.27
CA ILE P 67 91.83 29.38 -24.87
C ILE P 67 92.56 28.10 -24.50
N SER P 68 92.34 27.66 -23.27
CA SER P 68 92.98 26.44 -22.76
C SER P 68 92.46 25.19 -23.46
N ILE P 69 91.13 25.03 -23.50
CA ILE P 69 90.51 23.87 -24.13
C ILE P 69 90.94 23.71 -25.58
N LEU P 70 90.94 24.82 -26.32
CA LEU P 70 91.34 24.81 -27.72
C LEU P 70 92.75 24.26 -27.86
N LYS P 71 93.67 24.80 -27.09
CA LYS P 71 95.07 24.40 -27.11
C LYS P 71 95.24 22.94 -26.68
N ARG P 72 94.49 22.55 -25.65
CA ARG P 72 94.56 21.19 -25.12
C ARG P 72 94.06 20.11 -26.06
N SER P 73 93.47 20.50 -27.19
CA SER P 73 92.96 19.53 -28.15
C SER P 73 93.17 19.94 -29.60
N SER P 74 94.30 20.60 -29.86
CA SER P 74 94.63 21.05 -31.21
C SER P 74 94.66 19.90 -32.22
N SER P 75 95.02 18.72 -31.74
CA SER P 75 95.09 17.53 -32.60
C SER P 75 93.74 17.11 -33.15
N ALA P 76 92.67 17.76 -32.71
CA ALA P 76 91.34 17.42 -33.17
C ALA P 76 90.48 18.60 -33.60
N LEU P 77 91.09 19.58 -34.28
CA LEU P 77 90.32 20.74 -34.72
C LEU P 77 90.95 21.58 -35.82
N THR P 78 90.13 21.95 -36.79
CA THR P 78 90.54 22.78 -37.92
C THR P 78 89.39 23.74 -38.19
N GLY P 79 89.54 24.58 -39.21
CA GLY P 79 88.49 25.53 -39.53
C GLY P 79 88.40 26.62 -38.47
N HIS P 80 87.19 27.00 -38.10
CA HIS P 80 86.99 28.03 -37.10
C HIS P 80 87.70 27.69 -35.78
N LEU P 81 87.56 26.45 -35.34
CA LEU P 81 88.17 26.00 -34.10
C LEU P 81 89.70 26.03 -34.09
N ARG P 82 90.29 26.80 -35.00
CA ARG P 82 91.74 26.92 -35.07
C ARG P 82 92.08 28.40 -35.20
N GLU P 83 91.20 29.13 -35.87
CA GLU P 83 91.38 30.56 -36.07
C GLU P 83 90.83 31.25 -34.82
N LEU P 84 89.81 30.62 -34.24
CA LEU P 84 89.17 31.12 -33.03
C LEU P 84 90.20 31.30 -31.92
N LEU P 85 91.10 30.33 -31.81
CA LEU P 85 92.15 30.36 -30.80
C LEU P 85 93.04 31.59 -30.99
N THR P 86 93.67 31.69 -32.15
CA THR P 86 94.55 32.81 -32.46
C THR P 86 93.87 34.16 -32.27
N THR P 87 92.58 34.23 -32.60
CA THR P 87 91.83 35.48 -32.46
C THR P 87 91.38 35.69 -31.02
N LEU P 88 91.13 34.59 -30.32
CA LEU P 88 90.70 34.65 -28.93
C LEU P 88 91.87 35.05 -28.04
N GLU P 89 93.07 34.61 -28.42
CA GLU P 89 94.27 34.93 -27.66
C GLU P 89 94.58 36.41 -27.79
N THR P 90 94.48 36.93 -29.00
CA THR P 90 94.74 38.35 -29.25
C THR P 90 93.76 39.19 -28.44
N LEU P 91 92.54 38.69 -28.30
CA LEU P 91 91.51 39.36 -27.53
C LEU P 91 91.92 39.38 -26.06
N TYR P 92 92.33 38.22 -25.57
CA TYR P 92 92.76 38.07 -24.18
C TYR P 92 93.86 39.07 -23.85
N GLY P 93 94.76 39.29 -24.80
CA GLY P 93 95.86 40.22 -24.59
C GLY P 93 95.52 41.67 -24.91
N SER P 94 94.26 41.95 -25.20
CA SER P 94 93.84 43.31 -25.52
C SER P 94 93.45 44.04 -24.24
N PHE P 95 93.16 43.26 -23.20
CA PHE P 95 92.77 43.83 -21.91
C PHE P 95 93.99 44.06 -21.02
N SER P 96 93.91 45.07 -20.17
CA SER P 96 94.99 45.40 -19.26
C SER P 96 94.49 45.29 -17.82
N VAL P 97 95.05 44.34 -17.08
CA VAL P 97 94.65 44.08 -15.70
C VAL P 97 95.06 45.19 -14.74
N GLU P 98 96.35 45.50 -14.73
CA GLU P 98 96.95 46.51 -13.87
C GLU P 98 96.31 47.90 -13.88
N ASP P 99 95.32 48.09 -14.75
CA ASP P 99 94.63 49.37 -14.82
C ASP P 99 93.45 49.37 -13.87
N LEU P 100 92.94 48.18 -13.59
CA LEU P 100 91.81 48.00 -12.70
C LEU P 100 92.15 48.32 -11.24
N PHE P 101 93.44 48.34 -10.93
CA PHE P 101 93.87 48.65 -9.58
C PHE P 101 93.16 49.92 -9.12
N GLY P 102 93.10 50.90 -10.01
CA GLY P 102 92.45 52.16 -9.69
C GLY P 102 91.14 52.35 -10.42
N ALA P 103 90.65 51.28 -11.04
CA ALA P 103 89.38 51.33 -11.76
C ALA P 103 88.22 51.11 -10.81
N ASN P 104 87.19 51.93 -10.94
CA ASN P 104 86.03 51.85 -10.07
C ASN P 104 85.10 50.68 -10.40
N LEU P 105 85.41 49.49 -9.91
CA LEU P 105 84.53 48.36 -10.17
C LEU P 105 83.16 48.79 -9.65
N ASN P 106 82.14 47.96 -9.86
CA ASN P 106 80.79 48.30 -9.43
C ASN P 106 80.24 49.46 -10.26
N ARG P 107 80.94 49.77 -11.34
CA ARG P 107 80.53 50.85 -12.23
C ARG P 107 79.13 50.52 -12.75
N TYR P 108 78.76 49.25 -12.62
CA TYR P 108 77.45 48.79 -13.06
C TYR P 108 76.81 47.95 -11.96
N LEU Q 1 -37.36 -124.41 -50.94
CA LEU Q 1 -36.08 -124.66 -50.23
C LEU Q 1 -34.87 -124.34 -51.09
N SER Q 2 -33.87 -123.72 -50.47
CA SER Q 2 -32.63 -123.36 -51.15
C SER Q 2 -32.82 -122.58 -52.44
N GLU Q 3 -33.88 -121.78 -52.52
CA GLU Q 3 -34.12 -120.98 -53.72
C GLU Q 3 -34.92 -119.72 -53.45
N VAL Q 4 -34.19 -118.62 -53.25
CA VAL Q 4 -34.78 -117.31 -53.00
C VAL Q 4 -34.25 -116.35 -54.05
N LYS Q 5 -35.13 -115.54 -54.64
CA LYS Q 5 -34.68 -114.59 -55.66
C LYS Q 5 -35.09 -113.17 -55.35
N LEU Q 6 -34.09 -112.32 -55.17
CA LEU Q 6 -34.30 -110.91 -54.85
C LEU Q 6 -34.94 -110.11 -55.97
N HIS Q 7 -35.78 -109.16 -55.59
CA HIS Q 7 -36.46 -108.28 -56.52
C HIS Q 7 -36.15 -106.86 -56.08
N LEU Q 8 -35.00 -106.36 -56.51
CA LEU Q 8 -34.57 -105.01 -56.16
C LEU Q 8 -35.30 -103.98 -57.01
N ASP Q 9 -34.65 -102.83 -57.20
CA ASP Q 9 -35.22 -101.76 -57.99
C ASP Q 9 -34.28 -100.56 -57.99
N ILE Q 10 -33.77 -100.21 -59.15
CA ILE Q 10 -32.88 -99.06 -59.26
C ILE Q 10 -33.80 -97.84 -59.31
N GLU Q 11 -33.30 -96.72 -59.79
CA GLU Q 11 -34.13 -95.52 -59.87
C GLU Q 11 -34.93 -95.46 -61.16
N GLY Q 12 -36.11 -96.09 -61.15
CA GLY Q 12 -36.98 -96.09 -62.31
C GLY Q 12 -37.35 -97.43 -62.91
N HIS Q 13 -36.41 -98.37 -62.89
CA HIS Q 13 -36.59 -99.70 -63.45
C HIS Q 13 -36.49 -100.82 -62.42
N ALA Q 14 -37.21 -101.91 -62.68
CA ALA Q 14 -37.21 -103.06 -61.77
C ALA Q 14 -36.14 -104.07 -62.18
N SER Q 15 -35.17 -104.27 -61.28
CA SER Q 15 -34.08 -105.21 -61.54
C SER Q 15 -34.45 -106.57 -60.96
N HIS Q 16 -33.95 -107.64 -61.59
CA HIS Q 16 -34.25 -108.99 -61.13
C HIS Q 16 -33.00 -109.86 -60.98
N TYR Q 17 -32.66 -110.14 -59.72
CA TYR Q 17 -31.50 -110.96 -59.41
C TYR Q 17 -31.94 -112.18 -58.61
N THR Q 18 -31.42 -113.34 -58.97
CA THR Q 18 -31.76 -114.58 -58.29
C THR Q 18 -30.51 -115.14 -57.61
N ILE Q 19 -30.57 -115.26 -56.28
CA ILE Q 19 -29.43 -115.78 -55.53
C ILE Q 19 -29.64 -117.21 -55.03
N PRO Q 20 -29.10 -118.19 -55.77
CA PRO Q 20 -29.23 -119.60 -55.38
C PRO Q 20 -28.17 -120.00 -54.37
N TRP Q 21 -28.43 -119.78 -53.09
CA TRP Q 21 -27.46 -120.13 -52.06
C TRP Q 21 -27.27 -121.65 -51.99
N THR Q 22 -28.10 -122.37 -52.74
CA THR Q 22 -28.04 -123.83 -52.78
C THR Q 22 -26.74 -124.28 -53.45
N GLU Q 23 -26.40 -123.63 -54.57
CA GLU Q 23 -25.20 -123.94 -55.30
C GLU Q 23 -23.98 -123.37 -54.58
N LEU Q 24 -24.18 -122.23 -53.95
CA LEU Q 24 -23.10 -121.56 -53.22
C LEU Q 24 -22.58 -122.41 -52.06
N MET Q 25 -23.50 -123.00 -51.30
CA MET Q 25 -23.12 -123.83 -50.16
C MET Q 25 -22.19 -124.97 -50.53
N ALA Q 26 -22.23 -125.39 -51.78
CA ALA Q 26 -21.37 -126.49 -52.24
C ALA Q 26 -19.95 -126.01 -52.49
N LYS Q 27 -19.81 -124.88 -53.18
CA LYS Q 27 -18.51 -124.30 -53.48
C LYS Q 27 -17.88 -123.57 -52.31
N VAL Q 28 -18.66 -123.35 -51.25
CA VAL Q 28 -18.15 -122.64 -50.08
C VAL Q 28 -18.33 -123.47 -48.81
N PRO Q 29 -17.34 -123.41 -47.91
CA PRO Q 29 -17.37 -124.15 -46.63
C PRO Q 29 -18.08 -123.44 -45.48
N GLY Q 30 -17.51 -122.33 -45.03
CA GLY Q 30 -18.08 -121.61 -43.91
C GLY Q 30 -19.37 -120.84 -44.13
N LEU Q 31 -19.87 -120.84 -45.37
CA LEU Q 31 -21.10 -120.11 -45.67
C LEU Q 31 -22.34 -120.87 -45.20
N SER Q 32 -22.87 -120.46 -44.05
CA SER Q 32 -24.08 -121.07 -43.49
C SER Q 32 -25.16 -120.00 -43.46
N PRO Q 33 -25.81 -119.76 -44.62
CA PRO Q 33 -26.87 -118.76 -44.75
C PRO Q 33 -27.93 -118.79 -43.66
N GLU Q 34 -28.33 -119.98 -43.23
CA GLU Q 34 -29.34 -120.13 -42.19
C GLU Q 34 -29.03 -119.34 -40.93
N ALA Q 35 -27.77 -119.40 -40.48
CA ALA Q 35 -27.35 -118.71 -39.28
C ALA Q 35 -27.33 -117.20 -39.47
N LEU Q 36 -26.64 -116.74 -40.51
CA LEU Q 36 -26.52 -115.32 -40.81
C LEU Q 36 -27.88 -114.64 -40.96
N TRP Q 37 -28.82 -115.33 -41.60
CA TRP Q 37 -30.15 -114.77 -41.80
C TRP Q 37 -30.85 -114.52 -40.47
N ARG Q 38 -30.55 -115.36 -39.48
CA ARG Q 38 -31.14 -115.22 -38.15
C ARG Q 38 -30.36 -114.22 -37.32
N GLU Q 39 -29.05 -114.18 -37.52
CA GLU Q 39 -28.22 -113.25 -36.77
C GLU Q 39 -28.79 -111.85 -36.95
N ALA Q 40 -29.10 -111.51 -38.20
CA ALA Q 40 -29.68 -110.20 -38.51
C ALA Q 40 -31.19 -110.26 -38.30
N ASN Q 41 -31.64 -109.65 -37.21
CA ASN Q 41 -33.08 -109.62 -36.90
C ASN Q 41 -33.84 -109.07 -38.09
N VAL Q 42 -34.29 -109.95 -38.97
CA VAL Q 42 -35.04 -109.55 -40.14
C VAL Q 42 -36.42 -109.05 -39.76
N THR Q 43 -36.87 -109.42 -38.57
CA THR Q 43 -38.18 -109.02 -38.09
C THR Q 43 -38.09 -107.90 -37.06
N GLU Q 44 -36.86 -107.45 -36.79
CA GLU Q 44 -36.64 -106.39 -35.81
C GLU Q 44 -37.45 -105.15 -36.20
N ASP Q 45 -38.67 -105.07 -35.67
CA ASP Q 45 -39.55 -103.94 -35.97
C ASP Q 45 -38.75 -102.65 -36.06
N LEU Q 46 -39.07 -101.84 -37.06
CA LEU Q 46 -38.42 -100.57 -37.32
C LEU Q 46 -37.84 -99.85 -36.11
N ALA Q 47 -38.64 -99.72 -35.06
CA ALA Q 47 -38.24 -99.01 -33.84
C ALA Q 47 -37.03 -99.51 -33.06
N SER Q 48 -37.06 -100.77 -32.63
CA SER Q 48 -35.98 -101.36 -31.83
C SER Q 48 -34.58 -101.30 -32.46
N MET Q 49 -34.51 -101.26 -33.79
CA MET Q 49 -33.24 -101.21 -34.48
C MET Q 49 -32.40 -100.00 -34.10
N LEU Q 50 -33.04 -98.82 -34.12
CA LEU Q 50 -32.36 -97.57 -33.81
C LEU Q 50 -31.50 -97.56 -32.55
N ASN Q 51 -32.11 -97.76 -31.40
CA ASN Q 51 -31.37 -97.75 -30.15
C ASN Q 51 -30.15 -98.67 -30.11
N ARG Q 52 -30.27 -99.89 -30.62
CA ARG Q 52 -29.14 -100.81 -30.60
C ARG Q 52 -28.05 -100.42 -31.60
N TYR Q 53 -28.24 -99.28 -32.27
CA TYR Q 53 -27.27 -98.77 -33.23
C TYR Q 53 -26.73 -97.44 -32.72
N LYS Q 54 -27.55 -96.73 -31.96
CA LYS Q 54 -27.17 -95.43 -31.40
C LYS Q 54 -26.34 -95.58 -30.14
N LEU Q 55 -26.49 -96.70 -29.45
CA LEU Q 55 -25.72 -96.96 -28.25
C LEU Q 55 -24.36 -97.46 -28.68
N ILE Q 56 -23.82 -96.83 -29.73
CA ILE Q 56 -22.53 -97.17 -30.29
C ILE Q 56 -21.72 -95.90 -30.55
N TYR Q 57 -20.45 -95.92 -30.19
CA TYR Q 57 -19.59 -94.76 -30.39
C TYR Q 57 -19.40 -94.46 -31.87
N LYS Q 58 -19.50 -93.17 -32.21
CA LYS Q 58 -19.33 -92.71 -33.57
C LYS Q 58 -18.06 -91.88 -33.70
N THR Q 59 -17.27 -92.14 -34.72
CA THR Q 59 -16.04 -91.40 -34.93
C THR Q 59 -16.37 -89.96 -35.27
N SER Q 60 -16.12 -89.06 -34.31
CA SER Q 60 -16.40 -87.65 -34.48
C SER Q 60 -15.50 -86.96 -35.50
N GLY Q 61 -15.29 -87.61 -36.64
CA GLY Q 61 -14.46 -87.04 -37.68
C GLY Q 61 -13.42 -87.99 -38.23
N THR Q 62 -13.84 -88.94 -39.05
CA THR Q 62 -12.92 -89.90 -39.65
C THR Q 62 -11.79 -89.16 -40.34
N LEU Q 63 -10.67 -89.04 -39.65
CA LEU Q 63 -9.51 -88.35 -40.18
C LEU Q 63 -8.40 -89.30 -40.62
N GLY Q 64 -8.28 -89.49 -41.93
CA GLY Q 64 -7.26 -90.37 -42.45
C GLY Q 64 -6.12 -89.58 -43.06
N ILE Q 65 -4.93 -90.20 -43.10
CA ILE Q 65 -3.76 -89.55 -43.65
C ILE Q 65 -3.20 -90.38 -44.79
N ALA Q 66 -2.55 -89.71 -45.75
CA ALA Q 66 -1.96 -90.39 -46.90
C ALA Q 66 -0.68 -91.10 -46.49
N LEU Q 67 -0.76 -92.41 -46.32
CA LEU Q 67 0.40 -93.20 -45.93
C LEU Q 67 0.38 -94.61 -46.52
N ALA Q 68 1.21 -94.83 -47.54
CA ALA Q 68 1.30 -96.13 -48.18
C ALA Q 68 2.27 -97.01 -47.38
N GLU Q 69 2.00 -98.31 -47.35
CA GLU Q 69 2.86 -99.23 -46.60
C GLU Q 69 4.21 -99.46 -47.27
N PRO Q 70 5.27 -99.63 -46.46
CA PRO Q 70 6.64 -99.86 -46.91
C PRO Q 70 6.80 -101.27 -47.46
N VAL Q 71 8.02 -101.60 -47.89
CA VAL Q 71 8.30 -102.93 -48.41
C VAL Q 71 8.85 -103.78 -47.27
N ASP Q 72 8.46 -105.05 -47.24
CA ASP Q 72 8.89 -105.98 -46.20
C ASP Q 72 9.71 -107.14 -46.74
N ILE Q 73 9.01 -108.13 -47.27
CA ILE Q 73 9.64 -109.33 -47.81
C ILE Q 73 10.19 -109.16 -49.22
N PRO Q 74 11.45 -109.56 -49.43
CA PRO Q 74 12.09 -109.44 -50.75
C PRO Q 74 11.60 -110.56 -51.67
N ALA Q 75 11.73 -110.34 -52.98
CA ALA Q 75 11.30 -111.34 -53.96
C ALA Q 75 11.87 -112.70 -53.61
N VAL Q 76 13.19 -112.85 -53.79
CA VAL Q 76 13.88 -114.11 -53.50
C VAL Q 76 15.32 -114.04 -53.99
N SER Q 77 16.26 -114.44 -53.13
CA SER Q 77 17.67 -114.41 -53.50
C SER Q 77 18.05 -115.59 -54.38
N GLU Q 78 17.96 -115.39 -55.68
CA GLU Q 78 18.28 -116.40 -56.69
C GLU Q 78 17.71 -117.80 -56.39
N GLY Q 79 18.41 -118.83 -56.85
CA GLY Q 79 17.96 -120.19 -56.66
C GLY Q 79 17.97 -120.72 -55.23
N SER Q 80 17.09 -120.18 -54.40
CA SER Q 80 16.99 -120.61 -53.01
C SER Q 80 16.11 -121.86 -52.95
N MET Q 81 16.53 -122.85 -52.19
CA MET Q 81 15.75 -124.08 -52.09
C MET Q 81 14.41 -123.80 -51.44
N GLN Q 82 13.34 -124.20 -52.12
CA GLN Q 82 11.98 -123.99 -51.63
C GLN Q 82 11.69 -124.92 -50.46
N VAL Q 83 11.37 -124.32 -49.31
CA VAL Q 83 11.09 -125.12 -48.12
C VAL Q 83 9.63 -125.08 -47.68
N ASP Q 84 9.05 -126.27 -47.50
CA ASP Q 84 7.66 -126.42 -47.06
C ASP Q 84 7.66 -126.86 -45.60
N ALA Q 85 7.18 -125.99 -44.72
CA ALA Q 85 7.14 -126.28 -43.29
C ALA Q 85 6.42 -127.58 -42.93
N SER Q 86 5.44 -127.96 -43.75
CA SER Q 86 4.68 -129.17 -43.48
C SER Q 86 5.57 -130.40 -43.30
N LYS Q 87 6.29 -130.77 -44.36
CA LYS Q 87 7.16 -131.93 -44.32
C LYS Q 87 8.65 -131.62 -44.44
N VAL Q 88 9.26 -131.19 -43.34
CA VAL Q 88 10.69 -130.90 -43.35
C VAL Q 88 11.38 -132.24 -43.59
N HIS Q 89 12.68 -132.19 -43.84
CA HIS Q 89 13.44 -133.41 -44.10
C HIS Q 89 14.24 -133.86 -42.87
N PRO Q 90 14.14 -135.14 -42.52
CA PRO Q 90 14.86 -135.67 -41.35
C PRO Q 90 16.37 -135.50 -41.52
N GLY Q 91 16.77 -134.78 -42.56
CA GLY Q 91 18.19 -134.56 -42.81
C GLY Q 91 18.46 -133.17 -43.34
N VAL Q 92 19.73 -132.82 -43.45
CA VAL Q 92 20.12 -131.50 -43.95
C VAL Q 92 19.60 -131.26 -45.36
N ILE Q 93 19.44 -130.00 -45.72
CA ILE Q 93 18.95 -129.62 -47.03
C ILE Q 93 19.49 -128.25 -47.42
N SER Q 94 20.59 -127.85 -46.80
CA SER Q 94 21.21 -126.56 -47.09
C SER Q 94 22.45 -126.29 -46.25
N GLY Q 95 22.78 -125.01 -46.10
CA GLY Q 95 23.94 -124.61 -45.33
C GLY Q 95 23.67 -123.23 -44.76
N LEU Q 96 24.71 -122.54 -44.33
CA LEU Q 96 24.53 -121.20 -43.77
C LEU Q 96 24.49 -120.15 -44.89
N ASN Q 97 25.36 -120.32 -45.87
CA ASN Q 97 25.44 -119.39 -46.99
C ASN Q 97 24.39 -119.68 -48.08
N SER Q 98 23.87 -120.90 -48.07
CA SER Q 98 22.86 -121.32 -49.04
C SER Q 98 21.56 -120.52 -48.93
N PRO Q 99 21.25 -119.72 -49.96
CA PRO Q 99 20.02 -118.90 -49.95
C PRO Q 99 18.82 -119.84 -49.93
N ALA Q 100 17.87 -119.57 -49.04
CA ALA Q 100 16.68 -120.40 -48.94
C ALA Q 100 15.46 -119.59 -48.54
N CYS Q 101 14.28 -120.16 -48.76
CA CYS Q 101 13.02 -119.50 -48.42
C CYS Q 101 11.96 -120.55 -48.09
N MET Q 102 10.88 -120.13 -47.42
CA MET Q 102 9.81 -121.04 -47.05
C MET Q 102 8.50 -120.73 -47.76
N LEU Q 103 7.75 -121.79 -48.08
CA LEU Q 103 6.47 -121.66 -48.77
C LEU Q 103 5.43 -121.03 -47.85
N SER Q 104 4.70 -120.05 -48.36
CA SER Q 104 3.68 -119.36 -47.59
C SER Q 104 2.48 -120.25 -47.26
N ALA Q 105 2.00 -120.98 -48.26
CA ALA Q 105 0.85 -121.87 -48.08
C ALA Q 105 0.93 -122.70 -46.81
N PRO Q 106 2.07 -123.38 -46.57
CA PRO Q 106 2.21 -124.20 -45.37
C PRO Q 106 2.54 -123.38 -44.12
N LEU Q 107 3.49 -122.46 -44.26
CA LEU Q 107 3.91 -121.61 -43.14
C LEU Q 107 2.73 -120.92 -42.46
N GLU Q 108 1.86 -120.34 -43.26
CA GLU Q 108 0.69 -119.64 -42.74
C GLU Q 108 -0.26 -120.60 -42.04
N LYS Q 109 -0.60 -121.69 -42.70
CA LYS Q 109 -1.50 -122.69 -42.12
C LYS Q 109 -0.94 -123.22 -40.81
N GLN Q 110 0.38 -123.09 -40.63
CA GLN Q 110 1.02 -123.56 -39.41
C GLN Q 110 0.91 -122.49 -38.34
N LEU Q 111 1.12 -121.23 -38.73
CA LEU Q 111 1.03 -120.12 -37.80
C LEU Q 111 -0.39 -120.05 -37.28
N PHE Q 112 -1.35 -119.85 -38.19
CA PHE Q 112 -2.75 -119.76 -37.83
C PHE Q 112 -3.36 -121.17 -37.78
N TYR Q 113 -2.77 -122.00 -36.94
CA TYR Q 113 -3.22 -123.37 -36.77
C TYR Q 113 -4.51 -123.40 -35.94
N TYR Q 114 -4.59 -122.51 -34.97
CA TYR Q 114 -5.75 -122.40 -34.09
C TYR Q 114 -6.95 -121.76 -34.78
N ILE Q 115 -8.15 -122.18 -34.40
CA ILE Q 115 -9.40 -121.65 -34.96
C ILE Q 115 -10.13 -120.91 -33.83
N GLY Q 116 -10.94 -119.90 -34.17
CA GLY Q 116 -11.61 -119.18 -33.11
C GLY Q 116 -12.80 -118.30 -33.44
N THR Q 117 -12.86 -117.14 -32.80
CA THR Q 117 -13.94 -116.19 -33.00
C THR Q 117 -13.42 -114.75 -32.92
N MET Q 118 -13.16 -114.15 -34.07
CA MET Q 118 -12.68 -112.77 -34.10
C MET Q 118 -13.73 -111.90 -33.42
N LEU Q 119 -15.00 -112.26 -33.61
CA LEU Q 119 -16.10 -111.51 -33.04
C LEU Q 119 -16.85 -112.34 -32.00
N PRO Q 120 -16.62 -112.06 -30.71
CA PRO Q 120 -17.26 -112.77 -29.59
C PRO Q 120 -18.77 -112.57 -29.54
N ASN Q 121 -19.39 -113.07 -28.47
CA ASN Q 121 -20.83 -112.95 -28.31
C ASN Q 121 -21.16 -111.91 -27.24
N THR Q 122 -20.24 -110.98 -27.01
CA THR Q 122 -20.46 -109.93 -26.02
C THR Q 122 -21.49 -108.95 -26.57
N ARG Q 123 -22.27 -108.35 -25.68
CA ARG Q 123 -23.31 -107.41 -26.08
C ARG Q 123 -22.87 -106.40 -27.15
N PRO Q 124 -21.78 -105.65 -26.90
CA PRO Q 124 -21.31 -104.65 -27.86
C PRO Q 124 -21.11 -105.15 -29.29
N HIS Q 125 -20.23 -106.13 -29.46
CA HIS Q 125 -19.93 -106.67 -30.78
C HIS Q 125 -21.14 -107.31 -31.46
N SER Q 126 -21.88 -108.13 -30.73
CA SER Q 126 -23.05 -108.79 -31.27
C SER Q 126 -24.01 -107.82 -31.94
N TYR Q 127 -23.89 -106.54 -31.60
CA TYR Q 127 -24.76 -105.51 -32.17
C TYR Q 127 -24.25 -104.97 -33.51
N VAL Q 128 -22.93 -104.99 -33.70
CA VAL Q 128 -22.34 -104.46 -34.92
C VAL Q 128 -21.91 -105.49 -35.97
N PHE Q 129 -21.01 -106.38 -35.60
CA PHE Q 129 -20.52 -107.39 -36.54
C PHE Q 129 -21.34 -108.67 -36.62
N TYR Q 130 -21.05 -109.44 -37.67
CA TYR Q 130 -21.71 -110.73 -37.91
C TYR Q 130 -20.79 -111.82 -37.37
N GLN Q 131 -21.28 -112.62 -36.42
CA GLN Q 131 -20.49 -113.71 -35.85
C GLN Q 131 -19.56 -114.27 -36.92
N LEU Q 132 -18.25 -114.24 -36.64
CA LEU Q 132 -17.26 -114.74 -37.60
C LEU Q 132 -16.39 -115.84 -37.00
N ARG Q 133 -15.98 -116.79 -37.83
CA ARG Q 133 -15.13 -117.88 -37.38
C ARG Q 133 -14.11 -118.32 -38.42
N CYS Q 134 -12.84 -118.07 -38.13
CA CYS Q 134 -11.75 -118.42 -39.02
C CYS Q 134 -10.48 -118.65 -38.21
N HIS Q 135 -9.47 -119.22 -38.85
CA HIS Q 135 -8.18 -119.48 -38.18
C HIS Q 135 -7.62 -118.15 -37.69
N LEU Q 136 -7.10 -118.15 -36.47
CA LEU Q 136 -6.53 -116.94 -35.89
C LEU Q 136 -5.43 -117.20 -34.86
N SER Q 137 -5.16 -116.17 -34.05
CA SER Q 137 -4.16 -116.23 -33.00
C SER Q 137 -4.36 -114.99 -32.14
N TYR Q 138 -4.19 -115.12 -30.83
CA TYR Q 138 -4.38 -113.98 -29.94
C TYR Q 138 -3.27 -113.75 -28.93
N VAL Q 139 -3.38 -112.63 -28.22
CA VAL Q 139 -2.41 -112.24 -27.20
C VAL Q 139 -3.19 -111.94 -25.92
N ALA Q 140 -3.20 -112.90 -25.00
CA ALA Q 140 -3.92 -112.75 -23.74
C ALA Q 140 -3.22 -111.84 -22.75
N LEU Q 141 -4.01 -111.09 -21.98
CA LEU Q 141 -3.46 -110.18 -20.98
C LEU Q 141 -4.41 -110.07 -19.78
N SER Q 142 -3.83 -109.97 -18.59
CA SER Q 142 -4.61 -109.86 -17.36
C SER Q 142 -3.87 -109.07 -16.29
N ILE Q 143 -4.39 -107.90 -15.95
CA ILE Q 143 -3.79 -107.05 -14.93
C ILE Q 143 -4.78 -106.81 -13.79
N ASN Q 144 -4.31 -106.23 -12.70
CA ASN Q 144 -5.15 -105.94 -11.54
C ASN Q 144 -5.99 -107.15 -11.13
N GLY Q 145 -5.50 -108.34 -11.43
CA GLY Q 145 -6.21 -109.55 -11.07
C GLY Q 145 -7.55 -109.72 -11.76
N ASP Q 146 -7.52 -109.97 -13.07
CA ASP Q 146 -8.73 -110.16 -13.86
C ASP Q 146 -9.71 -108.99 -13.79
N LYS Q 147 -9.28 -107.87 -13.21
CA LYS Q 147 -10.14 -106.70 -13.13
C LYS Q 147 -10.01 -105.89 -14.41
N PHE Q 148 -8.98 -106.23 -15.19
CA PHE Q 148 -8.72 -105.59 -16.46
C PHE Q 148 -8.02 -106.60 -17.35
N GLN Q 149 -8.42 -106.66 -18.62
CA GLN Q 149 -7.83 -107.60 -19.56
C GLN Q 149 -7.88 -107.12 -21.00
N TYR Q 150 -6.89 -107.55 -21.78
CA TYR Q 150 -6.79 -107.19 -23.19
C TYR Q 150 -6.63 -108.45 -24.04
N THR Q 151 -7.14 -108.42 -25.26
CA THR Q 151 -7.04 -109.56 -26.15
C THR Q 151 -6.62 -109.15 -27.56
N GLY Q 152 -5.46 -109.63 -27.98
CA GLY Q 152 -4.96 -109.31 -29.30
C GLY Q 152 -5.42 -110.32 -30.34
N ALA Q 153 -6.72 -110.33 -30.62
CA ALA Q 153 -7.30 -111.24 -31.60
C ALA Q 153 -6.90 -110.80 -33.00
N MET Q 154 -6.32 -111.70 -33.77
CA MET Q 154 -5.90 -111.37 -35.13
C MET Q 154 -5.96 -112.55 -36.10
N THR Q 155 -6.26 -112.25 -37.35
CA THR Q 155 -6.34 -113.26 -38.40
C THR Q 155 -5.33 -112.85 -39.47
N SER Q 156 -5.22 -113.66 -40.52
CA SER Q 156 -4.28 -113.37 -41.60
C SER Q 156 -4.63 -112.10 -42.36
N LYS Q 157 -5.79 -111.52 -42.07
CA LYS Q 157 -6.21 -110.30 -42.76
C LYS Q 157 -6.42 -109.06 -41.90
N PHE Q 158 -6.86 -109.26 -40.66
CA PHE Q 158 -7.09 -108.10 -39.79
C PHE Q 158 -6.95 -108.40 -38.30
N LEU Q 159 -6.59 -107.36 -37.54
CA LEU Q 159 -6.42 -107.47 -36.10
C LEU Q 159 -7.58 -106.76 -35.41
N MET Q 160 -7.97 -107.25 -34.24
CA MET Q 160 -9.06 -106.65 -33.50
C MET Q 160 -8.91 -106.86 -32.00
N GLY Q 161 -8.18 -105.96 -31.35
CA GLY Q 161 -7.96 -106.07 -29.93
C GLY Q 161 -9.11 -105.46 -29.15
N THR Q 162 -9.40 -106.02 -27.99
CA THR Q 162 -10.50 -105.52 -27.16
C THR Q 162 -10.06 -105.26 -25.73
N TYR Q 163 -10.50 -104.14 -25.17
CA TYR Q 163 -10.18 -103.77 -23.81
C TYR Q 163 -11.35 -104.13 -22.91
N LYS Q 164 -11.07 -104.55 -21.68
CA LYS Q 164 -12.11 -104.95 -20.76
C LYS Q 164 -11.76 -104.62 -19.32
N ARG Q 165 -12.53 -103.71 -18.72
CA ARG Q 165 -12.31 -103.30 -17.35
C ARG Q 165 -13.53 -103.63 -16.50
N VAL Q 166 -13.36 -103.63 -15.18
CA VAL Q 166 -14.46 -103.93 -14.27
C VAL Q 166 -14.43 -103.06 -13.03
N THR Q 167 -15.51 -102.31 -12.80
CA THR Q 167 -15.61 -101.45 -11.63
C THR Q 167 -15.77 -102.37 -10.42
N GLU Q 168 -15.85 -101.79 -9.23
CA GLU Q 168 -16.00 -102.59 -8.02
C GLU Q 168 -17.18 -103.54 -8.16
N LYS Q 169 -18.20 -103.10 -8.89
CA LYS Q 169 -19.39 -103.91 -9.11
C LYS Q 169 -19.22 -104.78 -10.34
N GLY Q 170 -20.24 -105.58 -10.66
CA GLY Q 170 -20.17 -106.45 -11.81
C GLY Q 170 -20.17 -105.68 -13.13
N ASP Q 171 -19.88 -104.39 -13.05
CA ASP Q 171 -19.83 -103.55 -14.24
C ASP Q 171 -18.73 -104.00 -15.20
N GLU Q 172 -19.11 -104.24 -16.44
CA GLU Q 172 -18.16 -104.68 -17.45
C GLU Q 172 -18.09 -103.69 -18.61
N HIS Q 173 -16.98 -102.97 -18.70
CA HIS Q 173 -16.77 -102.00 -19.77
C HIS Q 173 -15.82 -102.52 -20.82
N VAL Q 174 -16.24 -102.43 -22.09
CA VAL Q 174 -15.44 -102.92 -23.20
C VAL Q 174 -15.36 -101.95 -24.37
N LEU Q 175 -14.18 -101.87 -24.97
CA LEU Q 175 -13.91 -101.01 -26.11
C LEU Q 175 -12.82 -101.70 -26.94
N SER Q 176 -13.03 -101.80 -28.24
CA SER Q 176 -12.05 -102.46 -29.10
C SER Q 176 -11.60 -101.65 -30.31
N LEU Q 177 -10.41 -101.99 -30.81
CA LEU Q 177 -9.83 -101.34 -31.97
C LEU Q 177 -9.64 -102.35 -33.09
N VAL Q 178 -9.94 -101.95 -34.32
CA VAL Q 178 -9.80 -102.86 -35.46
C VAL Q 178 -8.84 -102.29 -36.50
N PHE Q 179 -7.78 -103.02 -36.78
CA PHE Q 179 -6.78 -102.59 -37.75
C PHE Q 179 -6.66 -103.58 -38.90
N GLY Q 180 -6.36 -103.07 -40.09
CA GLY Q 180 -6.23 -103.92 -41.26
C GLY Q 180 -6.61 -103.22 -42.53
N LYS Q 181 -6.41 -103.89 -43.67
CA LYS Q 181 -6.74 -103.30 -44.96
C LYS Q 181 -8.24 -103.06 -45.05
N THR Q 182 -8.61 -101.82 -45.34
CA THR Q 182 -10.02 -101.43 -45.44
C THR Q 182 -10.88 -102.45 -46.19
N LYS Q 183 -10.30 -103.13 -47.17
CA LYS Q 183 -11.03 -104.11 -47.95
C LYS Q 183 -11.30 -105.41 -47.19
N ASP Q 184 -10.53 -105.64 -46.12
CA ASP Q 184 -10.67 -106.87 -45.34
C ASP Q 184 -11.49 -106.76 -44.06
N LEU Q 185 -11.95 -105.56 -43.73
CA LEU Q 185 -12.73 -105.36 -42.51
C LEU Q 185 -13.97 -106.27 -42.51
N PRO Q 186 -14.32 -106.83 -41.34
CA PRO Q 186 -15.48 -107.72 -41.19
C PRO Q 186 -16.76 -107.14 -41.80
N ASP Q 187 -17.81 -107.95 -41.82
CA ASP Q 187 -19.09 -107.53 -42.37
C ASP Q 187 -19.95 -106.88 -41.29
N LEU Q 188 -20.45 -105.68 -41.58
CA LEU Q 188 -21.30 -104.97 -40.62
C LEU Q 188 -22.73 -105.51 -40.71
N ARG Q 189 -23.38 -105.62 -39.55
CA ARG Q 189 -24.74 -106.14 -39.49
C ARG Q 189 -25.83 -105.10 -39.74
N GLY Q 190 -26.45 -104.60 -38.68
CA GLY Q 190 -27.50 -103.63 -38.83
C GLY Q 190 -27.08 -102.39 -39.58
N PRO Q 191 -27.84 -101.28 -39.43
CA PRO Q 191 -27.58 -100.00 -40.08
C PRO Q 191 -26.25 -99.41 -39.62
N PHE Q 192 -25.16 -100.03 -40.04
CA PHE Q 192 -23.82 -99.59 -39.67
C PHE Q 192 -22.97 -99.34 -40.91
N SER Q 193 -22.18 -98.27 -40.84
CA SER Q 193 -21.29 -97.91 -41.94
C SER Q 193 -19.91 -97.63 -41.35
N TYR Q 194 -18.92 -98.38 -41.83
CA TYR Q 194 -17.55 -98.24 -41.35
C TYR Q 194 -17.05 -96.80 -41.24
N PRO Q 195 -17.40 -95.91 -42.18
CA PRO Q 195 -16.92 -94.54 -42.07
C PRO Q 195 -17.24 -93.89 -40.73
N SER Q 196 -18.48 -94.06 -40.26
CA SER Q 196 -18.89 -93.49 -38.98
C SER Q 196 -18.34 -94.31 -37.81
N LEU Q 197 -17.36 -95.15 -38.11
CA LEU Q 197 -16.74 -96.00 -37.10
C LEU Q 197 -15.22 -96.06 -37.27
N THR Q 198 -14.76 -95.56 -38.41
CA THR Q 198 -13.33 -95.54 -38.72
C THR Q 198 -12.70 -94.28 -38.11
N SER Q 199 -11.54 -94.44 -37.48
CA SER Q 199 -10.87 -93.31 -36.86
C SER Q 199 -9.75 -92.75 -37.75
N ALA Q 200 -9.02 -93.64 -38.40
CA ALA Q 200 -7.92 -93.24 -39.29
C ALA Q 200 -7.96 -94.08 -40.56
N GLN Q 201 -7.77 -93.44 -41.71
CA GLN Q 201 -7.82 -94.17 -42.97
C GLN Q 201 -6.72 -93.79 -43.96
N SER Q 202 -6.10 -94.82 -44.54
CA SER Q 202 -5.05 -94.62 -45.54
C SER Q 202 -5.69 -94.91 -46.89
N GLY Q 203 -4.88 -95.15 -47.90
CA GLY Q 203 -5.42 -95.46 -49.21
C GLY Q 203 -6.08 -96.82 -49.22
N ASP Q 204 -5.72 -97.66 -48.24
CA ASP Q 204 -6.27 -99.00 -48.13
C ASP Q 204 -6.21 -99.57 -46.72
N TYR Q 205 -5.97 -98.71 -45.74
CA TYR Q 205 -5.89 -99.14 -44.34
C TYR Q 205 -6.84 -98.34 -43.45
N SER Q 206 -7.42 -99.01 -42.46
CA SER Q 206 -8.35 -98.37 -41.54
C SER Q 206 -8.17 -98.78 -40.09
N LEU Q 207 -8.65 -97.93 -39.19
CA LEU Q 207 -8.58 -98.16 -37.76
C LEU Q 207 -9.97 -97.87 -37.19
N VAL Q 208 -10.72 -98.93 -36.92
CA VAL Q 208 -12.09 -98.80 -36.40
C VAL Q 208 -12.19 -98.85 -34.88
N ILE Q 209 -13.15 -98.10 -34.35
CA ILE Q 209 -13.39 -98.06 -32.91
C ILE Q 209 -14.79 -98.59 -32.61
N VAL Q 210 -14.86 -99.84 -32.18
CA VAL Q 210 -16.14 -100.46 -31.86
C VAL Q 210 -16.37 -100.43 -30.35
N THR Q 211 -17.39 -99.68 -29.93
CA THR Q 211 -17.72 -99.55 -28.52
C THR Q 211 -19.00 -98.74 -28.35
N THR Q 212 -19.58 -98.79 -27.16
CA THR Q 212 -20.80 -98.03 -26.88
C THR Q 212 -20.44 -96.71 -26.23
N PHE Q 213 -21.33 -95.73 -26.32
CA PHE Q 213 -21.09 -94.44 -25.71
C PHE Q 213 -20.91 -94.60 -24.21
N VAL Q 214 -21.73 -95.48 -23.64
CA VAL Q 214 -21.68 -95.75 -22.21
C VAL Q 214 -20.27 -96.16 -21.81
N HIS Q 215 -19.66 -97.03 -22.62
CA HIS Q 215 -18.31 -97.52 -22.34
C HIS Q 215 -17.24 -96.48 -22.65
N TYR Q 216 -17.29 -95.91 -23.86
CA TYR Q 216 -16.31 -94.91 -24.27
C TYR Q 216 -16.04 -93.88 -23.18
N ALA Q 217 -17.07 -93.60 -22.38
CA ALA Q 217 -16.95 -92.62 -21.30
C ALA Q 217 -16.00 -93.12 -20.22
N ASN Q 218 -16.33 -94.27 -19.64
CA ASN Q 218 -15.53 -94.86 -18.57
C ASN Q 218 -14.08 -95.08 -19.02
N PHE Q 219 -13.88 -95.23 -20.33
CA PHE Q 219 -12.54 -95.45 -20.87
C PHE Q 219 -11.78 -94.16 -21.16
N HIS Q 220 -12.48 -93.16 -21.67
CA HIS Q 220 -11.86 -91.88 -21.99
C HIS Q 220 -11.25 -91.20 -20.77
N ASN Q 221 -11.55 -91.73 -19.59
CA ASN Q 221 -11.03 -91.16 -18.35
C ASN Q 221 -9.56 -91.49 -18.13
N TYR Q 222 -9.11 -92.60 -18.69
CA TYR Q 222 -7.72 -93.01 -18.54
C TYR Q 222 -7.10 -93.53 -19.82
N PHE Q 223 -7.86 -93.49 -20.92
CA PHE Q 223 -7.35 -93.97 -22.20
C PHE Q 223 -7.66 -93.02 -23.36
N VAL Q 224 -6.69 -92.20 -23.70
CA VAL Q 224 -6.82 -91.26 -24.80
C VAL Q 224 -5.67 -91.53 -25.77
N PRO Q 225 -5.78 -92.61 -26.55
CA PRO Q 225 -4.76 -93.01 -27.53
C PRO Q 225 -4.53 -92.00 -28.64
N ASN Q 226 -3.28 -91.92 -29.09
CA ASN Q 226 -2.91 -91.01 -30.16
C ASN Q 226 -3.11 -91.73 -31.49
N LEU Q 227 -4.36 -92.10 -31.75
CA LEU Q 227 -4.73 -92.80 -32.98
C LEU Q 227 -3.91 -92.40 -34.19
N LYS Q 228 -3.60 -91.10 -34.29
CA LYS Q 228 -2.81 -90.59 -35.41
C LYS Q 228 -1.49 -91.33 -35.59
N ASP Q 229 -0.53 -91.05 -34.71
CA ASP Q 229 0.78 -91.68 -34.79
C ASP Q 229 0.69 -93.19 -34.61
N MET Q 230 -0.18 -93.63 -33.71
CA MET Q 230 -0.35 -95.05 -33.46
C MET Q 230 -0.77 -95.79 -34.72
N PHE Q 231 -1.52 -95.13 -35.58
CA PHE Q 231 -1.99 -95.72 -36.83
C PHE Q 231 -0.88 -95.70 -37.89
N SER Q 232 -0.34 -94.52 -38.14
CA SER Q 232 0.73 -94.34 -39.13
C SER Q 232 1.86 -95.35 -38.92
N ARG Q 233 2.45 -95.31 -37.73
CA ARG Q 233 3.55 -96.19 -37.38
C ARG Q 233 3.17 -97.66 -37.60
N ALA Q 234 1.90 -97.97 -37.41
CA ALA Q 234 1.41 -99.34 -37.59
C ALA Q 234 1.21 -99.69 -39.06
N VAL Q 235 1.37 -98.70 -39.94
CA VAL Q 235 1.21 -98.92 -41.37
C VAL Q 235 2.54 -98.75 -42.09
N THR Q 236 3.14 -97.56 -41.97
CA THR Q 236 4.41 -97.27 -42.61
C THR Q 236 5.58 -97.67 -41.73
N MET Q 237 5.90 -98.96 -41.72
CA MET Q 237 7.00 -99.46 -40.92
C MET Q 237 7.16 -100.96 -41.12
N THR Q 238 8.37 -101.38 -41.50
CA THR Q 238 8.65 -102.79 -41.73
C THR Q 238 8.34 -103.62 -40.48
N ALA Q 239 7.86 -104.84 -40.70
CA ALA Q 239 7.50 -105.74 -39.61
C ALA Q 239 8.58 -105.80 -38.52
N ALA Q 240 9.78 -106.17 -38.90
CA ALA Q 240 10.90 -106.28 -37.96
C ALA Q 240 11.08 -105.00 -37.14
N SER Q 241 11.02 -103.85 -37.82
CA SER Q 241 11.19 -102.57 -37.14
C SER Q 241 10.09 -102.31 -36.11
N TYR Q 242 8.84 -102.45 -36.54
CA TYR Q 242 7.70 -102.22 -35.65
C TYR Q 242 7.82 -103.11 -34.41
N ALA Q 243 8.29 -104.32 -34.61
CA ALA Q 243 8.46 -105.27 -33.52
C ALA Q 243 9.38 -104.73 -32.44
N ARG Q 244 10.49 -104.12 -32.86
CA ARG Q 244 11.44 -103.57 -31.91
C ARG Q 244 10.95 -102.25 -31.33
N TYR Q 245 10.29 -101.44 -32.17
CA TYR Q 245 9.76 -100.16 -31.70
C TYR Q 245 8.89 -100.42 -30.48
N VAL Q 246 8.18 -101.55 -30.51
CA VAL Q 246 7.32 -101.96 -29.42
C VAL Q 246 8.16 -102.53 -28.29
N LEU Q 247 9.11 -103.39 -28.64
CA LEU Q 247 10.00 -104.00 -27.66
C LEU Q 247 10.64 -102.92 -26.80
N GLN Q 248 11.06 -101.84 -27.45
CA GLN Q 248 11.69 -100.73 -26.77
C GLN Q 248 10.68 -100.00 -25.89
N LYS Q 249 9.50 -99.75 -26.44
CA LYS Q 249 8.46 -99.07 -25.69
C LYS Q 249 8.19 -99.79 -24.38
N LEU Q 250 8.26 -101.12 -24.41
CA LEU Q 250 8.03 -101.91 -23.21
C LEU Q 250 9.20 -101.75 -22.24
N VAL Q 251 10.42 -101.84 -22.76
CA VAL Q 251 11.61 -101.69 -21.94
C VAL Q 251 11.49 -100.41 -21.13
N LEU Q 252 11.00 -99.35 -21.77
CA LEU Q 252 10.81 -98.06 -21.11
C LEU Q 252 9.86 -98.23 -19.94
N LEU Q 253 8.68 -98.79 -20.21
CA LEU Q 253 7.69 -99.03 -19.18
C LEU Q 253 8.27 -99.88 -18.06
N GLU Q 254 9.19 -100.77 -18.41
CA GLU Q 254 9.81 -101.64 -17.41
C GLU Q 254 10.65 -100.79 -16.47
N MET Q 255 11.46 -99.91 -17.04
CA MET Q 255 12.31 -99.03 -16.24
C MET Q 255 11.42 -98.05 -15.46
N LYS Q 256 10.16 -97.94 -15.86
CA LYS Q 256 9.23 -97.05 -15.18
C LYS Q 256 8.52 -97.82 -14.07
N GLY Q 257 8.97 -99.05 -13.85
CA GLY Q 257 8.38 -99.88 -12.80
C GLY Q 257 7.01 -100.39 -13.18
N GLY Q 258 6.56 -100.06 -14.38
CA GLY Q 258 5.25 -100.50 -14.84
C GLY Q 258 5.14 -102.00 -14.99
N CYS Q 259 6.15 -102.74 -14.55
CA CYS Q 259 6.12 -104.20 -14.65
C CYS Q 259 5.89 -104.89 -13.31
N ARG Q 260 5.61 -104.08 -12.29
CA ARG Q 260 5.33 -104.57 -10.94
C ARG Q 260 4.21 -103.70 -10.38
N GLU Q 261 4.02 -102.56 -11.03
CA GLU Q 261 2.99 -101.60 -10.69
C GLU Q 261 2.30 -101.23 -12.00
N PRO Q 262 1.82 -102.24 -12.75
CA PRO Q 262 1.14 -102.06 -14.03
C PRO Q 262 0.17 -100.88 -14.02
N GLU Q 263 0.65 -99.73 -14.48
CA GLU Q 263 -0.17 -98.53 -14.53
C GLU Q 263 -1.19 -98.61 -15.65
N LEU Q 264 -2.45 -98.36 -15.33
CA LEU Q 264 -3.52 -98.39 -16.32
C LEU Q 264 -3.67 -97.01 -16.95
N ASP Q 265 -2.69 -96.64 -17.78
CA ASP Q 265 -2.70 -95.34 -18.43
C ASP Q 265 -2.68 -95.48 -19.96
N THR Q 266 -2.81 -94.35 -20.64
CA THR Q 266 -2.82 -94.33 -22.10
C THR Q 266 -1.59 -95.02 -22.68
N GLU Q 267 -0.42 -94.66 -22.18
CA GLU Q 267 0.83 -95.24 -22.65
C GLU Q 267 0.84 -96.76 -22.55
N THR Q 268 0.61 -97.26 -21.33
CA THR Q 268 0.60 -98.70 -21.07
C THR Q 268 -0.43 -99.43 -21.94
N LEU Q 269 -1.62 -98.86 -22.04
CA LEU Q 269 -2.68 -99.45 -22.83
C LEU Q 269 -2.36 -99.40 -24.32
N THR Q 270 -1.78 -98.28 -24.76
CA THR Q 270 -1.42 -98.11 -26.16
C THR Q 270 -0.43 -99.18 -26.60
N THR Q 271 0.65 -99.32 -25.86
CA THR Q 271 1.69 -100.31 -26.16
C THR Q 271 1.07 -101.69 -26.35
N MET Q 272 0.10 -102.03 -25.52
CA MET Q 272 -0.57 -103.32 -25.60
C MET Q 272 -1.06 -103.60 -27.01
N PHE Q 273 -1.90 -102.71 -27.53
CA PHE Q 273 -2.45 -102.86 -28.87
C PHE Q 273 -1.33 -102.96 -29.91
N GLU Q 274 -0.30 -102.13 -29.75
CA GLU Q 274 0.82 -102.14 -30.68
C GLU Q 274 1.59 -103.45 -30.58
N VAL Q 275 1.57 -104.06 -29.40
CA VAL Q 275 2.26 -105.33 -29.19
C VAL Q 275 1.62 -106.40 -30.07
N SER Q 276 0.30 -106.35 -30.17
CA SER Q 276 -0.44 -107.31 -30.98
C SER Q 276 -0.32 -106.95 -32.46
N VAL Q 277 -0.21 -105.65 -32.75
CA VAL Q 277 -0.07 -105.19 -34.13
C VAL Q 277 1.27 -105.69 -34.67
N ALA Q 278 2.27 -105.72 -33.80
CA ALA Q 278 3.60 -106.17 -34.18
C ALA Q 278 3.50 -107.63 -34.64
N PHE Q 279 2.71 -108.41 -33.92
CA PHE Q 279 2.52 -109.82 -34.26
C PHE Q 279 1.66 -109.92 -35.51
N PHE Q 280 0.65 -109.06 -35.61
CA PHE Q 280 -0.24 -109.04 -36.77
C PHE Q 280 0.53 -108.72 -38.04
N LYS Q 281 1.41 -107.72 -37.95
CA LYS Q 281 2.21 -107.32 -39.10
C LYS Q 281 2.90 -108.51 -39.74
N VAL Q 282 3.59 -109.30 -38.93
CA VAL Q 282 4.30 -110.48 -39.43
C VAL Q 282 3.34 -111.46 -40.11
N GLY Q 283 2.19 -111.70 -39.49
CA GLY Q 283 1.22 -112.61 -40.05
C GLY Q 283 0.61 -112.08 -41.34
N HIS Q 284 0.39 -110.77 -41.39
CA HIS Q 284 -0.20 -110.14 -42.57
C HIS Q 284 0.82 -110.09 -43.71
N ALA Q 285 2.10 -110.24 -43.37
CA ALA Q 285 3.16 -110.23 -44.36
C ALA Q 285 3.16 -111.54 -45.13
N VAL Q 286 3.24 -112.64 -44.41
CA VAL Q 286 3.23 -113.97 -45.01
C VAL Q 286 1.90 -114.19 -45.73
N GLY Q 287 0.90 -113.41 -45.36
CA GLY Q 287 -0.42 -113.54 -45.97
C GLY Q 287 -0.49 -112.93 -47.36
N GLU Q 288 -0.05 -111.69 -47.49
CA GLU Q 288 -0.06 -111.00 -48.77
C GLU Q 288 0.59 -111.84 -49.86
N THR Q 289 1.71 -112.48 -49.54
CA THR Q 289 2.43 -113.31 -50.49
C THR Q 289 1.96 -114.76 -50.45
N GLY Q 290 0.69 -114.98 -50.78
CA GLY Q 290 0.16 -116.33 -50.78
C GLY Q 290 0.80 -117.16 -51.87
N ASN Q 291 1.11 -118.42 -51.57
CA ASN Q 291 1.74 -119.32 -52.52
C ASN Q 291 3.05 -118.75 -53.03
N GLY Q 292 3.68 -117.92 -52.21
CA GLY Q 292 4.96 -117.32 -52.58
C GLY Q 292 6.05 -117.95 -51.74
N CYS Q 293 7.13 -117.20 -51.48
CA CYS Q 293 8.21 -117.73 -50.67
C CYS Q 293 8.93 -116.62 -49.94
N VAL Q 294 8.98 -116.73 -48.61
CA VAL Q 294 9.65 -115.75 -47.78
C VAL Q 294 11.10 -116.17 -47.53
N ASP Q 295 12.02 -115.25 -47.80
CA ASP Q 295 13.44 -115.53 -47.60
C ASP Q 295 13.69 -115.88 -46.14
N LEU Q 296 14.55 -116.88 -45.91
CA LEU Q 296 14.85 -117.30 -44.55
C LEU Q 296 15.49 -116.21 -43.72
N ARG Q 297 16.21 -115.30 -44.37
CA ARG Q 297 16.85 -114.20 -43.65
C ARG Q 297 15.76 -113.33 -43.06
N TRP Q 298 14.68 -113.14 -43.82
CA TRP Q 298 13.56 -112.33 -43.38
C TRP Q 298 12.93 -112.88 -42.12
N LEU Q 299 12.64 -114.18 -42.14
CA LEU Q 299 12.02 -114.85 -40.99
C LEU Q 299 12.96 -114.82 -39.79
N ALA Q 300 14.19 -115.26 -39.99
CA ALA Q 300 15.19 -115.30 -38.93
C ALA Q 300 15.27 -113.96 -38.20
N LYS Q 301 14.96 -112.88 -38.92
CA LYS Q 301 15.00 -111.54 -38.34
C LYS Q 301 13.64 -111.14 -37.77
N SER Q 302 12.60 -111.28 -38.59
CA SER Q 302 11.24 -110.93 -38.16
C SER Q 302 10.77 -111.79 -37.00
N PHE Q 303 10.79 -113.10 -37.18
CA PHE Q 303 10.35 -114.03 -36.14
C PHE Q 303 11.20 -113.93 -34.88
N PHE Q 304 12.40 -113.37 -35.00
CA PHE Q 304 13.29 -113.21 -33.86
C PHE Q 304 12.73 -112.11 -32.95
N GLU Q 305 12.44 -110.96 -33.56
CA GLU Q 305 11.90 -109.82 -32.82
C GLU Q 305 10.62 -110.22 -32.08
N LEU Q 306 9.94 -111.23 -32.60
CA LEU Q 306 8.71 -111.72 -31.98
C LEU Q 306 8.99 -112.59 -30.77
N THR Q 307 10.00 -113.45 -30.89
CA THR Q 307 10.37 -114.34 -29.80
C THR Q 307 10.82 -113.51 -28.61
N VAL Q 308 11.70 -112.55 -28.87
CA VAL Q 308 12.20 -111.67 -27.82
C VAL Q 308 11.06 -110.86 -27.24
N LEU Q 309 10.12 -110.47 -28.10
CA LEU Q 309 8.97 -109.69 -27.69
C LEU Q 309 8.07 -110.50 -26.75
N LYS Q 310 7.74 -111.71 -27.16
CA LYS Q 310 6.89 -112.59 -26.36
C LYS Q 310 7.38 -112.77 -24.94
N ASP Q 311 8.70 -112.84 -24.77
CA ASP Q 311 9.30 -113.05 -23.45
C ASP Q 311 9.06 -111.87 -22.51
N ILE Q 312 9.39 -110.67 -22.96
CA ILE Q 312 9.21 -109.47 -22.14
C ILE Q 312 7.72 -109.29 -21.81
N ILE Q 313 6.87 -109.58 -22.79
CA ILE Q 313 5.43 -109.46 -22.61
C ILE Q 313 4.98 -110.39 -21.48
N GLY Q 314 5.66 -111.52 -21.35
CA GLY Q 314 5.32 -112.49 -20.32
C GLY Q 314 5.97 -112.18 -18.99
N ILE Q 315 7.23 -111.79 -19.01
CA ILE Q 315 7.96 -111.46 -17.79
C ILE Q 315 7.30 -110.27 -17.08
N CYS Q 316 6.85 -109.30 -17.87
CA CYS Q 316 6.21 -108.12 -17.32
C CYS Q 316 4.79 -108.44 -16.90
N TYR Q 317 3.92 -108.69 -17.88
CA TYR Q 317 2.53 -109.02 -17.62
C TYR Q 317 2.32 -110.52 -17.78
N GLY Q 318 1.34 -111.06 -17.06
CA GLY Q 318 1.05 -112.48 -17.17
C GLY Q 318 0.35 -112.71 -18.50
N ALA Q 319 0.89 -112.09 -19.55
CA ALA Q 319 0.31 -112.20 -20.88
C ALA Q 319 0.81 -113.45 -21.59
N THR Q 320 -0.04 -114.00 -22.46
CA THR Q 320 0.31 -115.20 -23.21
C THR Q 320 0.13 -114.94 -24.70
N VAL Q 321 0.82 -115.72 -25.52
CA VAL Q 321 0.73 -115.58 -26.97
C VAL Q 321 0.67 -116.96 -27.61
N LYS Q 322 -0.24 -117.15 -28.56
CA LYS Q 322 -0.37 -118.42 -29.23
C LYS Q 322 -1.02 -118.26 -30.61
N GLY Q 323 -0.52 -119.03 -31.58
CA GLY Q 323 -1.07 -118.95 -32.91
C GLY Q 323 -0.15 -118.23 -33.89
N MET Q 324 1.05 -117.89 -33.44
CA MET Q 324 2.00 -117.21 -34.31
C MET Q 324 3.39 -117.81 -34.36
N GLN Q 325 3.48 -119.13 -34.12
CA GLN Q 325 4.75 -119.84 -34.19
C GLN Q 325 4.50 -121.02 -35.11
N SER Q 326 5.51 -121.40 -35.88
CA SER Q 326 5.38 -122.53 -36.79
C SER Q 326 6.51 -123.52 -36.57
N TYR Q 327 6.18 -124.66 -35.99
CA TYR Q 327 7.19 -125.68 -35.72
C TYR Q 327 8.06 -125.97 -36.94
N GLY Q 328 7.57 -125.62 -38.12
CA GLY Q 328 8.34 -125.85 -39.33
C GLY Q 328 9.58 -124.97 -39.36
N LEU Q 329 9.36 -123.65 -39.31
CA LEU Q 329 10.45 -122.69 -39.33
C LEU Q 329 11.47 -122.99 -38.25
N GLU Q 330 11.01 -123.57 -37.14
CA GLU Q 330 11.89 -123.90 -36.04
C GLU Q 330 12.78 -125.10 -36.36
N ARG Q 331 12.18 -126.13 -36.96
CA ARG Q 331 12.94 -127.32 -37.34
C ARG Q 331 13.96 -126.97 -38.40
N LEU Q 332 13.55 -126.12 -39.34
CA LEU Q 332 14.44 -125.69 -40.42
C LEU Q 332 15.64 -124.96 -39.83
N ALA Q 333 15.36 -123.95 -39.02
CA ALA Q 333 16.42 -123.16 -38.39
C ALA Q 333 17.31 -124.08 -37.56
N ALA Q 334 16.70 -124.99 -36.82
CA ALA Q 334 17.44 -125.92 -35.99
C ALA Q 334 18.41 -126.75 -36.81
N MET Q 335 17.92 -127.36 -37.88
CA MET Q 335 18.75 -128.19 -38.74
C MET Q 335 19.89 -127.39 -39.38
N LEU Q 336 19.56 -126.22 -39.93
CA LEU Q 336 20.55 -125.37 -40.57
C LEU Q 336 21.73 -125.09 -39.64
N MET Q 337 21.43 -124.69 -38.40
CA MET Q 337 22.47 -124.39 -37.42
C MET Q 337 23.34 -125.60 -37.12
N ALA Q 338 22.71 -126.76 -37.01
CA ALA Q 338 23.42 -128.00 -36.72
C ALA Q 338 24.51 -128.30 -37.75
N THR Q 339 24.46 -127.60 -38.87
CA THR Q 339 25.44 -127.82 -39.93
C THR Q 339 26.36 -126.63 -40.15
N VAL Q 340 27.02 -126.19 -39.08
CA VAL Q 340 27.94 -125.06 -39.18
C VAL Q 340 29.01 -125.09 -38.09
N LYS Q 341 30.21 -124.63 -38.44
CA LYS Q 341 31.32 -124.60 -37.50
C LYS Q 341 30.99 -123.58 -36.40
N MET Q 342 30.25 -124.02 -35.40
CA MET Q 342 29.85 -123.16 -34.29
C MET Q 342 31.03 -122.58 -33.51
N GLU Q 343 31.96 -123.44 -33.12
CA GLU Q 343 33.13 -123.04 -32.35
C GLU Q 343 34.01 -122.05 -33.12
N GLU Q 344 33.61 -121.70 -34.33
CA GLU Q 344 34.38 -120.78 -35.14
C GLU Q 344 33.50 -119.67 -35.72
N LEU Q 345 32.31 -119.51 -35.14
CA LEU Q 345 31.36 -118.51 -35.59
C LEU Q 345 31.91 -117.10 -35.39
N GLY Q 346 32.67 -116.91 -34.30
CA GLY Q 346 33.24 -115.61 -34.02
C GLY Q 346 34.18 -115.09 -35.07
N HIS Q 347 34.85 -116.01 -35.78
CA HIS Q 347 35.78 -115.64 -36.83
C HIS Q 347 35.06 -115.29 -38.13
N LEU Q 348 33.73 -115.32 -38.10
CA LEU Q 348 32.93 -115.02 -39.27
C LEU Q 348 32.67 -113.52 -39.39
N THR Q 349 31.94 -113.12 -40.43
CA THR Q 349 31.63 -111.72 -40.66
C THR Q 349 30.51 -111.23 -39.74
N THR Q 350 30.29 -109.92 -39.74
CA THR Q 350 29.27 -109.30 -38.90
C THR Q 350 27.85 -109.68 -39.32
N GLU Q 351 27.46 -109.29 -40.52
CA GLU Q 351 26.12 -109.59 -41.03
C GLU Q 351 25.80 -111.07 -40.87
N LYS Q 352 26.77 -111.92 -41.19
CA LYS Q 352 26.61 -113.36 -41.09
C LYS Q 352 26.49 -113.79 -39.62
N GLN Q 353 27.18 -113.07 -38.75
CA GLN Q 353 27.19 -113.37 -37.33
C GLN Q 353 25.79 -113.18 -36.73
N GLU Q 354 25.14 -112.07 -37.07
CA GLU Q 354 23.81 -111.80 -36.57
C GLU Q 354 22.89 -112.91 -37.03
N TYR Q 355 22.71 -113.00 -38.34
CA TYR Q 355 21.86 -114.01 -38.96
C TYR Q 355 22.05 -115.38 -38.31
N ALA Q 356 23.30 -115.70 -37.97
CA ALA Q 356 23.61 -116.98 -37.34
C ALA Q 356 22.94 -117.08 -35.97
N LEU Q 357 23.39 -116.26 -35.02
CA LEU Q 357 22.82 -116.25 -33.68
C LEU Q 357 21.32 -115.97 -33.74
N ARG Q 358 20.94 -115.04 -34.61
CA ARG Q 358 19.55 -114.65 -34.77
C ARG Q 358 18.63 -115.85 -34.93
N LEU Q 359 18.82 -116.62 -36.00
CA LEU Q 359 17.99 -117.79 -36.25
C LEU Q 359 18.25 -118.89 -35.23
N ALA Q 360 19.40 -118.82 -34.56
CA ALA Q 360 19.76 -119.81 -33.55
C ALA Q 360 18.75 -119.75 -32.41
N THR Q 361 18.21 -118.55 -32.18
CA THR Q 361 17.23 -118.33 -31.13
C THR Q 361 15.87 -118.90 -31.55
N VAL Q 362 15.53 -118.69 -32.82
CA VAL Q 362 14.26 -119.15 -33.36
C VAL Q 362 14.11 -120.67 -33.36
N GLY Q 363 15.19 -121.38 -33.67
CA GLY Q 363 15.13 -122.83 -33.72
C GLY Q 363 15.54 -123.58 -32.46
N TYR Q 364 16.06 -122.86 -31.47
CA TYR Q 364 16.49 -123.47 -30.21
C TYR Q 364 15.49 -124.48 -29.66
N PRO Q 365 14.19 -124.12 -29.62
CA PRO Q 365 13.15 -125.00 -29.10
C PRO Q 365 13.01 -126.39 -29.77
N LYS Q 366 12.38 -126.42 -30.94
CA LYS Q 366 12.14 -127.65 -31.68
C LYS Q 366 13.30 -128.64 -31.82
N ALA Q 367 14.53 -128.14 -31.76
CA ALA Q 367 15.69 -129.03 -31.88
C ALA Q 367 16.97 -128.41 -31.33
N GLY Q 368 17.97 -129.25 -31.07
CA GLY Q 368 19.23 -128.76 -30.56
C GLY Q 368 19.44 -129.07 -29.09
N VAL Q 369 19.10 -130.29 -28.68
CA VAL Q 369 19.26 -130.70 -27.29
C VAL Q 369 20.71 -131.10 -27.06
N TYR Q 370 21.44 -131.30 -28.15
CA TYR Q 370 22.85 -131.67 -28.09
C TYR Q 370 23.64 -130.95 -29.18
N SER Q 371 23.08 -129.85 -29.67
CA SER Q 371 23.73 -129.05 -30.70
C SER Q 371 24.53 -127.94 -30.03
N GLY Q 372 25.70 -127.64 -30.59
CA GLY Q 372 26.55 -126.61 -30.01
C GLY Q 372 26.07 -125.19 -30.22
N LEU Q 373 24.80 -124.93 -29.90
CA LEU Q 373 24.25 -123.59 -30.06
C LEU Q 373 24.88 -122.60 -29.08
N ILE Q 374 24.82 -122.92 -27.79
CA ILE Q 374 25.39 -122.06 -26.77
C ILE Q 374 26.86 -121.80 -27.09
N GLY Q 375 27.50 -122.79 -27.72
CA GLY Q 375 28.89 -122.65 -28.09
C GLY Q 375 29.10 -121.48 -29.03
N GLY Q 376 28.29 -121.42 -30.09
CA GLY Q 376 28.40 -120.34 -31.04
C GLY Q 376 28.21 -118.99 -30.38
N ALA Q 377 27.25 -118.91 -29.48
CA ALA Q 377 26.96 -117.68 -28.76
C ALA Q 377 28.18 -117.24 -27.97
N THR Q 378 28.99 -118.21 -27.55
CA THR Q 378 30.21 -117.94 -26.80
C THR Q 378 31.32 -117.45 -27.72
N SER Q 379 31.55 -118.18 -28.80
CA SER Q 379 32.58 -117.84 -29.77
C SER Q 379 32.42 -116.40 -30.27
N VAL Q 380 31.20 -116.05 -30.64
CA VAL Q 380 30.90 -114.70 -31.14
C VAL Q 380 31.22 -113.66 -30.07
N LEU Q 381 30.87 -113.97 -28.81
CA LEU Q 381 31.12 -113.06 -27.71
C LEU Q 381 32.61 -112.94 -27.44
N LEU Q 382 33.29 -114.07 -27.39
CA LEU Q 382 34.73 -114.11 -27.14
C LEU Q 382 35.47 -113.15 -28.06
N SER Q 383 35.14 -113.20 -29.35
CA SER Q 383 35.78 -112.34 -30.34
C SER Q 383 35.57 -110.87 -29.95
N ALA Q 384 34.33 -110.52 -29.65
CA ALA Q 384 33.97 -109.16 -29.27
C ALA Q 384 34.85 -108.64 -28.13
N TYR Q 385 34.98 -109.43 -27.08
CA TYR Q 385 35.77 -109.07 -25.92
C TYR Q 385 37.25 -108.83 -26.22
N ASN Q 386 37.86 -109.78 -26.92
CA ASN Q 386 39.28 -109.67 -27.27
C ASN Q 386 39.64 -108.37 -28.00
N ARG Q 387 38.73 -107.91 -28.84
CA ARG Q 387 38.97 -106.70 -29.63
C ARG Q 387 38.83 -105.38 -28.87
N HIS Q 388 38.33 -105.41 -27.65
CA HIS Q 388 38.16 -104.18 -26.88
C HIS Q 388 38.59 -104.27 -25.41
N PRO Q 389 38.59 -103.12 -24.71
CA PRO Q 389 38.96 -103.04 -23.29
C PRO Q 389 37.80 -102.99 -22.30
N LEU Q 390 37.05 -104.08 -22.19
CA LEU Q 390 35.93 -104.17 -21.27
C LEU Q 390 34.88 -103.07 -21.45
N PHE Q 391 34.38 -102.93 -22.67
CA PHE Q 391 33.36 -101.94 -23.00
C PHE Q 391 33.10 -101.97 -24.50
N GLN Q 392 31.84 -102.14 -24.87
CA GLN Q 392 31.47 -102.18 -26.27
C GLN Q 392 30.92 -100.83 -26.69
N PRO Q 393 31.23 -100.38 -27.92
CA PRO Q 393 30.73 -99.10 -28.40
C PRO Q 393 29.24 -98.97 -28.11
N LEU Q 394 28.83 -97.83 -27.55
CA LEU Q 394 27.44 -97.60 -27.20
C LEU Q 394 26.43 -97.92 -28.30
N HIS Q 395 26.82 -97.70 -29.55
CA HIS Q 395 25.92 -97.98 -30.67
C HIS Q 395 26.66 -98.63 -31.83
N THR Q 396 27.31 -99.75 -31.56
CA THR Q 396 28.03 -100.48 -32.59
C THR Q 396 27.15 -101.58 -33.17
N VAL Q 397 27.45 -101.96 -34.41
CA VAL Q 397 26.71 -103.01 -35.09
C VAL Q 397 26.81 -104.32 -34.32
N MET Q 398 27.95 -104.53 -33.68
CA MET Q 398 28.18 -105.76 -32.91
C MET Q 398 27.42 -105.78 -31.58
N ARG Q 399 27.17 -104.60 -31.01
CA ARG Q 399 26.44 -104.54 -29.75
C ARG Q 399 25.11 -105.27 -29.94
N GLU Q 400 24.45 -104.95 -31.04
CA GLU Q 400 23.16 -105.57 -31.39
C GLU Q 400 23.33 -107.08 -31.44
N THR Q 401 24.50 -107.52 -31.89
CA THR Q 401 24.81 -108.93 -32.02
C THR Q 401 24.81 -109.65 -30.67
N LEU Q 402 25.64 -109.19 -29.74
CA LEU Q 402 25.72 -109.80 -28.42
C LEU Q 402 24.35 -109.89 -27.77
N PHE Q 403 23.47 -108.94 -28.10
CA PHE Q 403 22.12 -108.93 -27.55
C PHE Q 403 21.34 -110.12 -28.07
N ILE Q 404 21.44 -110.37 -29.37
CA ILE Q 404 20.74 -111.48 -29.99
C ILE Q 404 21.24 -112.80 -29.41
N GLY Q 405 22.54 -112.90 -29.20
CA GLY Q 405 23.12 -114.12 -28.66
C GLY Q 405 22.74 -114.38 -27.21
N SER Q 406 22.70 -113.33 -26.41
CA SER Q 406 22.36 -113.47 -24.99
C SER Q 406 21.08 -114.26 -24.79
N HIS Q 407 20.11 -114.06 -25.67
CA HIS Q 407 18.84 -114.76 -25.57
C HIS Q 407 18.99 -116.28 -25.55
N VAL Q 408 19.74 -116.82 -26.52
CA VAL Q 408 19.95 -118.26 -26.59
C VAL Q 408 20.78 -118.76 -25.41
N VAL Q 409 21.47 -117.83 -24.74
CA VAL Q 409 22.29 -118.19 -23.59
C VAL Q 409 21.44 -118.20 -22.32
N LEU Q 410 20.62 -117.17 -22.17
CA LEU Q 410 19.73 -117.06 -21.01
C LEU Q 410 18.83 -118.28 -20.94
N ARG Q 411 18.17 -118.57 -22.05
CA ARG Q 411 17.26 -119.70 -22.15
C ARG Q 411 17.96 -120.95 -21.61
N GLU Q 412 19.21 -121.13 -22.02
CA GLU Q 412 20.01 -122.28 -21.59
C GLU Q 412 20.15 -122.28 -20.07
N LEU Q 413 20.61 -121.15 -19.54
CA LEU Q 413 20.81 -120.99 -18.10
C LEU Q 413 19.58 -121.36 -17.28
N ARG Q 414 18.41 -120.90 -17.71
CA ARG Q 414 17.16 -121.17 -17.03
C ARG Q 414 16.87 -122.66 -16.83
N LEU Q 415 17.43 -123.49 -17.69
CA LEU Q 415 17.22 -124.94 -17.60
C LEU Q 415 17.90 -125.55 -16.38
N ASN Q 416 17.69 -126.85 -16.18
CA ASN Q 416 18.27 -127.56 -15.05
C ASN Q 416 19.23 -128.65 -15.52
N VAL Q 417 19.48 -128.70 -16.83
CA VAL Q 417 20.38 -129.68 -17.39
C VAL Q 417 21.75 -129.04 -17.58
N THR Q 418 22.68 -129.36 -16.67
CA THR Q 418 24.02 -128.80 -16.74
C THR Q 418 24.78 -129.26 -17.98
N THR Q 419 24.47 -128.62 -19.11
CA THR Q 419 25.11 -128.95 -20.37
C THR Q 419 25.93 -127.74 -20.81
N GLN Q 420 27.21 -127.97 -21.11
CA GLN Q 420 28.10 -126.91 -21.53
C GLN Q 420 28.25 -125.90 -20.40
N GLY Q 421 28.07 -126.37 -19.17
CA GLY Q 421 28.19 -125.50 -18.02
C GLY Q 421 29.49 -124.74 -18.06
N PRO Q 422 30.62 -125.43 -18.31
CA PRO Q 422 31.93 -124.78 -18.38
C PRO Q 422 31.95 -123.75 -19.51
N ASN Q 423 31.43 -124.12 -20.66
CA ASN Q 423 31.39 -123.24 -21.83
C ASN Q 423 30.45 -122.07 -21.58
N LEU Q 424 29.43 -122.30 -20.75
CA LEU Q 424 28.45 -121.27 -20.43
C LEU Q 424 28.98 -120.34 -19.33
N ALA Q 425 29.54 -120.93 -18.28
CA ALA Q 425 30.09 -120.16 -17.17
C ALA Q 425 31.01 -119.08 -17.74
N LEU Q 426 31.74 -119.43 -18.78
CA LEU Q 426 32.65 -118.50 -19.45
C LEU Q 426 31.90 -117.25 -19.89
N TYR Q 427 30.81 -117.47 -20.61
CA TYR Q 427 29.99 -116.37 -21.12
C TYR Q 427 29.72 -115.37 -20.00
N GLN Q 428 29.34 -115.88 -18.83
CA GLN Q 428 29.05 -115.03 -17.68
C GLN Q 428 30.30 -114.26 -17.27
N LEU Q 429 31.42 -114.95 -17.16
CA LEU Q 429 32.68 -114.34 -16.78
C LEU Q 429 33.01 -113.16 -17.68
N LEU Q 430 33.02 -113.40 -18.99
CA LEU Q 430 33.31 -112.36 -19.97
C LEU Q 430 32.39 -111.15 -19.79
N SER Q 431 31.08 -111.40 -19.87
CA SER Q 431 30.10 -110.33 -19.72
C SER Q 431 30.32 -109.57 -18.42
N THR Q 432 30.68 -110.30 -17.36
CA THR Q 432 30.93 -109.69 -16.06
C THR Q 432 32.03 -108.64 -16.20
N ALA Q 433 33.15 -109.06 -16.79
CA ALA Q 433 34.28 -108.16 -16.99
C ALA Q 433 33.81 -106.97 -17.82
N LEU Q 434 32.99 -107.25 -18.82
CA LEU Q 434 32.46 -106.20 -19.70
C LEU Q 434 31.58 -105.22 -18.92
N CYS Q 435 31.07 -105.65 -17.78
CA CYS Q 435 30.23 -104.78 -16.97
C CYS Q 435 31.12 -103.89 -16.11
N SER Q 436 32.12 -103.28 -16.75
CA SER Q 436 33.08 -102.41 -16.06
C SER Q 436 32.47 -101.05 -15.75
N ALA Q 437 33.16 -100.28 -14.92
CA ALA Q 437 32.72 -98.95 -14.54
C ALA Q 437 32.49 -98.09 -15.78
N LEU Q 438 33.27 -98.37 -16.82
CA LEU Q 438 33.16 -97.64 -18.08
C LEU Q 438 31.83 -97.98 -18.74
N GLU Q 439 31.52 -99.28 -18.77
CA GLU Q 439 30.27 -99.77 -19.36
C GLU Q 439 29.08 -99.21 -18.59
N ILE Q 440 28.93 -99.66 -17.35
CA ILE Q 440 27.85 -99.23 -16.48
C ILE Q 440 27.72 -97.70 -16.48
N GLY Q 441 28.85 -97.02 -16.63
CA GLY Q 441 28.83 -95.57 -16.65
C GLY Q 441 28.21 -95.01 -17.91
N GLU Q 442 28.68 -95.46 -19.06
CA GLU Q 442 28.16 -94.99 -20.34
C GLU Q 442 26.69 -95.33 -20.53
N VAL Q 443 26.27 -96.50 -20.06
CA VAL Q 443 24.88 -96.92 -20.18
C VAL Q 443 23.97 -95.89 -19.51
N LEU Q 444 24.36 -95.47 -18.32
CA LEU Q 444 23.58 -94.48 -17.58
C LEU Q 444 23.52 -93.17 -18.37
N ARG Q 445 24.69 -92.70 -18.79
CA ARG Q 445 24.79 -91.47 -19.58
C ARG Q 445 23.74 -91.47 -20.68
N GLY Q 446 23.75 -92.52 -21.49
CA GLY Q 446 22.80 -92.64 -22.59
C GLY Q 446 21.35 -92.63 -22.12
N LEU Q 447 21.07 -93.38 -21.06
CA LEU Q 447 19.72 -93.46 -20.52
C LEU Q 447 19.19 -92.08 -20.15
N ALA Q 448 20.00 -91.31 -19.44
CA ALA Q 448 19.62 -89.96 -19.02
C ALA Q 448 19.41 -89.05 -20.22
N LEU Q 449 20.35 -89.07 -21.16
CA LEU Q 449 20.26 -88.24 -22.35
C LEU Q 449 19.28 -88.82 -23.38
N GLY Q 450 18.73 -89.99 -23.06
CA GLY Q 450 17.78 -90.62 -23.94
C GLY Q 450 18.30 -91.13 -25.27
N THR Q 451 19.60 -91.37 -25.37
CA THR Q 451 20.18 -91.87 -26.62
C THR Q 451 20.14 -93.39 -26.63
N GLU Q 452 20.32 -93.99 -25.46
CA GLU Q 452 20.30 -95.44 -25.32
C GLU Q 452 19.00 -95.89 -24.67
N SER Q 453 18.36 -96.89 -25.27
CA SER Q 453 17.11 -97.43 -24.75
C SER Q 453 17.34 -98.26 -23.49
N GLY Q 454 18.50 -98.90 -23.44
CA GLY Q 454 18.82 -99.74 -22.29
C GLY Q 454 18.29 -101.13 -22.48
N LEU Q 455 18.09 -101.51 -23.74
CA LEU Q 455 17.58 -102.83 -24.08
C LEU Q 455 18.54 -103.95 -23.72
N PHE Q 456 19.84 -103.72 -23.95
CA PHE Q 456 20.84 -104.74 -23.65
C PHE Q 456 22.13 -104.20 -23.04
N SER Q 457 22.77 -105.07 -22.27
CA SER Q 457 24.04 -104.76 -21.60
C SER Q 457 24.63 -106.07 -21.09
N PRO Q 458 25.95 -106.24 -21.21
CA PRO Q 458 26.59 -107.47 -20.75
C PRO Q 458 26.37 -107.72 -19.26
N CYS Q 459 25.87 -106.70 -18.56
CA CYS Q 459 25.61 -106.82 -17.13
C CYS Q 459 24.42 -107.74 -16.85
N TYR Q 460 23.41 -107.67 -17.72
CA TYR Q 460 22.20 -108.47 -17.55
C TYR Q 460 22.46 -109.97 -17.38
N LEU Q 461 23.66 -110.42 -17.72
CA LEU Q 461 24.00 -111.83 -17.57
C LEU Q 461 25.28 -111.96 -16.74
N SER Q 462 25.89 -110.82 -16.42
CA SER Q 462 27.11 -110.80 -15.64
C SER Q 462 26.84 -111.27 -14.22
N LEU Q 463 27.91 -111.66 -13.52
CA LEU Q 463 27.80 -112.13 -12.15
C LEU Q 463 28.22 -111.01 -11.20
N ARG Q 464 27.90 -109.78 -11.58
CA ARG Q 464 28.25 -108.62 -10.77
C ARG Q 464 27.02 -108.10 -10.04
N PHE Q 465 26.83 -108.59 -8.82
CA PHE Q 465 25.69 -108.22 -7.98
C PHE Q 465 26.10 -107.13 -6.99
N ASP Q 466 27.10 -106.33 -7.38
CA ASP Q 466 27.60 -105.25 -6.55
C ASP Q 466 26.85 -103.93 -6.73
N LEU Q 467 26.40 -103.68 -7.95
CA LEU Q 467 25.68 -102.43 -8.25
C LEU Q 467 24.31 -102.32 -7.61
N THR Q 468 24.17 -101.36 -6.70
CA THR Q 468 22.91 -101.11 -6.01
C THR Q 468 22.45 -99.69 -6.32
N ARG Q 469 21.35 -99.27 -5.72
CA ARG Q 469 20.83 -97.93 -5.94
C ARG Q 469 21.91 -96.86 -5.78
N ASP Q 470 22.64 -96.93 -4.66
CA ASP Q 470 23.70 -95.97 -4.39
C ASP Q 470 24.95 -96.24 -5.22
N LYS Q 471 25.44 -97.48 -5.20
CA LYS Q 471 26.63 -97.85 -5.96
C LYS Q 471 26.51 -97.45 -7.41
N LEU Q 472 25.34 -97.68 -8.01
CA LEU Q 472 25.10 -97.32 -9.39
C LEU Q 472 25.20 -95.82 -9.58
N LEU Q 473 24.69 -95.08 -8.60
CA LEU Q 473 24.71 -93.61 -8.65
C LEU Q 473 26.16 -93.11 -8.62
N SER Q 474 27.06 -93.96 -8.14
CA SER Q 474 28.47 -93.60 -8.07
C SER Q 474 29.12 -93.65 -9.45
N MET Q 475 28.86 -94.72 -10.20
CA MET Q 475 29.41 -94.87 -11.54
C MET Q 475 28.84 -93.82 -12.49
N ALA Q 476 27.68 -93.28 -12.15
CA ALA Q 476 27.04 -92.26 -12.97
C ALA Q 476 28.00 -91.11 -13.26
N PRO Q 477 27.94 -90.55 -14.48
CA PRO Q 477 28.81 -89.44 -14.88
C PRO Q 477 28.55 -88.16 -14.08
N GLN Q 478 29.63 -87.54 -13.61
CA GLN Q 478 29.54 -86.30 -12.84
C GLN Q 478 29.73 -85.10 -13.76
N GLU Q 479 28.62 -84.56 -14.25
CA GLU Q 479 28.67 -83.41 -15.14
C GLU Q 479 27.44 -82.53 -15.02
N ALA Q 480 27.63 -81.22 -15.12
CA ALA Q 480 26.53 -80.27 -15.02
C ALA Q 480 25.74 -80.26 -16.31
N THR Q 481 26.27 -80.92 -17.33
CA THR Q 481 25.62 -81.00 -18.63
C THR Q 481 24.50 -82.03 -18.61
N LEU Q 482 24.39 -82.75 -17.50
CA LEU Q 482 23.36 -83.77 -17.34
C LEU Q 482 22.42 -83.44 -16.19
N ASP Q 483 21.13 -83.43 -16.47
CA ASP Q 483 20.12 -83.12 -15.46
C ASP Q 483 20.18 -84.11 -14.31
N GLN Q 484 20.66 -83.65 -13.16
CA GLN Q 484 20.79 -84.49 -11.97
C GLN Q 484 19.52 -85.30 -11.71
N ALA Q 485 18.37 -84.73 -12.07
CA ALA Q 485 17.09 -85.40 -11.88
C ALA Q 485 16.95 -86.53 -12.89
N ALA Q 486 17.24 -86.23 -14.16
CA ALA Q 486 17.15 -87.22 -15.22
C ALA Q 486 18.06 -88.40 -14.91
N VAL Q 487 19.26 -88.12 -14.40
CA VAL Q 487 20.21 -89.16 -14.06
C VAL Q 487 19.61 -90.17 -13.08
N SER Q 488 18.97 -89.67 -12.03
CA SER Q 488 18.36 -90.53 -11.02
C SER Q 488 17.43 -91.55 -11.67
N ASN Q 489 16.56 -91.09 -12.56
CA ASN Q 489 15.63 -91.99 -13.24
C ASN Q 489 16.38 -93.09 -13.97
N ALA Q 490 17.46 -92.71 -14.65
CA ALA Q 490 18.28 -93.68 -15.38
C ALA Q 490 18.81 -94.74 -14.43
N VAL Q 491 19.42 -94.30 -13.33
CA VAL Q 491 19.97 -95.22 -12.35
C VAL Q 491 18.87 -96.16 -11.84
N ASP Q 492 17.70 -95.59 -11.57
CA ASP Q 492 16.57 -96.39 -11.09
C ASP Q 492 16.11 -97.35 -12.18
N GLY Q 493 16.00 -96.86 -13.40
CA GLY Q 493 15.58 -97.70 -14.51
C GLY Q 493 16.50 -98.89 -14.71
N PHE Q 494 17.80 -98.62 -14.79
CA PHE Q 494 18.79 -99.68 -14.99
C PHE Q 494 18.64 -100.74 -13.90
N LEU Q 495 18.66 -100.31 -12.65
CA LEU Q 495 18.52 -101.21 -11.51
C LEU Q 495 17.26 -102.06 -11.67
N GLY Q 496 16.22 -101.46 -12.22
CA GLY Q 496 14.96 -102.18 -12.41
C GLY Q 496 15.03 -103.31 -13.41
N ARG Q 497 15.40 -102.98 -14.65
CA ARG Q 497 15.50 -103.99 -15.71
C ARG Q 497 16.53 -105.05 -15.35
N LEU Q 498 17.47 -104.69 -14.50
CA LEU Q 498 18.52 -105.60 -14.08
C LEU Q 498 17.97 -106.67 -13.14
N SER Q 499 17.04 -106.28 -12.27
CA SER Q 499 16.42 -107.20 -11.33
C SER Q 499 15.38 -108.10 -12.00
N LEU Q 500 15.01 -107.75 -13.23
CA LEU Q 500 14.02 -108.52 -13.97
C LEU Q 500 14.66 -109.43 -15.02
N GLU Q 501 15.64 -108.88 -15.75
CA GLU Q 501 16.32 -109.64 -16.77
C GLU Q 501 17.19 -110.71 -16.12
N ARG Q 502 17.76 -110.39 -14.96
CA ARG Q 502 18.60 -111.33 -14.24
C ARG Q 502 17.87 -111.94 -13.07
N GLU Q 503 17.99 -113.26 -12.99
CA GLU Q 503 17.36 -114.07 -11.97
C GLU Q 503 18.42 -114.72 -11.07
N ASP Q 504 17.97 -115.29 -9.96
CA ASP Q 504 18.86 -115.96 -9.01
C ASP Q 504 19.19 -117.34 -9.57
N ARG Q 505 18.19 -117.94 -10.21
CA ARG Q 505 18.26 -119.27 -10.80
C ARG Q 505 19.42 -119.42 -11.78
N ASP Q 506 19.86 -118.31 -12.35
CA ASP Q 506 20.95 -118.31 -13.32
C ASP Q 506 22.22 -118.96 -12.78
N ALA Q 507 22.78 -118.36 -11.73
CA ALA Q 507 24.02 -118.85 -11.12
C ALA Q 507 23.92 -120.24 -10.47
N TRP Q 508 22.85 -120.96 -10.77
CA TRP Q 508 22.68 -122.30 -10.22
C TRP Q 508 23.52 -123.28 -11.02
N HIS Q 509 23.94 -122.84 -12.20
CA HIS Q 509 24.77 -123.65 -13.08
C HIS Q 509 26.25 -123.47 -12.77
N LEU Q 510 26.53 -122.75 -11.69
CA LEU Q 510 27.91 -122.50 -11.29
C LEU Q 510 28.28 -123.41 -10.11
N PRO Q 511 29.39 -124.16 -10.25
CA PRO Q 511 29.89 -125.09 -9.23
C PRO Q 511 30.12 -124.48 -7.84
N ALA Q 512 30.75 -123.32 -7.79
CA ALA Q 512 31.06 -122.66 -6.51
C ALA Q 512 29.84 -122.12 -5.75
N TYR Q 513 28.73 -121.93 -6.44
CA TYR Q 513 27.52 -121.39 -5.83
C TYR Q 513 27.14 -122.10 -4.52
N LYS Q 514 27.21 -123.42 -4.53
CA LYS Q 514 26.87 -124.25 -3.38
C LYS Q 514 27.69 -123.95 -2.13
N CYS Q 515 28.67 -123.07 -2.26
CA CYS Q 515 29.56 -122.76 -1.13
C CYS Q 515 29.31 -121.44 -0.39
N VAL Q 516 28.24 -120.73 -0.73
CA VAL Q 516 27.98 -119.45 -0.06
C VAL Q 516 26.81 -119.47 0.91
N ASP Q 517 27.12 -119.29 2.19
CA ASP Q 517 26.09 -119.26 3.24
C ASP Q 517 25.25 -117.99 3.08
N ARG Q 518 25.79 -116.86 3.49
CA ARG Q 518 25.07 -115.59 3.35
C ARG Q 518 25.33 -115.05 1.96
N LEU Q 519 24.62 -115.60 0.98
CA LEU Q 519 24.77 -115.20 -0.41
C LEU Q 519 24.26 -113.80 -0.72
N ASP Q 520 23.45 -113.24 0.18
CA ASP Q 520 22.91 -111.90 -0.02
C ASP Q 520 23.98 -110.83 0.10
N LYS Q 521 25.06 -111.14 0.79
CA LYS Q 521 26.15 -110.18 0.98
C LYS Q 521 27.28 -110.45 -0.01
N VAL Q 522 26.92 -111.04 -1.15
CA VAL Q 522 27.88 -111.36 -2.19
C VAL Q 522 27.91 -110.24 -3.22
N LEU Q 523 29.09 -109.62 -3.39
CA LEU Q 523 29.25 -108.53 -4.34
C LEU Q 523 29.31 -109.06 -5.77
N MET Q 524 30.24 -109.98 -6.02
CA MET Q 524 30.39 -110.56 -7.35
C MET Q 524 31.26 -111.81 -7.33
N ILE Q 525 30.91 -112.77 -8.17
CA ILE Q 525 31.65 -114.02 -8.28
C ILE Q 525 32.39 -114.08 -9.61
N ILE Q 526 33.65 -114.49 -9.55
CA ILE Q 526 34.48 -114.58 -10.76
C ILE Q 526 34.86 -116.02 -11.09
N PRO Q 527 34.11 -116.66 -11.99
CA PRO Q 527 34.39 -118.04 -12.39
C PRO Q 527 35.69 -118.13 -13.20
N LEU Q 528 36.70 -118.78 -12.63
CA LEU Q 528 37.98 -118.93 -13.31
C LEU Q 528 38.16 -120.33 -13.87
N ILE Q 529 39.32 -120.58 -14.45
CA ILE Q 529 39.64 -121.88 -15.05
C ILE Q 529 39.69 -123.01 -14.03
N ASN Q 530 40.67 -122.97 -13.12
CA ASN Q 530 40.82 -124.00 -12.11
C ASN Q 530 40.16 -123.65 -10.78
N VAL Q 531 39.69 -122.42 -10.64
CA VAL Q 531 39.04 -121.97 -9.41
C VAL Q 531 37.94 -120.96 -9.71
N THR Q 532 37.33 -120.43 -8.65
CA THR Q 532 36.27 -119.43 -8.78
C THR Q 532 36.28 -118.53 -7.56
N PHE Q 533 36.51 -117.24 -7.79
CA PHE Q 533 36.57 -116.25 -6.73
C PHE Q 533 35.20 -115.69 -6.34
N ILE Q 534 34.99 -115.50 -5.04
CA ILE Q 534 33.75 -114.96 -4.52
C ILE Q 534 34.00 -113.72 -3.68
N ILE Q 535 33.76 -112.55 -4.27
CA ILE Q 535 33.94 -111.30 -3.56
C ILE Q 535 32.67 -110.99 -2.79
N SER Q 536 32.80 -110.81 -1.48
CA SER Q 536 31.64 -110.51 -0.64
C SER Q 536 32.02 -109.72 0.61
N SER Q 537 30.99 -109.28 1.33
CA SER Q 537 31.19 -108.52 2.56
C SER Q 537 31.01 -109.42 3.77
N ASP Q 538 31.19 -110.72 3.56
CA ASP Q 538 31.06 -111.70 4.63
C ASP Q 538 32.14 -112.77 4.50
N ARG Q 539 32.71 -113.15 5.64
CA ARG Q 539 33.75 -114.16 5.68
C ARG Q 539 33.12 -115.53 5.91
N GLU Q 540 31.87 -115.68 5.49
CA GLU Q 540 31.14 -116.93 5.66
C GLU Q 540 31.37 -117.94 4.55
N VAL Q 541 31.75 -117.46 3.36
CA VAL Q 541 32.00 -118.36 2.24
C VAL Q 541 33.00 -119.42 2.67
N ARG Q 542 32.72 -120.67 2.35
CA ARG Q 542 33.60 -121.77 2.73
C ARG Q 542 34.55 -122.22 1.62
N GLY Q 543 35.35 -121.29 1.12
CA GLY Q 543 36.29 -121.61 0.06
C GLY Q 543 37.54 -122.32 0.56
N SER Q 544 38.70 -121.82 0.15
CA SER Q 544 39.98 -122.41 0.54
C SER Q 544 40.76 -121.47 1.46
N ALA Q 545 40.55 -120.17 1.27
CA ALA Q 545 41.23 -119.16 2.07
C ALA Q 545 40.41 -117.89 2.12
N LEU Q 546 40.75 -117.00 3.03
CA LEU Q 546 40.04 -115.74 3.17
C LEU Q 546 40.97 -114.55 2.99
N TYR Q 547 40.60 -113.67 2.07
CA TYR Q 547 41.38 -112.47 1.79
C TYR Q 547 40.57 -111.24 2.17
N GLU Q 548 41.26 -110.19 2.60
CA GLU Q 548 40.59 -108.95 2.99
C GLU Q 548 41.40 -107.73 2.56
N ALA Q 549 40.73 -106.83 1.84
CA ALA Q 549 41.37 -105.61 1.37
C ALA Q 549 41.65 -104.69 2.56
N SER Q 550 42.56 -103.74 2.37
CA SER Q 550 42.92 -102.81 3.45
C SER Q 550 41.84 -101.77 3.72
N THR Q 551 41.00 -101.50 2.72
CA THR Q 551 39.93 -100.51 2.85
C THR Q 551 38.80 -100.92 3.79
N THR Q 552 38.36 -99.96 4.59
CA THR Q 552 37.27 -100.17 5.54
C THR Q 552 36.27 -99.04 5.40
N TYR Q 553 36.46 -98.24 4.35
CA TYR Q 553 35.60 -97.10 4.05
C TYR Q 553 34.16 -97.55 3.84
N LEU Q 554 34.00 -98.69 3.19
CA LEU Q 554 32.68 -99.23 2.92
C LEU Q 554 31.96 -99.54 4.23
N SER Q 555 30.67 -99.83 4.12
CA SER Q 555 29.85 -100.16 5.28
C SER Q 555 30.49 -101.34 6.00
N SER Q 556 30.67 -102.44 5.25
CA SER Q 556 31.27 -103.64 5.80
C SER Q 556 32.68 -103.81 5.23
N SER Q 557 33.19 -105.04 5.25
CA SER Q 557 34.53 -105.32 4.74
C SER Q 557 34.50 -105.90 3.33
N LEU Q 558 35.66 -105.92 2.69
CA LEU Q 558 35.79 -106.45 1.33
C LEU Q 558 36.58 -107.76 1.38
N PHE Q 559 35.87 -108.88 1.31
CA PHE Q 559 36.50 -110.19 1.36
C PHE Q 559 36.64 -110.84 -0.01
N LEU Q 560 37.58 -111.79 -0.10
CA LEU Q 560 37.84 -112.53 -1.33
C LEU Q 560 37.97 -114.02 -1.03
N SER Q 561 36.92 -114.78 -1.31
CA SER Q 561 36.91 -116.21 -1.06
C SER Q 561 37.08 -117.03 -2.34
N PRO Q 562 38.22 -117.72 -2.48
CA PRO Q 562 38.49 -118.54 -3.66
C PRO Q 562 38.19 -120.03 -3.43
N VAL Q 563 37.40 -120.61 -4.32
CA VAL Q 563 37.05 -122.02 -4.23
C VAL Q 563 37.94 -122.81 -5.18
N ILE Q 564 38.98 -123.42 -4.65
CA ILE Q 564 39.91 -124.19 -5.48
C ILE Q 564 39.25 -125.46 -6.00
N MET Q 565 39.51 -125.76 -7.27
CA MET Q 565 38.97 -126.95 -7.90
C MET Q 565 37.44 -127.00 -7.75
N ASN Q 566 36.82 -125.82 -7.74
CA ASN Q 566 35.37 -125.69 -7.61
C ASN Q 566 34.70 -126.59 -6.59
N LYS Q 567 35.45 -127.02 -5.58
CA LYS Q 567 34.90 -127.84 -4.52
C LYS Q 567 35.29 -127.18 -3.21
N CYS Q 568 34.31 -126.97 -2.34
CA CYS Q 568 34.57 -126.32 -1.06
C CYS Q 568 34.70 -127.25 0.13
N SER Q 569 35.47 -126.78 1.11
CA SER Q 569 35.69 -127.53 2.34
C SER Q 569 34.64 -127.13 3.37
N GLN Q 570 34.46 -127.98 4.36
CA GLN Q 570 33.48 -127.74 5.42
C GLN Q 570 33.94 -126.66 6.40
N GLY Q 571 33.11 -125.64 6.56
CA GLY Q 571 33.44 -124.55 7.47
C GLY Q 571 34.29 -123.47 6.82
N ALA Q 572 34.18 -122.25 7.34
CA ALA Q 572 34.95 -121.13 6.82
C ALA Q 572 36.38 -121.15 7.36
N VAL Q 573 37.21 -120.25 6.84
CA VAL Q 573 38.60 -120.15 7.25
C VAL Q 573 38.74 -119.82 8.73
N ALA Q 574 39.91 -120.08 9.29
CA ALA Q 574 40.17 -119.79 10.70
C ALA Q 574 40.12 -118.29 10.93
N GLY Q 575 40.29 -117.88 12.19
CA GLY Q 575 40.24 -116.47 12.52
C GLY Q 575 41.33 -115.71 11.81
N GLU Q 576 41.19 -114.39 11.73
CA GLU Q 576 42.17 -113.52 11.09
C GLU Q 576 42.36 -113.82 9.61
N PRO Q 577 41.88 -112.94 8.74
CA PRO Q 577 42.01 -113.14 7.29
C PRO Q 577 43.44 -112.93 6.81
N ARG Q 578 43.78 -113.49 5.65
CA ARG Q 578 45.10 -113.34 5.08
C ARG Q 578 45.12 -111.97 4.39
N GLN Q 579 46.18 -111.21 4.61
CA GLN Q 579 46.29 -109.87 4.02
C GLN Q 579 46.85 -109.90 2.61
N ILE Q 580 46.29 -109.07 1.74
CA ILE Q 580 46.72 -108.99 0.35
C ILE Q 580 48.10 -108.34 0.25
N PRO Q 581 49.11 -109.11 -0.18
CA PRO Q 581 50.47 -108.61 -0.32
C PRO Q 581 50.59 -107.63 -1.47
N LYS Q 582 51.45 -106.62 -1.31
CA LYS Q 582 51.65 -105.61 -2.33
C LYS Q 582 52.86 -105.98 -3.19
N ILE Q 583 52.72 -105.87 -4.51
CA ILE Q 583 53.80 -106.22 -5.41
C ILE Q 583 54.14 -105.11 -6.42
N GLN Q 584 55.44 -104.94 -6.66
CA GLN Q 584 55.93 -103.94 -7.60
C GLN Q 584 56.97 -104.59 -8.52
N ASN Q 585 57.14 -105.90 -8.38
CA ASN Q 585 58.11 -106.64 -9.18
C ASN Q 585 57.89 -106.58 -10.68
N PHE Q 586 56.79 -107.17 -11.15
CA PHE Q 586 56.46 -107.20 -12.57
C PHE Q 586 56.73 -105.89 -13.31
N THR Q 587 57.25 -106.01 -14.53
CA THR Q 587 57.54 -104.85 -15.37
C THR Q 587 56.44 -104.72 -16.42
N ARG Q 588 56.23 -103.51 -16.92
CA ARG Q 588 55.18 -103.26 -17.90
C ARG Q 588 55.30 -104.14 -19.14
N THR Q 589 56.32 -103.90 -19.95
CA THR Q 589 56.54 -104.68 -21.16
C THR Q 589 56.64 -106.16 -20.81
N GLN Q 590 55.86 -106.99 -21.50
CA GLN Q 590 55.85 -108.43 -21.24
C GLN Q 590 55.91 -109.25 -22.51
N LYS Q 591 56.84 -110.21 -22.55
CA LYS Q 591 57.01 -111.07 -23.70
C LYS Q 591 55.83 -112.03 -23.84
N SER Q 592 55.74 -112.98 -22.90
CA SER Q 592 54.67 -113.97 -22.92
C SER Q 592 53.45 -113.52 -22.11
N CYS Q 593 52.44 -114.37 -22.07
CA CYS Q 593 51.20 -114.11 -21.38
C CYS Q 593 51.28 -114.56 -19.92
N ILE Q 594 51.82 -113.70 -19.05
CA ILE Q 594 51.96 -114.02 -17.64
C ILE Q 594 50.59 -114.17 -16.98
N PHE Q 595 49.86 -113.07 -16.92
CA PHE Q 595 48.53 -113.07 -16.32
C PHE Q 595 47.52 -113.51 -17.38
N CYS Q 596 47.61 -114.78 -17.79
CA CYS Q 596 46.71 -115.29 -18.80
C CYS Q 596 45.38 -115.77 -18.23
N GLY Q 597 45.38 -116.98 -17.65
CA GLY Q 597 44.15 -117.50 -17.08
C GLY Q 597 43.75 -116.77 -15.81
N PHE Q 598 44.36 -115.62 -15.59
CA PHE Q 598 44.07 -114.82 -14.39
C PHE Q 598 43.04 -113.74 -14.66
N ALA Q 599 42.72 -112.98 -13.62
CA ALA Q 599 41.75 -111.90 -13.73
C ALA Q 599 42.15 -110.72 -12.87
N LEU Q 600 41.78 -109.52 -13.31
CA LEU Q 600 42.09 -108.29 -12.59
C LEU Q 600 40.84 -107.70 -11.95
N LEU Q 601 40.99 -107.17 -10.74
CA LEU Q 601 39.86 -106.57 -10.03
C LEU Q 601 40.30 -105.28 -9.35
N SER Q 602 39.78 -104.15 -9.83
CA SER Q 602 40.11 -102.86 -9.26
C SER Q 602 38.96 -102.36 -8.42
N TYR Q 603 39.27 -101.82 -7.24
CA TYR Q 603 38.23 -101.31 -6.36
C TYR Q 603 38.61 -99.94 -5.83
N ASP Q 604 37.61 -99.08 -5.63
CA ASP Q 604 37.87 -97.76 -5.10
C ASP Q 604 37.77 -97.85 -3.59
N GLU Q 605 38.67 -97.16 -2.90
CA GLU Q 605 38.69 -97.18 -1.45
C GLU Q 605 37.36 -96.72 -0.87
N LYS Q 606 36.82 -95.62 -1.41
CA LYS Q 606 35.56 -95.08 -0.94
C LYS Q 606 34.35 -95.87 -1.46
N GLU Q 607 34.22 -95.98 -2.78
CA GLU Q 607 33.10 -96.73 -3.36
C GLU Q 607 33.38 -98.23 -3.39
N GLY Q 608 32.44 -98.99 -3.96
CA GLY Q 608 32.59 -100.42 -4.04
C GLY Q 608 33.61 -100.88 -5.07
N LEU Q 609 33.26 -101.91 -5.83
CA LEU Q 609 34.15 -102.45 -6.86
C LEU Q 609 33.99 -101.71 -8.17
N GLU Q 610 35.12 -101.30 -8.76
CA GLU Q 610 35.10 -100.56 -10.02
C GLU Q 610 34.95 -101.46 -11.25
N THR Q 611 36.07 -101.94 -11.77
CA THR Q 611 36.06 -102.79 -12.95
C THR Q 611 36.85 -104.08 -12.77
N THR Q 612 36.43 -105.12 -13.49
CA THR Q 612 37.09 -106.42 -13.43
C THR Q 612 37.48 -106.84 -14.84
N THR Q 613 38.61 -107.53 -14.98
CA THR Q 613 39.08 -107.95 -16.28
C THR Q 613 39.64 -109.37 -16.32
N TYR Q 614 39.26 -110.12 -17.35
CA TYR Q 614 39.73 -111.48 -17.53
C TYR Q 614 40.60 -111.46 -18.78
N ILE Q 615 41.92 -111.61 -18.60
CA ILE Q 615 42.85 -111.58 -19.71
C ILE Q 615 42.77 -112.88 -20.52
N THR Q 616 41.88 -112.89 -21.51
CA THR Q 616 41.70 -114.07 -22.36
C THR Q 616 42.98 -114.53 -23.03
N SER Q 617 43.59 -113.65 -23.81
CA SER Q 617 44.83 -114.00 -24.51
C SER Q 617 45.90 -112.91 -24.47
N GLN Q 618 47.02 -113.20 -25.13
CA GLN Q 618 48.16 -112.29 -25.20
C GLN Q 618 47.76 -110.88 -25.62
N GLU Q 619 47.12 -110.77 -26.78
CA GLU Q 619 46.69 -109.47 -27.29
C GLU Q 619 46.03 -108.61 -26.22
N VAL Q 620 45.19 -109.23 -25.40
CA VAL Q 620 44.49 -108.51 -24.34
C VAL Q 620 45.43 -107.97 -23.27
N GLN Q 621 46.33 -108.82 -22.80
CA GLN Q 621 47.28 -108.41 -21.76
C GLN Q 621 48.09 -107.19 -22.22
N ASN Q 622 48.41 -107.14 -23.51
CA ASN Q 622 49.17 -106.03 -24.06
C ASN Q 622 48.31 -104.76 -24.08
N SER Q 623 47.06 -104.91 -24.51
CA SER Q 623 46.14 -103.78 -24.57
C SER Q 623 45.70 -103.32 -23.19
N ILE Q 624 46.43 -103.74 -22.16
CA ILE Q 624 46.12 -103.37 -20.78
C ILE Q 624 47.34 -102.76 -20.12
N LEU Q 625 48.50 -103.39 -20.33
CA LEU Q 625 49.75 -102.91 -19.75
C LEU Q 625 50.29 -101.73 -20.56
N SER Q 626 49.82 -101.62 -21.80
CA SER Q 626 50.25 -100.54 -22.69
C SER Q 626 49.35 -99.33 -22.44
N SER Q 627 48.04 -99.56 -22.41
CA SER Q 627 47.09 -98.50 -22.17
C SER Q 627 47.21 -98.02 -20.72
N ASN Q 628 46.39 -97.05 -20.36
CA ASN Q 628 46.42 -96.51 -19.00
C ASN Q 628 45.40 -97.18 -18.10
N TYR Q 629 45.29 -98.50 -18.22
CA TYR Q 629 44.35 -99.27 -17.40
C TYR Q 629 44.74 -99.10 -15.93
N PHE Q 630 46.03 -98.95 -15.69
CA PHE Q 630 46.55 -98.78 -14.35
C PHE Q 630 46.79 -97.32 -14.01
N ASP Q 631 46.71 -97.00 -12.72
CA ASP Q 631 46.91 -95.64 -12.24
C ASP Q 631 47.30 -95.70 -10.77
N PHE Q 632 48.53 -96.16 -10.52
CA PHE Q 632 49.06 -96.29 -9.18
C PHE Q 632 49.22 -94.92 -8.52
N ASP Q 633 49.19 -93.88 -9.34
CA ASP Q 633 49.31 -92.51 -8.83
C ASP Q 633 47.97 -92.02 -8.33
N ASN Q 634 47.21 -92.95 -7.75
CA ASN Q 634 45.89 -92.66 -7.20
C ASN Q 634 45.72 -93.56 -5.97
N LEU Q 635 45.88 -92.99 -4.79
CA LEU Q 635 45.75 -93.72 -3.54
C LEU Q 635 44.36 -94.32 -3.34
N HIS Q 636 43.36 -93.69 -3.93
CA HIS Q 636 41.99 -94.16 -3.79
C HIS Q 636 41.71 -95.48 -4.50
N VAL Q 637 42.34 -95.70 -5.65
CA VAL Q 637 42.12 -96.93 -6.40
C VAL Q 637 43.23 -97.96 -6.21
N HIS Q 638 42.82 -99.22 -6.07
CA HIS Q 638 43.75 -100.33 -5.89
C HIS Q 638 43.49 -101.35 -6.99
N TYR Q 639 44.52 -102.13 -7.34
CA TYR Q 639 44.40 -103.13 -8.38
C TYR Q 639 44.78 -104.52 -7.87
N LEU Q 640 43.83 -105.45 -7.93
CA LEU Q 640 44.07 -106.82 -7.47
C LEU Q 640 44.21 -107.80 -8.62
N LEU Q 641 44.93 -108.89 -8.35
CA LEU Q 641 45.16 -109.92 -9.35
C LEU Q 641 44.79 -111.30 -8.80
N LEU Q 642 43.78 -111.90 -9.40
CA LEU Q 642 43.33 -113.23 -8.99
C LEU Q 642 43.92 -114.26 -9.96
N THR Q 643 44.67 -115.20 -9.42
CA THR Q 643 45.32 -116.22 -10.25
C THR Q 643 44.55 -117.54 -10.29
N THR Q 644 45.06 -118.49 -11.07
CA THR Q 644 44.45 -119.79 -11.19
C THR Q 644 44.50 -120.45 -9.82
N ASN Q 645 45.42 -119.98 -8.99
CA ASN Q 645 45.58 -120.48 -7.64
C ASN Q 645 44.77 -119.55 -6.74
N GLY Q 646 44.35 -120.05 -5.58
CA GLY Q 646 43.57 -119.24 -4.66
C GLY Q 646 44.35 -118.08 -4.06
N THR Q 647 45.35 -117.60 -4.79
CA THR Q 647 46.17 -116.50 -4.31
C THR Q 647 45.71 -115.16 -4.88
N VAL Q 648 45.89 -114.10 -4.09
CA VAL Q 648 45.50 -112.76 -4.51
C VAL Q 648 46.63 -111.79 -4.17
N MET Q 649 46.82 -110.78 -5.03
CA MET Q 649 47.88 -109.80 -4.81
C MET Q 649 47.55 -108.44 -5.42
N GLU Q 650 48.04 -107.39 -4.79
CA GLU Q 650 47.82 -106.02 -5.24
C GLU Q 650 48.98 -105.59 -6.13
N ILE Q 651 48.71 -104.72 -7.10
CA ILE Q 651 49.74 -104.24 -8.00
C ILE Q 651 50.01 -102.75 -7.86
N ALA Q 652 51.27 -102.35 -8.06
CA ALA Q 652 51.65 -100.94 -7.95
C ALA Q 652 53.08 -100.74 -8.45
N GLY Q 653 53.31 -101.02 -9.73
CA GLY Q 653 54.63 -100.87 -10.31
C GLY Q 653 54.69 -101.14 -11.79
N TRP R 1 -43.04 -98.48 -59.64
CA TRP R 1 -41.74 -97.86 -59.28
C TRP R 1 -41.05 -98.66 -58.19
N ALA R 2 -41.74 -98.82 -57.06
CA ALA R 2 -41.22 -99.57 -55.93
C ALA R 2 -42.23 -100.63 -55.51
N TYR R 3 -42.43 -100.75 -54.20
CA TYR R 3 -43.38 -101.72 -53.66
C TYR R 3 -44.11 -101.14 -52.46
N PRO R 4 -45.21 -101.77 -52.04
CA PRO R 4 -45.99 -101.29 -50.89
C PRO R 4 -45.15 -101.10 -49.63
N CYS R 5 -45.34 -99.96 -48.97
CA CYS R 5 -44.60 -99.67 -47.75
C CYS R 5 -45.33 -100.34 -46.59
N CYS R 6 -44.62 -101.22 -45.88
CA CYS R 6 -45.23 -101.92 -44.76
C CYS R 6 -44.53 -101.72 -43.43
N HIS R 7 -45.33 -101.59 -42.37
CA HIS R 7 -44.81 -101.39 -41.02
C HIS R 7 -44.41 -102.71 -40.40
N VAL R 8 -43.15 -102.80 -39.98
CA VAL R 8 -42.62 -104.03 -39.39
C VAL R 8 -42.89 -104.20 -37.89
N THR R 9 -43.24 -105.44 -37.53
CA THR R 9 -43.54 -105.80 -36.15
C THR R 9 -42.79 -107.09 -35.81
N GLN R 10 -42.02 -107.07 -34.72
CA GLN R 10 -41.29 -108.25 -34.30
C GLN R 10 -42.25 -109.37 -33.99
N LEU R 11 -41.80 -110.61 -34.16
CA LEU R 11 -42.66 -111.75 -33.90
C LEU R 11 -42.47 -112.24 -32.46
N ARG R 12 -43.28 -111.67 -31.57
CA ARG R 12 -43.22 -111.96 -30.14
C ARG R 12 -43.92 -113.25 -29.72
N ALA R 13 -43.11 -114.21 -29.28
CA ALA R 13 -43.58 -115.51 -28.82
C ALA R 13 -44.31 -116.32 -29.88
N GLN R 14 -43.61 -116.62 -30.97
CA GLN R 14 -44.19 -117.41 -32.05
C GLN R 14 -43.06 -118.09 -32.81
N HIS R 15 -43.30 -118.40 -34.08
CA HIS R 15 -42.27 -119.03 -34.90
C HIS R 15 -41.98 -118.14 -36.10
N LEU R 16 -40.72 -117.79 -36.28
CA LEU R 16 -40.30 -116.94 -37.38
C LEU R 16 -40.37 -117.73 -38.67
N LEU R 17 -39.57 -117.32 -39.65
CA LEU R 17 -39.52 -118.01 -40.94
C LEU R 17 -38.11 -117.88 -41.49
N ALA R 18 -37.52 -119.01 -41.86
CA ALA R 18 -36.18 -119.00 -42.42
C ALA R 18 -36.32 -118.70 -43.90
N LEU R 19 -35.22 -118.78 -44.64
CA LEU R 19 -35.25 -118.54 -46.08
C LEU R 19 -35.82 -119.83 -46.67
N GLU R 20 -35.75 -120.87 -45.85
CA GLU R 20 -36.24 -122.19 -46.21
C GLU R 20 -37.59 -122.11 -46.93
N ASN R 21 -38.46 -121.25 -46.43
CA ASN R 21 -39.79 -121.08 -47.01
C ASN R 21 -39.88 -119.93 -48.00
N ILE R 22 -39.13 -118.86 -47.74
CA ILE R 22 -39.15 -117.69 -48.62
C ILE R 22 -38.49 -117.95 -49.97
N SER R 23 -39.01 -117.30 -51.00
CA SER R 23 -38.48 -117.44 -52.36
C SER R 23 -38.62 -116.15 -53.15
N ASP R 24 -38.86 -115.03 -52.46
CA ASP R 24 -39.00 -113.73 -53.11
C ASP R 24 -38.82 -112.60 -52.10
N ILE R 25 -38.06 -111.58 -52.48
CA ILE R 25 -37.80 -110.44 -51.60
C ILE R 25 -37.79 -109.13 -52.37
N TYR R 26 -38.77 -108.27 -52.08
CA TYR R 26 -38.89 -106.97 -52.73
C TYR R 26 -38.28 -105.88 -51.86
N LEU R 27 -37.43 -105.05 -52.46
CA LEU R 27 -36.77 -103.96 -51.74
C LEU R 27 -37.22 -102.59 -52.25
N VAL R 28 -37.04 -101.57 -51.41
CA VAL R 28 -37.44 -100.21 -51.76
C VAL R 28 -36.25 -99.29 -52.05
N SER R 29 -36.56 -98.07 -52.51
CA SER R 29 -35.54 -97.08 -52.82
C SER R 29 -35.42 -96.02 -51.72
N ASN R 30 -34.33 -95.26 -51.75
CA ASN R 30 -34.09 -94.23 -50.75
C ASN R 30 -35.02 -93.02 -50.88
N GLN R 31 -36.22 -93.24 -51.44
CA GLN R 31 -37.17 -92.15 -51.60
C GLN R 31 -38.59 -92.63 -51.89
N THR R 32 -38.75 -93.91 -52.21
CA THR R 32 -40.07 -94.45 -52.49
C THR R 32 -41.03 -94.17 -51.34
N CYS R 33 -40.90 -94.92 -50.25
CA CYS R 33 -41.76 -94.73 -49.09
C CYS R 33 -41.40 -93.41 -48.43
N ASP R 34 -40.56 -93.47 -47.40
CA ASP R 34 -40.15 -92.26 -46.69
C ASP R 34 -38.84 -92.49 -45.94
N GLY R 35 -37.77 -92.76 -46.68
CA GLY R 35 -36.48 -92.99 -46.09
C GLY R 35 -36.32 -94.35 -45.43
N PHE R 36 -37.45 -94.99 -45.14
CA PHE R 36 -37.44 -96.30 -44.50
C PHE R 36 -37.00 -97.42 -45.43
N SER R 37 -35.87 -98.05 -45.11
CA SER R 37 -35.37 -99.16 -45.91
C SER R 37 -36.22 -100.37 -45.54
N LEU R 38 -37.27 -100.60 -46.31
CA LEU R 38 -38.19 -101.70 -46.06
C LEU R 38 -38.06 -102.81 -47.09
N ALA R 39 -38.46 -104.02 -46.68
CA ALA R 39 -38.40 -105.19 -47.55
C ALA R 39 -39.62 -106.07 -47.36
N SER R 40 -39.98 -106.80 -48.41
CA SER R 40 -41.13 -107.69 -48.37
C SER R 40 -40.69 -109.13 -48.58
N LEU R 41 -41.01 -109.98 -47.60
CA LEU R 41 -40.64 -111.39 -47.68
C LEU R 41 -41.82 -112.22 -48.20
N ASN R 42 -41.73 -112.62 -49.46
CA ASN R 42 -42.78 -113.41 -50.09
C ASN R 42 -42.40 -114.88 -50.17
N SER R 43 -43.31 -115.74 -49.73
CA SER R 43 -43.10 -117.18 -49.75
C SER R 43 -44.41 -117.91 -50.05
N PRO R 44 -44.44 -118.71 -51.11
CA PRO R 44 -45.65 -119.45 -51.49
C PRO R 44 -46.00 -120.53 -50.47
N LYS R 45 -47.29 -120.63 -50.16
CA LYS R 45 -47.75 -121.62 -49.20
C LYS R 45 -48.28 -122.86 -49.94
N ASN R 46 -48.47 -123.95 -49.20
CA ASN R 46 -48.95 -125.20 -49.78
C ASN R 46 -47.98 -125.76 -50.80
N GLY R 47 -48.37 -125.74 -52.07
CA GLY R 47 -47.52 -126.24 -53.13
C GLY R 47 -46.83 -125.14 -53.90
N SER R 48 -47.49 -124.65 -54.94
CA SER R 48 -46.95 -123.58 -55.76
C SER R 48 -47.59 -122.24 -55.44
N ASN R 49 -47.52 -121.31 -56.38
CA ASN R 49 -48.09 -119.98 -56.20
C ASN R 49 -49.61 -119.96 -56.17
N GLN R 50 -50.18 -120.53 -55.13
CA GLN R 50 -51.63 -120.54 -54.95
C GLN R 50 -51.94 -119.36 -54.04
N LEU R 51 -51.56 -119.52 -52.77
CA LEU R 51 -51.76 -118.47 -51.77
C LEU R 51 -50.39 -118.01 -51.28
N VAL R 52 -49.99 -116.81 -51.67
CA VAL R 52 -48.69 -116.29 -51.27
C VAL R 52 -48.73 -115.44 -50.00
N ILE R 53 -47.92 -115.84 -49.03
CA ILE R 53 -47.81 -115.14 -47.76
C ILE R 53 -46.73 -114.05 -47.91
N SER R 54 -47.08 -112.83 -47.56
CA SER R 54 -46.14 -111.72 -47.67
C SER R 54 -46.07 -110.88 -46.40
N ARG R 55 -44.94 -110.98 -45.69
CA ARG R 55 -44.76 -110.21 -44.47
C ARG R 55 -43.56 -109.28 -44.55
N CYS R 56 -43.61 -108.21 -43.76
CA CYS R 56 -42.57 -107.20 -43.74
C CYS R 56 -41.32 -107.54 -42.93
N ALA R 57 -40.20 -107.01 -43.40
CA ALA R 57 -38.90 -107.21 -42.76
C ALA R 57 -38.14 -105.88 -42.82
N ASN R 58 -37.02 -105.81 -42.10
CA ASN R 58 -36.23 -104.58 -42.09
C ASN R 58 -35.25 -104.57 -43.26
N GLY R 59 -35.47 -103.65 -44.20
CA GLY R 59 -34.62 -103.55 -45.37
C GLY R 59 -33.13 -103.56 -45.06
N LEU R 60 -32.66 -102.52 -44.39
CA LEU R 60 -31.25 -102.40 -44.03
C LEU R 60 -30.67 -103.73 -43.53
N ASN R 61 -31.35 -104.34 -42.56
CA ASN R 61 -30.89 -105.62 -42.01
C ASN R 61 -30.84 -106.68 -43.09
N VAL R 62 -31.91 -106.80 -43.87
CA VAL R 62 -31.97 -107.78 -44.94
C VAL R 62 -30.84 -107.54 -45.94
N VAL R 63 -30.77 -106.32 -46.48
CA VAL R 63 -29.74 -105.97 -47.44
C VAL R 63 -28.35 -106.26 -46.90
N SER R 64 -28.12 -105.94 -45.63
CA SER R 64 -26.82 -106.18 -45.01
C SER R 64 -26.50 -107.68 -45.07
N PHE R 65 -27.50 -108.49 -44.75
CA PHE R 65 -27.37 -109.94 -44.78
C PHE R 65 -26.85 -110.39 -46.14
N PHE R 66 -27.60 -110.07 -47.19
CA PHE R 66 -27.24 -110.42 -48.55
C PHE R 66 -25.86 -109.89 -48.91
N ILE R 67 -25.60 -108.64 -48.59
CA ILE R 67 -24.30 -108.02 -48.88
C ILE R 67 -23.20 -108.87 -48.26
N SER R 68 -23.48 -109.41 -47.07
CA SER R 68 -22.51 -110.23 -46.36
C SER R 68 -22.26 -111.57 -47.06
N ILE R 69 -23.33 -112.27 -47.40
CA ILE R 69 -23.23 -113.56 -48.08
C ILE R 69 -22.45 -113.47 -49.38
N LEU R 70 -22.74 -112.43 -50.16
CA LEU R 70 -22.07 -112.22 -51.43
C LEU R 70 -20.57 -112.08 -51.22
N LYS R 71 -20.19 -111.21 -50.29
CA LYS R 71 -18.79 -110.97 -49.97
C LYS R 71 -18.11 -112.22 -49.41
N ARG R 72 -18.84 -112.95 -48.57
CA ARG R 72 -18.31 -114.16 -47.94
C ARG R 72 -18.05 -115.31 -48.89
N SER R 73 -18.45 -115.16 -50.15
CA SER R 73 -18.26 -116.23 -51.12
C SER R 73 -17.91 -115.71 -52.52
N SER R 74 -17.16 -114.61 -52.57
CA SER R 74 -16.76 -114.00 -53.83
C SER R 74 -15.99 -114.99 -54.72
N SER R 75 -15.27 -115.90 -54.10
CA SER R 75 -14.49 -116.90 -54.83
C SER R 75 -15.35 -117.85 -55.65
N ALA R 76 -16.66 -117.76 -55.50
CA ALA R 76 -17.56 -118.64 -56.23
C ALA R 76 -18.73 -117.93 -56.91
N LEU R 77 -18.47 -116.78 -57.52
CA LEU R 77 -19.54 -116.06 -58.19
C LEU R 77 -19.10 -114.97 -59.18
N THR R 78 -19.76 -114.96 -60.34
CA THR R 78 -19.50 -114.00 -61.39
C THR R 78 -20.86 -113.62 -61.98
N GLY R 79 -20.86 -112.78 -63.01
CA GLY R 79 -22.11 -112.38 -63.62
C GLY R 79 -22.91 -111.48 -62.69
N HIS R 80 -24.21 -111.70 -62.62
CA HIS R 80 -25.08 -110.90 -61.76
C HIS R 80 -24.62 -110.94 -60.31
N LEU R 81 -24.28 -112.12 -59.83
CA LEU R 81 -23.84 -112.31 -58.45
C LEU R 81 -22.53 -111.61 -58.10
N ARG R 82 -22.15 -110.61 -58.90
CA ARG R 82 -20.93 -109.86 -58.64
C ARG R 82 -21.25 -108.38 -58.79
N GLU R 83 -22.18 -108.07 -59.70
CA GLU R 83 -22.60 -106.71 -59.95
C GLU R 83 -23.67 -106.39 -58.90
N LEU R 84 -24.42 -107.43 -58.52
CA LEU R 84 -25.48 -107.31 -57.53
C LEU R 84 -24.92 -106.75 -56.23
N LEU R 85 -23.73 -107.21 -55.87
CA LEU R 85 -23.07 -106.76 -54.64
C LEU R 85 -22.79 -105.25 -54.70
N THR R 86 -22.02 -104.84 -55.70
CA THR R 86 -21.67 -103.44 -55.88
C THR R 86 -22.90 -102.53 -55.93
N THR R 87 -23.97 -103.02 -56.56
CA THR R 87 -25.20 -102.25 -56.68
C THR R 87 -26.02 -102.32 -55.40
N LEU R 88 -25.90 -103.44 -54.70
CA LEU R 88 -26.64 -103.64 -53.45
C LEU R 88 -26.01 -102.80 -52.34
N GLU R 89 -24.69 -102.64 -52.41
CA GLU R 89 -23.97 -101.86 -51.42
C GLU R 89 -24.31 -100.38 -51.57
N THR R 90 -24.34 -99.91 -52.82
CA THR R 90 -24.67 -98.52 -53.09
C THR R 90 -26.08 -98.23 -52.57
N LEU R 91 -26.95 -99.22 -52.68
CA LEU R 91 -28.33 -99.10 -52.20
C LEU R 91 -28.31 -98.95 -50.69
N TYR R 92 -27.56 -99.84 -50.04
CA TYR R 92 -27.44 -99.84 -48.59
C TYR R 92 -27.01 -98.47 -48.08
N GLY R 93 -26.10 -97.83 -48.82
CA GLY R 93 -25.61 -96.52 -48.43
C GLY R 93 -26.45 -95.36 -48.92
N SER R 94 -27.60 -95.66 -49.51
CA SER R 94 -28.50 -94.61 -50.01
C SER R 94 -29.45 -94.18 -48.90
N PHE R 95 -29.62 -95.03 -47.90
CA PHE R 95 -30.49 -94.75 -46.77
C PHE R 95 -29.73 -94.04 -45.66
N SER R 96 -30.45 -93.20 -44.90
CA SER R 96 -29.86 -92.46 -43.80
C SER R 96 -30.58 -92.84 -42.51
N VAL R 97 -29.87 -93.49 -41.61
CA VAL R 97 -30.41 -93.94 -40.33
C VAL R 97 -30.78 -92.80 -39.39
N GLU R 98 -29.78 -91.95 -39.11
CA GLU R 98 -29.90 -90.81 -38.21
C GLU R 98 -31.07 -89.86 -38.46
N ASP R 99 -31.81 -90.08 -39.55
CA ASP R 99 -32.95 -89.23 -39.87
C ASP R 99 -34.19 -89.79 -39.19
N LEU R 100 -34.17 -91.09 -38.95
CA LEU R 100 -35.29 -91.77 -38.32
C LEU R 100 -35.47 -91.34 -36.86
N PHE R 101 -34.50 -90.60 -36.33
CA PHE R 101 -34.58 -90.12 -34.96
C PHE R 101 -35.85 -89.31 -34.75
N GLY R 102 -36.28 -88.62 -35.80
CA GLY R 102 -37.48 -87.82 -35.71
C GLY R 102 -38.54 -88.18 -36.73
N ALA R 103 -38.63 -89.46 -37.06
CA ALA R 103 -39.62 -89.93 -38.03
C ALA R 103 -40.67 -90.80 -37.34
N ASN R 104 -41.92 -90.66 -37.76
CA ASN R 104 -43.01 -91.44 -37.18
C ASN R 104 -42.85 -92.92 -37.52
N LEU R 105 -42.06 -93.63 -36.72
CA LEU R 105 -41.83 -95.05 -36.96
C LEU R 105 -43.13 -95.84 -37.12
N ASN R 106 -44.22 -95.27 -36.62
CA ASN R 106 -45.53 -95.92 -36.73
C ASN R 106 -46.49 -95.15 -37.62
N ARG R 107 -46.16 -95.03 -38.89
CA ARG R 107 -47.02 -94.33 -39.84
C ARG R 107 -47.55 -95.29 -40.89
N TYR R 108 -47.82 -96.52 -40.48
CA TYR R 108 -48.34 -97.55 -41.38
C TYR R 108 -49.16 -98.57 -40.61
N LEU S 1 -23.67 87.48 47.91
CA LEU S 1 -23.19 86.77 49.13
C LEU S 1 -23.04 87.76 50.27
N SER S 2 -23.26 87.29 51.50
CA SER S 2 -23.14 88.13 52.69
C SER S 2 -23.90 89.45 52.55
N GLU S 3 -25.03 89.42 51.86
CA GLU S 3 -25.84 90.62 51.67
C GLU S 3 -27.04 90.40 50.77
N VAL S 4 -28.17 91.00 51.15
CA VAL S 4 -29.40 90.88 50.39
C VAL S 4 -30.38 92.03 50.69
N LYS S 5 -30.68 92.83 49.66
CA LYS S 5 -31.61 93.94 49.81
C LYS S 5 -33.01 93.44 49.52
N LEU S 6 -33.95 93.74 50.40
CA LEU S 6 -35.32 93.35 50.15
C LEU S 6 -36.04 94.67 49.92
N HIS S 7 -36.95 94.70 48.94
CA HIS S 7 -37.67 95.92 48.66
C HIS S 7 -39.14 95.71 48.98
N LEU S 8 -39.66 96.53 49.89
CA LEU S 8 -41.05 96.42 50.31
C LEU S 8 -41.99 97.22 49.42
N ASP S 9 -43.11 96.61 49.07
CA ASP S 9 -44.11 97.25 48.23
C ASP S 9 -45.25 97.77 49.09
N ILE S 10 -44.96 98.74 49.94
CA ILE S 10 -45.99 99.34 50.79
C ILE S 10 -46.99 99.92 49.79
N GLU S 11 -48.27 99.89 50.13
CA GLU S 11 -49.30 100.43 49.24
C GLU S 11 -48.88 101.78 48.64
N GLY S 12 -48.33 101.75 47.44
CA GLY S 12 -47.91 102.97 46.78
C GLY S 12 -46.42 103.16 46.63
N HIS S 13 -45.78 103.79 47.62
CA HIS S 13 -44.35 104.05 47.55
C HIS S 13 -43.48 102.81 47.78
N ALA S 14 -42.36 102.75 47.07
CA ALA S 14 -41.43 101.64 47.16
C ALA S 14 -40.35 101.93 48.20
N SER S 15 -40.30 101.11 49.24
CA SER S 15 -39.30 101.27 50.30
C SER S 15 -38.09 100.42 49.97
N HIS S 16 -36.91 100.86 50.41
CA HIS S 16 -35.68 100.14 50.16
C HIS S 16 -34.83 99.93 51.41
N TYR S 17 -34.80 98.69 51.86
CA TYR S 17 -34.02 98.31 53.04
C TYR S 17 -32.99 97.26 52.66
N THR S 18 -31.77 97.43 53.16
CA THR S 18 -30.69 96.50 52.87
C THR S 18 -30.25 95.83 54.17
N ILE S 19 -30.40 94.51 54.25
CA ILE S 19 -30.02 93.77 55.44
C ILE S 19 -28.72 92.99 55.27
N PRO S 20 -27.61 93.57 55.76
CA PRO S 20 -26.29 92.92 55.65
C PRO S 20 -26.07 91.94 56.81
N TRP S 21 -26.56 90.70 56.65
CA TRP S 21 -26.38 89.70 57.70
C TRP S 21 -24.91 89.37 57.91
N THR S 22 -24.07 89.87 56.99
CA THR S 22 -22.63 89.64 57.06
C THR S 22 -22.04 90.32 58.30
N GLU S 23 -22.46 91.56 58.52
CA GLU S 23 -21.98 92.33 59.67
C GLU S 23 -22.67 91.84 60.94
N LEU S 24 -23.92 91.42 60.80
CA LEU S 24 -24.70 90.93 61.93
C LEU S 24 -24.09 89.67 62.55
N MET S 25 -23.66 88.74 61.71
CA MET S 25 -23.07 87.49 62.19
C MET S 25 -21.85 87.71 63.08
N ALA S 26 -21.18 88.85 62.91
CA ALA S 26 -20.01 89.17 63.71
C ALA S 26 -20.40 89.62 65.11
N LYS S 27 -21.37 90.51 65.19
CA LYS S 27 -21.84 91.04 66.47
C LYS S 27 -22.78 90.09 67.20
N VAL S 28 -23.22 89.04 66.52
CA VAL S 28 -24.14 88.07 67.13
C VAL S 28 -23.58 86.66 67.06
N PRO S 29 -23.79 85.87 68.14
CA PRO S 29 -23.32 84.48 68.22
C PRO S 29 -24.25 83.43 67.62
N GLY S 30 -25.42 83.25 68.22
CA GLY S 30 -26.36 82.25 67.75
C GLY S 30 -27.08 82.51 66.44
N LEU S 31 -26.87 83.68 65.84
CA LEU S 31 -27.55 84.00 64.59
C LEU S 31 -26.91 83.30 63.40
N SER S 32 -27.55 82.21 62.97
CA SER S 32 -27.08 81.44 61.82
C SER S 32 -28.15 81.53 60.74
N PRO S 33 -28.17 82.63 59.99
CA PRO S 33 -29.15 82.88 58.92
C PRO S 33 -29.35 81.71 57.95
N GLU S 34 -28.25 81.04 57.60
CA GLU S 34 -28.32 79.91 56.67
C GLU S 34 -29.33 78.85 57.09
N ALA S 35 -29.35 78.52 58.38
CA ALA S 35 -30.27 77.51 58.90
C ALA S 35 -31.71 78.00 58.91
N LEU S 36 -31.94 79.15 59.53
CA LEU S 36 -33.29 79.72 59.61
C LEU S 36 -33.94 79.89 58.24
N TRP S 37 -33.16 80.31 57.25
CA TRP S 37 -33.69 80.51 55.91
C TRP S 37 -34.20 79.19 55.32
N ARG S 38 -33.56 78.09 55.72
CA ARG S 38 -33.96 76.78 55.24
C ARG S 38 -35.09 76.21 56.08
N GLU S 39 -35.07 76.51 57.38
CA GLU S 39 -36.12 76.04 58.27
C GLU S 39 -37.46 76.43 57.69
N ALA S 40 -37.56 77.68 57.26
CA ALA S 40 -38.79 78.19 56.65
C ALA S 40 -38.80 77.85 55.17
N ASN S 41 -39.63 76.88 54.80
CA ASN S 41 -39.73 76.47 53.40
C ASN S 41 -40.04 77.69 52.56
N VAL S 42 -38.98 78.36 52.12
CA VAL S 42 -39.10 79.56 51.31
C VAL S 42 -39.96 79.29 50.08
N THR S 43 -39.72 78.14 49.45
CA THR S 43 -40.45 77.77 48.25
C THR S 43 -41.68 76.92 48.55
N GLU S 44 -42.16 76.98 49.80
CA GLU S 44 -43.33 76.22 50.19
C GLU S 44 -44.51 76.60 49.29
N ASP S 45 -44.72 75.82 48.23
CA ASP S 45 -45.80 76.10 47.30
C ASP S 45 -47.00 76.63 48.08
N LEU S 46 -47.60 77.69 47.55
CA LEU S 46 -48.75 78.35 48.16
C LEU S 46 -49.79 77.43 48.78
N ALA S 47 -50.25 76.45 48.01
CA ALA S 47 -51.29 75.52 48.44
C ALA S 47 -51.05 74.71 49.72
N SER S 48 -49.99 73.91 49.74
CA SER S 48 -49.66 73.06 50.88
C SER S 48 -49.47 73.79 52.21
N MET S 49 -49.11 75.07 52.14
CA MET S 49 -48.89 75.88 53.33
C MET S 49 -50.00 75.72 54.36
N LEU S 50 -51.24 75.91 53.91
CA LEU S 50 -52.42 75.84 54.76
C LEU S 50 -52.53 74.59 55.64
N ASN S 51 -52.26 73.41 55.06
CA ASN S 51 -52.36 72.17 55.82
C ASN S 51 -51.51 72.21 57.09
N ARG S 52 -50.45 73.02 57.07
CA ARG S 52 -49.57 73.15 58.22
C ARG S 52 -50.05 74.22 59.20
N TYR S 53 -51.18 74.84 58.87
CA TYR S 53 -51.76 75.89 59.71
C TYR S 53 -53.16 75.51 60.16
N LYS S 54 -53.92 74.90 59.26
CA LYS S 54 -55.28 74.48 59.54
C LYS S 54 -55.23 73.20 60.38
N LEU S 55 -54.05 72.63 60.49
CA LEU S 55 -53.85 71.40 61.26
C LEU S 55 -53.16 71.75 62.57
N ILE S 56 -53.66 72.78 63.24
CA ILE S 56 -53.11 73.25 64.52
C ILE S 56 -54.22 73.83 65.40
N TYR S 57 -54.18 73.53 66.70
CA TYR S 57 -55.20 74.04 67.63
C TYR S 57 -55.33 75.55 67.49
N LYS S 58 -56.52 76.05 67.80
CA LYS S 58 -56.80 77.48 67.72
C LYS S 58 -57.48 77.94 69.01
N THR S 59 -56.81 78.83 69.73
CA THR S 59 -57.37 79.34 70.98
C THR S 59 -58.67 80.08 70.70
N SER S 60 -59.76 79.33 70.66
CA SER S 60 -61.10 79.87 70.38
C SER S 60 -61.41 81.06 71.28
N GLY S 61 -60.72 82.17 71.09
CA GLY S 61 -60.98 83.30 71.95
C GLY S 61 -59.86 83.39 72.94
N THR S 62 -59.09 84.46 72.80
CA THR S 62 -57.96 84.69 73.67
C THR S 62 -58.39 85.63 74.79
N LEU S 63 -58.67 85.06 75.95
CA LEU S 63 -59.11 85.85 77.09
C LEU S 63 -57.95 86.53 77.79
N GLY S 64 -58.09 87.84 77.98
CA GLY S 64 -57.06 88.62 78.64
C GLY S 64 -57.50 88.98 80.05
N ILE S 65 -56.54 89.20 80.94
CA ILE S 65 -56.84 89.55 82.32
C ILE S 65 -55.81 90.54 82.84
N ALA S 66 -56.28 91.49 83.66
CA ALA S 66 -55.40 92.50 84.24
C ALA S 66 -54.61 91.91 85.39
N LEU S 67 -53.29 91.82 85.23
CA LEU S 67 -52.43 91.26 86.26
C LEU S 67 -51.05 91.91 86.23
N ALA S 68 -50.61 92.42 87.38
CA ALA S 68 -49.30 93.06 87.49
C ALA S 68 -48.37 92.26 88.39
N GLU S 69 -47.12 92.11 87.95
CA GLU S 69 -46.11 91.36 88.69
C GLU S 69 -45.91 91.88 90.11
N PRO S 70 -45.78 90.96 91.08
CA PRO S 70 -45.55 91.32 92.49
C PRO S 70 -44.07 91.60 92.70
N VAL S 71 -43.75 92.65 93.46
CA VAL S 71 -42.36 92.98 93.73
C VAL S 71 -41.68 91.79 94.40
N ASP S 72 -40.87 91.08 93.64
CA ASP S 72 -40.16 89.90 94.16
C ASP S 72 -38.83 90.22 94.82
N ILE S 73 -37.79 90.37 94.01
CA ILE S 73 -36.46 90.66 94.52
C ILE S 73 -36.30 92.07 95.09
N PRO S 74 -35.82 92.18 96.33
CA PRO S 74 -35.62 93.48 96.98
C PRO S 74 -34.30 94.11 96.51
N ALA S 75 -34.28 95.43 96.37
CA ALA S 75 -33.08 96.14 95.94
C ALA S 75 -31.93 95.89 96.90
N VAL S 76 -30.73 95.70 96.35
CA VAL S 76 -29.55 95.46 97.17
C VAL S 76 -29.61 96.25 98.47
N SER S 77 -29.16 95.63 99.55
CA SER S 77 -29.18 96.26 100.87
C SER S 77 -28.05 97.27 101.08
N GLU S 78 -27.95 97.77 102.31
CA GLU S 78 -26.94 98.75 102.69
C GLU S 78 -25.54 98.44 102.18
N GLY S 79 -24.86 97.50 102.84
CA GLY S 79 -23.51 97.15 102.44
C GLY S 79 -23.34 95.75 101.90
N SER S 80 -24.38 95.23 101.24
CA SER S 80 -24.33 93.89 100.68
C SER S 80 -22.99 93.60 100.00
N MET S 81 -22.19 92.75 100.64
CA MET S 81 -20.89 92.37 100.12
C MET S 81 -21.06 91.86 98.69
N GLN S 82 -20.17 92.27 97.81
CA GLN S 82 -20.21 91.84 96.41
C GLN S 82 -19.78 90.38 96.34
N VAL S 83 -20.69 89.51 95.92
CA VAL S 83 -20.38 88.09 95.84
C VAL S 83 -20.66 87.46 94.48
N ASP S 84 -19.59 87.15 93.76
CA ASP S 84 -19.69 86.52 92.45
C ASP S 84 -19.85 85.02 92.67
N ALA S 85 -20.82 84.42 91.99
CA ALA S 85 -21.08 82.98 92.12
C ALA S 85 -19.90 82.12 91.65
N SER S 86 -19.20 82.60 90.63
CA SER S 86 -18.05 81.86 90.09
C SER S 86 -17.00 81.57 91.14
N LYS S 87 -16.07 82.50 91.32
CA LYS S 87 -15.00 82.35 92.29
C LYS S 87 -15.43 82.63 93.72
N VAL S 88 -16.23 81.73 94.28
CA VAL S 88 -16.71 81.88 95.64
C VAL S 88 -15.49 81.75 96.55
N HIS S 89 -14.77 82.87 96.71
CA HIS S 89 -13.56 82.92 97.53
C HIS S 89 -13.42 81.78 98.52
N PRO S 90 -12.28 81.08 98.50
CA PRO S 90 -12.01 79.95 99.39
C PRO S 90 -12.16 80.29 100.86
N GLY S 91 -12.42 81.56 101.15
CA GLY S 91 -12.59 81.99 102.52
C GLY S 91 -13.87 82.79 102.72
N VAL S 92 -14.47 82.65 103.89
CA VAL S 92 -15.70 83.37 104.20
C VAL S 92 -15.47 84.87 104.08
N ILE S 93 -16.55 85.63 103.94
CA ILE S 93 -16.43 87.08 103.81
C ILE S 93 -17.57 87.78 104.56
N SER S 94 -18.04 87.15 105.63
CA SER S 94 -19.12 87.70 106.43
C SER S 94 -19.42 86.86 107.66
N GLY S 95 -20.43 87.29 108.43
CA GLY S 95 -20.82 86.56 109.61
C GLY S 95 -22.17 85.90 109.37
N LEU S 96 -23.25 86.61 109.68
CA LEU S 96 -24.59 86.08 109.46
C LEU S 96 -25.59 87.22 109.31
N ASN S 97 -25.60 88.13 110.28
CA ASN S 97 -26.51 89.26 110.26
C ASN S 97 -26.11 90.36 109.28
N SER S 98 -24.87 90.30 108.79
CA SER S 98 -24.37 91.31 107.85
C SER S 98 -25.00 91.17 106.47
N PRO S 99 -25.22 92.29 105.78
CA PRO S 99 -25.81 92.33 104.44
C PRO S 99 -24.99 91.55 103.41
N ALA S 100 -25.67 90.91 102.48
CA ALA S 100 -25.01 90.13 101.44
C ALA S 100 -25.93 89.85 100.25
N CYS S 101 -25.35 89.87 99.05
CA CYS S 101 -26.09 89.61 97.83
C CYS S 101 -25.17 88.99 96.79
N MET S 102 -25.75 88.33 95.79
CA MET S 102 -24.97 87.69 94.73
C MET S 102 -25.17 88.34 93.37
N LEU S 103 -24.10 88.37 92.58
CA LEU S 103 -24.13 88.96 91.24
C LEU S 103 -24.95 88.08 90.30
N SER S 104 -25.86 88.72 89.57
CA SER S 104 -26.72 88.02 88.63
C SER S 104 -25.96 87.42 87.45
N ALA S 105 -25.09 88.22 86.86
CA ALA S 105 -24.29 87.78 85.71
C ALA S 105 -23.72 86.37 85.88
N PRO S 106 -23.05 86.11 87.02
CA PRO S 106 -22.47 84.78 87.25
C PRO S 106 -23.50 83.76 87.72
N LEU S 107 -24.35 84.15 88.65
CA LEU S 107 -25.38 83.27 89.20
C LEU S 107 -26.22 82.63 88.10
N GLU S 108 -26.69 83.46 87.16
CA GLU S 108 -27.52 82.98 86.06
C GLU S 108 -26.74 82.01 85.17
N LYS S 109 -25.55 82.43 84.75
CA LYS S 109 -24.73 81.58 83.89
C LYS S 109 -24.44 80.24 84.56
N GLN S 110 -24.54 80.21 85.89
CA GLN S 110 -24.30 78.98 86.63
C GLN S 110 -25.57 78.14 86.65
N LEU S 111 -26.71 78.80 86.83
CA LEU S 111 -27.99 78.10 86.86
C LEU S 111 -28.22 77.48 85.49
N PHE S 112 -28.24 78.32 84.46
CA PHE S 112 -28.46 77.86 83.09
C PHE S 112 -27.12 77.48 82.47
N TYR S 113 -26.44 76.54 83.11
CA TYR S 113 -25.15 76.06 82.65
C TYR S 113 -25.33 75.13 81.45
N TYR S 114 -26.43 74.38 81.48
CA TYR S 114 -26.74 73.44 80.40
C TYR S 114 -27.28 74.12 79.15
N ILE S 115 -26.98 73.56 77.99
CA ILE S 115 -27.43 74.10 76.71
C ILE S 115 -28.41 73.09 76.10
N GLY S 116 -29.37 73.55 75.30
CA GLY S 116 -30.31 72.59 74.74
C GLY S 116 -31.16 72.99 73.54
N THR S 117 -32.42 72.58 73.57
CA THR S 117 -33.35 72.86 72.49
C THR S 117 -34.75 73.12 73.04
N MET S 118 -35.10 74.40 73.21
CA MET S 118 -36.42 74.74 73.71
C MET S 118 -37.46 74.17 72.75
N LEU S 119 -37.12 74.16 71.47
CA LEU S 119 -38.01 73.66 70.43
C LEU S 119 -37.42 72.41 69.77
N PRO S 120 -37.96 71.23 70.12
CA PRO S 120 -37.50 69.94 69.57
C PRO S 120 -37.76 69.81 68.08
N ASN S 121 -37.50 68.62 67.54
CA ASN S 121 -37.72 68.36 66.13
C ASN S 121 -38.95 67.49 65.91
N THR S 122 -39.87 67.52 66.87
CA THR S 122 -41.10 66.74 66.77
C THR S 122 -41.98 67.38 65.71
N ARG S 123 -42.79 66.56 65.05
CA ARG S 123 -43.68 67.05 63.99
C ARG S 123 -44.44 68.32 64.34
N PRO S 124 -45.18 68.32 65.46
CA PRO S 124 -45.95 69.50 65.88
C PRO S 124 -45.18 70.82 65.93
N HIS S 125 -44.15 70.87 66.77
CA HIS S 125 -43.35 72.07 66.92
C HIS S 125 -42.63 72.51 65.64
N SER S 126 -42.02 71.56 64.95
CA SER S 126 -41.30 71.86 63.71
C SER S 126 -42.17 72.61 62.72
N TYR S 127 -43.48 72.57 62.92
CA TYR S 127 -44.41 73.25 62.03
C TYR S 127 -44.67 74.69 62.43
N VAL S 128 -44.53 75.00 63.72
CA VAL S 128 -44.80 76.35 64.20
C VAL S 128 -43.56 77.21 64.51
N PHE S 129 -42.72 76.74 65.42
CA PHE S 129 -41.53 77.50 65.82
C PHE S 129 -40.29 77.26 64.97
N TYR S 130 -39.32 78.17 65.12
CA TYR S 130 -38.05 78.10 64.42
C TYR S 130 -37.05 77.44 65.36
N GLN S 131 -36.47 76.31 64.94
CA GLN S 131 -35.50 75.61 65.76
C GLN S 131 -34.69 76.61 66.58
N LEU S 132 -34.72 76.47 67.89
CA LEU S 132 -34.01 77.39 68.79
C LEU S 132 -33.01 76.65 69.69
N ARG S 133 -31.91 77.32 70.00
CA ARG S 133 -30.88 76.74 70.86
C ARG S 133 -30.22 77.76 71.77
N CYS S 134 -30.45 77.62 73.07
CA CYS S 134 -29.88 78.52 74.07
C CYS S 134 -29.76 77.78 75.40
N HIS S 135 -29.07 78.39 76.35
CA HIS S 135 -28.89 77.81 77.67
C HIS S 135 -30.25 77.63 78.32
N LEU S 136 -30.49 76.48 78.94
CA LEU S 136 -31.77 76.19 79.58
C LEU S 136 -31.65 75.22 80.75
N SER S 137 -32.81 74.67 81.13
CA SER S 137 -32.92 73.72 82.22
C SER S 137 -34.32 73.11 82.13
N TYR S 138 -34.44 71.82 82.40
CA TYR S 138 -35.73 71.16 82.31
C TYR S 138 -36.12 70.31 83.52
N VAL S 139 -37.36 69.84 83.50
CA VAL S 139 -37.90 69.01 84.56
C VAL S 139 -38.47 67.75 83.90
N ALA S 140 -37.72 66.65 83.97
CA ALA S 140 -38.15 65.40 83.37
C ALA S 140 -39.21 64.66 84.18
N LEU S 141 -40.11 63.99 83.48
CA LEU S 141 -41.18 63.24 84.12
C LEU S 141 -41.55 61.99 83.31
N SER S 142 -41.84 60.90 84.00
CA SER S 142 -42.21 59.66 83.34
C SER S 142 -43.17 58.83 84.20
N ILE S 143 -44.40 58.69 83.73
CA ILE S 143 -45.43 57.93 84.43
C ILE S 143 -45.93 56.79 83.55
N ASN S 144 -46.68 55.86 84.14
CA ASN S 144 -47.23 54.73 83.41
C ASN S 144 -46.16 54.02 82.58
N GLY S 145 -44.91 54.08 83.03
CA GLY S 145 -43.83 53.43 82.33
C GLY S 145 -43.59 53.96 80.92
N ASP S 146 -43.06 55.18 80.83
CA ASP S 146 -42.77 55.81 79.55
C ASP S 146 -43.97 55.88 78.60
N LYS S 147 -45.15 55.60 79.11
CA LYS S 147 -46.36 55.68 78.28
C LYS S 147 -46.89 57.10 78.32
N PHE S 148 -46.36 57.88 79.26
CA PHE S 148 -46.73 59.27 79.43
C PHE S 148 -45.54 60.01 80.02
N GLN S 149 -45.25 61.19 79.50
CA GLN S 149 -44.12 61.97 79.99
C GLN S 149 -44.31 63.47 79.81
N TYR S 150 -43.71 64.23 80.72
CA TYR S 150 -43.78 65.70 80.70
C TYR S 150 -42.38 66.28 80.76
N THR S 151 -42.18 67.43 80.13
CA THR S 151 -40.88 68.08 80.11
C THR S 151 -40.99 69.57 80.41
N GLY S 152 -40.39 69.99 81.51
CA GLY S 152 -40.43 71.39 81.88
C GLY S 152 -39.27 72.17 81.31
N ALA S 153 -39.27 72.35 79.99
CA ALA S 153 -38.20 73.07 79.32
C ALA S 153 -38.35 74.56 79.58
N MET S 154 -37.29 75.18 80.10
CA MET S 154 -37.33 76.60 80.40
C MET S 154 -36.00 77.31 80.22
N THR S 155 -36.05 78.56 79.79
CA THR S 155 -34.87 79.38 79.61
C THR S 155 -35.01 80.59 80.51
N SER S 156 -34.03 81.49 80.48
CA SER S 156 -34.06 82.67 81.33
C SER S 156 -35.17 83.64 80.93
N LYS S 157 -35.85 83.37 79.82
CA LYS S 157 -36.92 84.26 79.37
C LYS S 157 -38.31 83.64 79.27
N PHE S 158 -38.39 82.34 78.97
CA PHE S 158 -39.69 81.70 78.85
C PHE S 158 -39.69 80.21 79.14
N LEU S 159 -40.84 79.70 79.54
CA LEU S 159 -41.03 78.28 79.85
C LEU S 159 -41.89 77.64 78.77
N MET S 160 -41.66 76.37 78.49
CA MET S 160 -42.44 75.67 77.48
C MET S 160 -42.51 74.17 77.78
N GLY S 161 -43.48 73.80 78.58
CA GLY S 161 -43.66 72.39 78.93
C GLY S 161 -44.44 71.65 77.86
N THR S 162 -44.13 70.38 77.67
CA THR S 162 -44.81 69.58 76.65
C THR S 162 -45.32 68.27 77.23
N TYR S 163 -46.56 67.92 76.89
CA TYR S 163 -47.15 66.67 77.34
C TYR S 163 -47.02 65.63 76.24
N LYS S 164 -46.85 64.38 76.63
CA LYS S 164 -46.68 63.31 75.66
C LYS S 164 -47.27 61.99 76.14
N ARG S 165 -48.30 61.52 75.46
CA ARG S 165 -48.96 60.28 75.82
C ARG S 165 -48.84 59.28 74.67
N VAL S 166 -49.10 58.00 74.96
CA VAL S 166 -49.02 56.96 73.94
C VAL S 166 -50.12 55.92 74.10
N THR S 167 -50.93 55.77 73.07
CA THR S 167 -52.01 54.79 73.08
C THR S 167 -51.36 53.41 73.02
N GLU S 168 -52.17 52.36 73.06
CA GLU S 168 -51.63 51.01 73.01
C GLU S 168 -50.71 50.85 71.80
N LYS S 169 -51.04 51.55 70.72
CA LYS S 169 -50.25 51.50 69.49
C LYS S 169 -49.14 52.55 69.54
N GLY S 170 -48.35 52.62 68.48
CA GLY S 170 -47.27 53.59 68.41
C GLY S 170 -47.77 55.01 68.31
N ASP S 171 -49.03 55.22 68.65
CA ASP S 171 -49.63 56.56 68.61
C ASP S 171 -48.96 57.49 69.60
N GLU S 172 -48.49 58.63 69.10
CA GLU S 172 -47.81 59.61 69.95
C GLU S 172 -48.55 60.95 69.92
N HIS S 173 -49.20 61.27 71.04
CA HIS S 173 -49.94 62.52 71.15
C HIS S 173 -49.17 63.53 71.99
N VAL S 174 -49.06 64.75 71.46
CA VAL S 174 -48.34 65.81 72.16
C VAL S 174 -49.06 67.16 72.15
N LEU S 175 -48.95 67.86 73.27
CA LEU S 175 -49.56 69.17 73.46
C LEU S 175 -48.69 69.92 74.45
N SER S 176 -48.34 71.17 74.14
CA SER S 176 -47.49 71.95 75.03
C SER S 176 -48.04 73.33 75.39
N LEU S 177 -47.55 73.86 76.50
CA LEU S 177 -47.94 75.17 77.00
C LEU S 177 -46.72 76.07 77.06
N VAL S 178 -46.87 77.32 76.63
CA VAL S 178 -45.76 78.26 76.64
C VAL S 178 -46.08 79.48 77.51
N PHE S 179 -45.27 79.70 78.54
CA PHE S 179 -45.47 80.83 79.44
C PHE S 179 -44.27 81.76 79.43
N GLY S 180 -44.54 83.05 79.64
CA GLY S 180 -43.46 84.03 79.66
C GLY S 180 -43.93 85.39 79.17
N LYS S 181 -43.06 86.38 79.27
CA LYS S 181 -43.38 87.73 78.82
C LYS S 181 -43.66 87.73 77.33
N THR S 182 -44.83 88.22 76.95
CA THR S 182 -45.25 88.27 75.55
C THR S 182 -44.13 88.71 74.60
N LYS S 183 -43.27 89.62 75.07
CA LYS S 183 -42.17 90.11 74.25
C LYS S 183 -41.06 89.09 74.03
N ASP S 184 -41.02 88.07 74.88
CA ASP S 184 -39.98 87.06 74.79
C ASP S 184 -40.36 85.75 74.09
N LEU S 185 -41.63 85.61 73.73
CA LEU S 185 -42.08 84.40 73.04
C LEU S 185 -41.24 84.12 71.80
N PRO S 186 -40.93 82.84 71.54
CA PRO S 186 -40.13 82.42 70.38
C PRO S 186 -40.63 83.03 69.07
N ASP S 187 -39.87 82.78 67.99
CA ASP S 187 -40.23 83.30 66.69
C ASP S 187 -41.11 82.30 65.93
N LEU S 188 -42.25 82.78 65.45
CA LEU S 188 -43.18 81.92 64.71
C LEU S 188 -42.69 81.77 63.27
N ARG S 189 -42.82 80.57 62.72
CA ARG S 189 -42.37 80.28 61.36
C ARG S 189 -43.37 80.66 60.28
N GLY S 190 -44.09 79.67 59.76
CA GLY S 190 -45.05 79.93 58.71
C GLY S 190 -46.11 80.94 59.09
N PRO S 191 -47.25 80.95 58.37
CA PRO S 191 -48.37 81.86 58.61
C PRO S 191 -49.00 81.62 59.98
N PHE S 192 -48.26 82.01 61.02
CA PHE S 192 -48.71 81.84 62.39
C PHE S 192 -48.68 83.16 63.14
N SER S 193 -49.72 83.38 63.95
CA SER S 193 -49.82 84.59 64.74
C SER S 193 -50.16 84.20 66.18
N TYR S 194 -49.30 84.58 67.10
CA TYR S 194 -49.48 84.26 68.51
C TYR S 194 -50.89 84.46 69.06
N PRO S 195 -51.59 85.53 68.63
CA PRO S 195 -52.94 85.73 69.15
C PRO S 195 -53.85 84.52 68.96
N SER S 196 -53.81 83.92 67.78
CA SER S 196 -54.63 82.74 67.49
C SER S 196 -54.04 81.49 68.13
N LEU S 197 -53.12 81.70 69.07
CA LEU S 197 -52.47 80.60 69.77
C LEU S 197 -52.33 80.90 71.25
N THR S 198 -52.55 82.15 71.62
CA THR S 198 -52.46 82.58 73.02
C THR S 198 -53.79 82.30 73.71
N SER S 199 -53.71 81.73 74.92
CA SER S 199 -54.92 81.42 75.67
C SER S 199 -55.24 82.47 76.71
N ALA S 200 -54.21 83.02 77.34
CA ALA S 200 -54.38 84.05 78.36
C ALA S 200 -53.32 85.13 78.18
N GLN S 201 -53.71 86.40 78.32
CA GLN S 201 -52.76 87.48 78.15
C GLN S 201 -52.89 88.62 79.14
N SER S 202 -51.75 89.04 79.68
CA SER S 202 -51.71 90.14 80.64
C SER S 202 -51.19 91.35 79.86
N GLY S 203 -50.72 92.36 80.58
CA GLY S 203 -50.18 93.53 79.91
C GLY S 203 -48.87 93.21 79.24
N ASP S 204 -48.24 92.12 79.66
CA ASP S 204 -46.96 91.70 79.10
C ASP S 204 -46.68 90.21 79.28
N TYR S 205 -47.71 89.45 79.63
CA TYR S 205 -47.55 88.00 79.82
C TYR S 205 -48.55 87.20 78.98
N SER S 206 -48.10 86.06 78.47
CA SER S 206 -48.95 85.22 77.65
C SER S 206 -48.82 83.73 77.94
N LEU S 207 -49.86 82.98 77.57
CA LEU S 207 -49.90 81.54 77.77
C LEU S 207 -50.35 80.92 76.44
N VAL S 208 -49.39 80.37 75.71
CA VAL S 208 -49.66 79.78 74.40
C VAL S 208 -49.91 78.28 74.43
N ILE S 209 -50.78 77.81 73.55
CA ILE S 209 -51.11 76.40 73.44
C ILE S 209 -50.70 75.89 72.06
N VAL S 210 -49.56 75.22 72.00
CA VAL S 210 -49.06 74.68 70.74
C VAL S 210 -49.38 73.19 70.64
N THR S 211 -50.28 72.85 69.70
CA THR S 211 -50.69 71.47 69.50
C THR S 211 -51.58 71.36 68.26
N THR S 212 -51.76 70.14 67.78
CA THR S 212 -52.60 69.91 66.60
C THR S 212 -54.02 69.57 67.06
N PHE S 213 -54.99 69.77 66.18
CA PHE S 213 -56.37 69.44 66.50
C PHE S 213 -56.49 67.97 66.81
N VAL S 214 -55.80 67.15 66.02
CA VAL S 214 -55.81 65.71 66.20
C VAL S 214 -55.42 65.37 67.63
N HIS S 215 -54.38 66.03 68.13
CA HIS S 215 -53.91 65.79 69.49
C HIS S 215 -54.81 66.38 70.56
N TYR S 216 -55.14 67.67 70.40
CA TYR S 216 -56.00 68.35 71.37
C TYR S 216 -57.22 67.51 71.75
N ALA S 217 -57.68 66.70 70.81
CA ALA S 217 -58.85 65.86 71.04
C ALA S 217 -58.54 64.77 72.08
N ASN S 218 -57.53 63.95 71.78
CA ASN S 218 -57.13 62.87 72.67
C ASN S 218 -56.79 63.37 74.07
N PHE S 219 -56.35 64.63 74.15
CA PHE S 219 -55.99 65.23 75.43
C PHE S 219 -57.17 65.82 76.19
N HIS S 220 -58.06 66.48 75.46
CA HIS S 220 -59.24 67.10 76.08
C HIS S 220 -60.11 66.08 76.81
N ASN S 221 -59.85 64.80 76.60
CA ASN S 221 -60.62 63.75 77.25
C ASN S 221 -60.26 63.60 78.73
N TYR S 222 -59.05 63.98 79.09
CA TYR S 222 -58.60 63.86 80.48
C TYR S 222 -57.83 65.07 80.97
N PHE S 223 -57.70 66.09 80.12
CA PHE S 223 -56.97 67.29 80.49
C PHE S 223 -57.67 68.57 80.10
N VAL S 224 -58.39 69.16 81.05
CA VAL S 224 -59.11 70.41 80.83
C VAL S 224 -58.61 71.39 81.88
N PRO S 225 -57.39 71.94 81.69
CA PRO S 225 -56.78 72.89 82.61
C PRO S 225 -57.55 74.20 82.76
N ASN S 226 -57.49 74.76 83.96
CA ASN S 226 -58.16 76.02 84.25
C ASN S 226 -57.21 77.16 83.92
N LEU S 227 -56.83 77.23 82.64
CA LEU S 227 -55.90 78.23 82.14
C LEU S 227 -56.04 79.57 82.87
N LYS S 228 -57.27 79.97 83.17
CA LYS S 228 -57.52 81.23 83.85
C LYS S 228 -56.71 81.37 85.15
N ASP S 229 -57.13 80.67 86.19
CA ASP S 229 -56.45 80.72 87.48
C ASP S 229 -55.01 80.25 87.37
N MET S 230 -54.79 79.20 86.60
CA MET S 230 -53.45 78.66 86.41
C MET S 230 -52.49 79.71 85.88
N PHE S 231 -53.01 80.62 85.06
CA PHE S 231 -52.20 81.69 84.47
C PHE S 231 -51.98 82.81 85.47
N SER S 232 -53.08 83.34 86.03
CA SER S 232 -53.01 84.43 86.99
C SER S 232 -52.03 84.13 88.11
N ARG S 233 -52.27 83.02 88.80
CA ARG S 233 -51.42 82.60 89.92
C ARG S 233 -49.95 82.50 89.49
N ALA S 234 -49.73 82.15 88.23
CA ALA S 234 -48.37 82.03 87.70
C ALA S 234 -47.76 83.38 87.35
N VAL S 235 -48.56 84.43 87.46
CA VAL S 235 -48.09 85.78 87.16
C VAL S 235 -48.05 86.64 88.42
N THR S 236 -49.21 86.78 89.06
CA THR S 236 -49.30 87.58 90.29
C THR S 236 -49.05 86.73 91.52
N MET S 237 -47.76 86.51 91.83
CA MET S 237 -47.38 85.73 92.98
C MET S 237 -45.87 85.63 93.08
N THR S 238 -45.33 86.04 94.23
CA THR S 238 -43.90 86.01 94.46
C THR S 238 -43.34 84.60 94.24
N ALA S 239 -42.12 84.53 93.73
CA ALA S 239 -41.46 83.26 93.45
C ALA S 239 -41.58 82.27 94.59
N ALA S 240 -41.07 82.66 95.77
CA ALA S 240 -41.11 81.80 96.94
C ALA S 240 -42.52 81.28 97.22
N SER S 241 -43.51 82.16 97.16
CA SER S 241 -44.90 81.77 97.41
C SER S 241 -45.40 80.73 96.42
N TYR S 242 -45.22 81.01 95.13
CA TYR S 242 -45.66 80.09 94.09
C TYR S 242 -45.03 78.72 94.30
N ALA S 243 -43.77 78.70 94.71
CA ALA S 243 -43.05 77.47 94.96
C ALA S 243 -43.76 76.60 95.98
N ARG S 244 -44.24 77.22 97.05
CA ARG S 244 -44.94 76.48 98.10
C ARG S 244 -46.37 76.14 97.69
N TYR S 245 -47.02 77.07 97.00
CA TYR S 245 -48.39 76.83 96.53
C TYR S 245 -48.40 75.49 95.78
N VAL S 246 -47.32 75.25 95.05
CA VAL S 246 -47.17 74.02 94.28
C VAL S 246 -46.80 72.87 95.21
N LEU S 247 -45.84 73.12 96.09
CA LEU S 247 -45.39 72.11 97.04
C LEU S 247 -46.60 71.55 97.79
N GLN S 248 -47.51 72.44 98.18
CA GLN S 248 -48.71 72.05 98.90
C GLN S 248 -49.64 71.25 98.00
N LYS S 249 -49.82 71.73 96.76
CA LYS S 249 -50.67 71.05 95.81
C LYS S 249 -50.24 69.60 95.66
N LEU S 250 -48.93 69.37 95.67
CA LEU S 250 -48.38 68.03 95.54
C LEU S 250 -48.69 67.22 96.79
N VAL S 251 -48.44 67.80 97.96
CA VAL S 251 -48.70 67.13 99.22
C VAL S 251 -50.12 66.57 99.21
N LEU S 252 -51.05 67.37 98.71
CA LEU S 252 -52.45 66.97 98.61
C LEU S 252 -52.55 65.71 97.77
N LEU S 253 -52.01 65.76 96.56
CA LEU S 253 -52.02 64.63 95.66
C LEU S 253 -51.37 63.41 96.32
N GLU S 254 -50.40 63.65 97.18
CA GLU S 254 -49.71 62.57 97.87
C GLU S 254 -50.69 61.89 98.82
N MET S 255 -51.43 62.70 99.57
CA MET S 255 -52.41 62.16 100.50
C MET S 255 -53.55 61.51 99.73
N LYS S 256 -53.64 61.81 98.44
CA LYS S 256 -54.68 61.24 97.58
C LYS S 256 -54.16 59.94 96.98
N GLY S 257 -52.97 59.52 97.40
CA GLY S 257 -52.38 58.30 96.89
C GLY S 257 -51.87 58.44 95.47
N GLY S 258 -51.95 59.65 94.94
CA GLY S 258 -51.48 59.89 93.59
C GLY S 258 -49.99 59.73 93.42
N CYS S 259 -49.31 59.24 94.45
CA CYS S 259 -47.86 59.05 94.37
C CYS S 259 -47.47 57.59 94.24
N ARG S 260 -48.46 56.72 94.08
CA ARG S 260 -48.25 55.29 93.92
C ARG S 260 -49.25 54.81 92.87
N GLU S 261 -50.26 55.65 92.67
CA GLU S 261 -51.32 55.41 91.69
C GLU S 261 -51.46 56.71 90.89
N PRO S 262 -50.34 57.20 90.33
CA PRO S 262 -50.31 58.45 89.54
C PRO S 262 -51.48 58.58 88.60
N GLU S 263 -52.51 59.29 89.06
CA GLU S 263 -53.71 59.51 88.26
C GLU S 263 -53.44 60.51 87.14
N LEU S 264 -53.81 60.13 85.92
CA LEU S 264 -53.63 61.00 84.77
C LEU S 264 -54.87 61.88 84.59
N ASP S 265 -55.04 62.83 85.49
CA ASP S 265 -56.18 63.73 85.45
C ASP S 265 -55.76 65.20 85.33
N THR S 266 -56.73 66.07 85.16
CA THR S 266 -56.48 67.50 85.03
C THR S 266 -55.64 68.03 86.17
N GLU S 267 -56.03 67.71 87.39
CA GLU S 267 -55.32 68.17 88.59
C GLU S 267 -53.85 67.76 88.56
N THR S 268 -53.60 66.46 88.44
CA THR S 268 -52.24 65.93 88.42
C THR S 268 -51.40 66.55 87.31
N LEU S 269 -51.98 66.65 86.12
CA LEU S 269 -51.28 67.22 84.98
C LEU S 269 -51.03 68.71 85.17
N THR S 270 -52.02 69.41 85.72
CA THR S 270 -51.91 70.84 85.97
C THR S 270 -50.72 71.14 86.88
N THR S 271 -50.71 70.49 88.04
CA THR S 271 -49.64 70.68 89.02
C THR S 271 -48.27 70.56 88.36
N MET S 272 -48.12 69.58 87.47
CA MET S 272 -46.87 69.36 86.76
C MET S 272 -46.35 70.66 86.15
N PHE S 273 -47.14 71.25 85.26
CA PHE S 273 -46.77 72.48 84.60
C PHE S 273 -46.43 73.57 85.62
N GLU S 274 -47.23 73.67 86.66
CA GLU S 274 -47.00 74.67 87.70
C GLU S 274 -45.69 74.38 88.44
N VAL S 275 -45.34 73.10 88.53
CA VAL S 275 -44.10 72.70 89.19
C VAL S 275 -42.91 73.28 88.46
N SER S 276 -42.99 73.29 87.12
CA SER S 276 -41.92 73.82 86.30
C SER S 276 -41.98 75.34 86.29
N VAL S 277 -43.18 75.89 86.40
CA VAL S 277 -43.36 77.34 86.41
C VAL S 277 -42.73 77.88 87.69
N ALA S 278 -42.83 77.12 88.77
CA ALA S 278 -42.25 77.51 90.04
C ALA S 278 -40.75 77.67 89.88
N PHE S 279 -40.14 76.74 89.15
CA PHE S 279 -38.71 76.79 88.90
C PHE S 279 -38.39 77.93 87.93
N PHE S 280 -39.26 78.10 86.93
CA PHE S 280 -39.08 79.15 85.94
C PHE S 280 -39.12 80.52 86.61
N LYS S 281 -40.10 80.72 87.49
CA LYS S 281 -40.25 81.98 88.21
C LYS S 281 -38.93 82.44 88.81
N VAL S 282 -38.27 81.54 89.53
CA VAL S 282 -36.99 81.85 90.17
C VAL S 282 -35.94 82.25 89.15
N GLY S 283 -35.88 81.50 88.05
CA GLY S 283 -34.91 81.79 87.01
C GLY S 283 -35.20 83.10 86.29
N HIS S 284 -36.49 83.38 86.09
CA HIS S 284 -36.89 84.60 85.41
C HIS S 284 -36.68 85.82 86.30
N ALA S 285 -36.55 85.56 87.61
CA ALA S 285 -36.33 86.63 88.58
C ALA S 285 -34.89 87.12 88.47
N VAL S 286 -33.95 86.19 88.61
CA VAL S 286 -32.53 86.52 88.53
C VAL S 286 -32.22 87.09 87.15
N GLY S 287 -33.09 86.79 86.18
CA GLY S 287 -32.89 87.27 84.82
C GLY S 287 -33.21 88.74 84.67
N GLU S 288 -34.41 89.14 85.07
CA GLU S 288 -34.84 90.52 84.97
C GLU S 288 -33.78 91.48 85.51
N THR S 289 -33.16 91.11 86.62
CA THR S 289 -32.14 91.93 87.23
C THR S 289 -30.74 91.57 86.76
N GLY S 290 -30.50 91.74 85.45
CA GLY S 290 -29.20 91.44 84.89
C GLY S 290 -28.15 92.39 85.42
N ASN S 291 -26.96 91.87 85.70
CA ASN S 291 -25.87 92.68 86.23
C ASN S 291 -26.28 93.40 87.51
N GLY S 292 -27.24 92.82 88.22
CA GLY S 292 -27.69 93.41 89.47
C GLY S 292 -27.21 92.55 90.62
N CYS S 293 -27.94 92.54 91.72
CA CYS S 293 -27.54 91.73 92.87
C CYS S 293 -28.75 91.29 93.68
N VAL S 294 -28.90 89.98 93.85
CA VAL S 294 -30.00 89.43 94.61
C VAL S 294 -29.59 89.22 96.07
N ASP S 295 -30.40 89.74 96.98
CA ASP S 295 -30.11 89.62 98.40
C ASP S 295 -30.05 88.14 98.79
N LEU S 296 -29.07 87.80 99.62
CA LEU S 296 -28.89 86.42 100.04
C LEU S 296 -30.10 85.88 100.78
N ARG S 297 -30.84 86.75 101.46
CA ARG S 297 -32.03 86.32 102.19
C ARG S 297 -33.04 85.82 101.18
N TRP S 298 -33.12 86.51 100.05
CA TRP S 298 -34.05 86.15 98.99
C TRP S 298 -33.78 84.75 98.46
N LEU S 299 -32.52 84.48 98.16
CA LEU S 299 -32.12 83.18 97.62
C LEU S 299 -32.35 82.09 98.67
N ALA S 300 -31.80 82.29 99.86
CA ALA S 300 -31.94 81.33 100.95
C ALA S 300 -33.40 80.90 101.13
N LYS S 301 -34.32 81.80 100.78
CA LYS S 301 -35.74 81.50 100.90
C LYS S 301 -36.31 80.92 99.61
N SER S 302 -36.04 81.59 98.50
CA SER S 302 -36.52 81.14 97.19
C SER S 302 -35.93 79.79 96.79
N PHE S 303 -34.61 79.71 96.80
CA PHE S 303 -33.91 78.47 96.43
C PHE S 303 -34.22 77.33 97.39
N PHE S 304 -34.70 77.65 98.58
CA PHE S 304 -35.05 76.64 99.57
C PHE S 304 -36.31 75.92 99.12
N GLU S 305 -37.35 76.70 98.82
CA GLU S 305 -38.62 76.16 98.37
C GLU S 305 -38.43 75.26 97.16
N LEU S 306 -37.36 75.51 96.41
CA LEU S 306 -37.05 74.71 95.23
C LEU S 306 -36.43 73.38 95.60
N THR S 307 -35.50 73.42 96.55
CA THR S 307 -34.83 72.20 97.00
C THR S 307 -35.86 71.24 97.59
N VAL S 308 -36.71 71.76 98.46
CA VAL S 308 -37.76 70.95 99.08
C VAL S 308 -38.72 70.46 98.01
N LEU S 309 -38.96 71.30 97.00
CA LEU S 309 -39.86 70.95 95.91
C LEU S 309 -39.29 69.81 95.08
N LYS S 310 -38.03 69.93 94.69
CA LYS S 310 -37.36 68.91 93.89
C LYS S 310 -37.44 67.51 94.51
N ASP S 311 -37.34 67.45 95.84
CA ASP S 311 -37.38 66.17 96.53
C ASP S 311 -38.73 65.47 96.43
N ILE S 312 -39.80 66.18 96.74
CA ILE S 312 -41.14 65.60 96.67
C ILE S 312 -41.46 65.21 95.23
N ILE S 313 -40.98 66.00 94.28
CA ILE S 313 -41.21 65.73 92.86
C ILE S 313 -40.53 64.42 92.49
N GLY S 314 -39.42 64.11 93.17
CA GLY S 314 -38.70 62.88 92.89
C GLY S 314 -39.23 61.69 93.66
N ILE S 315 -39.56 61.91 94.93
CA ILE S 315 -40.08 60.84 95.77
C ILE S 315 -41.40 60.32 95.21
N CYS S 316 -42.24 61.23 94.73
CA CYS S 316 -43.53 60.88 94.16
C CYS S 316 -43.34 60.29 92.77
N TYR S 317 -42.93 61.13 91.83
CA TYR S 317 -42.71 60.69 90.45
C TYR S 317 -41.22 60.53 90.20
N GLY S 318 -40.87 59.65 89.27
CA GLY S 318 -39.47 59.45 88.95
C GLY S 318 -39.01 60.63 88.13
N ALA S 319 -39.40 61.83 88.56
CA ALA S 319 -39.04 63.06 87.87
C ALA S 319 -37.66 63.55 88.27
N THR S 320 -36.99 64.22 87.35
CA THR S 320 -35.65 64.75 87.60
C THR S 320 -35.63 66.24 87.27
N VAL S 321 -34.69 66.95 87.88
CA VAL S 321 -34.55 68.39 87.66
C VAL S 321 -33.07 68.74 87.52
N LYS S 322 -32.74 69.53 86.50
CA LYS S 322 -31.36 69.93 86.28
C LYS S 322 -31.29 71.25 85.53
N GLY S 323 -30.41 72.13 85.98
CA GLY S 323 -30.25 73.42 85.34
C GLY S 323 -30.79 74.56 86.17
N MET S 324 -31.02 74.31 87.46
CA MET S 324 -31.52 75.36 88.35
C MET S 324 -30.76 75.44 89.65
N GLN S 325 -29.75 74.58 89.81
CA GLN S 325 -28.92 74.62 91.00
C GLN S 325 -27.73 75.48 90.61
N SER S 326 -26.89 75.82 91.59
CA SER S 326 -25.71 76.63 91.34
C SER S 326 -24.70 76.34 92.44
N TYR S 327 -23.63 75.63 92.09
CA TYR S 327 -22.61 75.27 93.07
C TYR S 327 -22.05 76.48 93.81
N GLY S 328 -22.17 77.65 93.20
CA GLY S 328 -21.67 78.86 93.82
C GLY S 328 -22.48 79.21 95.07
N LEU S 329 -23.78 79.43 94.86
CA LEU S 329 -24.68 79.77 95.95
C LEU S 329 -24.57 78.76 97.09
N GLU S 330 -24.28 77.52 96.75
CA GLU S 330 -24.15 76.46 97.75
C GLU S 330 -22.88 76.63 98.56
N ARG S 331 -21.76 76.91 97.90
CA ARG S 331 -20.50 77.10 98.59
C ARG S 331 -20.60 78.32 99.51
N LEU S 332 -21.26 79.36 99.02
CA LEU S 332 -21.43 80.59 99.79
C LEU S 332 -22.23 80.28 101.05
N ALA S 333 -23.39 79.68 100.87
CA ALA S 333 -24.26 79.34 102.00
C ALA S 333 -23.51 78.44 102.97
N ALA S 334 -22.79 77.45 102.45
CA ALA S 334 -22.02 76.52 103.26
C ALA S 334 -21.02 77.27 104.13
N MET S 335 -20.19 78.10 103.50
CA MET S 335 -19.18 78.87 104.23
C MET S 335 -19.80 79.76 105.30
N LEU S 336 -20.83 80.52 104.92
CA LEU S 336 -21.50 81.41 105.85
C LEU S 336 -21.92 80.68 107.12
N MET S 337 -22.60 79.55 106.96
CA MET S 337 -23.05 78.76 108.09
C MET S 337 -21.91 78.30 108.99
N ALA S 338 -20.81 77.89 108.36
CA ALA S 338 -19.64 77.42 109.10
C ALA S 338 -19.11 78.47 110.05
N THR S 339 -19.55 79.71 109.90
CA THR S 339 -19.10 80.79 110.77
C THR S 339 -20.20 81.33 111.68
N VAL S 340 -20.83 80.45 112.44
CA VAL S 340 -21.89 80.87 113.35
C VAL S 340 -22.05 79.91 114.53
N LYS S 341 -22.37 80.46 115.69
CA LYS S 341 -22.57 79.66 116.90
C LYS S 341 -23.80 78.77 116.69
N MET S 342 -23.60 77.63 116.06
CA MET S 342 -24.67 76.70 115.78
C MET S 342 -25.36 76.18 117.04
N GLU S 343 -24.56 75.70 118.00
CA GLU S 343 -25.09 75.16 119.24
C GLU S 343 -25.87 76.19 120.05
N GLU S 344 -25.98 77.42 119.53
CA GLU S 344 -26.69 78.48 120.22
C GLU S 344 -27.67 79.18 119.28
N LEU S 345 -27.99 78.52 118.17
CA LEU S 345 -28.92 79.08 117.19
C LEU S 345 -30.32 79.23 117.77
N GLY S 346 -30.70 78.29 118.64
CA GLY S 346 -32.02 78.34 119.24
C GLY S 346 -32.27 79.59 120.07
N HIS S 347 -31.22 80.13 120.65
CA HIS S 347 -31.33 81.33 121.48
C HIS S 347 -31.43 82.59 120.64
N LEU S 348 -31.44 82.41 119.32
CA LEU S 348 -31.52 83.54 118.40
C LEU S 348 -32.97 83.93 118.13
N THR S 349 -33.17 84.96 117.33
CA THR S 349 -34.51 85.44 117.00
C THR S 349 -35.20 84.53 115.98
N THR S 350 -36.50 84.77 115.78
CA THR S 350 -37.29 83.98 114.85
C THR S 350 -36.88 84.18 113.39
N GLU S 351 -37.03 85.40 112.89
CA GLU S 351 -36.67 85.70 111.50
C GLU S 351 -35.26 85.21 111.19
N LYS S 352 -34.34 85.44 112.12
CA LYS S 352 -32.96 85.02 111.94
C LYS S 352 -32.83 83.50 111.98
N GLN S 353 -33.71 82.87 112.77
CA GLN S 353 -33.69 81.42 112.91
C GLN S 353 -34.05 80.73 111.59
N GLU S 354 -35.08 81.22 110.93
CA GLU S 354 -35.49 80.65 109.65
C GLU S 354 -34.33 80.79 108.67
N TYR S 355 -33.98 82.04 108.37
CA TYR S 355 -32.88 82.34 107.45
C TYR S 355 -31.69 81.42 107.69
N ALA S 356 -31.39 81.17 108.96
CA ALA S 356 -30.27 80.31 109.33
C ALA S 356 -30.48 78.90 108.79
N LEU S 357 -31.46 78.19 109.35
CA LEU S 357 -31.77 76.83 108.92
C LEU S 357 -32.08 76.79 107.43
N ARG S 358 -32.81 77.80 106.97
CA ARG S 358 -33.20 77.90 105.57
C ARG S 358 -32.01 77.70 104.63
N LEU S 359 -31.05 78.61 104.70
CA LEU S 359 -29.87 78.54 103.84
C LEU S 359 -29.00 77.33 104.20
N ALA S 360 -29.18 76.81 105.41
CA ALA S 360 -28.42 75.66 105.87
C ALA S 360 -28.74 74.46 104.99
N THR S 361 -29.97 74.44 104.47
CA THR S 361 -30.43 73.37 103.60
C THR S 361 -29.84 73.52 102.21
N VAL S 362 -29.80 74.76 101.72
CA VAL S 362 -29.28 75.08 100.40
C VAL S 362 -27.80 74.74 100.24
N GLY S 363 -27.01 74.99 101.28
CA GLY S 363 -25.59 74.73 101.20
C GLY S 363 -25.10 73.39 101.74
N TYR S 364 -26.00 72.63 102.36
CA TYR S 364 -25.64 71.33 102.92
C TYR S 364 -24.78 70.48 101.97
N PRO S 365 -25.17 70.38 100.69
CA PRO S 365 -24.45 69.59 99.70
C PRO S 365 -22.97 69.93 99.48
N LYS S 366 -22.72 71.01 98.73
CA LYS S 366 -21.37 71.46 98.40
C LYS S 366 -20.34 71.50 99.54
N ALA S 367 -20.80 71.66 100.78
CA ALA S 367 -19.87 71.71 101.89
C ALA S 367 -20.55 71.43 103.23
N GLY S 368 -19.75 71.11 104.24
CA GLY S 368 -20.29 70.83 105.56
C GLY S 368 -20.28 69.35 105.91
N VAL S 369 -19.19 68.68 105.59
CA VAL S 369 -19.06 67.25 105.89
C VAL S 369 -18.67 67.09 107.37
N TYR S 370 -18.23 68.18 107.97
CA TYR S 370 -17.83 68.19 109.38
C TYR S 370 -18.29 69.47 110.06
N SER S 371 -19.28 70.12 109.46
CA SER S 371 -19.84 71.36 110.00
C SER S 371 -21.03 71.01 110.88
N GLY S 372 -21.18 71.74 111.99
CA GLY S 372 -22.28 71.48 112.89
C GLY S 372 -23.64 71.93 112.41
N LEU S 373 -24.00 71.55 111.19
CA LEU S 373 -25.30 71.91 110.63
C LEU S 373 -26.45 71.23 111.37
N ILE S 374 -26.39 69.90 111.46
CA ILE S 374 -27.43 69.15 112.15
C ILE S 374 -27.56 69.66 113.57
N GLY S 375 -26.46 70.16 114.11
CA GLY S 375 -26.47 70.69 115.47
C GLY S 375 -27.41 71.87 115.59
N GLY S 376 -27.28 72.82 114.66
CA GLY S 376 -28.14 73.99 114.69
C GLY S 376 -29.60 73.59 114.60
N ALA S 377 -29.90 72.64 113.73
CA ALA S 377 -31.26 72.16 113.54
C ALA S 377 -31.81 71.62 114.85
N THR S 378 -30.93 71.07 115.67
CA THR S 378 -31.30 70.51 116.97
C THR S 378 -31.56 71.63 117.98
N SER S 379 -30.61 72.55 118.09
CA SER S 379 -30.72 73.67 119.01
C SER S 379 -32.02 74.43 118.81
N VAL S 380 -32.33 74.75 117.56
CA VAL S 380 -33.55 75.47 117.22
C VAL S 380 -34.78 74.69 117.66
N LEU S 381 -34.75 73.38 117.46
CA LEU S 381 -35.85 72.52 117.83
C LEU S 381 -35.99 72.43 119.35
N LEU S 382 -34.86 72.22 120.01
CA LEU S 382 -34.82 72.11 121.46
C LEU S 382 -35.56 73.27 122.11
N SER S 383 -35.26 74.49 121.66
CA SER S 383 -35.90 75.69 122.20
C SER S 383 -37.41 75.58 122.04
N ALA S 384 -37.85 75.26 120.83
CA ALA S 384 -39.27 75.13 120.53
C ALA S 384 -39.99 74.23 121.52
N TYR S 385 -39.42 73.05 121.76
CA TYR S 385 -40.00 72.08 122.67
C TYR S 385 -40.12 72.57 124.11
N ASN S 386 -39.04 73.12 124.64
CA ASN S 386 -39.02 73.62 126.02
C ASN S 386 -40.12 74.63 126.30
N ARG S 387 -40.45 75.46 125.31
CA ARG S 387 -41.46 76.49 125.48
C ARG S 387 -42.91 76.02 125.44
N HIS S 388 -43.14 74.77 125.06
CA HIS S 388 -44.51 74.26 124.99
C HIS S 388 -44.71 72.85 125.56
N PRO S 389 -45.98 72.41 125.65
CA PRO S 389 -46.34 71.09 126.18
C PRO S 389 -46.62 70.02 125.13
N LEU S 390 -45.60 69.63 124.37
CA LEU S 390 -45.75 68.58 123.36
C LEU S 390 -46.81 68.89 122.31
N PHE S 391 -46.71 70.05 121.68
CA PHE S 391 -47.65 70.47 120.65
C PHE S 391 -47.32 71.90 120.23
N GLN S 392 -47.10 72.10 118.93
CA GLN S 392 -46.79 73.42 118.42
C GLN S 392 -48.04 74.05 117.85
N PRO S 393 -48.21 75.37 118.02
CA PRO S 393 -49.40 76.05 117.49
C PRO S 393 -49.63 75.64 116.04
N LEU S 394 -50.87 75.30 115.71
CA LEU S 394 -51.22 74.88 114.36
C LEU S 394 -50.71 75.78 113.24
N HIS S 395 -50.65 77.07 113.50
CA HIS S 395 -50.17 78.01 112.49
C HIS S 395 -49.27 79.09 113.08
N THR S 396 -48.21 78.65 113.76
CA THR S 396 -47.26 79.58 114.36
C THR S 396 -46.10 79.83 113.41
N VAL S 397 -45.44 80.97 113.58
CA VAL S 397 -44.31 81.35 112.76
C VAL S 397 -43.18 80.33 112.94
N MET S 398 -43.09 79.77 114.13
CA MET S 398 -42.04 78.80 114.44
C MET S 398 -42.30 77.43 113.82
N ARG S 399 -43.57 77.09 113.63
CA ARG S 399 -43.92 75.80 113.03
C ARG S 399 -43.22 75.71 111.69
N GLU S 400 -43.31 76.78 110.91
CA GLU S 400 -42.68 76.86 109.60
C GLU S 400 -41.18 76.62 109.75
N THR S 401 -40.63 77.08 110.86
CA THR S 401 -39.21 76.94 111.14
C THR S 401 -38.78 75.48 111.28
N LEU S 402 -39.41 74.75 112.20
CA LEU S 402 -39.08 73.36 112.42
C LEU S 402 -39.18 72.56 111.12
N PHE S 403 -40.05 72.99 110.21
CA PHE S 403 -40.22 72.32 108.93
C PHE S 403 -38.97 72.50 108.09
N ILE S 404 -38.45 73.73 108.06
CA ILE S 404 -37.25 74.03 107.29
C ILE S 404 -36.06 73.24 107.83
N GLY S 405 -35.96 73.15 109.14
CA GLY S 405 -34.86 72.42 109.75
C GLY S 405 -34.92 70.92 109.52
N SER S 406 -36.12 70.35 109.60
CA SER S 406 -36.29 68.91 109.40
C SER S 406 -35.57 68.41 108.15
N HIS S 407 -35.64 69.20 107.08
CA HIS S 407 -35.01 68.84 105.82
C HIS S 407 -33.53 68.52 105.97
N VAL S 408 -32.79 69.43 106.61
CA VAL S 408 -31.35 69.23 106.80
C VAL S 408 -31.08 68.06 107.74
N VAL S 409 -32.11 67.66 108.50
CA VAL S 409 -31.97 66.54 109.43
C VAL S 409 -32.24 65.23 108.70
N LEU S 410 -33.31 65.20 107.92
CA LEU S 410 -33.69 64.01 107.16
C LEU S 410 -32.53 63.60 106.26
N ARG S 411 -32.05 64.56 105.48
CA ARG S 411 -30.95 64.34 104.55
C ARG S 411 -29.81 63.64 105.28
N GLU S 412 -29.52 64.11 106.49
CA GLU S 412 -28.46 63.54 107.32
C GLU S 412 -28.75 62.08 107.63
N LEU S 413 -29.96 61.83 108.14
CA LEU S 413 -30.40 60.49 108.50
C LEU S 413 -30.23 59.49 107.35
N ARG S 414 -30.65 59.89 106.15
CA ARG S 414 -30.56 59.04 104.97
C ARG S 414 -29.16 58.50 104.68
N LEU S 415 -28.14 59.22 105.16
CA LEU S 415 -26.75 58.81 104.95
C LEU S 415 -26.38 57.57 105.75
N ASN S 416 -25.17 57.08 105.53
CA ASN S 416 -24.68 55.90 106.23
C ASN S 416 -23.49 56.22 107.12
N VAL S 417 -23.17 57.51 107.24
CA VAL S 417 -22.06 57.96 108.07
C VAL S 417 -22.62 58.40 109.42
N THR S 418 -22.44 57.56 110.44
CA THR S 418 -22.93 57.86 111.78
C THR S 418 -22.21 59.05 112.39
N THR S 419 -22.60 60.24 111.96
CA THR S 419 -22.01 61.47 112.47
C THR S 419 -23.07 62.23 113.24
N GLN S 420 -22.76 62.59 114.48
CA GLN S 420 -23.69 63.32 115.33
C GLN S 420 -24.91 62.44 115.60
N GLY S 421 -24.70 61.13 115.55
CA GLY S 421 -25.78 60.20 115.80
C GLY S 421 -26.48 60.54 117.11
N PRO S 422 -25.71 60.74 118.19
CA PRO S 422 -26.29 61.08 119.49
C PRO S 422 -27.07 62.39 119.42
N ASN S 423 -26.48 63.39 118.76
CA ASN S 423 -27.11 64.69 118.61
C ASN S 423 -28.34 64.60 117.71
N LEU S 424 -28.32 63.65 116.79
CA LEU S 424 -29.42 63.46 115.86
C LEU S 424 -30.52 62.62 116.50
N ALA S 425 -30.14 61.55 117.19
CA ALA S 425 -31.10 60.69 117.86
C ALA S 425 -32.01 61.55 118.73
N LEU S 426 -31.44 62.59 119.32
CA LEU S 426 -32.18 63.51 120.17
C LEU S 426 -33.33 64.13 119.39
N TYR S 427 -33.02 64.68 118.21
CA TYR S 427 -34.02 65.31 117.37
C TYR S 427 -35.22 64.41 117.22
N GLN S 428 -34.97 63.12 116.98
CA GLN S 428 -36.03 62.15 116.80
C GLN S 428 -36.85 62.02 118.09
N LEU S 429 -36.15 61.91 119.22
CA LEU S 429 -36.81 61.78 120.52
C LEU S 429 -37.77 62.94 120.74
N LEU S 430 -37.27 64.16 120.62
CA LEU S 430 -38.09 65.35 120.82
C LEU S 430 -39.32 65.33 119.94
N SER S 431 -39.10 65.26 118.62
CA SER S 431 -40.21 65.22 117.68
C SER S 431 -41.21 64.13 118.04
N THR S 432 -40.69 63.00 118.52
CA THR S 432 -41.55 61.89 118.91
C THR S 432 -42.51 62.33 119.99
N ALA S 433 -41.96 62.95 121.04
CA ALA S 433 -42.77 63.44 122.15
C ALA S 433 -43.78 64.45 121.61
N LEU S 434 -43.32 65.28 120.68
CA LEU S 434 -44.18 66.30 120.07
C LEU S 434 -45.32 65.66 119.28
N CYS S 435 -45.15 64.41 118.88
CA CYS S 435 -46.18 63.71 118.14
C CYS S 435 -47.20 63.15 119.13
N SER S 436 -47.63 63.99 120.07
CA SER S 436 -48.60 63.61 121.08
C SER S 436 -50.02 63.53 120.52
N ALA S 437 -50.92 62.94 121.30
CA ALA S 437 -52.32 62.80 120.90
C ALA S 437 -52.91 64.17 120.56
N LEU S 438 -52.39 65.19 121.22
CA LEU S 438 -52.86 66.57 121.00
C LEU S 438 -52.43 67.00 119.60
N GLU S 439 -51.17 66.72 119.27
CA GLU S 439 -50.61 67.05 117.96
C GLU S 439 -51.36 66.31 116.87
N ILE S 440 -51.18 64.99 116.85
CA ILE S 440 -51.82 64.13 115.87
C ILE S 440 -53.31 64.42 115.76
N GLY S 441 -53.90 64.87 116.86
CA GLY S 441 -55.33 65.18 116.87
C GLY S 441 -55.64 66.46 116.13
N GLU S 442 -54.93 67.53 116.46
CA GLU S 442 -55.14 68.83 115.81
C GLU S 442 -54.81 68.80 114.32
N VAL S 443 -53.79 68.04 113.95
CA VAL S 443 -53.40 67.94 112.55
C VAL S 443 -54.56 67.39 111.72
N LEU S 444 -55.22 66.37 112.24
CA LEU S 444 -56.35 65.76 111.57
C LEU S 444 -57.47 66.78 111.43
N ARG S 445 -57.81 67.43 112.54
CA ARG S 445 -58.86 68.45 112.57
C ARG S 445 -58.65 69.42 111.41
N GLY S 446 -57.45 69.97 111.33
CA GLY S 446 -57.14 70.92 110.27
C GLY S 446 -57.27 70.34 108.88
N LEU S 447 -56.79 69.12 108.70
CA LEU S 447 -56.88 68.45 107.40
C LEU S 447 -58.33 68.32 106.93
N ALA S 448 -59.20 67.87 107.83
CA ALA S 448 -60.61 67.70 107.50
C ALA S 448 -61.26 69.05 107.18
N LEU S 449 -61.03 70.04 108.02
CA LEU S 449 -61.60 71.37 107.81
C LEU S 449 -60.86 72.14 106.73
N GLY S 450 -59.77 71.55 106.21
CA GLY S 450 -59.01 72.18 105.16
C GLY S 450 -58.22 73.43 105.53
N THR S 451 -57.91 73.60 106.81
CA THR S 451 -57.15 74.77 107.24
C THR S 451 -55.66 74.45 107.20
N GLU S 452 -55.32 73.21 107.49
CA GLU S 452 -53.93 72.77 107.47
C GLU S 452 -53.66 71.91 106.24
N SER S 453 -52.56 72.21 105.55
CA SER S 453 -52.20 71.47 104.34
C SER S 453 -51.63 70.11 104.69
N GLY S 454 -50.98 70.02 105.85
CA GLY S 454 -50.41 68.77 106.29
C GLY S 454 -49.01 68.60 105.73
N LEU S 455 -48.39 69.73 105.40
CA LEU S 455 -47.03 69.74 104.84
C LEU S 455 -45.98 69.26 105.83
N PHE S 456 -46.12 69.68 107.09
CA PHE S 456 -45.15 69.29 108.11
C PHE S 456 -45.76 68.93 109.46
N SER S 457 -45.07 68.05 110.17
CA SER S 457 -45.46 67.58 111.49
C SER S 457 -44.27 66.87 112.11
N PRO S 458 -44.03 67.08 113.42
CA PRO S 458 -42.91 66.45 114.09
C PRO S 458 -42.97 64.93 114.04
N CYS S 459 -44.12 64.41 113.60
CA CYS S 459 -44.30 62.96 113.49
C CYS S 459 -43.50 62.38 112.34
N TYR S 460 -43.42 63.12 111.24
CA TYR S 460 -42.71 62.67 110.05
C TYR S 460 -41.28 62.21 110.31
N LEU S 461 -40.73 62.58 111.47
CA LEU S 461 -39.38 62.17 111.82
C LEU S 461 -39.38 61.48 113.17
N SER S 462 -40.53 61.48 113.82
CA SER S 462 -40.69 60.84 115.12
C SER S 462 -40.52 59.33 115.00
N LEU S 463 -40.27 58.68 116.14
CA LEU S 463 -40.09 57.24 116.17
C LEU S 463 -41.37 56.59 116.70
N ARG S 464 -42.51 57.18 116.35
CA ARG S 464 -43.79 56.68 116.79
C ARG S 464 -44.50 55.95 115.65
N PHE S 465 -44.25 54.64 115.57
CA PHE S 465 -44.82 53.80 114.53
C PHE S 465 -46.08 53.11 115.06
N ASP S 466 -46.75 53.75 116.00
CA ASP S 466 -47.97 53.21 116.61
C ASP S 466 -49.24 53.58 115.86
N LEU S 467 -49.26 54.78 115.29
CA LEU S 467 -50.44 55.26 114.56
C LEU S 467 -50.72 54.51 113.26
N THR S 468 -51.85 53.82 113.23
CA THR S 468 -52.28 53.07 112.05
C THR S 468 -53.62 53.62 111.58
N ARG S 469 -54.17 53.02 110.52
CA ARG S 469 -55.46 53.46 110.00
C ARG S 469 -56.50 53.63 111.10
N ASP S 470 -56.64 52.61 111.93
CA ASP S 470 -57.60 52.63 113.03
C ASP S 470 -57.14 53.51 114.19
N LYS S 471 -55.92 53.28 114.66
CA LYS S 471 -55.37 54.04 115.77
C LYS S 471 -55.47 55.55 115.51
N LEU S 472 -55.15 55.96 114.29
CA LEU S 472 -55.22 57.36 113.91
C LEU S 472 -56.65 57.86 114.00
N LEU S 473 -57.59 57.02 113.59
CA LEU S 473 -59.01 57.38 113.62
C LEU S 473 -59.45 57.60 115.06
N SER S 474 -58.68 57.07 116.01
CA SER S 474 -59.00 57.20 117.43
C SER S 474 -58.65 58.60 117.93
N MET S 475 -57.46 59.08 117.56
CA MET S 475 -57.03 60.41 117.97
C MET S 475 -57.88 61.50 117.32
N ALA S 476 -58.52 61.16 116.20
CA ALA S 476 -59.37 62.11 115.49
C ALA S 476 -60.40 62.73 116.44
N PRO S 477 -60.71 64.02 116.24
CA PRO S 477 -61.69 64.72 117.08
C PRO S 477 -63.11 64.18 116.93
N GLN S 478 -63.77 63.97 118.06
CA GLN S 478 -65.14 63.45 118.06
C GLN S 478 -66.12 64.61 118.17
N GLU S 479 -66.60 65.10 117.02
CA GLU S 479 -67.53 66.21 116.98
C GLU S 479 -68.45 66.14 115.77
N ALA S 480 -69.71 66.52 115.97
CA ALA S 480 -70.69 66.51 114.89
C ALA S 480 -70.46 67.70 113.96
N THR S 481 -69.59 68.61 114.39
CA THR S 481 -69.27 69.79 113.61
C THR S 481 -68.30 69.45 112.48
N LEU S 482 -67.84 68.20 112.48
CA LEU S 482 -66.90 67.74 111.47
C LEU S 482 -67.49 66.59 110.65
N ASP S 483 -67.47 66.73 109.33
CA ASP S 483 -68.01 65.71 108.44
C ASP S 483 -67.28 64.38 108.62
N GLN S 484 -67.96 63.42 109.22
CA GLN S 484 -67.38 62.10 109.46
C GLN S 484 -66.67 61.55 108.22
N ALA S 485 -67.19 61.89 107.04
CA ALA S 485 -66.60 61.44 105.79
C ALA S 485 -65.29 62.19 105.54
N ALA S 486 -65.33 63.50 105.70
CA ALA S 486 -64.15 64.33 105.50
C ALA S 486 -63.02 63.88 106.41
N VAL S 487 -63.37 63.56 107.66
CA VAL S 487 -62.39 63.11 108.65
C VAL S 487 -61.62 61.88 108.13
N SER S 488 -62.36 60.91 107.59
CA SER S 488 -61.75 59.69 107.09
C SER S 488 -60.64 60.00 106.09
N ASN S 489 -60.92 60.89 105.14
CA ASN S 489 -59.94 61.26 104.13
C ASN S 489 -58.68 61.81 104.79
N ALA S 490 -58.87 62.66 105.80
CA ALA S 490 -57.75 63.25 106.53
C ALA S 490 -56.90 62.15 107.14
N VAL S 491 -57.54 61.25 107.88
CA VAL S 491 -56.82 60.16 108.52
C VAL S 491 -56.04 59.37 107.48
N ASP S 492 -56.69 59.08 106.35
CA ASP S 492 -56.04 58.34 105.28
C ASP S 492 -54.88 59.14 104.71
N GLY S 493 -55.12 60.41 104.44
CA GLY S 493 -54.09 61.27 103.90
C GLY S 493 -52.85 61.32 104.78
N PHE S 494 -53.06 61.60 106.07
CA PHE S 494 -51.96 61.67 107.02
C PHE S 494 -51.15 60.38 106.98
N LEU S 495 -51.84 59.25 107.11
CA LEU S 495 -51.18 57.94 107.08
C LEU S 495 -50.36 57.79 105.81
N GLY S 496 -50.85 58.35 104.72
CA GLY S 496 -50.15 58.27 103.45
C GLY S 496 -48.84 59.02 103.41
N ARG S 497 -48.89 60.33 103.65
CA ARG S 497 -47.68 61.15 103.63
C ARG S 497 -46.68 60.69 104.69
N LEU S 498 -47.19 60.01 105.71
CA LEU S 498 -46.36 59.51 106.80
C LEU S 498 -45.51 58.33 106.33
N SER S 499 -46.10 57.49 105.48
CA SER S 499 -45.41 56.32 104.97
C SER S 499 -44.44 56.68 103.85
N LEU S 500 -44.52 57.91 103.37
CA LEU S 500 -43.65 58.38 102.30
C LEU S 500 -42.53 59.28 102.81
N GLU S 501 -42.88 60.18 103.72
CA GLU S 501 -41.91 61.10 104.28
C GLU S 501 -40.96 60.33 105.21
N ARG S 502 -41.49 59.30 105.86
CA ARG S 502 -40.69 58.48 106.77
C ARG S 502 -40.44 57.09 106.21
N GLU S 503 -39.23 56.57 106.44
CA GLU S 503 -38.88 55.25 105.95
C GLU S 503 -38.57 54.30 107.10
N ASP S 504 -38.80 53.00 106.88
CA ASP S 504 -38.54 52.00 107.91
C ASP S 504 -37.04 51.75 108.04
N ARG S 505 -36.25 52.76 107.66
CA ARG S 505 -34.79 52.67 107.71
C ARG S 505 -34.17 53.96 108.24
N ASP S 506 -34.99 54.82 108.84
CA ASP S 506 -34.51 56.08 109.38
C ASP S 506 -33.92 55.88 110.77
N ALA S 507 -34.24 54.75 111.39
CA ALA S 507 -33.78 54.44 112.73
C ALA S 507 -32.61 53.47 112.79
N TRP S 508 -31.95 53.26 111.66
CA TRP S 508 -30.80 52.36 111.63
C TRP S 508 -29.64 53.04 112.35
N HIS S 509 -29.75 54.36 112.48
CA HIS S 509 -28.73 55.15 113.15
C HIS S 509 -28.82 54.95 114.67
N LEU S 510 -29.98 54.49 115.12
CA LEU S 510 -30.19 54.25 116.54
C LEU S 510 -29.62 52.90 116.95
N PRO S 511 -28.76 52.90 117.98
CA PRO S 511 -28.08 51.74 118.56
C PRO S 511 -28.98 50.56 118.96
N ALA S 512 -30.10 50.85 119.62
CA ALA S 512 -31.02 49.81 120.08
C ALA S 512 -31.76 49.06 118.98
N TYR S 513 -31.85 49.65 117.80
CA TYR S 513 -32.56 49.02 116.68
C TYR S 513 -32.18 47.56 116.46
N LYS S 514 -30.89 47.28 116.49
CA LYS S 514 -30.36 45.94 116.29
C LYS S 514 -30.90 44.89 117.26
N CYS S 515 -31.69 45.32 118.23
CA CYS S 515 -32.21 44.42 119.24
C CYS S 515 -33.66 43.97 119.11
N VAL S 516 -34.31 44.33 118.01
CA VAL S 516 -35.72 43.94 117.85
C VAL S 516 -35.97 42.85 116.81
N ASP S 517 -36.42 41.69 117.27
CA ASP S 517 -36.73 40.57 116.39
C ASP S 517 -37.95 40.91 115.55
N ARG S 518 -39.14 40.83 116.16
CA ARG S 518 -40.37 41.16 115.45
C ARG S 518 -40.57 42.67 115.54
N LEU S 519 -39.84 43.41 114.71
CA LEU S 519 -39.91 44.86 114.69
C LEU S 519 -41.23 45.42 114.16
N ASP S 520 -41.99 44.58 113.47
CA ASP S 520 -43.28 45.02 112.92
C ASP S 520 -44.31 45.28 114.02
N LYS S 521 -44.13 44.64 115.16
CA LYS S 521 -45.05 44.82 116.27
C LYS S 521 -44.50 45.83 117.27
N VAL S 522 -43.73 46.79 116.75
CA VAL S 522 -43.15 47.84 117.58
C VAL S 522 -44.00 49.10 117.51
N LEU S 523 -44.51 49.53 118.66
CA LEU S 523 -45.35 50.71 118.72
C LEU S 523 -44.51 51.99 118.62
N MET S 524 -43.51 52.12 119.48
CA MET S 524 -42.65 53.29 119.47
C MET S 524 -41.41 53.09 120.32
N ILE S 525 -40.29 53.64 119.86
CA ILE S 525 -39.02 53.55 120.57
C ILE S 525 -38.63 54.91 121.14
N ILE S 526 -38.20 54.92 122.39
CA ILE S 526 -37.81 56.15 123.05
C ILE S 526 -36.32 56.19 123.38
N PRO S 527 -35.52 56.83 122.52
CA PRO S 527 -34.07 56.94 122.73
C PRO S 527 -33.76 57.84 123.92
N LEU S 528 -33.22 57.26 124.98
CA LEU S 528 -32.87 58.04 126.16
C LEU S 528 -31.36 58.29 126.25
N ILE S 529 -30.95 58.92 127.34
CA ILE S 529 -29.55 59.24 127.56
C ILE S 529 -28.66 58.02 127.72
N ASN S 530 -28.88 57.27 128.80
CA ASN S 530 -28.08 56.07 129.06
C ASN S 530 -28.75 54.77 128.58
N VAL S 531 -29.99 54.88 128.14
CA VAL S 531 -30.72 53.71 127.65
C VAL S 531 -31.69 54.09 126.54
N THR S 532 -32.45 53.11 126.06
CA THR S 532 -33.43 53.33 125.00
C THR S 532 -34.60 52.35 125.18
N PHE S 533 -35.78 52.91 125.40
CA PHE S 533 -36.99 52.11 125.61
C PHE S 533 -37.68 51.70 124.31
N ILE S 534 -38.15 50.46 124.27
CA ILE S 534 -38.84 49.93 123.11
C ILE S 534 -40.24 49.43 123.49
N ILE S 535 -41.25 50.22 123.17
CA ILE S 535 -42.62 49.85 123.46
C ILE S 535 -43.16 49.03 122.29
N SER S 536 -43.63 47.82 122.58
CA SER S 536 -44.16 46.96 121.53
C SER S 536 -45.19 45.97 122.05
N SER S 537 -45.82 45.25 121.14
CA SER S 537 -46.83 44.26 121.49
C SER S 537 -46.21 42.86 121.45
N ASP S 538 -44.89 42.81 121.60
CA ASP S 538 -44.19 41.53 121.59
C ASP S 538 -43.07 41.53 122.63
N ARG S 539 -42.94 40.42 123.35
CA ARG S 539 -41.91 40.28 124.37
C ARG S 539 -40.67 39.67 123.76
N GLU S 540 -40.48 39.89 122.46
CA GLU S 540 -39.33 39.35 121.74
C GLU S 540 -38.08 40.24 121.82
N VAL S 541 -38.27 41.53 122.05
CA VAL S 541 -37.14 42.44 122.14
C VAL S 541 -36.18 41.89 123.19
N ARG S 542 -34.88 41.89 122.85
CA ARG S 542 -33.87 41.36 123.76
C ARG S 542 -33.14 42.45 124.54
N GLY S 543 -33.89 43.23 125.32
CA GLY S 543 -33.29 44.30 126.11
C GLY S 543 -32.67 43.79 127.40
N SER S 544 -33.03 44.43 128.51
CA SER S 544 -32.49 44.05 129.82
C SER S 544 -33.58 43.48 130.71
N ALA S 545 -34.81 43.93 130.50
CA ALA S 545 -35.94 43.47 131.29
C ALA S 545 -37.22 43.62 130.48
N LEU S 546 -38.30 43.00 130.97
CA LEU S 546 -39.58 43.07 130.29
C LEU S 546 -40.66 43.63 131.21
N TYR S 547 -41.34 44.66 130.74
CA TYR S 547 -42.41 45.30 131.50
C TYR S 547 -43.72 45.13 130.75
N GLU S 548 -44.82 45.02 131.50
CA GLU S 548 -46.13 44.84 130.90
C GLU S 548 -47.19 45.65 131.65
N ALA S 549 -47.94 46.46 130.90
CA ALA S 549 -49.00 47.27 131.48
C ALA S 549 -50.15 46.37 131.92
N SER S 550 -50.99 46.88 132.82
CA SER S 550 -52.12 46.11 133.32
C SER S 550 -53.25 45.95 132.30
N THR S 551 -53.32 46.87 131.34
CA THR S 551 -54.35 46.84 130.32
C THR S 551 -54.21 45.71 129.30
N THR S 552 -55.34 45.09 128.97
CA THR S 552 -55.38 44.00 128.00
C THR S 552 -56.50 44.29 126.99
N TYR S 553 -57.04 45.50 127.09
CA TYR S 553 -58.11 45.94 126.20
C TYR S 553 -57.69 45.86 124.75
N LEU S 554 -56.43 46.22 124.49
CA LEU S 554 -55.90 46.20 123.14
C LEU S 554 -55.92 44.78 122.59
N SER S 555 -55.66 44.66 121.28
CA SER S 555 -55.63 43.37 120.63
C SER S 555 -54.62 42.48 121.33
N SER S 556 -53.39 42.98 121.41
CA SER S 556 -52.30 42.25 122.07
C SER S 556 -51.94 42.94 123.38
N SER S 557 -50.74 42.69 123.88
CA SER S 557 -50.30 43.29 125.14
C SER S 557 -49.43 44.52 124.92
N LEU S 558 -49.19 45.26 126.00
CA LEU S 558 -48.37 46.47 125.94
C LEU S 558 -47.08 46.24 126.72
N PHE S 559 -46.01 45.92 125.99
CA PHE S 559 -44.72 45.65 126.62
C PHE S 559 -43.77 46.85 126.57
N LEU S 560 -42.78 46.83 127.48
CA LEU S 560 -41.79 47.89 127.58
C LEU S 560 -40.39 47.28 127.73
N SER S 561 -39.64 47.25 126.64
CA SER S 561 -38.30 46.69 126.65
C SER S 561 -37.20 47.75 126.65
N PRO S 562 -36.45 47.86 127.76
CA PRO S 562 -35.38 48.85 127.87
C PRO S 562 -34.00 48.26 127.57
N VAL S 563 -33.26 48.89 126.66
CA VAL S 563 -31.93 48.43 126.32
C VAL S 563 -30.91 49.28 127.07
N ILE S 564 -30.40 48.75 128.17
CA ILE S 564 -29.43 49.48 128.98
C ILE S 564 -28.10 49.63 128.25
N MET S 565 -27.52 50.82 128.34
CA MET S 565 -26.24 51.09 127.69
C MET S 565 -26.28 50.76 126.21
N ASN S 566 -27.46 50.94 125.61
CA ASN S 566 -27.67 50.68 124.19
C ASN S 566 -27.05 49.40 123.65
N LYS S 567 -26.81 48.43 124.51
CA LYS S 567 -26.26 47.15 124.09
C LYS S 567 -27.18 46.07 124.64
N CYS S 568 -27.62 45.19 123.76
CA CYS S 568 -28.53 44.13 124.20
C CYS S 568 -27.90 42.76 124.45
N SER S 569 -28.54 42.02 125.34
CA SER S 569 -28.08 40.69 125.70
C SER S 569 -28.75 39.66 124.80
N GLN S 570 -28.15 38.48 124.73
CA GLN S 570 -28.66 37.40 123.89
C GLN S 570 -29.91 36.76 124.48
N GLY S 571 -30.99 36.74 123.69
CA GLY S 571 -32.23 36.14 124.14
C GLY S 571 -33.09 37.10 124.93
N ALA S 572 -34.40 36.88 124.89
CA ALA S 572 -35.35 37.73 125.60
C ALA S 572 -35.38 37.38 127.09
N VAL S 573 -36.13 38.16 127.85
CA VAL S 573 -36.25 37.95 129.29
C VAL S 573 -36.91 36.62 129.61
N ALA S 574 -36.72 36.14 130.85
CA ALA S 574 -37.32 34.89 131.29
C ALA S 574 -38.83 35.00 131.26
N GLY S 575 -39.50 33.90 131.60
CA GLY S 575 -40.94 33.88 131.61
C GLY S 575 -41.50 34.87 132.62
N GLU S 576 -42.76 35.23 132.48
CA GLU S 576 -43.44 36.16 133.39
C GLU S 576 -42.81 37.55 133.39
N PRO S 577 -43.49 38.54 132.82
CA PRO S 577 -42.96 39.91 132.77
C PRO S 577 -43.01 40.58 134.14
N ARG S 578 -42.20 41.62 134.32
CA ARG S 578 -42.15 42.36 135.57
C ARG S 578 -43.32 43.34 135.51
N GLN S 579 -44.08 43.42 136.61
CA GLN S 579 -45.24 44.31 136.65
C GLN S 579 -44.88 45.73 137.03
N ILE S 580 -45.53 46.69 136.38
CA ILE S 580 -45.27 48.11 136.64
C ILE S 580 -45.82 48.51 138.01
N PRO S 581 -44.92 48.87 138.94
CA PRO S 581 -45.32 49.27 140.29
C PRO S 581 -46.01 50.64 140.28
N LYS S 582 -47.00 50.81 141.14
CA LYS S 582 -47.74 52.06 141.23
C LYS S 582 -47.15 52.94 142.33
N ILE S 583 -46.97 54.22 142.03
CA ILE S 583 -46.38 55.14 142.99
C ILE S 583 -47.21 56.41 143.21
N GLN S 584 -47.27 56.82 144.47
CA GLN S 584 -48.02 58.02 144.86
C GLN S 584 -47.15 58.87 145.78
N ASN S 585 -45.88 58.48 145.93
CA ASN S 585 -44.95 59.19 146.79
C ASN S 585 -44.67 60.64 146.39
N PHE S 586 -44.04 60.82 145.23
CA PHE S 586 -43.70 62.16 144.74
C PHE S 586 -44.79 63.20 144.92
N THR S 587 -44.39 64.41 145.30
CA THR S 587 -45.32 65.52 145.50
C THR S 587 -45.26 66.43 144.27
N ARG S 588 -46.33 67.16 144.01
CA ARG S 588 -46.39 68.05 142.86
C ARG S 588 -45.24 69.05 142.82
N THR S 589 -45.26 70.02 143.73
CA THR S 589 -44.22 71.04 143.79
C THR S 589 -42.85 70.37 143.91
N GLN S 590 -41.93 70.75 143.03
CA GLN S 590 -40.59 70.18 143.04
C GLN S 590 -39.49 71.22 142.94
N LYS S 591 -38.53 71.15 143.85
CA LYS S 591 -37.42 72.09 143.87
C LYS S 591 -36.50 71.87 142.67
N SER S 592 -35.79 70.74 142.68
CA SER S 592 -34.88 70.41 141.59
C SER S 592 -35.55 69.59 140.49
N CYS S 593 -34.76 69.25 139.48
CA CYS S 593 -35.23 68.48 138.32
C CYS S 593 -35.11 66.98 138.59
N ILE S 594 -36.12 66.41 139.25
CA ILE S 594 -36.12 64.98 139.57
C ILE S 594 -36.17 64.15 138.29
N PHE S 595 -37.30 64.25 137.58
CA PHE S 595 -37.47 63.51 136.33
C PHE S 595 -36.84 64.32 135.21
N CYS S 596 -35.52 64.42 135.21
CA CYS S 596 -34.82 65.18 134.19
C CYS S 596 -34.54 64.36 132.94
N GLY S 597 -33.49 63.56 132.97
CA GLY S 597 -33.17 62.74 131.82
C GLY S 597 -34.18 61.63 131.60
N PHE S 598 -35.31 61.73 132.26
CA PHE S 598 -36.37 60.73 132.13
C PHE S 598 -37.40 61.11 131.08
N ALA S 599 -38.40 60.25 130.92
CA ALA S 599 -39.46 60.48 129.95
C ALA S 599 -40.79 59.95 130.45
N LEU S 600 -41.88 60.63 130.07
CA LEU S 600 -43.22 60.23 130.47
C LEU S 600 -43.98 59.60 129.32
N LEU S 601 -44.77 58.58 129.63
CA LEU S 601 -45.56 57.89 128.61
C LEU S 601 -46.95 57.57 129.14
N SER S 602 -47.96 58.23 128.58
CA SER S 602 -49.33 58.02 128.99
C SER S 602 -50.06 57.18 127.95
N TYR S 603 -50.82 56.20 128.41
CA TYR S 603 -51.56 55.33 127.49
C TYR S 603 -53.00 55.19 127.95
N ASP S 604 -53.91 55.07 126.99
CA ASP S 604 -55.32 54.91 127.32
C ASP S 604 -55.57 53.41 127.41
N GLU S 605 -56.36 53.00 128.39
CA GLU S 605 -56.67 51.59 128.58
C GLU S 605 -57.30 50.98 127.34
N LYS S 606 -58.27 51.69 126.76
CA LYS S 606 -58.95 51.21 125.56
C LYS S 606 -58.11 51.39 124.31
N GLU S 607 -57.73 52.63 123.99
CA GLU S 607 -56.91 52.88 122.81
C GLU S 607 -55.43 52.61 123.07
N GLY S 608 -54.60 52.89 122.06
CA GLY S 608 -53.17 52.66 122.19
C GLY S 608 -52.46 53.67 123.07
N LEU S 609 -51.30 54.13 122.62
CA LEU S 609 -50.51 55.09 123.38
C LEU S 609 -50.94 56.52 123.06
N GLU S 610 -51.17 57.31 124.10
CA GLU S 610 -51.60 58.70 123.95
C GLU S 610 -50.46 59.66 123.63
N THR S 611 -49.83 60.19 124.67
CA THR S 611 -48.73 61.14 124.49
C THR S 611 -47.48 60.76 125.29
N THR S 612 -46.33 61.15 124.76
CA THR S 612 -45.05 60.88 125.41
C THR S 612 -44.31 62.20 125.62
N THR S 613 -43.56 62.30 126.72
CA THR S 613 -42.83 63.53 127.03
C THR S 613 -41.42 63.29 127.55
N TYR S 614 -40.48 64.09 127.05
CA TYR S 614 -39.10 64.02 127.47
C TYR S 614 -38.80 65.33 128.19
N ILE S 615 -38.65 65.27 129.50
CA ILE S 615 -38.38 66.46 130.29
C ILE S 615 -36.95 66.95 130.10
N THR S 616 -36.74 67.78 129.08
CA THR S 616 -35.41 68.31 128.78
C THR S 616 -34.76 69.01 129.97
N SER S 617 -35.43 70.03 130.50
CA SER S 617 -34.88 70.76 131.63
C SER S 617 -35.91 71.11 132.71
N GLN S 618 -35.42 71.79 133.74
CA GLN S 618 -36.25 72.21 134.87
C GLN S 618 -37.54 72.89 134.45
N GLU S 619 -37.42 73.95 133.66
CA GLU S 619 -38.57 74.71 133.19
C GLU S 619 -39.69 73.80 132.68
N VAL S 620 -39.31 72.76 131.94
CA VAL S 620 -40.27 71.83 131.38
C VAL S 620 -41.00 71.03 132.46
N GLN S 621 -40.25 70.47 133.39
CA GLN S 621 -40.85 69.68 134.47
C GLN S 621 -41.90 70.49 135.21
N ASN S 622 -41.64 71.77 135.42
CA ASN S 622 -42.58 72.65 136.10
C ASN S 622 -43.83 72.86 135.26
N SER S 623 -43.63 73.10 133.97
CA SER S 623 -44.74 73.31 133.05
C SER S 623 -45.52 72.02 132.79
N ILE S 624 -45.30 71.02 133.63
CA ILE S 624 -46.00 69.74 133.50
C ILE S 624 -46.69 69.38 134.80
N LEU S 625 -45.98 69.55 135.91
CA LEU S 625 -46.52 69.25 137.23
C LEU S 625 -47.47 70.35 137.67
N SER S 626 -47.32 71.52 137.07
CA SER S 626 -48.15 72.67 137.40
C SER S 626 -49.42 72.59 136.56
N SER S 627 -49.26 72.40 135.26
CA SER S 627 -50.39 72.29 134.34
C SER S 627 -51.18 71.04 134.66
N ASN S 628 -52.25 70.81 133.90
CA ASN S 628 -53.09 69.63 134.11
C ASN S 628 -52.67 68.47 133.20
N TYR S 629 -51.37 68.29 133.04
CA TYR S 629 -50.85 67.21 132.20
C TYR S 629 -51.32 65.88 132.77
N PHE S 630 -51.48 65.83 134.09
CA PHE S 630 -51.91 64.63 134.78
C PHE S 630 -53.41 64.66 135.07
N ASP S 631 -54.01 63.48 135.17
CA ASP S 631 -55.43 63.36 135.46
C ASP S 631 -55.68 61.96 136.03
N PHE S 632 -55.24 61.77 137.27
CA PHE S 632 -55.40 60.50 137.96
C PHE S 632 -56.87 60.20 138.21
N ASP S 633 -57.71 61.22 138.08
CA ASP S 633 -59.14 61.06 138.28
C ASP S 633 -59.79 60.53 137.01
N ASN S 634 -59.06 59.65 136.33
CA ASN S 634 -59.50 59.03 135.10
C ASN S 634 -58.91 57.63 135.06
N LEU S 635 -59.74 56.63 135.37
CA LEU S 635 -59.30 55.25 135.39
C LEU S 635 -58.82 54.75 134.03
N HIS S 636 -59.34 55.34 132.96
CA HIS S 636 -58.96 54.94 131.62
C HIS S 636 -57.53 55.29 131.24
N VAL S 637 -57.04 56.43 131.71
CA VAL S 637 -55.68 56.84 131.39
C VAL S 637 -54.67 56.56 132.50
N HIS S 638 -53.49 56.10 132.11
CA HIS S 638 -52.42 55.79 133.04
C HIS S 638 -51.18 56.59 132.65
N TYR S 639 -50.31 56.85 133.61
CA TYR S 639 -49.09 57.63 133.35
C TYR S 639 -47.84 56.85 133.78
N LEU S 640 -46.96 56.59 132.81
CA LEU S 640 -45.73 55.87 133.09
C LEU S 640 -44.51 56.77 133.08
N LEU S 641 -43.46 56.33 133.77
CA LEU S 641 -42.22 57.09 133.87
C LEU S 641 -41.03 56.20 133.56
N LEU S 642 -40.33 56.51 132.47
CA LEU S 642 -39.15 55.75 132.07
C LEU S 642 -37.92 56.52 132.51
N THR S 643 -37.10 55.90 133.34
CA THR S 643 -35.89 56.55 133.86
C THR S 643 -34.63 56.21 133.07
N THR S 644 -33.52 56.80 133.48
CA THR S 644 -32.24 56.55 132.83
C THR S 644 -31.90 55.08 133.05
N ASN S 645 -32.53 54.50 134.07
CA ASN S 645 -32.33 53.08 134.38
C ASN S 645 -33.46 52.33 133.70
N GLY S 646 -33.24 51.05 133.42
CA GLY S 646 -34.26 50.25 132.77
C GLY S 646 -35.49 50.03 133.63
N THR S 647 -35.77 50.96 134.54
CA THR S 647 -36.92 50.85 135.43
C THR S 647 -38.11 51.64 134.91
N VAL S 648 -39.30 51.16 135.21
CA VAL S 648 -40.54 51.81 134.80
C VAL S 648 -41.51 51.85 135.97
N MET S 649 -42.29 52.91 136.07
CA MET S 649 -43.26 53.06 137.15
C MET S 649 -44.46 53.92 136.77
N GLU S 650 -45.61 53.60 137.35
CA GLU S 650 -46.84 54.33 137.08
C GLU S 650 -47.02 55.43 138.13
N ILE S 651 -47.67 56.52 137.76
CA ILE S 651 -47.89 57.63 138.68
C ILE S 651 -49.38 57.88 138.96
N ALA S 652 -49.67 58.34 140.18
CA ALA S 652 -51.04 58.63 140.61
C ALA S 652 -51.01 59.46 141.88
N GLY S 653 -50.00 60.31 142.02
CA GLY S 653 -49.86 61.15 143.20
C GLY S 653 -49.36 62.55 142.90
N TRP T 1 -47.56 100.82 42.28
CA TRP T 1 -48.79 99.96 42.27
C TRP T 1 -48.44 98.54 41.83
N ALA T 2 -49.39 97.88 41.17
CA ALA T 2 -49.21 96.52 40.69
C ALA T 2 -47.76 96.04 40.54
N TYR T 3 -47.43 95.00 41.29
CA TYR T 3 -46.09 94.40 41.27
C TYR T 3 -46.19 92.99 40.69
N PRO T 4 -45.07 92.44 40.19
CA PRO T 4 -45.08 91.09 39.61
C PRO T 4 -45.53 90.00 40.58
N CYS T 5 -46.59 89.29 40.21
CA CYS T 5 -47.11 88.21 41.04
C CYS T 5 -46.51 86.89 40.55
N CYS T 6 -46.81 85.79 41.23
CA CYS T 6 -46.27 84.51 40.77
C CYS T 6 -46.84 83.27 41.46
N HIS T 7 -46.34 82.12 41.05
CA HIS T 7 -46.77 80.85 41.60
C HIS T 7 -45.56 80.20 42.25
N VAL T 8 -45.75 79.02 42.81
CA VAL T 8 -44.66 78.33 43.47
C VAL T 8 -44.82 76.82 43.58
N THR T 9 -43.72 76.16 43.92
CA THR T 9 -43.67 74.71 44.09
C THR T 9 -42.34 74.39 44.74
N GLN T 10 -42.34 73.54 45.76
CA GLN T 10 -41.10 73.16 46.45
C GLN T 10 -39.99 72.88 45.45
N LEU T 11 -38.80 73.41 45.72
CA LEU T 11 -37.65 73.18 44.85
C LEU T 11 -37.61 71.69 44.54
N ARG T 12 -37.11 71.33 43.35
CA ARG T 12 -37.06 69.93 42.95
C ARG T 12 -35.93 69.14 43.61
N ALA T 13 -35.72 69.43 44.88
CA ALA T 13 -34.71 68.77 45.72
C ALA T 13 -33.26 68.69 45.25
N GLN T 14 -32.96 69.13 44.03
CA GLN T 14 -31.58 69.07 43.58
C GLN T 14 -30.71 69.94 44.49
N HIS T 15 -31.23 71.12 44.84
CA HIS T 15 -30.51 72.05 45.70
C HIS T 15 -31.45 73.17 46.11
N LEU T 16 -31.01 74.00 47.05
CA LEU T 16 -31.81 75.11 47.50
C LEU T 16 -30.93 76.35 47.53
N LEU T 17 -31.34 77.39 46.82
CA LEU T 17 -30.59 78.63 46.78
C LEU T 17 -30.64 79.25 48.17
N ALA T 18 -29.49 79.30 48.83
CA ALA T 18 -29.43 79.90 50.16
C ALA T 18 -29.38 81.40 49.98
N LEU T 19 -29.05 82.12 51.05
CA LEU T 19 -28.96 83.57 50.97
C LEU T 19 -27.71 83.96 50.20
N GLU T 20 -26.68 83.12 50.31
CA GLU T 20 -25.42 83.37 49.61
C GLU T 20 -25.68 83.81 48.18
N ASN T 21 -26.74 83.30 47.58
CA ASN T 21 -27.09 83.65 46.21
C ASN T 21 -28.06 84.83 46.14
N ILE T 22 -29.22 84.68 46.78
CA ILE T 22 -30.24 85.73 46.78
C ILE T 22 -29.69 87.07 47.27
N SER T 23 -29.77 88.10 46.44
CA SER T 23 -29.28 89.43 46.79
C SER T 23 -30.32 90.52 46.58
N ASP T 24 -31.55 90.11 46.33
CA ASP T 24 -32.68 91.02 46.12
C ASP T 24 -33.98 90.26 46.38
N ILE T 25 -34.89 90.89 47.12
CA ILE T 25 -36.17 90.26 47.44
C ILE T 25 -37.32 91.27 47.38
N TYR T 26 -38.20 91.07 46.42
CA TYR T 26 -39.35 91.95 46.24
C TYR T 26 -40.59 91.37 46.91
N LEU T 27 -41.27 92.18 47.72
CA LEU T 27 -42.47 91.75 48.43
C LEU T 27 -43.72 92.47 47.94
N VAL T 28 -44.89 91.88 48.20
CA VAL T 28 -46.16 92.45 47.78
C VAL T 28 -46.98 93.03 48.93
N SER T 29 -48.10 93.66 48.59
CA SER T 29 -48.99 94.26 49.57
C SER T 29 -50.24 93.41 49.79
N ASN T 30 -50.96 93.68 50.88
CA ASN T 30 -52.16 92.93 51.22
C ASN T 30 -53.33 93.21 50.28
N GLN T 31 -53.04 93.58 49.04
CA GLN T 31 -54.09 93.86 48.07
C GLN T 31 -53.60 93.92 46.63
N THR T 32 -52.29 93.98 46.44
CA THR T 32 -51.72 94.03 45.10
C THR T 32 -52.24 92.88 44.24
N CYS T 33 -51.70 91.69 44.46
CA CYS T 33 -52.13 90.52 43.70
C CYS T 33 -53.55 90.15 44.13
N ASP T 34 -53.67 89.20 45.05
CA ASP T 34 -54.98 88.79 45.53
C ASP T 34 -54.87 88.12 46.90
N GLY T 35 -54.47 88.90 47.90
CA GLY T 35 -54.35 88.39 49.25
C GLY T 35 -53.12 87.51 49.46
N PHE T 36 -52.58 87.00 48.36
CA PHE T 36 -51.41 86.12 48.43
C PHE T 36 -50.12 86.85 48.79
N SER T 37 -49.53 86.48 49.93
CA SER T 37 -48.28 87.08 50.36
C SER T 37 -47.18 86.42 49.54
N LEU T 38 -46.83 87.04 48.42
CA LEU T 38 -45.81 86.51 47.53
C LEU T 38 -44.52 87.32 47.57
N ALA T 39 -43.42 86.65 47.22
CA ALA T 39 -42.11 87.29 47.21
C ALA T 39 -41.30 86.84 46.00
N SER T 40 -40.38 87.68 45.56
CA SER T 40 -39.55 87.36 44.41
C SER T 40 -38.08 87.32 44.84
N LEU T 41 -37.44 86.18 44.59
CA LEU T 41 -36.03 86.01 44.94
C LEU T 41 -35.15 86.25 43.74
N ASN T 42 -34.50 87.42 43.71
CA ASN T 42 -33.62 87.78 42.61
C ASN T 42 -32.16 87.60 42.98
N SER T 43 -31.42 86.91 42.11
CA SER T 43 -30.00 86.66 42.32
C SER T 43 -29.26 86.70 40.99
N PRO T 44 -28.26 87.60 40.87
CA PRO T 44 -27.47 87.71 39.63
C PRO T 44 -26.62 86.48 39.37
N LYS T 45 -26.60 86.06 38.12
CA LYS T 45 -25.82 84.89 37.72
C LYS T 45 -24.48 85.32 37.13
N ASN T 46 -23.55 84.38 37.01
CA ASN T 46 -22.22 84.66 36.47
C ASN T 46 -21.46 85.63 37.36
N GLY T 47 -21.25 86.85 36.85
CA GLY T 47 -20.53 87.85 37.63
C GLY T 47 -21.46 88.89 38.23
N SER T 48 -21.75 89.93 37.48
CA SER T 48 -22.62 91.00 37.96
C SER T 48 -24.01 90.88 37.34
N ASN T 49 -24.74 91.99 37.34
CA ASN T 49 -26.09 92.02 36.79
C ASN T 49 -26.16 91.87 35.28
N GLN T 50 -25.77 90.70 34.79
CA GLN T 50 -25.82 90.40 33.37
C GLN T 50 -27.16 89.70 33.14
N LEU T 51 -27.26 88.48 33.64
CA LEU T 51 -28.48 87.68 33.52
C LEU T 51 -29.00 87.41 34.93
N VAL T 52 -30.10 88.06 35.29
CA VAL T 52 -30.66 87.88 36.62
C VAL T 52 -31.75 86.80 36.70
N ILE T 53 -31.54 85.85 37.60
CA ILE T 53 -32.47 84.76 37.82
C ILE T 53 -33.47 85.20 38.88
N SER T 54 -34.76 85.07 38.57
CA SER T 54 -35.80 85.49 39.50
C SER T 54 -36.87 84.42 39.68
N ARG T 55 -36.89 83.80 40.86
CA ARG T 55 -37.89 82.78 41.13
C ARG T 55 -38.76 83.14 42.34
N CYS T 56 -39.96 82.59 42.34
CA CYS T 56 -40.95 82.86 43.39
C CYS T 56 -40.75 82.10 44.69
N ALA T 57 -41.14 82.75 45.78
CA ALA T 57 -41.05 82.19 47.12
C ALA T 57 -42.33 82.55 47.87
N ASN T 58 -42.54 81.94 49.04
CA ASN T 58 -43.73 82.23 49.83
C ASN T 58 -43.50 83.47 50.70
N GLY T 59 -44.23 84.54 50.40
CA GLY T 59 -44.09 85.77 51.15
C GLY T 59 -44.10 85.60 52.66
N LEU T 60 -45.25 85.20 53.21
CA LEU T 60 -45.39 85.00 54.64
C LEU T 60 -44.18 84.30 55.25
N ASN T 61 -43.78 83.17 54.67
CA ASN T 61 -42.63 82.43 55.16
C ASN T 61 -41.37 83.29 55.12
N VAL T 62 -41.12 83.91 53.98
CA VAL T 62 -39.95 84.77 53.83
C VAL T 62 -39.98 85.89 54.86
N VAL T 63 -41.07 86.64 54.88
CA VAL T 63 -41.21 87.75 55.83
C VAL T 63 -41.00 87.28 57.27
N SER T 64 -41.56 86.12 57.61
CA SER T 64 -41.42 85.58 58.96
C SER T 64 -39.93 85.40 59.27
N PHE T 65 -39.21 84.82 58.31
CA PHE T 65 -37.78 84.58 58.43
C PHE T 65 -37.08 85.88 58.83
N PHE T 66 -37.19 86.89 57.98
CA PHE T 66 -36.58 88.18 58.23
C PHE T 66 -36.99 88.77 59.57
N ILE T 67 -38.30 88.72 59.85
CA ILE T 67 -38.82 89.23 61.11
C ILE T 67 -38.08 88.56 62.27
N SER T 68 -37.80 87.27 62.10
CA SER T 68 -37.10 86.50 63.12
C SER T 68 -35.65 86.95 63.31
N ILE T 69 -34.91 87.03 62.21
CA ILE T 69 -33.51 87.44 62.26
C ILE T 69 -33.34 88.81 62.92
N LEU T 70 -34.21 89.74 62.56
CA LEU T 70 -34.15 91.09 63.12
C LEU T 70 -34.31 91.04 64.63
N LYS T 71 -35.33 90.31 65.09
CA LYS T 71 -35.60 90.16 66.51
C LYS T 71 -34.47 89.44 67.24
N ARG T 72 -33.94 88.41 66.60
CA ARG T 72 -32.87 87.61 67.18
C ARG T 72 -31.54 88.35 67.35
N SER T 73 -31.45 89.57 66.83
CA SER T 73 -30.21 90.33 66.95
C SER T 73 -30.46 91.82 67.17
N SER T 74 -31.51 92.14 67.91
CA SER T 74 -31.85 93.53 68.21
C SER T 74 -30.72 94.28 68.90
N SER T 75 -29.89 93.55 69.65
CA SER T 75 -28.78 94.14 70.38
C SER T 75 -27.70 94.68 69.44
N ALA T 76 -27.85 94.44 68.14
CA ALA T 76 -26.85 94.91 67.18
C ALA T 76 -27.43 95.62 65.97
N LEU T 77 -28.45 96.45 66.17
CA LEU T 77 -29.04 97.17 65.05
C LEU T 77 -29.90 98.38 65.40
N THR T 78 -29.70 99.45 64.65
CA THR T 78 -30.44 100.70 64.82
C THR T 78 -30.71 101.23 63.42
N GLY T 79 -31.35 102.40 63.33
CA GLY T 79 -31.65 102.96 62.03
C GLY T 79 -32.72 102.16 61.32
N HIS T 80 -32.54 101.94 60.03
CA HIS T 80 -33.51 101.18 59.24
C HIS T 80 -33.75 99.79 59.82
N LEU T 81 -32.66 99.11 60.19
CA LEU T 81 -32.75 97.77 60.74
C LEU T 81 -33.47 97.67 62.08
N ARG T 82 -34.30 98.67 62.38
CA ARG T 82 -35.06 98.69 63.62
C ARG T 82 -36.49 99.09 63.30
N GLU T 83 -36.63 99.96 62.31
CA GLU T 83 -37.93 100.43 61.86
C GLU T 83 -38.46 99.38 60.89
N LEU T 84 -37.54 98.75 60.18
CA LEU T 84 -37.85 97.71 59.21
C LEU T 84 -38.65 96.61 59.89
N LEU T 85 -38.25 96.25 61.10
CA LEU T 85 -38.92 95.21 61.86
C LEU T 85 -40.37 95.59 62.14
N THR T 86 -40.57 96.72 62.81
CA THR T 86 -41.90 97.18 63.14
C THR T 86 -42.81 97.31 61.92
N THR T 87 -42.22 97.74 60.80
CA THR T 87 -42.98 97.89 59.56
C THR T 87 -43.18 96.56 58.86
N LEU T 88 -42.21 95.66 59.02
CA LEU T 88 -42.27 94.35 58.39
C LEU T 88 -43.30 93.48 59.12
N GLU T 89 -43.40 93.68 60.43
CA GLU T 89 -44.36 92.93 61.24
C GLU T 89 -45.78 93.34 60.88
N THR T 90 -46.00 94.64 60.75
CA THR T 90 -47.31 95.17 60.39
C THR T 90 -47.72 94.60 59.03
N LEU T 91 -46.74 94.43 58.16
CA LEU T 91 -46.98 93.88 56.83
C LEU T 91 -47.41 92.42 56.98
N TYR T 92 -46.66 91.68 57.79
CA TYR T 92 -46.95 90.27 58.03
C TYR T 92 -48.38 90.09 58.52
N GLY T 93 -48.85 91.04 59.33
CA GLY T 93 -50.20 90.95 59.86
C GLY T 93 -51.26 91.58 58.99
N SER T 94 -50.88 91.96 57.77
CA SER T 94 -51.83 92.58 56.84
C SER T 94 -52.50 91.50 56.00
N PHE T 95 -51.84 90.34 55.91
CA PHE T 95 -52.36 89.22 55.14
C PHE T 95 -53.25 88.33 56.00
N SER T 96 -54.24 87.71 55.36
CA SER T 96 -55.17 86.83 56.04
C SER T 96 -55.07 85.43 55.44
N VAL T 97 -54.58 84.49 56.25
CA VAL T 97 -54.39 83.11 55.81
C VAL T 97 -55.71 82.37 55.53
N GLU T 98 -56.57 82.35 56.54
CA GLU T 98 -57.86 81.69 56.50
C GLU T 98 -58.76 82.01 55.31
N ASP T 99 -58.36 82.96 54.49
CA ASP T 99 -59.14 83.34 53.31
C ASP T 99 -58.75 82.47 52.14
N LEU T 100 -57.51 81.99 52.18
CA LEU T 100 -56.97 81.14 51.12
C LEU T 100 -57.68 79.78 51.09
N PHE T 101 -58.41 79.48 52.17
CA PHE T 101 -59.16 78.23 52.27
C PHE T 101 -60.15 78.18 51.12
N GLY T 102 -60.78 79.32 50.85
CA GLY T 102 -61.76 79.39 49.77
C GLY T 102 -61.25 80.00 48.49
N ALA T 103 -60.18 80.78 48.59
CA ALA T 103 -59.60 81.43 47.41
C ALA T 103 -58.94 80.41 46.50
N ASN T 104 -58.87 80.69 45.21
CA ASN T 104 -58.25 79.77 44.27
C ASN T 104 -56.75 80.06 44.18
N LEU T 105 -55.95 79.04 44.50
CA LEU T 105 -54.49 79.13 44.54
C LEU T 105 -53.73 79.02 43.21
N ASN T 106 -54.38 78.55 42.16
CA ASN T 106 -53.71 78.40 40.87
C ASN T 106 -54.01 79.53 39.87
N ARG T 107 -54.33 80.72 40.37
CA ARG T 107 -54.63 81.81 39.45
C ARG T 107 -53.36 82.54 39.02
N TYR T 108 -52.28 81.77 38.86
CA TYR T 108 -51.00 82.31 38.45
C TYR T 108 -50.14 81.21 37.82
N LEU U 1 22.59 -93.58 -63.45
CA LEU U 1 22.31 -92.74 -64.65
C LEU U 1 22.02 -93.63 -65.87
N SER U 2 21.96 -93.00 -67.04
CA SER U 2 21.71 -93.71 -68.28
C SER U 2 20.34 -94.37 -68.34
N GLU U 3 19.30 -93.62 -67.97
CA GLU U 3 17.94 -94.14 -68.00
C GLU U 3 16.87 -93.10 -67.66
N VAL U 4 16.11 -92.71 -68.68
CA VAL U 4 15.04 -91.74 -68.51
C VAL U 4 13.89 -92.13 -69.42
N LYS U 5 12.67 -91.79 -69.02
CA LYS U 5 11.49 -92.12 -69.81
C LYS U 5 10.43 -91.03 -69.71
N LEU U 6 9.99 -90.52 -70.85
CA LEU U 6 8.97 -89.49 -70.88
C LEU U 6 7.61 -90.14 -71.09
N HIS U 7 6.58 -89.53 -70.51
CA HIS U 7 5.22 -90.03 -70.65
C HIS U 7 4.45 -88.99 -71.46
N LEU U 8 4.48 -89.14 -72.79
CA LEU U 8 3.80 -88.22 -73.69
C LEU U 8 2.31 -88.19 -73.45
N ASP U 9 1.57 -87.62 -74.41
CA ASP U 9 0.12 -87.52 -74.27
C ASP U 9 -0.58 -87.18 -75.58
N ILE U 10 -1.13 -88.19 -76.25
CA ILE U 10 -1.85 -87.95 -77.49
C ILE U 10 -3.22 -87.44 -77.08
N GLU U 11 -4.23 -87.63 -77.92
CA GLU U 11 -5.58 -87.17 -77.60
C GLU U 11 -6.26 -88.13 -76.64
N GLY U 12 -6.56 -87.65 -75.44
CA GLY U 12 -7.22 -88.48 -74.45
C GLY U 12 -6.47 -89.71 -74.00
N HIS U 13 -5.39 -90.07 -74.69
CA HIS U 13 -4.63 -91.26 -74.29
C HIS U 13 -3.19 -90.96 -73.88
N ALA U 14 -2.73 -91.71 -72.87
CA ALA U 14 -1.38 -91.54 -72.36
C ALA U 14 -0.41 -92.49 -73.09
N SER U 15 0.57 -91.90 -73.78
CA SER U 15 1.56 -92.68 -74.51
C SER U 15 2.78 -92.89 -73.63
N HIS U 16 3.45 -94.02 -73.81
CA HIS U 16 4.63 -94.34 -73.02
C HIS U 16 5.83 -94.74 -73.86
N TYR U 17 6.82 -93.85 -73.89
CA TYR U 17 8.05 -94.08 -74.65
C TYR U 17 9.24 -94.04 -73.69
N THR U 18 10.14 -95.00 -73.84
CA THR U 18 11.33 -95.08 -73.01
C THR U 18 12.57 -94.87 -73.87
N ILE U 19 13.32 -93.80 -73.60
CA ILE U 19 14.52 -93.51 -74.37
C ILE U 19 15.81 -93.83 -73.62
N PRO U 20 16.39 -95.01 -73.90
CA PRO U 20 17.64 -95.42 -73.23
C PRO U 20 18.85 -94.83 -73.94
N TRP U 21 19.25 -93.62 -73.57
CA TRP U 21 20.41 -92.99 -74.20
C TRP U 21 21.69 -93.75 -73.86
N THR U 22 21.56 -94.72 -72.95
CA THR U 22 22.69 -95.54 -72.53
C THR U 22 23.18 -96.41 -73.69
N GLU U 23 22.23 -97.04 -74.38
CA GLU U 23 22.53 -97.90 -75.51
C GLU U 23 22.90 -97.04 -76.72
N LEU U 24 22.27 -95.88 -76.82
CA LEU U 24 22.51 -94.97 -77.93
C LEU U 24 23.95 -94.46 -77.95
N MET U 25 24.48 -94.10 -76.79
CA MET U 25 25.84 -93.60 -76.68
C MET U 25 26.88 -94.57 -77.22
N ALA U 26 26.56 -95.86 -77.23
CA ALA U 26 27.48 -96.87 -77.72
C ALA U 26 27.50 -96.90 -79.24
N LYS U 27 26.32 -96.88 -79.86
CA LYS U 27 26.20 -96.90 -81.31
C LYS U 27 26.46 -95.55 -81.96
N VAL U 28 26.54 -94.50 -81.15
CA VAL U 28 26.79 -93.16 -81.67
C VAL U 28 28.01 -92.53 -81.03
N PRO U 29 28.79 -91.78 -81.83
CA PRO U 29 30.01 -91.10 -81.37
C PRO U 29 29.79 -89.71 -80.76
N GLY U 30 29.38 -88.76 -81.60
CA GLY U 30 29.19 -87.40 -81.14
C GLY U 30 28.00 -87.12 -80.24
N LEU U 31 27.18 -88.12 -79.98
CA LEU U 31 26.00 -87.92 -79.12
C LEU U 31 26.37 -87.86 -77.65
N SER U 32 26.47 -86.65 -77.12
CA SER U 32 26.79 -86.44 -75.71
C SER U 32 25.57 -85.79 -75.06
N PRO U 33 24.56 -86.60 -74.70
CA PRO U 33 23.32 -86.12 -74.08
C PRO U 33 23.51 -85.16 -72.91
N GLU U 34 24.52 -85.42 -72.08
CA GLU U 34 24.79 -84.56 -70.93
C GLU U 34 24.95 -83.09 -71.30
N ALA U 35 25.68 -82.82 -72.37
CA ALA U 35 25.92 -81.46 -72.81
C ALA U 35 24.66 -80.80 -73.37
N LEU U 36 24.02 -81.48 -74.31
CA LEU U 36 22.80 -80.97 -74.94
C LEU U 36 21.70 -80.67 -73.93
N TRP U 37 21.55 -81.53 -72.93
CA TRP U 37 20.54 -81.33 -71.90
C TRP U 37 20.77 -80.04 -71.13
N ARG U 38 22.05 -79.67 -70.99
CA ARG U 38 22.39 -78.45 -70.29
C ARG U 38 22.32 -77.25 -71.21
N GLU U 39 22.70 -77.45 -72.47
CA GLU U 39 22.65 -76.36 -73.44
C GLU U 39 21.26 -75.75 -73.40
N ALA U 40 20.25 -76.60 -73.43
CA ALA U 40 18.87 -76.15 -73.38
C ALA U 40 18.46 -75.92 -71.93
N ASN U 41 18.38 -74.66 -71.52
CA ASN U 41 17.99 -74.33 -70.16
C ASN U 41 16.68 -75.01 -69.83
N VAL U 42 16.79 -76.25 -69.34
CA VAL U 42 15.62 -77.05 -69.00
C VAL U 42 14.83 -76.38 -67.88
N THR U 43 15.51 -75.57 -67.09
CA THR U 43 14.88 -74.87 -65.97
C THR U 43 14.45 -73.45 -66.32
N GLU U 44 14.86 -72.99 -67.51
CA GLU U 44 14.51 -71.63 -67.95
C GLU U 44 13.02 -71.36 -67.75
N ASP U 45 12.71 -70.49 -66.81
CA ASP U 45 11.31 -70.15 -66.55
C ASP U 45 10.65 -69.62 -67.81
N LEU U 46 9.38 -69.98 -68.00
CA LEU U 46 8.61 -69.56 -69.16
C LEU U 46 8.81 -68.10 -69.58
N ALA U 47 8.79 -67.21 -68.59
CA ALA U 47 8.94 -65.78 -68.85
C ALA U 47 10.25 -65.34 -69.50
N SER U 48 11.37 -65.68 -68.87
CA SER U 48 12.69 -65.31 -69.35
C SER U 48 12.96 -65.73 -70.80
N MET U 49 12.56 -66.96 -71.12
CA MET U 49 12.75 -67.53 -72.46
C MET U 49 12.25 -66.68 -73.62
N LEU U 50 11.06 -66.11 -73.47
CA LEU U 50 10.46 -65.30 -74.52
C LEU U 50 11.34 -64.24 -75.16
N ASN U 51 11.94 -63.35 -74.36
CA ASN U 51 12.79 -62.31 -74.93
C ASN U 51 14.08 -62.84 -75.57
N ARG U 52 14.37 -64.11 -75.32
CA ARG U 52 15.54 -64.76 -75.90
C ARG U 52 15.21 -65.16 -77.33
N TYR U 53 13.92 -65.16 -77.64
CA TYR U 53 13.43 -65.51 -78.97
C TYR U 53 12.81 -64.32 -79.69
N LYS U 54 12.20 -63.42 -78.92
CA LYS U 54 11.56 -62.24 -79.50
C LYS U 54 12.61 -61.22 -79.91
N LEU U 55 13.88 -61.57 -79.68
CA LEU U 55 14.99 -60.68 -80.03
C LEU U 55 15.64 -61.20 -81.30
N ILE U 56 15.21 -62.39 -81.72
CA ILE U 56 15.70 -63.05 -82.93
C ILE U 56 14.87 -62.59 -84.13
N TYR U 57 15.54 -62.20 -85.20
CA TYR U 57 14.83 -61.74 -86.40
C TYR U 57 13.78 -62.75 -86.85
N LYS U 58 12.68 -62.22 -87.37
CA LYS U 58 11.59 -63.05 -87.86
C LYS U 58 11.39 -62.77 -89.34
N THR U 59 11.70 -63.76 -90.17
CA THR U 59 11.53 -63.60 -91.61
C THR U 59 10.08 -63.30 -91.94
N SER U 60 9.80 -62.03 -92.24
CA SER U 60 8.47 -61.58 -92.56
C SER U 60 7.88 -62.29 -93.77
N GLY U 61 7.26 -63.44 -93.54
CA GLY U 61 6.68 -64.20 -94.61
C GLY U 61 7.71 -64.98 -95.39
N THR U 62 7.68 -66.31 -95.24
CA THR U 62 8.62 -67.18 -95.94
C THR U 62 8.10 -67.51 -97.33
N LEU U 63 8.66 -66.86 -98.33
CA LEU U 63 8.24 -67.08 -99.71
C LEU U 63 9.01 -68.25 -100.32
N GLY U 64 8.27 -69.20 -100.87
CA GLY U 64 8.89 -70.35 -101.49
C GLY U 64 8.84 -70.26 -103.00
N ILE U 65 9.80 -70.90 -103.67
CA ILE U 65 9.85 -70.89 -105.11
C ILE U 65 10.09 -72.30 -105.63
N ALA U 66 9.12 -72.82 -106.38
CA ALA U 66 9.21 -74.16 -106.95
C ALA U 66 10.53 -74.35 -107.69
N LEU U 67 11.37 -75.24 -107.17
CA LEU U 67 12.67 -75.52 -107.78
C LEU U 67 13.00 -77.00 -107.68
N ALA U 68 14.00 -77.42 -108.45
CA ALA U 68 14.44 -78.82 -108.45
C ALA U 68 15.87 -78.94 -108.97
N GLU U 69 16.75 -79.48 -108.15
CA GLU U 69 18.16 -79.65 -108.50
C GLU U 69 18.37 -80.16 -109.92
N PRO U 70 19.45 -79.69 -110.58
CA PRO U 70 19.78 -80.11 -111.94
C PRO U 70 20.51 -81.45 -111.89
N VAL U 71 20.60 -82.13 -113.03
CA VAL U 71 21.29 -83.42 -113.05
C VAL U 71 22.79 -83.13 -113.13
N ASP U 72 23.45 -83.19 -111.98
CA ASP U 72 24.87 -82.90 -111.87
C ASP U 72 25.77 -84.10 -112.20
N ILE U 73 26.46 -84.63 -111.19
CA ILE U 73 27.38 -85.75 -111.38
C ILE U 73 26.78 -86.86 -112.25
N PRO U 74 27.49 -87.25 -113.31
CA PRO U 74 27.02 -88.31 -114.21
C PRO U 74 27.20 -89.69 -113.58
N ALA U 75 26.29 -90.60 -113.87
CA ALA U 75 26.37 -91.96 -113.33
C ALA U 75 27.72 -92.59 -113.66
N VAL U 76 28.16 -93.49 -112.79
CA VAL U 76 29.45 -94.16 -113.01
C VAL U 76 29.59 -94.58 -114.47
N SER U 77 30.81 -94.48 -114.97
CA SER U 77 31.13 -94.81 -116.35
C SER U 77 31.23 -96.33 -116.57
N GLU U 78 31.10 -96.74 -117.82
CA GLU U 78 31.15 -98.16 -118.17
C GLU U 78 32.39 -98.85 -117.59
N GLY U 79 33.51 -98.78 -118.30
CA GLY U 79 34.72 -99.42 -117.83
C GLY U 79 35.00 -99.06 -116.37
N SER U 80 34.83 -97.78 -116.06
CA SER U 80 35.04 -97.28 -114.71
C SER U 80 36.45 -97.55 -114.20
N MET U 81 36.83 -96.84 -113.15
CA MET U 81 38.14 -97.02 -112.55
C MET U 81 38.09 -96.80 -111.05
N GLN U 82 37.87 -97.89 -110.32
CA GLN U 82 37.80 -97.85 -108.86
C GLN U 82 39.06 -97.21 -108.29
N VAL U 83 38.97 -95.93 -107.96
CA VAL U 83 40.13 -95.23 -107.42
C VAL U 83 39.87 -94.56 -106.08
N ASP U 84 40.33 -95.20 -105.01
CA ASP U 84 40.19 -94.69 -103.65
C ASP U 84 41.26 -93.63 -103.44
N ALA U 85 40.85 -92.46 -102.94
CA ALA U 85 41.78 -91.35 -102.71
C ALA U 85 42.81 -91.61 -101.62
N SER U 86 42.48 -92.47 -100.67
CA SER U 86 43.38 -92.79 -99.57
C SER U 86 44.74 -93.29 -100.08
N LYS U 87 44.73 -94.47 -100.68
CA LYS U 87 45.95 -95.07 -101.22
C LYS U 87 46.04 -95.01 -102.73
N VAL U 88 46.12 -93.80 -103.29
CA VAL U 88 46.23 -93.66 -104.73
C VAL U 88 47.63 -94.10 -105.14
N HIS U 89 47.82 -95.41 -105.25
CA HIS U 89 49.10 -96.01 -105.62
C HIS U 89 49.66 -95.44 -106.93
N PRO U 90 51.00 -95.42 -107.06
CA PRO U 90 51.65 -94.92 -108.26
C PRO U 90 51.25 -95.74 -109.49
N GLY U 91 50.74 -96.93 -109.25
CA GLY U 91 50.32 -97.79 -110.33
C GLY U 91 49.02 -97.28 -110.92
N VAL U 92 49.13 -96.22 -111.73
CA VAL U 92 47.97 -95.62 -112.36
C VAL U 92 47.06 -96.71 -112.91
N ILE U 93 46.00 -97.00 -112.18
CA ILE U 93 45.04 -98.01 -112.58
C ILE U 93 44.30 -97.59 -113.84
N SER U 94 44.99 -96.89 -114.74
CA SER U 94 44.37 -96.42 -115.97
C SER U 94 45.31 -95.61 -116.86
N GLY U 95 44.78 -95.13 -117.98
CA GLY U 95 45.57 -94.33 -118.89
C GLY U 95 44.90 -92.98 -119.00
N LEU U 96 44.88 -92.39 -120.19
CA LEU U 96 44.23 -91.10 -120.37
C LEU U 96 42.78 -91.29 -120.76
N ASN U 97 42.51 -91.29 -122.06
CA ASN U 97 41.15 -91.46 -122.58
C ASN U 97 40.58 -92.84 -122.29
N SER U 98 40.24 -93.08 -121.02
CA SER U 98 39.69 -94.36 -120.61
C SER U 98 38.90 -94.23 -119.30
N PRO U 99 38.37 -95.34 -118.78
CA PRO U 99 37.60 -95.32 -117.52
C PRO U 99 38.33 -94.67 -116.37
N ALA U 100 37.63 -93.79 -115.65
CA ALA U 100 38.21 -93.11 -114.50
C ALA U 100 37.21 -92.37 -113.62
N CYS U 101 37.03 -92.85 -112.39
CA CYS U 101 36.15 -92.21 -111.41
C CYS U 101 36.75 -92.44 -110.02
N MET U 102 36.40 -91.58 -109.07
CA MET U 102 36.91 -91.69 -107.71
C MET U 102 35.83 -92.05 -106.69
N LEU U 103 36.23 -92.83 -105.69
CA LEU U 103 35.32 -93.26 -104.63
C LEU U 103 34.94 -92.08 -103.74
N SER U 104 33.65 -91.94 -103.46
CA SER U 104 33.15 -90.84 -102.63
C SER U 104 33.58 -90.97 -101.18
N ALA U 105 33.45 -92.17 -100.62
CA ALA U 105 33.81 -92.43 -99.23
C ALA U 105 35.16 -91.81 -98.85
N PRO U 106 36.21 -92.07 -99.64
CA PRO U 106 37.53 -91.50 -99.32
C PRO U 106 37.68 -90.04 -99.73
N LEU U 107 37.20 -89.71 -100.93
CA LEU U 107 37.28 -88.35 -101.47
C LEU U 107 36.69 -87.33 -100.49
N GLU U 108 35.50 -87.63 -99.98
CA GLU U 108 34.82 -86.74 -99.05
C GLU U 108 35.60 -86.60 -97.74
N LYS U 109 35.98 -87.73 -97.17
CA LYS U 109 36.74 -87.72 -95.91
C LYS U 109 38.03 -86.95 -96.07
N GLN U 110 38.51 -86.82 -97.31
CA GLN U 110 39.73 -86.09 -97.57
C GLN U 110 39.43 -84.60 -97.69
N LEU U 111 38.33 -84.28 -98.37
CA LEU U 111 37.93 -82.88 -98.52
C LEU U 111 37.64 -82.30 -97.14
N PHE U 112 36.68 -82.90 -96.46
CA PHE U 112 36.30 -82.46 -95.12
C PHE U 112 37.19 -83.12 -94.09
N TYR U 113 38.49 -82.91 -94.24
CA TYR U 113 39.47 -83.47 -93.32
C TYR U 113 39.46 -82.71 -92.00
N TYR U 114 39.26 -81.40 -92.08
CA TYR U 114 39.24 -80.54 -90.92
C TYR U 114 37.93 -80.68 -90.11
N ILE U 115 38.03 -80.50 -88.79
CA ILE U 115 36.88 -80.61 -87.90
C ILE U 115 36.63 -79.23 -87.30
N GLY U 116 35.40 -78.91 -86.91
CA GLY U 116 35.15 -77.59 -86.37
C GLY U 116 33.87 -77.32 -85.61
N THR U 117 33.29 -76.15 -85.87
CA THR U 117 32.06 -75.72 -85.21
C THR U 117 31.19 -74.92 -86.16
N MET U 118 30.21 -75.58 -86.78
CA MET U 118 29.31 -74.89 -87.69
C MET U 118 28.59 -73.78 -86.92
N LEU U 119 28.35 -74.05 -85.64
CA LEU U 119 27.66 -73.10 -84.77
C LEU U 119 28.59 -72.62 -83.65
N PRO U 120 29.12 -71.38 -83.79
CA PRO U 120 30.02 -70.80 -82.79
C PRO U 120 29.36 -70.53 -81.44
N ASN U 121 30.08 -69.87 -80.55
CA ASN U 121 29.56 -69.58 -79.22
C ASN U 121 29.20 -68.10 -79.11
N THR U 122 28.93 -67.47 -80.25
CA THR U 122 28.56 -66.05 -80.25
C THR U 122 27.15 -65.92 -79.70
N ARG U 123 26.87 -64.79 -79.05
CA ARG U 123 25.56 -64.55 -78.46
C ARG U 123 24.37 -64.94 -79.35
N PRO U 124 24.31 -64.39 -80.58
CA PRO U 124 23.22 -64.70 -81.50
C PRO U 124 22.92 -66.18 -81.72
N HIS U 125 23.91 -66.92 -82.23
CA HIS U 125 23.75 -68.33 -82.51
C HIS U 125 23.46 -69.17 -81.27
N SER U 126 24.19 -68.93 -80.19
CA SER U 126 24.00 -69.67 -78.95
C SER U 126 22.55 -69.64 -78.48
N TYR U 127 21.77 -68.68 -78.99
CA TYR U 127 20.39 -68.55 -78.61
C TYR U 127 19.44 -69.40 -79.46
N VAL U 128 19.83 -69.68 -80.70
CA VAL U 128 19.00 -70.46 -81.61
C VAL U 128 19.40 -71.91 -81.81
N PHE U 129 20.62 -72.14 -82.28
CA PHE U 129 21.09 -73.50 -82.55
C PHE U 129 21.74 -74.21 -81.38
N TYR U 130 21.86 -75.53 -81.51
CA TYR U 130 22.49 -76.38 -80.52
C TYR U 130 23.94 -76.57 -80.93
N GLN U 131 24.88 -76.20 -80.05
CA GLN U 131 26.30 -76.36 -80.34
C GLN U 131 26.52 -77.61 -81.17
N LEU U 132 27.09 -77.46 -82.37
CA LEU U 132 27.33 -78.58 -83.26
C LEU U 132 28.81 -78.74 -83.61
N ARG U 133 29.24 -79.98 -83.80
CA ARG U 133 30.63 -80.25 -84.15
C ARG U 133 30.78 -81.43 -85.11
N CYS U 134 31.19 -81.12 -86.34
CA CYS U 134 31.39 -82.14 -87.36
C CYS U 134 32.46 -81.65 -88.35
N HIS U 135 32.93 -82.56 -89.19
CA HIS U 135 33.93 -82.23 -90.19
C HIS U 135 33.37 -81.14 -91.10
N LEU U 136 34.21 -80.16 -91.44
CA LEU U 136 33.77 -79.05 -92.29
C LEU U 136 34.91 -78.40 -93.07
N SER U 137 34.65 -77.19 -93.54
CA SER U 137 35.61 -76.40 -94.30
C SER U 137 35.02 -75.00 -94.41
N TYR U 138 35.87 -73.98 -94.36
CA TYR U 138 35.39 -72.61 -94.42
C TYR U 138 36.14 -71.70 -95.40
N VAL U 139 35.60 -70.50 -95.58
CA VAL U 139 36.18 -69.50 -96.47
C VAL U 139 36.33 -68.21 -95.65
N ALA U 140 37.55 -67.94 -95.19
CA ALA U 140 37.82 -66.76 -94.38
C ALA U 140 37.89 -65.48 -95.21
N LEU U 141 37.46 -64.37 -94.60
CA LEU U 141 37.47 -63.08 -95.28
C LEU U 141 37.69 -61.95 -94.27
N SER U 142 38.46 -60.93 -94.68
CA SER U 142 38.74 -59.80 -93.80
C SER U 142 38.95 -58.53 -94.61
N ILE U 143 38.03 -57.58 -94.47
CA ILE U 143 38.13 -56.31 -95.18
C ILE U 143 38.17 -55.15 -94.17
N ASN U 144 38.47 -53.96 -94.66
CA ASN U 144 38.56 -52.78 -93.80
C ASN U 144 39.40 -53.01 -92.54
N GLY U 145 40.36 -53.93 -92.66
CA GLY U 145 41.23 -54.23 -91.53
C GLY U 145 40.52 -54.81 -90.32
N ASP U 146 40.04 -56.04 -90.47
CA ASP U 146 39.34 -56.74 -89.38
C ASP U 146 38.12 -55.99 -88.84
N LYS U 147 37.70 -54.93 -89.55
CA LYS U 147 36.53 -54.18 -89.12
C LYS U 147 35.29 -54.83 -89.70
N PHE U 148 35.51 -55.73 -90.65
CA PHE U 148 34.44 -56.48 -91.30
C PHE U 148 35.00 -57.82 -91.74
N GLN U 149 34.24 -58.88 -91.53
CA GLN U 149 34.70 -60.22 -91.90
C GLN U 149 33.55 -61.17 -92.21
N TYR U 150 33.82 -62.12 -93.10
CA TYR U 150 32.84 -63.12 -93.52
C TYR U 150 33.43 -64.52 -93.36
N THR U 151 32.58 -65.49 -93.06
CA THR U 151 33.04 -66.86 -92.89
C THR U 151 32.13 -67.85 -93.61
N GLY U 152 32.70 -68.56 -94.58
CA GLY U 152 31.93 -69.53 -95.33
C GLY U 152 32.01 -70.90 -94.71
N ALA U 153 31.37 -71.07 -93.55
CA ALA U 153 31.36 -72.34 -92.85
C ALA U 153 30.42 -73.31 -93.55
N MET U 154 30.93 -74.48 -93.94
CA MET U 154 30.12 -75.46 -94.63
C MET U 154 30.50 -76.90 -94.31
N THR U 155 29.50 -77.77 -94.29
CA THR U 155 29.70 -79.18 -94.03
C THR U 155 29.19 -79.94 -95.26
N SER U 156 29.27 -81.27 -95.23
CA SER U 156 28.82 -82.07 -96.35
C SER U 156 27.31 -82.01 -96.57
N LYS U 157 26.60 -81.35 -95.65
CA LYS U 157 25.15 -81.26 -95.76
C LYS U 157 24.57 -79.85 -95.86
N PHE U 158 25.22 -78.87 -95.23
CA PHE U 158 24.71 -77.51 -95.28
C PHE U 158 25.77 -76.43 -95.11
N LEU U 159 25.47 -75.25 -95.66
CA LEU U 159 26.36 -74.10 -95.59
C LEU U 159 25.76 -73.06 -94.66
N MET U 160 26.62 -72.33 -93.94
CA MET U 160 26.14 -71.30 -93.03
C MET U 160 27.16 -70.18 -92.88
N GLY U 161 27.08 -69.21 -93.79
CA GLY U 161 27.99 -68.08 -93.74
C GLY U 161 27.52 -67.03 -92.77
N THR U 162 28.45 -66.33 -92.14
CA THR U 162 28.11 -65.29 -91.18
C THR U 162 28.82 -63.98 -91.47
N TYR U 163 28.09 -62.88 -91.34
CA TYR U 163 28.64 -61.56 -91.58
C TYR U 163 28.97 -60.93 -90.24
N LYS U 164 30.04 -60.14 -90.20
CA LYS U 164 30.47 -59.52 -88.96
C LYS U 164 31.09 -58.14 -89.20
N ARG U 165 30.42 -57.10 -88.71
CA ARG U 165 30.92 -55.73 -88.86
C ARG U 165 31.18 -55.13 -87.49
N VAL U 166 31.94 -54.04 -87.47
CA VAL U 166 32.27 -53.37 -86.22
C VAL U 166 32.24 -51.85 -86.36
N THR U 167 31.41 -51.20 -85.56
CA THR U 167 31.31 -49.74 -85.58
C THR U 167 32.59 -49.20 -84.95
N GLU U 168 32.75 -47.89 -84.91
CA GLU U 168 33.94 -47.28 -84.33
C GLU U 168 34.18 -47.84 -82.93
N LYS U 169 33.10 -48.14 -82.23
CA LYS U 169 33.18 -48.68 -80.87
C LYS U 169 33.26 -50.21 -80.93
N GLY U 170 33.35 -50.83 -79.75
CA GLY U 170 33.44 -52.28 -79.69
C GLY U 170 32.16 -52.96 -80.13
N ASP U 171 31.31 -52.22 -80.84
CA ASP U 171 30.05 -52.76 -81.33
C ASP U 171 30.28 -53.88 -82.34
N GLU U 172 29.68 -55.03 -82.08
CA GLU U 172 29.84 -56.18 -82.96
C GLU U 172 28.48 -56.64 -83.51
N HIS U 173 28.28 -56.39 -84.80
CA HIS U 173 27.03 -56.77 -85.45
C HIS U 173 27.23 -58.01 -86.31
N VAL U 174 26.34 -58.99 -86.14
CA VAL U 174 26.42 -60.24 -86.88
C VAL U 174 25.07 -60.70 -87.45
N LEU U 175 25.13 -61.25 -88.66
CA LEU U 175 23.97 -61.76 -89.37
C LEU U 175 24.45 -62.89 -90.27
N SER U 176 23.78 -64.03 -90.22
CA SER U 176 24.19 -65.17 -91.04
C SER U 176 23.10 -65.77 -91.91
N LEU U 177 23.52 -66.47 -92.95
CA LEU U 177 22.62 -67.13 -93.89
C LEU U 177 22.89 -68.63 -93.88
N VAL U 178 21.82 -69.43 -93.88
CA VAL U 178 21.98 -70.88 -93.87
C VAL U 178 21.32 -71.50 -95.10
N PHE U 179 22.12 -72.20 -95.90
CA PHE U 179 21.61 -72.85 -97.11
C PHE U 179 21.82 -74.35 -97.06
N GLY U 180 20.91 -75.09 -97.67
CA GLY U 180 21.01 -76.54 -97.68
C GLY U 180 19.64 -77.20 -97.73
N LYS U 181 19.64 -78.53 -97.88
CA LYS U 181 18.39 -79.27 -97.94
C LYS U 181 17.63 -79.12 -96.63
N THR U 182 16.38 -78.68 -96.74
CA THR U 182 15.53 -78.45 -95.58
C THR U 182 15.63 -79.56 -94.53
N LYS U 183 15.83 -80.79 -94.98
CA LYS U 183 15.93 -81.93 -94.07
C LYS U 183 17.24 -81.97 -93.29
N ASP U 184 18.25 -81.26 -93.78
CA ASP U 184 19.56 -81.26 -93.13
C ASP U 184 19.86 -80.07 -92.23
N LEU U 185 18.94 -79.11 -92.15
CA LEU U 185 19.14 -77.94 -91.30
C LEU U 185 19.40 -78.34 -89.86
N PRO U 186 20.32 -77.64 -89.17
CA PRO U 186 20.67 -77.92 -87.78
C PRO U 186 19.45 -78.03 -86.87
N ASP U 187 19.69 -78.42 -85.62
CA ASP U 187 18.61 -78.56 -84.64
C ASP U 187 18.36 -77.25 -83.92
N LEU U 188 17.10 -76.82 -83.88
CA LEU U 188 16.74 -75.58 -83.20
C LEU U 188 16.61 -75.84 -81.70
N ARG U 189 17.08 -74.88 -80.90
CA ARG U 189 17.03 -75.01 -79.45
C ARG U 189 15.70 -74.61 -78.81
N GLY U 190 15.65 -73.41 -78.26
CA GLY U 190 14.44 -72.94 -77.62
C GLY U 190 13.24 -72.92 -78.55
N PRO U 191 12.19 -72.14 -78.19
CA PRO U 191 10.96 -72.00 -78.97
C PRO U 191 11.24 -71.38 -80.32
N PHE U 192 11.87 -72.16 -81.19
CA PHE U 192 12.20 -71.70 -82.54
C PHE U 192 11.66 -72.65 -83.59
N SER U 193 11.14 -72.08 -84.67
CA SER U 193 10.60 -72.86 -85.77
C SER U 193 11.19 -72.32 -87.07
N TYR U 194 11.89 -73.18 -87.79
CA TYR U 194 12.52 -72.79 -89.05
C TYR U 194 11.66 -71.94 -89.99
N PRO U 195 10.36 -72.24 -90.09
CA PRO U 195 9.53 -71.43 -90.98
C PRO U 195 9.62 -69.92 -90.71
N SER U 196 9.54 -69.55 -89.43
CA SER U 196 9.62 -68.15 -89.06
C SER U 196 11.06 -67.64 -89.13
N LEU U 197 11.90 -68.40 -89.81
CA LEU U 197 13.31 -68.04 -89.97
C LEU U 197 13.79 -68.31 -91.39
N THR U 198 13.00 -69.08 -92.14
CA THR U 198 13.34 -69.41 -93.52
C THR U 198 12.91 -68.26 -94.43
N SER U 199 13.78 -67.91 -95.38
CA SER U 199 13.47 -66.81 -96.29
C SER U 199 12.97 -67.33 -97.64
N ALA U 200 13.59 -68.41 -98.12
CA ALA U 200 13.20 -69.00 -99.40
C ALA U 200 13.16 -70.52 -99.27
N GLN U 201 12.14 -71.15 -99.83
CA GLN U 201 12.02 -72.59 -99.73
C GLN U 201 11.60 -73.29 -101.02
N SER U 202 12.28 -74.40 -101.32
CA SER U 202 11.99 -75.19 -102.50
C SER U 202 11.28 -76.44 -102.00
N GLY U 203 11.23 -77.49 -102.81
CA GLY U 203 10.57 -78.71 -102.39
C GLY U 203 11.40 -79.41 -101.33
N ASP U 204 12.68 -79.05 -101.25
CA ASP U 204 13.58 -79.66 -100.27
C ASP U 204 14.79 -78.77 -99.93
N TYR U 205 14.73 -77.50 -100.32
CA TYR U 205 15.81 -76.57 -100.05
C TYR U 205 15.33 -75.32 -99.31
N SER U 206 16.15 -74.82 -98.39
CA SER U 206 15.80 -73.65 -97.60
C SER U 206 16.94 -72.65 -97.44
N LEU U 207 16.58 -71.42 -97.13
CA LEU U 207 17.54 -70.34 -96.91
C LEU U 207 17.12 -69.63 -95.63
N VAL U 208 17.84 -69.89 -94.55
CA VAL U 208 17.52 -69.31 -93.25
C VAL U 208 18.33 -68.06 -92.91
N ILE U 209 17.69 -67.13 -92.21
CA ILE U 209 18.33 -65.88 -91.80
C ILE U 209 18.40 -65.83 -90.27
N VAL U 210 19.55 -66.15 -89.72
CA VAL U 210 19.74 -66.14 -88.28
C VAL U 210 20.43 -64.84 -87.85
N THR U 211 19.70 -64.01 -87.11
CA THR U 211 20.22 -62.73 -86.64
C THR U 211 19.22 -62.06 -85.70
N THR U 212 19.68 -61.05 -84.98
CA THR U 212 18.82 -60.34 -84.05
C THR U 212 18.27 -59.09 -84.74
N PHE U 213 17.14 -58.60 -84.26
CA PHE U 213 16.53 -57.40 -84.82
C PHE U 213 17.52 -56.24 -84.72
N VAL U 214 18.19 -56.16 -83.58
CA VAL U 214 19.17 -55.11 -83.34
C VAL U 214 20.21 -55.10 -84.46
N HIS U 215 20.68 -56.29 -84.83
CA HIS U 215 21.67 -56.42 -85.89
C HIS U 215 21.09 -56.20 -87.29
N TYR U 216 19.99 -56.88 -87.59
CA TYR U 216 19.36 -56.75 -88.91
C TYR U 216 19.22 -55.30 -89.34
N ALA U 217 19.07 -54.41 -88.37
CA ALA U 217 18.93 -52.98 -88.65
C ALA U 217 20.22 -52.40 -89.21
N ASN U 218 21.30 -52.52 -88.44
CA ASN U 218 22.60 -52.00 -88.85
C ASN U 218 23.05 -52.59 -90.18
N PHE U 219 22.55 -53.78 -90.51
CA PHE U 219 22.91 -54.43 -91.76
C PHE U 219 22.04 -54.02 -92.93
N HIS U 220 20.74 -53.89 -92.70
CA HIS U 220 19.81 -53.50 -93.75
C HIS U 220 20.15 -52.15 -94.37
N ASN U 221 21.06 -51.41 -93.74
CA ASN U 221 21.48 -50.11 -94.23
C ASN U 221 22.37 -50.21 -95.46
N TYR U 222 23.10 -51.32 -95.58
CA TYR U 222 24.00 -51.50 -96.72
C TYR U 222 23.94 -52.91 -97.30
N PHE U 223 23.05 -53.74 -96.78
CA PHE U 223 22.93 -55.11 -97.27
C PHE U 223 21.49 -55.55 -97.46
N VAL U 224 21.02 -55.46 -98.69
CA VAL U 224 19.66 -55.87 -99.04
C VAL U 224 19.78 -56.91 -100.16
N PRO U 225 20.17 -58.14 -99.81
CA PRO U 225 20.33 -59.24 -100.76
C PRO U 225 19.05 -59.63 -101.48
N ASN U 226 19.20 -60.06 -102.73
CA ASN U 226 18.07 -60.49 -103.53
C ASN U 226 17.86 -61.99 -103.28
N LEU U 227 17.53 -62.32 -102.04
CA LEU U 227 17.30 -63.70 -101.62
C LEU U 227 16.64 -64.55 -102.70
N LYS U 228 15.70 -63.96 -103.43
CA LYS U 228 15.00 -64.68 -104.49
C LYS U 228 15.94 -65.32 -105.50
N ASP U 229 16.54 -64.50 -106.37
CA ASP U 229 17.45 -64.99 -107.39
C ASP U 229 18.67 -65.66 -106.77
N MET U 230 19.20 -65.06 -105.71
CA MET U 230 20.37 -65.60 -105.03
C MET U 230 20.13 -67.04 -104.58
N PHE U 231 18.89 -67.34 -104.21
CA PHE U 231 18.54 -68.68 -103.77
C PHE U 231 18.36 -69.63 -104.95
N SER U 232 17.50 -69.24 -105.89
CA SER U 232 17.24 -70.05 -107.08
C SER U 232 18.53 -70.49 -107.76
N ARG U 233 19.32 -69.52 -108.17
CA ARG U 233 20.58 -69.77 -108.85
C ARG U 233 21.47 -70.72 -108.04
N ALA U 234 21.34 -70.66 -106.71
CA ALA U 234 22.13 -71.52 -105.84
C ALA U 234 21.55 -72.92 -105.72
N VAL U 235 20.39 -73.13 -106.34
CA VAL U 235 19.73 -74.43 -106.31
C VAL U 235 19.69 -75.05 -107.71
N THR U 236 19.08 -74.33 -108.65
CA THR U 236 18.98 -74.82 -110.02
C THR U 236 20.16 -74.36 -110.86
N MET U 237 21.28 -75.07 -110.73
CA MET U 237 22.48 -74.74 -111.48
C MET U 237 23.60 -75.72 -111.14
N THR U 238 24.13 -76.37 -112.17
CA THR U 238 25.21 -77.33 -111.99
C THR U 238 26.38 -76.71 -111.24
N ALA U 239 27.06 -77.52 -110.44
CA ALA U 239 28.19 -77.09 -109.64
C ALA U 239 29.20 -76.27 -110.45
N ALA U 240 29.72 -76.87 -111.52
CA ALA U 240 30.69 -76.20 -112.37
C ALA U 240 30.21 -74.84 -112.86
N SER U 241 28.95 -74.78 -113.28
CA SER U 241 28.37 -73.54 -113.77
C SER U 241 28.30 -72.46 -112.69
N TYR U 242 27.75 -72.81 -111.54
CA TYR U 242 27.63 -71.86 -110.44
C TYR U 242 29.00 -71.29 -110.08
N ALA U 243 30.01 -72.14 -110.11
CA ALA U 243 31.38 -71.75 -109.79
C ALA U 243 31.84 -70.60 -110.68
N ARG U 244 31.58 -70.71 -111.99
CA ARG U 244 31.97 -69.68 -112.93
C ARG U 244 31.08 -68.46 -112.82
N TYR U 245 29.78 -68.68 -112.62
CA TYR U 245 28.84 -67.56 -112.48
C TYR U 245 29.39 -66.62 -111.42
N VAL U 246 29.98 -67.22 -110.38
CA VAL U 246 30.56 -66.46 -109.29
C VAL U 246 31.90 -65.87 -109.72
N LEU U 247 32.72 -66.69 -110.36
CA LEU U 247 34.02 -66.26 -110.84
C LEU U 247 33.86 -65.01 -111.69
N GLN U 248 32.84 -65.00 -112.53
CA GLN U 248 32.56 -63.85 -113.40
C GLN U 248 32.10 -62.66 -112.57
N LYS U 249 31.21 -62.92 -111.62
CA LYS U 249 30.69 -61.84 -110.77
C LYS U 249 31.86 -61.12 -110.10
N LEU U 250 32.88 -61.87 -109.72
CA LEU U 250 34.05 -61.28 -109.08
C LEU U 250 34.85 -60.45 -110.09
N VAL U 251 35.06 -61.02 -111.27
CA VAL U 251 35.81 -60.32 -112.32
C VAL U 251 35.19 -58.94 -112.53
N LEU U 252 33.87 -58.88 -112.50
CA LEU U 252 33.14 -57.63 -112.66
C LEU U 252 33.57 -56.66 -111.55
N LEU U 253 33.44 -57.12 -110.31
CA LEU U 253 33.80 -56.31 -109.16
C LEU U 253 35.26 -55.86 -109.25
N GLU U 254 36.09 -56.70 -109.87
CA GLU U 254 37.50 -56.39 -110.02
C GLU U 254 37.65 -55.20 -110.96
N MET U 255 36.94 -55.25 -112.07
CA MET U 255 36.99 -54.16 -113.05
C MET U 255 36.33 -52.92 -112.46
N LYS U 256 35.59 -53.10 -111.37
CA LYS U 256 34.94 -51.99 -110.70
C LYS U 256 35.87 -51.42 -109.63
N GLY U 257 37.10 -51.93 -109.59
CA GLY U 257 38.07 -51.46 -108.62
C GLY U 257 37.78 -51.96 -107.23
N GLY U 258 36.73 -52.78 -107.10
CA GLY U 258 36.37 -53.31 -105.79
C GLY U 258 37.41 -54.23 -105.20
N CYS U 259 38.57 -54.34 -105.83
CA CYS U 259 39.63 -55.21 -105.32
C CYS U 259 40.78 -54.43 -104.68
N ARG U 260 40.59 -53.12 -104.55
CA ARG U 260 41.57 -52.24 -103.94
C ARG U 260 40.80 -51.23 -103.11
N GLU U 261 39.51 -51.14 -103.42
CA GLU U 261 38.57 -50.26 -102.74
C GLU U 261 37.35 -51.11 -102.40
N PRO U 262 37.57 -52.26 -101.73
CA PRO U 262 36.51 -53.19 -101.34
C PRO U 262 35.26 -52.49 -100.81
N GLU U 263 34.31 -52.26 -101.72
CA GLU U 263 33.06 -51.60 -101.36
C GLU U 263 32.17 -52.53 -100.54
N LEU U 264 31.69 -52.02 -99.41
CA LEU U 264 30.81 -52.79 -98.54
C LEU U 264 29.37 -52.57 -98.95
N ASP U 265 28.99 -53.13 -100.09
CA ASP U 265 27.64 -52.99 -100.60
C ASP U 265 26.95 -54.35 -100.78
N THR U 266 25.67 -54.30 -101.16
CA THR U 266 24.89 -55.51 -101.36
C THR U 266 25.56 -56.46 -102.35
N GLU U 267 25.96 -55.92 -103.49
CA GLU U 267 26.62 -56.72 -104.53
C GLU U 267 27.86 -57.45 -104.00
N THR U 268 28.80 -56.69 -103.46
CA THR U 268 30.04 -57.24 -102.93
C THR U 268 29.78 -58.29 -101.86
N LEU U 269 28.84 -58.00 -100.96
CA LEU U 269 28.51 -58.91 -99.89
C LEU U 269 27.79 -60.15 -100.42
N THR U 270 26.93 -59.95 -101.39
CA THR U 270 26.17 -61.06 -102.00
C THR U 270 27.13 -62.07 -102.61
N THR U 271 28.01 -61.60 -103.48
CA THR U 271 28.98 -62.46 -104.14
C THR U 271 29.72 -63.33 -103.13
N MET U 272 30.09 -62.74 -102.00
CA MET U 272 30.80 -63.46 -100.96
C MET U 272 30.09 -64.77 -100.61
N PHE U 273 28.84 -64.66 -100.18
CA PHE U 273 28.06 -65.82 -99.81
C PHE U 273 27.99 -66.82 -100.96
N GLU U 274 27.80 -66.31 -102.18
CA GLU U 274 27.72 -67.17 -103.35
C GLU U 274 29.07 -67.86 -103.60
N VAL U 275 30.15 -67.19 -103.23
CA VAL U 275 31.48 -67.75 -103.41
C VAL U 275 31.61 -69.02 -102.58
N SER U 276 31.05 -68.99 -101.37
CA SER U 276 31.09 -70.14 -100.48
C SER U 276 30.08 -71.19 -100.92
N VAL U 277 28.97 -70.73 -101.51
CA VAL U 277 27.94 -71.64 -101.98
C VAL U 277 28.49 -72.46 -103.14
N ALA U 278 29.36 -71.82 -103.93
CA ALA U 278 29.99 -72.48 -105.06
C ALA U 278 30.83 -73.63 -104.56
N PHE U 279 31.53 -73.41 -103.45
CA PHE U 279 32.37 -74.44 -102.86
C PHE U 279 31.48 -75.49 -102.20
N PHE U 280 30.40 -75.04 -101.58
CA PHE U 280 29.47 -75.95 -100.92
C PHE U 280 28.84 -76.89 -101.92
N LYS U 281 28.39 -76.34 -103.05
CA LYS U 281 27.77 -77.14 -104.10
C LYS U 281 28.61 -78.37 -104.43
N VAL U 282 29.90 -78.17 -104.69
CA VAL U 282 30.80 -79.25 -105.03
C VAL U 282 30.85 -80.29 -103.91
N GLY U 283 30.95 -79.84 -102.67
CA GLY U 283 31.00 -80.74 -101.55
C GLY U 283 29.70 -81.49 -101.34
N HIS U 284 28.58 -80.80 -101.56
CA HIS U 284 27.27 -81.40 -101.40
C HIS U 284 27.01 -82.42 -102.51
N ALA U 285 27.74 -82.28 -103.61
CA ALA U 285 27.59 -83.20 -104.74
C ALA U 285 28.20 -84.54 -104.39
N VAL U 286 29.47 -84.52 -104.01
CA VAL U 286 30.18 -85.75 -103.64
C VAL U 286 29.50 -86.39 -102.43
N GLY U 287 28.72 -85.58 -101.71
CA GLY U 287 28.02 -86.07 -100.54
C GLY U 287 26.80 -86.92 -100.88
N GLU U 288 25.94 -86.38 -101.74
CA GLU U 288 24.73 -87.09 -102.15
C GLU U 288 25.04 -88.50 -102.62
N THR U 289 26.11 -88.64 -103.39
CA THR U 289 26.52 -89.94 -103.92
C THR U 289 27.49 -90.66 -103.00
N GLY U 290 27.04 -90.96 -101.78
CA GLY U 290 27.89 -91.66 -100.83
C GLY U 290 28.19 -93.07 -101.31
N ASN U 291 29.42 -93.51 -101.11
CA ASN U 291 29.84 -94.85 -101.53
C ASN U 291 29.61 -95.05 -103.02
N GLY U 292 29.60 -93.95 -103.77
CA GLY U 292 29.42 -94.03 -105.21
C GLY U 292 30.73 -93.73 -105.89
N CYS U 293 30.67 -93.18 -107.10
CA CYS U 293 31.90 -92.87 -107.82
C CYS U 293 31.69 -91.69 -108.76
N VAL U 294 32.48 -90.64 -108.58
CA VAL U 294 32.40 -89.45 -109.42
C VAL U 294 33.37 -89.57 -110.59
N ASP U 295 32.85 -89.36 -111.79
CA ASP U 295 33.67 -89.43 -113.00
C ASP U 295 34.79 -88.40 -112.91
N LEU U 296 35.99 -88.82 -113.31
CA LEU U 296 37.16 -87.94 -113.27
C LEU U 296 36.97 -86.69 -114.12
N ARG U 297 36.19 -86.80 -115.19
CA ARG U 297 35.95 -85.65 -116.05
C ARG U 297 35.18 -84.61 -115.25
N TRP U 298 34.27 -85.08 -114.43
CA TRP U 298 33.46 -84.18 -113.59
C TRP U 298 34.33 -83.38 -112.63
N LEU U 299 35.23 -84.07 -111.95
CA LEU U 299 36.12 -83.43 -110.99
C LEU U 299 37.07 -82.46 -111.69
N ALA U 300 37.74 -82.96 -112.73
CA ALA U 300 38.69 -82.15 -113.49
C ALA U 300 38.06 -80.83 -113.92
N LYS U 301 36.74 -80.83 -114.08
CA LYS U 301 36.02 -79.62 -114.49
C LYS U 301 35.52 -78.84 -113.28
N SER U 302 34.84 -79.54 -112.37
CA SER U 302 34.30 -78.91 -111.17
C SER U 302 35.40 -78.35 -110.27
N PHE U 303 36.34 -79.20 -109.88
CA PHE U 303 37.44 -78.80 -109.02
C PHE U 303 38.33 -77.75 -109.66
N PHE U 304 38.26 -77.64 -110.99
CA PHE U 304 39.06 -76.66 -111.70
C PHE U 304 38.50 -75.26 -111.43
N GLU U 305 37.19 -75.12 -111.64
CA GLU U 305 36.50 -73.86 -111.42
C GLU U 305 36.74 -73.36 -110.00
N LEU U 306 37.01 -74.30 -109.08
CA LEU U 306 37.26 -73.97 -107.69
C LEU U 306 38.67 -73.43 -107.49
N THR U 307 39.64 -74.07 -108.13
CA THR U 307 41.03 -73.65 -108.02
C THR U 307 41.18 -72.23 -108.56
N VAL U 308 40.61 -72.00 -109.74
CA VAL U 308 40.65 -70.68 -110.36
C VAL U 308 39.91 -69.68 -109.50
N LEU U 309 38.84 -70.14 -108.85
CA LEU U 309 38.04 -69.29 -107.99
C LEU U 309 38.82 -68.88 -106.75
N LYS U 310 39.43 -69.86 -106.09
CA LYS U 310 40.21 -69.61 -104.88
C LYS U 310 41.29 -68.53 -105.08
N ASP U 311 41.91 -68.53 -106.25
CA ASP U 311 42.97 -67.56 -106.55
C ASP U 311 42.47 -66.12 -106.59
N ILE U 312 41.43 -65.87 -107.38
CA ILE U 312 40.87 -64.53 -107.49
C ILE U 312 40.36 -64.05 -106.12
N ILE U 313 39.78 -64.97 -105.37
CA ILE U 313 39.26 -64.66 -104.05
C ILE U 313 40.41 -64.20 -103.15
N GLY U 314 41.60 -64.74 -103.39
CA GLY U 314 42.76 -64.39 -102.61
C GLY U 314 43.46 -63.14 -103.11
N ILE U 315 43.59 -63.02 -104.43
CA ILE U 315 44.25 -61.87 -105.03
C ILE U 315 43.48 -60.59 -104.71
N CYS U 316 42.14 -60.69 -104.77
CA CYS U 316 41.29 -59.55 -104.49
C CYS U 316 41.25 -59.27 -102.99
N TYR U 317 40.63 -60.19 -102.26
CA TYR U 317 40.52 -60.05 -100.81
C TYR U 317 41.52 -60.98 -100.13
N GLY U 318 41.94 -60.61 -98.93
CA GLY U 318 42.88 -61.46 -98.20
C GLY U 318 42.11 -62.64 -97.66
N ALA U 319 41.26 -63.22 -98.51
CA ALA U 319 40.44 -64.36 -98.13
C ALA U 319 41.21 -65.66 -98.27
N THR U 320 40.89 -66.62 -97.42
CA THR U 320 41.55 -67.93 -97.44
C THR U 320 40.49 -69.02 -97.57
N VAL U 321 40.91 -70.18 -98.07
CA VAL U 321 40.01 -71.31 -98.23
C VAL U 321 40.72 -72.59 -97.82
N LYS U 322 40.04 -73.42 -97.02
CA LYS U 322 40.62 -74.67 -96.56
C LYS U 322 39.54 -75.69 -96.23
N GLY U 323 39.77 -76.93 -96.63
CA GLY U 323 38.81 -77.98 -96.36
C GLY U 323 38.08 -78.46 -97.61
N MET U 324 38.59 -78.10 -98.78
CA MET U 324 37.97 -78.52 -100.03
C MET U 324 38.95 -79.10 -101.04
N GLN U 325 40.23 -79.11 -100.69
CA GLN U 325 41.25 -79.67 -101.58
C GLN U 325 41.43 -81.10 -101.11
N SER U 326 42.09 -81.91 -101.92
CA SER U 326 42.31 -83.31 -101.58
C SER U 326 43.61 -83.75 -102.22
N TYR U 327 44.68 -83.82 -101.43
CA TYR U 327 45.97 -84.22 -101.96
C TYR U 327 45.86 -85.48 -102.81
N GLY U 328 44.80 -86.26 -102.59
CA GLY U 328 44.60 -87.47 -103.36
C GLY U 328 44.30 -87.15 -104.81
N LEU U 329 43.22 -86.42 -105.04
CA LEU U 329 42.82 -86.02 -106.39
C LEU U 329 43.97 -85.35 -107.14
N GLU U 330 44.83 -84.66 -106.40
CA GLU U 330 45.96 -83.97 -107.01
C GLU U 330 47.02 -84.97 -107.46
N ARG U 331 47.34 -85.94 -106.62
CA ARG U 331 48.33 -86.95 -106.98
C ARG U 331 47.84 -87.75 -108.17
N LEU U 332 46.55 -88.06 -108.17
CA LEU U 332 45.95 -88.82 -109.26
C LEU U 332 46.09 -88.04 -110.56
N ALA U 333 45.61 -86.81 -110.55
CA ALA U 333 45.67 -85.95 -111.73
C ALA U 333 47.11 -85.80 -112.18
N ALA U 334 48.02 -85.64 -111.22
CA ALA U 334 49.43 -85.47 -111.51
C ALA U 334 49.98 -86.69 -112.26
N MET U 335 49.78 -87.88 -111.70
CA MET U 335 50.25 -89.11 -112.30
C MET U 335 49.65 -89.32 -113.69
N LEU U 336 48.35 -89.14 -113.81
CA LEU U 336 47.67 -89.32 -115.08
C LEU U 336 48.32 -88.49 -116.19
N MET U 337 48.54 -87.21 -115.92
CA MET U 337 49.17 -86.32 -116.90
C MET U 337 50.57 -86.78 -117.28
N ALA U 338 51.33 -87.24 -116.31
CA ALA U 338 52.69 -87.70 -116.55
C ALA U 338 52.75 -88.82 -117.57
N THR U 339 51.59 -89.41 -117.88
CA THR U 339 51.53 -90.51 -118.84
C THR U 339 50.81 -90.13 -120.12
N VAL U 340 51.24 -89.07 -120.79
CA VAL U 340 50.63 -88.64 -122.03
C VAL U 340 51.57 -87.83 -122.90
N LYS U 341 51.43 -87.97 -124.22
CA LYS U 341 52.27 -87.25 -125.17
C LYS U 341 51.93 -85.76 -125.08
N MET U 342 52.56 -85.08 -124.12
CA MET U 342 52.32 -83.66 -123.91
C MET U 342 52.67 -82.80 -125.12
N GLU U 343 53.86 -83.01 -125.66
CA GLU U 343 54.33 -82.24 -126.80
C GLU U 343 53.46 -82.45 -128.05
N GLU U 344 52.40 -83.25 -127.91
CA GLU U 344 51.52 -83.53 -129.04
C GLU U 344 50.05 -83.36 -128.63
N LEU U 345 49.83 -82.70 -127.50
CA LEU U 345 48.48 -82.47 -126.99
C LEU U 345 47.66 -81.61 -127.95
N GLY U 346 48.34 -80.66 -128.59
CA GLY U 346 47.66 -79.77 -129.52
C GLY U 346 47.02 -80.48 -130.70
N HIS U 347 47.59 -81.63 -131.08
CA HIS U 347 47.07 -82.40 -132.21
C HIS U 347 45.88 -83.25 -131.79
N LEU U 348 45.48 -83.14 -130.53
CA LEU U 348 44.36 -83.91 -130.01
C LEU U 348 43.03 -83.20 -130.27
N THR U 349 41.93 -83.82 -129.82
CA THR U 349 40.60 -83.25 -130.02
C THR U 349 40.32 -82.12 -129.03
N THR U 350 39.23 -81.39 -129.26
CA THR U 350 38.84 -80.28 -128.42
C THR U 350 38.45 -80.70 -127.01
N GLU U 351 37.38 -81.48 -126.90
CA GLU U 351 36.91 -81.95 -125.60
C GLU U 351 38.05 -82.57 -124.80
N LYS U 352 38.87 -83.36 -125.46
CA LYS U 352 40.00 -84.02 -124.82
C LYS U 352 41.06 -82.99 -124.42
N GLN U 353 41.17 -81.93 -125.21
CA GLN U 353 42.15 -80.89 -124.94
C GLN U 353 41.85 -80.16 -123.64
N GLU U 354 40.59 -79.80 -123.44
CA GLU U 354 40.19 -79.11 -122.21
C GLU U 354 40.51 -80.01 -121.03
N TYR U 355 39.85 -81.16 -120.99
CA TYR U 355 40.05 -82.14 -119.93
C TYR U 355 41.53 -82.30 -119.58
N ALA U 356 42.37 -82.32 -120.61
CA ALA U 356 43.81 -82.47 -120.43
C ALA U 356 44.36 -81.32 -119.59
N LEU U 357 44.38 -80.12 -120.19
CA LEU U 357 44.87 -78.93 -119.50
C LEU U 357 44.11 -78.71 -118.19
N ARG U 358 42.80 -78.90 -118.25
CA ARG U 358 41.93 -78.72 -117.09
C ARG U 358 42.49 -79.40 -115.84
N LEU U 359 42.59 -80.72 -115.88
CA LEU U 359 43.10 -81.48 -114.74
C LEU U 359 44.58 -81.21 -114.52
N ALA U 360 45.27 -80.72 -115.55
CA ALA U 360 46.68 -80.41 -115.46
C ALA U 360 46.89 -79.32 -114.42
N THR U 361 45.88 -78.47 -114.26
CA THR U 361 45.93 -77.38 -113.31
C THR U 361 45.68 -77.90 -111.89
N VAL U 362 44.75 -78.83 -111.77
CA VAL U 362 44.39 -79.41 -110.48
C VAL U 362 45.54 -80.19 -109.83
N GLY U 363 46.32 -80.90 -110.64
CA GLY U 363 47.41 -81.70 -110.10
C GLY U 363 48.79 -81.05 -110.10
N TYR U 364 48.91 -79.89 -110.76
CA TYR U 364 50.19 -79.19 -110.83
C TYR U 364 50.94 -79.15 -109.49
N PRO U 365 50.25 -78.83 -108.39
CA PRO U 365 50.86 -78.76 -107.06
C PRO U 365 51.56 -80.03 -106.55
N LYS U 366 50.75 -80.99 -106.09
CA LYS U 366 51.26 -82.25 -105.53
C LYS U 366 52.35 -82.97 -106.32
N ALA U 367 52.40 -82.79 -107.63
CA ALA U 367 53.41 -83.46 -108.43
C ALA U 367 53.64 -82.78 -109.79
N GLY U 368 54.78 -83.08 -110.40
CA GLY U 368 55.09 -82.48 -111.69
C GLY U 368 56.18 -81.43 -111.62
N VAL U 369 57.23 -81.69 -110.85
CA VAL U 369 58.33 -80.74 -110.71
C VAL U 369 59.24 -80.88 -111.94
N TYR U 370 59.09 -81.98 -112.65
CA TYR U 370 59.88 -82.25 -113.85
C TYR U 370 59.01 -82.85 -114.95
N SER U 371 57.71 -82.64 -114.83
CA SER U 371 56.75 -83.14 -115.81
C SER U 371 56.51 -82.06 -116.86
N GLY U 372 56.37 -82.48 -118.11
CA GLY U 372 56.14 -81.53 -119.18
C GLY U 372 54.76 -80.92 -119.23
N LEU U 373 54.28 -80.41 -118.09
CA LEU U 373 52.97 -79.79 -118.04
C LEU U 373 52.90 -78.50 -118.85
N ILE U 374 53.82 -77.58 -118.57
CA ILE U 374 53.86 -76.31 -119.28
C ILE U 374 53.98 -76.58 -120.78
N GLY U 375 54.64 -77.69 -121.11
CA GLY U 375 54.81 -78.06 -122.51
C GLY U 375 53.47 -78.26 -123.18
N GLY U 376 52.62 -79.05 -122.56
CA GLY U 376 51.30 -79.31 -123.12
C GLY U 376 50.53 -78.02 -123.32
N ALA U 377 50.60 -77.13 -122.34
CA ALA U 377 49.92 -75.84 -122.40
C ALA U 377 50.40 -75.06 -123.63
N THR U 378 51.64 -75.27 -124.00
CA THR U 378 52.24 -74.60 -125.15
C THR U 378 51.73 -75.22 -126.45
N SER U 379 51.82 -76.54 -126.55
CA SER U 379 51.39 -77.27 -127.73
C SER U 379 49.96 -76.93 -128.10
N VAL U 380 49.07 -76.97 -127.12
CA VAL U 380 47.66 -76.66 -127.34
C VAL U 380 47.50 -75.24 -127.86
N LEU U 381 48.25 -74.31 -127.30
CA LEU U 381 48.21 -72.91 -127.71
C LEU U 381 48.74 -72.76 -129.13
N LEU U 382 49.89 -73.37 -129.38
CA LEU U 382 50.53 -73.31 -130.69
C LEU U 382 49.54 -73.65 -131.80
N SER U 383 48.80 -74.74 -131.62
CA SER U 383 47.81 -75.17 -132.59
C SER U 383 46.79 -74.06 -132.85
N ALA U 384 46.26 -73.51 -131.77
CA ALA U 384 45.27 -72.44 -131.84
C ALA U 384 45.75 -71.29 -132.72
N TYR U 385 46.96 -70.82 -132.46
CA TYR U 385 47.54 -69.72 -133.21
C TYR U 385 47.69 -69.99 -134.71
N ASN U 386 48.29 -71.13 -135.04
CA ASN U 386 48.50 -71.50 -136.44
C ASN U 386 47.22 -71.48 -137.28
N ARG U 387 46.11 -71.85 -136.66
CA ARG U 387 44.84 -71.91 -137.37
C ARG U 387 44.14 -70.57 -137.61
N HIS U 388 44.63 -69.50 -136.99
CA HIS U 388 44.01 -68.18 -137.15
C HIS U 388 44.99 -67.03 -137.37
N PRO U 389 44.45 -65.84 -137.68
CA PRO U 389 45.25 -64.63 -137.91
C PRO U 389 45.33 -63.66 -136.73
N LEU U 390 45.99 -64.08 -135.66
CA LEU U 390 46.17 -63.23 -134.47
C LEU U 390 44.86 -62.73 -133.87
N PHE U 391 43.94 -63.65 -133.58
CA PHE U 391 42.65 -63.31 -132.99
C PHE U 391 41.83 -64.58 -132.89
N GLN U 392 41.34 -64.87 -131.69
CA GLN U 392 40.52 -66.06 -131.47
C GLN U 392 39.06 -65.64 -131.45
N PRO U 393 38.17 -66.49 -132.00
CA PRO U 393 36.74 -66.17 -132.02
C PRO U 393 36.29 -65.73 -130.64
N LEU U 394 35.55 -64.62 -130.58
CA LEU U 394 35.08 -64.07 -129.30
C LEU U 394 34.42 -65.09 -128.37
N HIS U 395 33.73 -66.07 -128.94
CA HIS U 395 33.07 -67.09 -128.12
C HIS U 395 33.23 -68.49 -128.71
N THR U 396 34.46 -68.90 -128.92
CA THR U 396 34.75 -70.22 -129.47
C THR U 396 35.01 -71.20 -128.35
N VAL U 397 34.78 -72.48 -128.64
CA VAL U 397 35.00 -73.54 -127.66
C VAL U 397 36.46 -73.58 -127.25
N MET U 398 37.34 -73.22 -128.18
CA MET U 398 38.78 -73.24 -127.93
C MET U 398 39.23 -72.07 -127.06
N ARG U 399 38.52 -70.94 -127.14
CA ARG U 399 38.88 -69.78 -126.33
C ARG U 399 38.91 -70.21 -124.87
N GLU U 400 37.86 -70.92 -124.46
CA GLU U 400 37.74 -71.43 -123.10
C GLU U 400 38.95 -72.29 -122.76
N THR U 401 39.46 -72.98 -123.78
CA THR U 401 40.61 -73.86 -123.61
C THR U 401 41.88 -73.09 -123.23
N LEU U 402 42.26 -72.13 -124.07
CA LEU U 402 43.46 -71.34 -123.81
C LEU U 402 43.41 -70.71 -122.42
N PHE U 403 42.21 -70.42 -121.95
CA PHE U 403 42.03 -69.83 -120.63
C PHE U 403 42.44 -70.82 -119.55
N ILE U 404 41.98 -72.07 -119.71
CA ILE U 404 42.30 -73.11 -118.75
C ILE U 404 43.80 -73.37 -118.71
N GLY U 405 44.43 -73.33 -119.89
CA GLY U 405 45.86 -73.57 -119.96
C GLY U 405 46.69 -72.44 -119.37
N SER U 406 46.28 -71.20 -119.59
CA SER U 406 47.01 -70.05 -119.08
C SER U 406 47.33 -70.19 -117.60
N HIS U 407 46.37 -70.70 -116.83
CA HIS U 407 46.55 -70.89 -115.39
C HIS U 407 47.82 -71.69 -115.05
N VAL U 408 47.98 -72.85 -115.68
CA VAL U 408 49.13 -73.70 -115.41
C VAL U 408 50.42 -73.03 -115.89
N VAL U 409 50.27 -72.04 -116.77
CA VAL U 409 51.43 -71.31 -117.31
C VAL U 409 51.81 -70.18 -116.37
N LEU U 410 50.80 -69.43 -115.91
CA LEU U 410 51.02 -68.31 -115.00
C LEU U 410 51.73 -68.82 -113.75
N ARG U 411 51.14 -69.85 -113.13
CA ARG U 411 51.67 -70.45 -111.92
C ARG U 411 53.16 -70.72 -112.11
N GLU U 412 53.52 -71.26 -113.27
CA GLU U 412 54.90 -71.56 -113.60
C GLU U 412 55.75 -70.29 -113.58
N LEU U 413 55.28 -69.28 -114.31
CA LEU U 413 55.97 -68.00 -114.41
C LEU U 413 56.28 -67.39 -113.04
N ARG U 414 55.31 -67.42 -112.15
CA ARG U 414 55.45 -66.87 -110.80
C ARG U 414 56.63 -67.46 -110.01
N LEU U 415 57.04 -68.66 -110.38
CA LEU U 415 58.15 -69.33 -109.69
C LEU U 415 59.49 -68.68 -110.01
N ASN U 416 60.54 -69.17 -109.35
CA ASN U 416 61.89 -68.64 -109.54
C ASN U 416 62.81 -69.69 -110.14
N VAL U 417 62.25 -70.84 -110.49
CA VAL U 417 63.03 -71.92 -111.08
C VAL U 417 62.89 -71.85 -112.60
N THR U 418 63.94 -71.36 -113.26
CA THR U 418 63.92 -71.23 -114.71
C THR U 418 63.88 -72.59 -115.41
N THR U 419 62.70 -73.19 -115.44
CA THR U 419 62.50 -74.48 -116.07
C THR U 419 61.61 -74.29 -117.29
N GLN U 420 62.08 -74.78 -118.44
CA GLN U 420 61.32 -74.65 -119.68
C GLN U 420 61.15 -73.17 -120.01
N GLY U 421 62.11 -72.36 -119.56
CA GLY U 421 62.06 -70.94 -119.84
C GLY U 421 61.87 -70.69 -121.32
N PRO U 422 62.66 -71.36 -122.18
CA PRO U 422 62.54 -71.19 -123.62
C PRO U 422 61.15 -71.59 -124.11
N ASN U 423 60.68 -72.75 -123.62
CA ASN U 423 59.36 -73.26 -124.00
C ASN U 423 58.25 -72.36 -123.47
N LEU U 424 58.53 -71.68 -122.36
CA LEU U 424 57.56 -70.78 -121.75
C LEU U 424 57.58 -69.41 -122.41
N ALA U 425 58.79 -68.91 -122.67
CA ALA U 425 58.95 -67.61 -123.33
C ALA U 425 58.11 -67.60 -124.61
N LEU U 426 58.05 -68.75 -125.26
CA LEU U 426 57.29 -68.90 -126.50
C LEU U 426 55.83 -68.58 -126.26
N TYR U 427 55.26 -69.17 -125.22
CA TYR U 427 53.86 -68.96 -124.86
C TYR U 427 53.56 -67.46 -124.82
N GLN U 428 54.45 -66.71 -124.19
CA GLN U 428 54.28 -65.27 -124.08
C GLN U 428 54.30 -64.62 -125.46
N LEU U 429 55.28 -64.99 -126.27
CA LEU U 429 55.41 -64.45 -127.61
C LEU U 429 54.11 -64.62 -128.39
N LEU U 430 53.64 -65.87 -128.47
CA LEU U 430 52.41 -66.17 -129.20
C LEU U 430 51.26 -65.31 -128.72
N SER U 431 50.95 -65.40 -127.42
CA SER U 431 49.86 -64.63 -126.84
C SER U 431 50.02 -63.14 -127.16
N THR U 432 51.26 -62.66 -127.13
CA THR U 432 51.55 -61.26 -127.43
C THR U 432 51.04 -60.93 -128.82
N ALA U 433 51.41 -61.75 -129.80
CA ALA U 433 50.97 -61.54 -131.17
C ALA U 433 49.45 -61.58 -131.21
N LEU U 434 48.87 -62.51 -130.46
CA LEU U 434 47.42 -62.66 -130.40
C LEU U 434 46.76 -61.42 -129.82
N CYS U 435 47.51 -60.63 -129.07
CA CYS U 435 46.97 -59.41 -128.48
C CYS U 435 47.02 -58.30 -129.52
N SER U 436 46.56 -58.62 -130.73
CA SER U 436 46.55 -57.67 -131.84
C SER U 436 45.44 -56.64 -131.68
N ALA U 437 45.49 -55.59 -132.52
CA ALA U 437 44.50 -54.52 -132.48
C ALA U 437 43.10 -55.11 -132.70
N LEU U 438 43.04 -56.22 -133.41
CA LEU U 438 41.78 -56.89 -133.69
C LEU U 438 41.25 -57.52 -132.40
N GLU U 439 42.15 -58.18 -131.67
CA GLU U 439 41.82 -58.83 -130.40
C GLU U 439 41.37 -57.78 -129.39
N ILE U 440 42.32 -56.94 -128.98
CA ILE U 440 42.05 -55.88 -128.02
C ILE U 440 40.82 -55.07 -128.40
N GLY U 441 40.58 -54.95 -129.70
CA GLY U 441 39.43 -54.20 -130.17
C GLY U 441 38.12 -54.91 -129.89
N GLU U 442 38.03 -56.17 -130.32
CA GLU U 442 36.82 -56.95 -130.11
C GLU U 442 36.50 -57.17 -128.63
N VAL U 443 37.53 -57.35 -127.82
CA VAL U 443 37.33 -57.55 -126.39
C VAL U 443 36.57 -56.38 -125.80
N LEU U 444 36.98 -55.16 -126.17
CA LEU U 444 36.33 -53.96 -125.68
C LEU U 444 34.88 -53.94 -126.14
N ARG U 445 34.66 -54.15 -127.43
CA ARG U 445 33.33 -54.18 -128.01
C ARG U 445 32.40 -55.03 -127.15
N GLY U 446 32.82 -56.27 -126.90
CA GLY U 446 32.02 -57.18 -126.10
C GLY U 446 31.78 -56.67 -124.69
N LEU U 447 32.82 -56.11 -124.08
CA LEU U 447 32.70 -55.58 -122.72
C LEU U 447 31.63 -54.50 -122.64
N ALA U 448 31.67 -53.55 -123.57
CA ALA U 448 30.71 -52.47 -123.60
C ALA U 448 29.29 -52.99 -123.83
N LEU U 449 29.13 -53.86 -124.82
CA LEU U 449 27.83 -54.43 -125.13
C LEU U 449 27.42 -55.51 -124.13
N GLY U 450 28.33 -55.82 -123.21
CA GLY U 450 28.05 -56.82 -122.20
C GLY U 450 27.93 -58.26 -122.65
N THR U 451 28.51 -58.59 -123.80
CA THR U 451 28.44 -59.95 -124.31
C THR U 451 29.61 -60.76 -123.78
N GLU U 452 30.76 -60.09 -123.63
CA GLU U 452 31.96 -60.75 -123.12
C GLU U 452 32.21 -60.32 -121.67
N SER U 453 32.52 -61.28 -120.82
CA SER U 453 32.79 -61.02 -119.41
C SER U 453 34.17 -60.40 -119.22
N GLY U 454 35.10 -60.80 -120.09
CA GLY U 454 36.45 -60.28 -120.00
C GLY U 454 37.28 -61.13 -119.06
N LEU U 455 36.85 -62.38 -118.86
CA LEU U 455 37.53 -63.30 -117.98
C LEU U 455 38.92 -63.68 -118.49
N PHE U 456 39.05 -63.85 -119.80
CA PHE U 456 40.33 -64.23 -120.38
C PHE U 456 40.66 -63.54 -121.70
N SER U 457 41.96 -63.41 -121.95
CA SER U 457 42.49 -62.80 -123.15
C SER U 457 43.99 -63.11 -123.23
N PRO U 458 44.50 -63.40 -124.42
CA PRO U 458 45.92 -63.71 -124.56
C PRO U 458 46.82 -62.56 -124.12
N CYS U 459 46.22 -61.40 -123.91
CA CYS U 459 46.96 -60.22 -123.48
C CYS U 459 47.42 -60.36 -122.03
N TYR U 460 46.59 -60.97 -121.20
CA TYR U 460 46.90 -61.14 -119.78
C TYR U 460 48.24 -61.80 -119.50
N LEU U 461 48.83 -62.41 -120.52
CA LEU U 461 50.13 -63.04 -120.37
C LEU U 461 51.09 -62.53 -121.43
N SER U 462 50.57 -61.72 -122.35
CA SER U 462 51.37 -61.16 -123.42
C SER U 462 52.39 -60.18 -122.86
N LEU U 463 53.40 -59.87 -123.68
CA LEU U 463 54.46 -58.94 -123.29
C LEU U 463 54.22 -57.59 -123.94
N ARG U 464 52.95 -57.24 -124.08
CA ARG U 464 52.56 -55.98 -124.71
C ARG U 464 52.12 -54.98 -123.64
N PHE U 465 53.08 -54.19 -123.17
CA PHE U 465 52.83 -53.18 -122.14
C PHE U 465 52.63 -51.81 -122.78
N ASP U 466 52.13 -51.81 -124.02
CA ASP U 466 51.89 -50.57 -124.76
C ASP U 466 50.51 -49.97 -124.52
N LEU U 467 49.52 -50.83 -124.29
CA LEU U 467 48.16 -50.37 -124.06
C LEU U 467 47.94 -49.65 -122.73
N THR U 468 47.60 -48.37 -122.83
CA THR U 468 47.33 -47.55 -121.65
C THR U 468 45.89 -47.03 -121.72
N ARG U 469 45.52 -46.19 -120.77
CA ARG U 469 44.16 -45.63 -120.74
C ARG U 469 43.78 -45.03 -122.09
N ASP U 470 44.66 -44.20 -122.64
CA ASP U 470 44.42 -43.55 -123.92
C ASP U 470 44.62 -44.50 -125.10
N LYS U 471 45.76 -45.18 -125.14
CA LYS U 471 46.06 -46.12 -126.22
C LYS U 471 44.93 -47.14 -126.40
N LEU U 472 44.44 -47.67 -125.29
CA LEU U 472 43.35 -48.64 -125.33
C LEU U 472 42.10 -48.01 -125.93
N LEU U 473 41.84 -46.76 -125.58
CA LEU U 473 40.68 -46.05 -126.08
C LEU U 473 40.78 -45.89 -127.60
N SER U 474 41.99 -46.02 -128.13
CA SER U 474 42.23 -45.90 -129.56
C SER U 474 41.77 -47.14 -130.29
N MET U 475 42.11 -48.31 -129.77
CA MET U 475 41.71 -49.56 -130.39
C MET U 475 40.20 -49.77 -130.30
N ALA U 476 39.57 -49.09 -129.35
CA ALA U 476 38.13 -49.20 -129.16
C ALA U 476 37.39 -48.93 -130.48
N PRO U 477 36.29 -49.65 -130.73
CA PRO U 477 35.50 -49.50 -131.95
C PRO U 477 34.84 -48.12 -132.05
N GLN U 478 34.95 -47.50 -133.23
CA GLN U 478 34.36 -46.19 -133.47
C GLN U 478 33.00 -46.35 -134.14
N GLU U 479 31.94 -46.39 -133.33
CA GLU U 479 30.59 -46.55 -133.84
C GLU U 479 29.55 -45.87 -132.96
N ALA U 480 28.54 -45.28 -133.59
CA ALA U 480 27.49 -44.60 -132.85
C ALA U 480 26.53 -45.62 -132.24
N THR U 481 26.69 -46.88 -132.65
CA THR U 481 25.85 -47.97 -132.15
C THR U 481 26.31 -48.39 -130.75
N LEU U 482 27.41 -47.81 -130.30
CA LEU U 482 27.96 -48.13 -128.98
C LEU U 482 27.98 -46.89 -128.08
N ASP U 483 27.40 -47.03 -126.90
CA ASP U 483 27.35 -45.93 -125.94
C ASP U 483 28.75 -45.47 -125.56
N GLN U 484 29.13 -44.29 -126.03
CA GLN U 484 30.45 -43.73 -125.74
C GLN U 484 30.80 -43.82 -124.27
N ALA U 485 29.78 -43.72 -123.42
CA ALA U 485 29.99 -43.80 -121.97
C ALA U 485 30.31 -45.24 -121.57
N ALA U 486 29.51 -46.18 -122.08
CA ALA U 486 29.71 -47.60 -121.79
C ALA U 486 31.11 -48.03 -122.22
N VAL U 487 31.55 -47.52 -123.37
CA VAL U 487 32.86 -47.87 -123.90
C VAL U 487 33.97 -47.51 -122.91
N SER U 488 33.89 -46.30 -122.35
CA SER U 488 34.89 -45.85 -121.38
C SER U 488 35.05 -46.84 -120.24
N ASN U 489 33.93 -47.31 -119.69
CA ASN U 489 33.97 -48.26 -118.58
C ASN U 489 34.71 -49.53 -119.01
N ALA U 490 34.43 -50.00 -120.21
CA ALA U 490 35.07 -51.19 -120.74
C ALA U 490 36.57 -51.00 -120.80
N VAL U 491 37.00 -49.89 -121.40
CA VAL U 491 38.43 -49.59 -121.52
C VAL U 491 39.06 -49.57 -120.13
N ASP U 492 38.38 -48.93 -119.19
CA ASP U 492 38.87 -48.84 -117.82
C ASP U 492 38.93 -50.22 -117.19
N GLY U 493 37.85 -50.98 -117.34
CA GLY U 493 37.80 -52.31 -116.78
C GLY U 493 38.93 -53.19 -117.28
N PHE U 494 39.11 -53.24 -118.59
CA PHE U 494 40.17 -54.05 -119.19
C PHE U 494 41.52 -53.67 -118.59
N LEU U 495 41.82 -52.37 -118.61
CA LEU U 495 43.07 -51.87 -118.07
C LEU U 495 43.26 -52.35 -116.62
N GLY U 496 42.17 -52.41 -115.88
CA GLY U 496 42.22 -52.84 -114.50
C GLY U 496 42.62 -54.29 -114.31
N ARG U 497 41.82 -55.20 -114.88
CA ARG U 497 42.11 -56.62 -114.76
C ARG U 497 43.47 -56.96 -115.36
N LEU U 498 43.95 -56.12 -116.25
CA LEU U 498 45.23 -56.33 -116.91
C LEU U 498 46.37 -56.05 -115.94
N SER U 499 46.20 -55.05 -115.08
CA SER U 499 47.22 -54.68 -114.11
C SER U 499 47.21 -55.62 -112.90
N LEU U 500 46.19 -56.46 -112.81
CA LEU U 500 46.07 -57.40 -111.70
C LEU U 500 46.44 -58.82 -112.12
N GLU U 501 45.97 -59.23 -113.30
CA GLU U 501 46.25 -60.56 -113.81
C GLU U 501 47.72 -60.66 -114.20
N ARG U 502 48.26 -59.55 -114.71
CA ARG U 502 49.65 -59.51 -115.14
C ARG U 502 50.54 -58.78 -114.12
N GLU U 503 51.74 -59.30 -113.90
CA GLU U 503 52.66 -58.66 -112.96
C GLU U 503 53.88 -58.11 -113.68
N ASP U 504 54.95 -57.88 -112.94
CA ASP U 504 56.18 -57.38 -113.52
C ASP U 504 57.19 -58.51 -113.48
N ARG U 505 57.14 -59.26 -112.39
CA ARG U 505 58.03 -60.39 -112.17
C ARG U 505 57.97 -61.38 -113.33
N ASP U 506 56.82 -61.43 -114.00
CA ASP U 506 56.62 -62.33 -115.14
C ASP U 506 57.77 -62.35 -116.13
N ALA U 507 58.01 -61.22 -116.78
CA ALA U 507 59.05 -61.11 -117.79
C ALA U 507 60.48 -61.10 -117.26
N TRP U 508 60.64 -61.27 -115.95
CA TRP U 508 61.97 -61.31 -115.35
C TRP U 508 62.65 -62.62 -115.73
N HIS U 509 61.84 -63.58 -116.20
CA HIS U 509 62.35 -64.89 -116.60
C HIS U 509 62.94 -64.84 -118.01
N LEU U 510 62.67 -63.75 -118.72
CA LEU U 510 63.18 -63.58 -120.08
C LEU U 510 64.62 -63.07 -120.03
N PRO U 511 65.50 -63.65 -120.86
CA PRO U 511 66.92 -63.28 -120.94
C PRO U 511 67.22 -61.82 -121.24
N ALA U 512 66.53 -61.25 -122.22
CA ALA U 512 66.76 -59.86 -122.63
C ALA U 512 66.33 -58.80 -121.61
N TYR U 513 65.45 -59.17 -120.69
CA TYR U 513 64.96 -58.24 -119.68
C TYR U 513 66.06 -57.44 -119.00
N LYS U 514 67.12 -58.13 -118.59
CA LYS U 514 68.25 -57.53 -117.89
C LYS U 514 68.92 -56.40 -118.67
N CYS U 515 68.49 -56.17 -119.91
CA CYS U 515 69.11 -55.16 -120.74
C CYS U 515 68.37 -53.83 -120.89
N VAL U 516 67.27 -53.64 -120.16
CA VAL U 516 66.53 -52.39 -120.29
C VAL U 516 66.66 -51.44 -119.10
N ASP U 517 67.27 -50.28 -119.35
CA ASP U 517 67.45 -49.26 -118.32
C ASP U 517 66.10 -48.66 -117.97
N ARG U 518 65.59 -47.78 -118.83
CA ARG U 518 64.28 -47.17 -118.59
C ARG U 518 63.21 -48.12 -119.12
N LEU U 519 62.91 -49.17 -118.35
CA LEU U 519 61.92 -50.17 -118.74
C LEU U 519 60.49 -49.65 -118.75
N ASP U 520 60.26 -48.52 -118.11
CA ASP U 520 58.91 -47.95 -118.06
C ASP U 520 58.47 -47.42 -119.41
N LYS U 521 59.43 -47.09 -120.27
CA LYS U 521 59.12 -46.57 -121.60
C LYS U 521 59.20 -47.68 -122.64
N VAL U 522 58.95 -48.91 -122.20
CA VAL U 522 58.98 -50.07 -123.08
C VAL U 522 57.57 -50.38 -123.57
N LEU U 523 57.38 -50.33 -124.88
CA LEU U 523 56.07 -50.61 -125.48
C LEU U 523 55.78 -52.11 -125.48
N MET U 524 56.69 -52.89 -126.07
CA MET U 524 56.51 -54.33 -126.12
C MET U 524 57.80 -55.05 -126.51
N ILE U 525 58.00 -56.23 -125.94
CA ILE U 525 59.18 -57.04 -126.23
C ILE U 525 58.79 -58.28 -127.01
N ILE U 526 59.54 -58.59 -128.06
CA ILE U 526 59.26 -59.74 -128.89
C ILE U 526 60.36 -60.80 -128.80
N PRO U 527 60.16 -61.82 -127.95
CA PRO U 527 61.14 -62.89 -127.79
C PRO U 527 61.23 -63.77 -129.03
N LEU U 528 62.36 -63.72 -129.72
CA LEU U 528 62.54 -64.52 -130.92
C LEU U 528 63.42 -65.73 -130.66
N ILE U 529 63.71 -66.48 -131.72
CA ILE U 529 64.53 -67.68 -131.63
C ILE U 529 65.98 -67.40 -131.22
N ASN U 530 66.71 -66.70 -132.08
CA ASN U 530 68.10 -66.37 -131.80
C ASN U 530 68.31 -65.00 -131.20
N VAL U 531 67.24 -64.21 -131.14
CA VAL U 531 67.31 -62.86 -130.58
C VAL U 531 66.00 -62.47 -129.92
N THR U 532 65.94 -61.23 -129.42
CA THR U 532 64.74 -60.72 -128.77
C THR U 532 64.65 -59.21 -128.98
N PHE U 533 63.59 -58.79 -129.67
CA PHE U 533 63.37 -57.38 -129.97
C PHE U 533 62.69 -56.61 -128.86
N ILE U 534 63.13 -55.39 -128.63
CA ILE U 534 62.58 -54.53 -127.60
C ILE U 534 62.10 -53.21 -128.19
N ILE U 535 60.79 -53.08 -128.37
CA ILE U 535 60.22 -51.85 -128.91
C ILE U 535 59.94 -50.90 -127.75
N SER U 536 60.52 -49.71 -127.83
CA SER U 536 60.33 -48.72 -126.77
C SER U 536 60.48 -47.29 -127.28
N SER U 537 60.15 -46.34 -126.41
CA SER U 537 60.25 -44.93 -126.75
C SER U 537 61.54 -44.34 -126.18
N ASP U 538 62.52 -45.21 -125.95
CA ASP U 538 63.80 -44.78 -125.42
C ASP U 538 64.94 -45.55 -126.08
N ARG U 539 66.01 -44.84 -126.41
CA ARG U 539 67.17 -45.45 -127.05
C ARG U 539 68.17 -45.87 -125.97
N GLU U 540 67.66 -46.17 -124.78
CA GLU U 540 68.50 -46.58 -123.67
C GLU U 540 68.78 -48.08 -123.62
N VAL U 541 67.94 -48.88 -124.27
CA VAL U 541 68.15 -50.32 -124.28
C VAL U 541 69.54 -50.59 -124.84
N ARG U 542 70.30 -51.45 -124.16
CA ARG U 542 71.65 -51.79 -124.58
C ARG U 542 71.74 -53.07 -125.40
N GLY U 543 71.03 -53.12 -126.52
CA GLY U 543 71.05 -54.29 -127.37
C GLY U 543 72.26 -54.36 -128.26
N SER U 544 72.04 -54.59 -129.56
CA SER U 544 73.13 -54.68 -130.53
C SER U 544 73.09 -53.51 -131.51
N ALA U 545 71.90 -52.98 -131.75
CA ALA U 545 71.73 -51.86 -132.67
C ALA U 545 70.47 -51.10 -132.32
N LEU U 546 70.35 -49.89 -132.87
CA LEU U 546 69.18 -49.06 -132.60
C LEU U 546 68.46 -48.72 -133.90
N TYR U 547 67.16 -49.01 -133.92
CA TYR U 547 66.32 -48.73 -135.08
C TYR U 547 65.27 -47.69 -134.70
N GLU U 548 64.88 -46.87 -135.67
CA GLU U 548 63.88 -45.84 -135.43
C GLU U 548 62.95 -45.67 -136.62
N ALA U 549 61.65 -45.73 -136.36
CA ALA U 549 60.65 -45.58 -137.41
C ALA U 549 60.63 -44.13 -137.87
N SER U 550 60.06 -43.89 -139.06
CA SER U 550 60.00 -42.55 -139.61
C SER U 550 58.96 -41.67 -138.93
N THR U 551 57.97 -42.30 -138.30
CA THR U 551 56.90 -41.57 -137.62
C THR U 551 57.33 -40.87 -136.34
N THR U 552 56.86 -39.63 -136.19
CA THR U 552 57.16 -38.81 -135.01
C THR U 552 55.85 -38.25 -134.47
N TYR U 553 54.75 -38.75 -135.02
CA TYR U 553 53.41 -38.34 -134.61
C TYR U 553 53.19 -38.57 -133.13
N LEU U 554 53.70 -39.70 -132.64
CA LEU U 554 53.55 -40.06 -131.24
C LEU U 554 54.25 -39.03 -130.36
N SER U 555 53.99 -39.12 -129.06
CA SER U 555 54.59 -38.21 -128.09
C SER U 555 56.10 -38.28 -128.24
N SER U 556 56.64 -39.48 -128.10
CA SER U 556 58.07 -39.72 -128.22
C SER U 556 58.37 -40.46 -129.52
N SER U 557 59.54 -41.09 -129.61
CA SER U 557 59.92 -41.81 -130.81
C SER U 557 59.65 -43.31 -130.70
N LEU U 558 59.73 -44.00 -131.84
CA LEU U 558 59.50 -45.44 -131.88
C LEU U 558 60.82 -46.16 -132.17
N PHE U 559 61.44 -46.69 -131.13
CA PHE U 559 62.71 -47.39 -131.26
C PHE U 559 62.57 -48.90 -131.29
N LEU U 560 63.57 -49.56 -131.87
CA LEU U 560 63.61 -51.02 -131.98
C LEU U 560 64.98 -51.54 -131.57
N SER U 561 65.09 -52.04 -130.34
CA SER U 561 66.35 -52.56 -129.84
C SER U 561 66.40 -54.09 -129.82
N PRO U 562 67.25 -54.68 -130.68
CA PRO U 562 67.40 -56.14 -130.76
C PRO U 562 68.58 -56.67 -129.96
N VAL U 563 68.32 -57.64 -129.09
CA VAL U 563 69.38 -58.23 -128.28
C VAL U 563 69.80 -59.55 -128.93
N ILE U 564 70.90 -59.52 -129.67
CA ILE U 564 71.39 -60.71 -130.35
C ILE U 564 71.92 -61.73 -129.35
N MET U 565 71.58 -63.00 -129.58
CA MET U 565 72.01 -64.09 -128.72
C MET U 565 71.62 -63.83 -127.26
N ASN U 566 70.50 -63.14 -127.07
CA ASN U 566 69.99 -62.81 -125.75
C ASN U 566 71.02 -62.31 -124.73
N LYS U 567 72.12 -61.77 -125.22
CA LYS U 567 73.14 -61.22 -124.33
C LYS U 567 73.42 -59.80 -124.82
N CYS U 568 73.38 -58.85 -123.90
CA CYS U 568 73.60 -57.47 -124.27
C CYS U 568 74.99 -56.92 -123.98
N SER U 569 75.38 -55.94 -124.78
CA SER U 569 76.67 -55.29 -124.66
C SER U 569 76.55 -54.11 -123.71
N GLN U 570 77.68 -53.66 -123.18
CA GLN U 570 77.72 -52.54 -122.26
C GLN U 570 77.51 -51.20 -122.97
N GLY U 571 76.51 -50.45 -122.53
CA GLY U 571 76.22 -49.16 -123.12
C GLY U 571 75.33 -49.25 -124.34
N ALA U 572 74.57 -48.18 -124.59
CA ALA U 572 73.66 -48.13 -125.73
C ALA U 572 74.42 -47.86 -127.03
N VAL U 573 73.71 -47.91 -128.15
CA VAL U 573 74.31 -47.67 -129.45
C VAL U 573 74.83 -46.25 -129.58
N ALA U 574 75.73 -46.04 -130.54
CA ALA U 574 76.31 -44.73 -130.78
C ALA U 574 75.22 -43.75 -131.22
N GLY U 575 75.61 -42.49 -131.41
CA GLY U 575 74.65 -41.47 -131.81
C GLY U 575 74.03 -41.81 -133.14
N GLU U 576 72.90 -41.19 -133.46
CA GLU U 576 72.19 -41.40 -134.72
C GLU U 576 71.73 -42.83 -134.91
N PRO U 577 70.41 -43.07 -134.83
CA PRO U 577 69.87 -44.43 -135.00
C PRO U 577 69.92 -44.89 -136.45
N ARG U 578 69.89 -46.20 -136.66
CA ARG U 578 69.91 -46.76 -138.00
C ARG U 578 68.49 -46.66 -138.54
N GLN U 579 68.34 -46.19 -139.78
CA GLN U 579 67.02 -46.02 -140.37
C GLN U 579 66.49 -47.31 -141.00
N ILE U 580 65.20 -47.56 -140.83
CA ILE U 580 64.56 -48.75 -141.38
C ILE U 580 64.46 -48.66 -142.89
N PRO U 581 65.18 -49.53 -143.61
CA PRO U 581 65.16 -49.55 -145.08
C PRO U 581 63.82 -50.05 -145.61
N LYS U 582 63.37 -49.47 -146.72
CA LYS U 582 62.11 -49.87 -147.34
C LYS U 582 62.36 -50.91 -148.41
N ILE U 583 61.54 -51.95 -148.44
CA ILE U 583 61.70 -53.02 -149.41
C ILE U 583 60.42 -53.36 -150.18
N GLN U 584 60.57 -53.63 -151.47
CA GLN U 584 59.46 -53.98 -152.35
C GLN U 584 59.84 -55.20 -153.18
N ASN U 585 61.00 -55.77 -152.88
CA ASN U 585 61.50 -56.94 -153.61
C ASN U 585 60.61 -58.17 -153.54
N PHE U 586 60.47 -58.74 -152.34
CA PHE U 586 59.66 -59.94 -152.15
C PHE U 586 58.32 -59.93 -152.88
N THR U 587 57.97 -61.09 -153.44
CA THR U 587 56.72 -61.25 -154.16
C THR U 587 55.72 -61.96 -153.25
N ARG U 588 54.43 -61.74 -153.49
CA ARG U 588 53.38 -62.34 -152.66
C ARG U 588 53.49 -63.87 -152.59
N THR U 589 53.19 -64.53 -153.69
CA THR U 589 53.26 -65.99 -153.73
C THR U 589 54.65 -66.46 -153.30
N GLN U 590 54.70 -67.38 -152.34
CA GLN U 590 55.98 -67.90 -151.85
C GLN U 590 55.99 -69.42 -151.73
N LYS U 591 57.03 -70.03 -152.29
CA LYS U 591 57.19 -71.48 -152.25
C LYS U 591 57.49 -71.95 -150.83
N SER U 592 58.69 -71.60 -150.35
CA SER U 592 59.10 -72.00 -149.01
C SER U 592 58.77 -70.95 -147.95
N CYS U 593 59.13 -71.25 -146.71
CA CYS U 593 58.87 -70.38 -145.58
C CYS U 593 60.01 -69.38 -145.38
N ILE U 594 59.97 -68.28 -146.12
CA ILE U 594 61.01 -67.25 -146.03
C ILE U 594 61.01 -66.62 -144.64
N PHE U 595 59.93 -65.91 -144.31
CA PHE U 595 59.81 -65.25 -143.02
C PHE U 595 59.28 -66.28 -142.01
N CYS U 596 60.11 -67.27 -141.69
CA CYS U 596 59.70 -68.30 -140.76
C CYS U 596 59.95 -67.93 -139.31
N GLY U 597 61.20 -68.03 -138.87
CA GLY U 597 61.51 -67.67 -137.49
C GLY U 597 61.45 -66.18 -137.25
N PHE U 598 60.86 -65.46 -138.20
CA PHE U 598 60.74 -64.01 -138.09
C PHE U 598 59.41 -63.57 -137.50
N ALA U 599 59.22 -62.26 -137.38
CA ALA U 599 57.99 -61.70 -136.84
C ALA U 599 57.61 -60.41 -137.55
N LEU U 600 56.32 -60.14 -137.62
CA LEU U 600 55.82 -58.93 -138.27
C LEU U 600 55.27 -57.95 -137.24
N LEU U 601 55.52 -56.66 -137.47
CA LEU U 601 55.05 -55.63 -136.56
C LEU U 601 54.53 -54.44 -137.35
N SER U 602 53.22 -54.22 -137.28
CA SER U 602 52.60 -53.10 -138.00
C SER U 602 52.25 -52.01 -137.00
N TYR U 603 52.56 -50.77 -137.38
CA TYR U 603 52.27 -49.63 -136.50
C TYR U 603 51.57 -48.53 -137.28
N ASP U 604 50.67 -47.82 -136.61
CA ASP U 604 49.96 -46.73 -137.25
C ASP U 604 50.78 -45.47 -137.00
N GLU U 605 50.88 -44.62 -138.02
CA GLU U 605 51.64 -43.39 -137.93
C GLU U 605 51.14 -42.52 -136.77
N LYS U 606 49.83 -42.36 -136.70
CA LYS U 606 49.22 -41.55 -135.64
C LYS U 606 49.20 -42.26 -134.30
N GLU U 607 48.55 -43.43 -134.24
CA GLU U 607 48.48 -44.18 -132.99
C GLU U 607 49.75 -45.01 -132.75
N GLY U 608 49.75 -45.78 -131.66
CA GLY U 608 50.90 -46.60 -131.33
C GLY U 608 51.07 -47.81 -132.21
N LEU U 609 51.39 -48.95 -131.60
CA LEU U 609 51.58 -50.19 -132.35
C LEU U 609 50.26 -50.92 -132.54
N GLU U 610 50.00 -51.34 -133.77
CA GLU U 610 48.76 -52.04 -134.11
C GLU U 610 48.79 -53.53 -133.76
N THR U 611 49.27 -54.35 -134.70
CA THR U 611 49.34 -55.78 -134.49
C THR U 611 50.70 -56.38 -134.79
N THR U 612 51.04 -57.46 -134.09
CA THR U 612 52.31 -58.15 -134.27
C THR U 612 52.05 -59.61 -134.60
N THR U 613 52.87 -60.19 -135.46
CA THR U 613 52.69 -61.59 -135.86
C THR U 613 53.99 -62.39 -135.91
N TYR U 614 53.92 -63.62 -135.39
CA TYR U 614 55.05 -64.51 -135.39
C TYR U 614 54.68 -65.67 -136.31
N ILE U 615 55.31 -65.72 -137.49
CA ILE U 615 55.01 -66.78 -138.45
C ILE U 615 55.59 -68.11 -138.01
N THR U 616 54.81 -68.87 -137.25
CA THR U 616 55.23 -70.16 -136.74
C THR U 616 55.68 -71.11 -137.85
N SER U 617 54.79 -71.40 -138.79
CA SER U 617 55.11 -72.31 -139.88
C SER U 617 54.62 -71.84 -141.24
N GLN U 618 54.88 -72.67 -142.25
CA GLN U 618 54.49 -72.41 -143.63
C GLN U 618 53.02 -72.00 -143.77
N GLU U 619 52.13 -72.85 -143.28
CA GLU U 619 50.70 -72.59 -143.36
C GLU U 619 50.35 -71.16 -142.94
N VAL U 620 50.99 -70.69 -141.87
CA VAL U 620 50.73 -69.34 -141.37
C VAL U 620 51.16 -68.26 -142.36
N GLN U 621 52.38 -68.37 -142.88
CA GLN U 621 52.88 -67.38 -143.83
C GLN U 621 51.94 -67.24 -145.03
N ASN U 622 51.37 -68.36 -145.46
CA ASN U 622 50.45 -68.34 -146.58
C ASN U 622 49.16 -67.63 -146.21
N SER U 623 48.65 -67.93 -145.02
CA SER U 623 47.41 -67.32 -144.54
C SER U 623 47.62 -65.86 -144.17
N ILE U 624 48.72 -65.28 -144.63
CA ILE U 624 49.03 -63.87 -144.36
C ILE U 624 49.28 -63.13 -145.65
N LEU U 625 50.06 -63.74 -146.55
CA LEU U 625 50.38 -63.14 -147.83
C LEU U 625 49.21 -63.30 -148.79
N SER U 626 48.33 -64.26 -148.49
CA SER U 626 47.16 -64.50 -149.31
C SER U 626 46.03 -63.57 -148.87
N SER U 627 45.82 -63.51 -147.55
CA SER U 627 44.78 -62.66 -146.97
C SER U 627 45.18 -61.20 -147.14
N ASN U 628 44.33 -60.30 -146.70
CA ASN U 628 44.59 -58.87 -146.80
C ASN U 628 45.27 -58.33 -145.54
N TYR U 629 46.20 -59.10 -144.99
CA TYR U 629 46.93 -58.69 -143.80
C TYR U 629 47.67 -57.40 -144.10
N PHE U 630 48.09 -57.26 -145.35
CA PHE U 630 48.82 -56.07 -145.80
C PHE U 630 47.92 -55.07 -146.49
N ASP U 631 48.30 -53.79 -146.42
CA ASP U 631 47.54 -52.72 -147.04
C ASP U 631 48.47 -51.54 -147.27
N PHE U 632 49.36 -51.70 -148.23
CA PHE U 632 50.34 -50.67 -148.58
C PHE U 632 49.64 -49.44 -149.13
N ASP U 633 48.38 -49.60 -149.51
CA ASP U 633 47.60 -48.49 -150.04
C ASP U 633 47.03 -47.65 -148.90
N ASN U 634 47.82 -47.53 -147.84
CA ASN U 634 47.45 -46.77 -146.66
C ASN U 634 48.73 -46.16 -146.09
N LEU U 635 48.94 -44.88 -146.36
CA LEU U 635 50.14 -44.18 -145.88
C LEU U 635 50.26 -44.17 -144.37
N HIS U 636 49.13 -44.23 -143.67
CA HIS U 636 49.13 -44.21 -142.21
C HIS U 636 49.73 -45.45 -141.58
N VAL U 637 49.48 -46.62 -142.17
CA VAL U 637 50.01 -47.85 -141.62
C VAL U 637 51.30 -48.33 -142.30
N HIS U 638 52.21 -48.84 -141.49
CA HIS U 638 53.48 -49.35 -141.98
C HIS U 638 53.65 -50.79 -141.48
N TYR U 639 54.43 -51.58 -142.21
CA TYR U 639 54.66 -52.98 -141.85
C TYR U 639 56.15 -53.28 -141.70
N LEU U 640 56.55 -53.70 -140.50
CA LEU U 640 57.94 -54.03 -140.24
C LEU U 640 58.19 -55.53 -140.13
N LEU U 641 59.42 -55.94 -140.41
CA LEU U 641 59.79 -57.35 -140.35
C LEU U 641 61.04 -57.53 -139.51
N LEU U 642 60.90 -58.25 -138.40
CA LEU U 642 62.02 -58.51 -137.51
C LEU U 642 62.52 -59.92 -137.79
N THR U 643 63.80 -60.04 -138.15
CA THR U 643 64.38 -61.34 -138.47
C THR U 643 65.15 -61.96 -137.32
N THR U 644 65.67 -63.16 -137.54
CA THR U 644 66.44 -63.87 -136.53
C THR U 644 67.68 -63.03 -136.25
N ASN U 645 68.03 -62.18 -137.20
CA ASN U 645 69.17 -61.29 -137.07
C ASN U 645 68.64 -59.96 -136.55
N GLY U 646 69.49 -59.19 -135.89
CA GLY U 646 69.06 -57.90 -135.36
C GLY U 646 68.72 -56.89 -136.43
N THR U 647 68.27 -57.37 -137.59
CA THR U 647 67.92 -56.49 -138.70
C THR U 647 66.42 -56.25 -138.76
N VAL U 648 66.04 -55.06 -139.22
CA VAL U 648 64.64 -54.68 -139.35
C VAL U 648 64.42 -54.03 -140.71
N MET U 649 63.24 -54.25 -141.29
CA MET U 649 62.92 -53.69 -142.59
C MET U 649 61.42 -53.49 -142.78
N GLU U 650 61.08 -52.46 -143.57
CA GLU U 650 59.69 -52.13 -143.85
C GLU U 650 59.27 -52.82 -145.15
N ILE U 651 57.99 -53.18 -145.26
CA ILE U 651 57.49 -53.84 -146.44
C ILE U 651 56.48 -53.00 -147.21
N ALA U 652 56.49 -53.15 -148.53
CA ALA U 652 55.59 -52.39 -149.40
C ALA U 652 55.64 -52.89 -150.83
N GLY U 653 55.39 -54.19 -151.02
CA GLY U 653 55.40 -54.75 -152.36
C GLY U 653 54.84 -56.15 -152.37
N TRP V 1 -5.74 -88.10 -67.93
CA TRP V 1 -5.69 -86.78 -68.62
C TRP V 1 -4.28 -86.21 -68.58
N ALA V 2 -4.13 -85.08 -67.89
CA ALA V 2 -2.83 -84.43 -67.77
C ALA V 2 -2.37 -84.43 -66.32
N TYR V 3 -1.25 -83.75 -66.06
CA TYR V 3 -0.70 -83.68 -64.72
C TYR V 3 -0.77 -82.24 -64.23
N PRO V 4 -0.70 -82.03 -62.90
CA PRO V 4 -0.76 -80.69 -62.33
C PRO V 4 0.27 -79.77 -62.98
N CYS V 5 -0.21 -78.71 -63.64
CA CYS V 5 0.67 -77.76 -64.29
C CYS V 5 1.50 -77.11 -63.17
N CYS V 6 2.29 -76.10 -63.51
CA CYS V 6 3.16 -75.48 -62.51
C CYS V 6 3.67 -74.08 -62.85
N HIS V 7 4.53 -73.57 -61.97
CA HIS V 7 5.19 -72.29 -62.14
C HIS V 7 6.69 -72.58 -62.04
N VAL V 8 7.39 -72.43 -63.16
CA VAL V 8 8.83 -72.70 -63.23
C VAL V 8 9.76 -71.61 -62.69
N THR V 9 11.05 -71.89 -62.80
CA THR V 9 12.13 -71.00 -62.38
C THR V 9 13.45 -71.75 -62.53
N GLN V 10 14.47 -71.08 -63.08
CA GLN V 10 15.77 -71.71 -63.28
C GLN V 10 16.27 -72.30 -61.96
N LEU V 11 17.29 -73.16 -62.05
CA LEU V 11 17.88 -73.76 -60.86
C LEU V 11 18.43 -72.57 -60.08
N ARG V 12 17.82 -72.27 -58.95
CA ARG V 12 18.23 -71.11 -58.15
C ARG V 12 19.15 -71.40 -56.96
N ALA V 13 20.29 -70.72 -56.97
CA ALA V 13 21.29 -70.83 -55.90
C ALA V 13 21.60 -72.27 -55.53
N GLN V 14 21.84 -73.11 -56.53
CA GLN V 14 22.15 -74.51 -56.29
C GLN V 14 23.09 -74.98 -57.40
N HIS V 15 23.46 -76.26 -57.36
CA HIS V 15 24.31 -76.80 -58.41
C HIS V 15 23.47 -76.90 -59.67
N LEU V 16 22.88 -78.07 -59.92
CA LEU V 16 22.03 -78.26 -61.09
C LEU V 16 21.49 -79.67 -61.14
N LEU V 17 20.73 -79.97 -62.20
CA LEU V 17 20.15 -81.29 -62.38
C LEU V 17 20.55 -81.83 -63.74
N ALA V 18 21.19 -82.99 -63.74
CA ALA V 18 21.59 -83.61 -64.99
C ALA V 18 20.54 -84.67 -65.26
N LEU V 19 20.71 -85.44 -66.33
CA LEU V 19 19.75 -86.48 -66.65
C LEU V 19 19.96 -87.61 -65.66
N GLU V 20 21.16 -87.64 -65.09
CA GLU V 20 21.54 -88.67 -64.12
C GLU V 20 20.38 -89.01 -63.19
N ASN V 21 20.06 -88.12 -62.27
CA ASN V 21 18.97 -88.34 -61.32
C ASN V 21 17.63 -88.60 -62.00
N ILE V 22 17.33 -87.80 -63.02
CA ILE V 22 16.06 -87.91 -63.75
C ILE V 22 15.84 -89.31 -64.34
N SER V 23 14.57 -89.69 -64.49
CA SER V 23 14.23 -91.00 -65.03
C SER V 23 12.79 -91.06 -65.54
N ASP V 24 12.06 -89.96 -65.35
CA ASP V 24 10.67 -89.85 -65.78
C ASP V 24 10.38 -88.41 -66.18
N ILE V 25 9.67 -88.22 -67.29
CA ILE V 25 9.35 -86.88 -67.77
C ILE V 25 7.94 -86.82 -68.34
N TYR V 26 7.06 -86.07 -67.66
CA TYR V 26 5.68 -85.92 -68.08
C TYR V 26 5.50 -84.63 -68.88
N LEU V 27 4.87 -84.74 -70.05
CA LEU V 27 4.63 -83.58 -70.91
C LEU V 27 3.15 -83.25 -71.04
N VAL V 28 2.85 -82.01 -71.41
CA VAL V 28 1.47 -81.56 -71.56
C VAL V 28 1.03 -81.37 -73.02
N SER V 29 -0.25 -81.09 -73.21
CA SER V 29 -0.82 -80.88 -74.55
C SER V 29 -1.04 -79.40 -74.84
N ASN V 30 -1.25 -79.08 -76.12
CA ASN V 30 -1.45 -77.69 -76.53
C ASN V 30 -2.80 -77.13 -76.09
N GLN V 31 -3.34 -77.63 -74.98
CA GLN V 31 -4.62 -77.14 -74.48
C GLN V 31 -4.93 -77.56 -73.05
N THR V 32 -4.14 -78.50 -72.52
CA THR V 32 -4.35 -78.96 -71.16
C THR V 32 -4.34 -77.80 -70.18
N CYS V 33 -3.15 -77.28 -69.89
CA CYS V 33 -3.02 -76.16 -68.96
C CYS V 33 -3.56 -74.90 -69.64
N ASP V 34 -2.67 -74.13 -70.25
CA ASP V 34 -3.08 -72.91 -70.93
C ASP V 34 -2.03 -72.47 -71.95
N GLY V 35 -1.84 -73.29 -72.98
CA GLY V 35 -0.88 -72.97 -74.02
C GLY V 35 0.57 -73.15 -73.58
N PHE V 36 0.79 -73.20 -72.28
CA PHE V 36 2.13 -73.36 -71.74
C PHE V 36 2.71 -74.76 -71.92
N SER V 37 3.78 -74.87 -72.69
CA SER V 37 4.43 -76.17 -72.91
C SER V 37 5.24 -76.45 -71.65
N LEU V 38 4.63 -77.19 -70.72
CA LEU V 38 5.27 -77.53 -69.46
C LEU V 38 5.65 -78.99 -69.36
N ALA V 39 6.67 -79.27 -68.55
CA ALA V 39 7.14 -80.63 -68.35
C ALA V 39 7.46 -80.89 -66.89
N SER V 40 7.37 -82.14 -66.48
CA SER V 40 7.65 -82.52 -65.11
C SER V 40 8.83 -83.49 -65.06
N LEU V 41 9.88 -83.10 -64.33
CA LEU V 41 11.06 -83.94 -64.20
C LEU V 41 11.01 -84.76 -62.92
N ASN V 42 10.69 -86.04 -63.07
CA ASN V 42 10.59 -86.94 -61.92
C ASN V 42 11.84 -87.81 -61.78
N SER V 43 12.39 -87.84 -60.57
CA SER V 43 13.58 -88.64 -60.29
C SER V 43 13.50 -89.19 -58.87
N PRO V 44 13.56 -90.53 -58.73
CA PRO V 44 13.51 -91.18 -57.42
C PRO V 44 14.74 -90.87 -56.57
N LYS V 45 14.52 -90.61 -55.29
CA LYS V 45 15.61 -90.30 -54.37
C LYS V 45 16.00 -91.55 -53.59
N ASN V 46 17.16 -91.52 -52.95
CA ASN V 46 17.65 -92.65 -52.16
C ASN V 46 17.91 -93.86 -53.05
N GLY V 47 17.10 -94.90 -52.87
CA GLY V 47 17.27 -96.11 -53.67
C GLY V 47 16.26 -96.20 -54.80
N SER V 48 15.10 -96.78 -54.51
CA SER V 48 14.05 -96.93 -55.50
C SER V 48 12.95 -95.90 -55.30
N ASN V 49 11.76 -96.21 -55.82
CA ASN V 49 10.63 -95.30 -55.72
C ASN V 49 10.05 -95.18 -54.31
N GLN V 50 10.82 -94.59 -53.41
CA GLN V 50 10.40 -94.37 -52.04
C GLN V 50 9.85 -92.95 -52.01
N LEU V 51 10.75 -91.98 -52.12
CA LEU V 51 10.38 -90.58 -52.13
C LEU V 51 10.78 -89.98 -53.48
N VAL V 52 9.79 -89.70 -54.32
CA VAL V 52 10.06 -89.15 -55.64
C VAL V 52 10.05 -87.63 -55.70
N ILE V 53 11.15 -87.07 -56.17
CA ILE V 53 11.31 -85.63 -56.31
C ILE V 53 10.79 -85.24 -57.69
N SER V 54 9.88 -84.27 -57.73
CA SER V 54 9.31 -83.83 -58.99
C SER V 54 9.35 -82.31 -59.15
N ARG V 55 10.20 -81.83 -60.05
CA ARG V 55 10.30 -80.39 -60.28
C ARG V 55 9.98 -80.03 -61.73
N CYS V 56 9.53 -78.80 -61.92
CA CYS V 56 9.13 -78.30 -63.23
C CYS V 56 10.27 -77.86 -64.14
N ALA V 57 10.03 -78.03 -65.44
CA ALA V 57 10.99 -77.65 -66.47
C ALA V 57 10.21 -77.02 -67.63
N ASN V 58 10.93 -76.45 -68.59
CA ASN V 58 10.28 -75.82 -69.74
C ASN V 58 10.02 -76.85 -70.83
N GLY V 59 8.74 -77.14 -71.08
CA GLY V 59 8.37 -78.11 -72.08
C GLY V 59 9.08 -77.94 -73.41
N LEU V 60 8.80 -76.84 -74.09
CA LEU V 60 9.41 -76.56 -75.40
C LEU V 60 10.90 -76.87 -75.40
N ASN V 61 11.63 -76.34 -74.42
CA ASN V 61 13.06 -76.59 -74.33
C ASN V 61 13.35 -78.07 -74.18
N VAL V 62 12.66 -78.73 -73.27
CA VAL V 62 12.85 -80.16 -73.04
C VAL V 62 12.56 -80.93 -74.33
N VAL V 63 11.36 -80.73 -74.87
CA VAL V 63 10.97 -81.41 -76.10
C VAL V 63 11.98 -81.19 -77.23
N SER V 64 12.47 -79.96 -77.35
CA SER V 64 13.45 -79.63 -78.39
C SER V 64 14.68 -80.50 -78.19
N PHE V 65 15.12 -80.61 -76.94
CA PHE V 65 16.28 -81.42 -76.58
C PHE V 65 16.12 -82.83 -77.14
N PHE V 66 15.06 -83.51 -76.69
CA PHE V 66 14.77 -84.87 -77.12
C PHE V 66 14.68 -84.97 -78.63
N ILE V 67 13.95 -84.04 -79.25
CA ILE V 67 13.80 -84.03 -80.70
C ILE V 67 15.18 -84.02 -81.35
N SER V 68 16.10 -83.27 -80.75
CA SER V 68 17.46 -83.17 -81.26
C SER V 68 18.23 -84.49 -81.14
N ILE V 69 18.22 -85.09 -79.95
CA ILE V 69 18.91 -86.36 -79.72
C ILE V 69 18.44 -87.44 -80.68
N LEU V 70 17.14 -87.55 -80.86
CA LEU V 70 16.57 -88.54 -81.75
C LEU V 70 17.11 -88.37 -83.16
N LYS V 71 17.06 -87.14 -83.66
CA LYS V 71 17.54 -86.81 -85.00
C LYS V 71 19.05 -87.05 -85.13
N ARG V 72 19.78 -86.67 -84.10
CA ARG V 72 21.24 -86.81 -84.09
C ARG V 72 21.74 -88.26 -84.08
N SER V 73 20.82 -89.22 -83.93
CA SER V 73 21.22 -90.62 -83.91
C SER V 73 20.23 -91.53 -84.61
N SER V 74 19.62 -91.04 -85.68
CA SER V 74 18.65 -91.80 -86.46
C SER V 74 19.23 -93.10 -86.98
N SER V 75 20.54 -93.12 -87.23
CA SER V 75 21.22 -94.30 -87.75
C SER V 75 21.22 -95.45 -86.75
N ALA V 76 20.74 -95.22 -85.54
CA ALA V 76 20.72 -96.26 -84.52
C ALA V 76 19.40 -96.40 -83.78
N LEU V 77 18.28 -96.29 -84.50
CA LEU V 77 16.98 -96.43 -83.85
C LEU V 77 15.80 -96.69 -84.78
N THR V 78 14.97 -97.65 -84.35
CA THR V 78 13.76 -98.03 -85.09
C THR V 78 12.68 -98.26 -84.04
N GLY V 79 11.49 -98.66 -84.48
CA GLY V 79 10.40 -98.89 -83.55
C GLY V 79 9.90 -97.58 -82.97
N HIS V 80 9.62 -97.58 -81.67
CA HIS V 80 9.12 -96.38 -81.01
C HIS V 80 10.06 -95.19 -81.20
N LEU V 81 11.37 -95.44 -81.03
CA LEU V 81 12.37 -94.40 -81.16
C LEU V 81 12.48 -93.80 -82.56
N ARG V 82 11.45 -93.97 -83.37
CA ARG V 82 11.43 -93.41 -84.72
C ARG V 82 10.10 -92.73 -84.95
N GLU V 83 9.06 -93.29 -84.33
CA GLU V 83 7.71 -92.74 -84.44
C GLU V 83 7.62 -91.64 -83.39
N LEU V 84 8.35 -91.84 -82.29
CA LEU V 84 8.38 -90.88 -81.18
C LEU V 84 8.81 -89.51 -81.70
N LEU V 85 9.79 -89.51 -82.60
CA LEU V 85 10.31 -88.27 -83.16
C LEU V 85 9.21 -87.53 -83.94
N THR V 86 8.66 -88.21 -84.94
CA THR V 86 7.60 -87.63 -85.77
C THR V 86 6.42 -87.12 -84.95
N THR V 87 6.09 -87.85 -83.87
CA THR V 87 4.98 -87.47 -83.00
C THR V 87 5.39 -86.37 -82.03
N LEU V 88 6.67 -86.39 -81.64
CA LEU V 88 7.18 -85.40 -80.70
C LEU V 88 7.33 -84.06 -81.40
N GLU V 89 7.69 -84.11 -82.68
CA GLU V 89 7.86 -82.89 -83.47
C GLU V 89 6.51 -82.21 -83.68
N THR V 90 5.49 -83.02 -83.99
CA THR V 90 4.15 -82.49 -84.20
C THR V 90 3.67 -81.83 -82.91
N LEU V 91 4.07 -82.39 -81.77
CA LEU V 91 3.71 -81.85 -80.47
C LEU V 91 4.38 -80.50 -80.29
N TYR V 92 5.67 -80.46 -80.60
CA TYR V 92 6.45 -79.23 -80.49
C TYR V 92 5.81 -78.10 -81.29
N GLY V 93 5.26 -78.44 -82.46
CA GLY V 93 4.62 -77.45 -83.30
C GLY V 93 3.16 -77.19 -82.96
N SER V 94 2.67 -77.77 -81.87
CA SER V 94 1.29 -77.58 -81.48
C SER V 94 1.17 -76.36 -80.56
N PHE V 95 2.30 -75.96 -79.98
CA PHE V 95 2.35 -74.82 -79.08
C PHE V 95 2.66 -73.54 -79.85
N SER V 96 2.12 -72.43 -79.37
CA SER V 96 2.33 -71.12 -79.99
C SER V 96 3.02 -70.20 -78.99
N VAL V 97 4.26 -69.83 -79.31
CA VAL V 97 5.07 -68.96 -78.45
C VAL V 97 4.53 -67.53 -78.35
N GLU V 98 4.37 -66.90 -79.52
CA GLU V 98 3.91 -65.52 -79.64
C GLU V 98 2.62 -65.16 -78.91
N ASP V 99 1.96 -66.16 -78.33
CA ASP V 99 0.71 -65.92 -77.60
C ASP V 99 1.03 -65.59 -76.16
N LEU V 100 2.19 -66.06 -75.70
CA LEU V 100 2.64 -65.82 -74.33
C LEU V 100 3.01 -64.37 -74.09
N PHE V 101 3.19 -63.60 -75.16
CA PHE V 101 3.55 -62.19 -75.04
C PHE V 101 2.59 -61.48 -74.08
N GLY V 102 1.31 -61.82 -74.17
CA GLY V 102 0.32 -61.19 -73.32
C GLY V 102 -0.26 -62.10 -72.25
N ALA V 103 0.37 -63.26 -72.06
CA ALA V 103 -0.11 -64.21 -71.06
C ALA V 103 0.58 -64.03 -69.71
N ASN V 104 -0.14 -64.29 -68.63
CA ASN V 104 0.39 -64.17 -67.28
C ASN V 104 1.23 -65.40 -66.95
N LEU V 105 2.52 -65.32 -67.22
CA LEU V 105 3.43 -66.43 -66.96
C LEU V 105 3.31 -66.96 -65.54
N ASN V 106 2.65 -66.20 -64.68
CA ASN V 106 2.47 -66.61 -63.29
C ASN V 106 1.07 -67.15 -63.08
N ARG V 107 0.59 -67.93 -64.05
CA ARG V 107 -0.74 -68.52 -63.98
C ARG V 107 -0.76 -69.72 -63.05
N TYR V 108 0.39 -70.00 -62.44
CA TYR V 108 0.52 -71.12 -61.51
C TYR V 108 1.49 -70.78 -60.38
N LEU W 1 -78.24 145.17 -70.15
CA LEU W 1 -77.90 143.81 -69.65
C LEU W 1 -76.43 143.51 -69.93
N SER W 2 -76.01 142.28 -69.62
CA SER W 2 -74.65 141.85 -69.85
C SER W 2 -73.60 142.54 -68.98
N GLU W 3 -72.75 143.36 -69.58
CA GLU W 3 -71.72 144.07 -68.82
C GLU W 3 -72.24 145.20 -67.96
N VAL W 4 -71.37 145.69 -67.08
CA VAL W 4 -71.69 146.78 -66.16
C VAL W 4 -70.49 146.94 -65.22
N LYS W 5 -69.60 147.87 -65.55
CA LYS W 5 -68.40 148.12 -64.75
C LYS W 5 -68.65 148.93 -63.49
N LEU W 6 -67.87 148.64 -62.46
CA LEU W 6 -67.97 149.32 -61.17
C LEU W 6 -66.70 150.09 -60.85
N HIS W 7 -66.81 151.41 -60.82
CA HIS W 7 -65.68 152.28 -60.52
C HIS W 7 -65.66 152.59 -59.04
N LEU W 8 -64.53 152.37 -58.39
CA LEU W 8 -64.41 152.66 -56.97
C LEU W 8 -63.18 153.51 -56.72
N ASP W 9 -63.41 154.78 -56.39
CA ASP W 9 -62.32 155.70 -56.12
C ASP W 9 -61.89 155.60 -54.66
N ILE W 10 -61.22 154.50 -54.35
CA ILE W 10 -60.74 154.27 -52.99
C ILE W 10 -59.61 155.24 -52.65
N GLU W 11 -58.92 154.95 -51.55
CA GLU W 11 -57.85 155.79 -51.03
C GLU W 11 -56.70 156.16 -51.98
N GLY W 12 -56.95 156.99 -52.99
CA GLY W 12 -55.84 157.37 -53.86
C GLY W 12 -55.78 156.96 -55.33
N HIS W 13 -56.41 155.85 -55.68
CA HIS W 13 -56.42 155.34 -57.04
C HIS W 13 -57.80 154.83 -57.47
N ALA W 14 -58.09 154.95 -58.76
CA ALA W 14 -59.36 154.50 -59.31
C ALA W 14 -59.27 153.06 -59.80
N SER W 15 -60.07 152.19 -59.20
CA SER W 15 -60.08 150.77 -59.58
C SER W 15 -61.19 150.54 -60.60
N HIS W 16 -60.98 149.56 -61.48
CA HIS W 16 -61.96 149.26 -62.51
C HIS W 16 -62.31 147.77 -62.59
N TYR W 17 -63.53 147.45 -62.16
CA TYR W 17 -64.01 146.08 -62.18
C TYR W 17 -65.27 146.00 -63.04
N THR W 18 -65.33 144.98 -63.90
CA THR W 18 -66.47 144.80 -64.77
C THR W 18 -67.19 143.49 -64.40
N ILE W 19 -68.44 143.61 -63.96
CA ILE W 19 -69.21 142.43 -63.57
C ILE W 19 -70.24 142.02 -64.61
N PRO W 20 -69.89 141.03 -65.44
CA PRO W 20 -70.81 140.55 -66.48
C PRO W 20 -71.77 139.51 -65.92
N TRP W 21 -72.89 139.95 -65.35
CA TRP W 21 -73.87 139.01 -64.80
C TRP W 21 -74.50 138.17 -65.90
N THR W 22 -74.19 138.52 -67.14
CA THR W 22 -74.71 137.79 -68.29
C THR W 22 -74.14 136.38 -68.34
N GLU W 23 -72.84 136.27 -68.11
CA GLU W 23 -72.15 134.99 -68.11
C GLU W 23 -72.46 134.24 -66.83
N LEU W 24 -72.62 135.00 -65.74
CA LEU W 24 -72.91 134.41 -64.43
C LEU W 24 -74.25 133.67 -64.42
N MET W 25 -75.26 134.27 -65.01
CA MET W 25 -76.59 133.67 -65.05
C MET W 25 -76.61 132.29 -65.70
N ALA W 26 -75.62 132.04 -66.57
CA ALA W 26 -75.54 130.75 -67.25
C ALA W 26 -74.99 129.67 -66.32
N LYS W 27 -73.90 130.01 -65.62
CA LYS W 27 -73.26 129.07 -64.71
C LYS W 27 -73.98 128.96 -63.36
N VAL W 28 -74.93 129.84 -63.12
CA VAL W 28 -75.67 129.81 -61.86
C VAL W 28 -77.18 129.72 -62.09
N PRO W 29 -77.87 128.95 -61.25
CA PRO W 29 -79.32 128.76 -61.34
C PRO W 29 -80.18 129.82 -60.63
N GLY W 30 -80.11 129.84 -59.30
CA GLY W 30 -80.91 130.77 -58.53
C GLY W 30 -80.53 132.24 -58.59
N LEU W 31 -79.47 132.57 -59.30
CA LEU W 31 -79.04 133.97 -59.39
C LEU W 31 -79.89 134.77 -60.36
N SER W 32 -80.84 135.53 -59.83
CA SER W 32 -81.71 136.37 -60.63
C SER W 32 -81.44 137.82 -60.25
N PRO W 33 -80.37 138.40 -60.82
CA PRO W 33 -79.96 139.79 -60.53
C PRO W 33 -81.08 140.81 -60.60
N GLU W 34 -81.98 140.67 -61.57
CA GLU W 34 -83.10 141.59 -61.73
C GLU W 34 -83.91 141.78 -60.45
N ALA W 35 -84.20 140.68 -59.76
CA ALA W 35 -84.98 140.74 -58.54
C ALA W 35 -84.21 141.38 -57.39
N LEU W 36 -83.01 140.86 -57.13
CA LEU W 36 -82.17 141.39 -56.05
C LEU W 36 -81.91 142.88 -56.18
N TRP W 37 -81.70 143.35 -57.41
CA TRP W 37 -81.44 144.76 -57.65
C TRP W 37 -82.63 145.61 -57.23
N ARG W 38 -83.82 145.05 -57.38
CA ARG W 38 -85.05 145.77 -57.01
C ARG W 38 -85.33 145.60 -55.52
N GLU W 39 -85.01 144.45 -54.98
CA GLU W 39 -85.24 144.20 -53.56
C GLU W 39 -84.58 145.32 -52.78
N ALA W 40 -83.35 145.65 -53.15
CA ALA W 40 -82.61 146.71 -52.49
C ALA W 40 -82.98 148.05 -53.12
N ASN W 41 -83.80 148.83 -52.41
CA ASN W 41 -84.21 150.13 -52.91
C ASN W 41 -82.97 150.94 -53.25
N VAL W 42 -82.45 150.73 -54.46
CA VAL W 42 -81.26 151.43 -54.90
C VAL W 42 -81.52 152.92 -55.11
N THR W 43 -82.54 153.43 -54.43
CA THR W 43 -82.91 154.84 -54.56
C THR W 43 -83.33 155.40 -53.22
N GLU W 44 -83.38 154.52 -52.22
CA GLU W 44 -83.78 154.91 -50.86
C GLU W 44 -83.00 156.14 -50.43
N ASP W 45 -83.46 157.31 -50.89
CA ASP W 45 -82.80 158.57 -50.57
C ASP W 45 -82.24 158.59 -49.15
N LEU W 46 -81.12 159.31 -48.99
CA LEU W 46 -80.43 159.43 -47.71
C LEU W 46 -81.27 159.16 -46.45
N ALA W 47 -82.20 160.07 -46.17
CA ALA W 47 -83.04 159.99 -44.97
C ALA W 47 -83.83 158.71 -44.69
N SER W 48 -84.61 158.26 -45.68
CA SER W 48 -85.44 157.07 -45.52
C SER W 48 -84.75 155.82 -44.98
N MET W 49 -83.57 155.52 -45.50
CA MET W 49 -82.81 154.35 -45.09
C MET W 49 -82.67 154.21 -43.58
N LEU W 50 -82.40 155.32 -42.91
CA LEU W 50 -82.21 155.33 -41.46
C LEU W 50 -83.41 154.79 -40.68
N ASN W 51 -84.62 155.20 -41.06
CA ASN W 51 -85.84 154.78 -40.37
C ASN W 51 -85.97 153.27 -40.20
N ARG W 52 -85.44 152.49 -41.13
CA ARG W 52 -85.56 151.03 -41.03
C ARG W 52 -84.37 150.33 -40.38
N TYR W 53 -83.28 151.06 -40.13
CA TYR W 53 -82.12 150.51 -39.46
C TYR W 53 -82.31 150.79 -37.98
N LYS W 54 -83.12 151.80 -37.70
CA LYS W 54 -83.42 152.19 -36.34
C LYS W 54 -84.73 151.55 -35.86
N LEU W 55 -85.60 151.20 -36.80
CA LEU W 55 -86.85 150.53 -36.44
C LEU W 55 -86.51 149.04 -36.35
N ILE W 56 -85.29 148.75 -35.88
CA ILE W 56 -84.82 147.38 -35.78
C ILE W 56 -84.06 147.11 -34.47
N TYR W 57 -84.44 146.06 -33.76
CA TYR W 57 -83.76 145.74 -32.50
C TYR W 57 -82.26 145.64 -32.76
N LYS W 58 -81.49 146.29 -31.88
CA LYS W 58 -80.04 146.29 -32.00
C LYS W 58 -79.45 145.53 -30.82
N THR W 59 -78.42 144.72 -31.10
CA THR W 59 -77.77 143.96 -30.05
C THR W 59 -77.18 144.92 -29.03
N SER W 60 -77.69 144.85 -27.81
CA SER W 60 -77.23 145.71 -26.73
C SER W 60 -75.83 145.30 -26.27
N GLY W 61 -75.05 144.77 -27.20
CA GLY W 61 -73.70 144.34 -26.87
C GLY W 61 -73.42 142.89 -27.21
N THR W 62 -72.83 142.66 -28.38
CA THR W 62 -72.49 141.32 -28.82
C THR W 62 -71.45 140.75 -27.88
N LEU W 63 -71.72 139.57 -27.34
CA LEU W 63 -70.80 138.93 -26.41
C LEU W 63 -70.29 137.59 -26.92
N GLY W 64 -68.97 137.44 -26.94
CA GLY W 64 -68.37 136.20 -27.39
C GLY W 64 -68.22 135.26 -26.22
N ILE W 65 -67.99 133.97 -26.51
CA ILE W 65 -67.84 132.97 -25.47
C ILE W 65 -66.84 131.91 -25.89
N ALA W 66 -66.20 131.27 -24.91
CA ALA W 66 -65.21 130.23 -25.17
C ALA W 66 -65.88 128.90 -25.50
N LEU W 67 -66.12 128.68 -26.79
CA LEU W 67 -66.76 127.45 -27.25
C LEU W 67 -65.90 126.66 -28.23
N ALA W 68 -65.67 125.39 -27.90
CA ALA W 68 -64.86 124.51 -28.73
C ALA W 68 -65.73 123.36 -29.24
N GLU W 69 -66.28 123.52 -30.44
CA GLU W 69 -67.13 122.51 -31.06
C GLU W 69 -66.50 121.12 -31.02
N PRO W 70 -67.26 120.12 -30.55
CA PRO W 70 -66.76 118.74 -30.47
C PRO W 70 -66.71 118.09 -31.86
N VAL W 71 -66.35 116.82 -31.90
CA VAL W 71 -66.29 116.10 -33.17
C VAL W 71 -67.38 115.03 -33.21
N ASP W 72 -68.40 115.30 -34.02
CA ASP W 72 -69.53 114.38 -34.15
C ASP W 72 -69.20 113.13 -34.97
N ILE W 73 -69.49 113.20 -36.27
CA ILE W 73 -69.27 112.08 -37.17
C ILE W 73 -67.84 111.51 -37.13
N PRO W 74 -67.73 110.19 -36.92
CA PRO W 74 -66.41 109.54 -36.86
C PRO W 74 -65.92 109.25 -38.28
N ALA W 75 -64.68 108.80 -38.41
CA ALA W 75 -64.12 108.49 -39.72
C ALA W 75 -64.63 107.14 -40.21
N VAL W 76 -64.64 106.95 -41.53
CA VAL W 76 -65.09 105.70 -42.12
C VAL W 76 -64.28 104.55 -41.55
N SER W 77 -64.51 103.33 -42.05
CA SER W 77 -63.80 102.17 -41.56
C SER W 77 -63.36 101.24 -42.70
N GLU W 78 -62.70 100.14 -42.33
CA GLU W 78 -62.20 99.17 -43.29
C GLU W 78 -63.29 98.47 -44.08
N GLY W 79 -63.76 97.33 -43.56
CA GLY W 79 -64.79 96.56 -44.23
C GLY W 79 -66.18 97.15 -44.16
N SER W 80 -66.34 98.36 -44.69
CA SER W 80 -67.62 99.03 -44.70
C SER W 80 -68.10 99.34 -46.11
N MET W 81 -69.35 98.97 -46.41
CA MET W 81 -69.93 99.21 -47.72
C MET W 81 -70.44 100.65 -47.82
N GLN W 82 -70.18 101.29 -48.95
CA GLN W 82 -70.63 102.67 -49.16
C GLN W 82 -71.92 102.68 -49.98
N VAL W 83 -73.04 102.82 -49.27
CA VAL W 83 -74.34 102.83 -49.90
C VAL W 83 -74.78 104.20 -50.43
N ASP W 84 -75.45 104.17 -51.56
CA ASP W 84 -75.96 105.38 -52.20
C ASP W 84 -77.41 105.54 -51.75
N ALA W 85 -77.64 106.51 -50.88
CA ALA W 85 -78.98 106.78 -50.36
C ALA W 85 -80.10 106.42 -51.34
N SER W 86 -79.93 106.81 -52.59
CA SER W 86 -80.92 106.54 -53.62
C SER W 86 -80.89 105.09 -54.11
N LYS W 87 -79.75 104.70 -54.68
CA LYS W 87 -79.60 103.35 -55.20
C LYS W 87 -79.33 102.29 -54.13
N VAL W 88 -80.03 102.38 -53.01
CA VAL W 88 -79.88 101.41 -51.94
C VAL W 88 -80.58 100.13 -52.42
N HIS W 89 -80.09 99.59 -53.53
CA HIS W 89 -80.68 98.38 -54.11
C HIS W 89 -81.18 97.40 -53.06
N PRO W 90 -82.41 96.89 -53.23
CA PRO W 90 -83.06 95.94 -52.33
C PRO W 90 -82.33 94.59 -52.23
N GLY W 91 -81.02 94.65 -52.08
CA GLY W 91 -80.24 93.42 -51.98
C GLY W 91 -79.30 93.44 -50.78
N VAL W 92 -78.90 92.25 -50.32
CA VAL W 92 -78.01 92.14 -49.18
C VAL W 92 -76.66 92.75 -49.54
N ILE W 93 -76.15 93.61 -48.67
CA ILE W 93 -74.87 94.27 -48.90
C ILE W 93 -74.06 94.32 -47.62
N SER W 94 -74.44 93.50 -46.64
CA SER W 94 -73.74 93.45 -45.37
C SER W 94 -74.37 92.44 -44.41
N GLY W 95 -73.84 92.41 -43.18
CA GLY W 95 -74.35 91.50 -42.17
C GLY W 95 -74.88 92.35 -41.02
N LEU W 96 -74.73 91.88 -39.79
CA LEU W 96 -75.21 92.66 -38.66
C LEU W 96 -74.09 93.48 -38.05
N ASN W 97 -72.94 92.85 -37.81
CA ASN W 97 -71.78 93.52 -37.24
C ASN W 97 -70.88 94.19 -38.29
N SER W 98 -71.03 93.79 -39.54
CA SER W 98 -70.22 94.35 -40.62
C SER W 98 -70.25 95.88 -40.65
N PRO W 99 -69.07 96.51 -40.80
CA PRO W 99 -68.97 97.98 -40.85
C PRO W 99 -69.70 98.52 -42.07
N ALA W 100 -70.22 99.73 -41.98
CA ALA W 100 -70.94 100.34 -43.10
C ALA W 100 -71.11 101.84 -42.92
N CYS W 101 -71.36 102.54 -44.02
CA CYS W 101 -71.54 103.99 -43.97
C CYS W 101 -72.33 104.45 -45.20
N MET W 102 -72.94 105.64 -45.10
CA MET W 102 -73.72 106.17 -46.21
C MET W 102 -73.09 107.42 -46.81
N LEU W 103 -73.22 107.55 -48.14
CA LEU W 103 -72.68 108.69 -48.86
C LEU W 103 -73.44 109.96 -48.51
N SER W 104 -72.70 111.03 -48.24
CA SER W 104 -73.30 112.32 -47.87
C SER W 104 -74.05 112.97 -49.03
N ALA W 105 -73.41 113.00 -50.20
CA ALA W 105 -74.00 113.60 -51.39
C ALA W 105 -75.48 113.22 -51.58
N PRO W 106 -75.79 111.92 -51.53
CA PRO W 106 -77.18 111.49 -51.71
C PRO W 106 -78.03 111.65 -50.44
N LEU W 107 -77.47 111.26 -49.31
CA LEU W 107 -78.17 111.36 -48.03
C LEU W 107 -78.71 112.77 -47.77
N GLU W 108 -77.87 113.77 -47.99
CA GLU W 108 -78.25 115.16 -47.77
C GLU W 108 -79.35 115.58 -48.74
N LYS W 109 -79.13 115.32 -50.03
CA LYS W 109 -80.11 115.67 -51.05
C LYS W 109 -81.45 115.03 -50.75
N GLN W 110 -81.44 113.93 -50.01
CA GLN W 110 -82.66 113.23 -49.67
C GLN W 110 -83.31 113.90 -48.45
N LEU W 111 -82.48 114.28 -47.48
CA LEU W 111 -82.97 114.94 -46.29
C LEU W 111 -83.60 116.27 -46.70
N PHE W 112 -82.79 117.12 -47.30
CA PHE W 112 -83.26 118.42 -47.76
C PHE W 112 -83.86 118.31 -49.16
N TYR W 113 -84.87 117.46 -49.27
CA TYR W 113 -85.55 117.23 -50.53
C TYR W 113 -86.47 118.41 -50.86
N TYR W 114 -87.08 118.96 -49.82
CA TYR W 114 -87.99 120.08 -49.96
C TYR W 114 -87.26 121.40 -50.24
N ILE W 115 -87.91 122.29 -51.00
CA ILE W 115 -87.34 123.59 -51.34
C ILE W 115 -88.21 124.66 -50.68
N GLY W 116 -87.65 125.82 -50.36
CA GLY W 116 -88.46 126.83 -49.71
C GLY W 116 -87.98 128.26 -49.65
N THR W 117 -88.19 128.90 -48.50
CA THR W 117 -87.81 130.29 -48.29
C THR W 117 -87.33 130.50 -46.86
N MET W 118 -86.02 130.49 -46.65
CA MET W 118 -85.47 130.70 -45.33
C MET W 118 -85.90 132.08 -44.85
N LEU W 119 -86.01 133.00 -45.79
CA LEU W 119 -86.40 134.39 -45.50
C LEU W 119 -87.75 134.71 -46.15
N PRO W 120 -88.82 134.74 -45.34
CA PRO W 120 -90.18 135.04 -45.83
C PRO W 120 -90.32 136.47 -46.33
N ASN W 121 -91.56 136.85 -46.67
CA ASN W 121 -91.83 138.19 -47.17
C ASN W 121 -92.51 139.04 -46.11
N THR W 122 -92.30 138.68 -44.84
CA THR W 122 -92.90 139.42 -43.73
C THR W 122 -92.17 140.75 -43.61
N ARG W 123 -92.89 141.79 -43.16
CA ARG W 123 -92.31 143.12 -43.01
C ARG W 123 -90.92 143.14 -42.38
N PRO W 124 -90.77 142.55 -41.17
CA PRO W 124 -89.48 142.53 -40.49
C PRO W 124 -88.28 142.03 -41.30
N HIS W 125 -88.35 140.77 -41.74
CA HIS W 125 -87.28 140.17 -42.52
C HIS W 125 -87.00 140.89 -43.84
N SER W 126 -88.05 141.23 -44.57
CA SER W 126 -87.90 141.91 -45.85
C SER W 126 -87.05 143.17 -45.73
N TYR W 127 -86.92 143.69 -44.52
CA TYR W 127 -86.13 144.89 -44.28
C TYR W 127 -84.65 144.61 -44.06
N VAL W 128 -84.33 143.42 -43.56
CA VAL W 128 -82.94 143.06 -43.29
C VAL W 128 -82.27 142.14 -44.31
N PHE W 129 -82.81 140.94 -44.48
CA PHE W 129 -82.23 139.97 -45.39
C PHE W 129 -82.68 140.08 -46.85
N TYR W 130 -81.93 139.39 -47.72
CA TYR W 130 -82.22 139.35 -49.15
C TYR W 130 -83.00 138.07 -49.42
N GLN W 131 -84.20 138.20 -49.99
CA GLN W 131 -85.02 137.03 -50.31
C GLN W 131 -84.11 135.87 -50.71
N LEU W 132 -84.19 134.77 -49.98
CA LEU W 132 -83.36 133.60 -50.28
C LEU W 132 -84.20 132.35 -50.55
N ARG W 133 -83.69 131.49 -51.43
CA ARG W 133 -84.39 130.26 -51.78
C ARG W 133 -83.45 129.08 -52.02
N CYS W 134 -83.51 128.09 -51.13
CA CYS W 134 -82.68 126.91 -51.23
C CYS W 134 -83.39 125.74 -50.55
N HIS W 135 -82.88 124.53 -50.77
CA HIS W 135 -83.44 123.33 -50.16
C HIS W 135 -83.38 123.48 -48.64
N LEU W 136 -84.47 123.11 -47.97
CA LEU W 136 -84.54 123.22 -46.52
C LEU W 136 -85.46 122.20 -45.86
N SER W 137 -85.85 122.51 -44.63
CA SER W 137 -86.74 121.66 -43.83
C SER W 137 -87.13 122.49 -42.62
N TYR W 138 -88.38 122.35 -42.17
CA TYR W 138 -88.84 123.12 -41.02
C TYR W 138 -89.57 122.31 -39.96
N VAL W 139 -89.88 122.98 -38.85
CA VAL W 139 -90.60 122.38 -37.74
C VAL W 139 -91.77 123.30 -37.40
N ALA W 140 -92.96 122.94 -37.85
CA ALA W 140 -94.16 123.75 -37.62
C ALA W 140 -94.70 123.61 -36.20
N LEU W 141 -95.25 124.71 -35.70
CA LEU W 141 -95.81 124.72 -34.35
C LEU W 141 -97.01 125.68 -34.27
N SER W 142 -98.02 125.29 -33.51
CA SER W 142 -99.22 126.11 -33.35
C SER W 142 -99.87 125.90 -31.99
N ILE W 143 -99.83 126.93 -31.14
CA ILE W 143 -100.41 126.87 -29.81
C ILE W 143 -101.49 127.94 -29.67
N ASN W 144 -102.28 127.85 -28.61
CA ASN W 144 -103.36 128.81 -28.35
C ASN W 144 -104.25 129.01 -29.57
N GLY W 145 -104.33 127.99 -30.42
CA GLY W 145 -105.16 128.08 -31.61
C GLY W 145 -104.71 129.14 -32.60
N ASP W 146 -103.59 128.89 -33.26
CA ASP W 146 -103.05 129.82 -34.25
C ASP W 146 -102.82 131.23 -33.72
N LYS W 147 -102.92 131.42 -32.42
CA LYS W 147 -102.70 132.74 -31.83
C LYS W 147 -101.21 132.91 -31.56
N PHE W 148 -100.49 131.80 -31.64
CA PHE W 148 -99.05 131.77 -31.43
C PHE W 148 -98.48 130.62 -32.25
N GLN W 149 -97.38 130.87 -32.93
CA GLN W 149 -96.75 129.83 -33.76
C GLN W 149 -95.25 130.00 -33.90
N TYR W 150 -94.55 128.88 -34.06
CA TYR W 150 -93.10 128.87 -34.23
C TYR W 150 -92.74 128.09 -35.47
N THR W 151 -91.63 128.47 -36.11
CA THR W 151 -91.18 127.79 -37.32
C THR W 151 -89.69 127.51 -37.28
N GLY W 152 -89.33 126.23 -37.31
CA GLY W 152 -87.93 125.85 -37.29
C GLY W 152 -87.36 125.73 -38.68
N ALA W 153 -87.22 126.86 -39.37
CA ALA W 153 -86.67 126.88 -40.72
C ALA W 153 -85.17 126.65 -40.67
N MET W 154 -84.69 125.65 -41.42
CA MET W 154 -83.27 125.34 -41.43
C MET W 154 -82.79 124.78 -42.75
N THR W 155 -81.54 125.10 -43.09
CA THR W 155 -80.91 124.62 -44.32
C THR W 155 -79.67 123.85 -43.90
N SER W 156 -78.94 123.32 -44.88
CA SER W 156 -77.74 122.55 -44.59
C SER W 156 -76.63 123.41 -43.97
N LYS W 157 -76.83 124.72 -43.92
CA LYS W 157 -75.82 125.61 -43.37
C LYS W 157 -76.23 126.42 -42.14
N PHE W 158 -77.50 126.81 -42.07
CA PHE W 158 -77.95 127.60 -40.93
C PHE W 158 -79.43 127.43 -40.58
N LEU W 159 -79.75 127.66 -39.31
CA LEU W 159 -81.11 127.56 -38.81
C LEU W 159 -81.64 128.95 -38.51
N MET W 160 -82.94 129.16 -38.72
CA MET W 160 -83.54 130.46 -38.45
C MET W 160 -84.99 130.32 -38.03
N GLY W 161 -85.21 130.14 -36.74
CA GLY W 161 -86.56 129.99 -36.22
C GLY W 161 -87.20 131.34 -35.98
N THR W 162 -88.51 131.42 -36.15
CA THR W 162 -89.24 132.67 -35.96
C THR W 162 -90.43 132.50 -35.04
N TYR W 163 -90.61 133.45 -34.13
CA TYR W 163 -91.73 133.43 -33.20
C TYR W 163 -92.81 134.36 -33.72
N LYS W 164 -94.07 133.99 -33.49
CA LYS W 164 -95.19 134.78 -33.98
C LYS W 164 -96.39 134.73 -33.03
N ARG W 165 -96.71 135.87 -32.44
CA ARG W 165 -97.83 135.96 -31.52
C ARG W 165 -98.87 136.94 -32.06
N VAL W 166 -100.09 136.87 -31.52
CA VAL W 166 -101.16 137.75 -31.96
C VAL W 166 -102.01 138.22 -30.79
N THR W 167 -102.11 139.54 -30.62
CA THR W 167 -102.91 140.12 -29.55
C THR W 167 -104.37 139.91 -29.94
N GLU W 168 -105.29 140.32 -29.08
CA GLU W 168 -106.71 140.16 -29.38
C GLU W 168 -107.04 140.74 -30.75
N LYS W 169 -106.32 141.79 -31.12
CA LYS W 169 -106.53 142.45 -32.41
C LYS W 169 -105.64 141.81 -33.47
N GLY W 170 -105.74 142.31 -34.69
CA GLY W 170 -104.94 141.78 -35.78
C GLY W 170 -103.47 142.05 -35.61
N ASP W 171 -103.06 142.38 -34.39
CA ASP W 171 -101.66 142.68 -34.10
C ASP W 171 -100.80 141.43 -34.30
N GLU W 172 -99.75 141.58 -35.12
CA GLU W 172 -98.85 140.46 -35.39
C GLU W 172 -97.43 140.80 -34.97
N HIS W 173 -96.98 140.14 -33.91
CA HIS W 173 -95.63 140.35 -33.39
C HIS W 173 -94.71 139.19 -33.76
N VAL W 174 -93.54 139.52 -34.30
CA VAL W 174 -92.58 138.50 -34.71
C VAL W 174 -91.15 138.81 -34.29
N LEU W 175 -90.43 137.76 -33.92
CA LEU W 175 -89.04 137.84 -33.49
C LEU W 175 -88.39 136.50 -33.84
N SER W 176 -87.22 136.56 -34.48
CA SER W 176 -86.55 135.33 -34.87
C SER W 176 -85.09 135.22 -34.42
N LEU W 177 -84.61 133.98 -34.34
CA LEU W 177 -83.23 133.70 -33.94
C LEU W 177 -82.52 132.99 -35.09
N VAL W 178 -81.28 133.37 -35.33
CA VAL W 178 -80.50 132.76 -36.40
C VAL W 178 -79.23 132.12 -35.86
N PHE W 179 -79.10 130.81 -36.04
CA PHE W 179 -77.94 130.06 -35.57
C PHE W 179 -77.19 129.41 -36.73
N GLY W 180 -75.88 129.32 -36.59
CA GLY W 180 -75.07 128.71 -37.63
C GLY W 180 -73.67 129.30 -37.69
N LYS W 181 -72.82 128.73 -38.54
CA LYS W 181 -71.45 129.21 -38.68
C LYS W 181 -71.46 130.64 -39.20
N THR W 182 -70.78 131.52 -38.47
CA THR W 182 -70.71 132.93 -38.84
C THR W 182 -70.48 133.16 -40.34
N LYS W 183 -69.71 132.28 -40.96
CA LYS W 183 -69.41 132.41 -42.39
C LYS W 183 -70.60 132.07 -43.28
N ASP W 184 -71.58 131.37 -42.74
CA ASP W 184 -72.75 130.96 -43.52
C ASP W 184 -74.00 131.83 -43.35
N LEU W 185 -73.95 132.81 -42.46
CA LEU W 185 -75.11 133.67 -42.25
C LEU W 185 -75.55 134.33 -43.55
N PRO W 186 -76.88 134.47 -43.76
CA PRO W 186 -77.44 135.09 -44.96
C PRO W 186 -76.82 136.43 -45.30
N ASP W 187 -77.19 136.98 -46.46
CA ASP W 187 -76.67 138.26 -46.90
C ASP W 187 -77.54 139.41 -46.39
N LEU W 188 -76.91 140.39 -45.75
CA LEU W 188 -77.65 141.53 -45.22
C LEU W 188 -77.91 142.53 -46.36
N ARG W 189 -79.09 143.13 -46.34
CA ARG W 189 -79.49 144.09 -47.37
C ARG W 189 -79.01 145.52 -47.14
N GLY W 190 -79.89 146.35 -46.60
CA GLY W 190 -79.52 147.74 -46.35
C GLY W 190 -78.36 147.90 -45.40
N PRO W 191 -78.20 149.09 -44.80
CA PRO W 191 -77.13 149.41 -43.85
C PRO W 191 -77.23 148.54 -42.59
N PHE W 192 -76.94 147.27 -42.75
CA PHE W 192 -76.99 146.32 -41.65
C PHE W 192 -75.67 145.60 -41.48
N SER W 193 -75.25 145.44 -40.23
CA SER W 193 -74.02 144.76 -39.92
C SER W 193 -74.31 143.71 -38.85
N TYR W 194 -74.03 142.45 -39.18
CA TYR W 194 -74.28 141.35 -38.25
C TYR W 194 -73.85 141.58 -36.81
N PRO W 195 -72.71 142.23 -36.59
CA PRO W 195 -72.29 142.47 -35.19
C PRO W 195 -73.36 143.15 -34.35
N SER W 196 -73.99 144.18 -34.89
CA SER W 196 -75.04 144.90 -34.17
C SER W 196 -76.34 144.11 -34.17
N LEU W 197 -76.25 142.83 -34.51
CA LEU W 197 -77.42 141.95 -34.55
C LEU W 197 -77.10 140.57 -33.96
N THR W 198 -75.82 140.32 -33.75
CA THR W 198 -75.37 139.05 -33.17
C THR W 198 -75.44 139.13 -31.66
N SER W 199 -75.95 138.08 -31.02
CA SER W 199 -76.07 138.05 -29.58
C SER W 199 -74.94 137.27 -28.92
N ALA W 200 -74.55 136.16 -29.55
CA ALA W 200 -73.47 135.32 -29.04
C ALA W 200 -72.56 134.89 -30.18
N GLN W 201 -71.26 134.92 -29.96
CA GLN W 201 -70.33 134.54 -31.02
C GLN W 201 -69.15 133.69 -30.55
N SER W 202 -68.87 132.63 -31.31
CA SER W 202 -67.76 131.74 -31.02
C SER W 202 -66.67 132.08 -32.02
N GLY W 203 -65.73 131.16 -32.22
CA GLY W 203 -64.67 131.42 -33.17
C GLY W 203 -65.20 131.36 -34.59
N ASP W 204 -66.35 130.72 -34.76
CA ASP W 204 -66.98 130.58 -36.07
C ASP W 204 -68.49 130.36 -36.00
N TYR W 205 -69.08 130.60 -34.84
CA TYR W 205 -70.52 130.43 -34.66
C TYR W 205 -71.19 131.70 -34.15
N SER W 206 -72.40 131.98 -34.63
CA SER W 206 -73.13 133.16 -34.21
C SER W 206 -74.60 132.90 -33.94
N LEU W 207 -75.22 133.80 -33.17
CA LEU W 207 -76.62 133.72 -32.82
C LEU W 207 -77.20 135.11 -33.02
N VAL W 208 -77.91 135.30 -34.14
CA VAL W 208 -78.50 136.59 -34.48
C VAL W 208 -79.95 136.76 -34.03
N ILE W 209 -80.29 137.99 -33.66
CA ILE W 209 -81.65 138.32 -33.22
C ILE W 209 -82.26 139.32 -34.20
N VAL W 210 -83.10 138.83 -35.11
CA VAL W 210 -83.75 139.68 -36.09
C VAL W 210 -85.17 140.01 -35.65
N THR W 211 -85.41 141.28 -35.35
CA THR W 211 -86.73 141.73 -34.90
C THR W 211 -86.74 143.25 -34.76
N THR W 212 -87.94 143.82 -34.66
CA THR W 212 -88.07 145.26 -34.50
C THR W 212 -88.20 145.60 -33.02
N PHE W 213 -87.87 146.83 -32.66
CA PHE W 213 -87.97 147.26 -31.28
C PHE W 213 -89.41 147.13 -30.81
N VAL W 214 -90.33 147.51 -31.67
CA VAL W 214 -91.75 147.44 -31.38
C VAL W 214 -92.11 146.01 -30.94
N HIS W 215 -91.60 145.03 -31.67
CA HIS W 215 -91.86 143.63 -31.35
C HIS W 215 -91.10 143.13 -30.13
N TYR W 216 -89.79 143.39 -30.10
CA TYR W 216 -88.97 142.95 -28.97
C TYR W 216 -89.61 143.27 -27.63
N ALA W 217 -90.35 144.37 -27.58
CA ALA W 217 -91.02 144.78 -26.35
C ALA W 217 -92.09 143.78 -25.95
N ASN W 218 -93.07 143.58 -26.83
CA ASN W 218 -94.17 142.67 -26.57
C ASN W 218 -93.68 141.25 -26.24
N PHE W 219 -92.48 140.92 -26.72
CA PHE W 219 -91.90 139.60 -26.49
C PHE W 219 -91.11 139.51 -25.19
N HIS W 220 -90.39 140.58 -24.86
CA HIS W 220 -89.58 140.61 -23.65
C HIS W 220 -90.41 140.48 -22.38
N ASN W 221 -91.73 140.58 -22.54
CA ASN W 221 -92.64 140.46 -21.39
C ASN W 221 -92.80 139.02 -20.92
N TYR W 222 -92.59 138.07 -21.82
CA TYR W 222 -92.73 136.66 -21.47
C TYR W 222 -91.62 135.79 -22.05
N PHE W 223 -90.68 136.40 -22.76
CA PHE W 223 -89.59 135.64 -23.36
C PHE W 223 -88.23 136.29 -23.14
N VAL W 224 -87.51 135.79 -22.14
CA VAL W 224 -86.17 136.28 -21.82
C VAL W 224 -85.24 135.08 -21.86
N PRO W 225 -84.89 134.60 -23.06
CA PRO W 225 -84.00 133.45 -23.26
C PRO W 225 -82.59 133.65 -22.72
N ASN W 226 -82.01 132.56 -22.24
CA ASN W 226 -80.66 132.59 -21.70
C ASN W 226 -79.69 132.34 -22.85
N LEU W 227 -79.70 133.26 -23.82
CA LEU W 227 -78.84 133.16 -25.00
C LEU W 227 -77.48 132.54 -24.71
N LYS W 228 -76.91 132.88 -23.56
CA LYS W 228 -75.59 132.37 -23.18
C LYS W 228 -75.53 130.83 -23.22
N ASP W 229 -76.16 130.19 -22.24
CA ASP W 229 -76.17 128.72 -22.17
C ASP W 229 -76.85 128.10 -23.38
N MET W 230 -77.94 128.71 -23.82
CA MET W 230 -78.69 128.21 -24.96
C MET W 230 -77.79 128.14 -26.20
N PHE W 231 -76.87 129.08 -26.31
CA PHE W 231 -75.95 129.12 -27.45
C PHE W 231 -74.83 128.09 -27.30
N SER W 232 -74.13 128.14 -26.16
CA SER W 232 -73.04 127.22 -25.88
C SER W 232 -73.45 125.77 -26.11
N ARG W 233 -74.47 125.34 -25.37
CA ARG W 233 -74.97 123.97 -25.47
C ARG W 233 -75.30 123.60 -26.91
N ALA W 234 -75.73 124.59 -27.70
CA ALA W 234 -76.08 124.38 -29.10
C ALA W 234 -74.85 124.28 -29.99
N VAL W 235 -73.68 124.55 -29.42
CA VAL W 235 -72.43 124.50 -30.17
C VAL W 235 -71.54 123.35 -29.67
N THR W 236 -71.20 123.38 -28.38
CA THR W 236 -70.37 122.36 -27.79
C THR W 236 -71.20 121.20 -27.26
N MET W 237 -71.60 120.31 -28.17
CA MET W 237 -72.39 119.15 -27.78
C MET W 237 -72.70 118.29 -29.00
N THR W 238 -72.36 117.02 -28.93
CA THR W 238 -72.59 116.09 -30.02
C THR W 238 -74.07 116.06 -30.41
N ALA W 239 -74.33 115.89 -31.70
CA ALA W 239 -75.68 115.85 -32.23
C ALA W 239 -76.61 114.97 -31.41
N ALA W 240 -76.26 113.69 -31.28
CA ALA W 240 -77.06 112.74 -30.53
C ALA W 240 -77.37 113.23 -29.12
N SER W 241 -76.35 113.77 -28.44
CA SER W 241 -76.53 114.27 -27.09
C SER W 241 -77.51 115.43 -27.01
N TYR W 242 -77.30 116.43 -27.86
CA TYR W 242 -78.18 117.60 -27.88
C TYR W 242 -79.62 117.18 -28.09
N ALA W 243 -79.81 116.19 -28.96
CA ALA W 243 -81.14 115.67 -29.26
C ALA W 243 -81.85 115.19 -28.01
N ARG W 244 -81.14 114.45 -27.16
CA ARG W 244 -81.72 113.94 -25.93
C ARG W 244 -81.87 115.04 -24.88
N TYR W 245 -80.87 115.93 -24.81
CA TYR W 245 -80.93 117.03 -23.85
C TYR W 245 -82.26 117.74 -24.03
N VAL W 246 -82.69 117.84 -25.28
CA VAL W 246 -83.95 118.48 -25.62
C VAL W 246 -85.11 117.55 -25.29
N LEU W 247 -84.97 116.30 -25.70
CA LEU W 247 -86.00 115.29 -25.44
C LEU W 247 -86.35 115.29 -23.96
N GLN W 248 -85.33 115.38 -23.12
CA GLN W 248 -85.52 115.39 -21.67
C GLN W 248 -86.20 116.69 -21.24
N LYS W 249 -85.74 117.80 -21.78
CA LYS W 249 -86.32 119.10 -21.45
C LYS W 249 -87.82 119.08 -21.70
N LEU W 250 -88.23 118.40 -22.77
CA LEU W 250 -89.64 118.30 -23.10
C LEU W 250 -90.37 117.42 -22.09
N VAL W 251 -89.78 116.27 -21.78
CA VAL W 251 -90.36 115.35 -20.82
C VAL W 251 -90.71 116.11 -19.54
N LEU W 252 -89.80 116.99 -19.13
CA LEU W 252 -89.99 117.80 -17.94
C LEU W 252 -91.26 118.62 -18.10
N LEU W 253 -91.32 119.39 -19.19
CA LEU W 253 -92.47 120.23 -19.48
C LEU W 253 -93.75 119.39 -19.51
N GLU W 254 -93.62 118.14 -19.93
CA GLU W 254 -94.77 117.24 -20.01
C GLU W 254 -95.27 116.97 -18.60
N MET W 255 -94.35 116.63 -17.70
CA MET W 255 -94.71 116.36 -16.31
C MET W 255 -95.20 117.63 -15.64
N LYS W 256 -94.93 118.77 -16.29
CA LYS W 256 -95.36 120.06 -15.75
C LYS W 256 -96.74 120.39 -16.30
N GLY W 257 -97.32 119.45 -17.04
CA GLY W 257 -98.64 119.66 -17.61
C GLY W 257 -98.62 120.61 -18.79
N GLY W 258 -97.42 121.05 -19.16
CA GLY W 258 -97.29 121.96 -20.29
C GLY W 258 -97.68 121.34 -21.62
N CYS W 259 -98.23 120.14 -21.60
CA CYS W 259 -98.64 119.48 -22.84
C CYS W 259 -100.14 119.46 -23.03
N ARG W 260 -100.86 120.15 -22.14
CA ARG W 260 -102.31 120.26 -22.21
C ARG W 260 -102.66 121.68 -21.82
N GLU W 261 -101.69 122.35 -21.20
CA GLU W 261 -101.80 123.73 -20.77
C GLU W 261 -100.53 124.42 -21.25
N PRO W 262 -100.22 124.32 -22.56
CA PRO W 262 -99.04 124.92 -23.17
C PRO W 262 -98.74 126.33 -22.67
N GLU W 263 -97.89 126.42 -21.66
CA GLU W 263 -97.53 127.69 -21.07
C GLU W 263 -96.62 128.47 -22.01
N LEU W 264 -96.96 129.74 -22.25
CA LEU W 264 -96.17 130.60 -23.11
C LEU W 264 -95.12 131.33 -22.28
N ASP W 265 -94.12 130.59 -21.81
CA ASP W 265 -93.06 131.16 -21.00
C ASP W 265 -91.69 130.97 -21.64
N THR W 266 -90.68 131.57 -21.03
CA THR W 266 -89.31 131.50 -21.53
C THR W 266 -88.87 130.05 -21.73
N GLU W 267 -89.07 129.22 -20.72
CA GLU W 267 -88.69 127.82 -20.79
C GLU W 267 -89.31 127.10 -21.98
N THR W 268 -90.64 127.14 -22.06
CA THR W 268 -91.37 126.49 -23.15
C THR W 268 -90.92 126.99 -24.51
N LEU W 269 -90.78 128.31 -24.64
CA LEU W 269 -90.37 128.90 -25.91
C LEU W 269 -88.92 128.53 -26.23
N THR W 270 -88.07 128.54 -25.22
CA THR W 270 -86.65 128.21 -25.40
C THR W 270 -86.51 126.81 -25.97
N THR W 271 -87.11 125.83 -25.31
CA THR W 271 -87.06 124.45 -25.75
C THR W 271 -87.41 124.32 -27.22
N MET W 272 -88.42 125.07 -27.66
CA MET W 272 -88.85 125.05 -29.05
C MET W 272 -87.67 125.25 -30.00
N PHE W 273 -87.00 126.38 -29.85
CA PHE W 273 -85.85 126.70 -30.69
C PHE W 273 -84.78 125.61 -30.61
N GLU W 274 -84.56 125.10 -29.41
CA GLU W 274 -83.57 124.05 -29.22
C GLU W 274 -84.01 122.76 -29.91
N VAL W 275 -85.31 122.56 -29.98
CA VAL W 275 -85.86 121.36 -30.64
C VAL W 275 -85.47 121.38 -32.11
N SER W 276 -85.52 122.56 -32.72
CA SER W 276 -85.16 122.70 -34.12
C SER W 276 -83.64 122.67 -34.29
N VAL W 277 -82.92 123.16 -33.29
CA VAL W 277 -81.47 123.16 -33.33
C VAL W 277 -80.98 121.72 -33.30
N ALA W 278 -81.70 120.89 -32.56
CA ALA W 278 -81.36 119.47 -32.46
C ALA W 278 -81.44 118.84 -33.83
N PHE W 279 -82.46 119.23 -34.60
CA PHE W 279 -82.63 118.71 -35.95
C PHE W 279 -81.59 119.34 -36.87
N PHE W 280 -81.30 120.61 -36.65
CA PHE W 280 -80.32 121.33 -37.45
C PHE W 280 -78.94 120.70 -37.29
N LYS W 281 -78.58 120.41 -36.05
CA LYS W 281 -77.28 119.80 -35.75
C LYS W 281 -77.01 118.59 -36.65
N VAL W 282 -77.97 117.66 -36.68
CA VAL W 282 -77.83 116.46 -37.50
C VAL W 282 -77.64 116.80 -38.97
N GLY W 283 -78.42 117.75 -39.46
CA GLY W 283 -78.31 118.16 -40.86
C GLY W 283 -76.99 118.85 -41.16
N HIS W 284 -76.53 119.67 -40.21
CA HIS W 284 -75.28 120.40 -40.39
C HIS W 284 -74.09 119.45 -40.30
N ALA W 285 -74.32 118.28 -39.69
CA ALA W 285 -73.27 117.27 -39.55
C ALA W 285 -73.00 116.62 -40.90
N VAL W 286 -74.05 116.07 -41.50
CA VAL W 286 -73.93 115.42 -42.80
C VAL W 286 -73.49 116.45 -43.85
N GLY W 287 -73.66 117.72 -43.52
CA GLY W 287 -73.27 118.78 -44.44
C GLY W 287 -71.78 119.02 -44.47
N GLU W 288 -71.18 119.20 -43.30
CA GLU W 288 -69.75 119.45 -43.20
C GLU W 288 -68.95 118.40 -43.97
N THR W 289 -69.35 117.15 -43.86
CA THR W 289 -68.66 116.05 -44.55
C THR W 289 -69.25 115.79 -45.93
N GLY W 290 -69.14 116.77 -46.81
CA GLY W 290 -69.66 116.62 -48.16
C GLY W 290 -68.85 115.58 -48.93
N ASN W 291 -69.54 114.75 -49.69
CA ASN W 291 -68.88 113.72 -50.48
C ASN W 291 -68.07 112.79 -49.59
N GLY W 292 -68.47 112.67 -48.33
CA GLY W 292 -67.79 111.80 -47.40
C GLY W 292 -68.67 110.61 -47.11
N CYS W 293 -68.56 110.05 -45.91
CA CYS W 293 -69.38 108.89 -45.55
C CYS W 293 -69.61 108.82 -44.05
N VAL W 294 -70.88 108.83 -43.65
CA VAL W 294 -71.25 108.75 -42.25
C VAL W 294 -71.45 107.30 -41.84
N ASP W 295 -70.80 106.92 -40.74
CA ASP W 295 -70.91 105.55 -40.23
C ASP W 295 -72.37 105.25 -39.89
N LEU W 296 -72.83 104.06 -40.25
CA LEU W 296 -74.20 103.65 -40.00
C LEU W 296 -74.54 103.66 -38.51
N ARG W 297 -73.54 103.41 -37.67
CA ARG W 297 -73.77 103.40 -36.23
C ARG W 297 -74.14 104.82 -35.80
N TRP W 298 -73.48 105.80 -36.42
CA TRP W 298 -73.74 107.20 -36.12
C TRP W 298 -75.18 107.59 -36.42
N LEU W 299 -75.65 107.21 -37.61
CA LEU W 299 -77.00 107.52 -38.03
C LEU W 299 -78.03 106.80 -37.16
N ALA W 300 -77.86 105.48 -37.03
CA ALA W 300 -78.76 104.67 -36.22
C ALA W 300 -78.96 105.28 -34.84
N LYS W 301 -77.97 106.01 -34.37
CA LYS W 301 -78.03 106.64 -33.05
C LYS W 301 -78.56 108.06 -33.14
N SER W 302 -77.98 108.85 -34.04
CA SER W 302 -78.38 110.24 -34.23
C SER W 302 -79.82 110.35 -34.74
N PHE W 303 -80.12 109.66 -35.84
CA PHE W 303 -81.46 109.69 -36.43
C PHE W 303 -82.51 109.07 -35.52
N PHE W 304 -82.07 108.28 -34.54
CA PHE W 304 -82.99 107.65 -33.60
C PHE W 304 -83.52 108.72 -32.65
N GLU W 305 -82.59 109.46 -32.06
CA GLU W 305 -82.95 110.53 -31.12
C GLU W 305 -83.92 111.51 -31.76
N LEU W 306 -83.85 111.63 -33.09
CA LEU W 306 -84.72 112.52 -33.84
C LEU W 306 -86.13 111.94 -33.98
N THR W 307 -86.20 110.65 -34.29
CA THR W 307 -87.48 109.98 -34.46
C THR W 307 -88.25 110.06 -33.15
N VAL W 308 -87.59 109.69 -32.05
CA VAL W 308 -88.21 109.74 -30.74
C VAL W 308 -88.59 111.17 -30.38
N LEU W 309 -87.77 112.11 -30.83
CA LEU W 309 -88.00 113.53 -30.57
C LEU W 309 -89.25 114.01 -31.32
N LYS W 310 -89.33 113.68 -32.60
CA LYS W 310 -90.46 114.09 -33.44
C LYS W 310 -91.80 113.66 -32.86
N ASP W 311 -91.84 112.47 -32.25
CA ASP W 311 -93.08 111.95 -31.68
C ASP W 311 -93.58 112.77 -30.50
N ILE W 312 -92.71 113.01 -29.52
CA ILE W 312 -93.10 113.78 -28.35
C ILE W 312 -93.49 115.20 -28.75
N ILE W 313 -92.78 115.74 -29.73
CA ILE W 313 -93.06 117.08 -30.23
C ILE W 313 -94.48 117.13 -30.80
N GLY W 314 -94.91 116.00 -31.36
CA GLY W 314 -96.23 115.93 -31.94
C GLY W 314 -97.31 115.59 -30.93
N ILE W 315 -97.02 114.64 -30.04
CA ILE W 315 -97.97 114.24 -29.03
C ILE W 315 -98.31 115.42 -28.11
N CYS W 316 -97.28 116.20 -27.78
CA CYS W 316 -97.47 117.36 -26.91
C CYS W 316 -98.12 118.50 -27.69
N TYR W 317 -97.38 119.06 -28.65
CA TYR W 317 -97.89 120.15 -29.46
C TYR W 317 -98.28 119.62 -30.83
N GLY W 318 -99.23 120.30 -31.47
CA GLY W 318 -99.64 119.88 -32.80
C GLY W 318 -98.56 120.30 -33.77
N ALA W 319 -97.31 120.06 -33.40
CA ALA W 319 -96.18 120.43 -34.23
C ALA W 319 -95.88 119.36 -35.26
N THR W 320 -95.37 119.78 -36.41
CA THR W 320 -95.02 118.86 -37.49
C THR W 320 -93.57 119.04 -37.88
N VAL W 321 -92.98 118.01 -38.48
CA VAL W 321 -91.59 118.06 -38.91
C VAL W 321 -91.47 117.41 -40.28
N LYS W 322 -90.75 118.07 -41.19
CA LYS W 322 -90.56 117.56 -42.53
C LYS W 322 -89.29 118.11 -43.17
N GLY W 323 -88.60 117.27 -43.92
CA GLY W 323 -87.38 117.72 -44.56
C GLY W 323 -86.17 117.19 -43.83
N MET W 324 -86.42 116.37 -42.82
CA MET W 324 -85.34 115.76 -42.04
C MET W 324 -85.62 114.30 -41.77
N GLN W 325 -85.81 113.58 -42.88
CA GLN W 325 -86.08 112.15 -42.88
C GLN W 325 -85.65 111.71 -44.27
N SER W 326 -85.02 110.56 -44.38
CA SER W 326 -84.58 110.06 -45.68
C SER W 326 -84.97 108.59 -45.83
N TYR W 327 -85.64 108.28 -46.94
CA TYR W 327 -86.11 106.92 -47.22
C TYR W 327 -84.97 105.93 -47.47
N GLY W 328 -83.81 106.44 -47.84
CA GLY W 328 -82.67 105.58 -48.09
C GLY W 328 -82.19 104.92 -46.82
N LEU W 329 -81.80 105.74 -45.85
CA LEU W 329 -81.32 105.24 -44.56
C LEU W 329 -82.31 104.26 -43.95
N GLU W 330 -83.59 104.48 -44.21
CA GLU W 330 -84.64 103.61 -43.68
C GLU W 330 -84.63 102.25 -44.36
N ARG W 331 -84.51 102.24 -45.68
CA ARG W 331 -84.48 100.99 -46.42
C ARG W 331 -83.24 100.20 -46.04
N LEU W 332 -82.13 100.90 -45.86
CA LEU W 332 -80.88 100.26 -45.49
C LEU W 332 -81.03 99.59 -44.12
N ALA W 333 -81.48 100.36 -43.14
CA ALA W 333 -81.68 99.85 -41.79
C ALA W 333 -82.65 98.69 -41.81
N ALA W 334 -83.73 98.83 -42.59
CA ALA W 334 -84.73 97.78 -42.71
C ALA W 334 -84.12 96.48 -43.21
N MET W 335 -83.40 96.56 -44.33
CA MET W 335 -82.78 95.38 -44.92
C MET W 335 -81.78 94.73 -43.96
N LEU W 336 -80.91 95.55 -43.36
CA LEU W 336 -79.92 95.04 -42.43
C LEU W 336 -80.55 94.20 -41.34
N MET W 337 -81.59 94.73 -40.70
CA MET W 337 -82.28 94.03 -39.63
C MET W 337 -82.86 92.70 -40.09
N ALA W 338 -83.44 92.71 -41.29
CA ALA W 338 -84.05 91.52 -41.86
C ALA W 338 -83.07 90.36 -41.97
N THR W 339 -81.78 90.65 -41.82
CA THR W 339 -80.75 89.62 -41.92
C THR W 339 -80.04 89.36 -40.58
N VAL W 340 -80.82 89.06 -39.54
CA VAL W 340 -80.23 88.78 -38.24
C VAL W 340 -81.14 87.90 -37.37
N LYS W 341 -80.52 87.06 -36.56
CA LYS W 341 -81.26 86.16 -35.68
C LYS W 341 -81.97 87.00 -34.62
N MET W 342 -83.16 87.51 -34.97
CA MET W 342 -83.94 88.33 -34.08
C MET W 342 -84.33 87.63 -32.78
N GLU W 343 -84.89 86.43 -32.91
CA GLU W 343 -85.33 85.65 -31.76
C GLU W 343 -84.18 85.29 -30.81
N GLU W 344 -82.97 85.74 -31.15
CA GLU W 344 -81.80 85.45 -30.33
C GLU W 344 -80.99 86.71 -30.05
N LEU W 345 -81.62 87.87 -30.26
CA LEU W 345 -80.97 89.15 -30.05
C LEU W 345 -80.61 89.35 -28.57
N GLY W 346 -81.47 88.85 -27.69
CA GLY W 346 -81.23 89.00 -26.26
C GLY W 346 -79.95 88.33 -25.79
N HIS W 347 -79.52 87.28 -26.48
CA HIS W 347 -78.31 86.56 -26.11
C HIS W 347 -77.07 87.27 -26.63
N LEU W 348 -77.27 88.43 -27.26
CA LEU W 348 -76.16 89.20 -27.80
C LEU W 348 -75.57 90.14 -26.74
N THR W 349 -74.54 90.90 -27.13
CA THR W 349 -73.90 91.83 -26.22
C THR W 349 -74.73 93.10 -26.02
N THR W 350 -74.32 93.92 -25.06
CA THR W 350 -75.02 95.16 -24.75
C THR W 350 -74.91 96.20 -25.86
N GLU W 351 -73.69 96.65 -26.14
CA GLU W 351 -73.48 97.65 -27.20
C GLU W 351 -74.15 97.23 -28.50
N LYS W 352 -74.03 95.96 -28.83
CA LYS W 352 -74.63 95.42 -30.05
C LYS W 352 -76.15 95.41 -29.94
N GLN W 353 -76.65 95.19 -28.73
CA GLN W 353 -78.08 95.14 -28.48
C GLN W 353 -78.74 96.50 -28.77
N GLU W 354 -78.13 97.57 -28.26
CA GLU W 354 -78.67 98.90 -28.49
C GLU W 354 -78.72 99.15 -29.99
N TYR W 355 -77.54 99.16 -30.61
CA TYR W 355 -77.40 99.38 -32.04
C TYR W 355 -78.47 98.61 -32.83
N ALA W 356 -78.74 97.39 -32.39
CA ALA W 356 -79.73 96.53 -33.05
C ALA W 356 -81.12 97.18 -32.97
N LEU W 357 -81.67 97.24 -31.76
CA LEU W 357 -82.98 97.84 -31.55
C LEU W 357 -83.01 99.28 -32.03
N ARG W 358 -81.92 99.99 -31.78
CA ARG W 358 -81.79 101.39 -32.16
C ARG W 358 -82.17 101.61 -33.63
N LEU W 359 -81.41 101.00 -34.53
CA LEU W 359 -81.67 101.14 -35.96
C LEU W 359 -82.97 100.47 -36.37
N ALA W 360 -83.43 99.54 -35.53
CA ALA W 360 -84.68 98.82 -35.80
C ALA W 360 -85.83 99.81 -35.81
N THR W 361 -85.70 100.88 -35.02
CA THR W 361 -86.71 101.91 -34.93
C THR W 361 -86.67 102.80 -36.16
N VAL W 362 -85.46 103.12 -36.61
CA VAL W 362 -85.26 103.97 -37.77
C VAL W 362 -85.79 103.38 -39.07
N GLY W 363 -85.62 102.09 -39.25
CA GLY W 363 -86.08 101.45 -40.48
C GLY W 363 -87.46 100.81 -40.44
N TYR W 364 -88.06 100.75 -39.27
CA TYR W 364 -89.39 100.17 -39.11
C TYR W 364 -90.38 100.60 -40.21
N PRO W 365 -90.45 101.90 -40.51
CA PRO W 365 -91.36 102.43 -41.54
C PRO W 365 -91.21 101.85 -42.96
N LYS W 366 -90.21 102.32 -43.69
CA LYS W 366 -89.96 101.90 -45.07
C LYS W 366 -90.03 100.40 -45.36
N ALA W 367 -89.80 99.56 -44.37
CA ALA W 367 -89.85 98.11 -44.59
C ALA W 367 -90.00 97.33 -43.30
N GLY W 368 -90.39 96.07 -43.42
CA GLY W 368 -90.57 95.23 -42.25
C GLY W 368 -92.03 94.99 -41.89
N VAL W 369 -92.85 94.73 -42.90
CA VAL W 369 -94.27 94.48 -42.66
C VAL W 369 -94.46 93.03 -42.21
N TYR W 370 -93.43 92.22 -42.44
CA TYR W 370 -93.45 90.81 -42.06
C TYR W 370 -92.09 90.40 -41.49
N SER W 371 -91.33 91.39 -41.03
CA SER W 371 -90.02 91.13 -40.45
C SER W 371 -90.18 91.00 -38.94
N GLY W 372 -89.43 90.09 -38.34
CA GLY W 372 -89.51 89.87 -36.91
C GLY W 372 -88.89 90.95 -36.06
N LEU W 373 -89.23 92.21 -36.33
CA LEU W 373 -88.69 93.33 -35.55
C LEU W 373 -89.19 93.31 -34.11
N ILE W 374 -90.51 93.28 -33.94
CA ILE W 374 -91.10 93.26 -32.61
C ILE W 374 -90.54 92.07 -31.83
N GLY W 375 -90.21 91.01 -32.55
CA GLY W 375 -89.66 89.81 -31.92
C GLY W 375 -88.36 90.13 -31.23
N GLY W 376 -87.45 90.80 -31.93
CA GLY W 376 -86.17 91.15 -31.34
C GLY W 376 -86.35 92.00 -30.10
N ALA W 377 -87.30 92.93 -30.16
CA ALA W 377 -87.57 93.82 -29.03
C ALA W 377 -88.02 93.01 -27.82
N THR W 378 -88.64 91.86 -28.09
CA THR W 378 -89.12 90.97 -27.03
C THR W 378 -87.96 90.18 -26.43
N SER W 379 -87.17 89.56 -27.31
CA SER W 379 -86.02 88.77 -26.88
C SER W 379 -85.09 89.56 -25.98
N VAL W 380 -84.77 90.78 -26.39
CA VAL W 380 -83.88 91.65 -25.61
C VAL W 380 -84.48 91.93 -24.25
N LEU W 381 -85.79 92.17 -24.21
CA LEU W 381 -86.49 92.45 -22.96
C LEU W 381 -86.52 91.22 -22.07
N LEU W 382 -86.88 90.09 -22.67
CA LEU W 382 -86.95 88.82 -21.94
C LEU W 382 -85.68 88.59 -21.13
N SER W 383 -84.54 88.75 -21.78
CA SER W 383 -83.24 88.56 -21.12
C SER W 383 -83.13 89.46 -19.91
N ALA W 384 -83.46 90.74 -20.10
CA ALA W 384 -83.40 91.73 -19.03
C ALA W 384 -84.17 91.29 -17.80
N TYR W 385 -85.41 90.84 -18.00
CA TYR W 385 -86.26 90.39 -16.92
C TYR W 385 -85.72 89.20 -16.15
N ASN W 386 -85.33 88.15 -16.88
CA ASN W 386 -84.81 86.94 -16.25
C ASN W 386 -83.63 87.20 -15.30
N ARG W 387 -82.80 88.18 -15.64
CA ARG W 387 -81.64 88.49 -14.83
C ARG W 387 -81.90 89.29 -13.55
N HIS W 388 -83.12 89.81 -13.39
CA HIS W 388 -83.44 90.59 -12.20
C HIS W 388 -84.79 90.27 -11.55
N PRO W 389 -85.05 90.85 -10.37
CA PRO W 389 -86.29 90.66 -9.62
C PRO W 389 -87.33 91.76 -9.77
N LEU W 390 -87.90 91.90 -10.97
CA LEU W 390 -88.93 92.90 -11.23
C LEU W 390 -88.51 94.32 -10.90
N PHE W 391 -87.37 94.74 -11.45
CA PHE W 391 -86.85 96.09 -11.23
C PHE W 391 -85.50 96.21 -11.91
N GLN W 392 -85.35 97.21 -12.77
CA GLN W 392 -84.10 97.42 -13.47
C GLN W 392 -83.31 98.53 -12.79
N PRO W 393 -81.98 98.40 -12.72
CA PRO W 393 -81.16 99.42 -12.08
C PRO W 393 -81.57 100.81 -12.58
N LEU W 394 -81.73 101.74 -11.65
CA LEU W 394 -82.15 103.10 -11.99
C LEU W 394 -81.34 103.76 -13.10
N HIS W 395 -80.06 103.44 -13.19
CA HIS W 395 -79.21 104.02 -14.23
C HIS W 395 -78.27 103.00 -14.84
N THR W 396 -78.82 101.90 -15.31
CA THR W 396 -78.03 100.85 -15.94
C THR W 396 -77.96 101.07 -17.44
N VAL W 397 -76.91 100.51 -18.05
CA VAL W 397 -76.72 100.63 -19.49
C VAL W 397 -77.87 99.97 -20.23
N MET W 398 -78.42 98.91 -19.64
CA MET W 398 -79.51 98.17 -20.26
C MET W 398 -80.84 98.92 -20.17
N ARG W 399 -81.02 99.73 -19.13
CA ARG W 399 -82.25 100.50 -18.97
C ARG W 399 -82.47 101.30 -20.25
N GLU W 400 -81.40 101.95 -20.70
CA GLU W 400 -81.43 102.76 -21.91
C GLU W 400 -81.87 101.90 -23.08
N THR W 401 -81.48 100.63 -23.04
CA THR W 401 -81.81 99.68 -24.10
C THR W 401 -83.31 99.42 -24.19
N LEU W 402 -83.92 98.99 -23.09
CA LEU W 402 -85.34 98.71 -23.07
C LEU W 402 -86.15 99.91 -23.55
N PHE W 403 -85.62 101.11 -23.33
CA PHE W 403 -86.29 102.32 -23.75
C PHE W 403 -86.30 102.42 -25.27
N ILE W 404 -85.16 102.11 -25.87
CA ILE W 404 -85.03 102.16 -27.32
C ILE W 404 -85.96 101.14 -27.98
N GLY W 405 -86.06 99.96 -27.36
CA GLY W 405 -86.90 98.92 -27.89
C GLY W 405 -88.39 99.20 -27.77
N SER W 406 -88.78 99.80 -26.65
CA SER W 406 -90.20 100.12 -26.42
C SER W 406 -90.80 100.88 -27.59
N HIS W 407 -90.03 101.77 -28.20
CA HIS W 407 -90.50 102.56 -29.32
C HIS W 407 -91.02 101.69 -30.47
N VAL W 408 -90.21 100.72 -30.91
CA VAL W 408 -90.60 99.86 -32.01
C VAL W 408 -91.79 98.97 -31.61
N VAL W 409 -92.03 98.85 -30.31
CA VAL W 409 -93.12 98.04 -29.80
C VAL W 409 -94.41 98.86 -29.78
N LEU W 410 -94.30 100.08 -29.25
CA LEU W 410 -95.45 100.98 -29.16
C LEU W 410 -96.03 101.19 -30.55
N ARG W 411 -95.16 101.57 -31.48
CA ARG W 411 -95.56 101.82 -32.86
C ARG W 411 -96.39 100.65 -33.37
N GLU W 412 -95.94 99.44 -33.05
CA GLU W 412 -96.62 98.22 -33.46
C GLU W 412 -98.03 98.18 -32.86
N LEU W 413 -98.10 98.37 -31.54
CA LEU W 413 -99.36 98.37 -30.81
C LEU W 413 -100.40 99.31 -31.40
N ARG W 414 -99.97 100.53 -31.72
CA ARG W 414 -100.85 101.54 -32.28
C ARG W 414 -101.58 101.10 -33.57
N LEU W 415 -100.99 100.14 -34.27
CA LEU W 415 -101.59 99.63 -35.51
C LEU W 415 -102.86 98.82 -35.25
N ASN W 416 -103.51 98.41 -36.34
CA ASN W 416 -104.74 97.63 -36.25
C ASN W 416 -104.56 96.24 -36.85
N VAL W 417 -103.33 95.92 -37.23
CA VAL W 417 -103.02 94.62 -37.81
C VAL W 417 -102.48 93.71 -36.70
N THR W 418 -103.32 92.80 -36.23
CA THR W 418 -102.92 91.88 -35.16
C THR W 418 -101.83 90.91 -35.62
N THR W 419 -100.60 91.42 -35.66
CA THR W 419 -99.45 90.62 -36.06
C THR W 419 -98.53 90.45 -34.86
N GLN W 420 -98.20 89.21 -34.55
CA GLN W 420 -97.34 88.91 -33.41
C GLN W 420 -98.03 89.35 -32.13
N GLY W 421 -99.36 89.33 -32.15
CA GLY W 421 -100.12 89.72 -30.98
C GLY W 421 -99.66 88.94 -29.77
N PRO W 422 -99.53 87.60 -29.90
CA PRO W 422 -99.10 86.77 -28.77
C PRO W 422 -97.69 87.17 -28.31
N ASN W 423 -96.80 87.38 -29.29
CA ASN W 423 -95.42 87.76 -29.00
C ASN W 423 -95.36 89.15 -28.40
N LEU W 424 -96.32 90.00 -28.78
CA LEU W 424 -96.38 91.37 -28.28
C LEU W 424 -97.04 91.42 -26.91
N ALA W 425 -98.14 90.69 -26.76
CA ALA W 425 -98.84 90.65 -25.48
C ALA W 425 -97.86 90.32 -24.38
N LEU W 426 -96.90 89.44 -24.69
CA LEU W 426 -95.88 89.04 -23.75
C LEU W 426 -95.10 90.25 -23.25
N TYR W 427 -94.65 91.07 -24.18
CA TYR W 427 -93.90 92.28 -23.85
C TYR W 427 -94.62 93.08 -22.77
N GLN W 428 -95.94 93.22 -22.95
CA GLN W 428 -96.76 93.97 -21.99
C GLN W 428 -96.75 93.28 -20.64
N LEU W 429 -96.95 91.96 -20.64
CA LEU W 429 -96.95 91.18 -19.42
C LEU W 429 -95.67 91.40 -18.62
N LEU W 430 -94.54 91.19 -19.26
CA LEU W 430 -93.24 91.36 -18.62
C LEU W 430 -93.10 92.75 -18.02
N SER W 431 -93.24 93.77 -18.86
CA SER W 431 -93.14 95.16 -18.39
C SER W 431 -94.08 95.41 -17.23
N THR W 432 -95.27 94.82 -17.28
CA THR W 432 -96.25 94.98 -16.22
C THR W 432 -95.65 94.51 -14.90
N ALA W 433 -95.09 93.30 -14.91
CA ALA W 433 -94.47 92.74 -13.71
C ALA W 433 -93.35 93.67 -13.26
N LEU W 434 -92.59 94.17 -14.23
CA LEU W 434 -91.48 95.07 -13.95
C LEU W 434 -91.97 96.36 -13.29
N CYS W 435 -93.24 96.68 -13.48
CA CYS W 435 -93.80 97.89 -12.87
C CYS W 435 -94.19 97.58 -11.43
N SER W 436 -93.29 96.93 -10.71
CA SER W 436 -93.51 96.55 -9.32
C SER W 436 -93.41 97.75 -8.39
N ALA W 437 -93.85 97.56 -7.14
CA ALA W 437 -93.81 98.62 -6.14
C ALA W 437 -92.39 99.14 -5.97
N LEU W 438 -91.42 98.28 -6.24
CA LEU W 438 -90.01 98.64 -6.13
C LEU W 438 -89.66 99.59 -7.26
N GLU W 439 -90.12 99.26 -8.46
CA GLU W 439 -89.89 100.07 -9.65
C GLU W 439 -90.54 101.43 -9.49
N ILE W 440 -91.87 101.43 -9.45
CA ILE W 440 -92.65 102.65 -9.30
C ILE W 440 -92.15 103.48 -8.13
N GLY W 441 -91.64 102.80 -7.11
CA GLY W 441 -91.13 103.51 -5.94
C GLY W 441 -89.85 104.25 -6.22
N GLU W 442 -88.86 103.55 -6.77
CA GLU W 442 -87.57 104.16 -7.09
C GLU W 442 -87.69 105.28 -8.13
N VAL W 443 -88.56 105.09 -9.11
CA VAL W 443 -88.74 106.10 -10.14
C VAL W 443 -89.13 107.44 -9.51
N LEU W 444 -90.06 107.38 -8.56
CA LEU W 444 -90.50 108.58 -7.86
C LEU W 444 -89.32 109.20 -7.11
N ARG W 445 -88.63 108.37 -6.34
CA ARG W 445 -87.47 108.82 -5.57
C ARG W 445 -86.56 109.67 -6.45
N GLY W 446 -86.17 109.10 -7.59
CA GLY W 446 -85.29 109.80 -8.50
C GLY W 446 -85.88 111.09 -9.03
N LEU W 447 -87.17 111.07 -9.36
CA LEU W 447 -87.86 112.25 -9.86
C LEU W 447 -87.79 113.40 -8.86
N ALA W 448 -88.11 113.10 -7.61
CA ALA W 448 -88.09 114.11 -6.55
C ALA W 448 -86.68 114.66 -6.34
N LEU W 449 -85.70 113.76 -6.22
CA LEU W 449 -84.32 114.18 -6.02
C LEU W 449 -83.68 114.69 -7.30
N GLY W 450 -84.42 114.61 -8.40
CA GLY W 450 -83.94 115.09 -9.69
C GLY W 450 -82.80 114.31 -10.32
N THR W 451 -82.64 113.04 -9.94
CA THR W 451 -81.57 112.22 -10.52
C THR W 451 -82.08 111.53 -11.77
N GLU W 452 -83.37 111.17 -11.77
CA GLU W 452 -83.98 110.51 -12.90
C GLU W 452 -84.89 111.48 -13.65
N SER W 453 -84.76 111.50 -14.98
CA SER W 453 -85.57 112.38 -15.81
C SER W 453 -87.00 111.86 -15.92
N GLY W 454 -87.15 110.55 -15.88
CA GLY W 454 -88.46 109.94 -15.99
C GLY W 454 -88.83 109.73 -17.45
N LEU W 455 -87.81 109.64 -18.29
CA LEU W 455 -88.00 109.43 -19.72
C LEU W 455 -88.60 108.08 -20.05
N PHE W 456 -88.15 107.04 -19.35
CA PHE W 456 -88.64 105.69 -19.59
C PHE W 456 -88.87 104.85 -18.34
N SER W 457 -89.83 103.93 -18.46
CA SER W 457 -90.19 103.02 -17.39
C SER W 457 -91.05 101.91 -18.00
N PRO W 458 -90.86 100.66 -17.55
CA PRO W 458 -91.64 99.54 -18.09
C PRO W 458 -93.14 99.72 -17.87
N CYS W 459 -93.50 100.69 -17.04
CA CYS W 459 -94.89 100.96 -16.74
C CYS W 459 -95.60 101.59 -17.95
N TYR W 460 -94.89 102.44 -18.67
CA TYR W 460 -95.46 103.13 -19.84
C TYR W 460 -96.09 102.19 -20.87
N LEU W 461 -95.79 100.91 -20.78
CA LEU W 461 -96.37 99.93 -21.70
C LEU W 461 -97.04 98.82 -20.92
N SER W 462 -96.88 98.85 -19.61
CA SER W 462 -97.47 97.83 -18.74
C SER W 462 -98.98 97.95 -18.74
N LEU W 463 -99.64 96.87 -18.32
CA LEU W 463 -101.10 96.83 -18.25
C LEU W 463 -101.55 97.05 -16.82
N ARG W 464 -100.82 97.90 -16.11
CA ARG W 464 -101.13 98.19 -14.72
C ARG W 464 -101.77 99.56 -14.60
N PHE W 465 -103.10 99.59 -14.69
CA PHE W 465 -103.88 100.82 -14.62
C PHE W 465 -104.39 101.03 -13.19
N ASP W 466 -103.64 100.52 -12.22
CA ASP W 466 -104.00 100.65 -10.81
C ASP W 466 -103.47 101.91 -10.15
N LEU W 467 -102.29 102.35 -10.59
CA LEU W 467 -101.68 103.55 -10.03
C LEU W 467 -102.40 104.86 -10.34
N THR W 468 -102.94 105.49 -9.31
CA THR W 468 -103.64 106.76 -9.46
C THR W 468 -102.91 107.81 -8.62
N ARG W 469 -103.47 109.02 -8.58
CA ARG W 469 -102.86 110.10 -7.81
C ARG W 469 -102.53 109.67 -6.38
N ASP W 470 -103.50 109.07 -5.71
CA ASP W 470 -103.33 108.62 -4.33
C ASP W 470 -102.50 107.33 -4.26
N LYS W 471 -102.89 106.32 -5.04
CA LYS W 471 -102.18 105.05 -5.04
C LYS W 471 -100.68 105.24 -5.28
N LEU W 472 -100.34 106.12 -6.23
CA LEU W 472 -98.95 106.40 -6.54
C LEU W 472 -98.26 107.03 -5.34
N LEU W 473 -98.97 107.90 -4.64
CA LEU W 473 -98.42 108.58 -3.47
C LEU W 473 -98.11 107.55 -2.37
N SER W 474 -98.72 106.38 -2.49
CA SER W 474 -98.50 105.31 -1.51
C SER W 474 -97.16 104.64 -1.74
N MET W 475 -96.84 104.32 -2.99
CA MET W 475 -95.58 103.68 -3.31
C MET W 475 -94.40 104.62 -3.07
N ALA W 476 -94.68 105.92 -3.03
CA ALA W 476 -93.64 106.92 -2.80
C ALA W 476 -92.87 106.60 -1.53
N PRO W 477 -91.55 106.85 -1.52
CA PRO W 477 -90.70 106.59 -0.36
C PRO W 477 -91.04 107.47 0.84
N GLN W 478 -91.14 106.86 2.01
CA GLN W 478 -91.46 107.58 3.24
C GLN W 478 -90.18 107.92 3.98
N GLU W 479 -89.65 109.12 3.74
CA GLU W 479 -88.41 109.56 4.37
C GLU W 479 -88.38 111.08 4.54
N ALA W 480 -87.84 111.53 5.67
CA ALA W 480 -87.73 112.94 5.96
C ALA W 480 -86.61 113.56 5.13
N THR W 481 -85.81 112.72 4.51
CA THR W 481 -84.70 113.16 3.69
C THR W 481 -85.21 113.65 2.32
N LEU W 482 -86.50 113.48 2.08
CA LEU W 482 -87.10 113.91 0.83
C LEU W 482 -88.18 114.96 1.07
N ASP W 483 -88.07 116.08 0.37
CA ASP W 483 -89.03 117.18 0.49
C ASP W 483 -90.43 116.72 0.13
N GLN W 484 -91.30 116.59 1.14
CA GLN W 484 -92.67 116.16 0.93
C GLN W 484 -93.34 116.90 -0.23
N ALA W 485 -92.94 118.16 -0.42
CA ALA W 485 -93.49 118.97 -1.50
C ALA W 485 -92.95 118.48 -2.84
N ALA W 486 -91.64 118.30 -2.91
CA ALA W 486 -90.99 117.83 -4.12
C ALA W 486 -91.58 116.49 -4.56
N VAL W 487 -91.82 115.62 -3.58
CA VAL W 487 -92.38 114.30 -3.86
C VAL W 487 -93.70 114.41 -4.60
N SER W 488 -94.58 115.29 -4.14
CA SER W 488 -95.88 115.48 -4.76
C SER W 488 -95.75 115.77 -6.25
N ASN W 489 -94.84 116.67 -6.60
CA ASN W 489 -94.62 117.02 -8.00
C ASN W 489 -94.24 115.79 -8.80
N ALA W 490 -93.35 114.97 -8.24
CA ALA W 490 -92.89 113.75 -8.89
C ALA W 490 -94.09 112.84 -9.18
N VAL W 491 -94.87 112.57 -8.15
CA VAL W 491 -96.04 111.71 -8.29
C VAL W 491 -96.95 112.25 -9.38
N ASP W 492 -97.20 113.57 -9.35
CA ASP W 492 -98.04 114.21 -10.36
C ASP W 492 -97.41 114.06 -11.74
N GLY W 493 -96.12 114.36 -11.84
CA GLY W 493 -95.43 114.25 -13.10
C GLY W 493 -95.54 112.87 -13.71
N PHE W 494 -95.20 111.85 -12.92
CA PHE W 494 -95.27 110.47 -13.39
C PHE W 494 -96.66 110.16 -13.93
N LEU W 495 -97.67 110.44 -13.13
CA LEU W 495 -99.07 110.20 -13.52
C LEU W 495 -99.35 110.87 -14.86
N GLY W 496 -98.77 112.04 -15.07
CA GLY W 496 -98.97 112.78 -16.31
C GLY W 496 -98.40 112.11 -17.53
N ARG W 497 -97.09 111.88 -17.54
CA ARG W 497 -96.43 111.25 -18.68
C ARG W 497 -97.00 109.86 -18.93
N LEU W 498 -97.58 109.26 -17.89
CA LEU W 498 -98.16 107.93 -17.99
C LEU W 498 -99.46 107.97 -18.79
N SER W 499 -100.23 109.03 -18.60
CA SER W 499 -101.51 109.19 -19.31
C SER W 499 -101.30 109.64 -20.76
N LEU W 500 -100.08 110.05 -21.08
CA LEU W 500 -99.77 110.50 -22.43
C LEU W 500 -99.02 109.44 -23.22
N GLU W 501 -98.05 108.81 -22.58
CA GLU W 501 -97.26 107.77 -23.23
C GLU W 501 -98.13 106.54 -23.48
N ARG W 502 -99.04 106.29 -22.54
CA ARG W 502 -99.94 105.15 -22.65
C ARG W 502 -101.36 105.56 -23.03
N GLU W 503 -101.95 104.84 -23.98
CA GLU W 503 -103.30 105.13 -24.44
C GLU W 503 -104.30 104.06 -24.00
N ASP W 504 -105.55 104.22 -24.39
CA ASP W 504 -106.60 103.25 -24.05
C ASP W 504 -106.60 102.16 -25.11
N ARG W 505 -106.36 102.56 -26.35
CA ARG W 505 -106.32 101.62 -27.45
C ARG W 505 -105.02 100.83 -27.46
N ASP W 506 -104.19 101.06 -26.45
CA ASP W 506 -102.93 100.35 -26.34
C ASP W 506 -103.15 98.84 -26.28
N ALA W 507 -103.99 98.41 -25.33
CA ALA W 507 -104.29 96.99 -25.17
C ALA W 507 -105.55 96.55 -25.90
N TRP W 508 -105.69 96.95 -27.16
CA TRP W 508 -106.84 96.57 -27.97
C TRP W 508 -106.56 95.21 -28.58
N HIS W 509 -105.31 95.01 -29.01
CA HIS W 509 -104.85 93.77 -29.62
C HIS W 509 -105.05 92.61 -28.67
N LEU W 510 -105.12 92.91 -27.37
CA LEU W 510 -105.31 91.87 -26.36
C LEU W 510 -106.69 91.25 -26.50
N PRO W 511 -106.73 89.91 -26.67
CA PRO W 511 -107.96 89.12 -26.83
C PRO W 511 -109.02 89.29 -25.74
N ALA W 512 -108.59 89.26 -24.49
CA ALA W 512 -109.51 89.38 -23.35
C ALA W 512 -110.17 90.74 -23.18
N TYR W 513 -109.59 91.77 -23.80
CA TYR W 513 -110.13 93.13 -23.69
C TYR W 513 -111.63 93.21 -23.97
N LYS W 514 -112.08 92.55 -25.03
CA LYS W 514 -113.48 92.54 -25.45
C LYS W 514 -114.44 92.04 -24.38
N CYS W 515 -113.90 91.56 -23.26
CA CYS W 515 -114.74 91.00 -22.21
C CYS W 515 -115.01 91.87 -20.99
N VAL W 516 -114.57 93.13 -21.01
CA VAL W 516 -114.79 93.99 -19.85
C VAL W 516 -115.85 95.08 -20.05
N ASP W 517 -116.93 94.98 -19.30
CA ASP W 517 -118.02 95.96 -19.37
C ASP W 517 -117.53 97.28 -18.78
N ARG W 518 -117.46 97.36 -17.46
CA ARG W 518 -116.99 98.57 -16.79
C ARG W 518 -115.46 98.50 -16.73
N LEU W 519 -114.82 98.81 -17.86
CA LEU W 519 -113.36 98.78 -17.96
C LEU W 519 -112.66 99.88 -17.17
N ASP W 520 -113.41 100.90 -16.76
CA ASP W 520 -112.82 102.01 -15.99
C ASP W 520 -112.44 101.58 -14.58
N LYS W 521 -113.07 100.51 -14.09
CA LYS W 521 -112.78 100.02 -12.75
C LYS W 521 -111.83 98.83 -12.80
N VAL W 522 -111.01 98.81 -13.85
CA VAL W 522 -110.03 97.74 -14.04
C VAL W 522 -108.68 98.17 -13.47
N LEU W 523 -108.17 97.41 -12.52
CA LEU W 523 -106.89 97.71 -11.89
C LEU W 523 -105.73 97.30 -12.79
N MET W 524 -105.73 96.04 -13.22
CA MET W 524 -104.66 95.55 -14.09
C MET W 524 -105.02 94.20 -14.70
N ILE W 525 -104.59 94.00 -15.94
CA ILE W 525 -104.83 92.76 -16.65
C ILE W 525 -103.53 91.99 -16.84
N ILE W 526 -103.57 90.69 -16.58
CA ILE W 526 -102.39 89.84 -16.70
C ILE W 526 -102.53 88.81 -17.83
N PRO W 527 -102.00 89.12 -19.01
CA PRO W 527 -102.07 88.21 -20.16
C PRO W 527 -101.19 86.98 -19.92
N LEU W 528 -101.83 85.81 -19.79
CA LEU W 528 -101.10 84.57 -19.57
C LEU W 528 -101.03 83.73 -20.84
N ILE W 529 -100.45 82.54 -20.72
CA ILE W 529 -100.30 81.63 -21.84
C ILE W 529 -101.63 81.11 -22.38
N ASN W 530 -102.35 80.35 -21.57
CA ASN W 530 -103.64 79.79 -21.98
C ASN W 530 -104.84 80.62 -21.52
N VAL W 531 -104.59 81.61 -20.68
CA VAL W 531 -105.66 82.47 -20.18
C VAL W 531 -105.17 83.90 -19.95
N THR W 532 -106.05 84.74 -19.43
CA THR W 532 -105.71 86.14 -19.15
C THR W 532 -106.54 86.63 -17.96
N PHE W 533 -105.85 87.02 -16.90
CA PHE W 533 -106.50 87.50 -15.68
C PHE W 533 -106.81 88.99 -15.71
N ILE W 534 -107.99 89.33 -15.19
CA ILE W 534 -108.43 90.72 -15.14
C ILE W 534 -108.76 91.13 -13.71
N ILE W 535 -107.84 91.86 -13.08
CA ILE W 535 -108.05 92.33 -11.71
C ILE W 535 -108.81 93.64 -11.77
N SER W 536 -109.95 93.70 -11.09
CA SER W 536 -110.76 94.90 -11.09
C SER W 536 -111.61 95.02 -9.83
N SER W 537 -112.25 96.18 -9.67
CA SER W 537 -113.11 96.44 -8.53
C SER W 537 -114.57 96.24 -8.91
N ASP W 538 -114.79 95.47 -9.97
CA ASP W 538 -116.14 95.19 -10.44
C ASP W 538 -116.27 93.73 -10.85
N ARG W 539 -117.40 93.12 -10.51
CA ARG W 539 -117.66 91.73 -10.85
C ARG W 539 -118.42 91.66 -12.17
N GLU W 540 -118.22 92.66 -13.02
CA GLU W 540 -118.90 92.73 -14.31
C GLU W 540 -118.18 91.98 -15.42
N VAL W 541 -116.87 91.81 -15.27
CA VAL W 541 -116.10 91.09 -16.29
C VAL W 541 -116.76 89.75 -16.55
N ARG W 542 -116.91 89.39 -17.81
CA ARG W 542 -117.54 88.12 -18.17
C ARG W 542 -116.55 87.01 -18.51
N GLY W 543 -115.69 86.69 -17.56
CA GLY W 543 -114.70 85.64 -17.78
C GLY W 543 -115.27 84.24 -17.60
N SER W 544 -114.58 83.42 -16.81
CA SER W 544 -115.01 82.05 -16.55
C SER W 544 -115.45 81.87 -15.10
N ALA W 545 -114.84 82.65 -14.21
CA ALA W 545 -115.15 82.56 -12.79
C ALA W 545 -114.86 83.90 -12.13
N LEU W 546 -115.35 84.06 -10.91
CA LEU W 546 -115.13 85.30 -10.17
C LEU W 546 -114.46 85.01 -8.83
N TYR W 547 -113.32 85.69 -8.60
CA TYR W 547 -112.58 85.54 -7.35
C TYR W 547 -112.61 86.85 -6.59
N GLU W 548 -112.55 86.76 -5.27
CA GLU W 548 -112.57 87.95 -4.44
C GLU W 548 -111.66 87.80 -3.23
N ALA W 549 -110.76 88.77 -3.04
CA ALA W 549 -109.83 88.76 -1.93
C ALA W 549 -110.59 89.00 -0.63
N SER W 550 -109.99 88.62 0.49
CA SER W 550 -110.64 88.79 1.79
C SER W 550 -110.65 90.26 2.26
N THR W 551 -109.74 91.06 1.72
CA THR W 551 -109.64 92.47 2.10
C THR W 551 -110.79 93.34 1.59
N THR W 552 -111.25 94.24 2.43
CA THR W 552 -112.33 95.16 2.11
C THR W 552 -111.91 96.57 2.53
N TYR W 553 -110.64 96.70 2.89
CA TYR W 553 -110.07 97.96 3.32
C TYR W 553 -110.20 99.01 2.23
N LEU W 554 -110.00 98.58 0.99
CA LEU W 554 -110.09 99.48 -0.15
C LEU W 554 -111.50 100.06 -0.26
N SER W 555 -111.65 101.04 -1.13
CA SER W 555 -112.93 101.69 -1.36
C SER W 555 -113.93 100.62 -1.78
N SER W 556 -113.59 99.90 -2.85
CA SER W 556 -114.43 98.84 -3.38
C SER W 556 -113.80 97.48 -3.08
N SER W 557 -114.20 96.45 -3.82
CA SER W 557 -113.66 95.12 -3.62
C SER W 557 -112.55 94.78 -4.60
N LEU W 558 -111.84 93.69 -4.32
CA LEU W 558 -110.73 93.25 -5.17
C LEU W 558 -111.13 91.94 -5.86
N PHE W 559 -111.53 92.04 -7.12
CA PHE W 559 -111.96 90.88 -7.90
C PHE W 559 -110.88 90.36 -8.84
N LEU W 560 -111.04 89.10 -9.24
CA LEU W 560 -110.10 88.44 -10.16
C LEU W 560 -110.88 87.64 -11.21
N SER W 561 -111.01 88.21 -12.41
CA SER W 561 -111.73 87.56 -13.49
C SER W 561 -110.80 86.94 -14.54
N PRO W 562 -110.77 85.61 -14.62
CA PRO W 562 -109.92 84.91 -15.59
C PRO W 562 -110.67 84.50 -16.85
N VAL W 563 -110.15 84.88 -18.01
CA VAL W 563 -110.77 84.52 -19.28
C VAL W 563 -110.04 83.31 -19.85
N ILE W 564 -110.62 82.13 -19.67
CA ILE W 564 -110.00 80.91 -20.17
C ILE W 564 -110.03 80.85 -21.69
N MET W 565 -108.92 80.42 -22.28
CA MET W 565 -108.80 80.31 -23.72
C MET W 565 -109.12 81.63 -24.41
N ASN W 566 -108.80 82.72 -23.72
CA ASN W 566 -109.03 84.08 -24.24
C ASN W 566 -110.38 84.32 -24.90
N LYS W 567 -111.37 83.51 -24.56
CA LYS W 567 -112.71 83.69 -25.12
C LYS W 567 -113.66 83.74 -23.93
N CYS W 568 -114.52 84.75 -23.91
CA CYS W 568 -115.45 84.89 -22.80
C CYS W 568 -116.87 84.42 -23.06
N SER W 569 -117.53 84.02 -21.98
CA SER W 569 -118.91 83.56 -22.05
C SER W 569 -119.85 84.73 -21.84
N GLN W 570 -121.11 84.56 -22.26
CA GLN W 570 -122.11 85.60 -22.14
C GLN W 570 -122.60 85.76 -20.69
N GLY W 571 -122.49 86.98 -20.18
CA GLY W 571 -122.93 87.26 -18.82
C GLY W 571 -121.86 86.96 -17.78
N ALA W 572 -121.91 87.67 -16.66
CA ALA W 572 -120.95 87.48 -15.58
C ALA W 572 -121.29 86.24 -14.77
N VAL W 573 -120.42 85.91 -13.82
CA VAL W 573 -120.62 84.74 -12.96
C VAL W 573 -121.86 84.88 -12.09
N ALA W 574 -122.35 83.76 -11.58
CA ALA W 574 -123.53 83.74 -10.72
C ALA W 574 -123.23 84.52 -9.45
N GLY W 575 -124.24 84.62 -8.59
CA GLY W 575 -124.09 85.34 -7.34
C GLY W 575 -123.05 84.69 -6.46
N GLU W 576 -122.53 85.44 -5.49
CA GLU W 576 -121.51 84.93 -4.55
C GLU W 576 -120.22 84.53 -5.23
N PRO W 577 -119.16 85.32 -5.04
CA PRO W 577 -117.86 85.02 -5.66
C PRO W 577 -117.18 83.83 -5.00
N ARG W 578 -116.25 83.20 -5.71
CA ARG W 578 -115.52 82.06 -5.19
C ARG W 578 -114.41 82.64 -4.31
N GLN W 579 -114.23 82.07 -3.13
CA GLN W 579 -113.21 82.55 -2.20
C GLN W 579 -111.83 81.97 -2.48
N ILE W 580 -110.80 82.80 -2.34
CA ILE W 580 -109.43 82.38 -2.58
C ILE W 580 -108.96 81.45 -1.46
N PRO W 581 -108.71 80.17 -1.79
CA PRO W 581 -108.25 79.19 -0.81
C PRO W 581 -106.81 79.47 -0.38
N LYS W 582 -106.52 79.23 0.90
CA LYS W 582 -105.19 79.46 1.43
C LYS W 582 -104.39 78.16 1.38
N ILE W 583 -103.13 78.24 0.95
CA ILE W 583 -102.28 77.07 0.83
C ILE W 583 -100.93 77.22 1.52
N GLN W 584 -100.50 76.14 2.18
CA GLN W 584 -99.23 76.11 2.88
C GLN W 584 -98.48 74.82 2.52
N ASN W 585 -99.02 74.09 1.55
CA ASN W 585 -98.43 72.83 1.11
C ASN W 585 -97.03 72.95 0.52
N PHE W 586 -96.92 73.62 -0.62
CA PHE W 586 -95.63 73.79 -1.30
C PHE W 586 -94.47 74.13 -0.38
N THR W 587 -93.31 73.53 -0.66
CA THR W 587 -92.11 73.77 0.12
C THR W 587 -91.22 74.75 -0.65
N ARG W 588 -90.36 75.46 0.06
CA ARG W 588 -89.47 76.44 -0.57
C ARG W 588 -88.62 75.84 -1.68
N THR W 589 -87.64 75.02 -1.30
CA THR W 589 -86.76 74.39 -2.29
C THR W 589 -87.59 73.63 -3.31
N GLN W 590 -87.31 73.88 -4.59
CA GLN W 590 -88.04 73.21 -5.67
C GLN W 590 -87.13 72.69 -6.77
N LYS W 591 -87.32 71.43 -7.14
CA LYS W 591 -86.53 70.80 -8.18
C LYS W 591 -86.87 71.38 -9.54
N SER W 592 -88.08 71.09 -10.02
CA SER W 592 -88.53 71.59 -11.31
C SER W 592 -89.26 72.91 -11.21
N CYS W 593 -89.70 73.41 -12.37
CA CYS W 593 -90.41 74.68 -12.46
C CYS W 593 -91.91 74.47 -12.28
N ILE W 594 -92.36 74.45 -11.03
CA ILE W 594 -93.77 74.27 -10.73
C ILE W 594 -94.60 75.44 -11.24
N PHE W 595 -94.37 76.62 -10.66
CA PHE W 595 -95.08 77.83 -11.06
C PHE W 595 -94.36 78.43 -12.25
N CYS W 596 -94.41 77.75 -13.39
CA CYS W 596 -93.75 78.24 -14.58
C CYS W 596 -94.61 79.22 -15.38
N GLY W 597 -95.56 78.70 -16.14
CA GLY W 597 -96.43 79.56 -16.92
C GLY W 597 -97.40 80.35 -16.06
N PHE W 598 -97.14 80.36 -14.76
CA PHE W 598 -98.01 81.07 -13.82
C PHE W 598 -97.50 82.47 -13.51
N ALA W 599 -98.24 83.18 -12.66
CA ALA W 599 -97.87 84.53 -12.27
C ALA W 599 -98.22 84.78 -10.80
N LEU W 600 -97.43 85.64 -10.16
CA LEU W 600 -97.63 85.98 -8.75
C LEU W 600 -98.17 87.40 -8.62
N LEU W 601 -99.11 87.59 -7.69
CA LEU W 601 -99.70 88.90 -7.47
C LEU W 601 -99.84 89.16 -5.97
N SER W 602 -99.07 90.11 -5.46
CA SER W 602 -99.12 90.46 -4.05
C SER W 602 -99.87 91.77 -3.87
N TYR W 603 -100.75 91.81 -2.88
CA TYR W 603 -101.52 93.02 -2.62
C TYR W 603 -101.50 93.36 -1.14
N ASP W 604 -101.51 94.65 -0.83
CA ASP W 604 -101.51 95.08 0.56
C ASP W 604 -102.96 95.21 0.97
N GLU W 605 -103.27 94.82 2.20
CA GLU W 605 -104.63 94.87 2.71
C GLU W 605 -105.16 96.30 2.69
N LYS W 606 -104.34 97.24 3.14
CA LYS W 606 -104.75 98.65 3.17
C LYS W 606 -104.67 99.30 1.79
N GLU W 607 -103.49 99.29 1.18
CA GLU W 607 -103.34 99.88 -0.15
C GLU W 607 -103.78 98.94 -1.26
N GLY W 608 -103.60 99.36 -2.51
CA GLY W 608 -104.00 98.56 -3.65
C GLY W 608 -103.08 97.37 -3.91
N LEU W 609 -102.78 97.14 -5.18
CA LEU W 609 -101.90 96.04 -5.57
C LEU W 609 -100.44 96.46 -5.50
N GLU W 610 -99.63 95.62 -4.85
CA GLU W 610 -98.20 95.89 -4.70
C GLU W 610 -97.37 95.54 -5.94
N THR W 611 -96.95 94.28 -6.03
CA THR W 611 -96.14 93.83 -7.15
C THR W 611 -96.67 92.54 -7.79
N THR W 612 -96.40 92.38 -9.08
CA THR W 612 -96.82 91.19 -9.81
C THR W 612 -95.59 90.57 -10.49
N THR W 613 -95.58 89.25 -10.58
CA THR W 613 -94.45 88.55 -11.19
C THR W 613 -94.85 87.40 -12.09
N TYR W 614 -94.18 87.31 -13.24
CA TYR W 614 -94.43 86.24 -14.20
C TYR W 614 -93.15 85.41 -14.24
N ILE W 615 -93.21 84.21 -13.68
CA ILE W 615 -92.05 83.33 -13.64
C ILE W 615 -91.75 82.75 -15.01
N THR W 616 -90.94 83.46 -15.78
CA THR W 616 -90.58 83.03 -17.14
C THR W 616 -89.97 81.64 -17.16
N SER W 617 -88.86 81.46 -16.45
CA SER W 617 -88.20 80.16 -16.42
C SER W 617 -87.74 79.72 -15.03
N GLN W 618 -87.09 78.56 -14.99
CA GLN W 618 -86.59 77.97 -13.76
C GLN W 618 -85.75 78.95 -12.93
N GLU W 619 -84.71 79.50 -13.55
CA GLU W 619 -83.84 80.45 -12.87
C GLU W 619 -84.60 81.50 -12.09
N VAL W 620 -85.69 82.00 -12.67
CA VAL W 620 -86.50 83.02 -12.03
C VAL W 620 -87.20 82.49 -10.78
N GLN W 621 -87.84 81.34 -10.88
CA GLN W 621 -88.55 80.76 -9.75
C GLN W 621 -87.61 80.60 -8.55
N ASN W 622 -86.36 80.24 -8.81
CA ASN W 622 -85.38 80.07 -7.77
C ASN W 622 -85.02 81.40 -7.14
N SER W 623 -84.83 82.41 -7.99
CA SER W 623 -84.48 83.75 -7.51
C SER W 623 -85.66 84.44 -6.84
N ILE W 624 -86.68 83.66 -6.49
CA ILE W 624 -87.86 84.19 -5.85
C ILE W 624 -88.14 83.45 -4.55
N LEU W 625 -88.03 82.13 -4.60
CA LEU W 625 -88.25 81.28 -3.43
C LEU W 625 -87.04 81.31 -2.52
N SER W 626 -85.89 81.68 -3.09
CA SER W 626 -84.65 81.76 -2.32
C SER W 626 -84.57 83.13 -1.66
N SER W 627 -84.85 84.17 -2.44
CA SER W 627 -84.82 85.53 -1.92
C SER W 627 -85.98 85.74 -0.96
N ASN W 628 -86.09 86.94 -0.40
CA ASN W 628 -87.15 87.24 0.54
C ASN W 628 -88.35 87.88 -0.15
N TYR W 629 -88.68 87.38 -1.34
CA TYR W 629 -89.81 87.90 -2.09
C TYR W 629 -91.08 87.74 -1.26
N PHE W 630 -91.10 86.69 -0.45
CA PHE W 630 -92.24 86.39 0.41
C PHE W 630 -92.02 86.89 1.82
N ASP W 631 -93.12 87.17 2.51
CA ASP W 631 -93.08 87.64 3.89
C ASP W 631 -94.42 87.36 4.54
N PHE W 632 -94.68 86.08 4.82
CA PHE W 632 -95.92 85.64 5.43
C PHE W 632 -96.04 86.18 6.85
N ASP W 633 -94.93 86.65 7.40
CA ASP W 633 -94.91 87.21 8.75
C ASP W 633 -95.37 88.66 8.71
N ASN W 634 -96.32 88.93 7.81
CA ASN W 634 -96.89 90.26 7.65
C ASN W 634 -98.36 90.07 7.26
N LEU W 635 -99.24 90.26 8.24
CA LEU W 635 -100.68 90.10 8.02
C LEU W 635 -101.22 91.05 6.96
N HIS W 636 -100.59 92.20 6.81
CA HIS W 636 -101.03 93.20 5.84
C HIS W 636 -100.85 92.77 4.39
N VAL W 637 -99.77 92.06 4.10
CA VAL W 637 -99.52 91.63 2.72
C VAL W 637 -99.93 90.19 2.46
N HIS W 638 -100.52 89.97 1.29
CA HIS W 638 -100.96 88.64 0.88
C HIS W 638 -100.32 88.32 -0.47
N TYR W 639 -100.15 87.04 -0.75
CA TYR W 639 -99.55 86.61 -2.01
C TYR W 639 -100.45 85.65 -2.79
N LEU W 640 -100.82 86.05 -4.00
CA LEU W 640 -101.70 85.23 -4.83
C LEU W 640 -100.95 84.58 -5.98
N LEU W 641 -101.48 83.46 -6.46
CA LEU W 641 -100.88 82.72 -7.56
C LEU W 641 -101.91 82.42 -8.64
N LEU W 642 -101.69 82.98 -9.82
CA LEU W 642 -102.59 82.78 -10.95
C LEU W 642 -101.96 81.72 -11.86
N THR W 643 -102.69 80.64 -12.09
CA THR W 643 -102.18 79.55 -12.92
C THR W 643 -102.68 79.62 -14.36
N THR W 644 -102.24 78.66 -15.17
CA THR W 644 -102.64 78.58 -16.57
C THR W 644 -104.14 78.31 -16.60
N ASN W 645 -104.64 77.80 -15.48
CA ASN W 645 -106.06 77.51 -15.33
C ASN W 645 -106.68 78.70 -14.62
N GLY W 646 -107.98 78.92 -14.82
CA GLY W 646 -108.64 80.04 -14.18
C GLY W 646 -108.70 79.92 -12.67
N THR W 647 -107.74 79.23 -12.08
CA THR W 647 -107.71 79.04 -10.63
C THR W 647 -106.78 80.04 -9.95
N VAL W 648 -107.15 80.43 -8.73
CA VAL W 648 -106.34 81.38 -7.96
C VAL W 648 -106.18 80.85 -6.53
N MET W 649 -105.03 81.11 -5.93
CA MET W 649 -104.76 80.66 -4.58
C MET W 649 -103.77 81.53 -3.84
N GLU W 650 -103.94 81.62 -2.52
CA GLU W 650 -103.06 82.43 -1.68
C GLU W 650 -101.95 81.55 -1.11
N ILE W 651 -100.80 82.15 -0.85
CA ILE W 651 -99.65 81.40 -0.32
C ILE W 651 -99.24 81.88 1.06
N ALA W 652 -98.76 80.94 1.88
CA ALA W 652 -98.32 81.26 3.24
C ALA W 652 -97.58 80.07 3.86
N GLY W 653 -96.57 79.58 3.16
CA GLY W 653 -95.80 78.45 3.66
C GLY W 653 -94.36 78.47 3.21
N TRP X 1 -60.00 164.16 -56.08
CA TRP X 1 -60.09 163.51 -54.74
C TRP X 1 -61.54 163.09 -54.47
N ALA X 2 -62.45 164.05 -54.61
CA ALA X 2 -63.87 163.80 -54.36
C ALA X 2 -64.69 164.08 -55.61
N TYR X 3 -65.45 163.08 -56.06
CA TYR X 3 -66.29 163.24 -57.24
C TYR X 3 -67.55 164.02 -56.89
N PRO X 4 -68.29 164.49 -57.91
CA PRO X 4 -69.52 165.25 -57.70
C PRO X 4 -70.51 164.49 -56.84
N CYS X 5 -70.45 164.71 -55.54
CA CYS X 5 -71.35 164.05 -54.59
C CYS X 5 -72.79 164.39 -54.92
N CYS X 6 -73.56 163.43 -55.40
CA CYS X 6 -74.94 163.72 -55.72
C CYS X 6 -75.89 163.56 -54.55
N HIS X 7 -77.18 163.67 -54.83
CA HIS X 7 -78.21 163.55 -53.82
C HIS X 7 -79.33 162.68 -54.36
N VAL X 8 -80.02 161.97 -53.45
CA VAL X 8 -81.09 161.10 -53.88
C VAL X 8 -82.49 161.40 -53.37
N THR X 9 -83.45 160.70 -53.96
CA THR X 9 -84.87 160.81 -53.65
C THR X 9 -85.46 159.54 -54.23
N GLN X 10 -86.09 158.74 -53.36
CA GLN X 10 -86.68 157.44 -53.72
C GLN X 10 -87.58 157.33 -54.95
N LEU X 11 -87.77 158.40 -55.71
CA LEU X 11 -88.62 158.36 -56.90
C LEU X 11 -90.07 158.19 -56.45
N ARG X 12 -90.57 159.19 -55.72
CA ARG X 12 -91.93 159.15 -55.18
C ARG X 12 -93.04 158.84 -56.19
N ALA X 13 -93.41 157.57 -56.25
CA ALA X 13 -94.48 157.08 -57.11
C ALA X 13 -94.21 157.05 -58.61
N GLN X 14 -92.97 156.74 -59.00
CA GLN X 14 -92.64 156.68 -60.42
C GLN X 14 -92.01 155.36 -60.84
N HIS X 15 -91.44 155.36 -62.05
CA HIS X 15 -90.78 154.19 -62.60
C HIS X 15 -89.43 153.98 -61.92
N LEU X 16 -88.55 153.26 -62.60
CA LEU X 16 -87.22 152.98 -62.09
C LEU X 16 -86.31 152.60 -63.24
N LEU X 17 -85.08 152.21 -62.90
CA LEU X 17 -84.12 151.79 -63.92
C LEU X 17 -83.75 150.34 -63.71
N ALA X 18 -83.93 149.53 -64.75
CA ALA X 18 -83.60 148.12 -64.68
C ALA X 18 -82.10 147.98 -64.88
N LEU X 19 -81.55 146.83 -64.51
CA LEU X 19 -80.12 146.58 -64.68
C LEU X 19 -79.84 146.58 -66.18
N GLU X 20 -80.87 146.21 -66.93
CA GLU X 20 -80.81 146.14 -68.38
C GLU X 20 -80.40 147.48 -68.98
N ASN X 21 -80.34 148.51 -68.14
CA ASN X 21 -79.96 149.85 -68.59
C ASN X 21 -78.59 150.31 -68.15
N ILE X 22 -78.26 150.05 -66.88
CA ILE X 22 -76.97 150.45 -66.34
C ILE X 22 -75.77 149.67 -66.87
N SER X 23 -74.72 150.41 -67.20
CA SER X 23 -73.48 149.84 -67.70
C SER X 23 -72.33 150.53 -66.98
N ASP X 24 -72.65 151.36 -65.99
CA ASP X 24 -71.60 152.06 -65.25
C ASP X 24 -72.08 152.49 -63.87
N ILE X 25 -71.25 152.24 -62.86
CA ILE X 25 -71.59 152.60 -61.49
C ILE X 25 -70.37 153.12 -60.73
N TYR X 26 -70.41 154.41 -60.39
CA TYR X 26 -69.32 155.05 -59.65
C TYR X 26 -69.62 155.07 -58.15
N LEU X 27 -68.65 154.65 -57.35
CA LEU X 27 -68.80 154.62 -55.90
C LEU X 27 -67.85 155.58 -55.20
N VAL X 28 -68.19 155.98 -53.97
CA VAL X 28 -67.38 156.91 -53.19
C VAL X 28 -66.64 156.24 -52.04
N SER X 29 -65.78 157.02 -51.38
CA SER X 29 -64.99 156.53 -50.25
C SER X 29 -65.57 157.01 -48.92
N ASN X 30 -65.12 156.39 -47.84
CA ASN X 30 -65.61 156.74 -46.50
C ASN X 30 -65.12 158.09 -46.01
N GLN X 31 -64.84 159.01 -46.93
CA GLN X 31 -64.36 160.33 -46.55
C GLN X 31 -64.43 161.36 -47.68
N THR X 32 -64.64 160.89 -48.90
CA THR X 32 -64.74 161.79 -50.05
C THR X 32 -65.78 162.87 -49.79
N CYS X 33 -67.05 162.51 -49.90
CA CYS X 33 -68.14 163.46 -49.68
C CYS X 33 -68.19 163.80 -48.20
N ASP X 34 -69.07 163.12 -47.47
CA ASP X 34 -69.20 163.36 -46.03
C ASP X 34 -69.84 162.17 -45.33
N GLY X 35 -69.15 161.03 -45.37
CA GLY X 35 -69.66 159.82 -44.73
C GLY X 35 -70.77 159.14 -45.50
N PHE X 36 -71.41 159.88 -46.40
CA PHE X 36 -72.51 159.35 -47.19
C PHE X 36 -72.06 158.36 -48.26
N SER X 37 -72.49 157.10 -48.12
CA SER X 37 -72.15 156.09 -49.11
C SER X 37 -73.04 156.34 -50.31
N LEU X 38 -72.53 157.08 -51.28
CA LEU X 38 -73.27 157.42 -52.47
C LEU X 38 -72.75 156.72 -53.72
N ALA X 39 -73.64 156.54 -54.69
CA ALA X 39 -73.28 155.88 -55.94
C ALA X 39 -73.92 156.59 -57.12
N SER X 40 -73.30 156.47 -58.28
CA SER X 40 -73.81 157.10 -59.50
C SER X 40 -74.14 156.04 -60.54
N LEU X 41 -75.39 156.02 -60.98
CA LEU X 41 -75.83 155.05 -61.98
C LEU X 41 -75.81 155.68 -63.36
N ASN X 42 -74.80 155.32 -64.15
CA ASN X 42 -74.65 155.83 -65.51
C ASN X 42 -75.12 154.83 -66.55
N SER X 43 -75.96 155.29 -67.47
CA SER X 43 -76.48 154.45 -68.53
C SER X 43 -76.64 155.25 -69.82
N PRO X 44 -75.97 154.82 -70.90
CA PRO X 44 -76.05 155.52 -72.19
C PRO X 44 -77.44 155.43 -72.80
N LYS X 45 -77.91 156.56 -73.34
CA LYS X 45 -79.22 156.62 -73.97
C LYS X 45 -79.10 156.46 -75.47
N ASN X 46 -80.22 156.19 -76.14
CA ASN X 46 -80.23 156.01 -77.59
C ASN X 46 -79.40 154.79 -78.00
N GLY X 47 -78.28 155.04 -78.67
CA GLY X 47 -77.43 153.95 -79.10
C GLY X 47 -76.21 153.78 -78.22
N SER X 48 -75.14 154.49 -78.54
CA SER X 48 -73.90 154.42 -77.77
C SER X 48 -73.76 155.62 -76.85
N ASN X 49 -72.52 155.89 -76.45
CA ASN X 49 -72.24 157.01 -75.56
C ASN X 49 -72.40 158.38 -76.21
N GLN X 50 -73.64 158.73 -76.52
CA GLN X 50 -73.95 160.02 -77.11
C GLN X 50 -74.36 160.90 -75.95
N LEU X 51 -75.53 160.62 -75.39
CA LEU X 51 -76.06 161.36 -74.25
C LEU X 51 -76.18 160.40 -73.08
N VAL X 52 -75.31 160.56 -72.08
CA VAL X 52 -75.34 159.68 -70.92
C VAL X 52 -76.16 160.21 -69.77
N ILE X 53 -77.13 159.40 -69.34
CA ILE X 53 -78.00 159.72 -68.22
C ILE X 53 -77.33 159.25 -66.93
N SER X 54 -77.20 160.14 -65.96
CA SER X 54 -76.57 159.79 -64.70
C SER X 54 -77.40 160.22 -63.49
N ARG X 55 -77.96 159.24 -62.78
CA ARG X 55 -78.76 159.55 -61.60
C ARG X 55 -78.20 158.89 -60.36
N CYS X 56 -78.49 159.50 -59.22
CA CYS X 56 -77.99 159.04 -57.92
C CYS X 56 -78.74 157.84 -57.32
N ALA X 57 -77.98 157.04 -56.57
CA ALA X 57 -78.50 155.86 -55.90
C ALA X 57 -77.86 155.79 -54.52
N ASN X 58 -78.35 154.88 -53.68
CA ASN X 58 -77.80 154.73 -52.34
C ASN X 58 -76.63 153.76 -52.34
N GLY X 59 -75.44 154.28 -52.08
CA GLY X 59 -74.24 153.46 -52.06
C GLY X 59 -74.37 152.16 -51.29
N LEU X 60 -74.55 152.28 -49.96
CA LEU X 60 -74.68 151.10 -49.11
C LEU X 60 -75.60 150.04 -49.72
N ASN X 61 -76.80 150.46 -50.12
CA ASN X 61 -77.75 149.54 -50.73
C ASN X 61 -77.17 148.90 -51.99
N VAL X 62 -76.63 149.73 -52.87
CA VAL X 62 -76.04 149.26 -54.11
C VAL X 62 -74.91 148.27 -53.81
N VAL X 63 -73.94 148.70 -53.00
CA VAL X 63 -72.82 147.86 -52.64
C VAL X 63 -73.27 146.54 -52.03
N SER X 64 -74.28 146.60 -51.16
CA SER X 64 -74.80 145.39 -50.53
C SER X 64 -75.29 144.43 -51.61
N PHE X 65 -76.01 144.97 -52.58
CA PHE X 65 -76.53 144.20 -53.70
C PHE X 65 -75.41 143.40 -54.36
N PHE X 66 -74.42 144.13 -54.88
CA PHE X 66 -73.27 143.52 -55.54
C PHE X 66 -72.58 142.50 -54.64
N ILE X 67 -72.35 142.88 -53.38
CA ILE X 67 -71.71 141.98 -52.43
C ILE X 67 -72.48 140.66 -52.37
N SER X 68 -73.81 140.77 -52.44
CA SER X 68 -74.67 139.59 -52.39
C SER X 68 -74.53 138.72 -53.63
N ILE X 69 -74.63 139.33 -54.80
CA ILE X 69 -74.51 138.60 -56.07
C ILE X 69 -73.20 137.83 -56.16
N LEU X 70 -72.10 138.49 -55.76
CA LEU X 70 -70.79 137.87 -55.80
C LEU X 70 -70.76 136.62 -54.94
N LYS X 71 -71.24 136.76 -53.70
CA LYS X 71 -71.28 135.65 -52.74
C LYS X 71 -72.19 134.54 -53.22
N ARG X 72 -73.35 134.91 -53.77
CA ARG X 72 -74.33 133.95 -54.26
C ARG X 72 -73.88 133.12 -55.46
N SER X 73 -72.72 133.45 -56.02
CA SER X 73 -72.23 132.71 -57.17
C SER X 73 -70.71 132.51 -57.15
N SER X 74 -70.16 132.33 -55.96
CA SER X 74 -68.73 132.12 -55.78
C SER X 74 -68.22 130.91 -56.57
N SER X 75 -69.07 129.92 -56.75
CA SER X 75 -68.70 128.70 -57.48
C SER X 75 -68.43 128.97 -58.95
N ALA X 76 -68.67 130.20 -59.40
CA ALA X 76 -68.44 130.53 -60.80
C ALA X 76 -67.67 131.82 -61.04
N LEU X 77 -66.64 132.06 -60.23
CA LEU X 77 -65.84 133.27 -60.40
C LEU X 77 -64.47 133.29 -59.73
N THR X 78 -63.48 133.77 -60.48
CA THR X 78 -62.12 133.87 -60.01
C THR X 78 -61.57 135.20 -60.55
N GLY X 79 -60.31 135.50 -60.27
CA GLY X 79 -59.73 136.74 -60.74
C GLY X 79 -60.31 137.93 -60.02
N HIS X 80 -60.59 139.00 -60.75
CA HIS X 80 -61.16 140.20 -60.15
C HIS X 80 -62.46 139.91 -59.40
N LEU X 81 -63.33 139.10 -60.02
CA LEU X 81 -64.62 138.76 -59.43
C LEU X 81 -64.53 137.94 -58.14
N ARG X 82 -63.37 137.98 -57.49
CA ARG X 82 -63.18 137.25 -56.24
C ARG X 82 -62.49 138.17 -55.25
N GLU X 83 -61.64 139.04 -55.78
CA GLU X 83 -60.92 140.01 -54.96
C GLU X 83 -61.86 141.19 -54.78
N LEU X 84 -62.69 141.43 -55.79
CA LEU X 84 -63.65 142.52 -55.79
C LEU X 84 -64.56 142.41 -54.59
N LEU X 85 -64.94 141.17 -54.26
CA LEU X 85 -65.81 140.92 -53.13
C LEU X 85 -65.14 141.34 -51.82
N THR X 86 -63.98 140.77 -51.55
CA THR X 86 -63.23 141.08 -50.33
C THR X 86 -62.96 142.57 -50.18
N THR X 87 -62.69 143.25 -51.30
CA THR X 87 -62.42 144.68 -51.27
C THR X 87 -63.69 145.49 -51.19
N LEU X 88 -64.77 144.94 -51.77
CA LEU X 88 -66.06 145.63 -51.75
C LEU X 88 -66.67 145.54 -50.36
N GLU X 89 -66.42 144.43 -49.68
CA GLU X 89 -66.94 144.23 -48.33
C GLU X 89 -66.25 145.19 -47.36
N THR X 90 -64.93 145.31 -47.49
CA THR X 90 -64.17 146.22 -46.63
C THR X 90 -64.67 147.64 -46.83
N LEU X 91 -65.06 147.96 -48.07
CA LEU X 91 -65.60 149.28 -48.39
C LEU X 91 -66.92 149.46 -47.67
N TYR X 92 -67.79 148.46 -47.79
CA TYR X 92 -69.10 148.48 -47.15
C TYR X 92 -68.98 148.76 -45.66
N GLY X 93 -67.96 148.18 -45.04
CA GLY X 93 -67.75 148.36 -43.61
C GLY X 93 -66.93 149.59 -43.26
N SER X 94 -66.65 150.44 -44.24
CA SER X 94 -65.88 151.65 -43.99
C SER X 94 -66.82 152.80 -43.63
N PHE X 95 -68.09 152.65 -44.01
CA PHE X 95 -69.10 153.65 -43.72
C PHE X 95 -69.76 153.40 -42.38
N SER X 96 -70.17 154.48 -41.72
CA SER X 96 -70.84 154.40 -40.42
C SER X 96 -72.23 154.98 -40.54
N VAL X 97 -73.24 154.13 -40.38
CA VAL X 97 -74.64 154.53 -40.50
C VAL X 97 -75.09 155.46 -39.36
N GLU X 98 -74.91 154.99 -38.13
CA GLU X 98 -75.30 155.70 -36.92
C GLU X 98 -74.81 157.14 -36.78
N ASP X 99 -73.99 157.60 -37.72
CA ASP X 99 -73.48 158.95 -37.68
C ASP X 99 -74.43 159.87 -38.43
N LEU X 100 -75.19 159.29 -39.34
CA LEU X 100 -76.15 160.03 -40.13
C LEU X 100 -77.33 160.54 -39.31
N PHE X 101 -77.49 160.04 -38.09
CA PHE X 101 -78.60 160.50 -37.24
C PHE X 101 -78.53 162.00 -37.02
N GLY X 102 -77.38 162.46 -36.54
CA GLY X 102 -77.20 163.87 -36.28
C GLY X 102 -76.73 164.65 -37.48
N ALA X 103 -76.69 164.00 -38.64
CA ALA X 103 -76.25 164.64 -39.86
C ALA X 103 -77.39 165.24 -40.67
N ASN X 104 -77.05 166.23 -41.50
CA ASN X 104 -77.99 166.91 -42.37
C ASN X 104 -77.87 166.21 -43.73
N LEU X 105 -78.72 165.21 -43.96
CA LEU X 105 -78.68 164.44 -45.20
C LEU X 105 -79.06 165.17 -46.50
N ASN X 106 -79.36 166.46 -46.42
CA ASN X 106 -79.71 167.22 -47.62
C ASN X 106 -78.60 168.23 -47.93
N ARG X 107 -77.37 167.78 -47.74
CA ARG X 107 -76.16 168.57 -47.97
C ARG X 107 -75.97 168.87 -49.46
N TYR X 108 -76.81 168.27 -50.30
CA TYR X 108 -76.72 168.46 -51.73
C TYR X 108 -78.09 168.71 -52.35
N LEU Y 1 40.74 38.23 42.55
CA LEU Y 1 41.77 38.83 43.45
C LEU Y 1 41.27 38.82 44.90
N SER Y 2 41.87 37.97 45.72
CA SER Y 2 41.53 37.87 47.14
C SER Y 2 40.18 37.22 47.40
N GLU Y 3 40.07 35.92 47.14
CA GLU Y 3 38.82 35.20 47.37
C GLU Y 3 38.90 33.75 46.92
N VAL Y 4 38.90 32.83 47.89
CA VAL Y 4 38.96 31.41 47.63
C VAL Y 4 38.20 30.66 48.70
N LYS Y 5 37.69 29.48 48.36
CA LYS Y 5 36.96 28.68 49.33
C LYS Y 5 37.14 27.21 49.01
N LEU Y 6 37.59 26.47 50.02
CA LEU Y 6 37.81 25.04 49.87
C LEU Y 6 36.64 24.28 50.51
N HIS Y 7 36.32 23.13 49.93
CA HIS Y 7 35.22 22.32 50.44
C HIS Y 7 35.80 21.00 50.93
N LEU Y 8 35.87 20.84 52.25
CA LEU Y 8 36.41 19.61 52.84
C LEU Y 8 35.47 18.45 52.53
N ASP Y 9 35.75 17.30 53.16
CA ASP Y 9 34.94 16.12 52.93
C ASP Y 9 35.24 14.97 53.89
N ILE Y 10 34.60 14.99 55.06
CA ILE Y 10 34.77 13.92 56.03
C ILE Y 10 33.87 12.81 55.51
N GLU Y 11 34.39 11.58 55.48
CA GLU Y 11 33.61 10.46 54.99
C GLU Y 11 32.14 10.58 55.38
N GLY Y 12 31.27 10.59 54.37
CA GLY Y 12 29.85 10.70 54.65
C GLY Y 12 29.25 12.07 54.36
N HIS Y 13 29.80 13.13 54.93
CA HIS Y 13 29.24 14.45 54.69
C HIS Y 13 30.21 15.45 54.09
N ALA Y 14 29.68 16.34 53.26
CA ALA Y 14 30.48 17.38 52.62
C ALA Y 14 30.47 18.67 53.43
N SER Y 15 31.64 19.06 53.91
CA SER Y 15 31.77 20.28 54.70
C SER Y 15 32.12 21.44 53.79
N HIS Y 16 31.68 22.64 54.17
CA HIS Y 16 31.95 23.82 53.36
C HIS Y 16 32.54 24.98 54.16
N TYR Y 17 33.82 25.24 53.93
CA TYR Y 17 34.53 26.32 54.60
C TYR Y 17 35.04 27.32 53.56
N THR Y 18 34.85 28.60 53.85
CA THR Y 18 35.30 29.66 52.95
C THR Y 18 36.38 30.48 53.63
N ILE Y 19 37.58 30.48 53.06
CA ILE Y 19 38.69 31.23 53.63
C ILE Y 19 39.02 32.51 52.87
N PRO Y 20 38.51 33.65 53.35
CA PRO Y 20 38.76 34.94 52.69
C PRO Y 20 40.09 35.54 53.14
N TRP Y 21 41.18 35.16 52.49
CA TRP Y 21 42.49 35.70 52.85
C TRP Y 21 42.57 37.19 52.58
N THR Y 22 41.53 37.72 51.92
CA THR Y 22 41.45 39.13 51.60
C THR Y 22 41.32 39.96 52.88
N GLU Y 23 40.44 39.52 53.77
CA GLU Y 23 40.22 40.20 55.04
C GLU Y 23 41.38 39.92 55.99
N LEU Y 24 41.95 38.72 55.88
CA LEU Y 24 43.05 38.31 56.73
C LEU Y 24 44.30 39.18 56.52
N MET Y 25 44.61 39.47 55.25
CA MET Y 25 45.78 40.28 54.94
C MET Y 25 45.76 41.65 55.59
N ALA Y 26 44.56 42.13 55.92
CA ALA Y 26 44.42 43.44 56.55
C ALA Y 26 44.77 43.37 58.03
N LYS Y 27 44.22 42.38 58.73
CA LYS Y 27 44.48 42.20 60.16
C LYS Y 27 45.83 41.57 60.46
N VAL Y 28 46.51 41.09 59.42
CA VAL Y 28 47.82 40.47 59.62
C VAL Y 28 48.89 41.11 58.76
N PRO Y 29 50.11 41.26 59.30
CA PRO Y 29 51.24 41.86 58.60
C PRO Y 29 52.06 40.92 57.72
N GLY Y 30 52.74 39.96 58.35
CA GLY Y 30 53.58 39.03 57.60
C GLY Y 30 52.90 37.98 56.76
N LEU Y 31 51.56 37.91 56.81
CA LEU Y 31 50.85 36.91 56.03
C LEU Y 31 50.77 37.28 54.55
N SER Y 32 51.65 36.67 53.75
CA SER Y 32 51.69 36.90 52.32
C SER Y 32 51.33 35.57 51.64
N PRO Y 33 50.03 35.25 51.56
CA PRO Y 33 49.54 34.02 50.96
C PRO Y 33 50.13 33.68 49.60
N GLU Y 34 50.31 34.69 48.75
CA GLU Y 34 50.88 34.48 47.42
C GLU Y 34 52.20 33.72 47.43
N ALA Y 35 53.08 34.09 48.36
CA ALA Y 35 54.39 33.44 48.46
C ALA Y 35 54.27 32.01 48.97
N LEU Y 36 53.60 31.84 50.10
CA LEU Y 36 53.43 30.51 50.70
C LEU Y 36 52.79 29.51 49.74
N TRP Y 37 51.81 29.96 48.97
CA TRP Y 37 51.13 29.09 48.02
C TRP Y 37 52.10 28.57 46.97
N ARG Y 38 53.08 29.39 46.63
CA ARG Y 38 54.08 29.00 45.64
C ARG Y 38 55.19 28.18 46.28
N GLU Y 39 55.54 28.53 47.52
CA GLU Y 39 56.58 27.80 48.23
C GLU Y 39 56.25 26.32 48.17
N ALA Y 40 54.99 25.99 48.45
CA ALA Y 40 54.54 24.60 48.41
C ALA Y 40 54.13 24.24 47.00
N ASN Y 41 54.96 23.45 46.33
CA ASN Y 41 54.67 23.03 44.96
C ASN Y 41 53.27 22.40 44.92
N VAL Y 42 52.26 23.25 44.72
CA VAL Y 42 50.88 22.81 44.67
C VAL Y 42 50.69 21.77 43.57
N THR Y 43 51.42 21.94 42.48
CA THR Y 43 51.32 21.02 41.36
C THR Y 43 52.39 19.94 41.41
N GLU Y 44 53.09 19.84 42.53
CA GLU Y 44 54.13 18.82 42.68
C GLU Y 44 53.56 17.44 42.41
N ASP Y 45 53.82 16.91 41.22
CA ASP Y 45 53.33 15.59 40.85
C ASP Y 45 53.69 14.59 41.95
N LEU Y 46 52.75 13.72 42.28
CA LEU Y 46 52.93 12.70 43.30
C LEU Y 46 54.35 12.11 43.38
N ALA Y 47 54.75 11.41 42.32
CA ALA Y 47 56.06 10.76 42.25
C ALA Y 47 57.23 11.58 42.79
N SER Y 48 57.32 12.84 42.37
CA SER Y 48 58.40 13.73 42.79
C SER Y 48 58.40 14.03 44.28
N MET Y 49 57.20 14.15 44.84
CA MET Y 49 57.02 14.45 46.25
C MET Y 49 57.87 13.61 47.20
N LEU Y 50 57.70 12.30 47.14
CA LEU Y 50 58.43 11.38 48.01
C LEU Y 50 59.94 11.60 48.06
N ASN Y 51 60.58 11.76 46.90
CA ASN Y 51 62.02 11.95 46.86
C ASN Y 51 62.49 13.10 47.76
N ARG Y 52 61.76 14.22 47.73
CA ARG Y 52 62.13 15.37 48.56
C ARG Y 52 61.59 15.17 49.97
N TYR Y 53 61.61 13.93 50.43
CA TYR Y 53 61.13 13.58 51.76
C TYR Y 53 61.81 12.30 52.26
N LYS Y 54 62.10 11.40 51.33
CA LYS Y 54 62.76 10.14 51.67
C LYS Y 54 64.24 10.43 51.86
N LEU Y 55 64.63 11.66 51.54
CA LEU Y 55 66.01 12.12 51.68
C LEU Y 55 66.19 12.78 53.04
N ILE Y 56 65.08 12.93 53.76
CA ILE Y 56 65.09 13.58 55.08
C ILE Y 56 65.22 12.60 56.24
N TYR Y 57 66.36 12.64 56.92
CA TYR Y 57 66.60 11.79 58.07
C TYR Y 57 65.41 11.87 59.01
N LYS Y 58 64.89 10.71 59.39
CA LYS Y 58 63.75 10.65 60.30
C LYS Y 58 64.20 10.05 61.62
N THR Y 59 63.76 10.65 62.73
CA THR Y 59 64.12 10.15 64.04
C THR Y 59 63.63 8.72 64.17
N SER Y 60 64.54 7.80 64.44
CA SER Y 60 64.19 6.40 64.58
C SER Y 60 63.25 6.19 65.77
N GLY Y 61 63.79 6.37 66.97
CA GLY Y 61 62.99 6.19 68.17
C GLY Y 61 62.61 7.48 68.86
N THR Y 62 61.55 8.13 68.39
CA THR Y 62 61.08 9.37 68.99
C THR Y 62 60.62 9.06 70.41
N LEU Y 63 61.53 9.27 71.37
CA LEU Y 63 61.22 8.99 72.77
C LEU Y 63 60.53 10.17 73.45
N GLY Y 64 60.10 9.94 74.69
CA GLY Y 64 59.45 10.99 75.46
C GLY Y 64 59.90 10.96 76.90
N ILE Y 65 59.84 12.12 77.55
CA ILE Y 65 60.24 12.23 78.95
C ILE Y 65 59.40 13.30 79.65
N ALA Y 66 58.44 12.84 80.44
CA ALA Y 66 57.55 13.74 81.18
C ALA Y 66 58.35 14.72 82.05
N LEU Y 67 58.23 16.00 81.75
CA LEU Y 67 58.94 17.03 82.51
C LEU Y 67 58.17 18.35 82.52
N ALA Y 68 58.45 19.15 83.55
CA ALA Y 68 57.82 20.45 83.71
C ALA Y 68 58.90 21.48 84.02
N GLU Y 69 58.77 22.67 83.47
CA GLU Y 69 59.76 23.72 83.69
C GLU Y 69 59.68 24.38 85.05
N PRO Y 70 60.82 24.86 85.56
CA PRO Y 70 60.95 25.54 86.86
C PRO Y 70 60.10 26.80 86.96
N VAL Y 71 60.35 27.61 87.99
CA VAL Y 71 59.59 28.83 88.20
C VAL Y 71 60.17 30.07 87.49
N ASP Y 72 61.49 30.19 87.50
CA ASP Y 72 62.16 31.32 86.86
C ASP Y 72 61.70 32.69 87.33
N ILE Y 73 60.83 33.32 86.54
CA ILE Y 73 60.31 34.65 86.83
C ILE Y 73 59.46 34.75 88.09
N PRO Y 74 59.79 35.69 88.99
CA PRO Y 74 59.03 35.87 90.23
C PRO Y 74 57.75 36.65 89.91
N ALA Y 75 56.84 36.71 90.87
CA ALA Y 75 55.59 37.43 90.66
C ALA Y 75 55.88 38.88 90.32
N VAL Y 76 56.03 39.70 91.35
CA VAL Y 76 56.33 41.12 91.18
C VAL Y 76 56.52 41.73 92.57
N SER Y 77 56.49 43.05 92.65
CA SER Y 77 56.67 43.73 93.93
C SER Y 77 55.53 44.72 94.18
N GLU Y 78 55.39 45.14 95.44
CA GLU Y 78 54.34 46.06 95.83
C GLU Y 78 54.47 47.45 95.20
N GLY Y 79 55.59 48.12 95.43
CA GLY Y 79 55.79 49.45 94.88
C GLY Y 79 56.74 49.56 93.71
N SER Y 80 57.23 48.44 93.21
CA SER Y 80 58.16 48.46 92.08
C SER Y 80 57.51 49.10 90.87
N MET Y 81 58.00 50.28 90.49
CA MET Y 81 57.47 51.00 89.34
C MET Y 81 57.88 50.30 88.06
N GLN Y 82 56.89 49.97 87.23
CA GLN Y 82 57.15 49.28 85.97
C GLN Y 82 58.02 50.13 85.06
N VAL Y 83 59.22 49.63 84.77
CA VAL Y 83 60.17 50.33 83.92
C VAL Y 83 60.07 49.93 82.46
N ASP Y 84 59.98 50.93 81.59
CA ASP Y 84 59.91 50.69 80.15
C ASP Y 84 61.34 50.53 79.66
N ALA Y 85 61.55 49.69 78.66
CA ALA Y 85 62.90 49.44 78.14
C ALA Y 85 63.49 50.62 77.36
N SER Y 86 62.76 51.11 76.37
CA SER Y 86 63.23 52.23 75.55
C SER Y 86 63.11 53.58 76.24
N LYS Y 87 62.17 53.68 77.19
CA LYS Y 87 61.95 54.93 77.90
C LYS Y 87 62.44 54.91 79.34
N VAL Y 88 63.76 54.99 79.52
CA VAL Y 88 64.34 55.01 80.85
C VAL Y 88 64.77 56.45 81.17
N HIS Y 89 63.87 57.21 81.77
CA HIS Y 89 64.15 58.59 82.12
C HIS Y 89 65.43 58.74 82.94
N PRO Y 90 66.24 59.76 82.62
CA PRO Y 90 67.50 60.03 83.32
C PRO Y 90 67.33 60.13 84.83
N GLY Y 91 66.08 60.31 85.27
CA GLY Y 91 65.80 60.42 86.69
C GLY Y 91 65.71 59.04 87.33
N VAL Y 92 66.74 58.68 88.09
CA VAL Y 92 66.77 57.39 88.76
C VAL Y 92 65.64 57.25 89.77
N ILE Y 93 64.47 56.87 89.27
CA ILE Y 93 63.29 56.69 90.12
C ILE Y 93 63.40 55.40 90.91
N SER Y 94 64.47 55.24 91.67
CA SER Y 94 64.68 54.03 92.45
C SER Y 94 65.89 54.08 93.37
N GLY Y 95 65.87 53.26 94.41
CA GLY Y 95 66.97 53.19 95.35
C GLY Y 95 67.70 51.88 95.14
N LEU Y 96 68.80 51.69 95.86
CA LEU Y 96 69.58 50.46 95.73
C LEU Y 96 68.72 49.25 96.12
N ASN Y 97 68.13 49.32 97.32
CA ASN Y 97 67.30 48.25 97.84
C ASN Y 97 65.83 48.40 97.48
N SER Y 98 65.52 49.34 96.59
CA SER Y 98 64.14 49.59 96.18
C SER Y 98 63.70 48.61 95.09
N PRO Y 99 62.57 47.91 95.29
CA PRO Y 99 62.07 46.96 94.30
C PRO Y 99 61.77 47.65 92.98
N ALA Y 100 61.99 46.94 91.88
CA ALA Y 100 61.73 47.48 90.55
C ALA Y 100 61.72 46.35 89.54
N CYS Y 101 60.89 46.51 88.51
CA CYS Y 101 60.79 45.50 87.46
C CYS Y 101 60.67 46.21 86.12
N MET Y 102 60.90 45.47 85.04
CA MET Y 102 60.81 46.03 83.70
C MET Y 102 59.68 45.44 82.87
N LEU Y 103 59.06 46.29 82.05
CA LEU Y 103 57.96 45.86 81.18
C LEU Y 103 58.46 44.92 80.09
N SER Y 104 57.74 43.82 79.89
CA SER Y 104 58.11 42.82 78.89
C SER Y 104 57.95 43.34 77.46
N ALA Y 105 56.80 43.97 77.20
CA ALA Y 105 56.50 44.50 75.88
C ALA Y 105 57.68 45.25 75.25
N PRO Y 106 58.28 46.19 75.99
CA PRO Y 106 59.41 46.94 75.45
C PRO Y 106 60.73 46.18 75.51
N LEU Y 107 60.98 45.53 76.65
CA LEU Y 107 62.21 44.76 76.85
C LEU Y 107 62.44 43.74 75.74
N GLU Y 108 61.40 43.00 75.40
CA GLU Y 108 61.48 41.99 74.35
C GLU Y 108 61.74 42.62 72.99
N LYS Y 109 60.96 43.63 72.65
CA LYS Y 109 61.12 44.31 71.37
C LYS Y 109 62.52 44.88 71.24
N GLN Y 110 63.18 45.14 72.37
CA GLN Y 110 64.52 45.68 72.37
C GLN Y 110 65.53 44.55 72.17
N LEU Y 111 65.28 43.42 72.84
CA LEU Y 111 66.16 42.27 72.72
C LEU Y 111 66.13 41.78 71.27
N PHE Y 112 64.93 41.40 70.82
CA PHE Y 112 64.76 40.92 69.46
C PHE Y 112 64.52 42.09 68.52
N TYR Y 113 65.48 43.01 68.50
CA TYR Y 113 65.41 44.18 67.65
C TYR Y 113 65.71 43.81 66.20
N TYR Y 114 66.62 42.86 66.03
CA TYR Y 114 67.02 42.40 64.71
C TYR Y 114 65.96 41.49 64.06
N ILE Y 115 65.85 41.58 62.74
CA ILE Y 115 64.89 40.78 61.97
C ILE Y 115 65.70 39.80 61.11
N GLY Y 116 65.14 38.64 60.78
CA GLY Y 116 65.90 37.70 59.99
C GLY Y 116 65.19 36.55 59.30
N THR Y 117 65.82 35.38 59.33
CA THR Y 117 65.27 34.19 58.71
C THR Y 117 65.59 32.94 59.53
N MET Y 118 64.64 32.50 60.34
CA MET Y 118 64.85 31.32 61.15
C MET Y 118 65.11 30.14 60.22
N LEU Y 119 64.50 30.18 59.04
CA LEU Y 119 64.64 29.14 58.05
C LEU Y 119 65.30 29.67 56.78
N PRO Y 120 66.60 29.37 56.59
CA PRO Y 120 67.36 29.82 55.41
C PRO Y 120 66.85 29.22 54.10
N ASN Y 121 67.58 29.47 53.02
CA ASN Y 121 67.21 28.95 51.72
C ASN Y 121 68.13 27.80 51.30
N THR Y 122 68.71 27.13 52.30
CA THR Y 122 69.60 26.00 52.03
C THR Y 122 68.76 24.83 51.57
N ARG Y 123 69.32 23.98 50.71
CA ARG Y 123 68.62 22.82 50.19
C ARG Y 123 67.82 22.03 51.24
N PRO Y 124 68.49 21.59 52.32
CA PRO Y 124 67.82 20.81 53.37
C PRO Y 124 66.55 21.43 53.94
N HIS Y 125 66.67 22.62 54.53
CA HIS Y 125 65.52 23.30 55.14
C HIS Y 125 64.42 23.63 54.14
N SER Y 126 64.79 24.16 52.98
CA SER Y 126 63.82 24.52 51.96
C SER Y 126 62.90 23.36 51.61
N TYR Y 127 63.31 22.15 51.96
CA TYR Y 127 62.52 20.97 51.67
C TYR Y 127 61.49 20.65 52.76
N VAL Y 128 61.78 21.07 53.99
CA VAL Y 128 60.89 20.78 55.11
C VAL Y 128 60.03 21.95 55.59
N PHE Y 129 60.66 23.03 56.01
CA PHE Y 129 59.93 24.19 56.52
C PHE Y 129 59.50 25.22 55.48
N TYR Y 130 58.60 26.10 55.91
CA TYR Y 130 58.08 27.18 55.06
C TYR Y 130 58.88 28.43 55.39
N GLN Y 131 59.50 29.02 54.37
CA GLN Y 131 60.28 30.24 54.58
C GLN Y 131 59.62 31.10 55.64
N LEU Y 132 60.35 31.37 56.72
CA LEU Y 132 59.81 32.18 57.82
C LEU Y 132 60.65 33.43 58.08
N ARG Y 133 59.98 34.51 58.49
CA ARG Y 133 60.66 35.76 58.79
C ARG Y 133 60.06 36.52 59.97
N CYS Y 134 60.81 36.59 61.06
CA CYS Y 134 60.37 37.29 62.26
C CYS Y 134 61.59 37.79 63.02
N HIS Y 135 61.36 38.65 64.00
CA HIS Y 135 62.42 39.21 64.82
C HIS Y 135 63.15 38.05 65.51
N LEU Y 136 64.48 38.11 65.52
CA LEU Y 136 65.29 37.06 66.12
C LEU Y 136 66.64 37.55 66.65
N SER Y 137 67.53 36.59 66.87
CA SER Y 137 68.88 36.84 67.37
C SER Y 137 69.65 35.54 67.21
N TYR Y 138 70.93 35.62 66.86
CA TYR Y 138 71.73 34.43 66.67
C TYR Y 138 73.08 34.45 67.34
N VAL Y 139 73.76 33.29 67.29
CA VAL Y 139 75.08 33.12 67.88
C VAL Y 139 75.98 32.55 66.79
N ALA Y 140 76.81 33.39 66.19
CA ALA Y 140 77.71 32.98 65.12
C ALA Y 140 78.94 32.22 65.63
N LEU Y 141 79.39 31.25 64.85
CA LEU Y 141 80.56 30.46 65.21
C LEU Y 141 81.34 30.04 63.96
N SER Y 142 82.67 30.04 64.07
CA SER Y 142 83.52 29.66 62.95
C SER Y 142 84.83 29.03 63.43
N ILE Y 143 85.00 27.74 63.15
CA ILE Y 143 86.20 27.02 63.55
C ILE Y 143 86.89 26.44 62.31
N ASN Y 144 88.12 25.96 62.49
CA ASN Y 144 88.88 25.38 61.38
C ASN Y 144 88.90 26.29 60.16
N GLY Y 145 88.75 27.59 60.39
CA GLY Y 145 88.76 28.55 59.29
C GLY Y 145 87.61 28.39 58.31
N ASP Y 146 86.41 28.70 58.76
CA ASP Y 146 85.21 28.62 57.93
C ASP Y 146 84.96 27.22 57.35
N LYS Y 147 85.71 26.24 57.79
CA LYS Y 147 85.53 24.87 57.30
C LYS Y 147 84.42 24.22 58.12
N PHE Y 148 84.08 24.85 59.24
CA PHE Y 148 83.03 24.38 60.13
C PHE Y 148 82.41 25.60 60.80
N GLN Y 149 81.09 25.62 60.90
CA GLN Y 149 80.40 26.74 61.52
C GLN Y 149 79.06 26.37 62.12
N TYR Y 150 78.67 27.09 63.17
CA TYR Y 150 77.41 26.85 63.87
C TYR Y 150 76.65 28.17 63.99
N THR Y 151 75.32 28.07 64.03
CA THR Y 151 74.48 29.26 64.12
C THR Y 151 73.35 29.06 65.13
N GLY Y 152 73.34 29.87 66.18
CA GLY Y 152 72.31 29.77 67.19
C GLY Y 152 71.13 30.67 66.87
N ALA Y 153 70.38 30.33 65.83
CA ALA Y 153 69.22 31.11 65.42
C ALA Y 153 68.08 30.87 66.40
N MET Y 154 67.56 31.95 66.98
CA MET Y 154 66.47 31.84 67.94
C MET Y 154 65.51 33.01 67.92
N THR Y 155 64.24 32.72 68.19
CA THR Y 155 63.20 33.73 68.23
C THR Y 155 62.58 33.69 69.62
N SER Y 156 61.61 34.56 69.88
CA SER Y 156 60.97 34.59 71.20
C SER Y 156 60.18 33.34 71.52
N LYS Y 157 60.08 32.42 70.54
CA LYS Y 157 59.33 31.20 70.76
C LYS Y 157 60.11 29.89 70.59
N PHE Y 158 61.10 29.88 69.70
CA PHE Y 158 61.86 28.66 69.48
C PHE Y 158 63.29 28.89 68.99
N LEU Y 159 64.16 27.93 69.28
CA LEU Y 159 65.56 27.98 68.88
C LEU Y 159 65.80 26.95 67.78
N MET Y 160 66.72 27.25 66.88
CA MET Y 160 67.03 26.34 65.78
C MET Y 160 68.47 26.50 65.31
N GLY Y 161 69.37 25.79 65.98
CA GLY Y 161 70.78 25.85 65.62
C GLY Y 161 71.09 24.92 64.47
N THR Y 162 72.04 25.31 63.64
CA THR Y 162 72.43 24.49 62.49
C THR Y 162 73.93 24.28 62.42
N TYR Y 163 74.33 23.04 62.14
CA TYR Y 163 75.74 22.70 62.02
C TYR Y 163 76.12 22.67 60.55
N LYS Y 164 77.34 23.08 60.24
CA LYS Y 164 77.80 23.13 58.86
C LYS Y 164 79.28 22.82 58.74
N ARG Y 165 79.59 21.69 58.08
CA ARG Y 165 80.97 21.28 57.89
C ARG Y 165 81.29 21.21 56.40
N VAL Y 166 82.57 21.19 56.06
CA VAL Y 166 82.99 21.14 54.67
C VAL Y 166 84.18 20.21 54.47
N THR Y 167 84.03 19.22 53.62
CA THR Y 167 85.11 18.28 53.32
C THR Y 167 86.13 19.03 52.49
N GLU Y 168 87.24 18.38 52.15
CA GLU Y 168 88.27 19.03 51.36
C GLU Y 168 87.67 19.65 50.10
N LYS Y 169 86.63 19.00 49.58
CA LYS Y 169 85.95 19.47 48.37
C LYS Y 169 84.82 20.43 48.75
N GLY Y 170 84.14 20.95 47.74
CA GLY Y 170 83.04 21.87 47.98
C GLY Y 170 81.86 21.20 48.67
N ASP Y 171 82.11 20.04 49.27
CA ASP Y 171 81.06 19.31 49.97
C ASP Y 171 80.55 20.09 51.17
N GLU Y 172 79.24 20.31 51.22
CA GLU Y 172 78.64 21.05 52.32
C GLU Y 172 77.63 20.19 53.06
N HIS Y 173 77.99 19.81 54.29
CA HIS Y 173 77.12 18.99 55.13
C HIS Y 173 76.46 19.82 56.21
N VAL Y 174 75.15 19.67 56.35
CA VAL Y 174 74.40 20.42 57.35
C VAL Y 174 73.37 19.58 58.11
N LEU Y 175 73.25 19.87 59.39
CA LEU Y 175 72.33 19.18 60.29
C LEU Y 175 71.93 20.19 61.38
N SER Y 176 70.64 20.31 61.64
CA SER Y 176 70.17 21.26 62.64
C SER Y 176 69.26 20.67 63.72
N LEU Y 177 69.23 21.35 64.86
CA LEU Y 177 68.40 20.94 65.99
C LEU Y 177 67.38 22.05 66.30
N VAL Y 178 66.15 21.66 66.58
CA VAL Y 178 65.10 22.62 66.88
C VAL Y 178 64.53 22.39 68.27
N PHE Y 179 64.63 23.39 69.13
CA PHE Y 179 64.11 23.29 70.49
C PHE Y 179 63.05 24.35 70.76
N GLY Y 180 62.07 24.01 71.58
CA GLY Y 180 61.01 24.94 71.91
C GLY Y 180 59.70 24.24 72.22
N LYS Y 181 58.71 25.00 72.66
CA LYS Y 181 57.41 24.43 72.99
C LYS Y 181 56.80 23.81 71.75
N THR Y 182 56.42 22.54 71.86
CA THR Y 182 55.84 21.79 70.75
C THR Y 182 54.78 22.60 69.97
N LYS Y 183 54.05 23.46 70.68
CA LYS Y 183 53.01 24.25 70.05
C LYS Y 183 53.56 25.38 69.18
N ASP Y 184 54.82 25.75 69.39
CA ASP Y 184 55.44 26.84 68.65
C ASP Y 184 56.33 26.44 67.49
N LEU Y 185 56.54 25.14 67.29
CA LEU Y 185 57.38 24.68 66.19
C LEU Y 185 56.88 25.21 64.86
N PRO Y 186 57.81 25.58 63.96
CA PRO Y 186 57.48 26.12 62.63
C PRO Y 186 56.47 25.26 61.87
N ASP Y 187 56.02 25.76 60.72
CA ASP Y 187 55.06 25.05 59.90
C ASP Y 187 55.76 24.12 58.92
N LEU Y 188 55.36 22.86 58.89
CA LEU Y 188 55.95 21.88 57.99
C LEU Y 188 55.32 22.03 56.61
N ARG Y 189 56.16 21.90 55.58
CA ARG Y 189 55.70 22.04 54.19
C ARG Y 189 55.09 20.78 53.61
N GLY Y 190 55.87 20.05 52.82
CA GLY Y 190 55.39 18.84 52.19
C GLY Y 190 54.90 17.80 53.18
N PRO Y 191 54.80 16.53 52.75
CA PRO Y 191 54.35 15.41 53.58
C PRO Y 191 55.30 15.16 54.73
N PHE Y 192 55.29 16.08 55.69
CA PHE Y 192 56.15 15.98 56.86
C PHE Y 192 55.34 16.04 58.14
N SER Y 193 55.71 15.21 59.10
CA SER Y 193 55.05 15.17 60.39
C SER Y 193 56.12 15.24 61.48
N TYR Y 194 56.02 16.27 62.32
CA TYR Y 194 56.96 16.47 63.41
C TYR Y 194 57.35 15.22 64.20
N PRO Y 195 56.38 14.33 64.48
CA PRO Y 195 56.73 13.13 65.24
C PRO Y 195 57.89 12.34 64.63
N SER Y 196 57.84 12.13 63.33
CA SER Y 196 58.90 11.39 62.64
C SER Y 196 60.14 12.26 62.47
N LEU Y 197 60.20 13.35 63.22
CA LEU Y 197 61.33 14.26 63.17
C LEU Y 197 61.73 14.72 64.58
N THR Y 198 60.86 14.46 65.54
CA THR Y 198 61.12 14.83 66.93
C THR Y 198 61.96 13.76 67.60
N SER Y 199 62.97 14.18 68.36
CA SER Y 199 63.85 13.23 69.04
C SER Y 199 63.46 13.05 70.51
N ALA Y 200 63.07 14.15 71.16
CA ALA Y 200 62.68 14.10 72.56
C ALA Y 200 61.45 14.97 72.76
N GLN Y 201 60.48 14.49 73.54
CA GLN Y 201 59.27 15.25 73.78
C GLN Y 201 58.78 15.24 75.22
N SER Y 202 58.39 16.42 75.70
CA SER Y 202 57.87 16.57 77.05
C SER Y 202 56.37 16.76 76.89
N GLY Y 203 55.71 17.28 77.92
CA GLY Y 203 54.28 17.51 77.84
C GLY Y 203 53.97 18.65 76.88
N ASP Y 204 54.99 19.48 76.62
CA ASP Y 204 54.83 20.62 75.72
C ASP Y 204 56.15 21.09 75.11
N TYR Y 205 57.19 20.27 75.21
CA TYR Y 205 58.49 20.62 74.64
C TYR Y 205 59.01 19.54 73.69
N SER Y 206 59.67 19.97 72.62
CA SER Y 206 60.20 19.04 71.63
C SER Y 206 61.60 19.40 71.15
N LEU Y 207 62.29 18.41 70.60
CA LEU Y 207 63.64 18.57 70.07
C LEU Y 207 63.65 17.89 68.71
N VAL Y 208 63.58 18.69 67.65
CA VAL Y 208 63.56 18.18 66.28
C VAL Y 208 64.93 18.11 65.61
N ILE Y 209 65.12 17.08 64.78
CA ILE Y 209 66.36 16.88 64.06
C ILE Y 209 66.10 17.01 62.56
N VAL Y 210 66.43 18.17 62.00
CA VAL Y 210 66.22 18.40 60.58
C VAL Y 210 67.53 18.22 59.82
N THR Y 211 67.57 17.21 58.96
CA THR Y 211 68.76 16.91 58.17
C THR Y 211 68.48 15.78 57.20
N THR Y 212 69.37 15.59 56.24
CA THR Y 212 69.21 14.52 55.25
C THR Y 212 70.02 13.31 55.68
N PHE Y 213 69.62 12.13 55.21
CA PHE Y 213 70.34 10.90 55.55
C PHE Y 213 71.79 11.04 55.11
N VAL Y 214 71.98 11.61 53.93
CA VAL Y 214 73.31 11.80 53.38
C VAL Y 214 74.18 12.55 54.38
N HIS Y 215 73.63 13.61 54.96
CA HIS Y 215 74.35 14.42 55.93
C HIS Y 215 74.50 13.73 57.28
N TYR Y 216 73.40 13.23 57.82
CA TYR Y 216 73.43 12.56 59.12
C TYR Y 216 74.58 11.56 59.23
N ALA Y 217 74.95 10.97 58.10
CA ALA Y 217 76.04 10.00 58.07
C ALA Y 217 77.37 10.67 58.38
N ASN Y 218 77.74 11.66 57.57
CA ASN Y 218 78.99 12.37 57.74
C ASN Y 218 79.11 13.00 59.14
N PHE Y 219 77.96 13.28 59.75
CA PHE Y 219 77.93 13.88 61.08
C PHE Y 219 78.01 12.86 62.21
N HIS Y 220 77.34 11.73 62.04
CA HIS Y 220 77.32 10.69 63.06
C HIS Y 220 78.71 10.12 63.33
N ASN Y 221 79.67 10.48 62.49
CA ASN Y 221 81.05 10.01 62.66
C ASN Y 221 81.77 10.72 63.79
N TYR Y 222 81.36 11.94 64.10
CA TYR Y 222 82.01 12.70 65.16
C TYR Y 222 81.01 13.44 66.05
N PHE Y 223 79.73 13.27 65.79
CA PHE Y 223 78.71 13.93 66.58
C PHE Y 223 77.55 13.01 66.98
N VAL Y 224 77.62 12.50 68.20
CA VAL Y 224 76.58 11.62 68.74
C VAL Y 224 76.12 12.24 70.05
N PRO Y 225 75.30 13.31 69.96
CA PRO Y 225 74.76 14.02 71.12
C PRO Y 225 73.86 13.18 72.00
N ASN Y 226 73.91 13.45 73.31
CA ASN Y 226 73.10 12.73 74.28
C ASN Y 226 71.75 13.45 74.38
N LEU Y 227 71.04 13.50 73.27
CA LEU Y 227 69.74 14.17 73.20
C LEU Y 227 68.94 14.07 74.49
N LYS Y 228 68.99 12.91 75.14
CA LYS Y 228 68.26 12.70 76.38
C LYS Y 228 68.56 13.77 77.43
N ASP Y 229 69.73 13.69 78.05
CA ASP Y 229 70.13 14.65 79.07
C ASP Y 229 70.19 16.07 78.52
N MET Y 230 70.70 16.22 77.30
CA MET Y 230 70.82 17.52 76.67
C MET Y 230 69.45 18.20 76.58
N PHE Y 231 68.41 17.40 76.38
CA PHE Y 231 67.05 17.92 76.26
C PHE Y 231 66.48 18.25 77.63
N SER Y 232 66.53 17.28 78.54
CA SER Y 232 66.01 17.46 79.90
C SER Y 232 66.56 18.71 80.56
N ARG Y 233 67.88 18.77 80.66
CA ARG Y 233 68.58 19.89 81.27
C ARG Y 233 68.16 21.22 80.63
N ALA Y 234 67.85 21.17 79.33
CA ALA Y 234 67.44 22.36 78.61
C ALA Y 234 65.98 22.73 78.86
N VAL Y 235 65.28 21.87 79.61
CA VAL Y 235 63.88 22.12 79.92
C VAL Y 235 63.70 22.36 81.43
N THR Y 236 64.10 21.38 82.23
CA THR Y 236 63.97 21.49 83.69
C THR Y 236 65.21 22.12 84.29
N MET Y 237 65.27 23.45 84.25
CA MET Y 237 66.40 24.18 84.80
C MET Y 237 66.22 25.68 84.61
N THR Y 238 66.27 26.42 85.70
CA THR Y 238 66.12 27.87 85.65
C THR Y 238 67.11 28.50 84.68
N ALA Y 239 66.69 29.57 84.02
CA ALA Y 239 67.52 30.28 83.05
C ALA Y 239 68.93 30.54 83.58
N ALA Y 240 69.02 31.27 84.70
CA ALA Y 240 70.30 31.61 85.30
C ALA Y 240 71.18 30.38 85.49
N SER Y 241 70.59 29.30 85.99
CA SER Y 241 71.33 28.07 86.23
C SER Y 241 71.89 27.46 84.96
N TYR Y 242 71.02 27.28 83.96
CA TYR Y 242 71.44 26.71 82.68
C TYR Y 242 72.60 27.51 82.11
N ALA Y 243 72.53 28.82 82.26
CA ALA Y 243 73.57 29.71 81.75
C ALA Y 243 74.94 29.35 82.33
N ARG Y 244 74.99 29.11 83.63
CA ARG Y 244 76.24 28.76 84.29
C ARG Y 244 76.65 27.33 83.98
N TYR Y 245 75.67 26.42 83.95
CA TYR Y 245 75.97 25.03 83.64
C TYR Y 245 76.77 24.98 82.34
N VAL Y 246 76.41 25.87 81.42
CA VAL Y 246 77.07 25.97 80.13
C VAL Y 246 78.42 26.67 80.31
N LEU Y 247 78.41 27.77 81.05
CA LEU Y 247 79.63 28.54 81.31
C LEU Y 247 80.70 27.61 81.85
N GLN Y 248 80.31 26.72 82.77
CA GLN Y 248 81.23 25.78 83.39
C GLN Y 248 81.69 24.75 82.35
N LYS Y 249 80.76 24.24 81.57
CA LYS Y 249 81.07 23.26 80.55
C LYS Y 249 82.16 23.80 79.63
N LEU Y 250 82.11 25.11 79.37
CA LEU Y 250 83.10 25.75 78.50
C LEU Y 250 84.44 25.84 79.22
N VAL Y 251 84.42 26.29 80.48
CA VAL Y 251 85.63 26.41 81.27
C VAL Y 251 86.40 25.08 81.21
N LEU Y 252 85.66 23.98 81.30
CA LEU Y 252 86.26 22.66 81.24
C LEU Y 252 86.99 22.50 79.93
N LEU Y 253 86.28 22.72 78.83
CA LEU Y 253 86.87 22.60 77.50
C LEU Y 253 88.08 23.52 77.37
N GLU Y 254 88.05 24.65 78.07
CA GLU Y 254 89.16 25.60 78.02
C GLU Y 254 90.39 24.94 78.65
N MET Y 255 90.19 24.34 79.82
CA MET Y 255 91.29 23.67 80.51
C MET Y 255 91.75 22.46 79.70
N LYS Y 256 90.90 22.02 78.77
CA LYS Y 256 91.22 20.88 77.92
C LYS Y 256 91.97 21.37 76.68
N GLY Y 257 92.27 22.67 76.66
CA GLY Y 257 92.97 23.24 75.53
C GLY Y 257 92.11 23.40 74.29
N GLY Y 258 90.83 23.04 74.43
CA GLY Y 258 89.92 23.15 73.32
C GLY Y 258 89.67 24.58 72.86
N CYS Y 259 90.41 25.53 73.40
CA CYS Y 259 90.24 26.93 73.01
C CYS Y 259 91.38 27.43 72.12
N ARG Y 260 92.26 26.52 71.73
CA ARG Y 260 93.38 26.84 70.86
C ARG Y 260 93.53 25.67 69.89
N GLU Y 261 92.91 24.56 70.27
CA GLU Y 261 92.88 23.34 69.48
C GLU Y 261 91.43 22.88 69.46
N PRO Y 262 90.52 23.77 69.03
CA PRO Y 262 89.08 23.49 68.96
C PRO Y 262 88.77 22.11 68.40
N GLU Y 263 88.59 21.15 69.30
CA GLU Y 263 88.31 19.78 68.91
C GLU Y 263 86.88 19.66 68.40
N LEU Y 264 86.72 19.05 67.23
CA LEU Y 264 85.41 18.85 66.64
C LEU Y 264 84.83 17.52 67.12
N ASP Y 265 84.44 17.47 68.38
CA ASP Y 265 83.88 16.26 68.96
C ASP Y 265 82.47 16.49 69.50
N THR Y 266 81.83 15.41 69.95
CA THR Y 266 80.48 15.47 70.49
C THR Y 266 80.36 16.51 71.59
N GLU Y 267 81.27 16.44 72.56
CA GLU Y 267 81.26 17.36 73.69
C GLU Y 267 81.30 18.82 73.24
N THR Y 268 82.33 19.17 72.48
CA THR Y 268 82.50 20.53 71.98
C THR Y 268 81.27 21.02 71.19
N LEU Y 269 80.77 20.16 70.31
CA LEU Y 269 79.61 20.51 69.50
C LEU Y 269 78.36 20.63 70.35
N THR Y 270 78.21 19.73 71.32
CA THR Y 270 77.05 19.74 72.20
C THR Y 270 76.97 21.07 72.96
N THR Y 271 78.07 21.44 73.61
CA THR Y 271 78.12 22.68 74.37
C THR Y 271 77.65 23.86 73.53
N MET Y 272 78.04 23.88 72.26
CA MET Y 272 77.64 24.95 71.35
C MET Y 272 76.14 25.16 71.37
N PHE Y 273 75.39 24.11 71.04
CA PHE Y 273 73.94 24.18 71.01
C PHE Y 273 73.39 24.64 72.35
N GLU Y 274 73.94 24.12 73.44
CA GLU Y 274 73.50 24.49 74.78
C GLU Y 274 73.82 25.95 75.06
N VAL Y 275 74.88 26.45 74.45
CA VAL Y 275 75.29 27.84 74.62
C VAL Y 275 74.19 28.76 74.09
N SER Y 276 73.59 28.36 72.97
CA SER Y 276 72.53 29.14 72.36
C SER Y 276 71.21 28.92 73.11
N VAL Y 277 71.05 27.72 73.66
CA VAL Y 277 69.84 27.40 74.41
C VAL Y 277 69.81 28.25 75.67
N ALA Y 278 70.99 28.49 76.23
CA ALA Y 278 71.12 29.31 77.43
C ALA Y 278 70.60 30.70 77.13
N PHE Y 279 70.92 31.21 75.94
CA PHE Y 279 70.47 32.53 75.53
C PHE Y 279 68.99 32.48 75.19
N PHE Y 280 68.56 31.38 74.57
CA PHE Y 280 67.16 31.20 74.20
C PHE Y 280 66.28 31.18 75.45
N LYS Y 281 66.72 30.45 76.47
CA LYS Y 281 65.97 30.35 77.72
C LYS Y 281 65.58 31.73 78.23
N VAL Y 282 66.55 32.62 78.36
CA VAL Y 282 66.31 33.97 78.84
C VAL Y 282 65.28 34.69 77.99
N GLY Y 283 65.42 34.58 76.67
CA GLY Y 283 64.48 35.22 75.78
C GLY Y 283 63.08 34.63 75.85
N HIS Y 284 63.02 33.31 76.00
CA HIS Y 284 61.74 32.62 76.08
C HIS Y 284 61.05 32.92 77.42
N ALA Y 285 61.84 33.37 78.40
CA ALA Y 285 61.31 33.70 79.71
C ALA Y 285 60.54 35.01 79.63
N VAL Y 286 61.21 36.04 79.12
CA VAL Y 286 60.58 37.36 78.98
C VAL Y 286 59.41 37.27 78.00
N GLY Y 287 59.41 36.21 77.19
CA GLY Y 287 58.35 36.02 76.22
C GLY Y 287 57.06 35.52 76.84
N GLU Y 288 57.16 34.45 77.61
CA GLU Y 288 55.99 33.86 78.27
C GLU Y 288 55.19 34.91 79.02
N THR Y 289 55.88 35.80 79.71
CA THR Y 289 55.23 36.85 80.48
C THR Y 289 55.03 38.13 79.66
N GLY Y 290 54.24 38.01 78.59
CA GLY Y 290 53.98 39.16 77.75
C GLY Y 290 53.18 40.21 78.50
N ASN Y 291 53.52 41.48 78.31
CA ASN Y 291 52.83 42.58 78.98
C ASN Y 291 52.86 42.40 80.49
N GLY Y 292 53.88 41.71 80.97
CA GLY Y 292 54.04 41.50 82.40
C GLY Y 292 55.19 42.34 82.90
N CYS Y 293 55.87 41.90 83.95
CA CYS Y 293 56.99 42.65 84.48
C CYS Y 293 58.01 41.74 85.15
N VAL Y 294 59.25 41.78 84.67
CA VAL Y 294 60.31 40.98 85.22
C VAL Y 294 61.06 41.74 86.30
N ASP Y 295 61.20 41.12 87.46
CA ASP Y 295 61.89 41.74 88.59
C ASP Y 295 63.33 42.06 88.18
N LEU Y 296 63.80 43.24 88.58
CA LEU Y 296 65.15 43.66 88.25
C LEU Y 296 66.22 42.72 88.81
N ARG Y 297 65.92 42.08 89.93
CA ARG Y 297 66.87 41.16 90.53
C ARG Y 297 67.05 39.98 89.58
N TRP Y 298 65.95 39.56 88.97
CA TRP Y 298 65.98 38.44 88.03
C TRP Y 298 66.90 38.74 86.84
N LEU Y 299 66.72 39.92 86.25
CA LEU Y 299 67.53 40.31 85.11
C LEU Y 299 68.99 40.47 85.49
N ALA Y 300 69.24 41.24 86.53
CA ALA Y 300 70.60 41.48 87.02
C ALA Y 300 71.36 40.16 87.18
N LYS Y 301 70.63 39.09 87.47
CA LYS Y 301 71.23 37.77 87.66
C LYS Y 301 71.27 36.99 86.35
N SER Y 302 70.13 36.90 85.68
CA SER Y 302 70.03 36.18 84.42
C SER Y 302 70.89 36.80 83.33
N PHE Y 303 70.69 38.08 83.07
CA PHE Y 303 71.45 38.79 82.05
C PHE Y 303 72.94 38.85 82.36
N PHE Y 304 73.29 38.63 83.63
CA PHE Y 304 74.69 38.65 84.04
C PHE Y 304 75.38 37.40 83.51
N GLU Y 305 74.75 36.25 83.78
CA GLU Y 305 75.28 34.96 83.34
C GLU Y 305 75.49 34.96 81.82
N LEU Y 306 74.71 35.78 81.12
CA LEU Y 306 74.80 35.88 79.67
C LEU Y 306 75.99 36.72 79.25
N THR Y 307 76.21 37.83 79.94
CA THR Y 307 77.32 38.72 79.63
C THR Y 307 78.63 37.97 79.83
N VAL Y 308 78.76 37.30 80.97
CA VAL Y 308 79.95 36.53 81.28
C VAL Y 308 80.10 35.39 80.27
N LEU Y 309 78.97 34.84 79.85
CA LEU Y 309 78.96 33.74 78.89
C LEU Y 309 79.46 34.21 77.53
N LYS Y 310 78.90 35.31 77.05
CA LYS Y 310 79.28 35.87 75.76
C LYS Y 310 80.78 36.11 75.62
N ASP Y 311 81.42 36.52 76.71
CA ASP Y 311 82.86 36.79 76.69
C ASP Y 311 83.69 35.54 76.46
N ILE Y 312 83.46 34.51 77.25
CA ILE Y 312 84.22 33.26 77.09
C ILE Y 312 83.97 32.67 75.72
N ILE Y 313 82.74 32.79 75.24
CA ILE Y 313 82.38 32.26 73.93
C ILE Y 313 83.21 32.96 72.86
N GLY Y 314 83.53 34.23 73.10
CA GLY Y 314 84.32 34.99 72.15
C GLY Y 314 85.82 34.79 72.32
N ILE Y 315 86.27 34.76 73.57
CA ILE Y 315 87.69 34.58 73.85
C ILE Y 315 88.16 33.22 73.33
N CYS Y 316 87.32 32.20 73.50
CA CYS Y 316 87.65 30.86 73.05
C CYS Y 316 87.48 30.76 71.54
N TYR Y 317 86.25 30.85 71.07
CA TYR Y 317 85.96 30.78 69.65
C TYR Y 317 85.67 32.17 69.11
N GLY Y 318 85.94 32.38 67.83
CA GLY Y 318 85.67 33.68 67.24
C GLY Y 318 84.17 33.79 67.03
N ALA Y 319 83.42 33.39 68.06
CA ALA Y 319 81.96 33.42 68.00
C ALA Y 319 81.44 34.80 68.38
N THR Y 320 80.31 35.16 67.78
CA THR Y 320 79.68 36.46 68.04
C THR Y 320 78.24 36.24 68.51
N VAL Y 321 77.71 37.23 69.22
CA VAL Y 321 76.34 37.14 69.72
C VAL Y 321 75.67 38.50 69.55
N LYS Y 322 74.47 38.51 68.97
CA LYS Y 322 73.75 39.75 68.77
C LYS Y 322 72.25 39.53 68.85
N GLY Y 323 71.59 40.35 69.66
CA GLY Y 323 70.17 40.23 69.85
C GLY Y 323 69.80 40.15 71.31
N MET Y 324 70.41 39.21 72.04
CA MET Y 324 70.10 39.08 73.47
C MET Y 324 70.65 40.17 74.38
N GLN Y 325 70.40 41.43 74.04
CA GLN Y 325 70.82 42.55 74.87
C GLN Y 325 70.03 43.79 74.48
N SER Y 326 69.74 44.64 75.47
CA SER Y 326 68.97 45.85 75.23
C SER Y 326 69.53 47.03 76.01
N TYR Y 327 69.81 48.10 75.27
CA TYR Y 327 70.36 49.33 75.82
C TYR Y 327 69.53 49.91 76.95
N GLY Y 328 68.27 49.51 77.02
CA GLY Y 328 67.41 50.01 78.09
C GLY Y 328 67.84 49.50 79.44
N LEU Y 329 67.85 48.18 79.58
CA LEU Y 329 68.24 47.53 80.82
C LEU Y 329 69.61 48.02 81.28
N GLU Y 330 70.46 48.38 80.33
CA GLU Y 330 71.79 48.86 80.65
C GLU Y 330 71.75 50.26 81.25
N ARG Y 331 70.98 51.15 80.64
CA ARG Y 331 70.86 52.51 81.14
C ARG Y 331 70.24 52.50 82.52
N LEU Y 332 69.25 51.63 82.71
CA LEU Y 332 68.57 51.50 83.99
C LEU Y 332 69.57 51.06 85.06
N ALA Y 333 70.25 49.96 84.79
CA ALA Y 333 71.25 49.43 85.72
C ALA Y 333 72.31 50.49 86.01
N ALA Y 334 72.75 51.16 84.96
CA ALA Y 334 73.77 52.20 85.09
C ALA Y 334 73.31 53.30 86.04
N MET Y 335 72.12 53.84 85.79
CA MET Y 335 71.59 54.91 86.62
C MET Y 335 71.42 54.47 88.07
N LEU Y 336 70.83 53.31 88.28
CA LEU Y 336 70.61 52.78 89.62
C LEU Y 336 71.91 52.75 90.42
N MET Y 337 72.97 52.22 89.82
CA MET Y 337 74.27 52.14 90.48
C MET Y 337 74.82 53.51 90.85
N ALA Y 338 74.64 54.47 89.94
CA ALA Y 338 75.12 55.82 90.15
C ALA Y 338 74.53 56.46 91.40
N THR Y 339 73.50 55.83 91.97
CA THR Y 339 72.85 56.37 93.15
C THR Y 339 73.03 55.48 94.38
N VAL Y 340 74.27 55.14 94.70
CA VAL Y 340 74.55 54.30 95.86
C VAL Y 340 75.95 54.53 96.43
N LYS Y 341 76.07 54.42 97.75
CA LYS Y 341 77.34 54.62 98.42
C LYS Y 341 78.28 53.48 98.00
N MET Y 342 78.94 53.65 96.87
CA MET Y 342 79.86 52.65 96.34
C MET Y 342 81.03 52.34 97.27
N GLU Y 343 81.69 53.40 97.75
CA GLU Y 343 82.83 53.26 98.63
C GLU Y 343 82.47 52.59 99.96
N GLU Y 344 81.21 52.22 100.12
CA GLU Y 344 80.74 51.57 101.35
C GLU Y 344 79.93 50.31 101.05
N LEU Y 345 80.06 49.81 99.82
CA LEU Y 345 79.33 48.62 99.39
C LEU Y 345 79.77 47.40 100.19
N GLY Y 346 81.05 47.34 100.53
CA GLY Y 346 81.57 46.22 101.28
C GLY Y 346 80.94 46.04 102.65
N HIS Y 347 80.46 47.13 103.23
CA HIS Y 347 79.84 47.09 104.55
C HIS Y 347 78.37 46.65 104.44
N LEU Y 348 77.93 46.33 103.24
CA LEU Y 348 76.55 45.91 103.01
C LEU Y 348 76.40 44.40 103.20
N THR Y 349 75.19 43.89 103.05
CA THR Y 349 74.90 42.47 103.21
C THR Y 349 75.39 41.66 102.02
N THR Y 350 75.36 40.34 102.16
CA THR Y 350 75.81 39.44 101.10
C THR Y 350 74.89 39.46 99.87
N GLU Y 351 73.64 39.07 100.05
CA GLU Y 351 72.68 39.04 98.96
C GLU Y 351 72.65 40.38 98.22
N LYS Y 352 72.68 41.47 98.99
CA LYS Y 352 72.67 42.81 98.42
C LYS Y 352 73.98 43.10 97.70
N GLN Y 353 75.07 42.51 98.19
CA GLN Y 353 76.39 42.72 97.61
C GLN Y 353 76.46 42.14 96.20
N GLU Y 354 75.95 40.93 96.03
CA GLU Y 354 75.95 40.29 94.71
C GLU Y 354 75.14 41.16 93.76
N TYR Y 355 73.85 41.29 94.04
CA TYR Y 355 72.94 42.09 93.24
C TYR Y 355 73.59 43.42 92.81
N ALA Y 356 74.32 44.03 93.73
CA ALA Y 356 74.99 45.29 93.46
C ALA Y 356 76.02 45.12 92.33
N LEU Y 357 77.10 44.40 92.63
CA LEU Y 357 78.15 44.15 91.64
C LEU Y 357 77.57 43.49 90.40
N ARG Y 358 76.65 42.56 90.60
CA ARG Y 358 76.02 41.83 89.52
C ARG Y 358 75.50 42.76 88.43
N LEU Y 359 74.54 43.61 88.77
CA LEU Y 359 73.98 44.55 87.81
C LEU Y 359 74.98 45.61 87.39
N ALA Y 360 76.02 45.80 88.21
CA ALA Y 360 77.06 46.78 87.92
C ALA Y 360 77.77 46.38 86.63
N THR Y 361 77.82 45.07 86.38
CA THR Y 361 78.46 44.55 85.19
C THR Y 361 77.57 44.76 83.97
N VAL Y 362 76.27 44.56 84.15
CA VAL Y 362 75.30 44.70 83.09
C VAL Y 362 75.20 46.13 82.54
N GLY Y 363 75.27 47.12 83.42
CA GLY Y 363 75.16 48.50 83.00
C GLY Y 363 76.46 49.23 82.73
N TYR Y 364 77.58 48.61 83.04
CA TYR Y 364 78.90 49.22 82.83
C TYR Y 364 79.02 49.91 81.47
N PRO Y 365 78.61 49.23 80.38
CA PRO Y 365 78.70 49.80 79.02
C PRO Y 365 77.98 51.12 78.77
N LYS Y 366 76.67 51.07 78.62
CA LYS Y 366 75.84 52.25 78.34
C LYS Y 366 76.10 53.50 79.17
N ALA Y 367 76.60 53.34 80.39
CA ALA Y 367 76.87 54.50 81.24
C ALA Y 367 77.85 54.19 82.36
N GLY Y 368 78.44 55.24 82.93
CA GLY Y 368 79.38 55.05 84.01
C GLY Y 368 80.82 55.32 83.61
N VAL Y 369 81.04 56.37 82.83
CA VAL Y 369 82.38 56.73 82.38
C VAL Y 369 83.10 57.47 83.51
N TYR Y 370 82.33 57.94 84.48
CA TYR Y 370 82.86 58.65 85.62
C TYR Y 370 82.15 58.23 86.90
N SER Y 371 81.55 57.05 86.86
CA SER Y 371 80.84 56.51 88.01
C SER Y 371 81.79 55.60 88.79
N GLY Y 372 81.69 55.64 90.11
CA GLY Y 372 82.56 54.83 90.94
C GLY Y 372 82.24 53.35 90.97
N LEU Y 373 82.10 52.75 89.78
CA LEU Y 373 81.79 51.32 89.69
C LEU Y 373 82.96 50.47 90.17
N ILE Y 374 84.15 50.71 89.62
CA ILE Y 374 85.33 49.96 90.00
C ILE Y 374 85.56 50.11 91.49
N GLY Y 375 85.15 51.26 92.04
CA GLY Y 375 85.32 51.51 93.46
C GLY Y 375 84.52 50.51 94.28
N GLY Y 376 83.27 50.31 93.91
CA GLY Y 376 82.43 49.37 94.63
C GLY Y 376 83.03 47.97 94.59
N ALA Y 377 83.56 47.59 93.44
CA ALA Y 377 84.17 46.28 93.27
C ALA Y 377 85.36 46.13 94.20
N THR Y 378 86.00 47.24 94.53
CA THR Y 378 87.14 47.25 95.43
C THR Y 378 86.70 47.11 96.88
N SER Y 379 85.74 47.94 97.28
CA SER Y 379 85.21 47.93 98.64
C SER Y 379 84.74 46.53 99.04
N VAL Y 380 83.97 45.90 98.17
CA VAL Y 380 83.45 44.56 98.43
C VAL Y 380 84.60 43.57 98.60
N LEU Y 381 85.62 43.70 97.78
CA LEU Y 381 86.78 42.82 97.85
C LEU Y 381 87.56 43.07 99.13
N LEU Y 382 87.81 44.34 99.43
CA LEU Y 382 88.55 44.73 100.61
C LEU Y 382 87.99 44.04 101.86
N SER Y 383 86.67 44.09 102.00
CA SER Y 383 86.00 43.47 103.15
C SER Y 383 86.34 41.99 103.21
N ALA Y 384 86.20 41.31 102.07
CA ALA Y 384 86.47 39.88 101.97
C ALA Y 384 87.86 39.54 102.50
N TYR Y 385 88.87 40.28 102.04
CA TYR Y 385 90.24 40.04 102.44
C TYR Y 385 90.49 40.21 103.94
N ASN Y 386 90.02 41.33 104.50
CA ASN Y 386 90.20 41.62 105.92
C ASN Y 386 89.68 40.51 106.83
N ARG Y 387 88.58 39.87 106.42
CA ARG Y 387 87.98 38.82 107.23
C ARG Y 387 88.68 37.47 107.20
N HIS Y 388 89.64 37.29 106.29
CA HIS Y 388 90.34 36.01 106.21
C HIS Y 388 91.86 36.11 106.06
N PRO Y 389 92.55 34.96 106.12
CA PRO Y 389 94.01 34.88 105.99
C PRO Y 389 94.52 34.47 104.60
N LEU Y 390 94.33 35.33 103.61
CA LEU Y 390 94.80 35.07 102.24
C LEU Y 390 94.29 33.75 101.66
N PHE Y 391 92.97 33.57 101.69
CA PHE Y 391 92.34 32.36 101.16
C PHE Y 391 90.85 32.43 101.43
N GLN Y 392 90.05 32.28 100.39
CA GLN Y 392 88.60 32.32 100.53
C GLN Y 392 88.05 30.89 100.53
N PRO Y 393 87.03 30.63 101.35
CA PRO Y 393 86.44 29.29 101.41
C PRO Y 393 86.19 28.77 100.01
N LEU Y 394 86.60 27.53 99.75
CA LEU Y 394 86.44 26.92 98.43
C LEU Y 394 85.04 27.04 97.83
N HIS Y 395 84.02 27.02 98.67
CA HIS Y 395 82.65 27.13 98.19
C HIS Y 395 81.79 28.02 99.08
N THR Y 396 82.25 29.25 99.28
CA THR Y 396 81.52 30.21 100.10
C THR Y 396 80.63 31.07 99.22
N VAL Y 397 79.58 31.63 99.83
CA VAL Y 397 78.64 32.48 99.13
C VAL Y 397 79.36 33.71 98.60
N MET Y 398 80.36 34.18 99.34
CA MET Y 398 81.11 35.35 98.96
C MET Y 398 82.08 35.10 97.80
N ARG Y 399 82.57 33.87 97.68
CA ARG Y 399 83.49 33.53 96.59
C ARG Y 399 82.81 33.90 95.28
N GLU Y 400 81.54 33.50 95.16
CA GLU Y 400 80.75 33.79 93.97
C GLU Y 400 80.70 35.29 93.74
N THR Y 401 80.70 36.05 94.84
CA THR Y 401 80.65 37.50 94.79
C THR Y 401 81.88 38.10 94.12
N LEU Y 402 83.06 37.78 94.66
CA LEU Y 402 84.31 38.31 94.10
C LEU Y 402 84.42 38.00 92.62
N PHE Y 403 83.83 36.89 92.19
CA PHE Y 403 83.86 36.49 90.79
C PHE Y 403 83.05 37.47 89.96
N ILE Y 404 81.88 37.83 90.44
CA ILE Y 404 81.00 38.77 89.74
C ILE Y 404 81.68 40.13 89.63
N GLY Y 405 82.34 40.54 90.70
CA GLY Y 405 83.02 41.84 90.70
C GLY Y 405 84.23 41.89 89.79
N SER Y 406 85.00 40.81 89.75
CA SER Y 406 86.20 40.77 88.91
C SER Y 406 85.90 41.20 87.47
N HIS Y 407 84.74 40.81 86.97
CA HIS Y 407 84.35 41.15 85.60
C HIS Y 407 84.38 42.66 85.34
N VAL Y 408 83.73 43.43 86.21
CA VAL Y 408 83.69 44.88 86.04
C VAL Y 408 85.07 45.50 86.24
N VAL Y 409 85.98 44.74 86.85
CA VAL Y 409 87.33 45.21 87.09
C VAL Y 409 88.20 44.92 85.88
N LEU Y 410 88.10 43.71 85.36
CA LEU Y 410 88.87 43.29 84.19
C LEU Y 410 88.56 44.24 83.02
N ARG Y 411 87.27 44.42 82.76
CA ARG Y 411 86.81 45.28 81.69
C ARG Y 411 87.51 46.63 81.80
N GLU Y 412 87.59 47.16 83.02
CA GLU Y 412 88.23 48.44 83.27
C GLU Y 412 89.70 48.38 82.88
N LEU Y 413 90.40 47.36 83.37
CA LEU Y 413 91.81 47.16 83.09
C LEU Y 413 92.13 47.16 81.60
N ARG Y 414 91.32 46.44 80.82
CA ARG Y 414 91.51 46.34 79.38
C ARG Y 414 91.54 47.69 78.66
N LEU Y 415 90.93 48.70 79.26
CA LEU Y 415 90.88 50.03 78.67
C LEU Y 415 92.25 50.72 78.69
N ASN Y 416 92.32 51.89 78.08
CA ASN Y 416 93.55 52.66 78.01
C ASN Y 416 93.43 53.98 78.76
N VAL Y 417 92.29 54.18 79.41
CA VAL Y 417 92.04 55.40 80.18
C VAL Y 417 92.39 55.14 81.64
N THR Y 418 93.53 55.66 82.07
CA THR Y 418 93.98 55.48 83.45
C THR Y 418 93.07 56.18 84.45
N THR Y 419 91.94 55.57 84.73
CA THR Y 419 90.97 56.11 85.68
C THR Y 419 90.89 55.20 86.88
N GLN Y 420 91.06 55.76 88.07
CA GLN Y 420 91.02 54.99 89.31
C GLN Y 420 92.16 53.97 89.29
N GLY Y 421 93.24 54.31 88.59
CA GLY Y 421 94.39 53.42 88.52
C GLY Y 421 94.84 53.03 89.91
N PRO Y 422 94.97 54.00 90.83
CA PRO Y 422 95.39 53.70 92.20
C PRO Y 422 94.39 52.78 92.89
N ASN Y 423 93.11 53.08 92.73
CA ASN Y 423 92.04 52.30 93.33
C ASN Y 423 91.98 50.91 92.71
N LEU Y 424 92.37 50.82 91.44
CA LEU Y 424 92.37 49.54 90.73
C LEU Y 424 93.61 48.73 91.04
N ALA Y 425 94.76 49.39 91.06
CA ALA Y 425 96.02 48.72 91.37
C ALA Y 425 95.87 47.95 92.67
N LEU Y 426 95.10 48.54 93.59
CA LEU Y 426 94.86 47.92 94.89
C LEU Y 426 94.21 46.55 94.70
N TYR Y 427 93.15 46.51 93.91
CA TYR Y 427 92.42 45.27 93.65
C TYR Y 427 93.41 44.17 93.27
N GLN Y 428 94.34 44.49 92.38
CA GLN Y 428 95.35 43.53 91.94
C GLN Y 428 96.19 43.07 93.12
N LEU Y 429 96.67 44.03 93.91
CA LEU Y 429 97.49 43.73 95.07
C LEU Y 429 96.80 42.72 95.98
N LEU Y 430 95.60 43.06 96.41
CA LEU Y 430 94.83 42.19 97.29
C LEU Y 430 94.70 40.78 96.71
N SER Y 431 94.15 40.69 95.50
CA SER Y 431 93.97 39.40 94.84
C SER Y 431 95.30 38.64 94.76
N THR Y 432 96.39 39.37 94.54
CA THR Y 432 97.71 38.76 94.45
C THR Y 432 98.01 38.06 95.77
N ALA Y 433 97.82 38.76 96.87
CA ALA Y 433 98.06 38.19 98.19
C ALA Y 433 97.17 36.97 98.38
N LEU Y 434 95.92 37.09 97.93
CA LEU Y 434 94.96 36.02 98.03
C LEU Y 434 95.39 34.79 97.23
N CYS Y 435 96.26 35.00 96.25
CA CYS Y 435 96.75 33.90 95.44
C CYS Y 435 97.90 33.22 96.17
N SER Y 436 97.69 32.96 97.47
CA SER Y 436 98.69 32.32 98.31
C SER Y 436 98.82 30.83 98.01
N ALA Y 437 99.86 30.21 98.57
CA ALA Y 437 100.11 28.79 98.37
C ALA Y 437 98.90 27.98 98.84
N LEU Y 438 98.18 28.52 99.82
CA LEU Y 438 97.00 27.86 100.35
C LEU Y 438 95.90 27.89 99.29
N GLU Y 439 95.71 29.06 98.69
CA GLU Y 439 94.71 29.25 97.64
C GLU Y 439 95.02 28.34 96.45
N ILE Y 440 96.11 28.65 95.76
CA ILE Y 440 96.54 27.90 94.61
C ILE Y 440 96.56 26.40 94.90
N GLY Y 441 96.82 26.04 96.14
CA GLY Y 441 96.86 24.65 96.53
C GLY Y 441 95.48 24.01 96.55
N GLU Y 442 94.54 24.65 97.25
CA GLU Y 442 93.18 24.14 97.34
C GLU Y 442 92.48 24.10 96.00
N VAL Y 443 92.71 25.11 95.17
CA VAL Y 443 92.09 25.17 93.84
C VAL Y 443 92.43 23.91 93.06
N LEU Y 444 93.70 23.51 93.10
CA LEU Y 444 94.15 22.31 92.41
C LEU Y 444 93.44 21.09 92.98
N ARG Y 445 93.46 20.97 94.30
CA ARG Y 445 92.80 19.86 94.99
C ARG Y 445 91.40 19.66 94.42
N GLY Y 446 90.61 20.73 94.45
CA GLY Y 446 89.24 20.66 93.95
C GLY Y 446 89.17 20.26 92.49
N LEU Y 447 90.05 20.83 91.67
CA LEU Y 447 90.07 20.52 90.24
C LEU Y 447 90.27 19.03 90.00
N ALA Y 448 91.25 18.45 90.68
CA ALA Y 448 91.55 17.04 90.54
C ALA Y 448 90.38 16.17 91.02
N LEU Y 449 89.84 16.50 92.19
CA LEU Y 449 88.73 15.75 92.74
C LEU Y 449 87.40 16.10 92.07
N GLY Y 450 87.46 17.09 91.18
CA GLY Y 450 86.26 17.51 90.45
C GLY Y 450 85.19 18.21 91.24
N THR Y 451 85.55 18.78 92.39
CA THR Y 451 84.58 19.49 93.21
C THR Y 451 84.49 20.94 92.78
N GLU Y 452 85.63 21.49 92.36
CA GLU Y 452 85.71 22.88 91.92
C GLU Y 452 85.84 22.93 90.39
N SER Y 453 85.04 23.79 89.77
CA SER Y 453 85.07 23.95 88.32
C SER Y 453 86.30 24.72 87.87
N GLY Y 454 86.74 25.65 88.70
CA GLY Y 454 87.90 26.46 88.38
C GLY Y 454 87.49 27.69 87.61
N LEU Y 455 86.23 28.08 87.77
CA LEU Y 455 85.68 29.26 87.08
C LEU Y 455 86.33 30.55 87.55
N PHE Y 456 86.57 30.68 88.85
CA PHE Y 456 87.16 31.89 89.39
C PHE Y 456 88.22 31.66 90.47
N SER Y 457 89.14 32.62 90.56
CA SER Y 457 90.21 32.60 91.53
C SER Y 457 90.87 33.98 91.53
N PRO Y 458 91.24 34.49 92.72
CA PRO Y 458 91.87 35.81 92.79
C PRO Y 458 93.17 35.89 92.01
N CYS Y 459 93.67 34.74 91.58
CA CYS Y 459 94.90 34.68 90.81
C CYS Y 459 94.70 35.24 89.40
N TYR Y 460 93.54 34.98 88.82
CA TYR Y 460 93.24 35.44 87.47
C TYR Y 460 93.44 36.94 87.25
N LEU Y 461 93.54 37.70 88.33
CA LEU Y 461 93.76 39.13 88.22
C LEU Y 461 94.97 39.54 89.05
N SER Y 462 95.53 38.57 89.75
CA SER Y 462 96.70 38.81 90.59
C SER Y 462 97.92 39.09 89.72
N LEU Y 463 98.93 39.72 90.33
CA LEU Y 463 100.16 40.05 89.63
C LEU Y 463 101.23 39.02 89.98
N ARG Y 464 100.81 37.78 90.14
CA ARG Y 464 101.71 36.69 90.49
C ARG Y 464 101.99 35.82 89.26
N PHE Y 465 103.04 36.19 88.53
CA PHE Y 465 103.43 35.48 87.32
C PHE Y 465 104.54 34.47 87.63
N ASP Y 466 104.54 33.98 88.86
CA ASP Y 466 105.54 33.02 89.31
C ASP Y 466 105.15 31.57 89.05
N LEU Y 467 103.86 31.27 89.14
CA LEU Y 467 103.37 29.92 88.92
C LEU Y 467 103.49 29.42 87.49
N THR Y 468 104.31 28.38 87.31
CA THR Y 468 104.52 27.78 86.00
C THR Y 468 104.10 26.30 86.07
N ARG Y 469 104.29 25.58 84.98
CA ARG Y 469 103.95 24.16 84.94
C ARG Y 469 104.52 23.40 86.13
N ASP Y 470 105.81 23.59 86.38
CA ASP Y 470 106.49 22.93 87.48
C ASP Y 470 106.16 23.56 88.84
N LYS Y 471 106.30 24.88 88.93
CA LYS Y 471 106.02 25.60 90.17
C LYS Y 471 104.62 25.27 90.69
N LEU Y 472 103.65 25.22 89.78
CA LEU Y 472 102.27 24.91 90.14
C LEU Y 472 102.18 23.49 90.70
N LEU Y 473 102.93 22.58 90.09
CA LEU Y 473 102.94 21.18 90.51
C LEU Y 473 103.48 21.07 91.93
N SER Y 474 104.21 22.10 92.37
CA SER Y 474 104.79 22.12 93.70
C SER Y 474 103.72 22.41 94.75
N MET Y 475 102.90 23.42 94.48
CA MET Y 475 101.83 23.79 95.41
C MET Y 475 100.77 22.70 95.51
N ALA Y 476 100.72 21.84 94.49
CA ALA Y 476 99.75 20.75 94.48
C ALA Y 476 99.86 19.90 95.74
N PRO Y 477 98.71 19.43 96.26
CA PRO Y 477 98.69 18.60 97.47
C PRO Y 477 99.39 17.26 97.31
N GLN Y 478 100.23 16.91 98.27
CA GLN Y 478 100.97 15.66 98.24
C GLN Y 478 100.22 14.61 99.06
N GLU Y 479 99.38 13.83 98.38
CA GLU Y 479 98.60 12.78 99.04
C GLU Y 479 98.30 11.61 98.11
N ALA Y 480 98.34 10.40 98.67
CA ALA Y 480 98.07 9.20 97.90
C ALA Y 480 96.58 9.07 97.64
N THR Y 481 95.79 9.91 98.30
CA THR Y 481 94.34 9.90 98.16
C THR Y 481 93.93 10.61 96.87
N LEU Y 482 94.91 11.20 96.19
CA LEU Y 482 94.65 11.91 94.94
C LEU Y 482 95.40 11.28 93.79
N ASP Y 483 94.67 10.94 92.72
CA ASP Y 483 95.27 10.33 91.54
C ASP Y 483 96.34 11.23 90.93
N GLN Y 484 97.60 10.82 91.08
CA GLN Y 484 98.74 11.57 90.54
C GLN Y 484 98.50 12.02 89.10
N ALA Y 485 97.77 11.21 88.35
CA ALA Y 485 97.47 11.53 86.96
C ALA Y 485 96.45 12.65 86.90
N ALA Y 486 95.37 12.50 87.66
CA ALA Y 486 94.31 13.50 87.70
C ALA Y 486 94.88 14.86 88.10
N VAL Y 487 95.80 14.84 89.06
CA VAL Y 487 96.43 16.07 89.54
C VAL Y 487 97.10 16.82 88.39
N SER Y 488 97.85 16.10 87.57
CA SER Y 488 98.55 16.70 86.44
C SER Y 488 97.59 17.51 85.55
N ASN Y 489 96.44 16.91 85.24
CA ASN Y 489 95.45 17.58 84.41
C ASN Y 489 95.00 18.88 85.05
N ALA Y 490 94.77 18.83 86.36
CA ALA Y 490 94.34 20.02 87.09
C ALA Y 490 95.39 21.13 86.96
N VAL Y 491 96.64 20.79 87.24
CA VAL Y 491 97.72 21.76 87.15
C VAL Y 491 97.76 22.35 85.74
N ASP Y 492 97.65 21.49 84.73
CA ASP Y 492 97.67 21.93 83.34
C ASP Y 492 96.46 22.82 83.07
N GLY Y 493 95.28 22.38 83.50
CA GLY Y 493 94.08 23.15 83.28
C GLY Y 493 94.18 24.55 83.86
N PHE Y 494 94.58 24.63 85.13
CA PHE Y 494 94.71 25.92 85.80
C PHE Y 494 95.63 26.82 85.01
N LEU Y 495 96.82 26.33 84.70
CA LEU Y 495 97.81 27.08 83.93
C LEU Y 495 97.18 27.62 82.64
N GLY Y 496 96.34 26.81 82.03
CA GLY Y 496 95.68 27.19 80.79
C GLY Y 496 94.74 28.36 80.92
N ARG Y 497 93.72 28.21 81.76
CA ARG Y 497 92.73 29.28 81.97
C ARG Y 497 93.40 30.53 82.50
N LEU Y 498 94.55 30.36 83.14
CA LEU Y 498 95.29 31.49 83.70
C LEU Y 498 95.92 32.33 82.59
N SER Y 499 96.42 31.66 81.56
CA SER Y 499 97.05 32.36 80.44
C SER Y 499 96.02 32.98 79.51
N LEU Y 500 94.76 32.62 79.69
CA LEU Y 500 93.68 33.15 78.86
C LEU Y 500 92.90 34.25 79.56
N GLU Y 501 92.59 34.02 80.83
CA GLU Y 501 91.84 35.00 81.62
C GLU Y 501 92.72 36.21 81.87
N ARG Y 502 94.01 35.96 82.08
CA ARG Y 502 94.96 37.04 82.33
C ARG Y 502 95.82 37.34 81.11
N GLU Y 503 96.02 38.62 80.87
CA GLU Y 503 96.81 39.08 79.74
C GLU Y 503 98.16 39.58 80.22
N ASP Y 504 99.17 39.47 79.38
CA ASP Y 504 100.50 39.95 79.76
C ASP Y 504 100.55 41.45 79.54
N ARG Y 505 99.36 42.06 79.48
CA ARG Y 505 99.23 43.50 79.29
C ARG Y 505 98.26 44.10 80.31
N ASP Y 506 97.91 43.32 81.32
CA ASP Y 506 97.01 43.78 82.37
C ASP Y 506 97.69 44.83 83.25
N ALA Y 507 99.01 44.93 83.14
CA ALA Y 507 99.76 45.87 83.95
C ALA Y 507 100.22 47.12 83.22
N TRP Y 508 99.44 47.56 82.23
CA TRP Y 508 99.79 48.77 81.48
C TRP Y 508 99.29 49.97 82.27
N HIS Y 509 98.54 49.69 83.33
CA HIS Y 509 98.01 50.72 84.20
C HIS Y 509 98.86 50.88 85.45
N LEU Y 510 99.82 49.96 85.62
CA LEU Y 510 100.71 50.01 86.77
C LEU Y 510 101.92 50.88 86.46
N PRO Y 511 102.20 51.87 87.32
CA PRO Y 511 103.32 52.80 87.18
C PRO Y 511 104.70 52.17 87.05
N ALA Y 512 105.01 51.22 87.92
CA ALA Y 512 106.32 50.57 87.92
C ALA Y 512 106.62 49.67 86.72
N TYR Y 513 105.58 49.24 86.02
CA TYR Y 513 105.74 48.35 84.87
C TYR Y 513 106.81 48.84 83.89
N LYS Y 514 106.79 50.13 83.59
CA LYS Y 514 107.73 50.74 82.65
C LYS Y 514 109.20 50.57 83.03
N CYS Y 515 109.45 50.00 84.20
CA CYS Y 515 110.81 49.86 84.69
C CYS Y 515 111.45 48.48 84.57
N VAL Y 516 110.78 47.52 83.93
CA VAL Y 516 111.35 46.18 83.83
C VAL Y 516 111.84 45.81 82.43
N ASP Y 517 113.16 45.63 82.31
CA ASP Y 517 113.76 45.25 81.04
C ASP Y 517 113.36 43.83 80.68
N ARG Y 518 113.96 42.85 81.34
CA ARG Y 518 113.61 41.45 81.10
C ARG Y 518 112.41 41.10 81.97
N LEU Y 519 111.23 41.50 81.51
CA LEU Y 519 109.99 41.26 82.23
C LEU Y 519 109.56 39.80 82.26
N ASP Y 520 110.13 38.99 81.38
CA ASP Y 520 109.78 37.57 81.31
C ASP Y 520 110.30 36.80 82.53
N LYS Y 521 111.33 37.34 83.17
CA LYS Y 521 111.90 36.69 84.34
C LYS Y 521 111.38 37.33 85.63
N VAL Y 522 110.17 37.87 85.55
CA VAL Y 522 109.52 38.51 86.69
C VAL Y 522 108.59 37.52 87.37
N LEU Y 523 108.86 37.25 88.65
CA LEU Y 523 108.05 36.32 89.42
C LEU Y 523 106.73 36.96 89.84
N MET Y 524 106.81 38.11 90.50
CA MET Y 524 105.61 38.81 90.94
C MET Y 524 105.90 40.24 91.38
N ILE Y 525 104.97 41.13 91.10
CA ILE Y 525 105.10 42.53 91.47
C ILE Y 525 104.12 42.89 92.57
N ILE Y 526 104.61 43.62 93.57
CA ILE Y 526 103.77 44.01 94.70
C ILE Y 526 103.57 45.52 94.77
N PRO Y 527 102.44 46.01 94.23
CA PRO Y 527 102.14 47.45 94.24
C PRO Y 527 101.84 47.93 95.66
N LEU Y 528 102.71 48.78 96.19
CA LEU Y 528 102.52 49.31 97.53
C LEU Y 528 102.01 50.75 97.50
N ILE Y 529 101.87 51.35 98.68
CA ILE Y 529 101.39 52.71 98.81
C ILE Y 529 102.33 53.75 98.19
N ASN Y 530 103.52 53.89 98.76
CA ASN Y 530 104.50 54.84 98.26
C ASN Y 530 105.53 54.24 97.30
N VAL Y 531 105.51 52.91 97.18
CA VAL Y 531 106.45 52.23 96.29
C VAL Y 531 105.81 50.98 95.68
N THR Y 532 106.60 50.23 94.91
CA THR Y 532 106.14 49.01 94.28
C THR Y 532 107.30 48.04 94.12
N PHE Y 533 107.19 46.89 94.77
CA PHE Y 533 108.23 45.87 94.71
C PHE Y 533 108.13 44.94 93.52
N ILE Y 534 109.28 44.61 92.93
CA ILE Y 534 109.34 43.73 91.78
C ILE Y 534 110.23 42.54 92.06
N ILE Y 535 109.63 41.39 92.34
CA ILE Y 535 110.38 40.17 92.61
C ILE Y 535 110.66 39.48 91.28
N SER Y 536 111.94 39.25 90.99
CA SER Y 536 112.32 38.60 89.74
C SER Y 536 113.64 37.85 89.86
N SER Y 537 113.97 37.09 88.81
CA SER Y 537 115.20 36.32 88.77
C SER Y 537 116.26 37.06 87.95
N ASP Y 538 116.07 38.38 87.83
CA ASP Y 538 117.01 39.20 87.08
C ASP Y 538 117.24 40.53 87.79
N ARG Y 539 118.50 40.96 87.81
CA ARG Y 539 118.87 42.21 88.45
C ARG Y 539 118.84 43.34 87.43
N GLU Y 540 117.99 43.18 86.42
CA GLU Y 540 117.87 44.17 85.36
C GLU Y 540 116.87 45.29 85.67
N VAL Y 541 115.92 45.03 86.57
CA VAL Y 541 114.94 46.03 86.94
C VAL Y 541 115.67 47.28 87.39
N ARG Y 542 115.24 48.44 86.90
CA ARG Y 542 115.88 49.70 87.26
C ARG Y 542 115.16 50.47 88.36
N GLY Y 543 115.01 49.83 89.52
CA GLY Y 543 114.34 50.47 90.63
C GLY Y 543 115.24 51.45 91.39
N SER Y 544 115.28 51.29 92.71
CA SER Y 544 116.09 52.17 93.56
C SER Y 544 117.24 51.41 94.19
N ALA Y 545 117.03 50.12 94.43
CA ALA Y 545 118.05 49.27 95.03
C ALA Y 545 117.83 47.83 94.62
N LEU Y 546 118.82 46.98 94.88
CA LEU Y 546 118.72 45.58 94.53
C LEU Y 546 118.93 44.70 95.76
N TYR Y 547 117.96 43.80 96.00
CA TYR Y 547 118.01 42.88 97.12
C TYR Y 547 118.11 41.46 96.60
N GLU Y 548 118.77 40.59 97.36
CA GLU Y 548 118.93 39.20 96.97
C GLU Y 548 118.82 38.28 98.17
N ALA Y 549 117.97 37.26 98.06
CA ALA Y 549 117.78 36.29 99.12
C ALA Y 549 119.01 35.40 99.22
N SER Y 550 119.19 34.75 100.36
CA SER Y 550 120.34 33.89 100.57
C SER Y 550 120.25 32.57 99.81
N THR Y 551 119.02 32.18 99.44
CA THR Y 551 118.79 30.93 98.72
C THR Y 551 119.25 30.95 97.26
N THR Y 552 119.88 29.85 96.84
CA THR Y 552 120.37 29.70 95.48
C THR Y 552 119.91 28.36 94.95
N TYR Y 553 119.02 27.72 95.71
CA TYR Y 553 118.46 26.43 95.35
C TYR Y 553 117.75 26.48 94.00
N LEU Y 554 117.04 27.57 93.77
CA LEU Y 554 116.31 27.77 92.53
C LEU Y 554 117.27 27.77 91.36
N SER Y 555 116.71 27.72 90.15
CA SER Y 555 117.49 27.74 88.93
C SER Y 555 118.36 29.00 88.92
N SER Y 556 117.69 30.15 89.06
CA SER Y 556 118.37 31.44 89.09
C SER Y 556 118.32 32.01 90.50
N SER Y 557 118.52 33.32 90.61
CA SER Y 557 118.50 33.98 91.92
C SER Y 557 117.16 34.62 92.22
N LEU Y 558 116.97 35.02 93.48
CA LEU Y 558 115.74 35.66 93.92
C LEU Y 558 116.02 37.12 94.26
N PHE Y 559 115.69 38.01 93.33
CA PHE Y 559 115.92 39.44 93.53
C PHE Y 559 114.67 40.21 93.96
N LEU Y 560 114.89 41.38 94.54
CA LEU Y 560 113.81 42.24 95.00
C LEU Y 560 114.09 43.69 94.62
N SER Y 561 113.46 44.16 93.55
CA SER Y 561 113.66 45.52 93.07
C SER Y 561 112.50 46.44 93.44
N PRO Y 562 112.75 47.43 94.33
CA PRO Y 562 111.72 48.37 94.75
C PRO Y 562 111.79 49.70 93.99
N VAL Y 563 110.65 50.12 93.43
CA VAL Y 563 110.60 51.37 92.70
C VAL Y 563 109.99 52.43 93.61
N ILE Y 564 110.85 53.27 94.20
CA ILE Y 564 110.38 54.31 95.11
C ILE Y 564 109.63 55.40 94.35
N MET Y 565 108.52 55.83 94.92
CA MET Y 565 107.70 56.89 94.32
C MET Y 565 107.30 56.51 92.90
N ASN Y 566 107.13 55.22 92.66
CA ASN Y 566 106.73 54.69 91.35
C ASN Y 566 107.43 55.30 90.14
N LYS Y 567 108.63 55.85 90.36
CA LYS Y 567 109.40 56.42 89.27
C LYS Y 567 110.78 55.79 89.33
N CYS Y 568 111.25 55.27 88.22
CA CYS Y 568 112.55 54.62 88.20
C CYS Y 568 113.70 55.45 87.63
N SER Y 569 114.89 55.14 88.12
CA SER Y 569 116.10 55.82 87.69
C SER Y 569 116.70 55.09 86.50
N GLN Y 570 117.55 55.78 85.76
CA GLN Y 570 118.20 55.21 84.58
C GLN Y 570 119.30 54.22 84.95
N GLY Y 571 119.18 53.00 84.44
CA GLY Y 571 120.17 51.99 84.72
C GLY Y 571 119.91 51.23 86.01
N ALA Y 572 120.36 49.98 86.06
CA ALA Y 572 120.18 49.15 87.25
C ALA Y 572 121.19 49.50 88.33
N VAL Y 573 121.05 48.89 89.50
CA VAL Y 573 121.93 49.13 90.63
C VAL Y 573 123.36 48.72 90.32
N ALA Y 574 124.30 49.27 91.09
CA ALA Y 574 125.70 48.95 90.90
C ALA Y 574 125.97 47.49 91.22
N GLY Y 575 127.20 47.07 91.04
CA GLY Y 575 127.52 45.68 91.31
C GLY Y 575 127.24 45.29 92.74
N GLU Y 576 127.16 43.98 92.97
CA GLU Y 576 126.90 43.43 94.30
C GLU Y 576 125.58 43.88 94.89
N PRO Y 577 124.63 42.95 95.02
CA PRO Y 577 123.32 43.29 95.58
C PRO Y 577 123.41 43.49 97.10
N ARG Y 578 122.42 44.20 97.64
CA ARG Y 578 122.37 44.45 99.08
C ARG Y 578 121.77 43.20 99.71
N GLN Y 579 122.37 42.72 100.79
CA GLN Y 579 121.89 41.50 101.45
C GLN Y 579 120.76 41.79 102.43
N ILE Y 580 119.78 40.90 102.46
CA ILE Y 580 118.64 41.04 103.35
C ILE Y 580 119.04 40.81 104.80
N PRO Y 581 118.99 41.85 105.63
CA PRO Y 581 119.35 41.74 107.05
C PRO Y 581 118.33 40.92 107.84
N LYS Y 582 118.82 40.15 108.80
CA LYS Y 582 117.95 39.32 109.62
C LYS Y 582 117.58 40.06 110.90
N ILE Y 583 116.30 39.99 111.27
CA ILE Y 583 115.83 40.68 112.46
C ILE Y 583 115.03 39.79 113.42
N GLN Y 584 115.27 39.99 114.71
CA GLN Y 584 114.59 39.23 115.76
C GLN Y 584 114.08 40.18 116.83
N ASN Y 585 114.23 41.49 116.57
CA ASN Y 585 113.82 42.52 117.51
C ASN Y 585 112.33 42.52 117.86
N PHE Y 586 111.49 42.82 116.87
CA PHE Y 586 110.04 42.87 117.06
C PHE Y 586 109.48 41.74 117.92
N THR Y 587 108.52 42.07 118.78
CA THR Y 587 107.87 41.09 119.64
C THR Y 587 106.51 40.76 119.04
N ARG Y 588 105.99 39.58 119.36
CA ARG Y 588 104.70 39.13 118.83
C ARG Y 588 103.57 40.11 119.13
N THR Y 589 103.17 40.20 120.40
CA THR Y 589 102.09 41.10 120.78
C THR Y 589 102.43 42.53 120.35
N GLN Y 590 101.48 43.17 119.67
CA GLN Y 590 101.68 44.54 119.20
C GLN Y 590 100.48 45.43 119.47
N LYS Y 591 100.76 46.61 120.04
CA LYS Y 591 99.72 47.57 120.37
C LYS Y 591 99.16 48.19 119.10
N SER Y 592 99.97 49.00 118.42
CA SER Y 592 99.55 49.66 117.19
C SER Y 592 99.89 48.84 115.94
N CYS Y 593 99.54 49.41 114.79
CA CYS Y 593 99.77 48.76 113.50
C CYS Y 593 101.15 49.12 112.95
N ILE Y 594 102.16 48.37 113.37
CA ILE Y 594 103.53 48.61 112.92
C ILE Y 594 103.66 48.35 111.42
N PHE Y 595 103.50 47.09 111.03
CA PHE Y 595 103.58 46.71 109.63
C PHE Y 595 102.23 46.95 108.98
N CYS Y 596 101.85 48.21 108.84
CA CYS Y 596 100.57 48.54 108.25
C CYS Y 596 100.62 48.62 106.73
N GLY Y 597 101.15 49.71 106.21
CA GLY Y 597 101.23 49.86 104.77
C GLY Y 597 102.30 48.97 104.16
N PHE Y 598 102.76 47.98 104.93
CA PHE Y 598 103.78 47.05 104.47
C PHE Y 598 103.19 45.77 103.93
N ALA Y 599 104.07 44.85 103.52
CA ALA Y 599 103.64 43.56 102.98
C ALA Y 599 104.62 42.46 103.37
N LEU Y 600 104.10 41.25 103.52
CA LEU Y 600 104.93 40.10 103.88
C LEU Y 600 105.09 39.15 102.70
N LEU Y 601 106.29 38.60 102.56
CA LEU Y 601 106.57 37.67 101.46
C LEU Y 601 107.40 36.50 101.98
N SER Y 602 106.78 35.32 101.99
CA SER Y 602 107.46 34.11 102.46
C SER Y 602 107.85 33.26 101.26
N TYR Y 603 109.08 32.76 101.26
CA TYR Y 603 109.55 31.92 100.16
C TYR Y 603 110.22 30.66 100.70
N ASP Y 604 110.08 29.57 99.96
CA ASP Y 604 110.68 28.32 100.38
C ASP Y 604 112.07 28.28 99.73
N GLU Y 605 113.04 27.79 100.48
CA GLU Y 605 114.41 27.70 100.00
C GLU Y 605 114.49 26.85 98.73
N LYS Y 606 113.83 25.71 98.74
CA LYS Y 606 113.83 24.81 97.59
C LYS Y 606 112.90 25.30 96.48
N GLU Y 607 111.62 25.47 96.79
CA GLU Y 607 110.67 25.94 95.78
C GLU Y 607 110.69 27.45 95.63
N GLY Y 608 109.79 27.98 94.79
CA GLY Y 608 109.74 29.41 94.56
C GLY Y 608 109.12 30.19 95.70
N LEU Y 609 108.27 31.16 95.36
CA LEU Y 609 107.62 31.99 96.36
C LEU Y 609 106.34 31.32 96.89
N GLU Y 610 106.20 31.27 98.21
CA GLU Y 610 105.04 30.65 98.84
C GLU Y 610 103.82 31.55 98.88
N THR Y 611 103.72 32.36 99.95
CA THR Y 611 102.57 33.26 100.11
C THR Y 611 102.99 34.70 100.39
N THR Y 612 102.15 35.64 99.97
CA THR Y 612 102.39 37.06 100.18
C THR Y 612 101.21 37.67 100.91
N THR Y 613 101.46 38.63 101.79
CA THR Y 613 100.39 39.26 102.56
C THR Y 613 100.53 40.77 102.67
N TYR Y 614 99.40 41.46 102.48
CA TYR Y 614 99.37 42.91 102.59
C TYR Y 614 98.50 43.21 103.82
N ILE Y 615 99.13 43.69 104.89
CA ILE Y 615 98.42 43.99 106.12
C ILE Y 615 97.61 45.28 105.97
N THR Y 616 96.36 45.13 105.51
CA THR Y 616 95.49 46.27 105.31
C THR Y 616 95.30 47.11 106.57
N SER Y 617 94.82 46.49 107.65
CA SER Y 617 94.59 47.21 108.89
C SER Y 617 95.04 46.44 110.13
N GLN Y 618 94.81 47.06 111.29
CA GLN Y 618 95.16 46.50 112.59
C GLN Y 618 94.66 45.07 112.77
N GLU Y 619 93.36 44.88 112.62
CA GLU Y 619 92.75 43.56 112.77
C GLU Y 619 93.53 42.47 112.05
N VAL Y 620 94.00 42.78 110.84
CA VAL Y 620 94.76 41.82 110.05
C VAL Y 620 96.10 41.48 110.67
N GLN Y 621 96.86 42.49 111.08
CA GLN Y 621 98.16 42.27 111.69
C GLN Y 621 98.06 41.34 112.89
N ASN Y 622 96.98 41.48 113.66
CA ASN Y 622 96.76 40.65 114.83
C ASN Y 622 96.48 39.21 114.41
N SER Y 623 95.61 39.06 113.41
CA SER Y 623 95.24 37.74 112.90
C SER Y 623 96.39 37.08 112.15
N ILE Y 624 97.60 37.60 112.34
CA ILE Y 624 98.78 37.05 111.69
C ILE Y 624 99.87 36.74 112.72
N LEU Y 625 100.07 37.66 113.65
CA LEU Y 625 101.07 37.49 114.69
C LEU Y 625 100.52 36.56 115.78
N SER Y 626 99.21 36.43 115.83
CA SER Y 626 98.56 35.57 116.82
C SER Y 626 98.51 34.15 116.26
N SER Y 627 98.08 34.02 115.01
CA SER Y 627 97.98 32.73 114.35
C SER Y 627 99.38 32.19 114.10
N ASN Y 628 99.47 31.01 113.50
CA ASN Y 628 100.76 30.40 113.21
C ASN Y 628 101.23 30.71 111.80
N TYR Y 629 101.03 31.96 111.37
CA TYR Y 629 101.45 32.39 110.04
C TYR Y 629 102.95 32.22 109.92
N PHE Y 630 103.65 32.40 111.04
CA PHE Y 630 105.10 32.27 111.09
C PHE Y 630 105.53 30.90 111.58
N ASP Y 631 106.72 30.48 111.15
CA ASP Y 631 107.27 29.19 111.54
C ASP Y 631 108.79 29.25 111.38
N PHE Y 632 109.43 30.00 112.27
CA PHE Y 632 110.88 30.16 112.24
C PHE Y 632 111.58 28.85 112.53
N ASP Y 633 110.83 27.89 113.07
CA ASP Y 633 111.38 26.58 113.38
C ASP Y 633 111.39 25.70 112.13
N ASN Y 634 111.64 26.36 111.00
CA ASN Y 634 111.71 25.69 109.70
C ASN Y 634 112.75 26.42 108.87
N LEU Y 635 113.94 25.82 108.77
CA LEU Y 635 115.04 26.42 108.02
C LEU Y 635 114.73 26.61 106.54
N HIS Y 636 113.85 25.77 106.01
CA HIS Y 636 113.48 25.85 104.60
C HIS Y 636 112.69 27.11 104.24
N VAL Y 637 111.81 27.55 105.13
CA VAL Y 637 111.00 28.74 104.85
C VAL Y 637 111.55 30.00 105.50
N HIS Y 638 111.49 31.10 104.76
CA HIS Y 638 111.95 32.39 105.25
C HIS Y 638 110.81 33.40 105.12
N TYR Y 639 110.85 34.45 105.93
CA TYR Y 639 109.80 35.47 105.91
C TYR Y 639 110.38 36.85 105.70
N LEU Y 640 109.97 37.51 104.62
CA LEU Y 640 110.44 38.85 104.31
C LEU Y 640 109.39 39.92 104.55
N LEU Y 641 109.85 41.14 104.80
CA LEU Y 641 108.97 42.27 105.05
C LEU Y 641 109.32 43.45 104.17
N LEU Y 642 108.39 43.81 103.29
CA LEU Y 642 108.59 44.94 102.38
C LEU Y 642 107.88 46.15 102.96
N THR Y 643 108.63 47.21 103.22
CA THR Y 643 108.05 48.43 103.80
C THR Y 643 107.69 49.48 102.76
N THR Y 644 107.14 50.59 103.24
CA THR Y 644 106.76 51.70 102.37
C THR Y 644 108.05 52.25 101.76
N ASN Y 645 109.17 51.95 102.41
CA ASN Y 645 110.47 52.39 101.95
C ASN Y 645 111.06 51.21 101.16
N GLY Y 646 111.97 51.50 100.25
CA GLY Y 646 112.58 50.45 99.46
C GLY Y 646 113.45 49.50 100.27
N THR Y 647 113.13 49.35 101.55
CA THR Y 647 113.88 48.48 102.43
C THR Y 647 113.23 47.10 102.58
N VAL Y 648 114.06 46.08 102.76
CA VAL Y 648 113.58 44.71 102.92
C VAL Y 648 114.31 44.06 104.09
N MET Y 649 113.61 43.20 104.82
CA MET Y 649 114.20 42.52 105.96
C MET Y 649 113.55 41.17 106.24
N GLU Y 650 114.35 40.25 106.78
CA GLU Y 650 113.88 38.90 107.11
C GLU Y 650 113.46 38.86 108.57
N ILE Y 651 112.48 38.02 108.89
CA ILE Y 651 111.99 37.90 110.26
C ILE Y 651 112.25 36.52 110.84
N ALA Y 652 112.54 36.48 112.14
CA ALA Y 652 112.81 35.21 112.82
C ALA Y 652 112.74 35.37 114.34
N GLY Y 653 111.57 35.76 114.84
CA GLY Y 653 111.39 35.94 116.27
C GLY Y 653 110.24 36.86 116.62
N TRP Z 1 32.38 8.83 45.68
CA TRP Z 1 31.69 9.77 46.61
C TRP Z 1 32.31 11.16 46.49
N ALA Z 2 32.82 11.47 45.31
CA ALA Z 2 33.43 12.78 45.08
C ALA Z 2 33.55 13.10 43.60
N TYR Z 3 34.77 13.34 43.15
CA TYR Z 3 35.04 13.67 41.77
C TYR Z 3 36.10 12.71 41.25
N PRO Z 4 36.22 12.59 39.91
CA PRO Z 4 37.22 11.68 39.34
C PRO Z 4 38.62 11.94 39.87
N CYS Z 5 39.17 10.99 40.62
CA CYS Z 5 40.52 11.14 41.13
C CYS Z 5 41.38 11.32 39.90
N CYS Z 6 42.53 11.96 40.05
CA CYS Z 6 43.42 12.26 38.92
C CYS Z 6 44.85 11.77 39.03
N HIS Z 7 45.63 12.19 38.04
CA HIS Z 7 47.06 11.94 37.94
C HIS Z 7 47.71 13.31 37.78
N VAL Z 8 48.44 13.76 38.81
CA VAL Z 8 49.06 15.07 38.75
C VAL Z 8 50.43 15.13 38.08
N THR Z 9 50.61 16.13 37.22
CA THR Z 9 51.86 16.35 36.49
C THR Z 9 52.26 17.82 36.66
N GLN Z 10 53.55 18.07 36.82
CA GLN Z 10 54.04 19.43 37.00
C GLN Z 10 54.14 20.18 35.68
N LEU Z 11 54.13 21.51 35.77
CA LEU Z 11 54.22 22.37 34.60
C LEU Z 11 55.68 22.50 34.18
N ARG Z 12 56.02 22.00 33.00
CA ARG Z 12 57.39 22.06 32.51
C ARG Z 12 57.79 23.50 32.16
N ALA Z 13 58.11 24.28 33.20
CA ALA Z 13 58.51 25.67 33.02
C ALA Z 13 57.47 26.50 32.27
N GLN Z 14 56.43 26.90 32.98
CA GLN Z 14 55.36 27.71 32.41
C GLN Z 14 55.16 28.86 33.37
N HIS Z 15 54.11 28.77 34.18
CA HIS Z 15 53.77 29.76 35.19
C HIS Z 15 53.03 28.99 36.27
N LEU Z 16 52.13 29.63 37.00
CA LEU Z 16 51.39 28.92 38.03
C LEU Z 16 50.01 29.51 38.25
N LEU Z 17 49.17 28.78 38.98
CA LEU Z 17 47.82 29.23 39.27
C LEU Z 17 47.82 29.98 40.60
N ALA Z 18 47.94 31.30 40.53
CA ALA Z 18 47.94 32.11 41.73
C ALA Z 18 46.62 31.89 42.45
N LEU Z 19 46.57 32.25 43.73
CA LEU Z 19 45.36 32.07 44.51
C LEU Z 19 44.25 32.98 44.01
N GLU Z 20 44.64 34.11 43.41
CA GLU Z 20 43.68 35.08 42.88
C GLU Z 20 42.82 34.46 41.78
N ASN Z 21 43.41 33.58 40.99
CA ASN Z 21 42.69 32.94 39.89
C ASN Z 21 41.75 31.84 40.38
N ILE Z 22 42.25 30.97 41.26
CA ILE Z 22 41.46 29.87 41.80
C ILE Z 22 40.47 30.34 42.88
N SER Z 23 39.28 29.74 42.90
CA SER Z 23 38.25 30.13 43.87
C SER Z 23 37.49 28.97 44.52
N ASP Z 24 37.95 27.74 44.28
CA ASP Z 24 37.33 26.53 44.81
C ASP Z 24 38.36 25.42 44.91
N ILE Z 25 38.36 24.67 46.01
CA ILE Z 25 39.31 23.58 46.20
C ILE Z 25 38.65 22.37 46.86
N TYR Z 26 38.58 21.27 46.12
CA TYR Z 26 37.98 20.04 46.61
C TYR Z 26 39.05 19.08 47.12
N LEU Z 27 38.87 18.57 48.33
CA LEU Z 27 39.83 17.64 48.93
C LEU Z 27 39.24 16.24 49.10
N VAL Z 28 40.12 15.25 49.24
CA VAL Z 28 39.70 13.86 49.39
C VAL Z 28 39.93 13.31 50.80
N SER Z 29 39.45 12.09 51.03
CA SER Z 29 39.59 11.43 52.32
C SER Z 29 40.69 10.36 52.29
N ASN Z 30 41.11 9.92 53.48
CA ASN Z 30 42.17 8.91 53.58
C ASN Z 30 41.73 7.52 53.13
N GLN Z 31 40.75 7.45 52.23
CA GLN Z 31 40.27 6.16 51.74
C GLN Z 31 39.45 6.26 50.46
N THR Z 32 39.05 7.48 50.10
CA THR Z 32 38.26 7.68 48.89
C THR Z 32 38.95 7.06 47.68
N CYS Z 33 39.97 7.74 47.18
CA CYS Z 33 40.71 7.25 46.03
C CYS Z 33 41.53 6.03 46.46
N ASP Z 34 42.79 6.25 46.79
CA ASP Z 34 43.66 5.16 47.22
C ASP Z 34 44.85 5.68 48.02
N GLY Z 35 44.55 6.26 49.18
CA GLY Z 35 45.60 6.78 50.04
C GLY Z 35 46.22 8.08 49.54
N PHE Z 36 46.00 8.38 48.27
CA PHE Z 36 46.55 9.59 47.67
C PHE Z 36 45.83 10.86 48.10
N SER Z 37 46.54 11.73 48.80
CA SER Z 37 45.97 13.00 49.24
C SER Z 37 45.92 13.90 48.02
N LEU Z 38 44.79 13.90 47.33
CA LEU Z 38 44.62 14.69 46.13
C LEU Z 38 43.67 15.88 46.33
N ALA Z 39 43.84 16.89 45.50
CA ALA Z 39 43.02 18.09 45.57
C ALA Z 39 42.69 18.59 44.17
N SER Z 40 41.56 19.29 44.06
CA SER Z 40 41.11 19.82 42.78
C SER Z 40 41.04 21.34 42.85
N LEU Z 41 41.78 22.01 41.97
CA LEU Z 41 41.79 23.47 41.94
C LEU Z 41 40.83 23.99 40.88
N ASN Z 42 39.68 24.48 41.32
CA ASN Z 42 38.66 25.01 40.42
C ASN Z 42 38.67 26.52 40.38
N SER Z 43 38.70 27.07 39.16
CA SER Z 43 38.71 28.51 38.96
C SER Z 43 37.90 28.88 37.72
N PRO Z 44 36.87 29.71 37.88
CA PRO Z 44 36.03 30.13 36.75
C PRO Z 44 36.79 31.01 35.76
N LYS Z 45 36.59 30.75 34.48
CA LYS Z 45 37.25 31.51 33.43
C LYS Z 45 36.32 32.61 32.91
N ASN Z 46 36.88 33.56 32.17
CA ASN Z 46 36.11 34.67 31.62
C ASN Z 46 35.52 35.53 32.73
N GLY Z 47 34.20 35.50 32.86
CA GLY Z 47 33.54 36.29 33.88
C GLY Z 47 33.13 35.46 35.08
N SER Z 48 31.93 34.89 35.03
CA SER Z 48 31.43 34.07 36.11
C SER Z 48 31.53 32.59 35.79
N ASN Z 49 30.73 31.78 36.47
CA ASN Z 49 30.74 30.33 36.25
C ASN Z 49 30.17 29.89 34.91
N GLN Z 50 30.89 30.23 33.84
CA GLN Z 50 30.49 29.84 32.50
C GLN Z 50 31.26 28.56 32.20
N LEU Z 51 32.57 28.71 32.02
CA LEU Z 51 33.44 27.58 31.74
C LEU Z 51 34.44 27.48 32.88
N VAL Z 52 34.28 26.45 33.72
CA VAL Z 52 35.18 26.27 34.85
C VAL Z 52 36.37 25.36 34.57
N ILE Z 53 37.56 25.89 34.81
CA ILE Z 53 38.80 25.15 34.61
C ILE Z 53 39.11 24.41 35.91
N SER Z 54 39.35 23.10 35.81
CA SER Z 54 39.65 22.30 36.99
C SER Z 54 40.88 21.43 36.80
N ARG Z 55 41.96 21.77 37.50
CA ARG Z 55 43.19 21.00 37.40
C ARG Z 55 43.62 20.43 38.74
N CYS Z 56 44.36 19.33 38.69
CA CYS Z 56 44.82 18.63 39.88
C CYS Z 56 46.03 19.25 40.59
N ALA Z 57 46.07 19.07 41.90
CA ALA Z 57 47.15 19.57 42.74
C ALA Z 57 47.45 18.50 43.80
N ASN Z 58 48.54 18.67 44.53
CA ASN Z 58 48.91 17.69 45.56
C ASN Z 58 48.21 18.04 46.87
N GLY Z 59 47.31 17.16 47.29
CA GLY Z 59 46.57 17.37 48.52
C GLY Z 59 47.42 17.75 49.71
N LEU Z 60 48.28 16.84 50.15
CA LEU Z 60 49.16 17.09 51.29
C LEU Z 60 49.78 18.47 51.25
N ASN Z 61 50.40 18.82 50.12
CA ASN Z 61 51.02 20.13 49.97
C ASN Z 61 49.99 21.24 50.14
N VAL Z 62 48.86 21.11 49.45
CA VAL Z 62 47.80 22.10 49.53
C VAL Z 62 47.33 22.25 50.98
N VAL Z 63 46.93 21.14 51.58
CA VAL Z 63 46.45 21.14 52.95
C VAL Z 63 47.48 21.76 53.90
N SER Z 64 48.75 21.42 53.71
CA SER Z 64 49.81 21.96 54.56
C SER Z 64 49.81 23.47 54.45
N PHE Z 65 49.68 23.97 53.23
CA PHE Z 65 49.65 25.40 52.95
C PHE Z 65 48.58 26.07 53.81
N PHE Z 66 47.33 25.64 53.61
CA PHE Z 66 46.20 26.18 54.36
C PHE Z 66 46.41 26.07 55.86
N ILE Z 67 46.86 24.90 56.32
CA ILE Z 67 47.11 24.68 57.73
C ILE Z 67 48.07 25.75 58.24
N SER Z 68 49.04 26.10 57.41
CA SER Z 68 50.04 27.10 57.77
C SER Z 68 49.44 28.50 57.89
N ILE Z 69 48.70 28.91 56.86
CA ILE Z 69 48.06 30.23 56.85
C ILE Z 69 47.17 30.44 58.07
N LEU Z 70 46.36 29.43 58.39
CA LEU Z 70 45.46 29.51 59.52
C LEU Z 70 46.24 29.77 60.81
N LYS Z 71 47.27 28.95 61.03
CA LYS Z 71 48.12 29.07 62.22
C LYS Z 71 48.83 30.41 62.26
N ARG Z 72 49.33 30.85 61.11
CA ARG Z 72 50.06 32.11 61.00
C ARG Z 72 49.23 33.35 61.28
N SER Z 73 47.92 33.19 61.43
CA SER Z 73 47.05 34.33 61.68
C SER Z 73 45.92 34.02 62.66
N SER Z 74 46.21 33.18 63.64
CA SER Z 74 45.23 32.80 64.66
C SER Z 74 44.68 34.00 65.40
N SER Z 75 45.49 35.04 65.55
CA SER Z 75 45.09 36.25 66.25
C SER Z 75 43.95 37.00 65.54
N ALA Z 76 43.58 36.54 64.35
CA ALA Z 76 42.53 37.20 63.60
C ALA Z 76 41.48 36.26 63.02
N LEU Z 77 41.07 35.26 63.79
CA LEU Z 77 40.06 34.33 63.30
C LEU Z 77 39.37 33.47 64.35
N THR Z 78 38.04 33.39 64.22
CA THR Z 78 37.20 32.60 65.12
C THR Z 78 36.15 31.92 64.25
N GLY Z 79 35.25 31.16 64.86
CA GLY Z 79 34.23 30.49 64.10
C GLY Z 79 34.81 29.35 63.28
N HIS Z 80 34.35 29.19 62.05
CA HIS Z 80 34.85 28.13 61.17
C HIS Z 80 36.36 28.19 61.02
N LEU Z 81 36.89 29.39 60.81
CA LEU Z 81 38.33 29.59 60.61
C LEU Z 81 39.17 29.24 61.84
N ARG Z 82 38.62 28.44 62.75
CA ARG Z 82 39.35 28.03 63.94
C ARG Z 82 39.15 26.54 64.13
N GLU Z 83 37.97 26.07 63.74
CA GLU Z 83 37.64 24.65 63.82
C GLU Z 83 38.20 23.99 62.57
N LEU Z 84 38.22 24.76 61.49
CA LEU Z 84 38.73 24.30 60.20
C LEU Z 84 40.16 23.82 60.36
N LEU Z 85 40.95 24.55 61.14
CA LEU Z 85 42.35 24.21 61.37
C LEU Z 85 42.46 22.85 62.05
N THR Z 86 41.85 22.73 63.23
CA THR Z 86 41.88 21.49 63.99
C THR Z 86 41.39 20.29 63.17
N THR Z 87 40.38 20.52 62.34
CA THR Z 87 39.82 19.45 61.52
C THR Z 87 40.68 19.21 60.28
N LEU Z 88 41.32 20.26 59.80
CA LEU Z 88 42.17 20.16 58.62
C LEU Z 88 43.47 19.45 58.99
N GLU Z 89 43.93 19.67 60.21
CA GLU Z 89 45.16 19.04 60.69
C GLU Z 89 44.95 17.54 60.85
N THR Z 90 43.81 17.16 61.42
CA THR Z 90 43.48 15.75 61.62
C THR Z 90 43.43 15.06 60.26
N LEU Z 91 42.95 15.80 59.25
CA LEU Z 91 42.86 15.27 57.90
C LEU Z 91 44.28 15.03 57.37
N TYR Z 92 45.13 16.04 57.54
CA TYR Z 92 46.51 15.96 57.10
C TYR Z 92 47.20 14.73 57.68
N GLY Z 93 46.88 14.41 58.92
CA GLY Z 93 47.48 13.25 59.58
C GLY Z 93 46.75 11.95 59.33
N SER Z 94 45.77 11.96 58.44
CA SER Z 94 45.01 10.75 58.14
C SER Z 94 45.69 9.99 57.00
N PHE Z 95 46.49 10.71 56.22
CA PHE Z 95 47.21 10.12 55.10
C PHE Z 95 48.55 9.56 55.54
N SER Z 96 49.01 8.51 54.86
CA SER Z 96 50.28 7.88 55.15
C SER Z 96 51.17 7.96 53.93
N VAL Z 97 52.25 8.73 54.03
CA VAL Z 97 53.19 8.93 52.94
C VAL Z 97 53.97 7.67 52.57
N GLU Z 98 54.66 7.11 53.56
CA GLU Z 98 55.49 5.92 53.42
C GLU Z 98 54.85 4.71 52.73
N ASP Z 99 53.55 4.79 52.47
CA ASP Z 99 52.84 3.69 51.83
C ASP Z 99 52.97 3.83 50.31
N LEU Z 100 53.17 5.07 49.88
CA LEU Z 100 53.30 5.37 48.46
C LEU Z 100 54.60 4.85 47.85
N PHE Z 101 55.57 4.46 48.66
CA PHE Z 101 56.82 3.96 48.11
C PHE Z 101 56.64 2.76 47.19
N GLY Z 102 55.48 2.11 47.27
CA GLY Z 102 55.24 0.93 46.46
C GLY Z 102 54.00 0.94 45.58
N ALA Z 103 53.30 2.06 45.52
CA ALA Z 103 52.09 2.13 44.70
C ALA Z 103 52.35 2.94 43.43
N ASN Z 104 51.90 2.44 42.28
CA ASN Z 104 52.12 3.17 41.03
C ASN Z 104 51.15 4.35 40.97
N LEU Z 105 51.62 5.47 41.49
CA LEU Z 105 50.87 6.72 41.58
C LEU Z 105 50.16 7.13 40.29
N ASN Z 106 50.48 6.47 39.18
CA ASN Z 106 49.85 6.79 37.90
C ASN Z 106 48.55 6.01 37.72
N ARG Z 107 47.84 5.77 38.82
CA ARG Z 107 46.57 5.03 38.76
C ARG Z 107 45.54 5.73 37.89
N TYR Z 108 45.88 6.92 37.39
CA TYR Z 108 44.96 7.68 36.55
C TYR Z 108 45.70 8.44 35.47
N LEU AA 1 64.93 -28.43 70.60
CA LEU AA 1 65.47 -29.07 69.38
C LEU AA 1 64.36 -29.85 68.69
N SER AA 2 64.41 -29.89 67.36
CA SER AA 2 63.44 -30.62 66.56
C SER AA 2 62.07 -29.96 66.44
N GLU AA 3 61.42 -29.71 67.58
CA GLU AA 3 60.10 -29.11 67.56
C GLU AA 3 60.03 -27.71 68.17
N VAL AA 4 59.07 -26.92 67.69
CA VAL AA 4 58.85 -25.56 68.17
C VAL AA 4 57.41 -25.17 67.85
N LYS AA 5 56.65 -24.81 68.88
CA LYS AA 5 55.26 -24.42 68.70
C LYS AA 5 55.11 -22.92 68.51
N LEU AA 6 54.24 -22.54 67.58
CA LEU AA 6 53.98 -21.14 67.27
C LEU AA 6 52.55 -20.75 67.65
N HIS AA 7 52.42 -19.65 68.39
CA HIS AA 7 51.13 -19.16 68.83
C HIS AA 7 50.86 -17.76 68.27
N LEU AA 8 49.77 -17.63 67.53
CA LEU AA 8 49.39 -16.36 66.93
C LEU AA 8 48.21 -15.69 67.64
N ASP AA 9 48.26 -14.37 67.72
CA ASP AA 9 47.18 -13.64 68.36
C ASP AA 9 46.37 -12.86 67.33
N ILE AA 10 45.74 -13.58 66.41
CA ILE AA 10 44.91 -12.94 65.40
C ILE AA 10 43.91 -12.19 66.27
N GLU AA 11 43.31 -11.12 65.76
CA GLU AA 11 42.36 -10.37 66.59
C GLU AA 11 41.26 -11.25 67.16
N GLY AA 12 41.39 -11.61 68.43
CA GLY AA 12 40.36 -12.44 69.04
C GLY AA 12 40.72 -13.88 69.31
N HIS AA 13 40.56 -14.75 68.32
CA HIS AA 13 40.85 -16.17 68.52
C HIS AA 13 42.33 -16.52 68.48
N ALA AA 14 42.72 -17.46 69.34
CA ALA AA 14 44.10 -17.90 69.43
C ALA AA 14 44.34 -19.11 68.54
N SER AA 15 45.22 -18.95 67.55
CA SER AA 15 45.55 -20.02 66.63
C SER AA 15 46.75 -20.79 67.15
N HIS AA 16 46.81 -22.08 66.85
CA HIS AA 16 47.91 -22.92 67.30
C HIS AA 16 48.55 -23.74 66.19
N TYR AA 17 49.75 -23.34 65.81
CA TYR AA 17 50.51 -24.01 64.76
C TYR AA 17 51.83 -24.54 65.33
N THR AA 18 52.16 -25.78 64.99
CA THR AA 18 53.39 -26.39 65.47
C THR AA 18 54.30 -26.67 64.28
N ILE AA 19 55.48 -26.04 64.27
CA ILE AA 19 56.43 -26.22 63.18
C ILE AA 19 57.60 -27.11 63.55
N PRO AA 20 57.53 -28.41 63.19
CA PRO AA 20 58.61 -29.35 63.49
C PRO AA 20 59.72 -29.29 62.44
N TRP AA 21 60.67 -28.38 62.62
CA TRP AA 21 61.76 -28.26 61.65
C TRP AA 21 62.63 -29.51 61.67
N THR AA 22 62.37 -30.39 62.63
CA THR AA 22 63.12 -31.63 62.75
C THR AA 22 62.85 -32.55 61.57
N GLU AA 23 61.57 -32.66 61.22
CA GLU AA 23 61.15 -33.50 60.09
C GLU AA 23 61.50 -32.80 58.79
N LEU AA 24 61.42 -31.48 58.79
CA LEU AA 24 61.71 -30.68 57.60
C LEU AA 24 63.16 -30.83 57.15
N MET AA 25 64.09 -30.79 58.10
CA MET AA 25 65.50 -30.92 57.79
C MET AA 25 65.85 -32.20 57.04
N ALA AA 26 65.02 -33.23 57.20
CA ALA AA 26 65.24 -34.50 56.53
C ALA AA 26 64.82 -34.44 55.07
N LYS AA 27 63.64 -33.88 54.81
CA LYS AA 27 63.12 -33.76 53.45
C LYS AA 27 63.73 -32.60 52.68
N VAL AA 28 64.48 -31.74 53.37
CA VAL AA 28 65.10 -30.60 52.71
C VAL AA 28 66.61 -30.57 52.93
N PRO AA 29 67.37 -30.17 51.90
CA PRO AA 29 68.83 -30.10 51.97
C PRO AA 29 69.41 -28.79 52.51
N GLY AA 30 69.20 -27.70 51.79
CA GLY AA 30 69.73 -26.42 52.20
C GLY AA 30 69.09 -25.72 53.39
N LEU AA 31 68.02 -26.31 53.93
CA LEU AA 31 67.34 -25.69 55.06
C LEU AA 31 68.10 -25.89 56.37
N SER AA 32 68.83 -24.86 56.78
CA SER AA 32 69.59 -24.90 58.02
C SER AA 32 69.00 -23.84 58.94
N PRO AA 33 67.89 -24.16 59.62
CA PRO AA 33 67.20 -23.25 60.54
C PRO AA 33 68.10 -22.54 61.55
N GLU AA 34 69.08 -23.26 62.09
CA GLU AA 34 70.00 -22.69 63.06
C GLU AA 34 70.64 -21.39 62.59
N ALA AA 35 71.09 -21.37 61.33
CA ALA AA 35 71.74 -20.20 60.77
C ALA AA 35 70.76 -19.05 60.54
N LEU AA 36 69.67 -19.34 59.84
CA LEU AA 36 68.66 -18.33 59.54
C LEU AA 36 68.12 -17.65 60.80
N TRP AA 37 67.93 -18.44 61.85
CA TRP AA 37 67.42 -17.89 63.11
C TRP AA 37 68.37 -16.87 63.69
N ARG AA 38 69.67 -17.08 63.47
CA ARG AA 38 70.69 -16.17 63.98
C ARG AA 38 70.87 -14.98 63.04
N GLU AA 39 70.74 -15.25 61.73
CA GLU AA 39 70.88 -14.18 60.75
C GLU AA 39 69.96 -13.04 61.15
N ALA AA 40 68.71 -13.38 61.44
CA ALA AA 40 67.72 -12.39 61.85
C ALA AA 40 67.86 -12.12 63.34
N ASN AA 41 68.42 -10.97 63.68
CA ASN AA 41 68.60 -10.59 65.07
C ASN AA 41 67.26 -10.67 65.78
N VAL AA 42 66.92 -11.85 66.29
CA VAL AA 42 65.66 -12.06 66.99
C VAL AA 42 65.52 -11.15 68.20
N THR AA 43 66.63 -10.84 68.84
CA THR AA 43 66.64 -9.98 70.01
C THR AA 43 66.88 -8.52 69.66
N GLU AA 44 66.93 -8.22 68.37
CA GLU AA 44 67.16 -6.86 67.92
C GLU AA 44 66.21 -5.90 68.60
N ASP AA 45 66.65 -5.32 69.72
CA ASP AA 45 65.82 -4.39 70.46
C ASP AA 45 65.08 -3.44 69.53
N LEU AA 46 63.80 -3.26 69.80
CA LEU AA 46 62.91 -2.40 69.01
C LEU AA 46 63.54 -1.19 68.31
N ALA AA 47 64.28 -0.37 69.05
CA ALA AA 47 64.88 0.85 68.51
C ALA AA 47 65.85 0.77 67.32
N SER AA 48 66.97 0.09 67.49
CA SER AA 48 68.00 -0.02 66.46
C SER AA 48 67.54 -0.60 65.12
N MET AA 49 66.49 -1.42 65.14
CA MET AA 49 65.96 -2.05 63.94
C MET AA 49 65.59 -1.02 62.86
N LEU AA 50 64.80 -0.03 63.26
CA LEU AA 50 64.32 1.02 62.35
C LEU AA 50 65.40 1.67 61.48
N ASN AA 51 66.61 1.79 62.00
CA ASN AA 51 67.70 2.42 61.24
C ASN AA 51 68.13 1.52 60.09
N ARG AA 52 68.19 0.22 60.37
CA ARG AA 52 68.59 -0.79 59.38
C ARG AA 52 67.58 -0.90 58.24
N TYR AA 53 66.62 0.02 58.23
CA TYR AA 53 65.57 0.04 57.22
C TYR AA 53 65.43 1.43 56.61
N LYS AA 54 65.67 2.45 57.43
CA LYS AA 54 65.56 3.83 56.98
C LYS AA 54 66.83 4.25 56.25
N LEU AA 55 67.90 3.47 56.48
CA LEU AA 55 69.18 3.74 55.84
C LEU AA 55 69.32 2.77 54.67
N ILE AA 56 68.23 2.63 53.92
CA ILE AA 56 68.16 1.74 52.76
C ILE AA 56 67.28 2.40 51.70
N TYR AA 57 67.89 3.01 50.69
CA TYR AA 57 67.12 3.66 49.64
C TYR AA 57 65.83 2.91 49.33
N LYS AA 58 64.71 3.60 49.48
CA LYS AA 58 63.41 3.01 49.20
C LYS AA 58 62.89 3.51 47.88
N THR AA 59 62.51 2.59 47.00
CA THR AA 59 61.97 2.95 45.70
C THR AA 59 60.79 3.89 45.89
N SER AA 60 60.88 5.07 45.28
CA SER AA 60 59.82 6.06 45.38
C SER AA 60 58.59 5.57 44.64
N GLY AA 61 58.27 6.24 43.53
CA GLY AA 61 57.11 5.86 42.75
C GLY AA 61 57.24 4.52 42.05
N THR AA 62 57.02 3.44 42.79
CA THR AA 62 57.09 2.11 42.23
C THR AA 62 56.05 2.02 41.12
N LEU AA 63 56.46 1.52 39.96
CA LEU AA 63 55.56 1.41 38.83
C LEU AA 63 55.48 0.01 38.25
N GLY AA 64 54.56 -0.19 37.32
CA GLY AA 64 54.39 -1.47 36.69
C GLY AA 64 53.81 -1.33 35.28
N ILE AA 65 54.17 -2.25 34.40
CA ILE AA 65 53.70 -2.24 33.03
C ILE AA 65 53.23 -3.63 32.62
N ALA AA 66 52.18 -3.71 31.81
CA ALA AA 66 51.65 -4.99 31.35
C ALA AA 66 52.63 -5.64 30.38
N LEU AA 67 53.25 -6.73 30.83
CA LEU AA 67 54.20 -7.45 29.99
C LEU AA 67 53.98 -8.96 30.01
N ALA AA 68 54.23 -9.60 28.88
CA ALA AA 68 54.06 -11.04 28.73
C ALA AA 68 55.24 -11.67 28.01
N GLU AA 69 55.68 -12.83 28.51
CA GLU AA 69 56.82 -13.54 27.93
C GLU AA 69 56.57 -14.00 26.50
N PRO AA 70 57.62 -13.96 25.65
CA PRO AA 70 57.52 -14.37 24.25
C PRO AA 70 57.52 -15.90 24.21
N VAL AA 71 57.31 -16.49 23.04
CA VAL AA 71 57.30 -17.94 22.94
C VAL AA 71 58.67 -18.51 22.59
N ASP AA 72 59.44 -18.87 23.61
CA ASP AA 72 60.76 -19.43 23.42
C ASP AA 72 60.67 -20.95 23.53
N ILE AA 73 61.42 -21.64 22.68
CA ILE AA 73 61.44 -23.10 22.68
C ILE AA 73 60.09 -23.76 22.43
N PRO AA 74 59.86 -24.26 21.21
CA PRO AA 74 58.58 -24.90 20.89
C PRO AA 74 58.64 -26.37 21.32
N ALA AA 75 57.49 -27.02 21.40
CA ALA AA 75 57.44 -28.43 21.78
C ALA AA 75 58.20 -29.26 20.76
N VAL AA 76 59.00 -30.22 21.24
CA VAL AA 76 59.77 -31.07 20.35
C VAL AA 76 58.89 -31.59 19.22
N SER AA 77 59.42 -31.56 18.00
CA SER AA 77 58.66 -32.01 16.83
C SER AA 77 58.38 -33.51 16.88
N GLU AA 78 57.56 -33.96 15.95
CA GLU AA 78 57.16 -35.36 15.87
C GLU AA 78 58.24 -36.37 16.26
N GLY AA 79 59.19 -36.62 15.36
CA GLY AA 79 60.24 -37.58 15.64
C GLY AA 79 61.50 -37.01 16.27
N SER AA 80 61.36 -36.31 17.39
CA SER AA 80 62.50 -35.73 18.07
C SER AA 80 63.45 -36.78 18.64
N MET AA 81 64.45 -36.29 19.36
CA MET AA 81 65.45 -37.14 19.98
C MET AA 81 65.55 -36.66 21.43
N GLN AA 82 66.60 -37.04 22.13
CA GLN AA 82 66.78 -36.64 23.52
C GLN AA 82 68.18 -36.96 24.03
N VAL AA 83 68.84 -35.96 24.60
CA VAL AA 83 70.20 -36.16 25.10
C VAL AA 83 70.45 -35.62 26.50
N ASP AA 84 71.16 -36.41 27.29
CA ASP AA 84 71.52 -36.04 28.66
C ASP AA 84 72.90 -35.38 28.61
N ALA AA 85 72.99 -34.17 29.14
CA ALA AA 85 74.25 -33.42 29.14
C ALA AA 85 75.48 -34.23 29.54
N SER AA 86 75.32 -35.11 30.53
CA SER AA 86 76.44 -35.92 31.00
C SER AA 86 76.72 -37.12 30.08
N LYS AA 87 75.66 -37.74 29.59
CA LYS AA 87 75.78 -38.89 28.70
C LYS AA 87 75.50 -38.51 27.24
N VAL AA 88 76.54 -38.11 26.52
CA VAL AA 88 76.40 -37.71 25.13
C VAL AA 88 76.63 -38.83 24.11
N HIS AA 89 77.23 -39.93 24.56
CA HIS AA 89 77.49 -41.07 23.68
C HIS AA 89 78.31 -40.72 22.44
N PRO AA 90 79.61 -41.04 22.44
CA PRO AA 90 80.49 -40.74 21.31
C PRO AA 90 80.03 -41.36 19.99
N GLY AA 91 78.97 -42.17 20.07
CA GLY AA 91 78.45 -42.81 18.86
C GLY AA 91 77.40 -41.98 18.16
N VAL AA 92 77.43 -41.98 16.84
CA VAL AA 92 76.46 -41.22 16.04
C VAL AA 92 75.05 -41.51 16.54
N ILE AA 93 74.23 -40.46 16.63
CA ILE AA 93 72.85 -40.59 17.08
C ILE AA 93 71.96 -39.54 16.43
N SER AA 94 72.44 -38.95 15.33
CA SER AA 94 71.69 -37.93 14.61
C SER AA 94 72.26 -37.61 13.24
N GLY AA 95 71.57 -36.74 12.53
CA GLY AA 95 71.98 -36.28 11.21
C GLY AA 95 71.73 -34.79 11.25
N LEU AA 96 72.44 -34.00 10.45
CA LEU AA 96 72.23 -32.55 10.47
C LEU AA 96 70.76 -32.22 10.26
N ASN AA 97 70.05 -33.08 9.53
CA ASN AA 97 68.63 -32.85 9.25
C ASN AA 97 67.78 -33.51 10.34
N SER AA 98 68.33 -34.52 11.00
CA SER AA 98 67.64 -35.24 12.06
C SER AA 98 67.28 -34.39 13.28
N PRO AA 99 66.00 -34.42 13.69
CA PRO AA 99 65.51 -33.67 14.85
C PRO AA 99 66.13 -34.15 16.15
N ALA AA 100 66.36 -33.22 17.09
CA ALA AA 100 66.95 -33.58 18.37
C ALA AA 100 66.77 -32.47 19.42
N CYS AA 101 66.73 -32.88 20.68
CA CYS AA 101 66.58 -31.95 21.80
C CYS AA 101 67.37 -32.48 23.00
N MET AA 102 67.61 -31.60 23.98
CA MET AA 102 68.37 -31.99 25.17
C MET AA 102 67.53 -31.93 26.44
N LEU AA 103 67.80 -32.85 27.36
CA LEU AA 103 67.08 -32.91 28.62
C LEU AA 103 67.48 -31.75 29.52
N SER AA 104 66.48 -31.08 30.09
CA SER AA 104 66.71 -29.93 30.96
C SER AA 104 67.40 -30.31 32.27
N ALA AA 105 66.91 -31.37 32.91
CA ALA AA 105 67.45 -31.84 34.18
C ALA AA 105 68.99 -31.86 34.19
N PRO AA 106 69.60 -32.49 33.17
CA PRO AA 106 71.06 -32.56 33.12
C PRO AA 106 71.71 -31.26 32.60
N LEU AA 107 71.14 -30.70 31.55
CA LEU AA 107 71.65 -29.47 30.95
C LEU AA 107 71.79 -28.35 31.97
N GLU AA 108 70.76 -28.16 32.78
CA GLU AA 108 70.77 -27.12 33.81
C GLU AA 108 71.82 -27.39 34.87
N LYS AA 109 71.83 -28.61 35.40
CA LYS AA 109 72.79 -28.99 36.42
C LYS AA 109 74.21 -28.81 35.91
N GLN AA 110 74.37 -28.82 34.59
CA GLN AA 110 75.70 -28.66 33.99
C GLN AA 110 76.02 -27.17 33.87
N LEU AA 111 75.03 -26.37 33.49
CA LEU AA 111 75.22 -24.93 33.36
C LEU AA 111 75.54 -24.37 34.74
N PHE AA 112 74.62 -24.55 35.67
CA PHE AA 112 74.79 -24.07 37.04
C PHE AA 112 75.56 -25.10 37.86
N TYR AA 113 76.73 -25.45 37.38
CA TYR AA 113 77.59 -26.42 38.04
C TYR AA 113 78.23 -25.80 39.28
N TYR AA 114 78.55 -24.51 39.18
CA TYR AA 114 79.18 -23.79 40.27
C TYR AA 114 78.18 -23.43 41.38
N ILE AA 115 78.66 -23.41 42.62
CA ILE AA 115 77.84 -23.06 43.78
C ILE AA 115 78.34 -21.73 44.34
N GLY AA 116 77.47 -20.95 44.98
CA GLY AA 116 77.95 -19.68 45.50
C GLY AA 116 77.12 -18.94 46.53
N THR AA 117 77.07 -17.62 46.38
CA THR AA 117 76.33 -16.77 47.30
C THR AA 117 75.65 -15.62 46.56
N MET AA 118 74.37 -15.79 46.24
CA MET AA 118 73.63 -14.74 45.55
C MET AA 118 73.66 -13.48 46.41
N LEU AA 119 73.66 -13.69 47.72
CA LEU AA 119 73.68 -12.59 48.67
C LEU AA 119 74.97 -12.60 49.50
N PRO AA 120 75.91 -11.69 49.19
CA PRO AA 120 77.20 -11.60 49.89
C PRO AA 120 77.05 -11.16 51.35
N ASN AA 121 78.17 -10.91 51.99
CA ASN AA 121 78.17 -10.50 53.40
C ASN AA 121 78.50 -9.02 53.52
N THR AA 122 78.25 -8.26 52.45
CA THR AA 122 78.51 -6.83 52.46
C THR AA 122 77.47 -6.14 53.34
N ARG AA 123 77.85 -5.05 53.97
CA ARG AA 123 76.96 -4.31 54.85
C ARG AA 123 75.54 -4.11 54.30
N PRO AA 124 75.41 -3.53 53.10
CA PRO AA 124 74.09 -3.29 52.49
C PRO AA 124 73.17 -4.49 52.43
N HIS AA 125 73.60 -5.54 51.74
CA HIS AA 125 72.79 -6.75 51.59
C HIS AA 125 72.49 -7.46 52.91
N SER AA 126 73.51 -7.60 53.76
CA SER AA 126 73.34 -8.28 55.04
C SER AA 126 72.21 -7.67 55.87
N TYR AA 127 71.79 -6.46 55.49
CA TYR AA 127 70.72 -5.77 56.20
C TYR AA 127 69.33 -6.11 55.66
N VAL AA 128 69.25 -6.47 54.38
CA VAL AA 128 67.97 -6.78 53.76
C VAL AA 128 67.66 -8.25 53.54
N PHE AA 129 68.52 -8.94 52.79
CA PHE AA 129 68.30 -10.35 52.48
C PHE AA 129 68.88 -11.34 53.48
N TYR AA 130 68.38 -12.57 53.40
CA TYR AA 130 68.82 -13.67 54.25
C TYR AA 130 69.91 -14.42 53.50
N GLN AA 131 71.11 -14.51 54.09
CA GLN AA 131 72.21 -15.22 53.46
C GLN AA 131 71.67 -16.41 52.67
N LEU AA 132 71.96 -16.45 51.37
CA LEU AA 132 71.49 -17.52 50.51
C LEU AA 132 72.63 -18.25 49.81
N ARG AA 133 72.44 -19.55 49.59
CA ARG AA 133 73.46 -20.35 48.91
C ARG AA 133 72.87 -21.44 48.01
N CYS AA 134 73.06 -21.26 46.70
CA CYS AA 134 72.55 -22.21 45.72
C CYS AA 134 73.45 -22.16 44.48
N HIS AA 135 73.26 -23.11 43.58
CA HIS AA 135 74.02 -23.17 42.34
C HIS AA 135 73.76 -21.90 41.55
N LEU AA 136 74.82 -21.32 40.99
CA LEU AA 136 74.71 -20.09 40.22
C LEU AA 136 75.77 -19.93 39.14
N SER AA 137 75.92 -18.69 38.68
CA SER AA 137 76.89 -18.33 37.66
C SER AA 137 76.94 -16.80 37.63
N TYR AA 138 78.13 -16.24 37.45
CA TYR AA 138 78.26 -14.79 37.43
C TYR AA 138 79.06 -14.23 36.26
N VAL AA 139 79.05 -12.90 36.16
CA VAL AA 139 79.76 -12.19 35.10
C VAL AA 139 80.64 -11.14 35.78
N ALA AA 140 81.93 -11.42 35.88
CA ALA AA 140 82.88 -10.51 36.53
C ALA AA 140 83.26 -9.34 35.65
N LEU AA 141 83.46 -8.18 36.28
CA LEU AA 141 83.85 -6.97 35.57
C LEU AA 141 84.76 -6.10 36.43
N SER AA 142 85.74 -5.46 35.79
CA SER AA 142 86.69 -4.60 36.50
C SER AA 142 87.21 -3.49 35.60
N ILE AA 143 86.84 -2.26 35.93
CA ILE AA 143 87.26 -1.09 35.16
C ILE AA 143 88.03 -0.12 36.06
N ASN AA 144 88.68 0.86 35.46
CA ASN AA 144 89.45 1.85 36.22
C ASN AA 144 90.40 1.21 37.22
N GLY AA 145 90.82 -0.02 36.93
CA GLY AA 145 91.73 -0.73 37.81
C GLY AA 145 91.16 -1.02 39.19
N ASP AA 146 90.19 -1.92 39.23
CA ASP AA 146 89.56 -2.33 40.49
C ASP AA 146 88.94 -1.17 41.27
N LYS AA 147 88.85 0.00 40.65
CA LYS AA 147 88.24 1.16 41.32
C LYS AA 147 86.74 1.12 41.09
N PHE AA 148 86.33 0.25 40.17
CA PHE AA 148 84.92 0.06 39.84
C PHE AA 148 84.74 -1.36 39.34
N GLN AA 149 83.68 -2.03 39.80
CA GLN AA 149 83.43 -3.40 39.39
C GLN AA 149 81.95 -3.77 39.43
N TYR AA 150 81.58 -4.70 38.56
CA TYR AA 150 80.20 -5.17 38.45
C TYR AA 150 80.17 -6.69 38.52
N THR AA 151 79.10 -7.25 39.06
CA THR AA 151 78.96 -8.69 39.18
C THR AA 151 77.58 -9.16 38.75
N GLY AA 152 77.55 -9.97 37.69
CA GLY AA 152 76.27 -10.48 37.20
C GLY AA 152 75.91 -11.79 37.86
N ALA AA 153 75.59 -11.74 39.15
CA ALA AA 153 75.22 -12.94 39.90
C ALA AA 153 73.82 -13.38 39.49
N MET AA 154 73.70 -14.65 39.10
CA MET AA 154 72.40 -15.17 38.67
C MET AA 154 72.22 -16.66 38.96
N THR AA 155 70.98 -17.04 39.25
CA THR AA 155 70.63 -18.42 39.52
C THR AA 155 69.57 -18.83 38.51
N SER AA 156 69.11 -20.06 38.58
CA SER AA 156 68.10 -20.55 37.66
C SER AA 156 66.75 -19.84 37.81
N LYS AA 157 66.62 -19.02 38.85
CA LYS AA 157 65.37 -18.32 39.09
C LYS AA 157 65.43 -16.80 39.07
N PHE AA 158 66.56 -16.22 39.48
CA PHE AA 158 66.66 -14.76 39.49
C PHE AA 158 68.09 -14.24 39.33
N LEU AA 159 68.19 -13.01 38.81
CA LEU AA 159 69.48 -12.36 38.61
C LEU AA 159 69.61 -11.21 39.60
N MET AA 160 70.84 -10.95 40.04
CA MET AA 160 71.08 -9.87 40.99
C MET AA 160 72.47 -9.28 40.81
N GLY AA 161 72.56 -8.29 39.92
CA GLY AA 161 73.83 -7.64 39.67
C GLY AA 161 74.11 -6.54 40.68
N THR AA 162 75.38 -6.34 41.01
CA THR AA 162 75.74 -5.32 41.98
C THR AA 162 76.84 -4.41 41.45
N TYR AA 163 76.69 -3.11 41.69
CA TYR AA 163 77.68 -2.12 41.25
C TYR AA 163 78.55 -1.77 42.44
N LYS AA 164 79.83 -1.50 42.18
CA LYS AA 164 80.76 -1.18 43.25
C LYS AA 164 81.82 -0.19 42.79
N ARG AA 165 81.80 1.01 43.37
CA ARG AA 165 82.75 2.05 43.03
C ARG AA 165 83.57 2.41 44.26
N VAL AA 166 84.69 3.10 44.04
CA VAL AA 166 85.56 3.50 45.14
C VAL AA 166 86.14 4.89 44.92
N THR AA 167 85.88 5.79 45.88
CA THR AA 167 86.39 7.15 45.80
C THR AA 167 87.90 7.07 46.07
N GLU AA 168 88.59 8.19 46.00
CA GLU AA 168 90.02 8.21 46.23
C GLU AA 168 90.37 7.53 47.55
N LYS AA 169 89.45 7.65 48.52
CA LYS AA 169 89.63 7.05 49.84
C LYS AA 169 89.07 5.64 49.85
N GLY AA 170 89.18 4.97 51.00
CA GLY AA 170 88.65 3.61 51.11
C GLY AA 170 87.15 3.56 51.04
N ASP AA 171 86.53 4.62 50.53
CA ASP AA 171 85.08 4.68 50.40
C ASP AA 171 84.57 3.63 49.42
N GLU AA 172 83.63 2.82 49.88
CA GLU AA 172 83.06 1.77 49.04
C GLU AA 172 81.56 1.96 48.87
N HIS AA 173 81.17 2.33 47.66
CA HIS AA 173 79.75 2.54 47.35
C HIS AA 173 79.20 1.38 46.53
N VAL AA 174 78.06 0.85 46.98
CA VAL AA 174 77.42 -0.27 46.30
C VAL AA 174 75.92 -0.09 46.10
N LEU AA 175 75.44 -0.57 44.95
CA LEU AA 175 74.04 -0.50 44.57
C LEU AA 175 73.78 -1.69 43.65
N SER AA 176 72.71 -2.42 43.90
CA SER AA 176 72.39 -3.59 43.08
C SER AA 176 70.97 -3.64 42.54
N LEU AA 177 70.80 -4.36 41.44
CA LEU AA 177 69.50 -4.53 40.80
C LEU AA 177 69.11 -6.00 40.83
N VAL AA 178 67.85 -6.28 41.11
CA VAL AA 178 67.37 -7.65 41.17
C VAL AA 178 66.24 -7.89 40.16
N PHE AA 179 66.46 -8.81 39.24
CA PHE AA 179 65.46 -9.13 38.22
C PHE AA 179 65.02 -10.59 38.31
N GLY AA 180 63.76 -10.85 37.96
CA GLY AA 180 63.25 -12.20 38.01
C GLY AA 180 61.77 -12.24 38.32
N LYS AA 181 61.18 -13.43 38.27
CA LYS AA 181 59.76 -13.58 38.55
C LYS AA 181 59.48 -13.19 40.00
N THR AA 182 58.54 -12.28 40.18
CA THR AA 182 58.18 -11.79 41.50
C THR AA 182 58.06 -12.90 42.54
N LYS AA 183 57.60 -14.07 42.12
CA LYS AA 183 57.43 -15.20 43.03
C LYS AA 183 58.75 -15.82 43.47
N ASP AA 184 59.82 -15.56 42.72
CA ASP AA 184 61.12 -16.14 43.03
C ASP AA 184 62.10 -15.23 43.76
N LEU AA 185 61.71 -13.98 44.00
CA LEU AA 185 62.59 -13.06 44.71
C LEU AA 185 63.00 -13.62 46.07
N PRO AA 186 64.27 -13.39 46.46
CA PRO AA 186 64.81 -13.87 47.75
C PRO AA 186 63.92 -13.53 48.94
N ASP AA 187 64.28 -14.04 50.11
CA ASP AA 187 63.52 -13.80 51.32
C ASP AA 187 64.03 -12.55 52.04
N LEU AA 188 63.13 -11.62 52.34
CA LEU AA 188 63.51 -10.39 53.02
C LEU AA 188 63.65 -10.68 54.52
N ARG AA 189 64.63 -10.02 55.15
CA ARG AA 189 64.89 -10.22 56.56
C ARG AA 189 64.06 -9.33 57.49
N GLY AA 190 64.65 -8.24 57.95
CA GLY AA 190 63.95 -7.33 58.85
C GLY AA 190 62.68 -6.77 58.26
N PRO AA 191 62.18 -5.66 58.82
CA PRO AA 191 60.96 -4.98 58.37
C PRO AA 191 61.10 -4.44 56.96
N PHE AA 192 61.13 -5.35 56.00
CA PHE AA 192 61.28 -5.00 54.60
C PHE AA 192 60.15 -5.59 53.75
N SER AA 193 59.66 -4.80 52.82
CA SER AA 193 58.60 -5.22 51.93
C SER AA 193 59.01 -4.90 50.50
N TYR AA 194 59.10 -5.94 49.66
CA TYR AA 194 59.49 -5.78 48.27
C TYR AA 194 58.87 -4.59 47.54
N PRO AA 195 57.57 -4.32 47.77
CA PRO AA 195 56.97 -3.18 47.06
C PRO AA 195 57.74 -1.88 47.23
N SER AA 196 58.16 -1.58 48.46
CA SER AA 196 58.90 -0.36 48.74
C SER AA 196 60.36 -0.50 48.29
N LEU AA 197 60.62 -1.51 47.46
CA LEU AA 197 61.96 -1.76 46.95
C LEU AA 197 61.92 -2.13 45.47
N THR AA 198 60.72 -2.40 44.97
CA THR AA 198 60.54 -2.76 43.57
C THR AA 198 60.42 -1.50 42.73
N SER AA 199 61.08 -1.47 41.58
CA SER AA 199 61.03 -0.30 40.71
C SER AA 199 60.07 -0.50 39.54
N ALA AA 200 60.03 -1.71 39.01
CA ALA AA 200 59.15 -2.03 37.88
C ALA AA 200 58.51 -3.40 38.12
N GLN AA 201 57.22 -3.52 37.84
CA GLN AA 201 56.55 -4.79 38.04
C GLN AA 201 55.56 -5.17 36.94
N SER AA 202 55.62 -6.43 36.53
CA SER AA 202 54.74 -6.97 35.51
C SER AA 202 53.72 -7.83 36.25
N GLY AA 203 53.03 -8.70 35.51
CA GLY AA 203 52.06 -9.57 36.15
C GLY AA 203 52.75 -10.60 37.02
N ASP AA 204 54.04 -10.82 36.75
CA ASP AA 204 54.82 -11.80 37.50
C ASP AA 204 56.33 -11.51 37.48
N TYR AA 205 56.70 -10.31 37.09
CA TYR AA 205 58.12 -9.93 37.02
C TYR AA 205 58.39 -8.63 37.78
N SER AA 206 59.54 -8.57 38.44
CA SER AA 206 59.91 -7.38 39.22
C SER AA 206 61.37 -6.98 39.05
N LEU AA 207 61.65 -5.73 39.37
CA LEU AA 207 63.00 -5.17 39.28
C LEU AA 207 63.24 -4.41 40.58
N VAL AA 208 63.99 -5.04 41.49
CA VAL AA 208 64.28 -4.44 42.79
C VAL AA 208 65.59 -3.66 42.86
N ILE AA 209 65.59 -2.60 43.66
CA ILE AA 209 66.77 -1.75 43.83
C ILE AA 209 67.22 -1.83 45.28
N VAL AA 210 68.25 -2.61 45.55
CA VAL AA 210 68.77 -2.77 46.90
C VAL AA 210 70.02 -1.90 47.09
N THR AA 211 69.90 -0.88 47.92
CA THR AA 211 71.01 0.03 48.19
C THR AA 211 70.64 1.01 49.30
N THR AA 212 71.65 1.68 49.87
CA THR AA 212 71.41 2.64 50.93
C THR AA 212 71.27 4.03 50.33
N PHE AA 213 70.63 4.93 51.05
CA PHE AA 213 70.46 6.30 50.58
C PHE AA 213 71.82 6.93 50.38
N VAL AA 214 72.73 6.65 51.30
CA VAL AA 214 74.09 7.18 51.25
C VAL AA 214 74.72 6.83 49.90
N HIS AA 215 74.55 5.58 49.49
CA HIS AA 215 75.11 5.12 48.22
C HIS AA 215 74.35 5.65 47.00
N TYR AA 216 73.03 5.48 47.00
CA TYR AA 216 72.21 5.93 45.89
C TYR AA 216 72.58 7.33 45.42
N ALA AA 217 73.05 8.15 46.36
CA ALA AA 217 73.45 9.52 46.05
C ALA AA 217 74.69 9.54 45.15
N ASN AA 218 75.77 8.95 45.64
CA ASN AA 218 77.02 8.90 44.91
C ASN AA 218 76.86 8.25 43.53
N PHE AA 219 75.84 7.40 43.40
CA PHE AA 219 75.58 6.71 42.14
C PHE AA 219 74.70 7.51 41.19
N HIS AA 220 73.69 8.18 41.73
CA HIS AA 220 72.77 8.97 40.93
C HIS AA 220 73.47 10.09 40.18
N ASN AA 221 74.73 10.35 40.53
CA ASN AA 221 75.50 11.40 39.87
C ASN AA 221 75.94 11.01 38.47
N TYR AA 222 76.10 9.71 38.23
CA TYR AA 222 76.54 9.23 36.92
C TYR AA 222 75.75 8.03 36.44
N PHE AA 223 74.76 7.59 37.21
CA PHE AA 223 73.97 6.44 36.84
C PHE AA 223 72.47 6.65 37.03
N VAL AA 224 71.79 6.99 35.95
CA VAL AA 224 70.35 7.21 35.98
C VAL AA 224 69.74 6.30 34.92
N PRO AA 225 69.65 4.99 35.22
CA PRO AA 225 69.11 3.98 34.30
C PRO AA 225 67.64 4.19 33.95
N ASN AA 226 67.28 3.81 32.73
CA ASN AA 226 65.91 3.94 32.25
C ASN AA 226 65.17 2.66 32.61
N LEU AA 227 65.06 2.40 33.92
CA LEU AA 227 64.40 1.21 34.44
C LEU AA 227 63.21 0.77 33.60
N LYS AA 228 62.43 1.74 33.12
CA LYS AA 228 61.25 1.44 32.30
C LYS AA 228 61.58 0.53 31.11
N ASP AA 229 62.22 1.09 30.10
CA ASP AA 229 62.57 0.33 28.91
C ASP AA 229 63.52 -0.83 29.23
N MET AA 230 64.48 -0.57 30.12
CA MET AA 230 65.44 -1.58 30.51
C MET AA 230 64.74 -2.82 31.08
N PHE AA 231 63.62 -2.60 31.74
CA PHE AA 231 62.85 -3.69 32.34
C PHE AA 231 62.01 -4.41 31.29
N SER AA 232 61.20 -3.64 30.56
CA SER AA 232 60.33 -4.19 29.53
C SER AA 232 61.09 -5.09 28.56
N ARG AA 233 62.13 -4.52 27.94
CA ARG AA 233 62.94 -5.25 26.98
C ARG AA 233 63.51 -6.52 27.59
N ALA AA 234 63.79 -6.49 28.90
CA ALA AA 234 64.33 -7.64 29.60
C ALA AA 234 63.26 -8.68 29.92
N VAL AA 235 62.01 -8.35 29.61
CA VAL AA 235 60.89 -9.27 29.86
C VAL AA 235 60.26 -9.72 28.56
N THR AA 236 59.78 -8.77 27.76
CA THR AA 236 59.15 -9.08 26.48
C THR AA 236 60.18 -9.11 25.36
N MET AA 237 60.89 -10.23 25.25
CA MET AA 237 61.91 -10.38 24.21
C MET AA 237 62.55 -11.76 24.30
N THR AA 238 62.50 -12.50 23.20
CA THR AA 238 63.09 -13.84 23.16
C THR AA 238 64.56 -13.82 23.56
N ALA AA 239 64.99 -14.87 24.25
CA ALA AA 239 66.37 -14.99 24.71
C ALA AA 239 67.39 -14.62 23.63
N ALA AA 240 67.32 -15.31 22.50
CA ALA AA 240 68.24 -15.05 21.39
C ALA AA 240 68.26 -13.58 20.98
N SER AA 241 67.08 -12.98 20.86
CA SER AA 241 66.97 -11.58 20.46
C SER AA 241 67.63 -10.64 21.46
N TYR AA 242 67.30 -10.82 22.74
CA TYR AA 242 67.87 -9.97 23.79
C TYR AA 242 69.39 -10.06 23.77
N ALA AA 243 69.90 -11.26 23.53
CA ALA AA 243 71.34 -11.49 23.48
C ALA AA 243 72.01 -10.61 22.45
N ARG AA 244 71.40 -10.49 21.27
CA ARG AA 244 71.96 -9.66 20.21
C ARG AA 244 71.71 -8.18 20.47
N TYR AA 245 70.53 -7.84 20.98
CA TYR AA 245 70.21 -6.46 21.29
C TYR AA 245 71.34 -5.89 22.13
N VAL AA 246 71.86 -6.73 23.04
CA VAL AA 246 72.95 -6.35 23.91
C VAL AA 246 74.26 -6.33 23.13
N LEU AA 247 74.48 -7.39 22.35
CA LEU AA 247 75.69 -7.51 21.54
C LEU AA 247 75.87 -6.25 20.71
N GLN AA 248 74.78 -5.78 20.12
CA GLN AA 248 74.80 -4.58 19.29
C GLN AA 248 75.10 -3.35 20.14
N LYS AA 249 74.41 -3.26 21.29
CA LYS AA 249 74.61 -2.12 22.18
C LYS AA 249 76.09 -1.98 22.51
N LEU AA 250 76.78 -3.11 22.65
CA LEU AA 250 78.20 -3.10 22.96
C LEU AA 250 79.00 -2.63 21.75
N VAL AA 251 78.68 -3.18 20.58
CA VAL AA 251 79.37 -2.79 19.35
C VAL AA 251 79.37 -1.27 19.24
N LEU AA 252 78.23 -0.66 19.56
CA LEU AA 252 78.09 0.79 19.51
C LEU AA 252 79.12 1.42 20.43
N LEU AA 253 79.11 1.01 21.70
CA LEU AA 253 80.04 1.52 22.69
C LEU AA 253 81.48 1.32 22.23
N GLU AA 254 81.71 0.25 21.47
CA GLU AA 254 83.05 -0.03 20.97
C GLU AA 254 83.45 1.05 19.97
N MET AA 255 82.53 1.35 19.05
CA MET AA 255 82.78 2.38 18.04
C MET AA 255 82.86 3.74 18.72
N LYS AA 256 82.43 3.81 19.97
CA LYS AA 256 82.48 5.06 20.73
C LYS AA 256 83.78 5.12 21.51
N GLY AA 257 84.67 4.16 21.27
CA GLY AA 257 85.95 4.13 21.94
C GLY AA 257 85.83 3.71 23.40
N GLY AA 258 84.60 3.40 23.82
CA GLY AA 258 84.38 2.98 25.19
C GLY AA 258 85.05 1.67 25.55
N CYS AA 259 85.87 1.14 24.65
CA CYS AA 259 86.55 -0.12 24.92
C CYS AA 259 88.04 0.06 25.22
N ARG AA 260 88.45 1.31 25.32
CA ARG AA 260 89.84 1.66 25.64
C ARG AA 260 89.78 2.86 26.58
N GLU AA 261 88.63 3.50 26.59
CA GLU AA 261 88.34 4.64 27.45
C GLU AA 261 87.00 4.36 28.12
N PRO AA 262 86.88 3.19 28.78
CA PRO AA 262 85.66 2.77 29.47
C PRO AA 262 84.98 3.90 30.23
N GLU AA 263 84.00 4.53 29.59
CA GLU AA 263 83.27 5.63 30.20
C GLU AA 263 82.30 5.11 31.26
N LEU AA 264 82.38 5.69 32.45
CA LEU AA 264 81.50 5.31 33.55
C LEU AA 264 80.22 6.14 33.49
N ASP AA 265 79.39 5.86 32.49
CA ASP AA 265 78.14 6.59 32.32
C ASP AA 265 76.93 5.66 32.39
N THR AA 266 75.74 6.26 32.35
CA THR AA 266 74.49 5.50 32.40
C THR AA 266 74.43 4.42 31.33
N GLU AA 267 74.76 4.80 30.10
CA GLU AA 267 74.73 3.87 28.98
C GLU AA 267 75.64 2.66 29.21
N THR AA 268 76.91 2.92 29.48
CA THR AA 268 77.88 1.87 29.71
C THR AA 268 77.48 0.95 30.87
N LEU AA 269 77.03 1.56 31.97
CA LEU AA 269 76.61 0.79 33.13
C LEU AA 269 75.35 -0.01 32.84
N THR AA 270 74.42 0.61 32.11
CA THR AA 270 73.17 -0.04 31.77
C THR AA 270 73.43 -1.34 30.99
N THR AA 271 74.18 -1.22 29.90
CA THR AA 271 74.52 -2.36 29.07
C THR AA 271 75.04 -3.52 29.91
N MET AA 272 75.90 -3.21 30.88
CA MET AA 272 76.47 -4.23 31.76
C MET AA 272 75.38 -5.13 32.33
N PHE AA 273 74.44 -4.53 33.05
CA PHE AA 273 73.36 -5.29 33.66
C PHE AA 273 72.60 -6.10 32.62
N GLU AA 274 72.33 -5.49 31.47
CA GLU AA 274 71.62 -6.17 30.40
C GLU AA 274 72.44 -7.32 29.86
N VAL AA 275 73.76 -7.19 29.91
CA VAL AA 275 74.66 -8.23 29.43
C VAL AA 275 74.45 -9.49 30.27
N SER AA 276 74.26 -9.30 31.57
CA SER AA 276 74.05 -10.41 32.49
C SER AA 276 72.61 -10.92 32.37
N VAL AA 277 71.69 -10.02 32.04
CA VAL AA 277 70.30 -10.40 31.89
C VAL AA 277 70.17 -11.30 30.67
N ALA AA 278 70.99 -11.03 29.66
CA ALA AA 278 70.99 -11.81 28.43
C ALA AA 278 71.36 -13.25 28.77
N PHE AA 279 72.35 -13.40 29.65
CA PHE AA 279 72.79 -14.73 30.07
C PHE AA 279 71.73 -15.35 30.99
N PHE AA 280 71.15 -14.54 31.85
CA PHE AA 280 70.11 -14.99 32.77
C PHE AA 280 68.92 -15.52 31.99
N LYS AA 281 68.49 -14.78 30.99
CA LYS AA 281 67.36 -15.18 30.17
C LYS AA 281 67.48 -16.62 29.69
N VAL AA 282 68.64 -16.96 29.13
CA VAL AA 282 68.89 -18.30 28.64
C VAL AA 282 68.77 -19.33 29.76
N GLY AA 283 69.36 -19.02 30.91
CA GLY AA 283 69.31 -19.94 32.03
C GLY AA 283 67.91 -20.09 32.59
N HIS AA 284 67.15 -19.00 32.59
CA HIS AA 284 65.80 -19.01 33.12
C HIS AA 284 64.87 -19.74 32.15
N ALA AA 285 65.31 -19.88 30.90
CA ALA AA 285 64.51 -20.56 29.89
C ALA AA 285 64.57 -22.06 30.13
N VAL AA 286 65.78 -22.59 30.23
CA VAL AA 286 65.98 -24.02 30.47
C VAL AA 286 65.42 -24.40 31.84
N GLY AA 287 65.25 -23.39 32.70
CA GLY AA 287 64.71 -23.62 34.02
C GLY AA 287 63.21 -23.87 34.03
N GLU AA 288 62.47 -22.96 33.41
CA GLU AA 288 61.02 -23.06 33.35
C GLU AA 288 60.58 -24.45 32.88
N THR AA 289 61.27 -24.98 31.88
CA THR AA 289 60.95 -26.29 31.35
C THR AA 289 61.74 -27.40 32.02
N GLY AA 290 61.51 -27.57 33.32
CA GLY AA 290 62.21 -28.61 34.07
C GLY AA 290 61.77 -29.98 33.60
N ASN AA 291 62.72 -30.92 33.50
CA ASN AA 291 62.42 -32.27 33.06
C ASN AA 291 61.76 -32.27 31.69
N GLY AA 292 62.02 -31.23 30.89
CA GLY AA 292 61.47 -31.14 29.57
C GLY AA 292 62.57 -31.37 28.55
N CYS AA 293 62.45 -30.78 27.37
CA CYS AA 293 63.47 -30.95 26.35
C CYS AA 293 63.55 -29.74 25.43
N VAL AA 294 64.73 -29.15 25.35
CA VAL AA 294 64.95 -27.98 24.51
C VAL AA 294 65.46 -28.41 23.14
N ASP AA 295 64.80 -27.95 22.09
CA ASP AA 295 65.19 -28.29 20.73
C ASP AA 295 66.62 -27.84 20.48
N LEU AA 296 67.40 -28.68 19.81
CA LEU AA 296 68.80 -28.36 19.53
C LEU AA 296 68.95 -27.11 18.68
N ARG AA 297 67.97 -26.82 17.84
CA ARG AA 297 68.03 -25.63 17.01
C ARG AA 297 68.01 -24.41 17.93
N TRP AA 298 67.18 -24.49 18.96
CA TRP AA 298 67.05 -23.39 19.91
C TRP AA 298 68.38 -23.08 20.59
N LEU AA 299 69.05 -24.13 21.09
CA LEU AA 299 70.33 -23.98 21.76
C LEU AA 299 71.39 -23.46 20.81
N ALA AA 300 71.52 -24.12 19.65
CA ALA AA 300 72.50 -23.73 18.65
C ALA AA 300 72.40 -22.24 18.33
N LYS AA 301 71.20 -21.69 18.49
CA LYS AA 301 70.96 -20.27 18.21
C LYS AA 301 71.15 -19.42 19.47
N SER AA 302 70.49 -19.83 20.55
CA SER AA 302 70.58 -19.11 21.81
C SER AA 302 71.98 -19.11 22.39
N PHE AA 303 72.55 -20.31 22.55
CA PHE AA 303 73.90 -20.44 23.09
C PHE AA 303 74.96 -19.82 22.20
N PHE AA 304 74.62 -19.60 20.94
CA PHE AA 304 75.56 -18.99 19.99
C PHE AA 304 75.70 -17.51 20.34
N GLU AA 305 74.57 -16.82 20.44
CA GLU AA 305 74.56 -15.40 20.77
C GLU AA 305 75.32 -15.14 22.06
N LEU AA 306 75.38 -16.15 22.93
CA LEU AA 306 76.07 -16.03 24.20
C LEU AA 306 77.58 -16.15 24.01
N THR AA 307 78.00 -17.11 23.19
CA THR AA 307 79.42 -17.31 22.92
C THR AA 307 80.00 -16.05 22.30
N VAL AA 308 79.33 -15.54 21.28
CA VAL AA 308 79.78 -14.32 20.60
C VAL AA 308 79.75 -13.15 21.59
N LEU AA 309 78.77 -13.16 22.47
CA LEU AA 309 78.62 -12.11 23.47
C LEU AA 309 79.79 -12.12 24.45
N LYS AA 310 80.08 -13.31 24.99
CA LYS AA 310 81.17 -13.46 25.95
C LYS AA 310 82.50 -12.94 25.44
N ASP AA 311 82.76 -13.12 24.14
CA ASP AA 311 84.02 -12.66 23.55
C ASP AA 311 84.16 -11.15 23.55
N ILE AA 312 83.16 -10.45 23.04
CA ILE AA 312 83.21 -8.99 23.00
C ILE AA 312 83.30 -8.42 24.42
N ILE AA 313 82.59 -9.06 25.34
CA ILE AA 313 82.59 -8.64 26.74
C ILE AA 313 84.01 -8.74 27.29
N GLY AA 314 84.76 -9.72 26.80
CA GLY AA 314 86.12 -9.91 27.26
C GLY AA 314 87.13 -9.05 26.52
N ILE AA 315 86.97 -8.93 25.21
CA ILE AA 315 87.88 -8.12 24.41
C ILE AA 315 87.80 -6.66 24.84
N CYS AA 316 86.60 -6.19 25.12
CA CYS AA 316 86.39 -4.81 25.54
C CYS AA 316 86.84 -4.63 26.99
N TYR AA 317 86.11 -5.26 27.91
CA TYR AA 317 86.41 -5.17 29.32
C TYR AA 317 87.08 -6.47 29.77
N GLY AA 318 87.91 -6.38 30.80
CA GLY AA 318 88.56 -7.57 31.32
C GLY AA 318 87.53 -8.35 32.10
N ALA AA 319 86.34 -8.49 31.52
CA ALA AA 319 85.24 -9.20 32.16
C ALA AA 319 85.33 -10.70 31.89
N THR AA 320 84.86 -11.49 32.85
CA THR AA 320 84.88 -12.94 32.72
C THR AA 320 83.47 -13.48 32.92
N VAL AA 321 83.22 -14.68 32.39
CA VAL AA 321 81.92 -15.32 32.51
C VAL AA 321 82.11 -16.79 32.82
N LYS AA 322 81.36 -17.30 33.79
CA LYS AA 322 81.46 -18.71 34.17
C LYS AA 322 80.18 -19.20 34.81
N GLY AA 323 79.80 -20.41 34.43
CA GLY AA 323 78.59 -21.02 34.95
C GLY AA 323 77.50 -21.14 33.92
N MET AA 324 77.86 -20.95 32.64
CA MET AA 324 76.85 -21.04 31.59
C MET AA 324 77.23 -21.87 30.36
N GLN AA 325 78.44 -22.41 30.34
CA GLN AA 325 78.84 -23.25 29.22
C GLN AA 325 78.68 -24.68 29.71
N SER AA 326 78.00 -25.52 28.94
CA SER AA 326 77.81 -26.90 29.32
C SER AA 326 78.56 -27.80 28.35
N TYR AA 327 79.52 -28.55 28.87
CA TYR AA 327 80.33 -29.42 28.03
C TYR AA 327 79.49 -30.44 27.26
N GLY AA 328 78.28 -30.72 27.76
CA GLY AA 328 77.41 -31.66 27.08
C GLY AA 328 76.97 -31.13 25.73
N LEU AA 329 76.28 -30.00 25.74
CA LEU AA 329 75.80 -29.36 24.52
C LEU AA 329 76.93 -29.20 23.50
N GLU AA 330 78.14 -29.00 23.99
CA GLU AA 330 79.30 -28.83 23.12
C GLU AA 330 79.69 -30.15 22.45
N ARG AA 331 79.73 -31.22 23.22
CA ARG AA 331 80.06 -32.53 22.67
C ARG AA 331 79.01 -32.96 21.66
N LEU AA 332 77.76 -32.66 21.97
CA LEU AA 332 76.65 -33.00 21.09
C LEU AA 332 76.81 -32.27 19.76
N ALA AA 333 76.94 -30.95 19.84
CA ALA AA 333 77.10 -30.13 18.64
C ALA AA 333 78.32 -30.60 17.86
N ALA AA 334 79.41 -30.86 18.56
CA ALA AA 334 80.64 -31.31 17.93
C ALA AA 334 80.42 -32.59 17.13
N MET AA 335 79.82 -33.59 17.78
CA MET AA 335 79.56 -34.87 17.12
C MET AA 335 78.65 -34.71 15.92
N LEU AA 336 77.55 -33.97 16.09
CA LEU AA 336 76.60 -33.75 15.01
C LEU AA 336 77.29 -33.20 13.77
N MET AA 337 78.11 -32.17 13.95
CA MET AA 337 78.83 -31.56 12.83
C MET AA 337 79.75 -32.54 12.13
N ALA AA 338 80.43 -33.37 12.92
CA ALA AA 338 81.37 -34.35 12.38
C ALA AA 338 80.69 -35.31 11.42
N THR AA 339 79.36 -35.32 11.40
CA THR AA 339 78.62 -36.20 10.52
C THR AA 339 77.85 -35.47 9.42
N VAL AA 340 78.55 -34.64 8.66
CA VAL AA 340 77.91 -33.88 7.58
C VAL AA 340 78.90 -33.49 6.48
N LYS AA 341 78.41 -33.48 5.24
CA LYS AA 341 79.23 -33.11 4.10
C LYS AA 341 79.61 -31.64 4.23
N MET AA 342 80.68 -31.35 4.98
CA MET AA 342 81.14 -29.99 5.20
C MET AA 342 81.55 -29.28 3.92
N GLU AA 343 82.37 -29.95 3.11
CA GLU AA 343 82.85 -29.37 1.85
C GLU AA 343 81.73 -29.09 0.87
N GLU AA 344 80.49 -29.37 1.28
CA GLU AA 344 79.34 -29.15 0.40
C GLU AA 344 78.23 -28.40 1.13
N LEU AA 345 78.59 -27.80 2.26
CA LEU AA 345 77.63 -27.05 3.08
C LEU AA 345 77.08 -25.86 2.30
N GLY AA 346 77.92 -25.23 1.50
CA GLY AA 346 77.50 -24.07 0.73
C GLY AA 346 76.37 -24.36 -0.24
N HIS AA 347 76.28 -25.60 -0.72
CA HIS AA 347 75.24 -25.99 -1.65
C HIS AA 347 73.93 -26.28 -0.94
N LEU AA 348 73.91 -26.07 0.38
CA LEU AA 348 72.72 -26.32 1.18
C LEU AA 348 71.81 -25.08 1.22
N THR AA 349 70.70 -25.18 1.92
CA THR AA 349 69.74 -24.09 2.03
C THR AA 349 70.22 -23.03 3.02
N THR AA 350 69.53 -21.89 3.04
CA THR AA 350 69.86 -20.79 3.93
C THR AA 350 69.65 -21.12 5.40
N GLU AA 351 68.40 -21.36 5.78
CA GLU AA 351 68.07 -21.68 7.17
C GLU AA 351 68.98 -22.79 7.70
N LYS AA 352 69.20 -23.82 6.88
CA LYS AA 352 70.05 -24.94 7.26
C LYS AA 352 71.50 -24.51 7.37
N GLN AA 353 71.88 -23.55 6.52
CA GLN AA 353 73.26 -23.06 6.51
C GLN AA 353 73.61 -22.37 7.83
N GLU AA 354 72.71 -21.51 8.30
CA GLU AA 354 72.95 -20.81 9.57
C GLU AA 354 73.10 -21.86 10.66
N TYR AA 355 72.03 -22.60 10.91
CA TYR AA 355 72.00 -23.65 11.92
C TYR AA 355 73.31 -24.45 11.91
N ALA AA 356 73.79 -24.77 10.71
CA ALA AA 356 75.02 -25.54 10.57
C ALA AA 356 76.20 -24.79 11.20
N LEU AA 357 76.59 -23.68 10.58
CA LEU AA 357 77.69 -22.86 11.09
C LEU AA 357 77.43 -22.44 12.53
N ARG AA 358 76.18 -22.06 12.80
CA ARG AA 358 75.77 -21.61 14.12
C ARG AA 358 76.26 -22.55 15.22
N LEU AA 359 75.77 -23.79 15.20
CA LEU AA 359 76.15 -24.78 16.21
C LEU AA 359 77.61 -25.19 16.06
N ALA AA 360 78.18 -24.96 14.88
CA ALA AA 360 79.57 -25.30 14.62
C ALA AA 360 80.47 -24.47 15.55
N THR AA 361 79.98 -23.29 15.91
CA THR AA 361 80.72 -22.39 16.79
C THR AA 361 80.61 -22.88 18.24
N VAL AA 362 79.41 -23.31 18.62
CA VAL AA 362 79.15 -23.79 19.97
C VAL AA 362 79.95 -25.04 20.35
N GLY AA 363 80.10 -25.95 19.40
CA GLY AA 363 80.84 -27.18 19.68
C GLY AA 363 82.31 -27.20 19.32
N TYR AA 364 82.78 -26.15 18.66
CA TYR AA 364 84.19 -26.07 18.26
C TYR AA 364 85.15 -26.46 19.38
N PRO AA 365 84.95 -25.95 20.60
CA PRO AA 365 85.82 -26.26 21.75
C PRO AA 365 85.98 -27.74 22.11
N LYS AA 366 84.97 -28.30 22.79
CA LYS AA 366 84.98 -29.69 23.25
C LYS AA 366 85.43 -30.76 22.25
N ALA AA 367 85.28 -30.49 20.96
CA ALA AA 367 85.68 -31.48 19.95
C ALA AA 367 85.87 -30.86 18.57
N GLY AA 368 86.59 -31.57 17.71
CA GLY AA 368 86.82 -31.08 16.37
C GLY AA 368 88.25 -30.60 16.14
N VAL AA 369 89.21 -31.34 16.66
CA VAL AA 369 90.62 -30.98 16.50
C VAL AA 369 91.09 -31.41 15.10
N TYR AA 370 90.30 -32.27 14.47
CA TYR AA 370 90.61 -32.76 13.14
C TYR AA 370 89.34 -32.85 12.29
N SER AA 371 88.31 -32.11 12.71
CA SER AA 371 87.05 -32.08 12.00
C SER AA 371 87.07 -30.93 11.00
N GLY AA 372 86.47 -31.14 9.84
CA GLY AA 372 86.44 -30.11 8.82
C GLY AA 372 85.50 -28.96 9.08
N LEU AA 373 85.58 -28.36 10.27
CA LEU AA 373 84.71 -27.25 10.62
C LEU AA 373 85.05 -26.00 9.81
N ILE AA 374 86.32 -25.60 9.83
CA ILE AA 374 86.75 -24.42 9.10
C ILE AA 374 86.41 -24.60 7.63
N GLY AA 375 86.40 -25.85 7.17
CA GLY AA 375 86.09 -26.14 5.78
C GLY AA 375 84.67 -25.71 5.45
N GLY AA 376 83.73 -26.08 6.31
CA GLY AA 376 82.34 -25.71 6.08
C GLY AA 376 82.17 -24.20 6.03
N ALA AA 377 82.87 -23.51 6.92
CA ALA AA 377 82.81 -22.05 6.98
C ALA AA 377 83.31 -21.45 5.66
N THR AA 378 84.19 -22.18 5.00
CA THR AA 378 84.75 -21.74 3.72
C THR AA 378 83.76 -21.98 2.59
N SER AA 379 83.21 -23.19 2.53
CA SER AA 379 82.26 -23.57 1.51
C SER AA 379 81.07 -22.62 1.47
N VAL AA 380 80.51 -22.33 2.65
CA VAL AA 380 79.38 -21.43 2.75
C VAL AA 380 79.73 -20.04 2.23
N LEU AA 381 80.92 -19.57 2.56
CA LEU AA 381 81.39 -18.26 2.12
C LEU AA 381 81.61 -18.25 0.62
N LEU AA 382 82.30 -19.28 0.12
CA LEU AA 382 82.58 -19.40 -1.29
C LEU AA 382 81.33 -19.18 -2.13
N SER AA 383 80.25 -19.87 -1.74
CA SER AA 383 78.98 -19.76 -2.46
C SER AA 383 78.53 -18.31 -2.50
N ALA AA 384 78.54 -17.67 -1.33
CA ALA AA 384 78.13 -16.28 -1.20
C ALA AA 384 78.84 -15.37 -2.20
N TYR AA 385 80.16 -15.49 -2.24
CA TYR AA 385 80.98 -14.69 -3.13
C TYR AA 385 80.66 -14.87 -4.61
N ASN AA 386 80.60 -16.13 -5.05
CA ASN AA 386 80.31 -16.44 -6.45
C ASN AA 386 79.03 -15.81 -6.96
N ARG AA 387 78.02 -15.72 -6.09
CA ARG AA 387 76.73 -15.17 -6.48
C ARG AA 387 76.66 -13.64 -6.58
N HIS AA 388 77.70 -12.94 -6.13
CA HIS AA 388 77.69 -11.48 -6.19
C HIS AA 388 78.99 -10.84 -6.65
N PRO AA 389 78.98 -9.52 -6.86
CA PRO AA 389 80.14 -8.75 -7.31
C PRO AA 389 80.91 -8.00 -6.20
N LEU AA 390 81.56 -8.75 -5.32
CA LEU AA 390 82.35 -8.16 -4.23
C LEU AA 390 81.57 -7.19 -3.35
N PHE AA 391 80.43 -7.64 -2.83
CA PHE AA 391 79.59 -6.84 -1.97
C PHE AA 391 78.33 -7.61 -1.64
N GLN AA 392 78.04 -7.76 -0.35
CA GLN AA 392 76.85 -8.49 0.08
C GLN AA 392 75.76 -7.50 0.44
N PRO AA 393 74.50 -7.82 0.13
CA PRO AA 393 73.39 -6.92 0.46
C PRO AA 393 73.50 -6.44 1.89
N LEU AA 394 73.37 -5.13 2.09
CA LEU AA 394 73.48 -4.54 3.43
C LEU AA 394 72.68 -5.24 4.52
N HIS AA 395 71.52 -5.79 4.16
CA HIS AA 395 70.68 -6.47 5.13
C HIS AA 395 70.07 -7.74 4.56
N THR AA 396 70.93 -8.64 4.08
CA THR AA 396 70.47 -9.91 3.52
C THR AA 396 70.52 -11.00 4.58
N VAL AA 397 69.70 -12.03 4.39
CA VAL AA 397 69.65 -13.14 5.31
C VAL AA 397 70.99 -13.84 5.38
N MET AA 398 71.71 -13.84 4.25
CA MET AA 398 73.01 -14.48 4.16
C MET AA 398 74.11 -13.68 4.86
N ARG AA 399 73.97 -12.37 4.93
CA ARG AA 399 74.96 -11.53 5.58
C ARG AA 399 75.13 -12.04 7.00
N GLU AA 400 74.00 -12.26 7.68
CA GLU AA 400 73.98 -12.77 9.04
C GLU AA 400 74.75 -14.08 9.11
N THR AA 401 74.64 -14.86 8.04
CA THR AA 401 75.30 -16.15 7.94
C THR AA 401 76.82 -16.04 8.00
N LEU AA 402 77.39 -15.28 7.06
CA LEU AA 402 78.84 -15.11 7.01
C LEU AA 402 79.38 -14.64 8.35
N PHE AA 403 78.57 -13.89 9.09
CA PHE AA 403 78.98 -13.38 10.39
C PHE AA 403 79.14 -14.54 11.37
N ILE AA 404 78.17 -15.44 11.38
CA ILE AA 404 78.19 -16.60 12.26
C ILE AA 404 79.41 -17.48 11.94
N GLY AA 405 79.70 -17.63 10.65
CA GLY AA 405 80.83 -18.45 10.25
C GLY AA 405 82.17 -17.85 10.59
N SER AA 406 82.30 -16.53 10.44
CA SER AA 406 83.55 -15.85 10.73
C SER AA 406 84.10 -16.23 12.10
N HIS AA 407 83.21 -16.34 13.09
CA HIS AA 407 83.61 -16.69 14.44
C HIS AA 407 84.43 -17.98 14.51
N VAL AA 408 83.93 -19.05 13.89
CA VAL AA 408 84.64 -20.32 13.90
C VAL AA 408 85.94 -20.24 13.11
N VAL AA 409 86.05 -19.23 12.26
CA VAL AA 409 87.24 -19.03 11.45
C VAL AA 409 88.29 -18.25 12.24
N LEU AA 410 87.84 -17.17 12.88
CA LEU AA 410 88.73 -16.33 13.69
C LEU AA 410 89.39 -17.18 14.76
N ARG AA 411 88.57 -17.91 15.51
CA ARG AA 411 89.04 -18.78 16.57
C ARG AA 411 90.19 -19.64 16.06
N GLU AA 412 89.98 -20.20 14.87
CA GLU AA 412 90.98 -21.06 14.24
C GLU AA 412 92.28 -20.28 14.02
N LEU AA 413 92.16 -19.12 13.39
CA LEU AA 413 93.29 -18.24 13.10
C LEU AA 413 94.14 -17.95 14.33
N ARG AA 414 93.48 -17.61 15.43
CA ARG AA 414 94.16 -17.28 16.68
C ARG AA 414 95.10 -18.37 17.18
N LEU AA 415 94.85 -19.62 16.77
CA LEU AA 415 95.68 -20.73 17.19
C LEU AA 415 97.06 -20.71 16.55
N ASN AA 416 97.91 -21.65 16.95
CA ASN AA 416 99.27 -21.73 16.42
C ASN AA 416 99.49 -23.04 15.66
N VAL AA 417 98.42 -23.81 15.49
CA VAL AA 417 98.50 -25.07 14.76
C VAL AA 417 98.06 -24.85 13.32
N THR AA 418 99.04 -24.77 12.43
CA THR AA 418 98.75 -24.54 11.01
C THR AA 418 97.97 -25.69 10.39
N THR AA 419 96.67 -25.71 10.66
CA THR AA 419 95.79 -26.74 10.13
C THR AA 419 94.80 -26.09 9.16
N GLN AA 420 94.74 -26.63 7.95
CA GLN AA 420 93.86 -26.09 6.92
C GLN AA 420 94.28 -24.67 6.58
N GLY AA 421 95.57 -24.40 6.76
CA GLY AA 421 96.09 -23.07 6.46
C GLY AA 421 95.70 -22.66 5.06
N PRO AA 422 95.90 -23.54 4.05
CA PRO AA 422 95.55 -23.23 2.67
C PRO AA 422 94.06 -22.96 2.53
N ASN AA 423 93.25 -23.82 3.17
CA ASN AA 423 91.80 -23.68 3.13
C ASN AA 423 91.34 -22.44 3.87
N LEU AA 424 92.13 -22.03 4.86
CA LEU AA 424 91.82 -20.85 5.66
C LEU AA 424 92.28 -19.58 4.96
N ALA AA 425 93.50 -19.60 4.43
CA ALA AA 425 94.05 -18.46 3.73
C ALA AA 425 93.05 -18.00 2.68
N LEU AA 426 92.36 -18.95 2.08
CA LEU AA 426 91.35 -18.67 1.07
C LEU AA 426 90.27 -17.76 1.64
N TYR AA 427 89.74 -18.14 2.79
CA TYR AA 427 88.70 -17.37 3.46
C TYR AA 427 89.10 -15.90 3.52
N GLN AA 428 90.34 -15.65 3.91
CA GLN AA 428 90.86 -14.29 4.01
C GLN AA 428 90.85 -13.62 2.65
N LEU AA 429 91.35 -14.32 1.65
CA LEU AA 429 91.41 -13.78 0.29
C LEU AA 429 90.02 -13.32 -0.17
N LEU AA 430 89.05 -14.22 -0.08
CA LEU AA 430 87.68 -13.91 -0.49
C LEU AA 430 87.15 -12.67 0.25
N SER AA 431 87.16 -12.72 1.57
CA SER AA 431 86.69 -11.60 2.38
C SER AA 431 87.39 -10.31 1.98
N THR AA 432 88.69 -10.40 1.70
CA THR AA 432 89.47 -9.24 1.30
C THR AA 432 88.84 -8.62 0.06
N ALA AA 433 88.63 -9.43 -0.96
CA ALA AA 433 88.03 -8.96 -2.20
C ALA AA 433 86.67 -8.34 -1.88
N LEU AA 434 85.93 -9.00 -1.00
CA LEU AA 434 84.62 -8.51 -0.59
C LEU AA 434 84.70 -7.16 0.09
N CYS AA 435 85.87 -6.83 0.63
CA CYS AA 435 86.06 -5.55 1.28
C CYS AA 435 86.36 -4.48 0.23
N SER AA 436 85.55 -4.47 -0.82
CA SER AA 436 85.72 -3.53 -1.92
C SER AA 436 85.22 -2.13 -1.55
N ALA AA 437 85.56 -1.15 -2.38
CA ALA AA 437 85.16 0.23 -2.16
C ALA AA 437 83.64 0.33 -2.02
N LEU AA 438 82.94 -0.60 -2.67
CA LEU AA 438 81.48 -0.63 -2.63
C LEU AA 438 81.05 -1.07 -1.23
N GLU AA 439 81.70 -2.10 -0.72
CA GLU AA 439 81.42 -2.63 0.61
C GLU AA 439 81.71 -1.57 1.67
N ILE AA 440 83.00 -1.27 1.82
CA ILE AA 440 83.45 -0.28 2.79
C ILE AA 440 82.64 1.01 2.68
N GLY AA 441 82.16 1.31 1.48
CA GLY AA 441 81.38 2.51 1.27
C GLY AA 441 79.99 2.41 1.87
N GLU AA 442 79.27 1.36 1.52
CA GLU AA 442 77.92 1.15 2.04
C GLU AA 442 77.88 0.99 3.55
N VAL AA 443 78.89 0.33 4.10
CA VAL AA 443 78.96 0.13 5.55
C VAL AA 443 78.95 1.46 6.27
N LEU AA 444 79.74 2.41 5.76
CA LEU AA 444 79.81 3.74 6.34
C LEU AA 444 78.45 4.42 6.24
N ARG AA 445 77.89 4.41 5.03
CA ARG AA 445 76.57 5.00 4.78
C ARG AA 445 75.60 4.57 5.87
N GLY AA 446 75.47 3.26 6.06
CA GLY AA 446 74.56 2.74 7.06
C GLY AA 446 74.89 3.20 8.46
N LEU AA 447 76.17 3.18 8.81
CA LEU AA 447 76.62 3.61 10.13
C LEU AA 447 76.18 5.03 10.43
N ALA AA 448 76.41 5.93 9.48
CA ALA AA 448 76.04 7.33 9.64
C ALA AA 448 74.52 7.49 9.77
N LEU AA 449 73.78 6.84 8.87
CA LEU AA 449 72.32 6.92 8.90
C LEU AA 449 71.72 6.05 10.01
N GLY AA 450 72.58 5.31 10.70
CA GLY AA 450 72.13 4.46 11.79
C GLY AA 450 71.29 3.25 11.41
N THR AA 451 71.39 2.81 10.17
CA THR AA 451 70.62 1.64 9.72
C THR AA 451 71.42 0.36 10.00
N GLU AA 452 72.73 0.46 9.84
CA GLU AA 452 73.62 -0.67 10.06
C GLU AA 452 74.35 -0.52 11.40
N SER AA 453 74.37 -1.59 12.18
CA SER AA 453 75.03 -1.58 13.49
C SER AA 453 76.55 -1.63 13.33
N GLY AA 454 76.99 -2.30 12.27
CA GLY AA 454 78.42 -2.42 12.03
C GLY AA 454 78.99 -3.62 12.76
N LEU AA 455 78.10 -4.56 13.09
CA LEU AA 455 78.49 -5.77 13.81
C LEU AA 455 79.43 -6.65 13.01
N PHE AA 456 79.17 -6.79 11.71
CA PHE AA 456 80.00 -7.63 10.86
C PHE AA 456 80.29 -7.06 9.48
N SER AA 457 81.42 -7.47 8.93
CA SER AA 457 81.88 -7.04 7.60
C SER AA 457 83.03 -7.95 7.20
N PRO AA 458 83.08 -8.36 5.92
CA PRO AA 458 84.16 -9.23 5.45
C PRO AA 458 85.54 -8.61 5.64
N CYS AA 459 85.56 -7.33 5.96
CA CYS AA 459 86.82 -6.62 6.17
C CYS AA 459 87.49 -7.05 7.48
N TYR AA 460 86.68 -7.33 8.50
CA TYR AA 460 87.19 -7.74 9.80
C TYR AA 460 88.15 -8.92 9.76
N LEU AA 461 88.16 -9.65 8.65
CA LEU AA 461 89.05 -10.80 8.51
C LEU AA 461 89.87 -10.66 7.24
N SER AA 462 89.56 -9.64 6.46
CA SER AA 462 90.27 -9.39 5.20
C SER AA 462 91.70 -8.99 5.48
N LEU AA 463 92.54 -9.10 4.45
CA LEU AA 463 93.95 -8.75 4.56
C LEU AA 463 94.18 -7.38 3.93
N ARG AA 464 93.20 -6.49 4.09
CA ARG AA 464 93.27 -5.16 3.53
C ARG AA 464 93.57 -4.15 4.64
N PHE AA 465 94.86 -3.90 4.86
CA PHE AA 465 95.31 -2.97 5.89
C PHE AA 465 95.60 -1.60 5.26
N ASP AA 466 94.87 -1.27 4.20
CA ASP AA 466 95.04 -0.01 3.50
C ASP AA 466 94.15 1.11 4.04
N LEU AA 467 92.96 0.74 4.52
CA LEU AA 467 92.02 1.71 5.05
C LEU AA 467 92.44 2.35 6.37
N THR AA 468 92.71 3.66 6.31
CA THR AA 468 93.11 4.42 7.49
C THR AA 468 92.07 5.51 7.74
N ARG AA 469 92.32 6.36 8.73
CA ARG AA 469 91.39 7.44 9.06
C ARG AA 469 91.01 8.24 7.83
N ASP AA 470 92.01 8.67 7.07
CA ASP AA 470 91.78 9.46 5.85
C ASP AA 470 91.27 8.60 4.70
N LYS AA 471 91.98 7.52 4.39
CA LYS AA 471 91.59 6.62 3.30
C LYS AA 471 90.13 6.22 3.42
N LEU AA 472 89.71 5.87 4.63
CA LEU AA 472 88.33 5.47 4.87
C LEU AA 472 87.38 6.61 4.56
N LEU AA 473 87.78 7.83 4.92
CA LEU AA 473 86.97 9.01 4.68
C LEU AA 473 86.78 9.21 3.18
N SER AA 474 87.68 8.63 2.39
CA SER AA 474 87.61 8.75 0.93
C SER AA 474 86.48 7.88 0.37
N MET AA 475 86.42 6.63 0.81
CA MET AA 475 85.37 5.72 0.35
C MET AA 475 83.99 6.20 0.80
N ALA AA 476 83.95 7.00 1.86
CA ALA AA 476 82.69 7.52 2.38
C ALA AA 476 81.88 8.18 1.26
N PRO AA 477 80.55 8.02 1.30
CA PRO AA 477 79.67 8.60 0.29
C PRO AA 477 79.65 10.13 0.31
N GLN AA 478 79.75 10.73 -0.87
CA GLN AA 478 79.75 12.18 -1.00
C GLN AA 478 78.34 12.67 -1.32
N GLU AA 479 77.59 13.03 -0.28
CA GLU AA 479 76.22 13.50 -0.47
C GLU AA 479 75.82 14.49 0.63
N ALA AA 480 75.05 15.50 0.24
CA ALA AA 480 74.58 16.51 1.18
C ALA AA 480 73.45 15.95 2.03
N THR AA 481 72.95 14.78 1.64
CA THR AA 481 71.86 14.13 2.36
C THR AA 481 72.39 13.44 3.61
N LEU AA 482 73.71 13.46 3.78
CA LEU AA 482 74.34 12.84 4.93
C LEU AA 482 75.10 13.87 5.77
N ASP AA 483 74.81 13.93 7.06
CA ASP AA 483 75.46 14.87 7.96
C ASP AA 483 76.96 14.64 7.99
N GLN AA 484 77.70 15.56 7.39
CA GLN AA 484 79.17 15.48 7.34
C GLN AA 484 79.76 15.14 8.71
N ALA AA 485 79.10 15.58 9.77
CA ALA AA 485 79.56 15.32 11.13
C ALA AA 485 79.32 13.85 11.48
N ALA AA 486 78.10 13.39 11.22
CA ALA AA 486 77.73 12.02 11.50
C ALA AA 486 78.66 11.06 10.77
N VAL AA 487 78.96 11.38 9.51
CA VAL AA 487 79.85 10.56 8.70
C VAL AA 487 81.18 10.32 9.39
N SER AA 488 81.77 11.40 9.91
CA SER AA 488 83.06 11.30 10.60
C SER AA 488 83.02 10.25 11.70
N ASN AA 489 81.97 10.28 12.52
CA ASN AA 489 81.83 9.32 13.60
C ASN AA 489 81.84 7.90 13.07
N ALA AA 490 81.10 7.68 11.97
CA ALA AA 490 81.03 6.37 11.35
C ALA AA 490 82.42 5.91 10.94
N VAL AA 491 83.14 6.76 10.22
CA VAL AA 491 84.49 6.43 9.78
C VAL AA 491 85.36 6.08 10.97
N ASP AA 492 85.26 6.89 12.03
CA ASP AA 492 86.04 6.65 13.24
C ASP AA 492 85.62 5.34 13.88
N GLY AA 493 84.32 5.12 13.99
CA GLY AA 493 83.81 3.90 14.59
C GLY AA 493 84.30 2.66 13.87
N PHE AA 494 84.14 2.64 12.55
CA PHE AA 494 84.57 1.51 11.74
C PHE AA 494 86.05 1.22 11.99
N LEU AA 495 86.87 2.26 11.87
CA LEU AA 495 88.30 2.12 12.09
C LEU AA 495 88.58 1.50 13.45
N GLY AA 496 87.77 1.86 14.44
CA GLY AA 496 87.93 1.34 15.78
C GLY AA 496 87.69 -0.14 15.91
N ARG AA 497 86.47 -0.57 15.57
CA ARG AA 497 86.11 -1.98 15.66
C ARG AA 497 87.02 -2.84 14.78
N LEU AA 498 87.60 -2.21 13.76
CA LEU AA 498 88.49 -2.92 12.84
C LEU AA 498 89.82 -3.24 13.51
N SER AA 499 90.29 -2.30 14.34
CA SER AA 499 91.56 -2.50 15.04
C SER AA 499 91.42 -3.43 16.24
N LEU AA 500 90.18 -3.75 16.59
CA LEU AA 500 89.92 -4.64 17.72
C LEU AA 500 89.54 -6.03 17.27
N GLU AA 501 88.67 -6.12 16.26
CA GLU AA 501 88.24 -7.40 15.74
C GLU AA 501 89.40 -8.08 15.02
N ARG AA 502 90.25 -7.28 14.39
CA ARG AA 502 91.40 -7.80 13.67
C ARG AA 502 92.70 -7.52 14.40
N GLU AA 503 93.58 -8.53 14.45
CA GLU AA 503 94.88 -8.41 15.10
C GLU AA 503 96.01 -8.58 14.09
N ASP AA 504 97.22 -8.20 14.49
CA ASP AA 504 98.40 -8.31 13.63
C ASP AA 504 98.91 -9.74 13.59
N ARG AA 505 98.28 -10.61 14.38
CA ARG AA 505 98.68 -12.01 14.45
C ARG AA 505 97.79 -12.86 13.57
N ASP AA 506 96.69 -12.27 13.11
CA ASP AA 506 95.74 -12.95 12.25
C ASP AA 506 96.39 -13.57 11.02
N ALA AA 507 97.46 -12.94 10.53
CA ALA AA 507 98.15 -13.43 9.35
C ALA AA 507 99.50 -14.08 9.63
N TRP AA 508 99.76 -14.41 10.90
CA TRP AA 508 101.01 -15.07 11.25
C TRP AA 508 101.03 -16.47 10.66
N HIS AA 509 99.91 -16.85 10.03
CA HIS AA 509 99.78 -18.15 9.41
C HIS AA 509 100.18 -18.11 7.94
N LEU AA 510 99.67 -17.12 7.22
CA LEU AA 510 99.98 -16.97 5.81
C LEU AA 510 101.48 -17.15 5.57
N PRO AA 511 101.84 -18.06 4.66
CA PRO AA 511 103.23 -18.38 4.29
C PRO AA 511 104.10 -17.17 3.91
N ALA AA 512 103.56 -16.27 3.10
CA ALA AA 512 104.30 -15.10 2.63
C ALA AA 512 104.61 -14.05 3.69
N TYR AA 513 103.88 -14.07 4.80
CA TYR AA 513 104.07 -13.11 5.87
C TYR AA 513 105.53 -12.95 6.30
N LYS AA 514 106.22 -14.07 6.44
CA LYS AA 514 107.62 -14.10 6.86
C LYS AA 514 108.57 -13.33 5.93
N CYS AA 515 108.04 -12.82 4.83
CA CYS AA 515 108.86 -12.11 3.85
C CYS AA 515 108.80 -10.59 3.85
N VAL AA 516 108.08 -10.00 4.80
CA VAL AA 516 107.97 -8.54 4.81
C VAL AA 516 108.77 -7.86 5.92
N ASP AA 517 109.76 -7.07 5.52
CA ASP AA 517 110.60 -6.33 6.47
C ASP AA 517 109.76 -5.22 7.11
N ARG AA 518 109.52 -4.14 6.37
CA ARG AA 518 108.71 -3.04 6.88
C ARG AA 518 107.25 -3.37 6.62
N LEU AA 519 106.68 -4.22 7.47
CA LEU AA 519 105.29 -4.65 7.33
C LEU AA 519 104.27 -3.55 7.64
N ASP AA 520 104.72 -2.49 8.31
CA ASP AA 520 103.81 -1.40 8.65
C ASP AA 520 103.39 -0.60 7.42
N LYS AA 521 104.19 -0.66 6.37
CA LYS AA 521 103.88 0.05 5.15
C LYS AA 521 103.24 -0.87 4.11
N VAL AA 522 102.55 -1.90 4.62
CA VAL AA 522 101.87 -2.86 3.77
C VAL AA 522 100.40 -2.48 3.63
N LEU AA 523 99.98 -2.24 2.39
CA LEU AA 523 98.60 -1.86 2.11
C LEU AA 523 97.67 -3.07 2.20
N MET AA 524 97.98 -4.12 1.43
CA MET AA 524 97.18 -5.33 1.45
C MET AA 524 97.88 -6.49 0.77
N ILE AA 525 97.66 -7.69 1.31
CA ILE AA 525 98.26 -8.90 0.77
C ILE AA 525 97.19 -9.77 0.11
N ILE AA 526 97.50 -10.30 -1.06
CA ILE AA 526 96.56 -11.14 -1.79
C ILE AA 526 97.05 -12.58 -1.92
N PRO AA 527 96.59 -13.47 -1.04
CA PRO AA 527 96.99 -14.88 -1.08
C PRO AA 527 96.40 -15.58 -2.29
N LEU AA 528 97.26 -15.99 -3.21
CA LEU AA 528 96.82 -16.68 -4.42
C LEU AA 528 97.09 -18.17 -4.34
N ILE AA 529 96.76 -18.88 -5.42
CA ILE AA 529 96.95 -20.32 -5.49
C ILE AA 529 98.42 -20.75 -5.42
N ASN AA 530 99.20 -20.38 -6.43
CA ASN AA 530 100.62 -20.74 -6.46
C ASN AA 530 101.53 -19.64 -5.94
N VAL AA 531 100.98 -18.45 -5.69
CA VAL AA 531 101.76 -17.33 -5.19
C VAL AA 531 100.94 -16.46 -4.25
N THR AA 532 101.54 -15.37 -3.79
CA THR AA 532 100.86 -14.43 -2.90
C THR AA 532 101.42 -13.03 -3.12
N PHE AA 533 100.55 -12.12 -3.55
CA PHE AA 533 100.94 -10.74 -3.81
C PHE AA 533 100.93 -9.85 -2.57
N ILE AA 534 101.93 -8.99 -2.47
CA ILE AA 534 102.05 -8.07 -1.34
C ILE AA 534 102.11 -6.62 -1.83
N ILE AA 535 100.98 -5.92 -1.74
CA ILE AA 535 100.91 -4.53 -2.16
C ILE AA 535 101.35 -3.66 -1.00
N SER AA 536 102.38 -2.84 -1.21
CA SER AA 536 102.89 -1.97 -0.16
C SER AA 536 103.54 -0.72 -0.71
N SER AA 537 103.89 0.20 0.19
CA SER AA 537 104.53 1.45 -0.19
C SER AA 537 106.03 1.36 0.07
N ASP AA 538 106.54 0.14 0.09
CA ASP AA 538 107.96 -0.10 0.32
C ASP AA 538 108.47 -1.23 -0.57
N ARG AA 539 109.64 -1.04 -1.15
CA ARG AA 539 110.25 -2.03 -2.01
C ARG AA 539 111.15 -2.94 -1.19
N GLU AA 540 110.82 -3.08 0.09
CA GLU AA 540 111.60 -3.92 0.99
C GLU AA 540 111.19 -5.38 0.99
N VAL AA 541 109.96 -5.67 0.59
CA VAL AA 541 109.48 -7.04 0.55
C VAL AA 541 110.46 -7.86 -0.29
N ARG AA 542 110.82 -9.05 0.20
CA ARG AA 542 111.76 -9.91 -0.51
C ARG AA 542 111.09 -11.02 -1.31
N GLY AA 543 110.22 -10.65 -2.24
CA GLY AA 543 109.53 -11.63 -3.06
C GLY AA 543 110.37 -12.15 -4.20
N SER AA 544 109.81 -12.12 -5.40
CA SER AA 544 110.51 -12.60 -6.60
C SER AA 544 110.80 -11.46 -7.56
N ALA AA 545 109.95 -10.45 -7.56
CA ALA AA 545 110.10 -9.31 -8.43
C ALA AA 545 109.43 -8.08 -7.82
N LEU AA 546 109.76 -6.91 -8.34
CA LEU AA 546 109.18 -5.68 -7.83
C LEU AA 546 108.44 -4.92 -8.93
N TYR AA 547 107.18 -4.61 -8.65
CA TYR AA 547 106.35 -3.88 -9.60
C TYR AA 547 105.98 -2.52 -9.01
N GLU AA 548 105.81 -1.53 -9.87
CA GLU AA 548 105.46 -0.19 -9.42
C GLU AA 548 104.48 0.48 -10.38
N ALA AA 549 103.37 0.95 -9.84
CA ALA AA 549 102.35 1.63 -10.63
C ALA AA 549 102.90 2.96 -11.13
N SER AA 550 102.26 3.53 -12.15
CA SER AA 550 102.70 4.81 -12.70
C SER AA 550 102.34 6.00 -11.82
N THR AA 551 101.33 5.83 -10.97
CA THR AA 551 100.87 6.90 -10.09
C THR AA 551 101.84 7.23 -8.95
N THR AA 552 102.01 8.53 -8.71
CA THR AA 552 102.89 9.02 -7.65
C THR AA 552 102.11 10.05 -6.82
N TYR AA 553 100.82 10.14 -7.10
CA TYR AA 553 99.93 11.06 -6.41
C TYR AA 553 99.94 10.82 -4.92
N LEU AA 554 99.98 9.55 -4.54
CA LEU AA 554 99.99 9.17 -3.13
C LEU AA 554 101.24 9.71 -2.45
N SER AA 555 101.26 9.62 -1.13
CA SER AA 555 102.38 10.08 -0.33
C SER AA 555 103.64 9.37 -0.82
N SER AA 556 103.58 8.04 -0.78
CA SER AA 556 104.69 7.21 -1.23
C SER AA 556 104.35 6.53 -2.55
N SER AA 557 105.05 5.46 -2.88
CA SER AA 557 104.80 4.73 -4.12
C SER AA 557 103.90 3.51 -3.93
N LEU AA 558 103.43 2.96 -5.03
CA LEU AA 558 102.56 1.78 -5.00
C LEU AA 558 103.31 0.59 -5.58
N PHE AA 559 103.86 -0.24 -4.69
CA PHE AA 559 104.61 -1.42 -5.11
C PHE AA 559 103.80 -2.71 -5.07
N LEU AA 560 104.25 -3.70 -5.84
CA LEU AA 560 103.61 -5.00 -5.92
C LEU AA 560 104.65 -6.11 -5.84
N SER AA 561 104.77 -6.72 -4.67
CA SER AA 561 105.75 -7.79 -4.46
C SER AA 561 105.09 -9.18 -4.43
N PRO AA 562 105.38 -10.01 -5.44
CA PRO AA 562 104.81 -11.37 -5.51
C PRO AA 562 105.78 -12.43 -4.99
N VAL AA 563 105.31 -13.25 -4.06
CA VAL AA 563 106.13 -14.32 -3.51
C VAL AA 563 105.76 -15.62 -4.21
N ILE AA 564 106.58 -16.03 -5.18
CA ILE AA 564 106.31 -17.25 -5.92
C ILE AA 564 106.52 -18.48 -5.05
N MET AA 565 105.62 -19.44 -5.19
CA MET AA 565 105.69 -20.68 -4.43
C MET AA 565 105.78 -20.41 -2.93
N ASN AA 566 105.13 -19.32 -2.51
CA ASN AA 566 105.11 -18.92 -1.10
C ASN AA 566 106.44 -19.02 -0.35
N LYS AA 567 107.54 -18.97 -1.08
CA LYS AA 567 108.86 -19.02 -0.46
C LYS AA 567 109.65 -17.84 -1.01
N CYS AA 568 110.23 -17.05 -0.13
CA CYS AA 568 110.98 -15.88 -0.56
C CYS AA 568 112.48 -16.03 -0.61
N SER AA 569 113.10 -15.25 -1.48
CA SER AA 569 114.54 -15.25 -1.65
C SER AA 569 115.18 -14.22 -0.73
N GLN AA 570 116.47 -14.37 -0.48
CA GLN AA 570 117.20 -13.45 0.39
C GLN AA 570 117.47 -12.11 -0.28
N GLY AA 571 117.03 -11.04 0.36
CA GLY AA 571 117.24 -9.71 -0.18
C GLY AA 571 116.16 -9.28 -1.15
N ALA AA 572 115.95 -7.98 -1.25
CA ALA AA 572 114.95 -7.44 -2.16
C ALA AA 572 115.46 -7.41 -3.58
N VAL AA 573 114.58 -7.04 -4.51
CA VAL AA 573 114.94 -6.97 -5.93
C VAL AA 573 116.01 -5.93 -6.20
N ALA AA 574 116.68 -6.05 -7.35
CA ALA AA 574 117.73 -5.11 -7.73
C ALA AA 574 117.13 -3.73 -7.91
N GLY AA 575 117.99 -2.77 -8.23
CA GLY AA 575 117.53 -1.40 -8.41
C GLY AA 575 116.57 -1.31 -9.57
N GLU AA 576 115.79 -0.23 -9.62
CA GLU AA 576 114.82 0.01 -10.70
C GLU AA 576 113.73 -1.05 -10.76
N PRO AA 577 112.51 -0.70 -10.38
CA PRO AA 577 111.40 -1.65 -10.40
C PRO AA 577 110.94 -1.96 -11.82
N ARG AA 578 110.25 -3.08 -11.99
CA ARG AA 578 109.73 -3.48 -13.30
C ARG AA 578 108.44 -2.70 -13.50
N GLN AA 579 108.26 -2.12 -14.68
CA GLN AA 579 107.07 -1.33 -14.97
C GLN AA 579 105.90 -2.19 -15.44
N ILE AA 580 104.70 -1.85 -14.97
CA ILE AA 580 103.50 -2.58 -15.33
C ILE AA 580 103.12 -2.33 -16.79
N PRO AA 581 103.21 -3.36 -17.64
CA PRO AA 581 102.88 -3.25 -19.06
C PRO AA 581 101.38 -3.06 -19.28
N LYS AA 582 101.02 -2.24 -20.25
CA LYS AA 582 99.63 -1.98 -20.56
C LYS AA 582 99.15 -2.93 -21.66
N ILE AA 583 97.95 -3.48 -21.48
CA ILE AA 583 97.41 -4.43 -22.44
C ILE AA 583 95.99 -4.10 -22.89
N GLN AA 584 95.74 -4.30 -24.19
CA GLN AA 584 94.43 -4.04 -24.77
C GLN AA 584 94.03 -5.21 -25.65
N ASN AA 585 94.84 -6.27 -25.62
CA ASN AA 585 94.61 -7.47 -26.42
C ASN AA 585 93.29 -8.18 -26.13
N PHE AA 586 93.16 -8.72 -24.93
CA PHE AA 586 91.96 -9.45 -24.52
C PHE AA 586 90.64 -8.79 -24.95
N THR AA 587 89.70 -9.62 -25.38
CA THR AA 587 88.39 -9.14 -25.80
C THR AA 587 87.39 -9.41 -24.68
N ARG AA 588 86.32 -8.63 -24.63
CA ARG AA 588 85.31 -8.78 -23.58
C ARG AA 588 84.73 -10.19 -23.51
N THR AA 589 83.95 -10.58 -24.51
CA THR AA 589 83.34 -11.90 -24.54
C THR AA 589 84.43 -12.96 -24.43
N GLN AA 590 84.25 -13.89 -23.49
CA GLN AA 590 85.23 -14.95 -23.28
C GLN AA 590 84.58 -16.32 -23.14
N LYS AA 591 85.09 -17.28 -23.90
CA LYS AA 591 84.58 -18.64 -23.89
C LYS AA 591 84.93 -19.32 -22.56
N SER AA 592 86.22 -19.60 -22.37
CA SER AA 592 86.68 -20.26 -21.15
C SER AA 592 87.08 -19.27 -20.07
N CYS AA 593 87.51 -19.80 -18.92
CA CYS AA 593 87.91 -19.01 -17.77
C CYS AA 593 89.39 -18.64 -17.87
N ILE AA 594 89.69 -17.56 -18.60
CA ILE AA 594 91.07 -17.12 -18.77
C ILE AA 594 91.67 -16.67 -17.42
N PHE AA 595 91.11 -15.60 -16.87
CA PHE AA 595 91.57 -15.07 -15.59
C PHE AA 595 90.86 -15.84 -14.48
N CYS AA 596 91.21 -17.11 -14.33
CA CYS AA 596 90.57 -17.93 -13.31
C CYS AA 596 91.26 -17.82 -11.95
N GLY AA 597 92.38 -18.52 -11.79
CA GLY AA 597 93.10 -18.46 -10.53
C GLY AA 597 93.78 -17.11 -10.31
N PHE AA 598 93.39 -16.13 -11.12
CA PHE AA 598 93.97 -14.79 -11.02
C PHE AA 598 93.12 -13.87 -10.15
N ALA AA 599 93.59 -12.63 -10.01
CA ALA AA 599 92.88 -11.63 -9.21
C ALA AA 599 93.00 -10.25 -9.84
N LEU AA 600 91.98 -9.42 -9.64
CA LEU AA 600 91.96 -8.07 -10.17
C LEU AA 600 92.15 -7.04 -9.07
N LEU AA 601 92.90 -5.99 -9.36
CA LEU AA 601 93.16 -4.93 -8.39
C LEU AA 601 93.08 -3.56 -9.06
N SER AA 602 92.05 -2.80 -8.70
CA SER AA 602 91.86 -1.47 -9.27
C SER AA 602 92.27 -0.41 -8.24
N TYR AA 603 93.00 0.60 -8.70
CA TYR AA 603 93.44 1.66 -7.81
C TYR AA 603 93.19 3.02 -8.42
N ASP AA 604 92.84 3.99 -7.60
CA ASP AA 604 92.61 5.34 -8.09
C ASP AA 604 93.94 6.07 -8.04
N GLU AA 605 94.20 6.87 -9.06
CA GLU AA 605 95.45 7.62 -9.15
C GLU AA 605 95.64 8.50 -7.93
N LYS AA 606 94.60 9.25 -7.57
CA LYS AA 606 94.66 10.14 -6.42
C LYS AA 606 94.58 9.39 -5.09
N GLU AA 607 93.51 8.65 -4.87
CA GLU AA 607 93.36 7.89 -3.63
C GLU AA 607 94.14 6.58 -3.67
N GLY AA 608 94.00 5.79 -2.60
CA GLY AA 608 94.70 4.52 -2.52
C GLY AA 608 94.11 3.43 -3.39
N LEU AA 609 94.02 2.22 -2.85
CA LEU AA 609 93.48 1.09 -3.58
C LEU AA 609 91.95 1.04 -3.46
N GLU AA 610 91.28 0.89 -4.60
CA GLU AA 610 89.82 0.85 -4.63
C GLU AA 610 89.24 -0.52 -4.28
N THR AA 611 89.09 -1.38 -5.29
CA THR AA 611 88.53 -2.71 -5.08
C THR AA 611 89.40 -3.82 -5.65
N THR AA 612 89.33 -4.99 -5.03
CA THR AA 612 90.09 -6.16 -5.47
C THR AA 612 89.13 -7.32 -5.71
N THR AA 613 89.41 -8.13 -6.73
CA THR AA 613 88.54 -9.26 -7.05
C THR AA 613 89.29 -10.54 -7.37
N TYR AA 614 88.79 -11.65 -6.84
CA TYR AA 614 89.37 -12.97 -7.08
C TYR AA 614 88.33 -13.75 -7.88
N ILE AA 615 88.61 -13.97 -9.16
CA ILE AA 615 87.68 -14.68 -10.03
C ILE AA 615 87.68 -16.17 -9.71
N THR AA 616 86.82 -16.56 -8.77
CA THR AA 616 86.71 -17.95 -8.35
C THR AA 616 86.44 -18.90 -9.51
N SER AA 617 85.33 -18.68 -10.22
CA SER AA 617 84.97 -19.54 -11.34
C SER AA 617 84.48 -18.79 -12.57
N GLN AA 618 84.13 -19.55 -13.60
CA GLN AA 618 83.63 -19.02 -14.86
C GLN AA 618 82.50 -17.99 -14.67
N GLU AA 619 81.45 -18.41 -13.99
CA GLU AA 619 80.30 -17.53 -13.74
C GLU AA 619 80.72 -16.14 -13.27
N VAL AA 620 81.72 -16.09 -12.39
CA VAL AA 620 82.19 -14.82 -11.87
C VAL AA 620 82.86 -13.95 -12.94
N GLN AA 621 83.76 -14.55 -13.72
CA GLN AA 621 84.45 -13.81 -14.78
C GLN AA 621 83.45 -13.16 -15.73
N ASN AA 622 82.35 -13.86 -16.02
CA ASN AA 622 81.33 -13.34 -16.91
C ASN AA 622 80.62 -12.16 -16.25
N SER AA 623 80.27 -12.32 -14.98
CA SER AA 623 79.58 -11.26 -14.25
C SER AA 623 80.49 -10.07 -13.96
N ILE AA 624 81.63 -10.02 -14.66
CA ILE AA 624 82.58 -8.93 -14.48
C ILE AA 624 82.87 -8.27 -15.82
N LEU AA 625 83.06 -9.09 -16.85
CA LEU AA 625 83.35 -8.58 -18.18
C LEU AA 625 82.06 -8.11 -18.85
N SER AA 626 80.93 -8.60 -18.35
CA SER AA 626 79.63 -8.23 -18.88
C SER AA 626 79.17 -6.94 -18.21
N SER AA 627 79.27 -6.91 -16.88
CA SER AA 627 78.87 -5.74 -16.11
C SER AA 627 79.84 -4.60 -16.39
N ASN AA 628 79.61 -3.47 -15.75
CA ASN AA 628 80.47 -2.30 -15.94
C ASN AA 628 81.57 -2.22 -14.88
N TYR AA 629 82.14 -3.37 -14.54
CA TYR AA 629 83.21 -3.43 -13.55
C TYR AA 629 84.38 -2.59 -14.03
N PHE AA 630 84.54 -2.52 -15.35
CA PHE AA 630 85.62 -1.76 -15.96
C PHE AA 630 85.14 -0.40 -16.45
N ASP AA 631 86.06 0.55 -16.50
CA ASP AA 631 85.76 1.89 -16.96
C ASP AA 631 87.06 2.55 -17.41
N PHE AA 632 87.56 2.12 -18.56
CA PHE AA 632 88.79 2.64 -19.13
C PHE AA 632 88.63 4.09 -19.53
N ASP AA 633 87.39 4.54 -19.60
CA ASP AA 633 87.10 5.92 -19.96
C ASP AA 633 87.21 6.82 -18.73
N ASN AA 634 88.18 6.49 -17.89
CA ASN AA 634 88.45 7.23 -16.66
C ASN AA 634 89.96 7.14 -16.42
N LEU AA 635 90.67 8.21 -16.73
CA LEU AA 635 92.11 8.27 -16.54
C LEU AA 635 92.54 8.10 -15.11
N HIS AA 636 91.67 8.48 -14.17
CA HIS AA 636 91.99 8.37 -12.75
C HIS AA 636 92.07 6.94 -12.24
N VAL AA 637 91.22 6.05 -12.76
CA VAL AA 637 91.24 4.67 -12.31
C VAL AA 637 91.99 3.73 -13.25
N HIS AA 638 92.75 2.81 -12.66
CA HIS AA 638 93.51 1.84 -13.42
C HIS AA 638 93.13 0.44 -12.94
N TYR AA 639 93.26 -0.54 -13.82
CA TYR AA 639 92.90 -1.92 -13.48
C TYR AA 639 94.09 -2.87 -13.68
N LEU AA 640 94.49 -3.52 -12.59
CA LEU AA 640 95.61 -4.45 -12.64
C LEU AA 640 95.16 -5.90 -12.57
N LEU AA 641 96.00 -6.79 -13.10
CA LEU AA 641 95.71 -8.22 -13.11
C LEU AA 641 96.88 -9.02 -12.57
N LEU AA 642 96.66 -9.69 -11.45
CA LEU AA 642 97.69 -10.50 -10.82
C LEU AA 642 97.43 -11.96 -11.19
N THR AA 643 98.41 -12.59 -11.82
CA THR AA 643 98.26 -13.99 -12.24
C THR AA 643 98.89 -14.98 -11.28
N THR AA 644 98.76 -16.26 -11.61
CA THR AA 644 99.32 -17.32 -10.78
C THR AA 644 100.84 -17.16 -10.80
N ASN AA 645 101.33 -16.48 -11.83
CA ASN AA 645 102.74 -16.21 -11.97
C ASN AA 645 102.99 -14.83 -11.37
N GLY AA 646 104.23 -14.58 -10.95
CA GLY AA 646 104.55 -13.29 -10.35
C GLY AA 646 104.48 -12.14 -11.33
N THR AA 647 103.63 -12.27 -12.35
CA THR AA 647 103.49 -11.23 -13.36
C THR AA 647 102.28 -10.33 -13.08
N VAL AA 648 102.39 -9.08 -13.49
CA VAL AA 648 101.33 -8.10 -13.30
C VAL AA 648 101.14 -7.30 -14.58
N MET AA 649 99.90 -6.91 -14.87
CA MET AA 649 99.60 -6.14 -16.08
C MET AA 649 98.36 -5.28 -15.93
N GLU AA 650 98.34 -4.16 -16.64
CA GLU AA 650 97.23 -3.23 -16.61
C GLU AA 650 96.29 -3.53 -17.77
N ILE AA 651 94.99 -3.24 -17.59
CA ILE AA 651 94.00 -3.50 -18.62
C ILE AA 651 93.33 -2.22 -19.14
N ALA AA 652 92.94 -2.25 -20.41
CA ALA AA 652 92.28 -1.11 -21.04
C ALA AA 652 91.78 -1.46 -22.45
N GLY AA 653 90.74 -2.29 -22.51
CA GLY AA 653 90.19 -2.68 -23.81
C GLY AA 653 89.60 -4.08 -23.79
N TRP BA 1 45.02 -8.04 75.72
CA TRP BA 1 43.78 -8.48 75.03
C TRP BA 1 43.96 -9.91 74.51
N ALA BA 2 45.09 -10.53 74.86
CA ALA BA 2 45.39 -11.90 74.45
C ALA BA 2 46.82 -12.29 74.84
N TYR BA 3 47.78 -11.45 74.51
CA TYR BA 3 49.17 -11.72 74.83
C TYR BA 3 49.90 -10.48 75.36
N PRO BA 4 50.82 -10.68 76.30
CA PRO BA 4 51.60 -9.60 76.91
C PRO BA 4 52.37 -8.75 75.90
N CYS BA 5 52.84 -7.60 76.36
CA CYS BA 5 53.58 -6.68 75.52
C CYS BA 5 54.99 -6.52 76.06
N CYS BA 6 55.72 -7.62 76.10
CA CYS BA 6 57.08 -7.59 76.61
C CYS BA 6 57.94 -6.58 75.87
N HIS BA 7 59.01 -6.14 76.54
CA HIS BA 7 59.93 -5.17 75.96
C HIS BA 7 61.17 -5.87 75.43
N VAL BA 8 61.73 -5.36 74.34
CA VAL BA 8 62.90 -5.98 73.74
C VAL BA 8 64.25 -5.36 74.14
N THR BA 9 65.31 -6.12 73.88
CA THR BA 9 66.68 -5.74 74.18
C THR BA 9 67.61 -6.85 73.70
N GLN BA 10 68.46 -6.54 72.72
CA GLN BA 10 69.40 -7.52 72.18
C GLN BA 10 70.05 -8.36 73.26
N LEU BA 11 70.16 -9.66 73.01
CA LEU BA 11 70.79 -10.57 73.96
C LEU BA 11 72.26 -10.15 74.05
N ARG BA 12 72.52 -9.17 74.91
CA ARG BA 12 73.86 -8.63 75.10
C ARG BA 12 74.66 -9.23 76.26
N ALA BA 13 75.98 -9.30 76.07
CA ALA BA 13 76.92 -9.81 77.07
C ALA BA 13 76.52 -11.17 77.61
N GLN BA 14 75.74 -11.90 76.83
CA GLN BA 14 75.28 -13.23 77.20
C GLN BA 14 75.41 -14.16 76.01
N HIS BA 15 74.84 -15.35 76.12
CA HIS BA 15 74.87 -16.31 75.03
C HIS BA 15 73.72 -15.92 74.10
N LEU BA 16 73.34 -16.81 73.20
CA LEU BA 16 72.23 -16.51 72.31
C LEU BA 16 71.15 -17.57 72.48
N LEU BA 17 69.89 -17.12 72.44
CA LEU BA 17 68.78 -18.04 72.57
C LEU BA 17 68.73 -18.91 71.33
N ALA BA 18 69.48 -20.00 71.36
CA ALA BA 18 69.50 -20.92 70.22
C ALA BA 18 68.07 -21.31 69.92
N LEU BA 19 67.73 -21.43 68.64
CA LEU BA 19 66.39 -21.80 68.24
C LEU BA 19 66.12 -23.19 68.79
N GLU BA 20 67.21 -23.91 69.05
CA GLU BA 20 67.16 -25.26 69.58
C GLU BA 20 66.46 -25.27 70.93
N ASN BA 21 66.66 -24.21 71.71
CA ASN BA 21 66.05 -24.10 73.04
C ASN BA 21 64.57 -23.73 72.97
N ILE BA 22 64.22 -22.83 72.06
CA ILE BA 22 62.84 -22.39 71.92
C ILE BA 22 61.90 -23.54 71.56
N SER BA 23 60.72 -23.55 72.19
CA SER BA 23 59.71 -24.56 71.94
C SER BA 23 58.33 -23.92 71.94
N ASP BA 24 58.28 -22.62 72.24
CA ASP BA 24 57.03 -21.88 72.26
C ASP BA 24 57.27 -20.42 71.89
N ILE BA 25 56.43 -19.89 70.99
CA ILE BA 25 56.57 -18.51 70.55
C ILE BA 25 55.22 -17.83 70.41
N TYR BA 26 54.98 -16.82 71.23
CA TYR BA 26 53.72 -16.08 71.21
C TYR BA 26 53.87 -14.78 70.42
N LEU BA 27 52.96 -14.55 69.48
CA LEU BA 27 53.00 -13.34 68.65
C LEU BA 27 51.82 -12.43 68.93
N VAL BA 28 51.98 -11.14 68.58
CA VAL BA 28 50.93 -10.15 68.81
C VAL BA 28 50.23 -9.71 67.53
N SER BA 29 49.19 -8.89 67.68
CA SER BA 29 48.41 -8.39 66.55
C SER BA 29 48.77 -6.93 66.23
N ASN BA 30 48.35 -6.47 65.06
CA ASN BA 30 48.65 -5.10 64.62
C ASN BA 30 47.86 -4.04 65.39
N GLN BA 31 47.48 -4.35 66.63
CA GLN BA 31 46.73 -3.39 67.44
C GLN BA 31 46.70 -3.74 68.92
N THR BA 32 47.11 -4.95 69.26
CA THR BA 32 47.13 -5.37 70.67
C THR BA 32 47.91 -4.37 71.52
N CYS BA 33 49.24 -4.44 71.43
CA CYS BA 33 50.08 -3.54 72.20
C CYS BA 33 49.94 -2.13 71.63
N ASP BA 34 50.87 -1.75 70.76
CA ASP BA 34 50.83 -0.42 70.15
C ASP BA 34 51.63 -0.40 68.85
N GLY BA 35 51.17 -1.15 67.86
CA GLY BA 35 51.84 -1.20 66.58
C GLY BA 35 53.13 -2.00 66.58
N PHE BA 36 53.69 -2.22 67.76
CA PHE BA 36 54.93 -2.97 67.91
C PHE BA 36 54.76 -4.46 67.67
N SER BA 37 55.42 -4.97 66.62
CA SER BA 37 55.36 -6.40 66.33
C SER BA 37 56.29 -7.08 67.31
N LEU BA 38 55.73 -7.54 68.43
CA LEU BA 38 56.50 -8.20 69.47
C LEU BA 38 56.24 -9.70 69.55
N ALA BA 39 57.22 -10.43 70.08
CA ALA BA 39 57.10 -11.87 70.21
C ALA BA 39 57.70 -12.32 71.54
N SER BA 40 57.21 -13.45 72.03
CA SER BA 40 57.68 -14.01 73.29
C SER BA 40 58.30 -15.38 73.06
N LEU BA 41 59.56 -15.52 73.46
CA LEU BA 41 60.28 -16.78 73.30
C LEU BA 41 60.25 -17.58 74.59
N ASN BA 42 59.40 -18.61 74.62
CA ASN BA 42 59.27 -19.46 75.80
C ASN BA 42 60.02 -20.78 75.64
N SER BA 43 60.83 -21.11 76.64
CA SER BA 43 61.61 -22.34 76.63
C SER BA 43 61.71 -22.92 78.03
N PRO BA 44 61.24 -24.16 78.23
CA PRO BA 44 61.28 -24.81 79.53
C PRO BA 44 62.70 -25.11 79.98
N LYS BA 45 62.99 -24.86 81.26
CA LYS BA 45 64.31 -25.10 81.81
C LYS BA 45 64.34 -26.45 82.53
N ASN BA 46 65.54 -26.94 82.83
CA ASN BA 46 65.70 -28.22 83.52
C ASN BA 46 65.17 -29.37 82.68
N GLY BA 47 64.08 -29.97 83.12
CA GLY BA 47 63.50 -31.08 82.39
C GLY BA 47 62.26 -30.67 81.60
N SER BA 48 61.10 -30.74 82.25
CA SER BA 48 59.85 -30.38 81.59
C SER BA 48 59.38 -29.00 82.03
N ASN BA 49 58.08 -28.75 81.87
CA ASN BA 49 57.50 -27.46 82.24
C ASN BA 49 57.46 -27.21 83.74
N GLN BA 50 58.63 -27.05 84.34
CA GLN BA 50 58.74 -26.76 85.77
C GLN BA 50 58.87 -25.25 85.86
N LEU BA 51 60.02 -24.75 85.44
CA LEU BA 51 60.30 -23.32 85.46
C LEU BA 51 60.50 -22.86 84.01
N VAL BA 52 59.54 -22.11 83.48
CA VAL BA 52 59.64 -21.65 82.11
C VAL BA 52 60.25 -20.26 81.97
N ILE BA 53 61.30 -20.17 81.16
CA ILE BA 53 62.00 -18.93 80.89
C ILE BA 53 61.32 -18.26 79.69
N SER BA 54 60.94 -17.00 79.85
CA SER BA 54 60.27 -16.27 78.78
C SER BA 54 60.89 -14.90 78.53
N ARG BA 55 61.58 -14.76 77.40
CA ARG BA 55 62.19 -13.49 77.06
C ARG BA 55 61.67 -12.92 75.74
N CYS BA 56 61.76 -11.61 75.61
CA CYS BA 56 61.26 -10.89 74.44
C CYS BA 56 62.17 -10.93 73.21
N ALA BA 57 61.53 -10.91 72.05
CA ALA BA 57 62.22 -10.91 70.77
C ALA BA 57 61.48 -9.94 69.84
N ASN BA 58 62.08 -9.65 68.69
CA ASN BA 58 61.46 -8.74 67.73
C ASN BA 58 60.49 -9.50 66.83
N GLY BA 59 59.21 -9.20 66.95
CA GLY BA 59 58.20 -9.86 66.15
C GLY BA 59 58.51 -9.91 64.67
N LEU BA 60 58.54 -8.75 64.02
CA LEU BA 60 58.83 -8.67 62.59
C LEU BA 60 59.98 -9.58 62.18
N ASN BA 61 61.10 -9.48 62.88
CA ASN BA 61 62.26 -10.30 62.59
C ASN BA 61 61.92 -11.79 62.73
N VAL BA 62 61.30 -12.14 63.85
CA VAL BA 62 60.93 -13.53 64.10
C VAL BA 62 60.00 -14.03 62.98
N VAL BA 63 58.90 -13.33 62.79
CA VAL BA 63 57.93 -13.69 61.76
C VAL BA 63 58.59 -13.85 60.39
N SER BA 64 59.49 -12.93 60.05
CA SER BA 64 60.19 -12.99 58.77
C SER BA 64 60.94 -14.31 58.67
N PHE BA 65 61.64 -14.66 59.75
CA PHE BA 65 62.40 -15.91 59.82
C PHE BA 65 61.51 -17.08 59.43
N PHE BA 66 60.43 -17.26 60.20
CA PHE BA 66 59.49 -18.35 59.94
C PHE BA 66 58.94 -18.30 58.53
N ILE BA 67 58.53 -17.12 58.09
CA ILE BA 67 58.01 -16.94 56.74
C ILE BA 67 59.02 -17.47 55.73
N SER BA 68 60.29 -17.24 56.01
CA SER BA 68 61.37 -17.68 55.14
C SER BA 68 61.50 -19.20 55.10
N ILE BA 69 61.59 -19.81 56.28
CA ILE BA 69 61.72 -21.27 56.39
C ILE BA 69 60.59 -21.99 55.67
N LEU BA 70 59.37 -21.52 55.86
CA LEU BA 70 58.21 -22.14 55.23
C LEU BA 70 58.36 -22.11 53.72
N LYS BA 71 58.69 -20.95 53.18
CA LYS BA 71 58.88 -20.76 51.74
C LYS BA 71 60.04 -21.59 51.21
N ARG BA 72 61.12 -21.64 51.98
CA ARG BA 72 62.32 -22.38 51.60
C ARG BA 72 62.15 -23.89 51.55
N SER BA 73 61.00 -24.38 51.99
CA SER BA 73 60.76 -25.83 51.99
C SER BA 73 59.33 -26.20 51.64
N SER BA 74 58.70 -25.40 50.76
CA SER BA 74 57.33 -25.63 50.33
C SER BA 74 57.14 -27.03 49.75
N SER BA 75 58.20 -27.57 49.14
CA SER BA 75 58.14 -28.89 48.53
C SER BA 75 57.94 -30.01 49.55
N ALA BA 76 57.96 -29.66 50.84
CA ALA BA 76 57.79 -30.66 51.88
C ALA BA 76 56.79 -30.28 52.96
N LEU BA 77 55.66 -29.68 52.58
CA LEU BA 77 54.67 -29.30 53.57
C LEU BA 77 53.28 -28.99 53.04
N THR BA 78 52.28 -29.52 53.74
CA THR BA 78 50.87 -29.31 53.39
C THR BA 78 50.12 -29.13 54.71
N GLY BA 79 48.81 -28.97 54.64
CA GLY BA 79 48.04 -28.78 55.85
C GLY BA 79 48.32 -27.43 56.47
N HIS BA 80 48.44 -27.39 57.79
CA HIS BA 80 48.71 -26.14 58.51
C HIS BA 80 49.97 -25.46 57.98
N LEU BA 81 51.02 -26.24 57.79
CA LEU BA 81 52.30 -25.71 57.32
C LEU BA 81 52.26 -25.12 55.91
N ARG BA 82 51.06 -24.80 55.44
CA ARG BA 82 50.90 -24.20 54.11
C ARG BA 82 49.97 -23.01 54.23
N GLU BA 83 49.02 -23.11 55.15
CA GLU BA 83 48.06 -22.05 55.40
C GLU BA 83 48.73 -21.08 56.36
N LEU BA 84 49.57 -21.63 57.22
CA LEU BA 84 50.32 -20.85 58.20
C LEU BA 84 51.12 -19.76 57.50
N LEU BA 85 51.73 -20.11 56.37
CA LEU BA 85 52.53 -19.17 55.61
C LEU BA 85 51.68 -17.99 55.12
N THR BA 86 50.63 -18.30 54.35
CA THR BA 86 49.74 -17.28 53.83
C THR BA 86 49.16 -16.39 54.92
N THR BA 87 48.87 -16.98 56.07
CA THR BA 87 48.30 -16.22 57.19
C THR BA 87 49.40 -15.47 57.95
N LEU BA 88 50.59 -16.05 57.98
CA LEU BA 88 51.72 -15.44 58.67
C LEU BA 88 52.21 -14.23 57.88
N GLU BA 89 52.15 -14.33 56.56
CA GLU BA 89 52.57 -13.25 55.68
C GLU BA 89 51.64 -12.05 55.83
N THR BA 90 50.33 -12.33 55.84
CA THR BA 90 49.34 -11.28 55.99
C THR BA 90 49.57 -10.55 57.31
N LEU BA 91 49.98 -11.32 58.33
CA LEU BA 91 50.26 -10.76 59.65
C LEU BA 91 51.46 -9.83 59.53
N TYR BA 92 52.51 -10.32 58.89
CA TYR BA 92 53.74 -9.55 58.70
C TYR BA 92 53.43 -8.21 58.04
N GLY BA 93 52.48 -8.21 57.11
CA GLY BA 93 52.11 -6.99 56.42
C GLY BA 93 51.05 -6.16 57.10
N SER BA 94 50.69 -6.55 58.34
CA SER BA 94 49.68 -5.81 59.09
C SER BA 94 50.36 -4.72 59.91
N PHE BA 95 51.65 -4.88 60.15
CA PHE BA 95 52.42 -3.91 60.92
C PHE BA 95 53.01 -2.83 60.03
N SER BA 96 53.13 -1.62 60.58
CA SER BA 96 53.69 -0.49 59.84
C SER BA 96 54.95 -0.01 60.54
N VAL BA 97 56.09 -0.18 59.89
CA VAL BA 97 57.38 0.22 60.42
C VAL BA 97 57.54 1.73 60.59
N GLU BA 98 57.36 2.44 59.48
CA GLU BA 98 57.50 3.89 59.39
C GLU BA 98 56.73 4.71 60.43
N ASP BA 99 55.91 4.05 61.23
CA ASP BA 99 55.15 4.73 62.26
C ASP BA 99 55.96 4.81 63.55
N LEU BA 100 56.88 3.85 63.70
CA LEU BA 100 57.73 3.78 64.86
C LEU BA 100 58.71 4.96 64.90
N PHE BA 101 58.83 5.64 63.76
CA PHE BA 101 59.70 6.80 63.64
C PHE BA 101 59.22 7.82 64.65
N GLY BA 102 57.91 8.04 64.64
CA GLY BA 102 57.31 8.99 65.56
C GLY BA 102 56.60 8.29 66.70
N ALA BA 103 57.10 7.11 67.06
CA ALA BA 103 56.52 6.35 68.15
C ALA BA 103 57.49 6.25 69.32
N ASN BA 104 56.92 6.22 70.53
CA ASN BA 104 57.71 6.14 71.75
C ASN BA 104 58.12 4.68 71.96
N LEU BA 105 59.10 4.24 71.17
CA LEU BA 105 59.62 2.87 71.21
C LEU BA 105 59.72 2.24 72.60
N ASN BA 106 60.11 3.04 73.59
CA ASN BA 106 60.24 2.54 74.96
C ASN BA 106 58.95 2.77 75.75
N ARG BA 107 57.85 2.21 75.27
CA ARG BA 107 56.56 2.36 75.92
C ARG BA 107 56.45 1.42 77.12
N TYR BA 108 57.39 0.49 77.23
CA TYR BA 108 57.40 -0.46 78.33
C TYR BA 108 58.80 -0.57 78.93
N LEU CA 1 -92.57 53.79 -62.28
CA LEU CA 1 -93.72 53.25 -61.50
C LEU CA 1 -94.24 54.31 -60.54
N SER CA 2 -95.10 53.88 -59.62
CA SER CA 2 -95.66 54.80 -58.62
C SER CA 2 -96.36 56.00 -59.24
N GLU CA 3 -97.02 55.79 -60.38
CA GLU CA 3 -97.73 56.87 -61.04
C GLU CA 3 -98.58 56.39 -62.22
N VAL CA 4 -99.89 56.64 -62.11
CA VAL CA 4 -100.84 56.25 -63.14
C VAL CA 4 -101.81 57.40 -63.40
N LYS CA 5 -102.17 57.59 -64.66
CA LYS CA 5 -103.09 58.65 -65.05
C LYS CA 5 -104.25 58.10 -65.87
N LEU CA 6 -105.44 58.12 -65.28
CA LEU CA 6 -106.63 57.63 -65.97
C LEU CA 6 -107.35 58.77 -66.67
N HIS CA 7 -108.32 58.41 -67.51
CA HIS CA 7 -109.10 59.40 -68.25
C HIS CA 7 -110.55 58.95 -68.36
N LEU CA 8 -111.40 59.54 -67.53
CA LEU CA 8 -112.83 59.19 -67.52
C LEU CA 8 -113.48 59.57 -68.84
N ASP CA 9 -114.76 59.93 -68.77
CA ASP CA 9 -115.51 60.31 -69.97
C ASP CA 9 -116.91 60.82 -69.63
N ILE CA 10 -116.97 62.04 -69.09
CA ILE CA 10 -118.24 62.65 -68.73
C ILE CA 10 -119.06 62.73 -70.03
N GLU CA 11 -120.36 62.56 -69.93
CA GLU CA 11 -121.20 62.65 -71.13
C GLU CA 11 -120.79 63.82 -72.03
N GLY CA 12 -120.23 63.49 -73.18
CA GLY CA 12 -119.81 64.49 -74.16
C GLY CA 12 -118.44 65.12 -73.96
N HIS CA 13 -117.80 64.84 -72.84
CA HIS CA 13 -116.49 65.42 -72.57
C HIS CA 13 -115.48 64.45 -71.97
N ALA CA 14 -114.21 64.70 -72.27
CA ALA CA 14 -113.12 63.87 -71.76
C ALA CA 14 -112.60 64.41 -70.44
N SER CA 15 -112.75 63.63 -69.38
CA SER CA 15 -112.28 64.02 -68.05
C SER CA 15 -110.87 63.48 -67.83
N HIS CA 16 -110.07 64.20 -67.05
CA HIS CA 16 -108.70 63.79 -66.78
C HIS CA 16 -108.36 63.79 -65.30
N TYR CA 17 -108.21 62.60 -64.75
CA TYR CA 17 -107.87 62.43 -63.34
C TYR CA 17 -106.56 61.66 -63.22
N THR CA 18 -105.68 62.13 -62.36
CA THR CA 18 -104.39 61.49 -62.15
C THR CA 18 -104.32 60.96 -60.72
N ILE CA 19 -104.17 59.64 -60.59
CA ILE CA 19 -104.11 59.01 -59.27
C ILE CA 19 -102.69 58.59 -58.89
N PRO CA 20 -102.00 59.42 -58.11
CA PRO CA 20 -100.63 59.10 -57.67
C PRO CA 20 -100.64 58.21 -56.43
N TRP CA 21 -100.72 56.89 -56.63
CA TRP CA 21 -100.73 55.97 -55.49
C TRP CA 21 -99.40 55.99 -54.76
N THR CA 22 -98.43 56.71 -55.34
CA THR CA 22 -97.11 56.83 -54.75
C THR CA 22 -97.18 57.64 -53.46
N GLU CA 23 -97.92 58.73 -53.50
CA GLU CA 23 -98.09 59.59 -52.34
C GLU CA 23 -99.07 58.96 -51.36
N LEU CA 24 -100.04 58.22 -51.89
CA LEU CA 24 -101.05 57.55 -51.08
C LEU CA 24 -100.44 56.49 -50.17
N MET CA 25 -99.50 55.71 -50.71
CA MET CA 25 -98.86 54.66 -49.93
C MET CA 25 -98.15 55.16 -48.68
N ALA CA 26 -97.76 56.44 -48.70
CA ALA CA 26 -97.08 57.03 -47.56
C ALA CA 26 -98.06 57.36 -46.44
N LYS CA 27 -99.16 58.01 -46.80
CA LYS CA 27 -100.18 58.40 -45.83
C LYS CA 27 -101.09 57.25 -45.41
N VAL CA 28 -100.97 56.12 -46.10
CA VAL CA 28 -101.80 54.96 -45.77
C VAL CA 28 -100.95 53.72 -45.51
N PRO CA 29 -101.36 52.90 -44.52
CA PRO CA 29 -100.64 51.68 -44.15
C PRO CA 29 -101.02 50.42 -44.95
N GLY CA 30 -102.25 49.96 -44.78
CA GLY CA 30 -102.69 48.76 -45.47
C GLY CA 30 -102.93 48.83 -46.97
N LEU CA 31 -102.76 50.01 -47.55
CA LEU CA 31 -102.98 50.17 -48.99
C LEU CA 31 -101.82 49.64 -49.82
N SER CA 32 -101.98 48.43 -50.33
CA SER CA 32 -100.96 47.79 -51.17
C SER CA 32 -101.55 47.61 -52.56
N PRO CA 33 -101.55 48.68 -53.36
CA PRO CA 33 -102.10 48.68 -54.73
C PRO CA 33 -101.67 47.49 -55.59
N GLU CA 34 -100.41 47.10 -55.48
CA GLU CA 34 -99.88 45.98 -56.25
C GLU CA 34 -100.70 44.71 -56.12
N ALA CA 35 -101.11 44.39 -54.90
CA ALA CA 35 -101.90 43.19 -54.64
C ALA CA 35 -103.31 43.31 -55.19
N LEU CA 36 -104.00 44.38 -54.82
CA LEU CA 36 -105.37 44.61 -55.27
C LEU CA 36 -105.50 44.61 -56.79
N TRP CA 37 -104.51 45.18 -57.47
CA TRP CA 37 -104.54 45.23 -58.93
C TRP CA 37 -104.49 43.84 -59.52
N ARG CA 38 -103.80 42.93 -58.85
CA ARG CA 38 -103.68 41.55 -59.31
C ARG CA 38 -104.89 40.74 -58.88
N GLU CA 39 -105.41 41.02 -57.69
CA GLU CA 39 -106.57 40.31 -57.20
C GLU CA 39 -107.65 40.36 -58.26
N ALA CA 40 -107.89 41.56 -58.78
CA ALA CA 40 -108.89 41.76 -59.82
C ALA CA 40 -108.27 41.43 -61.18
N ASN CA 41 -108.62 40.26 -61.72
CA ASN CA 41 -108.11 39.85 -63.01
C ASN CA 41 -108.35 40.96 -64.02
N VAL CA 42 -107.41 41.89 -64.11
CA VAL CA 42 -107.51 43.01 -65.03
C VAL CA 42 -107.43 42.52 -66.48
N THR CA 43 -106.60 41.51 -66.72
CA THR CA 43 -106.43 40.97 -68.06
C THR CA 43 -107.50 39.94 -68.40
N GLU CA 44 -108.38 39.67 -67.45
CA GLU CA 44 -109.45 38.70 -67.68
C GLU CA 44 -110.38 39.15 -68.79
N ASP CA 45 -110.50 38.31 -69.82
CA ASP CA 45 -111.37 38.61 -70.95
C ASP CA 45 -112.80 38.58 -70.48
N LEU CA 46 -113.68 39.18 -71.27
CA LEU CA 46 -115.09 39.26 -70.95
C LEU CA 46 -115.81 37.91 -70.95
N ALA CA 47 -115.56 37.11 -71.97
CA ALA CA 47 -116.18 35.79 -72.11
C ALA CA 47 -116.10 34.93 -70.85
N SER CA 48 -114.89 34.77 -70.30
CA SER CA 48 -114.68 33.95 -69.11
C SER CA 48 -115.22 34.59 -67.82
N MET CA 49 -115.17 35.91 -67.76
CA MET CA 49 -115.63 36.65 -66.59
C MET CA 49 -117.09 36.42 -66.22
N LEU CA 50 -117.97 36.45 -67.22
CA LEU CA 50 -119.40 36.27 -67.01
C LEU CA 50 -119.79 35.12 -66.08
N ASN CA 51 -118.94 34.10 -65.99
CA ASN CA 51 -119.23 32.94 -65.15
C ASN CA 51 -118.97 33.26 -63.67
N ARG CA 52 -117.90 34.00 -63.43
CA ARG CA 52 -117.52 34.37 -62.06
C ARG CA 52 -118.52 35.34 -61.47
N TYR CA 53 -119.71 35.41 -62.05
CA TYR CA 53 -120.75 36.30 -61.59
C TYR CA 53 -122.12 35.62 -61.50
N LYS CA 54 -122.46 34.83 -62.52
CA LYS CA 54 -123.76 34.15 -62.54
C LYS CA 54 -123.76 32.86 -61.72
N LEU CA 55 -122.68 32.58 -61.00
CA LEU CA 55 -122.61 31.38 -60.18
C LEU CA 55 -122.97 31.78 -58.75
N ILE CA 56 -122.84 33.07 -58.48
CA ILE CA 56 -123.14 33.62 -57.16
C ILE CA 56 -124.66 33.73 -56.99
N TYR CA 57 -125.14 33.50 -55.78
CA TYR CA 57 -126.56 33.59 -55.50
C TYR CA 57 -127.07 35.00 -55.75
N LYS CA 58 -128.22 35.10 -56.41
CA LYS CA 58 -128.81 36.39 -56.72
C LYS CA 58 -130.06 36.60 -55.87
N THR CA 59 -129.98 37.47 -54.88
CA THR CA 59 -131.13 37.73 -54.02
C THR CA 59 -132.32 38.16 -54.86
N SER CA 60 -133.49 37.60 -54.57
CA SER CA 60 -134.70 37.95 -55.29
C SER CA 60 -135.24 39.28 -54.79
N GLY CA 61 -134.47 40.34 -55.01
CA GLY CA 61 -134.87 41.66 -54.57
C GLY CA 61 -134.36 41.94 -53.17
N THR CA 62 -135.01 42.88 -52.48
CA THR CA 62 -134.63 43.24 -51.11
C THR CA 62 -135.88 43.71 -50.37
N LEU CA 63 -135.83 43.60 -49.04
CA LEU CA 63 -136.94 44.01 -48.19
C LEU CA 63 -136.88 45.46 -47.77
N GLY CA 64 -137.96 46.20 -48.00
CA GLY CA 64 -138.00 47.60 -47.62
C GLY CA 64 -138.61 47.73 -46.24
N ILE CA 65 -137.77 48.00 -45.24
CA ILE CA 65 -138.24 48.15 -43.86
C ILE CA 65 -137.54 49.32 -43.17
N ALA CA 66 -138.32 50.11 -42.44
CA ALA CA 66 -137.78 51.26 -41.73
C ALA CA 66 -137.30 50.91 -40.33
N LEU CA 67 -135.99 50.82 -40.17
CA LEU CA 67 -135.36 50.50 -38.89
C LEU CA 67 -134.35 51.57 -38.48
N ALA CA 68 -134.73 52.40 -37.52
CA ALA CA 68 -133.87 53.47 -37.03
C ALA CA 68 -133.18 53.00 -35.75
N GLU CA 69 -131.89 53.29 -35.63
CA GLU CA 69 -131.12 52.88 -34.46
C GLU CA 69 -131.70 53.36 -33.14
N PRO CA 70 -131.74 52.47 -32.13
CA PRO CA 70 -132.26 52.82 -30.80
C PRO CA 70 -131.17 53.54 -30.03
N VAL CA 71 -131.55 54.36 -29.05
CA VAL CA 71 -130.55 55.06 -28.26
C VAL CA 71 -129.64 53.98 -27.69
N ASP CA 72 -128.39 54.32 -27.42
CA ASP CA 72 -127.46 53.33 -26.92
C ASP CA 72 -126.75 53.74 -25.63
N ILE CA 73 -125.59 54.35 -25.76
CA ILE CA 73 -124.81 54.80 -24.61
C ILE CA 73 -125.17 56.20 -24.14
N PRO CA 74 -125.27 56.41 -22.83
CA PRO CA 74 -125.63 57.71 -22.26
C PRO CA 74 -124.46 58.70 -22.36
N ALA CA 75 -124.78 59.98 -22.53
CA ALA CA 75 -123.77 61.02 -22.64
C ALA CA 75 -122.84 60.99 -21.43
N VAL CA 76 -121.64 61.55 -21.62
CA VAL CA 76 -120.65 61.60 -20.56
C VAL CA 76 -121.15 62.45 -19.39
N SER CA 77 -120.67 62.16 -18.18
CA SER CA 77 -121.08 62.90 -17.00
C SER CA 77 -119.91 63.63 -16.35
N GLU CA 78 -120.19 64.37 -15.28
CA GLU CA 78 -119.17 65.13 -14.57
C GLU CA 78 -118.13 64.28 -13.85
N GLY CA 79 -118.45 63.83 -12.65
CA GLY CA 79 -117.52 63.03 -11.88
C GLY CA 79 -117.25 61.64 -12.42
N SER CA 80 -116.97 61.56 -13.73
CA SER CA 80 -116.68 60.27 -14.35
C SER CA 80 -115.22 60.12 -14.74
N MET CA 81 -114.47 59.37 -13.93
CA MET CA 81 -113.05 59.15 -14.20
C MET CA 81 -112.92 58.29 -15.46
N GLN CA 82 -112.63 58.95 -16.59
CA GLN CA 82 -112.49 58.26 -17.87
C GLN CA 82 -111.61 57.01 -17.84
N VAL CA 83 -110.50 57.07 -17.10
CA VAL CA 83 -109.59 55.93 -16.98
C VAL CA 83 -109.30 55.18 -18.27
N ASP CA 84 -108.14 55.46 -18.87
CA ASP CA 84 -107.72 54.80 -20.09
C ASP CA 84 -107.69 53.30 -19.79
N ALA CA 85 -108.24 52.50 -20.71
CA ALA CA 85 -108.29 51.05 -20.51
C ALA CA 85 -106.92 50.39 -20.46
N SER CA 86 -106.05 50.73 -21.41
CA SER CA 86 -104.72 50.14 -21.48
C SER CA 86 -103.89 50.37 -20.21
N LYS CA 87 -104.00 51.56 -19.63
CA LYS CA 87 -103.24 51.89 -18.43
C LYS CA 87 -104.13 52.36 -17.28
N VAL CA 88 -104.80 51.42 -16.64
CA VAL CA 88 -105.67 51.76 -15.51
C VAL CA 88 -104.79 51.97 -14.28
N HIS CA 89 -104.90 53.14 -13.67
CA HIS CA 89 -104.11 53.47 -12.49
C HIS CA 89 -104.22 52.41 -11.40
N PRO CA 90 -103.08 51.83 -10.99
CA PRO CA 90 -103.04 50.79 -9.95
C PRO CA 90 -103.62 51.27 -8.61
N GLY CA 91 -104.05 52.52 -8.58
CA GLY CA 91 -104.62 53.06 -7.37
C GLY CA 91 -106.13 52.94 -7.35
N VAL CA 92 -106.80 53.94 -6.80
CA VAL CA 92 -108.26 53.92 -6.73
C VAL CA 92 -108.84 55.10 -7.50
N ILE CA 93 -109.11 54.87 -8.79
CA ILE CA 93 -109.67 55.92 -9.64
C ILE CA 93 -111.19 55.94 -9.53
N SER CA 94 -111.71 55.43 -8.41
CA SER CA 94 -113.14 55.39 -8.18
C SER CA 94 -113.50 55.19 -6.73
N GLY CA 95 -114.47 55.98 -6.25
CA GLY CA 95 -114.91 55.84 -4.89
C GLY CA 95 -115.71 54.56 -4.82
N LEU CA 96 -116.90 54.57 -5.42
CA LEU CA 96 -117.76 53.40 -5.45
C LEU CA 96 -119.00 53.68 -6.29
N ASN CA 97 -119.88 54.51 -5.76
CA ASN CA 97 -121.13 54.86 -6.44
C ASN CA 97 -120.95 56.05 -7.38
N SER CA 98 -119.70 56.45 -7.57
CA SER CA 98 -119.35 57.58 -8.42
C SER CA 98 -119.41 57.19 -9.91
N PRO CA 99 -120.41 57.71 -10.65
CA PRO CA 99 -120.55 57.38 -12.08
C PRO CA 99 -119.31 57.68 -12.91
N ALA CA 100 -118.89 56.71 -13.73
CA ALA CA 100 -117.72 56.87 -14.58
C ALA CA 100 -117.98 56.38 -16.01
N CYS CA 101 -116.94 56.41 -16.85
CA CYS CA 101 -117.06 55.96 -18.23
C CYS CA 101 -115.66 55.62 -18.76
N MET CA 102 -115.62 54.85 -19.85
CA MET CA 102 -114.34 54.45 -20.44
C MET CA 102 -114.14 55.03 -21.84
N LEU CA 103 -112.88 55.35 -22.14
CA LEU CA 103 -112.52 55.90 -23.44
C LEU CA 103 -112.66 54.86 -24.53
N SER CA 104 -113.30 55.24 -25.64
CA SER CA 104 -113.52 54.34 -26.76
C SER CA 104 -112.23 53.97 -27.48
N ALA CA 105 -111.40 54.97 -27.76
CA ALA CA 105 -110.13 54.76 -28.45
C ALA CA 105 -109.35 53.56 -27.93
N PRO CA 106 -109.16 53.48 -26.60
CA PRO CA 106 -108.41 52.36 -26.02
C PRO CA 106 -109.25 51.09 -25.89
N LEU CA 107 -110.49 51.24 -25.41
CA LEU CA 107 -111.39 50.11 -25.22
C LEU CA 107 -111.56 49.29 -26.49
N GLU CA 108 -111.76 49.97 -27.61
CA GLU CA 108 -111.94 49.30 -28.90
C GLU CA 108 -110.67 48.58 -29.32
N LYS CA 109 -109.54 49.28 -29.26
CA LYS CA 109 -108.26 48.70 -29.64
C LYS CA 109 -107.95 47.47 -28.80
N GLN CA 110 -108.55 47.41 -27.61
CA GLN CA 110 -108.33 46.28 -26.71
C GLN CA 110 -109.25 45.14 -27.11
N LEU CA 111 -110.49 45.46 -27.42
CA LEU CA 111 -111.47 44.45 -27.83
C LEU CA 111 -110.97 43.80 -29.12
N PHE CA 112 -110.79 44.62 -30.15
CA PHE CA 112 -110.31 44.13 -31.43
C PHE CA 112 -108.79 44.11 -31.45
N TYR CA 113 -108.23 43.38 -30.50
CA TYR CA 113 -106.78 43.27 -30.38
C TYR CA 113 -106.23 42.35 -31.47
N TYR CA 114 -106.99 41.30 -31.77
CA TYR CA 114 -106.61 40.32 -32.78
C TYR CA 114 -106.76 40.87 -34.21
N ILE CA 115 -105.90 40.40 -35.11
CA ILE CA 115 -105.92 40.81 -36.52
C ILE CA 115 -106.29 39.58 -37.35
N GLY CA 116 -106.91 39.78 -38.51
CA GLY CA 116 -107.28 38.62 -39.30
C GLY CA 116 -107.66 38.80 -40.76
N THR CA 117 -108.68 38.05 -41.18
CA THR CA 117 -109.15 38.09 -42.56
C THR CA 117 -110.67 37.96 -42.61
N MET CA 118 -111.36 39.09 -42.74
CA MET CA 118 -112.82 39.06 -42.83
C MET CA 118 -113.21 38.25 -44.05
N LEU CA 119 -112.37 38.31 -45.08
CA LEU CA 119 -112.62 37.60 -46.33
C LEU CA 119 -111.52 36.55 -46.57
N PRO CA 120 -111.85 35.27 -46.34
CA PRO CA 120 -110.90 34.16 -46.54
C PRO CA 120 -110.50 33.96 -48.00
N ASN CA 121 -109.76 32.88 -48.26
CA ASN CA 121 -109.32 32.60 -49.62
C ASN CA 121 -110.11 31.42 -50.20
N THR CA 122 -111.32 31.21 -49.68
CA THR CA 122 -112.17 30.13 -50.17
C THR CA 122 -112.68 30.51 -51.55
N ARG CA 123 -112.91 29.51 -52.39
CA ARG CA 123 -113.40 29.75 -53.75
C ARG CA 123 -114.52 30.77 -53.85
N PRO CA 124 -115.63 30.57 -53.12
CA PRO CA 124 -116.76 31.49 -53.16
C PRO CA 124 -116.43 32.96 -52.94
N HIS CA 125 -115.86 33.28 -51.78
CA HIS CA 125 -115.51 34.65 -51.44
C HIS CA 125 -114.48 35.28 -52.38
N SER CA 126 -113.43 34.52 -52.69
CA SER CA 126 -112.38 35.01 -53.58
C SER CA 126 -112.93 35.51 -54.91
N TYR CA 127 -114.15 35.13 -55.22
CA TYR CA 127 -114.78 35.54 -56.47
C TYR CA 127 -115.53 36.86 -56.35
N VAL CA 128 -116.02 37.18 -55.15
CA VAL CA 128 -116.78 38.41 -54.95
C VAL CA 128 -116.03 39.56 -54.28
N PHE CA 129 -115.54 39.34 -53.07
CA PHE CA 129 -114.84 40.39 -52.33
C PHE CA 129 -113.33 40.49 -52.59
N TYR CA 130 -112.77 41.62 -52.17
CA TYR CA 130 -111.34 41.89 -52.30
C TYR CA 130 -110.68 41.50 -50.99
N GLN CA 131 -109.71 40.60 -51.04
CA GLN CA 131 -108.99 40.17 -49.83
C GLN CA 131 -108.87 41.36 -48.87
N LEU CA 132 -109.40 41.20 -47.66
CA LEU CA 132 -109.35 42.26 -46.67
C LEU CA 132 -108.65 41.83 -45.38
N ARG CA 133 -107.96 42.76 -44.73
CA ARG CA 133 -107.27 42.47 -43.48
C ARG CA 133 -107.30 43.63 -42.49
N CYS CA 134 -108.01 43.42 -41.39
CA CYS CA 134 -108.12 44.42 -40.34
C CYS CA 134 -108.37 43.74 -39.00
N HIS CA 135 -108.27 44.49 -37.92
CA HIS CA 135 -108.51 43.96 -36.58
C HIS CA 135 -109.94 43.44 -36.50
N LEU CA 136 -110.09 42.26 -35.90
CA LEU CA 136 -111.41 41.65 -35.78
C LEU CA 136 -111.57 40.75 -34.56
N SER CA 137 -112.57 39.88 -34.62
CA SER CA 137 -112.88 38.93 -33.56
C SER CA 137 -113.92 37.97 -34.13
N TYR CA 138 -113.82 36.69 -33.78
CA TYR CA 138 -114.76 35.71 -34.31
C TYR CA 138 -115.38 34.79 -33.26
N VAL CA 139 -116.33 33.99 -33.71
CA VAL CA 139 -117.03 33.04 -32.85
C VAL CA 139 -116.97 31.68 -33.54
N ALA CA 140 -116.05 30.83 -33.09
CA ALA CA 140 -115.87 29.51 -33.68
C ALA CA 140 -116.95 28.51 -33.27
N LEU CA 141 -117.32 27.63 -34.20
CA LEU CA 141 -118.34 26.62 -33.94
C LEU CA 141 -118.04 25.34 -34.71
N SER CA 142 -118.30 24.19 -34.08
CA SER CA 142 -118.05 22.90 -34.70
C SER CA 142 -119.03 21.84 -34.21
N ILE CA 143 -119.90 21.38 -35.10
CA ILE CA 143 -120.90 20.38 -34.77
C ILE CA 143 -120.71 19.15 -35.67
N ASN CA 144 -121.37 18.05 -35.31
CA ASN CA 144 -121.28 16.82 -36.08
C ASN CA 144 -119.84 16.40 -36.35
N GLY CA 145 -118.93 16.82 -35.46
CA GLY CA 145 -117.53 16.48 -35.61
C GLY CA 145 -116.87 17.06 -36.85
N ASP CA 146 -116.71 18.38 -36.87
CA ASP CA 146 -116.09 19.07 -37.99
C ASP CA 146 -116.77 18.84 -39.34
N LYS CA 147 -117.96 18.23 -39.32
CA LYS CA 147 -118.69 17.99 -40.55
C LYS CA 147 -119.53 19.22 -40.87
N PHE CA 148 -119.63 20.11 -39.88
CA PHE CA 148 -120.37 21.35 -40.01
C PHE CA 148 -119.74 22.37 -39.07
N GLN CA 149 -119.56 23.60 -39.56
CA GLN CA 149 -118.96 24.64 -38.75
C GLN CA 149 -119.43 26.05 -39.14
N TYR CA 150 -119.45 26.93 -38.14
CA TYR CA 150 -119.87 28.31 -38.34
C TYR CA 150 -118.79 29.25 -37.81
N THR CA 151 -118.67 30.42 -38.42
CA THR CA 151 -117.67 31.40 -38.01
C THR CA 151 -118.26 32.80 -37.93
N GLY CA 152 -118.28 33.36 -36.73
CA GLY CA 152 -118.81 34.70 -36.54
C GLY CA 152 -117.74 35.76 -36.70
N ALA CA 153 -117.25 35.92 -37.92
CA ALA CA 153 -116.21 36.91 -38.20
C ALA CA 153 -116.82 38.30 -38.17
N MET CA 154 -116.24 39.19 -37.36
CA MET CA 154 -116.74 40.54 -37.24
C MET CA 154 -115.67 41.58 -36.96
N THR CA 155 -115.88 42.78 -37.47
CA THR CA 155 -114.95 43.90 -37.26
C THR CA 155 -115.75 45.03 -36.62
N SER CA 156 -115.08 46.14 -36.34
CA SER CA 156 -115.75 47.27 -35.69
C SER CA 156 -116.81 47.91 -36.59
N LYS CA 157 -116.88 47.47 -37.85
CA LYS CA 157 -117.86 48.04 -38.77
C LYS CA 157 -118.90 47.07 -39.33
N PHE CA 158 -118.52 45.81 -39.54
CA PHE CA 158 -119.46 44.84 -40.08
C PHE CA 158 -119.20 43.40 -39.66
N LEU CA 159 -120.27 42.60 -39.70
CA LEU CA 159 -120.20 41.19 -39.34
C LEU CA 159 -120.39 40.35 -40.59
N MET CA 160 -119.74 39.20 -40.64
CA MET CA 160 -119.85 38.31 -41.79
C MET CA 160 -119.66 36.85 -41.40
N GLY CA 161 -120.76 36.21 -41.00
CA GLY CA 161 -120.70 34.83 -40.60
C GLY CA 161 -120.78 33.91 -41.80
N THR CA 162 -120.12 32.76 -41.73
CA THR CA 162 -120.13 31.81 -42.83
C THR CA 162 -120.48 30.40 -42.37
N TYR CA 163 -121.32 29.73 -43.15
CA TYR CA 163 -121.73 28.37 -42.83
C TYR CA 163 -120.92 27.40 -43.69
N LYS CA 164 -120.61 26.24 -43.14
CA LYS CA 164 -119.80 25.26 -43.85
C LYS CA 164 -120.20 23.84 -43.49
N ARG CA 165 -120.73 23.12 -44.47
CA ARG CA 165 -121.15 21.73 -44.28
C ARG CA 165 -120.34 20.81 -45.19
N VAL CA 166 -120.35 19.53 -44.88
CA VAL CA 166 -119.62 18.55 -45.68
C VAL CA 166 -120.40 17.25 -45.85
N THR CA 167 -120.64 16.88 -47.10
CA THR CA 167 -121.37 15.65 -47.42
C THR CA 167 -120.42 14.50 -47.07
N GLU CA 168 -120.89 13.27 -47.24
CA GLU CA 168 -120.06 12.11 -46.94
C GLU CA 168 -118.74 12.20 -47.67
N LYS CA 169 -118.75 12.80 -48.85
CA LYS CA 169 -117.56 12.96 -49.66
C LYS CA 169 -116.86 14.28 -49.31
N GLY CA 170 -115.75 14.55 -49.97
CA GLY CA 170 -115.00 15.77 -49.71
C GLY CA 170 -115.75 17.02 -50.15
N ASP CA 171 -117.07 16.88 -50.35
CA ASP CA 171 -117.89 18.00 -50.77
C ASP CA 171 -117.94 19.08 -49.69
N GLU CA 172 -117.59 20.31 -50.08
CA GLU CA 172 -117.59 21.42 -49.15
C GLU CA 172 -118.55 22.51 -49.58
N HIS CA 173 -119.66 22.64 -48.85
CA HIS CA 173 -120.66 23.64 -49.16
C HIS CA 173 -120.58 24.82 -48.19
N VAL CA 174 -120.58 26.03 -48.75
CA VAL CA 174 -120.48 27.23 -47.93
C VAL CA 174 -121.44 28.34 -48.36
N LEU CA 175 -121.97 29.05 -47.37
CA LEU CA 175 -122.89 30.16 -47.57
C LEU CA 175 -122.70 31.12 -46.40
N SER CA 176 -122.59 32.41 -46.69
CA SER CA 176 -122.38 33.39 -45.64
C SER CA 176 -123.36 34.56 -45.65
N LEU CA 177 -123.50 35.20 -44.49
CA LEU CA 177 -124.38 36.35 -44.32
C LEU CA 177 -123.55 37.55 -43.89
N VAL CA 178 -123.84 38.71 -44.46
CA VAL CA 178 -123.11 39.93 -44.12
C VAL CA 178 -124.04 41.00 -43.57
N PHE CA 179 -123.80 41.42 -42.34
CA PHE CA 179 -124.62 42.44 -41.70
C PHE CA 179 -123.79 43.66 -41.33
N GLY CA 180 -124.42 44.84 -41.38
CA GLY CA 180 -123.72 46.07 -41.05
C GLY CA 180 -124.25 47.25 -41.82
N LYS CA 181 -123.77 48.44 -41.47
CA LYS CA 181 -124.21 49.65 -42.15
C LYS CA 181 -123.85 49.58 -43.63
N THR CA 182 -124.85 49.77 -44.48
CA THR CA 182 -124.66 49.71 -45.93
C THR CA 182 -123.40 50.44 -46.40
N LYS CA 183 -123.05 51.53 -45.73
CA LYS CA 183 -121.87 52.30 -46.11
C LYS CA 183 -120.56 51.61 -45.77
N ASP CA 184 -120.60 50.64 -44.87
CA ASP CA 184 -119.40 49.93 -44.44
C ASP CA 184 -119.15 48.58 -45.09
N LEU CA 185 -120.06 48.13 -45.95
CA LEU CA 185 -119.89 46.85 -46.61
C LEU CA 185 -118.59 46.80 -47.40
N PRO CA 186 -117.90 45.65 -47.40
CA PRO CA 186 -116.63 45.46 -48.10
C PRO CA 186 -116.68 45.92 -49.56
N ASP CA 187 -115.54 45.90 -50.22
CA ASP CA 187 -115.45 46.31 -51.61
C ASP CA 187 -115.68 45.13 -52.54
N LEU CA 188 -116.60 45.28 -53.49
CA LEU CA 188 -116.90 44.21 -54.43
C LEU CA 188 -115.85 44.21 -55.54
N ARG CA 189 -115.45 43.02 -55.97
CA ARG CA 189 -114.43 42.87 -57.01
C ARG CA 189 -114.98 42.97 -58.44
N GLY CA 190 -115.18 41.82 -59.07
CA GLY CA 190 -115.67 41.81 -60.43
C GLY CA 190 -117.02 42.49 -60.60
N PRO CA 191 -117.74 42.19 -61.70
CA PRO CA 191 -119.05 42.75 -62.00
C PRO CA 191 -120.09 42.36 -60.97
N PHE CA 192 -119.95 42.92 -59.76
CA PHE CA 192 -120.84 42.64 -58.67
C PHE CA 192 -121.45 43.91 -58.11
N SER CA 193 -122.74 43.86 -57.82
CA SER CA 193 -123.45 45.00 -57.25
C SER CA 193 -124.22 44.52 -56.03
N TYR CA 194 -123.92 45.13 -54.89
CA TYR CA 194 -124.57 44.77 -53.63
C TYR CA 194 -126.08 44.58 -53.70
N PRO CA 195 -126.79 45.43 -54.45
CA PRO CA 195 -128.25 45.24 -54.52
C PRO CA 195 -128.67 43.83 -54.92
N SER CA 196 -128.02 43.29 -55.94
CA SER CA 196 -128.35 41.94 -56.40
C SER CA 196 -127.76 40.88 -55.46
N LEU CA 197 -127.38 41.32 -54.27
CA LEU CA 197 -126.81 40.43 -53.26
C LEU CA 197 -127.36 40.74 -51.88
N THR CA 198 -128.02 41.89 -51.75
CA THR CA 198 -128.60 42.31 -50.48
C THR CA 198 -129.98 41.68 -50.33
N SER CA 199 -130.27 41.16 -49.15
CA SER CA 199 -131.56 40.53 -48.90
C SER CA 199 -132.52 41.47 -48.17
N ALA CA 200 -132.00 42.23 -47.21
CA ALA CA 200 -132.82 43.16 -46.45
C ALA CA 200 -132.07 44.50 -46.31
N GLN CA 201 -132.78 45.60 -46.50
CA GLN CA 201 -132.13 46.91 -46.40
C GLN CA 201 -132.95 47.96 -45.64
N SER CA 202 -132.26 48.69 -44.77
CA SER CA 202 -132.87 49.76 -43.99
C SER CA 202 -132.39 51.06 -44.62
N GLY CA 203 -132.52 52.16 -43.89
CA GLY CA 203 -132.08 53.44 -44.41
C GLY CA 203 -130.56 53.47 -44.50
N ASP CA 204 -129.91 52.60 -43.73
CA ASP CA 204 -128.46 52.54 -43.71
C ASP CA 204 -127.91 51.18 -43.27
N TYR CA 205 -128.77 50.16 -43.29
CA TYR CA 205 -128.36 48.82 -42.90
C TYR CA 205 -128.69 47.78 -43.97
N SER CA 206 -127.80 46.81 -44.16
CA SER CA 206 -128.01 45.77 -45.16
C SER CA 206 -127.66 44.37 -44.67
N LEU CA 207 -128.20 43.37 -45.37
CA LEU CA 207 -127.96 41.98 -45.06
C LEU CA 207 -127.67 41.27 -46.38
N VAL CA 208 -126.39 41.00 -46.62
CA VAL CA 208 -125.96 40.36 -47.85
C VAL CA 208 -125.82 38.84 -47.77
N ILE CA 209 -126.15 38.16 -48.87
CA ILE CA 209 -126.06 36.71 -48.95
C ILE CA 209 -125.01 36.34 -49.98
N VAL CA 210 -123.81 35.99 -49.51
CA VAL CA 210 -122.73 35.61 -50.42
C VAL CA 210 -122.63 34.08 -50.49
N THR CA 211 -122.94 33.53 -51.65
CA THR CA 211 -122.89 32.09 -51.86
C THR CA 211 -123.14 31.75 -53.32
N THR CA 212 -122.82 30.53 -53.72
CA THR CA 212 -123.03 30.09 -55.09
C THR CA 212 -124.37 29.37 -55.19
N PHE CA 213 -124.94 29.33 -56.39
CA PHE CA 213 -126.21 28.65 -56.61
C PHE CA 213 -126.06 27.19 -56.22
N VAL CA 214 -124.93 26.61 -56.59
CA VAL CA 214 -124.64 25.22 -56.28
C VAL CA 214 -124.79 24.97 -54.79
N HIS CA 215 -124.24 25.89 -53.99
CA HIS CA 215 -124.30 25.78 -52.54
C HIS CA 215 -125.67 26.10 -51.97
N TYR CA 216 -126.25 27.23 -52.39
CA TYR CA 216 -127.55 27.65 -51.90
C TYR CA 216 -128.57 26.52 -51.94
N ALA CA 217 -128.41 25.61 -52.91
CA ALA CA 217 -129.32 24.48 -53.04
C ALA CA 217 -129.19 23.53 -51.87
N ASN CA 218 -127.97 23.01 -51.66
CA ASN CA 218 -127.71 22.08 -50.58
C ASN CA 218 -128.08 22.66 -49.22
N PHE CA 219 -128.06 23.99 -49.11
CA PHE CA 219 -128.39 24.66 -47.86
C PHE CA 219 -129.87 24.93 -47.69
N HIS CA 220 -130.54 25.29 -48.78
CA HIS CA 220 -131.98 25.57 -48.73
C HIS CA 220 -132.80 24.36 -48.29
N ASN CA 221 -132.17 23.19 -48.27
CA ASN CA 221 -132.85 21.96 -47.86
C ASN CA 221 -133.10 21.90 -46.36
N TYR CA 222 -132.25 22.57 -45.59
CA TYR CA 222 -132.41 22.57 -44.14
C TYR CA 222 -132.22 23.94 -43.51
N PHE CA 223 -132.01 24.96 -44.34
CA PHE CA 223 -131.82 26.31 -43.83
C PHE CA 223 -132.60 27.36 -44.61
N VAL CA 224 -133.75 27.75 -44.05
CA VAL CA 224 -134.60 28.76 -44.65
C VAL CA 224 -134.84 29.84 -43.59
N PRO CA 225 -133.82 30.68 -43.36
CA PRO CA 225 -133.89 31.76 -42.36
C PRO CA 225 -134.94 32.82 -42.65
N ASN CA 226 -135.51 33.38 -41.60
CA ASN CA 226 -136.53 34.41 -41.72
C ASN CA 226 -135.81 35.76 -41.78
N LEU CA 227 -135.01 35.94 -42.82
CA LEU CA 227 -134.25 37.17 -43.04
C LEU CA 227 -134.99 38.42 -42.57
N LYS CA 228 -136.29 38.46 -42.79
CA LYS CA 228 -137.10 39.61 -42.39
C LYS CA 228 -136.95 39.95 -40.91
N ASP CA 229 -137.55 39.13 -40.04
CA ASP CA 229 -137.49 39.37 -38.60
C ASP CA 229 -136.05 39.31 -38.09
N MET CA 230 -135.28 38.36 -38.60
CA MET CA 230 -133.89 38.19 -38.18
C MET CA 230 -133.10 39.48 -38.41
N PHE CA 231 -133.44 40.19 -39.47
CA PHE CA 231 -132.76 41.44 -39.81
C PHE CA 231 -133.24 42.58 -38.93
N SER CA 232 -134.55 42.80 -38.90
CA SER CA 232 -135.15 43.86 -38.10
C SER CA 232 -134.65 43.83 -36.65
N ARG CA 233 -134.88 42.70 -36.00
CA ARG CA 233 -134.48 42.52 -34.61
C ARG CA 233 -132.99 42.82 -34.42
N ALA CA 234 -132.19 42.53 -35.44
CA ALA CA 234 -130.75 42.76 -35.39
C ALA CA 234 -130.41 44.23 -35.60
N VAL CA 235 -131.42 45.04 -35.92
CA VAL CA 235 -131.21 46.47 -36.15
C VAL CA 235 -131.90 47.29 -35.06
N THR CA 236 -133.21 47.13 -34.95
CA THR CA 236 -133.99 47.86 -33.95
C THR CA 236 -134.05 47.11 -32.63
N MET CA 237 -132.99 47.26 -31.84
CA MET CA 237 -132.93 46.59 -30.55
C MET CA 237 -131.61 46.90 -29.86
N THR CA 238 -131.69 47.43 -28.64
CA THR CA 238 -130.51 47.78 -27.86
C THR CA 238 -129.58 46.57 -27.71
N ALA CA 239 -128.28 46.84 -27.70
CA ALA CA 239 -127.27 45.79 -27.57
C ALA CA 239 -127.59 44.79 -26.45
N ALA CA 240 -127.72 45.30 -25.23
CA ALA CA 240 -128.02 44.46 -24.08
C ALA CA 240 -129.24 43.57 -24.31
N SER CA 241 -130.30 44.17 -24.85
CA SER CA 241 -131.53 43.42 -25.12
C SER CA 241 -131.33 42.29 -26.13
N TYR CA 242 -130.70 42.61 -27.25
CA TYR CA 242 -130.46 41.62 -28.29
C TYR CA 242 -129.65 40.45 -27.72
N ALA CA 243 -128.71 40.78 -26.83
CA ALA CA 243 -127.86 39.77 -26.20
C ALA CA 243 -128.70 38.74 -25.45
N ARG CA 244 -129.69 39.20 -24.71
CA ARG CA 244 -130.56 38.31 -23.95
C ARG CA 244 -131.56 37.60 -24.84
N TYR CA 245 -132.08 38.31 -25.84
CA TYR CA 245 -133.04 37.72 -26.77
C TYR CA 245 -132.42 36.44 -27.32
N VAL CA 246 -131.11 36.50 -27.56
CA VAL CA 246 -130.38 35.36 -28.08
C VAL CA 246 -130.14 34.35 -26.97
N LEU CA 247 -129.70 34.84 -25.81
CA LEU CA 247 -129.44 33.98 -24.66
C LEU CA 247 -130.67 33.12 -24.37
N GLN CA 248 -131.85 33.72 -24.49
CA GLN CA 248 -133.10 33.02 -24.25
C GLN CA 248 -133.35 32.01 -25.37
N LYS CA 249 -133.13 32.43 -26.61
CA LYS CA 249 -133.34 31.55 -27.75
C LYS CA 249 -132.52 30.28 -27.57
N LEU CA 250 -131.34 30.41 -26.99
CA LEU CA 250 -130.47 29.25 -26.77
C LEU CA 250 -131.04 28.38 -25.66
N VAL CA 251 -131.44 29.00 -24.56
CA VAL CA 251 -132.02 28.27 -23.43
C VAL CA 251 -133.12 27.35 -23.94
N LEU CA 252 -133.93 27.88 -24.86
CA LEU CA 252 -135.03 27.12 -25.46
C LEU CA 252 -134.45 25.88 -26.13
N LEU CA 253 -133.52 26.09 -27.05
CA LEU CA 253 -132.87 24.99 -27.76
C LEU CA 253 -132.28 23.98 -26.78
N GLU CA 254 -131.81 24.49 -25.64
CA GLU CA 254 -131.21 23.62 -24.63
C GLU CA 254 -132.30 22.70 -24.07
N MET CA 255 -133.45 23.28 -23.74
CA MET CA 255 -134.56 22.49 -23.21
C MET CA 255 -135.10 21.57 -24.29
N LYS CA 256 -134.73 21.84 -25.54
CA LYS CA 256 -135.15 21.01 -26.66
C LYS CA 256 -134.14 19.90 -26.88
N GLY CA 257 -133.15 19.81 -26.00
CA GLY CA 257 -132.13 18.79 -26.11
C GLY CA 257 -131.14 19.08 -27.21
N GLY CA 258 -131.30 20.21 -27.88
CA GLY CA 258 -130.40 20.58 -28.95
C GLY CA 258 -128.98 20.82 -28.50
N CYS CA 259 -128.68 20.54 -27.23
CA CYS CA 259 -127.33 20.75 -26.72
C CYS CA 259 -126.57 19.44 -26.53
N ARG CA 260 -127.17 18.34 -26.98
CA ARG CA 260 -126.57 17.01 -26.90
C ARG CA 260 -126.91 16.30 -28.20
N GLU CA 261 -127.92 16.83 -28.87
CA GLU CA 261 -128.39 16.33 -30.15
C GLU CA 261 -128.50 17.55 -31.07
N PRO CA 262 -127.42 18.33 -31.20
CA PRO CA 262 -127.37 19.53 -32.03
C PRO CA 262 -128.07 19.37 -33.37
N GLU CA 263 -129.34 19.76 -33.42
CA GLU CA 263 -130.13 19.64 -34.63
C GLU CA 263 -129.69 20.68 -35.66
N LEU CA 264 -129.45 20.22 -36.89
CA LEU CA 264 -129.04 21.11 -37.96
C LEU CA 264 -130.27 21.63 -38.70
N ASP CA 265 -131.02 22.50 -38.02
CA ASP CA 265 -132.23 23.07 -38.60
C ASP CA 265 -132.15 24.58 -38.71
N THR CA 266 -133.17 25.18 -39.32
CA THR CA 266 -133.23 26.62 -39.50
C THR CA 266 -133.08 27.36 -38.18
N GLU CA 267 -133.85 26.95 -37.18
CA GLU CA 267 -133.81 27.57 -35.87
C GLU CA 267 -132.41 27.58 -35.26
N THR CA 268 -131.83 26.38 -35.15
CA THR CA 268 -130.49 26.23 -34.58
C THR CA 268 -129.45 27.06 -35.33
N LEU CA 269 -129.51 27.01 -36.65
CA LEU CA 269 -128.57 27.75 -37.48
C LEU CA 269 -128.80 29.26 -37.37
N THR CA 270 -130.06 29.66 -37.32
CA THR CA 270 -130.42 31.07 -37.21
C THR CA 270 -129.82 31.67 -35.94
N THR CA 271 -130.10 31.03 -34.80
CA THR CA 271 -129.59 31.49 -33.52
C THR CA 271 -128.10 31.74 -33.58
N MET CA 272 -127.38 30.85 -34.24
CA MET CA 272 -125.92 30.97 -34.37
C MET CA 272 -125.53 32.36 -34.87
N PHE CA 273 -126.02 32.72 -36.05
CA PHE CA 273 -125.72 34.01 -36.64
C PHE CA 273 -126.11 35.15 -35.69
N GLU CA 274 -127.24 35.01 -35.03
CA GLU CA 274 -127.71 36.02 -34.09
C GLU CA 274 -126.79 36.10 -32.89
N VAL CA 275 -126.18 34.97 -32.53
CA VAL CA 275 -125.27 34.92 -31.40
C VAL CA 275 -124.06 35.81 -31.68
N SER CA 276 -123.62 35.80 -32.93
CA SER CA 276 -122.47 36.61 -33.34
C SER CA 276 -122.91 38.07 -33.52
N VAL CA 277 -124.15 38.27 -33.95
CA VAL CA 277 -124.67 39.62 -34.15
C VAL CA 277 -124.76 40.31 -32.79
N ALA CA 278 -125.08 39.52 -31.77
CA ALA CA 278 -125.20 40.03 -30.41
C ALA CA 278 -123.84 40.59 -29.99
N PHE CA 279 -122.78 39.88 -30.33
CA PHE CA 279 -121.43 40.31 -30.01
C PHE CA 279 -121.03 41.48 -30.89
N PHE CA 280 -121.45 41.43 -32.15
CA PHE CA 280 -121.16 42.49 -33.11
C PHE CA 280 -121.79 43.81 -32.65
N LYS CA 281 -123.05 43.73 -32.23
CA LYS CA 281 -123.77 44.90 -31.76
C LYS CA 281 -122.96 45.69 -30.74
N VAL CA 282 -122.46 45.00 -29.73
CA VAL CA 282 -121.67 45.63 -28.68
C VAL CA 282 -120.42 46.29 -29.25
N GLY CA 283 -119.75 45.60 -30.17
CA GLY CA 283 -118.56 46.15 -30.78
C GLY CA 283 -118.85 47.34 -31.68
N HIS CA 284 -119.97 47.28 -32.38
CA HIS CA 284 -120.35 48.36 -33.29
C HIS CA 284 -120.83 49.58 -32.49
N ALA CA 285 -121.17 49.36 -31.23
CA ALA CA 285 -121.62 50.44 -30.35
C ALA CA 285 -120.43 51.30 -29.95
N VAL CA 286 -119.42 50.66 -29.38
CA VAL CA 286 -118.21 51.36 -28.95
C VAL CA 286 -117.52 51.97 -30.16
N GLY CA 287 -117.84 51.45 -31.35
CA GLY CA 287 -117.24 51.96 -32.57
C GLY CA 287 -117.81 53.30 -33.01
N GLU CA 288 -119.14 53.37 -33.09
CA GLU CA 288 -119.82 54.60 -33.50
C GLU CA 288 -119.33 55.80 -32.71
N THR CA 289 -119.15 55.61 -31.40
CA THR CA 289 -118.69 56.67 -30.52
C THR CA 289 -117.18 56.70 -30.39
N GLY CA 290 -116.49 56.93 -31.51
CA GLY CA 290 -115.04 56.98 -31.50
C GLY CA 290 -114.56 58.17 -30.70
N ASN CA 291 -113.51 57.98 -29.90
CA ASN CA 291 -112.95 59.05 -29.09
C ASN CA 291 -114.01 59.63 -28.16
N GLY CA 292 -115.00 58.82 -27.80
CA GLY CA 292 -116.05 59.25 -26.91
C GLY CA 292 -115.87 58.56 -25.57
N CYS CA 293 -116.96 58.34 -24.85
CA CYS CA 293 -116.87 57.67 -23.56
C CYS CA 293 -118.15 56.92 -23.23
N VAL CA 294 -118.02 55.62 -23.01
CA VAL CA 294 -119.16 54.78 -22.68
C VAL CA 294 -119.32 54.69 -21.17
N ASP CA 295 -120.54 54.96 -20.69
CA ASP CA 295 -120.83 54.91 -19.27
C ASP CA 295 -120.56 53.52 -18.73
N LEU CA 296 -119.94 53.43 -17.57
CA LEU CA 296 -119.62 52.15 -16.96
C LEU CA 296 -120.85 51.30 -16.69
N ARG CA 297 -121.98 51.95 -16.46
CA ARG CA 297 -123.22 51.21 -16.20
C ARG CA 297 -123.59 50.46 -17.48
N TRP CA 298 -123.38 51.11 -18.61
CA TRP CA 298 -123.69 50.52 -19.91
C TRP CA 298 -122.88 49.26 -20.15
N LEU CA 299 -121.58 49.33 -19.90
CA LEU CA 299 -120.69 48.20 -20.09
C LEU CA 299 -121.03 47.07 -19.12
N ALA CA 300 -121.11 47.42 -17.84
CA ALA CA 300 -121.42 46.44 -16.80
C ALA CA 300 -122.66 45.63 -17.16
N LYS CA 301 -123.57 46.24 -17.93
CA LYS CA 301 -124.80 45.58 -18.34
C LYS CA 301 -124.63 44.87 -19.67
N SER CA 302 -124.10 45.59 -20.66
CA SER CA 302 -123.89 45.04 -22.00
C SER CA 302 -122.89 43.89 -21.99
N PHE CA 303 -121.69 44.16 -21.48
CA PHE CA 303 -120.64 43.15 -21.41
C PHE CA 303 -121.01 41.96 -20.54
N PHE CA 304 -121.99 42.15 -19.66
CA PHE CA 304 -122.45 41.08 -18.79
C PHE CA 304 -123.21 40.06 -19.61
N GLU CA 305 -124.18 40.55 -20.39
CA GLU CA 305 -124.99 39.70 -21.24
C GLU CA 305 -124.11 38.88 -22.18
N LEU CA 306 -122.92 39.40 -22.48
CA LEU CA 306 -121.98 38.73 -23.35
C LEU CA 306 -121.24 37.60 -22.63
N THR CA 307 -120.84 37.87 -21.39
CA THR CA 307 -120.13 36.88 -20.60
C THR CA 307 -121.04 35.67 -20.38
N VAL CA 308 -122.27 35.94 -19.96
CA VAL CA 308 -123.25 34.88 -19.72
C VAL CA 308 -123.54 34.15 -21.03
N LEU CA 309 -123.56 34.91 -22.11
CA LEU CA 309 -123.83 34.35 -23.44
C LEU CA 309 -122.71 33.40 -23.86
N LYS CA 310 -121.47 33.85 -23.73
CA LYS CA 310 -120.31 33.06 -24.10
C LYS CA 310 -120.28 31.70 -23.43
N ASP CA 311 -120.71 31.65 -22.16
CA ASP CA 311 -120.70 30.40 -21.41
C ASP CA 311 -121.67 29.36 -21.97
N ILE CA 312 -122.92 29.75 -22.17
CA ILE CA 312 -123.93 28.82 -22.70
C ILE CA 312 -123.51 28.36 -24.09
N ILE CA 313 -122.94 29.27 -24.87
CA ILE CA 313 -122.49 28.95 -26.22
C ILE CA 313 -121.42 27.87 -26.16
N GLY CA 314 -120.64 27.89 -25.08
CA GLY CA 314 -119.58 26.91 -24.91
C GLY CA 314 -120.06 25.61 -24.29
N ILE CA 315 -120.92 25.71 -23.29
CA ILE CA 315 -121.45 24.52 -22.62
C ILE CA 315 -122.27 23.70 -23.60
N CYS CA 316 -123.04 24.36 -24.44
CA CYS CA 316 -123.88 23.68 -25.42
C CYS CA 316 -123.00 23.16 -26.57
N TYR CA 317 -122.46 24.07 -27.35
CA TYR CA 317 -121.61 23.72 -28.48
C TYR CA 317 -120.15 23.96 -28.12
N GLY CA 318 -119.26 23.22 -28.75
CA GLY CA 318 -117.83 23.40 -28.49
C GLY CA 318 -117.40 24.68 -29.19
N ALA CA 319 -118.21 25.72 -29.06
CA ALA CA 319 -117.92 26.99 -29.68
C ALA CA 319 -117.00 27.84 -28.83
N THR CA 320 -116.18 28.66 -29.48
CA THR CA 320 -115.24 29.52 -28.79
C THR CA 320 -115.45 30.97 -29.22
N VAL CA 321 -115.04 31.90 -28.38
CA VAL CA 321 -115.19 33.32 -28.68
C VAL CA 321 -113.91 34.05 -28.26
N LYS CA 322 -113.40 34.90 -29.15
CA LYS CA 322 -112.19 35.65 -28.86
C LYS CA 322 -112.16 36.96 -29.63
N GLY CA 323 -111.71 38.02 -28.95
CA GLY CA 323 -111.60 39.32 -29.59
C GLY CA 323 -112.67 40.34 -29.26
N MET CA 324 -113.42 40.15 -28.18
CA MET CA 324 -114.44 41.12 -27.82
C MET CA 324 -114.49 41.50 -26.35
N GLN CA 325 -113.40 41.24 -25.62
CA GLN CA 325 -113.34 41.60 -24.22
C GLN CA 325 -112.03 42.32 -23.97
N SER CA 326 -111.94 43.03 -22.84
CA SER CA 326 -110.73 43.77 -22.52
C SER CA 326 -110.28 43.57 -21.06
N TYR CA 327 -109.02 43.22 -20.87
CA TYR CA 327 -108.50 43.03 -19.51
C TYR CA 327 -108.59 44.33 -18.72
N GLY CA 328 -108.71 45.45 -19.42
CA GLY CA 328 -108.82 46.74 -18.77
C GLY CA 328 -110.12 46.85 -18.00
N LEU CA 329 -111.23 46.72 -18.72
CA LEU CA 329 -112.56 46.81 -18.12
C LEU CA 329 -112.68 45.86 -16.93
N GLU CA 330 -111.98 44.74 -17.00
CA GLU CA 330 -112.02 43.75 -15.92
C GLU CA 330 -111.27 44.24 -14.68
N ARG CA 331 -110.09 44.81 -14.89
CA ARG CA 331 -109.30 45.33 -13.78
C ARG CA 331 -110.05 46.48 -13.12
N LEU CA 332 -110.68 47.32 -13.94
CA LEU CA 332 -111.43 48.45 -13.44
C LEU CA 332 -112.59 47.95 -12.57
N ALA CA 333 -113.39 47.07 -13.13
CA ALA CA 333 -114.54 46.51 -12.42
C ALA CA 333 -114.07 45.83 -11.13
N ALA CA 334 -112.97 45.08 -11.24
CA ALA CA 334 -112.41 44.39 -10.08
C ALA CA 334 -112.05 45.36 -8.97
N MET CA 335 -111.29 46.39 -9.30
CA MET CA 335 -110.88 47.39 -8.32
C MET CA 335 -112.07 48.10 -7.68
N LEU CA 336 -113.01 48.53 -8.53
CA LEU CA 336 -114.20 49.22 -8.05
C LEU CA 336 -114.93 48.41 -6.97
N MET CA 337 -115.16 47.14 -7.25
CA MET CA 337 -115.84 46.25 -6.30
C MET CA 337 -115.08 46.13 -4.98
N ALA CA 338 -113.76 46.01 -5.08
CA ALA CA 338 -112.92 45.87 -3.90
C ALA CA 338 -113.08 47.03 -2.93
N THR CA 339 -113.72 48.11 -3.38
CA THR CA 339 -113.92 49.28 -2.54
C THR CA 339 -115.38 49.51 -2.19
N VAL CA 340 -116.05 48.49 -1.65
CA VAL CA 340 -117.45 48.62 -1.26
C VAL CA 340 -117.84 47.66 -0.15
N LYS CA 341 -118.76 48.09 0.70
CA LYS CA 341 -119.23 47.27 1.81
C LYS CA 341 -120.01 46.09 1.23
N MET CA 342 -119.31 45.04 0.87
CA MET CA 342 -119.92 43.85 0.29
C MET CA 342 -120.91 43.16 1.24
N GLU CA 343 -120.49 42.93 2.46
CA GLU CA 343 -121.33 42.27 3.46
C GLU CA 343 -122.60 43.07 3.78
N GLU CA 344 -122.77 44.20 3.13
CA GLU CA 344 -123.93 45.05 3.37
C GLU CA 344 -124.59 45.47 2.05
N LEU CA 345 -124.24 44.76 0.98
CA LEU CA 345 -124.80 45.05 -0.35
C LEU CA 345 -126.30 44.82 -0.39
N GLY CA 346 -126.76 43.83 0.36
CA GLY CA 346 -128.18 43.51 0.40
C GLY CA 346 -129.05 44.65 0.92
N HIS CA 347 -128.48 45.48 1.79
CA HIS CA 347 -129.21 46.59 2.37
C HIS CA 347 -129.25 47.78 1.42
N LEU CA 348 -128.68 47.62 0.23
CA LEU CA 348 -128.65 48.68 -0.76
C LEU CA 348 -129.92 48.67 -1.62
N THR CA 349 -130.00 49.61 -2.55
CA THR CA 349 -131.17 49.72 -3.43
C THR CA 349 -131.16 48.66 -4.52
N THR CA 350 -132.26 48.57 -5.26
CA THR CA 350 -132.40 47.59 -6.33
C THR CA 350 -131.49 47.87 -7.52
N GLU CA 351 -131.69 49.01 -8.17
CA GLU CA 351 -130.88 49.38 -9.33
C GLU CA 351 -129.39 49.28 -9.01
N LYS CA 352 -129.02 49.75 -7.83
CA LYS CA 352 -127.62 49.71 -7.38
C LYS CA 352 -127.18 48.28 -7.14
N GLN CA 353 -128.11 47.44 -6.70
CA GLN CA 353 -127.81 46.04 -6.40
C GLN CA 353 -127.43 45.29 -7.67
N GLU CA 354 -128.18 45.50 -8.74
CA GLU CA 354 -127.88 44.83 -10.00
C GLU CA 354 -126.49 45.27 -10.46
N TYR CA 355 -126.35 46.56 -10.73
CA TYR CA 355 -125.08 47.14 -11.16
C TYR CA 355 -123.91 46.57 -10.37
N ALA CA 356 -124.12 46.40 -9.06
CA ALA CA 356 -123.07 45.87 -8.20
C ALA CA 356 -122.69 44.45 -8.62
N LEU CA 357 -123.60 43.51 -8.41
CA LEU CA 357 -123.38 42.12 -8.79
C LEU CA 357 -123.04 42.00 -10.26
N ARG CA 358 -123.74 42.78 -11.08
CA ARG CA 358 -123.54 42.77 -12.53
C ARG CA 358 -122.06 42.88 -12.90
N LEU CA 359 -121.45 44.01 -12.54
CA LEU CA 359 -120.04 44.24 -12.85
C LEU CA 359 -119.13 43.30 -12.06
N ALA CA 360 -119.65 42.77 -10.95
CA ALA CA 360 -118.89 41.85 -10.12
C ALA CA 360 -118.53 40.60 -10.92
N THR CA 361 -119.40 40.27 -11.87
CA THR CA 361 -119.20 39.11 -12.73
C THR CA 361 -118.13 39.43 -13.78
N VAL CA 362 -118.22 40.62 -14.35
CA VAL CA 362 -117.30 41.05 -15.39
C VAL CA 362 -115.84 41.13 -14.92
N GLY CA 363 -115.64 41.57 -13.68
CA GLY CA 363 -114.28 41.69 -13.16
C GLY CA 363 -113.75 40.53 -12.33
N TYR CA 364 -114.62 39.56 -12.04
CA TYR CA 364 -114.22 38.40 -11.25
C TYR CA 364 -112.88 37.80 -11.68
N PRO CA 365 -112.68 37.60 -13.00
CA PRO CA 365 -111.43 37.03 -13.53
C PRO CA 365 -110.13 37.75 -13.19
N LYS CA 366 -109.86 38.85 -13.89
CA LYS CA 366 -108.63 39.63 -13.71
C LYS CA 366 -108.21 39.94 -12.27
N ALA CA 367 -109.15 39.99 -11.34
CA ALA CA 367 -108.81 40.27 -9.94
C ALA CA 367 -109.89 39.83 -8.97
N GLY CA 368 -109.51 39.74 -7.69
CA GLY CA 368 -110.47 39.33 -6.67
C GLY CA 368 -110.25 37.92 -6.19
N VAL CA 369 -108.99 37.55 -5.96
CA VAL CA 369 -108.66 36.20 -5.49
C VAL CA 369 -108.89 36.15 -3.98
N TYR CA 370 -109.01 37.32 -3.37
CA TYR CA 370 -109.24 37.43 -1.94
C TYR CA 370 -110.23 38.55 -1.64
N SER CA 371 -111.00 38.93 -2.65
CA SER CA 371 -112.02 39.97 -2.51
C SER CA 371 -113.34 39.32 -2.13
N GLY CA 372 -114.10 39.97 -1.26
CA GLY CA 372 -115.38 39.44 -0.83
C GLY CA 372 -116.49 39.51 -1.86
N LEU CA 373 -116.22 39.05 -3.07
CA LEU CA 373 -117.23 39.07 -4.13
C LEU CA 373 -118.38 38.12 -3.84
N ILE CA 374 -118.05 36.86 -3.60
CA ILE CA 374 -119.06 35.86 -3.30
C ILE CA 374 -119.89 36.31 -2.11
N GLY CA 375 -119.24 37.06 -1.21
CA GLY CA 375 -119.93 37.56 -0.04
C GLY CA 375 -121.08 38.46 -0.41
N GLY CA 376 -120.82 39.41 -1.31
CA GLY CA 376 -121.86 40.32 -1.74
C GLY CA 376 -123.02 39.57 -2.37
N ALA CA 377 -122.70 38.56 -3.17
CA ALA CA 377 -123.73 37.75 -3.83
C ALA CA 377 -124.60 37.07 -2.80
N THR CA 378 -124.04 36.80 -1.62
CA THR CA 378 -124.75 36.16 -0.54
C THR CA 378 -125.67 37.15 0.17
N SER CA 379 -125.11 38.32 0.52
CA SER CA 379 -125.86 39.37 1.19
C SER CA 379 -127.11 39.76 0.41
N VAL CA 380 -126.94 39.99 -0.88
CA VAL CA 380 -128.05 40.37 -1.75
C VAL CA 380 -129.12 39.29 -1.76
N LEU CA 381 -128.70 38.03 -1.79
CA LEU CA 381 -129.62 36.90 -1.79
C LEU CA 381 -130.32 36.80 -0.45
N LEU CA 382 -129.55 36.88 0.62
CA LEU CA 382 -130.09 36.79 1.98
C LEU CA 382 -131.28 37.73 2.16
N SER CA 383 -131.12 38.97 1.72
CA SER CA 383 -132.18 39.96 1.83
C SER CA 383 -133.43 39.48 1.10
N ALA CA 384 -133.25 39.03 -0.13
CA ALA CA 384 -134.35 38.53 -0.96
C ALA CA 384 -135.18 37.47 -0.23
N TYR CA 385 -134.48 36.49 0.33
CA TYR CA 385 -135.13 35.39 1.04
C TYR CA 385 -135.94 35.84 2.26
N ASN CA 386 -135.33 36.66 3.11
CA ASN CA 386 -136.00 37.15 4.32
C ASN CA 386 -137.33 37.84 4.03
N ARG CA 387 -137.40 38.54 2.90
CA ARG CA 387 -138.61 39.28 2.55
C ARG CA 387 -139.77 38.44 2.00
N HIS CA 388 -139.52 37.18 1.67
CA HIS CA 388 -140.57 36.33 1.13
C HIS CA 388 -140.65 34.93 1.72
N PRO CA 389 -141.70 34.16 1.36
CA PRO CA 389 -141.92 32.80 1.84
C PRO CA 389 -141.48 31.68 0.88
N LEU CA 390 -140.18 31.56 0.66
CA LEU CA 390 -139.64 30.51 -0.21
C LEU CA 390 -140.21 30.53 -1.62
N PHE CA 391 -140.17 31.69 -2.26
CA PHE CA 391 -140.67 31.85 -3.63
C PHE CA 391 -140.53 33.31 -4.03
N GLN CA 392 -139.88 33.54 -5.17
CA GLN CA 392 -139.69 34.90 -5.66
C GLN CA 392 -140.72 35.18 -6.75
N PRO CA 393 -141.25 36.42 -6.80
CA PRO CA 393 -142.23 36.77 -7.82
C PRO CA 393 -141.75 36.31 -9.19
N LEU CA 394 -142.62 35.65 -9.95
CA LEU CA 394 -142.27 35.14 -11.27
C LEU CA 394 -141.58 36.14 -12.19
N HIS CA 395 -141.94 37.42 -12.08
CA HIS CA 395 -141.34 38.45 -12.91
C HIS CA 395 -141.04 39.71 -12.13
N THR CA 396 -140.28 39.58 -11.05
CA THR CA 396 -139.91 40.72 -10.22
C THR CA 396 -138.56 41.27 -10.66
N VAL CA 397 -138.34 42.54 -10.35
CA VAL CA 397 -137.08 43.20 -10.70
C VAL CA 397 -135.92 42.52 -9.99
N MET CA 398 -136.18 42.00 -8.79
CA MET CA 398 -135.16 41.34 -8.01
C MET CA 398 -134.81 39.94 -8.53
N ARG CA 399 -135.77 39.29 -9.17
CA ARG CA 399 -135.53 37.95 -9.71
C ARG CA 399 -134.34 38.04 -10.65
N GLU CA 400 -134.35 39.06 -11.50
CA GLU CA 400 -133.28 39.30 -12.46
C GLU CA 400 -131.96 39.46 -11.70
N THR CA 401 -132.03 40.05 -10.52
CA THR CA 401 -130.87 40.29 -9.69
C THR CA 401 -130.20 38.99 -9.25
N LEU CA 402 -130.96 38.12 -8.58
CA LEU CA 402 -130.42 36.86 -8.11
C LEU CA 402 -129.79 36.06 -9.24
N PHE CA 403 -130.30 36.25 -10.45
CA PHE CA 403 -129.77 35.55 -11.62
C PHE CA 403 -128.36 36.06 -11.92
N ILE CA 404 -128.18 37.37 -11.88
CA ILE CA 404 -126.88 37.98 -12.14
C ILE CA 404 -125.88 37.54 -11.10
N GLY CA 405 -126.32 37.45 -9.85
CA GLY CA 405 -125.43 37.05 -8.76
C GLY CA 405 -125.03 35.59 -8.81
N SER CA 406 -125.96 34.73 -9.19
CA SER CA 406 -125.69 33.29 -9.26
C SER CA 406 -124.43 33.00 -10.08
N HIS CA 407 -124.24 33.75 -11.16
CA HIS CA 407 -123.07 33.55 -12.02
C HIS CA 407 -121.75 33.64 -11.27
N VAL CA 408 -121.58 34.70 -10.49
CA VAL CA 408 -120.35 34.88 -9.73
C VAL CA 408 -120.22 33.82 -8.64
N VAL CA 409 -121.33 33.17 -8.31
CA VAL CA 409 -121.33 32.13 -7.28
C VAL CA 409 -120.96 30.79 -7.91
N LEU CA 410 -121.56 30.49 -9.05
CA LEU CA 410 -121.30 29.25 -9.76
C LEU CA 410 -119.81 29.15 -10.09
N ARG CA 411 -119.29 30.21 -10.70
CA ARG CA 411 -117.89 30.29 -11.08
C ARG CA 411 -117.02 29.91 -9.88
N GLU CA 412 -117.38 30.44 -8.72
CA GLU CA 412 -116.66 30.16 -7.48
C GLU CA 412 -116.70 28.67 -7.16
N LEU CA 413 -117.90 28.11 -7.16
CA LEU CA 413 -118.12 26.70 -6.87
C LEU CA 413 -117.27 25.78 -7.74
N ARG CA 414 -117.23 26.07 -9.03
CA ARG CA 414 -116.46 25.27 -9.98
C ARG CA 414 -114.98 25.12 -9.63
N LEU CA 415 -114.46 26.08 -8.87
CA LEU CA 415 -113.05 26.05 -8.48
C LEU CA 415 -112.76 24.95 -7.46
N ASN CA 416 -111.48 24.78 -7.13
CA ASN CA 416 -111.05 23.77 -6.18
C ASN CA 416 -110.45 24.39 -4.91
N VAL CA 417 -110.53 25.72 -4.84
CA VAL CA 417 -109.99 26.44 -3.68
C VAL CA 417 -111.14 26.72 -2.72
N THR CA 418 -111.19 25.97 -1.62
CA THR CA 418 -112.24 26.13 -0.63
C THR CA 418 -112.14 27.48 0.09
N THR CA 419 -112.60 28.53 -0.58
CA THR CA 419 -112.58 29.87 -0.02
C THR CA 419 -114.02 30.33 0.18
N GLN CA 420 -114.33 30.76 1.40
CA GLN CA 420 -115.66 31.22 1.73
C GLN CA 420 -116.64 30.06 1.59
N GLY CA 421 -116.12 28.84 1.77
CA GLY CA 421 -116.97 27.66 1.68
C GLY CA 421 -118.19 27.81 2.55
N PRO CA 422 -118.01 28.22 3.82
CA PRO CA 422 -119.15 28.39 4.73
C PRO CA 422 -120.12 29.44 4.21
N ASN CA 423 -119.56 30.56 3.73
CA ASN CA 423 -120.36 31.65 3.20
C ASN CA 423 -121.05 31.24 1.91
N LEU CA 424 -120.42 30.34 1.16
CA LEU CA 424 -120.98 29.85 -0.09
C LEU CA 424 -122.01 28.76 0.15
N ALA CA 425 -121.70 27.83 1.04
CA ALA CA 425 -122.60 26.74 1.37
C ALA CA 425 -123.97 27.33 1.71
N LEU CA 426 -123.95 28.49 2.37
CA LEU CA 426 -125.17 29.18 2.76
C LEU CA 426 -126.02 29.49 1.53
N TYR CA 427 -125.37 30.08 0.52
CA TYR CA 427 -126.06 30.44 -0.71
C TYR CA 427 -126.86 29.24 -1.24
N GLN CA 428 -126.23 28.08 -1.22
CA GLN CA 428 -126.88 26.85 -1.69
C GLN CA 428 -128.10 26.52 -0.82
N LEU CA 429 -127.89 26.57 0.49
CA LEU CA 429 -128.97 26.28 1.44
C LEU CA 429 -130.19 27.14 1.14
N LEU CA 430 -130.00 28.46 1.11
CA LEU CA 430 -131.09 29.39 0.84
C LEU CA 430 -131.81 29.05 -0.45
N SER CA 431 -131.05 29.02 -1.56
CA SER CA 431 -131.62 28.70 -2.86
C SER CA 431 -132.39 27.39 -2.81
N THR CA 432 -131.86 26.42 -2.08
CA THR CA 432 -132.52 25.13 -1.95
C THR CA 432 -133.91 25.31 -1.37
N ALA CA 433 -134.00 26.05 -0.26
CA ALA CA 433 -135.28 26.32 0.38
C ALA CA 433 -136.19 27.02 -0.62
N LEU CA 434 -135.62 27.96 -1.37
CA LEU CA 434 -136.36 28.71 -2.37
C LEU CA 434 -136.89 27.80 -3.47
N CYS CA 435 -136.29 26.63 -3.63
CA CYS CA 435 -136.73 25.68 -4.64
C CYS CA 435 -137.90 24.88 -4.09
N SER CA 436 -138.85 25.58 -3.47
CA SER CA 436 -140.03 24.95 -2.88
C SER CA 436 -141.02 24.49 -3.93
N ALA CA 437 -142.01 23.72 -3.50
CA ALA CA 437 -143.04 23.20 -4.41
C ALA CA 437 -143.76 24.36 -5.09
N LEU CA 438 -143.80 25.50 -4.41
CA LEU CA 438 -144.45 26.69 -4.96
C LEU CA 438 -143.61 27.23 -6.10
N GLU CA 439 -142.30 27.29 -5.88
CA GLU CA 439 -141.35 27.77 -6.88
C GLU CA 439 -141.38 26.86 -8.10
N ILE CA 440 -140.91 25.63 -7.90
CA ILE CA 440 -140.87 24.62 -8.97
C ILE CA 440 -142.22 24.52 -9.69
N GLY CA 441 -143.30 24.78 -8.96
CA GLY CA 441 -144.62 24.72 -9.54
C GLY CA 441 -144.89 25.87 -10.49
N GLU CA 442 -144.67 27.08 -10.01
CA GLU CA 442 -144.91 28.28 -10.83
C GLU CA 442 -144.00 28.33 -12.06
N VAL CA 443 -142.76 27.90 -11.91
CA VAL CA 443 -141.82 27.90 -13.03
C VAL CA 443 -142.38 27.08 -14.18
N LEU CA 444 -142.91 25.90 -13.86
CA LEU CA 444 -143.49 25.02 -14.86
C LEU CA 444 -144.67 25.72 -15.53
N ARG CA 445 -145.57 26.26 -14.71
CA ARG CA 445 -146.74 26.97 -15.21
C ARG CA 445 -146.33 27.95 -16.30
N GLY CA 446 -145.37 28.81 -15.97
CA GLY CA 446 -144.89 29.80 -16.91
C GLY CA 446 -144.31 29.20 -18.17
N LEU CA 447 -143.50 28.15 -18.01
CA LEU CA 447 -142.88 27.47 -19.15
C LEU CA 447 -143.93 26.98 -20.13
N ALA CA 448 -144.94 26.29 -19.61
CA ALA CA 448 -146.02 25.76 -20.45
C ALA CA 448 -146.78 26.89 -21.16
N LEU CA 449 -147.16 27.91 -20.39
CA LEU CA 449 -147.90 29.04 -20.95
C LEU CA 449 -146.98 29.98 -21.74
N GLY CA 450 -145.69 29.68 -21.72
CA GLY CA 450 -144.73 30.49 -22.45
C GLY CA 450 -144.49 31.91 -21.93
N THR CA 451 -144.78 32.15 -20.66
CA THR CA 451 -144.58 33.47 -20.09
C THR CA 451 -143.16 33.56 -19.51
N GLU CA 452 -142.67 32.46 -18.98
CA GLU CA 452 -141.34 32.40 -18.39
C GLU CA 452 -140.39 31.64 -19.32
N SER CA 453 -139.22 32.22 -19.56
CA SER CA 453 -138.23 31.61 -20.43
C SER CA 453 -137.56 30.43 -19.74
N GLY CA 454 -137.43 30.52 -18.42
CA GLY CA 454 -136.79 29.45 -17.67
C GLY CA 454 -135.30 29.67 -17.59
N LEU CA 455 -134.88 30.92 -17.79
CA LEU CA 455 -133.47 31.29 -17.76
C LEU CA 455 -132.83 31.09 -16.38
N PHE CA 456 -133.57 31.46 -15.33
CA PHE CA 456 -133.04 31.32 -13.98
C PHE CA 456 -134.04 30.81 -12.96
N SER CA 457 -133.51 30.16 -11.92
CA SER CA 457 -134.30 29.61 -10.83
C SER CA 457 -133.34 29.24 -9.71
N PRO CA 458 -133.72 29.50 -8.45
CA PRO CA 458 -132.85 29.18 -7.32
C PRO CA 458 -132.51 27.69 -7.24
N CYS CA 459 -133.23 26.89 -8.02
CA CYS CA 459 -133.00 25.45 -8.04
C CYS CA 459 -131.68 25.11 -8.73
N TYR CA 460 -131.34 25.86 -9.77
CA TYR CA 460 -130.11 25.62 -10.51
C TYR CA 460 -128.85 25.55 -9.68
N LEU CA 461 -128.93 26.03 -8.44
CA LEU CA 461 -127.78 25.99 -7.53
C LEU CA 461 -128.17 25.33 -6.22
N SER CA 462 -129.45 24.99 -6.11
CA SER CA 462 -129.96 24.35 -4.90
C SER CA 462 -129.41 22.94 -4.78
N LEU CA 463 -129.49 22.39 -3.57
CA LEU CA 463 -129.00 21.04 -3.30
C LEU CA 463 -130.18 20.08 -3.26
N ARG CA 464 -131.19 20.35 -4.09
CA ARG CA 464 -132.38 19.53 -4.14
C ARG CA 464 -132.36 18.64 -5.38
N PHE CA 465 -131.81 17.44 -5.22
CA PHE CA 465 -131.68 16.48 -6.30
C PHE CA 465 -132.83 15.47 -6.24
N ASP CA 466 -133.98 15.92 -5.72
CA ASP CA 466 -135.15 15.07 -5.59
C ASP CA 466 -136.07 15.10 -6.81
N LEU CA 467 -136.11 16.24 -7.48
CA LEU CA 467 -136.96 16.39 -8.66
C LEU CA 467 -136.50 15.60 -9.88
N THR CA 468 -137.34 14.64 -10.29
CA THR CA 468 -137.04 13.80 -11.45
C THR CA 468 -138.17 13.98 -12.47
N ARG CA 469 -138.10 13.26 -13.57
CA ARG CA 469 -139.12 13.35 -14.61
C ARG CA 469 -140.52 13.25 -14.03
N ASP CA 470 -140.76 12.22 -13.20
CA ASP CA 470 -142.05 12.01 -12.58
C ASP CA 470 -142.32 12.99 -11.44
N LYS CA 471 -141.39 13.07 -10.49
CA LYS CA 471 -141.53 13.96 -9.35
C LYS CA 471 -141.87 15.38 -9.79
N LEU CA 472 -141.19 15.85 -10.84
CA LEU CA 472 -141.42 17.19 -11.36
C LEU CA 472 -142.84 17.30 -11.89
N LEU CA 473 -143.31 16.24 -12.54
CA LEU CA 473 -144.65 16.22 -13.11
C LEU CA 473 -145.69 16.33 -12.00
N SER CA 474 -145.27 16.00 -10.77
CA SER CA 474 -146.17 16.06 -9.62
C SER CA 474 -146.39 17.51 -9.20
N MET CA 475 -145.32 18.28 -9.09
CA MET CA 475 -145.42 19.68 -8.69
C MET CA 475 -146.16 20.49 -9.75
N ALA CA 476 -146.21 19.98 -10.98
CA ALA CA 476 -146.88 20.67 -12.07
C ALA CA 476 -148.32 21.00 -11.69
N PRO CA 477 -148.82 22.16 -12.12
CA PRO CA 477 -150.20 22.59 -11.82
C PRO CA 477 -151.25 21.70 -12.46
N GLN CA 478 -152.26 21.31 -11.68
CA GLN CA 478 -153.34 20.47 -12.16
C GLN CA 478 -154.51 21.33 -12.58
N GLU CA 479 -154.57 21.68 -13.86
CA GLU CA 479 -155.65 22.52 -14.38
C GLU CA 479 -155.95 22.21 -15.84
N ALA CA 480 -157.23 22.24 -16.20
CA ALA CA 480 -157.65 21.96 -17.57
C ALA CA 480 -157.35 23.16 -18.45
N THR CA 481 -156.98 24.27 -17.82
CA THR CA 481 -156.66 25.51 -18.53
C THR CA 481 -155.26 25.43 -19.14
N LEU CA 482 -154.54 24.35 -18.82
CA LEU CA 482 -153.19 24.14 -19.32
C LEU CA 482 -153.11 22.88 -20.17
N ASP CA 483 -152.60 23.01 -21.39
CA ASP CA 483 -152.46 21.89 -22.30
C ASP CA 483 -151.57 20.80 -21.71
N GLN CA 484 -152.18 19.69 -21.32
CA GLN CA 484 -151.45 18.57 -20.74
C GLN CA 484 -150.20 18.23 -21.53
N ALA CA 485 -150.25 18.42 -22.85
CA ALA CA 485 -149.11 18.14 -23.71
C ALA CA 485 -148.03 19.19 -23.50
N ALA CA 486 -148.43 20.45 -23.53
CA ALA CA 486 -147.50 21.56 -23.33
C ALA CA 486 -146.78 21.41 -22.00
N VAL CA 487 -147.53 21.01 -20.97
CA VAL CA 487 -146.97 20.83 -19.64
C VAL CA 487 -145.80 19.85 -19.66
N SER CA 488 -145.97 18.73 -20.32
CA SER CA 488 -144.93 17.71 -20.41
C SER CA 488 -143.63 18.30 -20.93
N ASN CA 489 -143.71 19.10 -21.99
CA ASN CA 489 -142.54 19.72 -22.58
C ASN CA 489 -141.83 20.59 -21.54
N ALA CA 490 -142.61 21.36 -20.78
CA ALA CA 490 -142.06 22.22 -19.75
C ALA CA 490 -141.29 21.39 -18.73
N VAL CA 491 -141.94 20.36 -18.20
CA VAL CA 491 -141.31 19.50 -17.21
C VAL CA 491 -140.00 18.94 -17.77
N ASP CA 492 -140.05 18.47 -19.01
CA ASP CA 492 -138.86 17.93 -19.66
C ASP CA 492 -137.79 19.01 -19.81
N GLY CA 493 -138.20 20.18 -20.30
CA GLY CA 493 -137.27 21.27 -20.48
C GLY CA 493 -136.56 21.63 -19.19
N PHE CA 494 -137.33 21.85 -18.13
CA PHE CA 494 -136.76 22.19 -16.84
C PHE CA 494 -135.72 21.17 -16.41
N LEU CA 495 -136.12 19.90 -16.45
CA LEU CA 495 -135.23 18.81 -16.07
C LEU CA 495 -133.93 18.88 -16.87
N GLY CA 496 -134.05 19.27 -18.14
CA GLY CA 496 -132.89 19.37 -19.00
C GLY CA 496 -131.90 20.45 -18.60
N ARG CA 497 -132.36 21.70 -18.56
CA ARG CA 497 -131.51 22.82 -18.19
C ARG CA 497 -130.95 22.64 -16.78
N LEU CA 498 -131.65 21.85 -15.98
CA LEU CA 498 -131.23 21.61 -14.60
C LEU CA 498 -130.01 20.69 -14.57
N SER CA 499 -130.00 19.70 -15.46
CA SER CA 499 -128.89 18.75 -15.54
C SER CA 499 -127.66 19.35 -16.21
N LEU CA 500 -127.84 20.52 -16.82
CA LEU CA 500 -126.74 21.20 -17.50
C LEU CA 500 -126.19 22.36 -16.69
N GLU CA 501 -127.08 23.14 -16.10
CA GLU CA 501 -126.69 24.29 -15.30
C GLU CA 501 -126.05 23.78 -14.00
N ARG CA 502 -126.58 22.68 -13.49
CA ARG CA 502 -126.06 22.11 -12.25
C ARG CA 502 -125.15 20.94 -12.55
N GLU CA 503 -123.97 21.03 -11.94
CA GLU CA 503 -122.91 20.05 -12.07
C GLU CA 503 -123.08 19.04 -10.95
N ASP CA 504 -122.62 17.81 -11.19
CA ASP CA 504 -122.73 16.77 -10.18
C ASP CA 504 -121.61 16.98 -9.16
N ARG CA 505 -120.80 18.01 -9.39
CA ARG CA 505 -119.69 18.31 -8.50
C ARG CA 505 -119.86 19.67 -7.82
N ASP CA 506 -121.00 20.31 -8.04
CA ASP CA 506 -121.27 21.62 -7.42
C ASP CA 506 -121.11 21.55 -5.91
N ALA CA 507 -121.34 20.37 -5.34
CA ALA CA 507 -121.23 20.19 -3.89
C ALA CA 507 -120.00 19.39 -3.47
N TRP CA 508 -118.82 19.92 -3.78
CA TRP CA 508 -117.57 19.28 -3.39
C TRP CA 508 -116.98 20.10 -2.24
N HIS CA 509 -117.45 21.34 -2.14
CA HIS CA 509 -116.99 22.24 -1.09
C HIS CA 509 -117.75 21.96 0.20
N LEU CA 510 -118.82 21.16 0.08
CA LEU CA 510 -119.62 20.79 1.24
C LEU CA 510 -118.93 19.71 2.05
N PRO CA 511 -118.67 20.00 3.34
CA PRO CA 511 -118.00 19.08 4.27
C PRO CA 511 -118.63 17.70 4.41
N ALA CA 512 -119.96 17.65 4.53
CA ALA CA 512 -120.68 16.40 4.71
C ALA CA 512 -120.68 15.47 3.49
N TYR CA 513 -120.43 16.02 2.31
CA TYR CA 513 -120.42 15.23 1.08
C TYR CA 513 -119.63 13.93 1.18
N LYS CA 514 -118.44 14.02 1.76
CA LYS CA 514 -117.54 12.87 1.93
C LYS CA 514 -118.16 11.72 2.71
N CYS CA 515 -119.36 11.92 3.25
CA CYS CA 515 -120.00 10.90 4.07
C CYS CA 515 -121.10 10.07 3.41
N VAL CA 516 -121.31 10.23 2.11
CA VAL CA 516 -122.38 9.47 1.46
C VAL CA 516 -121.89 8.37 0.52
N ASP CA 517 -122.19 7.12 0.88
CA ASP CA 517 -121.81 5.97 0.08
C ASP CA 517 -122.62 5.96 -1.21
N ARG CA 518 -123.88 5.55 -1.12
CA ARG CA 518 -124.75 5.55 -2.30
C ARG CA 518 -125.35 6.94 -2.45
N LEU CA 519 -124.56 7.85 -3.01
CA LEU CA 519 -124.98 9.24 -3.21
C LEU CA 519 -126.05 9.40 -4.27
N ASP CA 520 -126.25 8.38 -5.11
CA ASP CA 520 -127.25 8.45 -6.16
C ASP CA 520 -128.66 8.40 -5.62
N LYS CA 521 -128.82 7.86 -4.42
CA LYS CA 521 -130.14 7.75 -3.80
C LYS CA 521 -130.34 8.88 -2.79
N VAL CA 522 -129.66 9.99 -3.03
CA VAL CA 522 -129.77 11.16 -2.16
C VAL CA 522 -130.80 12.13 -2.72
N LEU CA 523 -131.83 12.40 -1.93
CA LEU CA 523 -132.89 13.30 -2.34
C LEU CA 523 -132.43 14.76 -2.24
N MET CA 524 -131.97 15.16 -1.07
CA MET CA 524 -131.50 16.53 -0.87
C MET CA 524 -130.71 16.67 0.43
N ILE CA 525 -129.69 17.53 0.39
CA ILE CA 525 -128.85 17.78 1.55
C ILE CA 525 -129.09 19.19 2.08
N ILE CA 526 -129.21 19.31 3.39
CA ILE CA 526 -129.45 20.60 4.03
C ILE CA 526 -128.29 21.05 4.91
N PRO CA 527 -127.39 21.88 4.37
CA PRO CA 527 -126.23 22.37 5.13
C PRO CA 527 -126.68 23.34 6.24
N LEU CA 528 -126.49 22.92 7.49
CA LEU CA 528 -126.87 23.77 8.61
C LEU CA 528 -125.66 24.40 9.27
N ILE CA 529 -125.90 25.15 10.34
CA ILE CA 529 -124.84 25.84 11.07
C ILE CA 529 -123.83 24.89 11.70
N ASN CA 530 -124.27 24.11 12.68
CA ASN CA 530 -123.40 23.17 13.37
C ASN CA 530 -123.46 21.75 12.82
N VAL CA 531 -124.38 21.52 11.90
CA VAL CA 531 -124.54 20.19 11.29
C VAL CA 531 -125.02 20.30 9.85
N THR CA 532 -125.24 19.15 9.22
CA THR CA 532 -125.73 19.09 7.85
C THR CA 532 -126.56 17.84 7.65
N PHE CA 533 -127.84 18.03 7.32
CA PHE CA 533 -128.76 16.93 7.11
C PHE CA 533 -128.73 16.37 5.70
N ILE CA 534 -128.83 15.04 5.61
CA ILE CA 534 -128.82 14.35 4.33
C ILE CA 534 -130.06 13.48 4.18
N ILE CA 535 -131.02 13.97 3.40
CA ILE CA 535 -132.25 13.22 3.15
C ILE CA 535 -132.03 12.30 1.96
N SER CA 536 -132.24 11.00 2.17
CA SER CA 536 -132.03 10.03 1.11
C SER CA 536 -132.91 8.79 1.28
N SER CA 537 -132.90 7.93 0.27
CA SER CA 537 -133.68 6.70 0.30
C SER CA 537 -132.77 5.52 0.66
N ASP CA 538 -131.66 5.83 1.32
CA ASP CA 538 -130.71 4.80 1.74
C ASP CA 538 -130.17 5.10 3.13
N ARG CA 539 -130.07 4.07 3.96
CA ARG CA 539 -129.56 4.22 5.31
C ARG CA 539 -128.05 3.97 5.32
N GLU CA 540 -127.41 4.25 4.19
CA GLU CA 540 -125.97 4.05 4.05
C GLU CA 540 -125.14 5.23 4.51
N VAL CA 541 -125.73 6.43 4.52
CA VAL CA 541 -125.01 7.62 4.95
C VAL CA 541 -124.44 7.35 6.34
N ARG CA 542 -123.19 7.72 6.56
CA ARG CA 542 -122.54 7.50 7.85
C ARG CA 542 -122.49 8.75 8.74
N GLY CA 543 -123.67 9.28 9.05
CA GLY CA 543 -123.73 10.46 9.89
C GLY CA 543 -123.60 10.14 11.37
N SER CA 544 -124.54 10.64 12.17
CA SER CA 544 -124.52 10.42 13.61
C SER CA 544 -125.70 9.57 14.06
N ALA CA 545 -126.80 9.67 13.34
CA ALA CA 545 -128.00 8.92 13.65
C ALA CA 545 -128.84 8.71 12.39
N LEU CA 546 -129.80 7.80 12.47
CA LEU CA 546 -130.66 7.52 11.32
C LEU CA 546 -132.12 7.74 11.67
N TYR CA 547 -132.78 8.55 10.86
CA TYR CA 547 -134.19 8.86 11.06
C TYR CA 547 -135.00 8.33 9.88
N GLU CA 548 -136.24 7.95 10.13
CA GLU CA 548 -137.10 7.43 9.07
C GLU CA 548 -138.54 7.89 9.25
N ALA CA 549 -139.10 8.46 8.19
CA ALA CA 549 -140.47 8.95 8.21
C ALA CA 549 -141.42 7.76 8.26
N SER CA 550 -142.66 7.99 8.68
CA SER CA 550 -143.65 6.92 8.79
C SER CA 550 -144.18 6.46 7.43
N THR CA 551 -144.06 7.34 6.43
CA THR CA 551 -144.54 7.03 5.08
C THR CA 551 -143.70 6.00 4.33
N THR CA 552 -144.40 5.09 3.64
CA THR CA 552 -143.76 4.04 2.86
C THR CA 552 -144.39 4.01 1.47
N TYR CA 553 -145.22 5.02 1.21
CA TYR CA 553 -145.90 5.16 -0.08
C TYR CA 553 -144.91 5.21 -1.23
N LEU CA 554 -143.81 5.91 -1.01
CA LEU CA 554 -142.78 6.05 -2.02
C LEU CA 554 -142.20 4.68 -2.38
N SER CA 555 -141.42 4.65 -3.45
CA SER CA 555 -140.79 3.42 -3.90
C SER CA 555 -139.96 2.86 -2.76
N SER CA 556 -139.05 3.68 -2.25
CA SER CA 556 -138.18 3.29 -1.14
C SER CA 556 -138.58 4.04 0.12
N SER CA 557 -137.68 4.09 1.10
CA SER CA 557 -137.97 4.78 2.35
C SER CA 557 -137.43 6.21 2.38
N LEU CA 558 -137.87 6.98 3.37
CA LEU CA 558 -137.43 8.36 3.52
C LEU CA 558 -136.56 8.48 4.77
N PHE CA 559 -135.25 8.50 4.56
CA PHE CA 559 -134.29 8.59 5.66
C PHE CA 559 -133.75 10.00 5.88
N LEU CA 560 -133.26 10.25 7.09
CA LEU CA 560 -132.70 11.54 7.46
C LEU CA 560 -131.39 11.34 8.22
N SER CA 561 -130.27 11.53 7.53
CA SER CA 561 -128.95 11.36 8.13
C SER CA 561 -128.28 12.69 8.45
N PRO CA 562 -128.10 12.99 9.75
CA PRO CA 562 -127.46 14.23 10.18
C PRO CA 562 -125.98 14.05 10.51
N VAL CA 563 -125.13 14.88 9.91
CA VAL CA 563 -123.69 14.81 10.17
C VAL CA 563 -123.34 15.90 11.17
N ILE CA 564 -123.19 15.53 12.44
CA ILE CA 564 -122.86 16.49 13.48
C ILE CA 564 -121.43 16.99 13.33
N MET CA 565 -121.26 18.30 13.51
CA MET CA 565 -119.95 18.92 13.41
C MET CA 565 -119.29 18.61 12.07
N ASN CA 566 -120.11 18.46 11.04
CA ASN CA 566 -119.65 18.15 9.68
C ASN CA 566 -118.56 17.10 9.56
N LYS CA 567 -118.47 16.21 10.56
CA LYS CA 567 -117.48 15.15 10.52
C LYS CA 567 -118.25 13.86 10.77
N CYS CA 568 -118.05 12.87 9.90
CA CYS CA 568 -118.75 11.61 10.05
C CYS CA 568 -117.97 10.48 10.70
N SER CA 569 -118.71 9.58 11.33
CA SER CA 569 -118.12 8.43 11.99
C SER CA 569 -118.05 7.26 11.01
N GLN CA 570 -117.20 6.29 11.32
CA GLN CA 570 -117.03 5.12 10.48
C GLN CA 570 -118.20 4.15 10.59
N GLY CA 571 -118.82 3.86 9.44
CA GLY CA 571 -119.95 2.94 9.41
C GLY CA 571 -121.26 3.63 9.68
N ALA CA 572 -122.35 3.06 9.15
CA ALA CA 572 -123.68 3.61 9.33
C ALA CA 572 -124.23 3.25 10.72
N VAL CA 573 -125.41 3.78 11.03
CA VAL CA 573 -126.04 3.54 12.32
C VAL CA 573 -126.42 2.07 12.49
N ALA CA 574 -126.63 1.66 13.74
CA ALA CA 574 -127.00 0.28 14.05
C ALA CA 574 -128.36 -0.04 13.41
N GLY CA 575 -128.79 -1.28 13.57
CA GLY CA 575 -130.06 -1.70 13.00
C GLY CA 575 -131.20 -0.91 13.59
N GLU CA 576 -132.34 -0.91 12.91
CA GLU CA 576 -133.55 -0.20 13.37
C GLU CA 576 -133.34 1.31 13.47
N PRO CA 577 -133.97 2.07 12.56
CA PRO CA 577 -133.84 3.53 12.60
C PRO CA 577 -134.61 4.16 13.75
N ARG CA 578 -134.24 5.37 14.12
CA ARG CA 578 -134.91 6.09 15.19
C ARG CA 578 -136.18 6.71 14.58
N GLN CA 579 -137.31 6.56 15.25
CA GLN CA 579 -138.56 7.09 14.74
C GLN CA 579 -138.75 8.58 15.08
N ILE CA 580 -139.30 9.32 14.12
CA ILE CA 580 -139.54 10.74 14.31
C ILE CA 580 -140.69 10.98 15.29
N PRO CA 581 -140.38 11.56 16.46
CA PRO CA 581 -141.38 11.84 17.49
C PRO CA 581 -142.33 12.96 17.06
N LYS CA 582 -143.60 12.82 17.43
CA LYS CA 582 -144.60 13.83 17.07
C LYS CA 582 -144.74 14.83 18.21
N ILE CA 583 -144.81 16.11 17.87
CA ILE CA 583 -144.93 17.16 18.88
C ILE CA 583 -146.07 18.14 18.62
N GLN CA 584 -146.74 18.53 19.69
CA GLN CA 584 -147.86 19.47 19.62
C GLN CA 584 -147.69 20.53 20.71
N ASN CA 585 -146.55 20.50 21.39
CA ASN CA 585 -146.26 21.43 22.47
C ASN CA 585 -146.22 22.90 22.05
N PHE CA 586 -145.25 23.25 21.22
CA PHE CA 586 -145.08 24.63 20.76
C PHE CA 586 -146.38 25.33 20.37
N THR CA 587 -146.49 26.60 20.76
CA THR CA 587 -147.66 27.41 20.44
C THR CA 587 -147.32 28.30 19.26
N ARG CA 588 -148.35 28.71 18.50
CA ARG CA 588 -148.14 29.56 17.33
C ARG CA 588 -147.39 30.84 17.64
N THR CA 589 -148.03 31.76 18.36
CA THR CA 589 -147.40 33.03 18.71
C THR CA 589 -146.09 32.77 19.45
N GLN CA 590 -145.01 33.39 18.98
CA GLN CA 590 -143.70 33.21 19.60
C GLN CA 590 -142.97 34.53 19.82
N LYS CA 591 -142.48 34.72 21.04
CA LYS CA 591 -141.75 35.93 21.40
C LYS CA 591 -140.40 35.97 20.70
N SER CA 592 -139.50 35.07 21.10
CA SER CA 592 -138.17 35.02 20.51
C SER CA 592 -138.10 34.05 19.33
N CYS CA 593 -136.90 33.95 18.75
CA CYS CA 593 -136.64 33.09 17.60
C CYS CA 593 -136.27 31.68 18.05
N ILE CA 594 -137.27 30.85 18.33
CA ILE CA 594 -137.03 29.48 18.77
C ILE CA 594 -136.34 28.68 17.67
N PHE CA 595 -137.04 28.46 16.57
CA PHE CA 595 -136.50 27.71 15.44
C PHE CA 595 -135.70 28.67 14.57
N CYS CA 596 -134.57 29.12 15.10
CA CYS CA 596 -133.72 30.05 14.36
C CYS CA 596 -132.74 29.35 13.43
N GLY CA 597 -131.65 28.84 13.98
CA GLY CA 597 -130.67 28.15 13.16
C GLY CA 597 -131.18 26.81 12.67
N PHE CA 598 -132.49 26.59 12.78
CA PHE CA 598 -133.10 25.33 12.35
C PHE CA 598 -133.67 25.42 10.95
N ALA CA 599 -134.26 24.33 10.49
CA ALA CA 599 -134.84 24.27 9.16
C ALA CA 599 -136.10 23.40 9.16
N LEU CA 600 -137.05 23.74 8.29
CA LEU CA 600 -138.29 22.99 8.18
C LEU CA 600 -138.32 22.19 6.88
N LEU CA 601 -138.88 20.97 6.96
CA LEU CA 601 -138.97 20.10 5.80
C LEU CA 601 -140.33 19.41 5.77
N SER CA 602 -141.15 19.77 4.79
CA SER CA 602 -142.47 19.18 4.64
C SER CA 602 -142.47 18.18 3.49
N TYR CA 603 -143.07 17.02 3.71
CA TYR CA 603 -143.11 16.00 2.67
C TYR CA 603 -144.53 15.45 2.53
N ASP CA 604 -144.91 15.10 1.31
CA ASP CA 604 -146.23 14.54 1.08
C ASP CA 604 -146.10 13.03 1.21
N GLU CA 605 -147.10 12.42 1.84
CA GLU CA 605 -147.09 10.98 2.05
C GLU CA 605 -146.97 10.23 0.74
N LYS CA 606 -147.76 10.63 -0.26
CA LYS CA 606 -147.74 9.99 -1.56
C LYS CA 606 -146.52 10.40 -2.38
N GLU CA 607 -146.39 11.70 -2.67
CA GLU CA 607 -145.26 12.18 -3.44
C GLU CA 607 -143.99 12.32 -2.60
N GLY CA 608 -142.92 12.83 -3.21
CA GLY CA 608 -141.67 12.99 -2.51
C GLY CA 608 -141.65 14.16 -1.53
N LEU CA 609 -140.56 14.91 -1.53
CA LEU CA 609 -140.42 16.06 -0.64
C LEU CA 609 -141.05 17.30 -1.26
N GLU CA 610 -141.86 18.02 -0.47
CA GLU CA 610 -142.54 19.22 -0.94
C GLU CA 610 -141.65 20.47 -0.88
N THR CA 611 -141.65 21.13 0.27
CA THR CA 611 -140.86 22.35 0.45
C THR CA 611 -140.00 22.33 1.71
N THR CA 612 -138.88 23.04 1.65
CA THR CA 612 -137.95 23.14 2.78
C THR CA 612 -137.73 24.62 3.12
N THR CA 613 -137.58 24.92 4.40
CA THR CA 613 -137.38 26.30 4.82
C THR CA 613 -136.31 26.46 5.89
N TYR CA 614 -135.46 27.48 5.72
CA TYR CA 614 -134.41 27.79 6.67
C TYR CA 614 -134.79 29.13 7.29
N ILE CA 615 -135.18 29.11 8.56
CA ILE CA 615 -135.58 30.33 9.25
C ILE CA 615 -134.36 31.19 9.59
N THR CA 616 -133.99 32.05 8.66
CA THR CA 616 -132.84 32.94 8.84
C THR CA 616 -132.93 33.77 10.11
N SER CA 617 -133.98 34.57 10.23
CA SER CA 617 -134.15 35.43 11.40
C SER CA 617 -135.58 35.46 11.94
N GLN CA 618 -135.77 36.27 12.99
CA GLN CA 618 -137.05 36.43 13.65
C GLN CA 618 -138.18 36.73 12.67
N GLU CA 619 -138.02 37.79 11.89
CA GLU CA 619 -139.03 38.19 10.91
C GLU CA 619 -139.56 37.01 10.11
N VAL CA 620 -138.66 36.12 9.70
CA VAL CA 620 -139.03 34.96 8.91
C VAL CA 620 -139.91 33.98 9.69
N GLN CA 621 -139.50 33.65 10.91
CA GLN CA 621 -140.27 32.72 11.73
C GLN CA 621 -141.70 33.20 11.91
N ASN CA 622 -141.88 34.52 12.04
CA ASN CA 622 -143.20 35.10 12.21
C ASN CA 622 -144.01 34.95 10.92
N SER CA 623 -143.36 35.22 9.79
CA SER CA 623 -144.02 35.13 8.49
C SER CA 623 -144.27 33.68 8.08
N ILE CA 624 -144.17 32.77 9.06
CA ILE CA 624 -144.40 31.35 8.80
C ILE CA 624 -145.45 30.80 9.74
N LEU CA 625 -145.35 31.18 11.02
CA LEU CA 625 -146.29 30.73 12.03
C LEU CA 625 -147.57 31.53 11.93
N SER CA 626 -147.49 32.71 11.32
CA SER CA 626 -148.65 33.57 11.15
C SER CA 626 -149.39 33.15 9.89
N SER CA 627 -148.64 32.98 8.79
CA SER CA 627 -149.21 32.57 7.52
C SER CA 627 -149.71 31.14 7.63
N ASN CA 628 -150.29 30.63 6.55
CA ASN CA 628 -150.80 29.27 6.54
C ASN CA 628 -149.77 28.28 6.00
N TYR CA 629 -148.51 28.47 6.40
CA TYR CA 629 -147.44 27.58 5.97
C TYR CA 629 -147.74 26.17 6.43
N PHE CA 630 -148.42 26.07 7.57
CA PHE CA 630 -148.79 24.79 8.15
C PHE CA 630 -150.22 24.41 7.81
N ASP CA 631 -150.48 23.10 7.81
CA ASP CA 631 -151.81 22.58 7.51
C ASP CA 631 -151.92 21.17 8.09
N PHE CA 632 -151.99 21.11 9.42
CA PHE CA 632 -152.10 19.84 10.13
C PHE CA 632 -153.41 19.14 9.81
N ASP CA 633 -154.34 19.89 9.22
CA ASP CA 633 -155.64 19.33 8.86
C ASP CA 633 -155.54 18.65 7.50
N ASN CA 634 -154.41 18.01 7.28
CA ASN CA 634 -154.13 17.28 6.04
C ASN CA 634 -153.24 16.10 6.40
N LEU CA 635 -153.83 14.93 6.47
CA LEU CA 635 -153.10 13.71 6.81
C LEU CA 635 -152.00 13.37 5.82
N HIS CA 636 -152.16 13.80 4.58
CA HIS CA 636 -151.16 13.54 3.54
C HIS CA 636 -149.85 14.27 3.74
N VAL CA 637 -149.91 15.51 4.21
CA VAL CA 637 -148.69 16.28 4.42
C VAL CA 637 -148.20 16.28 5.86
N HIS CA 638 -146.89 16.17 6.03
CA HIS CA 638 -146.27 16.17 7.35
C HIS CA 638 -145.22 17.28 7.38
N TYR CA 639 -144.92 17.77 8.57
CA TYR CA 639 -143.94 18.84 8.74
C TYR CA 639 -142.83 18.44 9.71
N LEU CA 640 -141.60 18.44 9.22
CA LEU CA 640 -140.44 18.07 10.04
C LEU CA 640 -139.60 19.27 10.42
N LEU CA 641 -138.89 19.16 11.53
CA LEU CA 641 -138.03 20.22 12.02
C LEU CA 641 -136.63 19.70 12.31
N LEU CA 642 -135.65 20.21 11.57
CA LEU CA 642 -134.26 19.81 11.75
C LEU CA 642 -133.56 20.90 12.56
N THR CA 643 -133.01 20.52 13.71
CA THR CA 643 -132.34 21.48 14.58
C THR CA 643 -130.83 21.50 14.40
N THR CA 644 -130.16 22.35 15.16
CA THR CA 644 -128.72 22.47 15.11
C THR CA 644 -128.14 21.15 15.59
N ASN CA 645 -128.94 20.41 16.33
CA ASN CA 645 -128.53 19.11 16.85
C ASN CA 645 -129.06 18.07 15.86
N GLY CA 646 -128.44 16.90 15.84
CA GLY CA 646 -128.87 15.86 14.93
C GLY CA 646 -130.24 15.30 15.26
N THR CA 647 -131.09 16.12 15.87
CA THR CA 647 -132.44 15.69 16.23
C THR CA 647 -133.47 16.13 15.20
N VAL CA 648 -134.51 15.32 15.05
CA VAL CA 648 -135.58 15.59 14.10
C VAL CA 648 -136.93 15.35 14.78
N MET CA 649 -137.92 16.17 14.44
CA MET CA 649 -139.25 16.03 15.02
C MET CA 649 -140.36 16.53 14.10
N GLU CA 650 -141.54 15.91 14.22
CA GLU CA 650 -142.69 16.27 13.42
C GLU CA 650 -143.54 17.29 14.17
N ILE CA 651 -144.23 18.16 13.45
CA ILE CA 651 -145.07 19.18 14.06
C ILE CA 651 -146.54 19.00 13.74
N ALA CA 652 -147.39 19.35 14.70
CA ALA CA 652 -148.84 19.24 14.54
C ALA CA 652 -149.54 19.79 15.77
N GLY CA 653 -149.10 20.96 16.21
CA GLY CA 653 -149.69 21.58 17.38
C GLY CA 653 -149.09 22.95 17.65
N TRP DA 1 -114.66 61.63 -76.88
CA TRP DA 1 -116.03 61.20 -76.49
C TRP DA 1 -116.01 59.74 -76.06
N ALA DA 2 -114.98 59.02 -76.48
CA ALA DA 2 -114.81 57.61 -76.14
C ALA DA 2 -113.43 57.15 -76.55
N TYR DA 3 -113.21 55.83 -76.52
CA TYR DA 3 -111.93 55.26 -76.88
C TYR DA 3 -112.16 53.94 -77.62
N PRO DA 4 -111.12 53.45 -78.31
CA PRO DA 4 -111.22 52.19 -79.06
C PRO DA 4 -111.73 51.02 -78.23
N CYS DA 5 -112.42 50.09 -78.87
CA CYS DA 5 -112.95 48.91 -78.18
C CYS DA 5 -112.04 47.75 -78.55
N CYS DA 6 -112.34 46.55 -78.06
CA CYS DA 6 -111.49 45.39 -78.33
C CYS DA 6 -112.15 44.06 -77.97
N HIS DA 7 -111.32 43.02 -78.00
CA HIS DA 7 -111.70 41.66 -77.64
C HIS DA 7 -110.52 41.10 -76.84
N VAL DA 8 -110.58 41.25 -75.52
CA VAL DA 8 -109.49 40.79 -74.65
C VAL DA 8 -109.27 39.28 -74.63
N THR DA 9 -108.33 38.88 -73.78
CA THR DA 9 -107.94 37.48 -73.56
C THR DA 9 -106.96 37.52 -72.39
N GLN DA 10 -107.01 36.52 -71.53
CA GLN DA 10 -106.11 36.52 -70.37
C GLN DA 10 -104.63 36.66 -70.75
N LEU DA 11 -103.85 37.10 -69.76
CA LEU DA 11 -102.41 37.32 -69.93
C LEU DA 11 -101.76 36.10 -70.57
N ARG DA 12 -100.61 36.31 -71.19
CA ARG DA 12 -99.86 35.23 -71.85
C ARG DA 12 -98.85 34.54 -70.94
N ALA DA 13 -99.21 34.39 -69.67
CA ALA DA 13 -98.34 33.73 -68.69
C ALA DA 13 -97.04 34.49 -68.43
N GLN DA 14 -97.06 35.79 -68.70
CA GLN DA 14 -95.89 36.63 -68.49
C GLN DA 14 -96.21 37.61 -67.37
N HIS DA 15 -95.53 38.75 -67.37
CA HIS DA 15 -95.77 39.77 -66.37
C HIS DA 15 -96.76 40.73 -67.01
N LEU DA 16 -97.76 41.17 -66.25
CA LEU DA 16 -98.75 42.09 -66.78
C LEU DA 16 -98.34 43.53 -66.53
N LEU DA 17 -99.00 44.46 -67.21
CA LEU DA 17 -98.70 45.87 -67.06
C LEU DA 17 -99.20 46.36 -65.71
N ALA DA 18 -98.49 45.97 -64.64
CA ALA DA 18 -98.87 46.38 -63.30
C ALA DA 18 -98.96 47.90 -63.28
N LEU DA 19 -99.61 48.44 -62.26
CA LEU DA 19 -99.76 49.88 -62.14
C LEU DA 19 -98.37 50.51 -62.25
N GLU DA 20 -97.37 49.80 -61.75
CA GLU DA 20 -96.00 50.27 -61.79
C GLU DA 20 -95.54 50.47 -63.23
N ASN DA 21 -96.21 49.79 -64.16
CA ASN DA 21 -95.88 49.87 -65.58
C ASN DA 21 -96.76 50.84 -66.36
N ILE DA 22 -98.08 50.71 -66.20
CA ILE DA 22 -99.01 51.58 -66.91
C ILE DA 22 -99.25 52.90 -66.21
N SER DA 23 -99.15 53.99 -66.97
CA SER DA 23 -99.37 55.31 -66.44
C SER DA 23 -100.55 55.95 -67.15
N ASP DA 24 -101.27 55.15 -67.93
CA ASP DA 24 -102.43 55.66 -68.64
C ASP DA 24 -103.52 54.61 -68.78
N ILE DA 25 -104.75 55.00 -68.49
CA ILE DA 25 -105.89 54.09 -68.58
C ILE DA 25 -107.12 54.79 -69.13
N TYR DA 26 -107.56 54.36 -70.31
CA TYR DA 26 -108.72 54.93 -70.97
C TYR DA 26 -109.95 54.06 -70.72
N LEU DA 27 -111.05 54.69 -70.29
CA LEU DA 27 -112.29 53.98 -70.01
C LEU DA 27 -113.41 54.37 -70.97
N VAL DA 28 -114.41 53.51 -71.10
CA VAL DA 28 -115.54 53.75 -72.00
C VAL DA 28 -116.83 54.09 -71.26
N SER DA 29 -117.86 54.44 -72.04
CA SER DA 29 -119.17 54.78 -71.49
C SER DA 29 -120.18 53.64 -71.67
N ASN DA 30 -121.29 53.73 -70.94
CA ASN DA 30 -122.32 52.70 -71.01
C ASN DA 30 -123.09 52.69 -72.32
N GLN DA 31 -122.45 53.14 -73.41
CA GLN DA 31 -123.11 53.15 -74.71
C GLN DA 31 -122.15 53.34 -75.87
N THR DA 32 -120.90 53.72 -75.57
CA THR DA 32 -119.91 53.91 -76.63
C THR DA 32 -119.81 52.67 -77.51
N CYS DA 33 -119.14 51.64 -77.01
CA CYS DA 33 -118.98 50.41 -77.76
C CYS DA 33 -120.33 49.70 -77.84
N ASP DA 34 -120.56 48.76 -76.94
CA ASP DA 34 -121.82 48.03 -76.92
C ASP DA 34 -122.08 47.41 -75.55
N GLY DA 35 -122.25 48.26 -74.54
CA GLY DA 35 -122.51 47.79 -73.19
C GLY DA 35 -121.28 47.22 -72.50
N PHE DA 36 -120.26 46.88 -73.28
CA PHE DA 36 -119.04 46.32 -72.73
C PHE DA 36 -118.18 47.33 -71.99
N SER DA 37 -118.00 47.12 -70.69
CA SER DA 37 -117.17 48.00 -69.89
C SER DA 37 -115.72 47.63 -70.20
N LEU DA 38 -115.13 48.34 -71.17
CA LEU DA 38 -113.76 48.07 -71.57
C LEU DA 38 -112.79 49.16 -71.15
N ALA DA 39 -111.52 48.79 -71.03
CA ALA DA 39 -110.48 49.73 -70.63
C ALA DA 39 -109.21 49.49 -71.44
N SER DA 40 -108.40 50.53 -71.57
CA SER DA 40 -107.15 50.44 -72.32
C SER DA 40 -105.98 50.77 -71.40
N LEU DA 41 -105.05 49.82 -71.29
CA LEU DA 41 -103.87 50.00 -70.44
C LEU DA 41 -102.69 50.46 -71.27
N ASN DA 42 -102.37 51.76 -71.18
CA ASN DA 42 -101.26 52.33 -71.93
C ASN DA 42 -100.04 52.52 -71.06
N SER DA 43 -98.90 52.02 -71.53
CA SER DA 43 -97.64 52.13 -70.81
C SER DA 43 -96.49 52.35 -71.80
N PRO DA 44 -95.75 53.46 -71.64
CA PRO DA 44 -94.62 53.77 -72.52
C PRO DA 44 -93.47 52.79 -72.35
N LYS DA 45 -92.88 52.36 -73.46
CA LYS DA 45 -91.77 51.42 -73.43
C LYS DA 45 -90.45 52.18 -73.54
N ASN DA 46 -89.35 51.49 -73.24
CA ASN DA 46 -88.02 52.09 -73.29
C ASN DA 46 -87.88 53.22 -72.28
N GLY DA 47 -87.79 54.45 -72.78
CA GLY DA 47 -87.65 55.59 -71.90
C GLY DA 47 -88.94 56.37 -71.76
N SER DA 48 -89.16 57.33 -72.67
CA SER DA 48 -90.37 58.14 -72.63
C SER DA 48 -91.37 57.68 -73.68
N ASN DA 49 -92.28 58.58 -74.06
CA ASN DA 49 -93.29 58.26 -75.05
C ASN DA 49 -92.77 58.11 -76.46
N GLN DA 50 -91.99 57.06 -76.68
CA GLN DA 50 -91.44 56.76 -78.00
C GLN DA 50 -92.40 55.76 -78.62
N LEU DA 51 -92.39 54.55 -78.08
CA LEU DA 51 -93.27 53.48 -78.55
C LEU DA 51 -94.19 53.08 -77.40
N VAL DA 52 -95.46 53.44 -77.51
CA VAL DA 52 -96.42 53.12 -76.45
C VAL DA 52 -97.17 51.81 -76.67
N ILE DA 53 -97.08 50.94 -75.68
CA ILE DA 53 -97.75 49.64 -75.71
C ILE DA 53 -99.16 49.83 -75.13
N SER DA 54 -100.16 49.39 -75.87
CA SER DA 54 -101.55 49.52 -75.42
C SER DA 54 -102.34 48.23 -75.52
N ARG DA 55 -102.64 47.63 -74.39
CA ARG DA 55 -103.41 46.39 -74.39
C ARG DA 55 -104.72 46.52 -73.62
N CYS DA 56 -105.67 45.67 -73.98
CA CYS DA 56 -107.00 45.69 -73.39
C CYS DA 56 -107.13 45.02 -72.03
N ALA DA 57 -108.05 45.54 -71.22
CA ALA DA 57 -108.34 45.02 -69.88
C ALA DA 57 -109.84 45.08 -69.67
N ASN DA 58 -110.32 44.47 -68.59
CA ASN DA 58 -111.75 44.46 -68.31
C ASN DA 58 -112.13 45.72 -67.52
N GLY DA 59 -112.93 46.58 -68.15
CA GLY DA 59 -113.36 47.81 -67.51
C GLY DA 59 -113.90 47.64 -66.11
N LEU DA 60 -115.01 46.93 -65.99
CA LEU DA 60 -115.64 46.69 -64.68
C LEU DA 60 -114.62 46.31 -63.62
N ASN DA 61 -113.78 45.33 -63.92
CA ASN DA 61 -112.75 44.90 -62.98
C ASN DA 61 -111.79 46.03 -62.65
N VAL DA 62 -111.33 46.73 -63.68
CA VAL DA 62 -110.40 47.84 -63.48
C VAL DA 62 -111.06 48.92 -62.63
N VAL DA 63 -112.23 49.38 -63.06
CA VAL DA 63 -112.97 50.40 -62.34
C VAL DA 63 -113.20 50.01 -60.87
N SER DA 64 -113.57 48.76 -60.65
CA SER DA 64 -113.82 48.28 -59.29
C SER DA 64 -112.54 48.45 -58.47
N PHE DA 65 -111.41 48.08 -59.06
CA PHE DA 65 -110.12 48.20 -58.41
C PHE DA 65 -109.92 49.63 -57.91
N PHE DA 66 -109.94 50.58 -58.83
CA PHE DA 66 -109.77 51.99 -58.50
C PHE DA 66 -110.78 52.45 -57.46
N ILE DA 67 -112.04 52.06 -57.64
CA ILE DA 67 -113.09 52.44 -56.71
C ILE DA 67 -112.70 51.98 -55.31
N SER DA 68 -112.07 50.80 -55.24
CA SER DA 68 -111.66 50.22 -53.97
C SER DA 68 -110.52 51.02 -53.32
N ILE DA 69 -109.46 51.29 -54.09
CA ILE DA 69 -108.31 52.03 -53.59
C ILE DA 69 -108.72 53.39 -53.05
N LEU DA 70 -109.58 54.08 -53.77
CA LEU DA 70 -110.04 55.41 -53.36
C LEU DA 70 -110.73 55.32 -52.00
N LYS DA 71 -111.65 54.38 -51.88
CA LYS DA 71 -112.39 54.17 -50.64
C LYS DA 71 -111.48 53.75 -49.48
N ARG DA 72 -110.54 52.86 -49.79
CA ARG DA 72 -109.60 52.35 -48.80
C ARG DA 72 -108.64 53.39 -48.24
N SER DA 73 -108.64 54.59 -48.81
CA SER DA 73 -107.74 55.63 -48.33
C SER DA 73 -108.37 57.03 -48.34
N SER DA 74 -109.68 57.07 -48.07
CA SER DA 74 -110.41 58.33 -48.04
C SER DA 74 -109.81 59.33 -47.06
N SER DA 75 -109.18 58.83 -45.99
CA SER DA 75 -108.57 59.67 -44.98
C SER DA 75 -107.38 60.47 -45.51
N ALA DA 76 -106.98 60.20 -46.75
CA ALA DA 76 -105.84 60.90 -47.33
C ALA DA 76 -106.08 61.44 -48.73
N LEU DA 77 -107.26 61.99 -48.99
CA LEU DA 77 -107.54 62.54 -50.30
C LEU DA 77 -108.73 63.50 -50.39
N THR DA 78 -108.51 64.60 -51.11
CA THR DA 78 -109.52 65.62 -51.33
C THR DA 78 -109.36 66.07 -52.78
N GLY DA 79 -110.19 67.03 -53.20
CA GLY DA 79 -110.12 67.51 -54.57
C GLY DA 79 -110.64 66.47 -55.53
N HIS DA 80 -109.94 66.30 -56.66
CA HIS DA 80 -110.35 65.32 -57.66
C HIS DA 80 -110.46 63.91 -57.09
N LEU DA 81 -109.47 63.54 -56.28
CA LEU DA 81 -109.44 62.21 -55.67
C LEU DA 81 -110.58 61.94 -54.68
N ARG DA 82 -111.66 62.71 -54.77
CA ARG DA 82 -112.80 62.53 -53.89
C ARG DA 82 -114.06 62.57 -54.74
N GLU DA 83 -114.02 63.37 -55.80
CA GLU DA 83 -115.13 63.52 -56.72
C GLU DA 83 -115.01 62.38 -57.72
N LEU DA 84 -113.76 61.99 -58.00
CA LEU DA 84 -113.46 60.91 -58.92
C LEU DA 84 -114.16 59.63 -58.48
N LEU DA 85 -114.17 59.40 -57.16
CA LEU DA 85 -114.81 58.21 -56.61
C LEU DA 85 -116.31 58.21 -56.90
N THR DA 86 -116.99 59.27 -56.45
CA THR DA 86 -118.43 59.39 -56.66
C THR DA 86 -118.82 59.29 -58.13
N THR DA 87 -117.98 59.85 -59.00
CA THR DA 87 -118.25 59.81 -60.43
C THR DA 87 -117.85 58.47 -61.04
N LEU DA 88 -116.85 57.84 -60.46
CA LEU DA 88 -116.37 56.55 -60.95
C LEU DA 88 -117.37 55.46 -60.56
N GLU DA 89 -117.98 55.62 -59.40
CA GLU DA 89 -118.97 54.65 -58.92
C GLU DA 89 -120.21 54.70 -59.79
N THR DA 90 -120.67 55.91 -60.11
CA THR DA 90 -121.84 56.09 -60.95
C THR DA 90 -121.59 55.44 -62.31
N LEU DA 91 -120.33 55.51 -62.75
CA LEU DA 91 -119.94 54.93 -64.02
C LEU DA 91 -120.05 53.40 -63.92
N TYR DA 92 -119.50 52.87 -62.83
CA TYR DA 92 -119.52 51.44 -62.58
C TYR DA 92 -120.95 50.90 -62.63
N GLY DA 93 -121.88 51.68 -62.10
CA GLY DA 93 -123.27 51.26 -62.10
C GLY DA 93 -124.05 51.62 -63.35
N SER DA 94 -123.35 52.11 -64.37
CA SER DA 94 -124.01 52.48 -65.62
C SER DA 94 -124.04 51.26 -66.56
N PHE DA 95 -123.16 50.31 -66.29
CA PHE DA 95 -123.08 49.09 -67.10
C PHE DA 95 -123.99 48.00 -66.53
N SER DA 96 -124.51 47.17 -67.43
CA SER DA 96 -125.39 46.08 -67.04
C SER DA 96 -124.74 44.75 -67.44
N VAL DA 97 -124.38 43.95 -66.43
CA VAL DA 97 -123.73 42.66 -66.65
C VAL DA 97 -124.64 41.62 -67.30
N GLU DA 98 -125.79 41.40 -66.68
CA GLU DA 98 -126.78 40.42 -67.11
C GLU DA 98 -127.25 40.52 -68.56
N ASP DA 99 -126.82 41.55 -69.27
CA ASP DA 99 -127.19 41.72 -70.66
C ASP DA 99 -126.21 40.97 -71.55
N LEU DA 100 -125.00 40.79 -71.04
CA LEU DA 100 -123.95 40.10 -71.77
C LEU DA 100 -124.27 38.62 -71.94
N PHE DA 101 -125.30 38.14 -71.27
CA PHE DA 101 -125.69 36.74 -71.40
C PHE DA 101 -126.11 36.48 -72.85
N GLY DA 102 -127.20 37.12 -73.27
CA GLY DA 102 -127.70 36.95 -74.62
C GLY DA 102 -126.93 37.76 -75.67
N ALA DA 103 -125.89 38.45 -75.23
CA ALA DA 103 -125.09 39.28 -76.14
C ALA DA 103 -124.03 38.45 -76.87
N ASN DA 104 -123.17 39.13 -77.62
CA ASN DA 104 -122.09 38.47 -78.36
C ASN DA 104 -120.74 39.00 -77.90
N LEU DA 105 -119.91 38.11 -77.35
CA LEU DA 105 -118.59 38.49 -76.86
C LEU DA 105 -117.45 38.24 -77.85
N ASN DA 106 -117.78 38.11 -79.13
CA ASN DA 106 -116.75 37.87 -80.14
C ASN DA 106 -116.78 38.95 -81.21
N ARG DA 107 -117.62 39.95 -80.99
CA ARG DA 107 -117.78 41.05 -81.93
C ARG DA 107 -116.44 41.69 -82.29
N TYR DA 108 -115.96 42.56 -81.40
CA TYR DA 108 -114.69 43.25 -81.58
C TYR DA 108 -113.52 42.27 -81.64
N LEU EA 1 -167.50 32.88 -71.63
CA LEU EA 1 -166.67 31.78 -72.20
C LEU EA 1 -166.34 32.06 -73.66
N SER EA 2 -165.07 31.89 -74.02
CA SER EA 2 -164.62 32.10 -75.38
C SER EA 2 -164.63 33.57 -75.80
N GLU EA 3 -163.96 34.43 -75.04
CA GLU EA 3 -163.92 35.85 -75.36
C GLU EA 3 -163.11 36.65 -74.35
N VAL EA 4 -162.02 37.26 -74.83
CA VAL EA 4 -161.15 38.06 -73.98
C VAL EA 4 -160.62 39.27 -74.76
N LYS EA 5 -160.46 40.41 -74.09
CA LYS EA 5 -159.97 41.61 -74.75
C LYS EA 5 -158.65 42.08 -74.12
N LEU EA 6 -157.81 42.72 -74.94
CA LEU EA 6 -156.50 43.20 -74.48
C LEU EA 6 -156.30 44.68 -74.68
N HIS EA 7 -155.43 45.26 -73.84
CA HIS EA 7 -155.11 46.68 -73.92
C HIS EA 7 -153.61 46.89 -73.94
N LEU EA 8 -153.04 46.94 -75.15
CA LEU EA 8 -151.61 47.13 -75.32
C LEU EA 8 -151.23 48.60 -75.23
N ASP EA 9 -150.07 48.93 -75.79
CA ASP EA 9 -149.57 50.30 -75.79
C ASP EA 9 -148.15 50.34 -76.31
N ILE EA 10 -147.94 51.07 -77.39
CA ILE EA 10 -146.61 51.21 -77.98
C ILE EA 10 -145.88 52.21 -77.09
N GLU EA 11 -146.41 53.43 -77.04
CA GLU EA 11 -145.80 54.48 -76.22
C GLU EA 11 -146.60 55.78 -76.32
N GLY EA 12 -147.24 56.16 -75.21
CA GLY EA 12 -148.01 57.39 -75.18
C GLY EA 12 -149.49 57.25 -75.48
N HIS EA 13 -149.82 56.27 -76.32
CA HIS EA 13 -151.19 56.01 -76.73
C HIS EA 13 -151.69 54.63 -76.29
N ALA EA 14 -153.00 54.54 -76.08
CA ALA EA 14 -153.62 53.30 -75.66
C ALA EA 14 -154.10 52.49 -76.86
N SER EA 15 -153.52 51.31 -77.04
CA SER EA 15 -153.88 50.43 -78.15
C SER EA 15 -154.96 49.46 -77.70
N HIS EA 16 -155.81 49.04 -78.63
CA HIS EA 16 -156.89 48.12 -78.31
C HIS EA 16 -156.97 46.93 -79.26
N TYR EA 17 -156.61 45.76 -78.75
CA TYR EA 17 -156.64 44.52 -79.52
C TYR EA 17 -157.56 43.52 -78.84
N THR EA 18 -158.41 42.87 -79.64
CA THR EA 18 -159.34 41.89 -79.11
C THR EA 18 -158.99 40.52 -79.69
N ILE EA 19 -158.63 39.58 -78.81
CA ILE EA 19 -158.28 38.23 -79.25
C ILE EA 19 -159.37 37.20 -78.98
N PRO EA 20 -160.17 36.90 -80.01
CA PRO EA 20 -161.25 35.91 -79.86
C PRO EA 20 -160.73 34.49 -80.06
N TRP EA 21 -160.24 33.87 -78.98
CA TRP EA 21 -159.73 32.51 -79.08
C TRP EA 21 -160.85 31.53 -79.41
N THR EA 22 -162.08 32.04 -79.38
CA THR EA 22 -163.25 31.22 -79.68
C THR EA 22 -163.25 30.80 -81.14
N GLU EA 23 -162.94 31.75 -82.02
CA GLU EA 23 -162.90 31.48 -83.45
C GLU EA 23 -161.62 30.73 -83.79
N LEU EA 24 -160.56 31.03 -83.05
CA LEU EA 24 -159.26 30.40 -83.27
C LEU EA 24 -159.30 28.89 -83.02
N MET EA 25 -159.98 28.49 -81.95
CA MET EA 25 -160.08 27.07 -81.60
C MET EA 25 -160.71 26.24 -82.71
N ALA EA 26 -161.51 26.87 -83.57
CA ALA EA 26 -162.17 26.16 -84.66
C ALA EA 26 -161.20 25.90 -85.79
N LYS EA 27 -160.45 26.93 -86.18
CA LYS EA 27 -159.48 26.82 -87.27
C LYS EA 27 -158.18 26.13 -86.85
N VAL EA 28 -158.00 25.93 -85.56
CA VAL EA 28 -156.78 25.29 -85.06
C VAL EA 28 -157.10 24.05 -84.23
N PRO EA 29 -156.29 23.00 -84.37
CA PRO EA 29 -156.46 21.75 -83.62
C PRO EA 29 -155.81 21.70 -82.24
N GLY EA 30 -154.48 21.74 -82.20
CA GLY EA 30 -153.77 21.67 -80.93
C GLY EA 30 -153.81 22.87 -80.02
N LEU EA 31 -154.48 23.94 -80.44
CA LEU EA 31 -154.56 25.14 -79.62
C LEU EA 31 -155.59 25.00 -78.50
N SER EA 32 -155.11 24.70 -77.30
CA SER EA 32 -155.98 24.57 -76.13
C SER EA 32 -155.59 25.67 -75.16
N PRO EA 33 -156.10 26.89 -75.38
CA PRO EA 33 -155.82 28.05 -74.53
C PRO EA 33 -155.96 27.81 -73.04
N GLU EA 34 -156.97 27.05 -72.64
CA GLU EA 34 -157.20 26.76 -71.23
C GLU EA 34 -155.98 26.19 -70.52
N ALA EA 35 -155.29 25.26 -71.18
CA ALA EA 35 -154.11 24.63 -70.60
C ALA EA 35 -152.93 25.59 -70.52
N LEU EA 36 -152.59 26.21 -71.65
CA LEU EA 36 -151.47 27.15 -71.71
C LEU EA 36 -151.61 28.28 -70.70
N TRP EA 37 -152.83 28.79 -70.52
CA TRP EA 37 -153.07 29.87 -69.59
C TRP EA 37 -152.73 29.45 -68.16
N ARG EA 38 -152.95 28.18 -67.86
CA ARG EA 38 -152.65 27.64 -66.53
C ARG EA 38 -151.18 27.28 -66.42
N GLU EA 39 -150.61 26.78 -67.51
CA GLU EA 39 -149.20 26.40 -67.49
C GLU EA 39 -148.39 27.58 -66.99
N ALA EA 40 -148.68 28.76 -67.52
CA ALA EA 40 -148.00 29.98 -67.12
C ALA EA 40 -148.67 30.54 -65.88
N ASN EA 41 -148.06 30.33 -64.72
CA ASN EA 41 -148.60 30.82 -63.46
C ASN EA 41 -148.94 32.30 -63.60
N VAL EA 42 -150.20 32.57 -63.96
CA VAL EA 42 -150.67 33.93 -64.14
C VAL EA 42 -150.61 34.68 -62.82
N THR EA 43 -151.28 34.15 -61.81
CA THR EA 43 -151.31 34.80 -60.50
C THR EA 43 -149.95 34.83 -59.83
N GLU EA 44 -148.95 34.25 -60.49
CA GLU EA 44 -147.59 34.20 -59.96
C GLU EA 44 -147.14 35.56 -59.43
N ASP EA 45 -146.49 35.57 -58.28
CA ASP EA 45 -146.01 36.80 -57.68
C ASP EA 45 -144.60 37.13 -58.18
N LEU EA 46 -144.30 38.42 -58.23
CA LEU EA 46 -143.02 38.92 -58.71
C LEU EA 46 -141.80 38.34 -57.98
N ALA EA 47 -141.92 38.16 -56.67
CA ALA EA 47 -140.83 37.66 -55.85
C ALA EA 47 -140.52 36.17 -55.95
N SER EA 48 -141.55 35.36 -56.18
CA SER EA 48 -141.37 33.90 -56.27
C SER EA 48 -140.99 33.41 -57.66
N MET EA 49 -141.19 34.26 -58.67
CA MET EA 49 -140.87 33.91 -60.05
C MET EA 49 -139.39 33.99 -60.36
N LEU EA 50 -138.73 35.04 -59.86
CA LEU EA 50 -137.31 35.27 -60.10
C LEU EA 50 -136.41 34.05 -59.88
N ASN EA 51 -136.75 33.20 -58.92
CA ASN EA 51 -135.94 32.03 -58.62
C ASN EA 51 -136.12 30.96 -59.70
N ARG EA 52 -137.14 31.12 -60.53
CA ARG EA 52 -137.42 30.15 -61.60
C ARG EA 52 -136.63 30.50 -62.86
N TYR EA 53 -136.01 31.67 -62.85
CA TYR EA 53 -135.21 32.14 -63.99
C TYR EA 53 -133.72 32.06 -63.68
N LYS EA 54 -133.35 32.42 -62.45
CA LYS EA 54 -131.96 32.36 -62.02
C LYS EA 54 -131.64 30.92 -61.64
N LEU EA 55 -132.39 30.00 -62.23
CA LEU EA 55 -132.25 28.58 -61.98
C LEU EA 55 -131.53 27.94 -63.17
N ILE EA 56 -131.99 28.30 -64.37
CA ILE EA 56 -131.46 27.77 -65.62
C ILE EA 56 -130.08 28.30 -65.98
N TYR EA 57 -129.28 27.48 -66.65
CA TYR EA 57 -127.94 27.87 -67.07
C TYR EA 57 -127.99 28.86 -68.22
N LYS EA 58 -127.52 30.08 -67.96
CA LYS EA 58 -127.50 31.12 -68.98
C LYS EA 58 -126.21 31.05 -69.79
N THR EA 59 -126.36 31.13 -71.11
CA THR EA 59 -125.20 31.08 -72.01
C THR EA 59 -124.39 32.36 -71.84
N SER EA 60 -123.33 32.28 -71.05
CA SER EA 60 -122.46 33.43 -70.79
C SER EA 60 -121.61 33.78 -72.00
N GLY EA 61 -122.26 33.97 -73.14
CA GLY EA 61 -121.53 34.32 -74.35
C GLY EA 61 -121.97 33.51 -75.55
N THR EA 62 -123.00 33.99 -76.24
CA THR EA 62 -123.51 33.32 -77.42
C THR EA 62 -122.73 33.79 -78.65
N LEU EA 63 -121.99 32.87 -79.25
CA LEU EA 63 -121.18 33.19 -80.42
C LEU EA 63 -121.83 32.78 -81.73
N GLY EA 64 -121.75 33.67 -82.72
CA GLY EA 64 -122.33 33.40 -84.02
C GLY EA 64 -121.28 33.06 -85.05
N ILE EA 65 -121.56 32.05 -85.86
CA ILE EA 65 -120.62 31.63 -86.89
C ILE EA 65 -121.31 31.60 -88.25
N ALA EA 66 -120.60 32.05 -89.29
CA ALA EA 66 -121.14 32.09 -90.63
C ALA EA 66 -121.37 30.69 -91.18
N LEU EA 67 -122.63 30.34 -91.38
CA LEU EA 67 -122.99 29.01 -91.89
C LEU EA 67 -124.10 29.08 -92.93
N ALA EA 68 -124.05 28.19 -93.90
CA ALA EA 68 -125.06 28.13 -94.96
C ALA EA 68 -125.61 26.71 -95.10
N GLU EA 69 -126.40 26.48 -96.13
CA GLU EA 69 -127.00 25.17 -96.36
C GLU EA 69 -126.87 24.70 -97.81
N PRO EA 70 -126.26 23.52 -98.01
CA PRO EA 70 -126.08 22.96 -99.35
C PRO EA 70 -127.41 22.44 -99.88
N VAL EA 71 -127.51 22.21 -101.18
CA VAL EA 71 -128.75 21.70 -101.76
C VAL EA 71 -128.92 20.23 -101.38
N ASP EA 72 -130.13 19.72 -101.52
CA ASP EA 72 -130.41 18.34 -101.17
C ASP EA 72 -131.32 17.65 -102.18
N ILE EA 73 -132.51 18.20 -102.37
CA ILE EA 73 -133.50 17.63 -103.28
C ILE EA 73 -133.52 18.26 -104.67
N PRO EA 74 -133.11 17.51 -105.71
CA PRO EA 74 -133.10 18.03 -107.08
C PRO EA 74 -134.51 17.96 -107.67
N ALA EA 75 -134.67 18.43 -108.90
CA ALA EA 75 -135.97 18.41 -109.55
C ALA EA 75 -136.29 17.00 -110.07
N VAL EA 76 -137.57 16.74 -110.29
CA VAL EA 76 -138.01 15.43 -110.78
C VAL EA 76 -137.62 15.27 -112.24
N SER EA 77 -137.71 14.03 -112.75
CA SER EA 77 -137.37 13.74 -114.14
C SER EA 77 -138.61 13.76 -115.02
N GLU EA 78 -138.43 14.09 -116.30
CA GLU EA 78 -139.52 14.16 -117.26
C GLU EA 78 -140.48 12.97 -117.21
N GLY EA 79 -139.96 11.77 -117.47
CA GLY EA 79 -140.80 10.59 -117.46
C GLY EA 79 -140.64 9.69 -116.25
N SER EA 80 -140.54 10.29 -115.07
CA SER EA 80 -140.38 9.54 -113.84
C SER EA 80 -141.69 8.93 -113.36
N MET EA 81 -141.99 9.15 -112.08
CA MET EA 81 -143.20 8.64 -111.47
C MET EA 81 -143.18 9.03 -109.99
N GLN EA 82 -143.82 10.16 -109.67
CA GLN EA 82 -143.88 10.63 -108.29
C GLN EA 82 -144.86 9.83 -107.45
N VAL EA 83 -144.33 8.83 -106.75
CA VAL EA 83 -145.13 7.95 -105.90
C VAL EA 83 -145.48 8.56 -104.55
N ASP EA 84 -146.64 8.18 -104.03
CA ASP EA 84 -147.09 8.64 -102.72
C ASP EA 84 -146.83 7.49 -101.75
N ALA EA 85 -146.38 7.82 -100.55
CA ALA EA 85 -146.08 6.81 -99.53
C ALA EA 85 -147.21 5.81 -99.31
N SER EA 86 -148.36 6.32 -98.89
CA SER EA 86 -149.51 5.47 -98.62
C SER EA 86 -150.02 4.76 -99.87
N LYS EA 87 -149.70 5.32 -101.03
CA LYS EA 87 -150.14 4.73 -102.29
C LYS EA 87 -149.11 3.79 -102.92
N VAL EA 88 -149.37 2.50 -102.81
CA VAL EA 88 -148.50 1.48 -103.38
C VAL EA 88 -149.35 0.60 -104.29
N HIS EA 89 -148.92 0.47 -105.54
CA HIS EA 89 -149.66 -0.34 -106.52
C HIS EA 89 -149.12 -1.76 -106.61
N PRO EA 90 -150.01 -2.76 -106.63
CA PRO EA 90 -149.64 -4.18 -106.72
C PRO EA 90 -148.78 -4.50 -107.94
N GLY EA 91 -148.52 -3.49 -108.76
CA GLY EA 91 -147.71 -3.70 -109.94
C GLY EA 91 -146.50 -2.78 -109.98
N VAL EA 92 -145.90 -2.64 -111.15
CA VAL EA 92 -144.73 -1.79 -111.30
C VAL EA 92 -145.16 -0.34 -111.51
N ILE EA 93 -144.52 0.57 -110.81
CA ILE EA 93 -144.83 1.99 -110.90
C ILE EA 93 -143.73 2.71 -111.67
N SER EA 94 -142.49 2.29 -111.45
CA SER EA 94 -141.34 2.90 -112.11
C SER EA 94 -140.44 1.86 -112.77
N GLY EA 95 -139.64 2.32 -113.73
CA GLY EA 95 -138.72 1.43 -114.42
C GLY EA 95 -137.47 1.36 -113.56
N LEU EA 96 -136.50 0.57 -113.97
CA LEU EA 96 -135.26 0.46 -113.21
C LEU EA 96 -134.40 1.71 -113.34
N ASN EA 97 -133.75 1.84 -114.50
CA ASN EA 97 -132.87 2.98 -114.76
C ASN EA 97 -133.58 4.33 -114.78
N SER EA 98 -134.90 4.31 -114.97
CA SER EA 98 -135.67 5.54 -115.02
C SER EA 98 -135.83 6.18 -113.64
N PRO EA 99 -135.39 7.43 -113.49
CA PRO EA 99 -135.48 8.15 -112.21
C PRO EA 99 -136.92 8.29 -111.73
N ALA EA 100 -137.08 8.57 -110.45
CA ALA EA 100 -138.38 8.74 -109.84
C ALA EA 100 -138.21 9.53 -108.55
N CYS EA 101 -139.32 9.94 -107.95
CA CYS EA 101 -139.27 10.70 -106.71
C CYS EA 101 -140.51 10.41 -105.87
N MET EA 102 -140.46 10.74 -104.58
CA MET EA 102 -141.59 10.51 -103.69
C MET EA 102 -142.19 11.80 -103.16
N LEU EA 103 -143.51 11.79 -102.96
CA LEU EA 103 -144.22 12.96 -102.45
C LEU EA 103 -143.90 13.18 -100.97
N SER EA 104 -143.58 14.41 -100.63
CA SER EA 104 -143.23 14.77 -99.25
C SER EA 104 -144.42 14.65 -98.30
N ALA EA 105 -145.56 15.17 -98.71
CA ALA EA 105 -146.77 15.14 -97.90
C ALA EA 105 -147.01 13.78 -97.25
N PRO EA 106 -146.98 12.70 -98.04
CA PRO EA 106 -147.21 11.35 -97.48
C PRO EA 106 -145.98 10.78 -96.79
N LEU EA 107 -144.82 10.94 -97.41
CA LEU EA 107 -143.56 10.44 -96.86
C LEU EA 107 -143.31 10.92 -95.43
N GLU EA 108 -143.52 12.22 -95.22
CA GLU EA 108 -143.30 12.82 -93.91
C GLU EA 108 -144.30 12.28 -92.89
N LYS EA 109 -145.57 12.29 -93.26
CA LYS EA 109 -146.63 11.80 -92.37
C LYS EA 109 -146.38 10.35 -92.00
N GLN EA 110 -145.63 9.64 -92.84
CA GLN EA 110 -145.32 8.24 -92.58
C GLN EA 110 -144.14 8.15 -91.64
N LEU EA 111 -143.13 8.98 -91.87
CA LEU EA 111 -141.94 9.00 -91.02
C LEU EA 111 -142.37 9.39 -89.61
N PHE EA 112 -142.97 10.57 -89.48
CA PHE EA 112 -143.43 11.06 -88.20
C PHE EA 112 -144.84 10.57 -87.93
N TYR EA 113 -144.98 9.24 -87.95
CA TYR EA 113 -146.27 8.60 -87.70
C TYR EA 113 -146.62 8.67 -86.22
N TYR EA 114 -145.59 8.54 -85.38
CA TYR EA 114 -145.77 8.56 -83.94
C TYR EA 114 -146.01 9.99 -83.40
N ILE EA 115 -146.79 10.09 -82.33
CA ILE EA 115 -147.11 11.37 -81.70
C ILE EA 115 -146.47 11.37 -80.31
N GLY EA 116 -146.13 12.54 -79.78
CA GLY EA 116 -145.50 12.55 -78.47
C GLY EA 116 -145.43 13.83 -77.68
N THR EA 117 -144.29 14.04 -77.02
CA THR EA 117 -144.08 15.22 -76.20
C THR EA 117 -142.63 15.70 -76.32
N MET EA 118 -142.39 16.69 -77.16
CA MET EA 118 -141.05 17.22 -77.33
C MET EA 118 -140.59 17.77 -75.98
N LEU EA 119 -141.54 18.27 -75.20
CA LEU EA 119 -141.27 18.84 -73.89
C LEU EA 119 -141.95 18.03 -72.79
N PRO EA 120 -141.18 17.21 -72.07
CA PRO EA 120 -141.71 16.37 -70.98
C PRO EA 120 -142.23 17.19 -69.80
N ASN EA 121 -142.59 16.49 -68.73
CA ASN EA 121 -143.10 17.16 -67.53
C ASN EA 121 -142.05 17.15 -66.42
N THR EA 122 -140.78 17.06 -66.80
CA THR EA 122 -139.70 17.06 -65.83
C THR EA 122 -139.55 18.47 -65.27
N ARG EA 123 -139.12 18.57 -64.02
CA ARG EA 123 -138.95 19.86 -63.37
C ARG EA 123 -138.27 20.93 -64.23
N PRO EA 124 -137.05 20.63 -64.75
CA PRO EA 124 -136.33 21.59 -65.58
C PRO EA 124 -137.10 22.20 -66.75
N HIS EA 125 -137.57 21.35 -67.66
CA HIS EA 125 -138.31 21.80 -68.83
C HIS EA 125 -139.61 22.51 -68.49
N SER EA 126 -140.37 21.95 -67.57
CA SER EA 126 -141.65 22.54 -67.16
C SER EA 126 -141.51 23.99 -66.73
N TYR EA 127 -140.27 24.40 -66.43
CA TYR EA 127 -140.01 25.76 -66.00
C TYR EA 127 -139.76 26.72 -67.16
N VAL EA 128 -139.24 26.19 -68.27
CA VAL EA 128 -138.92 27.02 -69.43
C VAL EA 128 -139.91 26.97 -70.59
N PHE EA 129 -140.12 25.77 -71.14
CA PHE EA 129 -141.01 25.62 -72.29
C PHE EA 129 -142.48 25.37 -71.94
N TYR EA 130 -143.33 25.55 -72.95
CA TYR EA 130 -144.77 25.34 -72.83
C TYR EA 130 -145.06 23.93 -73.32
N GLN EA 131 -145.67 23.11 -72.48
CA GLN EA 131 -146.01 21.73 -72.86
C GLN EA 131 -146.40 21.69 -74.33
N LEU EA 132 -145.67 20.89 -75.12
CA LEU EA 132 -145.94 20.78 -76.55
C LEU EA 132 -146.24 19.36 -76.97
N ARG EA 133 -147.10 19.21 -77.98
CA ARG EA 133 -147.46 17.90 -78.48
C ARG EA 133 -147.68 17.87 -80.00
N CYS EA 134 -146.79 17.16 -80.69
CA CYS EA 134 -146.87 17.03 -82.13
C CYS EA 134 -146.22 15.72 -82.56
N HIS EA 135 -146.40 15.35 -83.83
CA HIS EA 135 -145.81 14.14 -84.37
C HIS EA 135 -144.29 14.24 -84.26
N LEU EA 136 -143.65 13.14 -83.85
CA LEU EA 136 -142.20 13.12 -83.69
C LEU EA 136 -141.59 11.73 -83.86
N SER EA 137 -140.35 11.60 -83.38
CA SER EA 137 -139.59 10.37 -83.42
C SER EA 137 -138.38 10.57 -82.52
N TYR EA 138 -137.99 9.51 -81.81
CA TYR EA 138 -136.86 9.63 -80.89
C TYR EA 138 -135.83 8.50 -81.01
N VAL EA 139 -134.72 8.69 -80.29
CA VAL EA 139 -133.64 7.72 -80.27
C VAL EA 139 -133.34 7.40 -78.80
N ALA EA 140 -133.82 6.24 -78.35
CA ALA EA 140 -133.62 5.83 -76.96
C ALA EA 140 -132.22 5.30 -76.67
N LEU EA 141 -131.72 5.59 -75.48
CA LEU EA 141 -130.40 5.14 -75.07
C LEU EA 141 -130.35 4.83 -73.58
N SER EA 142 -129.61 3.79 -73.21
CA SER EA 142 -129.50 3.39 -71.82
C SER EA 142 -128.16 2.72 -71.53
N ILE EA 143 -127.33 3.39 -70.73
CA ILE EA 143 -126.01 2.88 -70.38
C ILE EA 143 -125.91 2.74 -68.86
N ASN EA 144 -124.86 2.05 -68.40
CA ASN EA 144 -124.65 1.84 -66.97
C ASN EA 144 -125.89 1.32 -66.26
N GLY EA 145 -126.75 0.63 -67.02
CA GLY EA 145 -127.96 0.08 -66.43
C GLY EA 145 -128.94 1.12 -65.93
N ASP EA 146 -129.56 1.86 -66.85
CA ASP EA 146 -130.53 2.88 -66.50
C ASP EA 146 -130.00 3.96 -65.55
N LYS EA 147 -128.69 3.97 -65.32
CA LYS EA 147 -128.09 4.97 -64.44
C LYS EA 147 -127.78 6.21 -65.27
N PHE EA 148 -127.84 6.05 -66.59
CA PHE EA 148 -127.59 7.13 -67.52
C PHE EA 148 -128.39 6.84 -68.79
N GLN EA 149 -129.04 7.87 -69.33
CA GLN EA 149 -129.84 7.70 -70.54
C GLN EA 149 -129.95 8.97 -71.37
N TYR EA 150 -130.07 8.79 -72.67
CA TYR EA 150 -130.19 9.89 -73.62
C TYR EA 150 -131.42 9.70 -74.49
N THR EA 151 -132.03 10.80 -74.91
CA THR EA 151 -133.22 10.73 -75.73
C THR EA 151 -133.15 11.71 -76.91
N GLY EA 152 -133.16 11.15 -78.12
CA GLY EA 152 -133.09 11.99 -79.30
C GLY EA 152 -134.47 12.38 -79.79
N ALA EA 153 -135.14 13.24 -79.03
CA ALA EA 153 -136.48 13.69 -79.39
C ALA EA 153 -136.39 14.70 -80.53
N MET EA 154 -137.11 14.44 -81.61
CA MET EA 154 -137.08 15.33 -82.76
C MET EA 154 -138.39 15.38 -83.53
N THR EA 155 -138.69 16.54 -84.09
CA THR EA 155 -139.89 16.75 -84.89
C THR EA 155 -139.44 17.20 -86.27
N SER EA 156 -140.39 17.44 -87.16
CA SER EA 156 -140.06 17.87 -88.52
C SER EA 156 -139.42 19.25 -88.56
N LYS EA 157 -139.40 19.94 -87.43
CA LYS EA 157 -138.82 21.28 -87.39
C LYS EA 157 -137.61 21.46 -86.46
N PHE EA 158 -137.56 20.71 -85.37
CA PHE EA 158 -136.44 20.85 -84.45
C PHE EA 158 -136.12 19.59 -83.64
N LEU EA 159 -134.87 19.49 -83.20
CA LEU EA 159 -134.40 18.37 -82.40
C LEU EA 159 -134.12 18.86 -80.98
N MET EA 160 -134.35 18.00 -80.00
CA MET EA 160 -134.10 18.35 -78.61
C MET EA 160 -133.73 17.13 -77.78
N GLY EA 161 -132.44 16.82 -77.76
CA GLY EA 161 -131.97 15.67 -77.00
C GLY EA 161 -131.75 16.04 -75.54
N THR EA 162 -131.98 15.09 -74.65
CA THR EA 162 -131.81 15.34 -73.22
C THR EA 162 -130.92 14.28 -72.57
N TYR EA 163 -130.03 14.73 -71.70
CA TYR EA 163 -129.14 13.83 -70.98
C TYR EA 163 -129.69 13.61 -69.58
N LYS EA 164 -129.51 12.40 -69.06
CA LYS EA 164 -130.03 12.07 -67.74
C LYS EA 164 -129.11 11.09 -67.00
N ARG EA 165 -128.53 11.57 -65.90
CA ARG EA 165 -127.63 10.74 -65.09
C ARG EA 165 -128.21 10.58 -63.69
N VAL EA 166 -127.71 9.60 -62.96
CA VAL EA 166 -128.18 9.36 -61.60
C VAL EA 166 -127.03 8.98 -60.66
N THR EA 167 -126.87 9.75 -59.60
CA THR EA 167 -125.83 9.49 -58.62
C THR EA 167 -126.27 8.25 -57.84
N GLU EA 168 -125.42 7.78 -56.92
CA GLU EA 168 -125.75 6.60 -56.14
C GLU EA 168 -127.13 6.75 -55.50
N LYS EA 169 -127.48 7.98 -55.16
CA LYS EA 169 -128.77 8.27 -54.54
C LYS EA 169 -129.81 8.57 -55.63
N GLY EA 170 -131.04 8.84 -55.20
CA GLY EA 170 -132.10 9.13 -56.15
C GLY EA 170 -131.89 10.44 -56.88
N ASP EA 171 -130.65 10.93 -56.87
CA ASP EA 171 -130.32 12.19 -57.55
C ASP EA 171 -130.49 12.05 -59.05
N GLU EA 172 -131.28 12.95 -59.63
CA GLU EA 172 -131.53 12.93 -61.07
C GLU EA 172 -131.07 14.23 -61.73
N HIS EA 173 -129.98 14.15 -62.48
CA HIS EA 173 -129.44 15.31 -63.17
C HIS EA 173 -129.78 15.27 -64.64
N VAL EA 174 -130.29 16.40 -65.15
CA VAL EA 174 -130.68 16.49 -66.55
C VAL EA 174 -130.20 17.78 -67.23
N LEU EA 175 -129.85 17.64 -68.50
CA LEU EA 175 -129.37 18.74 -69.32
C LEU EA 175 -129.70 18.40 -70.77
N SER EA 176 -130.28 19.33 -71.50
CA SER EA 176 -130.65 19.07 -72.89
C SER EA 176 -130.16 20.10 -73.89
N LEU EA 177 -130.05 19.67 -75.16
CA LEU EA 177 -129.60 20.52 -76.25
C LEU EA 177 -130.73 20.65 -77.27
N VAL EA 178 -130.93 21.87 -77.78
CA VAL EA 178 -131.98 22.09 -78.76
C VAL EA 178 -131.40 22.64 -80.06
N PHE EA 179 -131.59 21.91 -81.14
CA PHE EA 179 -131.08 22.33 -82.45
C PHE EA 179 -132.21 22.50 -83.45
N GLY EA 180 -132.06 23.47 -84.36
CA GLY EA 180 -133.07 23.72 -85.35
C GLY EA 180 -133.08 25.17 -85.80
N LYS EA 181 -133.88 25.47 -86.82
CA LYS EA 181 -133.97 26.83 -87.33
C LYS EA 181 -134.51 27.75 -86.25
N THR EA 182 -133.76 28.81 -85.97
CA THR EA 182 -134.13 29.77 -84.93
C THR EA 182 -135.61 30.14 -84.94
N LYS EA 183 -136.20 30.17 -86.13
CA LYS EA 183 -137.61 30.52 -86.25
C LYS EA 183 -138.56 29.42 -85.75
N ASP EA 184 -138.06 28.20 -85.67
CA ASP EA 184 -138.88 27.08 -85.24
C ASP EA 184 -138.75 26.65 -83.78
N LEU EA 185 -137.86 27.31 -83.04
CA LEU EA 185 -137.68 26.98 -81.63
C LEU EA 185 -138.99 27.09 -80.86
N PRO EA 186 -139.23 26.16 -79.91
CA PRO EA 186 -140.45 26.14 -79.10
C PRO EA 186 -140.78 27.50 -78.46
N ASP EA 187 -141.94 27.58 -77.83
CA ASP EA 187 -142.37 28.81 -77.19
C ASP EA 187 -141.88 28.87 -75.74
N LEU EA 188 -141.22 29.96 -75.38
CA LEU EA 188 -140.71 30.12 -74.03
C LEU EA 188 -141.85 30.58 -73.11
N ARG EA 189 -141.86 30.05 -71.89
CA ARG EA 189 -142.91 30.39 -70.92
C ARG EA 189 -142.65 31.67 -70.12
N GLY EA 190 -142.15 31.51 -68.91
CA GLY EA 190 -141.89 32.66 -68.06
C GLY EA 190 -140.90 33.64 -68.67
N PRO EA 191 -140.31 34.51 -67.85
CA PRO EA 191 -139.32 35.52 -68.27
C PRO EA 191 -138.07 34.87 -68.85
N PHE EA 192 -138.22 34.28 -70.02
CA PHE EA 192 -137.11 33.62 -70.69
C PHE EA 192 -136.90 34.17 -72.08
N SER EA 193 -135.64 34.33 -72.45
CA SER EA 193 -135.28 34.84 -73.77
C SER EA 193 -134.23 33.91 -74.37
N TYR EA 194 -134.54 33.34 -75.52
CA TYR EA 194 -133.64 32.42 -76.20
C TYR EA 194 -132.18 32.86 -76.26
N PRO EA 195 -131.91 34.16 -76.48
CA PRO EA 195 -130.52 34.58 -76.55
C PRO EA 195 -129.69 34.16 -75.33
N SER EA 196 -130.24 34.38 -74.14
CA SER EA 196 -129.56 34.01 -72.90
C SER EA 196 -129.61 32.51 -72.68
N LEU EA 197 -129.95 31.77 -73.72
CA LEU EA 197 -130.04 30.31 -73.66
C LEU EA 197 -129.43 29.67 -74.89
N THR EA 198 -129.19 30.48 -75.92
CA THR EA 198 -128.60 29.99 -77.16
C THR EA 198 -127.09 29.95 -77.03
N SER EA 199 -126.47 28.87 -77.51
CA SER EA 199 -125.02 28.74 -77.41
C SER EA 199 -124.33 29.09 -78.72
N ALA EA 200 -124.94 28.70 -79.84
CA ALA EA 200 -124.38 28.98 -81.16
C ALA EA 200 -125.51 29.42 -82.10
N GLN EA 201 -125.26 30.44 -82.90
CA GLN EA 201 -126.29 30.93 -83.82
C GLN EA 201 -125.78 31.28 -85.21
N SER EA 202 -126.53 30.83 -86.21
CA SER EA 202 -126.20 31.10 -87.61
C SER EA 202 -127.18 32.18 -88.06
N GLY EA 203 -127.35 32.33 -89.37
CA GLY EA 203 -128.27 33.32 -89.87
C GLY EA 203 -129.70 32.91 -89.60
N ASP EA 204 -129.90 31.61 -89.37
CA ASP EA 204 -131.23 31.08 -89.10
C ASP EA 204 -131.22 29.77 -88.30
N TYR EA 205 -130.08 29.46 -87.69
CA TYR EA 205 -129.94 28.24 -86.90
C TYR EA 205 -129.43 28.52 -85.49
N SER EA 206 -129.96 27.79 -84.51
CA SER EA 206 -129.55 27.98 -83.13
C SER EA 206 -129.34 26.67 -82.37
N LEU EA 207 -128.58 26.76 -81.29
CA LEU EA 207 -128.27 25.62 -80.43
C LEU EA 207 -128.51 26.07 -78.99
N VAL EA 208 -129.64 25.67 -78.43
CA VAL EA 208 -130.00 26.06 -77.07
C VAL EA 208 -129.60 25.05 -75.99
N ILE EA 209 -129.22 25.56 -74.83
CA ILE EA 209 -128.83 24.71 -73.70
C ILE EA 209 -129.83 24.91 -72.57
N VAL EA 210 -130.74 23.95 -72.41
CA VAL EA 210 -131.74 24.02 -71.36
C VAL EA 210 -131.35 23.13 -70.19
N THR EA 211 -131.03 23.76 -69.05
CA THR EA 211 -130.63 23.04 -67.86
C THR EA 211 -130.48 23.99 -66.69
N THR EA 212 -130.46 23.45 -65.48
CA THR EA 212 -130.30 24.26 -64.28
C THR EA 212 -128.83 24.36 -63.91
N PHE EA 213 -128.48 25.38 -63.15
CA PHE EA 213 -127.09 25.57 -62.73
C PHE EA 213 -126.66 24.37 -61.89
N VAL EA 214 -127.58 23.89 -61.06
CA VAL EA 214 -127.32 22.75 -60.20
C VAL EA 214 -126.88 21.56 -61.05
N HIS EA 215 -127.58 21.34 -62.16
CA HIS EA 215 -127.28 20.23 -63.06
C HIS EA 215 -126.02 20.47 -63.90
N TYR EA 216 -125.94 21.64 -64.53
CA TYR EA 216 -124.80 21.98 -65.37
C TYR EA 216 -123.48 21.67 -64.68
N ALA EA 217 -123.47 21.78 -63.35
CA ALA EA 217 -122.26 21.52 -62.57
C ALA EA 217 -121.88 20.04 -62.63
N ASN EA 218 -122.81 19.18 -62.23
CA ASN EA 218 -122.58 17.75 -62.23
C ASN EA 218 -122.24 17.21 -63.62
N PHE EA 219 -122.69 17.93 -64.65
CA PHE EA 219 -122.43 17.52 -66.03
C PHE EA 219 -121.10 18.03 -66.57
N HIS EA 220 -120.74 19.26 -66.20
CA HIS EA 220 -119.50 19.87 -66.68
C HIS EA 220 -118.27 19.10 -66.21
N ASN EA 221 -118.46 18.16 -65.29
CA ASN EA 221 -117.35 17.36 -64.77
C ASN EA 221 -116.88 16.31 -65.76
N TYR EA 222 -117.77 15.89 -66.65
CA TYR EA 222 -117.43 14.87 -67.64
C TYR EA 222 -117.98 15.17 -69.02
N PHE EA 223 -118.65 16.30 -69.17
CA PHE EA 223 -119.22 16.67 -70.46
C PHE EA 223 -118.96 18.13 -70.85
N VAL EA 224 -117.93 18.34 -71.66
CA VAL EA 224 -117.58 19.66 -72.14
C VAL EA 224 -117.57 19.60 -73.66
N PRO EA 225 -118.76 19.60 -74.27
CA PRO EA 225 -118.93 19.54 -75.73
C PRO EA 225 -118.34 20.73 -76.47
N ASN EA 226 -117.86 20.47 -77.68
CA ASN EA 226 -117.29 21.52 -78.51
C ASN EA 226 -118.41 22.12 -79.35
N LEU EA 227 -119.37 22.74 -78.67
CA LEU EA 227 -120.52 23.36 -79.29
C LEU EA 227 -120.19 24.01 -80.64
N LYS EA 228 -119.03 24.63 -80.73
CA LYS EA 228 -118.60 25.29 -81.95
C LYS EA 228 -118.65 24.37 -83.17
N ASP EA 229 -117.69 23.46 -83.26
CA ASP EA 229 -117.62 22.51 -84.38
C ASP EA 229 -118.85 21.62 -84.43
N MET EA 230 -119.33 21.18 -83.27
CA MET EA 230 -120.50 20.32 -83.20
C MET EA 230 -121.71 20.98 -83.86
N PHE EA 231 -121.79 22.31 -83.73
CA PHE EA 231 -122.90 23.06 -84.31
C PHE EA 231 -122.71 23.25 -85.81
N SER EA 232 -121.55 23.79 -86.19
CA SER EA 232 -121.24 24.04 -87.60
C SER EA 232 -121.47 22.81 -88.46
N ARG EA 233 -120.79 21.72 -88.09
CA ARG EA 233 -120.89 20.46 -88.83
C ARG EA 233 -122.35 20.00 -88.93
N ALA EA 234 -123.14 20.32 -87.91
CA ALA EA 234 -124.55 19.94 -87.87
C ALA EA 234 -125.41 20.85 -88.75
N VAL EA 235 -124.81 21.91 -89.29
CA VAL EA 235 -125.52 22.84 -90.15
C VAL EA 235 -125.00 22.78 -91.57
N THR EA 236 -123.70 23.04 -91.74
CA THR EA 236 -123.08 23.01 -93.06
C THR EA 236 -122.58 21.61 -93.41
N MET EA 237 -123.50 20.77 -93.87
CA MET EA 237 -123.14 19.39 -94.23
C MET EA 237 -124.38 18.65 -94.71
N THR EA 238 -124.28 18.08 -95.91
CA THR EA 238 -125.38 17.32 -96.49
C THR EA 238 -125.80 16.18 -95.58
N ALA EA 239 -127.11 15.90 -95.57
CA ALA EA 239 -127.67 14.84 -94.74
C ALA EA 239 -126.86 13.54 -94.80
N ALA EA 240 -126.76 12.99 -96.00
CA ALA EA 240 -126.02 11.73 -96.21
C ALA EA 240 -124.61 11.80 -95.61
N SER EA 241 -123.93 12.91 -95.82
CA SER EA 241 -122.57 13.09 -95.32
C SER EA 241 -122.52 13.08 -93.78
N TYR EA 242 -123.38 13.88 -93.17
CA TYR EA 242 -123.42 13.97 -91.71
C TYR EA 242 -123.68 12.59 -91.11
N ALA EA 243 -124.54 11.82 -91.78
CA ALA EA 243 -124.89 10.48 -91.33
C ALA EA 243 -123.66 9.59 -91.22
N ARG EA 244 -122.78 9.66 -92.22
CA ARG EA 244 -121.57 8.84 -92.21
C ARG EA 244 -120.52 9.42 -91.27
N TYR EA 245 -120.42 10.74 -91.20
CA TYR EA 245 -119.47 11.39 -90.31
C TYR EA 245 -119.69 10.82 -88.91
N VAL EA 246 -120.95 10.60 -88.58
CA VAL EA 246 -121.33 10.05 -87.29
C VAL EA 246 -121.04 8.56 -87.25
N LEU EA 247 -121.44 7.86 -88.30
CA LEU EA 247 -121.22 6.42 -88.40
C LEU EA 247 -119.76 6.12 -88.16
N GLN EA 248 -118.88 6.94 -88.74
CA GLN EA 248 -117.44 6.76 -88.58
C GLN EA 248 -117.02 7.06 -87.13
N LYS EA 249 -117.55 8.15 -86.59
CA LYS EA 249 -117.23 8.53 -85.22
C LYS EA 249 -117.52 7.36 -84.28
N LEU EA 250 -118.59 6.63 -84.56
CA LEU EA 250 -118.96 5.49 -83.74
C LEU EA 250 -117.98 4.34 -83.94
N VAL EA 251 -117.64 4.06 -85.19
CA VAL EA 251 -116.70 3.00 -85.51
C VAL EA 251 -115.43 3.20 -84.69
N LEU EA 252 -115.01 4.46 -84.56
CA LEU EA 252 -113.82 4.80 -83.79
C LEU EA 252 -114.02 4.36 -82.35
N LEU EA 253 -115.10 4.84 -81.75
CA LEU EA 253 -115.42 4.50 -80.36
C LEU EA 253 -115.49 2.99 -80.19
N GLU EA 254 -115.93 2.29 -81.23
CA GLU EA 254 -116.05 0.85 -81.18
C GLU EA 254 -114.66 0.25 -81.05
N MET EA 255 -113.74 0.71 -81.88
CA MET EA 255 -112.37 0.22 -81.84
C MET EA 255 -111.71 0.63 -80.53
N LYS EA 256 -112.33 1.60 -79.84
CA LYS EA 256 -111.81 2.08 -78.56
C LYS EA 256 -112.41 1.24 -77.44
N GLY EA 257 -113.16 0.21 -77.81
CA GLY EA 257 -113.78 -0.66 -76.82
C GLY EA 257 -114.96 -0.01 -76.12
N GLY EA 258 -115.29 1.21 -76.56
CA GLY EA 258 -116.41 1.92 -75.97
C GLY EA 258 -117.76 1.27 -76.21
N CYS EA 259 -117.75 0.07 -76.79
CA CYS EA 259 -119.00 -0.64 -77.05
C CYS EA 259 -119.23 -1.81 -76.11
N ARG EA 260 -118.36 -1.94 -75.11
CA ARG EA 260 -118.46 -2.98 -74.11
C ARG EA 260 -118.09 -2.35 -72.77
N GLU EA 261 -117.44 -1.20 -72.88
CA GLU EA 261 -117.02 -0.39 -71.74
C GLU EA 261 -117.45 1.03 -72.03
N PRO EA 262 -118.75 1.23 -72.34
CA PRO EA 262 -119.32 2.54 -72.66
C PRO EA 262 -118.81 3.66 -71.75
N GLU EA 263 -117.77 4.35 -72.21
CA GLU EA 263 -117.18 5.43 -71.45
C GLU EA 263 -118.09 6.66 -71.44
N LEU EA 264 -118.34 7.19 -70.25
CA LEU EA 264 -119.18 8.38 -70.12
C LEU EA 264 -118.31 9.63 -70.22
N ASP EA 265 -117.82 9.91 -71.42
CA ASP EA 265 -116.98 11.07 -71.64
C ASP EA 265 -117.58 12.02 -72.67
N THR EA 266 -116.92 13.17 -72.85
CA THR EA 266 -117.38 14.18 -73.79
C THR EA 266 -117.57 13.61 -75.19
N GLU EA 267 -116.56 12.88 -75.67
CA GLU EA 267 -116.63 12.28 -77.01
C GLU EA 267 -117.84 11.37 -77.17
N THR EA 268 -117.96 10.39 -76.29
CA THR EA 268 -119.07 9.43 -76.33
C THR EA 268 -120.42 10.13 -76.27
N LEU EA 269 -120.55 11.09 -75.36
CA LEU EA 269 -121.80 11.82 -75.20
C LEU EA 269 -122.08 12.70 -76.41
N THR EA 270 -121.03 13.32 -76.94
CA THR EA 270 -121.16 14.20 -78.09
C THR EA 270 -121.72 13.43 -79.29
N THR EA 271 -121.08 12.31 -79.61
CA THR EA 271 -121.52 11.48 -80.72
C THR EA 271 -123.01 11.16 -80.63
N MET EA 272 -123.48 10.90 -79.42
CA MET EA 272 -124.89 10.59 -79.19
C MET EA 272 -125.79 11.65 -79.81
N PHE EA 273 -125.63 12.89 -79.35
CA PHE EA 273 -126.43 14.00 -79.85
C PHE EA 273 -126.34 14.10 -81.38
N GLU EA 274 -125.13 13.93 -81.90
CA GLU EA 274 -124.92 14.02 -83.35
C GLU EA 274 -125.62 12.86 -84.05
N VAL EA 275 -125.73 11.72 -83.37
CA VAL EA 275 -126.39 10.55 -83.92
C VAL EA 275 -127.85 10.88 -84.20
N SER EA 276 -128.46 11.64 -83.30
CA SER EA 276 -129.86 12.04 -83.44
C SER EA 276 -129.98 13.17 -84.44
N VAL EA 277 -128.96 14.02 -84.50
CA VAL EA 277 -128.96 15.14 -85.44
C VAL EA 277 -128.91 14.59 -86.86
N ALA EA 278 -128.20 13.47 -87.01
CA ALA EA 278 -128.07 12.83 -88.31
C ALA EA 278 -129.45 12.39 -88.78
N PHE EA 279 -130.26 11.88 -87.85
CA PHE EA 279 -131.61 11.44 -88.16
C PHE EA 279 -132.50 12.66 -88.37
N PHE EA 280 -132.27 13.69 -87.56
CA PHE EA 280 -133.05 14.93 -87.66
C PHE EA 280 -132.84 15.59 -89.01
N LYS EA 281 -131.59 15.63 -89.46
CA LYS EA 281 -131.24 16.23 -90.74
C LYS EA 281 -132.13 15.68 -91.87
N VAL EA 282 -132.21 14.35 -91.95
CA VAL EA 282 -133.01 13.70 -92.98
C VAL EA 282 -134.47 14.11 -92.88
N GLY EA 283 -135.00 14.16 -91.66
CA GLY EA 283 -136.39 14.53 -91.47
C GLY EA 283 -136.64 15.99 -91.78
N HIS EA 284 -135.69 16.85 -91.42
CA HIS EA 284 -135.81 18.28 -91.67
C HIS EA 284 -135.67 18.58 -93.16
N ALA EA 285 -135.11 17.63 -93.89
CA ALA EA 285 -134.91 17.79 -95.33
C ALA EA 285 -136.25 17.61 -96.04
N VAL EA 286 -136.89 16.47 -95.79
CA VAL EA 286 -138.19 16.17 -96.39
C VAL EA 286 -139.22 17.18 -95.92
N GLY EA 287 -138.91 17.86 -94.82
CA GLY EA 287 -139.82 18.86 -94.28
C GLY EA 287 -139.81 20.16 -95.05
N GLU EA 288 -138.62 20.72 -95.25
CA GLU EA 288 -138.47 21.97 -95.99
C GLU EA 288 -139.22 21.94 -97.32
N THR EA 289 -139.11 20.81 -98.01
CA THR EA 289 -139.78 20.66 -99.31
C THR EA 289 -141.18 20.07 -99.17
N GLY EA 290 -142.06 20.80 -98.48
CA GLY EA 290 -143.42 20.34 -98.29
C GLY EA 290 -144.16 20.31 -99.62
N ASN EA 291 -144.96 19.27 -99.83
CA ASN EA 291 -145.72 19.12 -101.07
C ASN EA 291 -144.80 19.14 -102.29
N GLY EA 292 -143.55 18.72 -102.07
CA GLY EA 292 -142.60 18.67 -103.16
C GLY EA 292 -142.33 17.21 -103.51
N CYS EA 293 -141.14 16.91 -104.01
CA CYS EA 293 -140.81 15.54 -104.36
C CYS EA 293 -139.31 15.27 -104.24
N VAL EA 294 -138.97 14.29 -103.43
CA VAL EA 294 -137.57 13.92 -103.22
C VAL EA 294 -137.16 12.82 -104.20
N ASP EA 295 -136.06 13.04 -104.89
CA ASP EA 295 -135.55 12.06 -105.85
C ASP EA 295 -135.26 10.75 -105.15
N LEU EA 296 -135.63 9.65 -105.77
CA LEU EA 296 -135.41 8.33 -105.19
C LEU EA 296 -133.93 8.03 -104.94
N ARG EA 297 -133.06 8.63 -105.76
CA ARG EA 297 -131.63 8.42 -105.58
C ARG EA 297 -131.22 9.03 -104.26
N TRP EA 298 -131.81 10.18 -103.94
CA TRP EA 298 -131.51 10.88 -102.70
C TRP EA 298 -131.85 10.03 -101.48
N LEU EA 299 -133.05 9.46 -101.49
CA LEU EA 299 -133.51 8.64 -100.39
C LEU EA 299 -132.67 7.37 -100.28
N ALA EA 300 -132.54 6.64 -101.39
CA ALA EA 300 -131.77 5.41 -101.42
C ALA EA 300 -130.39 5.61 -100.81
N LYS EA 301 -129.90 6.84 -100.85
CA LYS EA 301 -128.58 7.15 -100.31
C LYS EA 301 -128.69 7.66 -98.87
N SER EA 302 -129.55 8.64 -98.66
CA SER EA 302 -129.75 9.23 -97.33
C SER EA 302 -130.31 8.21 -96.34
N PHE EA 303 -131.42 7.58 -96.70
CA PHE EA 303 -132.04 6.59 -95.83
C PHE EA 303 -131.17 5.36 -95.60
N PHE EA 304 -130.20 5.16 -96.49
CA PHE EA 304 -129.29 4.02 -96.36
C PHE EA 304 -128.35 4.28 -95.19
N GLU EA 305 -127.73 5.45 -95.19
CA GLU EA 305 -126.81 5.84 -94.13
C GLU EA 305 -127.48 5.75 -92.77
N LEU EA 306 -128.81 5.89 -92.76
CA LEU EA 306 -129.58 5.81 -91.52
C LEU EA 306 -129.76 4.37 -91.08
N THR EA 307 -130.08 3.50 -92.03
CA THR EA 307 -130.28 2.09 -91.72
C THR EA 307 -129.00 1.51 -91.14
N VAL EA 308 -127.89 1.77 -91.81
CA VAL EA 308 -126.58 1.28 -91.37
C VAL EA 308 -126.25 1.90 -90.01
N LEU EA 309 -126.63 3.15 -89.84
CA LEU EA 309 -126.38 3.88 -88.60
C LEU EA 309 -127.16 3.25 -87.44
N LYS EA 310 -128.46 3.01 -87.66
CA LYS EA 310 -129.32 2.42 -86.65
C LYS EA 310 -128.79 1.11 -86.10
N ASP EA 311 -128.20 0.30 -86.97
CA ASP EA 311 -127.67 -0.99 -86.56
C ASP EA 311 -126.49 -0.88 -85.59
N ILE EA 312 -125.49 -0.09 -85.94
CA ILE EA 312 -124.33 0.08 -85.08
C ILE EA 312 -124.75 0.70 -83.75
N ILE EA 313 -125.70 1.62 -83.80
CA ILE EA 313 -126.21 2.27 -82.60
C ILE EA 313 -126.82 1.22 -81.67
N GLY EA 314 -127.41 0.19 -82.26
CA GLY EA 314 -128.03 -0.87 -81.49
C GLY EA 314 -127.04 -1.93 -81.04
N ILE EA 315 -126.15 -2.33 -81.93
CA ILE EA 315 -125.16 -3.34 -81.60
C ILE EA 315 -124.26 -2.86 -80.47
N CYS EA 316 -123.90 -1.58 -80.52
CA CYS EA 316 -123.04 -0.99 -79.50
C CYS EA 316 -123.83 -0.76 -78.22
N TYR EA 317 -124.76 0.20 -78.27
CA TYR EA 317 -125.59 0.52 -77.13
C TYR EA 317 -126.97 -0.08 -77.30
N GLY EA 318 -127.64 -0.37 -76.19
CA GLY EA 318 -128.98 -0.92 -76.28
C GLY EA 318 -129.93 0.20 -76.67
N ALA EA 319 -129.50 1.01 -77.64
CA ALA EA 319 -130.29 2.13 -78.12
C ALA EA 319 -131.32 1.69 -79.15
N THR EA 320 -132.45 2.39 -79.18
CA THR EA 320 -133.52 2.08 -80.12
C THR EA 320 -133.86 3.33 -80.92
N VAL EA 321 -134.45 3.14 -82.09
CA VAL EA 321 -134.84 4.25 -82.96
C VAL EA 321 -136.21 3.96 -83.56
N LYS EA 322 -137.09 4.96 -83.53
CA LYS EA 322 -138.43 4.79 -84.07
C LYS EA 322 -139.06 6.11 -84.48
N GLY EA 323 -139.80 6.08 -85.58
CA GLY EA 323 -140.47 7.26 -86.09
C GLY EA 323 -139.79 7.81 -87.32
N MET EA 324 -139.35 6.91 -88.21
CA MET EA 324 -138.65 7.32 -89.43
C MET EA 324 -138.40 6.20 -90.45
N GLN EA 325 -139.04 5.04 -90.29
CA GLN EA 325 -138.81 3.95 -91.23
C GLN EA 325 -139.62 3.99 -92.52
N SER EA 326 -140.83 4.53 -92.47
CA SER EA 326 -141.67 4.66 -93.66
C SER EA 326 -141.80 3.39 -94.53
N TYR EA 327 -142.77 2.54 -94.20
CA TYR EA 327 -143.02 1.30 -94.93
C TYR EA 327 -143.25 1.53 -96.43
N GLY EA 328 -143.60 2.76 -96.78
CA GLY EA 328 -143.84 3.09 -98.18
C GLY EA 328 -142.55 3.00 -98.97
N LEU EA 329 -141.57 3.82 -98.59
CA LEU EA 329 -140.28 3.85 -99.26
C LEU EA 329 -139.69 2.45 -99.39
N GLU EA 330 -139.99 1.60 -98.41
CA GLU EA 330 -139.47 0.23 -98.41
C GLU EA 330 -140.16 -0.61 -99.47
N ARG EA 331 -141.49 -0.51 -99.54
CA ARG EA 331 -142.25 -1.27 -100.54
C ARG EA 331 -141.84 -0.83 -101.94
N LEU EA 332 -141.66 0.47 -102.11
CA LEU EA 332 -141.26 1.02 -103.40
C LEU EA 332 -139.91 0.46 -103.80
N ALA EA 333 -138.93 0.59 -102.92
CA ALA EA 333 -137.59 0.09 -103.17
C ALA EA 333 -137.63 -1.41 -103.45
N ALA EA 334 -138.40 -2.12 -102.65
CA ALA EA 334 -138.54 -3.57 -102.81
C ALA EA 334 -139.05 -3.92 -104.21
N MET EA 335 -140.15 -3.29 -104.61
CA MET EA 335 -140.72 -3.56 -105.93
C MET EA 335 -139.76 -3.21 -107.05
N LEU EA 336 -139.13 -2.04 -106.96
CA LEU EA 336 -138.20 -1.60 -107.99
C LEU EA 336 -137.11 -2.64 -108.24
N MET EA 337 -136.49 -3.11 -107.15
CA MET EA 337 -135.44 -4.12 -107.25
C MET EA 337 -135.92 -5.41 -107.90
N ALA EA 338 -137.12 -5.83 -107.53
CA ALA EA 338 -137.70 -7.06 -108.06
C ALA EA 338 -137.81 -7.04 -109.58
N THR EA 339 -137.61 -5.86 -110.18
CA THR EA 339 -137.71 -5.72 -111.63
C THR EA 339 -136.38 -5.37 -112.27
N VAL EA 340 -135.35 -6.17 -112.01
CA VAL EA 340 -134.03 -5.92 -112.59
C VAL EA 340 -133.20 -7.18 -112.68
N LYS EA 341 -132.37 -7.27 -113.72
CA LYS EA 341 -131.51 -8.42 -113.93
C LYS EA 341 -130.46 -8.45 -112.83
N MET EA 342 -130.84 -9.02 -111.69
CA MET EA 342 -129.94 -9.11 -110.53
C MET EA 342 -128.65 -9.89 -110.82
N GLU EA 343 -128.80 -11.08 -111.40
CA GLU EA 343 -127.67 -11.93 -111.72
C GLU EA 343 -126.71 -11.29 -112.71
N GLU EA 344 -127.02 -10.07 -113.14
CA GLU EA 344 -126.18 -9.37 -114.11
C GLU EA 344 -125.88 -7.94 -113.65
N LEU EA 345 -126.12 -7.69 -112.38
CA LEU EA 345 -125.88 -6.36 -111.79
C LEU EA 345 -124.41 -5.99 -111.86
N GLY EA 346 -123.54 -6.99 -111.68
CA GLY EA 346 -122.10 -6.73 -111.71
C GLY EA 346 -121.61 -6.17 -113.03
N HIS EA 347 -122.30 -6.50 -114.11
CA HIS EA 347 -121.91 -6.03 -115.44
C HIS EA 347 -122.41 -4.60 -115.69
N LEU EA 348 -123.02 -4.01 -114.67
CA LEU EA 348 -123.54 -2.65 -114.79
C LEU EA 348 -122.48 -1.62 -114.42
N THR EA 349 -122.84 -0.34 -114.50
CA THR EA 349 -121.91 0.74 -114.21
C THR EA 349 -121.72 0.90 -112.70
N THR EA 350 -120.75 1.74 -112.32
CA THR EA 350 -120.43 1.99 -110.92
C THR EA 350 -121.54 2.74 -110.19
N GLU EA 351 -121.82 3.97 -110.63
CA GLU EA 351 -122.86 4.79 -110.01
C GLU EA 351 -124.17 4.02 -109.90
N LYS EA 352 -124.52 3.30 -110.96
CA LYS EA 352 -125.75 2.50 -110.99
C LYS EA 352 -125.66 1.33 -110.04
N GLN EA 353 -124.45 0.81 -109.86
CA GLN EA 353 -124.22 -0.33 -108.99
C GLN EA 353 -124.51 0.03 -107.54
N GLU EA 354 -124.01 1.17 -107.10
CA GLU EA 354 -124.24 1.62 -105.72
C GLU EA 354 -125.75 1.76 -105.52
N TYR EA 355 -126.35 2.69 -106.27
CA TYR EA 355 -127.77 2.95 -106.20
C TYR EA 355 -128.58 1.65 -106.13
N ALA EA 356 -128.15 0.65 -106.88
CA ALA EA 356 -128.82 -0.64 -106.91
C ALA EA 356 -128.76 -1.30 -105.53
N LEU EA 357 -127.56 -1.72 -105.13
CA LEU EA 357 -127.37 -2.34 -103.83
C LEU EA 357 -127.85 -1.44 -102.70
N ARG EA 358 -127.57 -0.15 -102.84
CA ARG EA 358 -127.95 0.85 -101.85
C ARG EA 358 -129.41 0.72 -101.45
N LEU EA 359 -130.31 0.91 -102.41
CA LEU EA 359 -131.74 0.82 -102.14
C LEU EA 359 -132.17 -0.61 -101.83
N ALA EA 360 -131.35 -1.58 -102.26
CA ALA EA 360 -131.65 -2.98 -102.02
C ALA EA 360 -131.67 -3.24 -100.53
N THR EA 361 -130.89 -2.47 -99.78
CA THR EA 361 -130.80 -2.60 -98.33
C THR EA 361 -132.03 -1.97 -97.68
N VAL EA 362 -132.44 -0.81 -98.20
CA VAL EA 362 -133.59 -0.09 -97.68
C VAL EA 362 -134.91 -0.86 -97.80
N GLY EA 363 -135.07 -1.56 -98.91
CA GLY EA 363 -136.31 -2.30 -99.13
C GLY EA 363 -136.31 -3.77 -98.74
N TYR EA 364 -135.14 -4.30 -98.40
CA TYR EA 364 -135.02 -5.70 -97.99
C TYR EA 364 -136.13 -6.15 -97.04
N PRO EA 365 -136.43 -5.36 -96.00
CA PRO EA 365 -137.46 -5.71 -95.02
C PRO EA 365 -138.88 -5.95 -95.56
N LYS EA 366 -139.59 -4.87 -95.85
CA LYS EA 366 -140.97 -4.93 -96.35
C LYS EA 366 -141.28 -5.94 -97.45
N ALA EA 367 -140.29 -6.30 -98.25
CA ALA EA 367 -140.50 -7.26 -99.33
C ALA EA 367 -139.22 -7.90 -99.84
N GLY EA 368 -139.36 -9.01 -100.56
CA GLY EA 368 -138.20 -9.70 -101.09
C GLY EA 368 -137.86 -10.97 -100.33
N VAL EA 369 -138.88 -11.75 -100.00
CA VAL EA 369 -138.66 -13.01 -99.29
C VAL EA 369 -138.24 -14.08 -100.28
N TYR EA 370 -138.45 -13.80 -101.56
CA TYR EA 370 -138.08 -14.71 -102.64
C TYR EA 370 -137.48 -13.95 -103.80
N SER EA 371 -137.01 -12.74 -103.53
CA SER EA 371 -136.40 -11.90 -104.56
C SER EA 371 -134.89 -12.13 -104.55
N GLY EA 372 -134.29 -12.13 -105.72
CA GLY EA 372 -132.86 -12.35 -105.82
C GLY EA 372 -131.99 -11.19 -105.38
N LEU EA 373 -132.25 -10.66 -104.19
CA LEU EA 373 -131.46 -9.55 -103.67
C LEU EA 373 -130.03 -9.96 -103.35
N ILE EA 374 -129.89 -11.01 -102.55
CA ILE EA 374 -128.56 -11.50 -102.18
C ILE EA 374 -127.78 -11.83 -103.45
N GLY EA 375 -128.50 -12.26 -104.48
CA GLY EA 375 -127.87 -12.61 -105.74
C GLY EA 375 -127.14 -11.42 -106.33
N GLY EA 376 -127.83 -10.28 -106.38
CA GLY EA 376 -127.23 -9.08 -106.91
C GLY EA 376 -125.98 -8.69 -106.14
N ALA EA 377 -126.05 -8.83 -104.82
CA ALA EA 377 -124.92 -8.50 -103.95
C ALA EA 377 -123.73 -9.38 -104.28
N THR EA 378 -124.01 -10.57 -104.79
CA THR EA 378 -122.97 -11.52 -105.16
C THR EA 378 -122.35 -11.15 -106.51
N SER EA 379 -123.21 -10.91 -107.50
CA SER EA 379 -122.77 -10.55 -108.84
C SER EA 379 -121.85 -9.33 -108.81
N VAL EA 380 -122.26 -8.30 -108.08
CA VAL EA 380 -121.46 -7.08 -107.97
C VAL EA 380 -120.11 -7.37 -107.35
N LEU EA 381 -120.09 -8.24 -106.34
CA LEU EA 381 -118.86 -8.61 -105.67
C LEU EA 381 -117.97 -9.45 -106.58
N LEU EA 382 -118.58 -10.42 -107.25
CA LEU EA 382 -117.86 -11.30 -108.15
C LEU EA 382 -117.02 -10.49 -109.15
N SER EA 383 -117.65 -9.49 -109.75
CA SER EA 383 -116.97 -8.63 -110.73
C SER EA 383 -115.74 -7.99 -110.09
N ALA EA 384 -115.95 -7.40 -108.91
CA ALA EA 384 -114.87 -6.73 -108.18
C ALA EA 384 -113.65 -7.64 -108.02
N TYR EA 385 -113.89 -8.87 -107.58
CA TYR EA 385 -112.82 -9.84 -107.36
C TYR EA 385 -112.04 -10.19 -108.62
N ASN EA 386 -112.76 -10.55 -109.68
CA ASN EA 386 -112.13 -10.92 -110.95
C ASN EA 386 -111.16 -9.86 -111.48
N ARG EA 387 -111.49 -8.60 -111.26
CA ARG EA 387 -110.66 -7.51 -111.76
C ARG EA 387 -109.38 -7.23 -110.98
N HIS EA 388 -109.24 -7.82 -109.80
CA HIS EA 388 -108.05 -7.59 -108.99
C HIS EA 388 -107.42 -8.84 -108.37
N PRO EA 389 -106.24 -8.68 -107.74
CA PRO EA 389 -105.51 -9.78 -107.11
C PRO EA 389 -105.68 -9.88 -105.58
N LEU EA 390 -106.89 -10.21 -105.13
CA LEU EA 390 -107.16 -10.37 -103.69
C LEU EA 390 -106.83 -9.13 -102.86
N PHE EA 391 -107.35 -7.98 -103.27
CA PHE EA 391 -107.12 -6.72 -102.57
C PHE EA 391 -107.78 -5.60 -103.35
N GLN EA 392 -108.62 -4.83 -102.66
CA GLN EA 392 -109.32 -3.72 -103.30
C GLN EA 392 -108.60 -2.42 -102.94
N PRO EA 393 -108.52 -1.48 -103.90
CA PRO EA 393 -107.86 -0.19 -103.64
C PRO EA 393 -108.36 0.38 -102.32
N LEU EA 394 -107.42 0.81 -101.48
CA LEU EA 394 -107.76 1.37 -100.17
C LEU EA 394 -108.86 2.43 -100.18
N HIS EA 395 -108.94 3.22 -101.24
CA HIS EA 395 -109.95 4.25 -101.34
C HIS EA 395 -110.55 4.34 -102.74
N THR EA 396 -111.05 3.22 -103.23
CA THR EA 396 -111.66 3.16 -104.55
C THR EA 396 -113.16 3.38 -104.45
N VAL EA 397 -113.76 3.84 -105.54
CA VAL EA 397 -115.19 4.10 -105.58
C VAL EA 397 -115.96 2.79 -105.37
N MET EA 398 -115.37 1.69 -105.83
CA MET EA 398 -116.00 0.38 -105.70
C MET EA 398 -115.93 -0.19 -104.28
N ARG EA 399 -114.91 0.22 -103.53
CA ARG EA 399 -114.77 -0.26 -102.16
C ARG EA 399 -116.04 0.10 -101.40
N GLU EA 400 -116.47 1.34 -101.57
CA GLU EA 400 -117.69 1.84 -100.94
C GLU EA 400 -118.87 0.98 -101.33
N THR EA 401 -118.82 0.47 -102.56
CA THR EA 401 -119.88 -0.37 -103.10
C THR EA 401 -120.01 -1.69 -102.35
N LEU EA 402 -118.92 -2.45 -102.27
CA LEU EA 402 -118.93 -3.73 -101.57
C LEU EA 402 -119.42 -3.58 -100.13
N PHE EA 403 -119.18 -2.41 -99.56
CA PHE EA 403 -119.61 -2.14 -98.19
C PHE EA 403 -121.12 -2.07 -98.13
N ILE EA 404 -121.71 -1.38 -99.09
CA ILE EA 404 -123.17 -1.24 -99.15
C ILE EA 404 -123.83 -2.59 -99.36
N GLY EA 405 -123.22 -3.42 -100.20
CA GLY EA 405 -123.77 -4.74 -100.47
C GLY EA 405 -123.66 -5.70 -99.29
N SER EA 406 -122.56 -5.62 -98.56
CA SER EA 406 -122.35 -6.51 -97.41
C SER EA 406 -123.53 -6.49 -96.45
N HIS EA 407 -124.12 -5.31 -96.26
CA HIS EA 407 -125.26 -5.16 -95.37
C HIS EA 407 -126.41 -6.09 -95.71
N VAL EA 408 -126.81 -6.10 -96.98
CA VAL EA 408 -127.92 -6.94 -97.42
C VAL EA 408 -127.55 -8.41 -97.34
N VAL EA 409 -126.25 -8.70 -97.27
CA VAL EA 409 -125.76 -10.06 -97.19
C VAL EA 409 -125.74 -10.53 -95.74
N LEU EA 410 -125.22 -9.67 -94.87
CA LEU EA 410 -125.14 -9.98 -93.44
C LEU EA 410 -126.53 -10.26 -92.91
N ARG EA 411 -127.46 -9.34 -93.20
CA ARG EA 411 -128.84 -9.46 -92.76
C ARG EA 411 -129.37 -10.84 -93.14
N GLU EA 412 -129.06 -11.28 -94.36
CA GLU EA 412 -129.48 -12.58 -94.86
C GLU EA 412 -128.90 -13.70 -93.99
N LEU EA 413 -127.58 -13.63 -93.77
CA LEU EA 413 -126.87 -14.62 -92.97
C LEU EA 413 -127.47 -14.81 -91.58
N ARG EA 414 -127.80 -13.70 -90.93
CA ARG EA 414 -128.37 -13.73 -89.59
C ARG EA 414 -129.65 -14.55 -89.47
N LEU EA 415 -130.37 -14.69 -90.58
CA LEU EA 415 -131.61 -15.46 -90.58
C LEU EA 415 -131.37 -16.96 -90.41
N ASN EA 416 -132.46 -17.71 -90.31
CA ASN EA 416 -132.39 -19.16 -90.14
C ASN EA 416 -132.99 -19.89 -91.33
N VAL EA 417 -133.36 -19.14 -92.36
CA VAL EA 417 -133.94 -19.73 -93.57
C VAL EA 417 -132.84 -19.91 -94.59
N THR EA 418 -132.37 -21.14 -94.77
CA THR EA 418 -131.31 -21.44 -95.72
C THR EA 418 -131.75 -21.20 -97.16
N THR EA 419 -131.78 -19.92 -97.55
CA THR EA 419 -132.16 -19.53 -98.90
C THR EA 419 -130.94 -18.96 -99.60
N GLN EA 420 -130.63 -19.51 -100.78
CA GLN EA 420 -129.49 -19.05 -101.56
C GLN EA 420 -128.21 -19.33 -100.75
N GLY EA 421 -128.25 -20.38 -99.94
CA GLY EA 421 -127.09 -20.73 -99.14
C GLY EA 421 -125.88 -20.89 -100.03
N PRO EA 422 -125.99 -21.64 -101.13
CA PRO EA 422 -124.87 -21.85 -102.06
C PRO EA 422 -124.40 -20.52 -102.64
N ASN EA 423 -125.35 -19.69 -103.05
CA ASN EA 423 -125.05 -18.39 -103.63
C ASN EA 423 -124.45 -17.45 -102.59
N LEU EA 424 -124.83 -17.66 -101.33
CA LEU EA 424 -124.34 -16.84 -100.23
C LEU EA 424 -122.97 -17.34 -99.76
N ALA EA 425 -122.83 -18.65 -99.63
CA ALA EA 425 -121.57 -19.24 -99.20
C ALA EA 425 -120.45 -18.71 -100.07
N LEU EA 426 -120.76 -18.52 -101.35
CA LEU EA 426 -119.79 -18.00 -102.32
C LEU EA 426 -119.28 -16.64 -101.87
N TYR EA 427 -120.20 -15.74 -101.54
CA TYR EA 427 -119.85 -14.40 -101.10
C TYR EA 427 -118.78 -14.47 -100.01
N GLN EA 428 -118.98 -15.38 -99.06
CA GLN EA 428 -118.04 -15.55 -97.96
C GLN EA 428 -116.67 -15.99 -98.49
N LEU EA 429 -116.69 -17.01 -99.35
CA LEU EA 429 -115.46 -17.53 -99.94
C LEU EA 429 -114.65 -16.40 -100.58
N LEU EA 430 -115.29 -15.65 -101.48
CA LEU EA 430 -114.63 -14.55 -102.17
C LEU EA 430 -114.03 -13.56 -101.19
N SER EA 431 -114.87 -13.02 -100.31
CA SER EA 431 -114.40 -12.06 -99.31
C SER EA 431 -113.25 -12.63 -98.50
N THR EA 432 -113.31 -13.93 -98.21
CA THR EA 432 -112.25 -14.59 -97.45
C THR EA 432 -110.94 -14.46 -98.19
N ALA EA 433 -110.95 -14.81 -99.47
CA ALA EA 433 -109.75 -14.72 -100.30
C ALA EA 433 -109.27 -13.27 -100.30
N LEU EA 434 -110.21 -12.34 -100.40
CA LEU EA 434 -109.90 -10.91 -100.41
C LEU EA 434 -109.25 -10.47 -99.10
N CYS EA 435 -109.46 -11.25 -98.04
CA CYS EA 435 -108.86 -10.92 -96.76
C CYS EA 435 -107.43 -11.45 -96.72
N SER EA 436 -106.68 -11.17 -97.79
CA SER EA 436 -105.30 -11.60 -97.92
C SER EA 436 -104.36 -10.77 -97.05
N ALA EA 437 -103.13 -11.24 -96.92
CA ALA EA 437 -102.11 -10.54 -96.12
C ALA EA 437 -101.93 -9.12 -96.63
N LEU EA 438 -102.18 -8.93 -97.93
CA LEU EA 438 -102.05 -7.62 -98.54
C LEU EA 438 -103.18 -6.72 -98.02
N GLU EA 439 -104.39 -7.26 -98.01
CA GLU EA 439 -105.57 -6.55 -97.54
C GLU EA 439 -105.41 -6.18 -96.08
N ILE EA 440 -105.40 -7.21 -95.22
CA ILE EA 440 -105.26 -7.03 -93.79
C ILE EA 440 -104.07 -6.13 -93.47
N GLY EA 441 -103.04 -6.18 -94.29
CA GLY EA 441 -101.86 -5.36 -94.07
C GLY EA 441 -102.14 -3.89 -94.32
N GLU EA 442 -102.67 -3.58 -95.51
CA GLU EA 442 -102.97 -2.20 -95.87
C GLU EA 442 -103.99 -1.56 -94.95
N VAL EA 443 -104.98 -2.33 -94.52
CA VAL EA 443 -106.01 -1.82 -93.62
C VAL EA 443 -105.37 -1.27 -92.36
N LEU EA 444 -104.45 -2.04 -91.78
CA LEU EA 444 -103.75 -1.62 -90.58
C LEU EA 444 -102.98 -0.33 -90.84
N ARG EA 445 -102.19 -0.34 -91.92
CA ARG EA 445 -101.41 0.82 -92.31
C ARG EA 445 -102.27 2.08 -92.24
N GLY EA 446 -103.40 2.05 -92.95
CA GLY EA 446 -104.31 3.18 -92.96
C GLY EA 446 -104.83 3.55 -91.59
N LEU EA 447 -105.18 2.54 -90.80
CA LEU EA 447 -105.70 2.77 -89.45
C LEU EA 447 -104.69 3.53 -88.60
N ALA EA 448 -103.44 3.09 -88.62
CA ALA EA 448 -102.38 3.73 -87.86
C ALA EA 448 -102.15 5.16 -88.32
N LEU EA 449 -102.03 5.35 -89.63
CA LEU EA 449 -101.80 6.68 -90.19
C LEU EA 449 -103.07 7.52 -90.21
N GLY EA 450 -104.18 6.90 -89.80
CA GLY EA 450 -105.45 7.61 -89.76
C GLY EA 450 -106.08 7.99 -91.08
N THR EA 451 -105.70 7.32 -92.16
CA THR EA 451 -106.26 7.62 -93.47
C THR EA 451 -107.53 6.81 -93.69
N GLU EA 452 -107.54 5.59 -93.16
CA GLU EA 452 -108.68 4.70 -93.29
C GLU EA 452 -109.45 4.63 -91.97
N SER EA 453 -110.77 4.75 -92.04
CA SER EA 453 -111.61 4.71 -90.85
C SER EA 453 -111.75 3.28 -90.34
N GLY EA 454 -111.70 2.33 -91.26
CA GLY EA 454 -111.84 0.93 -90.89
C GLY EA 454 -113.30 0.53 -90.84
N LEU EA 455 -114.13 1.28 -91.55
CA LEU EA 455 -115.56 1.02 -91.61
C LEU EA 455 -115.89 -0.30 -92.27
N PHE EA 456 -115.19 -0.63 -93.35
CA PHE EA 456 -115.45 -1.86 -94.07
C PHE EA 456 -114.20 -2.61 -94.54
N SER EA 457 -114.35 -3.92 -94.68
CA SER EA 457 -113.29 -4.81 -95.13
C SER EA 457 -113.91 -6.16 -95.44
N PRO EA 458 -113.47 -6.81 -96.53
CA PRO EA 458 -114.02 -8.11 -96.89
C PRO EA 458 -113.83 -9.17 -95.80
N CYS EA 459 -113.01 -8.83 -94.81
CA CYS EA 459 -112.74 -9.74 -93.71
C CYS EA 459 -113.95 -9.87 -92.79
N TYR EA 460 -114.66 -8.77 -92.60
CA TYR EA 460 -115.83 -8.75 -91.72
C TYR EA 460 -116.88 -9.82 -92.03
N LEU EA 461 -116.78 -10.43 -93.21
CA LEU EA 461 -117.71 -11.47 -93.59
C LEU EA 461 -116.95 -12.71 -94.04
N SER EA 462 -115.62 -12.59 -94.09
CA SER EA 462 -114.77 -13.69 -94.51
C SER EA 462 -114.79 -14.80 -93.47
N LEU EA 463 -114.38 -15.99 -93.88
CA LEU EA 463 -114.34 -17.15 -92.99
C LEU EA 463 -112.91 -17.37 -92.52
N ARG EA 464 -112.20 -16.28 -92.32
CA ARG EA 464 -110.81 -16.34 -91.88
C ARG EA 464 -110.71 -15.96 -90.40
N PHE EA 465 -110.80 -16.97 -89.54
CA PHE EA 465 -110.74 -16.77 -88.09
C PHE EA 465 -109.32 -17.06 -87.59
N ASP EA 466 -108.33 -16.82 -88.46
CA ASP EA 466 -106.93 -17.05 -88.12
C ASP EA 466 -106.26 -15.84 -87.48
N LEU EA 467 -106.67 -14.65 -87.88
CA LEU EA 467 -106.09 -13.42 -87.35
C LEU EA 467 -106.43 -13.14 -85.89
N THR EA 468 -105.40 -13.16 -85.05
CA THR EA 468 -105.55 -12.90 -83.62
C THR EA 468 -104.70 -11.68 -83.27
N ARG EA 469 -104.68 -11.32 -81.99
CA ARG EA 469 -103.90 -10.17 -81.53
C ARG EA 469 -102.48 -10.22 -82.08
N ASP EA 470 -101.81 -11.35 -81.90
CA ASP EA 470 -100.44 -11.52 -82.36
C ASP EA 470 -100.35 -11.70 -83.87
N LYS EA 471 -101.12 -12.65 -84.42
CA LYS EA 471 -101.12 -12.91 -85.85
C LYS EA 471 -101.33 -11.63 -86.65
N LEU EA 472 -102.28 -10.80 -86.20
CA LEU EA 472 -102.57 -9.55 -86.86
C LEU EA 472 -101.36 -8.63 -86.83
N LEU EA 473 -100.66 -8.62 -85.69
CA LEU EA 473 -99.48 -7.79 -85.51
C LEU EA 473 -98.39 -8.22 -86.50
N SER EA 474 -98.51 -9.44 -87.00
CA SER EA 474 -97.54 -9.97 -87.96
C SER EA 474 -97.74 -9.36 -89.34
N MET EA 475 -99.00 -9.31 -89.78
CA MET EA 475 -99.31 -8.74 -91.09
C MET EA 475 -99.03 -7.23 -91.11
N ALA EA 476 -99.01 -6.61 -89.94
CA ALA EA 476 -98.76 -5.18 -89.83
C ALA EA 476 -97.47 -4.80 -90.56
N PRO EA 477 -97.45 -3.64 -91.20
CA PRO EA 477 -96.27 -3.16 -91.93
C PRO EA 477 -95.08 -2.88 -91.04
N GLN EA 478 -93.91 -3.36 -91.45
CA GLN EA 478 -92.67 -3.18 -90.69
C GLN EA 478 -91.92 -1.97 -91.24
N GLU EA 479 -92.15 -0.81 -90.64
CA GLU EA 479 -91.49 0.41 -91.08
C GLU EA 479 -91.30 1.40 -89.92
N ALA EA 480 -90.18 2.10 -89.93
CA ALA EA 480 -89.87 3.08 -88.89
C ALA EA 480 -90.67 4.36 -89.14
N THR EA 481 -91.31 4.43 -90.30
CA THR EA 481 -92.12 5.59 -90.67
C THR EA 481 -93.48 5.53 -89.99
N LEU EA 482 -93.74 4.43 -89.29
CA LEU EA 482 -95.01 4.24 -88.59
C LEU EA 482 -94.78 4.08 -87.08
N ASP EA 483 -95.47 4.90 -86.30
CA ASP EA 483 -95.34 4.86 -84.85
C ASP EA 483 -95.74 3.49 -84.31
N GLN EA 484 -94.74 2.73 -83.85
CA GLN EA 484 -94.97 1.40 -83.30
C GLN EA 484 -96.14 1.38 -82.31
N ALA EA 485 -96.32 2.49 -81.60
CA ALA EA 485 -97.41 2.59 -80.63
C ALA EA 485 -98.74 2.71 -81.36
N ALA EA 486 -98.78 3.61 -82.34
CA ALA EA 486 -100.00 3.83 -83.12
C ALA EA 486 -100.44 2.53 -83.79
N VAL EA 487 -99.47 1.78 -84.29
CA VAL EA 487 -99.75 0.51 -84.96
C VAL EA 487 -100.52 -0.43 -84.03
N SER EA 488 -100.07 -0.54 -82.78
CA SER EA 488 -100.72 -1.42 -81.82
C SER EA 488 -102.21 -1.11 -81.69
N ASN EA 489 -102.54 0.17 -81.58
CA ASN EA 489 -103.93 0.59 -81.46
C ASN EA 489 -104.74 0.11 -82.66
N ALA EA 490 -104.16 0.27 -83.85
CA ALA EA 490 -104.81 -0.16 -85.08
C ALA EA 490 -105.12 -1.65 -85.03
N VAL EA 491 -104.10 -2.45 -84.72
CA VAL EA 491 -104.26 -3.89 -84.63
C VAL EA 491 -105.37 -4.23 -83.64
N ASP EA 492 -105.35 -3.56 -82.49
CA ASP EA 492 -106.37 -3.77 -81.46
C ASP EA 492 -107.75 -3.37 -81.99
N GLY EA 493 -107.82 -2.19 -82.58
CA GLY EA 493 -109.08 -1.70 -83.11
C GLY EA 493 -109.68 -2.66 -84.12
N PHE EA 494 -108.88 -3.07 -85.10
CA PHE EA 494 -109.35 -3.99 -86.12
C PHE EA 494 -109.92 -5.25 -85.48
N LEU EA 495 -109.14 -5.86 -84.60
CA LEU EA 495 -109.55 -7.07 -83.90
C LEU EA 495 -110.89 -6.85 -83.21
N GLY EA 496 -111.08 -5.65 -82.67
CA GLY EA 496 -112.30 -5.32 -81.97
C GLY EA 496 -113.54 -5.28 -82.86
N ARG EA 497 -113.50 -4.46 -83.89
CA ARG EA 497 -114.64 -4.34 -84.81
C ARG EA 497 -114.89 -5.67 -85.53
N LEU EA 498 -113.87 -6.50 -85.59
CA LEU EA 498 -113.99 -7.79 -86.26
C LEU EA 498 -114.82 -8.76 -85.41
N SER EA 499 -114.65 -8.69 -84.10
CA SER EA 499 -115.38 -9.56 -83.18
C SER EA 499 -116.81 -9.09 -82.98
N LEU EA 500 -117.11 -7.88 -83.44
CA LEU EA 500 -118.45 -7.32 -83.30
C LEU EA 500 -119.24 -7.41 -84.60
N GLU EA 501 -118.59 -7.08 -85.71
CA GLU EA 501 -119.23 -7.12 -87.01
C GLU EA 501 -119.49 -8.58 -87.40
N ARG EA 502 -118.58 -9.46 -87.02
CA ARG EA 502 -118.71 -10.88 -87.32
C ARG EA 502 -119.14 -11.67 -86.10
N GLU EA 503 -120.08 -12.58 -86.30
CA GLU EA 503 -120.61 -13.43 -85.23
C GLU EA 503 -120.11 -14.87 -85.34
N ASP EA 504 -120.80 -15.78 -84.66
CA ASP EA 504 -120.45 -17.20 -84.70
C ASP EA 504 -121.42 -17.92 -85.63
N ARG EA 505 -122.62 -17.35 -85.76
CA ARG EA 505 -123.64 -17.93 -86.63
C ARG EA 505 -123.48 -17.42 -88.05
N ASP EA 506 -122.56 -16.47 -88.22
CA ASP EA 506 -122.28 -15.89 -89.53
C ASP EA 506 -121.85 -16.95 -90.53
N ALA EA 507 -121.75 -18.20 -90.07
CA ALA EA 507 -121.34 -19.29 -90.95
C ALA EA 507 -121.97 -20.63 -90.60
N TRP EA 508 -123.16 -20.59 -90.01
CA TRP EA 508 -123.88 -21.82 -89.65
C TRP EA 508 -124.43 -22.46 -90.91
N HIS EA 509 -125.03 -21.62 -91.76
CA HIS EA 509 -125.61 -22.09 -93.02
C HIS EA 509 -124.63 -22.93 -93.82
N LEU EA 510 -123.35 -22.86 -93.45
CA LEU EA 510 -122.32 -23.64 -94.13
C LEU EA 510 -122.45 -25.11 -93.76
N PRO EA 511 -122.56 -25.98 -94.78
CA PRO EA 511 -122.70 -27.43 -94.61
C PRO EA 511 -121.62 -28.13 -93.79
N ALA EA 512 -120.36 -27.83 -94.07
CA ALA EA 512 -119.24 -28.46 -93.38
C ALA EA 512 -119.10 -28.11 -91.90
N TYR EA 513 -119.68 -26.99 -91.49
CA TYR EA 513 -119.59 -26.54 -90.09
C TYR EA 513 -119.87 -27.66 -89.09
N LYS EA 514 -120.93 -28.42 -89.33
CA LYS EA 514 -121.35 -29.51 -88.44
C LYS EA 514 -120.28 -30.57 -88.22
N CYS EA 515 -119.15 -30.44 -88.91
CA CYS EA 515 -118.08 -31.43 -88.80
C CYS EA 515 -116.88 -31.08 -87.94
N VAL EA 516 -116.91 -29.95 -87.26
CA VAL EA 516 -115.77 -29.56 -86.44
C VAL EA 516 -115.98 -29.68 -84.93
N ASP EA 517 -115.23 -30.59 -84.31
CA ASP EA 517 -115.32 -30.80 -82.87
C ASP EA 517 -114.74 -29.58 -82.15
N ARG EA 518 -113.42 -29.47 -82.12
CA ARG EA 518 -112.77 -28.33 -81.49
C ARG EA 518 -112.71 -27.19 -82.50
N LEU EA 519 -113.84 -26.52 -82.67
CA LEU EA 519 -113.95 -25.41 -83.62
C LEU EA 519 -113.16 -24.17 -83.22
N ASP EA 520 -112.75 -24.09 -81.95
CA ASP EA 520 -112.01 -22.94 -81.47
C ASP EA 520 -110.58 -22.91 -82.03
N LYS EA 521 -110.08 -24.06 -82.44
CA LYS EA 521 -108.74 -24.15 -83.00
C LYS EA 521 -108.78 -24.16 -84.52
N VAL EA 522 -109.83 -23.55 -85.07
CA VAL EA 522 -110.00 -23.47 -86.52
C VAL EA 522 -109.44 -22.16 -87.04
N LEU EA 523 -108.47 -22.24 -87.94
CA LEU EA 523 -107.85 -21.05 -88.50
C LEU EA 523 -108.74 -20.42 -89.56
N MET EA 524 -109.15 -21.21 -90.55
CA MET EA 524 -110.02 -20.71 -91.60
C MET EA 524 -110.62 -21.84 -92.43
N ILE EA 525 -111.87 -21.63 -92.87
CA ILE EA 525 -112.57 -22.62 -93.67
C ILE EA 525 -112.75 -22.10 -95.10
N ILE EA 526 -112.47 -22.96 -96.08
CA ILE EA 526 -112.59 -22.58 -97.47
C ILE EA 526 -113.69 -23.36 -98.19
N PRO EA 527 -114.88 -22.76 -98.31
CA PRO EA 527 -116.01 -23.41 -98.98
C PRO EA 527 -115.76 -23.52 -100.48
N LEU EA 528 -115.61 -24.74 -100.97
CA LEU EA 528 -115.37 -24.96 -102.39
C LEU EA 528 -116.63 -25.46 -103.09
N ILE EA 529 -116.50 -25.75 -104.38
CA ILE EA 529 -117.61 -26.22 -105.20
C ILE EA 529 -118.14 -27.58 -104.76
N ASN EA 530 -117.32 -28.62 -104.90
CA ASN EA 530 -117.73 -29.97 -104.51
C ASN EA 530 -117.27 -30.37 -103.10
N VAL EA 531 -116.45 -29.54 -102.49
CA VAL EA 531 -115.95 -29.82 -101.14
C VAL EA 531 -115.74 -28.54 -100.36
N THR EA 532 -115.24 -28.68 -99.13
CA THR EA 532 -114.98 -27.53 -98.26
C THR EA 532 -113.80 -27.85 -97.35
N PHE EA 533 -112.73 -27.07 -97.49
CA PHE EA 533 -111.52 -27.26 -96.69
C PHE EA 533 -111.56 -26.56 -95.35
N ILE EA 534 -111.05 -27.24 -94.33
CA ILE EA 534 -111.01 -26.70 -92.98
C ILE EA 534 -109.58 -26.69 -92.45
N ILE EA 535 -108.96 -25.50 -92.44
CA ILE EA 535 -107.61 -25.36 -91.94
C ILE EA 535 -107.68 -25.11 -90.44
N SER EA 536 -107.02 -25.96 -89.67
CA SER EA 536 -107.03 -25.81 -88.21
C SER EA 536 -105.78 -26.39 -87.56
N SER EA 537 -105.64 -26.15 -86.27
CA SER EA 537 -104.49 -26.64 -85.51
C SER EA 537 -104.87 -27.89 -84.73
N ASP EA 538 -105.92 -28.56 -85.21
CA ASP EA 538 -106.39 -29.79 -84.57
C ASP EA 538 -106.80 -30.81 -85.62
N ARG EA 539 -106.43 -32.06 -85.39
CA ARG EA 539 -106.75 -33.15 -86.30
C ARG EA 539 -108.07 -33.79 -85.88
N GLU EA 540 -108.92 -33.01 -85.22
CA GLU EA 540 -110.22 -33.49 -84.75
C GLU EA 540 -111.32 -33.40 -85.80
N VAL EA 541 -111.17 -32.52 -86.77
CA VAL EA 541 -112.18 -32.37 -87.81
C VAL EA 541 -112.41 -33.74 -88.45
N ARG EA 542 -113.69 -34.09 -88.63
CA ARG EA 542 -114.03 -35.39 -89.22
C ARG EA 542 -114.36 -35.32 -90.71
N GLY EA 543 -113.40 -34.87 -91.50
CA GLY EA 543 -113.62 -34.77 -92.94
C GLY EA 543 -113.43 -36.09 -93.66
N SER EA 544 -112.61 -36.08 -94.71
CA SER EA 544 -112.33 -37.28 -95.49
C SER EA 544 -110.89 -37.73 -95.35
N ALA EA 545 -110.00 -36.76 -95.14
CA ALA EA 545 -108.59 -37.05 -94.98
C ALA EA 545 -107.92 -35.96 -94.14
N LEU EA 546 -106.72 -36.25 -93.67
CA LEU EA 546 -105.99 -35.29 -92.85
C LEU EA 546 -104.65 -34.93 -93.49
N TYR EA 547 -104.43 -33.64 -93.67
CA TYR EA 547 -103.19 -33.14 -94.26
C TYR EA 547 -102.44 -32.32 -93.22
N GLU EA 548 -101.12 -32.33 -93.31
CA GLU EA 548 -100.29 -31.58 -92.38
C GLU EA 548 -99.08 -30.96 -93.07
N ALA EA 549 -98.90 -29.66 -92.88
CA ALA EA 549 -97.78 -28.94 -93.48
C ALA EA 549 -96.49 -29.36 -92.78
N SER EA 550 -95.36 -29.13 -93.44
CA SER EA 550 -94.06 -29.49 -92.88
C SER EA 550 -93.62 -28.58 -91.75
N THR EA 551 -94.18 -27.37 -91.71
CA THR EA 551 -93.82 -26.39 -90.68
C THR EA 551 -94.35 -26.72 -89.29
N THR EA 552 -93.49 -26.53 -88.29
CA THR EA 552 -93.85 -26.78 -86.89
C THR EA 552 -93.43 -25.56 -86.07
N TYR EA 553 -93.07 -24.50 -86.77
CA TYR EA 553 -92.66 -23.24 -86.15
C TYR EA 553 -93.76 -22.69 -85.27
N LEU EA 554 -94.99 -22.80 -85.74
CA LEU EA 554 -96.13 -22.30 -84.99
C LEU EA 554 -96.26 -23.03 -83.67
N SER EA 555 -97.14 -22.52 -82.80
CA SER EA 555 -97.38 -23.12 -81.50
C SER EA 555 -97.79 -24.58 -81.70
N SER EA 556 -98.85 -24.76 -82.47
CA SER EA 556 -99.37 -26.09 -82.77
C SER EA 556 -99.05 -26.46 -84.22
N SER EA 557 -99.77 -27.43 -84.76
CA SER EA 557 -99.56 -27.86 -86.13
C SER EA 557 -100.54 -27.23 -87.11
N LEU EA 558 -100.25 -27.36 -88.40
CA LEU EA 558 -101.10 -26.80 -89.45
C LEU EA 558 -101.77 -27.95 -90.20
N PHE EA 559 -103.04 -28.20 -89.89
CA PHE EA 559 -103.79 -29.27 -90.52
C PHE EA 559 -104.75 -28.78 -91.61
N LEU EA 560 -105.09 -29.69 -92.52
CA LEU EA 560 -106.00 -29.39 -93.63
C LEU EA 560 -107.04 -30.50 -93.75
N SER EA 561 -108.25 -30.23 -93.26
CA SER EA 561 -109.33 -31.22 -93.31
C SER EA 561 -110.37 -30.89 -94.38
N PRO EA 562 -110.44 -31.72 -95.43
CA PRO EA 562 -111.40 -31.52 -96.52
C PRO EA 562 -112.66 -32.37 -96.36
N VAL EA 563 -113.82 -31.73 -96.43
CA VAL EA 563 -115.09 -32.43 -96.32
C VAL EA 563 -115.65 -32.65 -97.72
N ILE EA 564 -115.47 -33.86 -98.25
CA ILE EA 564 -115.95 -34.17 -99.59
C ILE EA 564 -117.47 -34.24 -99.63
N MET EA 565 -118.06 -33.65 -100.67
CA MET EA 565 -119.50 -33.64 -100.85
C MET EA 565 -120.20 -33.05 -99.62
N ASN EA 566 -119.54 -32.10 -98.97
CA ASN EA 566 -120.06 -31.43 -97.79
C ASN EA 566 -120.73 -32.33 -96.76
N LYS EA 567 -120.37 -33.60 -96.74
CA LYS EA 567 -120.93 -34.53 -95.77
C LYS EA 567 -119.75 -35.23 -95.12
N CYS EA 568 -119.72 -35.23 -93.79
CA CYS EA 568 -118.63 -35.86 -93.07
C CYS EA 568 -118.88 -37.25 -92.53
N SER EA 569 -117.81 -38.01 -92.41
CA SER EA 569 -117.86 -39.37 -91.91
C SER EA 569 -117.67 -39.35 -90.39
N GLN EA 570 -118.08 -40.43 -89.74
CA GLN EA 570 -117.96 -40.55 -88.29
C GLN EA 570 -116.53 -40.81 -87.84
N GLY EA 571 -116.03 -39.94 -86.96
CA GLY EA 571 -114.68 -40.09 -86.45
C GLY EA 571 -113.63 -39.46 -87.35
N ALA EA 572 -112.52 -39.04 -86.77
CA ALA EA 572 -111.44 -38.42 -87.51
C ALA EA 572 -110.61 -39.47 -88.25
N VAL EA 573 -109.65 -39.01 -89.04
CA VAL EA 573 -108.78 -39.89 -89.81
C VAL EA 573 -107.92 -40.76 -88.90
N ALA EA 574 -107.39 -41.85 -89.46
CA ALA EA 574 -106.54 -42.75 -88.71
C ALA EA 574 -105.26 -42.03 -88.28
N GLY EA 575 -104.41 -42.74 -87.54
CA GLY EA 575 -103.17 -42.15 -87.08
C GLY EA 575 -102.29 -41.74 -88.25
N GLU EA 576 -101.33 -40.85 -87.99
CA GLU EA 576 -100.38 -40.38 -89.01
C GLU EA 576 -101.07 -39.65 -90.15
N PRO EA 577 -100.88 -38.33 -90.22
CA PRO EA 577 -101.50 -37.54 -91.29
C PRO EA 577 -100.82 -37.77 -92.64
N ARG EA 578 -101.52 -37.44 -93.72
CA ARG EA 578 -100.99 -37.60 -95.06
C ARG EA 578 -100.12 -36.37 -95.32
N GLN EA 579 -98.91 -36.58 -95.84
CA GLN EA 579 -98.00 -35.48 -96.09
C GLN EA 579 -98.26 -34.80 -97.43
N ILE EA 580 -98.16 -33.47 -97.45
CA ILE EA 580 -98.39 -32.69 -98.65
C ILE EA 580 -97.26 -32.91 -99.66
N PRO EA 581 -97.57 -33.52 -100.81
CA PRO EA 581 -96.58 -33.79 -101.85
C PRO EA 581 -96.13 -32.49 -102.54
N LYS EA 582 -94.85 -32.43 -102.91
CA LYS EA 582 -94.32 -31.26 -103.58
C LYS EA 582 -94.35 -31.46 -105.09
N ILE EA 583 -94.77 -30.43 -105.81
CA ILE EA 583 -94.88 -30.52 -107.26
C ILE EA 583 -94.19 -29.37 -108.00
N GLN EA 584 -93.53 -29.71 -109.12
CA GLN EA 584 -92.84 -28.74 -109.94
C GLN EA 584 -93.19 -28.97 -111.41
N ASN EA 585 -94.13 -29.88 -111.64
CA ASN EA 585 -94.56 -30.22 -112.99
C ASN EA 585 -95.16 -29.05 -113.79
N PHE EA 586 -96.30 -28.56 -113.34
CA PHE EA 586 -96.99 -27.46 -114.03
C PHE EA 586 -96.07 -26.33 -114.49
N THR EA 587 -96.35 -25.82 -115.70
CA THR EA 587 -95.57 -24.73 -116.27
C THR EA 587 -96.36 -23.43 -116.09
N ARG EA 588 -95.66 -22.31 -116.08
CA ARG EA 588 -96.30 -21.01 -115.89
C ARG EA 588 -97.40 -20.73 -116.91
N THR EA 589 -97.01 -20.52 -118.16
CA THR EA 589 -97.97 -20.24 -119.22
C THR EA 589 -98.99 -21.36 -119.30
N GLN EA 590 -100.27 -21.01 -119.27
CA GLN EA 590 -101.34 -21.99 -119.33
C GLN EA 590 -102.44 -21.62 -120.32
N LYS EA 591 -102.79 -22.58 -121.18
CA LYS EA 591 -103.83 -22.37 -122.19
C LYS EA 591 -105.20 -22.28 -121.52
N SER EA 592 -105.67 -23.40 -121.00
CA SER EA 592 -106.97 -23.44 -120.35
C SER EA 592 -106.89 -23.17 -118.85
N CYS EA 593 -108.05 -23.20 -118.20
CA CYS EA 593 -108.17 -22.93 -116.77
C CYS EA 593 -107.98 -24.23 -115.97
N ILE EA 594 -106.73 -24.58 -115.71
CA ILE EA 594 -106.42 -25.80 -114.94
C ILE EA 594 -106.95 -25.68 -113.52
N PHE EA 595 -106.38 -24.75 -112.76
CA PHE EA 595 -106.78 -24.53 -111.37
C PHE EA 595 -107.99 -23.59 -111.37
N CYS EA 596 -109.12 -24.08 -111.85
CA CYS EA 596 -110.32 -23.27 -111.92
C CYS EA 596 -111.13 -23.32 -110.63
N GLY EA 597 -111.90 -24.39 -110.44
CA GLY EA 597 -112.69 -24.50 -109.24
C GLY EA 597 -111.84 -24.76 -108.00
N PHE EA 598 -110.53 -24.54 -108.13
CA PHE EA 598 -109.61 -24.76 -107.03
C PHE EA 598 -109.31 -23.49 -106.26
N ALA EA 599 -108.45 -23.59 -105.26
CA ALA EA 599 -108.07 -22.45 -104.43
C ALA EA 599 -106.61 -22.54 -104.02
N LEU EA 600 -105.98 -21.39 -103.82
CA LEU EA 600 -104.59 -21.33 -103.41
C LEU EA 600 -104.46 -20.85 -101.97
N LEU EA 601 -103.52 -21.43 -101.23
CA LEU EA 601 -103.31 -21.06 -99.85
C LEU EA 601 -101.81 -20.99 -99.54
N SER EA 602 -101.33 -19.79 -99.26
CA SER EA 602 -99.92 -19.59 -98.95
C SER EA 602 -99.76 -19.34 -97.47
N TYR EA 603 -98.77 -19.99 -96.87
CA TYR EA 603 -98.53 -19.84 -95.44
C TYR EA 603 -97.05 -19.59 -95.18
N ASP EA 604 -96.75 -18.75 -94.20
CA ASP EA 604 -95.37 -18.47 -93.85
C ASP EA 604 -94.95 -19.50 -92.82
N GLU EA 605 -93.74 -20.00 -92.94
CA GLU EA 605 -93.21 -21.01 -92.03
C GLU EA 605 -93.26 -20.51 -90.58
N LYS EA 606 -92.81 -19.28 -90.36
CA LYS EA 606 -92.79 -18.69 -89.03
C LYS EA 606 -94.18 -18.23 -88.59
N GLU EA 607 -94.80 -17.33 -89.35
CA GLU EA 607 -96.13 -16.85 -89.00
C GLU EA 607 -97.23 -17.81 -89.45
N GLY EA 608 -98.48 -17.41 -89.22
CA GLY EA 608 -99.61 -18.25 -89.59
C GLY EA 608 -99.87 -18.29 -91.10
N LEU EA 609 -101.14 -18.18 -91.47
CA LEU EA 609 -101.53 -18.20 -92.88
C LEU EA 609 -101.46 -16.81 -93.49
N GLU EA 610 -100.83 -16.72 -94.66
CA GLU EA 610 -100.68 -15.44 -95.35
C GLU EA 610 -101.91 -15.03 -96.17
N THR EA 611 -101.97 -15.50 -97.41
CA THR EA 611 -103.09 -15.17 -98.30
C THR EA 611 -103.69 -16.40 -98.97
N THR EA 612 -105.00 -16.30 -99.25
CA THR EA 612 -105.71 -17.39 -99.92
C THR EA 612 -106.37 -16.86 -101.18
N THR EA 613 -106.44 -17.68 -102.21
CA THR EA 613 -107.02 -17.26 -103.48
C THR EA 613 -107.93 -18.30 -104.13
N TYR EA 614 -109.07 -17.84 -104.63
CA TYR EA 614 -110.02 -18.71 -105.31
C TYR EA 614 -110.04 -18.25 -106.76
N ILE EA 615 -109.49 -19.07 -107.64
CA ILE EA 615 -109.42 -18.73 -109.07
C ILE EA 615 -110.80 -18.88 -109.71
N THR EA 616 -111.58 -17.81 -109.68
CA THR EA 616 -112.92 -17.81 -110.25
C THR EA 616 -112.93 -18.22 -111.72
N SER EA 617 -112.21 -17.47 -112.55
CA SER EA 617 -112.17 -17.77 -113.98
C SER EA 617 -110.78 -17.69 -114.60
N GLN EA 618 -110.72 -17.93 -115.90
CA GLN EA 618 -109.48 -17.91 -116.67
C GLN EA 618 -108.67 -16.64 -116.44
N GLU EA 619 -109.30 -15.49 -116.68
CA GLU EA 619 -108.63 -14.20 -116.50
C GLU EA 619 -107.86 -14.12 -115.19
N VAL EA 620 -108.45 -14.63 -114.12
CA VAL EA 620 -107.82 -14.60 -112.81
C VAL EA 620 -106.56 -15.47 -112.75
N GLN EA 621 -106.65 -16.69 -113.24
CA GLN EA 621 -105.51 -17.60 -113.23
C GLN EA 621 -104.31 -16.99 -113.93
N ASN EA 622 -104.58 -16.25 -115.01
CA ASN EA 622 -103.52 -15.60 -115.76
C ASN EA 622 -102.90 -14.47 -114.95
N SER EA 623 -103.76 -13.68 -114.30
CA SER EA 623 -103.31 -12.56 -113.49
C SER EA 623 -102.64 -13.03 -112.19
N ILE EA 624 -102.28 -14.31 -112.15
CA ILE EA 624 -101.63 -14.88 -110.97
C ILE EA 624 -100.32 -15.56 -111.37
N LEU EA 625 -100.37 -16.32 -112.46
CA LEU EA 625 -99.19 -17.02 -112.94
C LEU EA 625 -98.28 -16.05 -113.69
N SER EA 626 -98.85 -14.94 -114.13
CA SER EA 626 -98.09 -13.91 -114.85
C SER EA 626 -97.44 -12.98 -113.84
N SER EA 627 -98.23 -12.53 -112.87
CA SER EA 627 -97.73 -11.63 -111.83
C SER EA 627 -96.77 -12.40 -110.93
N ASN EA 628 -96.23 -11.71 -109.93
CA ASN EA 628 -95.30 -12.33 -109.00
C ASN EA 628 -95.99 -12.86 -107.76
N TYR EA 629 -97.17 -13.46 -107.95
CA TYR EA 629 -97.93 -14.01 -106.83
C TYR EA 629 -97.09 -15.09 -106.15
N PHE EA 630 -96.29 -15.77 -106.94
CA PHE EA 630 -95.42 -16.84 -106.45
C PHE EA 630 -94.00 -16.34 -106.19
N ASP EA 631 -93.34 -17.01 -105.25
CA ASP EA 631 -91.96 -16.66 -104.90
C ASP EA 631 -91.30 -17.88 -104.27
N PHE EA 632 -91.02 -18.87 -105.10
CA PHE EA 632 -90.39 -20.12 -104.65
C PHE EA 632 -88.98 -19.86 -104.14
N ASP EA 633 -88.45 -18.69 -104.48
CA ASP EA 633 -87.11 -18.31 -104.05
C ASP EA 633 -87.16 -17.75 -102.64
N ASN EA 634 -88.05 -18.32 -101.83
CA ASN EA 634 -88.24 -17.93 -100.44
C ASN EA 634 -88.61 -19.18 -99.65
N LEU EA 635 -87.64 -19.72 -98.93
CA LEU EA 635 -87.86 -20.94 -98.14
C LEU EA 635 -88.92 -20.76 -97.07
N HIS EA 636 -89.10 -19.54 -96.59
CA HIS EA 636 -90.07 -19.26 -95.54
C HIS EA 636 -91.52 -19.40 -96.00
N VAL EA 637 -91.82 -19.01 -97.23
CA VAL EA 637 -93.18 -19.11 -97.74
C VAL EA 637 -93.43 -20.34 -98.60
N HIS EA 638 -94.59 -20.95 -98.40
CA HIS EA 638 -94.99 -22.13 -99.16
C HIS EA 638 -96.33 -21.85 -99.83
N TYR EA 639 -96.60 -22.54 -100.93
CA TYR EA 639 -97.84 -22.35 -101.66
C TYR EA 639 -98.60 -23.66 -101.83
N LEU EA 640 -99.81 -23.72 -101.28
CA LEU EA 640 -100.64 -24.91 -101.39
C LEU EA 640 -101.77 -24.76 -102.38
N LEU EA 641 -102.24 -25.89 -102.90
CA LEU EA 641 -103.33 -25.91 -103.87
C LEU EA 641 -104.41 -26.89 -103.45
N LEU EA 642 -105.60 -26.35 -103.17
CA LEU EA 642 -106.73 -27.18 -102.76
C LEU EA 642 -107.63 -27.37 -103.98
N THR EA 643 -107.85 -28.62 -104.36
CA THR EA 643 -108.68 -28.93 -105.52
C THR EA 643 -110.12 -29.28 -105.17
N THR EA 644 -110.91 -29.54 -106.20
CA THR EA 644 -112.31 -29.92 -106.00
C THR EA 644 -112.33 -31.24 -105.26
N ASN EA 645 -111.22 -31.96 -105.34
CA ASN EA 645 -111.08 -33.24 -104.66
C ASN EA 645 -110.38 -32.94 -103.33
N GLY EA 646 -110.57 -33.81 -102.35
CA GLY EA 646 -109.96 -33.60 -101.05
C GLY EA 646 -108.44 -33.73 -101.08
N THR EA 647 -107.84 -33.43 -102.23
CA THR EA 647 -106.40 -33.51 -102.38
C THR EA 647 -105.73 -32.15 -102.19
N VAL EA 648 -104.51 -32.17 -101.68
CA VAL EA 648 -103.74 -30.95 -101.46
C VAL EA 648 -102.31 -31.15 -101.95
N MET EA 649 -101.70 -30.09 -102.47
CA MET EA 649 -100.35 -30.17 -102.98
C MET EA 649 -99.61 -28.84 -102.91
N GLU EA 650 -98.29 -28.91 -102.74
CA GLU EA 650 -97.45 -27.72 -102.66
C GLU EA 650 -96.86 -27.42 -104.04
N ILE EA 651 -96.64 -26.14 -104.31
CA ILE EA 651 -96.09 -25.74 -105.61
C ILE EA 651 -94.69 -25.14 -105.46
N ALA EA 652 -93.78 -25.53 -106.36
CA ALA EA 652 -92.41 -25.03 -106.30
C ALA EA 652 -91.73 -24.99 -107.68
N GLY EA 653 -92.37 -24.33 -108.64
CA GLY EA 653 -91.81 -24.23 -109.96
C GLY EA 653 -92.81 -24.44 -111.07
N TRP FA 1 -151.37 56.71 -69.85
CA TRP FA 1 -150.01 56.15 -70.03
C TRP FA 1 -150.10 54.63 -69.91
N ALA FA 2 -150.41 54.15 -68.71
CA ALA FA 2 -150.53 52.71 -68.48
C ALA FA 2 -151.74 52.43 -67.61
N TYR FA 3 -151.55 51.61 -66.58
CA TYR FA 3 -152.62 51.24 -65.67
C TYR FA 3 -152.05 51.07 -64.27
N PRO FA 4 -152.91 50.92 -63.26
CA PRO FA 4 -152.46 50.75 -61.88
C PRO FA 4 -151.46 49.61 -61.70
N CYS FA 5 -150.59 49.75 -60.73
CA CYS FA 5 -149.58 48.74 -60.43
C CYS FA 5 -150.12 48.02 -59.19
N CYS FA 6 -149.43 46.99 -58.69
CA CYS FA 6 -149.97 46.28 -57.53
C CYS FA 6 -148.95 45.51 -56.69
N HIS FA 7 -149.48 44.53 -55.95
CA HIS FA 7 -148.70 43.65 -55.10
C HIS FA 7 -149.00 42.21 -55.51
N VAL FA 8 -148.64 41.86 -56.75
CA VAL FA 8 -148.89 40.52 -57.28
C VAL FA 8 -148.63 39.36 -56.32
N THR FA 9 -149.56 38.42 -56.31
CA THR FA 9 -149.52 37.23 -55.48
C THR FA 9 -150.41 36.16 -56.10
N GLN FA 10 -150.11 34.90 -55.86
CA GLN FA 10 -150.88 33.79 -56.41
C GLN FA 10 -152.28 33.63 -55.83
N LEU FA 11 -153.13 32.90 -56.56
CA LEU FA 11 -154.49 32.65 -56.14
C LEU FA 11 -154.49 31.76 -54.90
N ARG FA 12 -155.58 31.79 -54.14
CA ARG FA 12 -155.69 31.00 -52.93
C ARG FA 12 -156.53 29.74 -53.12
N ALA FA 13 -155.98 28.78 -53.86
CA ALA FA 13 -156.65 27.50 -54.14
C ALA FA 13 -157.92 27.66 -54.99
N GLN FA 14 -158.68 28.71 -54.71
CA GLN FA 14 -159.91 28.99 -55.44
C GLN FA 14 -159.68 29.06 -56.94
N HIS FA 15 -160.75 28.94 -57.71
CA HIS FA 15 -160.63 28.98 -59.16
C HIS FA 15 -160.09 30.33 -59.61
N LEU FA 16 -158.83 30.34 -60.04
CA LEU FA 16 -158.17 31.56 -60.49
C LEU FA 16 -158.86 32.14 -61.72
N LEU FA 17 -158.61 33.42 -61.98
CA LEU FA 17 -159.20 34.09 -63.13
C LEU FA 17 -158.80 33.39 -64.42
N ALA FA 18 -159.58 32.38 -64.79
CA ALA FA 18 -159.33 31.63 -66.02
C ALA FA 18 -159.96 32.39 -67.17
N LEU FA 19 -159.51 32.13 -68.39
CA LEU FA 19 -160.06 32.81 -69.55
C LEU FA 19 -161.52 32.45 -69.74
N GLU FA 20 -162.02 31.53 -68.90
CA GLU FA 20 -163.40 31.10 -68.99
C GLU FA 20 -164.36 32.15 -68.46
N ASN FA 21 -163.86 33.06 -67.62
CA ASN FA 21 -164.71 34.11 -67.05
C ASN FA 21 -164.15 35.50 -67.28
N ILE FA 22 -162.89 35.59 -67.71
CA ILE FA 22 -162.24 36.88 -67.96
C ILE FA 22 -162.55 37.43 -69.35
N SER FA 23 -162.29 38.72 -69.55
CA SER FA 23 -162.54 39.36 -70.84
C SER FA 23 -161.88 40.74 -71.03
N ASP FA 24 -160.94 41.09 -70.17
CA ASP FA 24 -160.21 42.36 -70.26
C ASP FA 24 -158.86 42.23 -69.56
N ILE FA 25 -157.81 42.68 -70.22
CA ILE FA 25 -156.47 42.61 -69.66
C ILE FA 25 -155.64 43.85 -69.97
N TYR FA 26 -155.30 44.60 -68.92
CA TYR FA 26 -154.53 45.82 -69.07
C TYR FA 26 -153.04 45.56 -68.78
N LEU FA 27 -152.19 46.00 -69.69
CA LEU FA 27 -150.75 45.81 -69.55
C LEU FA 27 -150.00 47.14 -69.35
N VAL FA 28 -148.80 47.06 -68.80
CA VAL FA 28 -147.99 48.25 -68.54
C VAL FA 28 -146.78 48.38 -69.46
N SER FA 29 -146.08 49.50 -69.35
CA SER FA 29 -144.90 49.78 -70.17
C SER FA 29 -143.62 49.57 -69.39
N ASN FA 30 -142.49 49.50 -70.10
CA ASN FA 30 -141.20 49.28 -69.47
C ASN FA 30 -140.69 50.50 -68.69
N GLN FA 31 -141.61 51.32 -68.19
CA GLN FA 31 -141.23 52.50 -67.43
C GLN FA 31 -142.37 53.12 -66.63
N THR FA 32 -143.59 52.68 -66.90
CA THR FA 32 -144.75 53.20 -66.19
C THR FA 32 -144.58 53.06 -64.68
N CYS FA 33 -144.74 51.85 -64.19
CA CYS FA 33 -144.60 51.59 -62.76
C CYS FA 33 -143.13 51.70 -62.40
N ASP FA 34 -142.43 50.56 -62.37
CA ASP FA 34 -141.02 50.55 -62.04
C ASP FA 34 -140.34 49.28 -62.55
N GLY FA 35 -140.33 49.13 -63.87
CA GLY FA 35 -139.71 47.96 -64.48
C GLY FA 35 -140.53 46.70 -64.37
N PHE FA 36 -141.47 46.69 -63.43
CA PHE FA 36 -142.31 45.52 -63.20
C PHE FA 36 -143.34 45.30 -64.30
N SER FA 37 -143.22 44.18 -65.00
CA SER FA 37 -144.17 43.84 -66.06
C SER FA 37 -145.43 43.35 -65.37
N LEU FA 38 -146.36 44.26 -65.13
CA LEU FA 38 -147.61 43.94 -64.46
C LEU FA 38 -148.81 43.93 -65.39
N ALA FA 39 -149.83 43.17 -65.02
CA ALA FA 39 -151.05 43.07 -65.81
C ALA FA 39 -152.27 43.05 -64.91
N SER FA 40 -153.40 43.52 -65.45
CA SER FA 40 -154.64 43.57 -64.70
C SER FA 40 -155.68 42.67 -65.37
N LEU FA 41 -156.20 41.71 -64.62
CA LEU FA 41 -157.20 40.79 -65.13
C LEU FA 41 -158.60 41.24 -64.74
N ASN FA 42 -159.31 41.85 -65.68
CA ASN FA 42 -160.67 42.33 -65.44
C ASN FA 42 -161.73 41.38 -65.98
N SER FA 43 -162.70 41.05 -65.14
CA SER FA 43 -163.78 40.16 -65.52
C SER FA 43 -165.07 40.58 -64.85
N PRO FA 44 -166.11 40.87 -65.64
CA PRO FA 44 -167.41 41.29 -65.10
C PRO FA 44 -168.10 40.17 -64.34
N LYS FA 45 -168.68 40.52 -63.19
CA LYS FA 45 -169.38 39.54 -62.37
C LYS FA 45 -170.88 39.60 -62.64
N ASN FA 46 -171.61 38.58 -62.18
CA ASN FA 46 -173.06 38.51 -62.38
C ASN FA 46 -173.40 38.43 -63.87
N GLY FA 47 -174.01 39.48 -64.39
CA GLY FA 47 -174.38 39.49 -65.79
C GLY FA 47 -173.43 40.31 -66.64
N SER FA 48 -173.70 41.61 -66.76
CA SER FA 48 -172.86 42.49 -67.55
C SER FA 48 -171.95 43.33 -66.65
N ASN FA 49 -171.47 44.45 -67.19
CA ASN FA 49 -170.58 45.32 -66.45
C ASN FA 49 -171.26 46.07 -65.30
N GLN FA 50 -171.65 45.32 -64.28
CA GLN FA 50 -172.28 45.89 -63.09
C GLN FA 50 -171.14 46.08 -62.09
N LEU FA 51 -170.65 44.96 -61.57
CA LEU FA 51 -169.55 44.97 -60.61
C LEU FA 51 -168.37 44.23 -61.24
N VAL FA 52 -167.33 44.97 -61.61
CA VAL FA 52 -166.17 44.37 -62.23
C VAL FA 52 -165.05 44.01 -61.26
N ILE FA 53 -164.67 42.74 -61.28
CA ILE FA 53 -163.61 42.22 -60.42
C ILE FA 53 -162.28 42.41 -61.17
N SER FA 54 -161.31 43.03 -60.50
CA SER FA 54 -160.02 43.27 -61.11
C SER FA 54 -158.86 42.85 -60.21
N ARG FA 55 -158.18 41.78 -60.59
CA ARG FA 55 -157.05 41.30 -59.81
C ARG FA 55 -155.76 41.29 -60.62
N CYS FA 56 -154.65 41.38 -59.91
CA CYS FA 56 -153.33 41.43 -60.53
C CYS FA 56 -152.74 40.08 -60.97
N ALA FA 57 -151.94 40.14 -62.02
CA ALA FA 57 -151.28 38.97 -62.59
C ALA FA 57 -149.87 39.39 -62.99
N ASN FA 58 -149.05 38.42 -63.37
CA ASN FA 58 -147.67 38.70 -63.77
C ASN FA 58 -147.61 39.03 -65.27
N GLY FA 59 -147.29 40.28 -65.59
CA GLY FA 59 -147.21 40.71 -66.97
C GLY FA 59 -146.43 39.78 -67.87
N LEU FA 60 -145.13 39.65 -67.60
CA LEU FA 60 -144.27 38.79 -68.41
C LEU FA 60 -144.90 37.44 -68.70
N ASN FA 61 -145.39 36.77 -67.66
CA ASN FA 61 -146.03 35.47 -67.83
C ASN FA 61 -147.25 35.59 -68.74
N VAL FA 62 -148.11 36.57 -68.47
CA VAL FA 62 -149.30 36.77 -69.26
C VAL FA 62 -148.92 37.04 -70.71
N VAL FA 63 -148.08 38.04 -70.93
CA VAL FA 63 -147.63 38.39 -72.27
C VAL FA 63 -147.04 37.19 -73.00
N SER FA 64 -146.23 36.40 -72.30
CA SER FA 64 -145.61 35.22 -72.90
C SER FA 64 -146.71 34.29 -73.40
N PHE FA 65 -147.72 34.09 -72.56
CA PHE FA 65 -148.86 33.24 -72.89
C PHE FA 65 -149.45 33.65 -74.23
N PHE FA 66 -149.91 34.90 -74.31
CA PHE FA 66 -150.49 35.44 -75.53
C PHE FA 66 -149.54 35.32 -76.71
N ILE FA 67 -148.28 35.68 -76.50
CA ILE FA 67 -147.29 35.59 -77.55
C ILE FA 67 -147.27 34.17 -78.11
N SER FA 68 -147.38 33.19 -77.22
CA SER FA 68 -147.38 31.79 -77.60
C SER FA 68 -148.59 31.41 -78.44
N ILE FA 69 -149.78 31.73 -77.94
CA ILE FA 69 -151.02 31.43 -78.65
C ILE FA 69 -151.03 31.99 -80.06
N LEU FA 70 -150.59 33.24 -80.19
CA LEU FA 70 -150.55 33.90 -81.50
C LEU FA 70 -149.66 33.11 -82.45
N LYS FA 71 -148.47 32.77 -81.99
CA LYS FA 71 -147.51 32.02 -82.80
C LYS FA 71 -148.01 30.62 -83.13
N ARG FA 72 -148.65 29.99 -82.14
CA ARG FA 72 -149.18 28.64 -82.30
C ARG FA 72 -150.33 28.51 -83.30
N SER FA 73 -150.83 29.64 -83.78
CA SER FA 73 -151.95 29.61 -84.73
C SER FA 73 -151.83 30.66 -85.82
N SER FA 74 -150.61 30.96 -86.24
CA SER FA 74 -150.36 31.95 -87.27
C SER FA 74 -151.10 31.64 -88.57
N SER FA 75 -151.32 30.35 -88.83
CA SER FA 75 -152.01 29.92 -90.04
C SER FA 75 -153.47 30.35 -90.07
N ALA FA 76 -153.95 30.94 -88.98
CA ALA FA 76 -155.34 31.38 -88.92
C ALA FA 76 -155.54 32.79 -88.40
N LEU FA 77 -154.68 33.72 -88.82
CA LEU FA 77 -154.83 35.10 -88.36
C LEU FA 77 -154.08 36.16 -89.17
N THR FA 78 -154.77 37.26 -89.44
CA THR FA 78 -154.22 38.39 -90.17
C THR FA 78 -154.75 39.65 -89.51
N GLY FA 79 -154.40 40.81 -90.04
CA GLY FA 79 -154.87 42.06 -89.45
C GLY FA 79 -154.19 42.31 -88.12
N HIS FA 80 -154.96 42.77 -87.14
CA HIS FA 80 -154.41 43.05 -85.81
C HIS FA 80 -153.73 41.83 -85.22
N LEU FA 81 -154.37 40.68 -85.33
CA LEU FA 81 -153.84 39.43 -84.79
C LEU FA 81 -152.54 38.96 -85.43
N ARG FA 82 -151.83 39.87 -86.08
CA ARG FA 82 -150.56 39.54 -86.72
C ARG FA 82 -149.54 40.61 -86.36
N GLU FA 83 -150.03 41.84 -86.22
CA GLU FA 83 -149.20 42.97 -85.86
C GLU FA 83 -149.09 42.96 -84.34
N LEU FA 84 -150.15 42.49 -83.70
CA LEU FA 84 -150.20 42.39 -82.25
C LEU FA 84 -149.04 41.55 -81.73
N LEU FA 85 -148.73 40.48 -82.44
CA LEU FA 85 -147.64 39.59 -82.07
C LEU FA 85 -146.31 40.33 -82.09
N THR FA 86 -145.95 40.87 -83.25
CA THR FA 86 -144.70 41.60 -83.42
C THR FA 86 -144.56 42.74 -82.42
N THR FA 87 -145.67 43.40 -82.09
CA THR FA 87 -145.66 44.51 -81.15
C THR FA 87 -145.65 44.00 -79.71
N LEU FA 88 -146.28 42.85 -79.49
CA LEU FA 88 -146.35 42.27 -78.16
C LEU FA 88 -144.99 41.68 -77.78
N GLU FA 89 -144.28 41.16 -78.78
CA GLU FA 89 -142.97 40.57 -78.56
C GLU FA 89 -141.97 41.66 -78.19
N THR FA 90 -142.02 42.78 -78.92
CA THR FA 90 -141.13 43.90 -78.65
C THR FA 90 -141.36 44.40 -77.23
N LEU FA 91 -142.62 44.34 -76.80
CA LEU FA 91 -143.00 44.76 -75.45
C LEU FA 91 -142.36 43.81 -74.44
N TYR FA 92 -142.51 42.51 -74.71
CA TYR FA 92 -141.96 41.48 -73.84
C TYR FA 92 -140.46 41.69 -73.62
N GLY FA 93 -139.78 42.11 -74.69
CA GLY FA 93 -138.35 42.33 -74.61
C GLY FA 93 -137.95 43.72 -74.13
N SER FA 94 -138.94 44.50 -73.69
CA SER FA 94 -138.66 45.85 -73.20
C SER FA 94 -138.37 45.81 -71.70
N PHE FA 95 -138.81 44.74 -71.05
CA PHE FA 95 -138.60 44.56 -69.62
C PHE FA 95 -137.29 43.84 -69.34
N SER FA 96 -136.67 44.16 -68.21
CA SER FA 96 -135.42 43.53 -67.81
C SER FA 96 -135.63 42.80 -66.48
N VAL FA 97 -135.51 41.48 -66.53
CA VAL FA 97 -135.70 40.63 -65.35
C VAL FA 97 -134.61 40.80 -64.30
N GLU FA 98 -133.37 40.61 -64.73
CA GLU FA 98 -132.19 40.69 -63.89
C GLU FA 98 -132.02 41.96 -63.04
N ASP FA 99 -132.91 42.93 -63.24
CA ASP FA 99 -132.84 44.18 -62.49
C ASP FA 99 -133.64 44.02 -61.21
N LEU FA 100 -134.60 43.10 -61.23
CA LEU FA 100 -135.44 42.84 -60.08
C LEU FA 100 -134.70 42.19 -58.92
N PHE FA 101 -133.44 41.79 -59.12
CA PHE FA 101 -132.69 41.15 -58.04
C PHE FA 101 -132.39 42.08 -56.86
N GLY FA 102 -132.39 43.38 -57.09
CA GLY FA 102 -132.10 44.31 -56.02
C GLY FA 102 -133.15 45.37 -55.75
N ALA FA 103 -134.25 45.32 -56.49
CA ALA FA 103 -135.32 46.30 -56.31
C ALA FA 103 -136.45 45.76 -55.43
N ASN FA 104 -137.13 46.66 -54.73
CA ASN FA 104 -138.23 46.29 -53.86
C ASN FA 104 -139.37 45.69 -54.67
N LEU FA 105 -139.39 44.36 -54.77
CA LEU FA 105 -140.44 43.67 -55.51
C LEU FA 105 -141.84 44.04 -54.99
N ASN FA 106 -141.89 44.64 -53.81
CA ASN FA 106 -143.14 45.07 -53.21
C ASN FA 106 -143.20 46.59 -53.20
N ARG FA 107 -143.02 47.18 -54.39
CA ARG FA 107 -143.03 48.62 -54.54
C ARG FA 107 -144.45 49.14 -54.32
N TYR FA 108 -145.38 48.23 -54.10
CA TYR FA 108 -146.78 48.58 -53.89
C TYR FA 108 -147.40 47.67 -52.83
#